data_8QE9
#
_entry.id   8QE9
#
loop_
_entity.id
_entity.type
_entity.pdbx_description
1 polymer 'DUF1071 domain-containing protein'
2 polymer 'Helix-turn-helix XRE family protein'
#
loop_
_entity_poly.entity_id
_entity_poly.type
_entity_poly.pdbx_seq_one_letter_code
_entity_poly.pdbx_strand_id
1 'polypeptide(L)'
;TEQTLFEQLNSKNVNDHTEQKNGLTYLAWSYAHQELKKIDPNYTVKVHEFPHPDINTENYFVPYLATPEGYFVQVSVTVK
DSTETEWLPVLDFRNKSLAKGSATTFDINKAQKRCFVKASALHGLGLYIYNGEELPSASDNDITELEERINQFVNLSQEK
GRDATIDKTMRWLKISNINKLSQKQIAEAHQKLDAGLKQLDSEEKQ
;
1A,1B,1C,1D,1E,1F,1G,1H,1I,1J,1K,1L,1M,1N,1O,1P,1Q,4A,4B,4C,4D,4E,4F,4G,4H,4I,4J,4K,4L,4M,4N,4O,4P,4Q
2 'polypeptide(L)'
;MGIRNRLSELLSERGLKISRVAKDVKIARSSLTSMAQNDSEMIRYDAIDKLCSYLHISPSEFFEHNPINFDFTFDEEPNY
KINDVFEGFEVTANITHAFSIENFDFEILVDVELDNRQKLNFDLDVSYKETEKITNSQHRFIFTIKNEDENIGLKKYVDS
LSAGLKNLLFKKINQKLSGYVSEIIVKNIDDIEELFPNKGEKSTTLHKEILQTDSRLSSDIFKEYGSHHHHHH
;
2A,2B,2C,2D,2E,2F,2G,2I,2J,2L,2M,2N,2O,2P,2Q,3A,3B,3C,3D,3E,3F,3G,3I,3J,3L,3M,3N,3O,3P,3Q
#
# COMPACT_ATOMS: atom_id res chain seq x y z
N GLN A 3 30.46 -38.53 59.18
CA GLN A 3 30.96 -37.18 58.78
C GLN A 3 29.81 -36.18 58.80
N THR A 4 29.50 -35.59 57.64
CA THR A 4 28.41 -34.59 57.54
C THR A 4 27.83 -34.62 56.12
N LEU A 5 26.65 -34.06 55.92
CA LEU A 5 25.98 -34.13 54.59
C LEU A 5 26.82 -33.37 53.55
N PHE A 6 27.27 -32.16 53.85
CA PHE A 6 27.98 -31.42 52.76
C PHE A 6 29.23 -32.20 52.36
N GLU A 7 30.08 -32.61 53.32
CA GLU A 7 31.33 -33.29 52.89
C GLU A 7 31.01 -34.57 52.11
N GLN A 8 30.14 -35.44 52.64
CA GLN A 8 29.76 -36.68 51.91
C GLN A 8 29.33 -36.32 50.49
N LEU A 9 28.34 -35.45 50.36
CA LEU A 9 27.78 -35.06 49.03
C LEU A 9 28.87 -34.38 48.20
N ASN A 10 29.68 -33.51 48.79
CA ASN A 10 30.69 -32.76 47.98
C ASN A 10 31.60 -33.76 47.26
N SER A 11 31.95 -34.87 47.92
CA SER A 11 32.89 -35.87 47.34
C SER A 11 32.31 -36.56 46.09
N LYS A 12 30.98 -36.59 45.94
CA LYS A 12 30.36 -37.35 44.82
C LYS A 12 30.70 -36.72 43.45
N ASN A 13 31.17 -37.54 42.50
CA ASN A 13 31.48 -37.06 41.13
C ASN A 13 30.20 -37.11 40.28
N VAL A 14 29.74 -35.95 39.80
CA VAL A 14 28.55 -35.89 38.91
C VAL A 14 29.06 -35.70 37.48
N ASN A 15 30.38 -35.76 37.30
CA ASN A 15 30.95 -35.68 35.93
C ASN A 15 30.46 -36.92 35.16
N ASP A 16 29.98 -37.94 35.89
CA ASP A 16 29.53 -39.20 35.24
C ASP A 16 28.35 -38.88 34.31
N HIS A 17 27.40 -38.07 34.77
CA HIS A 17 26.29 -37.63 33.86
C HIS A 17 26.33 -36.11 33.75
N THR A 18 26.68 -35.60 32.56
CA THR A 18 26.75 -34.14 32.33
C THR A 18 26.48 -33.85 30.86
N GLU A 19 26.57 -32.57 30.45
CA GLU A 19 26.42 -32.24 29.02
C GLU A 19 27.27 -31.00 28.71
N GLN A 20 28.11 -31.05 27.67
CA GLN A 20 28.85 -29.82 27.29
C GLN A 20 28.06 -29.06 26.22
N LYS A 21 27.24 -28.09 26.64
CA LYS A 21 26.46 -27.27 25.67
C LYS A 21 26.88 -25.80 25.82
N ASN A 22 27.32 -25.17 24.73
CA ASN A 22 27.75 -23.74 24.76
C ASN A 22 29.08 -23.62 25.51
N GLY A 23 29.78 -24.74 25.72
CA GLY A 23 31.04 -24.71 26.48
C GLY A 23 30.82 -24.66 27.98
N LEU A 24 29.60 -24.95 28.45
CA LEU A 24 29.37 -25.02 29.93
C LEU A 24 29.08 -26.47 30.33
N THR A 25 29.25 -26.78 31.61
CA THR A 25 29.05 -28.17 32.09
C THR A 25 27.76 -28.22 32.93
N TYR A 26 26.85 -29.14 32.61
CA TYR A 26 25.55 -29.24 33.33
C TYR A 26 25.35 -30.67 33.80
N LEU A 27 24.94 -30.88 35.05
CA LEU A 27 24.62 -32.26 35.49
C LEU A 27 23.11 -32.48 35.31
N ALA A 28 22.70 -33.60 34.74
CA ALA A 28 21.26 -33.83 34.43
C ALA A 28 20.45 -33.92 35.73
N TRP A 29 19.21 -33.43 35.70
CA TRP A 29 18.34 -33.47 36.91
C TRP A 29 18.08 -34.92 37.33
N SER A 30 17.85 -35.81 36.37
CA SER A 30 17.53 -37.21 36.70
C SER A 30 18.56 -37.72 37.72
N TYR A 31 19.84 -37.50 37.45
CA TYR A 31 20.91 -38.00 38.36
C TYR A 31 20.78 -37.34 39.73
N ALA A 32 20.52 -36.03 39.75
CA ALA A 32 20.35 -35.31 41.03
C ALA A 32 19.16 -35.86 41.80
N HIS A 33 18.07 -36.17 41.09
CA HIS A 33 16.86 -36.61 41.81
C HIS A 33 17.18 -37.93 42.52
N GLN A 34 17.90 -38.84 41.84
CA GLN A 34 18.16 -40.17 42.44
C GLN A 34 19.11 -40.04 43.62
N GLU A 35 20.21 -39.30 43.46
CA GLU A 35 21.23 -39.22 44.54
C GLU A 35 20.54 -38.77 45.83
N LEU A 36 19.88 -37.61 45.79
CA LEU A 36 19.21 -37.07 46.99
C LEU A 36 18.23 -38.14 47.50
N LYS A 37 17.43 -38.71 46.59
CA LYS A 37 16.44 -39.74 46.99
C LYS A 37 17.11 -40.85 47.78
N LYS A 38 18.31 -41.26 47.37
CA LYS A 38 19.08 -42.28 48.12
C LYS A 38 19.44 -41.72 49.49
N ILE A 39 20.08 -40.54 49.52
CA ILE A 39 20.50 -39.92 50.81
C ILE A 39 19.28 -39.77 51.72
N ASP A 40 18.15 -39.31 51.17
CA ASP A 40 16.93 -39.07 51.98
C ASP A 40 15.72 -39.59 51.21
N PRO A 41 15.02 -40.65 51.68
CA PRO A 41 13.90 -41.18 50.91
C PRO A 41 12.79 -40.13 50.72
N ASN A 42 12.56 -39.29 51.73
CA ASN A 42 11.46 -38.29 51.65
C ASN A 42 12.06 -36.87 51.65
N TYR A 43 12.19 -36.27 50.46
CA TYR A 43 12.66 -34.90 50.35
C TYR A 43 11.73 -34.13 49.42
N THR A 44 11.69 -32.82 49.61
CA THR A 44 10.69 -31.97 48.97
C THR A 44 11.35 -31.00 48.00
N VAL A 45 10.75 -30.84 46.83
CA VAL A 45 11.11 -29.82 45.86
C VAL A 45 9.89 -28.95 45.61
N LYS A 46 10.05 -27.65 45.80
CA LYS A 46 8.94 -26.71 45.69
C LYS A 46 9.33 -25.60 44.72
N VAL A 47 8.51 -25.37 43.71
CA VAL A 47 8.72 -24.29 42.76
C VAL A 47 7.81 -23.13 43.15
N HIS A 48 8.41 -22.01 43.53
CA HIS A 48 7.59 -20.88 44.04
C HIS A 48 6.71 -20.30 42.95
N GLU A 49 5.53 -19.81 43.34
CA GLU A 49 4.56 -19.25 42.38
C GLU A 49 4.33 -17.78 42.75
N PHE A 50 4.34 -16.86 41.78
CA PHE A 50 4.24 -15.43 42.15
C PHE A 50 3.13 -14.77 41.34
N PRO A 51 2.23 -13.91 41.88
CA PRO A 51 1.17 -13.33 41.05
C PRO A 51 1.73 -12.66 39.79
N HIS A 52 1.32 -13.13 38.62
CA HIS A 52 1.85 -12.57 37.35
C HIS A 52 1.40 -11.11 37.24
N PRO A 53 2.29 -10.16 36.87
CA PRO A 53 1.93 -8.73 36.85
C PRO A 53 0.83 -8.31 35.87
N ASP A 54 1.06 -8.50 34.56
CA ASP A 54 0.11 -8.00 33.52
C ASP A 54 -1.31 -8.53 33.75
N ILE A 55 -1.44 -9.83 33.94
CA ILE A 55 -2.79 -10.45 34.13
C ILE A 55 -3.46 -9.80 35.34
N ASN A 56 -2.82 -9.86 36.51
CA ASN A 56 -3.36 -9.23 37.73
C ASN A 56 -4.77 -9.79 37.98
N THR A 57 -4.96 -11.10 37.77
CA THR A 57 -6.27 -11.73 38.10
C THR A 57 -6.20 -12.29 39.52
N GLU A 58 -7.27 -12.12 40.29
CA GLU A 58 -7.28 -12.59 41.70
C GLU A 58 -7.11 -14.12 41.73
N ASN A 59 -6.24 -14.63 42.61
CA ASN A 59 -6.04 -16.09 42.77
C ASN A 59 -5.31 -16.63 41.53
N TYR A 60 -4.75 -15.74 40.70
CA TYR A 60 -3.95 -16.21 39.54
C TYR A 60 -2.46 -16.17 39.91
N PHE A 61 -1.84 -17.34 40.05
CA PHE A 61 -0.40 -17.41 40.42
C PHE A 61 0.37 -18.25 39.40
N VAL A 62 1.17 -17.60 38.54
CA VAL A 62 2.02 -18.34 37.57
C VAL A 62 3.23 -18.90 38.31
N PRO A 63 4.01 -19.87 37.79
CA PRO A 63 5.13 -20.46 38.55
C PRO A 63 6.44 -19.69 38.41
N TYR A 64 6.45 -18.55 37.72
CA TYR A 64 7.70 -17.80 37.48
C TYR A 64 7.47 -16.29 37.55
N LEU A 65 8.50 -15.51 37.90
CA LEU A 65 8.39 -14.04 37.93
C LEU A 65 8.33 -13.49 36.50
N ALA A 66 7.48 -12.50 36.26
CA ALA A 66 7.46 -11.83 34.94
C ALA A 66 7.74 -10.35 35.17
N THR A 67 8.78 -9.80 34.53
CA THR A 67 9.15 -8.39 34.77
C THR A 67 9.47 -7.71 33.44
N PRO A 68 9.36 -6.37 33.32
CA PRO A 68 9.76 -5.68 32.09
C PRO A 68 11.25 -5.98 31.88
N GLU A 69 12.02 -5.97 32.96
CA GLU A 69 13.48 -6.27 32.87
C GLU A 69 13.67 -7.70 32.33
N GLY A 70 12.87 -8.67 32.80
CA GLY A 70 13.00 -10.02 32.22
C GLY A 70 12.20 -11.07 32.97
N TYR A 71 12.81 -12.22 33.25
CA TYR A 71 12.09 -13.35 33.91
C TYR A 71 12.93 -14.05 34.97
N PHE A 72 12.31 -14.39 36.11
CA PHE A 72 13.05 -15.05 37.20
C PHE A 72 12.29 -16.29 37.67
N VAL A 73 13.03 -17.31 38.10
CA VAL A 73 12.46 -18.55 38.64
C VAL A 73 13.08 -18.80 40.00
N GLN A 74 12.38 -19.58 40.82
CA GLN A 74 12.84 -19.91 42.16
C GLN A 74 12.51 -21.36 42.48
N VAL A 75 13.46 -22.06 43.09
CA VAL A 75 13.29 -23.46 43.46
C VAL A 75 13.84 -23.64 44.87
N SER A 76 13.05 -24.29 45.74
CA SER A 76 13.47 -24.55 47.14
C SER A 76 13.57 -26.05 47.39
N VAL A 77 14.77 -26.57 47.63
CA VAL A 77 15.03 -27.99 47.82
C VAL A 77 15.28 -28.23 49.31
N THR A 78 14.45 -29.09 49.90
CA THR A 78 14.65 -29.44 51.34
C THR A 78 15.22 -30.85 51.40
N VAL A 79 16.54 -30.99 51.52
CA VAL A 79 17.17 -32.33 51.66
C VAL A 79 17.34 -32.62 53.15
N LYS A 80 16.73 -33.71 53.64
CA LYS A 80 16.77 -33.97 55.11
C LYS A 80 16.23 -32.74 55.82
N ASP A 81 16.79 -32.43 56.99
CA ASP A 81 16.40 -31.20 57.72
C ASP A 81 16.80 -29.95 56.93
N SER A 82 17.96 -29.97 56.27
CA SER A 82 18.46 -28.75 55.59
C SER A 82 17.52 -28.30 54.49
N THR A 83 17.34 -26.98 54.34
CA THR A 83 16.48 -26.42 53.25
C THR A 83 17.24 -25.25 52.62
N GLU A 84 16.93 -24.91 51.36
CA GLU A 84 17.68 -23.82 50.69
C GLU A 84 16.95 -23.41 49.40
N THR A 85 17.31 -22.29 48.78
CA THR A 85 16.56 -21.79 47.61
C THR A 85 17.55 -21.20 46.59
N GLU A 86 17.18 -21.19 45.31
CA GLU A 86 18.07 -20.58 44.29
C GLU A 86 17.26 -19.75 43.29
N TRP A 87 17.75 -18.56 42.94
CA TRP A 87 17.11 -17.72 41.89
C TRP A 87 17.85 -17.96 40.59
N LEU A 88 17.18 -17.83 39.43
CA LEU A 88 17.96 -17.91 38.19
C LEU A 88 17.28 -17.07 37.11
N PRO A 89 17.97 -16.49 36.11
CA PRO A 89 17.31 -15.78 35.03
C PRO A 89 16.92 -16.76 33.91
N VAL A 90 15.71 -16.63 33.36
CA VAL A 90 15.35 -17.49 32.20
C VAL A 90 16.22 -17.03 31.03
N LEU A 91 16.85 -17.95 30.29
CA LEU A 91 17.80 -17.55 29.22
C LEU A 91 17.52 -18.28 27.90
N ASP A 92 18.04 -17.75 26.79
CA ASP A 92 17.86 -18.40 25.46
C ASP A 92 18.70 -19.67 25.34
N PHE A 93 18.68 -20.32 24.18
CA PHE A 93 19.54 -21.51 23.96
C PHE A 93 20.99 -21.05 23.74
N ARG A 94 21.19 -19.75 23.52
CA ARG A 94 22.57 -19.18 23.37
C ARG A 94 23.00 -18.54 24.68
N ASN A 95 22.29 -18.80 25.76
CA ASN A 95 22.60 -18.16 27.07
C ASN A 95 22.54 -16.62 26.93
N LYS A 96 21.45 -16.11 26.35
CA LYS A 96 21.24 -14.64 26.27
C LYS A 96 19.94 -14.34 27.02
N SER A 97 19.73 -13.11 27.45
CA SER A 97 18.53 -12.78 28.27
C SER A 97 17.27 -12.74 27.40
N LEU A 98 16.11 -12.98 28.01
CA LEU A 98 14.82 -12.88 27.26
C LEU A 98 14.00 -11.72 27.82
N ALA A 99 13.62 -10.77 26.96
CA ALA A 99 12.90 -9.55 27.42
C ALA A 99 11.43 -9.87 27.64
N LYS A 100 10.69 -9.00 28.33
CA LYS A 100 9.28 -9.29 28.66
C LYS A 100 8.48 -9.49 27.36
N GLY A 101 7.79 -10.62 27.24
CA GLY A 101 7.01 -10.95 26.03
C GLY A 101 7.80 -11.69 24.96
N SER A 102 9.04 -12.10 25.25
CA SER A 102 9.79 -12.91 24.25
C SER A 102 10.07 -14.32 24.74
N ALA A 103 9.53 -14.71 25.89
CA ALA A 103 9.85 -16.05 26.45
C ALA A 103 8.78 -17.06 26.04
N THR A 104 9.12 -18.35 26.03
CA THR A 104 8.14 -19.40 25.70
C THR A 104 8.09 -20.37 26.88
N THR A 105 6.91 -20.93 27.17
CA THR A 105 6.76 -21.84 28.33
C THR A 105 7.95 -22.82 28.38
N PHE A 106 8.40 -23.29 27.21
CA PHE A 106 9.52 -24.28 27.19
C PHE A 106 10.75 -23.65 27.84
N ASP A 107 11.01 -22.38 27.54
CA ASP A 107 12.16 -21.68 28.16
C ASP A 107 12.00 -21.71 29.68
N ILE A 108 10.77 -21.55 30.18
CA ILE A 108 10.59 -21.46 31.65
C ILE A 108 10.86 -22.84 32.25
N ASN A 109 10.34 -23.90 31.62
CA ASN A 109 10.51 -25.24 32.25
C ASN A 109 12.01 -25.60 32.27
N LYS A 110 12.73 -25.31 31.18
CA LYS A 110 14.16 -25.61 31.19
C LYS A 110 14.86 -24.85 32.31
N ALA A 111 14.50 -23.58 32.50
CA ALA A 111 15.10 -22.80 33.59
C ALA A 111 14.72 -23.37 34.94
N GLN A 112 13.48 -23.86 35.09
CA GLN A 112 13.07 -24.47 36.35
C GLN A 112 13.90 -25.72 36.66
N LYS A 113 14.10 -26.58 35.66
CA LYS A 113 14.91 -27.77 35.88
C LYS A 113 16.35 -27.39 36.22
N ARG A 114 16.91 -26.42 35.50
CA ARG A 114 18.29 -26.01 35.79
C ARG A 114 18.43 -25.42 37.19
N CYS A 115 17.45 -24.63 37.62
CA CYS A 115 17.49 -24.04 38.99
C CYS A 115 17.46 -25.16 40.05
N PHE A 116 16.79 -26.27 39.73
CA PHE A 116 16.73 -27.43 40.67
C PHE A 116 18.14 -27.96 40.93
N VAL A 117 18.88 -28.27 39.86
CA VAL A 117 20.24 -28.85 40.03
C VAL A 117 21.12 -27.83 40.76
N LYS A 118 20.89 -26.53 40.50
CA LYS A 118 21.72 -25.48 41.12
C LYS A 118 21.35 -25.41 42.60
N ALA A 119 20.07 -25.63 42.93
CA ALA A 119 19.64 -25.72 44.34
C ALA A 119 20.28 -26.95 44.98
N SER A 120 20.32 -28.06 44.24
CA SER A 120 21.00 -29.28 44.75
C SER A 120 22.49 -28.97 44.93
N ALA A 121 23.05 -28.18 44.01
CA ALA A 121 24.48 -27.80 44.07
C ALA A 121 24.73 -26.96 45.31
N LEU A 122 23.68 -26.34 45.86
CA LEU A 122 23.87 -25.63 47.15
C LEU A 122 24.24 -26.71 48.16
N HIS A 123 23.62 -27.88 48.07
CA HIS A 123 24.04 -29.01 48.93
C HIS A 123 25.40 -29.46 48.38
N GLY A 124 26.15 -30.27 49.12
CA GLY A 124 27.53 -30.57 48.68
C GLY A 124 27.58 -31.13 47.26
N LEU A 125 26.54 -31.88 46.86
CA LEU A 125 26.54 -32.54 45.53
C LEU A 125 26.41 -31.55 44.37
N GLY A 126 27.37 -31.54 43.43
CA GLY A 126 27.23 -30.71 42.21
C GLY A 126 27.71 -29.27 42.31
N LEU A 127 28.23 -28.84 43.46
CA LEU A 127 28.62 -27.42 43.63
C LEU A 127 29.75 -27.04 42.65
N TYR A 128 30.73 -27.91 42.46
CA TYR A 128 31.91 -27.62 41.60
C TYR A 128 31.49 -27.42 40.14
N ILE A 129 30.51 -28.17 39.64
CA ILE A 129 30.16 -28.05 38.19
C ILE A 129 29.86 -26.59 37.88
N TYR A 130 29.12 -25.89 38.75
CA TYR A 130 28.69 -24.51 38.44
C TYR A 130 29.89 -23.56 38.58
N ASN A 131 30.95 -24.02 39.25
CA ASN A 131 32.17 -23.18 39.33
C ASN A 131 32.66 -22.99 37.90
N GLY A 132 32.29 -23.91 37.00
CA GLY A 132 32.84 -23.87 35.64
C GLY A 132 34.14 -24.64 35.67
N GLU A 133 34.44 -25.25 36.82
CA GLU A 133 35.65 -26.10 36.97
C GLU A 133 35.19 -27.55 36.90
N GLU A 134 35.87 -28.38 36.10
CA GLU A 134 35.39 -29.78 35.89
C GLU A 134 36.05 -30.81 36.82
N LEU A 135 36.99 -30.43 37.69
CA LEU A 135 37.65 -31.49 38.50
C LEU A 135 36.59 -32.17 39.39
N PRO A 136 36.70 -33.50 39.61
CA PRO A 136 35.63 -34.25 40.32
C PRO A 136 35.28 -33.91 41.78
N SER A 137 36.27 -33.69 42.66
CA SER A 137 35.93 -33.48 44.09
C SER A 137 37.02 -32.70 44.83
N ALA A 138 36.71 -32.24 46.04
CA ALA A 138 37.71 -31.53 46.87
C ALA A 138 37.56 -32.03 48.31
N SER A 139 38.14 -33.19 48.63
CA SER A 139 38.09 -33.71 50.02
C SER A 139 39.20 -33.02 50.80
N ASP A 140 38.90 -31.86 51.39
CA ASP A 140 39.96 -31.06 52.05
C ASP A 140 40.58 -31.81 53.23
N ASN A 141 39.79 -32.57 54.00
CA ASN A 141 40.37 -33.17 55.23
C ASN A 141 41.46 -34.22 54.92
N ASP A 142 41.19 -35.17 54.02
CA ASP A 142 42.21 -36.24 53.77
C ASP A 142 43.40 -35.59 53.07
N ILE A 143 43.14 -34.63 52.17
CA ILE A 143 44.21 -33.90 51.44
C ILE A 143 45.05 -33.08 52.42
N THR A 144 44.42 -32.53 53.47
CA THR A 144 45.22 -31.83 54.51
C THR A 144 46.20 -32.83 55.11
N GLU A 145 45.75 -34.06 55.36
CA GLU A 145 46.67 -35.12 55.86
C GLU A 145 47.75 -35.37 54.80
N LEU A 146 47.36 -35.42 53.52
CA LEU A 146 48.33 -35.63 52.42
C LEU A 146 49.39 -34.53 52.46
N GLU A 147 48.95 -33.26 52.52
CA GLU A 147 49.91 -32.13 52.59
C GLU A 147 50.88 -32.39 53.75
N GLU A 148 50.35 -32.70 54.93
CA GLU A 148 51.23 -32.97 56.09
C GLU A 148 52.19 -34.10 55.72
N ARG A 149 51.73 -35.11 54.98
CA ARG A 149 52.62 -36.27 54.71
C ARG A 149 53.64 -35.93 53.62
N ILE A 150 53.28 -35.08 52.65
CA ILE A 150 54.28 -34.66 51.62
C ILE A 150 55.29 -33.73 52.28
N ASN A 151 54.85 -32.83 53.17
CA ASN A 151 55.79 -31.96 53.91
C ASN A 151 56.69 -32.82 54.82
N GLN A 152 56.13 -33.86 55.45
CA GLN A 152 56.98 -34.77 56.27
C GLN A 152 58.03 -35.40 55.35
N PHE A 153 57.62 -35.78 54.15
CA PHE A 153 58.55 -36.40 53.19
C PHE A 153 59.62 -35.35 52.83
N VAL A 154 59.19 -34.14 52.47
CA VAL A 154 60.15 -33.06 52.09
C VAL A 154 61.10 -32.81 53.25
N ASN A 155 60.57 -32.61 54.46
CA ASN A 155 61.43 -32.24 55.62
C ASN A 155 62.41 -33.39 55.91
N LEU A 156 61.91 -34.62 55.92
CA LEU A 156 62.77 -35.79 56.25
C LEU A 156 63.83 -35.94 55.16
N SER A 157 63.45 -35.73 53.90
CA SER A 157 64.45 -35.78 52.80
C SER A 157 65.53 -34.72 53.07
N GLN A 158 65.14 -33.45 53.09
CA GLN A 158 66.13 -32.36 53.29
C GLN A 158 66.90 -32.62 54.58
N GLU A 159 66.25 -33.22 55.59
CA GLU A 159 66.95 -33.57 56.86
C GLU A 159 68.05 -34.59 56.54
N LYS A 160 67.78 -35.51 55.62
CA LYS A 160 68.80 -36.52 55.20
C LYS A 160 69.96 -35.78 54.51
N GLY A 161 69.69 -34.60 53.97
CA GLY A 161 70.73 -33.85 53.23
C GLY A 161 70.54 -33.95 51.73
N ARG A 162 69.42 -34.53 51.29
CA ARG A 162 69.11 -34.59 49.84
C ARG A 162 67.97 -33.60 49.58
N ASP A 163 68.11 -32.71 48.58
CA ASP A 163 67.10 -31.65 48.38
C ASP A 163 65.72 -32.21 48.07
N ALA A 164 64.68 -31.67 48.71
CA ALA A 164 63.29 -32.06 48.41
C ALA A 164 62.45 -30.79 48.27
N THR A 165 61.62 -30.70 47.23
CA THR A 165 60.71 -29.52 47.10
C THR A 165 59.27 -30.03 47.05
N ILE A 166 58.31 -29.24 47.55
CA ILE A 166 56.91 -29.76 47.63
C ILE A 166 56.41 -30.01 46.21
N ASP A 167 56.71 -29.10 45.28
CA ASP A 167 56.21 -29.25 43.89
C ASP A 167 56.80 -30.52 43.25
N LYS A 168 58.08 -30.82 43.49
CA LYS A 168 58.65 -32.09 42.97
C LYS A 168 58.11 -33.28 43.77
N THR A 169 57.90 -33.12 45.07
CA THR A 169 57.26 -34.22 45.84
C THR A 169 55.87 -34.44 45.23
N MET A 170 55.17 -33.34 44.94
CA MET A 170 53.82 -33.43 44.30
C MET A 170 53.99 -34.15 42.96
N ARG A 171 55.11 -33.89 42.27
CA ARG A 171 55.36 -34.52 40.94
C ARG A 171 55.47 -36.04 41.12
N TRP A 172 55.92 -36.51 42.29
CA TRP A 172 55.95 -37.97 42.52
C TRP A 172 54.52 -38.48 42.43
N LEU A 173 53.60 -37.78 43.10
CA LEU A 173 52.15 -38.16 43.03
C LEU A 173 51.64 -37.80 41.64
N LYS A 174 52.32 -36.89 40.94
CA LYS A 174 51.87 -36.44 39.60
C LYS A 174 50.45 -35.87 39.73
N ILE A 175 50.21 -35.10 40.79
CA ILE A 175 48.86 -34.51 41.03
C ILE A 175 48.85 -33.06 40.53
N SER A 176 48.00 -32.76 39.55
CA SER A 176 47.92 -31.38 38.99
C SER A 176 47.43 -30.40 40.06
N ASN A 177 46.47 -30.82 40.89
CA ASN A 177 46.04 -29.95 42.01
C ASN A 177 45.88 -30.83 43.25
N ILE A 178 46.61 -30.53 44.32
CA ILE A 178 46.48 -31.31 45.59
C ILE A 178 45.04 -31.15 46.09
N ASN A 179 44.47 -29.94 45.96
CA ASN A 179 43.11 -29.68 46.50
C ASN A 179 42.09 -30.59 45.81
N LYS A 180 42.23 -30.80 44.50
CA LYS A 180 41.24 -31.62 43.76
C LYS A 180 41.87 -32.98 43.44
N LEU A 181 41.36 -34.05 44.02
CA LEU A 181 41.97 -35.39 43.83
C LEU A 181 40.97 -36.44 44.30
N SER A 182 40.87 -37.58 43.61
CA SER A 182 39.81 -38.55 43.99
C SER A 182 40.22 -39.25 45.28
N GLN A 183 39.26 -39.55 46.15
CA GLN A 183 39.56 -40.20 47.46
C GLN A 183 40.54 -41.36 47.22
N LYS A 184 40.22 -42.23 46.27
CA LYS A 184 41.09 -43.41 46.02
C LYS A 184 42.51 -42.92 45.73
N GLN A 185 42.64 -41.84 44.95
CA GLN A 185 43.99 -41.27 44.64
C GLN A 185 44.66 -40.75 45.92
N ILE A 186 43.90 -40.14 46.85
CA ILE A 186 44.58 -39.76 48.12
C ILE A 186 45.20 -41.04 48.69
N ALA A 187 44.39 -42.09 48.82
CA ALA A 187 44.89 -43.35 49.42
C ALA A 187 46.09 -43.85 48.60
N GLU A 188 45.99 -43.80 47.27
CA GLU A 188 47.08 -44.30 46.40
C GLU A 188 48.33 -43.44 46.63
N ALA A 189 48.16 -42.12 46.73
CA ALA A 189 49.31 -41.24 46.94
C ALA A 189 49.93 -41.57 48.30
N HIS A 190 49.12 -41.64 49.34
CA HIS A 190 49.63 -42.04 50.68
C HIS A 190 50.54 -43.27 50.52
N GLN A 191 50.08 -44.28 49.78
CA GLN A 191 50.87 -45.53 49.66
C GLN A 191 52.28 -45.16 49.16
N LYS A 192 52.34 -44.31 48.13
CA LYS A 192 53.65 -43.87 47.59
C LYS A 192 54.45 -43.23 48.72
N LEU A 193 53.90 -42.20 49.36
CA LEU A 193 54.64 -41.49 50.44
C LEU A 193 55.13 -42.49 51.50
N ASP A 194 54.23 -43.28 52.10
CA ASP A 194 54.70 -44.15 53.21
C ASP A 194 55.91 -44.96 52.71
N ALA A 195 55.79 -45.53 51.51
CA ALA A 195 56.88 -46.36 50.97
C ALA A 195 58.17 -45.54 50.99
N GLY A 196 58.18 -44.40 50.31
CA GLY A 196 59.38 -43.54 50.28
C GLY A 196 59.79 -43.09 51.66
N LEU A 197 58.83 -42.59 52.46
CA LEU A 197 59.17 -42.06 53.81
C LEU A 197 59.94 -43.13 54.56
N LYS A 198 59.41 -44.35 54.61
CA LYS A 198 60.06 -45.45 55.39
C LYS A 198 61.45 -45.77 54.84
N GLN A 199 61.60 -45.78 53.51
CA GLN A 199 62.91 -46.19 52.91
C GLN A 199 64.00 -45.18 53.29
N LEU A 200 63.67 -43.90 53.37
CA LEU A 200 64.69 -42.94 53.85
C LEU A 200 65.07 -43.31 55.28
N ASP A 201 64.07 -43.69 56.09
CA ASP A 201 64.34 -44.11 57.49
C ASP A 201 65.41 -45.20 57.46
N SER A 202 65.19 -46.25 56.65
CA SER A 202 66.20 -47.34 56.54
C SER A 202 67.53 -46.77 56.05
N GLU A 203 67.48 -45.86 55.07
CA GLU A 203 68.71 -45.21 54.53
C GLU A 203 69.49 -44.60 55.70
N GLN B 3 14.25 -53.42 51.02
CA GLN B 3 15.09 -52.30 50.54
C GLN B 3 14.32 -50.98 50.73
N THR B 4 14.04 -50.27 49.63
CA THR B 4 13.33 -48.97 49.69
C THR B 4 12.56 -48.76 48.38
N LEU B 5 11.59 -47.85 48.36
CA LEU B 5 10.75 -47.64 47.16
C LEU B 5 11.62 -47.16 46.00
N PHE B 6 12.47 -46.16 46.20
CA PHE B 6 13.20 -45.64 45.01
C PHE B 6 14.06 -46.76 44.42
N GLU B 7 14.87 -47.45 45.24
CA GLU B 7 15.76 -48.48 44.63
C GLU B 7 14.93 -49.56 43.92
N GLN B 8 13.93 -50.12 44.59
CA GLN B 8 13.07 -51.15 43.94
C GLN B 8 12.56 -50.62 42.60
N LEU B 9 11.88 -49.46 42.62
CA LEU B 9 11.29 -48.87 41.39
C LEU B 9 12.40 -48.54 40.39
N ASN B 10 13.53 -48.01 40.88
CA ASN B 10 14.61 -47.58 39.96
C ASN B 10 15.13 -48.79 39.19
N SER B 11 15.25 -49.93 39.87
CA SER B 11 15.82 -51.14 39.22
C SER B 11 14.71 -51.89 38.45
N LYS B 12 14.23 -51.31 37.35
CA LYS B 12 13.24 -52.00 36.48
C LYS B 12 13.59 -51.66 35.02
N ASN B 13 13.18 -52.49 34.06
CA ASN B 13 13.45 -52.13 32.64
C ASN B 13 12.14 -51.70 31.99
N VAL B 14 11.95 -50.40 31.74
CA VAL B 14 10.71 -49.95 31.05
C VAL B 14 11.06 -49.71 29.58
N ASN B 15 12.24 -50.17 29.14
CA ASN B 15 12.67 -49.94 27.74
C ASN B 15 11.69 -50.59 26.76
N ASP B 16 11.18 -51.79 27.08
CA ASP B 16 10.30 -52.49 26.11
C ASP B 16 9.06 -51.64 25.82
N HIS B 17 8.44 -51.06 26.86
CA HIS B 17 7.24 -50.22 26.67
C HIS B 17 7.65 -48.76 26.45
N THR B 18 8.25 -48.46 25.30
CA THR B 18 8.65 -47.06 24.97
C THR B 18 8.33 -46.75 23.51
N GLU B 19 8.11 -45.48 23.19
CA GLU B 19 7.86 -45.06 21.79
C GLU B 19 8.95 -44.06 21.37
N GLN B 20 9.59 -44.28 20.21
CA GLN B 20 10.62 -43.34 19.71
C GLN B 20 9.95 -42.32 18.78
N LYS B 21 9.56 -41.16 19.31
CA LYS B 21 8.95 -40.10 18.47
C LYS B 21 9.83 -38.85 18.53
N ASN B 22 10.27 -38.34 17.38
CA ASN B 22 11.13 -37.12 17.33
C ASN B 22 12.53 -37.46 17.86
N GLY B 23 12.85 -38.75 17.96
CA GLY B 23 14.17 -39.15 18.52
C GLY B 23 14.20 -39.11 20.03
N LEU B 24 13.05 -39.00 20.69
CA LEU B 24 13.03 -39.06 22.18
C LEU B 24 12.36 -40.35 22.63
N THR B 25 12.62 -40.76 23.88
CA THR B 25 12.06 -42.04 24.40
C THR B 25 10.97 -41.71 25.43
N TYR B 26 9.78 -42.28 25.27
CA TYR B 26 8.65 -42.00 26.18
C TYR B 26 8.07 -43.32 26.70
N LEU B 27 7.81 -43.43 28.01
CA LEU B 27 7.13 -44.66 28.50
C LEU B 27 5.63 -44.37 28.57
N ALA B 28 4.79 -45.29 28.08
CA ALA B 28 3.34 -45.04 28.01
C ALA B 28 2.75 -44.93 29.41
N TRP B 29 1.73 -44.07 29.58
CA TRP B 29 1.11 -43.89 30.92
C TRP B 29 0.45 -45.19 31.38
N SER B 30 -0.19 -45.92 30.47
CA SER B 30 -0.87 -47.17 30.87
C SER B 30 0.08 -48.00 31.73
N TYR B 31 1.31 -48.23 31.24
CA TYR B 31 2.30 -49.06 31.99
C TYR B 31 2.57 -48.43 33.37
N ALA B 32 2.76 -47.12 33.40
CA ALA B 32 3.04 -46.43 34.68
C ALA B 32 1.85 -46.62 35.63
N HIS B 33 0.63 -46.53 35.11
CA HIS B 33 -0.54 -46.60 36.02
C HIS B 33 -0.54 -47.98 36.68
N GLN B 34 -0.27 -49.03 35.90
CA GLN B 34 -0.35 -50.41 36.44
C GLN B 34 0.77 -50.64 37.47
N GLU B 35 2.01 -50.29 37.13
CA GLU B 35 3.13 -50.59 38.06
C GLU B 35 2.81 -49.97 39.42
N LEU B 36 2.59 -48.66 39.47
CA LEU B 36 2.31 -47.99 40.76
C LEU B 36 1.14 -48.70 41.43
N LYS B 37 0.07 -48.96 40.67
CA LYS B 37 -1.13 -49.65 41.21
C LYS B 37 -0.73 -50.95 41.91
N LYS B 38 0.21 -51.68 41.32
CA LYS B 38 0.70 -52.93 41.95
C LYS B 38 1.44 -52.56 43.24
N ILE B 39 2.41 -51.65 43.16
CA ILE B 39 3.20 -51.25 44.36
C ILE B 39 2.25 -50.76 45.44
N ASP B 40 1.25 -49.95 45.07
CA ASP B 40 0.32 -49.37 46.06
C ASP B 40 -1.11 -49.45 45.51
N PRO B 41 -2.03 -50.25 46.08
CA PRO B 41 -3.37 -50.37 45.51
C PRO B 41 -4.09 -49.02 45.49
N ASN B 42 -3.89 -48.20 46.52
CA ASN B 42 -4.60 -46.89 46.60
C ASN B 42 -3.60 -45.74 46.49
N TYR B 43 -3.47 -45.15 45.29
CA TYR B 43 -2.60 -44.00 45.10
C TYR B 43 -3.37 -42.94 44.32
N THR B 44 -2.97 -41.69 44.50
CA THR B 44 -3.73 -40.54 44.02
C THR B 44 -2.95 -39.79 42.94
N VAL B 45 -3.65 -39.41 41.88
CA VAL B 45 -3.13 -38.52 40.85
C VAL B 45 -4.03 -37.30 40.80
N LYS B 46 -3.44 -36.12 40.96
CA LYS B 46 -4.19 -34.87 41.00
C LYS B 46 -3.62 -33.90 39.98
N VAL B 47 -4.47 -33.38 39.10
CA VAL B 47 -4.07 -32.38 38.12
C VAL B 47 -4.50 -31.02 38.65
N HIS B 48 -3.52 -30.16 38.91
CA HIS B 48 -3.86 -28.85 39.55
C HIS B 48 -4.66 -27.97 38.60
N GLU B 49 -5.55 -27.16 39.16
CA GLU B 49 -6.43 -26.27 38.36
C GLU B 49 -6.11 -24.83 38.74
N PHE B 50 -5.96 -23.92 37.79
CA PHE B 50 -5.54 -22.54 38.15
C PHE B 50 -6.50 -21.53 37.52
N PRO B 51 -6.98 -20.45 38.18
CA PRO B 51 -7.93 -19.54 37.54
C PRO B 51 -7.37 -19.03 36.20
N HIS B 52 -8.09 -19.29 35.10
CA HIS B 52 -7.60 -18.88 33.75
C HIS B 52 -7.58 -17.35 33.71
N PRO B 53 -6.50 -16.71 33.19
CA PRO B 53 -6.39 -15.24 33.21
C PRO B 53 -7.44 -14.46 32.41
N ASP B 54 -7.49 -14.65 31.10
CA ASP B 54 -8.37 -13.84 30.21
C ASP B 54 -9.83 -13.91 30.67
N ILE B 55 -10.35 -15.11 30.88
CA ILE B 55 -11.76 -15.28 31.30
C ILE B 55 -11.99 -14.49 32.59
N ASN B 56 -11.23 -14.81 33.64
CA ASN B 56 -11.36 -14.08 34.94
C ASN B 56 -12.82 -14.18 35.41
N THR B 57 -13.44 -15.36 35.25
CA THR B 57 -14.81 -15.55 35.78
C THR B 57 -14.72 -16.16 37.18
N GLU B 58 -15.55 -15.70 38.11
CA GLU B 58 -15.49 -16.21 39.51
C GLU B 58 -15.81 -17.70 39.52
N ASN B 59 -15.03 -18.50 40.26
CA ASN B 59 -15.28 -19.96 40.40
C ASN B 59 -14.95 -20.64 39.07
N TYR B 60 -14.28 -19.94 38.15
CA TYR B 60 -13.85 -20.58 36.88
C TYR B 60 -12.40 -21.04 37.00
N PHE B 61 -12.16 -22.36 37.06
CA PHE B 61 -10.78 -22.89 37.20
C PHE B 61 -10.48 -23.88 36.06
N VAL B 62 -9.66 -23.48 35.09
CA VAL B 62 -9.25 -24.42 34.00
C VAL B 62 -8.18 -25.35 34.55
N PRO B 63 -7.85 -26.51 33.92
CA PRO B 63 -6.88 -27.44 34.51
C PRO B 63 -5.42 -27.13 34.15
N TYR B 64 -5.16 -26.02 33.45
CA TYR B 64 -3.77 -25.69 33.02
C TYR B 64 -3.51 -24.18 33.10
N LEU B 65 -2.24 -23.80 33.28
CA LEU B 65 -1.86 -22.35 33.32
C LEU B 65 -1.96 -21.76 31.91
N ALA B 66 -2.49 -20.54 31.79
CA ALA B 66 -2.49 -19.86 30.48
C ALA B 66 -1.72 -18.55 30.65
N THR B 67 -0.68 -18.32 29.85
CA THR B 67 0.16 -17.12 30.02
C THR B 67 0.47 -16.52 28.64
N PRO B 68 0.77 -15.21 28.53
CA PRO B 68 1.17 -14.63 27.24
C PRO B 68 2.44 -15.37 26.80
N GLU B 69 3.34 -15.65 27.75
CA GLU B 69 4.59 -16.39 27.43
C GLU B 69 4.23 -17.78 26.89
N GLY B 70 3.24 -18.47 27.48
CA GLY B 70 2.85 -19.77 26.90
C GLY B 70 1.88 -20.55 27.77
N TYR B 71 2.13 -21.84 27.98
CA TYR B 71 1.19 -22.71 28.75
C TYR B 71 1.93 -23.69 29.67
N PHE B 72 1.40 -23.85 30.89
CA PHE B 72 2.05 -24.76 31.87
C PHE B 72 1.03 -25.72 32.46
N VAL B 73 1.46 -26.94 32.78
CA VAL B 73 0.62 -27.96 33.41
C VAL B 73 1.33 -28.45 34.66
N GLN B 74 0.55 -28.99 35.59
CA GLN B 74 1.08 -29.50 36.84
C GLN B 74 0.36 -30.79 37.22
N VAL B 75 1.11 -31.78 37.68
CA VAL B 75 0.57 -33.07 38.09
C VAL B 75 1.23 -33.47 39.39
N SER B 76 0.43 -33.87 40.38
CA SER B 76 0.96 -34.31 41.70
C SER B 76 0.61 -35.78 41.96
N VAL B 77 1.61 -36.66 41.99
CA VAL B 77 1.42 -38.09 42.15
C VAL B 77 1.80 -38.46 43.59
N THR B 78 0.85 -39.04 44.32
CA THR B 78 1.15 -39.50 45.70
C THR B 78 1.24 -41.02 45.69
N VAL B 79 2.45 -41.57 45.60
CA VAL B 79 2.63 -43.04 45.65
C VAL B 79 2.93 -43.44 47.09
N LYS B 80 2.09 -44.29 47.69
CA LYS B 80 2.26 -44.62 49.12
C LYS B 80 2.26 -43.31 49.91
N ASP B 81 3.07 -43.23 50.97
CA ASP B 81 3.20 -41.98 51.75
C ASP B 81 3.84 -40.89 50.89
N SER B 82 4.83 -41.25 50.06
CA SER B 82 5.59 -40.22 49.29
C SER B 82 4.68 -39.45 48.34
N THR B 83 4.90 -38.14 48.21
CA THR B 83 4.12 -37.29 47.27
C THR B 83 5.09 -36.38 46.52
N GLU B 84 4.73 -35.93 45.32
CA GLU B 84 5.67 -35.09 44.53
C GLU B 84 4.92 -34.43 43.37
N THR B 85 5.52 -33.45 42.68
CA THR B 85 4.81 -32.69 41.65
C THR B 85 5.75 -32.40 40.47
N GLU B 86 5.21 -32.26 39.26
CA GLU B 86 6.08 -31.91 38.10
C GLU B 86 5.43 -30.79 37.26
N TRP B 87 6.22 -29.82 36.81
CA TRP B 87 5.72 -28.78 35.88
C TRP B 87 6.14 -29.17 34.46
N LEU B 88 5.38 -28.79 33.44
CA LEU B 88 5.89 -29.06 32.07
C LEU B 88 5.35 -28.01 31.12
N PRO B 89 6.04 -27.64 30.02
CA PRO B 89 5.47 -26.71 29.05
C PRO B 89 4.63 -27.46 28.02
N VAL B 90 3.45 -26.94 27.66
CA VAL B 90 2.66 -27.59 26.58
C VAL B 90 3.45 -27.38 25.28
N LEU B 91 3.63 -28.42 24.46
CA LEU B 91 4.49 -28.29 23.24
C LEU B 91 3.78 -28.85 22.00
N ASP B 92 4.26 -28.46 20.81
CA ASP B 92 3.69 -28.97 19.53
C ASP B 92 4.06 -30.43 19.31
N PHE B 93 3.66 -30.99 18.16
CA PHE B 93 4.05 -32.39 17.81
C PHE B 93 5.52 -32.40 17.37
N ARG B 94 6.09 -31.22 17.10
CA ARG B 94 7.52 -31.11 16.73
C ARG B 94 8.34 -30.69 17.95
N ASN B 95 7.75 -30.76 19.14
CA ASN B 95 8.45 -30.29 20.37
C ASN B 95 8.86 -28.82 20.23
N LYS B 96 7.92 -27.97 19.82
CA LYS B 96 8.17 -26.51 19.77
C LYS B 96 7.16 -25.85 20.71
N SER B 97 7.43 -24.62 21.15
CA SER B 97 6.53 -23.97 22.15
C SER B 97 5.24 -23.49 21.50
N LEU B 98 4.16 -23.38 22.28
CA LEU B 98 2.88 -22.85 21.74
C LEU B 98 2.56 -21.51 22.41
N ALA B 99 2.38 -20.45 21.62
CA ALA B 99 2.17 -19.10 22.18
C ALA B 99 0.72 -18.95 22.63
N LYS B 100 0.42 -17.91 23.42
CA LYS B 100 -0.95 -17.75 23.97
C LYS B 100 -1.96 -17.64 22.83
N GLY B 101 -2.99 -18.50 22.81
CA GLY B 101 -4.00 -18.50 21.74
C GLY B 101 -3.66 -19.41 20.58
N SER B 102 -2.59 -20.20 20.67
CA SER B 102 -2.31 -21.16 19.57
C SER B 102 -2.42 -22.62 20.02
N ALA B 103 -2.87 -22.87 21.25
CA ALA B 103 -2.90 -24.26 21.76
C ALA B 103 -4.29 -24.86 21.54
N THR B 104 -4.36 -26.18 21.51
CA THR B 104 -5.67 -26.85 21.35
C THR B 104 -5.85 -27.78 22.54
N THR B 105 -7.10 -27.97 23.00
CA THR B 105 -7.35 -28.79 24.20
C THR B 105 -6.59 -30.11 24.09
N PHE B 106 -6.47 -30.65 22.87
CA PHE B 106 -5.75 -31.94 22.65
C PHE B 106 -4.31 -31.82 23.14
N ASP B 107 -3.61 -30.75 22.72
CA ASP B 107 -2.18 -30.60 23.09
C ASP B 107 -2.06 -30.49 24.61
N ILE B 108 -2.96 -29.76 25.24
CA ILE B 108 -2.89 -29.58 26.72
C ILE B 108 -3.00 -30.96 27.36
N ASN B 109 -3.97 -31.77 26.92
CA ASN B 109 -4.18 -33.12 27.51
C ASN B 109 -2.92 -33.96 27.31
N LYS B 110 -2.29 -33.84 26.13
CA LYS B 110 -1.06 -34.61 25.84
C LYS B 110 0.02 -34.22 26.85
N ALA B 111 0.14 -32.91 27.13
CA ALA B 111 1.12 -32.44 28.12
C ALA B 111 0.77 -33.03 29.49
N GLN B 112 -0.53 -33.06 29.81
CA GLN B 112 -0.98 -33.64 31.11
C GLN B 112 -0.47 -35.09 31.21
N LYS B 113 -0.87 -35.96 30.28
CA LYS B 113 -0.45 -37.35 30.38
C LYS B 113 1.07 -37.47 30.49
N ARG B 114 1.80 -36.69 29.68
CA ARG B 114 3.26 -36.74 29.74
C ARG B 114 3.78 -36.29 31.10
N CYS B 115 3.19 -35.26 31.67
CA CYS B 115 3.63 -34.77 33.01
C CYS B 115 3.40 -35.85 34.07
N PHE B 116 2.37 -36.68 33.87
CA PHE B 116 2.09 -37.80 34.81
C PHE B 116 3.28 -38.76 34.85
N VAL B 117 3.71 -39.24 33.69
CA VAL B 117 4.83 -40.24 33.65
C VAL B 117 6.09 -39.57 34.22
N LYS B 118 6.30 -38.29 33.91
CA LYS B 118 7.46 -37.54 34.46
C LYS B 118 7.35 -37.48 35.99
N ALA B 119 6.13 -37.24 36.51
CA ALA B 119 5.93 -37.25 37.97
C ALA B 119 6.23 -38.65 38.51
N SER B 120 5.81 -39.68 37.79
CA SER B 120 6.12 -41.08 38.19
C SER B 120 7.65 -41.26 38.13
N ALA B 121 8.30 -40.63 37.14
CA ALA B 121 9.76 -40.77 36.96
C ALA B 121 10.48 -40.24 38.20
N LEU B 122 9.87 -39.31 38.92
CA LEU B 122 10.50 -38.79 40.16
C LEU B 122 10.72 -39.98 41.10
N HIS B 123 9.72 -40.85 41.24
CA HIS B 123 9.85 -42.09 42.05
C HIS B 123 10.81 -42.94 41.21
N GLY B 124 11.33 -44.04 41.71
CA GLY B 124 12.38 -44.74 40.95
C GLY B 124 11.98 -45.16 39.54
N LEU B 125 10.71 -45.47 39.29
CA LEU B 125 10.33 -46.06 37.97
C LEU B 125 10.77 -45.23 36.77
N GLY B 126 11.52 -45.82 35.84
CA GLY B 126 11.90 -45.13 34.58
C GLY B 126 12.54 -43.76 34.76
N LEU B 127 13.33 -43.56 35.82
CA LEU B 127 14.07 -42.26 35.91
C LEU B 127 15.13 -42.16 34.81
N TYR B 128 15.80 -43.27 34.52
CA TYR B 128 16.90 -43.33 33.52
C TYR B 128 16.47 -42.85 32.13
N ILE B 129 15.27 -43.22 31.67
CA ILE B 129 14.81 -42.84 30.30
C ILE B 129 14.84 -41.33 30.16
N TYR B 130 14.46 -40.62 31.22
CA TYR B 130 14.35 -39.13 31.18
C TYR B 130 15.72 -38.51 31.46
N ASN B 131 16.77 -39.33 31.53
CA ASN B 131 18.15 -38.78 31.67
C ASN B 131 18.52 -38.23 30.29
N GLY B 132 17.71 -38.53 29.27
CA GLY B 132 18.05 -38.12 27.90
C GLY B 132 18.73 -39.26 27.17
N GLU B 133 18.79 -40.44 27.82
CA GLU B 133 19.45 -41.63 27.23
C GLU B 133 18.47 -42.80 27.25
N GLU B 134 18.82 -43.90 26.58
CA GLU B 134 17.94 -45.10 26.54
C GLU B 134 18.50 -46.16 27.50
N LEU B 135 19.43 -45.78 28.36
CA LEU B 135 20.09 -46.77 29.26
C LEU B 135 19.01 -47.43 30.12
N PRO B 136 18.97 -48.78 30.23
CA PRO B 136 17.87 -49.48 30.92
C PRO B 136 17.67 -49.33 32.44
N SER B 137 18.72 -49.45 33.27
CA SER B 137 18.49 -49.42 34.74
C SER B 137 19.80 -49.17 35.52
N ALA B 138 19.69 -48.77 36.79
CA ALA B 138 20.89 -48.63 37.64
C ALA B 138 20.64 -49.32 38.99
N SER B 139 21.51 -50.25 39.39
CA SER B 139 21.39 -50.90 40.72
C SER B 139 22.62 -50.54 41.53
N ASP B 140 22.62 -49.37 42.18
CA ASP B 140 23.85 -48.89 42.87
C ASP B 140 24.30 -49.85 43.98
N ASN B 141 23.37 -50.37 44.80
CA ASN B 141 23.85 -51.23 45.90
C ASN B 141 24.53 -52.46 45.29
N ASP B 142 23.92 -53.02 44.24
CA ASP B 142 24.48 -54.23 43.57
C ASP B 142 25.83 -53.91 42.92
N ILE B 143 25.92 -52.75 42.24
CA ILE B 143 27.18 -52.44 41.49
C ILE B 143 28.33 -52.29 42.51
N THR B 144 28.04 -51.69 43.67
CA THR B 144 29.08 -51.52 44.72
C THR B 144 29.55 -52.91 45.18
N GLU B 145 28.62 -53.85 45.36
CA GLU B 145 28.99 -55.23 45.78
C GLU B 145 29.83 -55.86 44.66
N LEU B 146 29.43 -55.67 43.41
CA LEU B 146 30.19 -56.23 42.26
C LEU B 146 31.59 -55.59 42.24
N GLU B 147 31.65 -54.28 42.48
CA GLU B 147 32.95 -53.57 42.45
C GLU B 147 33.87 -54.19 43.52
N GLU B 148 33.36 -54.32 44.74
CA GLU B 148 34.18 -54.91 45.83
C GLU B 148 34.63 -56.30 45.39
N ARG B 149 33.78 -57.06 44.70
CA ARG B 149 34.15 -58.46 44.37
C ARG B 149 35.14 -58.49 43.19
N ILE B 150 35.02 -57.55 42.24
CA ILE B 150 36.02 -57.50 41.12
C ILE B 150 37.35 -57.02 41.69
N ASN B 151 37.33 -56.03 42.59
CA ASN B 151 38.60 -55.57 43.24
C ASN B 151 39.19 -56.72 44.07
N GLN B 152 38.35 -57.49 44.76
CA GLN B 152 38.88 -58.66 45.52
C GLN B 152 39.55 -59.62 44.52
N PHE B 153 38.93 -59.78 43.36
CA PHE B 153 39.50 -60.69 42.33
C PHE B 153 40.82 -60.09 41.86
N VAL B 154 40.83 -58.80 41.53
CA VAL B 154 42.08 -58.13 41.05
C VAL B 154 43.16 -58.26 42.12
N ASN B 155 42.84 -57.91 43.37
CA ASN B 155 43.87 -57.90 44.44
C ASN B 155 44.38 -59.33 44.66
N LEU B 156 43.48 -60.30 44.73
CA LEU B 156 43.89 -61.70 44.99
C LEU B 156 44.74 -62.20 43.82
N SER B 157 44.33 -61.85 42.59
CA SER B 157 45.15 -62.24 41.41
C SER B 157 46.55 -61.65 41.57
N GLN B 158 46.66 -60.32 41.61
CA GLN B 158 47.99 -59.66 41.71
C GLN B 158 48.73 -60.21 42.93
N GLU B 159 48.00 -60.52 43.99
CA GLU B 159 48.62 -61.09 45.22
C GLU B 159 49.26 -62.44 44.88
N LYS B 160 48.59 -63.23 44.03
CA LYS B 160 49.08 -64.59 43.67
C LYS B 160 50.09 -64.48 42.52
N GLY B 161 50.24 -63.29 41.92
CA GLY B 161 51.12 -63.12 40.76
C GLY B 161 50.40 -63.03 39.44
N ARG B 162 49.08 -63.22 39.42
CA ARG B 162 48.31 -63.04 38.16
C ARG B 162 48.17 -61.55 37.86
N ASP B 163 48.85 -61.04 36.83
CA ASP B 163 48.61 -59.62 36.45
C ASP B 163 47.10 -59.44 36.40
N ALA B 164 46.58 -58.33 36.95
CA ALA B 164 45.10 -58.16 37.01
C ALA B 164 44.75 -56.68 36.95
N THR B 165 43.87 -56.29 36.02
CA THR B 165 43.44 -54.88 35.91
C THR B 165 41.91 -54.85 36.01
N ILE B 166 41.36 -53.81 36.64
CA ILE B 166 39.88 -53.79 36.86
C ILE B 166 39.19 -53.81 35.48
N ASP B 167 39.72 -53.05 34.52
CA ASP B 167 39.08 -52.98 33.18
C ASP B 167 39.12 -54.35 32.51
N LYS B 168 40.22 -55.11 32.65
CA LYS B 168 40.25 -56.49 32.09
C LYS B 168 39.38 -57.42 32.94
N THR B 169 39.35 -57.21 34.26
CA THR B 169 38.43 -58.03 35.10
C THR B 169 37.02 -57.72 34.62
N MET B 170 36.73 -56.44 34.37
CA MET B 170 35.39 -56.03 33.86
C MET B 170 35.18 -56.73 32.52
N ARG B 171 36.25 -56.86 31.72
CA ARG B 171 36.14 -57.51 30.39
C ARG B 171 35.70 -58.98 30.58
N TRP B 172 36.06 -59.61 31.70
CA TRP B 172 35.58 -60.99 31.95
C TRP B 172 34.05 -60.94 32.00
N LEU B 173 33.51 -59.98 32.73
CA LEU B 173 32.03 -59.80 32.80
C LEU B 173 31.55 -59.25 31.46
N LYS B 174 32.45 -58.63 30.69
CA LYS B 174 32.08 -58.02 29.38
C LYS B 174 30.98 -56.99 29.64
N ILE B 175 31.14 -56.20 30.71
CA ILE B 175 30.11 -55.17 31.06
C ILE B 175 30.59 -53.81 30.54
N SER B 176 29.81 -53.19 29.65
CA SER B 176 30.20 -51.87 29.07
C SER B 176 30.19 -50.79 30.17
N ASN B 177 29.18 -50.83 31.05
CA ASN B 177 29.06 -49.80 32.12
C ASN B 177 28.74 -50.51 33.44
N ILE B 178 29.72 -50.68 34.32
CA ILE B 178 29.48 -51.39 35.60
C ILE B 178 28.26 -50.76 36.28
N ASN B 179 28.07 -49.45 36.12
CA ASN B 179 26.95 -48.75 36.80
C ASN B 179 25.61 -49.32 36.30
N LYS B 180 25.42 -49.39 34.99
CA LYS B 180 24.13 -49.88 34.44
C LYS B 180 24.25 -51.37 34.10
N LEU B 181 23.74 -52.26 34.96
CA LEU B 181 23.77 -53.71 34.60
C LEU B 181 22.47 -54.32 35.14
N SER B 182 21.81 -55.19 34.38
CA SER B 182 20.51 -55.72 34.85
C SER B 182 20.76 -56.55 36.12
N GLN B 183 19.82 -56.50 37.08
CA GLN B 183 19.99 -57.25 38.35
C GLN B 183 20.46 -58.68 38.05
N LYS B 184 19.76 -59.36 37.13
CA LYS B 184 20.11 -60.77 36.82
C LYS B 184 21.59 -60.82 36.39
N GLN B 185 22.03 -59.85 35.60
CA GLN B 185 23.46 -59.79 35.17
C GLN B 185 24.38 -59.57 36.38
N ILE B 186 23.98 -58.75 37.35
CA ILE B 186 24.86 -58.67 38.56
C ILE B 186 25.02 -60.09 39.09
N ALA B 187 23.90 -60.78 39.30
CA ALA B 187 23.96 -62.15 39.86
C ALA B 187 24.82 -63.03 38.95
N GLU B 188 24.63 -62.92 37.63
CA GLU B 188 25.39 -63.76 36.67
C GLU B 188 26.88 -63.43 36.80
N ALA B 189 27.20 -62.14 36.88
CA ALA B 189 28.62 -61.73 36.98
C ALA B 189 29.18 -62.29 38.28
N HIS B 190 28.49 -62.08 39.40
CA HIS B 190 28.95 -62.67 40.68
C HIS B 190 29.34 -64.14 40.46
N GLN B 191 28.47 -64.90 39.78
CA GLN B 191 28.75 -66.34 39.60
C GLN B 191 30.14 -66.50 38.98
N LYS B 192 30.42 -65.71 37.94
CA LYS B 192 31.75 -65.77 37.27
C LYS B 192 32.82 -65.49 38.33
N LEU B 193 32.75 -64.33 39.00
CA LEU B 193 33.78 -63.97 40.00
C LEU B 193 33.96 -65.09 41.02
N ASP B 194 32.89 -65.53 41.71
CA ASP B 194 33.11 -66.53 42.79
C ASP B 194 33.89 -67.71 42.18
N ALA B 195 33.48 -68.16 41.01
CA ALA B 195 34.14 -69.32 40.38
C ALA B 195 35.64 -69.03 40.28
N GLY B 196 36.00 -67.95 39.59
CA GLY B 196 37.42 -67.59 39.44
C GLY B 196 38.08 -67.34 40.78
N LEU B 197 37.45 -66.55 41.64
CA LEU B 197 38.06 -66.20 42.95
C LEU B 197 38.47 -67.50 43.65
N LYS B 198 37.53 -68.45 43.75
CA LYS B 198 37.80 -69.71 44.48
C LYS B 198 38.93 -70.50 43.82
N GLN B 199 38.95 -70.58 42.49
CA GLN B 199 39.98 -71.44 41.83
C GLN B 199 41.38 -70.86 42.10
N LEU B 200 41.54 -69.53 42.14
CA LEU B 200 42.89 -69.01 42.51
C LEU B 200 43.22 -69.53 43.91
N ASP B 201 42.23 -69.53 44.81
CA ASP B 201 42.45 -70.06 46.18
C ASP B 201 43.04 -71.46 46.07
N SER B 202 42.40 -72.34 45.29
CA SER B 202 42.92 -73.72 45.12
C SER B 202 44.31 -73.66 44.49
N GLU B 203 44.51 -72.77 43.51
CA GLU B 203 45.84 -72.60 42.87
C GLU B 203 46.90 -72.35 43.94
N GLN C 3 -6.81 -62.13 45.34
CA GLN C 3 -5.73 -61.30 44.72
C GLN C 3 -6.00 -59.83 45.03
N THR C 4 -6.21 -59.02 43.99
CA THR C 4 -6.45 -57.55 44.17
C THR C 4 -7.30 -57.04 43.01
N LEU C 5 -7.92 -55.87 43.14
CA LEU C 5 -8.82 -55.35 42.10
C LEU C 5 -8.03 -55.10 40.81
N PHE C 6 -6.88 -54.43 40.87
CA PHE C 6 -6.22 -54.10 39.57
C PHE C 6 -5.86 -55.41 38.86
N GLU C 7 -5.22 -56.37 39.55
CA GLU C 7 -4.79 -57.60 38.85
C GLU C 7 -6.02 -58.27 38.22
N GLN C 8 -7.04 -58.57 39.03
CA GLN C 8 -8.27 -59.23 38.53
C GLN C 8 -8.79 -58.49 37.29
N LEU C 9 -9.05 -57.19 37.43
CA LEU C 9 -9.61 -56.38 36.32
C LEU C 9 -8.62 -56.36 35.15
N ASN C 10 -7.31 -56.24 35.44
CA ASN C 10 -6.30 -56.11 34.36
C ASN C 10 -6.32 -57.39 33.51
N SER C 11 -6.46 -58.54 34.16
CA SER C 11 -6.43 -59.83 33.43
C SER C 11 -7.82 -60.15 32.85
N LYS C 12 -8.25 -59.41 31.84
CA LYS C 12 -9.53 -59.68 31.14
C LYS C 12 -9.32 -59.40 29.66
N ASN C 13 -10.12 -60.01 28.77
CA ASN C 13 -9.97 -59.68 27.33
C ASN C 13 -11.16 -58.82 26.89
N VAL C 14 -10.95 -57.52 26.68
CA VAL C 14 -12.06 -56.64 26.21
C VAL C 14 -11.90 -56.46 24.70
N ASN C 15 -11.02 -57.26 24.08
CA ASN C 15 -10.73 -57.14 22.63
C ASN C 15 -12.02 -57.36 21.82
N ASP C 16 -12.84 -58.34 22.21
CA ASP C 16 -14.03 -58.68 21.39
C ASP C 16 -14.97 -57.47 21.30
N HIS C 17 -15.19 -56.78 22.43
CA HIS C 17 -16.08 -55.59 22.45
C HIS C 17 -15.27 -54.32 22.17
N THR C 18 -14.78 -54.17 20.92
CA THR C 18 -14.02 -52.94 20.54
C THR C 18 -14.44 -52.47 19.15
N GLU C 19 -14.29 -51.18 18.87
CA GLU C 19 -14.60 -50.64 17.52
C GLU C 19 -13.34 -50.01 16.94
N GLN C 20 -12.99 -50.36 15.70
CA GLN C 20 -11.79 -49.76 15.04
C GLN C 20 -12.23 -48.54 14.23
N LYS C 21 -12.15 -47.34 14.81
CA LYS C 21 -12.51 -46.11 14.09
C LYS C 21 -11.27 -45.20 14.01
N ASN C 22 -10.88 -44.80 12.80
CA ASN C 22 -9.70 -43.91 12.61
C ASN C 22 -8.41 -44.71 12.90
N GLY C 23 -8.50 -46.03 12.96
CA GLY C 23 -7.32 -46.86 13.28
C GLY C 23 -7.04 -46.90 14.78
N LEU C 24 -7.98 -46.48 15.62
CA LEU C 24 -7.79 -46.61 17.09
C LEU C 24 -8.75 -47.65 17.64
N THR C 25 -8.45 -48.19 18.83
CA THR C 25 -9.30 -49.24 19.44
C THR C 25 -10.06 -48.64 20.63
N TYR C 26 -11.38 -48.80 20.65
CA TYR C 26 -12.21 -48.22 21.75
C TYR C 26 -13.09 -49.31 22.34
N LEU C 27 -13.17 -49.41 23.68
CA LEU C 27 -14.12 -50.39 24.29
C LEU C 27 -15.42 -49.64 24.59
N ALA C 28 -16.57 -50.22 24.23
CA ALA C 28 -17.86 -49.52 24.41
C ALA C 28 -18.16 -49.30 25.89
N TRP C 29 -18.81 -48.18 26.23
CA TRP C 29 -19.14 -47.88 27.64
C TRP C 29 -20.09 -48.93 28.21
N SER C 30 -21.07 -49.37 27.41
CA SER C 30 -22.06 -50.36 27.89
C SER C 30 -21.33 -51.53 28.57
N TYR C 31 -20.28 -52.05 27.93
CA TYR C 31 -19.51 -53.20 28.48
C TYR C 31 -18.84 -52.78 29.80
N ALA C 32 -18.25 -51.59 29.82
CA ALA C 32 -17.56 -51.10 31.04
C ALA C 32 -18.58 -50.94 32.17
N HIS C 33 -19.78 -50.46 31.85
CA HIS C 33 -20.75 -50.20 32.94
C HIS C 33 -21.10 -51.54 33.59
N GLN C 34 -21.31 -52.58 32.78
CA GLN C 34 -21.74 -53.89 33.35
C GLN C 34 -20.61 -54.51 34.16
N GLU C 35 -19.39 -54.54 33.62
CA GLU C 35 -18.28 -55.23 34.33
C GLU C 35 -18.15 -54.64 35.74
N LEU C 36 -17.97 -53.32 35.83
CA LEU C 36 -17.81 -52.67 37.15
C LEU C 36 -19.04 -53.01 38.00
N LYS C 37 -20.23 -52.82 37.46
CA LYS C 37 -21.47 -53.16 38.22
C LYS C 37 -21.37 -54.57 38.81
N LYS C 38 -20.88 -55.54 38.04
CA LYS C 38 -20.71 -56.91 38.57
C LYS C 38 -19.71 -56.87 39.73
N ILE C 39 -18.53 -56.30 39.50
CA ILE C 39 -17.46 -56.24 40.56
C ILE C 39 -18.03 -55.53 41.79
N ASP C 40 -18.76 -54.42 41.58
CA ASP C 40 -19.30 -53.63 42.72
C ASP C 40 -20.74 -53.23 42.39
N PRO C 41 -21.78 -53.73 43.11
CA PRO C 41 -23.15 -53.39 42.77
C PRO C 41 -23.39 -51.88 42.87
N ASN C 42 -22.78 -51.22 43.85
CA ASN C 42 -23.02 -49.76 44.05
C ASN C 42 -21.73 -48.97 43.78
N TYR C 43 -21.61 -48.47 42.55
CA TYR C 43 -20.44 -47.59 42.27
C TYR C 43 -21.01 -46.23 41.83
N THR C 44 -20.15 -45.24 41.71
CA THR C 44 -20.56 -43.88 41.36
C THR C 44 -19.76 -43.36 40.18
N VAL C 45 -20.46 -42.73 39.24
CA VAL C 45 -19.84 -41.99 38.14
C VAL C 45 -20.31 -40.54 38.24
N LYS C 46 -19.36 -39.61 38.29
CA LYS C 46 -19.65 -38.20 38.47
C LYS C 46 -18.96 -37.41 37.37
N VAL C 47 -19.73 -36.60 36.64
CA VAL C 47 -19.19 -35.73 35.61
C VAL C 47 -19.07 -34.33 36.20
N HIS C 48 -17.84 -33.83 36.31
CA HIS C 48 -17.64 -32.52 36.98
C HIS C 48 -18.24 -31.39 36.18
N GLU C 49 -18.74 -30.37 36.88
CA GLU C 49 -19.39 -29.21 36.23
C GLU C 49 -18.58 -27.95 36.57
N PHE C 50 -18.30 -27.10 35.59
CA PHE C 50 -17.41 -25.94 35.89
C PHE C 50 -18.08 -24.66 35.42
N PRO C 51 -18.08 -23.52 36.16
CA PRO C 51 -18.77 -22.32 35.67
C PRO C 51 -18.30 -21.93 34.26
N HIS C 52 -19.23 -21.90 33.30
CA HIS C 52 -18.84 -21.59 31.89
C HIS C 52 -18.34 -20.15 31.84
N PRO C 53 -17.19 -19.86 31.17
CA PRO C 53 -16.63 -18.51 31.15
C PRO C 53 -17.48 -17.39 30.54
N ASP C 54 -17.78 -17.48 29.25
CA ASP C 54 -18.49 -16.38 28.53
C ASP C 54 -19.81 -16.01 29.21
N ILE C 55 -20.64 -17.01 29.51
CA ILE C 55 -21.96 -16.73 30.15
C ILE C 55 -21.73 -15.98 31.46
N ASN C 56 -20.95 -16.58 32.38
CA ASN C 56 -20.63 -15.93 33.67
C ASN C 56 -21.95 -15.58 34.37
N THR C 57 -22.94 -16.49 34.32
CA THR C 57 -24.21 -16.27 35.06
C THR C 57 -24.10 -16.96 36.42
N GLU C 58 -24.58 -16.30 37.49
CA GLU C 58 -24.47 -16.88 38.85
C GLU C 58 -25.25 -18.19 38.91
N ASN C 59 -24.66 -19.23 39.52
CA ASN C 59 -25.34 -20.54 39.69
C ASN C 59 -25.46 -21.23 38.32
N TYR C 60 -24.74 -20.72 37.32
CA TYR C 60 -24.74 -21.40 35.99
C TYR C 60 -23.51 -22.30 35.87
N PHE C 61 -23.71 -23.63 35.89
CA PHE C 61 -22.56 -24.57 35.80
C PHE C 61 -22.77 -25.55 34.64
N VAL C 62 -22.03 -25.37 33.54
CA VAL C 62 -22.11 -26.32 32.39
C VAL C 62 -21.33 -27.58 32.76
N PRO C 63 -21.49 -28.75 32.08
CA PRO C 63 -20.79 -29.97 32.50
C PRO C 63 -19.37 -30.12 31.91
N TYR C 64 -18.89 -29.10 31.19
CA TYR C 64 -17.56 -29.21 30.53
C TYR C 64 -16.81 -27.87 30.58
N LEU C 65 -15.48 -27.91 30.54
CA LEU C 65 -14.66 -26.67 30.52
C LEU C 65 -14.77 -26.00 29.14
N ALA C 66 -14.90 -24.67 29.12
CA ALA C 66 -14.89 -23.96 27.83
C ALA C 66 -13.72 -22.96 27.87
N THR C 67 -12.79 -23.03 26.91
CA THR C 67 -11.60 -22.17 26.94
C THR C 67 -11.32 -21.63 25.54
N PRO C 68 -10.64 -20.48 25.38
CA PRO C 68 -10.28 -19.99 24.04
C PRO C 68 -9.39 -21.06 23.40
N GLU C 69 -8.50 -21.66 24.19
CA GLU C 69 -7.63 -22.75 23.67
C GLU C 69 -8.48 -23.92 23.19
N GLY C 70 -9.54 -24.29 23.93
CA GLY C 70 -10.41 -25.37 23.43
C GLY C 70 -11.43 -25.84 24.44
N TYR C 71 -11.59 -27.17 24.61
CA TYR C 71 -12.65 -27.71 25.51
C TYR C 71 -12.17 -28.95 26.28
N PHE C 72 -12.45 -28.99 27.59
CA PHE C 72 -11.99 -30.11 28.45
C PHE C 72 -13.16 -30.73 29.20
N VAL C 73 -13.10 -32.04 29.44
CA VAL C 73 -14.11 -32.77 30.20
C VAL C 73 -13.41 -33.52 31.32
N GLN C 74 -14.17 -33.84 32.36
CA GLN C 74 -13.65 -34.56 33.50
C GLN C 74 -14.68 -35.57 33.99
N VAL C 75 -14.21 -36.77 34.33
CA VAL C 75 -15.07 -37.84 34.82
C VAL C 75 -14.38 -38.51 36.00
N SER C 76 -15.10 -38.68 37.10
CA SER C 76 -14.55 -39.33 38.31
C SER C 76 -15.31 -40.63 38.62
N VAL C 77 -14.66 -41.77 38.50
CA VAL C 77 -15.26 -43.08 38.69
C VAL C 77 -14.80 -43.64 40.04
N THR C 78 -15.76 -43.92 40.91
CA THR C 78 -15.41 -44.52 42.22
C THR C 78 -15.83 -45.99 42.21
N VAL C 79 -14.88 -46.89 41.91
CA VAL C 79 -15.17 -48.35 41.92
C VAL C 79 -14.80 -48.89 43.31
N LYS C 80 -15.77 -49.46 44.03
CA LYS C 80 -15.48 -49.90 45.42
C LYS C 80 -14.95 -48.71 46.20
N ASP C 81 -14.01 -48.94 47.10
CA ASP C 81 -13.36 -47.84 47.86
C ASP C 81 -12.54 -46.97 46.91
N SER C 82 -11.87 -47.58 45.93
CA SER C 82 -10.95 -46.80 45.05
C SER C 82 -11.71 -45.72 44.26
N THR C 83 -11.09 -44.55 44.10
CA THR C 83 -11.70 -43.45 43.30
C THR C 83 -10.61 -42.87 42.39
N GLU C 84 -10.99 -42.25 41.28
CA GLU C 84 -9.96 -41.71 40.35
C GLU C 84 -10.64 -40.79 39.32
N THR C 85 -9.85 -40.01 38.56
CA THR C 85 -10.44 -39.01 37.64
C THR C 85 -9.65 -38.97 36.34
N GLU C 86 -10.29 -38.60 35.22
CA GLU C 86 -9.55 -38.48 33.94
C GLU C 86 -9.93 -37.18 33.21
N TRP C 87 -8.94 -36.48 32.64
CA TRP C 87 -9.23 -35.28 31.81
C TRP C 87 -9.17 -35.72 30.34
N LEU C 88 -9.97 -35.08 29.48
CA LEU C 88 -10.03 -35.49 28.05
C LEU C 88 -10.40 -34.28 27.19
N PRO C 89 -9.68 -34.04 26.08
CA PRO C 89 -10.02 -32.93 25.18
C PRO C 89 -11.26 -33.27 24.33
N VAL C 90 -12.07 -32.26 24.01
CA VAL C 90 -13.22 -32.51 23.10
C VAL C 90 -12.67 -32.42 21.67
N LEU C 91 -12.83 -33.49 20.88
CA LEU C 91 -12.21 -33.49 19.53
C LEU C 91 -13.25 -33.70 18.43
N ASP C 92 -12.80 -33.73 17.18
CA ASP C 92 -13.70 -33.95 16.01
C ASP C 92 -13.86 -35.45 15.72
N PHE C 93 -14.59 -35.79 14.65
CA PHE C 93 -14.72 -37.22 14.25
C PHE C 93 -13.43 -37.67 13.57
N ARG C 94 -12.56 -36.71 13.22
CA ARG C 94 -11.24 -37.04 12.62
C ARG C 94 -10.15 -36.97 13.69
N ASN C 95 -10.54 -36.92 14.95
CA ASN C 95 -9.55 -36.76 16.06
C ASN C 95 -8.72 -35.49 15.85
N LYS C 96 -9.38 -34.35 15.61
CA LYS C 96 -8.68 -33.05 15.51
C LYS C 96 -9.27 -32.15 16.60
N SER C 97 -8.57 -31.10 17.00
CA SER C 97 -9.04 -30.26 18.12
C SER C 97 -10.22 -29.38 17.69
N LEU C 98 -11.05 -28.95 18.64
CA LEU C 98 -12.17 -28.02 18.32
C LEU C 98 -11.92 -26.68 19.03
N ALA C 99 -11.88 -25.58 18.29
CA ALA C 99 -11.56 -24.27 18.88
C ALA C 99 -12.79 -23.68 19.56
N LYS C 100 -12.62 -22.65 20.39
CA LYS C 100 -13.76 -22.10 21.16
C LYS C 100 -14.85 -21.62 20.18
N GLY C 101 -16.08 -22.10 20.34
CA GLY C 101 -17.20 -21.73 19.45
C GLY C 101 -17.35 -22.63 18.25
N SER C 102 -16.59 -23.72 18.17
CA SER C 102 -16.80 -24.66 17.03
C SER C 102 -17.30 -26.04 17.48
N ALA C 103 -17.62 -26.20 18.78
CA ALA C 103 -18.01 -27.53 19.29
C ALA C 103 -19.54 -27.65 19.29
N THR C 104 -20.05 -28.88 19.26
CA THR C 104 -21.52 -29.11 19.31
C THR C 104 -21.80 -30.02 20.50
N THR C 105 -22.93 -29.80 21.16
CA THR C 105 -23.26 -30.61 22.37
C THR C 105 -22.94 -32.08 22.11
N PHE C 106 -23.22 -32.57 20.90
CA PHE C 106 -22.99 -34.00 20.59
C PHE C 106 -21.50 -34.32 20.80
N ASP C 107 -20.63 -33.41 20.35
CA ASP C 107 -19.18 -33.61 20.53
C ASP C 107 -18.88 -33.77 22.03
N ILE C 108 -19.54 -32.97 22.86
CA ILE C 108 -19.22 -33.00 24.32
C ILE C 108 -19.69 -34.34 24.89
N ASN C 109 -20.89 -34.81 24.51
CA ASN C 109 -21.38 -36.06 25.14
C ASN C 109 -20.48 -37.24 24.71
N LYS C 110 -20.08 -37.27 23.44
CA LYS C 110 -19.17 -38.34 23.03
C LYS C 110 -17.88 -38.32 23.83
N ALA C 111 -17.33 -37.12 24.05
CA ALA C 111 -16.12 -36.99 24.84
C ALA C 111 -16.35 -37.42 26.28
N GLN C 112 -17.54 -37.10 26.83
CA GLN C 112 -17.85 -37.53 28.19
C GLN C 112 -17.90 -39.04 28.30
N LYS C 113 -18.54 -39.71 27.35
CA LYS C 113 -18.59 -41.17 27.38
C LYS C 113 -17.18 -41.77 27.23
N ARG C 114 -16.38 -41.21 26.32
CA ARG C 114 -15.02 -41.73 26.14
C ARG C 114 -14.18 -41.54 27.40
N CYS C 115 -14.31 -40.39 28.05
CA CYS C 115 -13.54 -40.15 29.30
C CYS C 115 -13.93 -41.16 30.39
N PHE C 116 -15.19 -41.61 30.37
CA PHE C 116 -15.67 -42.64 31.34
C PHE C 116 -14.85 -43.92 31.18
N VAL C 117 -14.78 -44.45 29.96
CA VAL C 117 -14.07 -45.74 29.74
C VAL C 117 -12.59 -45.54 30.09
N LYS C 118 -12.03 -44.37 29.76
CA LYS C 118 -10.62 -44.07 30.12
C LYS C 118 -10.48 -44.05 31.64
N ALA C 119 -11.45 -43.47 32.34
CA ALA C 119 -11.43 -43.48 33.82
C ALA C 119 -11.50 -44.94 34.30
N SER C 120 -12.33 -45.75 33.66
CA SER C 120 -12.42 -47.19 34.00
C SER C 120 -11.07 -47.84 33.69
N ALA C 121 -10.41 -47.40 32.62
CA ALA C 121 -9.12 -47.98 32.20
C ALA C 121 -8.09 -47.77 33.31
N LEU C 122 -8.24 -46.73 34.12
CA LEU C 122 -7.30 -46.51 35.24
C LEU C 122 -7.33 -47.76 36.13
N HIS C 123 -8.53 -48.27 36.43
CA HIS C 123 -8.67 -49.53 37.20
C HIS C 123 -8.18 -50.59 36.21
N GLY C 124 -7.97 -51.82 36.63
CA GLY C 124 -7.33 -52.79 35.71
C GLY C 124 -8.05 -52.97 34.38
N LEU C 125 -9.38 -52.85 34.33
CA LEU C 125 -10.13 -53.23 33.10
C LEU C 125 -9.63 -52.51 31.84
N GLY C 126 -9.24 -53.26 30.80
CA GLY C 126 -8.86 -52.68 29.50
C GLY C 126 -7.77 -51.63 29.53
N LEU C 127 -6.85 -51.70 30.49
CA LEU C 127 -5.73 -50.73 30.54
C LEU C 127 -4.90 -50.81 29.25
N TYR C 128 -4.74 -52.01 28.67
CA TYR C 128 -3.84 -52.19 27.50
C TYR C 128 -4.38 -51.52 26.22
N ILE C 129 -5.70 -51.42 26.07
CA ILE C 129 -6.29 -50.74 24.89
C ILE C 129 -5.62 -49.37 24.74
N TYR C 130 -5.56 -48.63 25.84
CA TYR C 130 -4.97 -47.26 25.82
C TYR C 130 -3.44 -47.37 25.77
N ASN C 131 -2.88 -48.52 26.16
CA ASN C 131 -1.42 -48.76 26.02
C ASN C 131 -1.10 -48.74 24.53
N GLY C 132 -2.04 -49.23 23.69
CA GLY C 132 -1.78 -49.36 22.25
C GLY C 132 -1.45 -50.81 21.92
N GLU C 133 -1.50 -51.68 22.93
CA GLU C 133 -1.29 -53.13 22.70
C GLU C 133 -2.64 -53.83 22.80
N GLU C 134 -3.05 -54.56 21.76
CA GLU C 134 -4.40 -55.19 21.75
C GLU C 134 -4.29 -56.62 22.28
N LEU C 135 -3.17 -56.95 22.94
CA LEU C 135 -2.98 -58.34 23.44
C LEU C 135 -3.91 -58.60 24.63
N PRO C 136 -4.23 -59.88 24.97
CA PRO C 136 -5.26 -60.17 25.98
C PRO C 136 -5.08 -59.68 27.43
N SER C 137 -3.94 -59.94 28.08
CA SER C 137 -3.79 -59.57 29.51
C SER C 137 -2.33 -59.63 29.94
N ALA C 138 -2.03 -59.12 31.13
CA ALA C 138 -0.66 -59.20 31.68
C ALA C 138 -0.77 -59.70 33.12
N SER C 139 -0.96 -61.01 33.30
CA SER C 139 -1.12 -61.56 34.67
C SER C 139 0.26 -61.75 35.28
N ASP C 140 0.85 -60.66 35.80
CA ASP C 140 2.25 -60.71 36.31
C ASP C 140 2.42 -61.83 37.35
N ASN C 141 1.39 -62.13 38.15
CA ASN C 141 1.57 -63.28 39.08
C ASN C 141 1.69 -64.57 38.25
N ASP C 142 0.85 -64.72 37.22
CA ASP C 142 0.92 -65.91 36.33
C ASP C 142 2.25 -65.91 35.58
N ILE C 143 2.68 -64.74 35.12
CA ILE C 143 3.96 -64.65 34.34
C ILE C 143 5.09 -65.17 35.23
N THR C 144 5.09 -64.76 36.50
CA THR C 144 6.17 -65.18 37.44
C THR C 144 6.12 -66.70 37.60
N GLU C 145 4.92 -67.25 37.78
CA GLU C 145 4.77 -68.72 37.96
C GLU C 145 5.25 -69.44 36.69
N LEU C 146 4.82 -68.94 35.52
CA LEU C 146 5.24 -69.57 34.24
C LEU C 146 6.75 -69.41 34.08
N GLU C 147 7.27 -68.22 34.38
CA GLU C 147 8.73 -67.97 34.22
C GLU C 147 9.47 -68.89 35.17
N GLU C 148 8.99 -69.03 36.41
CA GLU C 148 9.73 -69.85 37.39
C GLU C 148 9.77 -71.29 36.87
N ARG C 149 8.64 -71.80 36.40
CA ARG C 149 8.57 -73.19 35.92
C ARG C 149 9.43 -73.35 34.65
N ILE C 150 9.34 -72.40 33.71
CA ILE C 150 10.11 -72.58 32.44
C ILE C 150 11.61 -72.52 32.76
N ASN C 151 12.02 -71.59 33.63
CA ASN C 151 13.44 -71.52 34.05
C ASN C 151 13.81 -72.80 34.81
N GLN C 152 12.89 -73.30 35.66
CA GLN C 152 13.14 -74.57 36.39
C GLN C 152 13.33 -75.68 35.37
N PHE C 153 12.48 -75.70 34.34
CA PHE C 153 12.60 -76.73 33.27
C PHE C 153 13.96 -76.59 32.60
N VAL C 154 14.33 -75.36 32.23
CA VAL C 154 15.66 -75.11 31.59
C VAL C 154 16.75 -75.65 32.51
N ASN C 155 16.70 -75.28 33.79
CA ASN C 155 17.77 -75.68 34.75
C ASN C 155 17.80 -77.21 34.85
N LEU C 156 16.62 -77.84 34.94
CA LEU C 156 16.57 -79.32 35.07
C LEU C 156 17.17 -79.93 33.80
N SER C 157 16.83 -79.38 32.64
CA SER C 157 17.33 -79.94 31.36
C SER C 157 18.85 -79.81 31.31
N GLN C 158 19.38 -78.65 31.70
CA GLN C 158 20.85 -78.43 31.71
C GLN C 158 21.49 -79.40 32.70
N GLU C 159 20.86 -79.59 33.87
CA GLU C 159 21.36 -80.55 34.88
C GLU C 159 21.33 -81.96 34.30
N LYS C 160 20.25 -82.30 33.57
CA LYS C 160 20.10 -83.65 33.00
C LYS C 160 21.05 -83.82 31.81
N GLY C 161 21.63 -82.71 31.32
CA GLY C 161 22.52 -82.76 30.16
C GLY C 161 21.83 -82.33 28.89
N ARG C 162 20.50 -82.20 28.90
CA ARG C 162 19.78 -81.65 27.72
C ARG C 162 20.26 -80.22 27.51
N ASP C 163 20.43 -79.79 26.25
CA ASP C 163 20.79 -78.36 26.04
C ASP C 163 19.50 -77.56 26.13
N ALA C 164 19.38 -76.70 27.16
CA ALA C 164 18.11 -75.98 27.37
C ALA C 164 18.36 -74.47 27.46
N THR C 165 17.56 -73.67 26.75
CA THR C 165 17.67 -72.20 26.86
C THR C 165 16.25 -71.64 27.04
N ILE C 166 16.12 -70.47 27.65
CA ILE C 166 14.77 -69.91 27.95
C ILE C 166 14.03 -69.71 26.62
N ASP C 167 14.72 -69.21 25.59
CA ASP C 167 14.05 -68.91 24.30
C ASP C 167 13.49 -70.21 23.69
N LYS C 168 14.28 -71.30 23.74
CA LYS C 168 13.81 -72.60 23.19
C LYS C 168 12.59 -73.09 24.00
N THR C 169 12.67 -72.96 25.33
CA THR C 169 11.52 -73.38 26.18
C THR C 169 10.31 -72.51 25.83
N MET C 170 10.53 -71.20 25.64
CA MET C 170 9.42 -70.29 25.26
C MET C 170 8.90 -70.73 23.89
N ARG C 171 9.80 -71.16 23.00
CA ARG C 171 9.41 -71.63 21.66
C ARG C 171 8.50 -72.87 21.82
N TRP C 172 8.79 -73.70 22.81
CA TRP C 172 7.91 -74.86 23.09
C TRP C 172 6.50 -74.32 23.26
N LEU C 173 6.33 -73.36 24.17
CA LEU C 173 4.99 -72.76 24.40
C LEU C 173 4.57 -72.02 23.12
N LYS C 174 5.54 -71.64 22.28
CA LYS C 174 5.25 -70.88 21.03
C LYS C 174 4.54 -69.58 21.44
N ILE C 175 5.05 -68.93 22.50
CA ILE C 175 4.46 -67.65 22.96
C ILE C 175 5.40 -66.49 22.54
N SER C 176 4.89 -65.58 21.72
CA SER C 176 5.75 -64.46 21.24
C SER C 176 6.17 -63.59 22.41
N ASN C 177 5.24 -63.27 23.32
CA ASN C 177 5.59 -62.49 24.54
C ASN C 177 5.09 -63.25 25.78
N ILE C 178 5.97 -63.53 26.73
CA ILE C 178 5.54 -64.19 28.00
C ILE C 178 4.60 -63.25 28.77
N ASN C 179 4.90 -61.95 28.80
CA ASN C 179 4.10 -61.01 29.62
C ASN C 179 2.64 -60.96 29.16
N LYS C 180 2.41 -60.97 27.84
CA LYS C 180 1.01 -60.99 27.33
C LYS C 180 0.64 -62.43 26.97
N LEU C 181 -0.34 -63.00 27.68
CA LEU C 181 -0.73 -64.42 27.45
C LEU C 181 -2.06 -64.63 28.16
N SER C 182 -3.01 -65.32 27.52
CA SER C 182 -4.37 -65.48 28.12
C SER C 182 -4.28 -66.46 29.29
N GLN C 183 -5.05 -66.23 30.35
CA GLN C 183 -5.01 -67.12 31.54
C GLN C 183 -5.05 -68.58 31.08
N LYS C 184 -6.01 -68.92 30.23
CA LYS C 184 -6.15 -70.32 29.77
C LYS C 184 -4.81 -70.78 29.17
N GLN C 185 -4.15 -69.92 28.39
CA GLN C 185 -2.83 -70.26 27.79
C GLN C 185 -1.78 -70.45 28.89
N ILE C 186 -1.81 -69.66 29.96
CA ILE C 186 -0.84 -69.98 31.06
C ILE C 186 -1.09 -71.43 31.47
N ALA C 187 -2.35 -71.76 31.77
CA ALA C 187 -2.67 -73.14 32.22
C ALA C 187 -2.22 -74.14 31.15
N GLU C 188 -2.49 -73.83 29.88
CA GLU C 188 -2.13 -74.76 28.78
C GLU C 188 -0.61 -74.91 28.74
N ALA C 189 0.11 -73.80 28.87
CA ALA C 189 1.59 -73.87 28.83
C ALA C 189 2.08 -74.71 30.01
N HIS C 190 1.58 -74.41 31.21
CA HIS C 190 1.95 -75.24 32.39
C HIS C 190 1.83 -76.72 32.02
N GLN C 191 0.72 -77.11 31.40
CA GLN C 191 0.50 -78.54 31.09
C GLN C 191 1.70 -79.06 30.29
N LYS C 192 2.16 -78.26 29.32
CA LYS C 192 3.33 -78.64 28.50
C LYS C 192 4.55 -78.76 29.41
N LEU C 193 4.91 -77.70 30.14
CA LEU C 193 6.15 -77.75 30.95
C LEU C 193 6.08 -78.87 32.00
N ASP C 194 4.95 -79.04 32.69
CA ASP C 194 4.93 -80.04 33.78
C ASP C 194 5.18 -81.44 33.18
N ALA C 195 4.51 -81.75 32.07
CA ALA C 195 4.70 -83.06 31.42
C ALA C 195 6.18 -83.21 31.07
N GLY C 196 6.73 -82.23 30.36
CA GLY C 196 8.14 -82.29 29.94
C GLY C 196 9.05 -82.40 31.15
N LEU C 197 8.78 -81.61 32.19
CA LEU C 197 9.68 -81.60 33.38
C LEU C 197 9.68 -83.01 33.97
N LYS C 198 8.50 -83.63 34.05
CA LYS C 198 8.40 -84.98 34.65
C LYS C 198 9.17 -86.01 33.80
N GLN C 199 9.08 -85.90 32.47
CA GLN C 199 9.71 -86.91 31.58
C GLN C 199 11.23 -86.91 31.75
N LEU C 200 11.85 -85.73 31.85
CA LEU C 200 13.32 -85.71 32.09
C LEU C 200 13.60 -86.39 33.43
N ASP C 201 12.70 -86.23 34.40
CA ASP C 201 12.86 -86.94 35.70
C ASP C 201 12.98 -88.44 35.42
N SER C 202 12.01 -88.99 34.66
CA SER C 202 12.06 -90.44 34.33
C SER C 202 13.33 -90.74 33.55
N GLU C 203 13.71 -89.87 32.61
CA GLU C 203 14.95 -90.04 31.82
C GLU C 203 16.13 -90.24 32.79
N GLN D 3 -29.85 -63.50 42.83
CA GLN D 3 -28.71 -63.01 42.02
C GLN D 3 -28.42 -61.55 42.38
N THR D 4 -28.55 -60.65 41.40
CA THR D 4 -28.27 -59.20 41.62
C THR D 4 -29.10 -58.38 40.63
N LEU D 5 -29.27 -57.09 40.89
CA LEU D 5 -30.14 -56.24 40.03
C LEU D 5 -29.56 -56.18 38.62
N PHE D 6 -28.25 -55.93 38.47
CA PHE D 6 -27.76 -55.73 37.08
C PHE D 6 -27.98 -57.03 36.30
N GLU D 7 -27.55 -58.18 36.82
CA GLU D 7 -27.69 -59.42 36.02
C GLU D 7 -29.16 -59.69 35.69
N GLN D 8 -30.06 -59.66 36.68
CA GLN D 8 -31.50 -59.88 36.43
C GLN D 8 -31.97 -58.94 35.31
N LEU D 9 -31.78 -57.63 35.48
CA LEU D 9 -32.24 -56.62 34.50
C LEU D 9 -31.51 -56.84 33.17
N ASN D 10 -30.21 -57.13 33.21
CA ASN D 10 -29.42 -57.27 31.95
C ASN D 10 -30.00 -58.43 31.13
N SER D 11 -30.38 -59.53 31.79
CA SER D 11 -30.89 -60.71 31.07
C SER D 11 -32.38 -60.55 30.76
N LYS D 12 -32.73 -59.63 29.84
CA LYS D 12 -34.14 -59.46 29.40
C LYS D 12 -34.12 -59.17 27.90
N ASN D 13 -35.20 -59.43 27.18
CA ASN D 13 -35.22 -59.09 25.73
C ASN D 13 -36.14 -57.88 25.53
N VAL D 14 -35.57 -56.70 25.30
CA VAL D 14 -36.40 -55.48 25.03
C VAL D 14 -36.47 -55.27 23.51
N ASN D 15 -36.00 -56.25 22.74
CA ASN D 15 -35.97 -56.14 21.26
C ASN D 15 -37.37 -55.91 20.71
N ASP D 16 -38.38 -56.59 21.25
CA ASP D 16 -39.74 -56.49 20.67
C ASP D 16 -40.23 -55.06 20.76
N HIS D 17 -40.03 -54.40 21.91
CA HIS D 17 -40.47 -53.00 22.10
C HIS D 17 -39.35 -52.04 21.67
N THR D 18 -39.08 -51.96 20.36
CA THR D 18 -38.05 -51.02 19.85
C THR D 18 -38.54 -50.35 18.56
N GLU D 19 -38.03 -49.16 18.26
CA GLU D 19 -38.39 -48.47 16.99
C GLU D 19 -37.12 -48.23 16.19
N GLN D 20 -37.11 -48.60 14.90
CA GLN D 20 -35.93 -48.37 14.02
C GLN D 20 -36.10 -47.02 13.31
N LYS D 21 -35.55 -45.95 13.87
CA LYS D 21 -35.61 -44.61 13.23
C LYS D 21 -34.19 -44.14 12.93
N ASN D 22 -33.90 -43.81 11.66
CA ASN D 22 -32.56 -43.32 11.26
C ASN D 22 -31.56 -44.49 11.30
N GLY D 23 -32.06 -45.73 11.37
CA GLY D 23 -31.16 -46.90 11.47
C GLY D 23 -30.65 -47.13 12.88
N LEU D 24 -31.24 -46.48 13.89
CA LEU D 24 -30.84 -46.75 15.29
C LEU D 24 -31.97 -47.46 16.02
N THR D 25 -31.66 -48.14 17.12
CA THR D 25 -32.67 -48.91 17.87
C THR D 25 -32.98 -48.18 19.18
N TYR D 26 -34.25 -47.92 19.47
CA TYR D 26 -34.64 -47.18 20.70
C TYR D 26 -35.70 -47.97 21.45
N LEU D 27 -35.57 -48.12 22.77
CA LEU D 27 -36.65 -48.78 23.54
C LEU D 27 -37.58 -47.68 24.06
N ALA D 28 -38.90 -47.86 23.96
CA ALA D 28 -39.85 -46.80 24.37
C ALA D 28 -39.80 -46.60 25.88
N TRP D 29 -39.98 -45.36 26.34
CA TRP D 29 -39.94 -45.05 27.79
C TRP D 29 -41.06 -45.79 28.52
N SER D 30 -42.25 -45.84 27.93
CA SER D 30 -43.40 -46.50 28.59
C SER D 30 -42.94 -47.87 29.12
N TYR D 31 -42.29 -48.67 28.27
CA TYR D 31 -41.83 -50.03 28.68
C TYR D 31 -40.84 -49.93 29.84
N ALA D 32 -39.90 -48.98 29.76
CA ALA D 32 -38.90 -48.80 30.83
C ALA D 32 -39.60 -48.40 32.13
N HIS D 33 -40.61 -47.55 32.04
CA HIS D 33 -41.24 -47.07 33.29
C HIS D 33 -41.87 -48.27 33.99
N GLN D 34 -42.57 -49.12 33.23
CA GLN D 34 -43.25 -50.30 33.79
C GLN D 34 -42.25 -51.27 34.44
N GLU D 35 -41.23 -51.65 33.70
CA GLU D 35 -40.29 -52.70 34.18
C GLU D 35 -39.74 -52.26 35.55
N LEU D 36 -39.13 -51.08 35.61
CA LEU D 36 -38.53 -50.59 36.87
C LEU D 36 -39.64 -50.59 37.94
N LYS D 37 -40.79 -50.00 37.63
CA LYS D 37 -41.92 -49.98 38.61
C LYS D 37 -42.17 -51.38 39.17
N LYS D 38 -42.14 -52.40 38.31
CA LYS D 38 -42.34 -53.78 38.81
C LYS D 38 -41.19 -54.13 39.76
N ILE D 39 -39.94 -53.94 39.31
CA ILE D 39 -38.75 -54.28 40.14
C ILE D 39 -38.84 -53.51 41.46
N ASP D 40 -39.19 -52.23 41.39
CA ASP D 40 -39.24 -51.38 42.62
C ASP D 40 -40.52 -50.52 42.57
N PRO D 41 -41.50 -50.71 43.47
CA PRO D 41 -42.74 -49.94 43.39
C PRO D 41 -42.47 -48.44 43.53
N ASN D 42 -41.51 -48.07 44.38
CA ASN D 42 -41.23 -46.63 44.63
C ASN D 42 -39.83 -46.26 44.12
N TYR D 43 -39.76 -45.68 42.91
CA TYR D 43 -38.47 -45.24 42.37
C TYR D 43 -38.64 -43.83 41.84
N THR D 44 -37.54 -43.09 41.80
CA THR D 44 -37.55 -41.66 41.54
C THR D 44 -36.85 -41.34 40.22
N VAL D 45 -37.46 -40.46 39.43
CA VAL D 45 -36.85 -39.89 38.24
C VAL D 45 -36.80 -38.38 38.42
N LYS D 46 -35.61 -37.80 38.30
CA LYS D 46 -35.41 -36.37 38.53
C LYS D 46 -34.71 -35.78 37.32
N VAL D 47 -35.30 -34.73 36.75
CA VAL D 47 -34.69 -34.00 35.64
C VAL D 47 -34.03 -32.76 36.20
N HIS D 48 -32.71 -32.68 36.07
CA HIS D 48 -31.98 -31.54 36.69
C HIS D 48 -32.33 -30.22 36.03
N GLU D 49 -32.33 -29.14 36.81
CA GLU D 49 -32.70 -27.80 36.30
C GLU D 49 -31.48 -26.89 36.48
N PHE D 50 -31.12 -26.11 35.47
CA PHE D 50 -29.87 -25.30 35.59
C PHE D 50 -30.17 -23.84 35.26
N PRO D 51 -29.67 -22.81 35.99
CA PRO D 51 -30.01 -21.43 35.65
C PRO D 51 -29.70 -21.13 34.17
N HIS D 52 -30.72 -20.75 33.40
CA HIS D 52 -30.52 -20.49 31.95
C HIS D 52 -29.60 -19.27 31.81
N PRO D 53 -28.57 -19.32 30.93
CA PRO D 53 -27.61 -18.21 30.81
C PRO D 53 -28.15 -16.84 30.37
N ASP D 54 -28.70 -16.76 29.16
CA ASP D 54 -29.14 -15.46 28.59
C ASP D 54 -30.11 -14.73 29.50
N ILE D 55 -31.16 -15.43 29.95
CA ILE D 55 -32.19 -14.80 30.82
C ILE D 55 -31.51 -14.25 32.08
N ASN D 56 -30.80 -15.11 32.83
CA ASN D 56 -30.07 -14.67 34.03
C ASN D 56 -31.07 -13.98 34.98
N THR D 57 -32.28 -14.53 35.11
CA THR D 57 -33.26 -13.96 36.07
C THR D 57 -33.13 -14.73 37.40
N GLU D 58 -33.19 -14.02 38.52
CA GLU D 58 -33.02 -14.68 39.85
C GLU D 58 -34.15 -15.69 40.05
N ASN D 59 -33.82 -16.89 40.53
CA ASN D 59 -34.85 -17.94 40.82
C ASN D 59 -35.42 -18.47 39.51
N TYR D 60 -34.78 -18.16 38.39
CA TYR D 60 -35.23 -18.71 37.07
C TYR D 60 -34.38 -19.94 36.73
N PHE D 61 -34.99 -21.13 36.78
CA PHE D 61 -34.24 -22.38 36.47
C PHE D 61 -34.96 -23.18 35.38
N VAL D 62 -34.41 -23.17 34.16
CA VAL D 62 -34.99 -23.99 33.04
C VAL D 62 -34.60 -25.45 33.26
N PRO D 63 -35.25 -26.45 32.61
CA PRO D 63 -34.92 -27.86 32.87
C PRO D 63 -33.78 -28.42 32.00
N TYR D 64 -33.09 -27.55 31.25
CA TYR D 64 -32.00 -28.03 30.35
C TYR D 64 -30.87 -26.99 30.26
N LEU D 65 -29.65 -27.45 29.97
CA LEU D 65 -28.49 -26.53 29.79
C LEU D 65 -28.63 -25.77 28.47
N ALA D 66 -28.32 -24.47 28.47
CA ALA D 66 -28.31 -23.72 27.20
C ALA D 66 -26.90 -23.14 27.03
N THR D 67 -26.24 -23.45 25.91
CA THR D 67 -24.84 -23.00 25.72
C THR D 67 -24.66 -22.49 24.29
N PRO D 68 -23.69 -21.60 24.00
CA PRO D 68 -23.43 -21.17 22.63
C PRO D 68 -23.07 -22.42 21.83
N GLU D 69 -22.30 -23.32 22.43
CA GLU D 69 -21.91 -24.59 21.75
C GLU D 69 -23.17 -25.41 21.45
N GLY D 70 -24.13 -25.46 22.37
CA GLY D 70 -25.38 -26.19 22.04
C GLY D 70 -26.31 -26.38 23.23
N TYR D 71 -26.84 -27.59 23.40
CA TYR D 71 -27.81 -27.86 24.50
C TYR D 71 -27.58 -29.22 25.17
N PHE D 72 -27.70 -29.24 26.50
CA PHE D 72 -27.48 -30.49 27.26
C PHE D 72 -28.65 -30.76 28.19
N VAL D 73 -28.95 -32.03 28.44
CA VAL D 73 -29.98 -32.45 29.37
C VAL D 73 -29.37 -33.46 30.34
N GLN D 74 -30.00 -33.58 31.50
CA GLN D 74 -29.54 -34.50 32.53
C GLN D 74 -30.73 -35.16 33.21
N VAL D 75 -30.62 -36.48 33.44
CA VAL D 75 -31.67 -37.25 34.08
C VAL D 75 -31.03 -38.18 35.11
N SER D 76 -31.57 -38.17 36.34
CA SER D 76 -31.05 -39.04 37.42
C SER D 76 -32.11 -40.05 37.86
N VAL D 77 -31.89 -41.34 37.62
CA VAL D 77 -32.83 -42.40 37.91
C VAL D 77 -32.34 -43.14 39.15
N THR D 78 -33.17 -43.17 40.19
CA THR D 78 -32.81 -43.93 41.42
C THR D 78 -33.66 -45.19 41.46
N VAL D 79 -33.12 -46.32 41.01
CA VAL D 79 -33.86 -47.62 41.07
C VAL D 79 -33.44 -48.34 42.35
N LYS D 80 -34.39 -48.61 43.25
CA LYS D 80 -34.02 -49.20 44.56
C LYS D 80 -33.01 -48.28 45.22
N ASP D 81 -32.04 -48.86 45.94
CA ASP D 81 -30.95 -48.06 46.56
C ASP D 81 -30.08 -47.42 45.47
N SER D 82 -29.82 -48.16 44.38
CA SER D 82 -28.87 -47.66 43.34
C SER D 82 -29.37 -46.36 42.71
N THR D 83 -28.45 -45.42 42.44
CA THR D 83 -28.81 -44.14 41.78
C THR D 83 -27.78 -43.87 40.68
N GLU D 84 -28.14 -43.10 39.65
CA GLU D 84 -27.17 -42.86 38.55
C GLU D 84 -27.68 -41.71 37.66
N THR D 85 -26.85 -41.17 36.77
CA THR D 85 -27.24 -39.97 35.99
C THR D 85 -26.72 -40.11 34.55
N GLU D 86 -27.38 -39.48 33.59
CA GLU D 86 -26.97 -39.62 32.16
C GLU D 86 -26.97 -38.25 31.49
N TRP D 87 -26.07 -38.05 30.51
CA TRP D 87 -26.02 -36.78 29.75
C TRP D 87 -26.47 -37.07 28.31
N LEU D 88 -27.42 -36.30 27.78
CA LEU D 88 -27.82 -36.47 26.36
C LEU D 88 -27.70 -35.15 25.62
N PRO D 89 -27.06 -35.11 24.43
CA PRO D 89 -26.98 -33.88 23.64
C PRO D 89 -28.21 -33.74 22.72
N VAL D 90 -28.85 -32.56 22.74
CA VAL D 90 -30.09 -32.37 21.92
C VAL D 90 -29.71 -32.51 20.44
N LEU D 91 -30.52 -33.26 19.67
CA LEU D 91 -30.19 -33.51 18.25
C LEU D 91 -31.42 -33.30 17.37
N ASP D 92 -31.22 -33.02 16.08
CA ASP D 92 -32.36 -32.86 15.13
C ASP D 92 -33.03 -34.21 14.90
N PHE D 93 -34.17 -34.22 14.20
CA PHE D 93 -34.81 -35.51 13.83
C PHE D 93 -33.86 -36.29 12.91
N ARG D 94 -32.81 -35.64 12.40
CA ARG D 94 -31.79 -36.33 11.56
C ARG D 94 -30.57 -36.67 12.40
N ASN D 95 -30.69 -36.58 13.73
CA ASN D 95 -29.52 -36.81 14.62
C ASN D 95 -28.38 -35.84 14.27
N LYS D 96 -28.68 -34.55 14.15
CA LYS D 96 -27.63 -33.52 13.93
C LYS D 96 -27.70 -32.55 15.11
N SER D 97 -26.63 -31.80 15.38
CA SER D 97 -26.60 -30.93 16.58
C SER D 97 -27.48 -29.69 16.37
N LEU D 98 -27.98 -29.09 17.45
CA LEU D 98 -28.77 -27.84 17.36
C LEU D 98 -27.99 -26.70 18.01
N ALA D 99 -27.73 -25.62 17.27
CA ALA D 99 -26.91 -24.51 17.78
C ALA D 99 -27.75 -23.61 18.70
N LYS D 100 -27.12 -22.74 19.47
CA LYS D 100 -27.87 -21.90 20.45
C LYS D 100 -28.89 -21.05 19.69
N GLY D 101 -30.17 -21.13 20.09
CA GLY D 101 -31.25 -20.37 19.41
C GLY D 101 -31.89 -21.11 18.26
N SER D 102 -31.55 -22.37 18.03
CA SER D 102 -32.24 -23.13 16.96
C SER D 102 -33.07 -24.31 17.51
N ALA D 103 -33.18 -24.44 18.83
CA ALA D 103 -33.88 -25.60 19.40
C ALA D 103 -35.34 -25.23 19.69
N THR D 104 -36.22 -26.23 19.73
CA THR D 104 -37.63 -25.97 20.10
C THR D 104 -37.89 -26.64 21.46
N THR D 105 -39.01 -26.30 22.10
CA THR D 105 -39.36 -26.96 23.38
C THR D 105 -39.55 -28.46 23.13
N PHE D 106 -40.15 -28.83 22.00
CA PHE D 106 -40.35 -30.26 21.66
C PHE D 106 -38.99 -30.97 21.66
N ASP D 107 -38.02 -30.42 20.93
CA ASP D 107 -36.68 -31.08 20.83
C ASP D 107 -36.19 -31.41 22.24
N ILE D 108 -36.43 -30.50 23.20
CA ILE D 108 -35.87 -30.72 24.57
C ILE D 108 -36.63 -31.89 25.21
N ASN D 109 -37.96 -31.93 25.06
CA ASN D 109 -38.70 -33.00 25.77
C ASN D 109 -38.32 -34.36 25.19
N LYS D 110 -38.17 -34.45 23.85
CA LYS D 110 -37.75 -35.72 23.27
C LYS D 110 -36.39 -36.14 23.82
N ALA D 111 -35.47 -35.18 23.92
CA ALA D 111 -34.14 -35.47 24.48
C ALA D 111 -34.30 -35.96 25.93
N GLN D 112 -35.15 -35.29 26.71
CA GLN D 112 -35.34 -35.67 28.10
C GLN D 112 -35.84 -37.10 28.22
N LYS D 113 -36.83 -37.47 27.40
CA LYS D 113 -37.33 -38.85 27.43
C LYS D 113 -36.24 -39.84 27.03
N ARG D 114 -35.48 -39.52 25.98
CA ARG D 114 -34.42 -40.42 25.55
C ARG D 114 -33.34 -40.58 26.61
N CYS D 115 -32.98 -39.49 27.30
CA CYS D 115 -31.96 -39.58 28.38
C CYS D 115 -32.46 -40.48 29.52
N PHE D 116 -33.78 -40.51 29.73
CA PHE D 116 -34.38 -41.39 30.77
C PHE D 116 -34.05 -42.86 30.46
N VAL D 117 -34.38 -43.30 29.25
CA VAL D 117 -34.16 -44.74 28.89
C VAL D 117 -32.66 -45.03 28.96
N LYS D 118 -31.82 -44.08 28.54
CA LYS D 118 -30.34 -44.26 28.62
C LYS D 118 -29.94 -44.37 30.09
N ALA D 119 -30.55 -43.57 30.97
CA ALA D 119 -30.25 -43.68 32.41
C ALA D 119 -30.70 -45.06 32.90
N SER D 120 -31.86 -45.53 32.42
CA SER D 120 -32.33 -46.89 32.78
C SER D 120 -31.34 -47.90 32.21
N ALA D 121 -30.78 -47.63 31.04
CA ALA D 121 -29.83 -48.55 30.38
C ALA D 121 -28.61 -48.76 31.28
N LEU D 122 -28.28 -47.76 32.10
CA LEU D 122 -27.13 -47.92 33.03
C LEU D 122 -27.40 -49.15 33.90
N HIS D 123 -28.62 -49.28 34.42
CA HIS D 123 -29.02 -50.48 35.21
C HIS D 123 -29.08 -51.56 34.14
N GLY D 124 -29.08 -52.84 34.55
CA GLY D 124 -29.02 -53.95 33.59
C GLY D 124 -29.99 -53.78 32.42
N LEU D 125 -31.20 -53.29 32.66
CA LEU D 125 -32.22 -53.18 31.59
C LEU D 125 -31.76 -52.22 30.48
N GLY D 126 -31.83 -52.64 29.22
CA GLY D 126 -31.50 -51.74 28.09
C GLY D 126 -30.00 -51.56 27.87
N LEU D 127 -29.17 -52.30 28.60
CA LEU D 127 -27.69 -52.09 28.51
C LEU D 127 -27.21 -52.44 27.10
N TYR D 128 -27.67 -53.54 26.53
CA TYR D 128 -27.15 -54.00 25.20
C TYR D 128 -27.64 -53.07 24.07
N ILE D 129 -28.73 -52.33 24.30
CA ILE D 129 -29.32 -51.50 23.21
C ILE D 129 -28.26 -50.49 22.75
N TYR D 130 -27.52 -49.91 23.70
CA TYR D 130 -26.53 -48.87 23.33
C TYR D 130 -25.19 -49.54 23.03
N ASN D 131 -25.04 -50.81 23.43
CA ASN D 131 -23.82 -51.57 23.06
C ASN D 131 -23.75 -51.59 21.52
N GLY D 132 -24.90 -51.54 20.87
CA GLY D 132 -24.94 -51.61 19.39
C GLY D 132 -25.24 -53.01 18.91
N GLU D 133 -25.51 -53.93 19.86
CA GLU D 133 -25.90 -55.31 19.50
C GLU D 133 -27.41 -55.42 19.71
N GLU D 134 -28.14 -55.99 18.74
CA GLU D 134 -29.60 -56.20 18.89
C GLU D 134 -29.82 -57.60 19.46
N LEU D 135 -28.73 -58.26 19.88
CA LEU D 135 -28.84 -59.65 20.40
C LEU D 135 -29.64 -59.65 21.70
N PRO D 136 -30.37 -60.75 22.02
CA PRO D 136 -31.29 -60.77 23.18
C PRO D 136 -30.76 -60.57 24.61
N SER D 137 -29.66 -61.22 25.01
CA SER D 137 -29.22 -61.12 26.43
C SER D 137 -27.79 -61.62 26.62
N ALA D 138 -27.18 -61.31 27.77
CA ALA D 138 -25.84 -61.82 28.08
C ALA D 138 -25.87 -62.39 29.51
N SER D 139 -26.39 -63.61 29.67
CA SER D 139 -26.49 -64.21 31.03
C SER D 139 -25.13 -64.84 31.38
N ASP D 140 -24.20 -64.03 31.86
CA ASP D 140 -22.81 -64.51 32.13
C ASP D 140 -22.82 -65.76 33.02
N ASN D 141 -23.79 -65.92 33.92
CA ASN D 141 -23.86 -67.15 34.73
C ASN D 141 -24.25 -68.32 33.81
N ASP D 142 -25.23 -68.11 32.92
CA ASP D 142 -25.62 -69.17 31.96
C ASP D 142 -24.44 -69.47 31.03
N ILE D 143 -23.74 -68.43 30.55
CA ILE D 143 -22.67 -68.71 29.54
C ILE D 143 -21.54 -69.51 30.22
N THR D 144 -21.32 -69.31 31.53
CA THR D 144 -20.31 -70.13 32.24
C THR D 144 -20.80 -71.57 32.32
N GLU D 145 -22.08 -71.76 32.64
CA GLU D 145 -22.65 -73.14 32.74
C GLU D 145 -22.58 -73.81 31.37
N LEU D 146 -23.00 -73.09 30.33
CA LEU D 146 -22.98 -73.62 28.94
C LEU D 146 -21.52 -73.92 28.59
N GLU D 147 -20.61 -72.99 28.86
CA GLU D 147 -19.18 -73.15 28.49
C GLU D 147 -18.62 -74.36 29.24
N GLU D 148 -18.96 -74.49 30.53
CA GLU D 148 -18.40 -75.59 31.33
C GLU D 148 -18.86 -76.91 30.71
N ARG D 149 -20.15 -77.01 30.39
CA ARG D 149 -20.70 -78.27 29.82
C ARG D 149 -20.11 -78.52 28.44
N ILE D 150 -20.02 -77.49 27.58
CA ILE D 150 -19.52 -77.73 26.19
C ILE D 150 -18.05 -78.15 26.28
N ASN D 151 -17.26 -77.49 27.14
CA ASN D 151 -15.84 -77.90 27.33
C ASN D 151 -15.80 -79.30 27.93
N GLN D 152 -16.69 -79.60 28.87
CA GLN D 152 -16.76 -80.95 29.47
C GLN D 152 -17.05 -81.96 28.36
N PHE D 153 -17.99 -81.60 27.48
CA PHE D 153 -18.33 -82.50 26.35
C PHE D 153 -17.09 -82.69 25.47
N VAL D 154 -16.40 -81.59 25.15
CA VAL D 154 -15.16 -81.68 24.33
C VAL D 154 -14.18 -82.60 25.06
N ASN D 155 -13.96 -82.37 26.36
CA ASN D 155 -12.96 -83.18 27.12
C ASN D 155 -13.38 -84.66 27.13
N LEU D 156 -14.67 -84.93 27.34
CA LEU D 156 -15.15 -86.33 27.38
C LEU D 156 -14.93 -86.96 26.00
N SER D 157 -15.20 -86.21 24.94
CA SER D 157 -15.03 -86.74 23.57
C SER D 157 -13.55 -87.06 23.33
N GLN D 158 -12.66 -86.15 23.75
CA GLN D 158 -11.21 -86.38 23.58
C GLN D 158 -10.81 -87.60 24.41
N GLU D 159 -11.38 -87.74 25.62
CA GLU D 159 -11.08 -88.90 26.49
C GLU D 159 -11.55 -90.19 25.79
N LYS D 160 -12.72 -90.14 25.15
CA LYS D 160 -13.29 -91.37 24.52
C LYS D 160 -12.53 -91.69 23.23
N GLY D 161 -11.79 -90.72 22.69
CA GLY D 161 -11.07 -90.93 21.41
C GLY D 161 -11.62 -90.06 20.30
N ARG D 162 -12.82 -89.50 20.46
CA ARG D 162 -13.33 -88.54 19.46
C ARG D 162 -12.41 -87.33 19.48
N ASP D 163 -12.06 -86.77 18.33
CA ASP D 163 -11.27 -85.51 18.39
C ASP D 163 -12.29 -84.37 18.42
N ALA D 164 -12.33 -83.62 19.53
CA ALA D 164 -13.37 -82.57 19.67
C ALA D 164 -12.75 -81.19 19.83
N THR D 165 -13.25 -80.20 19.09
CA THR D 165 -12.76 -78.81 19.25
C THR D 165 -13.95 -77.93 19.64
N ILE D 166 -13.78 -77.07 20.66
CA ILE D 166 -14.91 -76.23 21.14
C ILE D 166 -15.70 -75.69 19.95
N ASP D 167 -15.03 -75.11 18.95
CA ASP D 167 -15.75 -74.49 17.81
C ASP D 167 -16.74 -75.50 17.21
N LYS D 168 -16.32 -76.75 17.02
CA LYS D 168 -17.26 -77.79 16.50
C LYS D 168 -18.43 -77.92 17.47
N THR D 169 -18.15 -78.04 18.76
CA THR D 169 -19.25 -78.20 19.76
C THR D 169 -20.17 -76.98 19.66
N MET D 170 -19.59 -75.79 19.53
CA MET D 170 -20.40 -74.55 19.39
C MET D 170 -21.20 -74.66 18.10
N ARG D 171 -20.60 -75.22 17.05
CA ARG D 171 -21.30 -75.41 15.75
C ARG D 171 -22.51 -76.34 15.97
N TRP D 172 -22.36 -77.33 16.85
CA TRP D 172 -23.51 -78.21 17.18
C TRP D 172 -24.65 -77.30 17.61
N LEU D 173 -24.39 -76.43 18.59
CA LEU D 173 -25.45 -75.49 19.07
C LEU D 173 -25.78 -74.52 17.94
N LYS D 174 -24.86 -74.37 16.98
CA LYS D 174 -25.07 -73.41 15.85
C LYS D 174 -25.28 -72.01 16.45
N ILE D 175 -24.47 -71.67 17.46
CA ILE D 175 -24.57 -70.33 18.10
C ILE D 175 -23.40 -69.46 17.62
N SER D 176 -23.69 -68.35 16.94
CA SER D 176 -22.61 -67.49 16.40
C SER D 176 -21.78 -66.92 17.56
N ASN D 177 -22.45 -66.46 18.64
CA ASN D 177 -21.71 -65.94 19.81
C ASN D 177 -22.24 -66.59 21.09
N ILE D 178 -21.41 -67.42 21.74
CA ILE D 178 -21.82 -68.09 23.01
C ILE D 178 -22.07 -67.02 24.07
N ASN D 179 -21.26 -65.95 24.11
CA ASN D 179 -21.38 -64.94 25.18
C ASN D 179 -22.75 -64.28 25.15
N LYS D 180 -23.27 -64.00 23.95
CA LYS D 180 -24.57 -63.27 23.87
C LYS D 180 -25.61 -64.25 23.35
N LEU D 181 -26.56 -64.67 24.19
CA LEU D 181 -27.53 -65.71 23.73
C LEU D 181 -28.74 -65.70 24.66
N SER D 182 -29.95 -65.85 24.10
CA SER D 182 -31.18 -65.82 24.93
C SER D 182 -31.16 -67.00 25.91
N GLN D 183 -31.68 -66.81 27.12
CA GLN D 183 -31.59 -67.87 28.16
C GLN D 183 -32.26 -69.16 27.66
N LYS D 184 -33.37 -69.03 26.93
CA LYS D 184 -34.09 -70.22 26.43
C LYS D 184 -33.14 -71.00 25.52
N GLN D 185 -32.37 -70.30 24.69
CA GLN D 185 -31.38 -70.98 23.79
C GLN D 185 -30.28 -71.65 24.63
N ILE D 186 -29.84 -71.03 25.74
CA ILE D 186 -28.85 -71.74 26.60
C ILE D 186 -29.49 -73.03 27.11
N ALA D 187 -30.75 -72.96 27.56
CA ALA D 187 -31.45 -74.17 28.06
C ALA D 187 -31.61 -75.16 26.91
N GLU D 188 -31.96 -74.67 25.73
CA GLU D 188 -32.16 -75.56 24.55
C GLU D 188 -30.81 -76.21 24.22
N ALA D 189 -29.73 -75.43 24.28
CA ALA D 189 -28.40 -75.97 23.94
C ALA D 189 -28.05 -77.08 24.96
N HIS D 190 -28.31 -76.83 26.24
CA HIS D 190 -28.05 -77.86 27.27
C HIS D 190 -28.64 -79.19 26.81
N GLN D 191 -29.90 -79.17 26.36
CA GLN D 191 -30.58 -80.44 25.99
C GLN D 191 -29.71 -81.18 24.98
N LYS D 192 -29.17 -80.44 24.00
CA LYS D 192 -28.29 -81.06 22.97
C LYS D 192 -27.05 -81.65 23.67
N LEU D 193 -26.30 -80.82 24.42
CA LEU D 193 -25.03 -81.33 25.01
C LEU D 193 -25.30 -82.47 25.98
N ASP D 194 -26.33 -82.38 26.82
CA ASP D 194 -26.51 -83.47 27.83
C ASP D 194 -26.78 -84.79 27.10
N ALA D 195 -27.67 -84.76 26.10
CA ALA D 195 -27.97 -86.00 25.34
C ALA D 195 -26.66 -86.53 24.75
N GLY D 196 -25.93 -85.67 24.03
CA GLY D 196 -24.67 -86.10 23.39
C GLY D 196 -23.68 -86.61 24.43
N LEU D 197 -23.57 -85.90 25.55
CA LEU D 197 -22.57 -86.28 26.57
C LEU D 197 -22.92 -87.68 27.06
N LYS D 198 -24.21 -87.94 27.29
CA LYS D 198 -24.64 -89.27 27.80
C LYS D 198 -24.34 -90.37 26.78
N GLN D 199 -24.57 -90.08 25.49
CA GLN D 199 -24.40 -91.12 24.44
C GLN D 199 -22.94 -91.58 24.37
N LEU D 200 -21.99 -90.67 24.44
CA LEU D 200 -20.55 -91.11 24.45
C LEU D 200 -20.32 -91.99 25.69
N ASP D 201 -21.00 -91.68 26.78
CA ASP D 201 -20.90 -92.55 27.99
C ASP D 201 -21.29 -93.97 27.59
N SER D 202 -22.47 -94.12 26.97
CA SER D 202 -22.91 -95.48 26.53
C SER D 202 -21.90 -96.06 25.54
N GLU D 203 -21.40 -95.23 24.62
CA GLU D 203 -20.38 -95.67 23.63
C GLU D 203 -19.20 -96.30 24.38
N GLN E 3 -52.24 -57.14 44.71
CA GLN E 3 -51.15 -57.00 43.70
C GLN E 3 -50.36 -55.72 43.98
N THR E 4 -50.37 -54.77 43.04
CA THR E 4 -49.61 -53.51 43.20
C THR E 4 -50.30 -52.41 42.38
N LEU E 5 -50.00 -51.14 42.67
CA LEU E 5 -50.70 -50.02 41.98
C LEU E 5 -50.39 -50.06 40.48
N PHE E 6 -49.13 -50.22 40.10
CA PHE E 6 -48.83 -50.12 38.64
C PHE E 6 -49.61 -51.23 37.91
N GLU E 7 -49.49 -52.49 38.35
CA GLU E 7 -50.16 -53.57 37.59
C GLU E 7 -51.68 -53.35 37.55
N GLN E 8 -52.32 -53.10 38.70
CA GLN E 8 -53.78 -52.84 38.72
C GLN E 8 -54.11 -51.73 37.71
N LEU E 9 -53.48 -50.57 37.84
CA LEU E 9 -53.77 -49.42 36.95
C LEU E 9 -53.40 -49.77 35.50
N ASN E 10 -52.27 -50.44 35.31
CA ASN E 10 -51.81 -50.80 33.94
C ASN E 10 -52.97 -51.50 33.24
N SER E 11 -53.60 -52.46 33.91
CA SER E 11 -54.74 -53.20 33.32
C SER E 11 -56.04 -52.41 33.50
N LYS E 12 -56.14 -51.24 32.87
CA LYS E 12 -57.38 -50.43 32.92
C LYS E 12 -57.59 -49.82 31.53
N ASN E 13 -58.55 -50.34 30.76
CA ASN E 13 -58.72 -49.88 29.35
C ASN E 13 -59.25 -48.44 29.34
N VAL E 14 -58.44 -47.50 28.85
CA VAL E 14 -58.87 -46.07 28.77
C VAL E 14 -59.22 -45.77 27.31
N ASN E 15 -59.13 -46.77 26.44
CA ASN E 15 -59.41 -46.58 25.00
C ASN E 15 -60.86 -46.15 24.82
N ASP E 16 -61.72 -46.52 25.77
CA ASP E 16 -63.17 -46.20 25.66
C ASP E 16 -63.33 -44.67 25.59
N HIS E 17 -62.53 -43.93 26.37
CA HIS E 17 -62.60 -42.45 26.34
C HIS E 17 -61.33 -41.89 25.67
N THR E 18 -61.22 -42.05 24.35
CA THR E 18 -60.05 -41.45 23.64
C THR E 18 -60.53 -40.60 22.47
N GLU E 19 -59.74 -39.60 22.07
CA GLU E 19 -60.08 -38.76 20.89
C GLU E 19 -58.96 -38.90 19.86
N GLN E 20 -59.31 -39.17 18.60
CA GLN E 20 -58.30 -39.27 17.51
C GLN E 20 -58.15 -37.90 16.84
N LYS E 21 -57.18 -37.10 17.27
CA LYS E 21 -56.93 -35.78 16.65
C LYS E 21 -55.52 -35.76 16.08
N ASN E 22 -55.37 -35.46 14.78
CA ASN E 22 -54.04 -35.41 14.12
C ASN E 22 -53.48 -36.82 13.99
N GLY E 23 -54.32 -37.85 14.15
CA GLY E 23 -53.85 -39.25 14.09
C GLY E 23 -53.19 -39.69 15.38
N LEU E 24 -53.35 -38.96 16.47
CA LEU E 24 -52.81 -39.41 17.77
C LEU E 24 -53.96 -39.78 18.72
N THR E 25 -53.68 -40.58 19.74
CA THR E 25 -54.73 -41.04 20.67
C THR E 25 -54.54 -40.33 22.02
N TYR E 26 -55.60 -39.69 22.54
CA TYR E 26 -55.50 -38.93 23.81
C TYR E 26 -56.61 -39.39 24.76
N LEU E 27 -56.28 -39.65 26.03
CA LEU E 27 -57.37 -39.98 26.99
C LEU E 27 -57.78 -38.67 27.68
N ALA E 28 -59.09 -38.42 27.82
CA ALA E 28 -59.55 -37.14 28.40
C ALA E 28 -59.16 -37.05 29.88
N TRP E 29 -58.85 -35.84 30.35
CA TRP E 29 -58.45 -35.64 31.77
C TRP E 29 -59.60 -36.04 32.71
N SER E 30 -60.84 -35.69 32.34
CA SER E 30 -62.00 -35.98 33.21
C SER E 30 -61.95 -37.45 33.65
N TYR E 31 -61.70 -38.37 32.71
CA TYR E 31 -61.65 -39.82 33.03
C TYR E 31 -60.48 -40.10 33.98
N ALA E 32 -59.32 -39.49 33.70
CA ALA E 32 -58.13 -39.69 34.57
C ALA E 32 -58.42 -39.18 35.99
N HIS E 33 -59.11 -38.05 36.09
CA HIS E 33 -59.32 -37.45 37.43
C HIS E 33 -60.16 -38.45 38.24
N GLN E 34 -61.22 -38.98 37.62
CA GLN E 34 -62.13 -39.92 38.32
C GLN E 34 -61.39 -41.18 38.77
N GLU E 35 -60.69 -41.83 37.85
CA GLU E 35 -60.06 -43.15 38.16
C GLU E 35 -59.16 -42.98 39.39
N LEU E 36 -58.21 -42.06 39.31
CA LEU E 36 -57.27 -41.85 40.45
C LEU E 36 -58.09 -41.56 41.70
N LYS E 37 -59.08 -40.66 41.59
CA LYS E 37 -59.94 -40.29 42.74
C LYS E 37 -60.53 -41.55 43.39
N LYS E 38 -60.94 -42.51 42.57
CA LYS E 38 -61.48 -43.79 43.09
C LYS E 38 -60.34 -44.53 43.80
N ILE E 39 -59.21 -44.73 43.12
CA ILE E 39 -58.06 -45.46 43.72
C ILE E 39 -57.65 -44.78 45.02
N ASP E 40 -57.58 -43.44 45.02
CA ASP E 40 -57.13 -42.69 46.22
C ASP E 40 -58.05 -41.48 46.41
N PRO E 41 -58.87 -41.41 47.49
CA PRO E 41 -59.78 -40.28 47.64
C PRO E 41 -59.03 -38.95 47.72
N ASN E 42 -57.87 -38.94 48.37
CA ASN E 42 -57.10 -37.67 48.56
C ASN E 42 -55.78 -37.74 47.78
N TYR E 43 -55.74 -37.16 46.58
CA TYR E 43 -54.51 -37.10 45.81
C TYR E 43 -54.31 -35.68 45.31
N THR E 44 -53.05 -35.33 45.06
CA THR E 44 -52.66 -33.95 44.79
C THR E 44 -52.14 -33.80 43.37
N VAL E 45 -52.57 -32.73 42.71
CA VAL E 45 -52.04 -32.31 41.42
C VAL E 45 -51.48 -30.91 41.59
N LYS E 46 -50.20 -30.73 41.23
CA LYS E 46 -49.52 -29.45 41.41
C LYS E 46 -48.90 -29.04 40.09
N VAL E 47 -49.21 -27.83 39.64
CA VAL E 47 -48.63 -27.27 38.43
C VAL E 47 -47.51 -26.32 38.84
N HIS E 48 -46.28 -26.66 38.47
CA HIS E 48 -45.13 -25.85 38.93
C HIS E 48 -45.15 -24.45 38.34
N GLU E 49 -44.67 -23.47 39.10
CA GLU E 49 -44.66 -22.06 38.67
C GLU E 49 -43.21 -21.58 38.60
N PHE E 50 -42.80 -20.89 37.54
CA PHE E 50 -41.36 -20.54 37.42
C PHE E 50 -41.24 -19.04 37.14
N PRO E 51 -40.31 -18.26 37.76
CA PRO E 51 -40.25 -16.83 37.48
C PRO E 51 -40.15 -16.55 35.97
N HIS E 52 -41.13 -15.87 35.38
CA HIS E 52 -41.11 -15.55 33.93
C HIS E 52 -39.88 -14.70 33.61
N PRO E 53 -39.10 -15.01 32.55
CA PRO E 53 -37.87 -14.26 32.26
C PRO E 53 -38.02 -12.77 31.92
N ASP E 54 -38.72 -12.46 30.83
CA ASP E 54 -38.81 -11.05 30.35
C ASP E 54 -39.32 -10.10 31.44
N ILE E 55 -40.44 -10.46 32.07
CA ILE E 55 -41.04 -9.59 33.13
C ILE E 55 -39.99 -9.35 34.22
N ASN E 56 -39.49 -10.43 34.82
CA ASN E 56 -38.44 -10.30 35.87
C ASN E 56 -38.98 -9.39 36.98
N THR E 57 -40.25 -9.54 37.34
CA THR E 57 -40.81 -8.75 38.48
C THR E 57 -40.69 -9.59 39.76
N GLU E 58 -40.31 -8.97 40.87
CA GLU E 58 -40.13 -9.72 42.14
C GLU E 58 -41.47 -10.34 42.56
N ASN E 59 -41.46 -11.61 42.98
CA ASN E 59 -42.70 -12.28 43.47
C ASN E 59 -43.64 -12.54 42.28
N TYR E 60 -43.15 -12.35 41.05
CA TYR E 60 -43.98 -12.67 39.86
C TYR E 60 -43.67 -14.08 39.37
N PHE E 61 -44.67 -14.97 39.37
CA PHE E 61 -44.46 -16.37 38.92
C PHE E 61 -45.47 -16.74 37.84
N VAL E 62 -45.03 -17.50 36.83
CA VAL E 62 -45.96 -17.96 35.75
C VAL E 62 -45.93 -19.49 35.73
N PRO E 63 -47.08 -20.17 35.47
CA PRO E 63 -47.13 -21.63 35.44
C PRO E 63 -46.26 -22.22 34.33
N TYR E 64 -46.18 -21.55 33.17
CA TYR E 64 -45.45 -22.11 32.01
C TYR E 64 -44.05 -21.51 31.90
N LEU E 65 -43.04 -22.35 31.62
CA LEU E 65 -41.68 -21.82 31.37
C LEU E 65 -41.73 -20.96 30.10
N ALA E 66 -41.01 -19.84 30.08
CA ALA E 66 -40.95 -19.01 28.85
C ALA E 66 -39.48 -18.91 28.42
N THR E 67 -39.16 -19.38 27.22
CA THR E 67 -37.75 -19.38 26.75
C THR E 67 -37.68 -18.87 25.32
N PRO E 68 -36.54 -18.32 24.85
CA PRO E 68 -36.42 -17.92 23.44
C PRO E 68 -36.63 -19.17 22.60
N GLU E 69 -36.08 -20.31 23.05
CA GLU E 69 -36.25 -21.59 22.31
C GLU E 69 -37.74 -21.95 22.25
N GLY E 70 -38.49 -21.76 23.35
CA GLY E 70 -39.94 -22.03 23.26
C GLY E 70 -40.64 -21.99 24.61
N TYR E 71 -41.50 -22.97 24.89
CA TYR E 71 -42.29 -22.99 26.15
C TYR E 71 -42.39 -24.38 26.78
N PHE E 72 -42.26 -24.44 28.11
CA PHE E 72 -42.30 -25.74 28.81
C PHE E 72 -43.29 -25.68 29.97
N VAL E 73 -43.95 -26.80 30.26
CA VAL E 73 -44.88 -26.92 31.37
C VAL E 73 -44.46 -28.12 32.21
N GLN E 74 -44.88 -28.11 33.47
CA GLN E 74 -44.55 -29.19 34.40
C GLN E 74 -45.75 -29.48 35.30
N VAL E 75 -46.03 -30.77 35.51
CA VAL E 75 -47.14 -31.21 36.34
C VAL E 75 -46.64 -32.34 37.23
N SER E 76 -46.92 -32.24 38.53
CA SER E 76 -46.52 -33.29 39.50
C SER E 76 -47.74 -33.94 40.15
N VAL E 77 -47.99 -35.21 39.87
CA VAL E 77 -49.16 -35.94 40.35
C VAL E 77 -48.72 -36.87 41.48
N THR E 78 -49.30 -36.69 42.65
CA THR E 78 -48.99 -37.58 43.79
C THR E 78 -50.18 -38.52 44.01
N VAL E 79 -50.12 -39.74 43.45
CA VAL E 79 -51.20 -40.73 43.67
C VAL E 79 -50.81 -41.61 44.85
N LYS E 80 -51.63 -41.63 45.91
CA LYS E 80 -51.23 -42.38 47.14
C LYS E 80 -49.87 -41.87 47.58
N ASP E 81 -49.03 -42.76 48.11
CA ASP E 81 -47.65 -42.38 48.50
C ASP E 81 -46.83 -42.00 47.26
N SER E 82 -47.02 -42.70 46.14
CA SER E 82 -46.17 -42.47 44.95
C SER E 82 -46.33 -41.04 44.41
N THR E 83 -45.22 -40.44 43.97
CA THR E 83 -45.28 -39.07 43.38
C THR E 83 -44.42 -39.07 42.11
N GLU E 84 -44.69 -38.17 41.16
CA GLU E 84 -43.92 -38.18 39.89
C GLU E 84 -44.20 -36.88 39.12
N THR E 85 -43.41 -36.59 38.08
CA THR E 85 -43.54 -35.29 37.37
C THR E 85 -43.35 -35.50 35.88
N GLU E 86 -43.95 -34.64 35.05
CA GLU E 86 -43.87 -34.82 33.58
C GLU E 86 -43.55 -33.48 32.91
N TRP E 87 -42.81 -33.51 31.80
CA TRP E 87 -42.50 -32.28 31.03
C TRP E 87 -43.25 -32.33 29.70
N LEU E 88 -44.01 -31.28 29.36
CA LEU E 88 -44.71 -31.25 28.06
C LEU E 88 -44.31 -29.99 27.29
N PRO E 89 -43.91 -30.10 26.00
CA PRO E 89 -43.60 -28.92 25.19
C PRO E 89 -44.87 -28.36 24.52
N VAL E 90 -45.11 -27.06 24.66
CA VAL E 90 -46.34 -26.44 24.10
C VAL E 90 -46.31 -26.60 22.57
N LEU E 91 -47.42 -27.01 21.96
CA LEU E 91 -47.45 -27.27 20.49
C LEU E 91 -48.69 -26.62 19.87
N ASP E 92 -48.63 -26.34 18.56
CA ASP E 92 -49.81 -25.77 17.85
C ASP E 92 -50.91 -26.83 17.76
N PHE E 93 -52.09 -26.44 17.27
CA PHE E 93 -53.17 -27.43 17.04
C PHE E 93 -52.71 -28.43 15.97
N ARG E 94 -51.62 -28.11 15.26
CA ARG E 94 -51.05 -29.04 14.25
C ARG E 94 -49.86 -29.78 14.84
N ASN E 95 -49.70 -29.74 16.17
CA ASN E 95 -48.53 -30.37 16.82
C ASN E 95 -47.22 -29.80 16.25
N LYS E 96 -47.11 -28.47 16.19
CA LYS E 96 -45.85 -27.82 15.77
C LYS E 96 -45.38 -26.95 16.94
N SER E 97 -44.11 -26.59 16.99
CA SER E 97 -43.59 -25.83 18.16
C SER E 97 -44.03 -24.36 18.11
N LEU E 98 -44.11 -23.71 19.27
CA LEU E 98 -44.47 -22.27 19.31
C LEU E 98 -43.26 -21.46 19.81
N ALA E 99 -42.81 -20.48 19.02
CA ALA E 99 -41.60 -19.71 19.38
C ALA E 99 -41.93 -18.66 20.42
N LYS E 100 -40.92 -18.07 21.05
CA LYS E 100 -41.17 -17.10 22.15
C LYS E 100 -41.99 -15.92 21.60
N GLY E 101 -43.14 -15.61 22.23
CA GLY E 101 -44.02 -14.52 21.78
C GLY E 101 -45.06 -14.96 20.76
N SER E 102 -45.19 -16.25 20.49
CA SER E 102 -46.26 -16.69 19.57
C SER E 102 -47.31 -17.57 20.26
N ALA E 103 -47.21 -17.73 21.59
CA ALA E 103 -48.14 -18.65 22.29
C ALA E 103 -49.33 -17.86 22.84
N THR E 104 -50.45 -18.54 23.07
CA THR E 104 -51.64 -17.88 23.67
C THR E 104 -52.01 -18.64 24.94
N THR E 105 -52.50 -17.93 25.96
CA THR E 105 -52.85 -18.56 27.24
C THR E 105 -53.59 -19.89 27.00
N PHE E 106 -54.45 -19.93 25.98
CA PHE E 106 -55.24 -21.16 25.70
C PHE E 106 -54.28 -22.30 25.38
N ASP E 107 -53.24 -22.00 24.60
CA ASP E 107 -52.24 -23.04 24.25
C ASP E 107 -51.63 -23.58 25.55
N ILE E 108 -51.36 -22.70 26.51
CA ILE E 108 -50.68 -23.16 27.76
C ILE E 108 -51.64 -24.06 28.54
N ASN E 109 -52.91 -23.68 28.66
CA ASN E 109 -53.82 -24.50 29.50
C ASN E 109 -54.00 -25.87 28.85
N LYS E 110 -54.14 -25.94 27.52
CA LYS E 110 -54.27 -27.24 26.88
C LYS E 110 -53.03 -28.10 27.16
N ALA E 111 -51.85 -27.48 27.08
CA ALA E 111 -50.60 -28.21 27.37
C ALA E 111 -50.64 -28.70 28.82
N GLN E 112 -51.05 -27.83 29.75
CA GLN E 112 -51.13 -28.21 31.18
C GLN E 112 -52.00 -29.47 31.31
N LYS E 113 -53.21 -29.42 30.76
CA LYS E 113 -54.11 -30.57 30.89
C LYS E 113 -53.49 -31.83 30.29
N ARG E 114 -52.87 -31.70 29.12
CA ARG E 114 -52.25 -32.87 28.49
C ARG E 114 -51.11 -33.42 29.35
N CYS E 115 -50.30 -32.53 29.94
CA CYS E 115 -49.19 -33.00 30.81
C CYS E 115 -49.73 -33.76 32.03
N PHE E 116 -50.93 -33.39 32.48
CA PHE E 116 -51.57 -34.09 33.62
C PHE E 116 -51.80 -35.57 33.26
N VAL E 117 -52.46 -35.82 32.13
CA VAL E 117 -52.78 -37.22 31.76
C VAL E 117 -51.46 -37.98 31.54
N LYS E 118 -50.46 -37.32 30.95
CA LYS E 118 -49.13 -37.95 30.76
C LYS E 118 -48.52 -38.29 32.12
N ALA E 119 -48.66 -37.37 33.09
CA ALA E 119 -48.16 -37.66 34.46
C ALA E 119 -48.94 -38.84 35.03
N SER E 120 -50.25 -38.90 34.79
CA SER E 120 -51.07 -40.06 35.23
C SER E 120 -50.56 -41.30 34.50
N ALA E 121 -50.17 -41.15 33.23
CA ALA E 121 -49.71 -42.29 32.41
C ALA E 121 -48.47 -42.91 33.06
N LEU E 122 -47.71 -42.11 33.81
CA LEU E 122 -46.52 -42.66 34.53
C LEU E 122 -47.04 -43.76 35.44
N HIS E 123 -48.22 -43.56 36.04
CA HIS E 123 -48.85 -44.64 36.83
C HIS E 123 -49.39 -45.65 35.81
N GLY E 124 -49.74 -46.87 36.22
CA GLY E 124 -50.13 -47.87 35.20
C GLY E 124 -51.25 -47.36 34.30
N LEU E 125 -52.20 -46.62 34.87
CA LEU E 125 -53.35 -46.09 34.09
C LEU E 125 -52.87 -45.15 32.97
N GLY E 126 -53.08 -45.53 31.70
CA GLY E 126 -52.77 -44.62 30.56
C GLY E 126 -51.37 -44.80 29.99
N LEU E 127 -50.59 -45.75 30.50
CA LEU E 127 -49.18 -45.89 30.02
C LEU E 127 -49.17 -46.21 28.53
N TYR E 128 -50.03 -47.14 28.09
CA TYR E 128 -50.07 -47.56 26.66
C TYR E 128 -50.54 -46.41 25.77
N ILE E 129 -51.46 -45.56 26.27
CA ILE E 129 -52.01 -44.45 25.44
C ILE E 129 -50.85 -43.67 24.83
N TYR E 130 -49.93 -43.18 25.68
CA TYR E 130 -48.79 -42.36 25.17
C TYR E 130 -47.64 -43.28 24.78
N ASN E 131 -47.78 -44.59 25.04
CA ASN E 131 -46.76 -45.55 24.55
C ASN E 131 -46.62 -45.27 23.06
N GLY E 132 -47.69 -44.79 22.43
CA GLY E 132 -47.67 -44.55 20.97
C GLY E 132 -48.46 -45.65 20.31
N GLU E 133 -49.04 -46.54 21.12
CA GLU E 133 -49.85 -47.66 20.60
C GLU E 133 -51.30 -47.50 21.06
N GLU E 134 -52.25 -47.67 20.15
CA GLU E 134 -53.69 -47.60 20.53
C GLU E 134 -54.07 -48.97 21.11
N LEU E 135 -53.13 -49.91 21.13
CA LEU E 135 -53.43 -51.28 21.60
C LEU E 135 -53.97 -51.21 23.03
N PRO E 136 -55.05 -51.95 23.36
CA PRO E 136 -55.71 -51.83 24.67
C PRO E 136 -54.96 -52.19 25.97
N SER E 137 -54.23 -53.31 26.02
CA SER E 137 -53.60 -53.70 27.31
C SER E 137 -52.40 -54.62 27.15
N ALA E 138 -51.56 -54.72 28.19
CA ALA E 138 -50.42 -55.65 28.17
C ALA E 138 -50.47 -56.48 29.46
N SER E 139 -51.45 -57.39 29.56
CA SER E 139 -51.64 -58.20 30.79
C SER E 139 -50.54 -59.27 30.83
N ASP E 140 -49.35 -58.91 31.31
CA ASP E 140 -48.19 -59.84 31.30
C ASP E 140 -48.54 -61.19 31.94
N ASN E 141 -49.42 -61.20 32.94
CA ASN E 141 -49.84 -62.50 33.53
C ASN E 141 -50.67 -63.27 32.49
N ASP E 142 -51.59 -62.59 31.80
CA ASP E 142 -52.39 -63.26 30.74
C ASP E 142 -51.46 -63.70 29.61
N ILE E 143 -50.49 -62.86 29.22
CA ILE E 143 -49.66 -63.24 28.04
C ILE E 143 -48.81 -64.47 28.41
N THR E 144 -48.42 -64.63 29.68
CA THR E 144 -47.69 -65.84 30.09
C THR E 144 -48.63 -67.05 29.99
N GLU E 145 -49.86 -66.90 30.46
CA GLU E 145 -50.84 -68.02 30.41
C GLU E 145 -51.11 -68.38 28.94
N LEU E 146 -51.36 -67.37 28.11
CA LEU E 146 -51.62 -67.59 26.67
C LEU E 146 -50.38 -68.25 26.07
N GLU E 147 -49.19 -67.71 26.35
CA GLU E 147 -47.94 -68.23 25.75
C GLU E 147 -47.76 -69.67 26.21
N GLU E 148 -48.00 -69.95 27.50
CA GLU E 148 -47.78 -71.32 28.00
C GLU E 148 -48.69 -72.27 27.24
N ARG E 149 -49.97 -71.90 27.10
CA ARG E 149 -50.95 -72.78 26.42
C ARG E 149 -50.59 -72.92 24.93
N ILE E 150 -50.23 -71.82 24.25
CA ILE E 150 -49.97 -71.95 22.79
C ILE E 150 -48.70 -72.79 22.60
N ASN E 151 -47.67 -72.58 23.43
CA ASN E 151 -46.46 -73.43 23.35
C ASN E 151 -46.83 -74.87 23.69
N GLN E 152 -47.71 -75.06 24.68
CA GLN E 152 -48.16 -76.43 25.06
C GLN E 152 -48.86 -77.03 23.84
N PHE E 153 -49.70 -76.24 23.18
CA PHE E 153 -50.41 -76.74 21.97
C PHE E 153 -49.37 -77.11 20.91
N VAL E 154 -48.40 -76.23 20.67
CA VAL E 154 -47.31 -76.53 19.70
C VAL E 154 -46.65 -77.85 20.10
N ASN E 155 -46.26 -77.97 21.38
CA ASN E 155 -45.53 -79.17 21.83
C ASN E 155 -46.41 -80.42 21.66
N LEU E 156 -47.70 -80.32 22.01
CA LEU E 156 -48.61 -81.48 21.87
C LEU E 156 -48.70 -81.86 20.39
N SER E 157 -48.84 -80.86 19.52
CA SER E 157 -48.88 -81.15 18.07
C SER E 157 -47.61 -81.90 17.68
N GLN E 158 -46.46 -81.41 18.12
CA GLN E 158 -45.16 -82.08 17.83
C GLN E 158 -45.15 -83.46 18.48
N GLU E 159 -45.69 -83.57 19.70
CA GLU E 159 -45.79 -84.88 20.39
C GLU E 159 -46.68 -85.80 19.56
N LYS E 160 -47.76 -85.26 18.98
CA LYS E 160 -48.68 -86.05 18.12
C LYS E 160 -47.93 -86.43 16.84
N GLY E 161 -46.81 -85.76 16.56
CA GLY E 161 -46.06 -86.01 15.31
C GLY E 161 -46.49 -85.03 14.23
N ARG E 162 -47.33 -84.06 14.59
CA ARG E 162 -47.76 -83.02 13.62
C ARG E 162 -46.85 -81.81 13.79
N ASP E 163 -46.09 -81.45 12.74
CA ASP E 163 -45.18 -80.28 12.81
C ASP E 163 -45.97 -79.08 13.33
N ALA E 164 -45.45 -78.37 14.34
CA ALA E 164 -46.17 -77.16 14.80
C ALA E 164 -45.15 -76.06 15.10
N THR E 165 -45.50 -74.80 14.84
CA THR E 165 -44.57 -73.67 15.10
C THR E 165 -45.38 -72.58 15.81
N ILE E 166 -44.74 -71.76 16.65
CA ILE E 166 -45.55 -70.78 17.44
C ILE E 166 -46.19 -69.78 16.47
N ASP E 167 -45.44 -69.32 15.45
CA ASP E 167 -45.98 -68.31 14.51
C ASP E 167 -47.30 -68.80 13.92
N LYS E 168 -47.38 -70.09 13.57
CA LYS E 168 -48.64 -70.66 13.01
C LYS E 168 -49.71 -70.62 14.10
N THR E 169 -49.41 -71.05 15.33
CA THR E 169 -50.49 -71.06 16.35
C THR E 169 -50.90 -69.60 16.60
N MET E 170 -49.95 -68.66 16.51
CA MET E 170 -50.34 -67.22 16.62
C MET E 170 -51.24 -66.87 15.43
N ARG E 171 -50.95 -67.43 14.24
CA ARG E 171 -51.79 -67.19 13.05
C ARG E 171 -53.20 -67.72 13.32
N TRP E 172 -53.32 -68.83 14.04
CA TRP E 172 -54.66 -69.36 14.40
C TRP E 172 -55.41 -68.29 15.20
N LEU E 173 -54.72 -67.67 16.16
CA LEU E 173 -55.33 -66.57 16.95
C LEU E 173 -55.43 -65.32 16.08
N LYS E 174 -54.72 -65.30 14.95
CA LYS E 174 -54.75 -64.13 14.02
C LYS E 174 -54.40 -62.88 14.82
N ILE E 175 -53.48 -63.01 15.78
CA ILE E 175 -53.03 -61.83 16.58
C ILE E 175 -51.71 -61.33 15.98
N SER E 176 -51.53 -60.01 15.95
CA SER E 176 -50.27 -59.42 15.43
C SER E 176 -49.21 -59.38 16.54
N ASN E 177 -49.59 -59.01 17.76
CA ASN E 177 -48.63 -59.02 18.89
C ASN E 177 -49.25 -59.72 20.10
N ILE E 178 -48.72 -60.89 20.48
CA ILE E 178 -49.23 -61.62 21.68
C ILE E 178 -48.99 -60.78 22.94
N ASN E 179 -47.84 -60.12 23.04
CA ASN E 179 -47.49 -59.36 24.27
C ASN E 179 -48.55 -58.28 24.55
N LYS E 180 -49.00 -57.58 23.51
CA LYS E 180 -49.95 -56.46 23.73
C LYS E 180 -51.30 -56.86 23.13
N LEU E 181 -52.29 -57.18 23.98
CA LEU E 181 -53.61 -57.65 23.47
C LEU E 181 -54.67 -57.36 24.55
N SER E 182 -55.94 -57.19 24.15
CA SER E 182 -57.03 -56.96 25.15
C SER E 182 -57.34 -58.27 25.88
N GLN E 183 -57.56 -58.20 27.20
CA GLN E 183 -57.83 -59.41 28.02
C GLN E 183 -58.90 -60.29 27.36
N LYS E 184 -60.03 -59.70 26.98
CA LYS E 184 -61.15 -60.48 26.39
C LYS E 184 -60.59 -61.31 25.24
N GLN E 185 -59.70 -60.73 24.43
CA GLN E 185 -59.07 -61.47 23.30
C GLN E 185 -58.19 -62.61 23.86
N ILE E 186 -57.47 -62.40 24.97
CA ILE E 186 -56.71 -63.55 25.54
C ILE E 186 -57.70 -64.65 25.92
N ALA E 187 -58.82 -64.29 26.55
CA ALA E 187 -59.84 -65.29 26.94
C ALA E 187 -60.41 -65.93 25.67
N GLU E 188 -60.68 -65.12 24.65
CA GLU E 188 -61.25 -65.64 23.39
C GLU E 188 -60.23 -66.60 22.76
N ALA E 189 -58.96 -66.19 22.75
CA ALA E 189 -57.89 -67.05 22.19
C ALA E 189 -57.93 -68.40 22.93
N HIS E 190 -57.91 -68.36 24.26
CA HIS E 190 -57.92 -69.61 25.06
C HIS E 190 -58.97 -70.57 24.46
N GLN E 191 -60.18 -70.06 24.21
CA GLN E 191 -61.27 -70.95 23.73
C GLN E 191 -60.78 -71.71 22.50
N LYS E 192 -60.10 -70.99 21.59
CA LYS E 192 -59.57 -71.62 20.36
C LYS E 192 -58.54 -72.69 20.77
N LEU E 193 -57.48 -72.30 21.50
CA LEU E 193 -56.42 -73.28 21.84
C LEU E 193 -57.00 -74.48 22.59
N ASP E 194 -57.86 -74.25 23.61
CA ASP E 194 -58.29 -75.40 24.43
C ASP E 194 -59.05 -76.39 23.54
N ALA E 195 -59.95 -75.90 22.70
CA ALA E 195 -60.71 -76.78 21.79
C ALA E 195 -59.70 -77.57 20.93
N GLY E 196 -58.79 -76.85 20.28
CA GLY E 196 -57.81 -77.51 19.39
C GLY E 196 -56.96 -78.49 20.17
N LEU E 197 -56.53 -78.10 21.37
CA LEU E 197 -55.64 -78.97 22.17
C LEU E 197 -56.38 -80.27 22.45
N LYS E 198 -57.66 -80.16 22.82
CA LYS E 198 -58.47 -81.37 23.16
C LYS E 198 -58.62 -82.26 21.93
N GLN E 199 -58.86 -81.67 20.76
CA GLN E 199 -59.13 -82.46 19.53
C GLN E 199 -57.91 -83.33 19.17
N LEU E 200 -56.70 -82.79 19.27
CA LEU E 200 -55.51 -83.64 18.99
C LEU E 200 -55.48 -84.78 20.02
N ASP E 201 -55.92 -84.52 21.24
CA ASP E 201 -56.01 -85.60 22.25
C ASP E 201 -56.89 -86.73 21.68
N SER E 202 -58.10 -86.38 21.21
CA SER E 202 -59.00 -87.41 20.63
C SER E 202 -58.32 -88.04 19.42
N GLU E 203 -57.69 -87.23 18.57
CA GLU E 203 -57.04 -87.74 17.33
C GLU E 203 -56.08 -88.88 17.70
N GLN F 3 -71.27 -45.14 48.01
CA GLN F 3 -70.39 -44.54 46.97
C GLN F 3 -69.34 -43.66 47.63
N THR F 4 -68.21 -43.44 46.95
CA THR F 4 -67.17 -42.53 47.48
C THR F 4 -67.67 -41.09 47.36
N LEU F 5 -67.15 -40.19 48.20
CA LEU F 5 -67.57 -38.77 48.17
C LEU F 5 -67.59 -38.29 46.71
N PHE F 6 -66.49 -38.50 45.98
CA PHE F 6 -66.40 -38.06 44.57
C PHE F 6 -67.50 -38.74 43.76
N GLU F 7 -67.71 -40.04 43.97
CA GLU F 7 -68.73 -40.79 43.18
C GLU F 7 -70.11 -40.21 43.49
N GLN F 8 -70.36 -39.86 44.74
CA GLN F 8 -71.67 -39.26 45.13
C GLN F 8 -71.83 -37.95 44.36
N LEU F 9 -70.75 -37.17 44.25
CA LEU F 9 -70.81 -35.91 43.47
C LEU F 9 -70.83 -36.25 41.98
N ASN F 10 -70.14 -37.31 41.57
CA ASN F 10 -70.07 -37.66 40.13
C ASN F 10 -71.47 -38.10 39.68
N SER F 11 -72.17 -38.90 40.50
CA SER F 11 -73.48 -39.44 40.09
C SER F 11 -74.59 -38.40 40.33
N LYS F 12 -74.59 -37.32 39.53
CA LYS F 12 -75.66 -36.29 39.62
C LYS F 12 -75.97 -35.84 38.18
N ASN F 13 -77.17 -35.31 37.93
CA ASN F 13 -77.44 -34.79 36.56
C ASN F 13 -77.46 -33.26 36.60
N VAL F 14 -76.43 -32.62 36.08
CA VAL F 14 -76.36 -31.13 36.04
C VAL F 14 -76.76 -30.69 34.63
N ASN F 15 -77.32 -31.61 33.84
CA ASN F 15 -77.71 -31.30 32.44
C ASN F 15 -78.79 -30.22 32.40
N ASP F 16 -79.75 -30.27 33.32
CA ASP F 16 -80.89 -29.31 33.27
C ASP F 16 -80.36 -27.88 33.42
N HIS F 17 -79.45 -27.66 34.36
CA HIS F 17 -78.87 -26.31 34.59
C HIS F 17 -77.63 -26.11 33.72
N THR F 18 -77.81 -26.01 32.40
CA THR F 18 -76.66 -25.77 31.48
C THR F 18 -77.05 -24.75 30.40
N GLU F 19 -76.06 -24.04 29.86
CA GLU F 19 -76.33 -23.08 28.75
C GLU F 19 -75.52 -23.51 27.53
N GLN F 20 -76.17 -23.60 26.36
CA GLN F 20 -75.45 -23.95 25.11
C GLN F 20 -75.01 -22.66 24.40
N LYS F 21 -73.77 -22.23 24.65
CA LYS F 21 -73.24 -21.02 23.97
C LYS F 21 -72.01 -21.41 23.14
N ASN F 22 -72.02 -21.11 21.84
CA ASN F 22 -70.88 -21.44 20.94
C ASN F 22 -70.83 -22.96 20.72
N GLY F 23 -71.91 -23.67 21.05
CA GLY F 23 -71.91 -25.15 20.91
C GLY F 23 -71.21 -25.84 22.06
N LEU F 24 -70.93 -25.14 23.15
CA LEU F 24 -70.33 -25.81 24.34
C LEU F 24 -71.35 -25.85 25.47
N THR F 25 -71.16 -26.74 26.44
CA THR F 25 -72.11 -26.89 27.57
C THR F 25 -71.47 -26.33 28.84
N TYR F 26 -72.16 -25.44 29.54
CA TYR F 26 -71.59 -24.80 30.77
C TYR F 26 -72.60 -24.94 31.91
N LEU F 27 -72.16 -25.35 33.10
CA LEU F 27 -73.10 -25.37 34.26
C LEU F 27 -72.94 -24.06 35.01
N ALA F 28 -74.06 -23.41 35.38
CA ALA F 28 -73.99 -22.07 36.02
C ALA F 28 -73.32 -22.17 37.40
N TRP F 29 -72.57 -21.15 37.78
CA TRP F 29 -71.88 -21.16 39.10
C TRP F 29 -72.90 -21.22 40.24
N SER F 30 -74.00 -20.48 40.12
CA SER F 30 -75.03 -20.45 41.18
C SER F 30 -75.34 -21.88 41.63
N TYR F 31 -75.59 -22.78 40.67
CA TYR F 31 -75.94 -24.18 40.99
C TYR F 31 -74.76 -24.86 41.70
N ALA F 32 -73.54 -24.64 41.21
CA ALA F 32 -72.35 -25.24 41.84
C ALA F 32 -72.20 -24.72 43.27
N HIS F 33 -72.46 -23.44 43.49
CA HIS F 33 -72.22 -22.89 44.84
C HIS F 33 -73.18 -23.60 45.81
N GLN F 34 -74.43 -23.78 45.42
CA GLN F 34 -75.42 -24.38 46.37
C GLN F 34 -75.08 -25.86 46.61
N GLU F 35 -74.81 -26.63 45.56
CA GLU F 35 -74.58 -28.08 45.76
C GLU F 35 -73.46 -28.28 46.79
N LEU F 36 -72.30 -27.68 46.54
CA LEU F 36 -71.16 -27.84 47.47
C LEU F 36 -71.61 -27.36 48.85
N LYS F 37 -72.26 -26.19 48.91
CA LYS F 37 -72.74 -25.64 50.20
C LYS F 37 -73.56 -26.68 50.96
N LYS F 38 -74.40 -27.42 50.24
CA LYS F 38 -75.21 -28.50 50.87
C LYS F 38 -74.25 -29.59 51.37
N ILE F 39 -73.38 -30.10 50.49
CA ILE F 39 -72.43 -31.18 50.87
C ILE F 39 -71.59 -30.72 52.07
N ASP F 40 -71.12 -29.48 52.04
CA ASP F 40 -70.25 -28.96 53.13
C ASP F 40 -70.69 -27.54 53.47
N PRO F 41 -71.23 -27.26 54.68
CA PRO F 41 -71.70 -25.91 54.98
C PRO F 41 -70.56 -24.89 54.91
N ASN F 42 -69.36 -25.28 55.34
CA ASN F 42 -68.21 -24.32 55.35
C ASN F 42 -67.15 -24.76 54.36
N TYR F 43 -67.14 -24.16 53.16
CA TYR F 43 -66.12 -24.46 52.17
C TYR F 43 -65.57 -23.14 51.62
N THR F 44 -64.33 -23.19 51.14
CA THR F 44 -63.58 -21.98 50.79
C THR F 44 -63.32 -21.93 49.30
N VAL F 45 -63.49 -20.75 48.71
CA VAL F 45 -63.10 -20.46 47.34
C VAL F 45 -62.11 -19.30 47.39
N LYS F 46 -60.93 -19.51 46.80
CA LYS F 46 -59.86 -18.53 46.83
C LYS F 46 -59.39 -18.26 45.42
N VAL F 47 -59.38 -17.00 45.02
CA VAL F 47 -58.88 -16.59 43.71
C VAL F 47 -57.47 -16.06 43.90
N HIS F 48 -56.49 -16.74 43.30
CA HIS F 48 -55.08 -16.36 43.54
C HIS F 48 -54.77 -14.99 42.94
N GLU F 49 -53.88 -14.25 43.59
CA GLU F 49 -53.50 -12.89 43.15
C GLU F 49 -52.01 -12.89 42.81
N PHE F 50 -51.61 -12.31 41.68
CA PHE F 50 -50.18 -12.41 41.29
C PHE F 50 -49.64 -11.01 40.98
N PRO F 51 -48.42 -10.60 41.40
CA PRO F 51 -47.97 -9.23 41.10
C PRO F 51 -48.05 -8.94 39.60
N HIS F 52 -48.83 -7.92 39.21
CA HIS F 52 -48.99 -7.60 37.77
C HIS F 52 -47.64 -7.14 37.21
N PRO F 53 -47.19 -7.63 36.03
CA PRO F 53 -45.86 -7.28 35.52
C PRO F 53 -45.60 -5.80 35.19
N ASP F 54 -46.36 -5.24 34.23
CA ASP F 54 -46.09 -3.86 33.76
C ASP F 54 -46.07 -2.84 34.92
N ILE F 55 -47.11 -2.88 35.75
CA ILE F 55 -47.19 -1.91 36.89
C ILE F 55 -45.95 -2.06 37.77
N ASN F 56 -45.71 -3.27 38.28
CA ASN F 56 -44.51 -3.53 39.12
C ASN F 56 -44.51 -2.55 40.29
N THR F 57 -45.69 -2.31 40.89
CA THR F 57 -45.75 -1.44 42.11
C THR F 57 -45.68 -2.34 43.34
N GLU F 58 -44.93 -1.92 44.36
CA GLU F 58 -44.77 -2.76 45.58
C GLU F 58 -46.14 -2.94 46.25
N ASN F 59 -46.45 -4.17 46.67
CA ASN F 59 -47.72 -4.45 47.39
C ASN F 59 -48.90 -4.34 46.41
N TYR F 60 -48.61 -4.29 45.10
CA TYR F 60 -49.70 -4.27 44.09
C TYR F 60 -49.93 -5.68 43.56
N PHE F 61 -51.06 -6.30 43.91
CA PHE F 61 -51.36 -7.69 43.45
C PHE F 61 -52.71 -7.73 42.75
N VAL F 62 -52.71 -7.85 41.42
CA VAL F 62 -53.99 -7.99 40.65
C VAL F 62 -54.50 -9.42 40.82
N PRO F 63 -55.78 -9.76 40.53
CA PRO F 63 -56.27 -11.12 40.76
C PRO F 63 -56.02 -12.10 39.60
N TYR F 64 -55.30 -11.67 38.56
CA TYR F 64 -55.08 -12.53 37.37
C TYR F 64 -53.68 -12.34 36.81
N LEU F 65 -53.14 -13.38 36.14
CA LEU F 65 -51.80 -13.27 35.49
C LEU F 65 -51.89 -12.38 34.26
N ALA F 66 -50.89 -11.51 34.04
CA ALA F 66 -50.86 -10.72 32.81
C ALA F 66 -49.54 -11.04 32.09
N THR F 67 -49.61 -11.49 30.84
CA THR F 67 -48.37 -11.92 30.13
C THR F 67 -48.40 -11.38 28.70
N PRO F 68 -47.26 -11.19 28.01
CA PRO F 68 -47.27 -10.78 26.62
C PRO F 68 -48.01 -11.87 25.83
N GLU F 69 -47.78 -13.13 26.18
CA GLU F 69 -48.47 -14.26 25.50
C GLU F 69 -49.98 -14.14 25.73
N GLY F 70 -50.43 -13.77 26.94
CA GLY F 70 -51.88 -13.57 27.14
C GLY F 70 -52.28 -13.39 28.59
N TYR F 71 -53.33 -14.08 29.03
CA TYR F 71 -53.84 -13.90 30.42
C TYR F 71 -54.27 -15.22 31.07
N PHE F 72 -53.92 -15.38 32.35
CA PHE F 72 -54.25 -16.64 33.06
C PHE F 72 -54.94 -16.33 34.39
N VAL F 73 -55.86 -17.20 34.80
CA VAL F 73 -56.55 -17.09 36.08
C VAL F 73 -56.39 -18.40 36.83
N GLN F 74 -56.55 -18.32 38.15
CA GLN F 74 -56.42 -19.48 39.02
C GLN F 74 -57.46 -19.43 40.12
N VAL F 75 -58.08 -20.57 40.39
CA VAL F 75 -59.11 -20.69 41.43
C VAL F 75 -58.85 -21.96 42.22
N SER F 76 -58.83 -21.84 43.55
CA SER F 76 -58.62 -23.00 44.44
C SER F 76 -59.84 -23.27 45.31
N VAL F 77 -60.52 -24.39 45.09
CA VAL F 77 -61.76 -24.74 45.79
C VAL F 77 -61.44 -25.81 46.82
N THR F 78 -61.71 -25.52 48.09
CA THR F 78 -61.49 -26.53 49.16
C THR F 78 -62.85 -27.05 49.60
N VAL F 79 -63.28 -28.20 49.06
CA VAL F 79 -64.57 -28.82 49.49
C VAL F 79 -64.27 -29.84 50.58
N LYS F 80 -64.80 -29.61 51.79
CA LYS F 80 -64.48 -30.49 52.95
C LYS F 80 -62.95 -30.49 53.13
N ASP F 81 -62.38 -31.64 53.46
CA ASP F 81 -60.90 -31.72 53.59
C ASP F 81 -60.25 -31.55 52.22
N SER F 82 -60.84 -32.12 51.16
CA SER F 82 -60.19 -32.09 49.82
C SER F 82 -59.99 -30.66 49.31
N THR F 83 -58.85 -30.41 48.67
CA THR F 83 -58.57 -29.08 48.08
C THR F 83 -58.01 -29.28 46.67
N GLU F 84 -58.15 -28.29 45.78
CA GLU F 84 -57.66 -28.49 44.39
C GLU F 84 -57.65 -27.13 43.67
N THR F 85 -57.01 -27.04 42.49
CA THR F 85 -56.85 -25.73 41.81
C THR F 85 -57.02 -25.91 40.30
N GLU F 86 -57.46 -24.87 39.60
CA GLU F 86 -57.73 -25.00 38.14
C GLU F 86 -57.16 -23.79 37.40
N TRP F 87 -56.71 -23.98 36.16
CA TRP F 87 -56.19 -22.86 35.33
C TRP F 87 -57.14 -22.64 34.16
N LEU F 88 -57.56 -21.39 33.92
CA LEU F 88 -58.45 -21.11 32.78
C LEU F 88 -57.88 -19.95 31.95
N PRO F 89 -57.65 -20.11 30.64
CA PRO F 89 -57.20 -18.98 29.81
C PRO F 89 -58.34 -17.98 29.58
N VAL F 90 -58.02 -16.68 29.57
CA VAL F 90 -59.07 -15.67 29.25
C VAL F 90 -59.36 -15.76 27.75
N LEU F 91 -60.65 -15.80 27.36
CA LEU F 91 -61.00 -15.99 25.93
C LEU F 91 -62.08 -15.00 25.51
N ASP F 92 -62.18 -14.69 24.22
CA ASP F 92 -63.23 -13.77 23.71
C ASP F 92 -64.60 -14.44 23.83
N PHE F 93 -65.68 -13.68 23.57
CA PHE F 93 -67.03 -14.28 23.56
C PHE F 93 -67.11 -15.31 22.43
N ARG F 94 -66.12 -15.33 21.52
CA ARG F 94 -66.07 -16.33 20.43
C ARG F 94 -65.09 -17.44 20.81
N ASN F 95 -64.68 -17.50 22.07
CA ASN F 95 -63.67 -18.50 22.50
C ASN F 95 -62.38 -18.34 21.70
N LYS F 96 -61.87 -17.12 21.60
CA LYS F 96 -60.57 -16.86 20.94
C LYS F 96 -59.64 -16.24 22.00
N SER F 97 -58.32 -16.30 21.80
CA SER F 97 -57.40 -15.80 22.84
C SER F 97 -57.37 -14.27 22.86
N LEU F 98 -57.01 -13.68 24.01
CA LEU F 98 -56.89 -12.20 24.11
C LEU F 98 -55.42 -11.83 24.36
N ALA F 99 -54.83 -11.01 23.49
CA ALA F 99 -53.40 -10.66 23.60
C ALA F 99 -53.19 -9.61 24.68
N LYS F 100 -51.94 -9.41 25.10
CA LYS F 100 -51.68 -8.45 26.22
C LYS F 100 -52.17 -7.06 25.82
N GLY F 101 -53.03 -6.45 26.65
CA GLY F 101 -53.59 -5.11 26.36
C GLY F 101 -54.87 -5.15 25.57
N SER F 102 -55.45 -6.33 25.32
CA SER F 102 -56.76 -6.36 24.63
C SER F 102 -57.88 -6.90 25.51
N ALA F 103 -57.61 -7.15 26.80
CA ALA F 103 -58.64 -7.77 27.67
C ALA F 103 -59.39 -6.68 28.43
N THR F 104 -60.61 -6.99 28.88
CA THR F 104 -61.40 -6.02 29.67
C THR F 104 -61.75 -6.70 31.00
N THR F 105 -61.80 -5.91 32.09
CA THR F 105 -62.09 -6.50 33.42
C THR F 105 -63.23 -7.51 33.31
N PHE F 106 -64.25 -7.20 32.50
CA PHE F 106 -65.42 -8.10 32.38
C PHE F 106 -64.94 -9.47 31.90
N ASP F 107 -64.02 -9.48 30.93
CA ASP F 107 -63.48 -10.76 30.42
C ASP F 107 -62.84 -11.53 31.58
N ILE F 108 -62.16 -10.82 32.48
CA ILE F 108 -61.44 -11.54 33.57
C ILE F 108 -62.47 -12.13 34.54
N ASN F 109 -63.51 -11.38 34.88
CA ASN F 109 -64.46 -11.91 35.88
C ASN F 109 -65.19 -13.12 35.30
N LYS F 110 -65.57 -13.07 34.02
CA LYS F 110 -66.21 -14.24 33.42
C LYS F 110 -65.29 -15.45 33.48
N ALA F 111 -64.00 -15.23 33.18
CA ALA F 111 -63.01 -16.32 33.24
C ALA F 111 -62.94 -16.84 34.66
N GLN F 112 -62.91 -15.95 35.65
CA GLN F 112 -62.82 -16.36 37.05
C GLN F 112 -64.00 -17.24 37.44
N LYS F 113 -65.22 -16.83 37.06
CA LYS F 113 -66.39 -17.65 37.37
C LYS F 113 -66.32 -19.01 36.68
N ARG F 114 -65.92 -19.02 35.41
CA ARG F 114 -65.81 -20.29 34.69
C ARG F 114 -64.76 -21.20 35.32
N CYS F 115 -63.63 -20.66 35.75
CA CYS F 115 -62.58 -21.48 36.40
C CYS F 115 -63.11 -22.10 37.70
N PHE F 116 -64.02 -21.39 38.37
CA PHE F 116 -64.64 -21.92 39.62
C PHE F 116 -65.38 -23.22 39.32
N VAL F 117 -66.28 -23.20 38.34
CA VAL F 117 -67.09 -24.42 38.04
C VAL F 117 -66.14 -25.53 37.59
N LYS F 118 -65.09 -25.19 36.84
CA LYS F 118 -64.10 -26.20 36.39
C LYS F 118 -63.37 -26.76 37.62
N ALA F 119 -63.06 -25.91 38.59
CA ALA F 119 -62.44 -26.39 39.84
C ALA F 119 -63.43 -27.31 40.55
N SER F 120 -64.71 -26.94 40.57
CA SER F 120 -65.76 -27.81 41.16
C SER F 120 -65.82 -29.12 40.37
N ALA F 121 -65.63 -29.03 39.05
CA ALA F 121 -65.70 -30.22 38.16
C ALA F 121 -64.63 -31.22 38.57
N LEU F 122 -63.53 -30.75 39.16
CA LEU F 122 -62.47 -31.69 39.62
C LEU F 122 -63.11 -32.65 40.62
N HIS F 123 -63.91 -32.14 41.55
CA HIS F 123 -64.66 -32.98 42.51
C HIS F 123 -65.70 -33.66 41.62
N GLY F 124 -66.42 -34.66 42.10
CA GLY F 124 -67.30 -35.41 41.18
C GLY F 124 -68.31 -34.57 40.43
N LEU F 125 -68.81 -33.47 41.01
CA LEU F 125 -69.95 -32.74 40.39
C LEU F 125 -69.69 -32.32 38.94
N GLY F 126 -70.56 -32.73 38.00
CA GLY F 126 -70.47 -32.28 36.59
C GLY F 126 -69.14 -32.52 35.89
N LEU F 127 -68.40 -33.53 36.34
CA LEU F 127 -67.09 -33.89 35.71
C LEU F 127 -67.33 -34.30 34.27
N TYR F 128 -68.48 -34.93 34.00
CA TYR F 128 -68.81 -35.37 32.62
C TYR F 128 -68.91 -34.12 31.73
N ILE F 129 -69.48 -33.02 32.23
CA ILE F 129 -69.45 -31.75 31.43
C ILE F 129 -68.01 -31.24 31.46
N TYR F 130 -67.54 -30.61 30.39
CA TYR F 130 -66.15 -30.10 30.29
C TYR F 130 -65.23 -31.29 29.95
N ASN F 131 -65.82 -32.47 29.72
CA ASN F 131 -65.04 -33.65 29.29
C ASN F 131 -64.45 -33.35 27.91
N GLY F 132 -65.16 -32.55 27.12
CA GLY F 132 -64.72 -32.30 25.73
C GLY F 132 -65.55 -33.17 24.80
N GLU F 133 -66.47 -33.96 25.39
CA GLU F 133 -67.39 -34.79 24.56
C GLU F 133 -68.64 -33.97 24.24
N GLU F 134 -69.23 -34.21 23.08
CA GLU F 134 -70.44 -33.44 22.64
C GLU F 134 -71.60 -33.70 23.59
N LEU F 135 -71.79 -34.96 24.00
CA LEU F 135 -72.94 -35.30 24.90
C LEU F 135 -72.44 -35.20 26.35
N PRO F 136 -73.07 -34.37 27.21
CA PRO F 136 -72.55 -34.14 28.57
C PRO F 136 -72.54 -35.36 29.51
N SER F 137 -73.61 -36.16 29.57
CA SER F 137 -73.67 -37.25 30.58
C SER F 137 -73.40 -38.63 29.98
N ALA F 138 -72.59 -39.43 30.66
CA ALA F 138 -72.34 -40.83 30.20
C ALA F 138 -72.28 -41.75 31.43
N SER F 139 -72.72 -43.01 31.26
CA SER F 139 -72.66 -44.01 32.35
C SER F 139 -71.94 -45.26 31.83
N ASP F 140 -70.72 -45.53 32.29
CA ASP F 140 -69.93 -46.66 31.73
C ASP F 140 -70.66 -47.98 31.97
N ASN F 141 -71.25 -48.17 33.15
CA ASN F 141 -71.91 -49.46 33.45
C ASN F 141 -73.06 -49.67 32.46
N ASP F 142 -73.85 -48.62 32.22
CA ASP F 142 -75.02 -48.73 31.30
C ASP F 142 -74.53 -49.02 29.87
N ILE F 143 -73.49 -48.32 29.42
CA ILE F 143 -73.01 -48.51 28.01
C ILE F 143 -72.49 -49.94 27.86
N THR F 144 -71.82 -50.47 28.89
CA THR F 144 -71.29 -51.86 28.84
C THR F 144 -72.46 -52.84 28.69
N GLU F 145 -73.54 -52.62 29.44
CA GLU F 145 -74.75 -53.47 29.32
C GLU F 145 -75.37 -53.23 27.94
N LEU F 146 -75.55 -51.96 27.57
CA LEU F 146 -76.16 -51.60 26.27
C LEU F 146 -75.37 -52.34 25.17
N GLU F 147 -74.04 -52.29 25.21
CA GLU F 147 -73.19 -52.90 24.16
C GLU F 147 -73.45 -54.40 24.17
N GLU F 148 -73.52 -55.01 25.36
CA GLU F 148 -73.69 -56.48 25.42
C GLU F 148 -75.02 -56.84 24.76
N ARG F 149 -76.09 -56.10 25.11
CA ARG F 149 -77.43 -56.39 24.55
C ARG F 149 -77.45 -56.12 23.04
N ILE F 150 -76.87 -55.01 22.58
CA ILE F 150 -76.95 -54.71 21.12
C ILE F 150 -76.14 -55.76 20.36
N ASN F 151 -74.96 -56.13 20.87
CA ASN F 151 -74.17 -57.21 20.22
C ASN F 151 -74.96 -58.52 20.30
N GLN F 152 -75.62 -58.77 21.43
CA GLN F 152 -76.44 -60.01 21.57
C GLN F 152 -77.54 -59.96 20.51
N PHE F 153 -78.16 -58.80 20.34
CA PHE F 153 -79.22 -58.64 19.31
C PHE F 153 -78.63 -58.92 17.94
N VAL F 154 -77.47 -58.33 17.65
CA VAL F 154 -76.78 -58.56 16.35
C VAL F 154 -76.55 -60.07 16.19
N ASN F 155 -76.03 -60.71 17.24
CA ASN F 155 -75.76 -62.18 17.21
C ASN F 155 -77.06 -62.95 16.96
N LEU F 156 -78.12 -62.63 17.72
CA LEU F 156 -79.40 -63.39 17.58
C LEU F 156 -79.96 -63.19 16.16
N SER F 157 -79.85 -61.97 15.63
CA SER F 157 -80.36 -61.69 14.27
C SER F 157 -79.59 -62.56 13.26
N GLN F 158 -78.28 -62.68 13.45
CA GLN F 158 -77.46 -63.57 12.58
C GLN F 158 -77.93 -65.02 12.78
N GLU F 159 -78.21 -65.40 14.04
CA GLU F 159 -78.68 -66.78 14.35
C GLU F 159 -80.03 -67.01 13.67
N ILE F 166 -72.88 -53.96 16.09
CA ILE F 166 -72.82 -52.81 17.03
C ILE F 166 -73.39 -51.57 16.33
N ASP F 167 -72.70 -51.09 15.29
CA ASP F 167 -73.13 -49.87 14.56
C ASP F 167 -74.50 -50.14 13.92
N LYS F 168 -74.70 -51.34 13.39
CA LYS F 168 -75.97 -51.66 12.69
C LYS F 168 -77.12 -51.48 13.69
N THR F 169 -76.96 -52.02 14.90
CA THR F 169 -77.96 -51.84 15.97
C THR F 169 -77.94 -50.38 16.45
N MET F 170 -76.76 -49.74 16.47
CA MET F 170 -76.65 -48.37 17.04
C MET F 170 -77.54 -47.39 16.28
N ARG F 171 -77.59 -47.47 14.95
CA ARG F 171 -78.38 -46.50 14.17
C ARG F 171 -79.87 -46.71 14.48
N TRP F 172 -80.26 -47.91 14.92
CA TRP F 172 -81.66 -48.11 15.37
C TRP F 172 -81.87 -47.19 16.57
N LEU F 173 -80.90 -47.16 17.48
CA LEU F 173 -80.97 -46.27 18.67
C LEU F 173 -80.88 -44.82 18.19
N LYS F 174 -80.25 -44.61 17.03
CA LYS F 174 -80.05 -43.23 16.50
C LYS F 174 -79.23 -42.44 17.52
N ILE F 175 -78.22 -43.09 18.11
CA ILE F 175 -77.33 -42.40 19.09
C ILE F 175 -76.00 -42.10 18.40
N SER F 176 -75.53 -40.85 18.46
CA SER F 176 -74.28 -40.46 17.76
C SER F 176 -73.09 -41.23 18.34
N ASN F 177 -73.06 -41.39 19.67
CA ASN F 177 -71.94 -42.12 20.33
C ASN F 177 -72.50 -42.98 21.46
N ILE F 178 -72.36 -44.30 21.33
CA ILE F 178 -72.83 -45.24 22.40
C ILE F 178 -72.07 -44.96 23.71
N ASN F 179 -70.76 -44.70 23.62
CA ASN F 179 -69.94 -44.54 24.85
C ASN F 179 -70.44 -43.35 25.68
N LYS F 180 -70.77 -42.24 25.04
CA LYS F 180 -71.22 -41.03 25.76
C LYS F 180 -72.72 -40.85 25.56
N LEU F 181 -73.55 -41.23 26.54
CA LEU F 181 -75.02 -41.16 26.35
C LEU F 181 -75.70 -41.01 27.73
N SER F 182 -76.83 -40.32 27.78
CA SER F 182 -77.54 -40.10 29.08
C SER F 182 -78.21 -41.40 29.54
N GLN F 183 -78.01 -41.78 30.80
CA GLN F 183 -78.53 -43.07 31.31
C GLN F 183 -79.99 -43.27 30.85
N LYS F 184 -80.77 -42.19 30.81
CA LYS F 184 -82.20 -42.30 30.44
C LYS F 184 -82.29 -42.83 29.01
N GLN F 185 -81.44 -42.32 28.11
CA GLN F 185 -81.41 -42.82 26.70
C GLN F 185 -80.94 -44.28 26.66
N ILE F 186 -80.00 -44.68 27.52
CA ILE F 186 -79.63 -46.13 27.56
C ILE F 186 -80.87 -46.93 27.95
N ALA F 187 -81.64 -46.45 28.92
CA ALA F 187 -82.87 -47.15 29.35
C ALA F 187 -83.87 -47.17 28.19
N GLU F 188 -84.01 -46.05 27.48
CA GLU F 188 -84.93 -45.98 26.31
C GLU F 188 -84.43 -46.97 25.26
N ALA F 189 -83.11 -47.01 25.05
CA ALA F 189 -82.52 -47.97 24.07
C ALA F 189 -82.93 -49.39 24.48
N HIS F 190 -82.66 -49.77 25.72
CA HIS F 190 -82.96 -51.17 26.16
C HIS F 190 -84.36 -51.54 25.69
N GLN F 191 -85.34 -50.66 25.95
CA GLN F 191 -86.75 -51.01 25.61
C GLN F 191 -86.81 -51.42 24.13
N LYS F 192 -86.13 -50.66 23.28
CA LYS F 192 -86.11 -50.97 21.82
C LYS F 192 -85.47 -52.35 21.63
N LEU F 193 -84.22 -52.53 22.08
CA LEU F 193 -83.52 -53.82 21.84
C LEU F 193 -84.33 -54.99 22.42
N ASP F 194 -84.82 -54.88 23.66
CA ASP F 194 -85.47 -56.08 24.28
C ASP F 194 -86.68 -56.47 23.43
N ALA F 195 -87.50 -55.49 23.04
CA ALA F 195 -88.68 -55.78 22.21
C ALA F 195 -88.22 -56.48 20.93
N GLY F 196 -87.26 -55.87 20.23
CA GLY F 196 -86.77 -56.45 18.96
C GLY F 196 -86.18 -57.83 19.18
N LEU F 197 -85.41 -57.99 20.26
CA LEU F 197 -84.74 -59.29 20.51
C LEU F 197 -85.84 -60.35 20.67
N LYS F 198 -86.89 -60.02 21.42
CA LYS F 198 -87.98 -60.99 21.68
C LYS F 198 -88.69 -61.35 20.37
N GLN F 199 -88.95 -60.35 19.52
CA GLN F 199 -89.69 -60.60 18.26
C GLN F 199 -88.96 -61.65 17.43
N LEU F 200 -87.65 -61.47 17.24
CA LEU F 200 -86.85 -62.45 16.45
C LEU F 200 -86.52 -63.67 17.31
N ASP F 201 -86.63 -63.54 18.65
CA ASP F 201 -86.43 -64.73 19.51
C ASP F 201 -87.52 -65.73 19.16
N SER F 202 -88.76 -65.26 19.02
CA SER F 202 -89.87 -66.16 18.58
C SER F 202 -89.58 -66.63 17.15
N GLU F 203 -89.09 -65.73 16.30
CA GLU F 203 -88.74 -66.11 14.90
C GLU F 203 -87.85 -67.36 14.92
N GLN G 3 -81.46 -26.69 61.51
CA GLN G 3 -81.05 -26.88 60.10
C GLN G 3 -79.58 -26.49 59.94
N THR G 4 -79.21 -25.91 58.80
CA THR G 4 -77.82 -25.43 58.58
C THR G 4 -77.90 -23.96 58.15
N LEU G 5 -76.84 -23.19 58.35
CA LEU G 5 -76.94 -21.73 58.06
C LEU G 5 -77.30 -21.54 56.58
N PHE G 6 -76.71 -22.32 55.69
CA PHE G 6 -76.99 -22.15 54.25
C PHE G 6 -78.47 -22.42 53.98
N GLU G 7 -79.00 -23.52 54.54
CA GLU G 7 -80.42 -23.89 54.31
C GLU G 7 -81.35 -22.86 54.93
N GLN G 8 -81.01 -22.37 56.13
CA GLN G 8 -81.88 -21.39 56.83
C GLN G 8 -81.98 -20.13 55.97
N LEU G 9 -80.86 -19.73 55.36
CA LEU G 9 -80.85 -18.52 54.51
C LEU G 9 -81.31 -18.88 53.09
N ASN G 10 -81.12 -20.13 52.66
CA ASN G 10 -81.45 -20.47 51.24
C ASN G 10 -82.97 -20.48 51.10
N SER G 11 -83.69 -21.01 52.10
CA SER G 11 -85.16 -21.12 52.00
C SER G 11 -85.81 -19.80 52.42
N LYS G 12 -85.69 -18.75 51.60
CA LYS G 12 -86.36 -17.46 51.86
C LYS G 12 -86.81 -16.90 50.51
N ASN G 13 -87.83 -16.03 50.48
CA ASN G 13 -88.23 -15.42 49.19
C ASN G 13 -87.78 -13.95 49.17
N VAL G 14 -86.74 -13.63 48.41
CA VAL G 14 -86.26 -12.23 48.30
C VAL G 14 -86.83 -11.63 47.02
N ASN G 15 -87.75 -12.36 46.37
CA ASN G 15 -88.32 -11.91 45.07
C ASN G 15 -89.01 -10.55 45.22
N ASP G 16 -89.73 -10.34 46.32
CA ASP G 16 -90.51 -9.09 46.47
C ASP G 16 -89.57 -7.88 46.44
N HIS G 17 -88.44 -7.97 47.17
CA HIS G 17 -87.45 -6.86 47.21
C HIS G 17 -86.43 -7.02 46.08
N THR G 18 -86.85 -6.84 44.83
CA THR G 18 -85.91 -6.94 43.68
C THR G 18 -86.20 -5.82 42.66
N GLU G 19 -85.20 -5.42 41.89
CA GLU G 19 -85.39 -4.40 40.84
C GLU G 19 -85.03 -5.02 39.48
N GLN G 20 -85.90 -4.88 38.48
CA GLN G 20 -85.61 -5.41 37.13
C GLN G 20 -84.98 -4.30 36.28
N LYS G 21 -83.64 -4.26 36.25
CA LYS G 21 -82.93 -3.24 35.42
C LYS G 21 -82.08 -3.97 34.36
N ASN G 22 -82.29 -3.64 33.08
CA ASN G 22 -81.52 -4.28 31.98
C ASN G 22 -81.96 -5.74 31.81
N GLY G 23 -83.11 -6.11 32.39
CA GLY G 23 -83.57 -7.50 32.32
C GLY G 23 -82.88 -8.41 33.32
N LEU G 24 -82.18 -7.85 34.31
CA LEU G 24 -81.57 -8.69 35.37
C LEU G 24 -82.28 -8.44 36.69
N THR G 25 -82.16 -9.38 37.63
CA THR G 25 -82.85 -9.26 38.95
C THR G 25 -81.81 -8.96 40.03
N TYR G 26 -82.03 -7.91 40.82
CA TYR G 26 -81.07 -7.51 41.86
C TYR G 26 -81.79 -7.36 43.20
N LEU G 27 -81.25 -7.91 44.29
CA LEU G 27 -81.89 -7.69 45.62
C LEU G 27 -81.19 -6.48 46.27
N ALA G 28 -81.95 -5.54 46.83
CA ALA G 28 -81.35 -4.31 47.38
C ALA G 28 -80.47 -4.63 48.60
N TRP G 29 -79.38 -3.89 48.77
CA TRP G 29 -78.45 -4.13 49.91
C TRP G 29 -79.18 -3.91 51.23
N SER G 30 -80.06 -2.91 51.30
CA SER G 30 -80.86 -2.69 52.53
C SER G 30 -81.40 -4.04 53.03
N TYR G 31 -82.12 -4.76 52.17
CA TYR G 31 -82.69 -6.09 52.55
C TYR G 31 -81.56 -7.03 52.96
N ALA G 32 -80.52 -7.14 52.13
CA ALA G 32 -79.45 -8.12 52.44
C ALA G 32 -78.79 -7.78 53.77
N HIS G 33 -78.51 -6.49 53.99
CA HIS G 33 -77.78 -6.09 55.22
C HIS G 33 -78.64 -6.41 56.45
N GLN G 34 -79.94 -6.10 56.38
CA GLN G 34 -80.81 -6.31 57.56
C GLN G 34 -80.87 -7.80 57.89
N GLU G 35 -80.98 -8.65 56.86
CA GLU G 35 -81.14 -10.11 57.12
C GLU G 35 -79.90 -10.63 57.85
N LEU G 36 -78.72 -10.16 57.44
CA LEU G 36 -77.46 -10.61 58.07
C LEU G 36 -77.47 -10.18 59.55
N LYS G 37 -77.92 -8.96 59.84
CA LYS G 37 -78.07 -8.52 61.26
C LYS G 37 -79.09 -9.41 61.96
N LYS G 38 -80.20 -9.74 61.29
CA LYS G 38 -81.28 -10.53 61.94
C LYS G 38 -80.72 -11.89 62.37
N ILE G 39 -79.87 -12.50 61.54
CA ILE G 39 -79.33 -13.85 61.84
C ILE G 39 -78.16 -13.71 62.82
N ASP G 40 -77.43 -12.58 62.74
CA ASP G 40 -76.24 -12.38 63.60
C ASP G 40 -76.15 -10.91 63.97
N PRO G 41 -76.31 -10.51 65.25
CA PRO G 41 -76.29 -9.09 65.59
C PRO G 41 -74.94 -8.45 65.23
N ASN G 42 -73.85 -9.18 65.41
CA ASN G 42 -72.50 -8.61 65.14
C ASN G 42 -71.85 -9.33 63.96
N TYR G 43 -71.92 -8.74 62.77
CA TYR G 43 -71.27 -9.30 61.59
C TYR G 43 -70.49 -8.20 60.89
N THR G 44 -69.45 -8.60 60.16
CA THR G 44 -68.47 -7.67 59.61
C THR G 44 -68.52 -7.66 58.09
N VAL G 45 -68.47 -6.47 57.50
CA VAL G 45 -68.31 -6.28 56.06
C VAL G 45 -67.03 -5.47 55.85
N LYS G 46 -66.12 -6.01 55.04
CA LYS G 46 -64.83 -5.39 54.80
C LYS G 46 -64.62 -5.25 53.31
N VAL G 47 -64.32 -4.03 52.87
CA VAL G 47 -64.01 -3.77 51.46
C VAL G 47 -62.50 -3.68 51.33
N HIS G 48 -61.92 -4.60 50.57
CA HIS G 48 -60.43 -4.67 50.48
C HIS G 48 -59.88 -3.45 49.77
N GLU G 49 -58.69 -3.02 50.18
CA GLU G 49 -58.03 -1.82 49.61
C GLU G 49 -56.73 -2.26 48.97
N PHE G 50 -56.42 -1.80 47.75
CA PHE G 50 -55.20 -2.32 47.08
C PHE G 50 -54.35 -1.15 46.59
N PRO G 51 -53.00 -1.12 46.73
CA PRO G 51 -52.24 0.06 46.28
C PRO G 51 -52.55 0.40 44.82
N HIS G 52 -53.05 1.60 44.56
CA HIS G 52 -53.43 1.99 43.17
C HIS G 52 -52.15 2.04 42.34
N PRO G 53 -52.14 1.48 41.10
CA PRO G 53 -50.91 1.41 40.29
C PRO G 53 -50.30 2.75 39.86
N ASP G 54 -51.03 3.55 39.08
CA ASP G 54 -50.47 4.80 38.49
C ASP G 54 -49.92 5.73 39.58
N ILE G 55 -50.70 5.98 40.62
CA ILE G 55 -50.25 6.91 41.70
C ILE G 55 -48.96 6.37 42.31
N ASN G 56 -48.98 5.14 42.80
CA ASN G 56 -47.76 4.51 43.37
C ASN G 56 -47.22 5.42 44.48
N THR G 57 -48.12 5.98 45.30
CA THR G 57 -47.65 6.81 46.46
C THR G 57 -47.59 5.89 47.69
N GLU G 58 -46.55 6.05 48.51
CA GLU G 58 -46.38 5.17 49.71
C GLU G 58 -47.56 5.39 50.66
N ASN G 59 -48.13 4.30 51.19
CA ASN G 59 -49.24 4.40 52.17
C ASN G 59 -50.51 4.88 51.45
N TYR G 60 -50.50 4.87 50.12
CA TYR G 60 -51.73 5.25 49.36
C TYR G 60 -52.48 3.97 48.95
N PHE G 61 -53.64 3.72 49.56
CA PHE G 61 -54.43 2.50 49.24
C PHE G 61 -55.86 2.87 48.84
N VAL G 62 -56.18 2.78 47.54
CA VAL G 62 -57.57 3.05 47.07
C VAL G 62 -58.43 1.83 47.40
N PRO G 63 -59.79 1.90 47.40
CA PRO G 63 -60.60 0.75 47.80
C PRO G 63 -60.91 -0.23 46.66
N TYR G 64 -60.33 -0.01 45.47
CA TYR G 64 -60.65 -0.88 44.30
C TYR G 64 -59.39 -1.11 43.44
N LEU G 65 -59.35 -2.23 42.72
CA LEU G 65 -58.21 -2.52 41.80
C LEU G 65 -58.29 -1.62 40.57
N ALA G 66 -57.15 -1.09 40.12
CA ALA G 66 -57.15 -0.31 38.86
C ALA G 66 -56.18 -1.00 37.91
N THR G 67 -56.64 -1.38 36.71
CA THR G 67 -55.76 -2.13 35.77
C THR G 67 -55.96 -1.58 34.36
N PRO G 68 -54.97 -1.72 33.45
CA PRO G 68 -55.16 -1.28 32.07
C PRO G 68 -56.35 -2.09 31.50
N GLU G 69 -56.42 -3.38 31.85
CA GLU G 69 -57.56 -4.23 31.39
C GLU G 69 -58.87 -3.66 31.92
N GLY G 70 -58.92 -3.22 33.19
CA GLY G 70 -60.16 -2.59 33.67
C GLY G 70 -60.17 -2.33 35.16
N TYR G 71 -61.26 -2.68 35.85
CA TYR G 71 -61.39 -2.39 37.31
C TYR G 71 -62.03 -3.55 38.08
N PHE G 72 -61.48 -3.83 39.26
CA PHE G 72 -62.01 -4.94 40.09
C PHE G 72 -62.27 -4.48 41.51
N VAL G 73 -63.30 -5.04 42.15
CA VAL G 73 -63.64 -4.75 43.54
C VAL G 73 -63.71 -6.07 44.31
N GLN G 74 -63.55 -5.98 45.62
CA GLN G 74 -63.59 -7.15 46.48
C GLN G 74 -64.32 -6.81 47.77
N VAL G 75 -65.17 -7.73 48.22
CA VAL G 75 -65.93 -7.56 49.46
C VAL G 75 -65.89 -8.86 50.23
N SER G 76 -65.57 -8.78 51.52
CA SER G 76 -65.52 -9.98 52.40
C SER G 76 -66.55 -9.88 53.51
N VAL G 77 -67.56 -10.74 53.50
CA VAL G 77 -68.67 -10.73 54.45
C VAL G 77 -68.46 -11.88 55.44
N THR G 78 -68.36 -11.54 56.72
CA THR G 78 -68.22 -12.60 57.76
C THR G 78 -69.55 -12.70 58.51
N VAL G 79 -70.40 -13.65 58.11
CA VAL G 79 -71.70 -13.86 58.83
C VAL G 79 -71.48 -14.95 59.89
N LYS G 80 -71.70 -14.63 61.16
CA LYS G 80 -71.39 -15.61 62.23
C LYS G 80 -69.93 -16.03 62.09
N ASP G 81 -69.64 -17.29 62.37
CA ASP G 81 -68.26 -17.82 62.19
C ASP G 81 -67.89 -17.83 60.70
N SER G 82 -68.84 -18.16 59.82
CA SER G 82 -68.52 -18.30 58.37
C SER G 82 -68.02 -16.99 57.78
N THR G 83 -67.02 -17.07 56.88
CA THR G 83 -66.49 -15.87 56.20
C THR G 83 -66.33 -16.20 54.71
N GLU G 84 -66.37 -15.19 53.83
CA GLU G 84 -66.27 -15.48 52.38
C GLU G 84 -66.00 -14.19 51.61
N THR G 85 -65.64 -14.26 50.33
CA THR G 85 -65.24 -13.05 49.57
C THR G 85 -65.78 -13.14 48.15
N GLU G 86 -66.03 -11.99 47.50
CA GLU G 86 -66.49 -12.02 46.09
C GLU G 86 -65.74 -10.98 45.25
N TRP G 87 -65.33 -11.34 44.03
CA TRP G 87 -64.71 -10.37 43.10
C TRP G 87 -65.78 -9.90 42.11
N LEU G 88 -65.69 -8.67 41.59
CA LEU G 88 -66.66 -8.32 40.55
C LEU G 88 -66.04 -7.29 39.61
N PRO G 89 -66.41 -7.21 38.31
CA PRO G 89 -65.88 -6.16 37.45
C PRO G 89 -66.74 -4.90 37.56
N VAL G 90 -66.11 -3.73 37.63
CA VAL G 90 -66.92 -2.47 37.63
C VAL G 90 -67.53 -2.35 36.22
N LEU G 91 -68.82 -2.06 36.11
CA LEU G 91 -69.49 -2.05 34.78
C LEU G 91 -70.32 -0.77 34.58
N ASP G 92 -70.66 -0.46 33.31
CA ASP G 92 -71.49 0.73 32.98
C ASP G 92 -72.93 0.53 33.40
N PHE G 93 -73.80 1.51 33.11
CA PHE G 93 -75.25 1.33 33.41
C PHE G 93 -75.87 0.40 32.36
N ARG G 94 -75.15 0.12 31.28
CA ARG G 94 -75.62 -0.83 30.24
C ARG G 94 -74.96 -2.20 30.45
N ASN G 95 -74.33 -2.41 31.60
CA ASN G 95 -73.60 -3.68 31.86
C ASN G 95 -72.52 -3.89 30.78
N LYS G 96 -71.70 -2.86 30.53
CA LYS G 96 -70.55 -3.00 29.59
C LYS G 96 -69.28 -2.70 30.41
N SER G 97 -68.12 -3.14 29.95
CA SER G 97 -66.88 -2.97 30.74
C SER G 97 -66.39 -1.52 30.68
N LEU G 98 -65.65 -1.09 31.71
CA LEU G 98 -65.07 0.28 31.71
C LEU G 98 -63.55 0.19 31.62
N ALA G 99 -62.93 0.81 30.62
CA ALA G 99 -61.48 0.71 30.41
C ALA G 99 -60.74 1.63 31.38
N LYS G 100 -59.43 1.45 31.52
CA LYS G 100 -58.65 2.25 32.51
C LYS G 100 -58.79 3.74 32.16
N GLY G 101 -59.22 4.56 33.13
CA GLY G 101 -59.41 6.00 32.91
C GLY G 101 -60.80 6.37 32.41
N SER G 102 -61.74 5.43 32.35
CA SER G 102 -63.11 5.81 31.95
C SER G 102 -64.12 5.59 33.07
N ALA G 103 -63.67 5.25 34.28
CA ALA G 103 -64.62 4.95 35.37
C ALA G 103 -64.83 6.19 36.23
N THR G 104 -65.96 6.25 36.93
CA THR G 104 -66.24 7.40 37.84
C THR G 104 -66.49 6.83 39.24
N THR G 105 -66.06 7.56 40.27
CA THR G 105 -66.21 7.06 41.66
C THR G 105 -67.61 6.44 41.84
N PHE G 106 -68.64 7.06 41.25
CA PHE G 106 -70.02 6.55 41.43
C PHE G 106 -70.09 5.10 40.91
N ASP G 107 -69.44 4.84 39.77
CA ASP G 107 -69.41 3.47 39.21
C ASP G 107 -68.80 2.54 40.24
N ILE G 108 -67.76 2.97 40.94
CA ILE G 108 -67.07 2.05 41.87
C ILE G 108 -68.00 1.77 43.06
N ASN G 109 -68.67 2.80 43.59
CA ASN G 109 -69.51 2.56 44.80
C ASN G 109 -70.67 1.62 44.43
N LYS G 110 -71.28 1.81 43.26
CA LYS G 110 -72.35 0.90 42.87
C LYS G 110 -71.84 -0.53 42.77
N ALA G 111 -70.64 -0.72 42.20
CA ALA G 111 -70.06 -2.04 42.11
C ALA G 111 -69.76 -2.61 43.50
N GLN G 112 -69.32 -1.76 44.42
CA GLN G 112 -69.04 -2.22 45.78
C GLN G 112 -70.33 -2.70 46.45
N LYS G 113 -71.41 -1.94 46.32
CA LYS G 113 -72.68 -2.38 46.91
C LYS G 113 -73.16 -3.69 46.28
N ARG G 114 -73.07 -3.79 44.95
CA ARG G 114 -73.50 -5.02 44.28
C ARG G 114 -72.66 -6.22 44.71
N CYS G 115 -71.35 -6.03 44.87
CA CYS G 115 -70.48 -7.16 45.31
C CYS G 115 -70.87 -7.62 46.72
N PHE G 116 -71.37 -6.68 47.54
CA PHE G 116 -71.83 -7.03 48.91
C PHE G 116 -72.97 -8.05 48.84
N VAL G 117 -74.01 -7.74 48.07
CA VAL G 117 -75.19 -8.65 48.01
C VAL G 117 -74.73 -9.99 47.41
N LYS G 118 -73.84 -9.95 46.43
CA LYS G 118 -73.30 -11.20 45.83
C LYS G 118 -72.53 -11.98 46.90
N ALA G 119 -71.77 -11.28 47.75
CA ALA G 119 -71.06 -11.96 48.86
C ALA G 119 -72.11 -12.56 49.81
N SER G 120 -73.19 -11.82 50.07
CA SER G 120 -74.29 -12.35 50.91
C SER G 120 -74.89 -13.57 50.20
N ALA G 121 -74.99 -13.51 48.87
CA ALA G 121 -75.59 -14.60 48.08
C ALA G 121 -74.80 -15.89 48.29
N LEU G 122 -73.51 -15.78 48.61
CA LEU G 122 -72.71 -17.00 48.87
C LEU G 122 -73.38 -17.75 50.03
N HIS G 123 -73.77 -17.04 51.08
CA HIS G 123 -74.51 -17.65 52.22
C HIS G 123 -75.88 -17.96 51.60
N GLY G 124 -76.73 -18.71 52.26
CA GLY G 124 -77.97 -19.14 51.58
C GLY G 124 -78.83 -18.02 51.03
N LEU G 125 -78.84 -16.84 51.66
CA LEU G 125 -79.82 -15.78 51.26
C LEU G 125 -79.77 -15.43 49.76
N GLY G 126 -80.89 -15.54 49.05
CA GLY G 126 -80.98 -15.10 47.63
C GLY G 126 -79.98 -15.72 46.68
N LEU G 127 -79.50 -16.93 46.94
CA LEU G 127 -78.54 -17.52 45.95
C LEU G 127 -79.25 -17.74 44.62
N TYR G 128 -80.54 -18.12 44.64
CA TYR G 128 -81.23 -18.44 43.36
C TYR G 128 -81.13 -17.24 42.40
N ILE G 129 -81.23 -16.02 42.91
CA ILE G 129 -81.08 -14.80 42.04
C ILE G 129 -79.66 -14.77 41.47
N TYR G 130 -78.64 -14.99 42.29
CA TYR G 130 -77.23 -14.86 41.82
C TYR G 130 -76.62 -16.26 41.63
N GLN H 3 -85.01 -6.59 73.52
CA GLN H 3 -84.87 -7.08 72.13
C GLN H 3 -83.41 -6.99 71.69
N THR H 4 -83.14 -6.20 70.65
CA THR H 4 -81.76 -6.04 70.12
C THR H 4 -81.62 -4.66 69.47
N LEU H 5 -80.40 -4.19 69.26
CA LEU H 5 -80.19 -2.82 68.71
C LEU H 5 -80.77 -2.73 67.30
N PHE H 6 -80.50 -3.72 66.45
CA PHE H 6 -80.96 -3.61 65.05
C PHE H 6 -82.48 -3.46 65.03
N GLU H 7 -83.20 -4.38 65.68
CA GLU H 7 -84.69 -4.35 65.62
C GLU H 7 -85.22 -3.05 66.22
N GLN H 8 -84.79 -2.68 67.43
CA GLN H 8 -85.25 -1.41 68.04
C GLN H 8 -85.04 -0.25 67.07
N LEU H 9 -83.81 -0.06 66.60
CA LEU H 9 -83.47 1.06 65.68
C LEU H 9 -84.25 0.90 64.37
N ASN H 10 -84.38 -0.33 63.87
CA ASN H 10 -85.04 -0.55 62.55
C ASN H 10 -86.50 -0.10 62.66
N SER H 11 -87.15 -0.39 63.78
CA SER H 11 -88.58 -0.06 63.95
C SER H 11 -88.74 1.39 64.41
N LYS H 12 -88.45 2.36 63.54
CA LYS H 12 -88.65 3.80 63.84
C LYS H 12 -89.14 4.48 62.57
N ASN H 13 -89.85 5.61 62.68
CA ASN H 13 -90.26 6.32 61.43
C ASN H 13 -89.42 7.58 61.29
N VAL H 14 -88.47 7.57 60.34
CA VAL H 14 -87.61 8.77 60.08
C VAL H 14 -88.19 9.49 58.86
N ASN H 15 -89.40 9.12 58.45
CA ASN H 15 -90.04 9.72 57.25
C ASN H 15 -90.26 11.23 57.45
N ASP H 16 -90.67 11.64 58.65
CA ASP H 16 -91.01 13.07 58.86
C ASP H 16 -89.76 13.93 58.62
N HIS H 17 -88.61 13.51 59.15
CA HIS H 17 -87.35 14.28 58.98
C HIS H 17 -86.63 13.82 57.70
N THR H 18 -87.22 14.08 56.53
CA THR H 18 -86.55 13.70 55.24
C THR H 18 -86.64 14.85 54.24
N GLU H 19 -85.65 14.95 53.35
CA GLU H 19 -85.69 15.98 52.28
C GLU H 19 -85.65 15.28 50.92
N GLN H 20 -86.57 15.67 50.03
CA GLN H 20 -86.57 15.07 48.66
C GLN H 20 -85.72 15.95 47.75
N LYS H 21 -84.50 15.50 47.45
CA LYS H 21 -83.62 16.26 46.52
C LYS H 21 -83.29 15.34 45.34
N ASN H 22 -83.56 15.81 44.11
CA ASN H 22 -83.27 14.98 42.89
C ASN H 22 -84.21 13.78 42.90
N GLY H 23 -85.29 13.83 43.68
CA GLY H 23 -86.24 12.72 43.76
C GLY H 23 -85.77 11.62 44.70
N LEU H 24 -84.69 11.84 45.44
CA LEU H 24 -84.21 10.84 46.44
C LEU H 24 -84.58 11.31 47.86
N THR H 25 -84.80 10.35 48.76
CA THR H 25 -85.19 10.67 50.17
C THR H 25 -83.93 10.64 51.04
N TYR H 26 -83.70 11.70 51.81
CA TYR H 26 -82.48 11.78 52.66
C TYR H 26 -82.89 12.12 54.09
N LEU H 27 -82.35 11.43 55.10
CA LEU H 27 -82.64 11.83 56.50
C LEU H 27 -81.51 12.75 56.97
N ALA H 28 -81.86 13.88 57.60
CA ALA H 28 -80.83 14.87 58.00
C ALA H 28 -79.89 14.29 59.05
N TRP H 29 -78.59 14.59 58.95
CA TRP H 29 -77.59 14.01 59.88
C TRP H 29 -78.00 14.35 61.32
N SER H 30 -78.70 15.47 61.51
CA SER H 30 -79.04 15.91 62.88
C SER H 30 -79.93 14.85 63.55
N TYR H 31 -80.92 14.34 62.81
CA TYR H 31 -81.83 13.30 63.37
C TYR H 31 -81.00 12.05 63.67
N ALA H 32 -80.13 11.67 62.74
CA ALA H 32 -79.33 10.44 62.94
C ALA H 32 -78.42 10.63 64.15
N HIS H 33 -77.78 11.79 64.25
CA HIS H 33 -76.80 12.03 65.34
C HIS H 33 -77.53 12.00 66.69
N GLN H 34 -78.71 12.64 66.77
CA GLN H 34 -79.41 12.71 68.08
C GLN H 34 -79.81 11.30 68.52
N GLU H 35 -80.30 10.48 67.60
CA GLU H 35 -80.77 9.12 67.99
C GLU H 35 -79.57 8.34 68.53
N LEU H 36 -78.42 8.44 67.84
CA LEU H 36 -77.22 7.68 68.26
C LEU H 36 -76.83 8.12 69.68
N LYS H 37 -76.89 9.42 69.96
CA LYS H 37 -76.59 9.93 71.32
C LYS H 37 -77.60 9.34 72.33
N LYS H 38 -78.90 9.38 72.04
CA LYS H 38 -79.86 8.89 73.05
C LYS H 38 -79.58 7.41 73.32
N ILE H 39 -79.53 6.59 72.27
CA ILE H 39 -79.28 5.13 72.43
C ILE H 39 -77.96 4.93 73.19
N ASP H 40 -76.92 5.69 72.82
CA ASP H 40 -75.58 5.51 73.45
C ASP H 40 -75.00 6.90 73.74
N PRO H 41 -74.82 7.31 75.00
CA PRO H 41 -74.31 8.66 75.28
C PRO H 41 -72.91 8.87 74.66
N ASN H 42 -72.08 7.83 74.69
CA ASN H 42 -70.68 7.98 74.18
C ASN H 42 -70.49 7.10 72.93
N TYR H 43 -70.58 7.70 71.74
CA TYR H 43 -70.35 6.98 70.50
C TYR H 43 -69.42 7.80 69.63
N THR H 44 -68.69 7.11 68.75
CA THR H 44 -67.59 7.71 68.00
C THR H 44 -67.90 7.74 66.51
N VAL H 45 -67.60 8.86 65.87
CA VAL H 45 -67.65 9.01 64.42
C VAL H 45 -66.25 9.40 63.95
N LYS H 46 -65.70 8.62 63.03
CA LYS H 46 -64.35 8.82 62.55
C LYS H 46 -64.37 8.91 61.03
N VAL H 47 -63.80 9.98 60.49
CA VAL H 47 -63.68 10.15 59.05
C VAL H 47 -62.26 9.78 58.65
N HIS H 48 -62.12 8.73 57.84
CA HIS H 48 -60.77 8.23 57.52
C HIS H 48 -60.00 9.23 56.67
N GLU H 49 -58.68 9.27 56.85
CA GLU H 49 -57.82 10.23 56.13
C GLU H 49 -56.82 9.42 55.29
N PHE H 50 -56.61 9.77 54.02
CA PHE H 50 -55.74 8.91 53.17
C PHE H 50 -54.68 9.80 52.51
N PRO H 51 -53.38 9.41 52.40
CA PRO H 51 -52.39 10.30 51.79
C PRO H 51 -52.84 10.73 50.38
N HIS H 52 -53.01 12.04 50.16
CA HIS H 52 -53.48 12.53 48.84
C HIS H 52 -52.41 12.20 47.79
N PRO H 53 -52.80 11.67 46.60
CA PRO H 53 -51.81 11.25 45.60
C PRO H 53 -50.91 12.34 45.01
N ASP H 54 -51.49 13.32 44.32
CA ASP H 54 -50.70 14.36 43.59
C ASP H 54 -49.71 15.07 44.53
N ILE H 55 -50.19 15.54 45.67
CA ILE H 55 -49.30 16.28 46.62
C ILE H 55 -48.13 15.38 47.02
N ASN H 56 -48.44 14.19 47.57
CA ASN H 56 -47.38 13.23 47.95
C ASN H 56 -46.41 13.93 48.91
N THR H 57 -46.94 14.73 49.84
CA THR H 57 -46.07 15.37 50.87
C THR H 57 -46.05 14.46 52.12
N GLU H 58 -44.88 14.30 52.74
CA GLU H 58 -44.78 13.40 53.92
C GLU H 58 -45.65 13.96 55.05
N ASN H 59 -46.42 13.09 55.72
CA ASN H 59 -47.27 13.50 56.87
C ASN H 59 -48.44 14.34 56.36
N TYR H 60 -48.68 14.32 55.05
CA TYR H 60 -49.84 15.06 54.48
C TYR H 60 -51.00 14.09 54.26
N PHE H 61 -52.06 14.19 55.08
CA PHE H 61 -53.22 13.26 54.95
C PHE H 61 -54.52 14.06 54.78
N VAL H 62 -55.06 14.07 53.57
CA VAL H 62 -56.37 14.76 53.33
C VAL H 62 -57.49 13.85 53.85
N PRO H 63 -58.74 14.33 54.07
CA PRO H 63 -59.79 13.48 54.65
C PRO H 63 -60.59 12.68 53.62
N TYR H 64 -60.16 12.67 52.35
CA TYR H 64 -60.91 11.95 51.30
C TYR H 64 -59.96 11.36 50.25
N LEU H 65 -60.37 10.28 49.58
CA LEU H 65 -59.55 9.68 48.49
C LEU H 65 -59.58 10.57 47.26
N ALA H 66 -58.43 10.74 46.59
CA ALA H 66 -58.42 11.49 45.32
C ALA H 66 -57.87 10.54 44.25
N THR H 67 -58.62 10.33 43.17
CA THR H 67 -58.20 9.36 42.13
C THR H 67 -58.46 9.95 40.75
N PRO H 68 -57.75 9.52 39.68
CA PRO H 68 -58.04 10.00 38.33
C PRO H 68 -59.48 9.60 38.02
N GLU H 69 -59.88 8.40 38.44
CA GLU H 69 -61.26 7.93 38.20
C GLU H 69 -62.25 8.85 38.94
N GLY H 70 -61.93 9.28 40.16
CA GLY H 70 -62.84 10.25 40.82
C GLY H 70 -62.50 10.49 42.28
N TYR H 71 -63.50 10.48 43.16
CA TYR H 71 -63.28 10.79 44.61
C TYR H 71 -64.09 9.87 45.53
N PHE H 72 -63.45 9.43 46.61
CA PHE H 72 -64.13 8.52 47.57
C PHE H 72 -64.01 9.05 48.99
N VAL H 73 -65.01 8.80 49.82
CA VAL H 73 -65.01 9.17 51.23
C VAL H 73 -65.34 7.92 52.05
N GLN H 74 -64.92 7.95 53.32
CA GLN H 74 -65.15 6.84 54.22
C GLN H 74 -65.50 7.36 55.61
N VAL H 75 -66.51 6.75 56.23
CA VAL H 75 -66.95 7.13 57.57
C VAL H 75 -67.17 5.87 58.38
N SER H 76 -66.61 5.83 59.60
CA SER H 76 -66.77 4.67 60.50
C SER H 76 -67.52 5.07 61.77
N VAL H 77 -68.73 4.55 61.97
CA VAL H 77 -69.59 4.88 63.10
C VAL H 77 -69.56 3.72 64.08
N THR H 78 -69.14 4.00 65.31
CA THR H 78 -69.14 2.95 66.36
C THR H 78 -70.29 3.24 67.33
N VAL H 79 -71.45 2.59 67.14
CA VAL H 79 -72.60 2.77 68.07
C VAL H 79 -72.53 1.67 69.12
N LYS H 80 -72.42 2.03 70.39
CA LYS H 80 -72.24 0.99 71.44
C LYS H 80 -71.01 0.15 71.07
N ASP H 81 -71.06 -1.14 71.35
CA ASP H 81 -69.96 -2.06 70.96
C ASP H 81 -69.87 -2.16 69.44
N SER H 82 -71.02 -2.19 68.75
CA SER H 82 -71.01 -2.41 67.28
C SER H 82 -70.25 -1.30 66.54
N THR H 83 -69.51 -1.67 65.50
CA THR H 83 -68.76 -0.68 64.68
C THR H 83 -68.98 -1.03 63.20
N GLU H 84 -68.87 -0.06 62.29
CA GLU H 84 -69.11 -0.36 60.87
C GLU H 84 -68.61 0.81 60.01
N THR H 85 -68.52 0.64 58.68
CA THR H 85 -67.92 1.69 57.81
C THR H 85 -68.70 1.76 56.51
N GLU H 86 -68.71 2.94 55.87
CA GLU H 86 -69.40 3.07 54.55
C GLU H 86 -68.53 3.84 53.55
N TRP H 87 -68.50 3.40 52.29
CA TRP H 87 -67.78 4.13 51.21
C TRP H 87 -68.79 4.96 50.41
N LEU H 88 -68.44 6.19 50.05
CA LEU H 88 -69.33 6.99 49.15
C LEU H 88 -68.54 7.69 48.04
N PRO H 89 -69.12 7.82 46.83
CA PRO H 89 -68.49 8.59 45.77
C PRO H 89 -68.74 10.08 46.03
N VAL H 90 -67.88 10.97 45.53
CA VAL H 90 -68.18 12.42 45.65
C VAL H 90 -68.92 12.83 44.38
N LEU H 91 -70.14 13.35 44.51
CA LEU H 91 -70.95 13.62 43.29
C LEU H 91 -71.34 15.09 43.19
N ASP H 92 -72.14 15.47 42.19
CA ASP H 92 -72.65 16.87 42.12
C ASP H 92 -73.88 16.94 43.03
N PHE H 93 -74.61 18.06 42.99
CA PHE H 93 -75.90 18.09 43.73
C PHE H 93 -76.74 16.97 43.11
N ARG H 94 -76.71 16.89 41.77
CA ARG H 94 -77.41 15.80 41.05
C ARG H 94 -76.50 14.56 41.12
N ASN H 95 -77.01 13.37 40.80
CA ASN H 95 -76.17 12.15 40.97
C ASN H 95 -75.21 12.07 39.78
N LYS H 96 -74.22 12.95 39.74
CA LYS H 96 -73.22 12.98 38.63
C LYS H 96 -71.82 12.94 39.24
N SER H 97 -70.89 12.22 38.62
CA SER H 97 -69.53 12.04 39.19
C SER H 97 -68.70 13.32 39.05
N LEU H 98 -67.68 13.49 39.91
CA LEU H 98 -66.76 14.64 39.80
C LEU H 98 -65.37 14.12 39.39
N ALA H 99 -64.95 14.36 38.14
CA ALA H 99 -63.66 13.82 37.69
C ALA H 99 -62.52 14.46 38.46
N LYS H 100 -61.32 13.89 38.40
CA LYS H 100 -60.18 14.42 39.21
C LYS H 100 -59.92 15.89 38.82
N GLY H 101 -59.92 16.80 39.81
CA GLY H 101 -59.70 18.23 39.55
C GLY H 101 -60.98 19.00 39.28
N SER H 102 -62.15 18.38 39.42
CA SER H 102 -63.41 19.16 39.24
C SER H 102 -64.23 19.26 40.54
N ALA H 103 -63.69 18.79 41.66
CA ALA H 103 -64.47 18.77 42.92
C ALA H 103 -64.16 20.01 43.74
N THR H 104 -65.07 20.38 44.64
CA THR H 104 -64.81 21.52 45.56
C THR H 104 -64.69 20.94 46.97
N THR H 105 -64.15 21.73 47.91
CA THR H 105 -64.08 21.26 49.31
C THR H 105 -65.52 21.05 49.81
N PHE H 106 -66.45 21.91 49.38
CA PHE H 106 -67.86 21.81 49.84
C PHE H 106 -68.46 20.46 49.42
N ASP H 107 -68.17 20.01 48.20
CA ASP H 107 -68.76 18.74 47.71
C ASP H 107 -68.27 17.61 48.61
N ILE H 108 -66.99 17.64 48.99
CA ILE H 108 -66.41 16.59 49.85
C ILE H 108 -67.15 16.61 51.19
N ASN H 109 -67.42 17.80 51.72
CA ASN H 109 -68.09 17.93 53.03
C ASN H 109 -69.49 17.31 52.94
N LYS H 110 -70.28 17.72 51.95
CA LYS H 110 -71.63 17.18 51.78
C LYS H 110 -71.58 15.65 51.68
N ALA H 111 -70.63 15.13 50.92
CA ALA H 111 -70.48 13.68 50.79
C ALA H 111 -70.13 13.05 52.13
N GLN H 112 -69.29 13.71 52.92
CA GLN H 112 -68.94 13.18 54.24
C GLN H 112 -70.16 13.10 55.14
N LYS H 113 -70.99 14.16 55.16
CA LYS H 113 -72.20 14.11 55.96
C LYS H 113 -73.15 13.02 55.48
N ARG H 114 -73.32 12.89 54.17
CA ARG H 114 -74.22 11.87 53.64
C ARG H 114 -73.70 10.47 53.98
N CYS H 115 -72.40 10.24 53.91
CA CYS H 115 -71.83 8.91 54.24
C CYS H 115 -72.09 8.58 55.72
N PHE H 116 -72.15 9.60 56.57
CA PHE H 116 -72.44 9.41 58.01
C PHE H 116 -73.82 8.78 58.18
N VAL H 117 -74.84 9.39 57.59
CA VAL H 117 -76.23 8.88 57.76
C VAL H 117 -76.30 7.47 57.16
N LYS H 118 -75.59 7.25 56.05
CA LYS H 118 -75.55 5.91 55.40
C LYS H 118 -74.93 4.92 56.40
N ALA H 119 -73.84 5.33 57.05
CA ALA H 119 -73.19 4.47 58.06
C ALA H 119 -74.18 4.20 59.20
N SER H 120 -74.92 5.24 59.59
CA SER H 120 -75.97 5.05 60.64
C SER H 120 -77.02 4.08 60.10
N ALA H 121 -77.33 4.17 58.80
CA ALA H 121 -78.36 3.33 58.17
C ALA H 121 -77.96 1.85 58.31
N LEU H 122 -76.67 1.56 58.39
CA LEU H 122 -76.22 0.15 58.57
C LEU H 122 -76.87 -0.37 59.86
N HIS H 123 -76.84 0.43 60.94
CA HIS H 123 -77.52 0.06 62.21
C HIS H 123 -79.00 0.17 61.84
N GLY H 124 -79.92 -0.29 62.67
CA GLY H 124 -81.32 -0.32 62.23
C GLY H 124 -81.90 1.01 61.78
N LEU H 125 -81.45 2.13 62.35
CA LEU H 125 -82.12 3.44 62.07
C LEU H 125 -82.22 3.77 60.57
N GLY H 126 -83.44 4.00 60.07
CA GLY H 126 -83.65 4.46 58.67
C GLY H 126 -83.05 3.58 57.59
N LEU H 127 -82.91 2.28 57.82
CA LEU H 127 -82.38 1.43 56.73
C LEU H 127 -83.34 1.42 55.53
N TYR H 128 -84.64 1.48 55.78
CA TYR H 128 -85.62 1.39 54.66
C TYR H 128 -85.34 2.50 53.63
N ILE H 129 -84.97 3.70 54.10
CA ILE H 129 -84.62 4.81 53.17
C ILE H 129 -83.38 4.44 52.35
N TYR H 130 -82.37 3.85 53.00
CA TYR H 130 -81.10 3.55 52.30
C TYR H 130 -80.98 2.04 52.05
N GLN I 3 -80.57 13.78 83.95
CA GLN I 3 -80.82 13.31 82.57
C GLN I 3 -79.50 12.93 81.90
N THR I 4 -79.15 13.63 80.81
CA THR I 4 -77.89 13.34 80.07
C THR I 4 -77.44 14.62 79.37
N LEU I 5 -76.16 14.67 78.95
CA LEU I 5 -75.61 15.91 78.34
C LEU I 5 -76.36 16.22 77.04
N PHE I 6 -76.54 15.24 76.15
CA PHE I 6 -77.16 15.63 74.85
C PHE I 6 -78.57 16.18 75.10
N GLU I 7 -79.40 15.48 75.87
CA GLU I 7 -80.80 15.99 76.03
C GLU I 7 -80.78 17.38 76.68
N GLN I 8 -80.07 17.56 77.78
CA GLN I 8 -79.99 18.89 78.44
C GLN I 8 -79.58 19.94 77.40
N LEU I 9 -78.43 19.74 76.74
CA LEU I 9 -77.91 20.71 75.75
C LEU I 9 -78.89 20.85 74.59
N ASN I 10 -79.48 19.74 74.14
CA ASN I 10 -80.38 19.78 72.96
C ASN I 10 -81.59 20.67 73.28
N SER I 11 -82.11 20.57 74.50
CA SER I 11 -83.32 21.35 74.88
C SER I 11 -82.92 22.77 75.31
N LYS I 12 -82.46 23.60 74.37
CA LYS I 12 -82.14 25.03 74.67
C LYS I 12 -82.59 25.86 73.47
N ASN I 13 -82.86 27.15 73.65
CA ASN I 13 -83.21 27.99 72.48
C ASN I 13 -82.04 28.91 72.16
N VAL I 14 -81.31 28.63 71.07
CA VAL I 14 -80.17 29.48 70.65
C VAL I 14 -80.66 30.37 69.51
N ASN I 15 -81.98 30.43 69.31
CA ASN I 15 -82.57 31.24 68.20
C ASN I 15 -82.26 32.72 68.40
N ASP I 16 -82.32 33.22 69.64
CA ASP I 16 -82.14 34.68 69.86
C ASP I 16 -80.74 35.10 69.40
N HIS I 17 -79.72 34.31 69.75
CA HIS I 17 -78.32 34.63 69.36
C HIS I 17 -78.00 33.99 68.00
N THR I 18 -78.61 34.50 66.92
CA THR I 18 -78.32 33.98 65.56
C THR I 18 -78.22 35.13 64.56
N GLU I 19 -77.46 34.93 63.48
CA GLU I 19 -77.36 35.97 62.41
C GLU I 19 -77.87 35.37 61.10
N GLN I 20 -78.77 36.09 60.41
CA GLN I 20 -79.29 35.61 59.10
C GLN I 20 -78.43 36.20 57.97
N LYS I 21 -77.42 35.47 57.52
CA LYS I 21 -76.55 35.94 56.41
C LYS I 21 -76.67 34.95 55.24
N ASN I 22 -77.05 35.44 54.05
CA ASN I 22 -77.18 34.57 52.84
C ASN I 22 -78.41 33.68 53.00
N GLY I 23 -79.30 33.99 53.94
CA GLY I 23 -80.48 33.15 54.19
C GLY I 23 -80.16 31.92 55.02
N LEU I 24 -79.00 31.88 55.68
CA LEU I 24 -78.69 30.75 56.59
C LEU I 24 -78.67 31.25 58.04
N THR I 25 -78.80 30.33 59.00
CA THR I 25 -78.79 30.70 60.44
C THR I 25 -77.45 30.28 61.04
N TYR I 26 -76.74 31.22 61.68
CA TYR I 26 -75.43 30.91 62.31
C TYR I 26 -75.49 31.32 63.79
N LEU I 27 -75.04 30.44 64.70
CA LEU I 27 -74.99 30.84 66.13
C LEU I 27 -73.57 31.33 66.46
N ALA I 28 -73.45 32.41 67.23
CA ALA I 28 -72.13 33.02 67.52
C ALA I 28 -71.25 32.07 68.33
N TRP I 29 -69.94 32.07 68.06
CA TRP I 29 -68.99 31.22 68.83
C TRP I 29 -68.97 31.66 70.29
N SER I 30 -69.05 32.98 70.54
CA SER I 30 -68.94 33.48 71.93
C SER I 30 -70.06 32.90 72.79
N TYR I 31 -71.28 32.85 72.26
CA TYR I 31 -72.40 32.21 73.00
C TYR I 31 -72.01 30.75 73.28
N ALA I 32 -71.56 30.05 72.24
CA ALA I 32 -71.18 28.62 72.39
C ALA I 32 -70.07 28.49 73.43
N HIS I 33 -69.12 29.42 73.42
CA HIS I 33 -67.97 29.26 74.34
C HIS I 33 -68.50 29.33 75.77
N GLN I 34 -69.38 30.30 76.04
CA GLN I 34 -69.94 30.51 77.40
C GLN I 34 -70.74 29.28 77.85
N GLU I 35 -71.67 28.82 77.03
CA GLU I 35 -72.58 27.73 77.46
C GLU I 35 -71.74 26.52 77.90
N LEU I 36 -70.87 26.04 77.01
CA LEU I 36 -70.03 24.86 77.33
C LEU I 36 -69.26 25.17 78.61
N LYS I 37 -68.58 26.33 78.66
CA LYS I 37 -67.81 26.71 79.89
C LYS I 37 -68.69 26.55 81.14
N LYS I 38 -69.95 26.96 81.07
CA LYS I 38 -70.85 26.78 82.24
C LYS I 38 -71.01 25.29 82.50
N ILE I 39 -71.40 24.52 81.48
CA ILE I 39 -71.62 23.04 81.64
C ILE I 39 -70.34 22.42 82.19
N ASP I 40 -69.17 22.80 81.65
CA ASP I 40 -67.88 22.19 82.06
C ASP I 40 -66.85 23.31 82.21
N PRO I 41 -66.34 23.62 83.42
CA PRO I 41 -65.39 24.71 83.57
C PRO I 41 -64.12 24.48 82.74
N ASN I 42 -63.66 23.23 82.66
CA ASN I 42 -62.40 22.92 81.94
C ASN I 42 -62.70 22.07 80.70
N TYR I 43 -62.78 22.70 79.52
CA TYR I 43 -62.99 21.96 78.28
C TYR I 43 -61.99 22.46 77.25
N THR I 44 -61.68 21.60 76.29
CA THR I 44 -60.57 21.82 75.36
C THR I 44 -61.10 21.99 73.94
N VAL I 45 -60.55 22.98 73.23
CA VAL I 45 -60.76 23.16 71.80
C VAL I 45 -59.42 23.09 71.11
N LYS I 46 -59.30 22.19 70.13
CA LYS I 46 -58.04 21.95 69.44
C LYS I 46 -58.27 22.09 67.94
N VAL I 47 -57.49 22.93 67.29
CA VAL I 47 -57.55 23.09 65.84
C VAL I 47 -56.41 22.28 65.24
N HIS I 48 -56.74 21.26 64.45
CA HIS I 48 -55.69 20.36 63.93
C HIS I 48 -54.78 21.09 62.94
N GLU I 49 -53.51 20.69 62.91
CA GLU I 49 -52.50 21.34 62.04
C GLU I 49 -51.97 20.27 61.08
N PHE I 50 -51.87 20.57 59.78
CA PHE I 50 -51.46 19.50 58.83
C PHE I 50 -50.29 19.99 57.98
N PRO I 51 -49.22 19.22 57.69
CA PRO I 51 -48.11 19.76 56.90
C PRO I 51 -48.62 20.35 55.57
N HIS I 52 -48.37 21.64 55.33
CA HIS I 52 -48.87 22.29 54.09
C HIS I 52 -48.14 21.66 52.90
N PRO I 53 -48.86 21.30 51.79
CA PRO I 53 -48.22 20.61 50.67
C PRO I 53 -47.12 21.37 49.92
N ASP I 54 -47.46 22.51 49.31
CA ASP I 54 -46.51 23.24 48.44
C ASP I 54 -45.21 23.57 49.17
N ILE I 55 -45.32 24.15 50.37
CA ILE I 55 -44.11 24.54 51.15
C ILE I 55 -43.26 23.30 51.38
N ASN I 56 -43.83 22.27 52.01
CA ASN I 56 -43.09 20.99 52.24
C ASN I 56 -41.81 21.33 53.03
N THR I 57 -41.89 22.23 54.00
CA THR I 57 -40.71 22.53 54.86
C THR I 57 -40.79 21.64 56.11
N GLU I 58 -39.66 21.10 56.55
CA GLU I 58 -39.67 20.18 57.73
C GLU I 58 -40.12 20.96 58.96
N ASN I 59 -40.92 20.32 59.82
CA ASN I 59 -41.39 20.92 61.11
C ASN I 59 -42.43 22.01 60.82
N TYR I 60 -42.93 22.09 59.59
CA TYR I 60 -43.88 23.16 59.21
C TYR I 60 -45.30 22.58 59.19
N PHE I 61 -46.19 23.12 60.03
CA PHE I 61 -47.58 22.60 60.10
C PHE I 61 -48.58 23.76 60.13
N VAL I 62 -49.11 24.15 58.96
CA VAL I 62 -50.15 25.22 58.91
C VAL I 62 -51.40 24.71 59.63
N PRO I 63 -52.38 25.56 60.04
CA PRO I 63 -53.53 25.06 60.80
C PRO I 63 -54.69 24.55 59.92
N TYR I 64 -54.48 24.48 58.61
CA TYR I 64 -55.59 24.09 57.69
C TYR I 64 -55.06 23.23 56.54
N LEU I 65 -55.91 22.37 55.97
CA LEU I 65 -55.51 21.56 54.79
C LEU I 65 -55.44 22.45 53.55
N ALA I 66 -54.42 22.24 52.71
CA ALA I 66 -54.36 22.98 51.42
C ALA I 66 -54.33 21.94 50.31
N THR I 67 -55.30 21.97 49.38
CA THR I 67 -55.39 20.95 48.31
C THR I 67 -55.66 21.62 46.97
N PRO I 68 -55.26 21.04 45.81
CA PRO I 68 -55.59 21.62 44.52
C PRO I 68 -57.11 21.71 44.44
N GLU I 69 -57.81 20.69 44.94
CA GLU I 69 -59.30 20.69 44.95
C GLU I 69 -59.80 21.88 45.80
N GLY I 70 -59.17 22.15 46.95
CA GLY I 70 -59.60 23.34 47.71
C GLY I 70 -58.98 23.42 49.09
N TYR I 71 -59.78 23.72 50.12
CA TYR I 71 -59.25 23.90 51.50
C TYR I 71 -60.16 23.28 52.57
N PHE I 72 -59.53 22.62 53.55
CA PHE I 72 -60.32 21.96 54.62
C PHE I 72 -59.79 22.37 55.99
N VAL I 73 -60.68 22.45 56.98
CA VAL I 73 -60.34 22.77 58.36
C VAL I 73 -60.91 21.68 59.25
N GLN I 74 -60.32 21.54 60.44
CA GLN I 74 -60.75 20.54 61.40
C GLN I 74 -60.70 21.12 62.81
N VAL I 75 -61.72 20.84 63.60
CA VAL I 75 -61.81 21.32 64.98
C VAL I 75 -62.29 20.17 65.86
N SER I 76 -61.59 19.93 66.97
CA SER I 76 -61.97 18.86 67.91
C SER I 76 -62.34 19.45 69.28
N VAL I 77 -63.61 19.34 69.68
CA VAL I 77 -64.12 19.91 70.92
C VAL I 77 -64.32 18.78 71.91
N THR I 78 -63.64 18.89 73.06
CA THR I 78 -63.81 17.86 74.12
C THR I 78 -64.64 18.49 75.25
N VAL I 79 -65.96 18.25 75.25
CA VAL I 79 -66.83 18.77 76.35
C VAL I 79 -66.96 17.68 77.41
N LYS I 80 -66.54 17.95 78.64
CA LYS I 80 -66.54 16.89 79.68
C LYS I 80 -65.72 15.71 79.14
N ASP I 81 -66.14 14.49 79.46
CA ASP I 81 -65.46 13.27 78.94
C ASP I 81 -65.66 13.19 77.42
N SER I 82 -66.85 13.55 76.92
CA SER I 82 -67.15 13.37 75.47
C SER I 82 -66.20 14.19 74.59
N THR I 83 -65.78 13.62 73.47
CA THR I 83 -64.90 14.35 72.51
C THR I 83 -65.45 14.12 71.09
N GLU I 84 -65.16 15.02 70.16
CA GLU I 84 -65.72 14.86 68.78
C GLU I 84 -65.01 15.82 67.83
N THR I 85 -65.19 15.65 66.51
CA THR I 85 -64.42 16.47 65.53
C THR I 85 -65.33 16.84 64.36
N GLU I 86 -65.04 17.94 63.67
CA GLU I 86 -65.87 18.33 62.49
C GLU I 86 -64.98 18.83 61.35
N TRP I 87 -65.27 18.41 60.11
CA TRP I 87 -64.55 18.92 58.91
C TRP I 87 -65.39 20.02 58.27
N LEU I 88 -64.76 21.09 57.75
CA LEU I 88 -65.58 22.11 57.03
C LEU I 88 -64.90 22.58 55.73
N PRO I 89 -65.69 22.97 54.71
CA PRO I 89 -65.16 23.49 53.46
C PRO I 89 -64.99 25.01 53.55
N VAL I 90 -63.81 25.52 53.18
CA VAL I 90 -63.61 27.00 53.19
C VAL I 90 -64.44 27.58 52.04
N LEU I 91 -65.32 28.55 52.32
CA LEU I 91 -66.23 29.09 51.28
C LEU I 91 -66.15 30.61 51.24
N ASP I 92 -66.53 31.22 50.09
CA ASP I 92 -66.53 32.70 49.95
C ASP I 92 -67.61 33.32 50.83
N PHE I 93 -67.67 34.65 50.88
CA PHE I 93 -68.76 35.34 51.61
C PHE I 93 -70.10 35.04 50.93
N ARG I 94 -70.07 34.47 49.72
CA ARG I 94 -71.30 34.08 49.00
C ARG I 94 -71.52 32.58 49.15
N ASN I 95 -70.81 31.93 50.07
CA ASN I 95 -70.90 30.46 50.24
C ASN I 95 -70.55 29.76 48.92
N LYS I 96 -69.43 30.13 48.31
CA LYS I 96 -68.94 29.43 47.09
C LYS I 96 -67.56 28.86 47.43
N SER I 97 -67.08 27.86 46.69
CA SER I 97 -65.79 27.21 47.04
C SER I 97 -64.61 28.10 46.67
N LEU I 98 -63.47 27.92 47.37
CA LEU I 98 -62.24 28.69 47.02
C LEU I 98 -61.18 27.73 46.49
N ALA I 99 -60.68 27.98 45.28
CA ALA I 99 -59.71 27.06 44.65
C ALA I 99 -58.31 27.29 45.22
N LYS I 100 -57.39 26.36 44.98
CA LYS I 100 -56.03 26.48 45.58
C LYS I 100 -55.38 27.78 45.13
N GLY I 101 -54.93 28.62 46.07
CA GLY I 101 -54.31 29.91 45.74
C GLY I 101 -55.30 31.06 45.65
N SER I 102 -56.55 30.85 45.99
CA SER I 102 -57.51 32.00 45.99
C SER I 102 -58.04 32.32 47.39
N ALA I 103 -57.51 31.67 48.43
CA ALA I 103 -58.06 31.88 49.79
C ALA I 103 -57.22 32.94 50.52
N THR I 104 -57.84 33.58 51.51
CA THR I 104 -57.11 34.58 52.34
C THR I 104 -57.10 34.04 53.77
N THR I 105 -56.09 34.41 54.55
CA THR I 105 -56.05 33.98 55.97
C THR I 105 -57.39 34.27 56.64
N PHE I 106 -58.01 35.41 56.32
CA PHE I 106 -59.28 35.80 56.97
C PHE I 106 -60.33 34.72 56.67
N ASP I 107 -60.35 34.23 55.43
CA ASP I 107 -61.31 33.15 55.06
C ASP I 107 -61.06 31.95 55.96
N ILE I 108 -59.80 31.64 56.26
CA ILE I 108 -59.51 30.40 57.04
C ILE I 108 -60.00 30.62 58.48
N ASN I 109 -59.75 31.80 59.05
CA ASN I 109 -60.13 31.97 60.48
C ASN I 109 -61.66 31.92 60.59
N LYS I 110 -62.39 32.55 59.65
CA LYS I 110 -63.85 32.47 59.72
C LYS I 110 -64.31 31.02 59.64
N ALA I 111 -63.70 30.22 58.76
CA ALA I 111 -64.06 28.81 58.66
C ALA I 111 -63.72 28.07 59.93
N GLN I 112 -62.60 28.41 60.57
CA GLN I 112 -62.24 27.77 61.83
C GLN I 112 -63.26 28.06 62.91
N LYS I 113 -63.69 29.32 63.03
CA LYS I 113 -64.70 29.65 64.03
C LYS I 113 -66.02 28.94 63.73
N ARG I 114 -66.43 28.91 62.46
CA ARG I 114 -67.68 28.24 62.11
C ARG I 114 -67.61 26.74 62.40
N CYS I 115 -66.47 26.11 62.12
CA CYS I 115 -66.32 24.66 62.41
C CYS I 115 -66.43 24.39 63.91
N PHE I 116 -66.01 25.36 64.73
CA PHE I 116 -66.12 25.23 66.21
C PHE I 116 -67.59 25.08 66.61
N VAL I 117 -68.44 26.01 66.16
CA VAL I 117 -69.87 25.97 66.57
C VAL I 117 -70.49 24.67 66.03
N LYS I 118 -70.04 24.25 64.85
CA LYS I 118 -70.54 23.00 64.20
C LYS I 118 -70.13 21.83 65.08
N ALA I 119 -68.90 21.85 65.60
CA ALA I 119 -68.40 20.80 66.51
C ALA I 119 -69.24 20.84 67.80
N SER I 120 -69.54 22.05 68.29
CA SER I 120 -70.41 22.19 69.49
C SER I 120 -71.79 21.62 69.14
N ALA I 121 -72.25 21.84 67.90
CA ALA I 121 -73.58 21.38 67.47
C ALA I 121 -73.67 19.86 67.59
N LEU I 122 -72.54 19.17 67.48
CA LEU I 122 -72.55 17.69 67.62
C LEU I 122 -73.12 17.38 69.02
N HIS I 123 -72.67 18.09 70.05
CA HIS I 123 -73.22 17.92 71.42
C HIS I 123 -74.62 18.52 71.29
N GLY I 124 -75.49 18.36 72.26
CA GLY I 124 -76.89 18.79 72.05
C GLY I 124 -77.06 20.25 71.66
N LEU I 125 -76.19 21.16 72.11
CA LEU I 125 -76.45 22.61 71.91
C LEU I 125 -76.67 22.99 70.44
N GLY I 126 -77.81 23.62 70.12
CA GLY I 126 -78.07 24.15 68.76
C GLY I 126 -77.97 23.16 67.63
N LEU I 127 -78.22 21.87 67.86
CA LEU I 127 -78.18 20.92 66.73
C LEU I 127 -79.26 21.25 65.70
N TYR I 128 -80.41 21.75 66.17
CA TYR I 128 -81.55 22.07 65.28
C TYR I 128 -81.18 23.21 64.32
N ILE I 129 -80.11 23.96 64.63
CA ILE I 129 -79.65 25.04 63.70
C ILE I 129 -79.24 24.40 62.36
N TYR I 130 -78.72 23.17 62.41
CA TYR I 130 -78.23 22.50 61.17
C TYR I 130 -79.22 21.40 60.76
N ASN I 131 -80.45 21.44 61.27
CA ASN I 131 -81.42 20.34 60.99
C ASN I 131 -82.11 20.57 59.64
N GLY I 132 -81.80 19.73 58.64
CA GLY I 132 -82.49 19.78 57.34
C GLY I 132 -81.92 20.82 56.39
N GLU I 133 -80.87 21.55 56.80
CA GLU I 133 -80.24 22.50 55.85
C GLU I 133 -78.83 22.02 55.48
N GLU I 134 -78.03 21.58 56.46
CA GLU I 134 -76.61 21.23 56.20
C GLU I 134 -76.47 20.01 55.28
N LEU I 135 -77.28 18.96 55.48
CA LEU I 135 -77.06 17.70 54.71
C LEU I 135 -77.44 17.84 53.22
N PRO I 136 -78.71 18.11 52.85
CA PRO I 136 -79.13 18.11 51.44
C PRO I 136 -79.00 19.44 50.68
N SER I 137 -79.31 19.43 49.38
CA SER I 137 -79.26 20.68 48.56
C SER I 137 -80.59 21.42 48.70
N ALA I 138 -80.78 22.15 49.81
CA ALA I 138 -82.06 22.84 50.08
C ALA I 138 -82.34 23.90 49.02
N SER I 139 -81.33 24.62 48.54
CA SER I 139 -81.57 25.76 47.61
C SER I 139 -82.27 25.33 46.32
N ASP I 140 -81.84 24.24 45.68
CA ASP I 140 -82.44 23.88 44.37
C ASP I 140 -82.88 22.41 44.34
N ASN I 141 -84.17 22.16 44.07
CA ASN I 141 -84.67 20.76 43.94
C ASN I 141 -85.50 20.64 42.65
N ASP I 142 -85.55 21.69 41.83
CA ASP I 142 -86.43 21.68 40.63
C ASP I 142 -85.68 21.12 39.41
N ILE I 143 -84.36 21.05 39.48
CA ILE I 143 -83.53 20.55 38.34
C ILE I 143 -84.08 19.20 37.89
N THR I 144 -84.20 18.25 38.82
CA THR I 144 -84.75 16.90 38.52
C THR I 144 -86.26 17.02 38.20
N GLU I 145 -86.98 17.84 38.98
CA GLU I 145 -88.43 18.05 38.71
C GLU I 145 -88.58 18.44 37.24
N LEU I 146 -87.69 19.30 36.75
CA LEU I 146 -87.74 19.75 35.33
C LEU I 146 -87.59 18.53 34.42
N GLU I 147 -86.68 17.61 34.77
CA GLU I 147 -86.46 16.40 33.94
C GLU I 147 -87.74 15.56 33.94
N GLU I 148 -88.35 15.38 35.11
CA GLU I 148 -89.63 14.63 35.17
C GLU I 148 -90.66 15.33 34.30
N ARG I 149 -90.72 16.67 34.33
CA ARG I 149 -91.82 17.37 33.60
C ARG I 149 -91.54 17.38 32.08
N ILE I 150 -90.27 17.43 31.66
CA ILE I 150 -89.97 17.35 30.21
C ILE I 150 -90.25 15.92 29.73
N ASN I 151 -89.88 14.91 30.53
CA ASN I 151 -90.20 13.51 30.16
C ASN I 151 -91.72 13.31 30.13
N GLN I 152 -92.44 13.89 31.09
CA GLN I 152 -93.93 13.83 31.03
C GLN I 152 -94.38 14.42 29.69
N PHE I 153 -93.85 15.60 29.34
CA PHE I 153 -94.19 16.23 28.04
C PHE I 153 -93.89 15.21 26.94
N VAL I 154 -92.64 14.75 26.87
CA VAL I 154 -92.22 13.79 25.79
C VAL I 154 -93.14 12.57 25.81
N ASN I 155 -93.31 11.92 26.96
CA ASN I 155 -94.10 10.67 27.02
C ASN I 155 -95.56 10.95 26.64
N LEU I 156 -96.14 12.05 27.13
CA LEU I 156 -97.53 12.42 26.78
C LEU I 156 -97.56 12.66 25.27
N SER I 157 -96.57 13.40 24.75
CA SER I 157 -96.54 13.71 23.30
C SER I 157 -96.53 12.41 22.51
N GLN I 158 -95.70 11.46 22.92
CA GLN I 158 -95.66 10.13 22.25
C GLN I 158 -97.01 9.43 22.46
N GLU I 159 -97.57 9.56 23.66
CA GLU I 159 -98.87 8.90 23.99
C GLU I 159 -99.94 9.42 23.05
N LYS I 160 -99.93 10.74 22.79
CA LYS I 160 -100.90 11.36 21.85
C LYS I 160 -100.69 10.77 20.46
N GLY I 161 -99.51 10.97 19.88
CA GLY I 161 -99.23 10.46 18.53
C GLY I 161 -97.90 10.97 17.98
N ARG I 162 -97.64 10.73 16.70
CA ARG I 162 -96.40 11.25 16.04
C ARG I 162 -95.16 10.74 16.78
N ASP I 163 -94.21 11.64 17.04
CA ASP I 163 -92.97 11.26 17.78
C ASP I 163 -92.55 12.43 18.68
N ALA I 164 -91.90 12.13 19.82
CA ALA I 164 -91.42 13.19 20.73
C ALA I 164 -90.07 12.79 21.30
N THR I 165 -89.11 13.72 21.37
CA THR I 165 -87.77 13.42 21.93
C THR I 165 -87.40 14.46 23.00
N ILE I 166 -86.67 14.03 24.04
CA ILE I 166 -86.30 14.94 25.16
C ILE I 166 -85.41 16.07 24.63
N ASP I 167 -84.47 15.76 23.73
CA ASP I 167 -83.50 16.79 23.26
C ASP I 167 -84.25 17.93 22.56
N LYS I 168 -85.25 17.60 21.74
CA LYS I 168 -86.07 18.64 21.06
C LYS I 168 -86.90 19.37 22.12
N THR I 169 -87.35 18.65 23.14
CA THR I 169 -88.13 19.28 24.25
C THR I 169 -87.21 20.28 24.96
N MET I 170 -85.96 19.87 25.22
CA MET I 170 -84.97 20.77 25.87
C MET I 170 -84.82 22.01 24.99
N ARG I 171 -84.86 21.82 23.67
CA ARG I 171 -84.70 22.95 22.71
C ARG I 171 -85.85 23.94 22.91
N TRP I 172 -87.04 23.45 23.31
CA TRP I 172 -88.13 24.41 23.60
C TRP I 172 -87.61 25.35 24.69
N LEU I 173 -87.08 24.77 25.78
CA LEU I 173 -86.54 25.59 26.89
C LEU I 173 -85.28 26.31 26.40
N LYS I 174 -84.67 25.79 25.33
CA LYS I 174 -83.42 26.38 24.80
C LYS I 174 -82.38 26.38 25.92
N ILE I 175 -82.31 25.29 26.68
CA ILE I 175 -81.34 25.19 27.81
C ILE I 175 -80.10 24.41 27.35
N SER I 176 -78.92 25.04 27.37
CA SER I 176 -77.68 24.36 26.93
C SER I 176 -77.34 23.20 27.87
N ASN I 177 -77.40 23.44 29.18
CA ASN I 177 -77.10 22.40 30.20
C ASN I 177 -78.18 22.45 31.28
N ILE I 178 -78.66 21.29 31.73
CA ILE I 178 -79.70 21.24 32.80
C ILE I 178 -79.08 21.76 34.12
N ASN I 179 -77.81 21.43 34.36
CA ASN I 179 -77.11 21.89 35.59
C ASN I 179 -77.00 23.41 35.55
N LYS I 180 -76.63 23.96 34.40
CA LYS I 180 -76.45 25.43 34.28
C LYS I 180 -77.81 26.05 33.99
N LEU I 181 -78.70 26.07 35.00
CA LEU I 181 -80.03 26.72 34.80
C LEU I 181 -80.41 27.44 36.10
N SER I 182 -80.65 28.74 36.02
CA SER I 182 -80.99 29.60 37.20
C SER I 182 -82.39 29.24 37.69
N GLN I 183 -82.61 29.31 39.01
CA GLN I 183 -83.96 29.03 39.55
C GLN I 183 -85.00 29.87 38.78
N LYS I 184 -84.65 31.13 38.46
CA LYS I 184 -85.63 32.02 37.78
C LYS I 184 -85.95 31.45 36.39
N GLN I 185 -84.92 31.05 35.64
CA GLN I 185 -85.15 30.50 34.27
C GLN I 185 -85.90 29.16 34.36
N ILE I 186 -85.54 28.30 35.32
CA ILE I 186 -86.18 26.96 35.41
C ILE I 186 -87.66 27.16 35.77
N ALA I 187 -87.98 28.14 36.61
CA ALA I 187 -89.39 28.44 36.92
C ALA I 187 -90.08 28.88 35.64
N GLU I 188 -89.40 29.70 34.83
CA GLU I 188 -89.96 30.12 33.51
C GLU I 188 -90.14 28.87 32.64
N ALA I 189 -89.16 27.96 32.68
CA ALA I 189 -89.25 26.70 31.90
C ALA I 189 -90.53 25.96 32.32
N HIS I 190 -90.70 25.71 33.61
CA HIS I 190 -91.93 25.03 34.09
C HIS I 190 -93.14 25.68 33.45
N GLN I 191 -93.13 27.02 33.38
CA GLN I 191 -94.31 27.73 32.81
C GLN I 191 -94.54 27.24 31.38
N LYS I 192 -93.46 27.17 30.59
CA LYS I 192 -93.55 26.70 29.20
C LYS I 192 -94.17 25.30 29.21
N LEU I 193 -93.52 24.34 29.90
CA LEU I 193 -94.01 22.94 29.94
C LEU I 193 -95.44 22.85 30.48
N ASP I 194 -95.71 23.39 31.68
CA ASP I 194 -97.07 23.19 32.24
C ASP I 194 -98.10 23.56 31.17
N ALA I 195 -97.86 24.63 30.41
CA ALA I 195 -98.86 25.06 29.40
C ALA I 195 -99.04 23.94 28.36
N GLY I 196 -97.93 23.36 27.91
CA GLY I 196 -97.99 22.24 26.94
C GLY I 196 -98.64 21.00 27.51
N LEU I 197 -98.36 20.65 28.77
CA LEU I 197 -98.86 19.37 29.33
C LEU I 197 -100.15 19.55 30.14
N LYS I 198 -100.20 20.52 31.06
CA LYS I 198 -101.39 20.66 31.95
C LYS I 198 -102.66 20.99 31.16
N GLN I 199 -102.56 21.85 30.15
CA GLN I 199 -103.80 22.27 29.43
C GLN I 199 -104.42 21.04 28.77
N LEU I 200 -103.60 20.15 28.21
CA LEU I 200 -104.13 18.95 27.51
C LEU I 200 -104.57 17.92 28.56
N ASP I 201 -104.24 18.14 29.83
CA ASP I 201 -104.66 17.23 30.93
C ASP I 201 -105.96 17.75 31.53
N SER I 202 -106.07 19.08 31.71
CA SER I 202 -107.29 19.69 32.31
C SER I 202 -108.25 20.13 31.19
N GLN J 3 -68.15 31.15 93.29
CA GLN J 3 -68.78 30.79 91.99
C GLN J 3 -67.76 30.04 91.13
N THR J 4 -67.40 30.61 89.97
CA THR J 4 -66.44 29.96 89.05
C THR J 4 -65.72 31.04 88.24
N LEU J 5 -64.59 30.70 87.61
CA LEU J 5 -63.79 31.71 86.88
C LEU J 5 -64.60 32.26 85.70
N PHE J 6 -65.23 31.41 84.90
CA PHE J 6 -65.89 32.00 83.70
C PHE J 6 -67.00 32.97 84.17
N GLU J 7 -67.89 32.55 85.08
CA GLU J 7 -68.99 33.47 85.45
C GLU J 7 -68.42 34.77 86.04
N GLN J 8 -67.52 34.69 87.01
CA GLN J 8 -66.92 35.92 87.60
C GLN J 8 -66.38 36.81 86.47
N LEU J 9 -65.49 36.27 85.64
CA LEU J 9 -64.85 37.05 84.55
C LEU J 9 -65.92 37.51 83.56
N ASN J 10 -66.89 36.66 83.23
CA ASN J 10 -67.90 37.03 82.20
C ASN J 10 -68.66 38.26 82.72
N SER J 11 -69.03 38.27 84.01
CA SER J 11 -69.84 39.38 84.55
C SER J 11 -68.95 40.58 84.88
N LYS J 12 -68.43 41.26 83.85
CA LYS J 12 -67.63 42.50 84.04
C LYS J 12 -67.99 43.45 82.91
N ASN J 13 -67.80 44.77 83.09
CA ASN J 13 -68.07 45.70 81.96
C ASN J 13 -66.73 46.22 81.42
N VAL J 14 -66.32 45.73 80.24
CA VAL J 14 -65.05 46.19 79.61
C VAL J 14 -65.41 47.22 78.54
N ASN J 15 -66.67 47.69 78.55
CA ASN J 15 -67.14 48.66 77.53
C ASN J 15 -66.36 49.98 77.63
N ASP J 16 -66.05 50.43 78.84
CA ASP J 16 -65.39 51.76 78.97
C ASP J 16 -64.02 51.73 78.29
N HIS J 17 -63.26 50.64 78.49
CA HIS J 17 -61.91 50.52 77.86
C HIS J 17 -62.05 49.84 76.49
N THR J 18 -62.63 50.53 75.52
CA THR J 18 -62.75 49.98 74.14
C THR J 18 -62.45 51.06 73.10
N GLU J 19 -62.01 50.67 71.91
CA GLU J 19 -61.75 51.63 70.81
C GLU J 19 -62.64 51.26 69.62
N GLN J 20 -63.37 52.23 69.06
CA GLN J 20 -64.22 51.98 67.87
C GLN J 20 -63.43 52.29 66.60
N LYS J 21 -62.78 51.27 66.01
CA LYS J 21 -62.01 51.48 64.76
C LYS J 21 -62.62 50.61 63.66
N ASN J 22 -63.01 51.21 62.54
CA ASN J 22 -63.62 50.46 61.40
C ASN J 22 -65.02 49.99 61.78
N GLY J 23 -65.60 50.55 62.85
CA GLY J 23 -66.93 50.12 63.31
C GLY J 23 -66.88 48.84 64.13
N LEU J 24 -65.69 48.42 64.58
CA LEU J 24 -65.61 47.23 65.47
C LEU J 24 -65.20 47.66 66.87
N THR J 25 -65.46 46.82 67.87
CA THR J 25 -65.13 47.18 69.27
C THR J 25 -63.95 46.32 69.73
N TYR J 26 -62.90 46.95 70.27
CA TYR J 26 -61.69 46.21 70.70
C TYR J 26 -61.36 46.59 72.14
N LEU J 27 -61.07 45.63 73.02
CA LEU J 27 -60.62 45.99 74.39
C LEU J 27 -59.09 46.01 74.39
N ALA J 28 -58.47 47.05 74.97
CA ALA J 28 -57.00 47.20 74.92
C ALA J 28 -56.33 46.06 75.71
N TRP J 29 -55.16 45.61 75.25
CA TRP J 29 -54.44 44.50 75.93
C TRP J 29 -54.04 44.94 77.35
N SER J 30 -53.60 46.18 77.51
CA SER J 30 -53.15 46.67 78.84
C SER J 30 -54.20 46.32 79.90
N TYR J 31 -55.47 46.57 79.61
CA TYR J 31 -56.57 46.28 80.58
C TYR J 31 -56.66 44.76 80.81
N ALA J 32 -56.56 43.98 79.74
CA ALA J 32 -56.63 42.50 79.88
C ALA J 32 -55.46 42.00 80.72
N HIS J 33 -54.28 42.58 80.52
CA HIS J 33 -53.09 42.04 81.24
C HIS J 33 -53.32 42.26 82.74
N GLN J 34 -53.85 43.43 83.12
CA GLN J 34 -54.00 43.74 84.57
C GLN J 34 -55.10 42.85 85.19
N GLU J 35 -56.26 42.74 84.53
CA GLU J 35 -57.39 41.99 85.12
C GLU J 35 -56.92 40.56 85.45
N LEU J 36 -56.39 39.86 84.46
CA LEU J 36 -55.93 38.46 84.68
C LEU J 36 -54.88 38.48 85.79
N LYS J 37 -53.93 39.42 85.71
CA LYS J 37 -52.86 39.52 86.74
C LYS J 37 -53.47 39.60 88.14
N LYS J 38 -54.56 40.35 88.28
CA LYS J 38 -55.27 40.44 89.58
C LYS J 38 -55.84 39.06 89.92
N ILE J 39 -56.61 38.48 89.00
CA ILE J 39 -57.25 37.15 89.25
C ILE J 39 -56.17 36.13 89.59
N ASP J 40 -55.05 36.14 88.86
CA ASP J 40 -53.97 35.16 89.07
C ASP J 40 -52.62 35.88 89.00
N PRO J 41 -51.84 35.98 90.12
CA PRO J 41 -50.59 36.73 90.07
C PRO J 41 -49.61 36.11 89.05
N ASN J 42 -49.60 34.78 88.93
CA ASN J 42 -48.64 34.11 88.02
C ASN J 42 -49.38 33.42 86.88
N TYR J 43 -49.47 34.07 85.71
CA TYR J 43 -50.10 33.47 84.54
C TYR J 43 -49.18 33.65 83.34
N THR J 44 -49.31 32.75 82.38
CA THR J 44 -48.37 32.64 81.28
C THR J 44 -49.04 32.99 79.94
N VAL J 45 -48.33 33.77 79.13
CA VAL J 45 -48.72 34.05 77.75
C VAL J 45 -47.59 33.56 76.85
N LYS J 46 -47.93 32.70 75.90
CA LYS J 46 -46.94 32.10 75.01
C LYS J 46 -47.37 32.32 73.57
N VAL J 47 -46.48 32.89 72.77
CA VAL J 47 -46.72 33.09 71.35
C VAL J 47 -46.01 31.98 70.59
N HIS J 48 -46.78 31.14 69.91
CA HIS J 48 -46.16 29.95 69.24
C HIS J 48 -45.25 30.38 68.10
N GLU J 49 -44.19 29.60 67.88
CA GLU J 49 -43.20 29.91 66.82
C GLU J 49 -43.20 28.76 65.83
N PHE J 50 -43.22 29.03 64.52
CA PHE J 50 -43.33 27.91 63.56
C PHE J 50 -42.23 28.03 62.49
N PRO J 51 -41.52 26.96 62.06
CA PRO J 51 -40.44 27.15 61.08
C PRO J 51 -40.95 27.88 59.83
N HIS J 52 -40.36 29.04 59.53
CA HIS J 52 -40.82 29.84 58.36
C HIS J 52 -40.54 29.05 57.09
N PRO J 53 -41.50 28.95 56.14
CA PRO J 53 -41.32 28.12 54.93
C PRO J 53 -40.18 28.51 53.99
N ASP J 54 -40.24 29.71 53.40
CA ASP J 54 -39.26 30.13 52.36
C ASP J 54 -37.82 30.00 52.87
N ILE J 55 -37.54 30.57 54.03
CA ILE J 55 -36.16 30.55 54.61
C ILE J 55 -35.71 29.09 54.73
N ASN J 56 -36.47 28.28 55.47
CA ASN J 56 -36.14 26.84 55.63
C ASN J 56 -34.70 26.72 56.17
N THR J 57 -34.34 27.58 57.13
CA THR J 57 -32.99 27.47 57.77
C THR J 57 -33.14 26.64 59.04
N GLU J 58 -32.19 25.74 59.31
CA GLU J 58 -32.28 24.86 60.50
C GLU J 58 -32.26 25.72 61.76
N ASN J 59 -33.15 25.43 62.73
CA ASN J 59 -33.18 26.16 64.02
C ASN J 59 -33.71 27.57 63.79
N TYR J 60 -34.27 27.84 62.61
CA TYR J 60 -34.88 29.17 62.35
C TYR J 60 -36.40 29.09 62.60
N PHE J 61 -36.88 29.73 63.67
CA PHE J 61 -38.33 29.69 64.00
C PHE J 61 -38.87 31.11 64.13
N VAL J 62 -39.65 31.57 63.14
CA VAL J 62 -40.29 32.92 63.22
C VAL J 62 -41.50 32.82 64.16
N PRO J 63 -42.08 33.92 64.70
CA PRO J 63 -43.18 33.80 65.65
C PRO J 63 -44.58 33.70 65.00
N TYR J 64 -44.64 33.62 63.67
CA TYR J 64 -45.95 33.59 62.98
C TYR J 64 -45.91 32.65 61.75
N LEU J 65 -47.06 32.10 61.37
CA LEU J 65 -47.15 31.23 60.17
C LEU J 65 -47.01 32.07 58.90
N ALA J 66 -46.25 31.58 57.91
CA ALA J 66 -46.18 32.29 56.61
C ALA J 66 -46.67 31.32 55.55
N THR J 67 -47.69 31.69 54.77
CA THR J 67 -48.26 30.76 53.77
C THR J 67 -48.52 31.52 52.46
N PRO J 68 -48.56 30.86 51.29
CA PRO J 68 -48.91 31.54 50.05
C PRO J 68 -50.31 32.10 50.22
N GLU J 69 -51.20 31.34 50.87
CA GLU J 69 -52.59 31.82 51.12
C GLU J 69 -52.55 33.08 52.00
N GLY J 70 -51.68 33.12 53.02
CA GLY J 70 -51.58 34.36 53.80
C GLY J 70 -50.74 34.22 55.06
N TYR J 71 -51.23 34.72 56.20
CA TYR J 71 -50.45 34.71 57.46
C TYR J 71 -51.31 34.37 58.69
N PHE J 72 -50.78 33.54 59.57
CA PHE J 72 -51.53 33.12 60.78
C PHE J 72 -50.69 33.32 62.04
N VAL J 73 -51.34 33.66 63.14
CA VAL J 73 -50.68 33.82 64.44
C VAL J 73 -51.41 32.95 65.46
N GLN J 74 -50.70 32.61 66.53
CA GLN J 74 -51.26 31.78 67.58
C GLN J 74 -50.79 32.28 68.94
N VAL J 75 -51.70 32.32 69.90
CA VAL J 75 -51.41 32.78 71.26
C VAL J 75 -52.08 31.82 72.24
N SER J 76 -51.31 31.34 73.22
CA SER J 76 -51.84 30.42 74.26
C SER J 76 -51.78 31.08 75.64
N VAL J 77 -52.93 31.36 76.25
CA VAL J 77 -53.01 32.04 77.53
C VAL J 77 -53.39 31.01 78.58
N THR J 78 -52.54 30.86 79.60
CA THR J 78 -52.84 29.94 80.72
C THR J 78 -53.24 30.76 81.94
N VAL J 79 -54.55 30.95 82.17
CA VAL J 79 -55.01 31.69 83.38
C VAL J 79 -55.30 30.67 84.47
N LYS J 80 -54.61 30.77 85.61
CA LYS J 80 -54.78 29.74 86.67
C LYS J 80 -54.47 28.38 86.05
N ASP J 81 -55.19 27.34 86.48
CA ASP J 81 -55.03 25.99 85.89
C ASP J 81 -55.50 26.01 84.42
N SER J 82 -56.57 26.73 84.11
CA SER J 82 -57.15 26.69 82.73
C SER J 82 -56.15 27.19 81.69
N THR J 83 -56.13 26.54 80.52
CA THR J 83 -55.23 26.97 79.41
C THR J 83 -56.05 26.96 78.11
N GLU J 84 -55.66 27.75 77.12
CA GLU J 84 -56.47 27.79 75.86
C GLU J 84 -55.65 28.51 74.77
N THR J 85 -56.10 28.43 73.50
CA THR J 85 -55.29 28.99 72.39
C THR J 85 -56.22 29.65 71.37
N GLU J 86 -55.73 30.64 70.62
CA GLU J 86 -56.59 31.37 69.66
C GLU J 86 -55.87 31.54 68.32
N TRP J 87 -56.60 31.50 67.21
CA TRP J 87 -56.02 31.71 65.86
C TRP J 87 -56.50 33.08 65.34
N LEU J 88 -55.59 33.93 64.89
CA LEU J 88 -56.05 35.24 64.33
C LEU J 88 -55.37 35.48 62.97
N PRO J 89 -56.13 35.88 61.94
CA PRO J 89 -55.57 36.17 60.61
C PRO J 89 -55.01 37.60 60.56
N VAL J 90 -53.77 37.76 60.10
CA VAL J 90 -53.20 39.13 59.95
C VAL J 90 -54.04 39.88 58.92
N LEU J 91 -54.41 41.12 59.21
CA LEU J 91 -55.32 41.89 58.30
C LEU J 91 -54.79 43.32 58.12
N ASP J 92 -55.19 43.98 57.03
CA ASP J 92 -54.79 45.40 56.80
C ASP J 92 -55.45 46.30 57.83
N PHE J 93 -55.04 47.58 57.89
CA PHE J 93 -55.72 48.55 58.77
C PHE J 93 -57.18 48.70 58.33
N ARG J 94 -57.52 48.19 57.15
CA ARG J 94 -58.92 48.21 56.65
C ARG J 94 -59.57 46.86 56.89
N ASN J 95 -58.95 46.00 57.71
CA ASN J 95 -59.48 44.63 57.92
C ASN J 95 -59.60 43.88 56.60
N LYS J 96 -58.53 43.90 55.79
CA LYS J 96 -58.50 43.11 54.54
C LYS J 96 -57.32 42.12 54.66
N SER J 97 -57.32 41.04 53.89
CA SER J 97 -56.26 40.01 54.04
C SER J 97 -54.93 40.51 53.48
N LEU J 98 -53.82 39.94 53.95
CA LEU J 98 -52.48 40.30 53.39
C LEU J 98 -51.88 39.06 52.72
N ALA J 99 -51.53 39.16 51.43
CA ALA J 99 -51.02 38.00 50.68
C ALA J 99 -49.55 37.76 51.01
N LYS J 100 -49.02 36.59 50.65
CA LYS J 100 -47.61 36.26 51.02
C LYS J 100 -46.67 37.30 50.41
N GLY J 101 -45.83 37.93 51.25
CA GLY J 101 -44.89 38.97 50.77
C GLY J 101 -45.47 40.37 50.82
N SER J 102 -46.67 40.56 51.37
CA SER J 102 -47.19 41.95 51.48
C SER J 102 -47.35 42.40 52.94
N ALA J 103 -46.89 41.58 53.90
CA ALA J 103 -47.10 41.93 55.33
C ALA J 103 -45.87 42.66 55.88
N THR J 104 -46.06 43.44 56.94
CA THR J 104 -44.92 44.15 57.57
C THR J 104 -44.88 43.72 59.05
N THR J 105 -43.68 43.61 59.61
CA THR J 105 -43.54 43.15 61.01
C THR J 105 -44.60 43.84 61.89
N PHE J 106 -44.85 45.13 61.64
CA PHE J 106 -45.82 45.88 62.47
C PHE J 106 -47.19 45.20 62.39
N ASP J 107 -47.56 44.76 61.19
CA ASP J 107 -48.87 44.06 61.01
C ASP J 107 -48.87 42.81 61.89
N ILE J 108 -47.73 42.12 62.00
CA ILE J 108 -47.72 40.84 62.76
C ILE J 108 -47.87 41.17 64.25
N ASN J 109 -47.17 42.19 64.74
CA ASN J 109 -47.24 42.45 66.19
C ASN J 109 -48.67 42.89 66.56
N LYS J 110 -49.30 43.72 65.73
CA LYS J 110 -50.67 44.10 66.04
C LYS J 110 -51.58 42.88 66.10
N ALA J 111 -51.39 41.97 65.14
CA ALA J 111 -52.19 40.72 65.11
C ALA J 111 -51.92 39.94 66.40
N GLN J 112 -50.64 39.84 66.81
CA GLN J 112 -50.30 39.09 68.01
C GLN J 112 -50.99 39.67 69.24
N LYS J 113 -50.97 41.01 69.39
CA LYS J 113 -51.65 41.61 70.52
C LYS J 113 -53.15 41.36 70.47
N ARG J 114 -53.76 41.49 69.28
CA ARG J 114 -55.20 41.25 69.16
C ARG J 114 -55.55 39.80 69.49
N CYS J 115 -54.73 38.84 69.06
CA CYS J 115 -54.99 37.42 69.36
C CYS J 115 -54.94 37.16 70.87
N PHE J 116 -54.11 37.94 71.58
CA PHE J 116 -54.00 37.82 73.05
C PHE J 116 -55.35 38.13 73.70
N VAL J 117 -55.93 39.29 73.37
CA VAL J 117 -57.22 39.69 74.01
C VAL J 117 -58.29 38.66 73.61
N LYS J 118 -58.24 38.16 72.38
CA LYS J 118 -59.23 37.15 71.92
C LYS J 118 -59.01 35.86 72.74
N ALA J 119 -57.75 35.51 73.01
CA ALA J 119 -57.48 34.33 73.87
C ALA J 119 -58.03 34.61 75.28
N SER J 120 -57.86 35.83 75.77
CA SER J 120 -58.42 36.21 77.09
C SER J 120 -59.95 36.13 76.99
N ALA J 121 -60.51 36.50 75.84
CA ALA J 121 -61.97 36.50 75.65
C ALA J 121 -62.52 35.08 75.83
N LEU J 122 -61.69 34.07 75.56
CA LEU J 122 -62.14 32.67 75.75
C LEU J 122 -62.55 32.52 77.22
N HIS J 123 -61.73 33.02 78.14
CA HIS J 123 -62.06 33.02 79.59
C HIS J 123 -63.21 34.03 79.67
N GLY J 124 -63.92 34.14 80.79
CA GLY J 124 -65.12 34.99 80.79
C GLY J 124 -64.88 36.44 80.38
N LEU J 125 -63.71 36.99 80.69
CA LEU J 125 -63.43 38.42 80.41
C LEU J 125 -63.42 38.68 78.90
N GLY J 126 -64.24 39.62 78.42
CA GLY J 126 -64.21 39.99 76.99
C GLY J 126 -64.98 39.02 76.11
N LEU J 127 -65.74 38.11 76.71
CA LEU J 127 -66.50 37.09 75.93
C LEU J 127 -67.58 37.78 75.09
N TYR J 128 -68.28 38.76 75.64
CA TYR J 128 -69.44 39.37 74.92
C TYR J 128 -69.00 40.52 73.99
N ILE J 129 -67.85 41.13 74.23
CA ILE J 129 -67.45 42.34 73.42
C ILE J 129 -67.57 41.99 71.93
N TYR J 130 -66.94 40.89 71.50
CA TYR J 130 -67.07 40.45 70.09
C TYR J 130 -68.52 40.01 69.82
N ASN J 131 -69.10 39.24 70.74
CA ASN J 131 -70.48 38.72 70.51
C ASN J 131 -70.49 38.08 69.11
N GLY J 132 -69.55 37.17 68.83
CA GLY J 132 -69.46 36.61 67.47
C GLY J 132 -69.23 37.72 66.45
N GLU J 133 -68.30 38.64 66.74
CA GLU J 133 -67.99 39.74 65.80
C GLU J 133 -67.50 39.16 64.49
N GLU J 134 -66.88 37.97 64.53
CA GLU J 134 -66.31 37.33 63.32
C GLU J 134 -67.41 36.98 62.30
N LEU J 135 -68.55 36.47 62.77
CA LEU J 135 -69.60 35.98 61.83
C LEU J 135 -70.15 37.10 60.93
N PRO J 136 -70.47 38.32 61.41
CA PRO J 136 -70.87 39.43 60.55
C PRO J 136 -69.68 40.33 60.18
N SER J 137 -69.22 40.28 58.93
CA SER J 137 -68.12 41.18 58.50
C SER J 137 -68.60 42.63 58.63
N ALA J 138 -69.85 42.91 58.24
CA ALA J 138 -70.46 44.26 58.36
C ALA J 138 -69.98 45.15 57.21
N SER J 139 -69.13 44.64 56.32
CA SER J 139 -68.70 45.43 55.13
C SER J 139 -69.11 44.67 53.87
N ASP J 140 -69.13 43.34 53.94
CA ASP J 140 -69.51 42.51 52.76
C ASP J 140 -70.96 42.81 52.37
N ASN J 141 -71.85 42.98 53.37
CA ASN J 141 -73.29 43.19 53.07
C ASN J 141 -73.46 44.48 52.25
N ASP J 142 -72.71 45.53 52.57
CA ASP J 142 -72.79 46.79 51.79
C ASP J 142 -72.36 46.49 50.35
N ILE J 143 -71.23 45.80 50.20
CA ILE J 143 -70.72 45.41 48.84
C ILE J 143 -71.74 44.45 48.21
N THR J 144 -72.39 43.63 49.04
CA THR J 144 -73.41 42.67 48.54
C THR J 144 -74.65 43.45 48.08
N GLU J 145 -74.97 44.56 48.74
CA GLU J 145 -76.13 45.38 48.28
C GLU J 145 -75.88 45.81 46.82
N LEU J 146 -74.65 46.20 46.49
CA LEU J 146 -74.32 46.56 45.09
C LEU J 146 -74.77 45.41 44.17
N GLU J 147 -74.55 44.16 44.59
CA GLU J 147 -74.94 42.99 43.76
C GLU J 147 -76.47 42.98 43.62
N GLU J 148 -77.18 43.20 44.72
CA GLU J 148 -78.65 43.27 44.65
C GLU J 148 -79.07 44.39 43.69
N ARG J 149 -78.39 45.55 43.74
CA ARG J 149 -78.86 46.69 42.92
C ARG J 149 -78.48 46.50 41.44
N ILE J 150 -77.35 45.84 41.15
CA ILE J 150 -77.01 45.56 39.71
C ILE J 150 -77.97 44.49 39.20
N ASN J 151 -78.28 43.48 40.01
CA ASN J 151 -79.28 42.46 39.59
C ASN J 151 -80.65 43.11 39.40
N GLN J 152 -81.03 44.03 40.30
CA GLN J 152 -82.31 44.77 40.09
C GLN J 152 -82.24 45.46 38.73
N PHE J 153 -81.10 46.08 38.41
CA PHE J 153 -81.01 46.84 37.14
C PHE J 153 -81.08 45.82 35.98
N VAL J 154 -80.35 44.70 36.10
CA VAL J 154 -80.40 43.66 35.03
C VAL J 154 -81.84 43.18 34.86
N ASN J 155 -82.49 42.80 35.97
CA ASN J 155 -83.86 42.21 35.88
C ASN J 155 -84.82 43.25 35.30
N LEU J 156 -84.88 44.44 35.90
CA LEU J 156 -85.86 45.46 35.46
C LEU J 156 -85.57 45.82 34.01
N SER J 157 -84.31 45.76 33.58
CA SER J 157 -83.98 45.98 32.15
C SER J 157 -84.60 44.83 31.34
N GLN J 158 -84.38 43.59 31.79
CA GLN J 158 -84.96 42.39 31.12
C GLN J 158 -86.49 42.47 31.21
N GLU J 159 -87.02 43.08 32.28
CA GLU J 159 -88.49 43.29 32.38
C GLU J 159 -88.88 44.36 31.36
N LYS J 160 -88.05 45.38 31.16
CA LYS J 160 -88.37 46.38 30.10
C LYS J 160 -88.37 45.69 28.74
N GLY J 161 -87.60 44.61 28.58
CA GLY J 161 -87.49 43.98 27.26
C GLY J 161 -86.17 44.34 26.60
N ARG J 162 -85.31 45.05 27.32
CA ARG J 162 -83.95 45.35 26.78
C ARG J 162 -82.96 44.42 27.46
N ASP J 163 -82.20 43.64 26.68
CA ASP J 163 -81.31 42.61 27.30
C ASP J 163 -80.24 43.26 28.17
N ALA J 164 -79.99 42.70 29.36
CA ALA J 164 -78.90 43.21 30.22
C ALA J 164 -78.16 42.00 30.81
N THR J 165 -76.83 42.08 30.93
CA THR J 165 -76.06 40.99 31.56
C THR J 165 -75.30 41.55 32.77
N ILE J 166 -75.06 40.74 33.80
CA ILE J 166 -74.43 41.29 35.03
C ILE J 166 -73.03 41.79 34.68
N ASP J 167 -72.29 41.04 33.86
CA ASP J 167 -70.90 41.44 33.51
C ASP J 167 -70.92 42.77 32.74
N LYS J 168 -71.88 42.97 31.83
CA LYS J 168 -71.99 44.28 31.14
C LYS J 168 -72.52 45.35 32.10
N THR J 169 -73.43 44.98 33.01
CA THR J 169 -73.89 45.95 34.03
C THR J 169 -72.66 46.32 34.87
N MET J 170 -71.84 45.33 35.20
CA MET J 170 -70.59 45.58 35.96
C MET J 170 -69.71 46.50 35.12
N ARG J 171 -69.71 46.31 33.79
CA ARG J 171 -68.89 47.15 32.88
C ARG J 171 -69.34 48.61 32.98
N TRP J 172 -70.62 48.84 33.26
CA TRP J 172 -71.09 50.24 33.49
C TRP J 172 -70.25 50.80 34.63
N LEU J 173 -70.18 50.07 35.74
CA LEU J 173 -69.39 50.52 36.92
C LEU J 173 -67.89 50.42 36.56
N LYS J 174 -67.57 49.61 35.55
CA LYS J 174 -66.14 49.41 35.14
C LYS J 174 -65.38 48.88 36.36
N ILE J 175 -65.99 47.95 37.11
CA ILE J 175 -65.33 47.39 38.32
C ILE J 175 -64.69 46.05 37.96
N SER J 176 -63.36 45.94 38.11
CA SER J 176 -62.64 44.69 37.78
C SER J 176 -63.08 43.56 38.72
N ASN J 177 -63.18 43.85 40.02
CA ASN J 177 -63.60 42.84 41.03
C ASN J 177 -64.70 43.43 41.91
N ILE J 178 -65.95 43.00 41.70
CA ILE J 178 -67.07 43.57 42.50
C ILE J 178 -66.78 43.33 43.98
N ASN J 179 -65.98 42.30 44.28
CA ASN J 179 -65.62 42.00 45.70
C ASN J 179 -64.82 43.17 46.26
N LYS J 180 -63.69 43.50 45.64
CA LYS J 180 -62.83 44.57 46.20
C LYS J 180 -63.14 45.89 45.50
N LEU J 181 -63.86 46.78 46.18
CA LEU J 181 -64.14 48.13 45.62
C LEU J 181 -64.17 49.11 46.79
N SER J 182 -63.57 50.30 46.63
CA SER J 182 -63.51 51.24 47.79
C SER J 182 -64.92 51.71 48.14
N GLN J 183 -65.18 52.00 49.41
CA GLN J 183 -66.57 52.34 49.84
C GLN J 183 -67.06 53.57 49.09
N LYS J 184 -66.18 54.55 48.84
CA LYS J 184 -66.58 55.73 48.04
C LYS J 184 -67.01 55.27 46.65
N GLN J 185 -66.27 54.33 46.06
CA GLN J 185 -66.65 53.76 44.73
C GLN J 185 -67.99 53.00 44.83
N ILE J 186 -68.25 52.29 45.94
CA ILE J 186 -69.61 51.65 46.06
C ILE J 186 -70.67 52.75 46.02
N ALA J 187 -70.45 53.85 46.74
CA ALA J 187 -71.42 54.96 46.74
C ALA J 187 -71.51 55.55 45.33
N GLU J 188 -70.36 55.71 44.67
CA GLU J 188 -70.33 56.27 43.30
C GLU J 188 -71.07 55.31 42.35
N ALA J 189 -70.82 54.01 42.51
CA ALA J 189 -71.51 53.01 41.65
C ALA J 189 -73.01 53.07 41.93
N HIS J 190 -73.39 53.10 43.21
CA HIS J 190 -74.84 53.21 43.56
C HIS J 190 -75.44 54.40 42.80
N GLN J 191 -74.71 55.51 42.77
CA GLN J 191 -75.24 56.73 42.11
C GLN J 191 -75.57 56.39 40.64
N LYS J 192 -74.63 55.71 39.98
CA LYS J 192 -74.84 55.33 38.56
C LYS J 192 -76.11 54.48 38.49
N LEU J 193 -76.15 53.35 39.21
CA LEU J 193 -77.34 52.43 39.17
C LEU J 193 -78.63 53.15 39.58
N ASP J 194 -78.64 53.82 40.75
CA ASP J 194 -79.93 54.38 41.23
C ASP J 194 -80.47 55.41 40.23
N ALA J 195 -79.59 56.14 39.55
CA ALA J 195 -80.08 57.04 38.49
C ALA J 195 -80.87 56.22 37.47
N GLY J 196 -80.22 55.26 36.78
CA GLY J 196 -80.89 54.48 35.72
C GLY J 196 -81.98 53.55 36.22
N LEU J 197 -82.06 53.30 37.52
CA LEU J 197 -83.05 52.35 38.10
C LEU J 197 -84.20 53.07 38.81
N LYS J 198 -83.92 54.08 39.62
CA LYS J 198 -85.00 54.73 40.44
C LYS J 198 -86.09 55.35 39.56
N GLN J 199 -85.73 56.09 38.51
CA GLN J 199 -86.77 56.81 37.72
C GLN J 199 -87.84 55.83 37.24
N LEU J 200 -87.46 54.58 36.94
CA LEU J 200 -88.48 53.57 36.56
C LEU J 200 -89.22 53.15 37.83
N ASP J 201 -88.47 52.83 38.89
CA ASP J 201 -89.10 52.45 40.19
C ASP J 201 -90.16 53.51 40.55
N SER J 202 -89.85 54.79 40.32
CA SER J 202 -90.81 55.88 40.62
C SER J 202 -91.88 55.95 39.52
N GLN K 3 -49.48 43.33 99.79
CA GLN K 3 -50.39 43.26 98.62
C GLN K 3 -49.83 42.25 97.62
N THR K 4 -49.50 42.71 96.41
CA THR K 4 -48.98 41.82 95.34
C THR K 4 -48.08 42.64 94.40
N LEU K 5 -47.26 41.97 93.60
CA LEU K 5 -46.30 42.70 92.73
C LEU K 5 -47.06 43.54 91.70
N PHE K 6 -48.06 42.97 91.02
CA PHE K 6 -48.68 43.80 89.95
C PHE K 6 -49.32 45.05 90.57
N GLU K 7 -50.13 44.91 91.63
CA GLU K 7 -50.78 46.12 92.17
C GLU K 7 -49.74 47.14 92.64
N GLN K 8 -48.75 46.73 93.44
CA GLN K 8 -47.70 47.66 93.90
C GLN K 8 -47.09 48.38 92.69
N LEU K 9 -46.58 47.61 91.72
CA LEU K 9 -45.91 48.18 90.52
C LEU K 9 -46.92 49.01 89.73
N ASN K 10 -48.16 48.53 89.60
CA ASN K 10 -49.17 49.24 88.76
C ASN K 10 -49.42 50.62 89.34
N SER K 11 -49.48 50.72 90.68
CA SER K 11 -49.79 52.02 91.34
C SER K 11 -48.51 52.85 91.49
N LYS K 12 -47.97 53.35 90.37
CA LYS K 12 -46.78 54.25 90.41
C LYS K 12 -46.99 55.32 89.33
N ASN K 13 -46.35 56.48 89.46
CA ASN K 13 -46.48 57.50 88.38
C ASN K 13 -45.16 57.58 87.61
N VAL K 14 -45.13 57.04 86.39
CA VAL K 14 -43.91 57.08 85.54
C VAL K 14 -44.08 58.21 84.54
N ASN K 15 -45.09 59.07 84.76
CA ASN K 15 -45.38 60.18 83.81
C ASN K 15 -44.20 61.16 83.75
N ASP K 16 -43.57 61.45 84.88
CA ASP K 16 -42.49 62.47 84.89
C ASP K 16 -41.35 62.02 83.98
N HIS K 17 -40.95 60.75 84.06
CA HIS K 17 -39.85 60.21 83.22
C HIS K 17 -40.42 59.67 81.90
N THR K 18 -40.90 60.55 81.03
CA THR K 18 -41.42 60.13 79.70
C THR K 18 -40.96 61.09 78.61
N GLU K 19 -40.87 60.63 77.37
CA GLU K 19 -40.50 61.50 76.23
C GLU K 19 -41.64 61.49 75.21
N GLN K 20 -42.09 62.66 74.77
CA GLN K 20 -43.17 62.74 73.75
C GLN K 20 -42.53 62.83 72.36
N LYS K 21 -42.39 61.68 71.69
CA LYS K 21 -41.83 61.65 70.32
C LYS K 21 -42.90 61.13 69.37
N ASN K 22 -43.18 61.85 68.29
CA ASN K 22 -44.18 61.38 67.29
C ASN K 22 -45.57 61.39 67.91
N GLY K 23 -45.75 62.06 69.05
CA GLY K 23 -47.05 62.07 69.74
C GLY K 23 -47.29 60.81 70.56
N LEU K 24 -46.24 60.01 70.80
CA LEU K 24 -46.42 58.82 71.68
C LEU K 24 -45.66 59.03 72.99
N THR K 25 -46.02 58.29 74.03
CA THR K 25 -45.37 58.46 75.35
C THR K 25 -44.47 57.25 75.62
N TYR K 26 -43.20 57.47 75.98
CA TYR K 26 -42.25 56.35 76.20
C TYR K 26 -41.54 56.55 77.54
N LEU K 27 -41.48 55.51 78.38
CA LEU K 27 -40.71 55.65 79.65
C LEU K 27 -39.28 55.17 79.40
N ALA K 28 -38.27 55.92 79.84
CA ALA K 28 -36.87 55.58 79.55
C ALA K 28 -36.48 54.26 80.23
N TRP K 29 -35.62 53.47 79.58
CA TRP K 29 -35.20 52.17 80.14
C TRP K 29 -34.46 52.38 81.46
N SER K 30 -33.60 53.42 81.53
CA SER K 30 -32.81 53.66 82.76
C SER K 30 -33.73 53.63 83.98
N TYR K 31 -34.88 54.30 83.91
CA TYR K 31 -35.83 54.35 85.06
C TYR K 31 -36.37 52.94 85.32
N ALA K 32 -36.72 52.21 84.27
CA ALA K 32 -37.25 50.84 84.44
C ALA K 32 -36.18 49.94 85.08
N HIS K 33 -34.93 50.11 84.67
CA HIS K 33 -33.89 49.19 85.20
C HIS K 33 -33.80 49.41 86.71
N GLN K 34 -33.79 50.66 87.14
CA GLN K 34 -33.64 50.99 88.58
C GLN K 34 -34.83 50.45 89.39
N GLU K 35 -36.06 50.74 88.95
CA GLU K 35 -37.25 50.37 89.75
C GLU K 35 -37.21 48.86 90.01
N LEU K 36 -37.13 48.07 88.95
CA LEU K 36 -37.12 46.60 89.11
C LEU K 36 -35.96 46.23 90.04
N LYS K 37 -34.76 46.74 89.76
CA LYS K 37 -33.59 46.44 90.63
C LYS K 37 -33.93 46.70 92.10
N LYS K 38 -34.65 47.78 92.40
CA LYS K 38 -35.04 48.04 93.80
C LYS K 38 -35.99 46.91 94.26
N ILE K 39 -37.04 46.65 93.49
CA ILE K 39 -38.04 45.60 93.86
C ILE K 39 -37.30 44.27 94.03
N ASP K 40 -36.39 43.94 93.12
CA ASP K 40 -35.67 42.65 93.16
C ASP K 40 -34.19 42.89 92.86
N PRO K 41 -33.25 42.69 93.82
CA PRO K 41 -31.85 42.98 93.54
C PRO K 41 -31.31 42.13 92.39
N ASN K 42 -31.75 40.88 92.29
CA ASN K 42 -31.23 39.96 91.24
C ASN K 42 -32.35 39.60 90.25
N TYR K 43 -32.44 40.36 89.15
CA TYR K 43 -33.41 39.95 88.11
C TYR K 43 -32.61 39.71 86.82
N THR K 44 -33.24 39.13 85.81
CA THR K 44 -32.58 38.76 84.57
C THR K 44 -33.31 39.36 83.37
N VAL K 45 -32.53 39.90 82.44
CA VAL K 45 -33.04 40.35 81.14
C VAL K 45 -32.30 39.56 80.07
N LYS K 46 -33.05 38.89 79.20
CA LYS K 46 -32.48 38.03 78.17
C LYS K 46 -33.04 38.44 76.82
N VAL K 47 -32.15 38.72 75.86
CA VAL K 47 -32.55 39.05 74.50
C VAL K 47 -32.38 37.79 73.65
N HIS K 48 -33.48 37.28 73.12
CA HIS K 48 -33.40 35.99 72.39
C HIS K 48 -32.61 36.14 71.10
N GLU K 49 -31.91 35.08 70.72
CA GLU K 49 -31.07 35.08 69.50
C GLU K 49 -31.62 34.04 68.53
N PHE K 50 -31.75 34.35 67.24
CA PHE K 50 -32.39 33.37 66.32
C PHE K 50 -31.50 33.17 65.10
N PRO K 51 -31.26 31.94 64.57
CA PRO K 51 -30.36 31.80 63.42
C PRO K 51 -30.80 32.72 62.27
N HIS K 52 -29.92 33.63 61.85
CA HIS K 52 -30.29 34.59 60.76
C HIS K 52 -30.50 33.80 59.47
N PRO K 53 -31.57 34.07 58.69
CA PRO K 53 -31.88 33.26 57.50
C PRO K 53 -30.85 33.30 56.36
N ASP K 54 -30.60 34.47 55.77
CA ASP K 54 -29.72 34.59 54.58
C ASP K 54 -28.34 33.98 54.83
N ILE K 55 -27.70 34.39 55.93
CA ILE K 55 -26.35 33.87 56.25
C ILE K 55 -26.39 32.34 56.32
N ASN K 56 -27.23 31.80 57.20
CA ASN K 56 -27.37 30.32 57.32
C ASN K 56 -25.99 29.73 57.61
N THR K 57 -25.20 30.38 58.48
CA THR K 57 -23.89 29.81 58.89
C THR K 57 -24.08 29.02 60.18
N GLU K 58 -23.44 27.85 60.29
CA GLU K 58 -23.63 27.00 61.50
C GLU K 58 -23.12 27.76 62.73
N ASN K 59 -23.88 27.71 63.82
CA ASN K 59 -23.45 28.37 65.10
C ASN K 59 -23.52 29.88 64.94
N TYR K 60 -24.15 30.37 63.87
CA TYR K 60 -24.33 31.84 63.69
C TYR K 60 -25.71 32.24 64.20
N PHE K 61 -25.77 32.96 65.32
CA PHE K 61 -27.08 33.39 65.89
C PHE K 61 -27.10 34.92 66.10
N VAL K 62 -27.82 35.64 65.24
CA VAL K 62 -27.97 37.12 65.41
C VAL K 62 -28.97 37.38 66.54
N PRO K 63 -29.06 38.60 67.15
CA PRO K 63 -29.97 38.79 68.29
C PRO K 63 -31.40 39.19 67.87
N TYR K 64 -31.71 39.18 66.58
CA TYR K 64 -33.06 39.61 66.11
C TYR K 64 -33.53 38.76 64.92
N LEU K 65 -34.84 38.64 64.74
CA LEU K 65 -35.40 37.89 63.59
C LEU K 65 -35.21 38.70 62.31
N ALA K 66 -34.84 38.03 61.21
CA ALA K 66 -34.75 38.73 59.91
C ALA K 66 -35.70 38.00 58.95
N THR K 67 -36.65 38.73 58.35
CA THR K 67 -37.65 38.08 57.48
C THR K 67 -37.86 38.93 56.23
N PRO K 68 -38.31 38.37 55.09
CA PRO K 68 -38.62 39.17 53.91
C PRO K 68 -39.70 40.16 54.32
N GLU K 69 -40.68 39.70 55.11
CA GLU K 69 -41.76 40.60 55.59
C GLU K 69 -41.17 41.73 56.42
N GLY K 70 -40.18 41.45 57.28
CA GLY K 70 -39.54 42.57 58.02
C GLY K 70 -38.60 42.10 59.12
N TYR K 71 -38.70 42.69 60.32
CA TYR K 71 -37.77 42.36 61.43
C TYR K 71 -38.49 42.29 62.78
N PHE K 72 -38.11 41.28 63.59
CA PHE K 72 -38.76 41.10 64.90
C PHE K 72 -37.70 40.95 66.00
N VAL K 73 -38.00 41.43 67.20
CA VAL K 73 -37.13 41.32 68.36
C VAL K 73 -37.93 40.70 69.50
N GLN K 74 -37.20 40.10 70.43
CA GLN K 74 -37.83 39.45 71.58
C GLN K 74 -36.99 39.72 72.84
N VAL K 75 -37.67 40.02 73.94
CA VAL K 75 -37.02 40.29 75.21
C VAL K 75 -37.79 39.57 76.31
N SER K 76 -37.07 38.83 77.16
CA SER K 76 -37.70 38.09 78.29
C SER K 76 -37.20 38.62 79.62
N VAL K 77 -38.07 39.25 80.41
CA VAL K 77 -37.73 39.87 81.69
C VAL K 77 -38.23 38.97 82.81
N THR K 78 -37.32 38.51 83.66
CA THR K 78 -37.74 37.70 84.82
C THR K 78 -37.62 38.56 86.08
N VAL K 79 -38.73 39.15 86.53
CA VAL K 79 -38.71 39.95 87.79
C VAL K 79 -39.15 39.04 88.93
N LYS K 80 -38.29 38.86 89.94
CA LYS K 80 -38.60 37.89 91.02
C LYS K 80 -38.87 36.54 90.38
N ASP K 81 -39.81 35.78 90.94
CA ASP K 81 -40.21 34.48 90.35
C ASP K 81 -40.88 34.70 88.99
N SER K 82 -41.69 35.76 88.85
CA SER K 82 -42.46 35.95 87.60
C SER K 82 -41.55 36.14 86.38
N THR K 83 -41.93 35.57 85.25
CA THR K 83 -41.14 35.73 83.99
C THR K 83 -42.13 36.04 82.86
N GLU K 84 -41.67 36.70 81.78
CA GLU K 84 -42.61 37.05 80.69
C GLU K 84 -41.80 37.51 79.47
N THR K 85 -42.44 37.63 78.29
CA THR K 85 -41.69 37.94 77.05
C THR K 85 -42.50 38.91 76.19
N GLU K 86 -41.84 39.71 75.36
CA GLU K 86 -42.57 40.73 74.55
C GLU K 86 -42.07 40.70 73.11
N TRP K 87 -42.97 40.92 72.15
CA TRP K 87 -42.59 40.99 70.72
C TRP K 87 -42.69 42.44 70.25
N LEU K 88 -41.61 42.97 69.65
CA LEU K 88 -41.65 44.37 69.14
C LEU K 88 -41.26 44.37 67.65
N PRO K 89 -42.03 45.04 66.76
CA PRO K 89 -41.65 45.15 65.36
C PRO K 89 -40.73 46.36 65.11
N VAL K 90 -39.61 46.14 64.43
CA VAL K 90 -38.63 47.25 64.20
C VAL K 90 -39.32 48.33 63.36
N LEU K 91 -39.16 49.60 63.73
CA LEU K 91 -39.87 50.71 63.01
C LEU K 91 -38.91 51.86 62.72
N ASP K 92 -39.22 52.69 61.71
CA ASP K 92 -38.39 53.87 61.39
C ASP K 92 -38.52 54.92 62.50
N PHE K 93 -37.73 55.99 62.42
CA PHE K 93 -37.90 57.11 63.39
C PHE K 93 -39.27 57.75 63.20
N ARG K 94 -39.96 57.42 62.09
CA ARG K 94 -41.34 57.93 61.85
C ARG K 94 -42.36 56.85 62.21
N ASN K 95 -41.92 55.81 62.93
CA ASN K 95 -42.83 54.67 63.26
C ASN K 95 -43.40 54.06 61.98
N LYS K 96 -42.54 53.75 61.00
CA LYS K 96 -42.98 53.04 59.78
C LYS K 96 -42.19 51.73 59.71
N SER K 97 -42.67 50.74 58.98
CA SER K 97 -42.01 49.41 58.96
C SER K 97 -40.72 49.45 58.15
N LEU K 98 -39.76 48.56 58.45
CA LEU K 98 -38.50 48.47 57.66
C LEU K 98 -38.46 47.14 56.93
N ALA K 99 -38.31 47.17 55.60
CA ALA K 99 -38.35 45.93 54.79
C ALA K 99 -37.01 45.22 54.87
N LYS K 100 -36.95 43.96 54.44
CA LYS K 100 -35.70 43.17 54.58
C LYS K 100 -34.57 43.86 53.80
N GLY K 101 -33.45 44.15 54.46
CA GLY K 101 -32.32 44.85 53.82
C GLY K 101 -32.39 46.36 53.94
N SER K 102 -33.34 46.91 54.68
CA SER K 102 -33.36 48.38 54.86
C SER K 102 -33.11 48.80 56.33
N ALA K 103 -32.79 47.84 57.20
CA ALA K 103 -32.64 48.18 58.64
C ALA K 103 -31.17 48.44 58.96
N THR K 104 -30.91 49.19 60.02
CA THR K 104 -29.52 49.45 60.45
C THR K 104 -29.38 48.93 61.88
N THR K 105 -28.18 48.51 62.25
CA THR K 105 -27.99 47.93 63.61
C THR K 105 -28.53 48.89 64.68
N PHE K 106 -28.46 50.20 64.43
CA PHE K 106 -28.97 51.20 65.40
C PHE K 106 -30.48 51.00 65.56
N ASP K 107 -31.17 50.77 64.44
CA ASP K 107 -32.63 50.53 64.51
C ASP K 107 -32.90 49.32 65.40
N ILE K 108 -32.07 48.29 65.30
CA ILE K 108 -32.34 47.04 66.07
C ILE K 108 -32.13 47.34 67.57
N ASN K 109 -31.06 48.06 67.92
CA ASN K 109 -30.79 48.27 69.36
C ASN K 109 -31.92 49.13 69.97
N LYS K 110 -32.37 50.17 69.25
CA LYS K 110 -33.48 50.96 69.77
C LYS K 110 -34.71 50.10 70.00
N ALA K 111 -34.99 49.21 69.03
CA ALA K 111 -36.15 48.30 69.17
C ALA K 111 -35.94 47.42 70.40
N GLN K 112 -34.72 46.90 70.59
CA GLN K 112 -34.44 46.03 71.73
C GLN K 112 -34.69 46.75 73.05
N LYS K 113 -34.21 47.99 73.17
CA LYS K 113 -34.46 48.75 74.39
C LYS K 113 -35.95 49.00 74.60
N ARG K 114 -36.66 49.37 73.54
CA ARG K 114 -38.10 49.61 73.66
C ARG K 114 -38.84 48.35 74.07
N CYS K 115 -38.47 47.20 73.50
CA CYS K 115 -39.15 45.93 73.87
C CYS K 115 -38.92 45.61 75.36
N PHE K 116 -37.78 46.03 75.91
CA PHE K 116 -37.48 45.83 77.35
C PHE K 116 -38.52 46.54 78.20
N VAL K 117 -38.73 47.84 77.96
CA VAL K 117 -39.69 48.61 78.80
C VAL K 117 -41.09 48.01 78.61
N LYS K 118 -41.42 47.59 77.39
CA LYS K 118 -42.74 46.95 77.13
C LYS K 118 -42.83 45.64 77.92
N ALA K 119 -41.74 44.87 77.98
CA ALA K 119 -41.72 43.64 78.79
C ALA K 119 -41.91 44.02 80.27
N SER K 120 -41.26 45.11 80.70
CA SER K 120 -41.45 45.60 82.09
C SER K 120 -42.90 46.02 82.26
N ALA K 121 -43.50 46.60 81.22
CA ALA K 121 -44.89 47.09 81.28
C ALA K 121 -45.84 45.92 81.56
N LEU K 122 -45.45 44.71 81.17
CA LEU K 122 -46.30 43.52 81.47
C LEU K 122 -46.48 43.45 82.99
N HIS K 123 -45.40 43.62 83.75
CA HIS K 123 -45.48 43.68 85.23
C HIS K 123 -46.20 44.99 85.48
N GLY K 124 -46.62 45.28 86.70
CA GLY K 124 -47.46 46.48 86.90
C GLY K 124 -46.83 47.78 86.44
N LEU K 125 -45.51 47.93 86.51
CA LEU K 125 -44.89 49.25 86.24
C LEU K 125 -45.28 49.86 84.89
N GLY K 126 -45.85 51.08 84.88
CA GLY K 126 -46.14 51.82 83.64
C GLY K 126 -47.02 51.09 82.63
N LEU K 127 -47.90 50.20 83.07
CA LEU K 127 -48.79 49.54 82.08
C LEU K 127 -49.71 50.57 81.41
N TYR K 128 -50.14 51.59 82.16
CA TYR K 128 -51.11 52.57 81.58
C TYR K 128 -50.51 53.20 80.31
N ILE K 129 -49.20 53.48 80.31
CA ILE K 129 -48.54 54.04 79.09
C ILE K 129 -48.63 53.03 77.95
N TYR K 130 -48.39 51.75 78.24
CA TYR K 130 -48.34 50.72 77.16
C TYR K 130 -49.59 49.83 77.23
N GLN L 3 -26.83 48.25 103.04
CA GLN L 3 -27.91 48.51 102.06
C GLN L 3 -27.89 47.42 100.99
N THR L 4 -27.64 47.81 99.72
CA THR L 4 -27.63 46.84 98.60
C THR L 4 -26.71 47.37 97.50
N LEU L 5 -26.28 46.50 96.57
CA LEU L 5 -25.32 46.93 95.52
C LEU L 5 -25.94 48.01 94.64
N PHE L 6 -27.17 47.82 94.17
CA PHE L 6 -27.69 48.83 93.20
C PHE L 6 -27.78 50.19 93.91
N GLU L 7 -28.38 50.26 95.11
CA GLU L 7 -28.52 51.61 95.73
C GLU L 7 -27.15 52.23 95.98
N GLN L 8 -26.22 51.50 96.60
CA GLN L 8 -24.85 52.05 96.84
C GLN L 8 -24.28 52.56 95.52
N LEU L 9 -24.21 51.72 94.50
CA LEU L 9 -23.62 52.10 93.19
C LEU L 9 -24.44 53.24 92.57
N ASN L 10 -25.77 53.17 92.67
CA ASN L 10 -26.64 54.19 92.01
C ASN L 10 -26.33 55.57 92.62
N SER L 11 -26.12 55.62 93.94
CA SER L 11 -25.89 56.92 94.61
C SER L 11 -24.41 57.31 94.52
N LYS L 12 -23.94 57.66 93.31
CA LYS L 12 -22.55 58.15 93.12
C LYS L 12 -22.60 59.26 92.07
N ASN L 13 -21.62 60.17 92.06
CA ASN L 13 -21.61 61.21 91.00
C ASN L 13 -20.49 60.90 90.01
N VAL L 14 -20.85 60.42 88.81
CA VAL L 14 -19.84 60.12 87.76
C VAL L 14 -19.84 61.29 86.78
N ASN L 15 -20.47 62.40 87.15
CA ASN L 15 -20.55 63.59 86.26
C ASN L 15 -19.16 64.14 85.97
N ASP L 16 -18.28 64.19 86.97
CA ASP L 16 -16.94 64.82 86.75
C ASP L 16 -16.18 64.07 85.67
N HIS L 17 -16.21 62.73 85.70
CA HIS L 17 -15.49 61.92 84.68
C HIS L 17 -16.42 61.63 83.50
N THR L 18 -16.75 62.66 82.71
CA THR L 18 -17.61 62.47 81.51
C THR L 18 -17.07 63.28 80.34
N GLU L 19 -17.34 62.85 79.11
CA GLU L 19 -16.94 63.61 77.90
C GLU L 19 -18.18 64.00 77.10
N GLN L 20 -18.31 65.27 76.73
CA GLN L 20 -19.47 65.72 75.92
C GLN L 20 -19.09 65.66 74.43
N LYS L 21 -19.41 64.55 73.77
CA LYS L 21 -19.13 64.42 72.31
C LYS L 21 -20.45 64.23 71.56
N ASN L 22 -20.73 65.09 70.57
CA ASN L 22 -21.98 64.99 69.77
C ASN L 22 -23.17 65.42 70.64
N GLY L 23 -22.92 66.06 71.78
CA GLY L 23 -24.01 66.44 72.69
C GLY L 23 -24.49 65.30 73.56
N LEU L 24 -23.73 64.20 73.63
CA LEU L 24 -24.11 63.09 74.55
C LEU L 24 -23.09 63.01 75.69
N THR L 25 -23.48 62.38 76.80
CA THR L 25 -22.58 62.28 77.98
C THR L 25 -22.08 60.83 78.11
N TYR L 26 -20.76 60.65 78.21
CA TYR L 26 -20.18 59.29 78.28
C TYR L 26 -19.25 59.20 79.50
N LEU L 27 -19.33 58.15 80.31
CA LEU L 27 -18.36 58.00 81.42
C LEU L 27 -17.22 57.10 80.92
N ALA L 28 -15.97 57.49 81.16
CA ALA L 28 -14.81 56.73 80.62
C ALA L 28 -14.74 55.34 81.24
N TRP L 29 -14.31 54.34 80.47
CA TRP L 29 -14.22 52.95 80.98
C TRP L 29 -13.23 52.87 82.13
N SER L 30 -12.10 53.58 82.04
CA SER L 30 -11.07 53.51 83.10
C SER L 30 -11.74 53.70 84.46
N TYR L 31 -12.58 54.73 84.58
CA TYR L 31 -13.26 55.02 85.87
C TYR L 31 -14.15 53.84 86.27
N ALA L 32 -14.90 53.30 85.30
CA ALA L 32 -15.80 52.15 85.58
C ALA L 32 -14.97 50.95 86.04
N HIS L 33 -13.82 50.74 85.42
CA HIS L 33 -13.04 49.52 85.76
C HIS L 33 -12.61 49.63 87.22
N GLN L 34 -12.16 50.81 87.64
CA GLN L 34 -11.63 50.96 89.03
C GLN L 34 -12.78 50.84 90.04
N GLU L 35 -13.89 51.53 89.82
CA GLU L 35 -15.00 51.51 90.81
C GLU L 35 -15.40 50.06 91.11
N LEU L 36 -15.75 49.32 90.07
CA LEU L 36 -16.18 47.91 90.24
C LEU L 36 -15.05 47.16 90.95
N LYS L 37 -13.81 47.35 90.48
CA LYS L 37 -12.63 46.65 91.08
C LYS L 37 -12.59 46.90 92.59
N LYS L 38 -12.90 48.13 93.01
CA LYS L 38 -12.96 48.45 94.46
C LYS L 38 -14.11 47.66 95.09
N ILE L 39 -15.31 47.76 94.53
CA ILE L 39 -16.50 47.06 95.10
C ILE L 39 -16.20 45.56 95.16
N ASP L 40 -15.61 45.01 94.09
CA ASP L 40 -15.34 43.55 94.05
C ASP L 40 -13.93 43.33 93.48
N PRO L 41 -12.95 42.81 94.25
CA PRO L 41 -11.60 42.66 93.72
C PRO L 41 -11.58 41.73 92.50
N ASN L 42 -12.39 40.68 92.52
CA ASN L 42 -12.38 39.69 91.40
C ASN L 42 -13.71 39.74 90.64
N TYR L 43 -13.75 40.45 89.51
CA TYR L 43 -14.94 40.50 88.67
C TYR L 43 -14.54 40.25 87.23
N THR L 44 -15.49 39.74 86.44
CA THR L 44 -15.21 39.23 85.10
C THR L 44 -15.90 40.08 84.05
N VAL L 45 -15.18 40.38 82.98
CA VAL L 45 -15.73 41.00 81.78
C VAL L 45 -15.48 40.07 80.61
N LYS L 46 -16.55 39.70 79.90
CA LYS L 46 -16.47 38.76 78.80
C LYS L 46 -17.10 39.37 77.57
N VAL L 47 -16.35 39.40 76.47
CA VAL L 47 -16.87 39.89 75.20
C VAL L 47 -17.25 38.68 74.35
N HIS L 48 -18.54 38.55 74.04
CA HIS L 48 -19.01 37.34 73.32
C HIS L 48 -18.44 37.28 71.91
N GLU L 49 -18.20 36.07 71.42
CA GLU L 49 -17.62 35.86 70.08
C GLU L 49 -18.62 35.06 69.25
N PHE L 50 -18.89 35.46 68.00
CA PHE L 50 -19.95 34.77 67.23
C PHE L 50 -19.40 34.34 65.88
N PRO L 51 -19.66 33.13 65.34
CA PRO L 51 -19.07 32.76 64.05
C PRO L 51 -19.39 33.81 62.97
N HIS L 52 -18.37 34.42 62.37
CA HIS L 52 -18.59 35.48 61.35
C HIS L 52 -19.27 34.84 60.15
N PRO L 53 -20.34 35.45 59.57
CA PRO L 53 -21.07 34.84 58.47
C PRO L 53 -20.30 34.60 57.16
N ASP L 54 -19.81 35.65 56.52
CA ASP L 54 -19.17 35.54 55.18
C ASP L 54 -18.02 34.53 55.19
N ILE L 55 -17.10 34.66 56.14
CA ILE L 55 -15.94 33.74 56.22
C ILE L 55 -16.45 32.31 56.33
N ASN L 56 -17.24 32.02 57.35
CA ASN L 56 -17.82 30.66 57.53
C ASN L 56 -16.66 29.64 57.59
N THR L 57 -15.58 29.99 58.28
CA THR L 57 -14.45 29.03 58.45
C THR L 57 -14.66 28.28 59.77
N GLU L 58 -14.41 26.97 59.80
CA GLU L 58 -14.63 26.16 61.02
C GLU L 58 -13.70 26.67 62.13
N ASN L 59 -14.23 26.84 63.34
CA ASN L 59 -13.40 27.27 64.51
C ASN L 59 -13.01 28.74 64.33
N TYR L 60 -13.65 29.44 63.39
CA TYR L 60 -13.38 30.89 63.22
C TYR L 60 -14.46 31.70 63.96
N PHE L 61 -14.08 32.35 65.06
CA PHE L 61 -15.06 33.15 65.85
C PHE L 61 -14.57 34.59 66.02
N VAL L 62 -15.17 35.54 65.30
CA VAL L 62 -14.81 36.98 65.47
C VAL L 62 -15.46 37.50 66.76
N PRO L 63 -15.07 38.64 67.35
CA PRO L 63 -15.64 39.08 68.62
C PRO L 63 -16.93 39.92 68.47
N TYR L 64 -17.45 40.05 67.24
CA TYR L 64 -18.65 40.90 67.03
C TYR L 64 -19.57 40.30 65.96
N LEU L 65 -20.86 40.59 66.02
CA LEU L 65 -21.83 40.10 65.01
C LEU L 65 -21.61 40.85 63.69
N ALA L 66 -21.67 40.14 62.56
CA ALA L 66 -21.61 40.83 61.25
C ALA L 66 -22.89 40.48 60.49
N THR L 67 -23.68 41.49 60.10
CA THR L 67 -24.98 41.22 59.42
C THR L 67 -25.13 42.15 58.21
N PRO L 68 -25.91 41.78 57.16
CA PRO L 68 -26.14 42.69 56.04
C PRO L 68 -26.77 43.97 56.61
N GLU L 69 -27.68 43.80 57.58
CA GLU L 69 -28.33 44.97 58.23
C GLU L 69 -27.26 45.83 58.92
N GLY L 70 -26.28 45.22 59.59
CA GLY L 70 -25.22 46.05 60.19
C GLY L 70 -24.29 45.27 61.10
N TYR L 71 -23.99 45.82 62.29
CA TYR L 71 -23.02 45.17 63.22
C TYR L 71 -23.47 45.26 64.68
N PHE L 72 -23.30 44.16 65.42
CA PHE L 72 -23.71 44.14 66.84
C PHE L 72 -22.57 43.65 67.72
N VAL L 73 -22.50 44.15 68.95
CA VAL L 73 -21.51 43.71 69.94
C VAL L 73 -22.25 43.32 71.21
N GLN L 74 -21.60 42.49 72.02
CA GLN L 74 -22.17 42.03 73.27
C GLN L 74 -21.10 41.97 74.34
N VAL L 75 -21.44 42.43 75.54
CA VAL L 75 -20.52 42.43 76.68
C VAL L 75 -21.27 41.94 77.90
N SER L 76 -20.68 40.99 78.63
CA SER L 76 -21.31 40.44 79.86
C SER L 76 -20.43 40.73 81.08
N VAL L 77 -20.90 41.57 82.00
CA VAL L 77 -20.16 42.00 83.18
C VAL L 77 -20.72 41.27 84.40
N THR L 78 -19.86 40.52 85.07
CA THR L 78 -20.30 39.82 86.31
C THR L 78 -19.70 40.55 87.51
N VAL L 79 -20.47 41.44 88.13
CA VAL L 79 -19.98 42.15 89.35
C VAL L 79 -20.46 41.37 90.58
N LYS L 80 -19.54 40.90 91.42
CA LYS L 80 -19.94 40.04 92.55
C LYS L 80 -20.74 38.86 92.00
N ASP L 81 -21.75 38.41 92.73
CA ASP L 81 -22.64 37.33 92.25
C ASP L 81 -23.43 37.80 91.03
N SER L 82 -23.88 39.05 91.02
CA SER L 82 -24.77 39.54 89.92
C SER L 82 -24.06 39.48 88.56
N THR L 83 -24.80 39.09 87.52
CA THR L 83 -24.24 39.05 86.14
C THR L 83 -25.26 39.68 85.20
N GLU L 84 -24.82 40.21 84.05
CA GLU L 84 -25.77 40.89 83.13
C GLU L 84 -25.09 41.12 81.78
N THR L 85 -25.87 41.48 80.74
CA THR L 85 -25.29 41.59 79.38
C THR L 85 -25.90 42.79 78.66
N GLU L 86 -25.20 43.35 77.67
CA GLU L 86 -25.70 44.56 76.96
C GLU L 86 -25.44 44.46 75.45
N TRP L 87 -26.32 45.01 74.62
CA TRP L 87 -26.14 45.03 73.14
C TRP L 87 -25.87 46.47 72.68
N LEU L 88 -24.82 46.68 71.88
CA LEU L 88 -24.58 48.05 71.35
C LEU L 88 -24.34 47.98 69.83
N PRO L 89 -25.06 48.77 69.00
CA PRO L 89 -24.81 48.80 67.56
C PRO L 89 -23.51 49.55 67.27
N VAL L 90 -22.78 49.13 66.23
CA VAL L 90 -21.56 49.89 65.83
C VAL L 90 -22.01 51.15 65.09
N LEU L 91 -21.53 52.33 65.50
CA LEU L 91 -21.99 53.60 64.88
C LEU L 91 -20.80 54.44 64.40
N ASP L 92 -21.02 55.38 63.48
CA ASP L 92 -19.96 56.31 63.02
C ASP L 92 -19.60 57.29 64.12
N PHE L 93 -18.53 58.06 63.92
CA PHE L 93 -18.15 59.13 64.89
C PHE L 93 -19.28 60.17 64.94
N ARG L 94 -20.21 60.12 63.98
CA ARG L 94 -21.38 61.03 63.98
C ARG L 94 -22.61 60.32 64.55
N ASN L 95 -22.40 59.17 65.19
CA ASN L 95 -23.55 58.37 65.69
C ASN L 95 -24.50 58.00 64.54
N LYS L 96 -23.97 57.49 63.45
CA LYS L 96 -24.81 56.99 62.33
C LYS L 96 -24.50 55.50 62.15
N SER L 97 -25.40 54.74 61.52
CA SER L 97 -25.19 53.28 61.42
C SER L 97 -24.10 52.95 60.39
N LEU L 98 -23.46 51.78 60.54
CA LEU L 98 -22.44 51.34 59.54
C LEU L 98 -22.96 50.10 58.83
N ALA L 99 -23.05 50.13 57.49
CA ALA L 99 -23.61 49.00 56.73
C ALA L 99 -22.57 47.90 56.57
N LYS L 100 -22.99 46.70 56.17
CA LYS L 100 -22.05 45.56 56.09
C LYS L 100 -20.91 45.89 55.11
N GLY L 101 -19.65 45.79 55.55
CA GLY L 101 -18.50 46.12 54.71
C GLY L 101 -18.07 47.57 54.81
N SER L 102 -18.65 48.36 55.69
CA SER L 102 -18.17 49.76 55.85
C SER L 102 -17.55 50.02 57.24
N ALA L 103 -17.40 48.98 58.06
CA ALA L 103 -16.90 49.19 59.44
C ALA L 103 -15.39 48.97 59.48
N THR L 104 -14.71 49.57 60.47
CA THR L 104 -13.25 49.37 60.63
C THR L 104 -13.01 48.81 62.03
N THR L 105 -12.01 47.94 62.18
CA THR L 105 -11.75 47.32 63.50
C THR L 105 -11.84 48.38 64.61
N PHE L 106 -11.33 49.59 64.34
CA PHE L 106 -11.33 50.65 65.37
C PHE L 106 -12.77 50.92 65.80
N ASP L 107 -13.69 50.97 64.83
CA ASP L 107 -15.12 51.20 65.16
C ASP L 107 -15.59 50.10 66.12
N ILE L 108 -15.14 48.86 65.89
CA ILE L 108 -15.66 47.74 66.73
C ILE L 108 -15.10 47.90 68.14
N ASN L 109 -13.82 48.23 68.28
CA ASN L 109 -13.25 48.29 69.65
C ASN L 109 -13.92 49.43 70.42
N LYS L 110 -14.14 50.58 69.78
CA LYS L 110 -14.83 51.67 70.48
C LYS L 110 -16.21 51.23 70.94
N ALA L 111 -16.94 50.51 70.09
CA ALA L 111 -18.26 50.01 70.46
C ALA L 111 -18.15 49.01 71.60
N GLN L 112 -17.12 48.17 71.60
CA GLN L 112 -16.94 47.21 72.68
C GLN L 112 -16.71 47.92 74.00
N LYS L 113 -15.85 48.95 74.01
CA LYS L 113 -15.62 49.69 75.25
C LYS L 113 -16.90 50.39 75.72
N ARG L 114 -17.63 51.00 74.78
CA ARG L 114 -18.89 51.70 75.13
C ARG L 114 -19.87 50.68 75.75
N CYS L 115 -20.01 49.51 75.13
CA CYS L 115 -20.96 48.50 75.64
C CYS L 115 -20.60 48.07 77.07
N PHE L 116 -19.30 48.09 77.39
CA PHE L 116 -18.82 47.75 78.75
C PHE L 116 -19.43 48.72 79.77
N VAL L 117 -19.27 50.02 79.55
CA VAL L 117 -19.77 51.02 80.54
C VAL L 117 -21.30 50.93 80.60
N LYS L 118 -21.95 50.57 79.48
CA LYS L 118 -23.41 50.35 79.50
C LYS L 118 -23.69 49.14 80.40
N ALA L 119 -22.83 48.13 80.39
CA ALA L 119 -23.04 47.02 81.33
C ALA L 119 -22.86 47.55 82.76
N SER L 120 -21.88 48.43 82.97
CA SER L 120 -21.73 49.07 84.31
C SER L 120 -23.00 49.89 84.59
N ALA L 121 -23.55 50.54 83.56
CA ALA L 121 -24.78 51.35 83.70
C ALA L 121 -25.92 50.46 84.17
N LEU L 122 -25.98 49.22 83.67
CA LEU L 122 -27.01 48.27 84.15
C LEU L 122 -26.79 48.13 85.65
N HIS L 123 -25.52 48.08 86.08
CA HIS L 123 -25.25 48.09 87.55
C HIS L 123 -25.57 49.51 88.02
N GLY L 124 -25.67 49.71 89.34
CA GLY L 124 -26.07 51.04 89.86
C GLY L 124 -25.18 52.15 89.31
N LEU L 125 -23.90 51.87 89.07
CA LEU L 125 -22.97 52.93 88.60
C LEU L 125 -23.41 53.46 87.24
N GLY L 126 -23.44 54.79 87.08
CA GLY L 126 -23.78 55.38 85.76
C GLY L 126 -25.13 54.94 85.25
N LEU L 127 -26.10 54.69 86.14
CA LEU L 127 -27.48 54.35 85.70
C LEU L 127 -28.11 55.57 85.03
N TYR L 128 -27.94 56.76 85.62
CA TYR L 128 -28.65 57.97 85.11
C TYR L 128 -27.84 58.73 84.06
N ILE L 129 -26.61 58.29 83.76
CA ILE L 129 -25.78 59.12 82.83
C ILE L 129 -26.49 59.19 81.47
N TYR L 130 -27.02 58.07 80.98
CA TYR L 130 -27.77 58.08 79.70
C TYR L 130 -29.05 58.91 79.87
N ASN L 131 -29.76 58.74 80.98
CA ASN L 131 -30.96 59.58 81.28
C ASN L 131 -31.92 59.49 80.08
N GLY L 132 -32.05 58.31 79.47
CA GLY L 132 -33.00 58.13 78.37
C GLY L 132 -32.76 59.07 77.19
N GLU L 133 -31.50 59.39 76.89
CA GLU L 133 -31.19 60.26 75.73
C GLU L 133 -31.31 59.42 74.45
N GLU L 134 -31.48 58.10 74.59
CA GLU L 134 -31.59 57.19 73.42
C GLU L 134 -33.01 57.21 72.85
N LEU L 135 -34.00 57.62 73.65
CA LEU L 135 -35.42 57.61 73.21
C LEU L 135 -35.75 58.78 72.29
N PRO L 136 -35.21 60.01 72.48
CA PRO L 136 -35.45 61.12 71.55
C PRO L 136 -34.92 60.78 70.14
N SER L 137 -35.55 61.36 69.10
CA SER L 137 -35.19 61.03 67.70
C SER L 137 -34.00 61.88 67.23
N ALA L 138 -33.39 62.66 68.13
CA ALA L 138 -32.24 63.52 67.76
C ALA L 138 -32.68 64.53 66.68
N SER L 139 -33.88 65.10 66.81
CA SER L 139 -34.37 66.17 65.90
C SER L 139 -34.64 65.69 64.47
N ASP L 140 -34.55 64.38 64.18
CA ASP L 140 -34.94 63.95 62.81
C ASP L 140 -36.47 63.96 62.77
N ASN L 141 -37.11 64.09 63.93
CA ASN L 141 -38.60 64.26 63.95
C ASN L 141 -38.88 65.57 63.22
N ASP L 142 -37.99 66.55 63.36
CA ASP L 142 -38.15 67.84 62.62
C ASP L 142 -38.03 67.49 61.13
N ILE L 143 -37.15 66.56 60.78
CA ILE L 143 -37.10 66.09 59.37
C ILE L 143 -38.46 65.46 59.06
N THR L 144 -39.06 64.74 60.03
CA THR L 144 -40.43 64.22 59.81
C THR L 144 -41.41 65.40 59.71
N GLU L 145 -41.15 66.50 60.42
CA GLU L 145 -42.02 67.69 60.28
C GLU L 145 -42.03 68.12 58.81
N LEU L 146 -40.86 68.12 58.17
CA LEU L 146 -40.80 68.47 56.72
C LEU L 146 -41.83 67.61 55.96
N GLU L 147 -41.94 66.32 56.31
CA GLU L 147 -42.90 65.43 55.63
C GLU L 147 -44.33 65.92 55.89
N GLU L 148 -44.62 66.31 57.13
CA GLU L 148 -45.96 66.84 57.47
C GLU L 148 -46.20 68.11 56.67
N ARG L 149 -45.17 68.95 56.51
CA ARG L 149 -45.41 70.26 55.83
C ARG L 149 -45.52 70.08 54.31
N ILE L 150 -44.79 69.12 53.73
CA ILE L 150 -44.93 68.85 52.27
C ILE L 150 -46.30 68.21 52.02
N ASN L 151 -46.72 67.30 52.90
CA ASN L 151 -48.07 66.69 52.75
C ASN L 151 -49.13 67.78 52.94
N GLN L 152 -48.93 68.71 53.88
CA GLN L 152 -49.91 69.83 54.03
C GLN L 152 -49.94 70.61 52.71
N PHE L 153 -48.78 70.89 52.12
CA PHE L 153 -48.80 71.58 50.81
C PHE L 153 -49.56 70.71 49.81
N VAL L 154 -49.16 69.44 49.66
CA VAL L 154 -49.82 68.57 48.65
C VAL L 154 -51.33 68.60 48.88
N ASN L 155 -51.77 68.38 50.13
CA ASN L 155 -53.23 68.28 50.40
C ASN L 155 -53.90 69.62 50.09
N LEU L 156 -53.40 70.71 50.68
CA LEU L 156 -54.06 72.03 50.51
C LEU L 156 -54.04 72.38 49.02
N SER L 157 -53.02 71.96 48.28
CA SER L 157 -53.04 72.19 46.80
C SER L 157 -54.17 71.36 46.19
N GLN L 158 -54.27 70.08 46.59
CA GLN L 158 -55.37 69.21 46.11
C GLN L 158 -56.71 69.77 46.60
N GLU L 159 -56.74 70.34 47.81
CA GLU L 159 -57.96 70.95 48.37
C GLU L 159 -58.40 72.09 47.44
N LYS L 160 -57.44 72.84 46.89
CA LYS L 160 -57.78 73.91 45.91
C LYS L 160 -58.32 73.25 44.63
N GLY L 161 -58.13 71.94 44.50
CA GLY L 161 -58.58 71.23 43.27
C GLY L 161 -57.44 71.15 42.26
N ARG L 162 -56.22 71.46 42.69
CA ARG L 162 -55.06 71.46 41.76
C ARG L 162 -54.17 70.24 42.02
N ASP L 163 -53.82 69.50 40.96
CA ASP L 163 -53.00 68.27 41.11
C ASP L 163 -51.68 68.57 41.82
N ALA L 164 -51.25 67.67 42.72
CA ALA L 164 -49.98 67.85 43.47
C ALA L 164 -49.48 66.48 43.93
N THR L 165 -48.17 66.21 43.79
CA THR L 165 -47.63 64.87 44.15
C THR L 165 -46.46 65.07 45.10
N ILE L 166 -46.28 64.17 46.08
CA ILE L 166 -45.22 64.38 47.09
C ILE L 166 -43.86 64.42 46.38
N ASP L 167 -43.67 63.54 45.39
CA ASP L 167 -42.36 63.48 44.68
C ASP L 167 -42.11 64.81 43.94
N LYS L 168 -43.15 65.39 43.32
CA LYS L 168 -42.97 66.72 42.67
C LYS L 168 -42.85 67.81 43.73
N THR L 169 -43.57 67.70 44.85
CA THR L 169 -43.40 68.68 45.95
C THR L 169 -41.95 68.56 46.43
N MET L 170 -41.46 67.32 46.54
CA MET L 170 -40.04 67.08 46.94
C MET L 170 -39.15 67.73 45.89
N ARG L 171 -39.56 67.67 44.62
CA ARG L 171 -38.75 68.25 43.51
C ARG L 171 -38.63 69.77 43.71
N TRP L 172 -39.65 70.38 44.32
CA TRP L 172 -39.55 71.83 44.65
C TRP L 172 -38.29 71.99 45.52
N LEU L 173 -38.21 71.19 46.59
CA LEU L 173 -37.04 71.25 47.51
C LEU L 173 -35.82 70.69 46.77
N LYS L 174 -36.05 69.91 45.71
CA LYS L 174 -34.93 69.29 44.95
C LYS L 174 -34.10 68.45 45.92
N ILE L 175 -34.78 67.70 46.80
CA ILE L 175 -34.06 66.86 47.80
C ILE L 175 -34.03 65.41 47.30
N SER L 176 -32.83 64.87 47.09
CA SER L 176 -32.69 63.48 46.59
C SER L 176 -33.23 62.49 47.62
N ASN L 177 -32.94 62.72 48.91
CA ASN L 177 -33.38 61.77 49.98
C ASN L 177 -33.94 62.60 51.15
N ILE L 178 -35.26 62.66 51.26
CA ILE L 178 -35.89 63.49 52.33
C ILE L 178 -35.33 63.04 53.68
N ASN L 179 -34.79 61.82 53.75
CA ASN L 179 -34.32 61.29 55.05
C ASN L 179 -32.98 61.91 55.42
N LYS L 180 -32.06 62.05 54.46
CA LYS L 180 -30.77 62.73 54.75
C LYS L 180 -30.79 64.14 54.15
N LEU L 181 -30.96 65.15 54.99
CA LEU L 181 -30.91 66.56 54.51
C LEU L 181 -30.31 67.39 55.65
N SER L 182 -29.40 68.33 55.34
CA SER L 182 -28.72 69.09 56.41
C SER L 182 -29.77 69.98 57.13
N GLN L 183 -29.59 70.23 58.43
CA GLN L 183 -30.62 70.97 59.21
C GLN L 183 -30.83 72.35 58.60
N LYS L 184 -29.77 73.00 58.11
CA LYS L 184 -29.93 74.32 57.45
C LYS L 184 -30.83 74.13 56.23
N GLN L 185 -30.63 73.05 55.46
CA GLN L 185 -31.50 72.75 54.29
C GLN L 185 -32.94 72.47 54.75
N ILE L 186 -33.15 71.80 55.89
CA ILE L 186 -34.55 71.63 56.37
C ILE L 186 -35.16 73.01 56.60
N ALA L 187 -34.41 73.92 57.24
CA ALA L 187 -34.91 75.29 57.49
C ALA L 187 -35.15 75.98 56.14
N GLU L 188 -34.21 75.81 55.20
CA GLU L 188 -34.34 76.44 53.87
C GLU L 188 -35.58 75.86 53.16
N ALA L 189 -35.76 74.53 53.25
CA ALA L 189 -36.93 73.90 52.62
C ALA L 189 -38.21 74.43 53.27
N HIS L 190 -38.22 74.47 54.62
CA HIS L 190 -39.40 75.02 55.34
C HIS L 190 -39.74 76.40 54.75
N GLN L 191 -38.70 77.20 54.51
CA GLN L 191 -38.95 78.58 54.02
C GLN L 191 -39.72 78.49 52.70
N LYS L 192 -39.27 77.61 51.80
CA LYS L 192 -39.95 77.43 50.49
C LYS L 192 -41.41 77.05 50.77
N LEU L 193 -41.64 75.96 51.51
CA LEU L 193 -43.03 75.51 51.78
C LEU L 193 -43.87 76.65 52.35
N ASP L 194 -43.45 77.28 53.46
CA ASP L 194 -44.34 78.29 54.07
C ASP L 194 -44.73 79.31 53.00
N ALA L 195 -43.74 79.76 52.21
CA ALA L 195 -44.01 80.76 51.17
C ALA L 195 -45.14 80.24 50.28
N GLY L 196 -44.99 79.05 49.71
CA GLY L 196 -46.13 78.53 48.95
C GLY L 196 -47.38 78.42 49.81
N LEU L 197 -47.28 77.79 50.98
CA LEU L 197 -48.48 77.51 51.84
C LEU L 197 -49.19 78.78 52.30
N LYS L 198 -48.45 79.82 52.69
CA LYS L 198 -49.11 81.02 53.29
C LYS L 198 -50.07 81.69 52.31
N GLN L 199 -49.71 81.79 51.04
CA GLN L 199 -50.58 82.57 50.11
C GLN L 199 -51.94 81.89 49.90
N LEU L 200 -52.00 80.55 49.90
CA LEU L 200 -53.35 79.92 49.80
C LEU L 200 -54.20 80.40 50.97
N ASP L 201 -53.60 80.52 52.15
CA ASP L 201 -54.33 81.00 53.35
C ASP L 201 -54.87 82.41 53.09
N SER L 202 -54.09 83.26 52.42
CA SER L 202 -54.55 84.64 52.08
C SER L 202 -55.55 84.57 50.92
N GLN M 3 -3.77 45.64 102.33
CA GLN M 3 -4.85 46.28 101.53
C GLN M 3 -5.37 45.27 100.50
N THR M 4 -5.23 45.61 99.21
CA THR M 4 -5.72 44.72 98.12
C THR M 4 -4.87 44.98 96.87
N LEU M 5 -4.91 44.05 95.90
CA LEU M 5 -4.04 44.18 94.70
C LEU M 5 -4.44 45.44 93.91
N PHE M 6 -5.72 45.67 93.65
CA PHE M 6 -6.03 46.82 92.78
C PHE M 6 -5.55 48.12 93.46
N GLU M 7 -5.90 48.34 94.74
CA GLU M 7 -5.49 49.63 95.35
C GLU M 7 -3.96 49.77 95.34
N GLN M 8 -3.23 48.76 95.81
CA GLN M 8 -1.74 48.82 95.80
C GLN M 8 -1.26 49.18 94.39
N LEU M 9 -1.64 48.39 93.40
CA LEU M 9 -1.19 48.61 92.00
C LEU M 9 -1.70 49.97 91.50
N ASN M 10 -2.93 50.34 91.84
CA ASN M 10 -3.52 51.60 91.31
C ASN M 10 -2.69 52.78 91.83
N SER M 11 -2.26 52.72 93.09
CA SER M 11 -1.50 53.85 93.69
C SER M 11 -0.01 53.74 93.33
N LYS M 12 0.33 53.96 92.06
CA LYS M 12 1.76 53.99 91.61
C LYS M 12 1.89 55.09 90.57
N ASN M 13 3.10 55.63 90.38
CA ASN M 13 3.26 56.66 89.31
C ASN M 13 4.03 56.04 88.14
N VAL M 14 3.34 55.75 87.04
CA VAL M 14 4.01 55.17 85.84
C VAL M 14 4.24 56.31 84.85
N ASN M 15 4.07 57.56 85.30
CA ASN M 15 4.22 58.74 84.42
C ASN M 15 5.65 58.83 83.88
N ASP M 16 6.65 58.54 84.71
CA ASP M 16 8.06 58.72 84.25
C ASP M 16 8.35 57.80 83.06
N HIS M 17 7.90 56.54 83.14
CA HIS M 17 8.12 55.59 82.02
C HIS M 17 6.97 55.66 81.02
N THR M 18 6.86 56.76 80.28
CA THR M 18 5.80 56.90 79.25
C THR M 18 6.36 57.54 77.99
N GLU M 19 5.75 57.27 76.84
CA GLU M 19 6.19 57.91 75.56
C GLU M 19 5.01 58.69 74.98
N GLN M 20 5.23 59.96 74.61
CA GLN M 20 4.17 60.79 73.99
C GLN M 20 4.25 60.66 72.47
N LYS M 21 3.48 59.74 71.88
CA LYS M 21 3.46 59.58 70.41
C LYS M 21 2.04 59.85 69.90
N ASN M 22 1.90 60.80 68.96
CA ASN M 22 0.56 61.13 68.38
C ASN M 22 -0.26 61.88 69.44
N GLY M 23 0.37 62.37 70.50
CA GLY M 23 -0.37 63.06 71.58
C GLY M 23 -1.03 62.09 72.54
N LEU M 24 -0.68 60.80 72.48
CA LEU M 24 -1.23 59.80 73.43
C LEU M 24 -0.13 59.32 74.37
N THR M 25 -0.49 58.74 75.52
CA THR M 25 0.52 58.32 76.53
C THR M 25 0.45 56.81 76.73
N TYR M 26 1.60 56.12 76.67
CA TYR M 26 1.65 54.65 76.86
C TYR M 26 2.83 54.30 77.77
N LEU M 27 2.74 53.24 78.58
CA LEU M 27 3.93 52.84 79.39
C LEU M 27 4.54 51.59 78.75
N ALA M 28 5.87 51.49 78.73
CA ALA M 28 6.54 50.37 78.03
C ALA M 28 6.18 49.03 78.68
N TRP M 29 6.07 47.97 77.87
CA TRP M 29 5.76 46.63 78.40
C TRP M 29 6.87 46.22 79.36
N SER M 30 8.12 46.53 79.01
CA SER M 30 9.26 46.21 79.91
C SER M 30 8.88 46.59 81.35
N TYR M 31 8.49 47.85 81.57
CA TYR M 31 8.18 48.30 82.95
C TYR M 31 7.02 47.46 83.52
N ALA M 32 5.99 47.22 82.71
CA ALA M 32 4.84 46.41 83.16
C ALA M 32 5.29 44.99 83.50
N HIS M 33 6.18 44.44 82.68
CA HIS M 33 6.57 43.02 82.91
C HIS M 33 7.27 42.93 84.28
N GLN M 34 8.13 43.91 84.60
CA GLN M 34 8.89 43.82 85.87
C GLN M 34 7.96 44.03 87.07
N GLU M 35 7.10 45.05 87.01
CA GLU M 35 6.25 45.35 88.20
C GLU M 35 5.47 44.10 88.57
N LEU M 36 4.70 43.55 87.62
CA LEU M 36 3.88 42.35 87.91
C LEU M 36 4.82 41.26 88.43
N LYS M 37 5.92 40.98 87.72
CA LYS M 37 6.88 39.94 88.18
C LYS M 37 7.25 40.16 89.65
N LYS M 38 7.47 41.41 90.07
CA LYS M 38 7.77 41.67 91.49
C LYS M 38 6.55 41.27 92.33
N ILE M 39 5.38 41.78 91.98
CA ILE M 39 4.13 41.48 92.76
C ILE M 39 3.93 39.96 92.81
N ASP M 40 4.13 39.28 91.67
CA ASP M 40 3.89 37.82 91.59
C ASP M 40 5.03 37.18 90.79
N PRO M 41 5.92 36.35 91.40
CA PRO M 41 7.03 35.79 90.66
C PRO M 41 6.56 34.94 89.47
N ASN M 42 5.45 34.21 89.64
CA ASN M 42 4.96 33.32 88.56
C ASN M 42 3.60 33.82 88.04
N TYR M 43 3.60 34.54 86.91
CA TYR M 43 2.37 35.00 86.30
C TYR M 43 2.43 34.68 84.81
N THR M 44 1.24 34.55 84.21
CA THR M 44 1.11 34.02 82.85
C THR M 44 0.56 35.09 81.92
N VAL M 45 1.15 35.18 80.73
CA VAL M 45 0.63 35.99 79.64
C VAL M 45 0.37 35.06 78.46
N LYS M 46 -0.86 35.09 77.95
CA LYS M 46 -1.28 34.21 76.88
C LYS M 46 -1.87 35.04 75.76
N VAL M 47 -1.36 34.87 74.54
CA VAL M 47 -1.89 35.54 73.36
C VAL M 47 -2.78 34.54 72.62
N HIS M 48 -4.07 34.86 72.54
CA HIS M 48 -5.02 33.88 71.94
C HIS M 48 -4.76 33.70 70.45
N GLU M 49 -5.00 32.49 69.96
CA GLU M 49 -4.76 32.14 68.54
C GLU M 49 -6.10 31.76 67.91
N PHE M 50 -6.38 32.28 66.71
CA PHE M 50 -7.63 31.97 66.00
C PHE M 50 -7.29 31.70 64.53
N PRO M 51 -7.94 30.73 63.85
CA PRO M 51 -7.55 30.38 62.48
C PRO M 51 -7.71 31.55 61.49
N HIS M 52 -6.74 31.73 60.59
CA HIS M 52 -6.86 32.78 59.56
C HIS M 52 -8.01 32.39 58.64
N PRO M 53 -8.95 33.31 58.32
CA PRO M 53 -10.13 32.96 57.54
C PRO M 53 -9.84 32.48 56.10
N ASP M 54 -8.99 33.20 55.37
CA ASP M 54 -8.71 32.86 53.95
C ASP M 54 -7.98 31.51 53.87
N ILE M 55 -6.98 31.30 54.71
CA ILE M 55 -6.19 30.04 54.64
C ILE M 55 -7.13 28.85 54.85
N ASN M 56 -7.82 28.82 55.99
CA ASN M 56 -8.79 27.73 56.28
C ASN M 56 -8.03 26.40 56.17
N THR M 57 -6.80 26.36 56.66
CA THR M 57 -6.02 25.09 56.67
C THR M 57 -6.23 24.41 58.02
N GLU M 58 -6.39 23.09 58.03
CA GLU M 58 -6.64 22.36 59.30
C GLU M 58 -5.43 22.49 60.23
N ASN M 59 -5.66 22.78 61.51
CA ASN M 59 -4.55 22.88 62.50
C ASN M 59 -3.74 24.15 62.23
N TYR M 60 -4.27 25.05 61.39
CA TYR M 60 -3.56 26.34 61.16
C TYR M 60 -4.18 27.42 62.04
N PHE M 61 -3.44 27.88 63.05
CA PHE M 61 -3.97 28.92 63.99
C PHE M 61 -3.01 30.12 64.05
N VAL M 62 -3.39 31.24 63.42
CA VAL M 62 -2.56 32.48 63.49
C VAL M 62 -2.79 33.14 64.85
N PRO M 63 -1.94 34.07 65.35
CA PRO M 63 -2.13 34.62 66.69
C PRO M 63 -3.08 35.83 66.75
N TYR M 64 -3.72 36.18 65.63
CA TYR M 64 -4.60 37.37 65.60
C TYR M 64 -5.83 37.13 64.73
N LEU M 65 -6.93 37.83 65.00
CA LEU M 65 -8.16 37.71 64.17
C LEU M 65 -7.95 38.40 62.82
N ALA M 66 -8.41 37.79 61.74
CA ALA M 66 -8.35 38.47 60.42
C ALA M 66 -9.78 38.58 59.90
N THR M 67 -10.24 39.79 59.59
CA THR M 67 -11.65 39.98 59.16
C THR M 67 -11.69 40.94 57.98
N PRO M 68 -12.73 40.91 57.11
CA PRO M 68 -12.84 41.88 56.03
C PRO M 68 -12.93 43.27 56.68
N GLU M 69 -13.66 43.37 57.79
CA GLU M 69 -13.78 44.66 58.51
C GLU M 69 -12.39 45.11 58.99
N GLY M 70 -11.57 44.19 59.50
CA GLY M 70 -10.20 44.60 59.89
C GLY M 70 -9.44 43.54 60.64
N TYR M 71 -8.77 43.91 61.75
CA TYR M 71 -7.92 42.96 62.51
C TYR M 71 -8.07 43.13 64.03
N PHE M 72 -8.13 42.02 64.75
CA PHE M 72 -8.30 42.07 66.22
C PHE M 72 -7.26 41.19 66.91
N VAL M 73 -6.80 41.60 68.09
CA VAL M 73 -5.87 40.85 68.90
C VAL M 73 -6.47 40.67 70.29
N GLN M 74 -5.99 39.65 70.99
CA GLN M 74 -6.46 39.34 72.33
C GLN M 74 -5.30 38.91 73.21
N VAL M 75 -5.27 39.41 74.44
CA VAL M 75 -4.22 39.07 75.40
C VAL M 75 -4.86 38.80 76.75
N SER M 76 -4.51 37.68 77.37
CA SER M 76 -5.05 37.32 78.71
C SER M 76 -3.94 37.27 79.76
N VAL M 77 -3.96 38.18 80.72
CA VAL M 77 -2.93 38.30 81.75
C VAL M 77 -3.49 37.75 83.05
N THR M 78 -2.81 36.73 83.59
CA THR M 78 -3.23 36.17 84.90
C THR M 78 -2.24 36.63 85.97
N VAL M 79 -2.56 37.69 86.69
CA VAL M 79 -1.67 38.17 87.80
C VAL M 79 -2.16 37.55 89.10
N LYS M 80 -1.32 36.77 89.77
CA LYS M 80 -1.78 36.04 90.99
C LYS M 80 -2.99 35.20 90.60
N ASP M 81 -3.96 35.08 91.51
CA ASP M 81 -5.22 34.34 91.20
C ASP M 81 -6.01 35.10 90.12
N SER M 82 -6.02 36.43 90.17
CA SER M 82 -6.88 37.21 89.23
C SER M 82 -6.47 36.98 87.77
N THR M 83 -7.46 36.89 86.88
CA THR M 83 -7.18 36.72 85.43
C THR M 83 -8.09 37.70 84.66
N GLU M 84 -7.69 38.09 83.44
CA GLU M 84 -8.52 39.06 82.68
C GLU M 84 -8.05 39.11 81.23
N THR M 85 -8.81 39.75 80.33
CA THR M 85 -8.47 39.71 78.88
C THR M 85 -8.78 41.07 78.26
N GLU M 86 -8.06 41.44 77.20
CA GLU M 86 -8.35 42.72 76.50
C GLU M 86 -8.39 42.53 74.98
N TRP M 87 -9.36 43.13 74.29
CA TRP M 87 -9.39 43.12 72.80
C TRP M 87 -8.80 44.44 72.31
N LEU M 88 -8.18 44.46 71.13
CA LEU M 88 -7.76 45.78 70.61
C LEU M 88 -7.77 45.74 69.08
N PRO M 89 -7.99 46.87 68.36
CA PRO M 89 -7.90 46.84 66.90
C PRO M 89 -6.45 47.10 66.47
N VAL M 90 -5.96 46.35 65.48
CA VAL M 90 -4.59 46.65 64.95
C VAL M 90 -4.68 48.00 64.24
N LEU M 91 -3.75 48.92 64.48
CA LEU M 91 -3.87 50.30 63.91
C LEU M 91 -2.56 50.74 63.24
N ASP M 92 -2.63 51.76 62.38
CA ASP M 92 -1.42 52.29 61.70
C ASP M 92 -0.55 53.08 62.66
N PHE M 93 0.54 53.67 62.18
CA PHE M 93 1.40 54.53 63.05
C PHE M 93 0.70 55.88 63.26
N ARG M 94 -0.36 56.15 62.49
CA ARG M 94 -1.14 57.41 62.64
C ARG M 94 -2.42 57.10 63.42
N ASN M 95 -2.49 55.93 64.06
CA ASN M 95 -3.72 55.51 64.78
C ASN M 95 -4.92 55.52 63.82
N LYS M 96 -4.78 54.90 62.65
CA LYS M 96 -5.92 54.75 61.70
C LYS M 96 -6.14 53.25 61.51
N SER M 97 -7.32 52.83 61.06
CA SER M 97 -7.63 51.39 60.96
C SER M 97 -6.91 50.77 59.75
N LEU M 98 -6.65 49.46 59.81
CA LEU M 98 -6.02 48.74 58.67
C LEU M 98 -7.01 47.75 58.07
N ALA M 99 -7.31 47.86 56.78
CA ALA M 99 -8.33 47.01 56.14
C ALA M 99 -7.75 45.63 55.84
N LYS M 100 -8.59 44.65 55.53
CA LYS M 100 -8.10 43.26 55.31
C LYS M 100 -7.10 43.26 54.15
N GLY M 101 -5.89 42.74 54.38
CA GLY M 101 -4.84 42.70 53.34
C GLY M 101 -3.95 43.93 53.33
N SER M 102 -4.10 44.84 54.29
CA SER M 102 -3.17 46.00 54.33
C SER M 102 -2.28 46.00 55.58
N ALA M 103 -2.34 44.94 56.39
CA ALA M 103 -1.56 44.93 57.66
C ALA M 103 -0.22 44.23 57.45
N THR M 104 0.76 44.54 58.30
CA THR M 104 2.09 43.88 58.21
C THR M 104 2.37 43.22 59.56
N THR M 105 3.04 42.06 59.55
CA THR M 105 3.31 41.35 60.82
C THR M 105 3.76 42.33 61.90
N PHE M 106 4.57 43.32 61.52
CA PHE M 106 5.09 44.30 62.52
C PHE M 106 3.92 45.00 63.18
N ASP M 107 2.91 45.38 62.39
CA ASP M 107 1.70 46.04 62.95
C ASP M 107 1.07 45.12 63.99
N ILE M 108 1.05 43.80 63.72
CA ILE M 108 0.35 42.89 64.66
C ILE M 108 1.16 42.81 65.95
N ASN M 109 2.48 42.70 65.86
CA ASN M 109 3.26 42.52 67.11
C ASN M 109 3.14 43.79 67.97
N LYS M 110 3.19 44.97 67.35
CA LYS M 110 3.02 46.19 68.13
C LYS M 110 1.68 46.21 68.83
N ALA M 111 0.61 45.80 68.12
CA ALA M 111 -0.71 45.73 68.74
C ALA M 111 -0.75 44.71 69.85
N GLN M 112 -0.06 43.58 69.68
CA GLN M 112 -0.01 42.58 70.75
C GLN M 112 0.65 43.13 72.00
N LYS M 113 1.78 43.82 71.84
CA LYS M 113 2.45 44.41 73.00
C LYS M 113 1.57 45.46 73.67
N ARG M 114 0.92 46.31 72.87
CA ARG M 114 0.05 47.35 73.44
C ARG M 114 -1.12 46.72 74.18
N CYS M 115 -1.71 45.66 73.64
CA CYS M 115 -2.85 44.99 74.33
C CYS M 115 -2.40 44.41 75.68
N PHE M 116 -1.13 44.00 75.77
CA PHE M 116 -0.57 43.48 77.04
C PHE M 116 -0.65 44.55 78.13
N VAL M 117 -0.11 45.74 77.85
CA VAL M 117 -0.08 46.81 78.89
C VAL M 117 -1.54 47.18 79.23
N LYS M 118 -2.42 47.21 78.23
CA LYS M 118 -3.86 47.50 78.48
C LYS M 118 -4.45 46.40 79.38
N ALA M 119 -4.08 45.14 79.13
CA ALA M 119 -4.54 44.05 80.01
C ALA M 119 -3.99 44.27 81.42
N SER M 120 -2.72 44.69 81.51
CA SER M 120 -2.12 45.01 82.84
C SER M 120 -2.90 46.19 83.44
N ALA M 121 -3.32 47.14 82.60
CA ALA M 121 -4.04 48.34 83.08
C ALA M 121 -5.33 47.92 83.77
N LEU M 122 -5.90 46.78 83.38
CA LEU M 122 -7.14 46.30 84.05
C LEU M 122 -6.83 46.16 85.55
N HIS M 123 -5.69 45.56 85.88
CA HIS M 123 -5.24 45.45 87.29
C HIS M 123 -4.90 46.89 87.65
N GLY M 124 -4.66 47.21 88.92
CA GLY M 124 -4.51 48.64 89.26
C GLY M 124 -3.41 49.37 88.50
N LEU M 125 -2.32 48.68 88.16
CA LEU M 125 -1.14 49.34 87.54
C LEU M 125 -1.49 50.01 86.19
N GLY M 126 -1.36 51.34 86.11
CA GLY M 126 -1.54 52.04 84.83
C GLY M 126 -2.98 52.27 84.43
N LEU M 127 -3.95 51.99 85.29
CA LEU M 127 -5.35 52.31 84.89
C LEU M 127 -5.49 53.83 84.70
N TYR M 128 -4.95 54.62 85.63
CA TYR M 128 -4.98 56.10 85.48
C TYR M 128 -4.15 56.58 84.28
N ILE M 129 -2.96 56.03 84.06
CA ILE M 129 -2.17 56.58 82.92
C ILE M 129 -3.07 56.45 81.69
N TYR M 130 -3.70 55.29 81.50
CA TYR M 130 -4.69 55.14 80.42
C TYR M 130 -6.06 55.52 80.99
N ASN M 131 -6.28 56.79 81.33
CA ASN M 131 -7.54 57.19 81.99
C ASN M 131 -8.60 57.37 80.91
N GLY M 132 -9.11 56.25 80.37
CA GLY M 132 -10.10 56.34 79.29
C GLY M 132 -9.51 57.18 78.16
N GLU M 133 -8.21 57.04 77.90
CA GLU M 133 -7.55 57.91 76.88
C GLU M 133 -8.15 57.65 75.51
N GLU M 134 -8.81 56.51 75.33
CA GLU M 134 -9.48 56.20 74.03
C GLU M 134 -10.62 57.20 73.77
N LEU M 135 -11.43 57.48 74.78
CA LEU M 135 -12.62 58.37 74.61
C LEU M 135 -12.21 59.74 74.04
N PRO M 136 -11.22 60.50 74.61
CA PRO M 136 -10.88 61.82 74.08
C PRO M 136 -10.64 61.85 72.57
N SER M 137 -10.52 63.06 72.02
CA SER M 137 -10.37 63.21 70.54
C SER M 137 -9.10 62.50 70.07
N ALA M 138 -8.01 62.59 70.84
CA ALA M 138 -6.73 62.00 70.38
C ALA M 138 -6.40 62.60 69.01
N SER M 139 -6.62 63.90 68.82
CA SER M 139 -6.31 64.65 67.56
C SER M 139 -7.39 64.46 66.49
N ASP M 140 -8.49 63.75 66.78
CA ASP M 140 -9.57 63.69 65.76
C ASP M 140 -10.11 65.12 65.59
N ASN M 141 -10.19 65.87 66.69
CA ASN M 141 -10.66 67.28 66.64
C ASN M 141 -9.67 68.08 65.78
N ASP M 142 -8.37 67.82 65.95
CA ASP M 142 -7.35 68.51 65.10
C ASP M 142 -7.83 68.41 63.64
N ILE M 143 -8.69 67.44 63.35
CA ILE M 143 -9.18 67.23 61.95
C ILE M 143 -10.60 67.80 61.85
N THR M 144 -11.43 67.54 62.86
CA THR M 144 -12.84 68.05 62.87
C THR M 144 -12.83 69.57 62.91
N GLU M 145 -11.95 70.16 63.72
CA GLU M 145 -11.86 71.63 63.85
C GLU M 145 -11.67 72.23 62.45
N LEU M 146 -10.71 71.68 61.69
CA LEU M 146 -10.44 72.19 60.33
C LEU M 146 -11.71 72.03 59.50
N GLU M 147 -12.40 70.90 59.67
CA GLU M 147 -13.65 70.63 58.91
C GLU M 147 -14.72 71.64 59.35
N GLU M 148 -14.83 71.91 60.64
CA GLU M 148 -15.82 72.90 61.14
C GLU M 148 -15.45 74.27 60.56
N ARG M 149 -14.16 74.59 60.48
CA ARG M 149 -13.78 75.96 60.02
C ARG M 149 -13.96 76.10 58.50
N ILE M 150 -13.69 75.04 57.73
CA ILE M 150 -13.93 75.13 56.25
C ILE M 150 -15.44 75.16 55.99
N ASN M 151 -16.21 74.32 56.70
CA ASN M 151 -17.69 74.30 56.52
C ASN M 151 -18.27 75.62 57.01
N GLN M 152 -17.66 76.21 58.05
CA GLN M 152 -18.15 77.51 58.57
C GLN M 152 -18.01 78.53 57.44
N PHE M 153 -16.85 78.54 56.78
CA PHE M 153 -16.60 79.51 55.67
C PHE M 153 -17.60 79.24 54.54
N VAL M 154 -17.69 77.98 54.10
CA VAL M 154 -18.69 77.61 53.05
C VAL M 154 -20.04 78.21 53.44
N ASN M 155 -20.41 78.13 54.71
CA ASN M 155 -21.76 78.60 55.13
C ASN M 155 -21.82 80.12 55.05
N LEU M 156 -20.79 80.82 55.54
CA LEU M 156 -20.80 82.30 55.55
C LEU M 156 -20.75 82.84 54.11
N SER M 157 -19.91 82.24 53.27
CA SER M 157 -19.83 82.67 51.86
C SER M 157 -21.21 82.47 51.20
N GLN M 158 -21.79 81.28 51.37
CA GLN M 158 -23.12 80.99 50.79
C GLN M 158 -24.11 81.99 51.40
N GLU M 159 -23.94 82.29 52.69
CA GLU M 159 -24.80 83.29 53.36
C GLU M 159 -24.60 84.66 52.70
N LYS M 160 -23.37 84.99 52.28
CA LYS M 160 -23.16 86.28 51.55
C LYS M 160 -23.94 86.21 50.23
N GLY M 161 -24.57 85.07 49.95
CA GLY M 161 -25.36 84.92 48.72
C GLY M 161 -24.56 84.35 47.56
N ARG M 162 -23.25 84.13 47.76
CA ARG M 162 -22.39 83.51 46.72
C ARG M 162 -21.98 82.12 47.22
N ASP M 163 -22.40 81.04 46.54
CA ASP M 163 -22.14 79.68 47.10
C ASP M 163 -20.69 79.24 46.92
N ALA M 164 -20.17 78.46 47.88
CA ALA M 164 -18.81 77.90 47.79
C ALA M 164 -18.91 76.40 48.09
N THR M 165 -17.96 75.59 47.65
CA THR M 165 -18.11 74.12 47.88
C THR M 165 -17.00 73.63 48.79
N ILE M 166 -17.24 72.52 49.51
CA ILE M 166 -16.23 71.98 50.46
C ILE M 166 -14.98 71.57 49.68
N ASP M 167 -15.16 70.99 48.50
CA ASP M 167 -13.99 70.53 47.69
C ASP M 167 -13.14 71.74 47.31
N LYS M 168 -13.77 72.86 46.93
CA LYS M 168 -13.00 74.10 46.62
C LYS M 168 -12.29 74.62 47.87
N THR M 169 -12.95 74.57 49.03
CA THR M 169 -12.28 75.00 50.29
C THR M 169 -11.11 74.03 50.56
N MET M 170 -11.30 72.73 50.34
CA MET M 170 -10.18 71.77 50.49
C MET M 170 -9.12 72.12 49.44
N ARG M 171 -9.54 72.50 48.23
CA ARG M 171 -8.60 72.74 47.11
C ARG M 171 -7.60 73.87 47.42
N TRP M 172 -8.03 75.00 47.99
CA TRP M 172 -7.02 76.09 48.18
C TRP M 172 -5.98 75.68 49.23
N LEU M 173 -6.38 74.96 50.28
CA LEU M 173 -5.36 74.41 51.23
C LEU M 173 -4.50 73.40 50.47
N LYS M 174 -4.95 72.97 49.29
CA LYS M 174 -4.17 72.02 48.43
C LYS M 174 -3.85 70.78 49.28
N ILE M 175 -4.83 70.33 50.06
CA ILE M 175 -4.64 69.11 50.90
C ILE M 175 -5.24 67.92 50.16
N SER M 176 -4.43 66.90 49.88
CA SER M 176 -4.91 65.70 49.15
C SER M 176 -5.96 64.98 49.99
N ASN M 177 -5.72 64.88 51.30
CA ASN M 177 -6.65 64.16 52.21
C ASN M 177 -6.80 64.95 53.51
N ILE M 178 -7.96 65.59 53.70
CA ILE M 178 -8.16 66.43 54.92
C ILE M 178 -7.87 65.56 56.14
N ASN M 179 -7.93 64.23 55.99
CA ASN M 179 -7.76 63.34 57.16
C ASN M 179 -6.27 63.25 57.54
N LYS M 180 -5.40 63.17 56.53
CA LYS M 180 -3.93 63.13 56.77
C LYS M 180 -3.34 64.52 56.47
N LEU M 181 -3.04 65.31 57.50
CA LEU M 181 -2.37 66.61 57.24
C LEU M 181 -1.47 66.90 58.45
N SER M 182 -0.25 67.39 58.24
CA SER M 182 0.68 67.59 59.38
C SER M 182 0.13 68.70 60.28
N GLN M 183 0.38 68.62 61.60
CA GLN M 183 -0.23 69.60 62.54
C GLN M 183 0.18 71.02 62.18
N LYS M 184 1.43 71.22 61.73
CA LYS M 184 1.87 72.57 61.29
C LYS M 184 1.00 72.99 60.12
N GLN M 185 0.72 72.08 59.18
CA GLN M 185 -0.18 72.38 58.03
C GLN M 185 -1.61 72.68 58.52
N ILE M 186 -2.09 71.99 59.56
CA ILE M 186 -3.44 72.37 60.10
C ILE M 186 -3.38 73.82 60.58
N ALA M 187 -2.31 74.18 61.30
CA ALA M 187 -2.18 75.57 61.78
C ALA M 187 -2.07 76.52 60.59
N GLU M 188 -1.29 76.12 59.58
CA GLU M 188 -1.12 76.96 58.36
C GLU M 188 -2.46 77.09 57.66
N ALA M 189 -3.23 76.00 57.60
CA ALA M 189 -4.58 76.03 56.99
C ALA M 189 -5.51 76.87 57.86
N HIS M 190 -5.49 76.64 59.18
CA HIS M 190 -6.43 77.34 60.09
C HIS M 190 -6.33 78.87 60.05
N GLN M 191 -5.13 79.46 60.00
CA GLN M 191 -5.06 80.94 60.13
C GLN M 191 -5.87 81.66 59.05
N LYS M 192 -5.72 81.26 57.78
CA LYS M 192 -6.42 82.02 56.72
C LYS M 192 -7.92 81.89 56.95
N LEU M 193 -8.39 80.66 57.22
CA LEU M 193 -9.85 80.47 57.37
C LEU M 193 -10.34 81.30 58.54
N ASP M 194 -9.76 81.12 59.73
CA ASP M 194 -10.27 81.81 60.96
C ASP M 194 -10.06 83.32 60.86
N ALA M 195 -9.00 83.78 60.19
CA ALA M 195 -8.86 85.24 59.98
C ALA M 195 -10.00 85.72 59.09
N GLY M 196 -10.23 85.02 57.98
CA GLY M 196 -11.31 85.40 57.04
C GLY M 196 -12.70 85.29 57.63
N LEU M 197 -12.98 84.27 58.44
CA LEU M 197 -14.38 84.06 58.92
C LEU M 197 -14.87 85.27 59.71
N LYS M 198 -14.05 85.79 60.64
CA LYS M 198 -14.55 86.88 61.51
C LYS M 198 -14.83 88.12 60.65
N GLN M 199 -13.91 88.46 59.74
CA GLN M 199 -14.08 89.67 58.90
C GLN M 199 -15.24 89.46 57.92
N LEU M 200 -15.38 88.26 57.34
CA LEU M 200 -16.45 88.00 56.35
C LEU M 200 -17.79 88.17 57.07
N ASP M 201 -17.91 87.60 58.28
CA ASP M 201 -19.17 87.68 59.05
C ASP M 201 -19.40 89.14 59.43
N SER M 202 -18.32 89.87 59.73
CA SER M 202 -18.43 91.29 60.16
C SER M 202 -19.73 91.49 60.95
N GLN N 3 16.87 35.97 97.66
CA GLN N 3 15.92 36.93 97.05
C GLN N 3 14.94 36.19 96.15
N THR N 4 14.96 36.51 94.84
CA THR N 4 14.04 35.87 93.87
C THR N 4 14.70 35.89 92.49
N LEU N 5 14.21 35.07 91.56
CA LEU N 5 14.84 34.96 90.22
C LEU N 5 14.74 36.30 89.49
N PHE N 6 13.57 36.94 89.46
CA PHE N 6 13.49 38.17 88.63
C PHE N 6 14.47 39.21 89.20
N GLU N 7 14.44 39.49 90.51
CA GLU N 7 15.33 40.56 91.02
C GLU N 7 16.81 40.21 90.75
N GLN N 8 17.25 38.99 91.09
CA GLN N 8 18.65 38.60 90.83
C GLN N 8 18.98 38.84 89.36
N LEU N 9 18.19 38.25 88.44
CA LEU N 9 18.45 38.37 86.98
C LEU N 9 18.33 39.84 86.57
N ASN N 10 17.34 40.56 87.11
CA ASN N 10 17.10 41.97 86.67
C ASN N 10 18.34 42.80 87.02
N SER N 11 18.94 42.55 88.18
CA SER N 11 20.11 43.37 88.62
C SER N 11 21.40 42.81 88.01
N LYS N 12 21.57 42.96 86.69
CA LYS N 12 22.83 42.55 86.01
C LYS N 12 23.13 43.60 84.93
N ASN N 13 24.41 43.75 84.52
CA ASN N 13 24.70 44.70 83.43
C ASN N 13 25.02 43.92 82.16
N VAL N 14 24.10 43.90 81.19
CA VAL N 14 24.33 43.19 79.91
C VAL N 14 24.73 44.24 78.87
N ASN N 15 25.05 45.46 79.33
CA ASN N 15 25.42 46.57 78.40
C ASN N 15 26.69 46.22 77.62
N ASP N 16 27.67 45.60 78.27
CA ASP N 16 28.96 45.34 77.58
C ASP N 16 28.74 44.43 76.38
N HIS N 17 27.93 43.37 76.55
CA HIS N 17 27.65 42.44 75.43
C HIS N 17 26.41 42.91 74.65
N THR N 18 26.54 44.02 73.92
CA THR N 18 25.42 44.52 73.07
C THR N 18 25.94 45.00 71.72
N GLU N 19 25.09 44.98 70.69
CA GLU N 19 25.47 45.49 69.36
C GLU N 19 24.53 46.63 68.98
N GLN N 20 25.08 47.78 68.55
CA GLN N 20 24.24 48.92 68.12
C GLN N 20 24.02 48.83 66.60
N LYS N 21 22.90 48.23 66.18
CA LYS N 21 22.59 48.14 64.73
C LYS N 21 21.26 48.87 64.47
N ASN N 22 21.26 49.84 63.55
CA ASN N 22 20.03 50.60 63.21
C ASN N 22 19.67 51.53 64.37
N GLY N 23 20.60 51.75 65.31
CA GLY N 23 20.31 52.59 66.48
C GLY N 23 19.55 51.85 67.56
N LEU N 24 19.48 50.52 67.48
CA LEU N 24 18.82 49.74 68.58
C LEU N 24 19.88 48.94 69.33
N THR N 25 19.56 48.52 70.56
CA THR N 25 20.53 47.77 71.39
C THR N 25 20.08 46.30 71.48
N TYR N 26 20.97 45.36 71.17
CA TYR N 26 20.61 43.92 71.17
C TYR N 26 21.64 43.15 72.01
N LEU N 27 21.19 42.26 72.91
CA LEU N 27 22.17 41.42 73.65
C LEU N 27 22.31 40.10 72.88
N ALA N 28 23.55 39.63 72.68
CA ALA N 28 23.78 38.41 71.86
C ALA N 28 23.18 37.19 72.55
N TRP N 29 22.66 36.23 71.78
CA TRP N 29 22.06 35.00 72.36
C TRP N 29 23.11 34.21 73.13
N SER N 30 24.33 34.12 72.60
CA SER N 30 25.39 33.33 73.26
C SER N 30 25.48 33.70 74.75
N TYR N 31 25.46 35.00 75.06
CA TYR N 31 25.55 35.47 76.46
C TYR N 31 24.30 35.02 77.23
N ALA N 32 23.13 35.15 76.62
CA ALA N 32 21.88 34.73 77.28
C ALA N 32 21.90 33.23 77.56
N HIS N 33 22.43 32.45 76.62
CA HIS N 33 22.38 30.98 76.80
C HIS N 33 23.22 30.64 78.03
N GLN N 34 24.39 31.26 78.16
CA GLN N 34 25.30 30.88 79.28
C GLN N 34 24.70 31.34 80.62
N GLU N 35 24.21 32.58 80.70
CA GLU N 35 23.72 33.08 82.01
C GLU N 35 22.64 32.13 82.54
N LEU N 36 21.60 31.88 81.74
CA LEU N 36 20.50 30.99 82.19
C LEU N 36 21.12 29.64 82.56
N LYS N 37 21.99 29.11 81.69
CA LYS N 37 22.64 27.79 81.94
C LYS N 37 23.29 27.78 83.32
N LYS N 38 23.92 28.89 83.71
CA LYS N 38 24.53 28.99 85.06
C LYS N 38 23.41 28.96 86.10
N ILE N 39 22.42 29.83 85.95
CA ILE N 39 21.29 29.90 86.94
C ILE N 39 20.63 28.52 87.04
N ASP N 40 20.40 27.86 85.90
CA ASP N 40 19.71 26.55 85.90
C ASP N 40 20.44 25.62 84.93
N PRO N 41 21.10 24.53 85.39
CA PRO N 41 21.83 23.67 84.46
C PRO N 41 20.91 23.07 83.39
N ASN N 42 19.69 22.72 83.77
CA ASN N 42 18.76 22.06 82.80
C ASN N 42 17.57 22.99 82.51
N TYR N 43 17.61 23.71 81.40
CA TYR N 43 16.50 24.55 81.00
C TYR N 43 16.19 24.30 79.53
N THR N 44 14.94 24.56 79.14
CA THR N 44 14.42 24.16 77.84
C THR N 44 14.08 25.38 77.00
N VAL N 45 14.47 25.33 75.72
CA VAL N 45 14.06 26.30 74.72
C VAL N 45 13.31 25.55 73.62
N LYS N 46 12.09 25.98 73.34
CA LYS N 46 11.24 25.32 72.37
C LYS N 46 10.75 26.34 71.36
N VAL N 47 10.96 26.05 70.07
CA VAL N 47 10.48 26.90 68.99
C VAL N 47 9.21 26.27 68.44
N HIS N 48 8.10 26.97 68.57
CA HIS N 48 6.80 26.37 68.17
C HIS N 48 6.73 26.17 66.66
N GLU N 49 6.03 25.12 66.24
CA GLU N 49 5.91 24.78 64.80
C GLU N 49 4.44 24.85 64.42
N PHE N 50 4.09 25.48 63.29
CA PHE N 50 2.65 25.65 62.99
C PHE N 50 2.38 25.16 61.56
N PRO N 51 1.29 24.41 61.25
CA PRO N 51 1.10 23.94 59.88
C PRO N 51 1.15 25.09 58.88
N HIS N 52 2.09 25.05 57.93
CA HIS N 52 2.24 26.15 56.94
C HIS N 52 0.97 26.20 56.08
N PRO N 53 0.38 27.39 55.82
CA PRO N 53 -0.88 27.48 55.08
C PRO N 53 -0.86 26.99 53.62
N ASP N 54 -0.08 27.63 52.76
CA ASP N 54 -0.09 27.32 51.30
C ASP N 54 0.15 25.84 51.04
N ILE N 55 1.21 25.27 51.63
CA ILE N 55 1.54 23.84 51.40
C ILE N 55 0.34 22.99 51.80
N ASN N 56 -0.09 23.10 53.07
CA ASN N 56 -1.28 22.33 53.54
C ASN N 56 -1.01 20.84 53.30
N THR N 57 0.21 20.39 53.57
CA THR N 57 0.52 18.94 53.46
C THR N 57 0.33 18.29 54.85
N GLU N 58 -0.26 17.10 54.90
CA GLU N 58 -0.52 16.44 56.21
C GLU N 58 0.82 16.16 56.90
N ASN N 59 0.92 16.45 58.20
CA ASN N 59 2.14 16.15 58.99
C ASN N 59 3.26 17.11 58.56
N TYR N 60 2.90 18.17 57.82
CA TYR N 60 3.91 19.19 57.42
C TYR N 60 3.85 20.38 58.38
N PHE N 61 4.86 20.53 59.25
CA PHE N 61 4.85 21.65 60.24
C PHE N 61 6.13 22.48 60.11
N VAL N 62 6.03 23.69 59.54
CA VAL N 62 7.21 24.60 59.45
C VAL N 62 7.44 25.24 60.81
N PRO N 63 8.61 25.84 61.13
CA PRO N 63 8.84 26.37 62.48
C PRO N 63 8.34 27.81 62.68
N TYR N 64 7.64 28.37 61.69
CA TYR N 64 7.21 29.79 61.78
C TYR N 64 5.81 29.96 61.16
N LEU N 65 5.08 30.99 61.60
CA LEU N 65 3.76 31.29 61.00
C LEU N 65 3.94 31.93 59.62
N ALA N 66 3.13 31.54 58.64
CA ALA N 66 3.18 32.21 57.32
C ALA N 66 1.79 32.79 57.06
N THR N 67 1.70 34.10 56.80
CA THR N 67 0.36 34.74 56.62
C THR N 67 0.42 35.71 55.45
N PRO N 68 -0.70 36.04 54.78
CA PRO N 68 -0.68 37.04 53.71
C PRO N 68 -0.21 38.35 54.34
N GLU N 69 -0.67 38.63 55.57
CA GLU N 69 -0.25 39.87 56.27
C GLU N 69 1.26 39.83 56.50
N GLY N 70 1.83 38.69 56.87
CA GLY N 70 3.30 38.64 57.00
C GLY N 70 3.81 37.35 57.64
N TYR N 71 4.74 37.46 58.60
CA TYR N 71 5.36 36.26 59.23
C TYR N 71 5.54 36.41 60.75
N PHE N 72 5.24 35.34 61.48
CA PHE N 72 5.35 35.39 62.96
C PHE N 72 6.16 34.21 63.47
N VAL N 73 6.91 34.40 64.55
CA VAL N 73 7.70 33.36 65.20
C VAL N 73 7.32 33.32 66.67
N GLN N 74 7.55 32.18 67.30
CA GLN N 74 7.24 32.00 68.71
C GLN N 74 8.34 31.17 69.38
N VAL N 75 8.74 31.59 70.57
CA VAL N 75 9.77 30.91 71.34
C VAL N 75 9.31 30.82 72.79
N SER N 76 9.41 29.61 73.36
CA SER N 76 9.00 29.38 74.78
C SER N 76 10.21 28.95 75.61
N VAL N 77 10.65 29.78 76.56
CA VAL N 77 11.82 29.54 77.38
C VAL N 77 11.35 29.13 78.77
N THR N 78 11.75 27.94 79.20
CA THR N 78 11.39 27.48 80.57
C THR N 78 12.65 27.56 81.44
N VAL N 79 12.81 28.65 82.20
CA VAL N 79 13.98 28.78 83.12
C VAL N 79 13.54 28.29 84.50
N LYS N 80 14.21 27.26 85.04
CA LYS N 80 13.75 26.67 86.32
C LYS N 80 12.29 26.27 86.17
N ASP N 81 11.50 26.42 87.23
CA ASP N 81 10.05 26.14 87.16
C ASP N 81 9.35 27.14 86.22
N SER N 82 9.77 28.41 86.24
CA SER N 82 9.07 29.45 85.46
C SER N 82 9.12 29.16 83.96
N THR N 83 8.03 29.42 83.25
CA THR N 83 7.99 29.23 81.78
C THR N 83 7.31 30.46 81.16
N GLU N 84 7.60 30.76 79.88
CA GLU N 84 7.00 31.97 79.27
C GLU N 84 7.21 31.93 77.74
N THR N 85 6.54 32.80 76.98
CA THR N 85 6.60 32.72 75.50
C THR N 85 6.65 34.13 74.92
N GLU N 86 7.25 34.29 73.74
CA GLU N 86 7.27 35.62 73.07
C GLU N 86 6.91 35.52 71.59
N TRP N 87 6.09 36.42 71.07
CA TRP N 87 5.79 36.48 69.61
C TRP N 87 6.68 37.57 69.00
N LEU N 88 7.05 37.43 67.73
CA LEU N 88 7.78 38.57 67.12
C LEU N 88 7.50 38.59 65.63
N PRO N 89 7.52 39.76 64.92
CA PRO N 89 7.35 39.76 63.48
C PRO N 89 8.72 39.58 62.79
N VAL N 90 8.77 38.75 61.74
CA VAL N 90 10.05 38.62 60.99
C VAL N 90 10.26 39.96 60.28
N LEU N 91 11.46 40.52 60.34
CA LEU N 91 11.70 41.89 59.76
C LEU N 91 12.95 41.92 58.87
N ASP N 92 13.05 42.95 58.01
CA ASP N 92 14.24 43.10 57.13
C ASP N 92 15.47 43.54 57.91
N PHE N 93 16.60 43.77 57.23
CA PHE N 93 17.81 44.28 57.92
C PHE N 93 17.62 45.77 58.23
N ARG N 94 16.58 46.38 57.66
CA ARG N 94 16.27 47.82 57.92
C ARG N 94 15.13 47.91 58.92
N ASN N 95 14.79 46.79 59.58
CA ASN N 95 13.63 46.77 60.50
C ASN N 95 12.35 47.18 59.77
N LYS N 96 12.08 46.59 58.60
CA LYS N 96 10.82 46.84 57.87
C LYS N 96 10.11 45.50 57.74
N SER N 97 8.79 45.49 57.51
CA SER N 97 8.03 44.22 57.49
C SER N 97 8.31 43.45 56.20
N LEU N 98 8.14 42.12 56.23
CA LEU N 98 8.31 41.29 55.01
C LEU N 98 6.96 40.69 54.61
N ALA N 99 6.50 40.94 53.39
CA ALA N 99 5.16 40.47 52.96
C ALA N 99 5.23 38.99 52.58
N LYS N 100 4.08 38.34 52.44
CA LYS N 100 4.06 36.87 52.17
C LYS N 100 4.79 36.60 50.85
N GLY N 101 5.80 35.72 50.86
CA GLY N 101 6.59 35.40 49.67
C GLY N 101 7.81 36.29 49.48
N SER N 102 8.13 37.15 50.43
CA SER N 102 9.36 37.96 50.29
C SER N 102 10.40 37.64 51.37
N ALA N 103 10.15 36.61 52.19
CA ALA N 103 11.09 36.31 53.31
C ALA N 103 12.08 35.23 52.88
N THR N 104 13.24 35.19 53.54
CA THR N 104 14.25 34.14 53.23
C THR N 104 14.54 33.38 54.53
N THR N 105 14.82 32.08 54.42
CA THR N 105 15.03 31.24 55.63
C THR N 105 16.01 31.92 56.59
N PHE N 106 16.96 32.72 56.08
CA PHE N 106 17.93 33.43 56.95
C PHE N 106 17.17 34.45 57.79
N ASP N 107 16.21 35.14 57.18
CA ASP N 107 15.39 36.13 57.93
C ASP N 107 14.69 35.42 59.08
N ILE N 108 14.21 34.19 58.85
CA ILE N 108 13.42 33.50 59.91
C ILE N 108 14.37 33.13 61.04
N ASN N 109 15.55 32.61 60.72
CA ASN N 109 16.44 32.14 61.82
C ASN N 109 16.87 33.36 62.66
N LYS N 110 17.19 34.49 62.02
CA LYS N 110 17.55 35.66 62.80
C LYS N 110 16.41 36.08 63.73
N ALA N 111 15.18 36.05 63.22
CA ALA N 111 14.03 36.38 64.05
C ALA N 111 13.86 35.38 65.18
N GLN N 112 14.12 34.10 64.92
CA GLN N 112 14.02 33.09 65.96
C GLN N 112 15.03 33.36 67.08
N LYS N 113 16.28 33.66 66.71
CA LYS N 113 17.29 33.97 67.72
C LYS N 113 16.90 35.22 68.52
N ARG N 114 16.44 36.26 67.83
CA ARG N 114 16.05 37.49 68.52
C ARG N 114 14.88 37.24 69.47
N CYS N 115 13.91 36.43 69.06
CA CYS N 115 12.74 36.12 69.95
C CYS N 115 13.21 35.39 71.20
N PHE N 116 14.29 34.60 71.08
CA PHE N 116 14.86 33.87 72.24
C PHE N 116 15.31 34.88 73.31
N VAL N 117 16.14 35.85 72.92
CA VAL N 117 16.68 36.82 73.92
C VAL N 117 15.50 37.61 74.50
N LYS N 118 14.51 37.95 73.67
CA LYS N 118 13.31 38.68 74.16
C LYS N 118 12.57 37.79 75.17
N ALA N 119 12.47 36.48 74.89
CA ALA N 119 11.83 35.55 75.85
C ALA N 119 12.66 35.54 77.14
N SER N 120 13.99 35.54 77.01
CA SER N 120 14.88 35.60 78.19
C SER N 120 14.63 36.93 78.90
N ALA N 121 14.39 38.00 78.12
CA ALA N 121 14.14 39.34 78.69
C ALA N 121 12.87 39.31 79.52
N LEU N 122 11.97 38.37 79.24
CA LEU N 122 10.76 38.24 80.09
C LEU N 122 11.25 37.90 81.50
N HIS N 123 12.29 37.08 81.59
CA HIS N 123 12.89 36.79 82.93
C HIS N 123 13.54 38.10 83.41
N GLY N 124 14.02 38.13 84.65
CA GLY N 124 14.55 39.40 85.18
C GLY N 124 15.66 39.97 84.33
N LEU N 125 16.45 39.13 83.66
CA LEU N 125 17.66 39.66 82.96
C LEU N 125 17.31 40.67 81.86
N GLY N 126 17.85 41.89 81.97
CA GLY N 126 17.69 42.90 80.90
C GLY N 126 16.27 43.16 80.47
N LEU N 127 15.30 43.08 81.38
CA LEU N 127 13.89 43.23 80.90
C LEU N 127 13.71 44.66 80.38
N TYR N 128 14.18 45.65 81.15
CA TYR N 128 13.95 47.07 80.77
C TYR N 128 15.10 47.59 79.89
N ILE N 129 16.18 46.82 79.78
CA ILE N 129 17.37 47.28 79.00
C ILE N 129 16.95 47.42 77.53
N TYR N 130 16.10 46.51 77.04
CA TYR N 130 15.56 46.66 75.65
C TYR N 130 14.90 48.03 75.50
N ASN N 131 14.41 48.60 76.62
CA ASN N 131 13.72 49.91 76.58
C ASN N 131 12.57 49.91 75.56
N GLY N 132 11.90 48.78 75.37
CA GLY N 132 10.72 48.74 74.47
C GLY N 132 11.01 49.32 73.09
N GLU N 133 12.11 48.87 72.46
CA GLU N 133 12.51 49.41 71.13
C GLU N 133 11.43 49.07 70.08
N GLU N 134 10.66 48.01 70.33
CA GLU N 134 9.63 47.56 69.34
C GLU N 134 8.56 48.64 69.12
N LEU N 135 8.11 49.32 70.18
CA LEU N 135 6.98 50.28 70.06
C LEU N 135 7.31 51.48 69.16
N PRO N 136 8.48 52.16 69.24
CA PRO N 136 8.71 53.37 68.44
C PRO N 136 9.19 53.16 66.99
N SER N 137 8.30 52.63 66.13
CA SER N 137 8.67 52.32 64.72
C SER N 137 10.00 51.54 64.71
N ALA N 138 10.10 50.49 65.54
CA ALA N 138 11.34 49.69 65.60
C ALA N 138 12.52 50.61 65.93
N SER N 139 12.29 51.62 66.78
CA SER N 139 13.37 52.54 67.21
C SER N 139 14.09 53.15 66.00
N ASP N 140 13.36 53.57 64.96
CA ASP N 140 14.01 54.29 63.83
C ASP N 140 13.89 55.79 64.14
N ASN N 141 13.49 56.12 65.37
CA ASN N 141 13.32 57.54 65.79
C ASN N 141 14.65 58.27 65.64
N ASP N 142 15.78 57.60 65.89
CA ASP N 142 17.11 58.24 65.69
C ASP N 142 17.23 58.61 64.20
N ILE N 143 16.78 57.73 63.30
CA ILE N 143 16.81 58.05 61.84
C ILE N 143 15.73 59.10 61.56
N THR N 144 14.57 58.98 62.21
CA THR N 144 13.48 59.98 62.06
C THR N 144 13.98 61.33 62.56
N GLU N 145 14.85 61.34 63.57
CA GLU N 145 15.42 62.64 64.02
C GLU N 145 16.14 63.31 62.85
N LEU N 146 16.88 62.54 62.07
CA LEU N 146 17.55 63.10 60.86
C LEU N 146 16.51 63.86 60.03
N GLU N 147 15.30 63.29 59.89
CA GLU N 147 14.23 63.94 59.10
C GLU N 147 13.86 65.27 59.76
N GLU N 148 13.72 65.28 61.09
CA GLU N 148 13.39 66.54 61.82
C GLU N 148 14.53 67.53 61.60
N ARG N 149 15.78 67.07 61.59
CA ARG N 149 16.90 68.04 61.49
C ARG N 149 17.06 68.56 60.05
N ILE N 150 16.78 67.72 59.04
CA ILE N 150 16.85 68.22 57.63
C ILE N 150 15.67 69.17 57.41
N ASN N 151 14.49 68.85 57.94
CA ASN N 151 13.34 69.79 57.81
C ASN N 151 13.65 71.09 58.56
N GLN N 152 14.28 71.00 59.74
CA GLN N 152 14.70 72.24 60.46
C GLN N 152 15.64 73.04 59.56
N PHE N 153 16.60 72.38 58.91
CA PHE N 153 17.48 73.12 57.97
C PHE N 153 16.61 73.72 56.86
N VAL N 154 15.66 72.95 56.32
CA VAL N 154 14.72 73.52 55.31
C VAL N 154 13.83 74.60 55.97
N ASN N 155 13.43 74.41 57.22
CA ASN N 155 12.54 75.38 57.94
C ASN N 155 13.23 76.73 58.11
N LEU N 156 14.54 76.74 58.38
CA LEU N 156 15.25 78.05 58.47
C LEU N 156 15.13 78.73 57.11
N SER N 157 15.28 77.96 56.03
CA SER N 157 15.21 78.53 54.65
C SER N 157 13.84 79.16 54.42
N GLN N 158 12.77 78.43 54.76
CA GLN N 158 11.40 78.97 54.60
C GLN N 158 11.25 80.21 55.49
N GLU N 159 11.80 80.14 56.71
CA GLU N 159 11.74 81.30 57.64
C GLU N 159 12.49 82.48 57.04
N LYS N 160 13.64 82.23 56.40
CA LYS N 160 14.46 83.33 55.84
C LYS N 160 14.01 83.63 54.40
N GLY N 161 14.74 84.47 53.67
CA GLY N 161 14.29 84.89 52.32
C GLY N 161 14.12 83.76 51.33
N ARG N 162 15.05 82.81 51.27
CA ARG N 162 14.97 81.75 50.22
C ARG N 162 14.80 80.37 50.86
N ASP N 163 13.79 79.61 50.40
CA ASP N 163 13.57 78.24 50.94
C ASP N 163 14.28 77.23 50.03
N ALA N 164 14.69 76.09 50.59
CA ALA N 164 15.36 75.03 49.79
C ALA N 164 14.60 73.70 49.90
N THR N 165 14.45 72.99 48.79
CA THR N 165 13.69 71.70 48.77
C THR N 165 14.44 70.63 49.60
N ILE N 166 13.68 69.74 50.26
CA ILE N 166 14.30 68.69 51.13
C ILE N 166 15.17 67.74 50.31
N ASP N 167 14.70 67.34 49.11
CA ASP N 167 15.47 66.35 48.30
C ASP N 167 16.89 66.88 48.11
N LYS N 168 17.04 68.18 47.88
CA LYS N 168 18.39 68.81 47.74
C LYS N 168 19.10 68.82 49.10
N THR N 169 18.36 69.01 50.20
CA THR N 169 19.01 68.93 51.54
C THR N 169 19.52 67.50 51.70
N MET N 170 18.73 66.52 51.25
CA MET N 170 19.15 65.09 51.29
C MET N 170 20.39 64.96 50.42
N ARG N 171 20.44 65.69 49.30
CA ARG N 171 21.60 65.62 48.38
C ARG N 171 22.87 66.09 49.10
N TRP N 172 22.72 67.02 50.06
CA TRP N 172 23.88 67.43 50.88
C TRP N 172 24.43 66.17 51.52
N LEU N 173 23.57 65.40 52.18
CA LEU N 173 23.98 64.13 52.85
C LEU N 173 24.33 63.11 51.76
N LYS N 174 23.82 63.32 50.54
CA LYS N 174 24.06 62.36 49.43
C LYS N 174 23.55 60.98 49.86
N ILE N 175 22.38 60.95 50.51
CA ILE N 175 21.80 59.66 50.99
C ILE N 175 20.75 59.19 49.99
N SER N 176 20.96 58.01 49.40
CA SER N 176 20.00 57.47 48.39
C SER N 176 18.65 57.16 49.06
N ASN N 177 18.68 56.58 50.26
CA ASN N 177 17.42 56.21 50.96
C ASN N 177 17.55 56.66 52.42
N ILE N 178 16.88 57.76 52.79
CA ILE N 178 17.00 58.30 54.18
C ILE N 178 16.59 57.18 55.15
N ASN N 179 15.83 56.20 54.67
CA ASN N 179 15.32 55.14 55.58
C ASN N 179 16.43 54.15 55.93
N LYS N 180 17.25 53.77 54.94
CA LYS N 180 18.39 52.86 55.19
C LYS N 180 19.69 53.67 55.21
N LEU N 181 20.23 53.96 56.40
CA LEU N 181 21.54 54.67 56.48
C LEU N 181 22.26 54.14 57.71
N SER N 182 23.57 53.88 57.62
CA SER N 182 24.28 53.27 58.78
C SER N 182 24.31 54.29 59.93
N GLN N 183 24.29 53.82 61.18
CA GLN N 183 24.19 54.75 62.34
C GLN N 183 25.37 55.72 62.34
N LYS N 184 26.57 55.25 61.96
CA LYS N 184 27.73 56.17 61.86
C LYS N 184 27.42 57.25 60.83
N GLN N 185 26.81 56.87 59.71
CA GLN N 185 26.41 57.87 58.67
C GLN N 185 25.33 58.81 59.22
N ILE N 186 24.40 58.33 60.04
CA ILE N 186 23.43 59.29 60.66
C ILE N 186 24.21 60.31 61.49
N ALA N 187 25.18 59.85 62.28
CA ALA N 187 25.99 60.77 63.10
C ALA N 187 26.77 61.70 62.16
N GLU N 188 27.34 61.15 61.10
CA GLU N 188 28.11 61.97 60.12
C GLU N 188 27.17 62.99 59.48
N ALA N 189 25.96 62.56 59.10
CA ALA N 189 25.00 63.48 58.48
C ALA N 189 24.62 64.57 59.50
N HIS N 190 24.33 64.16 60.74
CA HIS N 190 24.01 65.17 61.79
C HIS N 190 25.11 66.21 61.83
N GLN N 191 26.37 65.76 61.74
CA GLN N 191 27.50 66.72 61.83
C GLN N 191 27.35 67.76 60.72
N LYS N 192 27.06 67.30 59.51
CA LYS N 192 26.88 68.22 58.36
C LYS N 192 25.77 69.21 58.72
N LEU N 193 24.55 68.69 58.94
CA LEU N 193 23.37 69.55 59.23
C LEU N 193 23.62 70.43 60.45
N ASP N 194 24.08 69.86 61.57
CA ASP N 194 24.20 70.71 62.79
C ASP N 194 25.16 71.85 62.47
N ALA N 195 26.26 71.58 61.76
CA ALA N 195 27.23 72.69 61.53
C ALA N 195 26.55 73.80 60.74
N GLY N 196 25.69 73.45 59.78
CA GLY N 196 24.93 74.52 59.09
C GLY N 196 23.77 75.01 59.94
N LEU N 197 22.80 74.13 60.26
CA LEU N 197 21.57 74.54 61.00
C LEU N 197 21.83 75.05 62.41
N LYS N 198 22.63 74.34 63.21
CA LYS N 198 22.79 74.73 64.65
C LYS N 198 23.44 76.11 64.77
N GLN N 199 24.48 76.38 63.98
CA GLN N 199 25.21 77.67 64.15
C GLN N 199 24.27 78.84 63.86
N LEU N 200 23.43 78.71 62.82
CA LEU N 200 22.48 79.79 62.44
C LEU N 200 21.55 80.01 63.63
N ASP N 201 21.00 78.91 64.18
CA ASP N 201 20.08 79.03 65.33
C ASP N 201 20.82 79.71 66.49
N SER N 202 22.09 79.37 66.69
CA SER N 202 22.90 79.97 67.78
C SER N 202 23.54 81.28 67.29
N GLN O 3 32.74 20.71 89.32
CA GLN O 3 32.05 21.95 88.85
C GLN O 3 30.73 21.58 88.17
N THR O 4 30.60 21.90 86.89
CA THR O 4 29.36 21.63 86.12
C THR O 4 29.71 21.45 84.64
N LEU O 5 28.81 20.85 83.86
CA LEU O 5 29.11 20.57 82.43
C LEU O 5 29.32 21.89 81.67
N PHE O 6 28.43 22.86 81.83
CA PHE O 6 28.61 24.07 80.98
C PHE O 6 29.96 24.72 81.31
N GLU O 7 30.26 24.97 82.58
CA GLU O 7 31.55 25.68 82.88
C GLU O 7 32.74 24.87 82.35
N GLN O 8 32.82 23.58 82.67
CA GLN O 8 33.94 22.74 82.16
C GLN O 8 34.04 22.90 80.65
N LEU O 9 32.96 22.62 79.92
CA LEU O 9 32.95 22.67 78.44
C LEU O 9 33.24 24.10 77.98
N ASN O 10 32.66 25.10 78.66
CA ASN O 10 32.81 26.51 78.22
C ASN O 10 34.29 26.89 78.29
N SER O 11 35.00 26.44 79.33
CA SER O 11 36.42 26.82 79.51
C SER O 11 37.32 25.88 78.69
N LYS O 12 37.29 26.00 77.36
CA LYS O 12 38.19 25.20 76.48
C LYS O 12 38.61 26.11 75.33
N ASN O 13 39.75 25.84 74.67
CA ASN O 13 40.12 26.67 73.50
C ASN O 13 39.93 25.85 72.23
N VAL O 14 38.88 26.14 71.46
CA VAL O 14 38.65 25.41 70.17
C VAL O 14 39.19 26.29 69.03
N ASN O 15 39.91 27.35 69.37
CA ASN O 15 40.44 28.29 68.35
C ASN O 15 41.36 27.57 67.36
N ASP O 16 42.19 26.65 67.84
CA ASP O 16 43.17 26.00 66.95
C ASP O 16 42.44 25.23 65.84
N HIS O 17 41.38 24.49 66.20
CA HIS O 17 40.60 23.72 65.20
C HIS O 17 39.46 24.58 64.64
N THR O 18 39.80 25.60 63.85
CA THR O 18 38.77 26.47 63.21
C THR O 18 39.15 26.77 61.77
N GLU O 19 38.16 27.06 60.92
CA GLU O 19 38.43 27.43 59.51
C GLU O 19 37.86 28.83 59.26
N GLN O 20 38.66 29.74 58.69
CA GLN O 20 38.17 31.10 58.36
C GLN O 20 37.64 31.13 56.93
N LYS O 21 36.34 30.92 56.74
CA LYS O 21 35.73 30.97 55.39
C LYS O 21 34.70 32.10 55.34
N ASN O 22 34.83 33.03 54.41
CA ASN O 22 33.88 34.17 54.27
C ASN O 22 34.07 35.14 55.43
N GLY O 23 35.18 35.02 56.16
CA GLY O 23 35.41 35.89 57.34
C GLY O 23 34.66 35.41 58.57
N LEU O 24 34.15 34.19 58.56
CA LEU O 24 33.50 33.65 59.79
C LEU O 24 34.36 32.52 60.37
N THR O 25 34.16 32.21 61.65
CA THR O 25 34.98 31.16 62.32
C THR O 25 34.09 29.92 62.56
N TYR O 26 34.56 28.75 62.12
CA TYR O 26 33.75 27.50 62.27
C TYR O 26 34.61 26.43 62.93
N LEU O 27 34.08 25.72 63.94
CA LEU O 27 34.85 24.59 64.52
C LEU O 27 34.42 23.31 63.81
N ALA O 28 35.37 22.47 63.39
CA ALA O 28 35.03 21.27 62.60
C ALA O 28 34.22 20.28 63.45
N TRP O 29 33.28 19.55 62.82
CA TRP O 29 32.43 18.59 63.56
C TRP O 29 33.29 17.48 64.15
N SER O 30 34.29 17.01 63.42
CA SER O 30 35.15 15.90 63.90
C SER O 30 35.62 16.19 65.33
N TYR O 31 36.09 17.42 65.58
CA TYR O 31 36.59 17.81 66.92
C TYR O 31 35.43 17.78 67.93
N ALA O 32 34.27 18.30 67.54
CA ALA O 32 33.09 18.30 68.44
C ALA O 32 32.69 16.86 68.77
N HIS O 33 32.74 15.97 67.78
CA HIS O 33 32.25 14.59 68.04
C HIS O 33 33.15 13.96 69.09
N GLN O 34 34.47 14.17 68.99
CA GLN O 34 35.41 13.50 69.94
C GLN O 34 35.25 14.10 71.34
N GLU O 35 35.21 15.43 71.46
CA GLU O 35 35.17 16.05 72.81
C GLU O 35 33.97 15.48 73.57
N LEU O 36 32.77 15.62 73.00
CA LEU O 36 31.55 15.12 73.67
C LEU O 36 31.74 13.64 73.99
N LYS O 37 32.21 12.87 72.99
CA LYS O 37 32.44 11.41 73.18
C LYS O 37 33.29 11.16 74.42
N LYS O 38 34.31 11.98 74.63
CA LYS O 38 35.17 11.85 75.83
C LYS O 38 34.32 12.17 77.06
N ILE O 39 33.65 13.33 77.07
CA ILE O 39 32.82 13.74 78.23
C ILE O 39 31.78 12.65 78.53
N ASP O 40 31.14 12.12 77.48
CA ASP O 40 30.07 11.12 77.66
C ASP O 40 30.26 10.01 76.61
N PRO O 41 30.59 8.76 76.98
CA PRO O 41 30.83 7.72 75.99
C PRO O 41 29.58 7.47 75.13
N ASN O 42 28.39 7.54 75.74
CA ASN O 42 27.14 7.25 74.99
C ASN O 42 26.28 8.50 74.89
N TYR O 43 26.35 9.20 73.76
CA TYR O 43 25.52 10.37 73.54
C TYR O 43 24.87 10.26 72.16
N THR O 44 23.73 10.92 72.00
CA THR O 44 22.87 10.74 70.83
C THR O 44 22.79 12.02 70.02
N VAL O 45 22.88 11.87 68.70
CA VAL O 45 22.63 12.94 67.75
C VAL O 45 21.49 12.51 66.84
N LYS O 46 20.44 13.31 66.78
CA LYS O 46 19.25 12.98 66.01
C LYS O 46 18.94 14.12 65.05
N VAL O 47 18.86 13.81 63.76
CA VAL O 47 18.47 14.83 62.75
C VAL O 47 16.98 14.65 62.47
N HIS O 48 16.16 15.65 62.79
CA HIS O 48 14.68 15.51 62.66
C HIS O 48 14.27 15.38 61.20
N GLU O 49 13.20 14.62 60.95
CA GLU O 49 12.71 14.37 59.59
C GLU O 49 11.30 14.93 59.48
N PHE O 50 10.96 15.66 58.42
CA PHE O 50 9.63 16.30 58.37
C PHE O 50 8.94 15.95 57.05
N PRO O 51 7.62 15.61 56.97
CA PRO O 51 7.04 15.25 55.69
C PRO O 51 7.28 16.34 54.64
N HIS O 52 7.95 16.00 53.53
CA HIS O 52 8.26 17.03 52.49
C HIS O 52 6.94 17.50 51.87
N PRO O 53 6.73 18.82 51.69
CA PRO O 53 5.44 19.33 51.19
C PRO O 53 5.02 18.89 49.77
N ASP O 54 5.80 19.25 48.76
CA ASP O 54 5.41 19.00 47.35
C ASP O 54 5.11 17.52 47.10
N ILE O 55 6.00 16.63 47.52
CA ILE O 55 5.82 15.18 47.29
C ILE O 55 4.50 14.75 47.95
N ASN O 56 4.37 14.98 49.25
CA ASN O 56 3.11 14.63 49.97
C ASN O 56 2.83 13.13 49.77
N THR O 57 3.86 12.30 49.82
CA THR O 57 3.66 10.83 49.72
C THR O 57 3.54 10.26 51.14
N GLU O 58 2.61 9.33 51.35
CA GLU O 58 2.41 8.76 52.71
C GLU O 58 3.68 8.04 53.16
N ASN O 59 4.11 8.27 54.41
CA ASN O 59 5.31 7.57 54.97
C ASN O 59 6.57 8.12 54.30
N TYR O 60 6.45 9.23 53.57
CA TYR O 60 7.65 9.87 52.97
C TYR O 60 8.14 11.00 53.88
N PHE O 61 9.29 10.81 54.53
CA PHE O 61 9.84 11.85 55.45
C PHE O 61 11.27 12.21 55.04
N VAL O 62 11.46 13.39 54.45
CA VAL O 62 12.83 13.88 54.09
C VAL O 62 13.51 14.37 55.37
N PRO O 63 14.85 14.55 55.45
CA PRO O 63 15.50 14.95 56.70
C PRO O 63 15.54 16.47 56.92
N TYR O 64 14.91 17.26 56.04
CA TYR O 64 14.98 18.74 56.16
C TYR O 64 13.63 19.38 55.78
N LEU O 65 13.34 20.56 56.32
CA LEU O 65 12.10 21.30 55.96
C LEU O 65 12.23 21.87 54.55
N ALA O 66 11.16 21.79 53.76
CA ALA O 66 11.17 22.43 52.43
C ALA O 66 10.02 23.44 52.39
N THR O 67 10.31 24.72 52.14
CA THR O 67 9.26 25.77 52.18
C THR O 67 9.41 26.70 50.98
N PRO O 68 8.34 27.36 50.48
CA PRO O 68 8.48 28.32 49.39
C PRO O 68 9.46 29.40 49.86
N GLU O 69 9.36 29.79 51.13
CA GLU O 69 10.29 30.81 51.69
C GLU O 69 11.73 30.27 51.63
N GLY O 70 11.94 28.99 51.95
CA GLY O 70 13.32 28.45 51.80
C GLY O 70 13.49 27.07 52.39
N TYR O 71 14.56 26.85 53.16
CA TYR O 71 14.86 25.50 53.71
C TYR O 71 15.37 25.55 55.16
N PHE O 72 14.89 24.63 55.98
CA PHE O 72 15.29 24.61 57.41
C PHE O 72 15.75 23.21 57.82
N VAL O 73 16.72 23.14 58.73
CA VAL O 73 17.23 21.88 59.27
C VAL O 73 17.14 21.94 60.78
N GLN O 74 17.11 20.77 61.41
CA GLN O 74 17.03 20.67 62.86
C GLN O 74 17.90 19.52 63.34
N VAL O 75 18.63 19.76 64.43
CA VAL O 75 19.52 18.77 65.02
C VAL O 75 19.34 18.80 66.52
N SER O 76 19.14 17.62 67.13
CA SER O 76 18.96 17.52 68.61
C SER O 76 20.10 16.69 69.22
N VAL O 77 20.95 17.31 70.03
CA VAL O 77 22.11 16.68 70.63
C VAL O 77 21.82 16.43 72.10
N THR O 78 21.88 15.16 72.50
CA THR O 78 21.66 14.83 73.93
C THR O 78 23.02 14.47 74.55
N VAL O 79 23.66 15.43 75.21
CA VAL O 79 24.96 15.14 75.90
C VAL O 79 24.65 14.80 77.36
N LYS O 80 25.03 13.61 77.80
CA LYS O 80 24.67 13.17 79.18
C LYS O 80 23.15 13.27 79.31
N ASP O 81 22.68 13.66 80.49
CA ASP O 81 21.21 13.87 80.71
C ASP O 81 20.73 15.06 79.87
N SER O 82 21.53 16.12 79.76
CA SER O 82 21.07 17.35 79.07
C SER O 82 20.74 17.08 77.60
N THR O 83 19.68 17.71 77.10
CA THR O 83 19.29 17.57 75.66
C THR O 83 18.95 18.96 75.12
N GLU O 84 19.07 19.18 73.82
CA GLU O 84 18.80 20.53 73.27
C GLU O 84 18.70 20.45 71.73
N THR O 85 18.21 21.51 71.07
CA THR O 85 17.95 21.43 69.61
C THR O 85 18.35 22.77 68.96
N GLU O 86 18.74 22.75 67.69
CA GLU O 86 19.05 24.01 66.98
C GLU O 86 18.42 24.05 65.59
N TRP O 87 17.85 25.19 65.19
CA TRP O 87 17.31 25.36 63.82
C TRP O 87 18.37 26.11 63.00
N LEU O 88 18.43 25.89 61.68
CA LEU O 88 19.36 26.73 60.91
C LEU O 88 18.83 26.88 59.49
N PRO O 89 19.09 27.99 58.75
CA PRO O 89 18.67 28.07 57.36
C PRO O 89 19.74 27.46 56.44
N VAL O 90 19.32 26.68 55.44
CA VAL O 90 20.31 26.16 54.46
C VAL O 90 20.81 27.37 53.67
N LEU O 91 22.12 27.50 53.47
CA LEU O 91 22.67 28.73 52.81
C LEU O 91 23.68 28.37 51.71
N ASP O 92 23.95 29.32 50.79
CA ASP O 92 24.92 29.09 49.70
C ASP O 92 26.35 29.09 50.23
N PHE O 93 27.34 28.95 49.33
CA PHE O 93 28.77 29.03 49.76
C PHE O 93 29.13 30.49 50.04
N ARG O 94 28.28 31.43 49.63
CA ARG O 94 28.51 32.87 49.90
C ARG O 94 27.66 33.31 51.09
N ASN O 95 27.10 32.35 51.84
CA ASN O 95 26.19 32.69 52.97
C ASN O 95 25.00 33.52 52.46
N LYS O 96 24.34 33.07 51.39
CA LYS O 96 23.11 33.73 50.89
C LYS O 96 21.99 32.70 50.97
N SER O 97 20.73 33.13 50.98
CA SER O 97 19.61 32.18 51.15
C SER O 97 19.36 31.39 49.86
N LEU O 98 18.79 30.19 49.99
CA LEU O 98 18.44 29.37 48.79
C LEU O 98 16.92 29.25 48.69
N ALA O 99 16.34 29.66 47.56
CA ALA O 99 14.87 29.66 47.40
C ALA O 99 14.37 28.26 47.08
N LYS O 100 13.07 28.02 47.19
CA LYS O 100 12.53 26.65 46.99
C LYS O 100 12.87 26.17 45.57
N GLY O 101 13.51 25.01 45.45
CA GLY O 101 13.91 24.47 44.13
C GLY O 101 15.29 24.92 43.69
N SER O 102 16.05 25.61 44.53
CA SER O 102 17.44 25.98 44.13
C SER O 102 18.50 25.30 45.00
N ALA O 103 18.10 24.40 45.90
CA ALA O 103 19.07 23.79 46.83
C ALA O 103 19.56 22.45 46.27
N THR O 104 20.75 22.02 46.71
CA THR O 104 21.27 20.71 46.27
C THR O 104 21.55 19.87 47.52
N THR O 105 21.34 18.55 47.43
CA THR O 105 21.53 17.67 48.61
C THR O 105 22.80 18.07 49.36
N PHE O 106 23.86 18.41 48.62
CA PHE O 106 25.16 18.75 49.26
C PHE O 106 24.94 19.95 50.19
N ASP O 107 24.17 20.94 49.73
CA ASP O 107 23.88 22.12 50.58
C ASP O 107 23.21 21.65 51.87
N ILE O 108 22.33 20.66 51.78
CA ILE O 108 21.57 20.25 53.00
C ILE O 108 22.55 19.56 53.96
N ASN O 109 23.41 18.69 53.44
CA ASN O 109 24.29 17.93 54.38
C ASN O 109 25.24 18.92 55.07
N LYS O 110 25.78 19.89 54.33
CA LYS O 110 26.65 20.87 54.97
C LYS O 110 25.90 21.62 56.08
N ALA O 111 24.66 22.01 55.81
CA ALA O 111 23.86 22.69 56.83
C ALA O 111 23.58 21.77 58.01
N GLN O 112 23.36 20.48 57.76
CA GLN O 112 23.15 19.54 58.86
C GLN O 112 24.37 19.44 59.76
N LYS O 113 25.56 19.32 59.14
CA LYS O 113 26.78 19.26 59.94
C LYS O 113 26.98 20.55 60.73
N ARG O 114 26.77 21.71 60.09
CA ARG O 114 26.94 22.97 60.80
C ARG O 114 25.95 23.11 61.95
N CYS O 115 24.71 22.68 61.77
CA CYS O 115 23.70 22.75 62.87
C CYS O 115 24.14 21.87 64.05
N PHE O 116 24.85 20.78 63.76
CA PHE O 116 25.37 19.89 64.83
C PHE O 116 26.31 20.66 65.75
N VAL O 117 27.31 21.31 65.17
CA VAL O 117 28.32 22.03 66.01
C VAL O 117 27.60 23.16 66.76
N LYS O 118 26.64 23.82 66.12
CA LYS O 118 25.85 24.88 66.79
C LYS O 118 25.07 24.27 67.95
N ALA O 119 24.50 23.09 67.76
CA ALA O 119 23.79 22.39 68.86
C ALA O 119 24.80 22.08 69.97
N SER O 120 26.01 21.65 69.59
CA SER O 120 27.07 21.39 70.59
C SER O 120 27.41 22.72 71.27
N ALA O 121 27.40 23.81 70.51
CA ALA O 121 27.75 25.15 71.06
C ALA O 121 26.78 25.53 72.18
N LEU O 122 25.56 25.00 72.14
CA LEU O 122 24.59 25.29 73.23
C LEU O 122 25.23 24.82 74.55
N HIS O 123 25.81 23.62 74.55
CA HIS O 123 26.53 23.11 75.75
C HIS O 123 27.78 24.01 75.79
N GLY O 124 28.55 23.99 76.86
CA GLY O 124 29.64 24.98 76.97
C GLY O 124 30.63 24.99 75.81
N LEU O 125 30.88 23.85 75.17
CA LEU O 125 31.99 23.79 74.16
C LEU O 125 31.85 24.84 73.04
N GLY O 126 32.89 25.68 72.86
CA GLY O 126 32.92 26.65 71.74
C GLY O 126 31.75 27.61 71.63
N LEU O 127 31.10 27.95 72.75
CA LEU O 127 29.99 28.93 72.65
C LEU O 127 30.53 30.30 72.17
N TYR O 128 31.74 30.67 72.59
CA TYR O 128 32.26 32.01 72.23
C TYR O 128 32.27 32.17 70.70
N ILE O 129 32.60 31.12 69.96
CA ILE O 129 32.58 31.19 68.47
C ILE O 129 31.15 31.43 67.99
N TYR O 130 30.18 30.73 68.58
CA TYR O 130 28.78 30.84 68.09
C TYR O 130 27.94 31.65 69.09
N GLN P 3 40.53 1.36 79.45
CA GLN P 3 40.21 2.76 79.07
C GLN P 3 38.75 2.84 78.62
N THR P 4 38.51 3.23 77.36
CA THR P 4 37.14 3.37 76.83
C THR P 4 37.16 3.14 75.32
N LEU P 5 36.00 2.88 74.72
CA LEU P 5 35.96 2.54 73.27
C LEU P 5 36.44 3.74 72.44
N PHE P 6 35.95 4.95 72.72
CA PHE P 6 36.36 6.05 71.81
C PHE P 6 37.88 6.23 71.89
N GLU P 7 38.47 6.34 73.09
CA GLU P 7 39.93 6.60 73.13
C GLU P 7 40.70 5.46 72.44
N GLN P 8 40.32 4.21 72.71
CA GLN P 8 40.98 3.05 72.04
C GLN P 8 40.83 3.19 70.52
N LEU P 9 39.60 3.31 70.03
CA LEU P 9 39.36 3.39 68.56
C LEU P 9 40.02 4.65 67.98
N ASN P 10 39.94 5.78 68.70
CA ASN P 10 40.56 7.04 68.23
C ASN P 10 42.07 6.84 68.16
N SER P 11 42.63 6.13 69.15
CA SER P 11 44.11 5.92 69.17
C SER P 11 44.47 4.74 68.25
N LYS P 12 44.23 4.91 66.94
CA LYS P 12 44.59 3.87 65.96
C LYS P 12 45.12 4.58 64.70
N ASN P 13 45.91 3.89 63.88
CA ASN P 13 46.41 4.51 62.63
C ASN P 13 45.69 3.88 61.43
N VAL P 14 45.08 4.72 60.58
CA VAL P 14 44.41 4.20 59.35
C VAL P 14 45.07 4.87 58.15
N ASN P 15 46.00 5.80 58.39
CA ASN P 15 46.62 6.55 57.26
C ASN P 15 47.08 5.59 56.16
N ASP P 16 47.65 4.44 56.53
CA ASP P 16 48.20 3.53 55.50
C ASP P 16 47.09 3.06 54.55
N HIS P 17 45.93 2.70 55.10
CA HIS P 17 44.78 2.24 54.28
C HIS P 17 43.91 3.43 53.89
N THR P 18 44.41 4.31 53.01
CA THR P 18 43.62 5.48 52.54
C THR P 18 43.83 5.67 51.04
N GLU P 19 42.86 6.28 50.35
CA GLU P 19 42.99 6.58 48.91
C GLU P 19 42.87 8.10 48.72
N GLN P 20 43.80 8.71 47.99
CA GLN P 20 43.73 10.17 47.70
C GLN P 20 43.01 10.39 46.38
N LYS P 21 41.70 10.62 46.42
CA LYS P 21 40.92 10.89 45.18
C LYS P 21 40.31 12.29 45.28
N ASN P 22 40.59 13.16 44.29
CA ASN P 22 40.03 14.53 44.28
C ASN P 22 40.71 15.38 45.36
N GLY P 23 41.84 14.89 45.90
CA GLY P 23 42.53 15.61 46.99
C GLY P 23 41.88 15.37 48.35
N LEU P 24 41.01 14.37 48.47
CA LEU P 24 40.43 14.05 49.81
C LEU P 24 40.97 12.69 50.27
N THR P 25 40.91 12.42 51.58
CA THR P 25 41.44 11.16 52.12
C THR P 25 40.27 10.27 52.56
N TYR P 26 40.24 9.02 52.09
CA TYR P 26 39.13 8.09 52.40
C TYR P 26 39.69 6.78 52.96
N LEU P 27 39.14 6.26 54.05
CA LEU P 27 39.59 4.93 54.53
C LEU P 27 38.65 3.86 53.94
N ALA P 28 39.21 2.77 53.40
CA ALA P 28 38.37 1.76 52.72
C ALA P 28 37.43 1.07 53.72
N TRP P 29 36.23 0.71 53.28
CA TRP P 29 35.24 0.04 54.17
C TRP P 29 35.79 -1.29 54.66
N SER P 30 36.45 -2.05 53.78
CA SER P 30 36.96 -3.38 54.17
C SER P 30 37.71 -3.25 55.50
N TYR P 31 38.64 -2.29 55.59
CA TYR P 31 39.44 -2.10 56.83
C TYR P 31 38.50 -1.80 58.01
N ALA P 32 37.53 -0.92 57.81
CA ALA P 32 36.59 -0.56 58.89
C ALA P 32 35.81 -1.80 59.33
N HIS P 33 35.41 -2.63 58.37
CA HIS P 33 34.55 -3.79 58.75
C HIS P 33 35.38 -4.69 59.67
N GLN P 34 36.65 -4.92 59.34
CA GLN P 34 37.47 -5.87 60.13
C GLN P 34 37.74 -5.29 61.52
N GLU P 35 38.16 -4.03 61.61
CA GLU P 35 38.53 -3.46 62.93
C GLU P 35 37.36 -3.62 63.90
N LEU P 36 36.19 -3.10 63.52
CA LEU P 36 35.00 -3.20 64.41
C LEU P 36 34.77 -4.67 64.73
N LYS P 37 34.79 -5.52 63.70
CA LYS P 37 34.56 -6.98 63.89
C LYS P 37 35.49 -7.54 64.97
N LYS P 38 36.74 -7.07 64.98
CA LYS P 38 37.70 -7.50 66.04
C LYS P 38 37.22 -6.95 67.38
N ILE P 39 36.96 -5.65 67.46
CA ILE P 39 36.52 -5.01 68.74
C ILE P 39 35.25 -5.71 69.23
N ASP P 40 34.30 -5.98 68.32
CA ASP P 40 33.01 -6.60 68.71
C ASP P 40 32.66 -7.68 67.69
N PRO P 41 32.64 -8.99 68.03
CA PRO P 41 32.36 -10.02 67.04
C PRO P 41 30.96 -9.83 66.42
N ASN P 42 29.98 -9.41 67.22
CA ASN P 42 28.59 -9.27 66.70
C ASN P 42 28.19 -7.78 66.70
N TYR P 43 28.27 -7.12 65.55
CA TYR P 43 27.84 -5.74 65.43
C TYR P 43 26.97 -5.61 64.19
N THR P 44 26.09 -4.61 64.20
CA THR P 44 25.04 -4.49 63.20
C THR P 44 25.23 -3.23 62.36
N VAL P 45 25.05 -3.37 61.05
CA VAL P 45 25.00 -2.25 60.13
C VAL P 45 23.65 -2.28 59.43
N LYS P 46 22.91 -1.18 59.51
CA LYS P 46 21.57 -1.09 58.96
C LYS P 46 21.49 0.11 58.04
N VAL P 47 21.05 -0.11 56.81
CA VAL P 47 20.84 0.97 55.84
C VAL P 47 19.35 1.29 55.82
N HIS P 48 19.00 2.51 56.21
CA HIS P 48 17.56 2.86 56.34
C HIS P 48 16.89 2.88 54.98
N GLU P 49 15.61 2.52 54.94
CA GLU P 49 14.84 2.48 53.68
C GLU P 49 13.68 3.46 53.80
N PHE P 50 13.44 4.28 52.77
CA PHE P 50 12.39 5.32 52.93
C PHE P 50 11.40 5.24 51.75
N PRO P 51 10.06 5.33 51.91
CA PRO P 51 9.18 5.21 50.75
C PRO P 51 9.57 6.20 49.64
N HIS P 52 9.90 5.69 48.45
CA HIS P 52 10.35 6.58 47.34
C HIS P 52 9.17 7.46 46.94
N PRO P 53 9.37 8.79 46.73
CA PRO P 53 8.25 9.70 46.44
C PRO P 53 7.48 9.45 45.14
N ASP P 54 8.15 9.56 43.99
CA ASP P 54 7.47 9.48 42.68
C ASP P 54 6.67 8.18 42.53
N ILE P 55 7.30 7.05 42.81
CA ILE P 55 6.61 5.73 42.68
C ILE P 55 5.36 5.74 43.55
N ASN P 56 5.53 5.97 44.85
CA ASN P 56 4.36 6.02 45.79
C ASN P 56 3.59 4.70 45.67
N THR P 57 4.30 3.58 45.58
CA THR P 57 3.61 2.25 45.57
C THR P 57 3.56 1.72 47.00
N GLU P 58 2.43 1.13 47.40
CA GLU P 58 2.29 0.63 48.80
C GLU P 58 3.32 -0.47 49.04
N ASN P 59 4.00 -0.43 50.20
CA ASN P 59 4.99 -1.49 50.57
C ASN P 59 6.22 -1.35 49.68
N TYR P 60 6.35 -0.24 48.95
CA TYR P 60 7.57 -0.01 48.14
C TYR P 60 8.54 0.88 48.92
N PHE P 61 9.67 0.31 49.37
CA PHE P 61 10.67 1.10 50.15
C PHE P 61 12.05 1.00 49.51
N VAL P 62 12.51 2.07 48.85
CA VAL P 62 13.88 2.09 48.26
C VAL P 62 14.89 2.31 49.38
N PRO P 63 16.21 2.05 49.23
CA PRO P 63 17.14 2.19 50.34
C PRO P 63 17.71 3.62 50.51
N TYR P 64 17.23 4.58 49.73
CA TYR P 64 17.78 5.96 49.79
C TYR P 64 16.67 7.00 49.61
N LEU P 65 16.88 8.21 50.16
CA LEU P 65 15.89 9.32 49.98
C LEU P 65 15.95 9.85 48.55
N ALA P 66 14.80 10.12 47.95
CA ALA P 66 14.78 10.76 46.61
C ALA P 66 14.04 12.08 46.75
N THR P 67 14.67 13.21 46.41
CA THR P 67 14.04 14.54 46.59
C THR P 67 14.27 15.41 45.34
N PRO P 68 13.40 16.38 45.01
CA PRO P 68 13.65 17.27 43.87
C PRO P 68 14.99 17.96 44.14
N GLU P 69 15.24 18.34 45.40
CA GLU P 69 16.52 19.00 45.77
C GLU P 69 17.68 18.03 45.49
N GLY P 70 17.53 16.74 45.80
CA GLY P 70 18.62 15.80 45.45
C GLY P 70 18.43 14.42 46.04
N TYR P 71 19.49 13.84 46.63
CA TYR P 71 19.43 12.45 47.17
C TYR P 71 20.16 12.31 48.51
N PHE P 72 19.55 11.57 49.44
CA PHE P 72 20.17 11.39 50.77
C PHE P 72 20.21 9.91 51.15
N VAL P 73 21.25 9.51 51.88
CA VAL P 73 21.40 8.15 52.37
C VAL P 73 21.60 8.20 53.88
N GLN P 74 21.30 7.08 54.54
CA GLN P 74 21.44 6.97 55.98
C GLN P 74 21.96 5.60 56.35
N VAL P 75 22.91 5.56 57.29
CA VAL P 75 23.51 4.32 57.76
C VAL P 75 23.60 4.37 59.28
N SER P 76 23.14 3.32 59.94
CA SER P 76 23.19 3.23 61.43
C SER P 76 24.09 2.08 61.87
N VAL P 77 25.22 2.38 62.50
CA VAL P 77 26.20 1.39 62.92
C VAL P 77 26.09 1.21 64.43
N THR P 78 25.81 -0.02 64.86
CA THR P 78 25.74 -0.31 66.32
C THR P 78 26.99 -1.09 66.71
N VAL P 79 28.01 -0.41 67.22
CA VAL P 79 29.25 -1.10 67.69
C VAL P 79 29.10 -1.37 69.19
N LYS P 80 29.14 -2.63 69.60
CA LYS P 80 28.89 -2.96 71.03
C LYS P 80 27.53 -2.37 71.42
N ASP P 81 27.41 -1.89 72.65
CA ASP P 81 26.16 -1.22 73.09
C ASP P 81 25.94 0.08 72.31
N SER P 82 27.02 0.82 72.04
CA SER P 82 26.85 2.15 71.40
C SER P 82 26.22 2.05 70.01
N THR P 83 25.34 3.00 69.67
CA THR P 83 24.70 3.02 68.32
C THR P 83 24.74 4.46 67.81
N GLU P 84 24.70 4.66 66.49
CA GLU P 84 24.79 6.03 65.94
C GLU P 84 24.40 6.02 64.46
N THR P 85 24.18 7.20 63.86
CA THR P 85 23.68 7.24 62.46
C THR P 85 24.36 8.39 61.71
N GLU P 86 24.50 8.28 60.39
CA GLU P 86 25.09 9.39 59.60
C GLU P 86 24.27 9.66 58.34
N TRP P 87 24.04 10.94 58.00
CA TRP P 87 23.36 11.31 56.73
C TRP P 87 24.45 11.69 55.72
N LEU P 88 24.22 11.49 54.42
CA LEU P 88 25.23 12.02 53.47
C LEU P 88 24.54 12.36 52.16
N PRO P 89 25.01 13.33 51.35
CA PRO P 89 24.41 13.58 50.04
C PRO P 89 25.05 12.69 48.98
N VAL P 90 24.24 12.10 48.10
CA VAL P 90 24.84 11.31 46.98
C VAL P 90 25.56 12.31 46.08
N LEU P 91 26.81 12.03 45.66
CA LEU P 91 27.60 13.02 44.88
C LEU P 91 28.23 12.39 43.63
N ASP P 92 28.63 13.22 42.67
CA ASP P 92 29.29 12.72 41.43
C ASP P 92 30.72 12.24 41.71
N PHE P 93 31.44 11.81 40.67
CA PHE P 93 32.85 11.42 40.86
C PHE P 93 33.72 12.68 41.02
N ARG P 94 33.15 13.85 40.73
CA ARG P 94 33.87 15.14 40.91
C ARG P 94 33.42 15.79 42.21
N ASN P 95 32.72 15.05 43.07
CA ASN P 95 32.17 15.64 44.32
C ASN P 95 31.25 16.82 44.00
N LYS P 96 30.31 16.63 43.07
CA LYS P 96 29.29 17.67 42.76
C LYS P 96 27.92 17.04 43.05
N SER P 97 26.88 17.86 43.26
CA SER P 97 25.57 17.32 43.64
C SER P 97 24.86 16.67 42.45
N LEU P 98 23.96 15.72 42.70
CA LEU P 98 23.17 15.08 41.61
C LEU P 98 21.71 15.46 41.76
N ALA P 99 21.11 16.06 40.72
CA ALA P 99 19.71 16.54 40.82
C ALA P 99 18.75 15.37 40.63
N LYS P 100 17.47 15.57 40.96
CA LYS P 100 16.49 14.44 40.90
C LYS P 100 16.42 13.92 39.45
N GLY P 101 16.63 12.62 39.26
CA GLY P 101 16.61 12.01 37.92
C GLY P 101 17.97 11.99 37.24
N SER P 102 19.03 12.39 37.91
CA SER P 102 20.38 12.30 37.27
C SER P 102 21.29 11.29 37.99
N ALA P 103 20.78 10.56 38.97
CA ALA P 103 21.66 9.64 39.75
C ALA P 103 21.59 8.23 39.16
N THR P 104 22.62 7.43 39.41
CA THR P 104 22.63 6.02 38.92
C THR P 104 22.82 5.11 40.13
N THR P 105 22.20 3.94 40.11
CA THR P 105 22.27 3.02 41.28
C THR P 105 23.71 2.92 41.79
N PHE P 106 24.70 2.97 40.89
CA PHE P 106 26.12 2.87 41.29
C PHE P 106 26.46 4.04 42.21
N ASP P 107 25.98 5.24 41.85
CA ASP P 107 26.23 6.43 42.70
C ASP P 107 25.67 6.18 44.10
N ILE P 108 24.51 5.52 44.18
CA ILE P 108 23.88 5.34 45.53
C ILE P 108 24.72 4.35 46.34
N ASN P 109 25.17 3.26 45.70
CA ASN P 109 25.91 2.25 46.51
C ASN P 109 27.23 2.86 46.99
N LYS P 110 27.92 3.63 46.14
CA LYS P 110 29.15 4.26 46.61
C LYS P 110 28.88 5.18 47.80
N ALA P 111 27.79 5.95 47.73
CA ALA P 111 27.44 6.83 48.84
C ALA P 111 27.09 6.02 50.08
N GLN P 112 26.42 4.88 49.91
CA GLN P 112 26.10 4.04 51.06
C GLN P 112 27.37 3.52 51.73
N LYS P 113 28.34 3.05 50.95
CA LYS P 113 29.59 2.58 51.53
C LYS P 113 30.33 3.72 52.23
N ARG P 114 30.38 4.89 51.60
CA ARG P 114 31.06 6.02 52.23
C ARG P 114 30.38 6.44 53.53
N CYS P 115 29.06 6.43 53.57
CA CYS P 115 28.33 6.80 54.81
C CYS P 115 28.65 5.80 55.94
N PHE P 116 28.91 4.55 55.57
CA PHE P 116 29.29 3.52 56.57
C PHE P 116 30.57 3.93 57.29
N VAL P 117 31.62 4.22 56.53
CA VAL P 117 32.94 4.57 57.16
C VAL P 117 32.75 5.85 57.99
N LYS P 118 31.95 6.80 57.49
CA LYS P 118 31.67 8.04 58.25
C LYS P 118 30.94 7.68 59.55
N ALA P 119 30.00 6.75 59.48
CA ALA P 119 29.30 6.30 60.71
C ALA P 119 30.32 5.65 61.65
N SER P 120 31.25 4.86 61.09
CA SER P 120 32.33 4.25 61.91
C SER P 120 33.18 5.39 62.48
N ALA P 121 33.39 6.45 61.70
CA ALA P 121 34.24 7.58 62.14
C ALA P 121 33.65 8.23 63.39
N LEU P 122 32.33 8.12 63.57
CA LEU P 122 31.70 8.68 64.79
C LEU P 122 32.36 8.00 66.00
N HIS P 123 32.53 6.68 65.96
CA HIS P 123 33.25 5.94 67.02
C HIS P 123 34.70 6.39 66.84
N GLY P 124 35.60 6.09 67.76
CA GLY P 124 36.94 6.68 67.66
C GLY P 124 37.66 6.40 66.35
N LEU P 125 37.40 5.25 65.72
CA LEU P 125 38.14 4.84 64.49
C LEU P 125 37.82 5.75 63.30
N GLY P 126 38.79 6.53 62.82
CA GLY P 126 38.58 7.32 61.59
C GLY P 126 38.10 8.75 61.79
N LEU P 127 37.70 9.13 63.02
CA LEU P 127 37.14 10.49 63.22
C LEU P 127 38.19 11.54 62.87
N TYR P 128 39.44 11.28 63.23
CA TYR P 128 40.55 12.24 62.99
C TYR P 128 40.71 12.54 61.49
N ILE P 129 40.41 11.55 60.63
CA ILE P 129 40.53 11.74 59.15
C ILE P 129 39.61 12.88 58.73
N TYR P 130 38.55 13.14 59.51
CA TYR P 130 37.57 14.19 59.14
C TYR P 130 37.95 15.53 59.79
N ASN P 131 39.10 15.57 60.48
CA ASN P 131 39.59 16.86 61.03
C ASN P 131 40.03 17.72 59.83
N GLY P 132 40.15 19.04 60.00
CA GLY P 132 40.67 19.83 58.86
C GLY P 132 42.05 19.29 58.52
N GLU P 133 42.86 19.00 59.53
CA GLU P 133 44.16 18.31 59.28
C GLU P 133 44.08 16.99 60.03
N GLU P 134 44.15 15.86 59.33
CA GLU P 134 43.97 14.55 60.03
C GLU P 134 45.24 14.33 60.87
N LEU P 135 45.12 13.64 62.00
CA LEU P 135 46.29 13.46 62.91
C LEU P 135 46.65 11.97 63.00
N PRO P 136 47.91 11.60 63.32
CA PRO P 136 48.24 10.19 63.53
C PRO P 136 47.90 9.75 64.96
N SER P 137 46.66 9.98 65.40
CA SER P 137 46.21 9.52 66.75
C SER P 137 47.18 9.95 67.86
N ALA P 138 47.70 11.17 67.77
CA ALA P 138 48.57 11.70 68.83
C ALA P 138 47.90 12.95 69.40
N SER P 139 48.11 13.26 70.69
CA SER P 139 47.37 14.42 71.24
C SER P 139 47.74 15.64 70.39
N ASP P 140 46.75 16.40 69.94
CA ASP P 140 47.07 17.53 69.03
C ASP P 140 48.18 18.36 69.69
N ASN P 141 48.24 18.35 71.02
CA ASN P 141 49.24 19.22 71.72
C ASN P 141 50.68 18.76 71.46
N ASP P 142 50.97 17.46 71.45
CA ASP P 142 52.40 17.06 71.29
C ASP P 142 52.90 17.54 69.91
N ILE P 143 52.07 17.41 68.88
CA ILE P 143 52.43 17.91 67.52
C ILE P 143 52.56 19.43 67.60
N THR P 144 51.64 20.08 68.31
CA THR P 144 51.67 21.55 68.47
C THR P 144 52.93 21.93 69.26
N GLU P 145 53.31 21.08 70.22
CA GLU P 145 54.51 21.37 71.06
C GLU P 145 55.71 21.61 70.14
N LEU P 146 55.85 20.81 69.08
CA LEU P 146 56.96 20.98 68.11
C LEU P 146 56.89 22.38 67.52
N GLU P 147 55.72 22.79 67.03
CA GLU P 147 55.55 24.16 66.45
C GLU P 147 56.05 25.17 67.49
N GLU P 148 55.57 25.06 68.72
CA GLU P 148 56.00 26.00 69.79
C GLU P 148 57.53 25.94 69.88
N ARG P 149 58.13 24.75 69.76
CA ARG P 149 59.60 24.67 69.98
C ARG P 149 60.36 25.19 68.75
N ILE P 150 59.83 25.02 67.54
CA ILE P 150 60.50 25.59 66.34
C ILE P 150 60.35 27.12 66.38
N ASN P 151 59.17 27.61 66.78
CA ASN P 151 58.99 29.09 66.92
C ASN P 151 59.92 29.62 68.02
N GLN P 152 60.08 28.87 69.13
CA GLN P 152 61.04 29.30 70.17
C GLN P 152 62.43 29.37 69.57
N PHE P 153 62.76 28.40 68.72
CA PHE P 153 64.09 28.38 68.07
C PHE P 153 64.19 29.60 67.15
N VAL P 154 63.17 29.83 66.31
CA VAL P 154 63.18 30.98 65.37
C VAL P 154 63.31 32.28 66.18
N ASN P 155 62.46 32.46 67.20
CA ASN P 155 62.46 33.74 67.95
C ASN P 155 63.81 33.94 68.64
N LEU P 156 64.33 32.88 69.28
CA LEU P 156 65.61 33.00 70.03
C LEU P 156 66.73 33.29 69.03
N SER P 157 66.71 32.63 67.87
CA SER P 157 67.71 32.91 66.82
C SER P 157 67.64 34.40 66.45
N GLN P 158 66.50 34.83 65.91
CA GLN P 158 66.34 36.24 65.47
C GLN P 158 66.66 37.17 66.64
N GLU P 159 66.37 36.74 67.88
CA GLU P 159 66.71 37.53 69.09
C GLU P 159 68.23 37.71 69.15
N LYS P 160 68.98 36.68 68.74
CA LYS P 160 70.47 36.77 68.72
C LYS P 160 70.88 37.74 67.61
N GLY P 161 69.91 38.36 66.92
CA GLY P 161 70.23 39.35 65.87
C GLY P 161 70.52 38.72 64.53
N ARG P 162 70.30 37.41 64.37
CA ARG P 162 70.48 36.76 63.04
C ARG P 162 69.11 36.31 62.53
N ASP P 163 68.77 36.64 61.28
CA ASP P 163 67.42 36.32 60.75
C ASP P 163 67.16 34.82 60.74
N ALA P 164 65.96 34.40 61.12
CA ALA P 164 65.58 32.97 61.09
C ALA P 164 64.16 32.85 60.51
N THR P 165 63.89 31.80 59.75
CA THR P 165 62.53 31.59 59.18
C THR P 165 62.00 30.20 59.57
N ILE P 166 60.72 30.12 59.94
CA ILE P 166 60.12 28.82 60.37
C ILE P 166 60.36 27.75 59.30
N ASP P 167 60.07 28.07 58.04
CA ASP P 167 60.22 27.07 56.95
C ASP P 167 61.66 26.53 56.93
N LYS P 168 62.65 27.40 57.06
CA LYS P 168 64.07 26.94 57.15
C LYS P 168 64.28 26.16 58.45
N THR P 169 63.66 26.60 59.55
CA THR P 169 63.77 25.83 60.82
C THR P 169 63.19 24.44 60.55
N MET P 170 62.06 24.38 59.84
CA MET P 170 61.43 23.08 59.48
C MET P 170 62.44 22.29 58.60
N ARG P 171 63.13 22.99 57.71
CA ARG P 171 64.13 22.32 56.81
C ARG P 171 65.20 21.63 57.67
N TRP P 172 65.53 22.18 58.83
CA TRP P 172 66.50 21.48 59.72
C TRP P 172 65.91 20.11 60.03
N LEU P 173 64.62 20.07 60.39
CA LEU P 173 63.94 18.77 60.66
C LEU P 173 63.74 18.04 59.32
N LYS P 174 63.78 18.79 58.21
CA LYS P 174 63.55 18.19 56.86
C LYS P 174 62.18 17.51 56.87
N ILE P 175 61.18 18.18 57.46
CA ILE P 175 59.81 17.59 57.54
C ILE P 175 58.96 18.21 56.43
N SER P 176 58.45 17.37 55.52
CA SER P 176 57.61 17.86 54.38
C SER P 176 56.31 18.47 54.92
N ASN P 177 55.71 17.81 55.93
CA ASN P 177 54.45 18.32 56.54
C ASN P 177 54.56 18.23 58.07
N ILE P 178 54.66 19.38 58.74
CA ILE P 178 54.75 19.41 60.24
C ILE P 178 53.46 18.87 60.86
N ASN P 179 52.29 19.18 60.28
CA ASN P 179 51.01 18.80 60.92
C ASN P 179 50.90 17.29 61.11
N LYS P 180 51.31 16.50 60.11
CA LYS P 180 51.31 15.01 60.30
C LYS P 180 52.75 14.49 60.27
N LEU P 181 53.20 13.90 61.38
CA LEU P 181 54.58 13.34 61.43
C LEU P 181 54.55 12.13 62.38
N SER P 182 55.41 11.13 62.15
CA SER P 182 55.41 9.91 62.99
C SER P 182 55.92 10.26 64.39
N GLN P 183 55.28 9.74 65.44
CA GLN P 183 55.66 10.10 66.84
C GLN P 183 57.19 10.08 67.01
N LYS P 184 57.84 8.96 66.67
CA LYS P 184 59.30 8.84 66.90
C LYS P 184 60.00 10.06 66.27
N GLN P 185 59.58 10.46 65.07
CA GLN P 185 60.16 11.64 64.39
C GLN P 185 59.87 12.93 65.20
N ILE P 186 58.70 13.06 65.80
CA ILE P 186 58.52 14.25 66.68
C ILE P 186 59.65 14.23 67.70
N ALA P 187 59.79 13.09 68.40
CA ALA P 187 60.82 12.99 69.46
C ALA P 187 62.19 13.28 68.85
N GLU P 188 62.47 12.72 67.67
CA GLU P 188 63.79 12.92 67.02
C GLU P 188 63.98 14.40 66.71
N ALA P 189 62.94 15.04 66.18
CA ALA P 189 63.04 16.47 65.83
C ALA P 189 63.29 17.26 67.10
N HIS P 190 62.48 17.02 68.15
CA HIS P 190 62.73 17.70 69.45
C HIS P 190 64.22 17.63 69.79
N GLN P 191 64.81 16.44 69.67
CA GLN P 191 66.24 16.29 70.06
C GLN P 191 67.07 17.33 69.30
N LYS P 192 66.82 17.46 68.01
CA LYS P 192 67.55 18.45 67.18
C LYS P 192 67.32 19.84 67.79
N LEU P 193 66.06 20.26 67.92
CA LEU P 193 65.77 21.61 68.45
C LEU P 193 66.48 21.81 69.81
N ASP P 194 66.25 20.95 70.79
CA ASP P 194 66.84 21.24 72.13
C ASP P 194 68.33 21.48 71.94
N ALA P 195 69.00 20.62 71.16
CA ALA P 195 70.45 20.75 70.97
C ALA P 195 70.74 22.17 70.48
N GLY P 196 70.15 22.55 69.34
CA GLY P 196 70.39 23.89 68.78
C GLY P 196 69.94 24.98 69.74
N LEU P 197 68.72 24.86 70.28
CA LEU P 197 68.14 25.91 71.16
C LEU P 197 69.08 26.16 72.35
N LYS P 198 69.58 25.09 72.96
CA LYS P 198 70.43 25.26 74.17
C LYS P 198 71.68 26.06 73.79
N GLN P 199 72.26 25.78 72.63
CA GLN P 199 73.51 26.47 72.23
C GLN P 199 73.23 27.97 72.05
N LEU P 200 72.10 28.32 71.45
CA LEU P 200 71.72 29.75 71.32
C LEU P 200 71.51 30.34 72.72
N ASP P 201 70.87 29.57 73.61
CA ASP P 201 70.61 30.07 74.99
C ASP P 201 71.96 30.30 75.68
N SER P 202 72.90 29.37 75.51
CA SER P 202 74.25 29.54 76.11
C SER P 202 74.94 30.75 75.47
N GLU P 203 74.78 30.91 74.15
CA GLU P 203 75.41 32.06 73.43
C GLU P 203 74.48 33.27 73.53
N GLN Q 3 39.93 -19.31 68.59
CA GLN Q 3 40.02 -17.87 68.23
C GLN Q 3 38.62 -17.29 68.05
N THR Q 4 38.31 -16.83 66.84
CA THR Q 4 36.99 -16.22 66.55
C THR Q 4 36.67 -16.41 65.06
N LEU Q 5 35.40 -16.26 64.68
CA LEU Q 5 35.00 -16.52 63.27
C LEU Q 5 35.70 -15.53 62.34
N PHE Q 6 35.68 -14.23 62.65
CA PHE Q 6 36.26 -13.30 61.66
C PHE Q 6 37.75 -13.61 61.47
N GLU Q 7 38.54 -13.74 62.54
CA GLU Q 7 39.98 -13.98 62.34
C GLU Q 7 40.21 -15.28 61.57
N GLN Q 8 39.60 -16.39 61.98
CA GLN Q 8 39.76 -17.67 61.25
C GLN Q 8 39.45 -17.45 59.76
N LEU Q 9 38.25 -16.95 59.46
CA LEU Q 9 37.81 -16.74 58.06
C LEU Q 9 38.73 -15.73 57.37
N ASN Q 10 39.12 -14.67 58.09
CA ASN Q 10 39.94 -13.59 57.46
C ASN Q 10 41.28 -14.19 57.01
N SER Q 11 41.85 -15.08 57.83
CA SER Q 11 43.18 -15.65 57.50
C SER Q 11 43.03 -16.85 56.56
N LYS Q 12 42.64 -16.60 55.30
CA LYS Q 12 42.55 -17.67 54.27
C LYS Q 12 43.04 -17.09 52.95
N ASN Q 13 43.51 -17.92 52.02
CA ASN Q 13 43.91 -17.35 50.70
C ASN Q 13 42.86 -17.77 49.65
N VAL Q 14 42.03 -16.83 49.22
CA VAL Q 14 41.02 -17.14 48.16
C VAL Q 14 41.57 -16.65 46.82
N ASN Q 15 42.85 -16.27 46.79
CA ASN Q 15 43.48 -15.73 45.56
C ASN Q 15 43.41 -16.75 44.42
N ASP Q 16 43.62 -18.03 44.72
CA ASP Q 16 43.67 -19.04 43.63
C ASP Q 16 42.31 -19.10 42.91
N HIS Q 17 41.22 -19.08 43.67
CA HIS Q 17 39.86 -19.12 43.06
C HIS Q 17 39.36 -17.69 42.79
N THR Q 18 39.97 -17.01 41.82
CA THR Q 18 39.52 -15.64 41.45
C THR Q 18 39.53 -15.47 39.93
N GLU Q 19 38.69 -14.56 39.41
CA GLU Q 19 38.68 -14.27 37.96
C GLU Q 19 39.02 -12.80 37.75
N GLN Q 20 39.96 -12.50 36.85
CA GLN Q 20 40.32 -11.09 36.54
C GLN Q 20 39.49 -10.61 35.35
N LYS Q 21 38.35 -9.97 35.61
CA LYS Q 21 37.51 -9.42 34.51
C LYS Q 21 37.40 -7.90 34.67
N ASN Q 22 37.77 -7.14 33.64
CA ASN Q 22 37.70 -5.65 33.68
C ASN Q 22 38.80 -5.12 34.61
N GLY Q 23 39.78 -5.96 34.95
CA GLY Q 23 40.83 -5.54 35.89
C GLY Q 23 40.40 -5.58 37.34
N LEU Q 24 39.28 -6.25 37.64
CA LEU Q 24 38.86 -6.42 39.06
C LEU Q 24 39.00 -7.89 39.47
N THR Q 25 39.08 -8.16 40.77
CA THR Q 25 39.26 -9.54 41.26
C THR Q 25 37.95 -10.01 41.90
N TYR Q 26 37.45 -11.19 41.49
CA TYR Q 26 36.16 -11.70 42.01
C TYR Q 26 36.36 -13.13 42.50
N LEU Q 27 35.86 -13.49 43.69
CA LEU Q 27 35.94 -14.91 44.13
C LEU Q 27 34.62 -15.59 43.73
N ALA Q 28 34.69 -16.78 43.14
CA ALA Q 28 33.46 -17.45 42.64
C ALA Q 28 32.55 -17.82 43.81
N TRP Q 29 31.22 -17.77 43.59
CA TRP Q 29 30.25 -18.10 44.66
C TRP Q 29 30.41 -19.56 45.08
N SER Q 30 30.63 -20.46 44.12
CA SER Q 30 30.74 -21.91 44.44
C SER Q 30 31.73 -22.10 45.59
N TYR Q 31 32.88 -21.44 45.54
CA TYR Q 31 33.92 -21.58 46.61
C TYR Q 31 33.36 -21.01 47.93
N ALA Q 32 32.70 -19.86 47.87
CA ALA Q 32 32.13 -19.25 49.09
C ALA Q 32 31.07 -20.18 49.69
N HIS Q 33 30.26 -20.80 48.84
CA HIS Q 33 29.15 -21.63 49.39
C HIS Q 33 29.79 -22.78 50.18
N GLN Q 34 30.82 -23.41 49.63
CA GLN Q 34 31.46 -24.58 50.28
C GLN Q 34 32.10 -24.16 51.60
N GLU Q 35 32.92 -23.11 51.59
CA GLU Q 35 33.68 -22.73 52.81
C GLU Q 35 32.71 -22.54 53.97
N LEU Q 36 31.72 -21.66 53.79
CA LEU Q 36 30.74 -21.39 54.86
C LEU Q 36 30.09 -22.71 55.27
N LYS Q 37 29.60 -23.49 54.29
CA LYS Q 37 28.98 -24.80 54.60
C LYS Q 37 29.89 -25.63 55.52
N LYS Q 38 31.20 -25.64 55.25
CA LYS Q 38 32.13 -26.38 56.13
C LYS Q 38 32.09 -25.74 57.52
N ILE Q 39 32.29 -24.42 57.61
CA ILE Q 39 32.30 -23.73 58.93
C ILE Q 39 30.97 -23.99 59.64
N ASP Q 40 29.86 -23.91 58.92
CA ASP Q 40 28.52 -24.10 59.54
C ASP Q 40 27.67 -24.97 58.63
N PRO Q 41 27.28 -26.20 59.01
CA PRO Q 41 26.52 -27.05 58.11
C PRO Q 41 25.17 -26.42 57.73
N ASN Q 42 24.54 -25.72 58.67
CA ASN Q 42 23.21 -25.12 58.40
C ASN Q 42 23.30 -23.59 58.43
N TYR Q 43 23.40 -22.96 57.25
CA TYR Q 43 23.43 -21.51 57.17
C TYR Q 43 22.44 -21.07 56.09
N THR Q 44 21.94 -19.84 56.23
CA THR Q 44 20.84 -19.35 55.43
C THR Q 44 21.29 -18.20 54.53
N VAL Q 45 20.84 -18.23 53.28
CA VAL Q 45 21.00 -17.13 52.33
C VAL Q 45 19.61 -16.70 51.89
N LYS Q 46 19.31 -15.43 52.07
CA LYS Q 46 17.99 -14.89 51.75
C LYS Q 46 18.14 -13.70 50.82
N VAL Q 47 17.45 -13.74 49.69
CA VAL Q 47 17.44 -12.61 48.75
C VAL Q 47 16.15 -11.83 48.97
N HIS Q 48 16.29 -10.58 49.39
CA HIS Q 48 15.09 -9.79 49.75
C HIS Q 48 14.23 -9.50 48.52
N GLU Q 49 12.92 -9.43 48.71
CA GLU Q 49 11.97 -9.19 47.60
C GLU Q 49 11.23 -7.88 47.88
N PHE Q 50 11.08 -7.00 46.90
CA PHE Q 50 10.47 -5.69 47.21
C PHE Q 50 9.34 -5.41 46.22
N PRO Q 51 8.15 -4.89 46.59
CA PRO Q 51 7.09 -4.69 45.60
C PRO Q 51 7.58 -3.85 44.42
N HIS Q 52 7.52 -4.40 43.20
CA HIS Q 52 8.04 -3.67 42.01
C HIS Q 52 7.15 -2.44 41.80
N PRO Q 53 7.72 -1.24 41.54
CA PRO Q 53 6.93 -0.01 41.40
C PRO Q 53 5.91 0.04 40.26
N ASP Q 54 6.38 -0.03 39.01
CA ASP Q 54 5.49 0.14 37.83
C ASP Q 54 4.30 -0.82 37.86
N ILE Q 55 4.57 -2.11 38.08
CA ILE Q 55 3.48 -3.13 38.09
C ILE Q 55 2.47 -2.75 39.17
N ASN Q 56 2.93 -2.62 40.42
CA ASN Q 56 2.02 -2.21 41.53
C ASN Q 56 0.85 -3.21 41.59
N THR Q 57 1.13 -4.50 41.41
CA THR Q 57 0.06 -5.53 41.55
C THR Q 57 0.08 -6.05 42.98
N GLU Q 58 -1.08 -6.26 43.59
CA GLU Q 58 -1.14 -6.73 45.01
C GLU Q 58 -0.50 -8.11 45.11
N ASN Q 59 0.34 -8.32 46.11
CA ASN Q 59 0.98 -9.65 46.34
C ASN Q 59 2.03 -9.90 45.25
N TYR Q 60 2.38 -8.87 44.49
CA TYR Q 60 3.45 -9.02 43.47
C TYR Q 60 4.78 -8.51 44.04
N PHE Q 61 5.72 -9.44 44.31
CA PHE Q 61 7.04 -9.04 44.88
C PHE Q 61 8.18 -9.56 44.01
N VAL Q 62 8.84 -8.68 43.26
CA VAL Q 62 10.02 -9.09 42.44
C VAL Q 62 11.22 -9.24 43.37
N PRO Q 63 12.34 -9.91 43.00
CA PRO Q 63 13.45 -10.10 43.93
C PRO Q 63 14.47 -8.95 43.96
N TYR Q 64 14.19 -7.85 43.24
CA TYR Q 64 15.16 -6.73 43.17
C TYR Q 64 14.45 -5.38 43.15
N LEU Q 65 15.11 -4.33 43.62
CA LEU Q 65 14.52 -2.95 43.58
C LEU Q 65 14.51 -2.43 42.15
N ALA Q 66 13.42 -1.77 41.75
CA ALA Q 66 13.39 -1.12 40.41
C ALA Q 66 13.14 0.36 40.64
N THR Q 67 14.02 1.23 40.13
CA THR Q 67 13.89 2.69 40.39
C THR Q 67 14.16 3.44 39.10
N PRO Q 68 13.65 4.69 38.91
CA PRO Q 68 13.97 5.48 37.72
C PRO Q 68 15.49 5.69 37.74
N GLU Q 69 16.06 5.93 38.93
CA GLU Q 69 17.52 6.12 39.05
C GLU Q 69 18.24 4.84 38.61
N GLY Q 70 17.74 3.65 38.98
CA GLY Q 70 18.38 2.43 38.47
C GLY Q 70 17.86 1.15 39.12
N TYR Q 71 18.77 0.26 39.53
CA TYR Q 71 18.36 -1.05 40.12
C TYR Q 71 19.22 -1.45 41.31
N PHE Q 72 18.57 -1.99 42.35
CA PHE Q 72 19.31 -2.40 43.57
C PHE Q 72 18.94 -3.83 43.97
N VAL Q 73 19.90 -4.56 44.54
CA VAL Q 73 19.69 -5.91 45.03
C VAL Q 73 20.15 -5.98 46.47
N GLN Q 74 19.62 -6.95 47.20
CA GLN Q 74 19.95 -7.13 48.61
C GLN Q 74 20.07 -8.62 48.92
N VAL Q 75 21.10 -8.98 49.68
CA VAL Q 75 21.34 -10.37 50.08
C VAL Q 75 21.70 -10.39 51.56
N SER Q 76 21.04 -11.27 52.32
CA SER Q 76 21.31 -11.40 53.77
C SER Q 76 21.85 -12.79 54.08
N VAL Q 77 23.11 -12.90 54.51
CA VAL Q 77 23.78 -14.16 54.79
C VAL Q 77 23.87 -14.34 56.30
N THR Q 78 23.29 -15.42 56.80
CA THR Q 78 23.38 -15.71 58.25
C THR Q 78 24.35 -16.87 58.45
N VAL Q 79 25.62 -16.57 58.76
CA VAL Q 79 26.62 -17.64 59.03
C VAL Q 79 26.66 -17.89 60.55
N LYS Q 80 26.35 -19.11 60.98
CA LYS Q 80 26.26 -19.37 62.44
C LYS Q 80 25.25 -18.39 63.03
N ASP Q 81 25.51 -17.93 64.24
CA ASP Q 81 24.63 -16.91 64.89
C ASP Q 81 24.72 -15.59 64.12
N SER Q 82 25.91 -15.22 63.64
CA SER Q 82 26.09 -13.89 63.00
C SER Q 82 25.22 -13.75 61.74
N THR Q 83 24.65 -12.56 61.53
CA THR Q 83 23.83 -12.29 60.32
C THR Q 83 24.25 -10.93 59.76
N GLU Q 84 24.04 -10.69 58.46
CA GLU Q 84 24.49 -9.39 57.87
C GLU Q 84 23.87 -9.24 56.48
N THR Q 85 23.94 -8.04 55.88
CA THR Q 85 23.24 -7.79 54.60
C THR Q 85 24.12 -6.91 53.71
N GLU Q 86 23.99 -7.02 52.39
CA GLU Q 86 24.76 -6.14 51.47
C GLU Q 86 23.87 -5.57 50.36
N TRP Q 87 24.01 -4.29 50.04
CA TRP Q 87 23.28 -3.69 48.89
C TRP Q 87 24.25 -3.65 47.70
N LEU Q 88 23.74 -3.72 46.46
CA LEU Q 88 24.69 -3.53 45.35
C LEU Q 88 23.93 -2.94 44.15
N PRO Q 89 24.57 -2.13 43.26
CA PRO Q 89 23.88 -1.67 42.06
C PRO Q 89 23.98 -2.70 40.93
N VAL Q 90 22.88 -2.96 40.22
CA VAL Q 90 22.99 -3.88 39.04
C VAL Q 90 23.83 -3.14 38.00
N LEU Q 91 24.82 -3.79 37.38
CA LEU Q 91 25.75 -3.09 36.45
C LEU Q 91 25.91 -3.85 35.13
N ASP Q 92 26.39 -3.18 34.08
CA ASP Q 92 26.63 -3.82 32.76
C ASP Q 92 27.85 -4.74 32.82
N PHE Q 93 28.21 -5.35 31.68
CA PHE Q 93 29.43 -6.19 31.62
C PHE Q 93 30.67 -5.28 31.61
N ARG Q 94 30.47 -3.98 31.37
CA ARG Q 94 31.59 -3.01 31.40
C ARG Q 94 31.60 -2.27 32.74
N ASN Q 95 30.86 -2.78 33.72
CA ASN Q 95 30.75 -2.07 35.03
C ASN Q 95 30.21 -0.65 34.84
N LYS Q 96 29.12 -0.50 34.10
CA LYS Q 96 28.46 0.82 33.93
C LYS Q 96 27.03 0.67 34.48
N SER Q 97 26.37 1.76 34.84
CA SER Q 97 25.03 1.66 35.46
C SER Q 97 23.97 1.32 34.41
N LEU Q 98 22.86 0.70 34.85
CA LEU Q 98 21.74 0.38 33.92
C LEU Q 98 20.51 1.21 34.31
N ALA Q 99 19.97 2.01 33.39
CA ALA Q 99 18.85 2.91 33.70
C ALA Q 99 17.55 2.12 33.71
N LYS Q 100 16.47 2.71 34.26
CA LYS Q 100 15.19 1.97 34.39
C LYS Q 100 14.71 1.53 33.00
N GLY Q 101 14.44 0.24 32.81
CA GLY Q 101 14.00 -0.29 31.51
C GLY Q 101 15.14 -0.72 30.60
N SER Q 102 16.37 -0.71 31.08
CA SER Q 102 17.49 -1.22 30.22
C SER Q 102 18.14 -2.48 30.79
N ALA Q 103 17.59 -3.05 31.86
CA ALA Q 103 18.24 -4.22 32.51
C ALA Q 103 17.62 -5.51 31.98
N THR Q 104 18.37 -6.62 32.07
CA THR Q 104 17.83 -7.93 31.64
C THR Q 104 17.92 -8.88 32.83
N THR Q 105 16.97 -9.79 32.94
CA THR Q 105 16.96 -10.71 34.12
C THR Q 105 18.36 -11.25 34.36
N PHE Q 106 19.11 -11.55 33.29
CA PHE Q 106 20.47 -12.11 33.46
C PHE Q 106 21.32 -11.14 34.27
N ASP Q 107 21.20 -9.84 33.97
CA ASP Q 107 21.97 -8.81 34.72
C ASP Q 107 21.60 -8.91 36.20
N ILE Q 108 20.33 -9.17 36.51
CA ILE Q 108 19.91 -9.17 37.94
C ILE Q 108 20.51 -10.40 38.62
N ASN Q 109 20.46 -11.55 37.96
CA ASN Q 109 20.97 -12.77 38.65
C ASN Q 109 22.48 -12.64 38.88
N LYS Q 110 23.22 -12.11 37.90
CA LYS Q 110 24.66 -11.93 38.13
C LYS Q 110 24.90 -11.00 39.33
N ALA Q 111 24.13 -9.92 39.42
CA ALA Q 111 24.27 -9.00 40.55
C ALA Q 111 23.90 -9.70 41.86
N GLN Q 112 22.88 -10.56 41.84
CA GLN Q 112 22.51 -11.28 43.05
C GLN Q 112 23.63 -12.20 43.51
N LYS Q 113 24.24 -12.94 42.58
CA LYS Q 113 25.36 -13.81 42.95
C LYS Q 113 26.53 -12.99 43.49
N ARG Q 114 26.85 -11.87 42.83
CA ARG Q 114 27.97 -11.05 43.29
C ARG Q 114 27.69 -10.46 44.67
N CYS Q 115 26.46 -10.04 44.93
CA CYS Q 115 26.12 -9.49 46.28
C CYS Q 115 26.28 -10.57 47.36
N PHE Q 116 26.06 -11.84 46.99
CA PHE Q 116 26.25 -12.96 47.94
C PHE Q 116 27.70 -13.02 48.41
N VAL Q 117 28.65 -13.04 47.48
CA VAL Q 117 30.08 -13.18 47.88
C VAL Q 117 30.50 -11.91 48.65
N LYS Q 118 29.95 -10.75 48.30
CA LYS Q 118 30.22 -9.51 49.06
C LYS Q 118 29.64 -9.64 50.47
N ALA Q 119 28.45 -10.22 50.60
CA ALA Q 119 27.87 -10.47 51.94
C ALA Q 119 28.78 -11.43 52.71
N SER Q 120 29.29 -12.46 52.02
CA SER Q 120 30.23 -13.40 52.66
C SER Q 120 31.50 -12.63 53.04
N ALA Q 121 31.90 -11.67 52.21
CA ALA Q 121 33.12 -10.88 52.46
C ALA Q 121 33.00 -10.12 53.78
N LEU Q 122 31.78 -9.80 54.18
CA LEU Q 122 31.58 -9.10 55.48
C LEU Q 122 32.18 -10.00 56.58
N HIS Q 123 31.90 -11.30 56.54
CA HIS Q 123 32.51 -12.26 57.48
C HIS Q 123 33.97 -12.29 57.04
N GLY Q 124 34.86 -12.90 57.80
CA GLY Q 124 36.30 -12.77 57.45
C GLY Q 124 36.65 -13.23 56.05
N LEU Q 125 35.96 -14.23 55.49
CA LEU Q 125 36.41 -14.82 54.20
C LEU Q 125 36.60 -13.80 53.08
N GLY Q 126 37.79 -13.73 52.47
CA GLY Q 126 38.05 -12.87 51.30
C GLY Q 126 37.72 -11.40 51.46
N LEU Q 127 37.84 -10.86 52.68
CA LEU Q 127 37.60 -9.40 52.88
C LEU Q 127 38.61 -8.59 52.06
N TYR Q 128 39.83 -9.09 51.90
CA TYR Q 128 40.90 -8.32 51.19
C TYR Q 128 40.59 -8.24 49.69
N ILE Q 129 39.70 -9.10 49.20
CA ILE Q 129 39.32 -9.04 47.74
C ILE Q 129 38.67 -7.68 47.48
N TYR Q 130 37.81 -7.23 48.39
CA TYR Q 130 37.11 -5.93 48.20
C TYR Q 130 37.97 -4.81 48.79
N ASN Q 131 39.06 -5.17 49.46
CA ASN Q 131 40.02 -4.15 49.94
C ASN Q 131 40.60 -3.47 48.70
N GLY Q 132 40.64 -4.19 47.58
CA GLY Q 132 41.25 -3.66 46.34
C GLY Q 132 42.71 -4.08 46.26
N GLU Q 133 43.14 -4.91 47.21
CA GLU Q 133 44.53 -5.43 47.21
C GLU Q 133 44.45 -6.95 47.02
N GLU Q 134 45.24 -7.53 46.11
CA GLU Q 134 45.11 -8.97 45.78
C GLU Q 134 46.01 -9.82 46.69
N LEU Q 135 46.70 -9.21 47.65
CA LEU Q 135 47.66 -9.99 48.48
C LEU Q 135 46.92 -11.04 49.32
N PRO Q 136 47.53 -12.21 49.63
CA PRO Q 136 46.82 -13.32 50.30
C PRO Q 136 46.27 -13.20 51.73
N SER Q 137 46.95 -12.48 52.64
CA SER Q 137 46.45 -12.49 54.05
C SER Q 137 46.66 -11.14 54.74
N ALA Q 138 46.33 -11.06 56.03
CA ALA Q 138 46.50 -9.82 56.81
C ALA Q 138 46.59 -10.16 58.30
N SER Q 139 47.60 -10.93 58.70
CA SER Q 139 47.75 -11.36 60.11
C SER Q 139 48.51 -10.27 60.85
N ASP Q 140 47.79 -9.28 61.38
CA ASP Q 140 48.48 -8.10 61.98
C ASP Q 140 49.32 -8.51 63.20
N ASN Q 141 48.87 -9.47 64.01
CA ASN Q 141 49.64 -9.74 65.26
C ASN Q 141 51.04 -10.31 64.98
N ASP Q 142 51.16 -11.34 64.13
CA ASP Q 142 52.50 -11.96 63.92
C ASP Q 142 53.36 -10.94 63.16
N ILE Q 143 52.75 -10.21 62.23
CA ILE Q 143 53.48 -9.17 61.45
C ILE Q 143 53.94 -8.04 62.38
N THR Q 144 53.16 -7.72 63.41
CA THR Q 144 53.62 -6.71 64.39
C THR Q 144 54.92 -7.24 65.03
N GLU Q 145 54.96 -8.54 65.35
CA GLU Q 145 56.20 -9.14 65.87
C GLU Q 145 57.31 -9.02 64.82
N LEU Q 146 56.97 -9.28 63.56
CA LEU Q 146 57.95 -9.17 62.45
C LEU Q 146 58.51 -7.75 62.42
N GLU Q 147 57.63 -6.73 62.42
CA GLU Q 147 58.09 -5.32 62.43
C GLU Q 147 59.08 -5.14 63.57
N GLU Q 148 58.71 -5.57 64.78
CA GLU Q 148 59.62 -5.44 65.95
C GLU Q 148 60.93 -6.14 65.61
N ARG Q 149 60.89 -7.27 64.93
CA ARG Q 149 62.15 -8.02 64.71
C ARG Q 149 62.98 -7.38 63.58
N ILE Q 150 62.33 -6.79 62.58
CA ILE Q 150 63.11 -6.07 61.51
C ILE Q 150 63.70 -4.79 62.13
N ASN Q 151 62.93 -4.10 62.97
CA ASN Q 151 63.47 -2.89 63.65
C ASN Q 151 64.63 -3.30 64.58
N GLN Q 152 64.49 -4.45 65.27
CA GLN Q 152 65.61 -4.92 66.12
C GLN Q 152 66.84 -5.15 65.22
N PHE Q 153 66.59 -5.72 64.04
CA PHE Q 153 67.70 -5.99 63.11
C PHE Q 153 68.30 -4.64 62.67
N VAL Q 154 67.45 -3.69 62.27
CA VAL Q 154 67.93 -2.36 61.82
C VAL Q 154 68.72 -1.70 62.95
N ASN Q 155 68.14 -1.66 64.15
CA ASN Q 155 68.79 -0.94 65.27
C ASN Q 155 70.13 -1.62 65.61
N LEU Q 156 70.13 -2.95 65.69
CA LEU Q 156 71.37 -3.69 66.06
C LEU Q 156 72.42 -3.47 64.96
N SER Q 157 71.99 -3.50 63.70
CA SER Q 157 72.93 -3.22 62.59
C SER Q 157 73.53 -1.83 62.80
N GLN Q 158 72.70 -0.78 62.76
CA GLN Q 158 73.19 0.61 62.90
C GLN Q 158 74.01 0.73 64.19
N GLU Q 159 73.63 -0.03 65.22
CA GLU Q 159 74.40 -0.04 66.50
C GLU Q 159 75.83 -0.53 66.22
N LYS Q 160 75.98 -1.48 65.29
CA LYS Q 160 77.32 -1.99 64.91
C LYS Q 160 78.11 -0.86 64.25
N GLY Q 161 77.41 0.15 63.71
CA GLY Q 161 78.09 1.26 63.01
C GLY Q 161 77.94 1.15 61.50
N ARG Q 162 77.15 0.17 61.03
CA ARG Q 162 76.87 0.08 59.56
C ARG Q 162 75.41 0.48 59.34
N ASP Q 163 75.15 1.36 58.37
CA ASP Q 163 73.78 1.89 58.17
C ASP Q 163 72.78 0.79 57.83
N ALA Q 164 71.59 0.85 58.43
CA ALA Q 164 70.52 -0.13 58.12
C ALA Q 164 69.22 0.65 57.88
N THR Q 165 68.43 0.27 56.88
CA THR Q 165 67.12 0.94 56.65
C THR Q 165 66.01 -0.12 56.67
N ILE Q 166 64.81 0.25 57.12
CA ILE Q 166 63.71 -0.75 57.25
C ILE Q 166 63.34 -1.24 55.85
N ASP Q 167 63.28 -0.34 54.87
CA ASP Q 167 62.88 -0.73 53.50
C ASP Q 167 63.91 -1.70 52.92
N LYS Q 168 65.20 -1.49 53.16
CA LYS Q 168 66.22 -2.48 52.69
C LYS Q 168 66.16 -3.74 53.54
N THR Q 169 65.89 -3.61 54.84
CA THR Q 169 65.71 -4.82 55.67
C THR Q 169 64.52 -5.57 55.10
N MET Q 170 63.45 -4.85 54.76
CA MET Q 170 62.25 -5.47 54.15
C MET Q 170 62.68 -6.14 52.84
N ARG Q 171 63.61 -5.51 52.12
CA ARG Q 171 64.09 -6.06 50.82
C ARG Q 171 64.76 -7.41 51.08
N TRP Q 172 65.35 -7.62 52.26
CA TRP Q 172 65.93 -8.95 52.56
C TRP Q 172 64.79 -9.96 52.52
N LEU Q 173 63.67 -9.64 53.16
CA LEU Q 173 62.48 -10.53 53.14
C LEU Q 173 61.87 -10.48 51.73
N LYS Q 174 62.16 -9.41 50.98
CA LYS Q 174 61.58 -9.23 49.62
C LYS Q 174 60.06 -9.23 49.76
N ILE Q 175 59.54 -8.55 50.78
CA ILE Q 175 58.06 -8.50 51.00
C ILE Q 175 57.52 -7.18 50.44
N SER Q 176 56.61 -7.27 49.46
CA SER Q 176 56.03 -6.06 48.84
C SER Q 176 55.20 -5.28 49.86
N ASN Q 177 54.46 -5.99 50.73
CA ASN Q 177 53.73 -5.29 51.82
C ASN Q 177 53.90 -6.11 53.09
N ILE Q 178 54.47 -5.50 54.14
CA ILE Q 178 54.64 -6.21 55.44
C ILE Q 178 53.24 -6.57 55.96
N ASN Q 179 52.26 -5.69 55.78
CA ASN Q 179 50.89 -5.92 56.33
C ASN Q 179 50.31 -7.19 55.70
N LYS Q 180 50.51 -7.38 54.39
CA LYS Q 180 49.90 -8.56 53.71
C LYS Q 180 51.00 -9.59 53.45
N LEU Q 181 50.93 -10.75 54.09
CA LEU Q 181 52.01 -11.77 53.95
C LEU Q 181 51.46 -13.09 54.49
N SER Q 182 51.81 -14.23 53.86
CA SER Q 182 51.18 -15.50 54.29
C SER Q 182 51.83 -15.92 55.62
N GLN Q 183 51.04 -16.52 56.51
CA GLN Q 183 51.57 -16.94 57.84
C GLN Q 183 52.91 -17.66 57.65
N LYS Q 184 52.95 -18.64 56.74
CA LYS Q 184 54.20 -19.41 56.53
C LYS Q 184 55.33 -18.44 56.20
N GLN Q 185 55.05 -17.43 55.37
CA GLN Q 185 56.08 -16.41 55.02
C GLN Q 185 56.50 -15.60 56.27
N ILE Q 186 55.57 -15.28 57.17
CA ILE Q 186 56.05 -14.62 58.41
C ILE Q 186 57.10 -15.53 59.03
N ALA Q 187 56.74 -16.81 59.22
CA ALA Q 187 57.69 -17.75 59.87
C ALA Q 187 58.98 -17.81 59.06
N GLU Q 188 58.87 -17.86 57.73
CA GLU Q 188 60.07 -17.95 56.87
C GLU Q 188 60.91 -16.69 57.04
N ALA Q 189 60.26 -15.53 57.07
CA ALA Q 189 61.00 -14.25 57.23
C ALA Q 189 61.69 -14.26 58.58
N HIS Q 190 60.95 -14.58 59.64
CA HIS Q 190 61.58 -14.69 61.00
C HIS Q 190 62.88 -15.49 60.89
N GLN Q 191 62.83 -16.64 60.20
CA GLN Q 191 64.05 -17.50 60.13
C GLN Q 191 65.20 -16.66 59.59
N LYS Q 192 64.95 -15.89 58.52
CA LYS Q 192 66.00 -15.03 57.93
C LYS Q 192 66.50 -14.07 59.03
N LEU Q 193 65.60 -13.29 59.63
CA LEU Q 193 66.02 -12.31 60.66
C LEU Q 193 66.84 -13.00 61.76
N ASP Q 194 66.30 -14.04 62.41
CA ASP Q 194 67.06 -14.61 63.55
C ASP Q 194 68.47 -14.93 63.07
N ALA Q 195 68.59 -15.56 61.90
CA ALA Q 195 69.92 -15.95 61.38
C ALA Q 195 70.80 -14.70 61.36
N GLY Q 196 70.38 -13.67 60.62
CA GLY Q 196 71.17 -12.43 60.52
C GLY Q 196 71.37 -11.79 61.89
N LEU Q 197 70.28 -11.62 62.64
CA LEU Q 197 70.34 -10.93 63.95
C LEU Q 197 71.36 -11.61 64.85
N LYS Q 198 71.34 -12.94 64.91
CA LYS Q 198 72.26 -13.66 65.83
C LYS Q 198 73.71 -13.34 65.45
N GLN Q 199 74.01 -13.31 64.14
CA GLN Q 199 75.41 -13.08 63.70
C GLN Q 199 75.84 -11.67 64.13
N LEU Q 200 74.97 -10.67 64.01
CA LEU Q 200 75.30 -9.31 64.48
C LEU Q 200 75.51 -9.35 66.00
N ASP Q 201 74.65 -10.10 66.72
CA ASP Q 201 74.76 -10.18 68.20
C ASP Q 201 76.10 -10.82 68.54
N SER Q 202 76.47 -11.89 67.82
CA SER Q 202 77.79 -12.55 68.07
C SER Q 202 78.92 -11.57 67.72
N GLU Q 203 78.75 -10.80 66.64
CA GLU Q 203 79.78 -9.81 66.22
C GLU Q 203 79.55 -8.50 66.97
N ILE R 3 99.78 -56.16 25.74
CA ILE R 3 100.73 -55.06 25.66
C ILE R 3 100.23 -53.86 26.45
N ARG R 4 101.14 -53.04 26.94
CA ARG R 4 100.69 -51.80 27.62
C ARG R 4 101.87 -50.85 27.69
N ASN R 5 101.59 -49.56 27.68
CA ASN R 5 102.71 -48.60 27.89
C ASN R 5 103.05 -48.63 29.38
N ARG R 6 104.29 -48.33 29.75
CA ARG R 6 104.67 -48.44 31.18
C ARG R 6 104.71 -47.04 31.81
N LEU R 7 103.94 -46.10 31.26
CA LEU R 7 104.02 -44.74 31.75
C LEU R 7 103.84 -44.65 33.26
N SER R 8 102.79 -45.28 33.79
CA SER R 8 102.57 -45.21 35.24
C SER R 8 103.81 -45.68 36.00
N GLU R 9 104.34 -46.83 35.59
CA GLU R 9 105.56 -47.39 36.24
C GLU R 9 106.75 -46.45 35.98
N LEU R 10 106.86 -45.90 34.76
CA LEU R 10 107.99 -45.04 34.43
C LEU R 10 108.03 -43.79 35.31
N LEU R 11 106.90 -43.07 35.37
CA LEU R 11 106.88 -41.81 36.16
C LEU R 11 106.87 -42.13 37.67
N SER R 12 106.37 -43.29 38.08
CA SER R 12 106.48 -43.66 39.52
C SER R 12 107.96 -43.80 39.86
N GLU R 13 108.72 -44.48 38.99
CA GLU R 13 110.15 -44.62 39.21
C GLU R 13 110.85 -43.27 39.15
N ARG R 14 110.48 -42.41 38.19
CA ARG R 14 111.08 -41.09 38.08
C ARG R 14 110.62 -40.17 39.21
N GLY R 15 109.42 -40.41 39.75
CA GLY R 15 108.84 -39.52 40.73
C GLY R 15 108.14 -38.32 40.15
N LEU R 16 108.18 -38.17 38.82
CA LEU R 16 107.58 -36.99 38.16
C LEU R 16 106.05 -37.11 38.14
N LYS R 17 105.35 -35.99 37.91
CA LYS R 17 103.87 -36.00 37.86
C LYS R 17 103.42 -35.84 36.41
N ILE R 18 102.21 -36.32 36.08
CA ILE R 18 101.74 -36.27 34.67
C ILE R 18 101.77 -34.81 34.21
N SER R 19 101.26 -33.90 35.03
CA SER R 19 101.20 -32.47 34.65
C SER R 19 102.61 -31.99 34.32
N ARG R 20 103.59 -32.40 35.13
CA ARG R 20 104.99 -31.98 34.90
C ARG R 20 105.44 -32.49 33.53
N VAL R 21 105.17 -33.76 33.24
CA VAL R 21 105.55 -34.34 31.92
C VAL R 21 104.82 -33.58 30.81
N ALA R 22 103.53 -33.29 31.00
CA ALA R 22 102.75 -32.63 29.92
C ALA R 22 103.37 -31.27 29.62
N LYS R 23 103.77 -30.53 30.66
CA LYS R 23 104.40 -29.21 30.47
C LYS R 23 105.70 -29.38 29.68
N ASP R 24 106.33 -30.54 29.81
CA ASP R 24 107.62 -30.76 29.16
C ASP R 24 107.46 -31.18 27.71
N VAL R 25 106.49 -32.07 27.43
CA VAL R 25 106.38 -32.66 26.06
C VAL R 25 105.25 -32.03 25.23
N LYS R 26 104.60 -30.99 25.74
CA LYS R 26 103.57 -30.28 24.98
C LYS R 26 102.46 -31.23 24.51
N ILE R 27 102.07 -32.12 25.42
CA ILE R 27 100.96 -33.06 25.13
C ILE R 27 99.81 -32.74 26.10
N ALA R 28 98.57 -32.77 25.62
CA ALA R 28 97.40 -32.40 26.41
C ALA R 28 97.35 -33.22 27.69
N ARG R 29 97.06 -32.54 28.80
CA ARG R 29 97.09 -33.24 30.12
C ARG R 29 96.09 -34.40 30.09
N SER R 30 94.84 -34.15 29.65
CA SER R 30 93.84 -35.19 29.73
C SER R 30 94.26 -36.42 28.93
N SER R 31 94.69 -36.21 27.68
CA SER R 31 95.10 -37.34 26.84
C SER R 31 96.32 -38.04 27.45
N LEU R 32 97.28 -37.26 27.92
CA LEU R 32 98.53 -37.87 28.47
C LEU R 32 98.19 -38.67 29.73
N THR R 33 97.34 -38.11 30.61
CA THR R 33 97.03 -38.79 31.88
C THR R 33 96.25 -40.07 31.56
N SER R 34 95.33 -40.00 30.59
CA SER R 34 94.62 -41.21 30.18
C SER R 34 95.60 -42.24 29.63
N MET R 35 96.55 -41.78 28.82
CA MET R 35 97.53 -42.71 28.21
C MET R 35 98.51 -43.19 29.28
N ALA R 36 98.72 -42.39 30.33
CA ALA R 36 99.56 -42.85 31.45
C ALA R 36 98.93 -44.14 31.98
N GLN R 37 97.61 -44.14 32.13
CA GLN R 37 96.92 -45.39 32.54
C GLN R 37 96.95 -46.34 31.34
N ASN R 38 96.99 -47.65 31.60
CA ASN R 38 97.04 -48.65 30.51
C ASN R 38 95.68 -48.71 29.81
N ASP R 39 94.67 -48.04 30.37
CA ASP R 39 93.29 -48.13 29.81
C ASP R 39 93.24 -47.65 28.36
N SER R 40 93.99 -46.61 28.00
CA SER R 40 93.89 -46.08 26.61
C SER R 40 94.24 -47.19 25.62
N GLU R 41 93.48 -47.31 24.53
CA GLU R 41 93.70 -48.41 23.56
C GLU R 41 94.43 -47.87 22.33
N MET R 42 94.51 -46.55 22.20
CA MET R 42 95.17 -45.93 21.02
C MET R 42 96.30 -45.01 21.49
N ILE R 43 97.36 -44.95 20.69
CA ILE R 43 98.53 -44.10 21.04
C ILE R 43 99.10 -43.47 19.77
N ARG R 44 99.65 -42.27 19.87
CA ARG R 44 100.20 -41.52 18.75
C ARG R 44 101.71 -41.69 18.66
N TYR R 45 102.21 -41.70 17.42
CA TYR R 45 103.66 -41.76 17.21
C TYR R 45 104.35 -40.52 17.76
N ASP R 46 103.74 -39.35 17.60
CA ASP R 46 104.30 -38.15 18.21
C ASP R 46 104.42 -38.32 19.71
N ALA R 47 103.41 -38.92 20.33
CA ALA R 47 103.44 -39.13 21.78
C ALA R 47 104.59 -40.04 22.18
N ILE R 48 104.77 -41.14 21.45
CA ILE R 48 105.84 -42.11 21.84
C ILE R 48 107.20 -41.44 21.61
N ASP R 49 107.33 -40.64 20.56
CA ASP R 49 108.61 -39.93 20.28
C ASP R 49 108.90 -38.98 21.44
N LYS R 50 107.95 -38.12 21.78
CA LYS R 50 108.18 -37.11 22.80
C LYS R 50 108.45 -37.75 24.15
N LEU R 51 107.68 -38.77 24.52
CA LEU R 51 107.87 -39.38 25.83
C LEU R 51 109.18 -40.13 25.92
N CYS R 52 109.49 -40.92 24.88
CA CYS R 52 110.75 -41.70 24.90
C CYS R 52 111.94 -40.75 24.99
N SER R 53 111.87 -39.62 24.27
CA SER R 53 112.98 -38.62 24.31
C SER R 53 113.03 -37.97 25.69
N TYR R 54 111.89 -37.49 26.19
CA TYR R 54 111.86 -36.80 27.50
C TYR R 54 112.46 -37.71 28.57
N LEU R 55 111.99 -38.97 28.62
CA LEU R 55 112.51 -39.90 29.60
C LEU R 55 113.84 -40.49 29.21
N HIS R 56 114.34 -40.14 28.02
CA HIS R 56 115.69 -40.59 27.59
C HIS R 56 115.73 -42.12 27.59
N ILE R 57 114.67 -42.75 27.07
CA ILE R 57 114.59 -44.25 27.10
C ILE R 57 114.08 -44.77 25.76
N SER R 58 114.51 -45.98 25.39
CA SER R 58 114.02 -46.64 24.19
C SER R 58 112.59 -47.13 24.40
N PRO R 59 111.81 -47.39 23.33
CA PRO R 59 110.44 -47.89 23.47
C PRO R 59 110.41 -49.22 24.23
N SER R 60 111.53 -49.94 24.26
CA SER R 60 111.60 -51.21 25.02
C SER R 60 111.05 -50.96 26.43
N GLU R 61 111.61 -49.97 27.12
CA GLU R 61 111.16 -49.66 28.50
C GLU R 61 109.75 -49.04 28.46
N PHE R 62 109.37 -48.42 27.33
CA PHE R 62 108.03 -47.79 27.26
C PHE R 62 106.93 -48.84 27.04
N PHE R 63 107.16 -49.82 26.18
CA PHE R 63 106.13 -50.81 25.85
C PHE R 63 106.46 -52.13 26.52
N GLU R 64 105.68 -52.49 27.52
CA GLU R 64 105.73 -53.83 28.11
C GLU R 64 104.83 -54.74 27.28
N HIS R 65 105.43 -55.71 26.58
CA HIS R 65 104.70 -56.63 25.76
C HIS R 65 105.01 -58.06 26.16
N ASN R 66 103.93 -58.88 26.36
CA ASN R 66 104.06 -60.31 26.57
C ASN R 66 103.29 -61.00 25.47
N PRO R 67 103.90 -61.96 24.72
CA PRO R 67 103.25 -62.57 23.56
C PRO R 67 102.00 -63.39 23.91
N ILE R 68 101.70 -63.56 25.20
CA ILE R 68 100.54 -64.43 25.55
C ILE R 68 99.29 -63.55 25.43
N ASN R 69 98.46 -63.80 24.42
CA ASN R 69 97.28 -62.94 24.18
C ASN R 69 96.05 -63.61 24.78
N PHE R 70 95.31 -62.88 25.62
CA PHE R 70 94.10 -63.42 26.26
C PHE R 70 92.85 -62.78 25.64
N ASP R 71 92.16 -63.50 24.76
CA ASP R 71 90.95 -63.02 24.11
C ASP R 71 89.74 -63.61 24.83
N PHE R 72 88.75 -62.77 25.11
CA PHE R 72 87.60 -63.15 25.91
C PHE R 72 86.35 -63.01 25.07
N THR R 73 85.46 -64.00 25.20
CA THR R 73 84.16 -64.00 24.50
C THR R 73 83.09 -64.37 25.53
N PHE R 74 81.92 -63.74 25.45
CA PHE R 74 80.84 -63.99 26.44
C PHE R 74 79.65 -64.65 25.75
N ASP R 75 78.76 -65.26 26.54
CA ASP R 75 77.57 -65.96 26.00
C ASP R 75 76.59 -64.98 25.36
N GLU R 76 76.17 -65.27 24.12
CA GLU R 76 75.14 -64.42 23.47
C GLU R 76 73.92 -64.40 24.38
N GLU R 77 73.49 -65.56 24.85
CA GLU R 77 72.38 -65.61 25.78
C GLU R 77 72.84 -66.20 27.10
N PRO R 78 72.72 -65.46 28.20
CA PRO R 78 73.14 -65.98 29.50
C PRO R 78 71.99 -66.61 30.26
N ASN R 79 72.32 -67.30 31.35
CA ASN R 79 71.26 -67.85 32.24
C ASN R 79 71.07 -66.79 33.33
N TYR R 80 70.20 -65.81 33.08
CA TYR R 80 70.06 -64.69 34.05
C TYR R 80 68.65 -64.57 34.58
N LYS R 81 68.50 -64.46 35.91
CA LYS R 81 67.15 -64.18 36.48
C LYS R 81 67.28 -62.94 37.37
N ILE R 82 66.49 -61.90 37.08
CA ILE R 82 66.63 -60.63 37.85
C ILE R 82 65.26 -60.26 38.43
N ASN R 83 65.01 -60.62 39.69
CA ASN R 83 63.72 -60.24 40.34
C ASN R 83 63.66 -58.72 40.46
N ASP R 84 62.47 -58.15 40.26
CA ASP R 84 62.30 -56.68 40.38
C ASP R 84 61.69 -56.39 41.77
N VAL R 85 62.42 -55.69 42.62
CA VAL R 85 61.86 -55.28 43.94
C VAL R 85 61.63 -53.76 43.88
N PHE R 86 60.38 -53.31 43.96
CA PHE R 86 60.10 -51.86 43.80
C PHE R 86 60.28 -51.17 45.15
N GLU R 87 61.51 -51.13 45.65
CA GLU R 87 61.78 -50.50 46.97
C GLU R 87 62.15 -49.03 46.76
N GLY R 88 61.26 -48.25 46.15
CA GLY R 88 61.51 -46.81 46.00
C GLY R 88 62.86 -46.49 45.39
N PHE R 89 63.24 -47.11 44.27
CA PHE R 89 64.53 -46.70 43.68
C PHE R 89 64.49 -45.20 43.44
N GLU R 90 63.39 -44.73 42.86
CA GLU R 90 63.27 -43.27 42.57
C GLU R 90 63.54 -42.45 43.85
N VAL R 91 63.12 -42.98 45.01
CA VAL R 91 63.31 -42.25 46.29
C VAL R 91 64.78 -42.34 46.70
N THR R 92 65.37 -43.53 46.61
CA THR R 92 66.78 -43.74 47.06
C THR R 92 67.55 -44.37 45.91
N ALA R 93 68.58 -43.69 45.40
CA ALA R 93 69.26 -44.22 44.19
C ALA R 93 70.20 -45.36 44.59
N ASN R 94 69.64 -46.48 45.03
CA ASN R 94 70.47 -47.67 45.38
C ASN R 94 70.05 -48.84 44.48
N ILE R 95 71.03 -49.54 43.89
CA ILE R 95 70.70 -50.64 42.94
C ILE R 95 69.84 -51.67 43.68
N THR R 96 70.19 -51.95 44.93
CA THR R 96 69.39 -52.90 45.74
C THR R 96 67.92 -52.46 45.76
N HIS R 97 67.67 -51.15 45.93
CA HIS R 97 66.28 -50.63 46.01
C HIS R 97 65.56 -50.82 44.67
N ALA R 98 66.29 -50.70 43.57
CA ALA R 98 65.71 -50.86 42.22
C ALA R 98 65.35 -52.33 41.91
N PHE R 99 66.24 -53.27 42.24
CA PHE R 99 66.01 -54.70 41.88
C PHE R 99 67.05 -55.58 42.56
N SER R 100 67.07 -56.88 42.24
CA SER R 100 68.08 -57.75 42.79
C SER R 100 68.29 -58.92 41.84
N ILE R 101 69.54 -59.33 41.67
CA ILE R 101 69.86 -60.45 40.79
C ILE R 101 69.57 -61.75 41.55
N GLU R 102 68.57 -62.50 41.08
CA GLU R 102 68.34 -63.82 41.65
C GLU R 102 69.50 -64.75 41.32
N ASN R 103 69.90 -64.77 40.05
CA ASN R 103 71.09 -65.49 39.63
C ASN R 103 71.52 -64.93 38.28
N PHE R 104 72.82 -65.01 38.02
CA PHE R 104 73.37 -64.60 36.72
C PHE R 104 74.60 -65.46 36.47
N ASP R 105 74.35 -66.57 35.79
CA ASP R 105 75.46 -67.49 35.43
C ASP R 105 75.56 -67.56 33.90
N PHE R 106 76.78 -67.67 33.39
CA PHE R 106 77.01 -67.74 31.92
C PHE R 106 78.45 -68.25 31.72
N GLU R 107 78.90 -68.31 30.47
CA GLU R 107 80.23 -68.88 30.18
C GLU R 107 81.13 -67.82 29.54
N ILE R 108 82.36 -67.68 30.02
CA ILE R 108 83.31 -66.73 29.37
C ILE R 108 84.35 -67.59 28.63
N LEU R 109 84.48 -67.37 27.32
CA LEU R 109 85.44 -68.16 26.51
C LEU R 109 86.77 -67.40 26.50
N VAL R 110 87.80 -68.00 27.10
CA VAL R 110 89.12 -67.30 27.20
C VAL R 110 90.12 -68.03 26.30
N ASP R 111 90.59 -67.36 25.24
CA ASP R 111 91.61 -67.97 24.36
C ASP R 111 92.99 -67.49 24.83
N VAL R 112 93.81 -68.40 25.36
CA VAL R 112 95.16 -68.04 25.84
C VAL R 112 96.15 -68.42 24.75
N GLU R 113 96.47 -67.47 23.87
CA GLU R 113 97.37 -67.78 22.77
C GLU R 113 98.81 -67.56 23.22
N LEU R 114 99.65 -68.58 23.02
CA LEU R 114 101.06 -68.46 23.32
C LEU R 114 101.77 -67.72 22.18
N ASP R 115 103.10 -67.71 22.23
CA ASP R 115 103.86 -67.11 21.15
C ASP R 115 103.57 -67.81 19.84
N ASN R 116 103.47 -69.14 19.90
CA ASN R 116 103.10 -69.93 18.69
C ASN R 116 101.59 -69.80 18.50
N ARG R 117 101.12 -69.98 17.26
CA ARG R 117 99.67 -69.83 16.95
C ARG R 117 98.86 -70.82 17.78
N GLN R 118 99.51 -71.84 18.36
CA GLN R 118 98.80 -72.78 19.26
C GLN R 118 97.99 -71.98 20.29
N LYS R 119 96.66 -72.13 20.26
CA LYS R 119 95.79 -71.37 21.20
C LYS R 119 95.02 -72.34 22.10
N LEU R 120 94.95 -72.06 23.40
CA LEU R 120 94.23 -72.93 24.37
C LEU R 120 92.97 -72.20 24.84
N ASN R 121 91.81 -72.85 24.80
CA ASN R 121 90.55 -72.18 25.18
C ASN R 121 90.14 -72.65 26.58
N PHE R 122 89.78 -71.71 27.45
CA PHE R 122 89.33 -72.06 28.84
C PHE R 122 87.89 -71.56 29.04
N ASP R 123 87.00 -72.45 29.49
CA ASP R 123 85.59 -72.06 29.68
C ASP R 123 85.37 -71.67 31.15
N LEU R 124 84.66 -70.57 31.40
CA LEU R 124 84.48 -70.09 32.80
C LEU R 124 82.99 -70.09 33.15
N ASP R 125 82.55 -71.02 34.02
CA ASP R 125 81.13 -70.95 34.46
C ASP R 125 81.11 -69.86 35.52
N VAL R 126 80.68 -68.66 35.12
CA VAL R 126 80.68 -67.49 36.05
C VAL R 126 79.26 -67.20 36.51
N SER R 127 79.04 -67.15 37.82
CA SER R 127 77.73 -66.92 38.40
C SER R 127 77.78 -65.70 39.32
N TYR R 128 76.69 -64.94 39.29
CA TYR R 128 76.53 -63.84 40.23
C TYR R 128 76.54 -64.37 41.65
N LYS R 129 77.27 -63.70 42.54
CA LYS R 129 77.37 -64.12 43.93
C LYS R 129 76.76 -63.14 44.90
N GLU R 130 77.07 -61.85 44.76
CA GLU R 130 76.61 -60.87 45.73
C GLU R 130 76.67 -59.48 45.11
N THR R 131 75.70 -58.64 45.46
CA THR R 131 75.70 -57.22 45.00
C THR R 131 76.46 -56.39 46.05
N GLU R 132 77.79 -56.48 46.03
CA GLU R 132 78.63 -55.78 46.98
C GLU R 132 78.38 -54.28 46.94
N LYS R 133 78.16 -53.69 48.11
CA LYS R 133 77.86 -52.24 48.20
C LYS R 133 79.14 -51.49 48.55
N ILE R 134 79.82 -50.94 47.54
CA ILE R 134 81.06 -50.21 47.75
C ILE R 134 80.81 -48.94 48.56
N THR R 135 79.79 -48.18 48.19
CA THR R 135 79.43 -46.95 48.89
C THR R 135 77.94 -46.95 49.13
N ASN R 136 77.48 -46.05 50.00
CA ASN R 136 76.05 -45.87 50.18
C ASN R 136 75.41 -45.40 48.88
N SER R 137 76.22 -44.82 48.00
CA SER R 137 75.66 -44.27 46.72
C SER R 137 75.61 -45.37 45.66
N GLN R 138 76.73 -46.08 45.45
CA GLN R 138 76.78 -47.08 44.34
C GLN R 138 77.12 -48.47 44.88
N HIS R 139 76.91 -49.51 44.05
CA HIS R 139 77.27 -50.90 44.45
C HIS R 139 78.10 -51.53 43.33
N ARG R 140 78.87 -52.57 43.64
CA ARG R 140 79.60 -53.32 42.58
C ARG R 140 79.08 -54.76 42.57
N PHE R 141 78.57 -55.24 41.43
CA PHE R 141 78.16 -56.67 41.35
C PHE R 141 79.41 -57.55 41.44
N ILE R 142 79.32 -58.65 42.20
CA ILE R 142 80.49 -59.57 42.34
C ILE R 142 80.12 -60.91 41.71
N PHE R 143 80.96 -61.41 40.80
CA PHE R 143 80.73 -62.73 40.18
C PHE R 143 81.82 -63.70 40.62
N THR R 144 81.60 -65.00 40.41
CA THR R 144 82.54 -66.02 40.84
C THR R 144 82.57 -67.15 39.82
N ILE R 145 83.76 -67.69 39.59
CA ILE R 145 83.91 -68.78 38.57
C ILE R 145 83.72 -70.14 39.27
N LYS R 146 82.65 -70.85 38.93
CA LYS R 146 82.37 -72.19 39.51
C LYS R 146 83.46 -73.18 39.08
N ASN R 147 83.94 -73.09 37.83
CA ASN R 147 84.91 -74.10 37.31
C ASN R 147 86.33 -73.52 37.38
N GLU R 148 86.56 -72.58 38.31
CA GLU R 148 87.91 -71.93 38.42
C GLU R 148 88.95 -73.02 38.70
N ASP R 149 88.60 -74.03 39.49
CA ASP R 149 89.55 -75.13 39.80
C ASP R 149 89.95 -75.83 38.50
N GLU R 150 88.98 -76.02 37.59
CA GLU R 150 89.29 -76.61 36.26
C GLU R 150 90.25 -75.69 35.52
N ASN R 151 90.03 -74.37 35.62
CA ASN R 151 90.86 -73.39 34.87
C ASN R 151 92.10 -73.02 35.70
N ILE R 152 92.62 -73.98 36.46
CA ILE R 152 93.85 -73.76 37.28
C ILE R 152 95.00 -73.46 36.31
N GLY R 153 95.02 -74.15 35.16
CA GLY R 153 96.06 -73.87 34.14
C GLY R 153 95.96 -72.44 33.65
N LEU R 154 94.74 -71.95 33.47
CA LEU R 154 94.54 -70.53 33.06
C LEU R 154 95.23 -69.63 34.09
N LYS R 155 94.96 -69.88 35.38
CA LYS R 155 95.56 -69.05 36.45
C LYS R 155 97.09 -69.12 36.33
N LYS R 156 97.61 -70.32 36.08
CA LYS R 156 99.09 -70.49 35.90
C LYS R 156 99.56 -69.55 34.80
N TYR R 157 98.80 -69.45 33.71
CA TYR R 157 99.18 -68.55 32.58
C TYR R 157 99.03 -67.08 33.01
N VAL R 158 97.93 -66.77 33.71
CA VAL R 158 97.70 -65.36 34.17
C VAL R 158 98.88 -64.95 35.05
N ASP R 159 99.16 -65.69 36.11
CA ASP R 159 100.23 -65.30 37.03
C ASP R 159 101.60 -65.38 36.39
N SER R 160 101.69 -66.00 35.21
CA SER R 160 102.99 -66.11 34.48
C SER R 160 103.36 -64.77 33.85
N LEU R 161 102.45 -63.79 33.87
CA LEU R 161 102.71 -62.49 33.27
C LEU R 161 103.21 -61.51 34.33
N SER R 162 103.55 -60.30 33.88
CA SER R 162 103.99 -59.25 34.78
C SER R 162 102.82 -58.70 35.57
N ALA R 163 103.13 -58.13 36.74
CA ALA R 163 102.09 -57.59 37.60
C ALA R 163 101.31 -56.49 36.90
N GLY R 164 102.00 -55.62 36.17
CA GLY R 164 101.30 -54.60 35.41
C GLY R 164 100.38 -55.20 34.35
N LEU R 165 100.88 -56.18 33.61
CA LEU R 165 100.04 -56.84 32.62
C LEU R 165 98.90 -57.62 33.27
N LYS R 166 99.17 -58.22 34.44
CA LYS R 166 98.10 -58.88 35.17
C LYS R 166 97.01 -57.88 35.54
N ASN R 167 97.40 -56.71 36.04
CA ASN R 167 96.41 -55.69 36.39
C ASN R 167 95.65 -55.22 35.16
N LEU R 168 96.35 -55.06 34.03
CA LEU R 168 95.67 -54.69 32.79
C LEU R 168 94.64 -55.74 32.41
N LEU R 169 95.01 -57.03 32.47
CA LEU R 169 93.97 -58.06 32.19
C LEU R 169 92.81 -57.89 33.18
N PHE R 170 93.09 -57.81 34.48
CA PHE R 170 91.97 -57.70 35.42
C PHE R 170 91.06 -56.56 35.03
N LYS R 171 91.66 -55.43 34.67
CA LYS R 171 90.86 -54.25 34.25
C LYS R 171 90.01 -54.64 33.04
N LYS R 172 90.63 -55.22 32.02
CA LYS R 172 89.89 -55.56 30.81
C LYS R 172 88.75 -56.50 31.11
N ILE R 173 89.00 -57.54 31.92
CA ILE R 173 87.97 -58.49 32.27
C ILE R 173 86.83 -57.79 33.01
N ASN R 174 87.20 -57.00 34.01
CA ASN R 174 86.18 -56.27 34.82
C ASN R 174 85.36 -55.38 33.88
N GLN R 175 86.02 -54.62 33.00
CA GLN R 175 85.31 -53.66 32.18
C GLN R 175 84.35 -54.38 31.23
N LYS R 176 84.84 -55.44 30.58
CA LYS R 176 83.97 -56.22 29.66
C LYS R 176 82.78 -56.77 30.46
N LEU R 177 83.05 -57.35 31.63
CA LEU R 177 82.00 -57.95 32.43
C LEU R 177 80.99 -56.91 32.89
N SER R 178 81.50 -55.76 33.32
CA SER R 178 80.60 -54.66 33.75
C SER R 178 79.70 -54.28 32.58
N GLY R 179 80.30 -53.97 31.43
CA GLY R 179 79.51 -53.57 30.28
C GLY R 179 78.46 -54.61 29.92
N TYR R 180 78.87 -55.89 29.92
CA TYR R 180 77.94 -56.98 29.58
C TYR R 180 76.78 -57.00 30.56
N VAL R 181 77.09 -57.01 31.86
CA VAL R 181 76.06 -57.10 32.88
C VAL R 181 75.13 -55.90 32.83
N SER R 182 75.69 -54.71 32.70
CA SER R 182 74.86 -53.50 32.62
C SER R 182 73.97 -53.54 31.39
N GLU R 183 74.51 -54.04 30.28
CA GLU R 183 73.72 -54.15 29.03
C GLU R 183 72.52 -55.08 29.27
N ILE R 184 72.79 -56.28 29.78
CA ILE R 184 71.70 -57.26 30.03
C ILE R 184 70.68 -56.61 30.95
N ILE R 185 71.12 -56.09 32.10
CA ILE R 185 70.15 -55.54 33.10
C ILE R 185 69.35 -54.38 32.50
N VAL R 186 70.00 -53.49 31.74
CA VAL R 186 69.27 -52.32 31.26
C VAL R 186 68.21 -52.71 30.25
N LYS R 187 68.45 -53.83 29.55
CA LYS R 187 67.42 -54.34 28.62
C LYS R 187 66.33 -55.04 29.46
N ASN R 188 66.68 -55.62 30.60
CA ASN R 188 65.68 -56.39 31.39
C ASN R 188 64.91 -55.48 32.36
N ILE R 189 65.49 -54.35 32.77
CA ILE R 189 64.82 -53.50 33.80
C ILE R 189 64.35 -52.20 33.16
N ASP R 190 63.09 -51.81 33.43
CA ASP R 190 62.52 -50.57 32.84
C ASP R 190 63.20 -49.34 33.44
N ASP R 191 63.18 -48.22 32.71
CA ASP R 191 63.83 -46.97 33.17
C ASP R 191 63.21 -46.47 34.47
N ILE R 192 63.96 -46.48 35.58
CA ILE R 192 63.43 -45.92 36.85
C ILE R 192 64.18 -44.61 37.15
N GLU R 193 63.56 -43.46 36.86
CA GLU R 193 64.26 -42.16 37.05
C GLU R 193 64.17 -41.75 38.53
N GLU R 194 65.15 -41.00 39.03
CA GLU R 194 65.17 -40.62 40.48
C GLU R 194 64.23 -39.43 40.71
N LEU R 195 63.19 -39.60 41.53
CA LEU R 195 62.24 -38.50 41.79
C LEU R 195 63.00 -37.24 42.22
N PHE R 196 64.01 -37.40 43.07
CA PHE R 196 64.74 -36.24 43.64
C PHE R 196 66.21 -36.25 43.20
N PRO R 197 66.76 -35.15 42.64
CA PRO R 197 68.18 -35.10 42.31
C PRO R 197 68.91 -35.29 43.65
N ASN R 198 70.00 -36.05 43.67
CA ASN R 198 70.67 -36.34 44.96
C ASN R 198 71.66 -35.22 45.29
N LYS R 199 71.47 -34.55 46.42
CA LYS R 199 72.41 -33.47 46.86
C LYS R 199 72.82 -32.61 45.65
N GLY R 200 71.85 -31.98 44.97
CA GLY R 200 72.18 -31.03 43.88
C GLY R 200 72.82 -31.70 42.67
N GLU R 201 73.03 -33.01 42.70
CA GLU R 201 73.56 -33.71 41.49
C GLU R 201 72.37 -33.92 40.55
N LYS R 202 72.51 -33.59 39.26
CA LYS R 202 71.28 -33.70 38.41
C LYS R 202 70.70 -35.11 38.54
N SER R 203 69.36 -35.22 38.57
CA SER R 203 68.68 -36.53 38.70
C SER R 203 69.30 -37.56 37.75
N THR R 204 69.60 -38.75 38.27
CA THR R 204 70.20 -39.84 37.45
C THR R 204 69.27 -41.05 37.46
N THR R 205 69.02 -41.65 36.29
CA THR R 205 68.06 -42.79 36.19
C THR R 205 68.76 -44.10 36.57
N LEU R 206 67.97 -45.12 36.93
CA LEU R 206 68.55 -46.45 37.24
C LEU R 206 69.53 -46.81 36.12
N HIS R 207 69.16 -46.56 34.87
CA HIS R 207 70.04 -46.91 33.73
C HIS R 207 71.44 -46.34 33.97
N LYS R 208 71.52 -45.04 34.27
CA LYS R 208 72.82 -44.42 34.49
C LYS R 208 73.55 -45.08 35.65
N GLU R 209 72.78 -45.51 36.65
CA GLU R 209 73.39 -46.13 37.85
C GLU R 209 73.97 -47.50 37.49
N ILE R 210 73.20 -48.33 36.78
CA ILE R 210 73.67 -49.71 36.45
C ILE R 210 74.84 -49.62 35.46
N LEU R 211 74.75 -48.75 34.45
CA LEU R 211 75.89 -48.55 33.57
C LEU R 211 77.11 -48.07 34.35
N GLN R 212 76.88 -47.15 35.28
CA GLN R 212 77.98 -46.67 36.15
C GLN R 212 78.45 -47.84 37.01
N THR R 213 77.52 -48.71 37.41
CA THR R 213 77.88 -49.86 38.28
C THR R 213 78.96 -50.69 37.60
N ASP R 214 80.05 -51.00 38.30
CA ASP R 214 81.18 -51.73 37.69
C ASP R 214 81.28 -53.10 38.36
N SER R 215 80.96 -54.17 37.63
CA SER R 215 80.98 -55.54 38.21
C SER R 215 82.34 -56.21 38.00
N ARG R 216 83.10 -56.41 39.07
CA ARG R 216 84.42 -57.01 38.98
C ARG R 216 84.34 -58.46 39.41
N LEU R 217 84.79 -59.36 38.55
CA LEU R 217 84.78 -60.78 38.87
C LEU R 217 85.75 -61.06 40.01
N SER R 218 85.36 -61.99 40.88
CA SER R 218 86.18 -62.39 42.03
C SER R 218 86.43 -63.88 41.97
N SER R 219 87.70 -64.26 41.90
CA SER R 219 88.09 -65.67 41.90
C SER R 219 89.58 -65.75 42.19
N ASP R 220 90.03 -66.93 42.62
CA ASP R 220 91.45 -67.15 42.83
C ASP R 220 92.23 -67.06 41.53
N ILE R 221 91.56 -67.22 40.39
CA ILE R 221 92.23 -67.03 39.10
C ILE R 221 92.73 -65.60 38.97
N PHE R 222 91.94 -64.66 39.48
CA PHE R 222 92.29 -63.22 39.36
C PHE R 222 92.24 -62.59 40.74
N LYS R 223 93.36 -62.64 41.48
CA LYS R 223 93.38 -62.14 42.85
C LYS R 223 93.58 -60.63 42.90
N GLU R 224 94.68 -60.13 42.32
CA GLU R 224 94.98 -58.71 42.35
C GLU R 224 94.03 -57.91 41.47
N ILE S 3 69.30 -92.43 11.88
CA ILE S 3 70.60 -91.75 11.84
C ILE S 3 70.59 -90.52 12.73
N ARG S 4 71.75 -90.16 13.25
CA ARG S 4 71.81 -88.91 14.04
C ARG S 4 73.27 -88.48 14.11
N ASN S 5 73.50 -87.16 14.21
CA ASN S 5 74.90 -86.72 14.43
C ASN S 5 75.22 -87.00 15.90
N ARG S 6 76.49 -87.23 16.23
CA ARG S 6 76.83 -87.59 17.64
C ARG S 6 77.40 -86.37 18.36
N LEU S 7 77.04 -85.17 17.91
CA LEU S 7 77.63 -83.97 18.50
C LEU S 7 77.53 -83.96 20.01
N SER S 8 76.33 -84.20 20.55
CA SER S 8 76.17 -84.17 22.00
C SER S 8 77.16 -85.13 22.66
N GLU S 9 77.21 -86.36 22.15
CA GLU S 9 78.14 -87.38 22.70
C GLU S 9 79.59 -86.93 22.46
N LEU S 10 79.87 -86.38 21.28
CA LEU S 10 81.24 -85.97 20.95
C LEU S 10 81.76 -84.91 21.92
N LEU S 11 81.00 -83.83 22.08
CA LEU S 11 81.45 -82.73 22.97
C LEU S 11 81.36 -83.13 24.44
N SER S 12 80.47 -84.06 24.79
CA SER S 12 80.45 -84.55 26.20
C SER S 12 81.77 -85.28 26.46
N GLU S 13 82.21 -86.11 25.50
CA GLU S 13 83.49 -86.80 25.64
C GLU S 13 84.64 -85.81 25.64
N ARG S 14 84.60 -84.80 24.77
CA ARG S 14 85.65 -83.79 24.74
C ARG S 14 85.59 -82.86 25.93
N GLY S 15 84.40 -82.69 26.51
CA GLY S 15 84.22 -81.73 27.58
C GLY S 15 84.02 -80.30 27.13
N LEU S 16 84.08 -80.08 25.82
CA LEU S 16 83.97 -78.70 25.27
C LEU S 16 82.50 -78.24 25.31
N LYS S 17 82.28 -76.92 25.21
CA LYS S 17 80.89 -76.37 25.22
C LYS S 17 80.51 -75.98 23.80
N ILE S 18 79.22 -75.90 23.50
CA ILE S 18 78.77 -75.55 22.12
C ILE S 18 79.33 -74.18 21.77
N SER S 19 79.23 -73.22 22.68
CA SER S 19 79.70 -71.84 22.41
C SER S 19 81.18 -71.89 22.05
N ARG S 20 81.94 -72.71 22.77
CA ARG S 20 83.40 -72.82 22.51
C ARG S 20 83.61 -73.36 21.09
N VAL S 21 82.86 -74.40 20.72
CA VAL S 21 82.98 -74.98 19.34
C VAL S 21 82.57 -73.89 18.33
N ALA S 22 81.49 -73.16 18.59
CA ALA S 22 81.00 -72.16 17.61
C ALA S 22 82.08 -71.11 17.38
N LYS S 23 82.74 -70.67 18.45
CA LYS S 23 83.83 -69.66 18.32
C LYS S 23 84.94 -70.25 17.46
N ASP S 24 85.10 -71.57 17.48
CA ASP S 24 86.20 -72.19 16.76
C ASP S 24 85.86 -72.41 15.29
N VAL S 25 84.63 -72.84 14.98
CA VAL S 25 84.28 -73.23 13.58
C VAL S 25 83.47 -72.15 12.86
N LYS S 26 83.26 -70.99 13.47
CA LYS S 26 82.56 -69.88 12.81
C LYS S 26 81.17 -70.30 12.33
N ILE S 27 80.48 -71.06 13.20
CA ILE S 27 79.09 -71.49 12.90
C ILE S 27 78.17 -70.84 13.93
N ALA S 28 77.01 -70.37 13.51
CA ALA S 28 76.08 -69.66 14.38
C ALA S 28 75.74 -70.49 15.60
N ARG S 29 75.75 -69.86 16.77
CA ARG S 29 75.53 -70.62 18.03
C ARG S 29 74.16 -71.31 17.97
N SER S 30 73.10 -70.58 17.61
CA SER S 30 71.78 -71.18 17.66
C SER S 30 71.69 -72.40 16.75
N SER S 31 72.14 -72.26 15.50
CA SER S 31 72.09 -73.39 14.57
C SER S 31 72.95 -74.54 15.06
N LEU S 32 74.15 -74.22 15.54
CA LEU S 32 75.08 -75.29 15.98
C LEU S 32 74.49 -76.00 17.20
N THR S 33 73.93 -75.26 18.15
CA THR S 33 73.40 -75.89 19.39
C THR S 33 72.19 -76.74 19.02
N SER S 34 71.36 -76.25 18.10
CA SER S 34 70.24 -77.07 17.64
C SER S 34 70.74 -78.34 16.97
N MET S 35 71.78 -78.20 16.15
CA MET S 35 72.33 -79.37 15.41
C MET S 35 73.08 -80.27 16.41
N ALA S 36 73.59 -79.69 17.50
CA ALA S 36 74.21 -80.53 18.55
C ALA S 36 73.16 -81.53 19.02
N GLN S 37 71.92 -81.05 19.22
CA GLN S 37 70.81 -81.98 19.58
C GLN S 37 70.47 -82.78 18.31
N ASN S 38 70.02 -84.02 18.47
CA ASN S 38 69.67 -84.87 17.31
C ASN S 38 68.38 -84.36 16.67
N ASP S 39 67.70 -83.40 17.32
CA ASP S 39 66.38 -82.92 16.83
C ASP S 39 66.49 -82.34 15.41
N SER S 40 67.58 -81.63 15.10
CA SER S 40 67.65 -80.97 13.77
C SER S 40 67.55 -82.06 12.68
N GLU S 41 66.78 -81.79 11.62
CA GLU S 41 66.55 -82.81 10.56
C GLU S 41 67.42 -82.48 9.34
N MET S 42 67.98 -81.27 9.31
CA MET S 42 68.80 -80.85 8.15
C MET S 42 70.21 -80.46 8.62
N ILE S 43 71.20 -80.74 7.77
CA ILE S 43 72.61 -80.42 8.14
C ILE S 43 73.35 -79.95 6.88
N ARG S 44 74.31 -79.05 7.04
CA ARG S 44 75.09 -78.47 5.96
C ARG S 44 76.43 -79.19 5.79
N TYR S 45 76.86 -79.27 4.53
CA TYR S 45 78.17 -79.86 4.24
C TYR S 45 79.29 -79.03 4.85
N ASP S 46 79.17 -77.70 4.80
CA ASP S 46 80.14 -76.85 5.46
C ASP S 46 80.23 -77.18 6.95
N ALA S 47 79.07 -77.40 7.57
CA ALA S 47 79.04 -77.73 8.99
C ALA S 47 79.78 -79.04 9.27
N ILE S 48 79.51 -80.06 8.45
CA ILE S 48 80.14 -81.38 8.72
C ILE S 48 81.65 -81.26 8.48
N ASP S 49 82.06 -80.48 7.48
CA ASP S 49 83.50 -80.29 7.20
C ASP S 49 84.14 -79.62 8.41
N LYS S 50 83.60 -78.49 8.85
CA LYS S 50 84.21 -77.74 9.93
C LYS S 50 84.25 -78.54 11.22
N LEU S 51 83.16 -79.23 11.55
CA LEU S 51 83.12 -79.97 12.81
C LEU S 51 84.05 -81.17 12.77
N CYS S 52 84.03 -81.91 11.67
CA CYS S 52 84.90 -83.11 11.56
C CYS S 52 86.36 -82.68 11.67
N SER S 53 86.71 -81.56 11.05
CA SER S 53 88.10 -81.06 11.09
C SER S 53 88.43 -80.59 12.51
N TYR S 54 87.57 -79.76 13.10
CA TYR S 54 87.82 -79.23 14.47
C TYR S 54 88.04 -80.39 15.43
N LEU S 55 87.14 -81.37 15.42
CA LEU S 55 87.27 -82.51 16.31
C LEU S 55 88.29 -83.52 15.80
N HIS S 56 88.86 -83.28 14.62
CA HIS S 56 89.93 -84.16 14.09
C HIS S 56 89.39 -85.59 13.98
N ILE S 57 88.17 -85.74 13.47
CA ILE S 57 87.53 -87.09 13.39
C ILE S 57 86.84 -87.28 12.04
N SER S 58 86.77 -88.51 11.57
CA SER S 58 86.05 -88.84 10.35
C SER S 58 84.54 -88.77 10.59
N PRO S 59 83.70 -88.63 9.54
CA PRO S 59 82.24 -88.59 9.70
C PRO S 59 81.73 -89.87 10.37
N SER S 60 82.50 -90.96 10.30
CA SER S 60 82.10 -92.22 10.96
C SER S 60 81.70 -91.91 12.40
N GLU S 61 82.61 -91.26 13.14
CA GLU S 61 82.34 -90.91 14.56
C GLU S 61 81.26 -89.82 14.63
N PHE S 62 81.13 -89.01 13.57
CA PHE S 62 80.12 -87.91 13.61
C PHE S 62 78.71 -88.45 13.37
N PHE S 63 78.53 -89.38 12.42
CA PHE S 63 77.20 -89.87 12.07
C PHE S 63 77.01 -91.28 12.62
N GLU S 64 76.16 -91.39 13.64
CA GLU S 64 75.72 -92.70 14.13
C GLU S 64 74.54 -93.13 13.28
N HIS S 65 74.72 -94.19 12.49
CA HIS S 65 73.67 -94.71 11.63
C HIS S 65 73.43 -96.17 11.92
N ASN S 66 72.13 -96.55 12.11
CA ASN S 66 71.71 -97.93 12.21
C ASN S 66 70.71 -98.19 11.10
N PRO S 67 70.91 -99.24 10.26
CA PRO S 67 70.04 -99.46 9.08
C PRO S 67 68.59 -99.78 9.43
N ILE S 68 68.28 -99.93 10.72
CA ILE S 68 66.88 -100.32 11.06
C ILE S 68 66.05 -99.04 11.07
N ASN S 69 65.17 -98.88 10.08
CA ASN S 69 64.40 -97.61 9.96
C ASN S 69 63.01 -97.82 10.57
N PHE S 70 62.62 -96.94 11.50
CA PHE S 70 61.30 -97.04 12.16
C PHE S 70 60.38 -95.94 11.64
N ASP S 71 59.45 -96.26 10.73
CA ASP S 71 58.50 -95.31 10.19
C ASP S 71 57.17 -95.46 10.91
N PHE S 72 56.58 -94.34 11.31
CA PHE S 72 55.38 -94.33 12.13
C PHE S 72 54.26 -93.65 11.37
N THR S 73 53.08 -94.26 11.46
CA THR S 73 51.86 -93.70 10.82
C THR S 73 50.74 -93.74 11.88
N PHE S 74 49.85 -92.75 11.89
CA PHE S 74 48.80 -92.63 12.88
C PHE S 74 47.43 -92.73 12.21
N ASP S 75 46.42 -93.01 13.03
CA ASP S 75 45.03 -93.17 12.51
C ASP S 75 44.49 -91.85 11.97
N GLU S 76 43.97 -91.85 10.74
CA GLU S 76 43.34 -90.62 10.20
C GLU S 76 42.22 -90.22 11.16
N GLU S 77 41.39 -91.18 11.57
CA GLU S 77 40.35 -90.88 12.55
C GLU S 77 40.59 -91.71 13.81
N PRO S 78 40.78 -91.08 14.95
CA PRO S 78 40.99 -91.83 16.19
C PRO S 78 39.70 -92.04 16.96
N ASN S 79 39.76 -92.90 17.98
CA ASN S 79 38.59 -93.08 18.88
C ASN S 79 38.82 -92.12 20.05
N TYR S 80 38.38 -90.87 19.92
CA TYR S 80 38.71 -89.87 20.96
C TYR S 80 37.44 -89.27 21.57
N LYS S 81 37.37 -89.23 22.91
CA LYS S 81 36.24 -88.52 23.57
C LYS S 81 36.85 -87.50 24.53
N ILE S 82 36.50 -86.22 24.36
CA ILE S 82 37.12 -85.16 25.21
C ILE S 82 36.00 -84.36 25.88
N ASN S 83 35.65 -84.69 27.13
CA ASN S 83 34.61 -83.93 27.86
C ASN S 83 35.13 -82.50 28.08
N ASP S 84 34.25 -81.52 27.98
CA ASP S 84 34.64 -80.11 28.22
C ASP S 84 34.21 -79.73 29.65
N VAL S 85 35.17 -79.42 30.52
CA VAL S 85 34.82 -78.94 31.89
C VAL S 85 35.18 -77.45 31.95
N PHE S 86 34.19 -76.58 32.12
CA PHE S 86 34.48 -75.12 32.08
C PHE S 86 34.94 -74.66 33.46
N GLU S 87 36.11 -75.13 33.90
CA GLU S 87 36.61 -74.77 35.26
C GLU S 87 37.50 -73.52 35.14
N GLY S 88 36.96 -72.42 34.62
CA GLY S 88 37.74 -71.16 34.58
C GLY S 88 39.10 -71.33 33.92
N PHE S 89 39.19 -71.95 32.75
CA PHE S 89 40.54 -72.01 32.13
C PHE S 89 41.06 -70.58 32.00
N GLU S 90 40.20 -69.68 31.51
CA GLU S 90 40.64 -68.27 31.33
C GLU S 90 41.21 -67.74 32.65
N VAL S 91 40.66 -68.15 33.78
CA VAL S 91 41.13 -67.66 35.10
C VAL S 91 42.45 -68.32 35.44
N THR S 92 42.56 -69.65 35.23
CA THR S 92 43.79 -70.40 35.59
C THR S 92 44.25 -71.18 34.37
N ALA S 93 45.45 -70.89 33.85
CA ALA S 93 45.86 -71.53 32.58
C ALA S 93 46.31 -72.97 32.86
N ASN S 94 45.37 -73.84 33.24
CA ASN S 94 45.70 -75.27 33.46
C ASN S 94 44.85 -76.11 32.50
N ILE S 95 45.47 -77.07 31.82
CA ILE S 95 44.75 -77.88 30.80
C ILE S 95 43.58 -78.58 31.51
N THR S 96 43.81 -79.07 32.73
CA THR S 96 42.72 -79.73 33.50
C THR S 96 41.53 -78.77 33.62
N HIS S 97 41.79 -77.48 33.89
CA HIS S 97 40.70 -76.48 34.08
C HIS S 97 39.95 -76.28 32.77
N ALA S 98 40.65 -76.35 31.64
CA ALA S 98 40.03 -76.17 30.31
C ALA S 98 39.14 -77.35 29.92
N PHE S 99 39.62 -78.59 30.12
CA PHE S 99 38.85 -79.79 29.68
C PHE S 99 39.49 -81.05 30.25
N SER S 100 39.01 -82.23 29.83
CA SER S 100 39.64 -83.46 30.27
C SER S 100 39.37 -84.54 29.23
N ILE S 101 40.37 -85.38 28.97
CA ILE S 101 40.22 -86.46 28.00
C ILE S 101 39.48 -87.60 28.67
N GLU S 102 38.27 -87.89 28.20
CA GLU S 102 37.56 -89.06 28.68
C GLU S 102 38.28 -90.33 28.23
N ASN S 103 38.62 -90.40 26.95
CA ASN S 103 39.44 -91.47 26.41
C ASN S 103 40.03 -91.01 25.09
N PHE S 104 41.21 -91.53 24.76
CA PHE S 104 41.84 -91.25 23.48
C PHE S 104 42.66 -92.48 23.11
N ASP S 105 42.00 -93.36 22.36
CA ASP S 105 42.66 -94.60 21.88
C ASP S 105 42.70 -94.57 20.35
N PHE S 106 43.75 -95.12 19.76
CA PHE S 106 43.93 -95.16 18.32
C PHE S 106 45.04 -96.15 17.99
N GLU S 107 45.31 -96.26 16.69
CA GLU S 107 46.30 -97.26 16.26
C GLU S 107 47.51 -96.59 15.63
N ILE S 108 48.70 -96.94 16.13
CA ILE S 108 49.98 -96.41 15.58
C ILE S 108 50.67 -97.56 14.85
N LEU S 109 50.74 -97.43 13.52
CA LEU S 109 51.41 -98.45 12.68
C LEU S 109 52.89 -98.14 12.61
N VAL S 110 53.74 -99.12 12.90
CA VAL S 110 55.21 -98.92 12.78
C VAL S 110 55.74 -99.92 11.75
N ASP S 111 56.25 -99.41 10.63
CA ASP S 111 56.81 -100.28 9.56
C ASP S 111 58.32 -100.40 9.75
N VAL S 112 58.73 -101.22 10.71
CA VAL S 112 60.15 -101.36 11.01
C VAL S 112 60.84 -102.07 9.85
N GLU S 113 61.93 -101.47 9.36
CA GLU S 113 62.63 -102.00 8.20
C GLU S 113 64.05 -102.37 8.60
N LEU S 114 64.44 -103.61 8.29
CA LEU S 114 65.79 -104.05 8.52
C LEU S 114 66.71 -103.54 7.40
N ASP S 115 67.95 -104.02 7.40
CA ASP S 115 68.86 -103.68 6.33
C ASP S 115 68.31 -104.10 4.98
N ASN S 116 67.71 -105.30 4.96
CA ASN S 116 67.06 -105.78 3.71
C ASN S 116 65.70 -105.08 3.59
N ARG S 117 65.18 -104.97 2.37
CA ARG S 117 63.89 -104.26 2.15
C ARG S 117 62.78 -104.95 2.94
N GLN S 118 63.00 -106.17 3.41
CA GLN S 118 62.01 -106.86 4.28
C GLN S 118 61.58 -105.90 5.39
N LYS S 119 60.29 -105.54 5.43
CA LYS S 119 59.78 -104.59 6.46
C LYS S 119 58.72 -105.27 7.32
N LEU S 120 58.79 -105.10 8.64
CA LEU S 120 57.80 -105.71 9.57
C LEU S 120 56.92 -104.60 10.16
N ASN S 121 55.60 -104.76 10.11
CA ASN S 121 54.68 -103.71 10.61
C ASN S 121 54.16 -104.10 11.99
N PHE S 122 54.19 -103.17 12.95
CA PHE S 122 53.68 -103.45 14.31
C PHE S 122 52.54 -102.47 14.62
N ASP S 123 51.38 -102.99 15.05
CA ASP S 123 50.21 -102.12 15.35
C ASP S 123 50.21 -101.81 16.84
N LEU S 124 49.96 -100.54 17.21
CA LEU S 124 49.99 -100.15 18.64
C LEU S 124 48.62 -99.63 19.07
N ASP S 125 47.88 -100.39 19.88
CA ASP S 125 46.60 -99.83 20.39
C ASP S 125 47.01 -98.90 21.53
N VAL S 126 47.05 -97.60 21.24
CA VAL S 126 47.52 -96.60 22.25
C VAL S 126 46.31 -95.83 22.80
N SER S 127 46.15 -95.83 24.11
CA SER S 127 45.03 -95.17 24.78
C SER S 127 45.55 -94.15 25.77
N TYR S 128 44.84 -93.03 25.85
CA TYR S 128 45.12 -92.03 26.87
C TYR S 128 44.95 -92.65 28.25
N LYS S 129 45.90 -92.38 29.15
CA LYS S 129 45.85 -92.92 30.49
C LYS S 129 45.67 -91.87 31.57
N GLU S 130 46.44 -90.79 31.51
CA GLU S 130 46.40 -89.78 32.56
C GLU S 130 46.97 -88.48 32.04
N THR S 131 46.40 -87.36 32.51
CA THR S 131 46.94 -86.02 32.14
C THR S 131 47.96 -85.63 33.21
N GLU S 132 49.16 -86.20 33.13
CA GLU S 132 50.22 -85.95 34.09
C GLU S 132 50.55 -84.46 34.15
N LYS S 133 50.59 -83.95 35.38
CA LYS S 133 50.86 -82.50 35.59
C LYS S 133 52.33 -82.31 35.93
N ILE S 134 53.15 -81.99 34.94
CA ILE S 134 54.58 -81.78 35.14
C ILE S 134 54.85 -80.59 36.04
N THR S 135 54.18 -79.47 35.78
CA THR S 135 54.33 -78.26 36.59
C THR S 135 52.94 -77.72 36.89
N ASN S 136 52.88 -76.79 37.84
CA ASN S 136 51.62 -76.11 38.11
C ASN S 136 51.18 -75.32 36.88
N SER S 137 52.13 -75.01 36.00
CA SER S 137 51.81 -74.19 34.80
C SER S 137 51.32 -75.10 33.67
N GLN S 138 52.08 -76.16 33.35
CA GLN S 138 51.74 -77.00 32.17
C GLN S 138 51.54 -78.46 32.59
N HIS S 139 50.94 -79.27 31.70
CA HIS S 139 50.76 -80.72 31.98
C HIS S 139 51.27 -81.51 30.79
N ARG S 140 51.60 -82.80 30.98
CA ARG S 140 51.96 -83.67 29.84
C ARG S 140 50.94 -84.80 29.74
N PHE S 141 50.28 -84.96 28.59
CA PHE S 141 49.34 -86.11 28.44
C PHE S 141 50.17 -87.41 28.40
N ILE S 142 49.70 -88.45 29.08
CA ILE S 142 50.43 -89.75 29.09
C ILE S 142 49.57 -90.80 28.39
N PHE S 143 50.15 -91.50 27.41
CA PHE S 143 49.41 -92.58 26.71
C PHE S 143 50.07 -93.93 27.02
N THR S 144 49.37 -95.02 26.73
CA THR S 144 49.87 -96.35 27.03
C THR S 144 49.46 -97.32 25.93
N ILE S 145 50.35 -98.25 25.61
CA ILE S 145 50.07 -99.23 24.51
C ILE S 145 49.38 -100.45 25.12
N LYS S 146 48.12 -100.68 24.78
CA LYS S 146 47.37 -101.87 25.27
C LYS S 146 47.99 -103.16 24.72
N ASN S 147 48.44 -103.15 23.47
CA ASN S 147 48.96 -104.40 22.83
C ASN S 147 50.49 -104.41 22.87
N GLU S 148 51.08 -103.70 23.85
CA GLU S 148 52.56 -103.61 23.95
C GLU S 148 53.13 -105.03 24.09
N ASP S 149 52.44 -105.91 24.83
CA ASP S 149 52.91 -107.29 25.01
C ASP S 149 52.98 -107.98 23.65
N GLU S 150 52.00 -107.72 22.77
CA GLU S 150 52.04 -108.28 21.39
C GLU S 150 53.27 -107.71 20.67
N ASN S 151 53.56 -106.42 20.87
CA ASN S 151 54.69 -105.76 20.15
C ASN S 151 55.99 -105.96 20.94
N ILE S 152 56.12 -107.11 21.62
CA ILE S 152 57.36 -107.42 22.40
C ILE S 152 58.52 -107.51 21.40
N GLY S 153 58.26 -108.05 20.20
CA GLY S 153 59.31 -108.10 19.16
C GLY S 153 59.75 -106.69 18.77
N LEU S 154 58.81 -105.76 18.69
CA LEU S 154 59.16 -104.35 18.39
C LEU S 154 60.15 -103.87 19.46
N LYS S 155 59.82 -104.10 20.73
CA LYS S 155 60.71 -103.65 21.82
C LYS S 155 62.09 -104.28 21.62
N LYS S 156 62.13 -105.56 21.27
CA LYS S 156 63.42 -106.26 21.01
C LYS S 156 64.19 -105.48 19.95
N TYR S 157 63.51 -105.00 18.91
CA TYR S 157 64.18 -104.21 17.84
C TYR S 157 64.59 -102.85 18.38
N VAL S 158 63.71 -102.19 19.14
CA VAL S 158 64.03 -100.86 19.72
C VAL S 158 65.31 -100.98 20.56
N ASP S 159 65.30 -101.88 21.56
CA ASP S 159 66.45 -101.98 22.45
C ASP S 159 67.69 -102.52 21.74
N SER S 160 67.51 -103.02 20.51
CA SER S 160 68.65 -103.55 19.72
C SER S 160 69.50 -102.40 19.17
N LEU S 161 69.02 -101.16 19.30
CA LEU S 161 69.75 -100.01 18.78
C LEU S 161 70.60 -99.37 19.89
N SER S 162 71.37 -98.35 19.50
CA SER S 162 72.19 -97.63 20.47
C SER S 162 71.31 -96.75 21.35
N ALA S 163 71.84 -96.44 22.54
CA ALA S 163 71.09 -95.62 23.49
C ALA S 163 70.77 -94.25 22.91
N GLY S 164 71.73 -93.65 22.20
CA GLY S 164 71.45 -92.38 21.56
C GLY S 164 70.36 -92.49 20.50
N LEU S 165 70.44 -93.53 19.67
CA LEU S 165 69.39 -93.73 18.68
C LEU S 165 68.07 -94.08 19.33
N LYS S 166 68.09 -94.84 20.43
CA LYS S 166 66.86 -95.10 21.17
C LYS S 166 66.24 -93.81 21.66
N ASN S 167 67.06 -92.91 22.22
CA ASN S 167 66.54 -91.63 22.68
C ASN S 167 65.99 -90.80 21.54
N LEU S 168 66.68 -90.83 20.39
CA LEU S 168 66.17 -90.13 19.22
C LEU S 168 64.80 -90.68 18.81
N LEU S 169 64.66 -92.01 18.76
CA LEU S 169 63.31 -92.54 18.45
C LEU S 169 62.32 -92.03 19.50
N PHE S 170 62.63 -92.18 20.79
CA PHE S 170 61.65 -91.75 21.79
C PHE S 170 61.23 -90.31 21.52
N LYS S 171 62.21 -89.47 21.22
CA LYS S 171 61.91 -88.04 20.93
C LYS S 171 60.95 -87.99 19.74
N LYS S 172 61.29 -88.66 18.65
CA LYS S 172 60.46 -88.60 17.45
C LYS S 172 59.04 -89.07 17.73
N ILE S 173 58.91 -90.19 18.45
CA ILE S 173 57.58 -90.70 18.78
C ILE S 173 56.82 -89.69 19.62
N ASN S 174 57.47 -89.19 20.66
CA ASN S 174 56.82 -88.20 21.56
C ASN S 174 56.37 -86.99 20.73
N GLN S 175 57.26 -86.47 19.89
CA GLN S 175 56.94 -85.24 19.16
C GLN S 175 55.78 -85.46 18.21
N LYS S 176 55.81 -86.57 17.47
CA LYS S 176 54.69 -86.88 16.54
C LYS S 176 53.40 -87.02 17.35
N LEU S 177 53.45 -87.75 18.47
CA LEU S 177 52.26 -87.99 19.28
C LEU S 177 51.73 -86.68 19.85
N SER S 178 52.65 -85.84 20.35
CA SER S 178 52.24 -84.53 20.90
C SER S 178 51.52 -83.75 19.80
N GLY S 179 52.19 -83.59 18.64
CA GLY S 179 51.58 -82.83 17.57
C GLY S 179 50.22 -83.36 17.18
N TYR S 180 50.11 -84.69 17.07
CA TYR S 180 48.83 -85.33 16.69
C TYR S 180 47.76 -84.99 17.73
N VAL S 181 48.07 -85.22 19.01
CA VAL S 181 47.09 -85.01 20.07
C VAL S 181 46.69 -83.55 20.14
N SER S 182 47.66 -82.64 20.08
CA SER S 182 47.34 -81.22 20.12
C SER S 182 46.48 -80.82 18.94
N GLU S 183 46.78 -81.38 17.76
CA GLU S 183 45.98 -81.09 16.55
C GLU S 183 44.53 -81.52 16.77
N ILE S 184 44.33 -82.77 17.19
CA ILE S 184 42.96 -83.28 17.41
C ILE S 184 42.26 -82.39 18.43
N ILE S 185 42.89 -82.16 19.59
CA ILE S 185 42.23 -81.38 20.67
C ILE S 185 41.91 -79.96 20.20
N VAL S 186 42.82 -79.31 19.48
CA VAL S 186 42.60 -77.91 19.12
C VAL S 186 41.44 -77.79 18.14
N LYS S 187 41.23 -78.85 17.35
CA LYS S 187 40.06 -78.87 16.44
C LYS S 187 38.81 -79.17 17.27
N ASN S 188 38.93 -79.94 18.35
CA ASN S 188 37.73 -80.34 19.13
C ASN S 188 37.37 -79.29 20.19
N ILE S 189 38.35 -78.50 20.65
CA ILE S 189 38.07 -77.56 21.78
C ILE S 189 38.10 -76.12 21.26
N ASP S 190 37.10 -75.31 21.61
CA ASP S 190 37.02 -73.90 21.15
C ASP S 190 38.13 -73.07 21.80
N ASP S 191 38.52 -71.97 21.15
CA ASP S 191 39.61 -71.10 21.66
C ASP S 191 39.24 -70.52 23.03
N ILE S 192 39.95 -70.91 24.10
CA ILE S 192 39.70 -70.29 25.43
C ILE S 192 40.89 -69.39 25.78
N GLU S 193 40.74 -68.07 25.60
CA GLU S 193 41.88 -67.15 25.86
C GLU S 193 41.98 -66.86 27.36
N GLU S 194 43.18 -66.58 27.87
CA GLU S 194 43.36 -66.36 29.34
C GLU S 194 42.94 -64.94 29.71
N LEU S 195 41.96 -64.77 30.59
CA LEU S 195 41.47 -63.41 30.93
C LEU S 195 42.64 -62.56 31.45
N PHE S 196 43.56 -63.18 32.20
CA PHE S 196 44.68 -62.42 32.82
C PHE S 196 46.02 -62.94 32.33
N PRO S 197 46.94 -62.10 31.81
CA PRO S 197 48.26 -62.55 31.42
C PRO S 197 48.90 -63.10 32.70
N ASN S 198 49.61 -64.23 32.62
CA ASN S 198 50.15 -64.85 33.86
C ASN S 198 51.49 -64.21 34.21
N LYS S 199 51.59 -63.61 35.40
CA LYS S 199 52.87 -63.02 35.87
C LYS S 199 53.56 -62.27 34.71
N GLY S 200 52.88 -61.27 34.13
CA GLY S 200 53.52 -60.43 33.09
C GLY S 200 53.85 -61.17 31.81
N GLU S 201 53.55 -62.47 31.72
CA GLU S 201 53.76 -63.21 30.45
C GLU S 201 52.56 -62.89 29.55
N LYS S 202 52.78 -62.51 28.28
CA LYS S 202 51.60 -62.10 27.49
C LYS S 202 50.52 -63.18 27.54
N SER S 203 49.25 -62.78 27.63
CA SER S 203 48.13 -63.75 27.70
C SER S 203 48.29 -64.85 26.66
N THR S 204 48.13 -66.11 27.07
CA THR S 204 48.27 -67.27 26.14
C THR S 204 46.94 -68.04 26.10
N THR S 205 46.47 -68.40 24.91
CA THR S 205 45.15 -69.08 24.77
C THR S 205 45.30 -70.58 25.02
N LEU S 206 44.21 -71.26 25.35
CA LEU S 206 44.24 -72.74 25.53
C LEU S 206 44.99 -73.33 24.35
N HIS S 207 44.71 -72.86 23.13
CA HIS S 207 45.38 -73.42 21.93
C HIS S 207 46.90 -73.43 22.14
N LYS S 208 47.48 -72.30 22.54
CA LYS S 208 48.91 -72.22 22.74
C LYS S 208 49.36 -73.21 23.81
N GLU S 209 48.50 -73.40 24.81
CA GLU S 209 48.85 -74.30 25.94
C GLU S 209 48.87 -75.76 25.45
N ILE S 210 47.83 -76.17 24.72
CA ILE S 210 47.74 -77.60 24.27
C ILE S 210 48.83 -77.86 23.24
N LEU S 211 49.06 -76.94 22.30
CA LEU S 211 50.18 -77.11 21.38
C LEU S 211 51.50 -77.20 22.13
N GLN S 212 51.65 -76.33 23.13
CA GLN S 212 52.87 -76.37 23.98
C GLN S 212 52.87 -77.70 24.74
N THR S 213 51.69 -78.19 25.11
CA THR S 213 51.60 -79.47 25.89
C THR S 213 52.29 -80.58 25.08
N ASP S 214 53.18 -81.34 25.72
CA ASP S 214 53.95 -82.39 25.00
C ASP S 214 53.54 -83.75 25.57
N SER S 215 52.82 -84.55 24.78
CA SER S 215 52.32 -85.86 25.25
C SER S 215 53.34 -86.98 24.93
N ARG S 216 53.99 -87.54 25.95
CA ARG S 216 54.98 -88.58 25.75
C ARG S 216 54.37 -89.93 26.09
N LEU S 217 54.43 -90.85 25.14
CA LEU S 217 53.89 -92.18 25.35
C LEU S 217 54.69 -92.90 26.43
N SER S 218 54.00 -93.70 27.24
CA SER S 218 54.63 -94.46 28.31
C SER S 218 54.29 -95.93 28.13
N SER S 219 55.33 -96.75 27.98
CA SER S 219 55.16 -98.19 27.86
C SER S 219 56.51 -98.85 28.07
N ASP S 220 56.49 -100.14 28.39
CA ASP S 220 57.72 -100.90 28.52
C ASP S 220 58.45 -101.00 27.19
N ILE S 221 57.76 -100.80 26.08
CA ILE S 221 58.42 -100.77 24.77
C ILE S 221 59.42 -99.63 24.72
N PHE S 222 59.06 -98.51 25.34
CA PHE S 222 59.93 -97.30 25.30
C PHE S 222 60.14 -96.81 26.73
N LYS S 223 61.17 -97.33 27.41
CA LYS S 223 61.41 -97.01 28.80
C LYS S 223 62.16 -95.68 28.95
N GLU S 224 63.35 -95.59 28.36
CA GLU S 224 64.17 -94.39 28.48
C GLU S 224 63.57 -93.22 27.72
N ILE T 3 27.10 -114.39 -1.73
CA ILE T 3 28.54 -114.22 -1.82
C ILE T 3 29.03 -113.16 -0.86
N ARG T 4 30.27 -113.28 -0.41
CA ARG T 4 30.82 -112.21 0.45
C ARG T 4 32.34 -112.34 0.45
N ASN T 5 33.03 -111.21 0.61
CA ASN T 5 34.51 -111.31 0.75
C ASN T 5 34.77 -111.82 2.17
N ARG T 6 35.88 -112.51 2.40
CA ARG T 6 36.14 -113.11 3.74
C ARG T 6 37.14 -112.23 4.49
N LEU T 7 37.22 -110.94 4.15
CA LEU T 7 38.24 -110.10 4.77
C LEU T 7 38.22 -110.19 6.28
N SER T 8 37.05 -110.02 6.91
CA SER T 8 36.99 -110.07 8.36
C SER T 8 37.57 -111.37 8.88
N GLU T 9 37.15 -112.48 8.28
CA GLU T 9 37.68 -113.82 8.69
C GLU T 9 39.17 -113.90 8.37
N LEU T 10 39.58 -113.38 7.21
CA LEU T 10 40.99 -113.46 6.82
C LEU T 10 41.90 -112.75 7.80
N LEU T 11 41.60 -111.49 8.09
CA LEU T 11 42.47 -110.70 9.01
C LEU T 11 42.30 -111.18 10.46
N SER T 12 41.14 -111.76 10.82
CA SER T 12 41.02 -112.33 12.18
C SER T 12 42.00 -113.50 12.28
N GLU T 13 42.06 -114.34 11.25
CA GLU T 13 43.01 -115.45 11.25
C GLU T 13 44.44 -114.94 11.23
N ARG T 14 44.72 -113.92 10.43
CA ARG T 14 46.06 -113.36 10.37
C ARG T 14 46.40 -112.57 11.64
N GLY T 15 45.39 -112.03 12.32
CA GLY T 15 45.62 -111.18 13.46
C GLY T 15 45.93 -109.74 13.12
N LEU T 16 46.01 -109.43 11.81
CA LEU T 16 46.37 -108.06 11.37
C LEU T 16 45.18 -107.12 11.55
N LYS T 17 45.44 -105.80 11.55
CA LYS T 17 44.35 -104.80 11.70
C LYS T 17 44.08 -104.16 10.34
N ILE T 18 42.88 -103.60 10.15
CA ILE T 18 42.53 -103.00 8.84
C ILE T 18 43.54 -101.89 8.53
N SER T 19 43.78 -101.01 9.49
CA SER T 19 44.75 -99.90 9.28
C SER T 19 46.08 -100.48 8.79
N ARG T 20 46.55 -101.55 9.43
CA ARG T 20 47.85 -102.16 9.05
C ARG T 20 47.78 -102.60 7.58
N VAL T 21 46.70 -103.27 7.20
CA VAL T 21 46.52 -103.72 5.79
C VAL T 21 46.49 -102.49 4.87
N ALA T 22 45.76 -101.44 5.27
CA ALA T 22 45.62 -100.25 4.40
C ALA T 22 47.00 -99.64 4.15
N LYS T 23 47.83 -99.57 5.19
CA LYS T 23 49.19 -99.01 5.05
C LYS T 23 49.98 -99.88 4.07
N ASP T 24 49.64 -101.16 3.99
CA ASP T 24 50.41 -102.07 3.14
C ASP T 24 49.95 -102.02 1.70
N VAL T 25 48.62 -101.96 1.47
CA VAL T 25 48.10 -102.06 0.07
C VAL T 25 47.69 -100.71 -0.52
N LYS T 26 47.96 -99.61 0.18
CA LYS T 26 47.67 -98.27 -0.35
C LYS T 26 46.21 -98.12 -0.75
N ILE T 27 45.33 -98.66 0.12
CA ILE T 27 43.86 -98.53 -0.10
C ILE T 27 43.29 -97.69 1.04
N ALA T 28 42.36 -96.79 0.74
CA ALA T 28 41.79 -95.87 1.72
C ALA T 28 41.24 -96.63 2.91
N ARG T 29 41.53 -96.15 4.11
CA ARG T 29 41.10 -96.89 5.33
C ARG T 29 39.58 -97.04 5.33
N SER T 30 38.85 -95.95 5.10
CA SER T 30 37.40 -96.04 5.21
C SER T 30 36.84 -97.06 4.24
N SER T 31 37.24 -96.99 2.97
CA SER T 31 36.74 -97.93 1.98
C SER T 31 37.15 -99.35 2.32
N LEU T 32 38.40 -99.53 2.73
CA LEU T 32 38.90 -100.90 3.03
C LEU T 32 38.15 -101.46 4.23
N THR T 33 37.95 -100.64 5.27
CA THR T 33 37.29 -101.15 6.51
C THR T 33 35.83 -101.47 6.18
N SER T 34 35.19 -100.64 5.35
CA SER T 34 33.83 -100.95 4.92
C SER T 34 33.80 -102.25 4.15
N MET T 35 34.78 -102.43 3.26
CA MET T 35 34.83 -103.66 2.41
C MET T 35 35.24 -104.85 3.27
N ALA T 36 35.99 -104.59 4.36
CA ALA T 36 36.31 -105.69 5.31
C ALA T 36 34.99 -106.27 5.79
N GLN T 37 34.02 -105.41 6.12
CA GLN T 37 32.68 -105.90 6.50
C GLN T 37 32.00 -106.41 5.21
N ASN T 38 31.14 -107.41 5.33
CA ASN T 38 30.45 -107.98 4.14
C ASN T 38 29.41 -106.98 3.64
N ASP T 39 29.16 -105.91 4.40
CA ASP T 39 28.08 -104.94 4.05
C ASP T 39 28.32 -104.32 2.67
N SER T 40 29.58 -104.02 2.31
CA SER T 40 29.82 -103.33 1.02
C SER T 40 29.28 -104.19 -0.12
N GLU T 41 28.60 -103.57 -1.10
CA GLU T 41 27.97 -104.35 -2.20
C GLU T 41 28.84 -104.24 -3.46
N MET T 42 29.81 -103.32 -3.46
CA MET T 42 30.67 -103.12 -4.65
C MET T 42 32.13 -103.31 -4.26
N ILE T 43 32.92 -103.85 -5.19
CA ILE T 43 34.36 -104.08 -4.93
C ILE T 43 35.17 -103.80 -6.20
N ARG T 44 36.39 -103.33 -6.06
CA ARG T 44 37.28 -102.97 -7.15
C ARG T 44 38.25 -104.10 -7.47
N TYR T 45 38.58 -104.23 -8.76
CA TYR T 45 39.56 -105.21 -9.18
C TYR T 45 40.93 -104.90 -8.62
N ASP T 46 41.30 -103.61 -8.56
CA ASP T 46 42.54 -103.24 -7.92
C ASP T 46 42.57 -103.70 -6.48
N ALA T 47 41.44 -103.55 -5.78
CA ALA T 47 41.37 -103.97 -4.39
C ALA T 47 41.59 -105.47 -4.25
N ILE T 48 40.93 -106.25 -5.11
CA ILE T 48 41.04 -107.73 -4.98
C ILE T 48 42.49 -108.14 -5.32
N ASP T 49 43.10 -107.47 -6.31
CA ASP T 49 44.50 -107.78 -6.68
C ASP T 49 45.40 -107.50 -5.48
N LYS T 50 45.32 -106.29 -4.92
CA LYS T 50 46.22 -105.91 -3.85
C LYS T 50 46.03 -106.78 -2.63
N LEU T 51 44.78 -107.06 -2.25
CA LEU T 51 44.53 -107.85 -1.05
C LEU T 51 44.96 -109.29 -1.23
N CYS T 52 44.61 -109.87 -2.38
CA CYS T 52 44.98 -111.30 -2.62
C CYS T 52 46.50 -111.43 -2.60
N SER T 53 47.20 -110.45 -3.19
CA SER T 53 48.69 -110.49 -3.21
C SER T 53 49.24 -110.30 -1.79
N TYR T 54 48.76 -109.27 -1.09
CA TYR T 54 49.25 -108.98 0.29
C TYR T 54 49.08 -110.23 1.16
N LEU T 55 47.88 -110.82 1.15
CA LEU T 55 47.64 -112.00 1.95
C LEU T 55 48.19 -113.27 1.31
N HIS T 56 48.75 -113.13 0.10
CA HIS T 56 49.40 -114.30 -0.57
C HIS T 56 48.38 -115.42 -0.73
N ILE T 57 47.16 -115.07 -1.14
CA ILE T 57 46.07 -116.09 -1.27
C ILE T 57 45.30 -115.89 -2.56
N SER T 58 44.76 -116.98 -3.12
CA SER T 58 43.92 -116.92 -4.30
C SER T 58 42.55 -116.33 -3.94
N PRO T 59 41.77 -115.81 -4.92
CA PRO T 59 40.43 -115.27 -4.64
C PRO T 59 39.52 -116.33 -4.01
N SER T 60 39.84 -117.61 -4.21
CA SER T 60 39.04 -118.70 -3.61
C SER T 60 38.86 -118.40 -2.11
N GLU T 61 39.97 -118.18 -1.41
CA GLU T 61 39.90 -117.89 0.04
C GLU T 61 39.31 -116.50 0.26
N PHE T 62 39.43 -115.60 -0.72
CA PHE T 62 38.89 -114.22 -0.53
C PHE T 62 37.36 -114.19 -0.71
N PHE T 63 36.82 -114.91 -1.69
CA PHE T 63 35.39 -114.86 -1.98
C PHE T 63 34.73 -116.15 -1.50
N GLU T 64 33.95 -116.05 -0.43
CA GLU T 64 33.09 -117.15 -0.01
C GLU T 64 31.78 -117.05 -0.78
N HIS T 65 31.53 -118.02 -1.64
CA HIS T 65 30.32 -118.05 -2.46
C HIS T 65 29.57 -119.35 -2.25
N ASN T 66 28.25 -119.25 -1.98
CA ASN T 66 27.36 -120.40 -1.93
C ASN T 66 26.29 -120.18 -2.99
N PRO T 67 26.05 -121.14 -3.91
CA PRO T 67 25.11 -120.94 -5.02
C PRO T 67 23.65 -120.75 -4.58
N ILE T 68 23.37 -120.89 -3.29
CA ILE T 68 21.94 -120.79 -2.87
C ILE T 68 21.64 -119.29 -2.71
N ASN T 69 20.83 -118.74 -3.62
CA ASN T 69 20.56 -117.28 -3.61
C ASN T 69 19.23 -117.03 -2.91
N PHE T 70 19.23 -116.16 -1.89
CA PHE T 70 17.99 -115.84 -1.14
C PHE T 70 17.51 -114.43 -1.51
N ASP T 71 16.50 -114.32 -2.36
CA ASP T 71 15.92 -113.05 -2.77
C ASP T 71 14.67 -112.78 -1.96
N PHE T 72 14.54 -111.56 -1.44
CA PHE T 72 13.47 -111.19 -0.53
C PHE T 72 12.64 -110.09 -1.17
N THR T 73 11.32 -110.23 -1.02
CA THR T 73 10.36 -109.23 -1.53
C THR T 73 9.36 -108.95 -0.39
N PHE T 74 8.89 -107.72 -0.26
CA PHE T 74 8.00 -107.31 0.81
C PHE T 74 6.66 -106.86 0.25
N ASP T 75 5.65 -106.84 1.12
CA ASP T 75 4.29 -106.44 0.70
C ASP T 75 4.23 -104.97 0.31
N GLU T 76 3.69 -104.68 -0.89
CA GLU T 76 3.51 -103.26 -1.29
C GLU T 76 2.68 -102.57 -0.22
N GLU T 77 1.54 -103.17 0.16
CA GLU T 77 0.71 -102.58 1.23
C GLU T 77 0.66 -103.55 2.41
N PRO T 78 1.20 -103.18 3.59
CA PRO T 78 1.18 -104.07 4.76
C PRO T 78 -0.05 -103.88 5.62
N ASN T 79 -0.26 -104.79 6.57
CA ASN T 79 -1.38 -104.61 7.55
C ASN T 79 -0.75 -103.91 8.75
N TYR T 80 -0.72 -102.58 8.73
CA TYR T 80 -0.01 -101.85 9.81
C TYR T 80 -0.94 -100.89 10.56
N LYS T 81 -0.91 -100.95 11.89
CA LYS T 81 -1.68 -99.94 12.67
C LYS T 81 -0.70 -99.28 13.66
N ILE T 82 -0.56 -97.96 13.60
CA ILE T 82 0.44 -97.27 14.47
C ILE T 82 -0.28 -96.19 15.27
N ASN T 83 -0.67 -96.49 16.51
CA ASN T 83 -1.31 -95.47 17.37
C ASN T 83 -0.31 -94.35 17.65
N ASP T 84 -0.79 -93.10 17.69
CA ASP T 84 0.12 -91.96 17.99
C ASP T 84 -0.09 -91.58 19.46
N VAL T 85 0.96 -91.72 20.28
CA VAL T 85 0.88 -91.26 21.69
C VAL T 85 1.76 -90.01 21.82
N PHE T 86 1.16 -88.86 22.12
CA PHE T 86 1.96 -87.61 22.15
C PHE T 86 2.62 -87.47 23.53
N GLU T 87 3.56 -88.36 23.85
CA GLU T 87 4.22 -88.33 25.17
C GLU T 87 5.49 -87.47 25.07
N GLY T 88 5.37 -86.20 24.68
CA GLY T 88 6.54 -85.32 24.65
C GLY T 88 7.72 -85.90 23.88
N PHE T 89 7.52 -86.40 22.67
CA PHE T 89 8.72 -86.89 21.95
C PHE T 89 9.73 -85.74 21.86
N GLU T 90 9.23 -84.56 21.50
CA GLU T 90 10.14 -83.38 21.39
C GLU T 90 10.93 -83.20 22.68
N VAL T 91 10.35 -83.54 23.83
CA VAL T 91 11.05 -83.28 25.12
C VAL T 91 11.98 -84.47 25.44
N THR T 92 11.61 -85.68 25.03
CA THR T 92 12.49 -86.86 25.25
C THR T 92 12.58 -87.64 23.94
N ALA T 93 13.78 -87.76 23.36
CA ALA T 93 13.87 -88.39 22.02
C ALA T 93 13.78 -89.91 22.17
N ASN T 94 12.61 -90.42 22.57
CA ASN T 94 12.40 -91.89 22.66
C ASN T 94 11.26 -92.28 21.72
N ILE T 95 11.46 -93.34 20.93
CA ILE T 95 10.45 -93.74 19.92
C ILE T 95 9.14 -94.03 20.66
N THR T 96 9.23 -94.68 21.82
CA THR T 96 8.02 -94.97 22.64
C THR T 96 7.26 -93.66 22.92
N HIS T 97 7.98 -92.58 23.25
CA HIS T 97 7.34 -91.28 23.59
C HIS T 97 6.66 -90.71 22.35
N ALA T 98 7.23 -90.92 21.17
CA ALA T 98 6.65 -90.41 19.90
C ALA T 98 5.38 -91.17 19.51
N PHE T 99 5.38 -92.50 19.60
CA PHE T 99 4.21 -93.30 19.14
C PHE T 99 4.38 -94.76 19.56
N SER T 100 3.49 -95.64 19.11
CA SER T 100 3.64 -97.05 19.42
C SER T 100 2.95 -97.86 18.33
N ILE T 101 3.56 -98.98 17.95
CA ILE T 101 2.99 -99.83 16.92
C ILE T 101 1.91 -100.70 17.57
N GLU T 102 0.66 -100.49 17.19
CA GLU T 102 -0.41 -101.37 17.64
C GLU T 102 -0.22 -102.76 17.05
N ASN T 103 0.01 -102.83 15.74
CA ASN T 103 0.37 -104.08 15.08
C ASN T 103 1.02 -103.74 13.76
N PHE T 104 1.91 -104.63 13.29
CA PHE T 104 2.54 -104.47 11.98
C PHE T 104 2.82 -105.88 11.47
N ASP T 105 1.86 -106.40 10.73
CA ASP T 105 2.00 -107.74 10.12
C ASP T 105 1.98 -107.60 8.60
N PHE T 106 2.73 -108.43 7.89
CA PHE T 106 2.81 -108.40 6.44
C PHE T 106 3.46 -109.69 5.96
N GLU T 107 3.61 -109.77 4.65
CA GLU T 107 4.15 -111.02 4.07
C GLU T 107 5.50 -110.78 3.40
N ILE T 108 6.50 -111.57 3.79
CA ILE T 108 7.85 -111.48 3.18
C ILE T 108 8.04 -112.73 2.31
N LEU T 109 8.11 -112.55 1.00
CA LEU T 109 8.27 -113.69 0.06
C LEU T 109 9.76 -113.91 -0.20
N VAL T 110 10.23 -115.12 0.04
CA VAL T 110 11.68 -115.45 -0.17
C VAL T 110 11.77 -116.48 -1.30
N ASP T 111 12.37 -116.09 -2.43
CA ASP T 111 12.51 -117.01 -3.59
C ASP T 111 13.89 -117.67 -3.52
N VAL T 112 14.02 -118.68 -2.66
CA VAL T 112 15.31 -119.33 -2.47
C VAL T 112 15.63 -120.13 -3.73
N GLU T 113 16.83 -119.93 -4.25
CA GLU T 113 17.24 -120.57 -5.50
C GLU T 113 18.45 -121.46 -5.23
N LEU T 114 18.34 -122.72 -5.66
CA LEU T 114 19.46 -123.64 -5.55
C LEU T 114 20.44 -123.40 -6.70
N ASP T 115 21.42 -124.29 -6.83
CA ASP T 115 22.35 -124.20 -7.95
C ASP T 115 21.60 -124.27 -9.28
N ASN T 116 20.62 -125.17 -9.33
CA ASN T 116 19.77 -125.28 -10.54
C ASN T 116 18.76 -124.13 -10.52
N ARG T 117 18.26 -123.72 -11.68
CA ARG T 117 17.31 -122.59 -11.77
C ARG T 117 16.06 -122.90 -10.93
N GLN T 118 15.85 -124.16 -10.56
CA GLN T 118 14.71 -124.51 -9.67
C GLN T 118 14.71 -123.56 -8.47
N LYS T 119 13.64 -122.77 -8.31
CA LYS T 119 13.56 -121.81 -7.18
C LYS T 119 12.36 -122.13 -6.29
N LEU T 120 12.57 -122.11 -4.97
CA LEU T 120 11.46 -122.42 -4.01
C LEU T 120 11.08 -121.12 -3.28
N ASN T 121 9.79 -120.80 -3.24
CA ASN T 121 9.34 -119.52 -2.60
C ASN T 121 8.78 -119.82 -1.22
N PHE T 122 9.19 -119.05 -0.20
CA PHE T 122 8.68 -119.25 1.17
C PHE T 122 7.99 -117.96 1.64
N ASP T 123 6.75 -118.07 2.13
CA ASP T 123 5.98 -116.88 2.56
C ASP T 123 6.13 -116.69 4.07
N LEU T 124 6.41 -115.47 4.52
CA LEU T 124 6.65 -115.25 5.97
C LEU T 124 5.58 -114.30 6.54
N ASP T 125 4.66 -114.82 7.35
CA ASP T 125 3.69 -113.89 8.00
C ASP T 125 4.46 -113.27 9.15
N VAL T 126 4.96 -112.05 8.95
CA VAL T 126 5.81 -111.37 9.98
C VAL T 126 5.00 -110.28 10.68
N SER T 127 4.91 -110.34 12.00
CA SER T 127 4.14 -109.39 12.78
C SER T 127 5.04 -108.70 13.81
N TYR T 128 4.79 -107.41 14.01
CA TYR T 128 5.46 -106.67 15.07
C TYR T 128 5.15 -107.31 16.41
N LYS T 129 6.16 -107.47 17.25
CA LYS T 129 5.99 -108.09 18.55
C LYS T 129 6.25 -107.13 19.70
N GLU T 130 7.37 -106.40 19.66
CA GLU T 130 7.74 -105.55 20.77
C GLU T 130 8.73 -104.49 20.30
N THR T 131 8.62 -103.29 20.88
CA THR T 131 9.59 -102.20 20.56
C THR T 131 10.73 -102.31 21.57
N GLU T 132 11.63 -103.25 21.36
CA GLU T 132 12.76 -103.49 22.25
C GLU T 132 13.60 -102.23 22.38
N LYS T 133 13.89 -101.87 23.64
CA LYS T 133 14.68 -100.64 23.92
C LYS T 133 16.14 -101.03 24.16
N ILE T 134 16.98 -100.92 23.12
CA ILE T 134 18.38 -101.27 23.23
C ILE T 134 19.10 -100.34 24.19
N THR T 135 18.89 -99.03 24.05
CA THR T 135 19.49 -98.03 24.92
C THR T 135 18.41 -97.06 25.36
N ASN T 136 18.74 -96.26 26.38
CA ASN T 136 17.84 -95.19 26.78
C ASN T 136 17.65 -94.20 25.64
N SER T 137 18.61 -94.17 24.72
CA SER T 137 18.55 -93.20 23.61
C SER T 137 17.71 -93.76 22.45
N GLN T 138 17.99 -94.99 22.02
CA GLN T 138 17.30 -95.53 20.81
C GLN T 138 16.69 -96.90 21.10
N HIS T 139 15.74 -97.33 20.25
CA HIS T 139 15.07 -98.64 20.45
C HIS T 139 15.20 -99.45 19.17
N ARG T 140 15.04 -100.78 19.26
CA ARG T 140 15.01 -101.62 18.03
C ARG T 140 13.64 -102.30 17.94
N PHE T 141 12.91 -102.10 16.84
CA PHE T 141 11.62 -102.83 16.68
C PHE T 141 11.92 -104.32 16.49
N ILE T 142 11.12 -105.18 17.14
CA ILE T 142 11.34 -106.66 17.02
C ILE T 142 10.12 -107.26 16.32
N PHE T 143 10.36 -108.03 15.25
CA PHE T 143 9.25 -108.71 14.54
C PHE T 143 9.39 -110.23 14.71
N THR T 144 8.33 -110.96 14.40
CA THR T 144 8.32 -112.41 14.59
C THR T 144 7.53 -113.05 13.46
N ILE T 145 8.01 -114.21 13.00
CA ILE T 145 7.34 -114.92 11.88
C ILE T 145 6.29 -115.88 12.44
N LYS T 146 5.01 -115.61 12.19
CA LYS T 146 3.90 -116.48 12.66
C LYS T 146 3.99 -117.86 11.99
N ASN T 147 4.35 -117.90 10.70
CA ASN T 147 4.35 -119.19 9.95
C ASN T 147 5.77 -119.75 9.88
N GLU T 148 6.63 -119.39 10.85
CA GLU T 148 8.04 -119.85 10.84
C GLU T 148 8.06 -121.38 10.85
N ASP T 149 7.13 -122.01 11.57
CA ASP T 149 7.07 -123.49 11.62
C ASP T 149 6.83 -124.03 10.21
N GLU T 150 5.97 -123.36 9.44
CA GLU T 150 5.74 -123.78 8.03
C GLU T 150 7.06 -123.62 7.25
N ASN T 151 7.80 -122.55 7.51
CA ASN T 151 9.06 -122.28 6.76
C ASN T 151 10.23 -123.00 7.43
N ILE T 152 9.97 -124.17 8.02
CA ILE T 152 11.05 -124.97 8.67
C ILE T 152 12.04 -125.39 7.59
N GLY T 153 11.55 -125.69 6.38
CA GLY T 153 12.46 -126.02 5.26
C GLY T 153 13.36 -124.84 4.93
N LEU T 154 12.81 -123.62 4.98
CA LEU T 154 13.64 -122.41 4.75
C LEU T 154 14.79 -122.42 5.76
N LYS T 155 14.46 -122.62 7.05
CA LYS T 155 15.51 -122.62 8.10
C LYS T 155 16.55 -123.68 7.75
N LYS T 156 16.11 -124.85 7.31
CA LYS T 156 17.04 -125.94 6.91
C LYS T 156 17.99 -125.39 5.84
N TYR T 157 17.48 -124.62 4.89
CA TYR T 157 18.35 -124.04 3.83
C TYR T 157 19.25 -122.95 4.42
N VAL T 158 18.71 -122.11 5.29
CA VAL T 158 19.51 -121.03 5.93
C VAL T 158 20.69 -121.67 6.67
N ASP T 159 20.41 -122.59 7.59
CA ASP T 159 21.49 -123.18 8.39
C ASP T 159 22.40 -124.06 7.55
N SER T 160 21.99 -124.36 6.31
CA SER T 160 22.84 -125.19 5.41
C SER T 160 24.01 -124.37 4.87
N LEU T 161 24.03 -123.06 5.11
CA LEU T 161 25.09 -122.20 4.62
C LEU T 161 26.17 -122.01 5.69
N SER T 162 27.23 -121.31 5.32
CA SER T 162 28.30 -121.01 6.26
C SER T 162 27.86 -119.96 7.26
N ALA T 163 28.52 -119.96 8.42
CA ALA T 163 28.17 -119.03 9.48
C ALA T 163 28.34 -117.58 9.02
N GLY T 164 29.41 -117.30 8.28
CA GLY T 164 29.58 -115.96 7.74
C GLY T 164 28.48 -115.59 6.78
N LEU T 165 28.13 -116.50 5.87
CA LEU T 165 27.04 -116.24 4.94
C LEU T 165 25.71 -116.14 5.67
N LYS T 166 25.52 -116.95 6.72
CA LYS T 166 24.31 -116.82 7.53
C LYS T 166 24.22 -115.44 8.14
N ASN T 167 25.34 -114.94 8.70
CA ASN T 167 25.33 -113.61 9.29
C ASN T 167 25.07 -112.55 8.24
N LEU T 168 25.64 -112.72 7.05
CA LEU T 168 25.37 -111.78 5.96
C LEU T 168 23.89 -111.77 5.62
N LEU T 169 23.27 -112.94 5.50
CA LEU T 169 21.80 -112.93 5.27
C LEU T 169 21.11 -112.19 6.42
N PHE T 170 21.41 -112.56 7.67
CA PHE T 170 20.70 -111.89 8.76
C PHE T 170 20.82 -110.38 8.63
N LYS T 171 22.03 -109.92 8.30
CA LYS T 171 22.25 -108.46 8.13
C LYS T 171 21.32 -107.96 7.02
N LYS T 172 21.34 -108.61 5.86
CA LYS T 172 20.53 -108.15 4.74
C LYS T 172 19.05 -108.11 5.11
N ILE T 173 18.56 -109.16 5.75
CA ILE T 173 17.16 -109.20 6.15
C ILE T 173 16.84 -108.06 7.10
N ASN T 174 17.68 -107.91 8.13
CA ASN T 174 17.49 -106.84 9.14
C ASN T 174 17.47 -105.49 8.43
N GLN T 175 18.45 -105.24 7.55
CA GLN T 175 18.57 -103.92 6.93
C GLN T 175 17.36 -103.62 6.06
N LYS T 176 16.95 -104.60 5.25
CA LYS T 176 15.75 -104.41 4.39
C LYS T 176 14.54 -104.15 5.29
N LEU T 177 14.37 -104.94 6.34
CA LEU T 177 13.22 -104.81 7.22
C LEU T 177 13.23 -103.46 7.92
N SER T 178 14.40 -103.05 8.40
CA SER T 178 14.52 -101.72 9.06
C SER T 178 14.09 -100.65 8.07
N GLY T 179 14.70 -100.64 6.88
CA GLY T 179 14.38 -99.62 5.90
C GLY T 179 12.89 -99.59 5.60
N TYR T 180 12.31 -100.77 5.40
CA TYR T 180 10.87 -100.88 5.08
C TYR T 180 10.05 -100.27 6.22
N VAL T 181 10.29 -100.71 7.46
CA VAL T 181 9.53 -100.26 8.60
C VAL T 181 9.68 -98.76 8.80
N SER T 182 10.92 -98.26 8.71
CA SER T 182 11.13 -96.83 8.88
C SER T 182 10.42 -96.04 7.79
N GLU T 183 10.44 -96.58 6.57
CA GLU T 183 9.75 -95.89 5.44
C GLU T 183 8.25 -95.80 5.75
N ILE T 184 7.63 -96.94 6.09
CA ILE T 184 6.17 -96.94 6.39
C ILE T 184 5.90 -95.94 7.51
N ILE T 185 6.63 -96.06 8.63
CA ILE T 185 6.34 -95.19 9.81
C ILE T 185 6.54 -93.71 9.45
N VAL T 186 7.60 -93.38 8.71
CA VAL T 186 7.88 -91.97 8.46
C VAL T 186 6.79 -91.36 7.58
N LYS T 187 6.18 -92.20 6.74
CA LYS T 187 5.03 -91.71 5.92
C LYS T 187 3.80 -91.61 6.82
N ASN T 188 3.70 -92.47 7.84
CA ASN T 188 2.46 -92.48 8.69
C ASN T 188 2.56 -91.48 9.84
N ILE T 189 3.78 -91.13 10.28
CA ILE T 189 3.92 -90.25 11.47
C ILE T 189 4.45 -88.87 11.04
N ASP T 190 3.82 -87.80 11.53
CA ASP T 190 4.24 -86.42 11.15
C ASP T 190 5.60 -86.10 11.78
N ASP T 191 6.33 -85.16 11.17
CA ASP T 191 7.69 -84.79 11.66
C ASP T 191 7.63 -84.23 13.08
N ILE T 192 8.20 -84.94 14.06
CA ILE T 192 8.25 -84.40 15.45
C ILE T 192 9.70 -84.03 15.78
N GLU T 193 10.04 -82.73 15.69
CA GLU T 193 11.44 -82.31 15.92
C GLU T 193 11.71 -82.20 17.43
N GLU T 194 12.96 -82.41 17.87
CA GLU T 194 13.27 -82.40 19.32
C GLU T 194 13.42 -80.96 19.81
N LEU T 195 12.60 -80.53 20.77
CA LEU T 195 12.66 -79.12 21.24
C LEU T 195 14.08 -78.80 21.73
N PHE T 196 14.75 -79.76 22.36
CA PHE T 196 16.10 -79.53 22.94
C PHE T 196 17.14 -80.45 22.31
N PRO T 197 18.27 -79.93 21.78
CA PRO T 197 19.32 -80.80 21.27
C PRO T 197 19.77 -81.65 22.45
N ASN T 198 20.02 -82.95 22.24
CA ASN T 198 20.35 -83.82 23.39
C ASN T 198 21.85 -83.75 23.69
N LYS T 199 22.21 -83.33 24.90
CA LYS T 199 23.65 -83.28 25.31
C LYS T 199 24.50 -82.73 24.16
N GLY T 200 24.21 -81.51 23.69
CA GLY T 200 25.06 -80.86 22.67
C GLY T 200 25.04 -81.55 21.31
N GLU T 201 24.28 -82.66 21.17
CA GLU T 201 24.14 -83.30 19.84
C GLU T 201 23.10 -82.49 19.05
N LYS T 202 23.39 -82.11 17.80
CA LYS T 202 22.40 -81.23 17.13
C LYS T 202 21.01 -81.86 17.18
N SER T 203 19.97 -81.04 17.40
CA SER T 203 18.57 -81.53 17.49
C SER T 203 18.28 -82.54 16.37
N THR T 204 17.70 -83.69 16.71
CA THR T 204 17.35 -84.73 15.70
C THR T 204 15.84 -84.96 15.71
N THR T 205 15.21 -85.02 14.55
CA THR T 205 13.73 -85.17 14.46
C THR T 205 13.34 -86.64 14.60
N LEU T 206 12.08 -86.91 14.97
CA LEU T 206 11.59 -88.31 15.05
C LEU T 206 12.02 -89.03 13.78
N HIS T 207 11.87 -88.37 12.62
CA HIS T 207 12.23 -89.03 11.33
C HIS T 207 13.65 -89.61 11.43
N LYS T 208 14.61 -88.80 11.85
CA LYS T 208 15.99 -89.26 11.94
C LYS T 208 16.10 -90.42 12.92
N GLU T 209 15.28 -90.40 13.96
CA GLU T 209 15.33 -91.45 15.00
C GLU T 209 14.79 -92.77 14.43
N ILE T 210 13.64 -92.72 13.74
CA ILE T 210 13.02 -93.96 13.21
C ILE T 210 13.89 -94.52 12.08
N LEU T 211 14.40 -93.65 11.19
CA LEU T 211 15.32 -94.14 10.18
C LEU T 211 16.56 -94.76 10.82
N GLN T 212 17.07 -94.10 11.86
CA GLN T 212 18.22 -94.64 12.61
C GLN T 212 17.78 -95.94 13.28
N THR T 213 16.52 -96.02 13.72
CA THR T 213 16.02 -97.23 14.41
C THR T 213 16.21 -98.45 13.48
N ASP T 214 16.79 -99.53 14.00
CA ASP T 214 17.09 -100.71 13.15
C ASP T 214 16.24 -101.88 13.66
N SER T 215 15.25 -102.29 12.87
CA SER T 215 14.33 -103.39 13.30
C SER T 215 14.85 -104.75 12.83
N ARG T 216 15.30 -105.60 13.76
CA ARG T 216 15.84 -106.90 13.42
C ARG T 216 14.79 -107.97 13.71
N LEU T 217 14.47 -108.76 12.70
CA LEU T 217 13.49 -109.83 12.87
C LEU T 217 14.03 -110.88 13.83
N SER T 218 13.14 -111.44 14.64
CA SER T 218 13.50 -112.47 15.61
C SER T 218 12.64 -113.70 15.36
N SER T 219 13.30 -114.82 15.08
CA SER T 219 12.62 -116.09 14.88
C SER T 219 13.64 -117.21 14.94
N ASP T 220 13.15 -118.42 15.19
CA ASP T 220 14.04 -119.58 15.16
C ASP T 220 14.63 -119.82 13.78
N ILE T 221 13.99 -119.29 12.73
CA ILE T 221 14.56 -119.38 11.39
C ILE T 221 15.91 -118.67 11.33
N PHE T 222 16.01 -117.55 12.05
CA PHE T 222 17.25 -116.74 12.02
C PHE T 222 17.70 -116.49 13.47
N LYS T 223 18.51 -117.41 14.02
CA LYS T 223 18.91 -117.30 15.42
C LYS T 223 20.09 -116.37 15.59
N GLU T 224 21.21 -116.64 14.92
CA GLU T 224 22.41 -115.84 15.05
C GLU T 224 22.25 -114.47 14.41
N ILE U 3 -20.99 -117.38 -14.12
CA ILE U 3 -19.60 -117.76 -14.33
C ILE U 3 -18.72 -117.12 -13.27
N ARG U 4 -17.60 -117.77 -12.96
CA ARG U 4 -16.65 -117.12 -12.01
C ARG U 4 -15.30 -117.81 -12.16
N ASN U 5 -14.22 -117.07 -11.93
CA ASN U 5 -12.90 -117.75 -11.92
C ASN U 5 -12.81 -118.53 -10.60
N ARG U 6 -12.04 -119.62 -10.57
CA ARG U 6 -12.00 -120.45 -9.34
C ARG U 6 -10.71 -120.15 -8.58
N LEU U 7 -10.15 -118.95 -8.74
CA LEU U 7 -8.86 -118.65 -8.12
C LEU U 7 -8.87 -118.95 -6.63
N SER U 8 -9.87 -118.45 -5.91
CA SER U 8 -9.90 -118.69 -4.47
C SER U 8 -9.85 -120.18 -4.16
N GLU U 9 -10.68 -120.95 -4.86
CA GLU U 9 -10.71 -122.42 -4.66
C GLU U 9 -9.38 -123.03 -5.12
N LEU U 10 -8.83 -122.53 -6.24
CA LEU U 10 -7.58 -123.08 -6.76
C LEU U 10 -6.43 -122.92 -5.78
N LEU U 11 -6.21 -121.69 -5.30
CA LEU U 11 -5.08 -121.44 -4.37
C LEU U 11 -5.38 -122.03 -2.99
N SER U 12 -6.65 -122.17 -2.60
CA SER U 12 -6.94 -122.85 -1.32
C SER U 12 -6.49 -124.31 -1.45
N GLU U 13 -6.80 -124.94 -2.58
CA GLU U 13 -6.35 -126.32 -2.81
C GLU U 13 -4.84 -126.40 -2.89
N ARG U 14 -4.21 -125.45 -3.57
CA ARG U 14 -2.75 -125.43 -3.67
C ARG U 14 -2.10 -125.04 -2.35
N GLY U 15 -2.79 -124.26 -1.52
CA GLY U 15 -2.23 -123.73 -0.31
C GLY U 15 -1.38 -122.49 -0.49
N LEU U 16 -1.23 -122.05 -1.74
CA LEU U 16 -0.38 -120.87 -2.04
C LEU U 16 -1.10 -119.58 -1.64
N LYS U 17 -0.36 -118.48 -1.50
CA LYS U 17 -0.96 -117.18 -1.12
C LYS U 17 -1.02 -116.28 -2.38
N ILE U 18 -1.90 -115.29 -2.38
CA ILE U 18 -2.04 -114.41 -3.57
C ILE U 18 -0.69 -113.74 -3.83
N SER U 19 -0.09 -113.17 -2.79
CA SER U 19 1.22 -112.48 -2.94
C SER U 19 2.21 -113.45 -3.61
N ARG U 20 2.24 -114.70 -3.16
CA ARG U 20 3.20 -115.69 -3.72
C ARG U 20 2.92 -115.85 -5.22
N VAL U 21 1.64 -116.00 -5.59
CA VAL U 21 1.27 -116.12 -7.02
C VAL U 21 1.69 -114.86 -7.77
N ALA U 22 1.44 -113.68 -7.18
CA ALA U 22 1.74 -112.41 -7.88
C ALA U 22 3.23 -112.33 -8.17
N LYS U 23 4.06 -112.74 -7.21
CA LYS U 23 5.54 -112.72 -7.38
C LYS U 23 5.89 -113.67 -8.53
N ASP U 24 5.08 -114.71 -8.74
CA ASP U 24 5.40 -115.70 -9.76
C ASP U 24 4.95 -115.26 -11.15
N VAL U 25 3.75 -114.67 -11.25
CA VAL U 25 3.19 -114.36 -12.61
C VAL U 25 3.33 -112.88 -12.98
N LYS U 26 4.01 -112.07 -12.17
CA LYS U 26 4.25 -110.67 -12.50
C LYS U 26 2.94 -109.92 -12.75
N ILE U 27 1.96 -110.20 -11.89
CA ILE U 27 0.65 -109.49 -11.97
C ILE U 27 0.48 -108.68 -10.68
N ALA U 28 -0.04 -107.46 -10.78
CA ALA U 28 -0.17 -106.55 -9.65
C ALA U 28 -0.94 -107.23 -8.52
N ARG U 29 -0.44 -107.07 -7.30
CA ARG U 29 -1.08 -107.76 -6.14
C ARG U 29 -2.54 -107.33 -6.03
N SER U 30 -2.81 -106.02 -6.07
CA SER U 30 -4.18 -105.56 -5.84
C SER U 30 -5.13 -106.15 -6.88
N SER U 31 -4.76 -106.04 -8.16
CA SER U 31 -5.62 -106.56 -9.22
C SER U 31 -5.79 -108.06 -9.10
N LEU U 32 -4.68 -108.77 -8.82
CA LEU U 32 -4.74 -110.25 -8.75
C LEU U 32 -5.62 -110.65 -7.55
N THR U 33 -5.45 -109.99 -6.41
CA THR U 33 -6.22 -110.38 -5.20
C THR U 33 -7.70 -110.07 -5.44
N SER U 34 -7.99 -108.95 -6.09
CA SER U 34 -9.38 -108.66 -6.44
C SER U 34 -9.94 -109.72 -7.37
N MET U 35 -9.12 -110.11 -8.35
CA MET U 35 -9.58 -111.13 -9.35
C MET U 35 -9.63 -112.49 -8.67
N ALA U 36 -8.82 -112.71 -7.63
CA ALA U 36 -8.92 -113.97 -6.87
C ALA U 36 -10.35 -114.09 -6.35
N GLN U 37 -10.90 -112.98 -5.83
CA GLN U 37 -12.31 -112.97 -5.41
C GLN U 37 -13.16 -112.98 -6.69
N ASN U 38 -14.35 -113.59 -6.63
CA ASN U 38 -15.24 -113.67 -7.81
C ASN U 38 -15.83 -112.29 -8.09
N ASP U 39 -15.63 -111.33 -7.18
CA ASP U 39 -16.26 -109.99 -7.32
C ASP U 39 -15.82 -109.30 -8.63
N SER U 40 -14.57 -109.45 -9.04
CA SER U 40 -14.12 -108.72 -10.25
C SER U 40 -14.98 -109.13 -11.44
N GLU U 41 -15.40 -108.17 -12.27
CA GLU U 41 -16.31 -108.48 -13.41
C GLU U 41 -15.51 -108.51 -14.71
N MET U 42 -14.26 -108.04 -14.67
CA MET U 42 -13.42 -108.00 -15.90
C MET U 42 -12.13 -108.80 -15.66
N ILE U 43 -11.66 -109.45 -16.72
CA ILE U 43 -10.41 -110.25 -16.61
C ILE U 43 -9.60 -110.10 -17.90
N ARG U 44 -8.27 -110.16 -17.80
CA ARG U 44 -7.36 -110.00 -18.93
C ARG U 44 -6.90 -111.35 -19.47
N TYR U 45 -6.71 -111.40 -20.79
CA TYR U 45 -6.18 -112.62 -21.41
C TYR U 45 -4.78 -112.93 -20.93
N ASP U 46 -3.95 -111.89 -20.75
CA ASP U 46 -2.62 -112.12 -20.17
C ASP U 46 -2.74 -112.78 -18.80
N ALA U 47 -3.70 -112.31 -18.00
CA ALA U 47 -3.89 -112.88 -16.66
C ALA U 47 -4.27 -114.35 -16.74
N ILE U 48 -5.20 -114.69 -17.64
CA ILE U 48 -5.67 -116.10 -17.70
C ILE U 48 -4.51 -116.97 -18.22
N ASP U 49 -3.71 -116.44 -19.15
CA ASP U 49 -2.55 -117.20 -19.69
C ASP U 49 -1.57 -117.47 -18.54
N LYS U 50 -1.17 -116.42 -17.84
CA LYS U 50 -0.15 -116.56 -16.81
C LYS U 50 -0.64 -117.47 -15.68
N LEU U 51 -1.88 -117.30 -15.24
CA LEU U 51 -2.38 -118.11 -14.13
C LEU U 51 -2.55 -119.57 -14.53
N CYS U 52 -3.13 -119.80 -15.71
CA CYS U 52 -3.35 -121.20 -16.16
C CYS U 52 -2.00 -121.90 -16.28
N SER U 53 -0.99 -121.19 -16.80
CA SER U 53 0.36 -121.79 -16.96
C SER U 53 0.98 -122.03 -15.58
N TYR U 54 0.96 -121.02 -14.71
CA TYR U 54 1.57 -121.15 -13.36
C TYR U 54 0.96 -122.34 -12.64
N LEU U 55 -0.37 -122.43 -12.62
CA LEU U 55 -1.03 -123.54 -11.96
C LEU U 55 -1.04 -124.81 -12.81
N HIS U 56 -0.51 -124.72 -14.03
CA HIS U 56 -0.39 -125.93 -14.89
C HIS U 56 -1.76 -126.55 -15.09
N ILE U 57 -2.76 -125.70 -15.36
CA ILE U 57 -4.17 -126.20 -15.52
C ILE U 57 -4.84 -125.53 -16.70
N SER U 58 -5.78 -126.23 -17.35
CA SER U 58 -6.56 -125.67 -18.43
C SER U 58 -7.58 -124.68 -17.88
N PRO U 59 -8.13 -123.76 -18.71
CA PRO U 59 -9.13 -122.81 -18.25
C PRO U 59 -10.38 -123.53 -17.69
N SER U 60 -10.58 -124.78 -18.08
CA SER U 60 -11.73 -125.57 -17.55
C SER U 60 -11.73 -125.44 -16.02
N GLU U 61 -10.60 -125.77 -15.40
CA GLU U 61 -10.50 -125.70 -13.92
C GLU U 61 -10.50 -124.23 -13.47
N PHE U 62 -10.07 -123.31 -14.34
CA PHE U 62 -10.03 -121.88 -13.94
C PHE U 62 -11.43 -121.24 -13.97
N PHE U 63 -12.24 -121.54 -14.99
CA PHE U 63 -13.54 -120.91 -15.14
C PHE U 63 -14.64 -121.91 -14.77
N GLU U 64 -15.29 -121.68 -13.64
CA GLU U 64 -16.49 -122.42 -13.28
C GLU U 64 -17.68 -121.72 -13.93
N HIS U 65 -18.32 -122.38 -14.88
CA HIS U 65 -19.47 -121.84 -15.59
C HIS U 65 -20.65 -122.77 -15.47
N ASN U 66 -21.83 -122.22 -15.09
CA ASN U 66 -23.09 -122.94 -15.11
C ASN U 66 -24.03 -122.17 -16.03
N PRO U 67 -24.65 -122.83 -17.04
CA PRO U 67 -25.47 -122.12 -18.03
C PRO U 67 -26.72 -121.45 -17.45
N ILE U 68 -27.00 -121.67 -16.16
CA ILE U 68 -28.26 -121.10 -15.61
C ILE U 68 -27.96 -119.65 -15.25
N ASN U 69 -28.51 -118.70 -16.01
CA ASN U 69 -28.20 -117.26 -15.78
C ASN U 69 -29.31 -116.62 -14.94
N PHE U 70 -28.94 -115.99 -13.84
CA PHE U 70 -29.93 -115.33 -12.94
C PHE U 70 -29.83 -113.81 -13.10
N ASP U 71 -30.76 -113.20 -13.83
CA ASP U 71 -30.80 -111.76 -14.03
C ASP U 71 -31.83 -111.16 -13.09
N PHE U 72 -31.46 -110.08 -12.41
CA PHE U 72 -32.27 -109.46 -11.37
C PHE U 72 -32.63 -108.05 -11.79
N THR U 73 -33.91 -107.70 -11.55
CA THR U 73 -34.42 -106.35 -11.83
C THR U 73 -35.18 -105.88 -10.60
N PHE U 74 -35.14 -104.60 -10.27
CA PHE U 74 -35.78 -104.05 -9.07
C PHE U 74 -36.85 -103.04 -9.46
N ASP U 75 -37.74 -102.77 -8.51
CA ASP U 75 -38.86 -101.83 -8.76
C ASP U 75 -38.35 -100.41 -8.96
N GLU U 76 -38.78 -99.75 -10.05
CA GLU U 76 -38.40 -98.34 -10.26
C GLU U 76 -38.87 -97.55 -9.05
N GLU U 77 -40.12 -97.76 -8.63
CA GLU U 77 -40.61 -97.11 -7.43
C GLU U 77 -40.97 -98.15 -6.39
N PRO U 78 -40.34 -98.12 -5.22
CA PRO U 78 -40.67 -99.09 -4.18
C PRO U 78 -41.70 -98.57 -3.20
N ASN U 79 -42.22 -99.46 -2.35
CA ASN U 79 -43.15 -99.03 -1.28
C ASN U 79 -42.27 -98.81 -0.05
N TYR U 80 -41.72 -97.60 0.10
CA TYR U 80 -40.75 -97.36 1.19
C TYR U 80 -41.21 -96.26 2.13
N LYS U 81 -41.17 -96.51 3.44
CA LYS U 81 -41.46 -95.43 4.41
C LYS U 81 -40.28 -95.34 5.38
N ILE U 82 -39.64 -94.17 5.48
CA ILE U 82 -38.43 -94.06 6.33
C ILE U 82 -38.64 -92.91 7.33
N ASN U 83 -39.07 -93.22 8.55
CA ASN U 83 -39.25 -92.18 9.58
C ASN U 83 -37.88 -91.57 9.91
N ASP U 84 -37.83 -90.26 10.14
CA ASP U 84 -36.55 -89.60 10.51
C ASP U 84 -36.54 -89.40 12.02
N VAL U 85 -35.61 -90.04 12.72
CA VAL U 85 -35.46 -89.81 14.18
C VAL U 85 -34.17 -89.03 14.39
N PHE U 86 -34.26 -87.79 14.89
CA PHE U 86 -33.04 -86.95 15.02
C PHE U 86 -32.33 -87.28 16.33
N GLU U 87 -31.80 -88.50 16.46
CA GLU U 87 -31.14 -88.92 17.71
C GLU U 87 -29.64 -88.61 17.60
N GLY U 88 -29.28 -87.34 17.38
CA GLY U 88 -27.85 -86.97 17.36
C GLY U 88 -27.02 -87.83 16.44
N PHE U 89 -27.43 -88.04 15.19
CA PHE U 89 -26.53 -88.83 14.32
C PHE U 89 -25.16 -88.15 14.29
N GLU U 90 -25.18 -86.82 14.13
CA GLU U 90 -23.89 -86.08 14.08
C GLU U 90 -23.04 -86.42 15.31
N VAL U 91 -23.69 -86.61 16.46
CA VAL U 91 -22.93 -86.92 17.72
C VAL U 91 -22.44 -88.36 17.66
N THR U 92 -23.31 -89.29 17.27
CA THR U 92 -22.94 -90.73 17.26
C THR U 92 -23.21 -91.28 15.86
N ALA U 93 -22.17 -91.76 15.18
CA ALA U 93 -22.37 -92.16 13.76
C ALA U 93 -23.04 -93.54 13.73
N ASN U 94 -24.31 -93.62 14.15
CA ASN U 94 -25.06 -94.90 14.08
C ASN U 94 -26.29 -94.69 13.19
N ILE U 95 -26.55 -95.61 12.27
CA ILE U 95 -27.67 -95.44 11.31
C ILE U 95 -28.96 -95.32 12.11
N THR U 96 -29.10 -96.12 13.17
CA THR U 96 -30.29 -96.05 14.05
C THR U 96 -30.47 -94.61 14.54
N HIS U 97 -29.38 -93.95 14.94
CA HIS U 97 -29.45 -92.56 15.50
C HIS U 97 -29.90 -91.59 14.41
N ALA U 98 -29.50 -91.83 13.17
CA ALA U 98 -29.86 -90.96 12.03
C ALA U 98 -31.35 -91.10 11.66
N PHE U 99 -31.86 -92.34 11.57
CA PHE U 99 -33.27 -92.55 11.11
C PHE U 99 -33.66 -94.01 11.35
N SER U 100 -34.84 -94.41 10.86
CA SER U 100 -35.24 -95.80 10.98
C SER U 100 -36.22 -96.12 9.86
N ILE U 101 -36.09 -97.32 9.29
CA ILE U 101 -36.99 -97.73 8.21
C ILE U 101 -38.30 -98.20 8.84
N GLU U 102 -39.38 -97.47 8.59
CA GLU U 102 -40.69 -97.95 9.01
C GLU U 102 -41.08 -99.21 8.24
N ASN U 103 -40.92 -99.16 6.92
CA ASN U 103 -41.11 -100.34 6.08
C ASN U 103 -40.42 -100.08 4.76
N PHE U 104 -39.96 -101.14 4.12
CA PHE U 104 -39.36 -101.06 2.80
C PHE U 104 -39.65 -102.38 2.08
N ASP U 105 -40.77 -102.37 1.36
CA ASP U 105 -41.17 -103.56 0.58
C ASP U 105 -41.18 -103.19 -0.91
N PHE U 106 -40.84 -104.13 -1.77
CA PHE U 106 -40.79 -103.91 -3.21
C PHE U 106 -40.71 -105.27 -3.89
N GLU U 107 -40.64 -105.20 -5.22
CA GLU U 107 -40.65 -106.46 -5.99
C GLU U 107 -39.34 -106.65 -6.75
N ILE U 108 -38.72 -107.82 -6.54
CA ILE U 108 -37.46 -108.16 -7.26
C ILE U 108 -37.78 -109.24 -8.28
N LEU U 109 -37.69 -108.91 -9.56
CA LEU U 109 -38.02 -109.86 -10.65
C LEU U 109 -36.74 -110.59 -11.06
N VAL U 110 -36.76 -111.92 -11.02
CA VAL U 110 -35.57 -112.73 -11.40
C VAL U 110 -35.92 -113.53 -12.65
N ASP U 111 -35.24 -113.24 -13.77
CA ASP U 111 -35.51 -113.95 -15.05
C ASP U 111 -34.50 -115.10 -15.17
N VAL U 112 -34.74 -116.19 -14.45
CA VAL U 112 -33.80 -117.31 -14.47
C VAL U 112 -33.84 -117.98 -15.84
N GLU U 113 -32.68 -118.16 -16.44
CA GLU U 113 -32.59 -118.72 -17.78
C GLU U 113 -31.82 -120.04 -17.74
N LEU U 114 -32.42 -121.08 -18.30
CA LEU U 114 -31.73 -122.36 -18.41
C LEU U 114 -30.78 -122.33 -19.60
N ASP U 115 -30.23 -123.50 -19.93
CA ASP U 115 -29.37 -123.60 -21.10
C ASP U 115 -30.11 -123.19 -22.36
N ASN U 116 -31.38 -123.63 -22.44
CA ASN U 116 -32.24 -123.22 -23.58
C ASN U 116 -32.73 -121.79 -23.33
N ARG U 117 -33.07 -121.06 -24.39
CA ARG U 117 -33.51 -119.65 -24.24
C ARG U 117 -34.75 -119.58 -23.34
N GLN U 118 -35.42 -120.71 -23.12
CA GLN U 118 -36.57 -120.74 -22.19
C GLN U 118 -36.17 -120.05 -20.87
N LYS U 119 -36.85 -118.95 -20.52
CA LYS U 119 -36.50 -118.20 -19.29
C LYS U 119 -37.71 -118.18 -18.34
N LEU U 120 -37.48 -118.43 -17.05
CA LEU U 120 -38.58 -118.43 -16.05
C LEU U 120 -38.41 -117.21 -15.13
N ASN U 121 -39.48 -116.43 -14.93
CA ASN U 121 -39.37 -115.20 -14.11
C ASN U 121 -39.97 -115.47 -12.73
N PHE U 122 -39.25 -115.07 -11.67
CA PHE U 122 -39.77 -115.26 -10.28
C PHE U 122 -39.89 -113.89 -9.61
N ASP U 123 -41.05 -113.60 -9.03
CA ASP U 123 -41.28 -112.27 -8.39
C ASP U 123 -41.03 -112.39 -6.88
N LEU U 124 -40.28 -111.45 -6.30
CA LEU U 124 -39.92 -111.56 -4.86
C LEU U 124 -40.53 -110.37 -4.10
N ASP U 125 -41.56 -110.62 -3.27
CA ASP U 125 -42.06 -109.49 -2.43
C ASP U 125 -41.08 -109.40 -1.28
N VAL U 126 -40.15 -108.45 -1.37
CA VAL U 126 -39.08 -108.31 -0.34
C VAL U 126 -39.38 -107.09 0.55
N SER U 127 -39.44 -107.31 1.86
CA SER U 127 -39.76 -106.27 2.82
C SER U 127 -38.63 -106.14 3.84
N TYR U 128 -38.36 -104.89 4.22
CA TYR U 128 -37.42 -104.63 5.30
C TYR U 128 -37.91 -105.30 6.58
N LYS U 129 -37.01 -105.96 7.30
CA LYS U 129 -37.37 -106.65 8.53
C LYS U 129 -36.72 -106.05 9.76
N GLU U 130 -35.42 -105.79 9.71
CA GLU U 130 -34.71 -105.32 10.89
C GLU U 130 -33.41 -104.66 10.46
N THR U 131 -33.02 -103.61 11.20
CA THR U 131 -31.71 -102.93 10.94
C THR U 131 -30.66 -103.62 11.83
N GLU U 132 -30.21 -104.79 11.43
CA GLU U 132 -29.24 -105.57 12.17
C GLU U 132 -27.97 -104.76 12.40
N LYS U 133 -27.53 -104.73 13.66
CA LYS U 133 -26.32 -103.94 14.02
C LYS U 133 -25.11 -104.89 14.08
N ILE U 134 -24.34 -104.95 13.00
CA ILE U 134 -23.16 -105.82 12.94
C ILE U 134 -22.11 -105.38 13.94
N THR U 135 -21.82 -104.08 13.99
CA THR U 135 -20.84 -103.53 14.93
C THR U 135 -21.45 -102.31 15.58
N ASN U 136 -20.80 -101.85 16.65
CA ASN U 136 -21.21 -100.59 17.26
C ASN U 136 -21.03 -99.45 16.28
N SER U 137 -20.16 -99.65 15.29
CA SER U 137 -19.88 -98.56 14.32
C SER U 137 -20.90 -98.59 13.17
N GLN U 138 -21.13 -99.76 12.57
CA GLN U 138 -22.01 -99.80 11.37
C GLN U 138 -23.11 -100.86 11.53
N HIS U 139 -24.16 -100.77 10.72
CA HIS U 139 -25.30 -101.73 10.81
C HIS U 139 -25.53 -102.35 9.43
N ARG U 140 -26.19 -103.51 9.37
CA ARG U 140 -26.58 -104.08 8.05
C ARG U 140 -28.10 -104.17 8.00
N PHE U 141 -28.73 -103.55 7.00
CA PHE U 141 -30.21 -103.70 6.86
C PHE U 141 -30.52 -105.14 6.46
N ILE U 142 -31.56 -105.73 7.06
CA ILE U 142 -31.95 -107.13 6.73
C ILE U 142 -33.32 -107.12 6.07
N PHE U 143 -33.42 -107.75 4.89
CA PHE U 143 -34.73 -107.84 4.20
C PHE U 143 -35.19 -109.31 4.17
N THR U 144 -36.47 -109.54 3.86
CA THR U 144 -37.02 -110.88 3.86
C THR U 144 -38.04 -111.00 2.73
N ILE U 145 -38.06 -112.18 2.10
CA ILE U 145 -38.99 -112.40 0.95
C ILE U 145 -40.31 -112.96 1.49
N LYS U 146 -41.39 -112.19 1.37
CA LYS U 146 -42.74 -112.64 1.83
C LYS U 146 -43.21 -113.83 0.98
N ASN U 147 -42.93 -113.81 -0.32
CA ASN U 147 -43.45 -114.87 -1.24
C ASN U 147 -42.36 -115.92 -1.50
N GLU U 148 -41.41 -116.06 -0.57
CA GLU U 148 -40.29 -117.01 -0.75
C GLU U 148 -40.85 -118.42 -0.94
N ASP U 149 -41.93 -118.75 -0.22
CA ASP U 149 -42.56 -120.08 -0.34
C ASP U 149 -43.04 -120.27 -1.79
N GLU U 150 -43.59 -119.23 -2.40
CA GLU U 150 -44.01 -119.30 -3.83
C GLU U 150 -42.76 -119.55 -4.69
N ASN U 151 -41.65 -118.89 -4.36
CA ASN U 151 -40.41 -119.01 -5.18
C ASN U 151 -39.60 -120.21 -4.70
N ILE U 152 -40.27 -121.27 -4.25
CA ILE U 152 -39.57 -122.51 -3.80
C ILE U 152 -38.83 -123.09 -5.01
N GLY U 153 -39.44 -123.01 -6.20
CA GLY U 153 -38.77 -123.49 -7.42
C GLY U 153 -37.50 -122.71 -7.67
N LEU U 154 -37.53 -121.40 -7.42
CA LEU U 154 -36.30 -120.57 -7.57
C LEU U 154 -35.22 -121.16 -6.67
N LYS U 155 -35.56 -121.41 -5.41
CA LYS U 155 -34.56 -121.97 -4.46
C LYS U 155 -34.02 -123.28 -5.02
N LYS U 156 -34.91 -124.12 -5.57
CA LYS U 156 -34.47 -125.40 -6.18
C LYS U 156 -33.42 -125.11 -7.24
N TYR U 157 -33.62 -124.06 -8.04
CA TYR U 157 -32.63 -123.69 -9.10
C TYR U 157 -31.35 -123.14 -8.46
N VAL U 158 -31.50 -122.29 -7.44
CA VAL U 158 -30.32 -121.71 -6.74
C VAL U 158 -29.46 -122.85 -6.20
N ASP U 159 -30.05 -123.72 -5.37
CA ASP U 159 -29.27 -124.78 -4.76
C ASP U 159 -28.78 -125.81 -5.77
N SER U 160 -29.32 -125.75 -6.99
CA SER U 160 -28.89 -126.68 -8.07
C SER U 160 -27.51 -126.30 -8.60
N LEU U 161 -26.98 -125.16 -8.19
CA LEU U 161 -25.68 -124.70 -8.67
C LEU U 161 -24.58 -125.10 -7.67
N SER U 162 -23.34 -124.79 -8.04
CA SER U 162 -22.21 -125.07 -7.17
C SER U 162 -22.18 -124.10 -6.00
N ALA U 163 -21.54 -124.52 -4.91
CA ALA U 163 -21.46 -123.68 -3.73
C ALA U 163 -20.76 -122.37 -4.02
N GLY U 164 -19.69 -122.41 -4.80
CA GLY U 164 -19.03 -121.18 -5.18
C GLY U 164 -19.93 -120.27 -5.99
N LEU U 165 -20.63 -120.83 -6.97
CA LEU U 165 -21.56 -120.04 -7.76
C LEU U 165 -22.72 -119.55 -6.91
N LYS U 166 -23.18 -120.38 -5.96
CA LYS U 166 -24.22 -119.92 -5.05
C LYS U 166 -23.74 -118.71 -4.25
N ASN U 167 -22.52 -118.77 -3.74
CA ASN U 167 -21.97 -117.64 -2.99
C ASN U 167 -21.84 -116.41 -3.86
N LEU U 168 -21.41 -116.61 -5.12
CA LEU U 168 -21.34 -115.48 -6.04
C LEU U 168 -22.71 -114.86 -6.25
N LEU U 169 -23.74 -115.68 -6.47
CA LEU U 169 -25.10 -115.08 -6.57
C LEU U 169 -25.42 -114.32 -5.28
N PHE U 170 -25.24 -114.95 -4.12
CA PHE U 170 -25.59 -114.24 -2.89
C PHE U 170 -24.91 -112.88 -2.84
N LYS U 171 -23.62 -112.87 -3.21
CA LYS U 171 -22.86 -111.59 -3.23
C LYS U 171 -23.56 -110.62 -4.17
N LYS U 172 -23.83 -111.05 -5.40
CA LYS U 172 -24.42 -110.15 -6.38
C LYS U 172 -25.76 -109.61 -5.89
N ILE U 173 -26.60 -110.48 -5.34
CA ILE U 173 -27.90 -110.04 -4.84
C ILE U 173 -27.71 -109.03 -3.71
N ASN U 174 -26.85 -109.37 -2.76
CA ASN U 174 -26.59 -108.46 -1.61
C ASN U 174 -26.10 -107.11 -2.14
N GLN U 175 -25.13 -107.12 -3.06
CA GLN U 175 -24.53 -105.88 -3.51
C GLN U 175 -25.56 -105.01 -4.23
N LYS U 176 -26.34 -105.63 -5.12
CA LYS U 176 -27.40 -104.87 -5.84
C LYS U 176 -28.38 -104.31 -4.81
N LEU U 177 -28.81 -105.13 -3.86
CA LEU U 177 -29.79 -104.70 -2.87
C LEU U 177 -29.25 -103.57 -2.03
N SER U 178 -27.99 -103.72 -1.60
CA SER U 178 -27.34 -102.66 -0.79
C SER U 178 -27.35 -101.36 -1.60
N GLY U 179 -26.82 -101.40 -2.81
CA GLY U 179 -26.75 -100.20 -3.63
C GLY U 179 -28.12 -99.57 -3.80
N TYR U 180 -29.13 -100.40 -4.09
CA TYR U 180 -30.50 -99.90 -4.29
C TYR U 180 -30.99 -99.20 -3.02
N VAL U 181 -30.89 -99.89 -1.88
CA VAL U 181 -31.39 -99.35 -0.62
C VAL U 181 -30.66 -98.07 -0.25
N SER U 182 -29.33 -98.07 -0.38
CA SER U 182 -28.57 -96.87 -0.06
C SER U 182 -28.95 -95.72 -0.97
N GLU U 183 -29.18 -96.03 -2.25
CA GLU U 183 -29.59 -94.98 -3.22
C GLU U 183 -30.92 -94.37 -2.78
N ILE U 184 -31.91 -95.23 -2.52
CA ILE U 184 -33.26 -94.72 -2.11
C ILE U 184 -33.08 -93.87 -0.84
N ILE U 185 -32.44 -94.42 0.17
CA ILE U 185 -32.32 -93.70 1.49
C ILE U 185 -31.57 -92.37 1.30
N VAL U 186 -30.49 -92.35 0.52
CA VAL U 186 -29.70 -91.13 0.42
C VAL U 186 -30.48 -90.03 -0.28
N LYS U 187 -31.40 -90.45 -1.16
CA LYS U 187 -32.29 -89.44 -1.81
C LYS U 187 -33.37 -89.02 -0.80
N ASN U 188 -33.76 -89.91 0.11
CA ASN U 188 -34.88 -89.58 1.04
C ASN U 188 -34.35 -88.87 2.30
N ILE U 189 -33.09 -89.08 2.67
CA ILE U 189 -32.59 -88.51 3.96
C ILE U 189 -31.57 -87.39 3.66
N ASP U 190 -31.73 -86.25 4.33
CA ASP U 190 -30.81 -85.09 4.09
C ASP U 190 -29.41 -85.41 4.63
N ASP U 191 -28.39 -84.74 4.10
CA ASP U 191 -26.98 -84.98 4.51
C ASP U 191 -26.79 -84.67 5.99
N ILE U 192 -26.51 -85.68 6.81
CA ILE U 192 -26.21 -85.41 8.26
C ILE U 192 -24.71 -85.66 8.50
N GLU U 193 -23.91 -84.60 8.54
CA GLU U 193 -22.43 -84.77 8.70
C GLU U 193 -22.10 -85.01 10.18
N GLU U 194 -21.02 -85.73 10.49
CA GLU U 194 -20.69 -86.07 11.90
C GLU U 194 -19.97 -84.88 12.55
N LEU U 195 -20.54 -84.34 13.63
CA LEU U 195 -19.94 -83.15 14.30
C LEU U 195 -18.50 -83.44 14.68
N PHE U 196 -18.22 -84.68 15.10
CA PHE U 196 -16.86 -85.05 15.60
C PHE U 196 -16.28 -86.19 14.76
N PRO U 197 -15.05 -86.08 14.22
CA PRO U 197 -14.43 -87.19 13.50
C PRO U 197 -14.31 -88.31 14.53
N ASN U 198 -14.59 -89.56 14.13
CA ASN U 198 -14.59 -90.66 15.13
C ASN U 198 -13.18 -91.20 15.30
N LYS U 199 -12.63 -91.14 16.52
CA LYS U 199 -11.28 -91.70 16.81
C LYS U 199 -10.32 -91.35 15.67
N GLY U 200 -10.12 -90.06 15.39
CA GLY U 200 -9.13 -89.63 14.38
C GLY U 200 -9.46 -90.05 12.95
N GLU U 201 -10.58 -90.75 12.74
CA GLU U 201 -11.00 -91.08 11.36
C GLU U 201 -11.67 -89.83 10.77
N LYS U 202 -11.31 -89.42 9.56
CA LYS U 202 -11.89 -88.13 9.09
C LYS U 202 -13.41 -88.19 9.19
N SER U 203 -14.04 -87.08 9.59
CA SER U 203 -15.52 -87.02 9.74
C SER U 203 -16.21 -87.64 8.53
N THR U 204 -17.19 -88.52 8.78
CA THR U 204 -17.94 -89.19 7.68
C THR U 204 -19.42 -88.84 7.79
N THR U 205 -20.06 -88.48 6.67
CA THR U 205 -21.49 -88.04 6.71
C THR U 205 -22.41 -89.26 6.69
N LEU U 206 -23.66 -89.08 7.13
CA LEU U 206 -24.66 -90.18 7.08
C LEU U 206 -24.58 -90.81 5.69
N HIS U 207 -24.49 -90.00 4.64
CA HIS U 207 -24.46 -90.53 3.25
C HIS U 207 -23.37 -91.62 3.16
N LYS U 208 -22.15 -91.29 3.60
CA LYS U 208 -21.06 -92.26 3.51
C LYS U 208 -21.39 -93.51 4.31
N GLU U 209 -22.10 -93.33 5.42
CA GLU U 209 -22.44 -94.47 6.31
C GLU U 209 -23.45 -95.37 5.62
N ILE U 210 -24.51 -94.79 5.05
CA ILE U 210 -25.59 -95.62 4.42
C ILE U 210 -25.03 -96.28 3.16
N LEU U 211 -24.26 -95.56 2.34
CA LEU U 211 -23.62 -96.20 1.21
C LEU U 211 -22.71 -97.33 1.65
N GLN U 212 -21.95 -97.07 2.72
CA GLN U 212 -21.06 -98.12 3.29
C GLN U 212 -21.96 -99.24 3.83
N THR U 213 -23.15 -98.89 4.36
CA THR U 213 -24.06 -99.92 4.93
C THR U 213 -24.38 -100.95 3.85
N ASP U 214 -24.24 -102.24 4.17
CA ASP U 214 -24.45 -103.32 3.17
C ASP U 214 -25.67 -104.13 3.59
N SER U 215 -26.78 -104.03 2.85
CA SER U 215 -28.03 -104.74 3.21
C SER U 215 -28.09 -106.11 2.53
N ARG U 216 -27.98 -107.19 3.31
CA ARG U 216 -28.00 -108.53 2.75
C ARG U 216 -29.37 -109.15 3.00
N LEU U 217 -30.01 -109.60 1.92
CA LEU U 217 -31.31 -110.22 2.05
C LEU U 217 -31.19 -111.54 2.82
N SER U 218 -32.21 -111.83 3.62
CA SER U 218 -32.24 -113.05 4.42
C SER U 218 -33.52 -113.82 4.09
N SER U 219 -33.36 -115.05 3.61
CA SER U 219 -34.49 -115.92 3.32
C SER U 219 -33.97 -117.34 3.16
N ASP U 220 -34.88 -118.30 3.29
CA ASP U 220 -34.51 -119.69 3.04
C ASP U 220 -34.11 -119.93 1.59
N ILE U 221 -34.52 -119.04 0.68
CA ILE U 221 -34.08 -119.14 -0.71
C ILE U 221 -32.56 -118.99 -0.79
N PHE U 222 -32.01 -118.12 0.05
CA PHE U 222 -30.55 -117.84 0.02
C PHE U 222 -30.00 -118.00 1.44
N LYS U 223 -29.60 -119.22 1.80
CA LYS U 223 -29.15 -119.50 3.16
C LYS U 223 -27.68 -119.11 3.35
N GLU U 224 -26.79 -119.69 2.55
CA GLU U 224 -25.36 -119.43 2.68
C GLU U 224 -25.01 -118.01 2.24
N ILE V 3 -66.80 -99.68 -23.09
CA ILE V 3 -65.66 -100.52 -23.47
C ILE V 3 -64.60 -100.49 -22.38
N ARG V 4 -63.82 -101.56 -22.28
CA ARG V 4 -62.70 -101.52 -21.31
C ARG V 4 -61.73 -102.63 -21.68
N ASN V 5 -60.44 -102.41 -21.41
CA ASN V 5 -59.49 -103.53 -21.63
C ASN V 5 -59.70 -104.53 -20.47
N ARG V 6 -59.42 -105.80 -20.69
CA ARG V 6 -59.70 -106.81 -19.63
C ARG V 6 -58.39 -107.18 -18.93
N LEU V 7 -57.41 -106.28 -18.93
CA LEU V 7 -56.11 -106.62 -18.37
C LEU V 7 -56.23 -107.17 -16.95
N SER V 8 -56.95 -106.47 -16.07
CA SER V 8 -57.07 -106.95 -14.70
C SER V 8 -57.60 -108.37 -14.67
N GLU V 9 -58.66 -108.62 -15.42
CA GLU V 9 -59.26 -109.98 -15.48
C GLU V 9 -58.26 -110.95 -16.15
N LEU V 10 -57.57 -110.50 -17.19
CA LEU V 10 -56.64 -111.37 -17.90
C LEU V 10 -55.52 -111.86 -17.00
N LEU V 11 -54.83 -110.91 -16.34
CA LEU V 11 -53.69 -111.30 -15.46
C LEU V 11 -54.19 -111.98 -14.19
N SER V 12 -55.41 -111.70 -13.73
CA SER V 12 -55.96 -112.45 -12.58
C SER V 12 -56.10 -113.91 -12.98
N GLU V 13 -56.63 -114.16 -14.18
CA GLU V 13 -56.77 -115.52 -14.68
C GLU V 13 -55.40 -116.16 -14.88
N ARG V 14 -54.45 -115.41 -15.45
CA ARG V 14 -53.10 -115.93 -15.65
C ARG V 14 -52.35 -116.08 -14.35
N GLY V 15 -52.69 -115.26 -13.34
CA GLY V 15 -51.94 -115.24 -12.09
C GLY V 15 -50.69 -114.40 -12.13
N LEU V 16 -50.37 -113.82 -13.29
CA LEU V 16 -49.13 -113.01 -13.45
C LEU V 16 -49.30 -111.65 -12.77
N LYS V 17 -48.18 -110.97 -12.49
CA LYS V 17 -48.24 -109.63 -11.85
C LYS V 17 -47.94 -108.57 -12.92
N ILE V 18 -48.37 -107.33 -12.69
CA ILE V 18 -48.15 -106.25 -13.68
C ILE V 18 -46.64 -106.11 -13.92
N SER V 19 -45.87 -106.02 -12.85
CA SER V 19 -44.40 -105.88 -12.98
C SER V 19 -43.86 -106.99 -13.88
N ARG V 20 -44.32 -108.23 -13.66
CA ARG V 20 -43.83 -109.38 -14.46
C ARG V 20 -44.15 -109.13 -15.93
N VAL V 21 -45.39 -108.70 -16.23
CA VAL V 21 -45.79 -108.41 -17.63
C VAL V 21 -44.91 -107.28 -18.16
N ALA V 22 -44.68 -106.23 -17.37
CA ALA V 22 -43.91 -105.06 -17.86
C ALA V 22 -42.50 -105.52 -18.25
N LYS V 23 -41.89 -106.38 -17.42
CA LYS V 23 -40.54 -106.89 -17.72
C LYS V 23 -40.58 -107.67 -19.04
N ASP V 24 -41.73 -108.25 -19.37
CA ASP V 24 -41.82 -109.08 -20.57
C ASP V 24 -42.07 -108.24 -21.82
N VAL V 25 -42.94 -107.23 -21.72
CA VAL V 25 -43.35 -106.47 -22.95
C VAL V 25 -42.65 -105.12 -23.07
N LYS V 26 -41.70 -104.80 -22.18
CA LYS V 26 -40.93 -103.57 -22.28
C LYS V 26 -41.84 -102.34 -22.29
N ILE V 27 -42.86 -102.38 -21.42
CA ILE V 27 -43.79 -101.22 -21.27
C ILE V 27 -43.62 -100.68 -19.86
N ALA V 28 -43.62 -99.36 -19.70
CA ALA V 28 -43.40 -98.71 -18.42
C ALA V 28 -44.36 -99.23 -17.37
N ARG V 29 -43.84 -99.52 -16.18
CA ARG V 29 -44.69 -100.12 -15.12
C ARG V 29 -45.87 -99.19 -14.82
N SER V 30 -45.60 -97.89 -14.60
CA SER V 30 -46.68 -97.00 -14.20
C SER V 30 -47.79 -96.97 -15.26
N SER V 31 -47.42 -96.77 -16.52
CA SER V 31 -48.41 -96.71 -17.58
C SER V 31 -49.16 -98.03 -17.71
N LEU V 32 -48.40 -99.14 -17.64
CA LEU V 32 -49.04 -100.47 -17.83
C LEU V 32 -50.00 -100.73 -16.65
N THR V 33 -49.58 -100.41 -15.43
CA THR V 33 -50.44 -100.71 -14.25
C THR V 33 -51.68 -99.82 -14.32
N SER V 34 -51.52 -98.56 -14.74
CA SER V 34 -52.69 -97.70 -14.92
C SER V 34 -53.61 -98.27 -15.97
N MET V 35 -53.02 -98.75 -17.07
CA MET V 35 -53.84 -99.31 -18.20
C MET V 35 -54.42 -100.65 -17.77
N ALA V 36 -53.75 -101.35 -16.85
CA ALA V 36 -54.32 -102.60 -16.31
C ALA V 36 -55.69 -102.26 -15.71
N GLN V 37 -55.75 -101.15 -14.97
CA GLN V 37 -57.06 -100.67 -14.44
C GLN V 37 -57.85 -100.12 -15.63
N ASN V 38 -59.18 -100.23 -15.58
CA ASN V 38 -60.04 -99.74 -16.69
C ASN V 38 -60.04 -98.21 -16.68
N ASP V 39 -59.47 -97.59 -15.63
CA ASP V 39 -59.53 -96.11 -15.48
C ASP V 39 -58.88 -95.41 -16.68
N SER V 40 -57.78 -95.94 -17.21
CA SER V 40 -57.08 -95.22 -18.31
C SER V 40 -58.04 -95.03 -19.48
N GLU V 41 -58.06 -93.84 -20.10
CA GLU V 41 -59.01 -93.55 -21.20
C GLU V 41 -58.30 -93.65 -22.54
N MET V 42 -56.97 -93.70 -22.52
CA MET V 42 -56.18 -93.75 -23.78
C MET V 42 -55.30 -95.00 -23.79
N ILE V 43 -55.11 -95.58 -24.98
CA ILE V 43 -54.28 -96.80 -25.12
C ILE V 43 -53.48 -96.73 -26.41
N ARG V 44 -52.29 -97.31 -26.43
CA ARG V 44 -51.38 -97.30 -27.57
C ARG V 44 -51.50 -98.59 -28.37
N TYR V 45 -51.33 -98.46 -29.69
CA TYR V 45 -51.34 -99.63 -30.55
C TYR V 45 -50.15 -100.55 -30.25
N ASP V 46 -48.99 -99.97 -29.95
CA ASP V 46 -47.86 -100.78 -29.54
C ASP V 46 -48.21 -101.59 -28.29
N ALA V 47 -48.92 -100.97 -27.35
CA ALA V 47 -49.31 -101.66 -26.12
C ALA V 47 -50.22 -102.83 -26.43
N ILE V 48 -51.22 -102.60 -27.29
CA ILE V 48 -52.20 -103.70 -27.57
C ILE V 48 -51.47 -104.82 -28.32
N ASP V 49 -50.53 -104.47 -29.20
CA ASP V 49 -49.77 -105.50 -29.95
C ASP V 49 -48.96 -106.33 -28.95
N LYS V 50 -48.18 -105.67 -28.10
CA LYS V 50 -47.30 -106.39 -27.19
C LYS V 50 -48.09 -107.25 -26.22
N LEU V 51 -49.18 -106.70 -25.66
CA LEU V 51 -49.94 -107.45 -24.67
C LEU V 51 -50.66 -108.63 -25.30
N CYS V 52 -51.29 -108.39 -26.45
CA CYS V 52 -52.05 -109.49 -27.13
C CYS V 52 -51.07 -110.62 -27.49
N SER V 53 -49.87 -110.26 -27.93
CA SER V 53 -48.86 -111.28 -28.30
C SER V 53 -48.38 -112.00 -27.04
N TYR V 54 -47.99 -111.24 -26.00
CA TYR V 54 -47.48 -111.85 -24.75
C TYR V 54 -48.51 -112.84 -24.21
N LEU V 55 -49.77 -112.41 -24.10
CA LEU V 55 -50.81 -113.29 -23.59
C LEU V 55 -51.30 -114.27 -24.65
N HIS V 56 -50.79 -114.16 -25.87
CA HIS V 56 -51.15 -115.14 -26.94
C HIS V 56 -52.66 -115.13 -27.14
N ILE V 57 -53.26 -113.93 -27.18
CA ILE V 57 -54.73 -113.82 -27.31
C ILE V 57 -55.11 -112.73 -28.31
N SER V 58 -56.24 -112.89 -28.99
CA SER V 58 -56.75 -111.87 -29.90
C SER V 58 -57.31 -110.69 -29.10
N PRO V 59 -57.46 -109.49 -29.71
CA PRO V 59 -58.01 -108.33 -29.02
C PRO V 59 -59.43 -108.61 -28.49
N SER V 60 -60.11 -109.60 -29.08
CA SER V 60 -61.47 -109.97 -28.61
C SER V 60 -61.41 -110.15 -27.09
N GLU V 61 -60.50 -110.99 -26.62
CA GLU V 61 -60.37 -111.25 -25.16
C GLU V 61 -59.80 -110.01 -24.47
N PHE V 62 -59.06 -109.17 -25.19
CA PHE V 62 -58.45 -107.97 -24.55
C PHE V 62 -59.49 -106.86 -24.36
N PHE V 63 -60.37 -106.63 -25.35
CA PHE V 63 -61.32 -105.53 -25.28
C PHE V 63 -62.72 -106.08 -25.02
N GLU V 64 -63.22 -105.85 -23.81
CA GLU V 64 -64.62 -106.12 -23.50
C GLU V 64 -65.44 -104.91 -23.92
N HIS V 65 -66.29 -105.09 -24.93
CA HIS V 65 -67.14 -104.02 -25.43
C HIS V 65 -68.59 -104.44 -25.39
N ASN V 66 -69.46 -103.55 -24.82
CA ASN V 66 -70.90 -103.72 -24.87
C ASN V 66 -71.47 -102.49 -25.56
N PRO V 67 -72.30 -102.65 -26.63
CA PRO V 67 -72.78 -101.51 -27.42
C PRO V 67 -73.67 -100.54 -26.63
N ILE V 68 -74.01 -100.88 -25.38
CA ILE V 68 -74.94 -99.98 -24.65
C ILE V 68 -74.10 -98.85 -24.06
N ASN V 69 -74.24 -97.64 -24.59
CA ASN V 69 -73.39 -96.51 -24.14
C ASN V 69 -74.17 -95.68 -23.12
N PHE V 70 -73.57 -95.45 -21.95
CA PHE V 70 -74.23 -94.65 -20.88
C PHE V 70 -73.55 -93.28 -20.78
N ASP V 71 -74.16 -92.23 -21.32
CA ASP V 71 -73.64 -90.87 -21.25
C ASP V 71 -74.36 -90.12 -20.14
N PHE V 72 -73.59 -89.41 -19.32
CA PHE V 72 -74.10 -88.75 -18.13
C PHE V 72 -73.88 -87.25 -18.27
N THR V 73 -74.91 -86.50 -17.87
CA THR V 73 -74.85 -85.02 -17.87
C THR V 73 -75.39 -84.55 -16.52
N PHE V 74 -74.83 -83.47 -15.97
CA PHE V 74 -75.21 -82.96 -14.66
C PHE V 74 -75.79 -81.56 -14.79
N ASP V 75 -76.52 -81.16 -13.73
CA ASP V 75 -77.18 -79.82 -13.73
C ASP V 75 -76.15 -78.70 -13.72
N GLU V 76 -76.29 -77.74 -14.64
CA GLU V 76 -75.39 -76.56 -14.63
C GLU V 76 -75.52 -75.91 -13.26
N GLU V 77 -76.76 -75.69 -12.79
CA GLU V 77 -76.95 -75.14 -11.46
C GLU V 77 -77.68 -76.15 -10.60
N PRO V 78 -77.09 -76.58 -9.48
CA PRO V 78 -77.77 -77.54 -8.61
C PRO V 78 -78.51 -76.86 -7.48
N ASN V 79 -79.34 -77.63 -6.77
CA ASN V 79 -80.02 -77.09 -5.56
C ASN V 79 -79.11 -77.46 -4.38
N TYR V 80 -78.14 -76.60 -4.07
CA TYR V 80 -77.15 -76.98 -3.03
C TYR V 80 -77.14 -75.97 -1.88
N LYS V 81 -77.20 -76.47 -0.65
CA LYS V 81 -77.04 -75.56 0.52
C LYS V 81 -75.91 -76.12 1.39
N ILE V 82 -74.87 -75.33 1.65
CA ILE V 82 -73.71 -75.85 2.42
C ILE V 82 -73.45 -74.92 3.61
N ASN V 83 -73.97 -75.28 4.79
CA ASN V 83 -73.72 -74.46 6.00
C ASN V 83 -72.23 -74.51 6.32
N ASP V 84 -71.67 -73.37 6.77
CA ASP V 84 -70.23 -73.34 7.15
C ASP V 84 -70.14 -73.45 8.68
N VAL V 85 -69.53 -74.52 9.17
CA VAL V 85 -69.30 -74.66 10.64
C VAL V 85 -67.80 -74.48 10.88
N PHE V 86 -67.40 -73.42 11.59
CA PHE V 86 -65.96 -73.15 11.77
C PHE V 86 -65.43 -73.96 12.95
N GLU V 87 -65.41 -75.29 12.81
CA GLU V 87 -64.96 -76.16 13.92
C GLU V 87 -63.46 -76.44 13.75
N GLY V 88 -62.64 -75.39 13.73
CA GLY V 88 -61.17 -75.59 13.67
C GLY V 88 -60.74 -76.52 12.55
N PHE V 89 -61.21 -76.30 11.31
CA PHE V 89 -60.70 -77.20 10.24
C PHE V 89 -59.16 -77.10 10.23
N GLU V 90 -58.65 -75.88 10.30
CA GLU V 90 -57.17 -75.71 10.31
C GLU V 90 -56.57 -76.66 11.36
N VAL V 91 -57.03 -76.59 12.61
CA VAL V 91 -56.45 -77.44 13.69
C VAL V 91 -56.71 -78.93 13.42
N THR V 92 -57.92 -79.29 12.94
CA THR V 92 -58.21 -80.71 12.62
C THR V 92 -58.62 -80.85 11.14
N ALA V 93 -57.86 -81.61 10.36
CA ALA V 93 -58.14 -81.73 8.89
C ALA V 93 -59.29 -82.70 8.64
N ASN V 94 -60.51 -82.35 9.07
CA ASN V 94 -61.70 -83.20 8.85
C ASN V 94 -62.75 -82.37 8.09
N ILE V 95 -63.35 -82.93 7.05
CA ILE V 95 -64.32 -82.16 6.21
C ILE V 95 -65.46 -81.72 7.13
N THR V 96 -65.89 -82.60 8.04
CA THR V 96 -66.96 -82.23 9.01
C THR V 96 -66.56 -80.96 9.77
N HIS V 97 -65.30 -80.86 10.19
CA HIS V 97 -64.83 -79.68 10.98
C HIS V 97 -64.88 -78.42 10.12
N ALA V 98 -64.59 -78.57 8.82
CA ALA V 98 -64.60 -77.41 7.89
C ALA V 98 -66.02 -76.91 7.61
N PHE V 99 -66.98 -77.81 7.35
CA PHE V 99 -68.35 -77.38 6.98
C PHE V 99 -69.29 -78.59 6.97
N SER V 100 -70.53 -78.40 6.52
CA SER V 100 -71.44 -79.54 6.42
C SER V 100 -72.47 -79.23 5.34
N ILE V 101 -72.82 -80.25 4.57
CA ILE V 101 -73.81 -80.09 3.50
C ILE V 101 -75.19 -80.14 4.14
N GLU V 102 -75.92 -79.01 4.11
CA GLU V 102 -77.31 -79.02 4.54
C GLU V 102 -78.15 -79.86 3.59
N ASN V 103 -78.00 -79.63 2.30
CA ASN V 103 -78.63 -80.46 1.27
C ASN V 103 -77.89 -80.23 -0.03
N PHE V 104 -77.89 -81.26 -0.88
CA PHE V 104 -77.30 -81.15 -2.22
C PHE V 104 -78.09 -82.10 -3.11
N ASP V 105 -79.12 -81.52 -3.74
CA ASP V 105 -79.95 -82.30 -4.68
C ASP V 105 -79.83 -81.67 -6.07
N PHE V 106 -79.88 -82.49 -7.12
CA PHE V 106 -79.76 -82.04 -8.49
C PHE V 106 -80.21 -83.17 -9.41
N GLU V 107 -80.12 -82.88 -10.70
CA GLU V 107 -80.63 -83.87 -11.68
C GLU V 107 -79.50 -84.39 -12.56
N ILE V 108 -79.38 -85.72 -12.61
CA ILE V 108 -78.35 -86.37 -13.47
C ILE V 108 -79.08 -87.03 -14.64
N LEU V 109 -78.87 -86.53 -15.84
CA LEU V 109 -79.54 -87.05 -17.05
C LEU V 109 -78.65 -88.12 -17.68
N VAL V 110 -79.18 -89.32 -17.87
CA VAL V 110 -78.40 -90.44 -18.47
C VAL V 110 -79.04 -90.79 -19.82
N ASP V 111 -78.32 -90.57 -20.92
CA ASP V 111 -78.83 -90.87 -22.27
C ASP V 111 -78.35 -92.27 -22.67
N VAL V 112 -78.99 -93.30 -22.14
CA VAL V 112 -78.58 -94.67 -22.43
C VAL V 112 -78.88 -94.99 -23.89
N GLU V 113 -77.88 -95.49 -24.60
CA GLU V 113 -78.02 -95.77 -26.02
C GLU V 113 -77.81 -97.26 -26.27
N LEU V 114 -78.77 -97.87 -26.95
CA LEU V 114 -78.64 -99.26 -27.34
C LEU V 114 -77.76 -99.38 -28.58
N ASP V 115 -77.71 -100.58 -29.15
CA ASP V 115 -76.96 -100.78 -30.39
C ASP V 115 -77.50 -99.88 -31.48
N ASN V 116 -78.83 -99.78 -31.55
CA ASN V 116 -79.46 -98.87 -32.52
C ASN V 116 -79.35 -97.44 -31.98
N ARG V 117 -79.39 -96.45 -32.87
CA ARG V 117 -79.24 -95.03 -32.45
C ARG V 117 -80.36 -94.66 -31.46
N GLN V 118 -81.41 -95.46 -31.39
CA GLN V 118 -82.49 -95.23 -30.38
C GLN V 118 -81.85 -95.02 -29.01
N LYS V 119 -82.03 -93.83 -28.42
CA LYS V 119 -81.42 -93.52 -27.10
C LYS V 119 -82.52 -93.21 -26.08
N LEU V 120 -82.40 -93.78 -24.88
CA LEU V 120 -83.41 -93.56 -23.81
C LEU V 120 -82.78 -92.69 -22.70
N ASN V 121 -83.45 -91.62 -22.29
CA ASN V 121 -82.87 -90.69 -21.28
C ASN V 121 -83.53 -90.98 -19.92
N PHE V 122 -82.72 -91.10 -18.86
CA PHE V 122 -83.25 -91.34 -17.50
C PHE V 122 -82.83 -90.18 -16.59
N ASP V 123 -83.78 -89.58 -15.87
CA ASP V 123 -83.48 -88.42 -14.99
C ASP V 123 -83.29 -88.91 -13.56
N LEU V 124 -82.24 -88.46 -12.88
CA LEU V 124 -81.94 -88.96 -11.52
C LEU V 124 -82.03 -87.81 -10.51
N ASP V 125 -83.07 -87.79 -9.67
CA ASP V 125 -83.09 -86.74 -8.62
C ASP V 125 -82.14 -87.26 -7.54
N VAL V 126 -80.92 -86.73 -7.52
CA VAL V 126 -79.88 -87.21 -6.58
C VAL V 126 -79.68 -86.18 -5.47
N SER V 127 -79.82 -86.59 -4.21
CA SER V 127 -79.70 -85.71 -3.06
C SER V 127 -78.61 -86.22 -2.13
N TYR V 128 -77.87 -85.27 -1.56
CA TYR V 128 -76.90 -85.61 -0.52
C TYR V 128 -77.61 -86.26 0.66
N LYS V 129 -77.05 -87.34 1.18
CA LYS V 129 -77.64 -88.07 2.28
C LYS V 129 -76.79 -88.00 3.55
N GLU V 130 -75.49 -88.26 3.45
CA GLU V 130 -74.66 -88.33 4.63
C GLU V 130 -73.20 -88.15 4.23
N THR V 131 -72.43 -87.49 5.11
CA THR V 131 -70.96 -87.33 4.87
C THR V 131 -70.27 -88.51 5.54
N GLU V 132 -70.31 -89.67 4.90
CA GLU V 132 -69.71 -90.88 5.43
C GLU V 132 -68.22 -90.68 5.68
N LYS V 133 -67.80 -91.07 6.89
CA LYS V 133 -66.38 -90.89 7.30
C LYS V 133 -65.64 -92.21 7.09
N ILE V 134 -64.95 -92.36 5.97
CA ILE V 134 -64.22 -93.58 5.66
C ILE V 134 -63.07 -93.78 6.64
N THR V 135 -62.30 -92.74 6.90
CA THR V 135 -61.18 -92.79 7.83
C THR V 135 -61.25 -91.57 8.74
N ASN V 136 -60.48 -91.61 9.82
CA ASN V 136 -60.36 -90.43 10.67
C ASN V 136 -59.75 -89.27 9.89
N SER V 137 -59.04 -89.60 8.81
CA SER V 137 -58.35 -88.54 8.02
C SER V 137 -59.31 -87.95 6.98
N GLN V 138 -59.98 -88.81 6.19
CA GLN V 138 -60.81 -88.28 5.09
C GLN V 138 -62.24 -88.86 5.15
N HIS V 139 -63.17 -88.21 4.45
CA HIS V 139 -64.59 -88.66 4.45
C HIS V 139 -65.04 -88.87 3.01
N ARG V 140 -66.11 -89.65 2.79
CA ARG V 140 -66.69 -89.77 1.43
C ARG V 140 -68.13 -89.25 1.48
N PHE V 141 -68.48 -88.27 0.65
CA PHE V 141 -69.89 -87.82 0.60
C PHE V 141 -70.74 -88.92 -0.02
N ILE V 142 -71.92 -89.17 0.55
CA ILE V 142 -72.83 -90.23 0.01
C ILE V 142 -74.09 -89.57 -0.53
N PHE V 143 -74.45 -89.88 -1.78
CA PHE V 143 -75.69 -89.33 -2.38
C PHE V 143 -76.68 -90.47 -2.63
N THR V 144 -77.94 -90.13 -2.87
CA THR V 144 -78.97 -91.13 -3.06
C THR V 144 -79.96 -90.64 -4.11
N ILE V 145 -80.45 -91.57 -4.94
CA ILE V 145 -81.39 -91.20 -6.04
C ILE V 145 -82.82 -91.30 -5.51
N LYS V 146 -83.52 -90.16 -5.39
CA LYS V 146 -84.93 -90.15 -4.93
C LYS V 146 -85.82 -90.88 -5.93
N ASN V 147 -85.57 -90.72 -7.22
CA ASN V 147 -86.46 -91.31 -8.26
C ASN V 147 -85.87 -92.62 -8.79
N GLU V 148 -85.05 -93.29 -7.98
CA GLU V 148 -84.38 -94.55 -8.41
C GLU V 148 -85.46 -95.57 -8.80
N ASP V 149 -86.57 -95.59 -8.07
CA ASP V 149 -87.68 -96.53 -8.38
C ASP V 149 -88.19 -96.24 -9.79
N GLU V 150 -88.29 -94.97 -10.16
CA GLU V 150 -88.71 -94.61 -11.55
C GLU V 150 -87.66 -95.14 -12.53
N ASN V 151 -86.38 -95.03 -12.18
CA ASN V 151 -85.29 -95.45 -13.10
C ASN V 151 -85.01 -96.95 -12.90
N ILE V 152 -86.03 -97.73 -12.59
CA ILE V 152 -85.87 -99.21 -12.41
C ILE V 152 -85.44 -99.78 -13.76
N GLY V 153 -85.97 -99.24 -14.87
CA GLY V 153 -85.53 -99.69 -16.21
C GLY V 153 -84.06 -99.43 -16.42
N LEU V 154 -83.57 -98.28 -15.94
CA LEU V 154 -82.12 -97.97 -16.03
C LEU V 154 -81.35 -99.09 -15.33
N LYS V 155 -81.75 -99.44 -14.11
CA LYS V 155 -81.05 -100.50 -13.36
C LYS V 155 -81.07 -101.78 -14.19
N LYS V 156 -82.21 -102.10 -14.79
CA LYS V 156 -82.32 -103.31 -15.65
C LYS V 156 -81.23 -103.24 -16.73
N TYR V 157 -81.01 -102.06 -17.32
CA TYR V 157 -79.97 -101.91 -18.36
C TYR V 157 -78.57 -102.02 -17.73
N VAL V 158 -78.38 -101.39 -16.58
CA VAL V 158 -77.06 -101.45 -15.89
C VAL V 158 -76.71 -102.91 -15.61
N ASP V 159 -77.59 -103.63 -14.91
CA ASP V 159 -77.27 -105.01 -14.55
C ASP V 159 -77.24 -105.93 -15.77
N SER V 160 -77.70 -105.43 -16.91
CA SER V 160 -77.68 -106.24 -18.17
C SER V 160 -76.26 -106.32 -18.73
N LEU V 161 -75.32 -105.56 -18.17
CA LEU V 161 -73.95 -105.56 -18.65
C LEU V 161 -73.09 -106.53 -17.83
N SER V 162 -71.83 -106.66 -18.25
CA SER V 162 -70.90 -107.51 -17.52
C SER V 162 -70.48 -106.86 -16.21
N ALA V 163 -70.05 -107.70 -15.26
CA ALA V 163 -69.66 -107.20 -13.95
C ALA V 163 -68.50 -106.22 -14.06
N GLY V 164 -67.53 -106.51 -14.92
CA GLY V 164 -66.44 -105.58 -15.13
C GLY V 164 -66.92 -104.26 -15.69
N LEU V 165 -67.79 -104.32 -16.71
CA LEU V 165 -68.34 -103.09 -17.27
C LEU V 165 -69.22 -102.37 -16.26
N LYS V 166 -69.96 -103.12 -15.44
CA LYS V 166 -70.74 -102.49 -14.38
C LYS V 166 -69.82 -101.73 -13.42
N ASN V 167 -68.72 -102.35 -13.02
CA ASN V 167 -67.77 -101.68 -12.13
C ASN V 167 -67.17 -100.45 -12.80
N LEU V 168 -66.85 -100.55 -14.08
CA LEU V 168 -66.36 -99.38 -14.81
C LEU V 168 -67.38 -98.26 -14.80
N LEU V 169 -68.65 -98.57 -15.08
CA LEU V 169 -69.66 -97.49 -14.96
C LEU V 169 -69.65 -96.92 -13.54
N PHE V 170 -69.73 -97.78 -12.52
CA PHE V 170 -69.77 -97.23 -11.17
C PHE V 170 -68.62 -96.29 -10.94
N LYS V 171 -67.43 -96.69 -11.39
CA LYS V 171 -66.24 -95.82 -11.24
C LYS V 171 -66.50 -94.49 -11.94
N LYS V 172 -66.92 -94.55 -13.21
CA LYS V 172 -67.12 -93.32 -13.97
C LYS V 172 -68.13 -92.41 -13.28
N ILE V 173 -69.25 -92.98 -12.83
CA ILE V 173 -70.28 -92.19 -12.15
C ILE V 173 -69.70 -91.56 -10.90
N ASN V 174 -69.04 -92.38 -10.08
CA ASN V 174 -68.44 -91.88 -8.82
C ASN V 174 -67.47 -90.75 -9.14
N GLN V 175 -66.58 -90.95 -10.12
CA GLN V 175 -65.55 -89.96 -10.39
C GLN V 175 -66.16 -88.66 -10.87
N LYS V 176 -67.12 -88.74 -11.79
CA LYS V 176 -67.80 -87.52 -12.28
C LYS V 176 -68.48 -86.83 -11.11
N LEU V 177 -69.19 -87.59 -10.27
CA LEU V 177 -69.93 -87.01 -9.16
C LEU V 177 -68.99 -86.36 -8.16
N SER V 178 -67.88 -87.06 -7.87
CA SER V 178 -66.87 -86.50 -6.94
C SER V 178 -66.38 -85.17 -7.50
N GLY V 179 -65.90 -85.18 -8.74
CA GLY V 179 -65.38 -83.97 -9.34
C GLY V 179 -66.40 -82.83 -9.29
N TYR V 180 -67.64 -83.14 -9.65
CA TYR V 180 -68.72 -82.13 -9.65
C TYR V 180 -68.90 -81.56 -8.24
N VAL V 181 -69.06 -82.43 -7.25
CA VAL V 181 -69.31 -81.99 -5.89
C VAL V 181 -68.15 -81.19 -5.35
N SER V 182 -66.91 -81.66 -5.58
CA SER V 182 -65.74 -80.94 -5.11
C SER V 182 -65.65 -79.58 -5.78
N GLU V 183 -65.98 -79.52 -7.07
CA GLU V 183 -65.96 -78.23 -7.81
C GLU V 183 -66.95 -77.27 -7.16
N ILE V 184 -68.19 -77.70 -6.98
CA ILE V 184 -69.23 -76.81 -6.39
C ILE V 184 -68.74 -76.35 -5.01
N ILE V 185 -68.35 -77.29 -4.16
CA ILE V 185 -67.95 -76.93 -2.76
C ILE V 185 -66.75 -75.99 -2.76
N VAL V 186 -65.75 -76.23 -3.61
CA VAL V 186 -64.55 -75.41 -3.55
C VAL V 186 -64.84 -73.97 -3.99
N LYS V 187 -65.85 -73.83 -4.85
CA LYS V 187 -66.28 -72.46 -5.25
C LYS V 187 -67.10 -71.86 -4.10
N ASN V 188 -67.82 -72.70 -3.33
CA ASN V 188 -68.71 -72.14 -2.27
C ASN V 188 -67.95 -71.95 -0.95
N ILE V 189 -66.87 -72.69 -0.73
CA ILE V 189 -66.17 -72.61 0.60
C ILE V 189 -64.81 -71.94 0.42
N ASP V 190 -64.52 -70.94 1.27
CA ASP V 190 -63.22 -70.21 1.17
C ASP V 190 -62.08 -71.18 1.48
N ASP V 191 -60.85 -70.82 1.10
CA ASP V 191 -59.70 -71.69 1.45
C ASP V 191 -59.63 -71.77 2.98
N ILE V 192 -59.50 -72.98 3.53
CA ILE V 192 -59.31 -73.12 5.00
C ILE V 192 -57.98 -73.85 5.16
N GLU V 193 -56.87 -73.14 4.95
CA GLU V 193 -55.55 -73.83 4.98
C GLU V 193 -55.37 -74.53 6.34
N GLU V 194 -54.68 -75.67 6.35
CA GLU V 194 -54.40 -76.40 7.62
C GLU V 194 -53.08 -75.87 8.19
N LEU V 195 -53.14 -75.12 9.30
CA LEU V 195 -51.91 -74.50 9.85
C LEU V 195 -50.89 -75.57 10.26
N PHE V 196 -51.34 -76.62 10.96
CA PHE V 196 -50.41 -77.68 11.45
C PHE V 196 -50.55 -78.94 10.59
N PRO V 197 -49.48 -79.37 9.87
CA PRO V 197 -49.54 -80.57 9.05
C PRO V 197 -49.78 -81.81 9.92
N ASN V 198 -50.65 -82.72 9.45
CA ASN V 198 -50.86 -83.99 10.20
C ASN V 198 -49.76 -84.97 9.78
N LYS V 199 -49.02 -85.53 10.74
CA LYS V 199 -47.90 -86.47 10.44
C LYS V 199 -46.73 -85.63 9.91
N GLY V 200 -46.83 -84.30 9.99
CA GLY V 200 -45.75 -83.41 9.51
C GLY V 200 -45.38 -83.67 8.07
N GLU V 201 -46.13 -84.53 7.37
CA GLU V 201 -45.78 -84.88 5.96
C GLU V 201 -46.07 -83.69 5.05
N LYS V 202 -47.23 -83.06 5.19
CA LYS V 202 -47.56 -81.86 4.37
C LYS V 202 -48.73 -81.09 5.01
N SER V 203 -48.84 -79.79 4.70
CA SER V 203 -50.01 -79.00 5.19
C SER V 203 -50.99 -78.89 4.02
N THR V 204 -52.25 -79.27 4.23
CA THR V 204 -53.21 -79.31 3.08
C THR V 204 -54.38 -78.38 3.30
N THR V 205 -54.68 -77.52 2.32
CA THR V 205 -55.85 -76.61 2.41
C THR V 205 -57.12 -77.46 2.28
N LEU V 206 -58.22 -77.03 2.92
CA LEU V 206 -59.50 -77.74 2.75
C LEU V 206 -59.71 -78.08 1.28
N HIS V 207 -59.30 -77.18 0.39
CA HIS V 207 -59.48 -77.41 -1.07
C HIS V 207 -58.90 -78.79 -1.44
N LYS V 208 -57.66 -79.05 -1.05
CA LYS V 208 -57.03 -80.32 -1.38
C LYS V 208 -57.80 -81.49 -0.79
N GLU V 209 -58.38 -81.26 0.39
CA GLU V 209 -59.14 -82.33 1.08
C GLU V 209 -60.44 -82.62 0.33
N ILE V 210 -61.18 -81.59 -0.06
CA ILE V 210 -62.50 -81.80 -0.73
C ILE V 210 -62.25 -82.38 -2.13
N LEU V 211 -61.25 -81.86 -2.86
CA LEU V 211 -60.93 -82.46 -4.15
C LEU V 211 -60.51 -83.92 -3.97
N GLN V 212 -59.71 -84.18 -2.93
CA GLN V 212 -59.31 -85.57 -2.62
C GLN V 212 -60.57 -86.35 -2.22
N THR V 213 -61.53 -85.68 -1.55
CA THR V 213 -62.77 -86.37 -1.10
C THR V 213 -63.46 -86.98 -2.32
N ASP V 214 -63.84 -88.26 -2.24
CA ASP V 214 -64.46 -88.95 -3.39
C ASP V 214 -65.90 -89.32 -3.03
N SER V 215 -66.87 -88.65 -3.66
CA SER V 215 -68.29 -88.88 -3.32
C SER V 215 -68.90 -89.97 -4.23
N ARG V 216 -69.21 -91.14 -3.67
CA ARG V 216 -69.75 -92.24 -4.44
C ARG V 216 -71.26 -92.32 -4.20
N LEU V 217 -72.02 -92.29 -5.28
CA LEU V 217 -73.47 -92.38 -5.17
C LEU V 217 -73.86 -93.75 -4.65
N SER V 218 -74.91 -93.79 -3.83
CA SER V 218 -75.42 -95.02 -3.26
C SER V 218 -76.89 -95.17 -3.62
N SER V 219 -77.22 -96.25 -4.31
CA SER V 219 -78.60 -96.55 -4.67
C SER V 219 -78.68 -97.99 -5.13
N ASP V 220 -79.90 -98.54 -5.09
CA ASP V 220 -80.10 -99.89 -5.61
C ASP V 220 -79.83 -99.99 -7.11
N ILE V 221 -79.85 -98.85 -7.81
CA ILE V 221 -79.49 -98.86 -9.22
C ILE V 221 -78.04 -99.28 -9.40
N PHE V 222 -77.19 -98.86 -8.46
CA PHE V 222 -75.74 -99.16 -8.55
C PHE V 222 -75.28 -99.79 -7.23
N LYS V 223 -75.39 -101.11 -7.13
CA LYS V 223 -75.08 -101.79 -5.87
C LYS V 223 -73.57 -102.03 -5.73
N GLU V 224 -72.98 -102.75 -6.68
CA GLU V 224 -71.57 -103.08 -6.62
C GLU V 224 -70.69 -101.85 -6.84
N ILE W 3 -101.68 -64.24 -26.48
CA ILE W 3 -101.19 -65.57 -26.97
C ILE W 3 -100.05 -66.04 -26.06
N ARG W 4 -99.94 -67.35 -25.85
CA ARG W 4 -98.80 -67.89 -25.04
C ARG W 4 -98.38 -69.25 -25.61
N ASN W 5 -97.10 -69.59 -25.50
CA ASN W 5 -96.69 -70.97 -25.91
C ASN W 5 -97.23 -71.93 -24.85
N ARG W 6 -97.75 -73.09 -25.26
CA ARG W 6 -98.36 -74.02 -24.27
C ARG W 6 -97.30 -74.99 -23.75
N LEU W 7 -96.03 -74.60 -23.79
CA LEU W 7 -94.97 -75.52 -23.38
C LEU W 7 -95.27 -76.17 -22.05
N SER W 8 -95.62 -75.37 -21.03
CA SER W 8 -95.89 -75.96 -19.72
C SER W 8 -96.96 -77.04 -19.83
N GLU W 9 -98.06 -76.72 -20.52
CA GLU W 9 -99.15 -77.71 -20.70
C GLU W 9 -98.66 -78.88 -21.56
N LEU W 10 -97.86 -78.60 -22.58
CA LEU W 10 -97.39 -79.66 -23.46
C LEU W 10 -96.53 -80.68 -22.72
N LEU W 11 -95.52 -80.20 -22.00
CA LEU W 11 -94.61 -81.13 -21.28
C LEU W 11 -95.32 -81.74 -20.06
N SER W 12 -96.32 -81.05 -19.48
CA SER W 12 -97.09 -81.67 -18.38
C SER W 12 -97.83 -82.89 -18.95
N GLU W 13 -98.44 -82.72 -20.13
CA GLU W 13 -99.13 -83.83 -20.78
C GLU W 13 -98.14 -84.93 -21.17
N ARG W 14 -96.98 -84.55 -21.70
CA ARG W 14 -95.97 -85.54 -22.08
C ARG W 14 -95.32 -86.16 -20.85
N GLY W 15 -95.27 -85.43 -19.74
CA GLY W 15 -94.55 -85.89 -18.57
C GLY W 15 -93.07 -85.63 -18.58
N LEU W 16 -92.57 -85.06 -19.69
CA LEU W 16 -91.12 -84.81 -19.84
C LEU W 16 -90.70 -83.60 -18.99
N LYS W 17 -89.39 -83.49 -18.72
CA LYS W 17 -88.88 -82.34 -17.92
C LYS W 17 -88.20 -81.35 -18.86
N ILE W 18 -88.07 -80.08 -18.45
CA ILE W 18 -87.47 -79.05 -19.33
C ILE W 18 -86.03 -79.50 -19.66
N SER W 19 -85.27 -79.88 -18.65
CA SER W 19 -83.87 -80.32 -18.88
C SER W 19 -83.85 -81.42 -19.95
N ARG W 20 -84.78 -82.39 -19.84
CA ARG W 20 -84.81 -83.51 -20.81
C ARG W 20 -85.04 -82.94 -22.22
N VAL W 21 -86.00 -82.01 -22.35
CA VAL W 21 -86.27 -81.39 -23.68
C VAL W 21 -85.01 -80.64 -24.14
N ALA W 22 -84.36 -79.89 -23.25
CA ALA W 22 -83.19 -79.09 -23.64
C ALA W 22 -82.09 -80.00 -24.19
N LYS W 23 -81.88 -81.14 -23.53
CA LYS W 23 -80.85 -82.11 -23.99
C LYS W 23 -81.24 -82.61 -25.38
N ASP W 24 -82.53 -82.63 -25.69
CA ASP W 24 -82.98 -83.17 -26.98
C ASP W 24 -82.89 -82.13 -28.09
N VAL W 25 -83.27 -80.89 -27.80
CA VAL W 25 -83.36 -79.85 -28.89
C VAL W 25 -82.17 -78.89 -28.89
N LYS W 26 -81.16 -79.12 -28.06
CA LYS W 26 -79.95 -78.29 -28.07
C LYS W 26 -80.28 -76.81 -27.85
N ILE W 27 -81.21 -76.57 -26.92
CA ILE W 27 -81.58 -75.18 -26.56
C ILE W 27 -81.18 -74.94 -25.10
N ALA W 28 -80.63 -73.78 -24.79
CA ALA W 28 -80.13 -73.46 -23.46
C ALA W 28 -81.21 -73.69 -22.41
N ARG W 29 -80.82 -74.34 -21.31
CA ARG W 29 -81.82 -74.69 -20.27
C ARG W 29 -82.51 -73.42 -19.76
N SER W 30 -81.73 -72.38 -19.41
CA SER W 30 -82.35 -71.20 -18.82
C SER W 30 -83.36 -70.58 -19.77
N SER W 31 -82.96 -70.37 -21.03
CA SER W 31 -83.88 -69.76 -21.99
C SER W 31 -85.10 -70.64 -22.22
N LEU W 32 -84.86 -71.95 -22.35
CA LEU W 32 -85.99 -72.87 -22.64
C LEU W 32 -86.95 -72.90 -21.45
N THR W 33 -86.41 -72.94 -20.23
CA THR W 33 -87.29 -73.04 -19.03
C THR W 33 -88.06 -71.72 -18.90
N SER W 34 -87.40 -70.59 -19.17
CA SER W 34 -88.12 -69.32 -19.15
C SER W 34 -89.22 -69.31 -20.20
N MET W 35 -88.91 -69.83 -21.39
CA MET W 35 -89.89 -69.85 -22.50
C MET W 35 -90.98 -70.87 -22.17
N ALA W 36 -90.63 -71.91 -21.42
CA ALA W 36 -91.66 -72.89 -21.00
C ALA W 36 -92.74 -72.12 -20.26
N GLN W 37 -92.34 -71.19 -19.38
CA GLN W 37 -93.33 -70.32 -18.71
C GLN W 37 -93.84 -69.33 -19.74
N ASN W 38 -95.11 -68.90 -19.62
CA ASN W 38 -95.70 -67.95 -20.58
C ASN W 38 -95.08 -66.57 -20.38
N ASP W 39 -94.30 -66.39 -19.32
CA ASP W 39 -93.74 -65.04 -18.98
C ASP W 39 -92.87 -64.51 -20.13
N SER W 40 -92.10 -65.36 -20.81
CA SER W 40 -91.18 -64.86 -21.87
C SER W 40 -91.96 -64.03 -22.91
N GLU W 41 -91.40 -62.88 -23.32
CA GLU W 41 -92.07 -62.02 -24.33
C GLU W 41 -91.42 -62.21 -25.71
N MET W 42 -90.38 -63.05 -25.81
CA MET W 42 -89.66 -63.22 -27.09
C MET W 42 -89.37 -64.70 -27.33
N ILE W 43 -89.19 -65.09 -28.61
CA ILE W 43 -88.93 -66.52 -28.95
C ILE W 43 -88.19 -66.58 -30.29
N ARG W 44 -87.65 -67.75 -30.65
CA ARG W 44 -86.87 -67.87 -31.91
C ARG W 44 -87.59 -68.86 -32.85
N TYR W 45 -87.56 -68.59 -34.16
CA TYR W 45 -88.15 -69.55 -35.12
C TYR W 45 -87.38 -70.87 -35.00
N ASP W 46 -86.06 -70.80 -34.86
CA ASP W 46 -85.27 -72.04 -34.64
C ASP W 46 -85.85 -72.76 -33.42
N ALA W 47 -86.15 -72.01 -32.37
CA ALA W 47 -86.67 -72.63 -31.12
C ALA W 47 -88.02 -73.29 -31.38
N ILE W 48 -88.91 -72.62 -32.12
CA ILE W 48 -90.27 -73.18 -32.35
C ILE W 48 -90.11 -74.37 -33.29
N ASP W 49 -89.23 -74.26 -34.28
CA ASP W 49 -88.97 -75.39 -35.21
C ASP W 49 -88.56 -76.61 -34.38
N LYS W 50 -87.55 -76.46 -33.52
CA LYS W 50 -87.03 -77.58 -32.77
C LYS W 50 -88.08 -78.18 -31.85
N LEU W 51 -88.83 -77.33 -31.15
CA LEU W 51 -89.82 -77.84 -30.20
C LEU W 51 -90.97 -78.53 -30.91
N CYS W 52 -91.47 -77.90 -31.97
CA CYS W 52 -92.62 -78.48 -32.72
C CYS W 52 -92.21 -79.85 -33.28
N SER W 53 -90.96 -79.94 -33.78
CA SER W 53 -90.47 -81.22 -34.34
C SER W 53 -90.30 -82.25 -33.22
N TYR W 54 -89.61 -81.86 -32.14
CA TYR W 54 -89.37 -82.80 -31.01
C TYR W 54 -90.70 -83.36 -30.51
N LEU W 55 -91.67 -82.48 -30.26
CA LEU W 55 -92.97 -82.93 -29.79
C LEU W 55 -93.85 -83.47 -30.90
N HIS W 56 -93.35 -83.41 -32.15
CA HIS W 56 -94.10 -84.00 -33.29
C HIS W 56 -95.48 -83.33 -33.40
N ILE W 57 -95.54 -82.02 -33.23
CA ILE W 57 -96.85 -81.30 -33.22
C ILE W 57 -96.76 -80.01 -34.05
N SER W 58 -97.88 -79.61 -34.65
CA SER W 58 -97.96 -78.36 -35.38
C SER W 58 -97.96 -77.17 -34.41
N PRO W 59 -97.61 -75.94 -34.86
CA PRO W 59 -97.63 -74.77 -33.98
C PRO W 59 -99.02 -74.53 -33.40
N SER W 60 -100.07 -75.04 -34.05
CA SER W 60 -101.44 -74.90 -33.51
C SER W 60 -101.42 -75.26 -32.03
N GLU W 61 -101.04 -76.49 -31.71
CA GLU W 61 -100.94 -76.93 -30.29
C GLU W 61 -99.85 -76.13 -29.56
N PHE W 62 -98.73 -75.86 -30.24
CA PHE W 62 -97.58 -75.19 -29.56
C PHE W 62 -97.98 -73.78 -29.06
N PHE W 63 -98.75 -73.03 -29.85
CA PHE W 63 -99.16 -71.67 -29.46
C PHE W 63 -100.67 -71.58 -29.23
N GLU W 64 -101.08 -71.06 -28.07
CA GLU W 64 -102.53 -70.88 -27.80
C GLU W 64 -102.86 -69.40 -27.97
N HIS W 65 -103.76 -69.07 -28.91
CA HIS W 65 -104.09 -67.65 -29.18
C HIS W 65 -105.60 -67.40 -29.07
N ASN W 66 -105.99 -66.38 -28.31
CA ASN W 66 -107.42 -65.99 -28.26
C ASN W 66 -107.48 -64.56 -28.80
N PRO W 67 -108.30 -64.23 -29.82
CA PRO W 67 -108.28 -62.89 -30.42
C PRO W 67 -108.68 -61.78 -29.45
N ILE W 68 -109.10 -62.13 -28.23
CA ILE W 68 -109.57 -61.04 -27.32
C ILE W 68 -108.33 -60.44 -26.66
N ASN W 69 -107.98 -59.22 -27.04
CA ASN W 69 -106.73 -58.60 -26.52
C ASN W 69 -107.07 -57.68 -25.34
N PHE W 70 -106.41 -57.88 -24.21
CA PHE W 70 -106.66 -57.04 -23.00
C PHE W 70 -105.48 -56.10 -22.78
N ASP W 71 -105.62 -54.83 -23.14
CA ASP W 71 -104.59 -53.81 -22.96
C ASP W 71 -104.91 -53.01 -21.71
N PHE W 72 -103.90 -52.79 -20.87
CA PHE W 72 -104.07 -52.15 -19.57
C PHE W 72 -103.27 -50.87 -19.54
N THR W 73 -103.89 -49.83 -18.98
CA THR W 73 -103.23 -48.51 -18.80
C THR W 73 -103.49 -48.07 -17.36
N PHE W 74 -102.53 -47.39 -16.73
CA PHE W 74 -102.64 -46.98 -15.34
C PHE W 74 -102.61 -45.45 -15.25
N ASP W 75 -103.08 -44.95 -14.10
CA ASP W 75 -103.14 -43.48 -13.88
C ASP W 75 -101.74 -42.87 -13.82
N GLU W 76 -101.50 -41.82 -14.60
CA GLU W 76 -100.20 -41.11 -14.52
C GLU W 76 -100.01 -40.66 -13.07
N GLU W 77 -101.04 -40.05 -12.48
CA GLU W 77 -100.97 -39.66 -11.08
C GLU W 77 -102.04 -40.41 -10.29
N PRO W 78 -101.65 -41.19 -9.29
CA PRO W 78 -102.64 -41.91 -8.50
C PRO W 78 -103.01 -41.15 -7.23
N ASN W 79 -104.07 -41.62 -6.56
CA ASN W 79 -104.44 -41.04 -5.24
C ASN W 79 -103.74 -41.90 -4.20
N TYR W 80 -102.49 -41.57 -3.86
CA TYR W 80 -101.72 -42.45 -2.96
C TYR W 80 -101.27 -41.71 -1.69
N LYS W 81 -101.51 -42.31 -0.53
CA LYS W 81 -100.97 -41.72 0.73
C LYS W 81 -100.15 -42.81 1.43
N ILE W 82 -98.87 -42.55 1.70
CA ILE W 82 -98.01 -43.61 2.31
C ILE W 82 -97.37 -43.03 3.58
N ASN W 83 -97.97 -43.31 4.74
CA ASN W 83 -97.37 -42.85 6.02
C ASN W 83 -96.02 -43.53 6.22
N ASP W 84 -95.05 -42.81 6.76
CA ASP W 84 -93.72 -43.41 7.03
C ASP W 84 -93.64 -43.76 8.52
N VAL W 85 -93.55 -45.05 8.82
CA VAL W 85 -93.37 -45.49 10.24
C VAL W 85 -92.10 -46.33 10.28
N PHE W 86 -90.96 -45.70 10.60
CA PHE W 86 -89.66 -46.42 10.55
C PHE W 86 -89.44 -47.21 11.84
N GLU W 87 -90.09 -48.37 11.96
CA GLU W 87 -89.91 -49.23 13.16
C GLU W 87 -88.69 -50.14 12.92
N GLY W 88 -87.48 -49.60 12.98
CA GLY W 88 -86.28 -50.45 12.86
C GLY W 88 -86.30 -51.32 11.60
N PHE W 89 -86.59 -50.73 10.44
CA PHE W 89 -86.53 -51.52 9.18
C PHE W 89 -85.10 -52.03 8.96
N GLU W 90 -84.11 -51.20 9.27
CA GLU W 90 -82.69 -51.59 9.03
C GLU W 90 -82.37 -52.84 9.86
N VAL W 91 -82.89 -52.93 11.09
CA VAL W 91 -82.61 -54.11 11.97
C VAL W 91 -83.56 -55.26 11.60
N THR W 92 -84.82 -54.95 11.26
CA THR W 92 -85.73 -56.03 10.80
C THR W 92 -86.23 -55.70 9.39
N ALA W 93 -85.95 -56.56 8.41
CA ALA W 93 -86.29 -56.23 7.01
C ALA W 93 -87.75 -56.58 6.70
N ASN W 94 -88.69 -55.82 7.27
CA ASN W 94 -90.13 -56.04 6.96
C ASN W 94 -90.70 -54.74 6.38
N ILE W 95 -91.35 -54.82 5.22
CA ILE W 95 -91.94 -53.62 4.56
C ILE W 95 -92.78 -52.89 5.62
N THR W 96 -93.51 -53.64 6.45
CA THR W 96 -94.32 -53.03 7.53
C THR W 96 -93.42 -52.14 8.40
N HIS W 97 -92.22 -52.61 8.74
CA HIS W 97 -91.29 -51.86 9.63
C HIS W 97 -90.83 -50.58 8.93
N ALA W 98 -90.67 -50.63 7.60
CA ALA W 98 -90.21 -49.45 6.83
C ALA W 98 -91.31 -48.38 6.72
N PHE W 99 -92.56 -48.78 6.43
CA PHE W 99 -93.64 -47.79 6.21
C PHE W 99 -95.00 -48.50 6.14
N SER W 100 -96.06 -47.78 5.81
CA SER W 100 -97.36 -48.42 5.65
C SER W 100 -98.19 -47.58 4.70
N ILE W 101 -98.95 -48.24 3.83
CA ILE W 101 -99.81 -47.54 2.88
C ILE W 101 -101.08 -47.12 3.60
N GLU W 102 -101.27 -45.80 3.76
CA GLU W 102 -102.54 -45.32 4.30
C GLU W 102 -103.68 -45.61 3.33
N ASN W 103 -103.47 -45.27 2.06
CA ASN W 103 -104.41 -45.62 1.00
C ASN W 103 -103.67 -45.53 -0.32
N PHE W 104 -104.10 -46.33 -1.28
CA PHE W 104 -103.55 -46.28 -2.64
C PHE W 104 -104.67 -46.69 -3.59
N ASP W 105 -105.39 -45.67 -4.05
CA ASP W 105 -106.49 -45.90 -5.01
C ASP W 105 -106.15 -45.18 -6.33
N PHE W 106 -106.56 -45.75 -7.46
CA PHE W 106 -106.29 -45.20 -8.77
C PHE W 106 -107.18 -45.90 -9.78
N GLU W 107 -107.01 -45.49 -11.04
CA GLU W 107 -107.90 -46.04 -12.09
C GLU W 107 -107.09 -46.85 -13.10
N ILE W 108 -107.53 -48.09 -13.32
CA ILE W 108 -106.88 -48.97 -14.34
C ILE W 108 -107.84 -49.11 -15.51
N LEU W 109 -107.46 -48.55 -16.66
CA LEU W 109 -108.32 -48.59 -17.88
C LEU W 109 -107.95 -49.82 -18.69
N VAL W 110 -108.94 -50.67 -18.99
CA VAL W 110 -108.70 -51.90 -19.78
C VAL W 110 -109.46 -51.77 -21.11
N ASP W 111 -108.72 -51.71 -22.22
CA ASP W 111 -109.35 -51.58 -23.56
C ASP W 111 -109.48 -52.98 -24.16
N VAL W 112 -110.48 -53.73 -23.71
CA VAL W 112 -110.67 -55.10 -24.20
C VAL W 112 -111.10 -55.06 -25.65
N GLU W 113 -110.42 -55.81 -26.50
CA GLU W 113 -110.68 -55.81 -27.93
C GLU W 113 -111.11 -57.19 -28.38
N LEU W 114 -112.25 -57.26 -29.05
CA LEU W 114 -112.71 -58.52 -29.62
C LEU W 114 -111.98 -58.80 -30.92
N ASP W 115 -112.44 -59.83 -31.63
CA ASP W 115 -111.85 -60.13 -32.94
C ASP W 115 -112.00 -58.95 -33.88
N ASN W 116 -113.18 -58.31 -33.82
CA ASN W 116 -113.41 -57.09 -34.64
C ASN W 116 -112.71 -55.92 -33.93
N ARG W 117 -112.36 -54.88 -34.69
CA ARG W 117 -111.63 -53.72 -34.10
C ARG W 117 -112.48 -53.08 -33.00
N GLN W 118 -113.77 -53.40 -32.94
CA GLN W 118 -114.63 -52.90 -31.84
C GLN W 118 -113.93 -53.15 -30.50
N LYS W 119 -113.60 -52.08 -29.76
CA LYS W 119 -112.89 -52.24 -28.46
C LYS W 119 -113.75 -51.68 -27.32
N LEU W 120 -113.84 -52.40 -26.21
CA LEU W 120 -114.66 -51.95 -25.05
C LEU W 120 -113.70 -51.58 -23.91
N ASN W 121 -113.87 -50.40 -23.31
CA ASN W 121 -112.94 -49.94 -22.24
C ASN W 121 -113.62 -50.13 -20.88
N PHE W 122 -112.91 -50.72 -19.91
CA PHE W 122 -113.46 -50.91 -18.56
C PHE W 122 -112.58 -50.16 -17.55
N ASP W 123 -113.20 -49.35 -16.68
CA ASP W 123 -112.43 -48.54 -15.70
C ASP W 123 -112.42 -49.27 -14.36
N LEU W 124 -111.26 -49.37 -13.71
CA LEU W 124 -111.16 -50.15 -12.44
C LEU W 124 -110.77 -49.21 -11.30
N ASP W 125 -111.68 -48.90 -10.39
CA ASP W 125 -111.26 -48.10 -9.21
C ASP W 125 -110.58 -49.09 -8.27
N VAL W 126 -109.24 -49.11 -8.30
CA VAL W 126 -108.47 -50.10 -7.50
C VAL W 126 -107.84 -49.40 -6.30
N SER W 127 -108.12 -49.90 -5.09
CA SER W 127 -107.62 -49.32 -3.85
C SER W 127 -106.81 -50.35 -3.08
N TYR W 128 -105.74 -49.88 -2.45
CA TYR W 128 -104.98 -50.71 -1.55
C TYR W 128 -105.87 -51.18 -0.41
N LYS W 129 -105.77 -52.47 -0.07
CA LYS W 129 -106.59 -53.04 0.99
C LYS W 129 -105.77 -53.50 2.19
N GLU W 130 -104.68 -54.25 1.95
CA GLU W 130 -103.93 -54.82 3.05
C GLU W 130 -102.54 -55.18 2.55
N THR W 131 -101.54 -55.02 3.45
CA THR W 131 -100.14 -55.42 3.12
C THR W 131 -99.98 -56.87 3.59
N GLU W 132 -100.50 -57.82 2.81
CA GLU W 132 -100.44 -59.23 3.14
C GLU W 132 -99.00 -59.68 3.31
N LYS W 133 -98.74 -60.37 4.41
CA LYS W 133 -97.36 -60.84 4.73
C LYS W 133 -97.23 -62.31 4.31
N ILE W 134 -96.69 -62.55 3.12
CA ILE W 134 -96.53 -63.91 2.62
C ILE W 134 -95.54 -64.69 3.47
N THR W 135 -94.40 -64.09 3.78
CA THR W 135 -93.39 -64.72 4.62
C THR W 135 -92.93 -63.73 5.66
N ASN W 136 -92.22 -64.22 6.68
CA ASN W 136 -91.62 -63.33 7.65
C ASN W 136 -90.60 -62.41 6.98
N SER W 137 -90.10 -62.84 5.82
CA SER W 137 -89.07 -62.05 5.12
C SER W 137 -89.72 -60.98 4.23
N GLN W 138 -90.70 -61.37 3.40
CA GLN W 138 -91.27 -60.39 2.42
C GLN W 138 -92.79 -60.36 2.53
N HIS W 139 -93.41 -59.30 1.98
CA HIS W 139 -94.88 -59.15 2.05
C HIS W 139 -95.41 -58.93 0.63
N ARG W 140 -96.70 -59.19 0.40
CA ARG W 140 -97.31 -58.86 -0.92
C ARG W 140 -98.42 -57.83 -0.69
N PHE W 141 -98.35 -56.67 -1.35
CA PHE W 141 -99.45 -55.68 -1.24
C PHE W 141 -100.69 -56.26 -1.93
N ILE W 142 -101.87 -56.09 -1.30
CA ILE W 142 -103.13 -56.61 -1.90
C ILE W 142 -104.03 -55.43 -2.25
N PHE W 143 -104.50 -55.39 -3.50
CA PHE W 143 -105.42 -54.30 -3.93
C PHE W 143 -106.79 -54.90 -4.24
N THR W 144 -107.82 -54.05 -4.34
CA THR W 144 -109.17 -54.51 -4.58
C THR W 144 -109.89 -53.53 -5.48
N ILE W 145 -110.73 -54.05 -6.37
CA ILE W 145 -111.46 -53.18 -7.34
C ILE W 145 -112.81 -52.77 -6.72
N LYS W 146 -112.98 -51.48 -6.41
CA LYS W 146 -114.24 -50.97 -5.83
C LYS W 146 -115.38 -51.12 -6.84
N ASN W 147 -115.11 -50.90 -8.13
CA ASN W 147 -116.19 -50.92 -9.16
C ASN W 147 -116.19 -52.26 -9.88
N GLU W 148 -115.70 -53.31 -9.23
CA GLU W 148 -115.62 -54.66 -9.87
C GLU W 148 -117.02 -55.10 -10.29
N ASP W 149 -118.04 -54.77 -9.48
CA ASP W 149 -119.44 -55.14 -9.81
C ASP W 149 -119.82 -54.47 -11.14
N GLU W 150 -119.41 -53.22 -11.34
CA GLU W 150 -119.65 -52.53 -12.63
C GLU W 150 -118.94 -53.29 -13.75
N ASN W 151 -117.72 -53.76 -13.49
CA ASN W 151 -116.92 -54.44 -14.54
C ASN W 151 -117.26 -55.94 -14.55
N ILE W 152 -118.51 -56.28 -14.26
CA ILE W 152 -118.97 -57.71 -14.28
C ILE W 152 -118.84 -58.21 -15.72
N GLY W 153 -119.12 -57.35 -16.71
CA GLY W 153 -118.94 -57.74 -18.12
C GLY W 153 -117.49 -58.06 -18.41
N LEU W 154 -116.56 -57.29 -17.83
CA LEU W 154 -115.12 -57.58 -18.00
C LEU W 154 -114.85 -59.00 -17.51
N LYS W 155 -115.34 -59.33 -16.31
CA LYS W 155 -115.12 -60.67 -15.74
C LYS W 155 -115.68 -61.71 -16.72
N LYS W 156 -116.86 -61.45 -17.27
CA LYS W 156 -117.46 -62.38 -18.26
C LYS W 156 -116.47 -62.60 -19.40
N TYR W 157 -115.80 -61.54 -19.85
CA TYR W 157 -114.81 -61.67 -20.95
C TYR W 157 -113.57 -62.42 -20.45
N VAL W 158 -113.11 -62.09 -19.24
CA VAL W 158 -111.91 -62.78 -18.67
C VAL W 158 -112.19 -64.29 -18.61
N ASP W 159 -113.27 -64.68 -17.93
CA ASP W 159 -113.54 -66.10 -17.77
C ASP W 159 -113.90 -66.78 -19.08
N SER W 160 -114.16 -65.98 -20.12
CA SER W 160 -114.49 -66.54 -21.46
C SER W 160 -113.24 -67.10 -22.15
N LEU W 161 -112.06 -66.87 -21.57
CA LEU W 161 -110.82 -67.34 -22.16
C LEU W 161 -110.41 -68.69 -21.53
N SER W 162 -109.33 -69.26 -22.05
CA SER W 162 -108.81 -70.50 -21.51
C SER W 162 -108.14 -70.26 -20.16
N ALA W 163 -108.06 -71.33 -19.36
CA ALA W 163 -107.47 -71.23 -18.04
C ALA W 163 -106.02 -70.79 -18.11
N GLY W 164 -105.27 -71.33 -19.07
CA GLY W 164 -103.90 -70.88 -19.26
C GLY W 164 -103.81 -69.42 -19.61
N LEU W 165 -104.64 -68.98 -20.55
CA LEU W 165 -104.66 -67.57 -20.91
C LEU W 165 -105.15 -66.70 -19.76
N LYS W 166 -106.12 -67.21 -18.99
CA LYS W 166 -106.54 -66.47 -17.81
C LYS W 166 -105.38 -66.29 -16.83
N ASN W 167 -104.61 -67.36 -16.60
CA ASN W 167 -103.45 -67.25 -15.71
C ASN W 167 -102.42 -66.29 -16.25
N LEU W 168 -102.19 -66.32 -17.57
CA LEU W 168 -101.28 -65.36 -18.18
C LEU W 168 -101.75 -63.93 -17.95
N LEU W 169 -103.04 -63.66 -18.17
CA LEU W 169 -103.53 -62.30 -17.84
C LEU W 169 -103.25 -61.99 -16.37
N PHE W 170 -103.66 -62.88 -15.46
CA PHE W 170 -103.45 -62.57 -14.05
C PHE W 170 -102.00 -62.21 -13.79
N LYS W 171 -101.09 -62.99 -14.39
CA LYS W 171 -99.64 -62.71 -14.23
C LYS W 171 -99.36 -61.30 -14.74
N LYS W 172 -99.79 -61.00 -15.97
CA LYS W 172 -99.49 -59.69 -16.55
C LYS W 172 -100.02 -58.56 -15.68
N ILE W 173 -101.27 -58.70 -15.22
CA ILE W 173 -101.86 -57.66 -14.38
C ILE W 173 -101.05 -57.50 -13.10
N ASN W 174 -100.77 -58.63 -12.44
CA ASN W 174 -99.99 -58.59 -11.18
C ASN W 174 -98.65 -57.91 -11.44
N GLN W 175 -97.94 -58.31 -12.50
CA GLN W 175 -96.60 -57.80 -12.73
C GLN W 175 -96.63 -56.30 -12.98
N LYS W 176 -97.57 -55.87 -13.84
CA LYS W 176 -97.70 -54.41 -14.12
C LYS W 176 -98.01 -53.68 -12.81
N LEU W 177 -98.96 -54.20 -12.03
CA LEU W 177 -99.37 -53.55 -10.79
C LEU W 177 -98.22 -53.48 -9.81
N SER W 178 -97.49 -54.60 -9.69
CA SER W 178 -96.31 -54.64 -8.78
C SER W 178 -95.33 -53.55 -9.21
N GLY W 179 -94.94 -53.57 -10.49
CA GLY W 179 -93.97 -52.59 -10.96
C GLY W 179 -94.43 -51.17 -10.70
N TYR W 180 -95.71 -50.90 -10.99
CA TYR W 180 -96.28 -49.55 -10.78
C TYR W 180 -96.17 -49.16 -9.31
N VAL W 181 -96.66 -50.03 -8.42
CA VAL W 181 -96.68 -49.72 -7.00
C VAL W 181 -95.27 -49.55 -6.46
N SER W 182 -94.35 -50.44 -6.85
CA SER W 182 -92.98 -50.32 -6.39
C SER W 182 -92.36 -49.03 -6.88
N GLU W 183 -92.66 -48.66 -8.13
CA GLU W 183 -92.13 -47.40 -8.70
C GLU W 183 -92.62 -46.21 -7.87
N ILE W 184 -93.93 -46.13 -7.64
CA ILE W 184 -94.50 -45.00 -6.87
C ILE W 184 -93.84 -44.98 -5.49
N ILE W 185 -93.85 -46.11 -4.79
CA ILE W 185 -93.31 -46.15 -3.39
C ILE W 185 -91.83 -45.77 -3.38
N VAL W 186 -91.03 -46.26 -4.32
CA VAL W 186 -89.59 -46.03 -4.26
C VAL W 186 -89.29 -44.54 -4.49
N LYS W 187 -90.17 -43.88 -5.25
CA LYS W 187 -90.01 -42.42 -5.44
C LYS W 187 -90.49 -41.71 -4.16
N ASN W 188 -91.46 -42.29 -3.45
CA ASN W 188 -92.03 -41.58 -2.26
C ASN W 188 -91.23 -41.90 -0.99
N ILE W 189 -90.54 -43.04 -0.94
CA ILE W 189 -89.84 -43.43 0.32
C ILE W 189 -88.33 -43.35 0.13
N ASP W 190 -87.63 -42.67 1.05
CA ASP W 190 -86.17 -42.50 0.94
C ASP W 190 -85.51 -43.87 1.08
N ASP W 191 -84.24 -43.97 0.69
CA ASP W 191 -83.52 -45.27 0.83
C ASP W 191 -83.45 -45.60 2.32
N ILE W 192 -83.82 -46.84 2.69
CA ILE W 192 -83.69 -47.28 4.11
C ILE W 192 -82.77 -48.50 4.05
N GLU W 193 -81.48 -48.29 3.82
CA GLU W 193 -80.57 -49.45 3.64
C GLU W 193 -80.70 -50.39 4.85
N GLU W 194 -80.60 -51.70 4.61
CA GLU W 194 -80.63 -52.68 5.73
C GLU W 194 -79.20 -52.83 6.23
N LEU W 195 -78.91 -52.32 7.43
CA LEU W 195 -77.52 -52.33 7.94
C LEU W 195 -77.01 -53.76 8.06
N PHE W 196 -77.85 -54.69 8.54
CA PHE W 196 -77.39 -56.08 8.75
C PHE W 196 -77.91 -56.94 7.60
N PRO W 197 -77.05 -57.58 6.76
CA PRO W 197 -77.53 -58.48 5.72
C PRO W 197 -78.61 -59.41 6.28
N ASN W 198 -79.65 -59.71 5.48
CA ASN W 198 -80.76 -60.54 6.01
C ASN W 198 -80.29 -61.99 6.08
N LYS W 199 -80.22 -62.55 7.30
CA LYS W 199 -79.73 -63.95 7.51
C LYS W 199 -78.21 -63.91 7.37
N GLY W 200 -77.66 -62.72 7.07
CA GLY W 200 -76.21 -62.56 6.87
C GLY W 200 -75.83 -62.95 5.46
N GLU W 201 -76.77 -63.51 4.69
CA GLU W 201 -76.48 -63.98 3.32
C GLU W 201 -76.19 -62.78 2.40
N LYS W 202 -77.02 -61.74 2.47
CA LYS W 202 -76.85 -60.56 1.58
C LYS W 202 -77.52 -59.34 2.22
N SER W 203 -76.99 -58.13 1.96
CA SER W 203 -77.61 -56.89 2.48
C SER W 203 -78.50 -56.28 1.40
N THR W 204 -79.79 -56.10 1.69
CA THR W 204 -80.74 -55.57 0.68
C THR W 204 -81.42 -54.30 1.21
N THR W 205 -81.39 -53.21 0.41
CA THR W 205 -82.02 -51.92 0.82
C THR W 205 -83.54 -52.02 0.70
N LEU W 206 -84.27 -51.18 1.43
CA LEU W 206 -85.75 -51.15 1.28
C LEU W 206 -86.13 -51.12 -0.19
N HIS W 207 -85.45 -50.29 -0.98
CA HIS W 207 -85.74 -50.23 -2.44
C HIS W 207 -85.78 -51.65 -3.02
N LYS W 208 -84.75 -52.44 -2.76
CA LYS W 208 -84.70 -53.79 -3.29
C LYS W 208 -85.86 -54.62 -2.79
N GLU W 209 -86.28 -54.36 -1.55
CA GLU W 209 -87.39 -55.12 -0.94
C GLU W 209 -88.71 -54.76 -1.62
N ILE W 210 -88.98 -53.47 -1.81
CA ILE W 210 -90.28 -53.04 -2.40
C ILE W 210 -90.31 -53.45 -3.88
N LEU W 211 -89.21 -53.29 -4.61
CA LEU W 211 -89.19 -53.78 -5.98
C LEU W 211 -89.41 -55.28 -6.02
N GLN W 212 -88.76 -55.98 -5.09
CA GLN W 212 -88.96 -57.46 -4.98
C GLN W 212 -90.42 -57.70 -4.59
N THR W 213 -91.00 -56.82 -3.77
CA THR W 213 -92.40 -57.00 -3.31
C THR W 213 -93.31 -57.10 -4.53
N ASP W 214 -94.17 -58.12 -4.58
CA ASP W 214 -95.04 -58.32 -5.77
C ASP W 214 -96.50 -58.13 -5.32
N SER W 215 -97.12 -57.05 -5.79
CA SER W 215 -98.52 -56.73 -5.38
C SER W 215 -99.53 -57.35 -6.36
N ARG W 216 -100.28 -58.36 -5.93
CA ARG W 216 -101.25 -59.02 -6.79
C ARG W 216 -102.64 -58.53 -6.44
N LEU W 217 -103.35 -58.04 -7.45
CA LEU W 217 -104.71 -57.55 -7.24
C LEU W 217 -105.61 -58.71 -6.86
N SER W 218 -106.57 -58.44 -5.97
CA SER W 218 -107.53 -59.43 -5.52
C SER W 218 -108.93 -58.92 -5.78
N SER W 219 -109.70 -59.66 -6.57
CA SER W 219 -111.09 -59.33 -6.85
C SER W 219 -111.76 -60.55 -7.48
N ASP W 220 -113.09 -60.56 -7.42
CA ASP W 220 -113.84 -61.62 -8.07
C ASP W 220 -113.65 -61.60 -9.58
N ILE W 221 -113.24 -60.47 -10.14
CA ILE W 221 -112.93 -60.40 -11.57
C ILE W 221 -111.79 -61.35 -11.91
N PHE W 222 -110.82 -61.44 -10.99
CA PHE W 222 -109.62 -62.28 -11.24
C PHE W 222 -109.43 -63.22 -10.05
N LYS W 223 -110.07 -64.40 -10.09
CA LYS W 223 -110.03 -65.32 -8.95
C LYS W 223 -108.76 -66.16 -8.97
N GLU W 224 -108.54 -66.91 -10.04
CA GLU W 224 -107.38 -67.79 -10.14
C GLU W 224 -106.08 -67.00 -10.26
N ILE X 3 -119.46 -18.03 -24.30
CA ILE X 3 -118.49 -19.13 -24.65
C ILE X 3 -118.34 -20.08 -23.46
N ARG X 4 -118.81 -21.32 -23.60
CA ARG X 4 -118.75 -22.27 -22.46
C ARG X 4 -118.48 -23.67 -23.00
N ASN X 5 -117.26 -24.18 -22.80
CA ASN X 5 -116.98 -25.57 -23.22
C ASN X 5 -117.94 -26.45 -22.42
N ARG X 6 -118.64 -27.35 -23.11
CA ARG X 6 -119.53 -28.30 -22.40
C ARG X 6 -118.86 -29.68 -22.34
N LEU X 7 -117.59 -29.79 -22.74
CA LEU X 7 -116.94 -31.12 -22.61
C LEU X 7 -117.28 -31.66 -21.22
N SER X 8 -117.02 -30.85 -20.19
CA SER X 8 -117.30 -31.27 -18.79
C SER X 8 -118.75 -31.78 -18.70
N GLU X 9 -119.72 -30.95 -19.11
CA GLU X 9 -121.15 -31.34 -19.00
C GLU X 9 -121.38 -32.61 -19.84
N LEU X 10 -120.92 -32.61 -21.09
CA LEU X 10 -121.09 -33.77 -21.97
C LEU X 10 -120.59 -35.04 -21.31
N LEU X 11 -119.41 -34.96 -20.68
CA LEU X 11 -118.84 -36.15 -20.01
C LEU X 11 -119.73 -36.56 -18.84
N SER X 12 -120.25 -35.60 -18.08
CA SER X 12 -121.18 -35.93 -17.00
C SER X 12 -122.44 -36.58 -17.55
N GLU X 13 -122.91 -36.12 -18.71
CA GLU X 13 -124.04 -36.76 -19.37
C GLU X 13 -123.74 -38.21 -19.73
N ARG X 14 -122.60 -38.45 -20.36
CA ARG X 14 -122.24 -39.78 -20.83
C ARG X 14 -121.44 -40.57 -19.81
N GLY X 15 -121.12 -39.99 -18.66
CA GLY X 15 -120.40 -40.70 -17.62
C GLY X 15 -118.98 -41.04 -18.00
N LEU X 16 -118.52 -40.49 -19.13
CA LEU X 16 -117.19 -40.82 -19.63
C LEU X 16 -116.11 -40.18 -18.76
N LYS X 17 -115.19 -41.01 -18.27
CA LYS X 17 -114.07 -40.47 -17.46
C LYS X 17 -113.17 -39.63 -18.37
N ILE X 18 -112.54 -38.59 -17.80
CA ILE X 18 -111.65 -37.70 -18.60
C ILE X 18 -110.50 -38.55 -19.17
N SER X 19 -109.94 -39.46 -18.37
CA SER X 19 -108.81 -40.29 -18.82
C SER X 19 -109.25 -41.14 -20.02
N ARG X 20 -110.47 -41.68 -19.98
CA ARG X 20 -110.97 -42.53 -21.09
C ARG X 20 -111.00 -41.71 -22.37
N VAL X 21 -111.55 -40.50 -22.29
CA VAL X 21 -111.64 -39.63 -23.50
C VAL X 21 -110.21 -39.36 -23.99
N ALA X 22 -109.29 -39.01 -23.09
CA ALA X 22 -107.93 -38.62 -23.51
C ALA X 22 -107.27 -39.78 -24.26
N LYS X 23 -107.45 -41.00 -23.76
CA LYS X 23 -106.86 -42.19 -24.44
C LYS X 23 -107.45 -42.34 -25.84
N ASP X 24 -108.78 -42.28 -25.95
CA ASP X 24 -109.44 -42.50 -27.23
C ASP X 24 -109.05 -41.42 -28.24
N VAL X 25 -108.94 -40.16 -27.80
CA VAL X 25 -108.66 -39.05 -28.76
C VAL X 25 -107.17 -38.70 -28.77
N LYS X 26 -106.34 -39.50 -28.12
CA LYS X 26 -104.89 -39.29 -28.15
C LYS X 26 -104.51 -37.86 -27.78
N ILE X 27 -105.13 -37.36 -26.71
CA ILE X 27 -104.83 -35.98 -26.20
C ILE X 27 -104.37 -36.12 -24.74
N ALA X 28 -103.47 -35.24 -24.29
CA ALA X 28 -102.94 -35.31 -22.94
C ALA X 28 -104.07 -35.21 -21.91
N ARG X 29 -103.99 -36.03 -20.86
CA ARG X 29 -105.02 -35.95 -19.79
C ARG X 29 -104.97 -34.56 -19.17
N SER X 30 -103.76 -34.05 -18.88
CA SER X 30 -103.65 -32.76 -18.22
C SER X 30 -104.33 -31.67 -19.02
N SER X 31 -104.03 -31.58 -20.32
CA SER X 31 -104.65 -30.57 -21.16
C SER X 31 -106.16 -30.77 -21.23
N LEU X 32 -106.58 -32.04 -21.37
CA LEU X 32 -108.03 -32.30 -21.52
C LEU X 32 -108.75 -31.88 -20.24
N THR X 33 -108.16 -32.18 -19.08
CA THR X 33 -108.86 -31.86 -17.80
C THR X 33 -108.83 -30.34 -17.58
N SER X 34 -107.74 -29.68 -17.97
CA SER X 34 -107.68 -28.23 -17.84
C SER X 34 -108.75 -27.57 -18.71
N MET X 35 -108.91 -28.13 -19.91
CA MET X 35 -109.87 -27.59 -20.90
C MET X 35 -111.29 -28.04 -20.57
N ALA X 36 -111.45 -29.05 -19.72
CA ALA X 36 -112.79 -29.61 -19.45
C ALA X 36 -113.72 -28.54 -18.87
N GLN X 37 -113.26 -27.76 -17.89
CA GLN X 37 -114.13 -26.73 -17.26
C GLN X 37 -113.92 -25.40 -17.99
N ASN X 38 -113.39 -25.45 -19.21
CA ASN X 38 -113.12 -24.20 -19.97
C ASN X 38 -112.25 -23.29 -19.09
N ASP X 39 -111.25 -23.87 -18.41
CA ASP X 39 -110.33 -23.05 -17.58
C ASP X 39 -109.29 -22.42 -18.50
N SER X 40 -108.66 -23.23 -19.35
CA SER X 40 -107.65 -22.71 -20.30
C SER X 40 -108.32 -21.74 -21.28
N GLU X 41 -107.63 -20.65 -21.64
CA GLU X 41 -108.20 -19.64 -22.55
C GLU X 41 -107.72 -19.91 -23.98
N MET X 42 -107.03 -21.02 -24.21
CA MET X 42 -106.60 -21.39 -25.58
C MET X 42 -107.06 -22.81 -25.89
N ILE X 43 -107.61 -23.02 -27.09
CA ILE X 43 -108.10 -24.36 -27.51
C ILE X 43 -107.55 -24.69 -28.90
N ARG X 44 -107.04 -25.90 -29.09
CA ARG X 44 -106.49 -26.35 -30.37
C ARG X 44 -107.61 -26.80 -31.29
N TYR X 45 -107.52 -26.41 -32.56
CA TYR X 45 -108.45 -26.91 -33.57
C TYR X 45 -108.44 -28.43 -33.62
N ASP X 46 -107.27 -29.03 -33.46
CA ASP X 46 -107.19 -30.48 -33.43
C ASP X 46 -107.99 -31.05 -32.27
N ALA X 47 -107.87 -30.41 -31.11
CA ALA X 47 -108.59 -30.90 -29.92
C ALA X 47 -110.10 -30.89 -30.18
N ILE X 48 -110.65 -29.76 -30.62
CA ILE X 48 -112.09 -29.67 -30.81
C ILE X 48 -112.54 -30.60 -31.92
N ASP X 49 -111.74 -30.71 -32.97
CA ASP X 49 -112.08 -31.64 -34.09
C ASP X 49 -112.19 -33.06 -33.53
N LYS X 50 -111.17 -33.50 -32.81
CA LYS X 50 -111.16 -34.86 -32.27
C LYS X 50 -112.31 -35.08 -31.30
N LEU X 51 -112.59 -34.09 -30.46
CA LEU X 51 -113.69 -34.24 -29.50
C LEU X 51 -115.02 -34.33 -30.20
N CYS X 52 -115.23 -33.49 -31.23
CA CYS X 52 -116.50 -33.50 -31.96
C CYS X 52 -116.70 -34.82 -32.68
N SER X 53 -115.66 -35.31 -33.36
CA SER X 53 -115.78 -36.60 -34.03
C SER X 53 -116.00 -37.72 -33.01
N TYR X 54 -115.27 -37.67 -31.90
CA TYR X 54 -115.36 -38.73 -30.90
C TYR X 54 -116.71 -38.74 -30.21
N LEU X 55 -117.24 -37.56 -29.88
CA LEU X 55 -118.51 -37.46 -29.18
C LEU X 55 -119.70 -37.43 -30.12
N HIS X 56 -119.48 -37.52 -31.43
CA HIS X 56 -120.56 -37.48 -32.42
C HIS X 56 -121.41 -36.22 -32.27
N ILE X 57 -120.74 -35.08 -32.15
CA ILE X 57 -121.41 -33.81 -31.92
C ILE X 57 -120.88 -32.77 -32.88
N SER X 58 -121.72 -31.78 -33.18
CA SER X 58 -121.26 -30.58 -33.84
C SER X 58 -120.60 -29.66 -32.82
N PRO X 59 -119.72 -28.71 -33.23
CA PRO X 59 -119.01 -27.87 -32.27
C PRO X 59 -120.03 -27.04 -31.47
N SER X 60 -121.29 -27.06 -31.91
CA SER X 60 -122.36 -26.30 -31.22
C SER X 60 -122.52 -26.84 -29.79
N GLU X 61 -122.52 -28.16 -29.63
CA GLU X 61 -122.74 -28.75 -28.28
C GLU X 61 -121.47 -28.59 -27.43
N PHE X 62 -120.33 -28.35 -28.07
CA PHE X 62 -119.06 -28.14 -27.33
C PHE X 62 -118.98 -26.67 -26.89
N PHE X 63 -119.10 -25.76 -27.85
CA PHE X 63 -119.00 -24.30 -27.55
C PHE X 63 -120.40 -23.69 -27.36
N GLU X 64 -120.75 -23.31 -26.13
CA GLU X 64 -122.05 -22.62 -25.92
C GLU X 64 -121.77 -21.12 -25.79
N HIS X 65 -122.27 -20.30 -26.73
CA HIS X 65 -121.95 -18.85 -26.70
C HIS X 65 -123.21 -17.98 -26.60
N ASN X 66 -123.23 -17.02 -25.68
CA ASN X 66 -124.37 -16.07 -25.57
C ASN X 66 -123.88 -14.72 -26.13
N PRO X 67 -124.46 -14.18 -27.22
CA PRO X 67 -123.94 -12.95 -27.83
C PRO X 67 -123.64 -11.86 -26.80
N ILE X 68 -124.27 -11.93 -25.62
CA ILE X 68 -124.09 -10.87 -24.58
C ILE X 68 -122.65 -10.91 -24.05
N ASN X 69 -122.06 -9.74 -23.81
CA ASN X 69 -120.68 -9.67 -23.36
C ASN X 69 -120.61 -8.78 -22.13
N PHE X 70 -119.76 -9.16 -21.18
CA PHE X 70 -119.59 -8.42 -19.95
C PHE X 70 -118.14 -7.98 -19.82
N ASP X 71 -117.93 -6.70 -19.55
CA ASP X 71 -116.60 -6.15 -19.33
C ASP X 71 -116.58 -5.39 -18.02
N PHE X 72 -115.47 -5.51 -17.29
CA PHE X 72 -115.37 -5.00 -15.93
C PHE X 72 -114.13 -4.12 -15.84
N THR X 73 -114.34 -2.86 -15.42
CA THR X 73 -113.21 -1.90 -15.28
C THR X 73 -113.19 -1.38 -13.84
N PHE X 74 -112.05 -1.51 -13.16
CA PHE X 74 -111.94 -1.11 -11.74
C PHE X 74 -111.34 0.31 -11.65
N ASP X 75 -111.74 1.06 -10.64
CA ASP X 75 -111.22 2.41 -10.41
C ASP X 75 -109.70 2.38 -10.36
N GLU X 76 -109.08 3.35 -11.03
CA GLU X 76 -107.63 3.48 -10.97
C GLU X 76 -107.16 3.74 -9.54
N GLU X 77 -107.88 4.59 -8.81
CA GLU X 77 -107.61 4.84 -7.41
C GLU X 77 -108.83 4.46 -6.58
N PRO X 78 -108.74 3.45 -5.73
CA PRO X 78 -109.87 3.10 -4.86
C PRO X 78 -109.80 3.84 -3.52
N ASN X 79 -110.94 3.85 -2.84
CA ASN X 79 -111.04 4.46 -1.52
C ASN X 79 -110.79 3.40 -0.47
N TYR X 80 -109.54 3.27 -0.03
CA TYR X 80 -109.23 2.16 0.93
C TYR X 80 -108.49 2.67 2.18
N LYS X 81 -108.76 2.07 3.33
CA LYS X 81 -108.05 2.42 4.59
C LYS X 81 -107.54 1.11 5.20
N ILE X 82 -106.33 1.09 5.76
CA ILE X 82 -105.79 -0.20 6.25
C ILE X 82 -105.59 -0.18 7.77
N ASN X 83 -105.83 -1.30 8.44
CA ASN X 83 -105.53 -1.39 9.91
C ASN X 83 -104.64 -2.64 10.11
N ASP X 84 -103.40 -2.43 10.57
CA ASP X 84 -102.45 -3.57 10.70
C ASP X 84 -102.29 -3.95 12.17
N VAL X 85 -102.78 -5.13 12.56
CA VAL X 85 -102.61 -5.62 13.97
C VAL X 85 -101.17 -6.13 14.15
N PHE X 86 -100.63 -6.80 13.14
CA PHE X 86 -99.26 -7.39 13.23
C PHE X 86 -99.19 -8.45 14.32
N GLU X 87 -100.33 -8.82 14.91
CA GLU X 87 -100.33 -9.78 16.04
C GLU X 87 -101.23 -10.99 15.73
N GLY X 88 -100.73 -12.21 15.98
CA GLY X 88 -101.53 -13.43 15.77
C GLY X 88 -101.30 -14.07 14.41
N PHE X 89 -100.62 -13.37 13.50
CA PHE X 89 -100.27 -14.01 12.20
C PHE X 89 -99.30 -15.15 12.48
N GLU X 90 -98.41 -14.96 13.45
CA GLU X 90 -97.36 -15.98 13.76
C GLU X 90 -97.96 -17.34 14.14
N VAL X 91 -99.05 -17.36 14.92
CA VAL X 91 -99.58 -18.67 15.41
C VAL X 91 -99.75 -19.65 14.23
N THR X 92 -100.39 -19.21 13.14
CA THR X 92 -100.68 -20.08 11.97
C THR X 92 -101.05 -19.12 10.84
N ALA X 93 -100.86 -19.54 9.58
CA ALA X 93 -101.12 -18.53 8.52
C ALA X 93 -102.51 -17.96 8.76
N ASN X 94 -102.60 -16.64 8.96
CA ASN X 94 -103.92 -15.97 9.14
C ASN X 94 -103.77 -14.48 8.79
N ILE X 95 -104.31 -14.07 7.65
CA ILE X 95 -104.20 -12.64 7.21
C ILE X 95 -104.96 -11.75 8.20
N THR X 96 -106.10 -12.22 8.74
CA THR X 96 -106.95 -11.36 9.60
C THR X 96 -106.20 -10.91 10.86
N HIS X 97 -105.44 -11.80 11.49
CA HIS X 97 -104.66 -11.42 12.70
C HIS X 97 -103.55 -10.44 12.30
N ALA X 98 -102.89 -10.69 11.17
CA ALA X 98 -101.78 -9.82 10.71
C ALA X 98 -102.29 -8.40 10.45
N PHE X 99 -103.46 -8.28 9.82
CA PHE X 99 -104.02 -6.96 9.50
C PHE X 99 -105.43 -7.17 8.94
N SER X 100 -106.05 -6.07 8.55
CA SER X 100 -107.38 -6.14 7.89
C SER X 100 -107.56 -4.80 7.16
N ILE X 101 -108.54 -4.73 6.25
CA ILE X 101 -108.72 -3.50 5.44
C ILE X 101 -109.89 -2.71 6.06
N GLU X 102 -109.60 -1.58 6.71
CA GLU X 102 -110.69 -0.85 7.43
C GLU X 102 -111.75 -0.44 6.41
N ASN X 103 -111.33 0.12 5.26
CA ASN X 103 -112.28 0.50 4.20
C ASN X 103 -111.68 0.08 2.85
N PHE X 104 -112.51 -0.25 1.87
CA PHE X 104 -111.97 -0.55 0.52
C PHE X 104 -113.14 -0.36 -0.46
N ASP X 105 -113.78 0.80 -0.37
CA ASP X 105 -114.95 1.07 -1.25
C ASP X 105 -114.45 1.60 -2.59
N PHE X 106 -114.94 1.02 -3.69
CA PHE X 106 -114.54 1.50 -5.05
C PHE X 106 -115.63 1.12 -6.05
N GLU X 107 -115.73 1.93 -7.11
CA GLU X 107 -116.76 1.69 -8.15
C GLU X 107 -116.16 0.83 -9.26
N ILE X 108 -116.92 -0.13 -9.75
CA ILE X 108 -116.52 -0.94 -10.89
C ILE X 108 -117.51 -0.66 -12.01
N LEU X 109 -116.97 -0.16 -13.12
CA LEU X 109 -117.81 0.17 -14.30
C LEU X 109 -118.01 -1.12 -15.11
N VAL X 110 -119.24 -1.61 -15.18
CA VAL X 110 -119.51 -2.90 -15.88
C VAL X 110 -120.36 -2.62 -17.11
N ASP X 111 -119.87 -3.06 -18.28
CA ASP X 111 -120.66 -2.86 -19.52
C ASP X 111 -121.31 -4.19 -19.91
N VAL X 112 -122.64 -4.27 -19.87
CA VAL X 112 -123.32 -5.49 -20.36
C VAL X 112 -123.69 -5.23 -21.83
N GLU X 113 -122.93 -5.79 -22.77
CA GLU X 113 -123.17 -5.45 -24.19
C GLU X 113 -124.30 -6.32 -24.74
N LEU X 114 -125.31 -5.71 -25.33
CA LEU X 114 -126.44 -6.47 -25.92
C LEU X 114 -126.00 -7.02 -27.28
N ASP X 115 -126.83 -7.84 -27.92
CA ASP X 115 -126.50 -8.31 -29.29
C ASP X 115 -126.45 -7.08 -30.19
N ASN X 116 -127.38 -6.13 -29.99
CA ASN X 116 -127.35 -4.87 -30.76
C ASN X 116 -126.06 -4.13 -30.40
N ARG X 117 -125.46 -3.42 -31.36
CA ARG X 117 -124.16 -2.75 -31.09
C ARG X 117 -124.27 -1.95 -29.78
N GLN X 118 -125.39 -1.25 -29.57
CA GLN X 118 -125.59 -0.50 -28.31
C GLN X 118 -125.23 -1.39 -27.12
N LYS X 119 -124.56 -0.82 -26.12
CA LYS X 119 -124.19 -1.58 -24.90
C LYS X 119 -124.66 -0.78 -23.69
N LEU X 120 -124.94 -1.46 -22.56
CA LEU X 120 -125.47 -0.75 -21.37
C LEU X 120 -124.36 -0.64 -20.32
N ASN X 121 -124.09 0.57 -19.85
CA ASN X 121 -123.05 0.78 -18.81
C ASN X 121 -123.73 0.79 -17.44
N PHE X 122 -123.28 -0.06 -16.52
CA PHE X 122 -123.84 -0.01 -15.14
C PHE X 122 -122.69 0.12 -14.15
N ASP X 123 -122.80 1.08 -13.22
CA ASP X 123 -121.73 1.30 -12.22
C ASP X 123 -122.13 0.63 -10.90
N LEU X 124 -121.28 -0.26 -10.38
CA LEU X 124 -121.57 -0.85 -9.05
C LEU X 124 -120.48 -0.40 -8.07
N ASP X 125 -120.90 0.11 -6.91
CA ASP X 125 -119.90 0.48 -5.88
C ASP X 125 -119.81 -0.67 -4.89
N VAL X 126 -118.63 -1.28 -4.76
CA VAL X 126 -118.45 -2.39 -3.79
C VAL X 126 -117.53 -1.93 -2.66
N SER X 127 -117.98 -2.05 -1.41
CA SER X 127 -117.17 -1.63 -0.25
C SER X 127 -116.75 -2.88 0.52
N TYR X 128 -115.65 -2.81 1.28
CA TYR X 128 -115.28 -3.97 2.13
C TYR X 128 -116.42 -4.27 3.10
N LYS X 129 -116.93 -5.50 3.07
CA LYS X 129 -118.04 -5.90 3.99
C LYS X 129 -117.44 -6.66 5.18
N GLU X 130 -116.66 -7.71 4.91
CA GLU X 130 -116.04 -8.53 5.99
C GLU X 130 -114.99 -9.43 5.35
N THR X 131 -114.38 -10.33 6.12
CA THR X 131 -113.42 -11.30 5.53
C THR X 131 -114.01 -12.72 5.68
N GLU X 132 -114.06 -13.48 4.59
CA GLU X 132 -114.59 -14.87 4.65
C GLU X 132 -113.49 -15.79 5.19
N LYS X 133 -113.77 -16.50 6.29
CA LYS X 133 -112.78 -17.46 6.84
C LYS X 133 -112.91 -18.80 6.10
N ILE X 134 -112.70 -18.80 4.78
CA ILE X 134 -112.86 -20.06 4.00
C ILE X 134 -111.96 -21.11 4.66
N THR X 135 -110.74 -20.73 5.03
CA THR X 135 -109.81 -21.65 5.75
C THR X 135 -109.10 -20.83 6.82
N ASN X 136 -108.55 -21.48 7.85
CA ASN X 136 -107.76 -20.71 8.85
C ASN X 136 -106.56 -20.09 8.12
N SER X 137 -105.95 -20.85 7.21
CA SER X 137 -104.78 -20.34 6.43
C SER X 137 -105.18 -19.18 5.51
N GLN X 138 -106.33 -19.27 4.84
CA GLN X 138 -106.70 -18.23 3.83
C GLN X 138 -108.02 -17.55 4.16
N HIS X 139 -108.07 -16.22 4.13
CA HIS X 139 -109.35 -15.49 4.34
C HIS X 139 -109.64 -14.66 3.09
N ARG X 140 -110.86 -14.78 2.54
CA ARG X 140 -111.22 -14.05 1.30
C ARG X 140 -112.03 -12.79 1.63
N PHE X 141 -111.50 -11.61 1.27
CA PHE X 141 -112.22 -10.34 1.53
C PHE X 141 -113.60 -10.38 0.87
N ILE X 142 -114.61 -9.82 1.54
CA ILE X 142 -115.99 -9.79 0.97
C ILE X 142 -116.34 -8.34 0.67
N PHE X 143 -116.81 -8.04 -0.54
CA PHE X 143 -117.24 -6.66 -0.88
C PHE X 143 -118.72 -6.67 -1.26
N THR X 144 -119.50 -5.76 -0.66
CA THR X 144 -120.96 -5.72 -0.94
C THR X 144 -121.27 -4.53 -1.86
N ILE X 145 -122.19 -4.72 -2.80
CA ILE X 145 -122.58 -3.62 -3.68
C ILE X 145 -123.51 -2.69 -2.93
N LYS X 146 -123.13 -1.42 -2.84
CA LYS X 146 -123.98 -0.42 -2.15
C LYS X 146 -125.14 -0.07 -3.08
N ASN X 147 -124.84 0.39 -4.29
CA ASN X 147 -125.90 0.80 -5.25
C ASN X 147 -126.42 -0.40 -6.05
N GLU X 148 -127.11 -1.34 -5.38
CA GLU X 148 -127.70 -2.49 -6.11
C GLU X 148 -128.92 -2.01 -6.90
N ASP X 149 -129.47 -0.85 -6.55
CA ASP X 149 -130.60 -0.32 -7.30
C ASP X 149 -130.22 -0.03 -8.75
N GLU X 150 -129.03 0.55 -8.96
CA GLU X 150 -128.57 0.81 -10.32
C GLU X 150 -128.29 -0.50 -11.06
N ASN X 151 -128.12 -1.58 -10.29
CA ASN X 151 -127.72 -2.88 -10.91
C ASN X 151 -128.88 -3.87 -10.91
N ILE X 152 -130.12 -3.41 -10.79
CA ILE X 152 -131.25 -4.32 -10.90
C ILE X 152 -131.27 -4.99 -12.27
N GLY X 153 -131.04 -4.21 -13.32
CA GLY X 153 -130.92 -4.81 -14.65
C GLY X 153 -129.68 -5.66 -14.78
N LEU X 154 -128.64 -5.36 -13.98
CA LEU X 154 -127.44 -6.17 -13.99
C LEU X 154 -127.74 -7.60 -13.56
N LYS X 155 -128.56 -7.75 -12.52
CA LYS X 155 -128.92 -9.10 -12.04
C LYS X 155 -129.69 -9.82 -13.15
N LYS X 156 -130.63 -9.12 -13.81
CA LYS X 156 -131.41 -9.73 -14.86
C LYS X 156 -130.52 -10.22 -15.99
N TYR X 157 -129.57 -9.37 -16.41
CA TYR X 157 -128.62 -9.84 -17.47
C TYR X 157 -127.79 -11.01 -16.95
N VAL X 158 -127.33 -10.96 -15.70
CA VAL X 158 -126.43 -11.99 -15.19
C VAL X 158 -127.14 -13.34 -15.15
N ASP X 159 -128.34 -13.39 -14.58
CA ASP X 159 -129.06 -14.65 -14.53
C ASP X 159 -129.76 -14.99 -15.85
N SER X 160 -129.73 -14.06 -16.81
CA SER X 160 -130.17 -14.40 -18.16
C SER X 160 -129.22 -15.37 -18.84
N LEU X 161 -127.99 -15.49 -18.33
CA LEU X 161 -126.99 -16.42 -18.93
C LEU X 161 -127.11 -17.82 -18.33
N SER X 162 -126.50 -18.81 -18.99
CA SER X 162 -126.55 -20.20 -18.52
C SER X 162 -125.77 -20.33 -17.20
N ALA X 163 -126.10 -21.35 -16.42
CA ALA X 163 -125.48 -21.54 -15.12
C ALA X 163 -123.96 -21.61 -15.25
N GLY X 164 -123.49 -22.34 -16.26
CA GLY X 164 -122.03 -22.42 -16.50
C GLY X 164 -121.46 -21.05 -16.78
N LEU X 165 -122.12 -20.27 -17.64
CA LEU X 165 -121.65 -18.93 -17.95
C LEU X 165 -121.67 -18.04 -16.72
N LYS X 166 -122.72 -18.17 -15.92
CA LYS X 166 -122.78 -17.38 -14.65
C LYS X 166 -121.54 -17.74 -13.82
N ASN X 167 -121.30 -19.02 -13.61
CA ASN X 167 -120.16 -19.44 -12.79
C ASN X 167 -118.86 -18.91 -13.37
N LEU X 168 -118.76 -18.94 -14.70
CA LEU X 168 -117.55 -18.41 -15.38
C LEU X 168 -117.40 -16.96 -14.95
N LEU X 169 -118.44 -16.15 -15.15
CA LEU X 169 -118.40 -14.71 -14.78
C LEU X 169 -117.95 -14.60 -13.32
N PHE X 170 -118.60 -15.35 -12.42
CA PHE X 170 -118.27 -15.23 -11.00
C PHE X 170 -116.79 -15.50 -10.78
N LYS X 171 -116.26 -16.53 -11.45
CA LYS X 171 -114.81 -16.86 -11.31
C LYS X 171 -113.99 -15.67 -11.81
N LYS X 172 -114.28 -15.17 -13.01
CA LYS X 172 -113.47 -14.06 -13.57
C LYS X 172 -113.51 -12.87 -12.60
N ILE X 173 -114.70 -12.42 -12.22
CA ILE X 173 -114.80 -11.21 -11.34
C ILE X 173 -114.06 -11.50 -10.03
N ASN X 174 -114.17 -12.73 -9.52
CA ASN X 174 -113.51 -13.03 -8.26
C ASN X 174 -111.99 -12.89 -8.39
N GLN X 175 -111.45 -13.47 -9.46
CA GLN X 175 -109.99 -13.36 -9.71
C GLN X 175 -109.62 -11.89 -9.82
N LYS X 176 -110.33 -11.15 -10.67
CA LYS X 176 -110.00 -9.75 -10.90
C LYS X 176 -110.02 -8.96 -9.60
N LEU X 177 -111.08 -9.17 -8.82
CA LEU X 177 -111.20 -8.45 -7.52
C LEU X 177 -110.04 -8.86 -6.62
N SER X 178 -109.71 -10.15 -6.58
CA SER X 178 -108.64 -10.65 -5.71
C SER X 178 -107.31 -10.04 -6.09
N GLY X 179 -106.99 -10.03 -7.38
CA GLY X 179 -105.75 -9.40 -7.82
C GLY X 179 -105.73 -7.91 -7.53
N TYR X 180 -106.87 -7.23 -7.73
CA TYR X 180 -106.94 -5.81 -7.45
C TYR X 180 -106.67 -5.52 -5.98
N VAL X 181 -107.36 -6.21 -5.09
CA VAL X 181 -107.20 -5.94 -3.66
C VAL X 181 -105.82 -6.37 -3.18
N SER X 182 -105.29 -7.47 -3.71
CA SER X 182 -103.96 -7.90 -3.32
C SER X 182 -102.91 -6.89 -3.75
N GLU X 183 -103.01 -6.42 -5.00
CA GLU X 183 -102.05 -5.39 -5.47
C GLU X 183 -102.15 -4.17 -4.55
N ILE X 184 -103.37 -3.70 -4.29
CA ILE X 184 -103.54 -2.51 -3.46
C ILE X 184 -102.93 -2.72 -2.09
N ILE X 185 -103.22 -3.86 -1.46
CA ILE X 185 -102.81 -4.05 -0.03
C ILE X 185 -101.33 -4.40 0.14
N VAL X 186 -100.80 -5.35 -0.64
CA VAL X 186 -99.42 -5.86 -0.41
C VAL X 186 -98.44 -4.68 -0.32
N LYS X 187 -98.72 -3.58 -1.04
CA LYS X 187 -97.77 -2.44 -1.08
C LYS X 187 -97.73 -1.74 0.28
N ASN X 188 -98.86 -1.72 0.99
CA ASN X 188 -98.94 -1.02 2.30
C ASN X 188 -98.71 -2.03 3.43
N ILE X 189 -98.35 -3.28 3.11
CA ILE X 189 -98.22 -4.30 4.19
C ILE X 189 -96.80 -4.86 4.22
N ASP X 190 -96.10 -4.67 5.34
CA ASP X 190 -94.73 -5.25 5.49
C ASP X 190 -94.85 -6.76 5.66
N ASP X 191 -93.88 -7.52 5.14
CA ASP X 191 -93.98 -9.00 5.19
C ASP X 191 -93.79 -9.49 6.64
N ILE X 192 -94.60 -10.46 7.06
CA ILE X 192 -94.40 -11.06 8.40
C ILE X 192 -94.08 -12.53 8.18
N GLU X 193 -92.92 -12.98 8.67
CA GLU X 193 -92.47 -14.39 8.47
C GLU X 193 -93.34 -15.31 9.33
N GLU X 194 -93.74 -16.47 8.77
CA GLU X 194 -94.60 -17.43 9.50
C GLU X 194 -93.68 -18.37 10.29
N LEU X 195 -93.19 -17.93 11.45
CA LEU X 195 -92.23 -18.75 12.24
C LEU X 195 -92.90 -20.05 12.70
N PHE X 196 -94.15 -20.00 13.16
CA PHE X 196 -94.86 -21.26 13.52
C PHE X 196 -95.19 -22.03 12.24
N LYS X 202 -93.30 -24.27 2.53
CA LYS X 202 -93.00 -24.49 3.96
C LYS X 202 -92.72 -23.14 4.63
N SER X 203 -92.12 -22.21 3.90
CA SER X 203 -91.83 -20.86 4.46
C SER X 203 -92.75 -19.83 3.79
N THR X 204 -93.51 -19.08 4.58
CA THR X 204 -94.50 -18.12 4.01
C THR X 204 -94.26 -16.71 4.56
N THR X 205 -94.34 -15.70 3.70
CA THR X 205 -94.21 -14.30 4.17
C THR X 205 -95.60 -13.66 4.10
N LEU X 206 -95.94 -12.74 5.00
CA LEU X 206 -97.32 -12.20 4.97
C LEU X 206 -97.59 -11.69 3.55
N HIS X 207 -96.56 -11.26 2.82
CA HIS X 207 -96.78 -10.85 1.41
C HIS X 207 -97.38 -12.02 0.65
N LYS X 208 -96.75 -13.19 0.74
CA LYS X 208 -97.27 -14.37 0.05
C LYS X 208 -98.69 -14.68 0.49
N GLU X 209 -98.96 -14.47 1.78
CA GLU X 209 -100.34 -14.64 2.30
C GLU X 209 -101.26 -13.70 1.53
N ILE X 210 -100.87 -12.43 1.40
CA ILE X 210 -101.70 -11.41 0.69
C ILE X 210 -101.95 -11.93 -0.73
N LEU X 211 -100.89 -12.44 -1.38
CA LEU X 211 -101.03 -12.94 -2.77
C LEU X 211 -102.05 -14.09 -2.79
N GLN X 212 -101.95 -15.03 -1.86
CA GLN X 212 -102.84 -16.19 -1.87
C GLN X 212 -104.26 -15.81 -1.46
N THR X 213 -104.38 -14.89 -0.51
CA THR X 213 -105.73 -14.46 -0.04
C THR X 213 -106.49 -13.83 -1.21
N ASP X 214 -107.76 -14.22 -1.39
CA ASP X 214 -108.57 -13.69 -2.52
C ASP X 214 -109.68 -12.79 -2.00
N SER X 215 -110.62 -12.43 -2.87
CA SER X 215 -111.79 -11.61 -2.45
C SER X 215 -112.99 -11.95 -3.33
N ARG X 216 -114.20 -11.90 -2.79
CA ARG X 216 -115.40 -12.26 -3.59
C ARG X 216 -116.53 -11.27 -3.34
N LEU X 217 -117.25 -10.88 -4.41
CA LEU X 217 -118.36 -9.90 -4.29
C LEU X 217 -119.62 -10.63 -3.80
N SER X 218 -119.98 -10.43 -2.52
CA SER X 218 -121.23 -11.04 -2.01
C SER X 218 -122.37 -10.04 -2.18
N SER X 219 -123.30 -10.32 -3.10
CA SER X 219 -124.41 -9.37 -3.38
C SER X 219 -125.60 -10.12 -3.93
N ASP X 220 -126.79 -9.52 -3.88
CA ASP X 220 -127.99 -10.15 -4.48
C ASP X 220 -127.77 -10.27 -5.99
N ILE X 221 -126.90 -9.43 -6.55
CA ILE X 221 -126.72 -9.44 -8.03
C ILE X 221 -125.88 -10.67 -8.41
N PHE X 222 -124.96 -11.07 -7.53
CA PHE X 222 -124.08 -12.22 -7.75
C PHE X 222 -124.12 -13.09 -6.48
N LYS X 223 -125.08 -14.01 -6.43
CA LYS X 223 -125.22 -14.86 -5.22
C LYS X 223 -124.25 -16.04 -5.29
N GLU X 224 -123.80 -16.42 -6.48
CA GLU X 224 -122.94 -17.59 -6.61
C GLU X 224 -121.53 -17.18 -7.02
N ILE Y 3 -116.51 32.28 -17.02
CA ILE Y 3 -116.07 30.92 -17.46
C ILE Y 3 -116.39 29.90 -16.37
N ARG Y 4 -117.32 28.99 -16.63
CA ARG Y 4 -117.71 28.01 -15.58
C ARG Y 4 -118.03 26.68 -16.25
N ASN Y 5 -117.14 25.68 -16.08
CA ASN Y 5 -117.45 24.35 -16.63
C ASN Y 5 -118.72 23.88 -15.93
N ARG Y 6 -119.70 23.42 -16.70
CA ARG Y 6 -120.94 22.88 -16.10
C ARG Y 6 -120.91 21.35 -16.16
N LEU Y 7 -119.79 20.74 -16.56
CA LEU Y 7 -119.76 19.27 -16.55
C LEU Y 7 -120.35 18.81 -15.22
N SER Y 8 -119.83 19.34 -14.12
CA SER Y 8 -120.34 18.97 -12.77
C SER Y 8 -121.86 19.11 -12.73
N GLU Y 9 -122.38 20.30 -13.07
CA GLU Y 9 -123.85 20.54 -13.02
C GLU Y 9 -124.54 19.56 -13.97
N LEU Y 10 -124.06 19.46 -15.21
CA LEU Y 10 -124.66 18.56 -16.20
C LEU Y 10 -124.77 17.15 -15.67
N LEU Y 11 -123.70 16.67 -15.02
CA LEU Y 11 -123.71 15.29 -14.45
C LEU Y 11 -124.75 15.21 -13.34
N SER Y 12 -124.85 16.23 -12.49
CA SER Y 12 -125.89 16.23 -11.46
C SER Y 12 -127.28 16.21 -12.09
N GLU Y 13 -127.45 16.93 -13.19
CA GLU Y 13 -128.72 16.89 -13.92
C GLU Y 13 -129.03 15.48 -14.41
N ARG Y 14 -128.06 14.83 -15.05
CA ARG Y 14 -128.26 13.52 -15.65
C ARG Y 14 -127.93 12.37 -14.70
N GLY Y 15 -127.45 12.67 -13.50
CA GLY Y 15 -127.14 11.65 -12.52
C GLY Y 15 -125.97 10.78 -12.93
N LEU Y 16 -125.27 11.17 -13.98
CA LEU Y 16 -124.18 10.36 -14.50
C LEU Y 16 -122.97 10.41 -13.57
N LYS Y 17 -122.51 9.24 -13.15
CA LYS Y 17 -121.31 9.18 -12.28
C LYS Y 17 -120.09 9.64 -13.10
N ILE Y 18 -119.12 10.27 -12.43
CA ILE Y 18 -117.90 10.76 -13.13
C ILE Y 18 -117.18 9.57 -13.78
N SER Y 19 -117.11 8.44 -13.06
CA SER Y 19 -116.39 7.24 -13.58
C SER Y 19 -117.09 6.76 -14.85
N ARG Y 20 -118.42 6.78 -14.87
CA ARG Y 20 -119.18 6.31 -16.06
C ARG Y 20 -118.80 7.18 -17.26
N VAL Y 21 -118.80 8.50 -17.07
CA VAL Y 21 -118.45 9.42 -18.19
C VAL Y 21 -117.03 9.11 -18.65
N ALA Y 22 -116.09 8.97 -17.70
CA ALA Y 22 -114.67 8.78 -18.07
C ALA Y 22 -114.52 7.51 -18.92
N LYS Y 23 -115.22 6.44 -18.55
CA LYS Y 23 -115.14 5.17 -19.32
C LYS Y 23 -115.67 5.41 -20.73
N ASP Y 24 -116.86 6.02 -20.86
CA ASP Y 24 -117.48 6.21 -22.16
C ASP Y 24 -116.63 7.10 -23.06
N VAL Y 25 -116.02 8.16 -22.50
CA VAL Y 25 -115.27 9.13 -23.34
C VAL Y 25 -113.77 8.82 -23.31
N LYS Y 26 -113.37 7.69 -22.73
CA LYS Y 26 -111.96 7.26 -22.72
C LYS Y 26 -111.05 8.38 -22.22
N ILE Y 27 -111.45 9.01 -21.11
CA ILE Y 27 -110.63 10.08 -20.48
C ILE Y 27 -110.34 9.64 -19.04
N ALA Y 28 -109.18 10.01 -18.49
CA ALA Y 28 -108.79 9.61 -17.15
C ALA Y 28 -109.82 10.11 -16.12
N ARG Y 29 -110.14 9.24 -15.17
CA ARG Y 29 -111.09 9.65 -14.10
C ARG Y 29 -110.49 10.85 -13.36
N SER Y 30 -109.21 10.77 -13.00
CA SER Y 30 -108.60 11.84 -12.21
C SER Y 30 -108.73 13.19 -12.91
N SER Y 31 -108.34 13.24 -14.19
CA SER Y 31 -108.45 14.48 -14.94
C SER Y 31 -109.90 14.93 -15.05
N LEU Y 32 -110.80 13.99 -15.31
CA LEU Y 32 -112.23 14.37 -15.50
C LEU Y 32 -112.77 14.93 -14.18
N THR Y 33 -112.40 14.34 -13.05
CA THR Y 33 -112.97 14.80 -11.76
C THR Y 33 -112.32 16.14 -11.40
N SER Y 34 -111.03 16.31 -11.70
CA SER Y 34 -110.38 17.59 -11.44
C SER Y 34 -111.03 18.70 -12.26
N MET Y 35 -111.35 18.37 -13.51
CA MET Y 35 -111.95 19.35 -14.46
C MET Y 35 -113.44 19.50 -14.18
N ALA Y 36 -114.05 18.58 -13.42
CA ALA Y 36 -115.51 18.63 -13.23
C ALA Y 36 -115.94 19.94 -12.56
N GLN Y 37 -115.25 20.36 -11.49
CA GLN Y 37 -115.63 21.62 -10.78
C GLN Y 37 -114.85 22.79 -11.37
N ASN Y 38 -114.34 22.62 -12.60
CA ASN Y 38 -113.52 23.69 -13.23
C ASN Y 38 -112.41 24.08 -12.26
N ASP Y 39 -111.77 23.09 -11.63
CA ASP Y 39 -110.64 23.37 -10.71
C ASP Y 39 -109.39 23.58 -11.57
N SER Y 40 -109.11 22.64 -12.48
CA SER Y 40 -107.93 22.77 -13.38
C SER Y 40 -108.09 24.01 -14.26
N GLU Y 41 -106.98 24.73 -14.51
CA GLU Y 41 -107.04 25.97 -15.33
C GLU Y 41 -106.64 25.64 -16.77
N MET Y 42 -106.47 24.35 -17.09
CA MET Y 42 -106.17 23.96 -18.50
C MET Y 42 -107.18 22.88 -18.94
N ILE Y 43 -107.71 23.03 -20.16
CA ILE Y 43 -108.69 22.06 -20.72
C ILE Y 43 -108.25 21.64 -22.12
N ARG Y 44 -108.28 20.35 -22.42
CA ARG Y 44 -107.92 19.83 -23.73
C ARG Y 44 -109.08 19.95 -24.71
N TYR Y 45 -108.76 20.38 -25.93
CA TYR Y 45 -109.77 20.40 -26.99
C TYR Y 45 -110.41 19.03 -27.18
N ASP Y 46 -109.59 17.98 -27.07
CA ASP Y 46 -110.13 16.63 -27.18
C ASP Y 46 -111.15 16.35 -26.08
N ALA Y 47 -110.83 16.80 -24.87
CA ALA Y 47 -111.74 16.56 -23.73
C ALA Y 47 -113.09 17.21 -24.00
N ILE Y 48 -113.10 18.50 -24.34
CA ILE Y 48 -114.36 19.22 -24.53
C ILE Y 48 -115.11 18.65 -25.73
N ASP Y 49 -114.37 18.29 -26.79
CA ASP Y 49 -115.01 17.70 -27.99
C ASP Y 49 -115.73 16.42 -27.56
N LYS Y 50 -115.03 15.52 -26.87
CA LYS Y 50 -115.61 14.24 -26.47
C LYS Y 50 -116.80 14.45 -25.54
N LEU Y 51 -116.68 15.39 -24.60
CA LEU Y 51 -117.78 15.64 -23.68
C LEU Y 51 -119.00 16.19 -24.40
N CYS Y 52 -118.79 17.10 -25.33
CA CYS Y 52 -119.90 17.68 -26.07
C CYS Y 52 -120.61 16.64 -26.93
N SER Y 53 -119.83 15.83 -27.64
CA SER Y 53 -120.45 14.75 -28.43
C SER Y 53 -121.16 13.76 -27.52
N TYR Y 54 -120.54 13.40 -26.40
CA TYR Y 54 -121.11 12.40 -25.50
C TYR Y 54 -122.37 12.90 -24.83
N LEU Y 55 -122.37 14.16 -24.40
CA LEU Y 55 -123.51 14.73 -23.71
C LEU Y 55 -124.54 15.34 -24.65
N HIS Y 56 -124.31 15.27 -25.96
CA HIS Y 56 -125.24 15.84 -26.96
C HIS Y 56 -125.48 17.32 -26.69
N ILE Y 57 -124.40 18.06 -26.45
CA ILE Y 57 -124.50 19.47 -26.11
C ILE Y 57 -123.53 20.27 -26.97
N SER Y 58 -123.87 21.54 -27.17
CA SER Y 58 -122.92 22.50 -27.71
C SER Y 58 -121.99 22.96 -26.61
N PRO Y 59 -120.77 23.48 -26.92
CA PRO Y 59 -119.82 23.87 -25.87
C PRO Y 59 -120.44 24.98 -25.01
N SER Y 60 -121.57 25.52 -25.47
CA SER Y 60 -122.26 26.60 -24.71
C SER Y 60 -122.70 26.07 -23.35
N GLU Y 61 -123.24 24.85 -23.30
CA GLU Y 61 -123.76 24.31 -22.02
C GLU Y 61 -122.59 23.84 -21.15
N PHE Y 62 -121.41 23.64 -21.75
CA PHE Y 62 -120.22 23.23 -20.98
C PHE Y 62 -119.56 24.49 -20.41
N PHE Y 63 -119.23 25.45 -21.28
CA PHE Y 63 -118.56 26.69 -20.84
C PHE Y 63 -119.58 27.82 -20.61
N GLU Y 64 -119.79 28.21 -19.36
CA GLU Y 64 -120.69 29.37 -19.09
C GLU Y 64 -119.81 30.59 -18.82
N HIS Y 65 -119.88 31.62 -19.67
CA HIS Y 65 -118.98 32.80 -19.50
C HIS Y 65 -119.78 34.10 -19.34
N ASN Y 66 -119.44 34.90 -18.32
CA ASN Y 66 -120.07 36.23 -18.14
C ASN Y 66 -119.05 37.29 -18.56
N PRO Y 67 -119.29 38.11 -19.61
CA PRO Y 67 -118.28 39.06 -20.09
C PRO Y 67 -117.60 39.84 -18.95
N ILE Y 68 -118.26 39.93 -17.80
CA ILE Y 68 -117.71 40.73 -16.66
C ILE Y 68 -116.45 40.04 -16.13
N ASN Y 69 -115.43 40.83 -15.76
CA ASN Y 69 -114.16 40.28 -15.30
C ASN Y 69 -113.79 40.95 -13.99
N PHE Y 70 -113.23 40.17 -13.07
CA PHE Y 70 -112.82 40.68 -11.77
C PHE Y 70 -111.33 40.45 -11.59
N ASP Y 71 -110.62 41.49 -11.20
CA ASP Y 71 -109.19 41.42 -10.93
C ASP Y 71 -108.91 41.98 -9.54
N PHE Y 72 -108.00 41.35 -8.82
CA PHE Y 72 -107.75 41.66 -7.42
C PHE Y 72 -106.27 41.94 -7.23
N THR Y 73 -105.95 43.12 -6.70
CA THR Y 73 -104.54 43.51 -6.46
C THR Y 73 -104.37 43.84 -4.97
N PHE Y 74 -103.42 43.19 -4.30
CA PHE Y 74 -103.21 43.40 -2.84
C PHE Y 74 -102.08 44.41 -2.62
N ASP Y 75 -102.18 45.18 -1.54
CA ASP Y 75 -101.17 46.16 -1.18
C ASP Y 75 -99.79 45.49 -1.12
N GLU Y 76 -98.79 46.17 -1.69
CA GLU Y 76 -97.43 45.66 -1.61
C GLU Y 76 -96.97 45.59 -0.15
N GLU Y 77 -97.30 46.60 0.64
CA GLU Y 77 -97.01 46.60 2.08
C GLU Y 77 -98.32 46.70 2.85
N PRO Y 78 -98.70 45.68 3.60
CA PRO Y 78 -99.91 45.77 4.42
C PRO Y 78 -99.61 46.29 5.82
N ASN Y 79 -100.67 46.72 6.49
CA ASN Y 79 -100.57 47.22 7.86
C ASN Y 79 -100.83 46.06 8.81
N TYR Y 80 -99.77 45.38 9.25
CA TYR Y 80 -100.00 44.17 10.10
C TYR Y 80 -99.18 44.22 11.39
N LYS Y 81 -99.73 43.70 12.49
CA LYS Y 81 -98.99 43.62 13.78
C LYS Y 81 -99.11 42.16 14.26
N ILE Y 82 -98.05 41.60 14.84
CA ILE Y 82 -98.12 40.14 15.21
C ILE Y 82 -98.01 39.97 16.72
N ASN Y 83 -98.72 39.00 17.29
CA ASN Y 83 -98.55 38.67 18.73
C ASN Y 83 -98.28 37.16 18.82
N ASP Y 84 -97.10 36.78 19.32
CA ASP Y 84 -96.71 35.34 19.35
C ASP Y 84 -96.79 34.81 20.78
N VAL Y 85 -97.75 33.91 21.05
CA VAL Y 85 -97.86 33.29 22.41
C VAL Y 85 -96.78 32.21 22.55
N PHE Y 86 -96.52 31.45 21.48
CA PHE Y 86 -95.53 30.34 21.52
C PHE Y 86 -95.96 29.26 22.53
N GLU Y 87 -97.18 29.37 23.06
CA GLU Y 87 -97.64 28.40 24.10
C GLU Y 87 -98.93 27.72 23.66
N GLY Y 88 -99.00 26.38 23.80
CA GLY Y 88 -100.22 25.63 23.47
C GLY Y 88 -100.22 25.07 22.05
N PHE Y 89 -99.27 25.49 21.21
CA PHE Y 89 -99.16 24.87 19.87
C PHE Y 89 -98.76 23.40 20.04
N GLU Y 90 -97.92 23.12 21.05
CA GLU Y 90 -97.42 21.74 21.26
C GLU Y 90 -98.54 20.74 21.51
N VAL Y 91 -99.60 21.11 22.22
CA VAL Y 91 -100.63 20.10 22.62
C VAL Y 91 -101.19 19.40 21.38
N THR Y 92 -101.47 20.14 20.31
CA THR Y 92 -102.06 19.58 19.07
C THR Y 92 -101.92 20.68 18.02
N ALA Y 93 -101.87 20.34 16.73
CA ALA Y 93 -101.64 21.44 15.78
C ALA Y 93 -102.68 22.53 16.05
N ASN Y 94 -102.22 23.74 16.37
CA ASN Y 94 -103.14 24.88 16.60
C ASN Y 94 -102.38 26.19 16.40
N ILE Y 95 -102.62 26.88 15.30
CA ILE Y 95 -101.92 28.16 15.00
C ILE Y 95 -102.28 29.21 16.07
N THR Y 96 -103.53 29.22 16.54
CA THR Y 96 -103.99 30.29 17.47
C THR Y 96 -103.17 30.27 18.77
N HIS Y 97 -102.90 29.10 19.32
CA HIS Y 97 -102.09 29.01 20.56
C HIS Y 97 -100.65 29.47 20.28
N ALA Y 98 -100.10 29.05 19.13
CA ALA Y 98 -98.71 29.41 18.77
C ALA Y 98 -98.57 30.93 18.64
N PHE Y 99 -99.54 31.58 18.01
CA PHE Y 99 -99.49 33.03 17.82
C PHE Y 99 -100.82 33.47 17.23
N SER Y 100 -100.92 34.77 16.94
CA SER Y 100 -102.12 35.32 16.26
C SER Y 100 -101.69 36.66 15.66
N ILE Y 101 -102.51 37.22 14.76
CA ILE Y 101 -102.12 38.48 14.06
C ILE Y 101 -102.87 39.62 14.74
N GLU Y 102 -102.17 40.47 15.50
CA GLU Y 102 -102.89 41.52 16.27
C GLU Y 102 -103.64 42.43 15.28
N ASN Y 103 -102.97 42.85 14.21
CA ASN Y 103 -103.62 43.69 13.16
C ASN Y 103 -103.18 43.16 11.79
N PHE Y 104 -104.03 43.29 10.77
CA PHE Y 104 -103.59 42.91 9.41
C PHE Y 104 -104.54 43.64 8.45
N ASP Y 105 -104.63 44.97 8.63
CA ASP Y 105 -105.55 45.77 7.78
C ASP Y 105 -104.80 46.15 6.49
N PHE Y 106 -105.43 45.93 5.34
CA PHE Y 106 -104.81 46.30 4.05
C PHE Y 106 -105.90 46.49 2.99
N GLU Y 107 -105.61 47.35 2.01
CA GLU Y 107 -106.59 47.65 0.96
C GLU Y 107 -106.35 46.71 -0.23
N ILE Y 108 -107.43 46.21 -0.83
CA ILE Y 108 -107.36 45.40 -2.02
C ILE Y 108 -108.07 46.17 -3.12
N LEU Y 109 -107.32 46.48 -4.18
CA LEU Y 109 -107.89 47.22 -5.32
C LEU Y 109 -108.57 46.21 -6.24
N VAL Y 110 -109.89 46.29 -6.38
CA VAL Y 110 -110.64 45.30 -7.20
C VAL Y 110 -111.23 46.00 -8.42
N ASP Y 111 -110.91 45.51 -9.62
CA ASP Y 111 -111.49 46.11 -10.84
C ASP Y 111 -112.61 45.21 -11.36
N VAL Y 112 -113.85 45.71 -11.36
CA VAL Y 112 -114.97 44.93 -11.96
C VAL Y 112 -115.12 45.44 -13.39
N GLU Y 113 -114.61 44.68 -14.36
CA GLU Y 113 -114.62 45.21 -15.74
C GLU Y 113 -115.98 44.93 -16.39
N LEU Y 114 -116.62 45.97 -16.92
CA LEU Y 114 -117.94 45.79 -17.60
C LEU Y 114 -117.70 45.23 -19.00
N ASP Y 115 -118.77 44.89 -19.73
CA ASP Y 115 -118.60 44.44 -21.13
C ASP Y 115 -118.00 45.61 -21.91
N ASN Y 116 -118.45 46.83 -21.62
CA ASN Y 116 -117.86 48.03 -22.28
C ASN Y 116 -116.40 48.13 -21.84
N ARG Y 117 -115.51 48.60 -22.71
CA ARG Y 117 -114.06 48.63 -22.37
C ARG Y 117 -113.89 49.29 -21.00
N GLN Y 118 -114.63 50.38 -20.73
CA GLN Y 118 -114.55 51.04 -19.40
C GLN Y 118 -114.66 49.98 -18.30
N LYS Y 119 -113.86 50.13 -17.24
CA LYS Y 119 -113.90 49.19 -16.10
C LYS Y 119 -114.05 50.02 -14.82
N LEU Y 120 -114.64 49.43 -13.78
CA LEU Y 120 -114.89 50.19 -12.51
C LEU Y 120 -113.89 49.73 -11.45
N ASN Y 121 -113.15 50.68 -10.87
CA ASN Y 121 -112.17 50.34 -9.81
C ASN Y 121 -112.85 50.54 -8.45
N PHE Y 122 -112.84 49.50 -7.60
CA PHE Y 122 -113.40 49.65 -6.24
C PHE Y 122 -112.34 49.21 -5.22
N ASP Y 123 -112.09 50.05 -4.22
CA ASP Y 123 -111.07 49.73 -3.17
C ASP Y 123 -111.78 49.18 -1.94
N LEU Y 124 -111.41 47.97 -1.50
CA LEU Y 124 -111.98 47.46 -0.23
C LEU Y 124 -110.85 47.32 0.80
N ASP Y 125 -111.07 47.86 2.00
CA ASP Y 125 -110.05 47.70 3.07
C ASP Y 125 -110.50 46.53 3.94
N VAL Y 126 -109.70 45.48 4.02
CA VAL Y 126 -110.05 44.32 4.90
C VAL Y 126 -109.06 44.27 6.07
N SER Y 127 -109.59 44.23 7.29
CA SER Y 127 -108.73 44.18 8.50
C SER Y 127 -108.91 42.81 9.16
N TYR Y 128 -107.92 42.35 9.93
CA TYR Y 128 -108.10 41.07 10.67
C TYR Y 128 -109.31 41.20 11.60
N LYS Y 129 -110.29 40.30 11.45
CA LYS Y 129 -111.50 40.33 12.31
C LYS Y 129 -111.33 39.30 13.43
N GLU Y 130 -111.06 38.05 13.06
CA GLU Y 130 -110.89 36.95 14.06
C GLU Y 130 -110.27 35.75 13.35
N THR Y 131 -110.13 34.62 14.04
CA THR Y 131 -109.65 33.39 13.37
C THR Y 131 -110.77 32.35 13.39
N GLU Y 132 -111.09 31.77 12.23
CA GLU Y 132 -112.15 30.72 12.14
C GLU Y 132 -111.57 29.38 12.60
N LYS Y 133 -112.16 28.78 13.62
CA LYS Y 133 -111.69 27.44 14.10
C LYS Y 133 -112.34 26.34 13.23
N ILE Y 134 -112.07 26.37 11.92
CA ILE Y 134 -112.71 25.37 11.02
C ILE Y 134 -112.37 23.98 11.58
N THR Y 135 -111.11 23.78 12.01
CA THR Y 135 -110.70 22.51 12.65
C THR Y 135 -109.76 22.86 13.79
N ASN Y 136 -109.58 21.95 14.75
CA ASN Y 136 -108.59 22.23 15.83
C ASN Y 136 -107.21 22.35 15.18
N SER Y 137 -106.92 21.48 14.20
CA SER Y 137 -105.61 21.52 13.49
C SER Y 137 -105.45 22.80 12.67
N GLN Y 138 -106.51 23.26 11.99
CA GLN Y 138 -106.34 24.44 11.08
C GLN Y 138 -107.29 25.59 11.46
N HIS Y 139 -106.77 26.81 11.57
CA HIS Y 139 -107.64 27.98 11.82
C HIS Y 139 -107.50 28.97 10.66
N ARG Y 140 -108.62 29.41 10.09
CA ARG Y 140 -108.58 30.33 8.91
C ARG Y 140 -108.81 31.77 9.36
N PHE Y 141 -107.83 32.64 9.12
CA PHE Y 141 -107.96 34.08 9.50
C PHE Y 141 -109.21 34.67 8.82
N ILE Y 142 -109.91 35.54 9.53
CA ILE Y 142 -111.12 36.20 8.96
C ILE Y 142 -110.82 37.70 8.80
N PHE Y 143 -111.07 38.25 7.60
CA PHE Y 143 -110.86 39.71 7.39
C PHE Y 143 -112.19 40.35 7.00
N THR Y 144 -112.55 41.46 7.68
CA THR Y 144 -113.84 42.13 7.40
C THR Y 144 -113.58 43.40 6.59
N ILE Y 145 -114.45 43.70 5.62
CA ILE Y 145 -114.31 44.92 4.84
C ILE Y 145 -114.80 46.09 5.67
N LYS Y 146 -113.92 47.08 5.89
CA LYS Y 146 -114.32 48.28 6.66
C LYS Y 146 -115.18 49.16 5.77
N ASN Y 147 -114.66 49.55 4.60
CA ASN Y 147 -115.40 50.45 3.67
C ASN Y 147 -116.33 49.64 2.76
N GLU Y 148 -117.38 49.04 3.33
CA GLU Y 148 -118.36 48.30 2.49
C GLU Y 148 -119.24 49.31 1.74
N ASP Y 149 -119.27 50.57 2.19
CA ASP Y 149 -120.03 51.59 1.48
C ASP Y 149 -119.49 51.80 0.07
N GLU Y 150 -118.17 51.85 -0.08
CA GLU Y 150 -117.58 51.99 -1.40
C GLU Y 150 -117.83 50.75 -2.25
N ASN Y 151 -118.17 49.64 -1.59
CA ASN Y 151 -118.31 48.35 -2.32
C ASN Y 151 -119.79 47.94 -2.43
N ILE Y 152 -120.72 48.87 -2.29
CA ILE Y 152 -122.13 48.54 -2.49
C ILE Y 152 -122.35 48.05 -3.91
N GLY Y 153 -121.78 48.74 -4.89
CA GLY Y 153 -121.84 48.26 -6.27
C GLY Y 153 -121.07 46.97 -6.46
N LEU Y 154 -120.04 46.75 -5.63
CA LEU Y 154 -119.28 45.51 -5.71
C LEU Y 154 -120.17 44.31 -5.41
N LYS Y 155 -121.03 44.44 -4.40
CA LYS Y 155 -121.95 43.33 -4.05
C LYS Y 155 -122.88 43.10 -5.23
N LYS Y 156 -123.42 44.17 -5.82
CA LYS Y 156 -124.34 44.03 -6.94
C LYS Y 156 -123.67 43.32 -8.10
N TYR Y 157 -122.45 43.71 -8.45
CA TYR Y 157 -121.74 42.97 -9.52
C TYR Y 157 -121.50 41.52 -9.11
N VAL Y 158 -121.10 41.28 -7.86
CA VAL Y 158 -120.75 39.92 -7.44
C VAL Y 158 -121.95 39.00 -7.53
N ASP Y 159 -123.09 39.42 -6.97
CA ASP Y 159 -124.27 38.58 -7.05
C ASP Y 159 -124.98 38.68 -8.41
N SER Y 160 -124.53 39.58 -9.28
CA SER Y 160 -125.00 39.56 -10.65
C SER Y 160 -124.52 38.34 -11.42
N LEU Y 161 -123.47 37.68 -10.90
CA LEU Y 161 -122.92 36.47 -11.59
C LEU Y 161 -123.65 35.21 -11.12
N SER Y 162 -123.47 34.12 -11.86
CA SER Y 162 -124.12 32.83 -11.52
C SER Y 162 -123.53 32.29 -10.23
N ALA Y 163 -124.29 31.43 -9.54
CA ALA Y 163 -123.86 30.89 -8.26
C ALA Y 163 -122.51 30.20 -8.38
N GLY Y 164 -122.34 29.43 -9.46
CA GLY Y 164 -121.04 28.76 -9.68
C GLY Y 164 -119.94 29.79 -9.83
N LEU Y 165 -120.17 30.83 -10.62
CA LEU Y 165 -119.17 31.87 -10.80
C LEU Y 165 -118.88 32.59 -9.49
N LYS Y 166 -119.93 32.85 -8.71
CA LYS Y 166 -119.71 33.47 -7.38
C LYS Y 166 -118.78 32.57 -6.58
N ASN Y 167 -119.10 31.28 -6.48
CA ASN Y 167 -118.27 30.36 -5.70
C ASN Y 167 -116.85 30.34 -6.21
N LEU Y 168 -116.70 30.39 -7.54
CA LEU Y 168 -115.36 30.42 -8.16
C LEU Y 168 -114.63 31.64 -7.59
N LEU Y 169 -115.23 32.82 -7.72
CA LEU Y 169 -114.61 34.07 -7.21
C LEU Y 169 -114.24 33.86 -5.75
N PHE Y 170 -115.17 33.37 -4.93
CA PHE Y 170 -114.88 33.23 -3.51
C PHE Y 170 -113.67 32.34 -3.30
N LYS Y 171 -113.59 31.25 -4.05
CA LYS Y 171 -112.42 30.34 -3.93
C LYS Y 171 -111.15 31.10 -4.30
N LYS Y 172 -111.14 31.77 -5.46
CA LYS Y 172 -109.92 32.48 -5.91
C LYS Y 172 -109.50 33.49 -4.83
N ILE Y 173 -110.42 34.37 -4.41
CA ILE Y 173 -110.05 35.43 -3.43
C ILE Y 173 -109.56 34.76 -2.15
N ASN Y 174 -110.19 33.65 -1.75
CA ASN Y 174 -109.78 32.98 -0.52
C ASN Y 174 -108.35 32.49 -0.63
N GLN Y 175 -108.04 31.83 -1.74
CA GLN Y 175 -106.65 31.33 -1.97
C GLN Y 175 -105.70 32.52 -1.93
N LYS Y 176 -106.00 33.55 -2.71
CA LYS Y 176 -105.10 34.70 -2.81
C LYS Y 176 -104.86 35.32 -1.44
N LEU Y 177 -105.94 35.51 -0.69
CA LEU Y 177 -105.82 36.10 0.67
C LEU Y 177 -104.97 35.17 1.54
N SER Y 178 -105.22 33.86 1.46
CA SER Y 178 -104.49 32.90 2.28
C SER Y 178 -103.01 32.91 1.98
N GLY Y 179 -102.65 32.89 0.69
CA GLY Y 179 -101.26 32.98 0.33
C GLY Y 179 -100.62 34.29 0.77
N TYR Y 180 -101.36 35.39 0.62
CA TYR Y 180 -100.85 36.70 1.02
C TYR Y 180 -100.54 36.72 2.52
N VAL Y 181 -101.51 36.32 3.34
CA VAL Y 181 -101.33 36.37 4.79
C VAL Y 181 -100.27 35.37 5.23
N SER Y 182 -100.22 34.19 4.61
CA SER Y 182 -99.21 33.21 4.97
C SER Y 182 -97.81 33.72 4.64
N GLU Y 183 -97.65 34.29 3.44
CA GLU Y 183 -96.33 34.86 3.08
C GLU Y 183 -95.96 35.93 4.11
N ILE Y 184 -96.89 36.84 4.41
CA ILE Y 184 -96.58 37.92 5.33
C ILE Y 184 -96.17 37.36 6.70
N ILE Y 185 -96.95 36.39 7.21
CA ILE Y 185 -96.73 35.94 8.61
C ILE Y 185 -95.54 34.98 8.76
N VAL Y 186 -95.42 33.97 7.91
CA VAL Y 186 -94.38 32.91 8.10
C VAL Y 186 -93.00 33.56 8.30
N LYS Y 187 -92.76 34.73 7.69
CA LYS Y 187 -91.42 35.37 7.76
C LYS Y 187 -91.16 35.87 9.19
N ASN Y 188 -92.22 36.30 9.89
CA ASN Y 188 -92.06 36.86 11.26
C ASN Y 188 -92.32 35.75 12.29
N ILE Y 189 -92.50 34.51 11.86
CA ILE Y 189 -92.86 33.44 12.83
C ILE Y 189 -91.81 32.34 12.83
N ASP Y 190 -91.14 32.12 13.96
CA ASP Y 190 -90.15 31.02 14.08
C ASP Y 190 -90.91 29.67 14.09
N ASP Y 191 -90.32 28.63 13.51
CA ASP Y 191 -91.02 27.32 13.43
C ASP Y 191 -91.12 26.69 14.81
N ILE Y 192 -92.28 26.12 15.15
CA ILE Y 192 -92.42 25.39 16.43
C ILE Y 192 -92.73 23.93 16.07
N GLU Y 193 -91.89 23.00 16.51
CA GLU Y 193 -92.06 21.56 16.19
C GLU Y 193 -93.27 21.02 16.95
N GLU Y 194 -94.09 20.20 16.28
CA GLU Y 194 -95.30 19.62 16.91
C GLU Y 194 -94.91 18.32 17.62
N LEU Y 195 -94.34 18.42 18.82
CA LEU Y 195 -93.85 17.20 19.54
C LEU Y 195 -95.02 16.27 19.86
N PHE Y 196 -96.15 16.81 20.31
CA PHE Y 196 -97.34 15.94 20.55
C PHE Y 196 -97.90 15.48 19.20
N LYS Y 202 -96.65 13.46 9.33
CA LYS Y 202 -96.54 13.02 10.75
C LYS Y 202 -95.76 14.07 11.55
N SER Y 203 -94.78 14.72 10.91
CA SER Y 203 -93.98 15.77 11.59
C SER Y 203 -94.36 17.14 11.01
N THR Y 204 -94.78 18.08 11.87
CA THR Y 204 -95.24 19.40 11.38
C THR Y 204 -94.48 20.53 12.06
N THR Y 205 -94.07 21.54 11.30
CA THR Y 205 -93.40 22.73 11.90
C THR Y 205 -94.39 23.89 11.87
N LEU Y 206 -94.35 24.78 12.86
CA LEU Y 206 -95.37 25.86 12.87
C LEU Y 206 -95.35 26.55 11.50
N HIS Y 207 -94.20 26.56 10.83
CA HIS Y 207 -94.16 27.14 9.46
C HIS Y 207 -95.16 26.40 8.58
N LYS Y 208 -95.07 25.07 8.56
CA LYS Y 208 -96.00 24.28 7.77
C LYS Y 208 -97.44 24.57 8.16
N GLU Y 209 -97.66 24.77 9.47
CA GLU Y 209 -99.01 25.14 9.95
C GLU Y 209 -99.42 26.44 9.26
N ILE Y 210 -98.53 27.44 9.27
CA ILE Y 210 -98.83 28.76 8.64
C ILE Y 210 -99.19 28.51 7.17
N LEU Y 211 -98.42 27.65 6.49
CA LEU Y 211 -98.69 27.38 5.06
C LEU Y 211 -100.09 26.78 4.92
N GLN Y 212 -100.44 25.81 5.77
CA GLN Y 212 -101.73 25.13 5.64
C GLN Y 212 -102.88 26.04 6.06
N THR Y 213 -102.64 26.85 7.10
CA THR Y 213 -103.71 27.75 7.60
C THR Y 213 -104.09 28.74 6.49
N ASP Y 214 -105.38 28.95 6.25
CA ASP Y 214 -105.85 29.85 5.16
C ASP Y 214 -106.51 31.08 5.77
N SER Y 215 -107.18 31.88 4.93
CA SER Y 215 -107.90 33.08 5.41
C SER Y 215 -109.10 33.34 4.50
N ARG Y 216 -110.20 33.86 5.03
CA ARG Y 216 -111.41 34.09 4.18
C ARG Y 216 -112.03 35.45 4.51
N LEU Y 217 -112.46 36.19 3.48
CA LEU Y 217 -113.07 37.53 3.69
C LEU Y 217 -114.54 37.36 4.09
N SER Y 218 -114.84 37.58 5.37
CA SER Y 218 -116.26 37.52 5.82
C SER Y 218 -116.86 38.92 5.73
N SER Y 219 -117.79 39.13 4.78
CA SER Y 219 -118.38 40.48 4.59
C SER Y 219 -119.75 40.35 3.94
N ASP Y 220 -120.58 41.39 4.05
CA ASP Y 220 -121.91 41.37 3.39
C ASP Y 220 -121.69 41.29 1.88
N ILE Y 221 -120.51 41.72 1.39
CA ILE Y 221 -120.28 41.76 -0.08
C ILE Y 221 -120.02 40.33 -0.56
N PHE Y 222 -119.39 39.51 0.29
CA PHE Y 222 -119.07 38.12 -0.04
C PHE Y 222 -119.51 37.26 1.14
N LYS Y 223 -120.77 36.82 1.11
CA LYS Y 223 -121.33 36.01 2.24
C LYS Y 223 -120.93 34.54 2.06
N GLU Y 224 -120.61 34.11 0.83
CA GLU Y 224 -120.33 32.70 0.60
C GLU Y 224 -118.86 32.51 0.24
N ILE Z 3 -92.98 75.97 -5.31
CA ILE Z 3 -93.13 74.59 -5.87
C ILE Z 3 -93.84 73.69 -4.85
N ARG Z 4 -95.06 73.26 -5.16
CA ARG Z 4 -95.81 72.43 -4.17
C ARG Z 4 -96.64 71.40 -4.94
N ASN Z 5 -96.23 70.12 -4.87
CA ASN Z 5 -97.05 69.08 -5.51
C ASN Z 5 -98.41 69.11 -4.80
N ARG Z 6 -99.49 69.14 -5.58
CA ARG Z 6 -100.84 69.11 -4.97
C ARG Z 6 -101.42 67.70 -5.15
N LEU Z 7 -100.64 66.73 -5.64
CA LEU Z 7 -101.21 65.37 -5.75
C LEU Z 7 -101.94 65.08 -4.44
N SER Z 8 -101.25 65.26 -3.31
CA SER Z 8 -101.86 65.00 -1.97
C SER Z 8 -103.20 65.74 -1.89
N GLU Z 9 -103.20 67.07 -2.11
CA GLU Z 9 -104.44 67.88 -1.98
C GLU Z 9 -105.47 67.33 -2.98
N LEU Z 10 -105.07 67.16 -4.25
CA LEU Z 10 -105.98 66.67 -5.28
C LEU Z 10 -106.65 65.38 -4.85
N LEU Z 11 -105.87 64.46 -4.28
CA LEU Z 11 -106.42 63.16 -3.83
C LEU Z 11 -107.41 63.41 -2.68
N SER Z 12 -107.10 64.31 -1.76
CA SER Z 12 -108.04 64.64 -0.69
C SER Z 12 -109.32 65.23 -1.27
N GLU Z 13 -109.19 66.06 -2.32
CA GLU Z 13 -110.36 66.59 -3.00
C GLU Z 13 -111.22 65.46 -3.58
N ARG Z 14 -110.60 64.55 -4.31
CA ARG Z 14 -111.32 63.48 -5.00
C ARG Z 14 -111.47 62.22 -4.15
N GLY Z 15 -110.91 62.20 -2.94
CA GLY Z 15 -111.04 61.05 -2.07
C GLY Z 15 -110.33 59.82 -2.58
N LEU Z 16 -109.52 59.98 -3.62
CA LEU Z 16 -108.86 58.85 -4.24
C LEU Z 16 -107.73 58.34 -3.34
N LYS Z 17 -107.78 57.04 -3.04
CA LYS Z 17 -106.70 56.43 -2.21
C LYS Z 17 -105.41 56.43 -3.03
N ILE Z 18 -104.26 56.56 -2.36
CA ILE Z 18 -102.94 56.58 -3.07
C ILE Z 18 -102.77 55.25 -3.82
N SER Z 19 -103.16 54.13 -3.19
CA SER Z 19 -102.99 52.81 -3.83
C SER Z 19 -103.82 52.75 -5.12
N ARG Z 20 -105.05 53.26 -5.07
CA ARG Z 20 -105.90 53.28 -6.28
C ARG Z 20 -105.16 53.99 -7.41
N VAL Z 21 -104.69 55.21 -7.14
CA VAL Z 21 -104.00 56.00 -8.21
C VAL Z 21 -102.82 55.18 -8.72
N ALA Z 22 -102.02 54.61 -7.82
CA ALA Z 22 -100.80 53.89 -8.24
C ALA Z 22 -101.18 52.75 -9.20
N LYS Z 23 -102.25 52.02 -8.88
CA LYS Z 23 -102.68 50.90 -9.76
C LYS Z 23 -103.08 51.45 -11.12
N ASP Z 24 -103.91 52.50 -11.16
CA ASP Z 24 -104.40 53.03 -12.43
C ASP Z 24 -103.27 53.57 -13.28
N VAL Z 25 -102.29 54.24 -12.66
CA VAL Z 25 -101.20 54.90 -13.46
C VAL Z 25 -99.95 54.01 -13.49
N LYS Z 26 -100.04 52.77 -13.02
CA LYS Z 26 -98.93 51.83 -13.09
C LYS Z 26 -97.64 52.42 -12.54
N ILE Z 27 -97.76 53.06 -11.37
CA ILE Z 27 -96.58 53.65 -10.69
C ILE Z 27 -96.49 53.02 -9.29
N ALA Z 28 -95.27 52.84 -8.76
CA ALA Z 28 -95.08 52.21 -7.46
C ALA Z 28 -95.82 52.98 -6.38
N ARG Z 29 -96.47 52.25 -5.47
CA ARG Z 29 -97.16 52.92 -4.34
C ARG Z 29 -96.14 53.70 -3.54
N SER Z 30 -94.99 53.08 -3.23
CA SER Z 30 -94.00 53.74 -2.38
C SER Z 30 -93.57 55.07 -2.97
N SER Z 31 -93.20 55.08 -4.26
CA SER Z 31 -92.80 56.32 -4.90
C SER Z 31 -93.95 57.32 -4.92
N LEU Z 32 -95.15 56.84 -5.23
CA LEU Z 32 -96.30 57.78 -5.34
C LEU Z 32 -96.56 58.40 -3.97
N THR Z 33 -96.47 57.62 -2.89
CA THR Z 33 -96.81 58.16 -1.55
C THR Z 33 -95.67 59.09 -1.11
N SER Z 34 -94.43 58.76 -1.45
CA SER Z 34 -93.32 59.65 -1.10
C SER Z 34 -93.45 60.98 -1.81
N MET Z 35 -93.89 60.92 -3.07
CA MET Z 35 -94.03 62.12 -3.92
C MET Z 35 -95.35 62.85 -3.59
N ALA Z 36 -96.26 62.19 -2.88
CA ALA Z 36 -97.60 62.80 -2.63
C ALA Z 36 -97.45 64.11 -1.85
N GLN Z 37 -96.65 64.12 -0.78
CA GLN Z 37 -96.49 65.35 0.04
C GLN Z 37 -95.30 66.16 -0.48
N ASN Z 38 -94.90 65.90 -1.74
CA ASN Z 38 -93.72 66.61 -2.31
C ASN Z 38 -92.54 66.44 -1.35
N ASP Z 39 -92.36 65.22 -0.82
CA ASP Z 39 -91.21 64.94 0.08
C ASP Z 39 -89.98 64.70 -0.81
N SER Z 40 -90.11 63.82 -1.80
CA SER Z 40 -88.98 63.53 -2.72
C SER Z 40 -88.62 64.80 -3.50
N GLU Z 41 -87.33 65.04 -3.73
CA GLU Z 41 -86.87 66.26 -4.45
C GLU Z 41 -86.65 65.92 -5.92
N MET Z 42 -87.01 64.70 -6.35
CA MET Z 42 -86.90 64.34 -7.79
C MET Z 42 -88.24 63.81 -8.28
N ILE Z 43 -88.66 64.26 -9.47
CA ILE Z 43 -89.96 63.82 -10.06
C ILE Z 43 -89.73 63.38 -11.51
N ARG Z 44 -90.28 62.24 -11.90
CA ARG Z 44 -90.15 61.73 -13.26
C ARG Z 44 -91.16 62.40 -14.18
N TYR Z 45 -90.71 62.75 -15.39
CA TYR Z 45 -91.62 63.27 -16.40
C TYR Z 45 -92.75 62.29 -16.67
N ASP Z 46 -92.44 61.00 -16.68
CA ASP Z 46 -93.48 59.99 -16.87
C ASP Z 46 -94.52 60.06 -15.77
N ALA Z 47 -94.05 60.23 -14.53
CA ALA Z 47 -94.98 60.28 -13.39
C ALA Z 47 -95.96 61.45 -13.56
N ILE Z 48 -95.44 62.65 -13.80
CA ILE Z 48 -96.29 63.83 -13.89
C ILE Z 48 -97.22 63.72 -15.10
N ASP Z 49 -96.68 63.19 -16.21
CA ASP Z 49 -97.52 63.00 -17.42
C ASP Z 49 -98.68 62.09 -17.08
N LYS Z 50 -98.40 60.93 -16.48
CA LYS Z 50 -99.46 59.96 -16.16
C LYS Z 50 -100.45 60.55 -15.17
N LEU Z 51 -99.97 61.28 -14.17
CA LEU Z 51 -100.87 61.87 -13.19
C LEU Z 51 -101.77 62.92 -13.83
N CYS Z 52 -101.20 63.76 -14.70
CA CYS Z 52 -101.99 64.80 -15.35
C CYS Z 52 -103.05 64.20 -16.26
N SER Z 53 -102.67 63.21 -17.06
CA SER Z 53 -103.67 62.55 -17.90
C SER Z 53 -104.73 61.84 -17.05
N TYR Z 54 -104.30 61.17 -15.99
CA TYR Z 54 -105.22 60.41 -15.15
C TYR Z 54 -106.18 61.32 -14.39
N LEU Z 55 -105.67 62.43 -13.87
CA LEU Z 55 -106.48 63.36 -13.10
C LEU Z 55 -107.18 64.41 -13.96
N HIS Z 56 -106.99 64.36 -15.27
CA HIS Z 56 -107.61 65.33 -16.18
C HIS Z 56 -107.24 66.76 -15.80
N ILE Z 57 -105.95 66.99 -15.54
CA ILE Z 57 -105.47 68.28 -15.09
C ILE Z 57 -104.26 68.69 -15.91
N SER Z 58 -104.06 70.00 -16.01
CA SER Z 58 -102.81 70.53 -16.51
C SER Z 58 -101.77 70.49 -15.40
N PRO Z 59 -100.44 70.49 -15.71
CA PRO Z 59 -99.42 70.37 -14.67
C PRO Z 59 -99.53 71.56 -13.71
N SER Z 60 -100.35 72.56 -14.08
CA SER Z 60 -100.54 73.75 -13.22
C SER Z 60 -101.16 73.33 -11.89
N GLU Z 61 -102.15 72.45 -11.91
CA GLU Z 61 -102.84 72.04 -10.66
C GLU Z 61 -101.95 71.07 -9.88
N PHE Z 62 -100.96 70.46 -10.54
CA PHE Z 62 -100.03 69.55 -9.83
C PHE Z 62 -98.92 70.38 -9.19
N PHE Z 63 -98.23 71.19 -9.99
CA PHE Z 63 -97.11 72.03 -9.49
C PHE Z 63 -97.60 73.43 -9.14
N GLU Z 64 -97.63 73.77 -7.85
CA GLU Z 64 -97.99 75.16 -7.46
C GLU Z 64 -96.69 75.91 -7.12
N HIS Z 65 -96.34 76.94 -7.89
CA HIS Z 65 -95.04 77.64 -7.67
C HIS Z 65 -95.24 79.14 -7.38
N ASN Z 66 -94.60 79.64 -6.31
CA ASN Z 66 -94.65 81.10 -6.00
C ASN Z 66 -93.28 81.67 -6.38
N PRO Z 67 -93.18 82.61 -7.34
CA PRO Z 67 -91.87 83.11 -7.78
C PRO Z 67 -90.93 83.45 -6.62
N ILE Z 68 -91.49 83.71 -5.43
CA ILE Z 68 -90.67 84.11 -4.26
C ILE Z 68 -89.79 82.94 -3.83
N ASN Z 69 -88.54 83.21 -3.44
CA ASN Z 69 -87.61 82.17 -3.07
C ASN Z 69 -86.99 82.52 -1.72
N PHE Z 70 -86.79 81.51 -0.89
CA PHE Z 70 -86.22 81.68 0.44
C PHE Z 70 -84.95 80.86 0.55
N ASP Z 71 -83.87 81.49 0.99
CA ASP Z 71 -82.60 80.83 1.21
C ASP Z 71 -82.12 81.12 2.63
N PHE Z 72 -81.53 80.11 3.26
CA PHE Z 72 -81.18 80.18 4.68
C PHE Z 72 -79.71 79.81 4.83
N THR Z 73 -78.94 80.72 5.44
CA THR Z 73 -77.49 80.48 5.67
C THR Z 73 -77.20 80.59 7.17
N PHE Z 74 -76.60 79.56 7.75
CA PHE Z 74 -76.33 79.55 9.21
C PHE Z 74 -74.89 79.99 9.48
N ASP Z 75 -74.66 80.65 10.61
CA ASP Z 75 -73.33 81.09 11.00
C ASP Z 75 -72.35 79.93 10.97
N GLU Z 76 -71.16 80.20 10.42
CA GLU Z 76 -70.11 79.17 10.42
C GLU Z 76 -69.72 78.80 11.84
N GLU Z 77 -69.61 79.78 12.72
CA GLU Z 77 -69.36 79.55 14.14
C GLU Z 77 -70.51 80.09 14.96
N PRO Z 78 -71.27 79.26 15.66
CA PRO Z 78 -72.35 79.75 16.52
C PRO Z 78 -71.85 79.99 17.95
N ASN Z 79 -72.65 80.76 18.68
CA ASN Z 79 -72.36 81.05 20.08
C ASN Z 79 -73.06 80.02 20.95
N TYR Z 80 -72.38 78.93 21.30
CA TYR Z 80 -73.07 77.85 22.06
C TYR Z 80 -72.29 77.47 23.32
N LYS Z 81 -73.01 77.11 24.39
CA LYS Z 81 -72.37 76.62 25.64
C LYS Z 81 -73.06 75.32 26.02
N ILE Z 82 -72.32 74.31 26.52
CA ILE Z 82 -72.96 72.98 26.76
C ILE Z 82 -72.91 72.62 28.26
N ASN Z 83 -73.98 72.01 28.77
CA ASN Z 83 -73.96 71.53 30.17
C ASN Z 83 -74.32 70.03 30.15
N ASP Z 84 -73.39 69.17 30.57
CA ASP Z 84 -73.62 67.70 30.48
C ASP Z 84 -73.91 67.12 31.86
N VAL Z 85 -75.14 66.67 32.10
CA VAL Z 85 -75.51 66.03 33.40
C VAL Z 85 -74.95 64.60 33.42
N PHE Z 86 -75.01 63.89 32.29
CA PHE Z 86 -74.55 62.47 32.21
C PHE Z 86 -75.39 61.59 33.14
N GLU Z 87 -76.47 62.13 33.72
CA GLU Z 87 -77.26 61.33 34.70
C GLU Z 87 -78.73 61.27 34.26
N GLY Z 88 -79.33 60.08 34.29
CA GLY Z 88 -80.75 59.91 33.95
C GLY Z 88 -80.98 59.52 32.50
N PHE Z 89 -79.94 59.59 31.66
CA PHE Z 89 -80.09 59.09 30.26
C PHE Z 89 -80.32 57.59 30.32
N GLU Z 90 -79.68 56.90 31.26
CA GLU Z 90 -79.76 55.42 31.31
C GLU Z 90 -81.20 54.93 31.55
N VAL Z 91 -82.01 55.65 32.34
CA VAL Z 91 -83.36 55.12 32.69
C VAL Z 91 -84.16 54.79 31.42
N THR Z 92 -84.12 55.67 30.42
CA THR Z 92 -84.88 55.50 29.15
C THR Z 92 -84.32 56.54 28.20
N ALA Z 93 -84.41 56.32 26.88
CA ALA Z 93 -83.75 57.31 26.00
C ALA Z 93 -84.25 58.69 26.40
N ASN Z 94 -83.35 59.59 26.80
CA ASN Z 94 -83.73 60.98 27.15
C ASN Z 94 -82.49 61.88 27.02
N ILE Z 95 -82.45 62.71 25.99
CA ILE Z 95 -81.29 63.62 25.77
C ILE Z 95 -81.20 64.62 26.92
N THR Z 96 -82.34 65.10 27.43
CA THR Z 96 -82.33 66.18 28.46
C THR Z 96 -81.58 65.73 29.74
N HIS Z 97 -81.81 64.50 30.18
CA HIS Z 97 -81.09 63.98 31.38
C HIS Z 97 -79.60 63.85 31.08
N ALA Z 98 -79.27 63.35 29.88
CA ALA Z 98 -77.84 63.14 29.51
C ALA Z 98 -77.11 64.49 29.50
N PHE Z 99 -77.72 65.53 28.95
CA PHE Z 99 -77.09 66.84 28.86
C PHE Z 99 -78.14 67.84 28.36
N SER Z 100 -77.70 69.07 28.16
CA SER Z 100 -78.57 70.12 27.58
C SER Z 100 -77.64 71.22 27.08
N ILE Z 101 -78.16 72.13 26.24
CA ILE Z 101 -77.30 73.17 25.64
C ILE Z 101 -77.54 74.47 26.43
N GLU Z 102 -76.55 74.90 27.23
CA GLU Z 102 -76.78 76.08 28.09
C GLU Z 102 -77.10 77.29 27.21
N ASN Z 103 -76.32 77.50 26.15
CA ASN Z 103 -76.57 78.62 25.20
C ASN Z 103 -76.39 78.07 23.78
N PHE Z 104 -77.11 78.62 22.80
CA PHE Z 104 -76.87 78.21 21.39
C PHE Z 104 -77.43 79.35 20.53
N ASP Z 105 -76.99 80.57 20.83
CA ASP Z 105 -77.50 81.74 20.06
C ASP Z 105 -76.67 81.90 18.78
N PHE Z 106 -77.33 82.04 17.64
CA PHE Z 106 -76.61 82.25 16.35
C PHE Z 106 -77.53 82.95 15.36
N GLU Z 107 -76.91 83.70 14.44
CA GLU Z 107 -77.70 84.45 13.44
C GLU Z 107 -77.85 83.61 12.18
N ILE Z 108 -79.04 83.63 11.59
CA ILE Z 108 -79.31 82.96 10.33
C ILE Z 108 -79.65 84.04 9.32
N LEU Z 109 -78.81 84.17 8.29
CA LEU Z 109 -79.10 85.16 7.23
C LEU Z 109 -80.11 84.54 6.26
N VAL Z 110 -81.28 85.16 6.13
CA VAL Z 110 -82.35 84.60 5.26
C VAL Z 110 -82.62 85.59 4.12
N ASP Z 111 -82.39 85.15 2.88
CA ASP Z 111 -82.65 86.03 1.72
C ASP Z 111 -84.03 85.71 1.15
N VAL Z 112 -84.99 86.62 1.31
CA VAL Z 112 -86.33 86.42 0.67
C VAL Z 112 -86.25 87.08 -0.70
N GLU Z 113 -86.24 86.28 -1.77
CA GLU Z 113 -86.03 86.88 -3.11
C GLU Z 113 -87.39 87.23 -3.73
N LEU Z 114 -87.56 88.49 -4.15
CA LEU Z 114 -88.83 88.90 -4.79
C LEU Z 114 -88.84 88.43 -6.25
N ASP Z 115 -89.96 88.60 -6.95
CA ASP Z 115 -89.98 88.24 -8.39
C ASP Z 115 -88.96 89.13 -9.10
N ASN Z 116 -88.89 90.40 -8.70
CA ASN Z 116 -87.86 91.31 -9.28
C ASN Z 116 -86.48 90.78 -8.88
N ARG Z 117 -85.48 90.92 -9.75
CA ARG Z 117 -84.14 90.34 -9.46
C ARG Z 117 -83.71 90.75 -8.05
N GLN Z 118 -83.95 92.02 -7.67
CA GLN Z 118 -83.63 92.48 -6.30
C GLN Z 118 -84.14 91.47 -5.28
N LYS Z 119 -83.34 91.19 -4.24
CA LYS Z 119 -83.76 90.25 -3.17
C LYS Z 119 -83.58 90.95 -1.83
N LEU Z 120 -84.35 90.57 -0.81
CA LEU Z 120 -84.26 91.25 0.50
C LEU Z 120 -83.53 90.34 1.50
N ASN Z 121 -82.48 90.87 2.12
CA ASN Z 121 -81.71 90.07 3.12
C ASN Z 121 -82.26 90.40 4.51
N PHE Z 122 -82.67 89.39 5.28
CA PHE Z 122 -83.12 89.64 6.67
C PHE Z 122 -82.33 88.72 7.61
N ASP Z 123 -81.78 89.28 8.69
CA ASP Z 123 -80.94 88.45 9.59
C ASP Z 123 -81.72 88.17 10.88
N LEU Z 124 -81.97 86.89 11.19
CA LEU Z 124 -82.70 86.55 12.43
C LEU Z 124 -81.73 85.88 13.41
N ASP Z 125 -81.70 86.36 14.66
CA ASP Z 125 -80.84 85.72 15.68
C ASP Z 125 -81.72 84.76 16.47
N VAL Z 126 -81.40 83.47 16.45
CA VAL Z 126 -82.18 82.47 17.24
C VAL Z 126 -81.30 81.97 18.37
N SER Z 127 -81.81 82.01 19.61
CA SER Z 127 -81.06 81.51 20.77
C SER Z 127 -81.77 80.28 21.32
N TYR Z 128 -81.05 79.40 22.02
CA TYR Z 128 -81.73 78.24 22.66
C TYR Z 128 -82.79 78.76 23.64
N LYS Z 129 -84.04 78.35 23.45
CA LYS Z 129 -85.14 78.80 24.36
C LYS Z 129 -85.40 77.69 25.39
N GLU Z 130 -85.65 76.48 24.92
CA GLU Z 130 -85.94 75.32 25.82
C GLU Z 130 -85.87 74.04 25.00
N THR Z 131 -86.19 72.89 25.60
CA THR Z 131 -86.25 71.63 24.81
C THR Z 131 -87.70 71.12 24.79
N GLU Z 132 -88.22 70.83 23.59
CA GLU Z 132 -89.61 70.31 23.47
C GLU Z 132 -89.62 68.82 23.80
N LYS Z 133 -90.41 68.42 24.80
CA LYS Z 133 -90.52 66.97 25.14
C LYS Z 133 -91.55 66.31 24.23
N ILE Z 134 -91.30 66.33 22.91
CA ILE Z 134 -92.30 65.75 21.95
C ILE Z 134 -92.54 64.30 22.40
N THR Z 135 -91.47 63.59 22.76
CA THR Z 135 -91.61 62.20 23.28
C THR Z 135 -90.60 62.04 24.42
N ASN Z 136 -90.80 61.06 25.31
CA ASN Z 136 -89.78 60.82 26.36
C ASN Z 136 -88.47 60.44 25.67
N SER Z 137 -88.56 59.61 24.62
CA SER Z 137 -87.35 59.18 23.88
C SER Z 137 -86.68 60.36 23.15
N GLN Z 138 -87.47 61.26 22.54
CA GLN Z 138 -86.84 62.34 21.72
C GLN Z 138 -87.24 63.73 22.22
N HIS Z 139 -86.26 64.62 22.41
CA HIS Z 139 -86.59 66.03 22.78
C HIS Z 139 -86.07 66.96 21.69
N ARG Z 140 -86.93 67.87 21.20
CA ARG Z 140 -86.51 68.78 20.10
C ARG Z 140 -86.14 70.16 20.67
N PHE Z 141 -84.89 70.58 20.46
CA PHE Z 141 -84.42 71.91 20.95
C PHE Z 141 -85.33 73.01 20.36
N ILE Z 142 -85.62 74.03 21.16
CA ILE Z 142 -86.46 75.16 20.68
C ILE Z 142 -85.58 76.42 20.62
N PHE Z 143 -85.58 77.12 19.49
CA PHE Z 143 -84.80 78.39 19.39
C PHE Z 143 -85.76 79.55 19.09
N THR Z 144 -85.65 80.63 19.87
CA THR Z 144 -86.56 81.79 19.68
C THR Z 144 -85.80 82.92 18.97
N ILE Z 145 -86.48 83.62 18.05
CA ILE Z 145 -85.85 84.75 17.37
C ILE Z 145 -85.83 85.94 18.31
N LYS Z 146 -84.64 86.47 18.55
CA LYS Z 146 -84.51 87.66 19.43
C LYS Z 146 -84.93 88.89 18.62
N ASN Z 147 -84.29 89.11 17.46
CA ASN Z 147 -84.59 90.31 16.64
C ASN Z 147 -85.77 90.04 15.69
N GLU Z 148 -86.97 89.85 16.25
CA GLU Z 148 -88.17 89.65 15.39
C GLU Z 148 -88.57 90.99 14.76
N ASP Z 149 -88.12 92.11 15.34
CA ASP Z 149 -88.40 93.40 14.74
C ASP Z 149 -87.83 93.50 13.33
N GLU Z 150 -86.59 93.03 13.14
CA GLU Z 150 -86.00 93.04 11.81
C GLU Z 150 -86.72 92.08 10.87
N ASN Z 151 -87.48 91.14 11.46
CA ASN Z 151 -88.14 90.09 10.64
C ASN Z 151 -89.65 90.32 10.55
N ILE Z 152 -90.13 91.54 10.80
CA ILE Z 152 -91.56 91.81 10.62
C ILE Z 152 -91.96 91.57 9.17
N GLY Z 153 -91.15 92.06 8.23
CA GLY Z 153 -91.41 91.76 6.83
C GLY Z 153 -91.22 90.29 6.50
N LEU Z 154 -90.37 89.61 7.28
CA LEU Z 154 -90.17 88.18 7.08
C LEU Z 154 -91.47 87.42 7.31
N LYS Z 155 -92.20 87.79 8.37
CA LYS Z 155 -93.50 87.12 8.66
C LYS Z 155 -94.45 87.38 7.49
N LYS Z 156 -94.50 88.63 7.00
CA LYS Z 156 -95.39 88.97 5.90
C LYS Z 156 -95.08 88.15 4.67
N TYR Z 157 -93.79 88.01 4.34
CA TYR Z 157 -93.43 87.18 3.20
C TYR Z 157 -93.74 85.71 3.44
N VAL Z 158 -93.55 85.24 4.67
CA VAL Z 158 -93.77 83.83 4.96
C VAL Z 158 -95.25 83.48 4.85
N ASP Z 159 -96.12 84.27 5.47
CA ASP Z 159 -97.55 83.98 5.37
C ASP Z 159 -98.15 84.47 4.06
N SER Z 160 -97.38 85.18 3.24
CA SER Z 160 -97.82 85.48 1.89
C SER Z 160 -97.85 84.24 1.01
N LEU Z 161 -97.17 83.17 1.44
CA LEU Z 161 -97.15 81.91 0.65
C LEU Z 161 -98.33 81.00 1.03
N SER Z 162 -98.60 80.00 0.20
CA SER Z 162 -99.72 79.05 0.46
C SER Z 162 -99.41 78.21 1.70
N ALA Z 163 -100.44 77.68 2.33
CA ALA Z 163 -100.27 76.91 3.56
C ALA Z 163 -99.32 75.75 3.34
N GLY Z 164 -99.47 75.06 2.20
CA GLY Z 164 -98.56 73.96 1.88
C GLY Z 164 -97.12 74.46 1.78
N LEU Z 165 -96.92 75.58 1.07
CA LEU Z 165 -95.58 76.14 0.94
C LEU Z 165 -95.03 76.55 2.29
N LYS Z 166 -95.88 77.15 3.12
CA LYS Z 166 -95.43 77.52 4.49
C LYS Z 166 -94.93 76.25 5.19
N ASN Z 167 -95.75 75.20 5.20
CA ASN Z 167 -95.37 73.97 5.87
C ASN Z 167 -94.07 73.43 5.32
N LEU Z 168 -93.92 73.51 3.99
CA LEU Z 168 -92.68 73.05 3.33
C LEU Z 168 -91.52 73.82 3.97
N LEU Z 169 -91.60 75.15 3.95
CA LEU Z 169 -90.52 76.00 4.53
C LEU Z 169 -90.26 75.53 5.97
N PHE Z 170 -91.32 75.40 6.77
CA PHE Z 170 -91.11 75.03 8.17
C PHE Z 170 -90.35 73.72 8.27
N LYS Z 171 -90.72 72.75 7.43
CA LYS Z 171 -90.03 71.44 7.43
C LYS Z 171 -88.55 71.65 7.08
N LYS Z 172 -88.28 72.36 5.98
CA LYS Z 172 -86.87 72.56 5.54
C LYS Z 172 -86.08 73.21 6.68
N ILE Z 173 -86.56 74.35 7.20
CA ILE Z 173 -85.79 75.08 8.24
C ILE Z 173 -85.62 74.16 9.46
N ASN Z 174 -86.65 73.38 9.79
CA ASN Z 174 -86.54 72.50 10.95
C ASN Z 174 -85.43 71.48 10.75
N GLN Z 175 -85.41 70.85 9.58
CA GLN Z 175 -84.35 69.85 9.27
C GLN Z 175 -82.99 70.55 9.36
N LYS Z 176 -82.84 71.68 8.67
CA LYS Z 176 -81.57 72.38 8.63
C LYS Z 176 -81.09 72.73 10.04
N LEU Z 177 -82.01 73.27 10.84
CA LEU Z 177 -81.66 73.65 12.24
C LEU Z 177 -81.25 72.38 13.00
N SER Z 178 -82.01 71.29 12.83
CA SER Z 178 -81.74 70.05 13.56
C SER Z 178 -80.37 69.49 13.20
N GLY Z 179 -80.05 69.45 11.90
CA GLY Z 179 -78.73 68.99 11.49
C GLY Z 179 -77.63 69.90 12.01
N TYR Z 180 -77.86 71.21 11.97
CA TYR Z 180 -76.87 72.16 12.47
C TYR Z 180 -76.58 71.92 13.94
N VAL Z 181 -77.63 71.87 14.77
CA VAL Z 181 -77.43 71.74 16.20
C VAL Z 181 -76.86 70.36 16.53
N SER Z 182 -77.30 69.31 15.82
CA SER Z 182 -76.78 67.98 16.08
C SER Z 182 -75.29 67.91 15.73
N GLU Z 183 -74.92 68.46 14.58
CA GLU Z 183 -73.47 68.48 14.21
C GLU Z 183 -72.70 69.22 15.31
N ILE Z 184 -73.18 70.40 15.71
CA ILE Z 184 -72.46 71.18 16.71
C ILE Z 184 -72.32 70.39 18.01
N ILE Z 185 -73.41 69.79 18.46
CA ILE Z 185 -73.39 69.16 19.83
C ILE Z 185 -72.69 67.79 19.86
N VAL Z 186 -72.99 66.90 18.92
CA VAL Z 186 -72.48 65.50 19.00
C VAL Z 186 -70.95 65.52 19.21
N LYS Z 187 -70.26 66.54 18.69
CA LYS Z 187 -68.78 66.58 18.75
C LYS Z 187 -68.34 66.81 20.19
N ASN Z 188 -69.13 67.57 20.96
CA ASN Z 188 -68.75 67.89 22.37
C ASN Z 188 -69.44 66.91 23.32
N ILE Z 189 -70.11 65.88 22.79
CA ILE Z 189 -70.88 64.98 23.70
C ILE Z 189 -70.35 63.54 23.58
N ASP Z 190 -69.83 62.98 24.67
CA ASP Z 190 -69.37 61.56 24.65
C ASP Z 190 -70.60 60.65 24.59
N ASP Z 191 -70.48 59.50 23.91
CA ASP Z 191 -71.65 58.59 23.75
C ASP Z 191 -72.00 57.95 25.09
N ILE Z 192 -73.30 57.87 25.41
CA ILE Z 192 -73.73 57.14 26.64
C ILE Z 192 -74.59 55.97 26.17
N GLU Z 193 -74.22 54.74 26.54
CA GLU Z 193 -74.99 53.56 26.09
C GLU Z 193 -75.86 53.06 27.25
N GLU Z 194 -77.17 52.97 27.03
CA GLU Z 194 -78.08 52.46 28.09
C GLU Z 194 -77.92 50.94 28.14
N LEU Z 195 -77.71 50.38 29.34
CA LEU Z 195 -77.65 48.88 29.42
C LEU Z 195 -78.89 48.38 28.68
N PHE Z 196 -79.97 49.17 28.68
CA PHE Z 196 -81.18 48.83 27.91
C PHE Z 196 -80.82 48.70 26.43
N LYS Z 202 -82.41 48.58 18.79
CA LYS Z 202 -82.48 48.01 20.16
C LYS Z 202 -81.35 48.59 21.01
N SER Z 203 -80.19 48.84 20.40
CA SER Z 203 -79.03 49.41 21.12
C SER Z 203 -78.83 50.87 20.67
N THR Z 204 -78.83 51.81 21.62
CA THR Z 204 -78.73 53.25 21.24
C THR Z 204 -77.56 53.91 21.98
N THR Z 205 -76.79 54.75 21.29
CA THR Z 205 -75.69 55.49 21.96
C THR Z 205 -76.13 56.96 22.05
N LEU Z 206 -75.73 57.67 23.11
CA LEU Z 206 -76.23 59.06 23.24
C LEU Z 206 -75.93 59.81 21.93
N HIS Z 207 -74.87 59.41 21.22
CA HIS Z 207 -74.60 60.03 19.89
C HIS Z 207 -75.81 59.84 18.99
N LYS Z 208 -76.28 58.58 18.88
CA LYS Z 208 -77.45 58.31 18.05
C LYS Z 208 -78.64 59.12 18.52
N GLU Z 209 -78.77 59.27 19.84
CA GLU Z 209 -79.85 60.12 20.41
C GLU Z 209 -79.69 61.53 19.83
N ILE Z 210 -78.48 62.08 19.87
CA ILE Z 210 -78.22 63.45 19.37
C ILE Z 210 -78.66 63.50 17.91
N LEU Z 211 -78.29 62.47 17.13
CA LEU Z 211 -78.65 62.45 15.68
C LEU Z 211 -80.18 62.48 15.55
N GLN Z 212 -80.88 61.66 16.33
CA GLN Z 212 -82.34 61.58 16.20
C GLN Z 212 -83.02 62.83 16.73
N THR Z 213 -82.48 63.39 17.81
CA THR Z 213 -83.10 64.60 18.41
C THR Z 213 -83.04 65.74 17.39
N ASP Z 214 -84.15 66.47 17.22
CA ASP Z 214 -84.21 67.57 16.23
C ASP Z 214 -84.32 68.91 16.96
N SER Z 215 -84.59 69.98 16.20
CA SER Z 215 -84.78 71.33 16.81
C SER Z 215 -85.77 72.13 15.95
N ARG Z 216 -86.57 72.99 16.56
CA ARG Z 216 -87.58 73.76 15.78
C ARG Z 216 -87.60 75.22 16.23
N LEU Z 217 -87.70 76.16 15.27
CA LEU Z 217 -87.71 77.61 15.60
C LEU Z 217 -89.12 78.01 16.04
N SER Z 218 -89.32 78.22 17.35
CA SER Z 218 -90.63 78.70 17.84
C SER Z 218 -90.62 80.23 17.88
N SER Z 219 -91.37 80.87 16.99
CA SER Z 219 -91.38 82.35 16.92
C SER Z 219 -92.69 82.84 16.31
N ASP Z 220 -93.02 84.11 16.53
CA ASP Z 220 -94.24 84.68 15.92
C ASP Z 220 -94.07 84.65 14.39
N ILE Z 221 -92.83 84.61 13.91
CA ILE Z 221 -92.61 84.68 12.43
C ILE Z 221 -92.93 83.32 11.83
N PHE Z 222 -92.69 82.24 12.59
CA PHE Z 222 -92.96 80.88 12.16
C PHE Z 222 -93.72 80.16 13.28
N LYS Z 223 -95.05 80.28 13.25
CA LYS Z 223 -95.88 79.67 14.32
C LYS Z 223 -96.11 78.18 14.03
N GLU Z 224 -96.00 77.77 12.76
CA GLU Z 224 -96.29 76.38 12.41
C GLU Z 224 -95.03 75.66 11.98
N ILE AA 3 -54.10 106.03 8.14
CA ILE AA 3 -54.77 104.86 7.50
C ILE AA 3 -55.71 104.18 8.51
N ARG AA 4 -57.01 104.23 8.28
CA ARG AA 4 -57.96 103.64 9.26
C ARG AA 4 -59.14 103.06 8.50
N ASN AA 5 -59.21 101.72 8.43
CA ASN AA 5 -60.39 101.10 7.79
C ASN AA 5 -61.61 101.54 8.61
N ARG AA 6 -62.64 102.03 7.93
CA ARG AA 6 -63.89 102.42 8.65
C ARG AA 6 -64.95 101.34 8.41
N LEU AA 7 -64.59 100.21 7.79
CA LEU AA 7 -65.62 99.15 7.64
C LEU AA 7 -66.34 99.02 8.98
N SER AA 8 -65.57 98.84 10.06
CA SER AA 8 -66.16 98.70 11.42
C SER AA 8 -67.14 99.85 11.67
N GLU AA 9 -66.67 101.10 11.53
CA GLU AA 9 -67.53 102.28 11.81
C GLU AA 9 -68.74 102.23 10.87
N LEU AA 10 -68.49 102.06 9.57
CA LEU AA 10 -69.57 102.02 8.58
C LEU AA 10 -70.65 101.02 8.97
N LEU AA 11 -70.21 99.83 9.41
CA LEU AA 11 -71.18 98.78 9.82
C LEU AA 11 -71.95 99.25 11.05
N SER AA 12 -71.28 99.90 12.01
CA SER AA 12 -71.99 100.43 13.17
C SER AA 12 -72.99 101.50 12.74
N GLU AA 13 -72.63 102.31 11.75
CA GLU AA 13 -73.56 103.28 11.19
C GLU AA 13 -74.79 102.60 10.61
N ARG AA 14 -74.59 101.59 9.77
CA ARG AA 14 -75.68 100.92 9.07
C ARG AA 14 -76.22 99.73 9.84
N GLY AA 15 -75.66 99.40 10.99
CA GLY AA 15 -76.14 98.30 11.80
C GLY AA 15 -75.95 96.95 11.14
N LEU AA 16 -75.19 96.91 10.05
CA LEU AA 16 -75.02 95.68 9.31
C LEU AA 16 -74.12 94.72 10.06
N LYS AA 17 -74.61 93.50 10.28
CA LYS AA 17 -73.78 92.47 10.97
C LYS AA 17 -72.62 92.08 10.06
N ILE AA 18 -71.47 91.73 10.64
CA ILE AA 18 -70.28 91.34 9.84
C ILE AA 18 -70.65 90.13 8.98
N SER AA 19 -71.37 89.16 9.56
CA SER AA 19 -71.73 87.92 8.82
C SER AA 19 -72.58 88.29 7.60
N ARG AA 20 -73.51 89.24 7.77
CA ARG AA 20 -74.40 89.64 6.65
C ARG AA 20 -73.54 90.19 5.52
N VAL AA 21 -72.60 91.07 5.84
CA VAL AA 21 -71.73 91.67 4.78
C VAL AA 21 -70.95 90.54 4.11
N ALA AA 22 -70.38 89.63 4.90
CA ALA AA 22 -69.51 88.57 4.32
C ALA AA 22 -70.33 87.74 3.33
N LYS AA 23 -71.57 87.40 3.67
CA LYS AA 23 -72.43 86.60 2.77
C LYS AA 23 -72.66 87.38 1.47
N ASP AA 24 -73.06 88.65 1.58
CA ASP AA 24 -73.39 89.45 0.40
C ASP AA 24 -72.19 89.63 -0.51
N VAL AA 25 -71.00 89.85 0.09
CA VAL AA 25 -69.78 90.14 -0.75
C VAL AA 25 -68.95 88.87 -0.95
N LYS AA 26 -69.47 87.71 -0.55
CA LYS AA 26 -68.78 86.44 -0.79
C LYS AA 26 -67.33 86.48 -0.30
N ILE AA 27 -67.15 87.02 0.91
CA ILE AA 27 -65.79 87.08 1.54
C ILE AA 27 -65.87 86.31 2.87
N ALA AA 28 -64.78 85.67 3.29
CA ALA AA 28 -64.76 84.90 4.52
C ALA AA 28 -65.11 85.77 5.71
N ARG AA 29 -65.94 85.24 6.62
CA ARG AA 29 -66.30 86.00 7.84
C ARG AA 29 -65.02 86.28 8.64
N SER AA 30 -64.15 85.28 8.79
CA SER AA 30 -62.94 85.46 9.60
C SER AA 30 -62.09 86.60 9.06
N SER AA 31 -61.82 86.60 7.76
CA SER AA 31 -61.02 87.67 7.17
C SER AA 31 -61.72 89.01 7.31
N LEU AA 32 -63.03 89.02 7.07
CA LEU AA 32 -63.78 90.31 7.12
C LEU AA 32 -63.73 90.86 8.55
N THR AA 33 -63.87 89.99 9.55
CA THR AA 33 -63.92 90.46 10.96
C THR AA 33 -62.51 90.90 11.39
N SER AA 34 -61.47 90.18 10.90
CA SER AA 34 -60.11 90.58 11.22
C SER AA 34 -59.78 91.93 10.62
N MET AA 35 -60.28 92.15 9.41
CA MET AA 35 -60.02 93.40 8.65
C MET AA 35 -60.96 94.52 9.14
N ALA AA 36 -62.03 94.17 9.87
CA ALA AA 36 -63.03 95.18 10.27
C ALA AA 36 -62.37 96.27 11.12
N GLN AA 37 -61.57 95.90 12.12
CA GLN AA 37 -60.94 96.91 13.01
C GLN AA 37 -59.57 97.29 12.44
N ASN AA 38 -59.35 97.02 11.15
CA ASN AA 38 -58.03 97.32 10.54
C ASN AA 38 -56.94 96.64 11.38
N ASP AA 39 -57.19 95.40 11.80
CA ASP AA 39 -56.17 94.64 12.59
C ASP AA 39 -55.15 94.07 11.60
N SER AA 40 -55.64 93.39 10.56
CA SER AA 40 -54.74 92.80 9.53
C SER AA 40 -53.99 93.92 8.81
N GLU AA 41 -52.71 93.71 8.50
CA GLU AA 41 -51.88 94.75 7.83
C GLU AA 41 -51.87 94.50 6.32
N MET AA 42 -52.67 93.53 5.84
CA MET AA 42 -52.77 93.29 4.38
C MET AA 42 -54.24 93.32 3.97
N ILE AA 43 -54.53 94.00 2.85
CA ILE AA 43 -55.93 94.10 2.33
C ILE AA 43 -55.94 93.76 0.84
N ARG AA 44 -56.89 92.93 0.41
CA ARG AA 44 -57.02 92.53 -0.98
C ARG AA 44 -57.78 93.59 -1.77
N TYR AA 45 -57.28 93.88 -2.98
CA TYR AA 45 -57.99 94.79 -3.87
C TYR AA 45 -59.41 94.31 -4.12
N ASP AA 46 -59.59 92.99 -4.24
CA ASP AA 46 -60.93 92.44 -4.42
C ASP AA 46 -61.81 92.77 -3.23
N ALA AA 47 -61.25 92.65 -2.03
CA ALA AA 47 -62.04 92.92 -0.81
C ALA AA 47 -62.54 94.37 -0.83
N ILE AA 48 -61.63 95.32 -1.01
CA ILE AA 48 -62.02 96.74 -0.96
C ILE AA 48 -62.98 97.06 -2.10
N ASP AA 49 -62.73 96.49 -3.28
CA ASP AA 49 -63.63 96.73 -4.43
C ASP AA 49 -65.03 96.26 -4.06
N LYS AA 50 -65.17 95.04 -3.57
CA LYS AA 50 -66.46 94.48 -3.23
C LYS AA 50 -67.13 95.29 -2.12
N LEU AA 51 -66.37 95.69 -1.12
CA LEU AA 51 -66.94 96.48 -0.03
C LEU AA 51 -67.43 97.84 -0.52
N CYS AA 52 -66.65 98.50 -1.37
CA CYS AA 52 -67.04 99.80 -1.89
C CYS AA 52 -68.28 99.70 -2.74
N SER AA 53 -68.34 98.73 -3.64
CA SER AA 53 -69.55 98.55 -4.45
C SER AA 53 -70.74 98.19 -3.57
N TYR AA 54 -70.53 97.31 -2.58
CA TYR AA 54 -71.63 96.85 -1.73
C TYR AA 54 -72.15 97.97 -0.84
N LEU AA 55 -71.24 98.78 -0.28
CA LEU AA 55 -71.64 99.85 0.62
C LEU AA 55 -71.94 101.15 -0.10
N HIS AA 56 -71.86 101.17 -1.43
CA HIS AA 56 -72.12 102.38 -2.22
C HIS AA 56 -71.24 103.53 -1.77
N ILE AA 57 -69.95 103.26 -1.60
CA ILE AA 57 -69.01 104.25 -1.10
C ILE AA 57 -67.77 104.28 -1.98
N SER AA 58 -67.11 105.43 -2.01
CA SER AA 58 -65.78 105.53 -2.58
C SER AA 58 -64.77 105.01 -1.56
N PRO AA 59 -63.55 104.58 -1.97
CA PRO AA 59 -62.59 104.00 -1.04
C PRO AA 59 -62.22 105.06 0.01
N SER AA 60 -62.64 106.31 -0.21
CA SER AA 60 -62.34 107.41 0.74
C SER AA 60 -63.00 107.11 2.09
N GLU AA 61 -64.25 106.64 2.07
CA GLU AA 61 -64.96 106.40 3.35
C GLU AA 61 -64.46 105.11 3.98
N PHE AA 62 -63.78 104.25 3.21
CA PHE AA 62 -63.22 103.00 3.77
C PHE AA 62 -61.85 103.32 4.37
N PHE AA 63 -60.96 103.90 3.59
CA PHE AA 63 -59.59 104.23 4.05
C PHE AA 63 -59.51 105.68 4.54
N GLU AA 64 -59.35 105.89 5.84
CA GLU AA 64 -59.16 107.27 6.36
C GLU AA 64 -57.67 107.47 6.63
N HIS AA 65 -57.00 108.37 5.91
CA HIS AA 65 -55.53 108.55 6.08
C HIS AA 65 -55.16 109.97 6.49
N ASN AA 66 -54.33 110.12 7.53
CA ASN AA 66 -53.84 111.46 7.94
C ASN AA 66 -52.37 111.55 7.50
N PRO AA 67 -51.98 112.47 6.60
CA PRO AA 67 -50.61 112.51 6.08
C PRO AA 67 -49.55 112.39 7.19
N ILE AA 68 -49.92 112.72 8.43
CA ILE AA 68 -48.95 112.68 9.57
C ILE AA 68 -48.53 111.23 9.84
N ASN AA 69 -47.25 111.01 10.15
CA ASN AA 69 -46.75 109.67 10.37
C ASN AA 69 -45.98 109.65 11.68
N PHE AA 70 -46.12 108.56 12.43
CA PHE AA 70 -45.45 108.40 13.70
C PHE AA 70 -44.56 107.18 13.65
N ASP AA 71 -43.30 107.34 14.05
CA ASP AA 71 -42.35 106.24 14.13
C ASP AA 71 -41.72 106.21 15.51
N PHE AA 72 -41.51 105.00 16.03
CA PHE AA 72 -41.09 104.80 17.41
C PHE AA 72 -39.84 103.93 17.42
N THR AA 73 -38.77 104.44 18.03
CA THR AA 73 -37.50 103.68 18.12
C THR AA 73 -37.11 103.54 19.59
N PHE AA 74 -36.89 102.31 20.06
CA PHE AA 74 -36.56 102.06 21.48
C PHE AA 74 -35.05 101.93 21.66
N ASP AA 75 -34.56 102.36 22.82
CA ASP AA 75 -33.13 102.26 23.14
C ASP AA 75 -32.64 100.83 22.94
N GLU AA 76 -31.47 100.71 22.31
CA GLU AA 76 -30.86 99.39 22.16
C GLU AA 76 -30.57 98.77 23.51
N GLU AA 77 -30.06 99.57 24.45
CA GLU AA 77 -29.84 99.12 25.82
C GLU AA 77 -30.66 99.96 26.77
N PRO AA 78 -31.64 99.38 27.46
CA PRO AA 78 -32.42 100.15 28.44
C PRO AA 78 -31.81 100.07 29.83
N ASN AA 79 -32.23 100.99 30.68
CA ASN AA 79 -31.79 101.03 32.08
C ASN AA 79 -32.77 100.25 32.92
N TYR AA 80 -32.51 98.95 33.13
CA TYR AA 80 -33.50 98.13 33.87
C TYR AA 80 -32.87 97.38 35.05
N LYS AA 81 -33.61 97.27 36.16
CA LYS AA 81 -33.14 96.49 37.33
C LYS AA 81 -34.22 95.46 37.66
N ILE AA 82 -33.84 94.22 38.00
CA ILE AA 82 -34.87 93.14 38.19
C ILE AA 82 -34.90 92.68 39.64
N ASN AA 83 -36.08 92.37 40.18
CA ASN AA 83 -36.19 91.79 41.55
C ASN AA 83 -37.07 90.54 41.45
N ASP AA 84 -36.52 89.36 41.76
CA ASP AA 84 -37.26 88.09 41.58
C ASP AA 84 -37.68 87.53 42.94
N VAL AA 85 -38.97 87.52 43.24
CA VAL AA 85 -39.47 86.93 44.53
C VAL AA 85 -39.47 85.40 44.41
N PHE AA 86 -39.85 84.88 43.24
CA PHE AA 86 -39.89 83.41 42.99
C PHE AA 86 -40.96 82.72 43.85
N GLU AA 87 -41.74 83.48 44.63
CA GLU AA 87 -42.69 82.82 45.51
C GLU AA 87 -44.08 83.40 45.30
N GLY AA 88 -45.08 82.51 45.20
CA GLY AA 88 -46.46 82.96 44.96
C GLY AA 88 -46.98 82.55 43.59
N PHE AA 89 -46.13 82.65 42.55
CA PHE AA 89 -46.57 82.34 41.16
C PHE AA 89 -47.09 80.91 41.08
N GLU AA 90 -46.47 80.00 41.83
CA GLU AA 90 -46.86 78.58 41.88
C GLU AA 90 -48.27 78.43 42.47
N VAL AA 91 -48.49 79.00 43.65
CA VAL AA 91 -49.82 78.94 44.31
C VAL AA 91 -50.87 79.49 43.35
N THR AA 92 -50.71 80.76 42.99
CA THR AA 92 -51.69 81.44 42.09
C THR AA 92 -50.91 81.94 40.88
N ALA AA 93 -51.50 81.90 39.68
CA ALA AA 93 -50.72 82.26 38.47
C ALA AA 93 -50.61 83.78 38.34
N ASN AA 94 -49.78 84.40 39.18
CA ASN AA 94 -49.58 85.87 39.11
C ASN AA 94 -48.08 86.16 38.91
N ILE AA 95 -47.73 86.81 37.81
CA ILE AA 95 -46.30 87.15 37.53
C ILE AA 95 -45.78 88.02 38.69
N THR AA 96 -46.63 88.93 39.19
CA THR AA 96 -46.21 89.82 40.31
C THR AA 96 -45.52 88.99 41.40
N HIS AA 97 -46.14 87.89 41.82
CA HIS AA 97 -45.57 87.05 42.90
C HIS AA 97 -44.23 86.47 42.44
N ALA AA 98 -44.14 86.11 41.16
CA ALA AA 98 -42.91 85.46 40.64
C ALA AA 98 -41.73 86.43 40.66
N PHE AA 99 -41.95 87.69 40.25
CA PHE AA 99 -40.90 88.68 40.20
C PHE AA 99 -41.53 90.02 39.86
N SER AA 100 -40.68 91.04 39.72
CA SER AA 100 -41.15 92.37 39.28
C SER AA 100 -39.90 93.12 38.77
N ILE AA 101 -40.11 94.23 38.07
CA ILE AA 101 -38.95 94.95 37.47
C ILE AA 101 -38.65 96.16 38.36
N GLU AA 102 -37.53 96.13 39.09
CA GLU AA 102 -37.26 97.23 40.06
C GLU AA 102 -37.16 98.56 39.29
N ASN AA 103 -36.43 98.58 38.18
CA ASN AA 103 -36.34 99.79 37.33
C ASN AA 103 -36.42 99.36 35.87
N PHE AA 104 -36.95 100.21 34.99
CA PHE AA 104 -36.94 99.87 33.55
C PHE AA 104 -37.10 101.20 32.81
N ASP AA 105 -36.24 102.16 33.15
CA ASP AA 105 -36.32 103.50 32.51
C ASP AA 105 -35.55 103.47 31.19
N PHE AA 106 -36.18 103.96 30.12
CA PHE AA 106 -35.51 104.01 28.79
C PHE AA 106 -36.15 105.08 27.93
N GLU AA 107 -35.36 105.64 27.02
CA GLU AA 107 -35.86 106.72 26.14
C GLU AA 107 -36.37 106.10 24.84
N ILE AA 108 -37.50 106.60 24.36
CA ILE AA 108 -38.05 106.19 23.07
C ILE AA 108 -38.03 107.42 22.16
N LEU AA 109 -37.25 107.34 21.09
CA LEU AA 109 -37.22 108.45 20.12
C LEU AA 109 -38.43 108.33 19.20
N VAL AA 110 -39.30 109.34 19.20
CA VAL AA 110 -40.54 109.29 18.37
C VAL AA 110 -40.45 110.40 17.31
N ASP AA 111 -40.46 110.01 16.04
CA ASP AA 111 -40.44 111.04 14.96
C ASP AA 111 -41.88 111.28 14.48
N VAL AA 112 -42.45 112.43 14.83
CA VAL AA 112 -43.79 112.78 14.28
C VAL AA 112 -43.53 113.50 12.95
N GLU AA 113 -43.92 112.89 11.83
CA GLU AA 113 -43.57 113.50 10.52
C GLU AA 113 -44.74 114.36 10.05
N LEU AA 114 -44.47 115.63 9.72
CA LEU AA 114 -45.53 116.53 9.22
C LEU AA 114 -45.78 116.22 7.74
N ASP AA 115 -46.80 116.85 7.14
CA ASP AA 115 -47.03 116.66 5.68
C ASP AA 115 -45.80 117.19 4.95
N ASN AA 116 -45.23 118.30 5.43
CA ASN AA 116 -43.98 118.84 4.85
C ASN AA 116 -42.87 117.81 5.09
N ARG AA 117 -41.94 117.68 4.15
CA ARG AA 117 -40.89 116.64 4.29
C ARG AA 117 -40.27 116.73 5.69
N GLN AA 118 -40.01 117.95 6.17
CA GLN AA 118 -39.47 118.14 7.55
C GLN AA 118 -40.26 117.28 8.52
N LYS AA 119 -39.57 116.65 9.47
CA LYS AA 119 -40.25 115.83 10.51
C LYS AA 119 -39.75 116.28 11.88
N LEU AA 120 -40.55 116.11 12.93
CA LEU AA 120 -40.17 116.60 14.28
C LEU AA 120 -39.77 115.41 15.16
N ASN AA 121 -38.56 115.44 15.71
CA ASN AA 121 -38.08 114.34 16.59
C ASN AA 121 -38.41 114.71 18.04
N PHE AA 122 -39.12 113.84 18.77
CA PHE AA 122 -39.37 114.10 20.20
C PHE AA 122 -38.92 112.88 21.00
N ASP AA 123 -38.13 113.11 22.06
CA ASP AA 123 -37.62 111.98 22.89
C ASP AA 123 -38.47 111.89 24.16
N LEU AA 124 -39.06 110.73 24.41
CA LEU AA 124 -39.81 110.53 25.69
C LEU AA 124 -39.09 109.49 26.54
N ASP AA 125 -38.84 109.80 27.81
CA ASP AA 125 -38.22 108.80 28.70
C ASP AA 125 -39.35 108.15 29.50
N VAL AA 126 -39.50 106.84 29.35
CA VAL AA 126 -40.56 106.12 30.13
C VAL AA 126 -39.86 105.22 31.16
N SER AA 127 -40.27 105.34 32.43
CA SER AA 127 -39.67 104.49 33.49
C SER AA 127 -40.77 103.55 34.01
N TYR AA 128 -40.38 102.40 34.59
CA TYR AA 128 -41.39 101.52 35.21
C TYR AA 128 -42.14 102.29 36.29
N LYS AA 129 -43.47 102.37 36.18
CA LYS AA 129 -44.28 103.09 37.20
C LYS AA 129 -44.87 102.06 38.17
N GLU AA 130 -45.57 101.05 37.64
CA GLU AA 130 -46.21 100.01 38.48
C GLU AA 130 -46.65 98.86 37.56
N THR AA 131 -47.34 97.86 38.11
CA THR AA 131 -47.88 96.78 37.24
C THR AA 131 -49.41 96.83 37.30
N GLU AA 132 -50.07 96.85 36.14
CA GLU AA 132 -51.56 96.88 36.10
C GLU AA 132 -52.09 95.45 36.33
N LYS AA 133 -52.92 95.28 37.35
CA LYS AA 133 -53.53 93.94 37.60
C LYS AA 133 -54.78 93.77 36.72
N ILE AA 134 -54.59 93.70 35.40
CA ILE AA 134 -55.77 93.62 34.47
C ILE AA 134 -56.56 92.36 34.85
N THR AA 135 -55.86 91.26 35.14
CA THR AA 135 -56.54 90.03 35.60
C THR AA 135 -55.71 89.43 36.74
N ASN AA 136 -56.34 88.67 37.64
CA ASN AA 136 -55.60 88.04 38.77
C ASN AA 136 -54.47 87.18 38.22
N SER AA 137 -54.49 86.88 36.91
CA SER AA 137 -53.48 86.01 36.32
C SER AA 137 -52.51 86.74 35.41
N GLN AA 138 -52.96 87.79 34.73
CA GLN AA 138 -52.12 88.55 33.82
C GLN AA 138 -51.96 89.97 34.35
N HIS AA 139 -50.71 90.46 34.35
CA HIS AA 139 -50.43 91.83 34.86
C HIS AA 139 -49.65 92.61 33.79
N ARG AA 140 -50.06 93.84 33.51
CA ARG AA 140 -49.39 94.63 32.45
C ARG AA 140 -48.51 95.72 33.07
N PHE AA 141 -47.21 95.72 32.73
CA PHE AA 141 -46.28 96.75 33.28
C PHE AA 141 -46.75 98.14 32.85
N ILE AA 142 -46.62 99.13 33.73
CA ILE AA 142 -47.01 100.52 33.40
C ILE AA 142 -45.74 101.38 33.36
N PHE AA 143 -45.55 102.14 32.28
CA PHE AA 143 -44.37 103.05 32.21
C PHE AA 143 -44.86 104.50 32.07
N THR AA 144 -44.31 105.40 32.90
CA THR AA 144 -44.75 106.81 32.88
C THR AA 144 -43.67 107.66 32.18
N ILE AA 145 -44.09 108.64 31.38
CA ILE AA 145 -43.15 109.52 30.73
C ILE AA 145 -42.64 110.54 31.74
N LYS AA 146 -41.33 110.58 31.93
CA LYS AA 146 -40.72 111.57 32.86
C LYS AA 146 -40.71 112.94 32.17
N ASN AA 147 -40.10 113.02 30.99
CA ASN AA 147 -39.98 114.32 30.27
C ASN AA 147 -41.23 114.57 29.42
N GLU AA 148 -42.39 114.77 30.05
CA GLU AA 148 -43.62 115.10 29.29
C GLU AA 148 -43.54 116.54 28.78
N ASP AA 149 -42.68 117.37 29.40
CA ASP AA 149 -42.52 118.73 28.92
C ASP AA 149 -42.01 118.75 27.48
N GLU AA 150 -41.05 117.89 27.15
CA GLU AA 150 -40.56 117.80 25.78
C GLU AA 150 -41.63 117.27 24.85
N ASN AA 151 -42.64 116.61 25.42
CA ASN AA 151 -43.67 115.95 24.58
C ASN AA 151 -45.01 116.70 24.63
N ILE AA 152 -45.00 117.98 25.01
CA ILE AA 152 -46.24 118.75 24.96
C ILE AA 152 -46.77 118.81 23.54
N GLY AA 153 -45.89 119.07 22.57
CA GLY AA 153 -46.30 119.02 21.18
C GLY AA 153 -46.67 117.61 20.74
N LEU AA 154 -46.09 116.60 21.40
CA LEU AA 154 -46.45 115.22 21.08
C LEU AA 154 -47.91 114.95 21.36
N LYS AA 155 -48.41 115.46 22.49
CA LYS AA 155 -49.84 115.27 22.84
C LYS AA 155 -50.70 115.97 21.78
N LYS AA 156 -50.31 117.19 21.39
CA LYS AA 156 -51.07 117.94 20.40
C LYS AA 156 -51.14 117.16 19.08
N TYR AA 157 -50.02 116.62 18.64
CA TYR AA 157 -50.02 115.83 17.42
C TYR AA 157 -50.83 114.54 17.59
N VAL AA 158 -50.77 113.91 18.75
CA VAL AA 158 -51.48 112.66 18.97
C VAL AA 158 -52.98 112.87 18.94
N ASP AA 159 -53.48 113.85 19.70
CA ASP AA 159 -54.91 114.11 19.69
C ASP AA 159 -55.36 114.90 18.47
N SER AA 160 -54.42 115.36 17.64
CA SER AA 160 -54.80 115.92 16.34
C SER AA 160 -55.33 114.86 15.40
N LEU AA 161 -55.06 113.59 15.69
CA LEU AA 161 -55.54 112.47 14.81
C LEU AA 161 -56.94 112.02 15.24
N SER AA 162 -57.60 111.27 14.36
CA SER AA 162 -58.97 110.77 14.65
C SER AA 162 -58.92 109.74 15.79
N ALA AA 163 -60.04 109.57 16.47
CA ALA AA 163 -60.10 108.68 17.61
C ALA AA 163 -59.64 107.27 17.24
N GLY AA 164 -60.09 106.80 16.07
CA GLY AA 164 -59.66 105.47 15.60
C GLY AA 164 -58.14 105.44 15.42
N LEU AA 165 -57.59 106.47 14.78
CA LEU AA 165 -56.14 106.53 14.57
C LEU AA 165 -55.40 106.59 15.90
N LYS AA 166 -55.94 107.37 16.85
CA LYS AA 166 -55.32 107.43 18.19
C LYS AA 166 -55.28 106.01 18.76
N ASN AA 167 -56.43 105.33 18.76
CA ASN AA 167 -56.49 103.97 19.32
C ASN AA 167 -55.50 103.05 18.62
N LEU AA 168 -55.40 103.21 17.30
CA LEU AA 168 -54.45 102.40 16.50
C LEU AA 168 -53.06 102.64 17.09
N LEU AA 169 -52.64 103.91 17.18
CA LEU AA 169 -51.30 104.26 17.73
C LEU AA 169 -51.16 103.59 19.09
N PHE AA 170 -52.15 103.77 19.98
CA PHE AA 170 -52.02 103.23 21.33
C PHE AA 170 -51.78 101.73 21.28
N LYS AA 171 -52.52 101.04 20.40
CA LYS AA 171 -52.35 99.58 20.26
C LYS AA 171 -50.92 99.28 19.80
N LYS AA 172 -50.46 99.94 18.73
CA LYS AA 172 -49.09 99.67 18.20
C LYS AA 172 -48.07 99.89 19.31
N ILE AA 173 -48.09 101.06 19.94
CA ILE AA 173 -47.05 101.38 20.97
C ILE AA 173 -47.16 100.34 22.10
N ASN AA 174 -48.38 99.95 22.47
CA ASN AA 174 -48.54 98.99 23.55
C ASN AA 174 -47.89 97.66 23.19
N GLN AA 175 -48.15 97.18 21.97
CA GLN AA 175 -47.54 95.91 21.52
C GLN AA 175 -46.02 96.06 21.54
N LYS AA 176 -45.52 97.13 20.93
CA LYS AA 176 -44.07 97.32 20.83
C LYS AA 176 -43.43 97.33 22.21
N LEU AA 177 -44.05 98.10 23.13
CA LEU AA 177 -43.52 98.19 24.51
C LEU AA 177 -43.57 96.80 25.15
N SER AA 178 -44.67 96.07 24.96
CA SER AA 178 -44.83 94.76 25.58
C SER AA 178 -43.77 93.79 25.07
N GLY AA 179 -43.56 93.75 23.76
CA GLY AA 179 -42.52 92.90 23.21
C GLY AA 179 -41.14 93.29 23.71
N TYR AA 180 -40.88 94.60 23.77
CA TYR AA 180 -39.58 95.09 24.25
C TYR AA 180 -39.33 94.62 25.68
N VAL AA 181 -40.28 94.87 26.57
CA VAL AA 181 -40.07 94.54 27.97
C VAL AA 181 -40.03 93.02 28.16
N SER AA 182 -40.85 92.28 27.43
CA SER AA 182 -40.82 90.82 27.53
C SER AA 182 -39.49 90.26 27.07
N GLU AA 183 -38.99 90.75 25.93
CA GLU AA 183 -37.66 90.30 25.46
C GLU AA 183 -36.63 90.60 26.53
N ILE AA 184 -36.62 91.83 27.05
CA ILE AA 184 -35.63 92.21 28.04
C ILE AA 184 -35.72 91.30 29.27
N ILE AA 185 -36.93 91.08 29.78
CA ILE AA 185 -37.07 90.37 31.08
C ILE AA 185 -36.90 88.85 30.96
N VAL AA 186 -37.56 88.21 29.98
CA VAL AA 186 -37.57 86.71 29.93
C VAL AA 186 -36.14 86.17 30.01
N LYS AA 187 -35.15 86.92 29.50
CA LYS AA 187 -33.75 86.43 29.46
C LYS AA 187 -33.19 86.35 30.88
N ASN AA 188 -33.61 87.26 31.75
CA ASN AA 188 -33.08 87.31 33.14
C ASN AA 188 -34.03 86.54 34.07
N ILE AA 189 -35.03 85.86 33.54
CA ILE AA 189 -36.04 85.19 34.41
C ILE AA 189 -36.11 83.69 34.07
N ASP AA 190 -36.29 82.84 35.08
CA ASP AA 190 -36.42 81.38 34.84
C ASP AA 190 -37.90 81.00 34.80
N ASP AA 191 -38.22 79.84 34.24
CA ASP AA 191 -39.64 79.39 34.11
C ASP AA 191 -40.05 78.66 35.39
N ILE AA 192 -41.10 79.15 36.06
CA ILE AA 192 -41.60 78.48 37.30
C ILE AA 192 -42.82 77.62 36.93
N GLU AA 193 -42.74 76.31 37.16
CA GLU AA 193 -43.90 75.42 36.90
C GLU AA 193 -44.71 75.27 38.19
N GLU AA 194 -46.02 75.50 38.15
CA GLU AA 194 -46.83 75.46 39.40
C GLU AA 194 -47.01 74.01 39.84
N LEU AA 195 -46.74 73.72 41.12
CA LEU AA 195 -46.98 72.34 41.63
C LEU AA 195 -48.45 72.07 41.35
N PHE AA 196 -49.28 73.12 41.47
CA PHE AA 196 -50.74 73.02 41.23
C PHE AA 196 -51.00 72.62 39.78
N LYS AA 202 -53.45 73.11 33.96
CA LYS AA 202 -53.37 73.83 35.26
C LYS AA 202 -51.96 74.39 35.45
N SER AA 203 -50.93 73.56 35.30
CA SER AA 203 -49.56 74.01 35.49
C SER AA 203 -49.19 75.07 34.47
N THR AA 204 -48.47 76.10 34.92
CA THR AA 204 -48.12 77.23 34.02
C THR AA 204 -46.61 77.44 34.03
N THR AA 205 -46.05 77.99 32.95
CA THR AA 205 -44.59 78.27 32.91
C THR AA 205 -44.42 79.79 32.99
N LEU AA 206 -43.43 80.25 33.75
CA LEU AA 206 -43.26 81.72 33.96
C LEU AA 206 -42.76 82.37 32.66
N HIS AA 207 -41.90 81.69 31.90
CA HIS AA 207 -41.48 82.30 30.61
C HIS AA 207 -42.74 82.64 29.80
N LYS AA 208 -43.62 81.65 29.64
CA LYS AA 208 -44.85 81.89 28.89
C LYS AA 208 -45.65 83.03 29.51
N GLU AA 209 -45.65 83.12 30.84
CA GLU AA 209 -46.32 84.24 31.50
C GLU AA 209 -45.69 85.57 31.12
N ILE AA 210 -44.36 85.58 31.05
CA ILE AA 210 -43.64 86.83 30.62
C ILE AA 210 -44.11 87.16 29.20
N LEU AA 211 -44.18 86.15 28.33
CA LEU AA 211 -44.59 86.39 26.93
C LEU AA 211 -46.01 86.97 26.91
N GLN AA 212 -46.93 86.39 27.69
CA GLN AA 212 -48.32 86.85 27.67
C GLN AA 212 -48.48 88.20 28.33
N THR AA 213 -47.72 88.42 29.41
CA THR AA 213 -47.82 89.72 30.15
C THR AA 213 -47.39 90.85 29.21
N ASP AA 214 -48.18 91.94 29.18
CA ASP AA 214 -47.89 93.08 28.28
C ASP AA 214 -47.46 94.29 29.09
N SER AA 215 -47.39 95.46 28.44
CA SER AA 215 -47.03 96.71 29.15
C SER AA 215 -47.70 97.89 28.43
N ARG AA 216 -48.10 98.93 29.16
CA ARG AA 216 -48.81 100.07 28.51
C ARG AA 216 -48.27 101.41 29.07
N LEU AA 217 -48.08 102.40 28.20
CA LEU AA 217 -47.54 103.72 28.62
C LEU AA 217 -48.69 104.55 29.21
N SER AA 218 -48.73 104.70 30.53
CA SER AA 218 -49.76 105.57 31.16
C SER AA 218 -49.19 106.98 31.31
N SER AA 219 -49.70 107.92 30.52
CA SER AA 219 -49.17 109.31 30.55
C SER AA 219 -50.25 110.29 30.10
N ASP AA 220 -50.08 111.57 30.43
CA ASP AA 220 -51.05 112.59 29.94
C ASP AA 220 -50.98 112.65 28.42
N ILE AA 221 -49.86 112.22 27.84
CA ILE AA 221 -49.70 112.34 26.36
C ILE AA 221 -50.53 111.24 25.70
N PHE AA 222 -50.65 110.08 26.36
CA PHE AA 222 -51.42 108.95 25.85
C PHE AA 222 -52.33 108.45 26.97
N LYS AA 223 -53.51 109.05 27.08
CA LYS AA 223 -54.46 108.68 28.12
C LYS AA 223 -55.31 107.47 27.75
N GLU AA 224 -55.35 107.08 26.48
CA GLU AA 224 -56.15 105.94 26.06
C GLU AA 224 -55.25 104.84 25.48
N ILE BA 3 -6.75 118.59 20.42
CA ILE BA 3 -7.84 117.81 19.72
C ILE BA 3 -8.91 117.39 20.72
N ARG BA 4 -10.12 117.95 20.61
CA ARG BA 4 -11.17 117.63 21.59
C ARG BA 4 -12.51 117.59 20.87
N ASN BA 5 -13.08 116.40 20.68
CA ASN BA 5 -14.42 116.34 20.07
C ASN BA 5 -15.36 117.07 21.02
N ARG BA 6 -16.16 118.00 20.48
CA ARG BA 6 -17.16 118.71 21.33
C ARG BA 6 -18.55 118.12 21.07
N LEU BA 7 -18.66 117.02 20.31
CA LEU BA 7 -20.01 116.44 20.13
C LEU BA 7 -20.67 116.41 21.52
N SER BA 8 -19.99 115.82 22.50
CA SER BA 8 -20.54 115.74 23.87
C SER BA 8 -21.01 117.12 24.32
N GLU BA 9 -20.12 118.13 24.28
CA GLU BA 9 -20.48 119.49 24.75
C GLU BA 9 -21.65 120.00 23.90
N LEU BA 10 -21.53 119.92 22.57
CA LEU BA 10 -22.58 120.40 21.68
C LEU BA 10 -23.93 119.80 22.05
N LEU BA 11 -23.96 118.49 22.33
CA LEU BA 11 -25.22 117.82 22.69
C LEU BA 11 -25.72 118.38 24.03
N SER BA 12 -24.83 118.62 24.99
CA SER BA 12 -25.25 119.22 26.25
C SER BA 12 -25.81 120.62 26.01
N GLU BA 13 -25.21 121.37 25.09
CA GLU BA 13 -25.74 122.68 24.72
C GLU BA 13 -27.16 122.56 24.17
N ARG BA 14 -27.37 121.66 23.21
CA ARG BA 14 -28.64 121.51 22.53
C ARG BA 14 -29.57 120.52 23.22
N GLY BA 15 -29.12 119.86 24.28
CA GLY BA 15 -29.95 118.93 25.00
C GLY BA 15 -30.29 117.68 24.21
N LEU BA 16 -29.63 117.51 23.06
CA LEU BA 16 -29.96 116.40 22.18
C LEU BA 16 -29.44 115.09 22.75
N LYS BA 17 -30.34 114.12 22.89
CA LYS BA 17 -29.92 112.79 23.40
C LYS BA 17 -29.02 112.12 22.37
N ILE BA 18 -28.05 111.31 22.81
CA ILE BA 18 -27.13 110.63 21.86
C ILE BA 18 -27.96 109.75 20.92
N SER BA 19 -28.94 109.03 21.47
CA SER BA 19 -29.76 108.11 20.64
C SER BA 19 -30.46 108.91 19.53
N ARG BA 20 -30.96 110.10 19.88
CA ARG BA 20 -31.68 110.93 18.88
C ARG BA 20 -30.72 111.27 17.74
N VAL BA 21 -29.52 111.71 18.07
CA VAL BA 21 -28.53 112.08 17.02
C VAL BA 21 -28.25 110.83 16.18
N ALA BA 22 -28.02 109.68 16.82
CA ALA BA 22 -27.63 108.46 16.06
C ALA BA 22 -28.72 108.12 15.05
N LYS BA 23 -29.99 108.21 15.47
CA LYS BA 23 -31.12 107.89 14.56
C LYS BA 23 -31.10 108.86 13.37
N ASP BA 24 -31.00 110.17 13.63
CA ASP BA 24 -31.05 111.16 12.58
C ASP BA 24 -29.90 111.01 11.60
N VAL BA 25 -28.69 110.71 12.11
CA VAL BA 25 -27.49 110.65 11.22
C VAL BA 25 -27.19 109.20 10.82
N LYS BA 26 -28.08 108.26 11.13
CA LYS BA 26 -27.91 106.87 10.72
C LYS BA 26 -26.53 106.32 11.09
N ILE BA 27 -26.13 106.60 12.34
CA ILE BA 27 -24.82 106.09 12.86
C ILE BA 27 -25.13 105.26 14.11
N ALA BA 28 -24.33 104.22 14.38
CA ALA BA 28 -24.55 103.33 15.50
C ALA BA 28 -24.51 104.12 16.81
N ARG BA 29 -25.44 103.82 17.72
CA ARG BA 29 -25.45 104.50 19.04
C ARG BA 29 -24.13 104.19 19.75
N SER BA 30 -23.69 102.93 19.72
CA SER BA 30 -22.47 102.57 20.45
C SER BA 30 -21.28 103.38 19.98
N SER BA 31 -21.08 103.44 18.66
CA SER BA 31 -19.96 104.22 18.12
C SER BA 31 -20.12 105.69 18.46
N LEU BA 32 -21.34 106.21 18.32
CA LEU BA 32 -21.55 107.66 18.56
C LEU BA 32 -21.25 107.97 20.03
N THR BA 33 -21.67 107.08 20.95
CA THR BA 33 -21.49 107.38 22.40
C THR BA 33 -20.00 107.21 22.75
N SER BA 34 -19.33 106.24 22.12
CA SER BA 34 -17.89 106.08 22.36
C SER BA 34 -17.12 107.29 21.88
N MET BA 35 -17.55 107.82 20.73
CA MET BA 35 -16.87 108.98 20.10
C MET BA 35 -17.32 110.28 20.77
N ALA BA 36 -18.41 110.24 21.55
CA ALA BA 36 -18.95 111.50 22.12
C ALA BA 36 -17.92 112.17 23.04
N GLN BA 37 -17.27 111.41 23.93
CA GLN BA 37 -16.28 112.01 24.86
C GLN BA 37 -14.88 111.93 24.23
N ASN BA 38 -14.83 111.77 22.90
CA ASN BA 38 -13.51 111.65 22.21
C ASN BA 38 -12.73 110.52 22.90
N ASP BA 39 -13.39 109.41 23.21
CA ASP BA 39 -12.69 108.26 23.83
C ASP BA 39 -12.00 107.47 22.70
N SER BA 40 -12.74 107.15 21.65
CA SER BA 40 -12.16 106.42 20.49
C SER BA 40 -11.06 107.27 19.84
N GLU BA 41 -9.97 106.64 19.41
CA GLU BA 41 -8.85 107.39 18.78
C GLU BA 41 -8.98 107.34 17.25
N MET BA 42 -10.10 106.80 16.75
CA MET BA 42 -10.32 106.79 15.28
C MET BA 42 -11.70 107.40 14.99
N ILE BA 43 -11.76 108.27 13.98
CA ILE BA 43 -13.04 108.94 13.59
C ILE BA 43 -13.23 108.81 12.07
N ARG BA 44 -14.43 108.44 11.64
CA ARG BA 44 -14.76 108.29 10.22
C ARG BA 44 -15.09 109.64 9.62
N TYR BA 45 -14.57 109.88 8.41
CA TYR BA 45 -14.93 111.09 7.67
C TYR BA 45 -16.44 111.19 7.49
N ASP BA 46 -17.09 110.04 7.24
CA ASP BA 46 -18.55 110.04 7.11
C ASP BA 46 -19.20 110.52 8.40
N ALA BA 47 -18.68 110.05 9.54
CA ALA BA 47 -19.27 110.44 10.83
C ALA BA 47 -19.20 111.96 10.99
N ILE BA 48 -18.01 112.54 10.84
CA ILE BA 48 -17.85 113.97 11.08
C ILE BA 48 -18.66 114.77 10.05
N ASP BA 49 -18.68 114.29 8.81
CA ASP BA 49 -19.48 114.98 7.75
C ASP BA 49 -20.94 115.02 8.19
N LYS BA 50 -21.49 113.86 8.56
CA LYS BA 50 -22.89 113.77 8.95
C LYS BA 50 -23.18 114.63 10.17
N LEU BA 51 -22.28 114.60 11.15
CA LEU BA 51 -22.50 115.39 12.36
C LEU BA 51 -22.47 116.88 12.05
N CYS BA 52 -21.53 117.32 11.21
CA CYS BA 52 -21.42 118.73 10.87
C CYS BA 52 -22.66 119.20 10.11
N SER BA 53 -23.10 118.43 9.13
CA SER BA 53 -24.31 118.79 8.40
C SER BA 53 -25.52 118.79 9.33
N TYR BA 54 -25.61 117.77 10.20
CA TYR BA 54 -26.77 117.65 11.08
C TYR BA 54 -26.80 118.75 12.12
N LEU BA 55 -25.66 119.10 12.68
CA LEU BA 55 -25.59 120.12 13.73
C LEU BA 55 -25.43 121.53 13.17
N HIS BA 56 -25.38 121.68 11.84
CA HIS BA 56 -25.23 122.99 11.20
C HIS BA 56 -23.96 123.68 11.70
N ILE BA 57 -22.85 122.94 11.73
CA ILE BA 57 -21.60 123.45 12.27
C ILE BA 57 -20.47 123.15 11.28
N SER BA 58 -19.43 123.98 11.33
CA SER BA 58 -18.18 123.67 10.68
C SER BA 58 -17.40 122.69 11.55
N PRO BA 59 -16.44 121.90 11.00
CA PRO BA 59 -15.72 120.91 11.79
C PRO BA 59 -14.95 121.62 12.91
N SER BA 60 -14.89 122.96 12.84
CA SER BA 60 -14.17 123.75 13.88
C SER BA 60 -14.85 123.54 15.24
N GLU BA 61 -16.18 123.56 15.28
CA GLU BA 61 -16.89 123.43 16.57
C GLU BA 61 -16.87 121.97 17.03
N PHE BA 62 -16.58 121.04 16.12
CA PHE BA 62 -16.50 119.61 16.50
C PHE BA 62 -15.09 119.33 17.03
N PHE BA 63 -14.07 119.65 16.23
CA PHE BA 63 -12.65 119.40 16.62
C PHE BA 63 -12.04 120.66 17.24
N GLU BA 64 -11.76 120.63 18.55
CA GLU BA 64 -11.07 121.77 19.19
C GLU BA 64 -9.60 121.39 19.36
N HIS BA 65 -8.67 122.08 18.68
CA HIS BA 65 -7.23 121.68 18.75
C HIS BA 65 -6.35 122.81 19.28
N ASN BA 66 -5.49 122.53 20.26
CA ASN BA 66 -4.52 123.53 20.76
C ASN BA 66 -3.15 123.14 20.22
N PRO BA 67 -2.47 123.96 19.39
CA PRO BA 67 -1.20 123.57 18.78
C PRO BA 67 -0.22 122.93 19.78
N ILE BA 68 -0.40 123.21 21.07
CA ILE BA 68 0.53 122.70 22.11
C ILE BA 68 0.40 121.18 22.20
N ASN BA 69 1.52 120.47 22.38
CA ASN BA 69 1.50 119.02 22.42
C ASN BA 69 2.25 118.56 23.66
N PHE BA 70 1.75 117.51 24.29
CA PHE BA 70 2.36 116.96 25.50
C PHE BA 70 2.74 115.51 25.25
N ASP BA 71 4.00 115.20 25.56
CA ASP BA 71 4.51 113.82 25.41
C ASP BA 71 5.02 113.38 26.79
N PHE BA 72 4.86 112.10 27.14
CA PHE BA 72 5.23 111.60 28.46
C PHE BA 72 6.06 110.34 28.27
N THR BA 73 7.26 110.36 28.84
CA THR BA 73 8.13 109.15 28.73
C THR BA 73 8.54 108.72 30.14
N PHE BA 74 8.31 107.45 30.48
CA PHE BA 74 8.57 106.93 31.85
C PHE BA 74 9.94 106.25 31.89
N ASP BA 75 10.60 106.31 33.05
CA ASP BA 75 11.90 105.68 33.24
C ASP BA 75 11.82 104.20 32.85
N GLU BA 76 12.84 103.73 32.13
CA GLU BA 76 12.92 102.32 31.79
C GLU BA 76 13.01 101.47 33.05
N GLU BA 77 13.81 101.91 34.02
CA GLU BA 77 13.91 101.23 35.32
C GLU BA 77 13.47 102.21 36.41
N PRO BA 78 12.38 101.94 37.11
CA PRO BA 78 11.98 102.79 38.23
C PRO BA 78 12.56 102.33 39.55
N ASN BA 79 12.54 103.24 40.52
CA ASN BA 79 13.02 102.93 41.87
C ASN BA 79 11.84 102.46 42.71
N TYR BA 80 11.63 101.14 42.76
CA TYR BA 80 10.42 100.65 43.48
C TYR BA 80 10.78 99.58 44.53
N LYS BA 81 10.10 99.60 45.68
CA LYS BA 81 10.29 98.57 46.73
C LYS BA 81 8.92 97.96 47.03
N ILE BA 82 8.82 96.64 47.20
CA ILE BA 82 7.49 96.00 47.37
C ILE BA 82 7.34 95.38 48.77
N ASN BA 83 6.14 95.47 49.36
CA ASN BA 83 5.88 94.80 50.66
C ASN BA 83 4.60 93.97 50.51
N ASP BA 84 4.69 92.65 50.65
CA ASP BA 84 3.53 91.76 50.40
C ASP BA 84 2.99 91.22 51.73
N VAL BA 85 1.78 91.65 52.13
CA VAL BA 85 1.15 91.12 53.38
C VAL BA 85 0.58 89.72 53.10
N PHE BA 86 -0.01 89.52 51.92
CA PHE BA 86 -0.59 88.21 51.52
C PHE BA 86 -1.80 87.85 52.39
N GLU BA 87 -2.30 88.79 53.20
CA GLU BA 87 -3.42 88.44 54.13
C GLU BA 87 -4.60 89.40 53.95
N GLY BA 88 -5.82 88.89 53.84
CA GLY BA 88 -7.01 89.78 53.77
C GLY BA 88 -7.58 89.89 52.37
N PHE BA 89 -6.78 89.60 51.35
CA PHE BA 89 -7.34 89.60 49.97
C PHE BA 89 -8.42 88.51 49.92
N GLU BA 90 -8.17 87.39 50.62
CA GLU BA 90 -9.15 86.27 50.65
C GLU BA 90 -10.46 86.71 51.31
N VAL BA 91 -10.41 87.45 52.42
CA VAL BA 91 -11.69 87.82 53.10
C VAL BA 91 -12.43 88.81 52.20
N THR BA 92 -11.78 89.91 51.84
CA THR BA 92 -12.40 90.91 50.91
C THR BA 92 -11.37 91.18 49.81
N ALA BA 93 -11.82 91.49 48.58
CA ALA BA 93 -10.84 91.64 47.48
C ALA BA 93 -10.19 93.02 47.58
N ASN BA 94 -9.22 93.18 48.48
CA ASN BA 94 -8.48 94.47 48.58
C ASN BA 94 -7.02 94.22 48.21
N ILE BA 95 -6.50 94.97 47.25
CA ILE BA 95 -5.07 94.83 46.85
C ILE BA 95 -4.20 95.21 48.06
N THR BA 96 -4.62 96.22 48.83
CA THR BA 96 -3.80 96.70 49.98
C THR BA 96 -3.62 95.58 51.00
N HIS BA 97 -4.67 94.82 51.30
CA HIS BA 97 -4.54 93.67 52.22
C HIS BA 97 -3.54 92.67 51.64
N ALA BA 98 -3.62 92.45 50.33
CA ALA BA 98 -2.73 91.48 49.64
C ALA BA 98 -1.28 91.95 49.67
N PHE BA 99 -1.03 93.24 49.41
CA PHE BA 99 0.32 93.79 49.38
C PHE BA 99 0.21 95.30 49.22
N SER BA 100 1.36 95.95 49.13
CA SER BA 100 1.40 97.41 48.86
C SER BA 100 2.81 97.72 48.33
N ILE BA 101 3.01 98.90 47.77
CA ILE BA 101 4.33 99.22 47.16
C ILE BA 101 5.08 100.12 48.15
N GLU BA 102 6.14 99.60 48.78
CA GLU BA 102 6.84 100.40 49.84
C GLU BA 102 7.37 101.68 49.21
N ASN BA 103 8.03 101.58 48.04
CA ASN BA 103 8.53 102.78 47.32
C ASN BA 103 8.23 102.58 45.83
N PHE BA 104 8.03 103.67 45.09
CA PHE BA 104 7.86 103.53 43.62
C PHE BA 104 8.17 104.92 43.04
N ASP BA 105 9.35 105.45 43.40
CA ASP BA 105 9.73 106.79 42.92
C ASP BA 105 10.39 106.65 41.54
N PHE BA 106 9.94 107.46 40.58
CA PHE BA 106 10.54 107.44 39.22
C PHE BA 106 10.30 108.77 38.53
N GLU BA 107 11.22 109.10 37.61
CA GLU BA 107 11.12 110.36 36.85
C GLU BA 107 10.31 110.14 35.59
N ILE BA 108 9.42 111.09 35.28
CA ILE BA 108 8.56 110.97 34.05
C ILE BA 108 8.86 112.17 33.16
N LEU BA 109 9.45 111.93 32.00
CA LEU BA 109 9.74 113.02 31.04
C LEU BA 109 8.41 113.58 30.55
N VAL BA 110 8.30 114.91 30.42
CA VAL BA 110 7.07 115.52 29.83
C VAL BA 110 7.48 116.68 28.92
N ASP BA 111 7.57 116.41 27.61
CA ASP BA 111 7.91 117.48 26.65
C ASP BA 111 6.66 118.29 26.33
N VAL BA 112 6.61 119.55 26.77
CA VAL BA 112 5.47 120.44 26.40
C VAL BA 112 5.91 121.18 25.13
N GLU BA 113 5.36 120.79 23.98
CA GLU BA 113 5.86 121.40 22.72
C GLU BA 113 5.07 122.67 22.43
N LEU BA 114 5.78 123.78 22.22
CA LEU BA 114 5.10 125.07 21.89
C LEU BA 114 4.70 125.06 20.42
N ASP BA 115 3.96 126.08 19.96
CA ASP BA 115 3.63 126.16 18.52
C ASP BA 115 4.95 126.29 17.75
N ASN BA 116 5.90 127.08 18.30
CA ASN BA 116 7.24 127.19 17.67
C ASN BA 116 7.90 125.82 17.72
N ARG BA 117 8.68 125.46 16.70
CA ARG BA 117 9.28 124.10 16.65
C ARG BA 117 9.95 123.80 17.99
N GLN BA 118 10.66 124.77 18.58
CA GLN BA 118 11.27 124.58 19.92
C GLN BA 118 10.25 123.95 20.86
N LYS BA 119 10.70 122.99 21.69
CA LYS BA 119 9.80 122.35 22.68
C LYS BA 119 10.49 122.42 24.05
N LEU BA 120 9.70 122.42 25.13
CA LEU BA 120 10.31 122.55 26.49
C LEU BA 120 10.27 121.20 27.19
N ASN BA 121 11.42 120.72 27.65
CA ASN BA 121 11.47 119.42 28.37
C ASN BA 121 11.38 119.70 29.88
N PHE BA 122 10.43 119.08 30.57
CA PHE BA 122 10.34 119.23 32.04
C PHE BA 122 10.34 117.84 32.68
N ASP BA 123 11.20 117.63 33.69
CA ASP BA 123 11.28 116.31 34.35
C ASP BA 123 10.51 116.37 35.67
N LEU BA 124 9.54 115.48 35.85
CA LEU BA 124 8.82 115.43 37.15
C LEU BA 124 9.12 114.08 37.83
N ASP BA 125 9.54 114.12 39.10
CA ASP BA 125 9.77 112.86 39.83
C ASP BA 125 8.52 112.57 40.64
N VAL BA 126 7.88 111.42 40.38
CA VAL BA 126 6.66 111.04 41.16
C VAL BA 126 7.02 109.84 42.03
N SER BA 127 6.74 109.92 43.34
CA SER BA 127 7.01 108.79 44.26
C SER BA 127 5.68 108.25 44.76
N TYR BA 128 5.63 106.99 45.18
CA TYR BA 128 4.39 106.45 45.79
C TYR BA 128 4.02 107.30 47.01
N LYS BA 129 2.82 107.87 47.01
CA LYS BA 129 2.35 108.70 48.16
C LYS BA 129 1.46 107.84 49.05
N GLU BA 130 0.42 107.23 48.48
CA GLU BA 130 -0.52 106.39 49.26
C GLU BA 130 -1.39 105.59 48.27
N THR BA 131 -2.38 104.85 48.76
CA THR BA 131 -3.31 104.16 47.83
C THR BA 131 -4.72 104.74 48.03
N GLU BA 132 -5.36 105.15 46.93
CA GLU BA 132 -6.74 105.72 47.00
C GLU BA 132 -7.74 104.57 47.13
N LYS BA 133 -8.55 104.57 48.18
CA LYS BA 133 -9.59 103.52 48.35
C LYS BA 133 -10.85 103.93 47.56
N ILE BA 134 -10.75 103.96 46.22
CA ILE BA 134 -11.90 104.43 45.39
C ILE BA 134 -13.09 103.50 45.69
N THR BA 135 -12.84 102.19 45.81
CA THR BA 135 -13.91 101.23 46.20
C THR BA 135 -13.30 100.25 47.21
N ASN BA 136 -14.14 99.66 48.07
CA ASN BA 136 -13.64 98.68 49.06
C ASN BA 136 -12.92 97.54 48.34
N SER BA 137 -13.10 97.44 47.02
CA SER BA 137 -12.51 96.34 46.26
C SER BA 137 -11.36 96.77 45.35
N GLN BA 138 -11.43 97.99 44.83
CA GLN BA 138 -10.39 98.52 43.94
C GLN BA 138 -9.70 99.69 44.59
N HIS BA 139 -8.36 99.70 44.54
CA HIS BA 139 -7.59 100.80 45.16
C HIS BA 139 -6.60 101.36 44.12
N ARG BA 140 -6.55 102.69 44.00
CA ARG BA 140 -5.67 103.32 42.97
C ARG BA 140 -4.43 103.93 43.64
N PHE BA 141 -3.24 103.50 43.20
CA PHE BA 141 -1.98 104.05 43.78
C PHE BA 141 -1.92 105.56 43.53
N ILE BA 142 -1.40 106.30 44.49
CA ILE BA 142 -1.27 107.79 44.35
C ILE BA 142 0.22 108.13 44.30
N PHE BA 143 0.65 108.90 43.28
CA PHE BA 143 2.07 109.33 43.21
C PHE BA 143 2.15 110.85 43.26
N THR BA 144 3.01 111.38 44.13
CA THR BA 144 3.13 112.85 44.29
C THR BA 144 4.40 113.33 43.60
N ILE BA 145 4.35 114.49 42.94
CA ILE BA 145 5.54 115.05 42.30
C ILE BA 145 6.41 115.69 43.38
N LYS BA 146 7.66 115.22 43.46
CA LYS BA 146 8.60 115.79 44.46
C LYS BA 146 9.09 117.14 43.92
N ASN BA 147 9.66 117.15 42.71
CA ASN BA 147 10.21 118.40 42.12
C ASN BA 147 9.10 119.19 41.40
N GLU BA 148 8.13 119.72 42.13
CA GLU BA 148 7.08 120.56 41.50
C GLU BA 148 7.66 121.92 41.14
N ASP BA 149 8.79 122.30 41.75
CA ASP BA 149 9.44 123.56 41.41
C ASP BA 149 9.86 123.57 39.94
N GLU BA 150 10.42 122.47 39.46
CA GLU BA 150 10.80 122.38 38.05
C GLU BA 150 9.57 122.39 37.15
N ASN BA 151 8.41 122.09 37.75
CA ASN BA 151 7.18 121.93 36.92
C ASN BA 151 6.22 123.11 37.15
N ILE BA 152 6.71 124.24 37.65
CA ILE BA 152 5.84 125.41 37.78
C ILE BA 152 5.31 125.84 36.42
N GLY BA 153 6.18 125.87 35.42
CA GLY BA 153 5.73 126.16 34.07
C GLY BA 153 4.86 125.05 33.51
N LEU BA 154 5.09 123.80 33.96
CA LEU BA 154 4.16 122.72 33.52
C LEU BA 154 2.74 123.11 33.90
N LYS BA 155 2.53 123.46 35.17
CA LYS BA 155 1.14 123.76 35.61
C LYS BA 155 0.56 124.84 34.70
N LYS BA 156 1.35 125.88 34.40
CA LYS BA 156 0.87 126.97 33.55
C LYS BA 156 0.48 126.44 32.18
N TYR BA 157 1.31 125.58 31.60
CA TYR BA 157 0.97 125.01 30.31
C TYR BA 157 -0.25 124.10 30.40
N VAL BA 158 -0.38 123.34 31.50
CA VAL BA 158 -1.48 122.41 31.64
C VAL BA 158 -2.80 123.15 31.74
N ASP BA 159 -2.87 124.15 32.63
CA ASP BA 159 -4.12 124.90 32.77
C ASP BA 159 -4.29 125.94 31.68
N SER BA 160 -3.28 126.14 30.82
CA SER BA 160 -3.46 126.96 29.63
C SER BA 160 -4.39 126.28 28.63
N LEU BA 161 -4.59 124.97 28.76
CA LEU BA 161 -5.48 124.23 27.82
C LEU BA 161 -6.93 124.26 28.30
N SER BA 162 -7.86 123.91 27.40
CA SER BA 162 -9.31 123.90 27.75
C SER BA 162 -9.59 122.80 28.77
N ALA BA 163 -10.67 122.95 29.51
CA ALA BA 163 -11.01 122.01 30.57
C ALA BA 163 -11.11 120.59 30.01
N GLY BA 164 -11.74 120.46 28.85
CA GLY BA 164 -11.84 119.14 28.20
C GLY BA 164 -10.46 118.58 27.90
N LEU BA 165 -9.59 119.41 27.32
CA LEU BA 165 -8.23 118.98 27.02
C LEU BA 165 -7.48 118.60 28.29
N LYS BA 166 -7.65 119.40 29.34
CA LYS BA 166 -7.01 119.06 30.63
C LYS BA 166 -7.48 117.66 31.05
N ASN BA 167 -8.80 117.44 31.07
CA ASN BA 167 -9.32 116.15 31.49
C ASN BA 167 -8.76 115.03 30.62
N LEU BA 168 -8.67 115.30 29.32
CA LEU BA 168 -8.10 114.30 28.37
C LEU BA 168 -6.70 113.96 28.87
N LEU BA 169 -5.84 114.97 29.05
CA LEU BA 169 -4.46 114.74 29.53
C LEU BA 169 -4.51 113.91 30.81
N PHE BA 170 -5.34 114.31 31.77
CA PHE BA 170 -5.36 113.60 33.05
C PHE BA 170 -5.70 112.13 32.82
N LYS BA 171 -6.67 111.88 31.94
CA LYS BA 171 -7.06 110.46 31.64
C LYS BA 171 -5.85 109.74 31.04
N LYS BA 172 -5.22 110.32 30.02
CA LYS BA 172 -4.08 109.65 29.35
C LYS BA 172 -3.00 109.34 30.39
N ILE BA 173 -2.55 110.35 31.14
CA ILE BA 173 -1.44 110.14 32.11
C ILE BA 173 -1.88 109.08 33.13
N ASN BA 174 -3.15 109.11 33.55
CA ASN BA 174 -3.61 108.14 34.53
C ASN BA 174 -3.50 106.73 33.99
N GLN BA 175 -3.97 106.52 32.76
CA GLN BA 175 -3.89 105.19 32.13
C GLN BA 175 -2.41 104.78 32.05
N LYS BA 176 -1.58 105.66 31.50
CA LYS BA 176 -0.17 105.33 31.32
C LYS BA 176 0.48 104.94 32.64
N LEU BA 177 0.22 105.75 33.67
CA LEU BA 177 0.80 105.47 35.01
C LEU BA 177 0.27 104.13 35.50
N SER BA 178 -1.03 103.88 35.33
CA SER BA 178 -1.64 102.64 35.82
C SER BA 178 -1.03 101.43 35.13
N GLY BA 179 -0.90 101.49 33.81
CA GLY BA 179 -0.26 100.39 33.10
C GLY BA 179 1.18 100.19 33.52
N TYR BA 180 1.91 101.30 33.70
CA TYR BA 180 3.30 101.22 34.12
C TYR BA 180 3.43 100.53 35.47
N VAL BA 181 2.66 100.99 36.46
CA VAL BA 181 2.79 100.43 37.79
C VAL BA 181 2.28 98.99 37.83
N SER BA 182 1.21 98.69 37.08
CA SER BA 182 0.71 97.33 37.04
C SER BA 182 1.72 96.38 36.41
N GLU BA 183 2.32 96.80 35.30
CA GLU BA 183 3.37 95.95 34.67
C GLU BA 183 4.48 95.73 35.69
N ILE BA 184 4.96 96.80 36.33
CA ILE BA 184 6.07 96.67 37.27
C ILE BA 184 5.70 95.71 38.40
N ILE BA 185 4.51 95.88 38.97
CA ILE BA 185 4.16 95.10 40.20
C ILE BA 185 3.75 93.65 39.91
N VAL BA 186 2.87 93.42 38.94
CA VAL BA 186 2.31 92.05 38.73
C VAL BA 186 3.44 91.02 38.64
N LYS BA 187 4.62 91.42 38.14
CA LYS BA 187 5.74 90.47 37.92
C LYS BA 187 6.28 90.02 39.28
N ASN BA 188 6.22 90.88 40.30
CA ASN BA 188 6.79 90.55 41.62
C ASN BA 188 5.67 90.05 42.55
N ILE BA 189 4.47 89.78 42.04
CA ILE BA 189 3.34 89.43 42.95
C ILE BA 189 2.76 88.04 42.64
N ASP BA 190 2.44 87.25 43.68
CA ASP BA 190 1.85 85.90 43.51
C ASP BA 190 0.33 85.99 43.34
N ASP BA 191 -0.33 84.87 43.00
CA ASP BA 191 -1.80 84.85 42.82
C ASP BA 191 -2.50 84.54 44.15
N ILE BA 192 -3.50 85.33 44.54
CA ILE BA 192 -4.31 85.05 45.76
C ILE BA 192 -5.76 84.93 45.32
N GLU BA 193 -6.49 83.93 45.83
CA GLU BA 193 -7.89 83.71 45.37
C GLU BA 193 -8.87 84.41 46.32
N GLU BA 194 -9.74 85.25 45.79
CA GLU BA 194 -10.72 86.00 46.62
C GLU BA 194 -11.66 85.01 47.34
N LEU BA 195 -12.14 83.98 46.64
CA LEU BA 195 -12.98 82.95 47.30
C LEU BA 195 -14.16 83.60 48.02
N PHE BA 196 -14.76 84.64 47.43
CA PHE BA 196 -15.98 85.24 48.05
C PHE BA 196 -17.01 84.14 48.35
N LYS BA 202 -15.84 83.60 41.15
CA LYS BA 202 -15.12 84.26 42.27
C LYS BA 202 -13.66 83.83 42.27
N SER BA 203 -13.07 83.64 43.46
CA SER BA 203 -11.65 83.20 43.57
C SER BA 203 -10.79 83.95 42.54
N THR BA 204 -11.02 85.25 42.37
CA THR BA 204 -10.29 86.03 41.33
C THR BA 204 -8.79 86.10 41.69
N THR BA 205 -7.92 85.90 40.70
CA THR BA 205 -6.45 85.92 40.94
C THR BA 205 -6.01 87.35 41.25
N LEU BA 206 -5.20 87.53 42.29
CA LEU BA 206 -4.69 88.87 42.65
C LEU BA 206 -4.04 89.52 41.43
N HIS BA 207 -3.48 88.72 40.51
CA HIS BA 207 -2.91 89.29 39.26
C HIS BA 207 -3.99 90.16 38.60
N LYS BA 208 -5.18 89.59 38.40
CA LYS BA 208 -6.26 90.34 37.78
C LYS BA 208 -6.57 91.60 38.57
N GLU BA 209 -6.48 91.52 39.91
CA GLU BA 209 -6.68 92.72 40.73
C GLU BA 209 -5.61 93.77 40.43
N ILE BA 210 -4.36 93.31 40.27
CA ILE BA 210 -3.27 94.26 39.91
C ILE BA 210 -3.63 94.92 38.57
N LEU BA 211 -4.10 94.11 37.61
CA LEU BA 211 -4.45 94.66 36.27
C LEU BA 211 -5.55 95.70 36.43
N GLN BA 212 -6.59 95.40 37.22
CA GLN BA 212 -7.71 96.32 37.35
C GLN BA 212 -7.34 97.55 38.17
N THR BA 213 -6.51 97.35 39.20
CA THR BA 213 -6.11 98.50 40.07
C THR BA 213 -5.33 99.52 39.22
N ASP BA 214 -5.66 100.80 39.37
CA ASP BA 214 -5.00 101.86 38.56
C ASP BA 214 -4.13 102.74 39.46
N SER BA 215 -3.65 103.85 38.93
CA SER BA 215 -2.84 104.81 39.74
C SER BA 215 -3.06 106.22 39.19
N ARG BA 216 -3.02 107.24 40.06
CA ARG BA 216 -3.28 108.63 39.60
C ARG BA 216 -2.27 109.60 40.24
N LEU BA 217 -1.76 110.55 39.46
CA LEU BA 217 -0.76 111.53 39.97
C LEU BA 217 -1.51 112.64 40.73
N SER BA 218 -1.43 112.62 42.06
CA SER BA 218 -2.05 113.72 42.85
C SER BA 218 -1.00 114.79 43.10
N SER BA 219 -1.16 115.96 42.46
CA SER BA 219 -0.15 117.04 42.59
C SER BA 219 -0.81 118.39 42.33
N ASP BA 220 -0.18 119.48 42.77
CA ASP BA 220 -0.71 120.83 42.47
C ASP BA 220 -0.69 121.04 40.97
N ILE BA 221 0.18 120.31 40.25
CA ILE BA 221 0.32 120.56 38.79
C ILE BA 221 -0.89 119.92 38.09
N PHE BA 222 -1.40 118.81 38.63
CA PHE BA 222 -2.55 118.10 38.06
C PHE BA 222 -3.53 117.83 39.20
N LYS BA 223 -4.41 118.81 39.47
CA LYS BA 223 -5.39 118.67 40.53
C LYS BA 223 -6.63 117.90 40.11
N GLU BA 224 -6.86 117.71 38.82
CA GLU BA 224 -8.03 117.00 38.34
C GLU BA 224 -7.63 115.74 37.59
N ILE CA 3 41.52 110.97 31.13
CA ILE CA 3 40.24 110.78 30.38
C ILE CA 3 39.08 110.65 31.36
N ARG CA 4 38.16 111.61 31.39
CA ARG CA 4 37.07 111.56 32.37
C ARG CA 4 35.81 112.14 31.72
N ASN CA 5 34.84 111.29 31.39
CA ASN CA 5 33.57 111.82 30.85
C ASN CA 5 32.97 112.70 31.95
N ARG CA 6 32.58 113.93 31.59
CA ARG CA 6 31.92 114.81 32.58
C ARG CA 6 30.42 114.84 32.30
N LEU CA 7 29.90 113.99 31.41
CA LEU CA 7 28.44 113.98 31.22
C LEU CA 7 27.80 113.98 32.60
N SER CA 8 28.21 113.04 33.46
CA SER CA 8 27.65 112.96 34.83
C SER CA 8 27.73 114.33 35.50
N GLU CA 9 28.93 114.92 35.56
CA GLU CA 9 29.10 116.24 36.25
C GLU CA 9 28.23 117.27 35.54
N LEU CA 10 28.30 117.35 34.21
CA LEU CA 10 27.52 118.32 33.45
C LEU CA 10 26.04 118.22 33.79
N LEU CA 11 25.53 116.99 33.89
CA LEU CA 11 24.10 116.79 34.21
C LEU CA 11 23.83 117.28 35.64
N SER CA 12 24.75 117.01 36.58
CA SER CA 12 24.58 117.53 37.93
C SER CA 12 24.58 119.06 37.94
N GLU CA 13 25.42 119.65 37.10
CA GLU CA 13 25.42 121.10 36.95
C GLU CA 13 24.08 121.61 36.47
N ARG CA 14 23.55 121.01 35.40
CA ARG CA 14 22.31 121.46 34.78
C ARG CA 14 21.08 120.78 35.35
N GLY CA 15 21.24 119.85 36.28
CA GLY CA 15 20.11 119.19 36.90
C GLY CA 15 19.34 118.31 35.94
N LEU CA 16 19.89 118.13 34.74
CA LEU CA 16 19.20 117.34 33.69
C LEU CA 16 19.16 115.86 34.09
N LYS CA 17 17.96 115.26 34.16
CA LYS CA 17 17.89 113.81 34.46
C LYS CA 17 18.43 113.02 33.26
N ILE CA 18 19.03 111.86 33.52
CA ILE CA 18 19.65 111.03 32.45
C ILE CA 18 18.56 110.66 31.43
N SER CA 19 17.37 110.31 31.90
CA SER CA 19 16.26 109.90 30.99
C SER CA 19 15.92 111.07 30.06
N ARG CA 20 15.88 112.29 30.60
CA ARG CA 20 15.58 113.49 29.77
C ARG CA 20 16.58 113.53 28.62
N VAL CA 21 17.86 113.50 28.97
CA VAL CA 21 18.92 113.64 27.93
C VAL CA 21 18.72 112.53 26.90
N ALA CA 22 18.49 111.30 27.36
CA ALA CA 22 18.41 110.15 26.41
C ALA CA 22 17.27 110.40 25.43
N LYS CA 23 16.13 110.89 25.91
CA LYS CA 23 14.97 111.16 25.01
C LYS CA 23 15.36 112.23 23.99
N ASP CA 24 15.94 113.33 24.45
CA ASP CA 24 16.27 114.44 23.55
C ASP CA 24 17.29 114.02 22.49
N VAL CA 25 18.30 113.22 22.89
CA VAL CA 25 19.39 112.85 21.95
C VAL CA 25 19.14 111.48 21.31
N LYS CA 26 17.95 110.90 21.54
CA LYS CA 26 17.59 109.62 20.92
C LYS CA 26 18.66 108.56 21.14
N ILE CA 27 19.13 108.47 22.39
CA ILE CA 27 20.14 107.43 22.75
C ILE CA 27 19.54 106.59 23.88
N ALA CA 28 19.89 105.30 23.95
CA ALA CA 28 19.34 104.40 24.95
C ALA CA 28 19.67 104.91 26.35
N ARG CA 29 18.68 104.82 27.25
CA ARG CA 29 18.91 105.25 28.65
C ARG CA 29 20.01 104.37 29.25
N SER CA 30 19.96 103.05 29.01
CA SER CA 30 20.94 102.15 29.61
C SER CA 30 22.36 102.53 29.20
N SER CA 31 22.58 102.72 27.90
CA SER CA 31 23.90 103.10 27.42
C SER CA 31 24.31 104.46 27.98
N LEU CA 32 23.38 105.40 27.99
CA LEU CA 32 23.72 106.77 28.45
C LEU CA 32 24.11 106.71 29.93
N THR CA 33 23.38 105.93 30.73
CA THR CA 33 23.66 105.90 32.19
C THR CA 33 24.97 105.14 32.43
N SER CA 34 25.23 104.09 31.64
CA SER CA 34 26.49 103.37 31.78
C SER CA 34 27.66 104.27 31.44
N MET CA 35 27.48 105.09 30.41
CA MET CA 35 28.54 105.99 29.92
C MET CA 35 28.61 107.25 30.79
N ALA CA 36 27.58 107.50 31.62
CA ALA CA 36 27.55 108.77 32.40
C ALA CA 36 28.75 108.85 33.34
N GLN CA 37 29.06 107.77 34.07
CA GLN CA 37 30.20 107.81 35.04
C GLN CA 37 31.47 107.31 34.33
N ASN CA 38 31.46 107.36 32.99
CA ASN CA 38 32.64 106.85 32.22
C ASN CA 38 32.94 105.43 32.70
N ASP CA 39 31.90 104.61 32.88
CA ASP CA 39 32.12 103.19 33.28
C ASP CA 39 32.48 102.39 32.02
N SER CA 40 31.68 102.54 30.96
CA SER CA 40 31.95 101.84 29.68
C SER CA 40 33.28 102.31 29.11
N GLU CA 41 34.06 101.40 28.53
CA GLU CA 41 35.39 101.76 27.97
C GLU CA 41 35.26 102.00 26.46
N MET CA 42 34.03 102.00 25.94
CA MET CA 42 33.83 102.30 24.50
C MET CA 42 32.78 103.43 24.37
N ILE CA 43 33.06 104.40 23.50
CA ILE CA 43 32.13 105.55 23.28
C ILE CA 43 31.91 105.74 21.78
N ARG CA 44 30.66 105.91 21.36
CA ARG CA 44 30.32 106.12 19.95
C ARG CA 44 30.52 107.57 19.57
N TYR CA 45 31.10 107.79 18.39
CA TYR CA 45 31.22 109.14 17.85
C TYR CA 45 29.86 109.82 17.76
N ASP CA 46 28.83 109.06 17.38
CA ASP CA 46 27.49 109.62 17.33
C ASP CA 46 27.05 110.10 18.71
N ALA CA 47 27.35 109.30 19.73
CA ALA CA 47 26.93 109.67 21.11
C ALA CA 47 27.57 111.01 21.49
N ILE CA 48 28.88 111.13 21.36
CA ILE CA 48 29.58 112.34 21.78
C ILE CA 48 29.13 113.52 20.94
N ASP CA 49 28.94 113.29 19.64
CA ASP CA 49 28.46 114.38 18.74
C ASP CA 49 27.12 114.89 19.25
N LYS CA 50 26.18 113.98 19.48
CA LYS CA 50 24.85 114.36 19.92
C LYS CA 50 24.88 115.05 21.27
N LEU CA 51 25.70 114.55 22.19
CA LEU CA 51 25.80 115.16 23.50
C LEU CA 51 26.38 116.57 23.42
N CYS CA 52 27.42 116.74 22.61
CA CYS CA 52 28.05 118.04 22.47
C CYS CA 52 27.09 119.06 21.86
N SER CA 53 26.40 118.67 20.79
CA SER CA 53 25.42 119.57 20.20
C SER CA 53 24.28 119.86 21.18
N TYR CA 54 23.81 118.84 21.88
CA TYR CA 54 22.68 119.01 22.80
C TYR CA 54 23.06 119.87 24.00
N LEU CA 55 24.24 119.68 24.54
CA LEU CA 55 24.69 120.43 25.72
C LEU CA 55 25.38 121.74 25.36
N HIS CA 56 25.47 122.07 24.07
CA HIS CA 56 26.12 123.31 23.62
C HIS CA 56 27.55 123.40 24.15
N ILE CA 57 28.30 122.30 24.02
CA ILE CA 57 29.65 122.21 24.55
C ILE CA 57 30.59 121.68 23.48
N SER CA 58 31.86 122.05 23.60
CA SER CA 58 32.91 121.39 22.85
C SER CA 58 33.27 120.08 23.52
N PRO CA 59 33.87 119.08 22.80
CA PRO CA 59 34.15 117.78 23.41
C PRO CA 59 35.12 117.97 24.58
N SER CA 60 35.68 119.18 24.70
CA SER CA 60 36.63 119.48 25.81
C SER CA 60 35.92 119.32 27.16
N GLU CA 61 34.69 119.83 27.27
CA GLU CA 61 33.97 119.78 28.57
C GLU CA 61 33.44 118.37 28.80
N PHE CA 62 33.36 117.55 27.75
CA PHE CA 62 32.90 116.15 27.91
C PHE CA 62 34.10 115.28 28.32
N PHE CA 63 35.17 115.33 27.53
CA PHE CA 63 36.38 114.51 27.80
C PHE CA 63 37.42 115.33 28.57
N GLU CA 64 37.66 115.01 29.84
CA GLU CA 64 38.73 115.69 30.60
C GLU CA 64 39.95 114.76 30.64
N HIS CA 65 41.07 115.15 30.03
CA HIS CA 65 42.25 114.24 29.96
C HIS CA 65 43.49 114.88 30.60
N ASN CA 66 44.17 114.14 31.48
CA ASN CA 66 45.45 114.62 32.08
C ASN CA 66 46.57 113.83 31.41
N PRO CA 67 47.51 114.47 30.68
CA PRO CA 67 48.55 113.73 29.95
C PRO CA 67 49.21 112.64 30.79
N ILE CA 68 49.13 112.76 32.12
CA ILE CA 68 49.80 111.77 33.02
C ILE CA 68 49.11 110.41 32.90
N ASN CA 69 49.88 109.33 32.92
CA ASN CA 69 49.33 107.99 32.74
C ASN CA 69 49.84 107.10 33.86
N PHE CA 70 48.98 106.23 34.36
CA PHE CA 70 49.32 105.31 35.44
C PHE CA 70 49.12 103.88 34.95
N ASP CA 71 50.15 103.05 35.15
CA ASP CA 71 50.08 101.64 34.80
C ASP CA 71 50.49 100.81 36.01
N PHE CA 72 49.80 99.69 36.21
CA PHE CA 72 49.95 98.88 37.42
C PHE CA 72 50.25 97.44 37.01
N THR CA 73 51.37 96.92 37.51
CA THR CA 73 51.78 95.52 37.20
C THR CA 73 51.93 94.75 38.52
N PHE CA 74 51.23 93.62 38.65
CA PHE CA 74 51.27 92.83 39.90
C PHE CA 74 52.28 91.70 39.79
N ASP CA 75 52.91 91.33 40.90
CA ASP CA 75 53.87 90.23 40.92
C ASP CA 75 53.26 88.98 40.33
N GLU CA 76 54.04 88.28 39.50
CA GLU CA 76 53.57 87.01 38.95
C GLU CA 76 53.33 86.00 40.06
N GLU CA 77 54.23 85.95 41.05
CA GLU CA 77 54.06 85.11 42.22
C GLU CA 77 54.01 85.97 43.47
N PRO CA 78 52.90 86.04 44.18
CA PRO CA 78 52.83 86.80 45.42
C PRO CA 78 53.19 85.94 46.63
N ASN CA 79 53.50 86.63 47.72
CA ASN CA 79 53.83 85.96 48.99
C ASN CA 79 52.55 85.83 49.80
N TYR CA 80 51.85 84.70 49.67
CA TYR CA 80 50.55 84.58 50.38
C TYR CA 80 50.47 83.31 51.24
N LYS CA 81 49.83 83.41 52.41
CA LYS CA 81 49.62 82.22 53.28
C LYS CA 81 48.12 82.13 53.56
N ILE CA 82 47.53 80.93 53.54
CA ILE CA 82 46.04 80.81 53.69
C ILE CA 82 45.67 80.10 54.98
N ASN CA 83 44.59 80.52 55.64
CA ASN CA 83 44.09 79.81 56.84
C ASN CA 83 42.59 79.54 56.63
N ASP CA 84 42.18 78.27 56.58
CA ASP CA 84 40.77 77.93 56.26
C ASP CA 84 40.05 77.43 57.52
N VAL CA 85 39.09 78.19 58.03
CA VAL CA 85 38.29 77.67 59.18
C VAL CA 85 37.37 76.56 58.65
N PHE CA 86 36.72 76.79 57.49
CA PHE CA 86 35.79 75.80 56.88
C PHE CA 86 34.50 75.72 57.70
N GLU CA 87 34.27 76.69 58.59
CA GLU CA 87 33.07 76.62 59.48
C GLU CA 87 32.39 77.99 59.58
N GLY CA 88 31.06 78.02 59.49
CA GLY CA 88 30.32 79.29 59.67
C GLY CA 88 30.11 80.06 58.37
N PHE CA 89 30.60 79.55 57.24
CA PHE CA 89 30.32 80.24 55.96
C PHE CA 89 28.81 80.23 55.65
N GLU CA 90 28.16 79.08 55.86
CA GLU CA 90 26.72 78.95 55.48
C GLU CA 90 25.82 79.87 56.32
N VAL CA 91 26.06 79.98 57.63
CA VAL CA 91 25.12 80.74 58.51
C VAL CA 91 25.06 82.22 58.12
N THR CA 92 26.20 82.88 57.92
CA THR CA 92 26.17 84.34 57.67
C THR CA 92 26.58 84.60 56.21
N ALA CA 93 26.64 83.55 55.39
CA ALA CA 93 27.17 83.76 54.03
C ALA CA 93 28.40 84.64 54.19
N ASN CA 94 29.30 84.25 55.09
CA ASN CA 94 30.48 85.11 55.41
C ASN CA 94 31.78 84.39 55.02
N ILE CA 95 32.55 84.99 54.12
CA ILE CA 95 33.86 84.43 53.69
C ILE CA 95 34.76 84.36 54.93
N THR CA 96 34.70 85.37 55.78
CA THR CA 96 35.52 85.40 57.04
C THR CA 96 35.39 84.04 57.75
N HIS CA 97 34.17 83.60 58.05
CA HIS CA 97 34.05 82.35 58.79
C HIS CA 97 34.58 81.18 57.98
N ALA CA 98 34.42 81.23 56.66
CA ALA CA 98 34.87 80.11 55.79
C ALA CA 98 36.40 80.01 55.82
N PHE CA 99 37.10 81.13 55.73
CA PHE CA 99 38.57 81.14 55.72
C PHE CA 99 39.03 82.59 55.80
N SER CA 100 40.35 82.77 55.73
CA SER CA 100 40.93 84.13 55.68
C SER CA 100 42.35 83.97 55.14
N ILE CA 101 42.99 85.06 54.74
CA ILE CA 101 44.34 84.97 54.12
C ILE CA 101 45.37 85.36 55.19
N GLU CA 102 46.15 84.39 55.68
CA GLU CA 102 47.08 84.70 56.80
C GLU CA 102 48.07 85.77 56.34
N ASN CA 103 48.64 85.62 55.14
CA ASN CA 103 49.56 86.63 54.57
C ASN CA 103 49.22 86.80 53.09
N PHE CA 104 49.45 87.98 52.53
CA PHE CA 104 49.25 88.16 51.07
C PHE CA 104 50.06 89.40 50.69
N ASP CA 105 51.35 89.39 51.06
CA ASP CA 105 52.22 90.55 50.77
C ASP CA 105 52.78 90.40 49.35
N PHE CA 106 52.65 91.44 48.52
CA PHE CA 106 53.21 91.39 47.14
C PHE CA 106 53.49 92.83 46.68
N GLU CA 107 54.09 92.97 45.50
CA GLU CA 107 54.48 94.31 45.01
C GLU CA 107 53.64 94.68 43.79
N ILE CA 108 53.04 95.86 43.80
CA ILE CA 108 52.29 96.33 42.59
C ILE CA 108 53.15 97.44 41.98
N LEU CA 109 53.48 97.33 40.70
CA LEU CA 109 54.39 98.32 40.08
C LEU CA 109 53.53 99.45 39.50
N VAL CA 110 53.71 100.68 39.98
CA VAL CA 110 52.96 101.84 39.43
C VAL CA 110 53.91 102.70 38.60
N ASP CA 111 53.68 102.80 37.28
CA ASP CA 111 54.52 103.70 36.45
C ASP CA 111 53.73 104.99 36.24
N VAL CA 112 54.12 106.06 36.91
CA VAL CA 112 53.44 107.37 36.71
C VAL CA 112 54.13 108.07 35.54
N GLU CA 113 53.55 107.94 34.35
CA GLU CA 113 54.25 108.51 33.16
C GLU CA 113 54.00 110.01 33.10
N LEU CA 114 55.08 110.80 33.02
CA LEU CA 114 54.93 112.28 32.92
C LEU CA 114 54.57 112.65 31.48
N ASP CA 115 54.27 113.92 31.22
CA ASP CA 115 54.01 114.35 29.82
C ASP CA 115 55.29 114.11 29.03
N ASN CA 116 56.45 114.38 29.62
CA ASN CA 116 57.74 114.08 28.96
C ASN CA 116 57.84 112.57 28.77
N ARG CA 117 58.44 112.11 27.67
CA ARG CA 117 58.48 110.65 27.38
C ARG CA 117 58.97 109.91 28.64
N GLN CA 118 60.00 110.46 29.32
CA GLN CA 118 60.49 109.84 30.58
C GLN CA 118 59.29 109.50 31.47
N LYS CA 119 59.35 108.33 32.12
CA LYS CA 119 58.27 107.92 33.06
C LYS CA 119 58.92 107.52 34.38
N LEU CA 120 58.19 107.66 35.49
CA LEU CA 120 58.75 107.33 36.82
C LEU CA 120 58.20 105.98 37.29
N ASN CA 121 59.07 105.06 37.68
CA ASN CA 121 58.63 103.72 38.17
C ASN CA 121 58.63 103.75 39.71
N PHE CA 122 57.48 103.45 40.31
CA PHE CA 122 57.41 103.37 41.80
C PHE CA 122 56.85 102.01 42.19
N ASP CA 123 57.48 101.36 43.17
CA ASP CA 123 57.02 100.03 43.63
C ASP CA 123 56.33 100.18 44.98
N LEU CA 124 55.09 99.69 45.10
CA LEU CA 124 54.41 99.72 46.41
C LEU CA 124 54.16 98.28 46.87
N ASP CA 125 54.50 97.97 48.11
CA ASP CA 125 54.29 96.60 48.65
C ASP CA 125 53.02 96.63 49.49
N VAL CA 126 51.99 95.89 49.06
CA VAL CA 126 50.69 95.89 49.81
C VAL CA 126 50.50 94.51 50.46
N SER CA 127 50.61 94.46 51.79
CA SER CA 127 50.43 93.18 52.51
C SER CA 127 48.99 93.11 53.01
N TYR CA 128 48.47 91.91 53.24
CA TYR CA 128 47.10 91.78 53.82
C TYR CA 128 47.07 92.50 55.17
N LYS CA 129 46.18 93.47 55.32
CA LYS CA 129 46.05 94.22 56.60
C LYS CA 129 44.89 93.63 57.40
N GLU CA 130 43.71 93.54 56.80
CA GLU CA 130 42.50 93.00 57.50
C GLU CA 130 41.41 92.76 56.45
N THR CA 131 40.22 92.36 56.87
CA THR CA 131 39.10 92.23 55.91
C THR CA 131 38.02 93.25 56.24
N GLU CA 132 37.58 94.04 55.26
CA GLU CA 132 36.52 95.05 55.48
C GLU CA 132 35.15 94.35 55.49
N LYS CA 133 34.40 94.49 56.59
CA LYS CA 133 33.03 93.89 56.64
C LYS CA 133 32.03 94.85 55.99
N ILE CA 134 32.14 95.06 54.67
CA ILE CA 134 31.26 96.03 53.97
C ILE CA 134 29.80 95.58 54.19
N THR CA 135 29.55 94.28 54.11
CA THR CA 135 28.19 93.74 54.41
C THR CA 135 28.37 92.46 55.23
N ASN CA 136 27.37 92.09 56.03
CA ASN CA 136 27.46 90.85 56.84
C ASN CA 136 27.70 89.65 55.92
N SER CA 137 27.51 89.84 54.60
CA SER CA 137 27.66 88.73 53.67
C SER CA 137 28.88 88.85 52.78
N GLN CA 138 29.30 90.07 52.44
CA GLN CA 138 30.44 90.29 51.58
C GLN CA 138 31.53 91.01 52.38
N HIS CA 139 32.76 90.53 52.25
CA HIS CA 139 33.90 91.15 52.99
C HIS CA 139 35.03 91.47 52.00
N ARG CA 140 35.57 92.68 52.07
CA ARG CA 140 36.63 93.09 51.10
C ARG CA 140 38.00 93.08 51.79
N PHE CA 141 38.95 92.32 51.23
CA PHE CA 141 40.32 92.26 51.80
C PHE CA 141 40.95 93.66 51.78
N ILE CA 142 41.70 94.00 52.82
CA ILE CA 142 42.38 95.33 52.89
C ILE CA 142 43.89 95.09 52.81
N PHE CA 143 44.58 95.80 51.90
CA PHE CA 143 46.06 95.67 51.82
C PHE CA 143 46.70 97.03 52.09
N THR CA 144 47.69 97.06 52.98
CA THR CA 144 48.36 98.33 53.35
C THR CA 144 49.73 98.41 52.68
N ILE CA 145 50.11 99.60 52.19
CA ILE CA 145 51.42 99.76 51.59
C ILE CA 145 52.47 99.85 52.70
N LYS CA 146 53.45 98.96 52.65
CA LYS CA 146 54.54 98.98 53.65
C LYS CA 146 55.50 100.10 53.29
N ASN CA 147 56.04 100.09 52.06
CA ASN CA 147 57.02 101.12 51.63
C ASN CA 147 56.30 102.36 51.09
N GLU CA 148 55.59 103.09 51.96
CA GLU CA 148 54.93 104.35 51.51
C GLU CA 148 55.99 105.44 51.32
N ASP CA 149 57.16 105.27 51.94
CA ASP CA 149 58.24 106.24 51.74
C ASP CA 149 58.65 106.32 50.29
N GLU CA 150 58.76 105.18 49.62
CA GLU CA 150 59.09 105.18 48.19
C GLU CA 150 57.96 105.78 47.37
N ASN CA 151 56.75 105.84 47.97
CA ASN CA 151 55.57 106.30 47.20
C ASN CA 151 55.12 107.69 47.65
N ILE CA 152 55.99 108.47 48.28
CA ILE CA 152 55.63 109.84 48.64
C ILE CA 152 55.31 110.64 47.38
N GLY CA 153 56.14 110.50 46.34
CA GLY CA 153 55.83 111.13 45.08
C GLY CA 153 54.61 110.53 44.41
N LEU CA 154 54.33 109.26 44.71
CA LEU CA 154 53.13 108.62 44.18
C LEU CA 154 51.87 109.34 44.65
N LYS CA 155 51.84 109.69 45.94
CA LYS CA 155 50.67 110.41 46.48
C LYS CA 155 50.54 111.76 45.77
N LYS CA 156 51.67 112.47 45.59
CA LYS CA 156 51.64 113.76 44.94
C LYS CA 156 51.10 113.65 43.52
N TYR CA 157 51.54 112.65 42.78
CA TYR CA 157 51.02 112.45 41.43
C TYR CA 157 49.55 112.05 41.46
N VAL CA 158 49.14 111.24 42.44
CA VAL CA 158 47.75 110.77 42.50
C VAL CA 158 46.81 111.93 42.78
N ASP CA 159 47.11 112.72 43.81
CA ASP CA 159 46.24 113.85 44.12
C ASP CA 159 46.48 115.04 43.20
N SER CA 160 47.50 114.98 42.34
CA SER CA 160 47.64 115.98 41.29
C SER CA 160 46.54 115.86 40.24
N LEU CA 161 45.86 114.71 40.20
CA LEU CA 161 44.76 114.52 39.20
C LEU CA 161 43.43 115.01 39.75
N SER CA 162 42.45 115.18 38.87
CA SER CA 162 41.09 115.64 39.27
C SER CA 162 40.42 114.59 40.14
N ALA CA 163 39.46 115.01 40.96
CA ALA CA 163 38.79 114.11 41.87
C ALA CA 163 38.16 112.94 41.13
N GLY CA 164 37.54 113.23 39.98
CA GLY CA 164 36.95 112.16 39.15
C GLY CA 164 38.03 111.19 38.71
N LEU CA 165 39.15 111.72 38.21
CA LEU CA 165 40.25 110.85 37.78
C LEU CA 165 40.80 110.04 38.94
N LYS CA 166 40.92 110.67 40.10
CA LYS CA 166 41.39 109.91 41.30
C LYS CA 166 40.43 108.74 41.52
N ASN CA 167 39.12 109.03 41.58
CA ASN CA 167 38.15 107.98 41.83
C ASN CA 167 38.25 106.88 40.78
N LEU CA 168 38.46 107.29 39.54
CA LEU CA 168 38.61 106.32 38.42
C LEU CA 168 39.78 105.41 38.79
N LEU CA 169 40.95 105.98 39.07
CA LEU CA 169 42.14 105.19 39.44
C LEU CA 169 41.77 104.25 40.58
N PHE CA 170 41.17 104.77 41.65
CA PHE CA 170 40.85 103.92 42.82
C PHE CA 170 40.00 102.74 42.34
N LYS CA 171 38.99 103.01 41.51
CA LYS CA 171 38.12 101.91 41.03
C LYS CA 171 38.97 100.89 40.27
N LYS CA 172 39.77 101.34 39.31
CA LYS CA 172 40.58 100.40 38.49
C LYS CA 172 41.46 99.56 39.43
N ILE CA 173 42.25 100.20 40.29
CA ILE CA 173 43.20 99.45 41.16
C ILE CA 173 42.38 98.49 42.03
N ASN CA 174 41.22 98.93 42.51
CA ASN CA 174 40.41 98.05 43.37
C ASN CA 174 39.99 96.80 42.62
N GLN CA 175 39.48 96.98 41.40
CA GLN CA 175 39.07 95.83 40.57
C GLN CA 175 40.28 94.92 40.36
N LYS CA 176 41.39 95.50 39.91
CA LYS CA 176 42.57 94.70 39.60
C LYS CA 176 43.03 93.90 40.81
N LEU CA 177 43.08 94.58 41.97
CA LEU CA 177 43.50 93.90 43.22
C LEU CA 177 42.50 92.79 43.54
N SER CA 178 41.20 93.06 43.39
CA SER CA 178 40.17 92.08 43.73
C SER CA 178 40.28 90.85 42.84
N GLY CA 179 40.44 91.05 41.53
CA GLY CA 179 40.62 89.93 40.64
C GLY CA 179 41.89 89.16 40.94
N TYR CA 180 42.97 89.87 41.25
CA TYR CA 180 44.24 89.21 41.58
C TYR CA 180 44.08 88.31 42.80
N VAL CA 181 43.54 88.87 43.89
CA VAL CA 181 43.43 88.10 45.12
C VAL CA 181 42.42 86.97 44.97
N SER CA 182 41.33 87.21 44.23
CA SER CA 182 40.35 86.16 44.02
C SER CA 182 40.93 85.01 43.22
N GLU CA 183 41.66 85.34 42.14
CA GLU CA 183 42.32 84.28 41.34
C GLU CA 183 43.26 83.50 42.26
N ILE CA 184 44.10 84.21 43.03
CA ILE CA 184 45.07 83.52 43.88
C ILE CA 184 44.35 82.60 44.87
N ILE CA 185 43.31 83.12 45.53
CA ILE CA 185 42.69 82.34 46.65
C ILE CA 185 41.77 81.22 46.18
N VAL CA 186 40.87 81.49 45.22
CA VAL CA 186 39.84 80.47 44.83
C VAL CA 186 40.51 79.13 44.54
N LYS CA 187 41.74 79.13 44.04
CA LYS CA 187 42.42 77.87 43.64
C LYS CA 187 42.76 77.04 44.88
N ASN CA 188 43.05 77.71 46.00
CA ASN CA 188 43.44 76.99 47.24
C ASN CA 188 42.21 76.83 48.14
N ILE CA 189 41.02 77.18 47.65
CA ILE CA 189 39.82 77.13 48.53
C ILE CA 189 38.75 76.25 47.88
N ASP CA 190 38.01 75.48 48.69
CA ASP CA 190 36.91 74.61 48.18
C ASP CA 190 35.57 75.27 48.49
N ASP CA 191 34.59 75.14 47.59
CA ASP CA 191 33.26 75.76 47.79
C ASP CA 191 32.60 75.17 49.03
N ILE CA 192 31.77 75.97 49.72
CA ILE CA 192 31.08 75.49 50.95
C ILE CA 192 29.59 75.82 50.82
N GLU CA 193 28.72 75.04 51.48
CA GLU CA 193 27.25 75.26 51.39
C GLU CA 193 26.91 76.63 51.98
N GLU CA 194 25.88 77.30 51.46
CA GLU CA 194 25.43 78.61 52.00
C GLU CA 194 23.90 78.58 52.11
N LEU CA 195 23.34 79.27 53.10
CA LEU CA 195 21.84 79.33 53.26
C LEU CA 195 21.38 80.78 53.15
N PHE CA 196 20.23 81.01 52.51
CA PHE CA 196 19.72 82.39 52.33
C PHE CA 196 18.37 82.52 53.06
N LYS CA 202 18.07 77.91 49.06
CA LYS CA 202 19.11 78.50 48.16
C LYS CA 202 20.50 78.19 48.72
N SER CA 203 21.36 77.59 47.90
CA SER CA 203 22.76 77.29 48.33
C SER CA 203 23.75 78.08 47.47
N THR CA 204 24.70 78.76 48.11
CA THR CA 204 25.68 79.59 47.36
C THR CA 204 27.07 78.98 47.48
N THR CA 205 27.72 78.72 46.35
CA THR CA 205 29.10 78.15 46.35
C THR CA 205 30.09 79.15 46.93
N LEU CA 206 31.02 78.70 47.77
CA LEU CA 206 32.06 79.60 48.34
C LEU CA 206 32.96 80.11 47.23
N HIS CA 207 33.16 79.32 46.17
CA HIS CA 207 33.97 79.81 45.02
C HIS CA 207 33.35 81.09 44.49
N LYS CA 208 32.01 81.14 44.39
CA LYS CA 208 31.37 82.43 43.99
C LYS CA 208 31.57 83.46 45.10
N GLU CA 209 31.48 83.08 46.37
CA GLU CA 209 31.74 84.10 47.37
C GLU CA 209 33.13 84.72 47.18
N ILE CA 210 34.11 83.86 46.88
CA ILE CA 210 35.49 84.38 46.61
C ILE CA 210 35.40 85.32 45.41
N LEU CA 211 34.68 84.91 44.36
CA LEU CA 211 34.56 85.75 43.14
C LEU CA 211 33.94 87.10 43.52
N GLN CA 212 32.86 87.08 44.29
CA GLN CA 212 32.16 88.32 44.62
C GLN CA 212 32.96 89.18 45.60
N THR CA 213 33.64 88.53 46.54
CA THR CA 213 34.44 89.29 47.54
C THR CA 213 35.54 90.06 46.82
N ASP CA 214 35.73 91.34 47.16
CA ASP CA 214 36.73 92.19 46.49
C ASP CA 214 37.87 92.53 47.46
N SER CA 215 38.74 93.46 47.09
CA SER CA 215 39.84 93.90 47.97
C SER CA 215 40.17 95.37 47.67
N ARG CA 216 40.58 96.14 48.66
CA ARG CA 216 40.87 97.59 48.42
C ARG CA 216 42.16 98.00 49.15
N LEU CA 217 43.00 98.80 48.49
CA LEU CA 217 44.28 99.24 49.10
C LEU CA 217 44.01 100.41 50.04
N SER CA 218 44.06 100.17 51.36
CA SER CA 218 43.89 101.27 52.32
C SER CA 218 45.27 101.84 52.67
N SER CA 219 45.56 103.06 52.22
CA SER CA 219 46.90 103.66 52.46
C SER CA 219 46.80 105.18 52.43
N ASP CA 220 47.79 105.87 53.00
CA ASP CA 220 47.80 107.35 52.93
C ASP CA 220 47.92 107.78 51.46
N ILE CA 221 48.45 106.90 50.61
CA ILE CA 221 48.69 107.29 49.19
C ILE CA 221 47.33 107.26 48.47
N PHE CA 222 46.43 106.36 48.87
CA PHE CA 222 45.11 106.23 48.27
C PHE CA 222 44.09 106.17 49.40
N LYS CA 223 43.64 107.34 49.86
CA LYS CA 223 42.67 107.41 50.94
C LYS CA 223 41.23 107.24 50.48
N GLU CA 224 40.96 107.35 49.17
CA GLU CA 224 39.61 107.21 48.66
C GLU CA 224 39.52 106.02 47.71
N ILE DA 3 83.29 84.17 38.96
CA ILE DA 3 82.06 84.61 38.25
C ILE DA 3 80.92 84.81 39.26
N ARG DA 4 80.48 86.05 39.45
CA ARG DA 4 79.43 86.31 40.46
C ARG DA 4 78.52 87.43 39.94
N ASN DA 5 77.30 87.09 39.55
CA ASN DA 5 76.35 88.15 39.14
C ASN DA 5 76.14 89.04 40.36
N ARG DA 6 76.38 90.34 40.24
CA ARG DA 6 76.10 91.25 41.38
C ARG DA 6 74.71 91.87 41.22
N LEU DA 7 73.85 91.27 40.38
CA LEU DA 7 72.54 91.92 40.12
C LEU DA 7 71.79 92.03 41.45
N SER DA 8 71.82 90.97 42.26
CA SER DA 8 71.15 91.02 43.58
C SER DA 8 71.81 92.11 44.44
N GLU DA 9 73.15 92.17 44.42
CA GLU DA 9 73.89 93.19 45.22
C GLU DA 9 73.54 94.59 44.69
N LEU DA 10 73.51 94.77 43.38
CA LEU DA 10 73.21 96.10 42.78
C LEU DA 10 71.77 96.50 43.13
N LEU DA 11 70.84 95.54 43.08
CA LEU DA 11 69.43 95.83 43.46
C LEU DA 11 69.39 96.24 44.93
N SER DA 12 70.17 95.56 45.78
CA SER DA 12 70.25 95.93 47.21
C SER DA 12 70.79 97.36 47.33
N GLU DA 13 71.94 97.64 46.70
CA GLU DA 13 72.52 98.97 46.75
C GLU DA 13 71.50 100.04 46.39
N ARG DA 14 70.79 99.84 45.28
CA ARG DA 14 69.84 100.84 44.77
C ARG DA 14 68.43 100.64 45.30
N GLY DA 15 68.20 99.60 46.09
CA GLY DA 15 66.89 99.36 46.67
C GLY DA 15 65.84 99.00 45.65
N LEU DA 16 66.30 98.77 44.41
CA LEU DA 16 65.37 98.43 43.30
C LEU DA 16 64.84 97.01 43.50
N LYS DA 17 63.51 96.86 43.49
CA LYS DA 17 62.90 95.50 43.62
C LYS DA 17 63.13 94.75 42.30
N ILE DA 18 63.10 93.41 42.35
CA ILE DA 18 63.30 92.59 41.13
C ILE DA 18 62.18 92.94 40.14
N SER DA 19 60.96 93.15 40.64
CA SER DA 19 59.81 93.43 39.73
C SER DA 19 60.09 94.72 38.96
N ARG DA 20 60.65 95.74 39.63
CA ARG DA 20 60.87 97.05 38.96
C ARG DA 20 61.80 96.85 37.77
N VAL DA 21 62.94 96.19 37.99
CA VAL DA 21 63.90 95.95 36.89
C VAL DA 21 63.19 95.14 35.80
N ALA DA 22 62.60 94.00 36.17
CA ALA DA 22 61.93 93.11 35.19
C ALA DA 22 61.04 93.95 34.28
N LYS DA 23 60.16 94.76 34.85
CA LYS DA 23 59.22 95.55 34.02
C LYS DA 23 60.03 96.50 33.13
N ASP DA 24 61.04 97.17 33.70
CA ASP DA 24 61.84 98.15 32.93
C ASP DA 24 62.62 97.45 31.82
N VAL DA 25 63.21 96.28 32.11
CA VAL DA 25 64.05 95.56 31.11
C VAL DA 25 63.19 94.55 30.34
N LYS DA 26 61.90 94.45 30.68
CA LYS DA 26 60.99 93.50 29.99
C LYS DA 26 61.55 92.08 30.06
N ILE DA 27 62.16 91.72 31.19
CA ILE DA 27 62.66 90.33 31.38
C ILE DA 27 61.72 89.63 32.36
N ALA DA 28 61.47 88.33 32.18
CA ALA DA 28 60.48 87.66 33.06
C ALA DA 28 60.96 87.79 34.50
N ARG DA 29 60.07 88.17 35.41
CA ARG DA 29 60.45 88.31 36.83
C ARG DA 29 61.01 86.97 37.31
N SER DA 30 60.39 85.87 36.90
CA SER DA 30 60.82 84.53 37.36
C SER DA 30 62.23 84.23 36.81
N SER DA 31 62.46 84.54 35.54
CA SER DA 31 63.81 84.34 34.95
C SER DA 31 64.81 85.29 35.63
N LEU DA 32 64.41 86.55 35.86
CA LEU DA 32 65.34 87.55 36.44
C LEU DA 32 65.67 87.17 37.88
N THR DA 33 64.65 86.88 38.70
CA THR DA 33 64.88 86.53 40.13
C THR DA 33 65.77 85.28 40.21
N SER DA 34 65.61 84.35 39.27
CA SER DA 34 66.46 83.17 39.27
C SER DA 34 67.91 83.56 39.00
N MET DA 35 68.08 84.51 38.09
CA MET DA 35 69.43 84.99 37.68
C MET DA 35 69.97 85.98 38.71
N ALA DA 36 69.13 86.50 39.60
CA ALA DA 36 69.59 87.56 40.53
C ALA DA 36 70.71 87.03 41.43
N GLN DA 37 70.56 85.83 42.00
CA GLN DA 37 71.60 85.27 42.91
C GLN DA 37 72.57 84.42 42.09
N ASN DA 38 72.61 84.64 40.77
CA ASN DA 38 73.50 83.82 39.90
C ASN DA 38 73.20 82.35 40.17
N ASP DA 39 71.92 81.99 40.27
CA ASP DA 39 71.53 80.56 40.49
C ASP DA 39 71.56 79.87 39.12
N SER DA 40 70.90 80.47 38.12
CA SER DA 40 70.88 79.89 36.75
C SER DA 40 72.31 79.88 36.19
N GLU DA 41 72.66 78.81 35.46
CA GLU DA 41 74.04 78.69 34.90
C GLU DA 41 74.03 79.17 33.44
N MET DA 42 72.91 79.73 32.97
CA MET DA 42 72.86 80.28 31.60
C MET DA 42 72.35 81.73 31.66
N ILE DA 43 73.01 82.63 30.92
CA ILE DA 43 72.62 84.07 30.89
C ILE DA 43 72.51 84.53 29.42
N ARG DA 44 71.44 85.24 29.09
CA ARG DA 44 71.23 85.76 27.74
C ARG DA 44 72.01 87.05 27.54
N TYR DA 45 72.63 87.17 26.37
CA TYR DA 45 73.30 88.43 26.02
C TYR DA 45 72.32 89.59 26.07
N ASP DA 46 71.08 89.37 25.64
CA ASP DA 46 70.07 90.42 25.73
C ASP DA 46 69.84 90.84 27.17
N ALA DA 47 69.79 89.86 28.07
CA ALA DA 47 69.53 90.17 29.49
C ALA DA 47 70.65 91.08 30.02
N ILE DA 48 71.90 90.67 29.84
CA ILE DA 48 73.01 91.45 30.40
C ILE DA 48 73.10 92.81 29.74
N ASP DA 49 72.84 92.86 28.42
CA ASP DA 49 72.86 94.15 27.70
C ASP DA 49 71.82 95.08 28.32
N LYS DA 50 70.58 94.60 28.48
CA LYS DA 50 69.51 95.42 29.01
C LYS DA 50 69.81 95.84 30.44
N LEU DA 51 70.35 94.93 31.26
CA LEU DA 51 70.66 95.28 32.63
C LEU DA 51 71.76 96.33 32.71
N CYS DA 52 72.79 96.19 31.88
CA CYS DA 52 73.89 97.14 31.89
C CYS DA 52 73.43 98.52 31.45
N SER DA 53 72.64 98.58 30.38
CA SER DA 53 72.11 99.88 29.95
C SER DA 53 71.18 100.46 31.00
N TYR DA 54 70.34 99.62 31.60
CA TYR DA 54 69.36 100.10 32.57
C TYR DA 54 70.02 100.58 33.85
N LEU DA 55 71.04 99.85 34.31
CA LEU DA 55 71.72 100.19 35.55
C LEU DA 55 72.88 101.16 35.35
N HIS DA 56 73.12 101.59 34.12
CA HIS DA 56 74.22 102.52 33.81
C HIS DA 56 75.55 101.96 34.28
N ILE DA 57 75.81 100.69 33.97
CA ILE DA 57 77.01 100.00 34.42
C ILE DA 57 77.65 99.28 33.26
N SER DA 58 78.97 99.09 33.36
CA SER DA 58 79.68 98.19 32.49
C SER DA 58 79.47 96.75 32.96
N PRO DA 59 79.63 95.72 32.10
CA PRO DA 59 79.36 94.34 32.52
C PRO DA 59 80.31 93.97 33.66
N SER DA 60 81.31 94.83 33.92
CA SER DA 60 82.28 94.56 35.01
C SER DA 60 81.55 94.52 36.36
N GLU DA 61 80.63 95.47 36.58
CA GLU DA 61 79.93 95.52 37.90
C GLU DA 61 78.88 94.41 37.96
N PHE DA 62 78.49 93.84 36.82
CA PHE DA 62 77.51 92.74 36.82
C PHE DA 62 78.25 91.42 37.05
N PHE DA 63 79.27 91.15 36.23
CA PHE DA 63 80.05 89.89 36.34
C PHE DA 63 81.31 90.11 37.17
N GLU DA 64 81.38 89.54 38.37
CA GLU DA 64 82.64 89.64 39.17
C GLU DA 64 83.37 88.30 39.03
N HIS DA 65 84.57 88.30 38.44
CA HIS DA 65 85.29 87.01 38.20
C HIS DA 65 86.67 87.00 38.86
N ASN DA 66 86.99 85.94 39.61
CA ASN DA 66 88.34 85.78 40.21
C ASN DA 66 89.07 84.71 39.40
N PRO DA 67 90.20 85.02 38.72
CA PRO DA 67 90.86 84.04 37.84
C PRO DA 67 91.01 82.66 38.51
N ILE DA 68 90.98 82.62 39.85
CA ILE DA 68 91.18 81.34 40.59
C ILE DA 68 90.00 80.40 40.31
N ASN DA 69 90.27 79.10 40.16
CA ASN DA 69 89.23 78.15 39.84
C ASN DA 69 89.34 76.97 40.80
N PHE DA 70 88.19 76.46 41.22
CA PHE DA 70 88.13 75.34 42.15
C PHE DA 70 87.39 74.19 41.50
N ASP DA 71 87.98 73.00 41.54
CA ASP DA 71 87.37 71.80 41.02
C ASP DA 71 87.38 70.71 42.09
N PHE DA 72 86.31 69.94 42.16
CA PHE DA 72 86.10 68.99 43.25
C PHE DA 72 85.81 67.62 42.65
N THR DA 73 86.62 66.63 43.02
CA THR DA 73 86.43 65.25 42.52
C THR DA 73 86.25 64.31 43.71
N PHE DA 74 85.16 63.54 43.72
CA PHE DA 74 84.84 62.64 44.86
C PHE DA 74 85.32 61.22 44.55
N ASP DA 75 85.75 60.48 45.58
CA ASP DA 75 86.19 59.11 45.42
C ASP DA 75 85.13 58.29 44.70
N GLU DA 76 85.57 57.47 43.76
CA GLU DA 76 84.66 56.57 43.06
C GLU DA 76 84.01 55.59 44.04
N GLU DA 77 84.80 55.06 44.98
CA GLU DA 77 84.30 54.20 46.03
C GLU DA 77 84.58 54.84 47.38
N PRO DA 78 83.57 55.24 48.15
CA PRO DA 78 83.80 55.78 49.48
C PRO DA 78 83.78 54.70 50.55
N ASN DA 79 84.32 55.04 51.71
CA ASN DA 79 84.34 54.15 52.86
C ASN DA 79 83.11 54.42 53.71
N TYR DA 80 82.02 53.69 53.46
CA TYR DA 80 80.76 54.01 54.20
C TYR DA 80 80.17 52.77 54.89
N LYS DA 81 79.61 52.96 56.09
CA LYS DA 81 78.93 51.84 56.81
C LYS DA 81 77.51 52.32 57.13
N ILE DA 82 76.50 51.46 57.00
CA ILE DA 82 75.08 51.93 57.18
C ILE DA 82 74.44 51.25 58.38
N ASN DA 83 73.61 51.98 59.14
CA ASN DA 83 72.84 51.36 60.26
C ASN DA 83 71.37 51.76 60.09
N ASP DA 84 70.49 50.77 59.87
CA ASP DA 84 69.06 51.07 59.58
C ASP DA 84 68.19 50.72 60.79
N VAL DA 85 67.63 51.74 61.44
CA VAL DA 85 66.71 51.49 62.61
C VAL DA 85 65.34 51.04 62.08
N PHE DA 86 64.87 51.64 60.97
CA PHE DA 86 63.57 51.29 60.35
C PHE DA 86 62.39 51.66 61.26
N GLU DA 87 62.66 52.28 62.41
CA GLU DA 87 61.55 52.56 63.32
C GLU DA 87 61.54 54.03 63.70
N GLY DA 88 60.35 54.63 63.65
CA GLY DA 88 60.22 56.07 63.95
C GLY DA 88 59.86 56.92 62.74
N PHE DA 89 60.43 56.60 61.58
CA PHE DA 89 60.18 57.42 60.36
C PHE DA 89 58.68 57.42 60.04
N GLU DA 90 57.98 56.33 60.34
CA GLU DA 90 56.53 56.22 60.01
C GLU DA 90 55.73 57.11 60.97
N VAL DA 91 56.07 57.12 62.26
CA VAL DA 91 55.30 57.91 63.26
C VAL DA 91 55.54 59.40 63.00
N THR DA 92 56.81 59.79 62.79
CA THR DA 92 57.17 61.20 62.47
C THR DA 92 58.11 61.15 61.26
N ALA DA 93 58.00 62.09 60.33
CA ALA DA 93 58.82 61.99 59.10
C ALA DA 93 60.25 62.45 59.37
N ASN DA 94 61.03 61.61 60.05
CA ASN DA 94 62.45 61.94 60.33
C ASN DA 94 63.34 60.82 59.81
N ILE DA 95 64.23 61.15 58.87
CA ILE DA 95 65.16 60.13 58.29
C ILE DA 95 65.98 59.53 59.43
N THR DA 96 66.39 60.35 60.39
CA THR DA 96 67.19 59.86 61.55
C THR DA 96 66.57 58.58 62.10
N HIS DA 97 65.27 58.59 62.39
CA HIS DA 97 64.63 57.41 62.95
C HIS DA 97 64.68 56.24 61.98
N ALA DA 98 64.56 56.53 60.67
CA ALA DA 98 64.54 55.45 59.66
C ALA DA 98 65.90 54.75 59.60
N PHE DA 99 66.99 55.50 59.63
CA PHE DA 99 68.34 54.93 59.55
C PHE DA 99 69.34 56.04 59.79
N SER DA 100 70.62 55.69 59.70
CA SER DA 100 71.70 56.70 59.81
C SER DA 100 72.95 56.07 59.18
N ILE DA 101 73.97 56.86 58.90
CA ILE DA 101 75.18 56.32 58.22
C ILE DA 101 76.26 56.12 59.29
N GLU DA 102 76.59 54.86 59.62
CA GLU DA 102 77.54 54.62 60.72
C GLU DA 102 78.89 55.26 60.36
N ASN DA 103 79.37 55.06 59.14
CA ASN DA 103 80.63 55.69 58.67
C ASN DA 103 80.40 56.18 57.23
N PHE DA 104 81.09 57.25 56.82
CA PHE DA 104 80.99 57.67 55.41
C PHE DA 104 82.24 58.52 55.15
N ASP DA 105 83.41 57.96 55.47
CA ASP DA 105 84.68 58.71 55.28
C ASP DA 105 85.15 58.53 53.84
N PHE DA 106 85.44 59.65 53.16
CA PHE DA 106 85.96 59.59 51.76
C PHE DA 106 86.82 60.83 51.50
N GLU DA 107 87.52 60.84 50.38
CA GLU DA 107 88.46 61.97 50.10
C GLU DA 107 87.96 62.76 48.88
N ILE DA 108 87.92 64.09 48.99
CA ILE DA 108 87.54 64.91 47.82
C ILE DA 108 88.83 65.57 47.29
N LEU DA 109 89.14 65.34 46.01
CA LEU DA 109 90.35 65.95 45.41
C LEU DA 109 89.97 67.35 44.94
N VAL DA 110 90.63 68.38 45.48
CA VAL DA 110 90.25 69.78 45.13
C VAL DA 110 91.44 70.44 44.42
N ASP DA 111 91.20 71.00 43.23
CA ASP DA 111 92.30 71.73 42.55
C ASP DA 111 92.03 73.23 42.66
N VAL DA 112 92.85 73.94 43.45
CA VAL DA 112 92.71 75.42 43.51
C VAL DA 112 93.62 75.97 42.42
N GLU DA 113 93.06 76.19 41.23
CA GLU DA 113 93.95 76.58 40.10
C GLU DA 113 94.32 78.06 40.25
N LEU DA 114 95.63 78.36 40.22
CA LEU DA 114 96.09 79.77 40.33
C LEU DA 114 95.91 80.45 38.97
N ASP DA 115 96.16 81.76 38.89
CA ASP DA 115 96.10 82.45 37.57
C ASP DA 115 97.19 81.82 36.68
N ASN DA 116 98.35 81.53 37.27
CA ASN DA 116 99.42 80.84 36.51
C ASN DA 116 98.91 79.45 36.13
N ARG DA 117 99.30 78.95 34.96
CA ARG DA 117 98.76 77.65 34.48
C ARG DA 117 98.90 76.61 35.60
N GLN DA 118 100.04 76.60 36.30
CA GLN DA 118 100.23 75.68 37.45
C GLN DA 118 98.99 75.71 38.34
N LYS DA 119 98.56 74.54 38.83
CA LYS DA 119 97.39 74.47 39.75
C LYS DA 119 97.82 73.67 40.98
N LEU DA 120 97.18 73.91 42.13
CA LEU DA 120 97.59 73.22 43.38
C LEU DA 120 96.54 72.16 43.74
N ASN DA 121 96.97 70.91 43.91
CA ASN DA 121 96.05 69.81 44.26
C ASN DA 121 96.04 69.65 45.78
N PHE DA 122 94.87 69.71 46.41
CA PHE DA 122 94.80 69.47 47.88
C PHE DA 122 93.75 68.38 48.14
N ASP DA 123 94.11 67.38 48.94
CA ASP DA 123 93.17 66.26 49.18
C ASP DA 123 92.59 66.39 50.58
N LEU DA 124 91.26 66.51 50.70
CA LEU DA 124 90.61 66.62 52.03
C LEU DA 124 89.83 65.33 52.30
N ASP DA 125 90.04 64.74 53.47
CA ASP DA 125 89.25 63.53 53.83
C ASP DA 125 88.09 63.99 54.71
N VAL DA 126 86.86 63.76 54.27
CA VAL DA 126 85.67 64.14 55.08
C VAL DA 126 85.00 62.85 55.57
N SER DA 127 84.76 62.76 56.88
CA SER DA 127 84.07 61.57 57.43
C SER DA 127 82.71 62.00 57.99
N TYR DA 128 81.75 61.08 58.08
CA TYR DA 128 80.45 61.44 58.69
C TYR DA 128 80.68 61.92 60.12
N LYS DA 129 80.24 63.14 60.44
CA LYS DA 129 80.42 63.69 61.81
C LYS DA 129 79.11 63.50 62.59
N GLU DA 130 78.00 63.99 62.03
CA GLU DA 130 76.67 63.87 62.69
C GLU DA 130 75.59 64.23 61.67
N THR DA 131 74.33 64.30 62.09
CA THR DA 131 73.26 64.74 61.17
C THR DA 131 72.67 66.06 61.69
N GLU DA 132 72.60 67.08 60.82
CA GLU DA 132 72.03 68.39 61.23
C GLU DA 132 70.50 68.30 61.21
N LYS DA 133 69.85 68.57 62.34
CA LYS DA 133 68.36 68.57 62.37
C LYS DA 133 67.83 69.93 61.89
N ILE DA 134 68.04 70.25 60.61
CA ILE DA 134 67.62 71.59 60.08
C ILE DA 134 66.11 71.72 60.31
N THR DA 135 65.36 70.65 60.06
CA THR DA 135 63.89 70.66 60.34
C THR DA 135 63.53 69.31 60.98
N ASN DA 136 62.46 69.27 61.78
CA ASN DA 136 62.03 68.00 62.42
C ASN DA 136 61.78 66.95 61.34
N SER DA 137 61.71 67.37 60.06
CA SER DA 137 61.40 66.43 58.99
C SER DA 137 62.58 66.17 58.08
N GLN DA 138 63.45 67.16 57.87
CA GLN DA 138 64.61 67.03 57.01
C GLN DA 138 65.87 67.15 57.84
N HIS DA 139 66.83 66.23 57.60
CA HIS DA 139 68.11 66.24 58.36
C HIS DA 139 69.27 66.21 57.37
N ARG DA 140 70.26 67.08 57.58
CA ARG DA 140 71.40 67.16 56.63
C ARG DA 140 72.65 66.51 57.23
N PHE DA 141 73.22 65.53 56.54
CA PHE DA 141 74.45 64.85 57.05
C PHE DA 141 75.57 65.87 57.18
N ILE DA 142 76.40 65.74 58.23
CA ILE DA 142 77.54 66.67 58.43
C ILE DA 142 78.84 65.86 58.26
N PHE DA 143 79.76 66.35 57.43
CA PHE DA 143 81.07 65.66 57.26
C PHE DA 143 82.20 66.60 57.68
N THR DA 144 83.10 66.10 58.52
CA THR DA 144 84.22 66.95 59.03
C THR DA 144 85.52 66.56 58.31
N ILE DA 145 86.35 67.55 57.97
CA ILE DA 145 87.63 67.26 57.34
C ILE DA 145 88.60 66.79 58.41
N LYS DA 146 89.14 65.58 58.19
CA LYS DA 146 90.13 65.02 59.14
C LYS DA 146 91.48 65.72 58.89
N ASN DA 147 91.97 65.66 57.66
CA ASN DA 147 93.29 66.26 57.31
C ASN DA 147 93.14 67.75 56.98
N GLU DA 148 92.77 68.58 57.96
CA GLU DA 148 92.67 70.04 57.71
C GLU DA 148 94.08 70.63 57.62
N ASP DA 149 95.09 69.93 58.16
CA ASP DA 149 96.46 70.40 58.05
C ASP DA 149 96.89 70.53 56.60
N GLU DA 150 96.54 69.53 55.77
CA GLU DA 150 96.86 69.60 54.35
C GLU DA 150 96.08 70.70 53.67
N ASN DA 151 94.99 71.15 54.31
CA ASN DA 151 94.09 72.14 53.67
C ASN DA 151 94.23 73.53 54.31
N ILE DA 152 95.34 73.79 55.00
CA ILE DA 152 95.55 75.13 55.54
C ILE DA 152 95.59 76.16 54.42
N GLY DA 153 96.31 75.84 53.34
CA GLY DA 153 96.30 76.72 52.18
C GLY DA 153 94.94 76.74 51.49
N LEU DA 154 94.17 75.67 51.64
CA LEU DA 154 92.83 75.64 51.08
C LEU DA 154 91.95 76.72 51.69
N LYS DA 155 92.06 76.88 53.02
CA LYS DA 155 91.25 77.92 53.70
C LYS DA 155 91.69 79.29 53.17
N LYS DA 156 93.00 79.51 53.04
CA LYS DA 156 93.51 80.79 52.57
C LYS DA 156 92.99 81.10 51.17
N TYR DA 157 93.00 80.11 50.29
CA TYR DA 157 92.45 80.32 48.95
C TYR DA 157 90.95 80.55 48.99
N VAL DA 158 90.24 79.83 49.87
CA VAL DA 158 88.78 79.96 49.92
C VAL DA 158 88.37 81.34 50.40
N ASP DA 159 88.96 81.81 51.51
CA ASP DA 159 88.61 83.13 52.00
C ASP DA 159 89.31 84.24 51.23
N SER DA 160 90.24 83.90 50.33
CA SER DA 160 90.77 84.89 49.42
C SER DA 160 89.74 85.36 48.41
N LEU DA 161 88.66 84.61 48.24
CA LEU DA 161 87.59 84.99 47.28
C LEU DA 161 86.55 85.90 47.95
N SER DA 162 85.72 86.56 47.14
CA SER DA 162 84.68 87.47 47.66
C SER DA 162 83.62 86.66 48.40
N ALA DA 163 82.90 87.31 49.31
CA ALA DA 163 81.90 86.64 50.13
C ALA DA 163 80.88 85.92 49.26
N GLY DA 164 80.44 86.60 48.20
CA GLY DA 164 79.48 85.97 47.26
C GLY DA 164 80.09 84.72 46.65
N LEU DA 165 81.33 84.82 46.18
CA LEU DA 165 81.99 83.67 45.59
C LEU DA 165 82.16 82.54 46.60
N LYS DA 166 82.52 82.91 47.84
CA LYS DA 166 82.62 81.87 48.89
C LYS DA 166 81.27 81.17 49.01
N ASN DA 167 80.19 81.94 49.16
CA ASN DA 167 78.87 81.34 49.32
C ASN DA 167 78.53 80.44 48.13
N LEU DA 168 78.91 80.90 46.94
CA LEU DA 168 78.68 80.11 45.70
C LEU DA 168 79.37 78.76 45.90
N LEU DA 169 80.67 78.79 46.21
CA LEU DA 169 81.45 77.54 46.41
C LEU DA 169 80.70 76.68 47.44
N PHE DA 170 80.34 77.26 48.58
CA PHE DA 170 79.71 76.46 49.62
C PHE DA 170 78.45 75.79 49.09
N LYS DA 171 77.66 76.53 48.32
CA LYS DA 171 76.42 75.95 47.73
C LYS DA 171 76.81 74.79 46.80
N LYS DA 172 77.74 75.02 45.88
CA LYS DA 172 78.12 73.95 44.92
C LYS DA 172 78.57 72.71 45.69
N ILE DA 173 79.54 72.87 46.60
CA ILE DA 173 80.08 71.68 47.32
C ILE DA 173 78.95 71.02 48.09
N ASN DA 174 78.04 71.81 48.68
CA ASN DA 174 76.95 71.22 49.45
C ASN DA 174 76.07 70.35 48.55
N GLN DA 175 75.70 70.89 47.39
CA GLN DA 175 74.87 70.11 46.44
C GLN DA 175 75.61 68.84 46.06
N LYS DA 176 76.87 68.98 45.65
CA LYS DA 176 77.64 67.83 45.18
C LYS DA 176 77.72 66.77 46.27
N LEU DA 177 78.02 67.20 47.49
CA LEU DA 177 78.13 66.25 48.62
C LEU DA 177 76.76 65.59 48.84
N SER DA 178 75.68 66.38 48.79
CA SER DA 178 74.35 65.85 49.03
C SER DA 178 73.96 64.81 47.99
N GLY DA 179 74.21 65.12 46.72
CA GLY DA 179 73.93 64.14 45.68
C GLY DA 179 74.77 62.89 45.82
N TYR DA 180 76.05 63.06 46.17
CA TYR DA 180 76.94 61.93 46.36
C TYR DA 180 76.43 61.01 47.46
N VAL DA 181 76.13 61.58 48.64
CA VAL DA 181 75.72 60.76 49.76
C VAL DA 181 74.34 60.15 49.50
N SER DA 182 73.44 60.91 48.86
CA SER DA 182 72.12 60.37 48.55
C SER DA 182 72.21 59.20 47.58
N GLU DA 183 73.02 59.37 46.52
CA GLU DA 183 73.22 58.24 45.57
C GLU DA 183 73.76 57.03 46.33
N ILE DA 184 74.79 57.24 47.15
CA ILE DA 184 75.39 56.12 47.86
C ILE DA 184 74.37 55.44 48.75
N ILE DA 185 73.61 56.23 49.52
CA ILE DA 185 72.72 55.62 50.55
C ILE DA 185 71.41 55.03 49.97
N VAL DA 186 70.72 55.76 49.10
CA VAL DA 186 69.38 55.30 48.63
C VAL DA 186 69.45 53.85 48.13
N LYS DA 187 70.59 53.44 47.59
CA LYS DA 187 70.72 52.08 46.99
C LYS DA 187 70.68 51.02 48.10
N ASN DA 188 71.20 51.36 49.29
CA ASN DA 188 71.25 50.38 50.41
C ASN DA 188 70.05 50.60 51.33
N ILE DA 189 69.11 51.46 50.94
CA ILE DA 189 67.97 51.77 51.85
C ILE DA 189 66.64 51.48 51.15
N ASP DA 190 65.64 50.98 51.89
CA ASP DA 190 64.31 50.70 51.30
C ASP DA 190 63.38 51.88 51.60
N ASP DA 191 62.27 51.99 50.86
CA ASP DA 191 61.33 53.12 51.04
C ASP DA 191 60.30 52.75 52.13
N ILE DA 192 60.22 53.57 53.19
CA ILE DA 192 59.24 53.32 54.29
C ILE DA 192 58.04 54.23 54.06
N GLU DA 193 56.85 53.64 53.89
CA GLU DA 193 55.61 54.45 53.75
C GLU DA 193 54.96 54.62 55.12
N GLU DA 194 54.64 55.84 55.53
CA GLU DA 194 54.09 56.08 56.89
C GLU DA 194 52.65 55.56 56.96
N LEU DA 195 52.32 54.76 57.98
CA LEU DA 195 50.91 54.32 58.13
C LEU DA 195 50.11 55.62 58.24
N PHE DA 196 50.70 56.63 58.88
CA PHE DA 196 50.05 57.95 59.06
C PHE DA 196 49.80 58.60 57.69
N LYS DA 202 50.10 63.09 53.24
CA LYS DA 202 50.58 62.76 54.61
C LYS DA 202 51.64 61.66 54.52
N SER DA 203 51.33 60.54 53.85
CA SER DA 203 52.26 59.43 53.75
C SER DA 203 53.51 59.85 52.99
N THR DA 204 54.67 59.39 53.47
CA THR DA 204 55.97 59.80 52.86
C THR DA 204 56.75 58.55 52.49
N THR DA 205 57.64 58.66 51.48
CA THR DA 205 58.49 57.50 51.09
C THR DA 205 59.91 57.82 51.53
N LEU DA 206 60.61 56.82 52.07
CA LEU DA 206 61.97 57.09 52.62
C LEU DA 206 62.96 57.33 51.48
N HIS DA 207 62.81 56.66 50.33
CA HIS DA 207 63.71 56.99 49.19
C HIS DA 207 63.63 58.49 48.91
N LYS DA 208 62.41 59.00 48.75
CA LYS DA 208 62.23 60.42 48.50
C LYS DA 208 62.84 61.25 49.62
N GLU DA 209 62.74 60.78 50.86
CA GLU DA 209 63.38 61.48 51.97
C GLU DA 209 64.89 61.51 51.81
N ILE DA 210 65.45 60.38 51.36
CA ILE DA 210 66.93 60.34 51.09
C ILE DA 210 67.24 61.38 50.02
N LEU DA 211 66.42 61.44 48.97
CA LEU DA 211 66.68 62.42 47.87
C LEU DA 211 66.63 63.83 48.44
N GLN DA 212 65.63 64.14 49.27
CA GLN DA 212 65.48 65.50 49.78
C GLN DA 212 66.55 65.83 50.81
N THR DA 213 66.91 64.84 51.64
CA THR DA 213 67.92 65.07 52.70
C THR DA 213 69.25 65.43 52.03
N ASP DA 214 69.93 66.48 52.53
CA ASP DA 214 71.20 66.94 51.94
C ASP DA 214 72.37 66.66 52.89
N SER DA 215 73.54 67.21 52.60
CA SER DA 215 74.71 67.05 53.49
C SER DA 215 75.60 68.29 53.36
N ARG DA 216 76.28 68.69 54.44
CA ARG DA 216 77.12 69.92 54.37
C ARG DA 216 78.45 69.68 55.10
N LEU DA 217 79.55 70.17 54.51
CA LEU DA 217 80.90 69.98 55.11
C LEU DA 217 81.11 71.02 56.21
N SER DA 218 81.04 70.59 57.48
CA SER DA 218 81.32 71.54 58.59
C SER DA 218 82.80 71.45 58.95
N SER DA 219 83.56 72.50 58.66
CA SER DA 219 85.02 72.48 58.90
C SER DA 219 85.54 73.91 59.08
N ASP DA 220 86.72 74.06 59.69
CA ASP DA 220 87.33 75.41 59.81
C ASP DA 220 87.61 75.94 58.41
N ILE DA 221 87.76 75.05 57.43
CA ILE DA 221 88.16 75.51 56.06
C ILE DA 221 86.92 76.12 55.40
N PHE DA 222 85.72 75.60 55.72
CA PHE DA 222 84.47 76.10 55.16
C PHE DA 222 83.50 76.30 56.32
N LYS DA 223 83.55 77.47 56.94
CA LYS DA 223 82.67 77.77 58.06
C LYS DA 223 81.29 78.26 57.65
N GLU DA 224 81.11 78.64 56.39
CA GLU DA 224 79.82 79.13 55.92
C GLU DA 224 79.27 78.21 54.83
N ILE EA 3 109.24 39.48 41.25
CA ILE EA 3 109.10 40.88 40.84
C ILE EA 3 107.82 41.47 41.41
N ARG EA 4 107.82 42.78 41.63
CA ARG EA 4 106.55 43.42 42.07
C ARG EA 4 106.67 44.91 41.81
N ASN EA 5 105.55 45.56 41.55
CA ASN EA 5 105.61 47.05 41.44
C ASN EA 5 105.73 47.59 42.87
N ARG EA 6 106.34 48.76 43.04
CA ARG EA 6 106.55 49.27 44.43
C ARG EA 6 105.52 50.36 44.73
N LEU EA 7 104.36 50.31 44.06
CA LEU EA 7 103.38 51.39 44.24
C LEU EA 7 103.07 51.64 45.70
N SER EA 8 102.75 50.58 46.46
CA SER EA 8 102.42 50.79 47.87
C SER EA 8 103.54 51.52 48.59
N GLU EA 9 104.78 51.06 48.38
CA GLU EA 9 105.95 51.72 49.02
C GLU EA 9 106.11 53.13 48.45
N LEU EA 10 105.91 53.30 47.15
CA LEU EA 10 106.10 54.61 46.52
C LEU EA 10 105.15 55.65 47.11
N LEU EA 11 103.85 55.34 47.12
CA LEU EA 11 102.85 56.32 47.63
C LEU EA 11 102.94 56.44 49.15
N SER EA 12 103.40 55.40 49.85
CA SER EA 12 103.60 55.55 51.31
C SER EA 12 104.70 56.59 51.53
N GLU EA 13 105.79 56.50 50.76
CA GLU EA 13 106.85 57.49 50.86
C GLU EA 13 106.36 58.87 50.45
N ARG EA 14 105.59 58.95 49.37
CA ARG EA 14 105.05 60.23 48.92
C ARG EA 14 103.97 60.75 49.86
N GLY EA 15 103.27 59.86 50.56
CA GLY EA 15 102.14 60.24 51.38
C GLY EA 15 100.85 60.41 50.62
N LEU EA 16 100.89 60.25 49.29
CA LEU EA 16 99.68 60.45 48.46
C LEU EA 16 98.72 59.27 48.61
N LYS EA 17 97.46 59.45 48.22
CA LYS EA 17 96.46 58.37 48.32
C LYS EA 17 96.17 57.83 46.92
N ILE EA 18 95.70 56.58 46.81
CA ILE EA 18 95.46 55.96 45.48
C ILE EA 18 94.47 56.85 44.72
N SER EA 19 93.39 57.26 45.38
CA SER EA 19 92.35 58.08 44.70
C SER EA 19 93.01 59.35 44.14
N ARG EA 20 93.91 59.95 44.91
CA ARG EA 20 94.58 61.19 44.47
C ARG EA 20 95.40 60.88 43.20
N VAL EA 21 96.14 59.77 43.21
CA VAL EA 21 96.95 59.37 42.02
C VAL EA 21 95.99 59.12 40.85
N ALA EA 22 94.88 58.42 41.10
CA ALA EA 22 93.96 58.06 39.99
C ALA EA 22 93.43 59.34 39.34
N LYS EA 23 93.03 60.34 40.12
CA LYS EA 23 92.55 61.56 39.44
C LYS EA 23 93.69 62.14 38.61
N ASP EA 24 94.93 61.99 39.08
CA ASP EA 24 96.04 62.64 38.37
C ASP EA 24 96.37 61.92 37.07
N VAL EA 25 96.36 60.58 37.08
CA VAL EA 25 96.83 59.81 35.88
C VAL EA 25 95.68 59.24 35.05
N LYS EA 26 94.43 59.57 35.38
CA LYS EA 26 93.28 59.13 34.60
C LYS EA 26 93.24 57.61 34.46
N ILE EA 27 93.54 56.93 35.57
CA ILE EA 27 93.47 55.44 35.61
C ILE EA 27 92.36 55.04 36.59
N ALA EA 28 91.57 54.03 36.24
CA ALA EA 28 90.43 53.60 37.04
C ALA EA 28 90.87 53.31 38.47
N ARG EA 29 90.08 53.79 39.43
CA ARG EA 29 90.44 53.64 40.86
C ARG EA 29 90.61 52.16 41.18
N SER EA 30 89.63 51.33 40.82
CA SER EA 30 89.70 49.92 41.21
C SER EA 30 90.95 49.24 40.66
N SER EA 31 91.20 49.41 39.36
CA SER EA 31 92.36 48.79 38.75
C SER EA 31 93.65 49.32 39.37
N LEU EA 32 93.71 50.64 39.57
CA LEU EA 32 94.95 51.25 40.11
C LEU EA 32 95.18 50.76 41.54
N THR EA 33 94.12 50.71 42.35
CA THR EA 33 94.29 50.31 43.78
C THR EA 33 94.69 48.83 43.81
N SER EA 34 94.10 48.01 42.94
CA SER EA 34 94.52 46.61 42.88
C SER EA 34 95.98 46.51 42.47
N MET EA 35 96.37 47.32 41.49
CA MET EA 35 97.78 47.28 40.99
C MET EA 35 98.70 47.90 42.04
N ALA EA 36 98.17 48.80 42.87
CA ALA EA 36 98.99 49.36 43.98
C ALA EA 36 99.43 48.18 44.84
N GLN EA 37 98.51 47.24 45.10
CA GLN EA 37 98.89 46.00 45.84
C GLN EA 37 99.71 45.15 44.87
N ASN EA 38 100.65 44.37 45.40
CA ASN EA 38 101.52 43.50 44.55
C ASN EA 38 100.68 42.34 44.02
N ASP EA 39 99.45 42.18 44.51
CA ASP EA 39 98.61 41.00 44.13
C ASP EA 39 98.37 40.97 42.61
N SER EA 40 98.17 42.12 41.97
CA SER EA 40 97.84 42.09 40.52
C SER EA 40 98.96 41.40 39.75
N GLU EA 41 98.63 40.52 38.80
CA GLU EA 41 99.67 39.75 38.07
C GLU EA 41 99.89 40.37 36.69
N MET EA 42 99.00 41.27 36.28
CA MET EA 42 99.12 41.89 34.93
C MET EA 42 99.19 43.42 35.08
N ILE EA 43 99.95 44.04 34.18
CA ILE EA 43 100.12 45.52 34.23
C ILE EA 43 100.17 46.07 32.80
N ARG EA 44 99.67 47.28 32.58
CA ARG EA 44 99.60 47.93 31.29
C ARG EA 44 100.78 48.88 31.09
N TYR EA 45 101.24 48.97 29.84
CA TYR EA 45 102.30 49.92 29.50
C TYR EA 45 101.84 51.35 29.71
N ASP EA 46 100.59 51.65 29.36
CA ASP EA 46 100.05 52.97 29.64
C ASP EA 46 100.13 53.29 31.12
N ALA EA 47 99.81 52.30 31.96
CA ALA EA 47 99.84 52.49 33.40
C ALA EA 47 101.26 52.81 33.88
N ILE EA 48 102.24 52.05 33.38
CA ILE EA 48 103.63 52.26 33.86
C ILE EA 48 104.12 53.63 33.36
N ASP EA 49 103.72 54.03 32.16
CA ASP EA 49 104.12 55.35 31.61
C ASP EA 49 103.53 56.44 32.51
N LYS EA 50 102.22 56.39 32.75
CA LYS EA 50 101.57 57.45 33.50
C LYS EA 50 102.09 57.53 34.92
N LEU EA 51 102.26 56.38 35.57
CA LEU EA 51 102.71 56.39 36.97
C LEU EA 51 104.15 56.86 37.08
N CYS EA 52 105.02 56.34 36.21
CA CYS EA 52 106.45 56.73 36.27
C CYS EA 52 106.57 58.24 36.04
N SER EA 53 105.79 58.77 35.11
CA SER EA 53 105.82 60.22 34.82
C SER EA 53 105.27 61.01 36.02
N TYR EA 54 104.09 60.62 36.50
CA TYR EA 54 103.46 61.33 37.64
C TYR EA 54 104.43 61.39 38.82
N LEU EA 55 105.00 60.24 39.18
CA LEU EA 55 105.94 60.19 40.29
C LEU EA 55 107.32 60.69 39.90
N HIS EA 56 107.52 61.02 38.62
CA HIS EA 56 108.81 61.59 38.16
C HIS EA 56 109.94 60.62 38.50
N ILE EA 57 109.71 59.32 38.23
CA ILE EA 57 110.73 58.29 38.58
C ILE EA 57 110.88 57.28 37.45
N SER EA 58 112.08 56.71 37.30
CA SER EA 58 112.31 55.66 36.32
C SER EA 58 111.67 54.35 36.77
N PRO EA 59 111.41 53.38 35.85
CA PRO EA 59 110.82 52.10 36.23
C PRO EA 59 111.69 51.37 37.26
N SER EA 60 112.97 51.71 37.34
CA SER EA 60 113.87 51.09 38.35
C SER EA 60 113.19 51.16 39.71
N GLU EA 61 112.80 52.37 40.12
CA GLU EA 61 112.13 52.56 41.43
C GLU EA 61 110.73 51.93 41.40
N PHE EA 62 110.12 51.84 40.21
CA PHE EA 62 108.74 51.26 40.14
C PHE EA 62 108.76 49.73 40.26
N PHE EA 63 109.71 49.06 39.61
CA PHE EA 63 109.74 47.61 39.59
C PHE EA 63 110.86 47.10 40.49
N GLU EA 64 110.49 46.52 41.63
CA GLU EA 64 111.44 45.81 42.48
C GLU EA 64 111.55 44.39 41.95
N HIS EA 65 112.72 44.03 41.43
CA HIS EA 65 112.96 42.70 40.90
C HIS EA 65 114.16 42.06 41.57
N ASN EA 66 114.00 40.81 42.04
CA ASN EA 66 115.09 40.00 42.54
C ASN EA 66 115.16 38.74 41.70
N PRO EA 67 116.33 38.39 41.10
CA PRO EA 67 116.42 37.26 40.17
C PRO EA 67 116.12 35.90 40.81
N ILE EA 68 115.92 35.86 42.13
CA ILE EA 68 115.72 34.52 42.76
C ILE EA 68 114.24 34.18 42.59
N ASN EA 69 113.94 33.20 41.73
CA ASN EA 69 112.52 32.86 41.44
C ASN EA 69 112.10 31.67 42.28
N PHE EA 70 111.00 31.81 43.02
CA PHE EA 70 110.50 30.71 43.89
C PHE EA 70 109.24 30.10 43.26
N ASP EA 71 109.36 28.94 42.62
CA ASP EA 71 108.23 28.24 42.01
C ASP EA 71 107.76 27.14 42.94
N PHE EA 72 106.45 27.05 43.14
CA PHE EA 72 105.86 26.15 44.11
C PHE EA 72 104.96 25.16 43.39
N THR EA 73 105.07 23.89 43.81
CA THR EA 73 104.23 22.80 43.25
C THR EA 73 103.67 22.01 44.44
N PHE EA 74 102.44 21.51 44.34
CA PHE EA 74 101.77 20.82 45.42
C PHE EA 74 101.48 19.38 45.02
N ASP EA 75 101.23 18.54 46.03
CA ASP EA 75 100.97 17.10 45.78
C ASP EA 75 99.65 16.90 45.04
N GLU EA 76 99.68 16.15 43.94
CA GLU EA 76 98.41 15.84 43.22
C GLU EA 76 97.47 15.15 44.22
N GLU EA 77 97.98 14.18 44.97
CA GLU EA 77 97.16 13.55 45.99
C GLU EA 77 97.78 13.79 47.36
N PRO EA 78 97.07 14.43 48.28
CA PRO EA 78 97.62 14.67 49.61
C PRO EA 78 97.21 13.59 50.60
N ASN EA 79 97.84 13.61 51.77
CA ASN EA 79 97.43 12.69 52.86
C ASN EA 79 96.43 13.47 53.71
N TYR EA 80 95.16 13.44 53.35
CA TYR EA 80 94.17 14.29 54.05
C TYR EA 80 93.05 13.47 54.69
N LYS EA 81 92.75 13.73 55.96
CA LYS EA 81 91.58 13.08 56.60
C LYS EA 81 90.70 14.18 57.18
N ILE EA 82 89.43 14.23 56.76
CA ILE EA 82 88.54 15.35 57.22
C ILE EA 82 87.27 14.72 57.84
N ASN EA 83 87.25 14.58 59.16
CA ASN EA 83 86.04 14.05 59.84
C ASN EA 83 84.89 15.03 59.63
N ASP EA 84 83.67 14.50 59.43
CA ASP EA 84 82.49 15.38 59.26
C ASP EA 84 81.74 15.44 60.59
N VAL EA 85 81.66 16.62 61.21
CA VAL EA 85 80.85 16.77 62.45
C VAL EA 85 79.62 17.59 62.09
N PHE EA 86 78.42 17.00 62.18
CA PHE EA 86 77.20 17.72 61.75
C PHE EA 86 76.70 18.61 62.90
N GLU EA 87 77.47 19.64 63.26
CA GLU EA 87 77.10 20.53 64.38
C GLU EA 87 76.31 21.72 63.82
N GLY EA 88 75.18 21.45 63.15
CA GLY EA 88 74.33 22.57 62.67
C GLY EA 88 75.08 23.61 61.87
N PHE EA 89 75.90 23.23 60.89
CA PHE EA 89 76.55 24.30 60.11
C PHE EA 89 75.45 25.21 59.55
N GLU EA 90 74.41 24.60 58.99
CA GLU EA 90 73.31 25.41 58.41
C GLU EA 90 72.79 26.42 59.45
N VAL EA 91 72.78 26.03 60.73
CA VAL EA 91 72.25 26.92 61.81
C VAL EA 91 73.29 28.00 62.14
N THR EA 92 74.57 27.64 62.19
CA THR EA 92 75.65 28.61 62.53
C THR EA 92 76.74 28.49 61.47
N ALA EA 93 77.01 29.57 60.73
CA ALA EA 93 77.97 29.45 59.60
C ALA EA 93 79.40 29.46 60.15
N ASN EA 94 79.79 28.41 60.87
CA ASN EA 94 81.18 28.29 61.39
C ASN EA 94 81.81 27.03 60.80
N ILE EA 95 83.04 27.13 60.28
CA ILE EA 95 83.69 25.98 59.62
C ILE EA 95 83.78 24.84 60.63
N THR EA 96 84.10 25.17 61.89
CA THR EA 96 84.17 24.14 62.96
C THR EA 96 82.83 23.38 63.03
N HIS EA 97 81.70 24.10 62.93
CA HIS EA 97 80.36 23.46 63.05
C HIS EA 97 80.13 22.53 61.85
N ALA EA 98 80.65 22.90 60.68
CA ALA EA 98 80.48 22.07 59.46
C ALA EA 98 81.31 20.79 59.51
N PHE EA 99 82.58 20.88 59.93
CA PHE EA 99 83.48 19.68 59.92
C PHE EA 99 84.77 19.99 60.67
N SER EA 100 85.74 19.08 60.64
CA SER EA 100 87.03 19.35 61.26
C SER EA 100 88.09 18.53 60.57
N ILE EA 101 89.27 19.12 60.37
CA ILE EA 101 90.37 18.41 59.73
C ILE EA 101 91.03 17.51 60.76
N GLU EA 102 90.93 16.20 60.57
CA GLU EA 102 91.67 15.29 61.42
C GLU EA 102 93.16 15.43 61.19
N ASN EA 103 93.58 15.43 59.92
CA ASN EA 103 94.95 15.72 59.55
C ASN EA 103 94.96 16.10 58.08
N PHE EA 104 95.94 16.94 57.71
CA PHE EA 104 96.13 17.32 56.32
C PHE EA 104 97.63 17.58 56.14
N ASP EA 105 98.32 16.52 55.73
CA ASP EA 105 99.77 16.62 55.48
C ASP EA 105 100.03 16.32 54.00
N PHE EA 106 101.03 16.96 53.40
CA PHE EA 106 101.36 16.79 52.00
C PHE EA 106 102.73 17.40 51.76
N GLU EA 107 103.16 17.32 50.50
CA GLU EA 107 104.52 17.81 50.17
C GLU EA 107 104.45 19.00 49.23
N ILE EA 108 105.12 20.09 49.61
CA ILE EA 108 105.18 21.31 48.77
C ILE EA 108 106.60 21.42 48.21
N LEU EA 109 106.77 21.21 46.91
CA LEU EA 109 108.09 21.29 46.26
C LEU EA 109 108.35 22.75 45.89
N VAL EA 110 109.51 23.27 46.27
CA VAL EA 110 109.89 24.66 45.88
C VAL EA 110 111.17 24.60 45.05
N ASP EA 111 111.09 24.97 43.77
CA ASP EA 111 112.27 24.94 42.87
C ASP EA 111 112.89 26.34 42.87
N VAL EA 112 113.64 26.68 43.92
CA VAL EA 112 114.24 28.00 44.01
C VAL EA 112 115.32 28.14 42.97
N GLU EA 113 115.26 29.22 42.19
CA GLU EA 113 116.21 29.43 41.10
C GLU EA 113 116.99 30.71 41.35
N LEU EA 114 118.31 30.59 41.30
CA LEU EA 114 119.18 31.75 41.41
C LEU EA 114 119.24 32.50 40.09
N ASP EA 115 120.14 33.47 40.00
CA ASP EA 115 120.33 34.18 38.75
C ASP EA 115 120.75 33.23 37.65
N ASN EA 116 121.64 32.29 38.01
CA ASN EA 116 122.06 31.24 37.04
C ASN EA 116 120.94 30.19 36.97
N ARG EA 117 120.86 29.47 35.85
CA ARG EA 117 119.78 28.46 35.65
C ARG EA 117 119.87 27.40 36.76
N GLN EA 118 120.99 27.33 37.48
CA GLN EA 118 121.10 26.39 38.62
C GLN EA 118 119.87 26.55 39.52
N LYS EA 119 119.07 25.49 39.67
CA LYS EA 119 117.84 25.58 40.50
C LYS EA 119 117.93 24.57 41.66
N LEU EA 120 117.57 25.00 42.87
CA LEU EA 120 117.61 24.11 44.06
C LEU EA 120 116.16 23.81 44.49
N ASN EA 121 115.84 22.52 44.69
CA ASN EA 121 114.45 22.13 45.05
C ASN EA 121 114.38 21.84 46.54
N PHE EA 122 113.37 22.39 47.23
CA PHE EA 122 113.20 22.14 48.69
C PHE EA 122 111.84 21.48 48.92
N ASP EA 123 111.82 20.35 49.63
CA ASP EA 123 110.54 19.63 49.89
C ASP EA 123 109.99 20.07 51.25
N LEU EA 124 108.69 20.33 51.32
CA LEU EA 124 108.08 20.82 52.59
C LEU EA 124 107.03 19.82 53.09
N ASP EA 125 107.32 19.08 54.17
CA ASP EA 125 106.25 18.21 54.71
C ASP EA 125 105.36 19.14 55.52
N VAL EA 126 104.23 19.54 54.92
CA VAL EA 126 103.31 20.52 55.57
C VAL EA 126 102.07 19.79 56.09
N SER EA 127 101.78 19.94 57.38
CA SER EA 127 100.66 19.28 58.03
C SER EA 127 99.73 20.32 58.65
N TYR EA 128 98.44 20.04 58.56
CA TYR EA 128 97.45 20.86 59.25
C TYR EA 128 97.70 20.82 60.75
N LYS EA 129 97.65 21.98 61.40
CA LYS EA 129 97.91 22.07 62.82
C LYS EA 129 96.68 22.50 63.62
N GLU EA 130 95.98 23.53 63.17
CA GLU EA 130 94.86 24.06 63.95
C GLU EA 130 93.97 24.89 63.04
N THR EA 131 92.66 24.83 63.30
CA THR EA 131 91.68 25.67 62.55
C THR EA 131 91.52 26.98 63.32
N GLU EA 132 92.49 27.87 63.19
CA GLU EA 132 92.49 29.15 63.89
C GLU EA 132 91.24 29.95 63.54
N LYS EA 133 90.56 30.44 64.58
CA LYS EA 133 89.31 31.20 64.38
C LYS EA 133 89.61 32.70 64.44
N ILE EA 134 89.77 33.32 63.27
CA ILE EA 134 90.08 34.74 63.19
C ILE EA 134 88.93 35.58 63.73
N THR EA 135 87.71 35.27 63.31
CA THR EA 135 86.52 35.97 63.77
C THR EA 135 85.46 34.94 64.14
N ASN EA 136 84.43 35.41 64.84
CA ASN EA 136 83.29 34.54 65.12
C ASN EA 136 82.63 34.10 63.82
N SER EA 137 82.84 34.89 62.76
CA SER EA 137 82.19 34.57 61.46
C SER EA 137 83.03 33.57 60.67
N GLN EA 138 84.34 33.85 60.49
CA GLN EA 138 85.19 32.99 59.62
C GLN EA 138 86.38 32.43 60.42
N HIS EA 139 87.06 31.42 59.86
CA HIS EA 139 88.26 30.86 60.51
C HIS EA 139 89.39 30.79 59.47
N ARG EA 140 90.65 30.71 59.93
CA ARG EA 140 91.77 30.52 58.98
C ARG EA 140 92.46 29.18 59.33
N PHE EA 141 92.56 28.26 58.38
CA PHE EA 141 93.31 27.00 58.65
C PHE EA 141 94.79 27.33 58.80
N ILE EA 142 95.46 26.72 59.78
CA ILE EA 142 96.92 26.97 60.00
C ILE EA 142 97.68 25.69 59.71
N PHE EA 143 98.70 25.77 58.86
CA PHE EA 143 99.55 24.58 58.56
C PHE EA 143 100.96 24.83 59.08
N THR EA 144 101.76 23.76 59.18
CA THR EA 144 103.10 23.87 59.72
C THR EA 144 104.02 22.92 58.97
N ILE EA 145 105.26 23.37 58.75
CA ILE EA 145 106.24 22.54 57.98
C ILE EA 145 107.02 21.65 58.96
N LYS EA 146 106.82 20.34 58.89
CA LYS EA 146 107.55 19.38 59.77
C LYS EA 146 109.05 19.42 59.47
N ASN EA 147 109.43 19.54 58.19
CA ASN EA 147 110.86 19.47 57.80
C ASN EA 147 111.42 20.89 57.61
N GLU EA 148 110.82 21.88 58.28
CA GLU EA 148 111.26 23.28 58.13
C GLU EA 148 112.75 23.39 58.52
N ASP EA 149 113.16 22.64 59.54
CA ASP EA 149 114.58 22.67 59.99
C ASP EA 149 115.46 22.20 58.83
N GLU EA 150 115.03 21.18 58.08
CA GLU EA 150 115.79 20.72 56.89
C GLU EA 150 115.84 21.86 55.88
N ASN EA 151 114.74 22.59 55.71
CA ASN EA 151 114.67 23.68 54.68
C ASN EA 151 115.19 24.99 55.30
N ILE EA 152 116.17 24.90 56.20
CA ILE EA 152 116.77 26.11 56.82
C ILE EA 152 117.44 26.92 55.71
N GLY EA 153 118.06 26.24 54.74
CA GLY EA 153 118.67 26.94 53.59
C GLY EA 153 117.62 27.70 52.81
N LEU EA 154 116.43 27.12 52.65
CA LEU EA 154 115.31 27.83 51.97
C LEU EA 154 115.05 29.14 52.72
N LYS EA 155 114.92 29.06 54.04
CA LYS EA 155 114.64 30.28 54.84
C LYS EA 155 115.75 31.30 54.59
N LYS EA 156 117.00 30.83 54.55
CA LYS EA 156 118.16 31.73 54.28
C LYS EA 156 117.90 32.45 52.95
N TYR EA 157 117.41 31.73 51.94
CA TYR EA 157 117.12 32.36 50.63
C TYR EA 157 115.91 33.31 50.74
N VAL EA 158 114.87 32.88 51.46
CA VAL EA 158 113.66 33.73 51.63
C VAL EA 158 114.09 35.06 52.28
N ASP EA 159 114.73 35.00 53.44
CA ASP EA 159 115.10 36.22 54.14
C ASP EA 159 116.16 37.02 53.40
N SER EA 160 116.77 36.41 52.38
CA SER EA 160 117.81 37.12 51.58
C SER EA 160 117.16 38.13 50.63
N LEU EA 161 115.83 38.13 50.53
CA LEU EA 161 115.13 39.05 49.64
C LEU EA 161 114.67 40.28 50.41
N SER EA 162 114.07 41.22 49.68
CA SER EA 162 113.55 42.43 50.30
C SER EA 162 112.26 42.12 51.07
N ALA EA 163 111.96 42.98 52.04
CA ALA EA 163 110.79 42.77 52.87
C ALA EA 163 109.51 42.79 52.04
N GLY EA 164 109.44 43.69 51.06
CA GLY EA 164 108.28 43.70 50.17
C GLY EA 164 108.17 42.42 49.37
N LEU EA 165 109.30 41.97 48.81
CA LEU EA 165 109.28 40.71 48.06
C LEU EA 165 109.00 39.53 48.98
N LYS EA 166 109.50 39.57 50.21
CA LYS EA 166 109.17 38.53 51.17
C LYS EA 166 107.67 38.48 51.42
N ASN EA 167 107.06 39.65 51.61
CA ASN EA 167 105.61 39.69 51.83
C ASN EA 167 104.86 39.18 50.61
N LEU EA 168 105.34 39.54 49.42
CA LEU EA 168 104.71 39.02 48.20
C LEU EA 168 104.80 37.51 48.16
N LEU EA 169 105.97 36.94 48.46
CA LEU EA 169 106.01 35.45 48.50
C LEU EA 169 105.01 34.95 49.53
N PHE EA 170 105.02 35.49 50.76
CA PHE EA 170 104.10 34.96 51.76
C PHE EA 170 102.68 34.97 51.22
N LYS EA 171 102.31 36.08 50.57
CA LYS EA 171 100.95 36.18 49.98
C LYS EA 171 100.75 35.05 48.98
N LYS EA 172 101.69 34.89 48.05
CA LYS EA 172 101.54 33.88 47.02
C LYS EA 172 101.40 32.49 47.63
N ILE EA 173 102.25 32.17 48.60
CA ILE EA 173 102.19 30.86 49.26
C ILE EA 173 100.84 30.68 49.93
N ASN EA 174 100.44 31.68 50.70
CA ASN EA 174 99.13 31.62 51.42
C ASN EA 174 98.01 31.40 50.40
N GLN EA 175 98.00 32.18 49.33
CA GLN EA 175 96.89 32.13 48.38
C GLN EA 175 96.83 30.77 47.71
N LYS EA 176 97.99 30.27 47.27
CA LYS EA 176 98.02 28.93 46.63
C LYS EA 176 97.54 27.89 47.64
N LEU EA 177 98.04 27.96 48.87
CA LEU EA 177 97.68 26.97 49.89
C LEU EA 177 96.19 27.03 50.19
N SER EA 178 95.67 28.26 50.33
CA SER EA 178 94.22 28.43 50.60
C SER EA 178 93.44 27.77 49.46
N GLY EA 179 93.73 28.15 48.22
CA GLY EA 179 93.01 27.61 47.09
C GLY EA 179 93.06 26.09 47.07
N TYR EA 180 94.26 25.55 47.30
CA TYR EA 180 94.44 24.07 47.29
C TYR EA 180 93.56 23.45 48.37
N VAL EA 181 93.67 23.94 49.61
CA VAL EA 181 92.93 23.36 50.72
C VAL EA 181 91.43 23.47 50.50
N SER EA 182 90.97 24.64 50.06
CA SER EA 182 89.54 24.82 49.81
C SER EA 182 89.06 23.88 48.70
N GLU EA 183 89.90 23.70 47.68
CA GLU EA 183 89.55 22.79 46.56
C GLU EA 183 89.37 21.37 47.11
N ILE EA 184 90.38 20.89 47.84
CA ILE EA 184 90.30 19.50 48.39
C ILE EA 184 89.05 19.39 49.25
N ILE EA 185 88.88 20.30 50.21
CA ILE EA 185 87.73 20.20 51.16
C ILE EA 185 86.40 20.26 50.41
N VAL EA 186 86.26 21.14 49.42
CA VAL EA 186 84.97 21.30 48.77
C VAL EA 186 84.60 20.04 47.98
N LYS EA 187 85.64 19.34 47.52
CA LYS EA 187 85.38 18.04 46.82
C LYS EA 187 85.06 16.98 47.89
N ASN EA 188 85.61 17.11 49.10
CA ASN EA 188 85.40 16.05 50.12
C ASN EA 188 84.13 16.31 50.95
N ILE EA 189 83.70 17.56 51.04
CA ILE EA 189 82.52 17.87 51.92
C ILE EA 189 81.31 18.25 51.07
N ASP EA 190 80.15 17.66 51.37
CA ASP EA 190 78.92 17.93 50.59
C ASP EA 190 78.45 19.37 50.84
N ASP EA 191 77.69 19.94 49.89
CA ASP EA 191 77.20 21.34 50.01
C ASP EA 191 76.29 21.50 51.23
N ILE EA 192 76.76 22.24 52.24
CA ILE EA 192 75.91 22.51 53.45
C ILE EA 192 75.54 23.99 53.45
N GLU EA 193 74.40 24.34 52.85
CA GLU EA 193 73.97 25.77 52.78
C GLU EA 193 73.57 26.27 54.17
N GLU EA 194 73.77 27.56 54.44
CA GLU EA 194 73.37 28.15 55.74
C GLU EA 194 71.95 28.71 55.60
N LEU EA 195 70.96 28.02 56.18
CA LEU EA 195 69.55 28.49 56.05
C LEU EA 195 69.37 29.84 56.74
N PHE EA 196 69.88 30.02 57.94
CA PHE EA 196 69.61 31.30 58.65
C PHE EA 196 70.47 32.39 58.01
N PRO EA 197 69.87 33.47 57.45
CA PRO EA 197 70.66 34.56 56.91
C PRO EA 197 71.47 35.17 58.06
N ASN EA 198 72.76 35.41 57.82
CA ASN EA 198 73.62 36.01 58.86
C ASN EA 198 73.39 37.52 58.83
N LYS EA 199 72.37 38.00 59.54
CA LYS EA 199 72.12 39.47 59.62
C LYS EA 199 71.88 40.05 58.22
N GLY EA 200 70.87 39.56 57.49
CA GLY EA 200 70.52 40.18 56.20
C GLY EA 200 71.53 39.94 55.10
N GLU EA 201 72.63 39.23 55.38
CA GLU EA 201 73.60 38.89 54.31
C GLU EA 201 73.03 37.69 53.55
N LYS EA 202 73.00 37.72 52.22
CA LYS EA 202 72.31 36.59 51.54
C LYS EA 202 72.92 35.25 52.01
N SER EA 203 72.06 34.24 52.19
CA SER EA 203 72.52 32.91 52.68
C SER EA 203 73.78 32.46 51.91
N THR EA 204 74.80 32.01 52.65
CA THR EA 204 76.07 31.54 52.02
C THR EA 204 76.30 30.07 52.38
N THR EA 205 76.66 29.25 51.39
CA THR EA 205 76.83 27.79 51.63
C THR EA 205 78.22 27.49 52.21
N LEU EA 206 78.38 26.35 52.86
CA LEU EA 206 79.71 25.94 53.40
C LEU EA 206 80.74 26.18 52.29
N HIS EA 207 80.41 25.79 51.06
CA HIS EA 207 81.38 25.95 49.93
C HIS EA 207 81.91 27.39 49.91
N LYS EA 208 81.00 28.38 49.92
CA LYS EA 208 81.43 29.76 49.87
C LYS EA 208 82.31 30.10 51.07
N GLU EA 209 82.00 29.49 52.21
CA GLU EA 209 82.76 29.77 53.45
C GLU EA 209 84.17 29.20 53.34
N ILE EA 210 84.31 27.95 52.89
CA ILE EA 210 85.65 27.31 52.83
C ILE EA 210 86.48 27.99 51.74
N LEU EA 211 85.87 28.29 50.58
CA LEU EA 211 86.61 29.03 49.56
C LEU EA 211 87.03 30.39 50.10
N GLN EA 212 86.12 31.05 50.83
CA GLN EA 212 86.45 32.34 51.46
C GLN EA 212 87.53 32.09 52.51
N THR EA 213 87.50 30.94 53.17
CA THR EA 213 88.49 30.62 54.24
C THR EA 213 89.89 30.71 53.63
N ASP EA 214 90.80 31.44 54.28
CA ASP EA 214 92.17 31.63 53.74
C ASP EA 214 93.16 30.95 54.68
N SER EA 215 93.78 29.86 54.22
CA SER EA 215 94.72 29.09 55.08
C SER EA 215 96.15 29.58 54.88
N ARG EA 216 96.73 30.23 55.89
CA ARG EA 216 98.08 30.76 55.80
C ARG EA 216 99.02 29.84 56.55
N LEU EA 217 100.07 29.38 55.85
CA LEU EA 217 101.05 28.51 56.47
C LEU EA 217 101.81 29.27 57.55
N SER EA 218 102.14 28.56 58.63
CA SER EA 218 102.88 29.15 59.75
C SER EA 218 104.15 28.32 59.99
N SER EA 219 105.29 28.97 59.88
CA SER EA 219 106.58 28.32 60.15
C SER EA 219 107.63 29.40 60.29
N ASP EA 220 108.74 29.03 60.93
CA ASP EA 220 109.87 29.95 61.04
C ASP EA 220 110.46 30.29 59.69
N ILE EA 221 110.22 29.45 58.67
CA ILE EA 221 110.65 29.78 57.31
C ILE EA 221 109.99 31.05 56.83
N PHE EA 222 108.72 31.22 57.20
CA PHE EA 222 107.93 32.39 56.73
C PHE EA 222 107.33 33.08 57.96
N LYS EA 223 108.05 34.02 58.56
CA LYS EA 223 107.59 34.66 59.80
C LYS EA 223 106.63 35.81 59.49
N GLU EA 224 107.09 36.79 58.73
CA GLU EA 224 106.27 37.96 58.41
C GLU EA 224 105.11 37.61 57.48
N ILE FA 3 114.10 -10.02 36.43
CA ILE FA 3 114.53 -8.64 36.21
C ILE FA 3 113.60 -7.66 36.88
N ARG FA 4 114.12 -6.51 37.27
CA ARG FA 4 113.21 -5.48 37.82
C ARG FA 4 113.93 -4.13 37.76
N ASN FA 5 113.16 -3.06 37.62
CA ASN FA 5 113.82 -1.72 37.68
C ASN FA 5 114.12 -1.46 39.16
N ARG FA 6 115.15 -0.67 39.46
CA ARG FA 6 115.54 -0.47 40.89
C ARG FA 6 115.01 0.90 41.36
N LEU FA 7 113.95 1.40 40.74
CA LEU FA 7 113.47 2.74 41.09
C LEU FA 7 113.27 2.91 42.58
N SER FA 8 112.54 1.98 43.21
CA SER FA 8 112.30 2.12 44.64
C SER FA 8 113.61 2.25 45.41
N GLU FA 9 114.55 1.36 45.10
CA GLU FA 9 115.88 1.40 45.77
C GLU FA 9 116.62 2.68 45.38
N LEU FA 10 116.51 3.09 44.12
CA LEU FA 10 117.22 4.29 43.65
C LEU FA 10 116.77 5.53 44.39
N LEU FA 11 115.46 5.77 44.41
CA LEU FA 11 114.92 7.00 45.08
C LEU FA 11 115.02 6.87 46.60
N SER FA 12 115.02 5.66 47.15
CA SER FA 12 115.24 5.52 48.61
C SER FA 12 116.66 6.00 48.92
N GLU FA 13 117.63 5.59 48.10
CA GLU FA 13 119.00 6.03 48.29
C GLU FA 13 119.11 7.54 48.06
N ARG FA 14 118.45 8.06 47.03
CA ARG FA 14 118.49 9.50 46.77
C ARG FA 14 117.69 10.28 47.80
N GLY FA 15 116.68 9.65 48.40
CA GLY FA 15 115.79 10.35 49.31
C GLY FA 15 114.68 11.13 48.63
N LEU FA 16 114.67 11.13 47.30
CA LEU FA 16 113.66 11.90 46.52
C LEU FA 16 112.31 11.19 46.57
N LYS FA 17 111.24 11.93 46.26
CA LYS FA 17 109.87 11.33 46.26
C LYS FA 17 109.41 11.14 44.80
N ILE FA 18 108.49 10.20 44.58
CA ILE FA 18 108.04 9.91 43.19
C ILE FA 18 107.51 11.20 42.57
N SER FA 19 106.67 11.93 43.32
CA SER FA 19 106.06 13.17 42.78
C SER FA 19 107.18 14.13 42.37
N ARG FA 20 108.23 14.22 43.18
CA ARG FA 20 109.36 15.13 42.86
C ARG FA 20 109.99 14.69 41.53
N VAL FA 21 110.24 13.39 41.39
CA VAL FA 21 110.83 12.86 40.13
C VAL FA 21 109.88 13.16 38.97
N ALA FA 22 108.57 12.94 39.16
CA ALA FA 22 107.61 13.13 38.05
C ALA FA 22 107.65 14.58 37.59
N LYS FA 23 107.72 15.52 38.53
CA LYS FA 23 107.78 16.96 38.19
C LYS FA 23 109.06 17.21 37.38
N ASP FA 24 110.10 16.41 37.61
CA ASP FA 24 111.37 16.64 36.94
C ASP FA 24 111.40 16.03 35.54
N VAL FA 25 110.87 14.82 35.40
CA VAL FA 25 111.01 14.08 34.09
C VAL FA 25 109.74 14.14 33.24
N LYS FA 26 108.72 14.89 33.66
CA LYS FA 26 107.50 15.06 32.86
C LYS FA 26 106.85 13.71 32.54
N ILE FA 27 106.83 12.84 33.54
CA ILE FA 27 106.18 11.51 33.40
C ILE FA 27 104.99 11.46 34.36
N ALA FA 28 103.86 10.91 33.92
CA ALA FA 28 102.64 10.87 34.70
C ALA FA 28 102.89 10.25 36.07
N ARG FA 29 102.35 10.88 37.12
CA ARG FA 29 102.63 10.38 38.49
C ARG FA 29 102.16 8.93 38.62
N SER FA 30 100.93 8.63 38.20
CA SER FA 30 100.40 7.29 38.42
C SER FA 30 101.29 6.25 37.73
N SER FA 31 101.60 6.47 36.46
CA SER FA 31 102.44 5.51 35.73
C SER FA 31 103.82 5.40 36.36
N LEU FA 32 104.40 6.54 36.72
CA LEU FA 32 105.77 6.53 37.29
C LEU FA 32 105.76 5.81 38.63
N THR FA 33 104.76 6.08 39.48
CA THR FA 33 104.72 5.47 40.83
C THR FA 33 104.49 3.96 40.67
N SER FA 34 103.65 3.57 39.72
CA SER FA 34 103.46 2.14 39.46
C SER FA 34 104.77 1.51 39.00
N MET FA 35 105.48 2.22 38.11
CA MET FA 35 106.75 1.69 37.56
C MET FA 35 107.82 1.74 38.64
N ALA FA 36 107.69 2.67 39.59
CA ALA FA 36 108.64 2.70 40.74
C ALA FA 36 108.56 1.34 41.42
N GLN FA 37 107.34 0.83 41.60
CA GLN FA 37 107.18 -0.54 42.17
C GLN FA 37 107.59 -1.53 41.07
N ASN FA 38 108.14 -2.68 41.47
CA ASN FA 38 108.60 -3.70 40.48
C ASN FA 38 107.37 -4.35 39.84
N ASP FA 39 106.17 -4.07 40.35
CA ASP FA 39 104.94 -4.75 39.85
C ASP FA 39 104.72 -4.49 38.36
N SER FA 40 105.02 -3.27 37.87
CA SER FA 40 104.72 -2.99 36.44
C SER FA 40 105.49 -3.97 35.56
N GLU FA 41 104.85 -4.50 34.51
CA GLU FA 41 105.50 -5.52 33.66
C GLU FA 41 105.97 -4.88 32.36
N MET FA 42 105.53 -3.65 32.09
CA MET FA 42 105.90 -2.96 30.83
C MET FA 42 106.58 -1.62 31.16
N ILE FA 43 107.55 -1.25 30.33
CA ILE FA 43 108.29 0.02 30.55
C ILE FA 43 108.58 0.68 29.20
N ARG FA 44 108.62 2.01 29.16
CA ARG FA 44 108.85 2.79 27.95
C ARG FA 44 110.31 3.21 27.83
N TYR FA 45 110.78 3.27 26.59
CA TYR FA 45 112.13 3.74 26.34
C TYR FA 45 112.29 5.21 26.73
N ASP FA 46 111.27 6.02 26.48
CA ASP FA 46 111.31 7.41 26.93
C ASP FA 46 111.48 7.46 28.43
N ALA FA 47 110.78 6.58 29.16
CA ALA FA 47 110.86 6.56 30.61
C ALA FA 47 112.27 6.23 31.06
N ILE FA 48 112.87 5.20 30.44
CA ILE FA 48 114.22 4.78 30.89
C ILE FA 48 115.23 5.89 30.56
N ASP FA 49 115.05 6.57 29.42
CA ASP FA 49 115.95 7.68 29.03
C ASP FA 49 115.84 8.78 30.08
N LYS FA 50 114.62 9.23 30.36
CA LYS FA 50 114.43 10.36 31.26
C LYS FA 50 114.92 10.03 32.66
N LEU FA 51 114.60 8.84 33.16
CA LEU FA 51 114.99 8.49 34.52
C LEU FA 51 116.49 8.32 34.64
N CYS FA 52 117.10 7.62 33.68
CA CYS FA 52 118.57 7.39 33.74
C CYS FA 52 119.29 8.73 33.69
N SER FA 53 118.79 9.66 32.86
CA SER FA 53 119.42 11.00 32.76
C SER FA 53 119.20 11.77 34.06
N TYR FA 54 117.96 11.83 34.54
CA TYR FA 54 117.65 12.59 35.79
C TYR FA 54 118.54 12.09 36.92
N LEU FA 55 118.60 10.78 37.11
CA LEU FA 55 119.43 10.22 38.18
C LEU FA 55 120.90 10.17 37.80
N HIS FA 56 121.22 10.54 36.56
CA HIS FA 56 122.65 10.61 36.14
C HIS FA 56 123.28 9.23 36.30
N ILE FA 57 122.56 8.19 35.89
CA ILE FA 57 123.07 6.79 36.07
C ILE FA 57 122.82 5.96 34.81
N SER FA 58 123.68 4.99 34.54
CA SER FA 58 123.51 4.06 33.44
C SER FA 58 122.38 3.08 33.75
N PRO FA 59 121.77 2.41 32.72
CA PRO FA 59 120.70 1.45 32.97
C PRO FA 59 121.18 0.30 33.86
N SER FA 60 122.50 0.08 33.93
CA SER FA 60 123.05 -0.97 34.82
C SER FA 60 122.44 -0.80 36.21
N GLU FA 61 122.55 0.39 36.78
CA GLU FA 61 122.01 0.66 38.13
C GLU FA 61 120.47 0.66 38.07
N PHE FA 62 119.90 0.97 36.91
CA PHE FA 62 118.41 1.01 36.81
C PHE FA 62 117.81 -0.39 36.73
N PHE FA 63 118.42 -1.30 35.97
CA PHE FA 63 117.85 -2.64 35.77
C PHE FA 63 118.66 -3.66 36.56
N GLU FA 64 118.07 -4.18 37.63
CA GLU FA 64 118.64 -5.31 38.34
C GLU FA 64 118.17 -6.59 37.65
N HIS FA 65 119.11 -7.31 37.04
CA HIS FA 65 118.80 -8.54 36.33
C HIS FA 65 119.64 -9.68 36.88
N ASN FA 66 118.98 -10.82 37.19
CA ASN FA 66 119.64 -12.05 37.55
C ASN FA 66 119.22 -13.11 36.55
N PRO FA 67 120.16 -13.82 35.88
CA PRO FA 67 119.80 -14.77 34.81
C PRO FA 67 118.97 -15.97 35.28
N ILE FA 68 118.75 -16.10 36.60
CA ILE FA 68 118.02 -17.30 37.07
C ILE FA 68 116.52 -17.00 36.91
N ASN FA 69 115.88 -17.67 35.95
CA ASN FA 69 114.44 -17.36 35.66
C ASN FA 69 113.57 -18.38 36.37
N PHE FA 70 112.60 -17.91 37.16
CA PHE FA 70 111.68 -18.82 37.90
C PHE FA 70 110.30 -18.77 37.24
N ASP FA 71 109.95 -19.80 36.46
CA ASP FA 71 108.65 -19.90 35.81
C ASP FA 71 107.77 -20.84 36.62
N PHE FA 72 106.52 -20.42 36.85
CA PHE FA 72 105.60 -21.12 37.72
C PHE FA 72 104.40 -21.57 36.91
N THR FA 73 103.97 -22.81 37.17
CA THR FA 73 102.78 -23.40 36.51
C THR FA 73 101.93 -24.03 37.62
N PHE FA 74 100.60 -23.99 37.50
CA PHE FA 74 99.69 -24.50 38.51
C PHE FA 74 98.86 -25.63 37.94
N ASP FA 75 98.28 -26.42 38.85
CA ASP FA 75 97.45 -27.58 38.43
C ASP FA 75 96.18 -27.14 37.72
N GLU FA 76 95.92 -27.70 36.53
CA GLU FA 76 94.65 -27.38 35.83
C GLU FA 76 93.50 -27.75 36.77
N GLU FA 77 93.56 -28.93 37.37
CA GLU FA 77 92.54 -29.31 38.34
C GLU FA 77 93.18 -29.52 39.71
N PRO FA 78 92.78 -28.77 40.71
CA PRO FA 78 93.35 -28.95 42.04
C PRO FA 78 92.53 -29.89 42.91
N ASN FA 79 93.09 -30.28 44.06
CA ASN FA 79 92.32 -31.09 45.03
C ASN FA 79 91.71 -30.08 46.01
N TYR FA 80 90.53 -29.55 45.69
CA TYR FA 80 89.96 -28.46 46.53
C TYR FA 80 88.60 -28.85 47.10
N LYS FA 81 88.42 -28.67 48.41
CA LYS FA 81 87.07 -28.88 49.00
C LYS FA 81 86.68 -27.59 49.74
N ILE FA 82 85.56 -26.97 49.39
CA ILE FA 82 85.17 -25.67 50.02
C ILE FA 82 83.77 -25.81 50.60
N ASN FA 83 83.66 -26.10 51.89
CA ASN FA 83 82.33 -26.18 52.54
C ASN FA 83 81.67 -24.80 52.51
N ASP FA 84 80.35 -24.77 52.29
CA ASP FA 84 79.63 -23.48 52.26
C ASP FA 84 78.94 -23.30 53.62
N VAL FA 85 79.33 -22.27 54.37
CA VAL FA 85 78.63 -21.98 55.67
C VAL FA 85 77.84 -20.69 55.45
N PHE FA 86 76.51 -20.76 55.52
CA PHE FA 86 75.69 -19.55 55.22
C PHE FA 86 75.57 -18.70 56.49
N GLU FA 87 76.68 -18.12 56.94
CA GLU FA 87 76.67 -17.31 58.18
C GLU FA 87 76.44 -15.84 57.81
N GLY FA 88 75.32 -15.54 57.15
CA GLY FA 88 74.99 -14.13 56.84
C GLY FA 88 76.11 -13.38 56.15
N PHE FA 89 76.72 -13.93 55.11
CA PHE FA 89 77.76 -13.11 54.43
C PHE FA 89 77.14 -11.78 54.04
N GLU FA 90 75.94 -11.85 53.45
CA GLU FA 90 75.27 -10.59 53.02
C GLU FA 90 75.19 -9.60 54.19
N VAL FA 91 74.99 -10.11 55.40
CA VAL FA 91 74.85 -9.24 56.60
C VAL FA 91 76.23 -8.72 57.03
N THR FA 92 77.26 -9.57 56.98
CA THR FA 92 78.63 -9.17 57.41
C THR FA 92 79.61 -9.57 56.30
N ALA FA 93 80.29 -8.61 55.69
CA ALA FA 93 81.14 -8.95 54.53
C ALA FA 93 82.44 -9.58 55.01
N ASN FA 94 82.36 -10.79 55.59
CA ASN FA 94 83.58 -11.51 56.02
C ASN FA 94 83.66 -12.84 55.27
N ILE FA 95 84.84 -13.17 54.73
CA ILE FA 95 84.98 -14.40 53.89
C ILE FA 95 84.58 -15.60 54.76
N THR FA 96 84.99 -15.59 56.03
CA THR FA 96 84.62 -16.68 56.97
C THR FA 96 83.09 -16.84 56.98
N HIS FA 97 82.35 -15.73 57.03
CA HIS FA 97 80.87 -15.78 57.10
C HIS FA 97 80.29 -16.38 55.81
N ALA FA 98 80.95 -16.10 54.68
CA ALA FA 98 80.48 -16.63 53.37
C ALA FA 98 80.73 -18.14 53.24
N PHE FA 99 81.91 -18.62 53.62
CA PHE FA 99 82.25 -20.05 53.42
C PHE FA 99 83.55 -20.39 54.16
N SER FA 100 84.07 -21.60 53.96
CA SER FA 100 85.35 -21.95 54.57
C SER FA 100 86.00 -23.03 53.75
N ILE FA 101 87.32 -22.95 53.58
CA ILE FA 101 88.05 -23.94 52.81
C ILE FA 101 88.28 -25.16 53.70
N GLU FA 102 87.67 -26.29 53.35
CA GLU FA 102 87.96 -27.52 54.06
C GLU FA 102 89.39 -27.96 53.79
N ASN FA 103 89.79 -27.97 52.52
CA ASN FA 103 91.16 -28.21 52.13
C ASN FA 103 91.36 -27.67 50.72
N PHE FA 104 92.59 -27.26 50.42
CA PHE FA 104 92.94 -26.81 49.08
C PHE FA 104 94.41 -27.15 48.88
N ASP FA 105 94.64 -28.34 48.32
CA ASP FA 105 96.01 -28.79 48.03
C ASP FA 105 96.14 -28.98 46.52
N PHE FA 106 97.32 -28.71 45.97
CA PHE FA 106 97.59 -28.83 44.55
C PHE FA 106 99.10 -28.78 44.34
N GLU FA 107 99.47 -28.88 43.06
CA GLU FA 107 100.91 -28.93 42.75
C GLU FA 107 101.35 -27.71 41.96
N ILE FA 108 102.40 -27.04 42.45
CA ILE FA 108 102.96 -25.85 41.75
C ILE FA 108 104.32 -26.26 41.18
N LEU FA 109 104.39 -26.33 39.85
CA LEU FA 109 105.65 -26.70 39.16
C LEU FA 109 106.49 -25.44 38.96
N VAL FA 110 107.75 -25.48 39.36
CA VAL FA 110 108.66 -24.32 39.14
C VAL FA 110 109.82 -24.79 38.27
N ASP FA 111 109.92 -24.24 37.04
CA ASP FA 111 111.01 -24.63 36.11
C ASP FA 111 112.14 -23.61 36.25
N VAL FA 112 112.94 -23.73 37.30
CA VAL FA 112 114.01 -22.78 37.55
C VAL FA 112 115.09 -22.96 36.48
N GLU FA 113 115.47 -21.86 35.85
CA GLU FA 113 116.44 -21.91 34.76
C GLU FA 113 117.67 -21.10 35.14
N LEU FA 114 118.84 -21.73 35.02
CA LEU FA 114 120.08 -21.03 35.25
C LEU FA 114 120.46 -20.21 34.03
N ASP FA 115 121.68 -19.67 34.04
CA ASP FA 115 122.16 -18.95 32.87
C ASP FA 115 122.19 -19.84 31.64
N ASN FA 116 122.61 -21.09 31.85
CA ASN FA 116 122.60 -22.08 30.74
C ASN FA 116 121.15 -22.58 30.58
N ARG FA 117 120.80 -23.06 29.39
CA ARG FA 117 119.42 -23.52 29.11
C ARG FA 117 119.05 -24.65 30.08
N GLN FA 118 120.04 -25.27 30.73
CA GLN FA 118 119.75 -26.31 31.74
C GLN FA 118 118.67 -25.78 32.70
N LYS FA 119 117.50 -26.44 32.76
CA LYS FA 119 116.39 -25.97 33.63
C LYS FA 119 116.05 -27.07 34.65
N LEU FA 120 115.87 -26.69 35.91
CA LEU FA 120 115.53 -27.67 36.98
C LEU FA 120 114.09 -27.43 37.42
N ASN FA 121 113.27 -28.49 37.48
CA ASN FA 121 111.83 -28.33 37.83
C ASN FA 121 111.63 -28.76 39.28
N PHE FA 122 110.92 -27.94 40.08
CA PHE FA 122 110.64 -28.29 41.49
C PHE FA 122 109.12 -28.37 41.69
N ASP FA 123 108.63 -29.48 42.25
CA ASP FA 123 107.17 -29.66 42.47
C ASP FA 123 106.83 -29.21 43.88
N LEU FA 124 105.73 -28.46 44.04
CA LEU FA 124 105.36 -27.94 45.39
C LEU FA 124 103.98 -28.49 45.79
N ASP FA 125 103.93 -29.41 46.76
CA ASP FA 125 102.59 -29.85 47.24
C ASP FA 125 102.13 -28.75 48.17
N VAL FA 126 101.27 -27.86 47.67
CA VAL FA 126 100.82 -26.69 48.47
C VAL FA 126 99.38 -26.92 48.95
N SER FA 127 99.15 -26.83 50.25
CA SER FA 127 97.85 -27.06 50.85
C SER FA 127 97.41 -25.84 51.64
N TYR FA 128 96.11 -25.55 51.55
CA TYR FA 128 95.53 -24.51 52.38
C TYR FA 128 95.72 -24.84 53.85
N LYS FA 129 96.12 -23.85 54.65
CA LYS FA 129 96.37 -24.04 56.06
C LYS FA 129 95.40 -23.27 56.95
N GLU FA 130 95.19 -21.99 56.66
CA GLU FA 130 94.38 -21.17 57.54
C GLU FA 130 93.90 -19.95 56.77
N THR FA 131 92.67 -19.51 57.08
CA THR FA 131 92.13 -18.25 56.47
C THR FA 131 92.49 -17.10 57.40
N GLU FA 132 93.74 -16.66 57.35
CA GLU FA 132 94.24 -15.58 58.20
C GLU FA 132 93.43 -14.32 58.00
N LYS FA 133 92.99 -13.74 59.12
CA LYS FA 133 92.14 -12.52 59.07
C LYS FA 133 93.02 -11.29 59.30
N ILE FA 134 93.44 -10.64 58.21
CA ILE FA 134 94.30 -9.47 58.30
C ILE FA 134 93.57 -8.31 58.98
N THR FA 135 92.34 -8.05 58.56
CA THR FA 135 91.52 -6.99 59.15
C THR FA 135 90.13 -7.55 59.44
N ASN FA 136 89.36 -6.81 60.21
CA ASN FA 136 87.97 -7.17 60.43
C ASN FA 136 87.20 -7.14 59.11
N SER FA 137 87.74 -6.39 58.15
CA SER FA 137 87.03 -6.24 56.85
C SER FA 137 87.42 -7.38 55.90
N GLN FA 138 88.72 -7.63 55.72
CA GLN FA 138 89.17 -8.64 54.73
C GLN FA 138 90.02 -9.72 55.39
N HIS FA 139 90.24 -10.84 54.68
CA HIS FA 139 91.11 -11.92 55.22
C HIS FA 139 92.14 -12.30 54.15
N ARG FA 140 93.25 -12.93 54.54
CA ARG FA 140 94.21 -13.44 53.53
C ARG FA 140 94.30 -14.96 53.69
N PHE FA 141 94.04 -15.72 52.62
CA PHE FA 141 94.21 -17.20 52.70
C PHE FA 141 95.70 -17.52 52.84
N ILE FA 142 96.05 -18.46 53.72
CA ILE FA 142 97.48 -18.83 53.91
C ILE FA 142 97.68 -20.28 53.43
N PHE FA 143 98.66 -20.50 52.56
CA PHE FA 143 98.94 -21.87 52.09
C PHE FA 143 100.34 -22.30 52.59
N THR FA 144 100.64 -23.58 52.52
CA THR FA 144 101.91 -24.10 53.02
C THR FA 144 102.37 -25.24 52.12
N ILE FA 145 103.70 -25.30 51.90
CA ILE FA 145 104.27 -26.34 51.01
C ILE FA 145 104.62 -27.58 51.84
N LYS FA 146 103.90 -28.69 51.62
CA LYS FA 146 104.17 -29.96 52.34
C LYS FA 146 105.56 -30.49 51.99
N ASN FA 147 105.97 -30.36 50.72
CA ASN FA 147 107.27 -30.95 50.28
C ASN FA 147 108.34 -29.87 50.24
N GLU FA 148 108.19 -28.82 51.06
CA GLU FA 148 109.16 -27.69 51.07
C GLU FA 148 110.56 -28.24 51.41
N ASP FA 149 110.62 -29.22 52.32
CA ASP FA 149 111.91 -29.83 52.71
C ASP FA 149 112.57 -30.45 51.47
N GLU FA 150 111.77 -31.10 50.62
CA GLU FA 150 112.30 -31.67 49.35
C GLU FA 150 112.82 -30.52 48.48
N ASN FA 151 112.11 -29.40 48.45
CA ASN FA 151 112.50 -28.27 47.58
C ASN FA 151 113.48 -27.36 48.33
N ILE FA 152 114.33 -27.95 49.17
CA ILE FA 152 115.36 -27.17 49.92
C ILE FA 152 116.32 -26.57 48.89
N GLY FA 153 116.62 -27.30 47.81
CA GLY FA 153 117.48 -26.76 46.74
C GLY FA 153 116.85 -25.55 46.10
N LEU FA 154 115.52 -25.58 45.92
CA LEU FA 154 114.80 -24.40 45.37
C LEU FA 154 115.08 -23.21 46.28
N LYS FA 155 114.90 -23.40 47.59
CA LYS FA 155 115.12 -22.29 48.54
C LYS FA 155 116.55 -21.78 48.38
N LYS FA 156 117.51 -22.70 48.25
CA LYS FA 156 118.94 -22.30 48.04
C LYS FA 156 119.01 -21.37 46.82
N TYR FA 157 118.28 -21.69 45.75
CA TYR FA 157 118.29 -20.84 44.54
C TYR FA 157 117.58 -19.52 44.82
N VAL FA 158 116.43 -19.57 45.51
CA VAL FA 158 115.68 -18.33 45.84
C VAL FA 158 116.58 -17.39 46.62
N ASP FA 159 117.13 -17.86 47.74
CA ASP FA 159 117.94 -16.99 48.59
C ASP FA 159 119.24 -16.59 47.91
N SER FA 160 119.59 -17.25 46.80
CA SER FA 160 120.83 -16.93 46.05
C SER FA 160 120.66 -15.63 45.27
N LEU FA 161 119.44 -15.08 45.21
CA LEU FA 161 119.18 -13.86 44.47
C LEU FA 161 119.24 -12.65 45.41
N SER FA 162 119.10 -11.46 44.82
CA SER FA 162 119.09 -10.23 45.60
C SER FA 162 117.78 -10.10 46.37
N ALA FA 163 117.83 -9.33 47.46
CA ALA FA 163 116.65 -9.15 48.30
C ALA FA 163 115.51 -8.51 47.51
N GLY FA 164 115.82 -7.54 46.66
CA GLY FA 164 114.78 -6.96 45.83
C GLY FA 164 114.18 -7.96 44.87
N LEU FA 165 115.03 -8.75 44.23
CA LEU FA 165 114.52 -9.79 43.33
C LEU FA 165 113.77 -10.87 44.10
N LYS FA 166 114.24 -11.20 45.30
CA LYS FA 166 113.49 -12.14 46.14
C LYS FA 166 112.10 -11.61 46.44
N ASN FA 167 112.00 -10.33 46.80
CA ASN FA 167 110.69 -9.74 47.07
C ASN FA 167 109.82 -9.74 45.83
N LEU FA 168 110.42 -9.44 44.68
CA LEU FA 168 109.66 -9.51 43.43
C LEU FA 168 109.13 -10.91 43.18
N LEU FA 169 109.96 -11.94 43.37
CA LEU FA 169 109.41 -13.31 43.23
C LEU FA 169 108.26 -13.50 44.23
N PHE FA 170 108.48 -13.18 45.51
CA PHE FA 170 107.41 -13.41 46.47
C PHE FA 170 106.12 -12.76 45.99
N LYS FA 171 106.24 -11.53 45.50
CA LYS FA 171 105.05 -10.80 44.98
C LYS FA 171 104.43 -11.64 43.86
N LYS FA 172 105.23 -12.03 42.87
CA LYS FA 172 104.70 -12.76 41.73
C LYS FA 172 104.01 -14.04 42.17
N ILE FA 173 104.64 -14.79 43.06
CA ILE FA 173 104.05 -16.03 43.55
C ILE FA 173 102.73 -15.75 44.24
N ASN FA 174 102.75 -14.78 45.15
CA ASN FA 174 101.52 -14.42 45.90
C ASN FA 174 100.42 -14.04 44.90
N GLN FA 175 100.74 -13.17 43.94
CA GLN FA 175 99.72 -12.65 43.04
C GLN FA 175 99.13 -13.78 42.20
N LYS FA 176 99.99 -14.64 41.65
CA LYS FA 176 99.50 -15.79 40.85
C LYS FA 176 98.63 -16.67 41.74
N LEU FA 177 99.09 -16.98 42.96
CA LEU FA 177 98.34 -17.84 43.85
C LEU FA 177 97.00 -17.23 44.23
N SER FA 178 97.01 -15.93 44.53
CA SER FA 178 95.76 -15.23 44.87
C SER FA 178 94.79 -15.36 43.68
N GLY FA 179 95.24 -14.97 42.50
CA GLY FA 179 94.37 -15.04 41.34
C GLY FA 179 93.81 -16.43 41.12
N TYR FA 180 94.69 -17.43 41.24
CA TYR FA 180 94.26 -18.84 41.04
C TYR FA 180 93.19 -19.20 42.06
N VAL FA 181 93.45 -18.95 43.35
CA VAL FA 181 92.54 -19.33 44.41
C VAL FA 181 91.21 -18.60 44.25
N SER FA 182 91.27 -17.28 43.98
CA SER FA 182 90.04 -16.53 43.80
C SER FA 182 89.24 -17.04 42.62
N GLU FA 183 89.95 -17.41 41.54
CA GLU FA 183 89.27 -17.95 40.34
C GLU FA 183 88.54 -19.24 40.71
N ILE FA 184 89.25 -20.17 41.34
CA ILE FA 184 88.62 -21.47 41.72
C ILE FA 184 87.41 -21.18 42.60
N ILE FA 185 87.60 -20.40 43.67
CA ILE FA 185 86.49 -20.17 44.65
C ILE FA 185 85.31 -19.48 43.96
N VAL FA 186 85.56 -18.50 43.09
CA VAL FA 186 84.45 -17.76 42.51
C VAL FA 186 83.63 -18.64 41.58
N LYS FA 187 84.29 -19.64 40.99
CA LYS FA 187 83.55 -20.62 40.16
C LYS FA 187 82.82 -21.59 41.09
N ASN FA 188 83.35 -21.86 42.28
CA ASN FA 188 82.72 -22.86 43.18
C ASN FA 188 81.64 -22.23 44.08
N ILE FA 189 81.73 -20.93 44.34
CA ILE FA 189 80.78 -20.30 45.31
C ILE FA 189 79.84 -19.35 44.55
N ASP FA 190 78.54 -19.46 44.81
CA ASP FA 190 77.52 -18.61 44.12
C ASP FA 190 77.66 -17.16 44.57
N ASP FA 191 77.21 -16.22 43.72
CA ASP FA 191 77.32 -14.77 44.03
C ASP FA 191 76.55 -14.41 45.29
N ILE FA 192 77.23 -14.01 46.37
CA ILE FA 192 76.51 -13.56 47.60
C ILE FA 192 76.68 -12.05 47.73
N GLU FA 193 75.67 -11.27 47.34
CA GLU FA 193 75.81 -9.79 47.38
C GLU FA 193 75.55 -9.29 48.80
N GLU FA 194 76.15 -8.16 49.19
CA GLU FA 194 76.01 -7.66 50.59
C GLU FA 194 74.67 -6.90 50.74
N LEU FA 195 73.79 -7.35 51.63
CA LEU FA 195 72.47 -6.71 51.77
C LEU FA 195 72.65 -5.22 52.07
N PHE FA 196 73.67 -4.87 52.87
CA PHE FA 196 73.87 -3.47 53.30
C PHE FA 196 75.23 -2.95 52.82
N PRO FA 197 75.31 -1.79 52.12
CA PRO FA 197 76.61 -1.23 51.74
C PRO FA 197 77.34 -0.97 53.07
N ASN FA 198 78.64 -1.25 53.13
CA ASN FA 198 79.36 -1.12 54.43
C ASN FA 198 79.83 0.33 54.60
N LYS FA 199 79.37 1.00 55.67
CA LYS FA 199 79.82 2.39 55.96
C LYS FA 199 79.87 3.21 54.66
N GLY FA 200 78.75 3.34 53.96
CA GLY FA 200 78.68 4.21 52.76
C GLY FA 200 79.55 3.73 51.61
N GLU FA 201 80.26 2.61 51.75
CA GLU FA 201 81.03 2.04 50.61
C GLU FA 201 80.03 1.28 49.74
N LYS FA 202 80.03 1.50 48.42
CA LYS FA 202 78.97 0.83 47.62
C LYS FA 202 78.97 -0.68 47.91
N SER FA 203 77.78 -1.29 47.99
CA SER FA 203 77.66 -2.73 48.29
C SER FA 203 78.64 -3.55 47.43
N THR FA 204 79.38 -4.46 48.07
CA THR FA 204 80.37 -5.31 47.34
C THR FA 204 79.98 -6.78 47.50
N THR FA 205 79.99 -7.56 46.41
CA THR FA 205 79.55 -8.97 46.46
C THR FA 205 80.70 -9.87 46.95
N LEU FA 206 80.38 -11.07 47.44
CA LEU FA 206 81.42 -12.03 47.87
C LEU FA 206 82.47 -12.08 46.76
N HIS FA 207 82.04 -12.14 45.50
CA HIS FA 207 83.01 -12.25 44.38
C HIS FA 207 84.08 -11.15 44.51
N LYS FA 208 83.64 -9.90 44.68
CA LYS FA 208 84.59 -8.80 44.79
C LYS FA 208 85.51 -8.99 45.98
N GLU FA 209 84.96 -9.58 47.04
CA GLU FA 209 85.76 -9.79 48.29
C GLU FA 209 86.83 -10.85 48.06
N ILE FA 210 86.44 -11.98 47.45
CA ILE FA 210 87.42 -13.09 47.26
C ILE FA 210 88.47 -12.67 46.23
N LEU FA 211 88.05 -12.01 45.14
CA LEU FA 211 89.05 -11.50 44.20
C LEU FA 211 89.97 -10.50 44.89
N GLN FA 212 89.39 -9.63 45.72
CA GLN FA 212 90.20 -8.67 46.50
C GLN FA 212 91.08 -9.47 47.47
N THR FA 213 90.56 -10.59 47.99
CA THR FA 213 91.33 -11.41 48.96
C THR FA 213 92.66 -11.82 48.32
N ASP FA 214 93.77 -11.60 49.03
CA ASP FA 214 95.11 -11.91 48.46
C ASP FA 214 95.74 -13.04 49.26
N SER FA 215 95.86 -14.22 48.66
CA SER FA 215 96.40 -15.40 49.38
C SER FA 215 97.92 -15.51 49.19
N ARG FA 216 98.69 -15.28 50.26
CA ARG FA 216 100.14 -15.33 50.18
C ARG FA 216 100.63 -16.64 50.77
N LEU FA 217 101.40 -17.39 49.99
CA LEU FA 217 101.94 -18.65 50.45
C LEU FA 217 102.93 -18.40 51.59
N SER FA 218 102.93 -19.32 52.56
CA SER FA 218 103.82 -19.24 53.71
C SER FA 218 104.64 -20.51 53.80
N SER FA 219 105.96 -20.38 53.73
CA SER FA 219 106.86 -21.51 53.87
C SER FA 219 108.26 -20.97 54.12
N ASP FA 220 109.12 -21.83 54.65
CA ASP FA 220 110.52 -21.46 54.84
C ASP FA 220 111.22 -21.22 53.51
N ILE FA 221 110.68 -21.75 52.40
CA ILE FA 221 111.23 -21.46 51.09
C ILE FA 221 111.13 -19.97 50.79
N PHE FA 222 110.03 -19.36 51.23
CA PHE FA 222 109.80 -17.92 50.94
C PHE FA 222 109.50 -17.21 52.26
N LYS FA 223 110.53 -16.73 52.96
CA LYS FA 223 110.35 -16.12 54.27
C LYS FA 223 109.95 -14.66 54.15
N GLU FA 224 110.76 -13.84 53.49
CA GLU FA 224 110.49 -12.41 53.37
C GLU FA 224 109.30 -12.16 52.45
N ILE GA 3 -17.16 116.06 3.05
CA ILE GA 3 -16.02 116.47 3.85
C ILE GA 3 -14.74 115.83 3.33
N ARG GA 4 -13.61 116.50 3.54
CA ARG GA 4 -12.33 115.86 3.16
C ARG GA 4 -11.21 116.58 3.89
N ASN GA 5 -10.13 115.86 4.18
CA ASN GA 5 -8.96 116.56 4.77
C ASN GA 5 -8.29 117.32 3.63
N ARG GA 6 -7.60 118.43 3.92
CA ARG GA 6 -7.01 119.25 2.83
C ARG GA 6 -5.51 118.95 2.75
N LEU GA 7 -5.08 117.78 3.18
CA LEU GA 7 -3.64 117.50 3.21
C LEU GA 7 -2.98 117.78 1.87
N SER GA 8 -3.53 117.25 0.78
CA SER GA 8 -2.90 117.47 -0.51
C SER GA 8 -2.74 118.95 -0.79
N GLU GA 9 -3.81 119.72 -0.56
CA GLU GA 9 -3.75 121.19 -0.77
C GLU GA 9 -2.79 121.82 0.23
N LEU GA 10 -2.80 121.34 1.48
CA LEU GA 10 -1.93 121.92 2.51
C LEU GA 10 -0.46 121.78 2.16
N LEU GA 11 -0.03 120.55 1.86
CA LEU GA 11 1.40 120.31 1.55
C LEU GA 11 1.77 120.88 0.18
N SER GA 12 0.80 120.99 -0.75
CA SER GA 12 1.12 121.65 -2.04
C SER GA 12 1.45 123.11 -1.75
N GLU GA 13 0.65 123.76 -0.89
CA GLU GA 13 0.92 125.14 -0.51
C GLU GA 13 2.24 125.25 0.25
N ARG GA 14 2.50 124.32 1.16
CA ARG GA 14 3.75 124.34 1.91
C ARG GA 14 4.93 123.94 1.04
N GLY GA 15 4.70 123.14 0.01
CA GLY GA 15 5.77 122.61 -0.80
C GLY GA 15 6.45 121.38 -0.23
N LEU GA 16 6.01 120.95 0.96
CA LEU GA 16 6.64 119.79 1.63
C LEU GA 16 6.20 118.49 0.97
N LYS GA 17 6.94 117.41 1.21
CA LYS GA 17 6.60 116.08 0.62
C LYS GA 17 6.01 115.19 1.72
N ILE GA 18 5.21 114.20 1.34
CA ILE GA 18 4.55 113.32 2.36
C ILE GA 18 5.64 112.68 3.21
N SER GA 19 6.68 112.15 2.56
CA SER GA 19 7.77 111.47 3.31
C SER GA 19 8.36 112.43 4.33
N ARG GA 20 8.54 113.69 3.94
CA ARG GA 20 9.13 114.70 4.85
C ARG GA 20 8.19 114.87 6.05
N VAL GA 21 6.89 114.99 5.79
CA VAL GA 21 5.89 115.14 6.91
C VAL GA 21 5.95 113.88 7.78
N ALA GA 22 6.00 112.70 7.17
CA ALA GA 22 5.97 111.44 7.95
C ALA GA 22 7.17 111.40 8.89
N LYS GA 23 8.34 111.80 8.39
CA LYS GA 23 9.57 111.82 9.23
C LYS GA 23 9.35 112.78 10.39
N ASP GA 24 8.52 113.81 10.20
CA ASP GA 24 8.33 114.81 11.23
C ASP GA 24 7.30 114.39 12.27
N VAL GA 25 6.20 113.77 11.82
CA VAL GA 25 5.08 113.47 12.77
C VAL GA 25 5.05 111.99 13.20
N LYS GA 26 6.03 111.19 12.81
CA LYS GA 26 6.12 109.79 13.23
C LYS GA 26 4.85 109.02 12.88
N ILE GA 27 4.37 109.28 11.65
CA ILE GA 27 3.17 108.55 11.14
C ILE GA 27 3.62 107.72 9.94
N ALA GA 28 3.12 106.49 9.81
CA ALA GA 28 3.52 105.58 8.75
C ALA GA 28 3.35 106.21 7.39
N ARG GA 29 4.35 106.06 6.52
CA ARG GA 29 4.29 106.73 5.20
C ARG GA 29 3.05 106.26 4.45
N SER GA 30 2.82 104.95 4.37
CA SER GA 30 1.71 104.46 3.56
C SER GA 30 0.38 105.04 4.04
N SER GA 31 0.13 104.95 5.34
CA SER GA 31 -1.12 105.48 5.89
C SER GA 31 -1.23 106.97 5.68
N LEU GA 32 -0.13 107.69 5.92
CA LEU GA 32 -0.18 109.17 5.80
C LEU GA 32 -0.41 109.55 4.33
N THR GA 33 0.26 108.87 3.40
CA THR GA 33 0.14 109.24 1.96
C THR GA 33 -1.29 108.91 1.51
N SER GA 34 -1.84 107.78 1.98
CA SER GA 34 -3.22 107.47 1.66
C SER GA 34 -4.16 108.53 2.22
N MET GA 35 -3.89 108.95 3.46
CA MET GA 35 -4.75 109.96 4.11
C MET GA 35 -4.52 111.33 3.47
N ALA GA 36 -3.33 111.54 2.91
CA ALA GA 36 -3.06 112.80 2.16
C ALA GA 36 -4.11 112.88 1.05
N GLN GA 37 -4.35 111.76 0.35
CA GLN GA 37 -5.42 111.72 -0.67
C GLN GA 37 -6.76 111.73 0.07
N ASN GA 38 -7.78 112.32 -0.53
CA ASN GA 38 -9.12 112.40 0.12
C ASN GA 38 -9.76 111.00 0.12
N ASP GA 39 -9.15 110.04 -0.58
CA ASP GA 39 -9.76 108.69 -0.71
C ASP GA 39 -9.96 108.02 0.65
N SER GA 40 -9.04 108.20 1.60
CA SER GA 40 -9.18 107.48 2.90
C SER GA 40 -10.49 107.90 3.55
N GLU GA 41 -11.24 106.94 4.12
CA GLU GA 41 -12.57 107.24 4.70
C GLU GA 41 -12.45 107.31 6.24
N MET GA 42 -11.32 106.86 6.77
CA MET GA 42 -11.13 106.84 8.25
C MET GA 42 -9.89 107.66 8.61
N ILE GA 43 -9.95 108.33 9.77
CA ILE GA 43 -8.79 109.15 10.22
C ILE GA 43 -8.66 109.03 11.75
N ARG GA 44 -7.44 109.12 12.26
CA ARG GA 44 -7.13 108.99 13.67
C ARG GA 44 -7.00 110.34 14.33
N TYR GA 45 -7.42 110.42 15.60
CA TYR GA 45 -7.25 111.65 16.37
C TYR GA 45 -5.78 111.98 16.57
N ASP GA 46 -4.95 110.97 16.81
CA ASP GA 46 -3.52 111.20 16.90
C ASP GA 46 -3.00 111.85 15.61
N ALA GA 47 -3.49 111.36 14.47
CA ALA GA 47 -3.05 111.90 13.19
C ALA GA 47 -3.43 113.37 13.06
N ILE GA 48 -4.69 113.70 13.42
CA ILE GA 48 -5.14 115.10 13.24
C ILE GA 48 -4.36 116.00 14.21
N ASP GA 49 -4.07 115.50 15.41
CA ASP GA 49 -3.29 116.29 16.40
C ASP GA 49 -1.90 116.56 15.83
N LYS GA 50 -1.20 115.50 15.41
CA LYS GA 50 0.16 115.66 14.95
C LYS GA 50 0.24 116.55 13.71
N LEU GA 51 -0.66 116.35 12.76
CA LEU GA 51 -0.61 117.13 11.53
C LEU GA 51 -0.96 118.60 11.78
N CYS GA 52 -2.01 118.83 12.56
CA CYS GA 52 -2.44 120.23 12.84
C CYS GA 52 -1.29 120.96 13.56
N SER GA 53 -0.63 120.27 14.48
CA SER GA 53 0.50 120.88 15.22
C SER GA 53 1.67 121.14 14.28
N TYR GA 54 2.06 120.10 13.52
CA TYR GA 54 3.21 120.23 12.59
C TYR GA 54 3.00 121.41 11.65
N LEU GA 55 1.82 121.47 11.02
CA LEU GA 55 1.51 122.57 10.11
C LEU GA 55 1.12 123.83 10.84
N HIS GA 56 1.03 123.77 12.17
CA HIS GA 56 0.74 124.99 12.97
C HIS GA 56 -0.59 125.59 12.52
N ILE GA 57 -1.60 124.73 12.31
CA ILE GA 57 -2.92 125.20 11.80
C ILE GA 57 -4.06 124.53 12.57
N SER GA 58 -5.18 125.23 12.70
CA SER GA 58 -6.38 124.67 13.31
C SER GA 58 -7.02 123.65 12.38
N PRO GA 59 -7.89 122.73 12.88
CA PRO GA 59 -8.56 121.75 12.03
C PRO GA 59 -9.42 122.43 10.95
N SER GA 60 -9.78 123.70 11.18
CA SER GA 60 -10.57 124.46 10.18
C SER GA 60 -9.88 124.31 8.82
N GLU GA 61 -8.60 124.66 8.77
CA GLU GA 61 -7.82 124.57 7.50
C GLU GA 61 -7.61 123.09 7.13
N PHE GA 62 -7.61 122.19 8.12
CA PHE GA 62 -7.38 120.76 7.81
C PHE GA 62 -8.63 120.10 7.21
N PHE GA 63 -9.82 120.40 7.73
CA PHE GA 63 -11.04 119.74 7.29
C PHE GA 63 -11.86 120.71 6.45
N GLU GA 64 -11.91 120.46 5.14
CA GLU GA 64 -12.83 121.17 4.26
C GLU GA 64 -14.18 120.46 4.31
N HIS GA 65 -15.19 121.13 4.86
CA HIS GA 65 -16.52 120.56 4.97
C HIS GA 65 -17.53 121.47 4.31
N ASN GA 66 -18.40 120.90 3.44
CA ASN GA 66 -19.54 121.58 2.87
C ASN GA 66 -20.78 120.81 3.27
N PRO GA 67 -21.81 121.47 3.88
CA PRO GA 67 -22.99 120.76 4.40
C PRO GA 67 -23.83 120.06 3.33
N ILE GA 68 -23.49 120.26 2.05
CA ILE GA 68 -24.35 119.66 0.99
C ILE GA 68 -23.90 118.21 0.83
N ASN GA 69 -24.73 117.26 1.28
CA ASN GA 69 -24.33 115.83 1.24
C ASN GA 69 -24.93 115.16 0.00
N PHE GA 70 -24.08 114.53 -0.81
CA PHE GA 70 -24.56 113.84 -2.04
C PHE GA 70 -24.52 112.33 -1.83
N ASP GA 71 -25.67 111.70 -1.59
CA ASP GA 71 -25.78 110.26 -1.40
C ASP GA 71 -26.26 109.64 -2.70
N PHE GA 72 -25.61 108.55 -3.12
CA PHE GA 72 -25.85 107.91 -4.40
C PHE GA 72 -26.35 106.50 -4.17
N THR GA 73 -27.37 106.13 -4.96
CA THR GA 73 -27.94 104.76 -4.90
C THR GA 73 -28.05 104.28 -6.36
N PHE GA 74 -27.78 102.99 -6.58
CA PHE GA 74 -27.81 102.43 -7.95
C PHE GA 74 -28.95 101.40 -8.09
N ASP GA 75 -29.34 101.09 -9.32
CA ASP GA 75 -30.44 100.13 -9.59
C ASP GA 75 -30.06 98.72 -9.14
N GLU GA 76 -30.93 98.07 -8.36
CA GLU GA 76 -30.68 96.67 -7.97
C GLU GA 76 -30.53 95.85 -9.26
N GLU GA 77 -31.46 96.04 -10.20
CA GLU GA 77 -31.34 95.36 -11.48
C GLU GA 77 -31.19 96.39 -12.59
N PRO GA 78 -30.11 96.35 -13.34
CA PRO GA 78 -29.93 97.31 -14.44
C PRO GA 78 -30.40 96.76 -15.77
N ASN GA 79 -30.49 97.64 -16.78
CA ASN GA 79 -30.81 97.17 -18.15
C ASN GA 79 -29.47 96.96 -18.84
N TYR GA 80 -28.90 95.76 -18.69
CA TYR GA 80 -27.53 95.52 -19.22
C TYR GA 80 -27.50 94.39 -20.25
N LYS GA 81 -26.88 94.64 -21.40
CA LYS GA 81 -26.68 93.54 -22.38
C LYS GA 81 -25.18 93.47 -22.69
N ILE GA 82 -24.55 92.31 -22.48
CA ILE GA 82 -23.08 92.21 -22.69
C ILE GA 82 -22.81 91.04 -23.64
N ASN GA 83 -22.64 91.34 -24.93
CA ASN GA 83 -22.31 90.28 -25.91
C ASN GA 83 -20.94 89.69 -25.58
N ASP GA 84 -20.77 88.37 -25.73
CA ASP GA 84 -19.46 87.74 -25.46
C ASP GA 84 -18.76 87.52 -26.80
N VAL GA 85 -17.62 88.17 -27.01
CA VAL GA 85 -16.82 87.93 -28.25
C VAL GA 85 -15.56 87.16 -27.82
N PHE GA 86 -15.41 85.93 -28.29
CA PHE GA 86 -14.25 85.11 -27.82
C PHE GA 86 -13.03 85.42 -28.69
N GLU GA 87 -12.51 86.66 -28.57
CA GLU GA 87 -11.35 87.08 -29.39
C GLU GA 87 -10.06 86.80 -28.61
N GLY GA 88 -9.83 85.53 -28.23
CA GLY GA 88 -8.56 85.20 -27.56
C GLY GA 88 -8.24 86.08 -26.36
N PHE GA 89 -9.19 86.30 -25.44
CA PHE GA 89 -8.81 87.11 -24.27
C PHE GA 89 -7.58 86.45 -23.61
N GLU GA 90 -7.66 85.13 -23.45
CA GLU GA 90 -6.53 84.41 -22.81
C GLU GA 90 -5.21 84.75 -23.52
N VAL GA 91 -5.27 84.92 -24.84
CA VAL GA 91 -4.04 85.21 -25.64
C VAL GA 91 -3.63 86.67 -25.40
N THR GA 92 -4.59 87.60 -25.44
CA THR GA 92 -4.28 89.04 -25.29
C THR GA 92 -5.17 89.60 -24.17
N ALA GA 93 -4.56 90.11 -23.09
CA ALA GA 93 -5.38 90.53 -21.94
C ALA GA 93 -6.01 91.89 -22.23
N ASN GA 94 -6.95 91.94 -23.19
CA ASN GA 94 -7.66 93.21 -23.51
C ASN GA 94 -9.16 92.98 -23.26
N ILE GA 95 -9.82 93.91 -22.57
CA ILE GA 95 -11.26 93.73 -22.22
C ILE GA 95 -12.04 93.57 -23.53
N THR GA 96 -11.68 94.36 -24.54
CA THR GA 96 -12.35 94.25 -25.88
C THR GA 96 -12.27 92.81 -26.37
N HIS GA 97 -11.10 92.17 -26.22
CA HIS GA 97 -10.90 90.77 -26.72
C HIS GA 97 -11.79 89.80 -25.94
N ALA GA 98 -12.00 90.07 -24.65
CA ALA GA 98 -12.83 89.20 -23.80
C ALA GA 98 -14.33 89.32 -24.14
N PHE GA 99 -14.84 90.55 -24.32
CA PHE GA 99 -16.29 90.74 -24.55
C PHE GA 99 -16.56 92.19 -24.97
N SER GA 100 -17.84 92.57 -25.08
CA SER GA 100 -18.15 93.97 -25.39
C SER GA 100 -19.53 94.27 -24.85
N ILE GA 101 -19.70 95.47 -24.31
CA ILE GA 101 -20.99 95.89 -23.77
C ILE GA 101 -21.87 96.33 -24.92
N GLU GA 102 -22.94 95.58 -25.19
CA GLU GA 102 -23.92 96.03 -26.18
C GLU GA 102 -24.63 97.28 -25.68
N ASN GA 103 -25.10 97.26 -24.44
CA ASN GA 103 -25.66 98.43 -23.80
C ASN GA 103 -25.65 98.20 -22.29
N PHE GA 104 -25.54 99.29 -21.54
CA PHE GA 104 -25.60 99.22 -20.08
C PHE GA 104 -26.20 100.54 -19.60
N ASP GA 105 -27.53 100.52 -19.48
CA ASP GA 105 -28.26 101.72 -18.99
C ASP GA 105 -28.94 101.36 -17.67
N PHE GA 106 -28.99 102.32 -16.74
CA PHE GA 106 -29.61 102.10 -15.42
C PHE GA 106 -29.85 103.48 -14.79
N GLU GA 107 -30.33 103.51 -13.55
CA GLU GA 107 -30.67 104.82 -12.91
C GLU GA 107 -29.81 105.02 -11.66
N ILE GA 108 -29.22 106.20 -11.51
CA ILE GA 108 -28.47 106.50 -10.26
C ILE GA 108 -29.31 107.48 -9.45
N LEU GA 109 -29.64 107.12 -8.21
CA LEU GA 109 -30.47 108.01 -7.36
C LEU GA 109 -29.53 108.91 -6.56
N VAL GA 110 -29.57 110.22 -6.81
CA VAL GA 110 -28.64 111.16 -6.12
C VAL GA 110 -29.44 112.02 -5.15
N ASP GA 111 -29.20 111.86 -3.85
CA ASP GA 111 -29.89 112.72 -2.85
C ASP GA 111 -28.97 113.89 -2.53
N VAL GA 112 -29.37 115.10 -2.92
CA VAL GA 112 -28.56 116.32 -2.64
C VAL GA 112 -29.15 117.01 -1.41
N GLU GA 113 -28.63 116.66 -0.23
CA GLU GA 113 -29.16 117.23 0.99
C GLU GA 113 -28.47 118.55 1.28
N LEU GA 114 -29.27 119.60 1.49
CA LEU GA 114 -28.73 120.89 1.88
C LEU GA 114 -28.42 120.89 3.37
N ASP GA 115 -28.09 122.08 3.89
CA ASP GA 115 -27.87 122.21 5.33
C ASP GA 115 -29.11 121.79 6.11
N ASN GA 116 -30.27 122.21 5.60
CA ASN GA 116 -31.54 121.80 6.24
C ASN GA 116 -31.84 120.37 5.81
N ARG GA 117 -32.63 119.63 6.61
CA ARG GA 117 -32.93 118.22 6.31
C ARG GA 117 -33.63 118.11 4.94
N GLN GA 118 -34.14 119.23 4.42
CA GLN GA 118 -34.74 119.23 3.06
C GLN GA 118 -33.78 118.53 2.09
N LYS GA 119 -34.20 117.42 1.49
CA LYS GA 119 -33.33 116.66 0.55
C LYS GA 119 -33.97 116.60 -0.84
N LEU GA 120 -33.18 116.84 -1.88
CA LEU GA 120 -33.70 116.82 -3.27
C LEU GA 120 -33.11 115.59 -3.99
N ASN GA 121 -33.97 114.79 -4.63
CA ASN GA 121 -33.49 113.54 -5.30
C ASN GA 121 -33.39 113.79 -6.81
N PHE GA 122 -32.27 113.39 -7.42
CA PHE GA 122 -32.09 113.56 -8.89
C PHE GA 122 -31.88 112.18 -9.52
N ASP GA 123 -32.65 111.85 -10.55
CA ASP GA 123 -32.53 110.51 -11.20
C ASP GA 123 -31.62 110.64 -12.42
N LEU GA 124 -30.69 109.70 -12.60
CA LEU GA 124 -29.72 109.79 -13.72
C LEU GA 124 -29.89 108.59 -14.66
N ASP GA 125 -30.44 108.81 -15.86
CA ASP GA 125 -30.49 107.67 -16.81
C ASP GA 125 -29.09 107.57 -17.39
N VAL GA 126 -28.29 106.64 -16.87
CA VAL GA 126 -26.87 106.51 -17.30
C VAL GA 126 -26.72 105.28 -18.21
N SER GA 127 -26.18 105.48 -19.41
CA SER GA 127 -26.01 104.42 -20.38
C SER GA 127 -24.54 104.31 -20.77
N TYR GA 128 -24.10 103.06 -20.96
CA TYR GA 128 -22.77 102.81 -21.49
C TYR GA 128 -22.64 103.45 -22.87
N LYS GA 129 -21.52 104.12 -23.11
CA LYS GA 129 -21.29 104.79 -24.38
C LYS GA 129 -20.14 104.18 -25.17
N GLU GA 130 -19.00 103.95 -24.53
CA GLU GA 130 -17.82 103.48 -25.25
C GLU GA 130 -16.86 102.85 -24.26
N THR GA 131 -16.15 101.80 -24.72
CA THR GA 131 -15.11 101.16 -23.88
C THR GA 131 -13.78 101.84 -24.21
N GLU GA 132 -13.58 103.03 -23.67
CA GLU GA 132 -12.37 103.82 -23.90
C GLU GA 132 -11.13 103.03 -23.50
N LYS GA 133 -10.17 102.99 -24.43
CA LYS GA 133 -8.91 102.23 -24.19
C LYS GA 133 -7.83 103.19 -23.70
N ILE GA 134 -7.63 103.29 -22.39
CA ILE GA 134 -6.63 104.17 -21.81
C ILE GA 134 -5.22 103.74 -22.23
N THR GA 135 -4.92 102.45 -22.11
CA THR GA 135 -3.63 101.91 -22.49
C THR GA 135 -3.85 100.66 -23.32
N ASN GA 136 -2.78 100.21 -23.97
CA ASN GA 136 -2.85 98.94 -24.67
C ASN GA 136 -3.13 97.80 -23.70
N SER GA 137 -2.81 98.03 -22.43
CA SER GA 137 -2.99 96.96 -21.41
C SER GA 137 -4.42 96.98 -20.86
N GLN GA 138 -4.90 98.15 -20.42
CA GLN GA 138 -6.23 98.23 -19.77
C GLN GA 138 -7.16 99.19 -20.50
N HIS GA 139 -8.47 99.14 -20.21
CA HIS GA 139 -9.44 100.08 -20.82
C HIS GA 139 -10.29 100.70 -19.71
N ARG GA 140 -10.91 101.85 -19.97
CA ARG GA 140 -11.87 102.43 -18.99
C ARG GA 140 -13.25 102.49 -19.64
N PHE GA 141 -14.26 101.87 -19.03
CA PHE GA 141 -15.64 101.99 -19.58
C PHE GA 141 -16.11 103.43 -19.39
N ILE GA 142 -16.77 103.99 -20.40
CA ILE GA 142 -17.27 105.39 -20.32
C ILE GA 142 -18.80 105.37 -20.35
N PHE GA 143 -19.44 106.01 -19.37
CA PHE GA 143 -20.93 106.09 -19.35
C PHE GA 143 -21.37 107.54 -19.56
N THR GA 144 -22.64 107.75 -19.87
CA THR GA 144 -23.16 109.08 -20.14
C THR GA 144 -24.56 109.19 -19.61
N ILE GA 145 -24.89 110.37 -19.07
CA ILE GA 145 -26.24 110.59 -18.48
C ILE GA 145 -27.19 111.12 -19.56
N LYS GA 146 -28.19 110.33 -19.95
CA LYS GA 146 -29.19 110.76 -20.97
C LYS GA 146 -30.00 111.94 -20.45
N ASN GA 147 -30.36 111.94 -19.17
CA ASN GA 147 -31.24 113.01 -18.62
C ASN GA 147 -30.40 114.07 -17.90
N GLU GA 148 -29.14 114.22 -18.30
CA GLU GA 148 -28.23 115.20 -17.64
C GLU GA 148 -28.84 116.60 -17.75
N ASP GA 149 -29.47 116.90 -18.89
CA ASP GA 149 -30.10 118.23 -19.10
C ASP GA 149 -31.19 118.42 -18.03
N GLU GA 150 -31.95 117.37 -17.71
CA GLU GA 150 -32.96 117.46 -16.64
C GLU GA 150 -32.26 117.73 -15.31
N ASN GA 151 -31.11 117.09 -15.08
CA ASN GA 151 -30.38 117.23 -13.79
C ASN GA 151 -29.45 118.45 -13.87
N ILE GA 152 -29.85 119.50 -14.60
CA ILE GA 152 -29.04 120.74 -14.70
C ILE GA 152 -28.96 121.35 -13.30
N GLY GA 153 -30.03 121.27 -12.52
CA GLY GA 153 -30.01 121.77 -11.13
C GLY GA 153 -28.97 121.02 -10.31
N LEU GA 154 -28.87 119.70 -10.53
CA LEU GA 154 -27.84 118.89 -9.83
C LEU GA 154 -26.47 119.49 -10.14
N LYS GA 155 -26.19 119.73 -11.42
CA LYS GA 155 -24.88 120.30 -11.82
C LYS GA 155 -24.67 121.62 -11.09
N LYS GA 156 -25.72 122.45 -11.03
CA LYS GA 156 -25.63 123.75 -10.32
C LYS GA 156 -25.16 123.48 -8.87
N TYR GA 157 -25.71 122.44 -8.23
CA TYR GA 157 -25.29 122.10 -6.84
C TYR GA 157 -23.86 121.57 -6.82
N VAL GA 158 -23.53 120.70 -7.79
CA VAL GA 158 -22.15 120.14 -7.85
C VAL GA 158 -21.15 121.29 -7.97
N ASP GA 159 -21.30 122.14 -8.98
CA ASP GA 159 -20.34 123.21 -9.19
C ASP GA 159 -20.38 124.26 -8.09
N SER GA 160 -21.41 124.20 -7.24
CA SER GA 160 -21.54 125.15 -6.11
C SER GA 160 -20.55 124.81 -4.99
N LEU GA 161 -19.87 123.66 -5.10
CA LEU GA 161 -18.92 123.24 -4.08
C LEU GA 161 -17.50 123.64 -4.47
N SER GA 162 -16.56 123.37 -3.56
CA SER GA 162 -15.16 123.66 -3.84
C SER GA 162 -14.59 122.67 -4.84
N ALA GA 163 -13.52 123.09 -5.52
CA ALA GA 163 -12.91 122.25 -6.54
C ALA GA 163 -12.40 120.95 -5.94
N GLY GA 164 -11.81 121.02 -4.75
CA GLY GA 164 -11.38 119.79 -4.08
C GLY GA 164 -12.53 118.88 -3.75
N LEU GA 165 -13.61 119.44 -3.21
CA LEU GA 165 -14.79 118.64 -2.92
C LEU GA 165 -15.44 118.12 -4.19
N LYS GA 166 -15.43 118.93 -5.27
CA LYS GA 166 -15.92 118.45 -6.54
C LYS GA 166 -15.13 117.24 -7.02
N ASN GA 167 -13.80 117.31 -6.92
CA ASN GA 167 -12.96 116.19 -7.31
C ASN GA 167 -13.23 114.97 -6.44
N LEU GA 168 -13.42 115.18 -5.15
CA LEU GA 168 -13.77 114.08 -4.26
C LEU GA 168 -15.08 113.42 -4.69
N LEU GA 169 -16.10 114.24 -4.99
CA LEU GA 169 -17.34 113.61 -5.51
C LEU GA 169 -17.03 112.82 -6.78
N PHE GA 170 -16.35 113.44 -7.75
CA PHE GA 170 -16.10 112.72 -8.98
C PHE GA 170 -15.45 111.38 -8.69
N LYS GA 171 -14.48 111.39 -7.78
CA LYS GA 171 -13.79 110.13 -7.40
C LYS GA 171 -14.83 109.15 -6.86
N LYS GA 172 -15.64 109.59 -5.89
CA LYS GA 172 -16.61 108.69 -5.27
C LYS GA 172 -17.56 108.12 -6.31
N ILE GA 173 -18.07 108.97 -7.20
CA ILE GA 173 -18.99 108.50 -8.24
C ILE GA 173 -18.30 107.48 -9.12
N ASN GA 174 -17.10 107.82 -9.59
CA ASN GA 174 -16.34 106.91 -10.47
C ASN GA 174 -16.13 105.57 -9.76
N GLN GA 175 -15.68 105.61 -8.50
CA GLN GA 175 -15.34 104.39 -7.79
C GLN GA 175 -16.58 103.51 -7.61
N LYS GA 176 -17.68 104.12 -7.19
CA LYS GA 176 -18.94 103.35 -7.01
C LYS GA 176 -19.35 102.75 -8.36
N LEU GA 177 -19.31 103.57 -9.43
CA LEU GA 177 -19.72 103.11 -10.74
C LEU GA 177 -18.83 101.97 -11.24
N SER GA 178 -17.52 102.14 -11.04
CA SER GA 178 -16.56 101.08 -11.45
C SER GA 178 -16.92 99.79 -10.71
N GLY GA 179 -17.01 99.87 -9.38
CA GLY GA 179 -17.31 98.67 -8.61
C GLY GA 179 -18.59 98.02 -9.07
N TYR GA 180 -19.63 98.83 -9.28
CA TYR GA 180 -20.95 98.30 -9.72
C TYR GA 180 -20.79 97.59 -11.06
N VAL GA 181 -20.19 98.26 -12.04
CA VAL GA 181 -20.06 97.70 -13.38
C VAL GA 181 -19.22 96.43 -13.36
N SER GA 182 -18.09 96.46 -12.63
CA SER GA 182 -17.26 95.26 -12.56
C SER GA 182 -18.00 94.12 -11.89
N GLU GA 183 -18.80 94.43 -10.86
CA GLU GA 183 -19.60 93.39 -10.17
C GLU GA 183 -20.57 92.76 -11.16
N ILE GA 184 -21.34 93.59 -11.85
CA ILE GA 184 -22.34 93.06 -12.83
C ILE GA 184 -21.60 92.20 -13.86
N ILE GA 185 -20.56 92.75 -14.48
CA ILE GA 185 -19.85 92.01 -15.57
C ILE GA 185 -19.26 90.69 -15.05
N VAL GA 186 -18.66 90.70 -13.85
CA VAL GA 186 -17.98 89.50 -13.38
C VAL GA 186 -18.98 88.40 -13.09
N LYS GA 187 -20.20 88.80 -12.74
CA LYS GA 187 -21.28 87.79 -12.56
C LYS GA 187 -21.78 87.34 -13.93
N ASN GA 188 -21.73 88.22 -14.94
CA ASN GA 188 -22.29 87.85 -16.28
C ASN GA 188 -21.24 87.14 -17.14
N ILE GA 189 -19.95 87.37 -16.90
CA ILE GA 189 -18.91 86.79 -17.80
C ILE GA 189 -18.13 85.70 -17.06
N ASP GA 190 -17.94 84.54 -17.70
CA ASP GA 190 -17.23 83.41 -17.06
C ASP GA 190 -15.74 83.74 -16.90
N ASP GA 191 -15.07 83.10 -15.95
CA ASP GA 191 -13.63 83.36 -15.67
C ASP GA 191 -12.78 83.03 -16.90
N ILE GA 192 -12.16 84.04 -17.53
CA ILE GA 192 -11.24 83.77 -18.66
C ILE GA 192 -9.80 84.04 -18.20
N GLU GA 193 -9.05 82.99 -17.86
CA GLU GA 193 -7.66 83.20 -17.34
C GLU GA 193 -6.70 83.42 -18.50
N GLU GA 194 -5.61 84.16 -18.29
CA GLU GA 194 -4.67 84.49 -19.40
C GLU GA 194 -3.73 83.30 -19.64
N LEU GA 195 -3.75 82.70 -20.83
CA LEU GA 195 -2.87 81.54 -21.10
C LEU GA 195 -1.42 81.88 -20.76
N PHE GA 196 -0.98 83.10 -21.11
CA PHE GA 196 0.44 83.50 -20.93
C PHE GA 196 0.56 84.66 -19.95
N PRO GA 197 1.40 84.57 -18.89
CA PRO GA 197 1.62 85.71 -18.00
C PRO GA 197 2.17 86.81 -18.88
N ASN GA 198 1.74 88.06 -18.68
CA ASN GA 198 2.17 89.15 -19.59
C ASN GA 198 3.51 89.71 -19.09
N LYS GA 199 4.55 89.65 -19.94
CA LYS GA 199 5.88 90.22 -19.59
C LYS GA 199 6.22 89.90 -18.12
N GLY GA 200 6.27 88.62 -17.76
CA GLY GA 200 6.71 88.23 -16.41
C GLY GA 200 5.76 88.66 -15.30
N GLU GA 201 4.66 89.33 -15.63
CA GLU GA 201 3.65 89.68 -14.59
C GLU GA 201 2.80 88.43 -14.36
N LYS GA 202 2.58 88.02 -13.10
CA LYS GA 202 1.85 86.73 -12.93
C LYS GA 202 0.54 86.76 -13.71
N SER GA 203 0.18 85.63 -14.33
CA SER GA 203 -1.06 85.55 -15.15
C SER GA 203 -2.24 86.18 -14.39
N THR GA 204 -3.01 87.04 -15.08
CA THR GA 204 -4.18 87.70 -14.46
C THR GA 204 -5.45 87.33 -15.22
N THR GA 205 -6.53 86.96 -14.52
CA THR GA 205 -7.77 86.50 -15.18
C THR GA 205 -8.61 87.70 -15.61
N LEU GA 206 -9.53 87.49 -16.57
CA LEU GA 206 -10.45 88.57 -16.99
C LEU GA 206 -11.01 89.22 -15.73
N HIS GA 207 -11.41 88.41 -14.75
CA HIS GA 207 -12.02 88.98 -13.52
C HIS GA 207 -11.11 90.07 -12.94
N LYS GA 208 -9.82 89.77 -12.78
CA LYS GA 208 -8.91 90.75 -12.22
C LYS GA 208 -8.83 92.00 -13.11
N GLU GA 209 -8.95 91.78 -14.41
CA GLU GA 209 -8.87 92.91 -15.38
C GLU GA 209 -10.10 93.81 -15.25
N ILE GA 210 -11.29 93.21 -15.20
CA ILE GA 210 -12.54 94.02 -15.15
C ILE GA 210 -12.64 94.71 -13.79
N LEU GA 211 -12.31 94.01 -12.70
CA LEU GA 211 -12.28 94.68 -11.41
C LEU GA 211 -11.27 95.82 -11.41
N GLN GA 212 -10.10 95.56 -12.01
CA GLN GA 212 -9.07 96.62 -12.14
C GLN GA 212 -9.64 97.72 -13.04
N THR GA 213 -10.44 97.34 -14.04
CA THR GA 213 -11.01 98.35 -14.99
C THR GA 213 -11.80 99.39 -14.19
N ASP GA 214 -11.54 100.67 -14.44
CA ASP GA 214 -12.20 101.75 -13.66
C ASP GA 214 -13.10 102.55 -14.60
N SER GA 215 -14.42 102.42 -14.45
CA SER GA 215 -15.37 103.11 -15.36
C SER GA 215 -15.76 104.49 -14.80
N ARG GA 216 -15.32 105.56 -15.46
CA ARG GA 216 -15.61 106.91 -15.00
C ARG GA 216 -16.71 107.50 -15.86
N LEU GA 217 -17.78 107.95 -15.21
CA LEU GA 217 -18.89 108.55 -15.92
C LEU GA 217 -18.44 109.86 -16.57
N SER GA 218 -18.98 110.13 -17.75
CA SER GA 218 -18.67 111.33 -18.50
C SER GA 218 -19.96 112.07 -18.81
N SER GA 219 -20.05 113.31 -18.33
CA SER GA 219 -21.20 114.17 -18.59
C SER GA 219 -20.83 115.59 -18.24
N ASP GA 220 -21.59 116.54 -18.79
CA ASP GA 220 -21.39 117.93 -18.43
C ASP GA 220 -21.70 118.20 -16.96
N ILE GA 221 -22.47 117.32 -16.32
CA ILE GA 221 -22.71 117.44 -14.89
C ILE GA 221 -21.40 117.32 -14.12
N PHE GA 222 -20.51 116.44 -14.61
CA PHE GA 222 -19.23 116.19 -13.90
C PHE GA 222 -18.08 116.35 -14.91
N LYS GA 223 -17.58 117.58 -15.07
CA LYS GA 223 -16.56 117.84 -16.08
C LYS GA 223 -15.17 117.48 -15.58
N GLU GA 224 -14.74 118.09 -14.48
CA GLU GA 224 -13.41 117.85 -13.93
C GLU GA 224 -13.28 116.45 -13.35
N ILE HA 3 -61.48 98.10 -9.16
CA ILE HA 3 -60.64 98.97 -8.36
C ILE HA 3 -59.19 98.80 -8.75
N ARG HA 4 -58.39 99.85 -8.58
CA ARG HA 4 -56.94 99.69 -8.84
C ARG HA 4 -56.21 100.85 -8.17
N ASN HA 5 -54.98 100.61 -7.75
CA ASN HA 5 -54.18 101.74 -7.20
C ASN HA 5 -53.75 102.58 -8.42
N ARG HA 6 -53.52 103.88 -8.23
CA ARG HA 6 -53.18 104.75 -9.39
C ARG HA 6 -51.68 105.02 -9.39
N LEU HA 7 -50.89 104.13 -8.80
CA LEU HA 7 -49.45 104.40 -8.67
C LEU HA 7 -48.83 104.77 -10.02
N SER HA 8 -49.06 103.96 -11.05
CA SER HA 8 -48.46 104.27 -12.34
C SER HA 8 -48.82 105.67 -12.80
N GLU HA 9 -50.11 106.00 -12.70
CA GLU HA 9 -50.57 107.37 -13.10
C GLU HA 9 -49.98 108.41 -12.14
N LEU HA 10 -49.91 108.10 -10.83
CA LEU HA 10 -49.41 109.05 -9.87
C LEU HA 10 -47.96 109.42 -10.13
N LEU HA 11 -47.09 108.41 -10.27
CA LEU HA 11 -45.65 108.68 -10.48
C LEU HA 11 -45.41 109.21 -11.91
N SER HA 12 -46.27 108.86 -12.88
CA SER HA 12 -46.12 109.45 -14.23
C SER HA 12 -46.36 110.96 -14.11
N GLU HA 13 -47.40 111.35 -13.38
CA GLU HA 13 -47.67 112.77 -13.15
C GLU HA 13 -46.54 113.43 -12.38
N ARG HA 14 -46.05 112.75 -11.33
CA ARG HA 14 -44.95 113.31 -10.54
C ARG HA 14 -43.64 113.28 -11.31
N GLY HA 15 -43.48 112.35 -12.26
CA GLY HA 15 -42.24 112.17 -12.95
C GLY HA 15 -41.21 111.34 -12.21
N LEU HA 16 -41.54 110.91 -11.00
CA LEU HA 16 -40.59 110.14 -10.16
C LEU HA 16 -40.48 108.70 -10.67
N LYS HA 17 -39.42 108.00 -10.28
CA LYS HA 17 -39.23 106.59 -10.70
C LYS HA 17 -39.56 105.67 -9.52
N ILE HA 18 -39.90 104.40 -9.80
CA ILE HA 18 -40.27 103.46 -8.71
C ILE HA 18 -39.09 103.36 -7.74
N SER HA 19 -37.88 103.19 -8.28
CA SER HA 19 -36.69 103.02 -7.42
C SER HA 19 -36.57 104.24 -6.50
N ARG HA 20 -36.82 105.43 -7.05
CA ARG HA 20 -36.71 106.67 -6.24
C ARG HA 20 -37.74 106.61 -5.11
N VAL HA 21 -38.97 106.23 -5.42
CA VAL HA 21 -40.03 106.11 -4.38
C VAL HA 21 -39.60 105.05 -3.35
N ALA HA 22 -39.07 103.91 -3.81
CA ALA HA 22 -38.72 102.82 -2.88
C ALA HA 22 -37.65 103.32 -1.89
N LYS HA 23 -36.68 104.07 -2.40
CA LYS HA 23 -35.61 104.62 -1.53
C LYS HA 23 -36.24 105.55 -0.50
N ASP HA 24 -37.37 106.18 -0.84
CA ASP HA 24 -38.00 107.15 0.04
C ASP HA 24 -38.88 106.47 1.09
N VAL HA 25 -39.64 105.46 0.68
CA VAL HA 25 -40.65 104.86 1.62
C VAL HA 25 -40.19 103.53 2.23
N LYS HA 26 -38.95 103.11 1.97
CA LYS HA 26 -38.41 101.89 2.58
C LYS HA 26 -39.27 100.68 2.26
N ILE HA 27 -39.72 100.62 1.01
CA ILE HA 27 -40.53 99.45 0.54
C ILE HA 27 -39.72 98.72 -0.54
N ALA HA 28 -39.72 97.39 -0.52
CA ALA HA 28 -38.93 96.58 -1.44
C ALA HA 28 -39.22 96.97 -2.88
N ARG HA 29 -38.16 97.10 -3.68
CA ARG HA 29 -38.36 97.57 -5.07
C ARG HA 29 -39.28 96.60 -5.81
N SER HA 30 -39.02 95.30 -5.73
CA SER HA 30 -39.81 94.35 -6.51
C SER HA 30 -41.29 94.45 -6.15
N SER HA 31 -41.60 94.42 -4.86
CA SER HA 31 -42.99 94.49 -4.44
C SER HA 31 -43.62 95.81 -4.83
N LEU HA 32 -42.87 96.90 -4.65
CA LEU HA 32 -43.44 98.25 -4.95
C LEU HA 32 -43.67 98.36 -6.46
N THR HA 33 -42.72 97.89 -7.27
CA THR HA 33 -42.86 98.02 -8.75
C THR HA 33 -44.04 97.15 -9.20
N SER HA 34 -44.18 95.95 -8.62
CA SER HA 34 -45.33 95.13 -8.95
C SER HA 34 -46.62 95.82 -8.56
N MET HA 35 -46.62 96.44 -7.38
CA MET HA 35 -47.85 97.12 -6.89
C MET HA 35 -48.07 98.41 -7.69
N ALA HA 36 -46.99 98.99 -8.23
CA ALA HA 36 -47.15 100.16 -9.11
C ALA HA 36 -48.05 99.74 -10.26
N GLN HA 37 -47.81 98.55 -10.82
CA GLN HA 37 -48.71 98.01 -11.87
C GLN HA 37 -50.02 97.61 -11.18
N ASN HA 38 -51.14 97.71 -11.89
CA ASN HA 38 -52.46 97.36 -11.31
C ASN HA 38 -52.55 95.84 -11.15
N ASP HA 39 -51.59 95.10 -11.70
CA ASP HA 39 -51.65 93.61 -11.69
C ASP HA 39 -51.72 93.07 -10.26
N SER HA 40 -50.99 93.66 -9.31
CA SER HA 40 -50.96 93.08 -7.94
C SER HA 40 -52.39 93.04 -7.39
N GLU HA 41 -52.77 91.95 -6.74
CA GLU HA 41 -54.17 91.79 -6.24
C GLU HA 41 -54.21 92.06 -4.73
N MET HA 42 -53.04 92.11 -4.10
CA MET HA 42 -52.98 92.33 -2.63
C MET HA 42 -52.14 93.57 -2.32
N ILE HA 43 -52.52 94.29 -1.27
CA ILE HA 43 -51.80 95.52 -0.88
C ILE HA 43 -51.74 95.62 0.65
N ARG HA 44 -50.68 96.19 1.19
CA ARG HA 44 -50.46 96.32 2.63
C ARG HA 44 -50.88 97.71 3.12
N TYR HA 45 -51.39 97.75 4.35
CA TYR HA 45 -51.75 99.02 4.96
C TYR HA 45 -50.52 99.89 5.18
N ASP HA 46 -49.40 99.28 5.57
CA ASP HA 46 -48.16 100.04 5.68
C ASP HA 46 -47.81 100.68 4.35
N ALA HA 47 -48.00 99.94 3.26
CA ALA HA 47 -47.68 100.48 1.94
C ALA HA 47 -48.56 101.67 1.60
N ILE HA 48 -49.86 101.56 1.88
CA ILE HA 48 -50.78 102.67 1.51
C ILE HA 48 -50.45 103.89 2.39
N ASP HA 49 -50.09 103.65 3.66
CA ASP HA 49 -49.74 104.77 4.57
C ASP HA 49 -48.50 105.47 4.01
N LYS HA 50 -47.44 104.70 3.75
CA LYS HA 50 -46.18 105.30 3.32
C LYS HA 50 -46.33 106.02 1.99
N LEU HA 51 -47.03 105.41 1.03
CA LEU HA 51 -47.17 106.03 -0.27
C LEU HA 51 -48.03 107.29 -0.22
N CYS HA 52 -49.17 107.19 0.48
CA CYS HA 52 -50.09 108.36 0.57
C CYS HA 52 -49.34 109.53 1.23
N SER HA 53 -48.55 109.23 2.26
CA SER HA 53 -47.78 110.29 2.97
C SER HA 53 -46.70 110.85 2.03
N TYR HA 54 -45.90 109.97 1.43
CA TYR HA 54 -44.81 110.41 0.53
C TYR HA 54 -45.36 111.33 -0.56
N LEU HA 55 -46.44 110.88 -1.23
CA LEU HA 55 -47.03 111.69 -2.27
C LEU HA 55 -47.92 112.80 -1.74
N HIS HA 56 -48.09 112.84 -0.41
CA HIS HA 56 -48.86 113.95 0.22
C HIS HA 56 -50.28 113.96 -0.35
N ILE HA 57 -50.88 112.77 -0.48
CA ILE HA 57 -52.24 112.68 -1.09
C ILE HA 57 -53.12 111.72 -0.29
N SER HA 58 -54.43 111.96 -0.29
CA SER HA 58 -55.38 111.07 0.34
C SER HA 58 -55.55 109.80 -0.48
N PRO HA 59 -56.05 108.67 0.11
CA PRO HA 59 -56.25 107.44 -0.65
C PRO HA 59 -57.22 107.65 -1.83
N SER HA 60 -58.04 108.70 -1.77
CA SER HA 60 -58.96 109.01 -2.90
C SER HA 60 -58.15 108.99 -4.19
N GLU HA 61 -57.07 109.77 -4.24
CA GLU HA 61 -56.22 109.85 -5.46
C GLU HA 61 -55.47 108.52 -5.64
N PHE HA 62 -55.23 107.79 -4.55
CA PHE HA 62 -54.47 106.51 -4.67
C PHE HA 62 -55.35 105.39 -5.22
N PHE HA 63 -56.59 105.28 -4.78
CA PHE HA 63 -57.46 104.18 -5.19
C PHE HA 63 -58.50 104.69 -6.17
N GLU HA 64 -58.37 104.31 -7.44
CA GLU HA 64 -59.41 104.53 -8.44
C GLU HA 64 -60.39 103.39 -8.34
N HIS HA 65 -61.62 103.69 -7.92
CA HIS HA 65 -62.67 102.68 -7.79
C HIS HA 65 -63.89 103.09 -8.60
N ASN HA 66 -64.41 102.15 -9.41
CA ASN HA 66 -65.67 102.31 -10.11
C ASN HA 66 -66.59 101.19 -9.66
N PRO HA 67 -67.83 101.47 -9.17
CA PRO HA 67 -68.70 100.44 -8.61
C PRO HA 67 -69.15 99.38 -9.62
N ILE HA 68 -68.80 99.55 -10.90
CA ILE HA 68 -69.31 98.57 -11.90
C ILE HA 68 -68.35 97.38 -11.86
N ASN HA 69 -68.81 96.24 -11.33
CA ASN HA 69 -67.92 95.06 -11.18
C ASN HA 69 -68.14 94.10 -12.34
N PHE HA 70 -67.06 93.74 -13.03
CA PHE HA 70 -67.16 92.80 -14.19
C PHE HA 70 -66.59 91.44 -13.79
N ASP HA 71 -67.46 90.46 -13.52
CA ASP HA 71 -67.06 89.11 -13.16
C ASP HA 71 -67.17 88.22 -14.39
N PHE HA 72 -66.14 87.42 -14.63
CA PHE HA 72 -66.05 86.60 -15.83
C PHE HA 72 -66.01 85.14 -15.45
N THR HA 73 -66.76 84.34 -16.22
CA THR HA 73 -66.81 82.87 -16.02
C THR HA 73 -66.62 82.23 -17.40
N PHE HA 74 -65.94 81.09 -17.48
CA PHE HA 74 -65.64 80.41 -18.73
C PHE HA 74 -66.30 79.04 -18.77
N ASP HA 75 -66.43 78.51 -19.99
CA ASP HA 75 -67.08 77.19 -20.17
C ASP HA 75 -66.27 76.07 -19.55
N GLU HA 76 -66.90 75.24 -18.72
CA GLU HA 76 -66.19 74.07 -18.15
C GLU HA 76 -65.66 73.24 -19.32
N GLU HA 77 -66.51 72.97 -20.32
CA GLU HA 77 -66.05 72.25 -21.49
C GLU HA 77 -66.20 73.15 -22.72
N PRO HA 78 -65.12 73.44 -23.42
CA PRO HA 78 -65.21 74.28 -24.62
C PRO HA 78 -65.35 73.46 -25.89
N ASN HA 79 -65.66 74.13 -27.00
CA ASN HA 79 -65.68 73.45 -28.32
C ASN HA 79 -64.31 73.66 -28.92
N TYR HA 80 -63.36 72.78 -28.61
CA TYR HA 80 -61.96 73.02 -29.06
C TYR HA 80 -61.45 71.88 -29.93
N LYS HA 81 -60.85 72.21 -31.08
CA LYS HA 81 -60.20 71.16 -31.90
C LYS HA 81 -58.76 71.61 -32.15
N ILE HA 82 -57.77 70.80 -31.76
CA ILE HA 82 -56.34 71.23 -31.91
C ILE HA 82 -55.60 70.15 -32.70
N ASN HA 83 -55.45 70.35 -34.02
CA ASN HA 83 -54.68 69.38 -34.84
C ASN HA 83 -53.23 69.39 -34.38
N ASP HA 84 -52.58 68.21 -34.37
CA ASP HA 84 -51.15 68.14 -33.98
C ASP HA 84 -50.32 68.06 -35.25
N VAL HA 85 -49.48 69.06 -35.50
CA VAL HA 85 -48.55 69.00 -36.66
C VAL HA 85 -47.14 68.80 -36.10
N PHE HA 86 -46.51 67.66 -36.40
CA PHE HA 86 -45.18 67.38 -35.80
C PHE HA 86 -44.09 68.04 -36.65
N GLU HA 87 -44.06 69.37 -36.67
CA GLU HA 87 -43.07 70.10 -37.50
C GLU HA 87 -41.84 70.39 -36.64
N GLY HA 88 -41.19 69.36 -36.09
CA GLY HA 88 -39.94 69.58 -35.34
C GLY HA 88 -40.07 70.63 -34.26
N PHE HA 89 -41.10 70.57 -33.40
CA PHE HA 89 -41.12 71.60 -32.32
C PHE HA 89 -39.80 71.50 -31.55
N GLU HA 90 -39.40 70.27 -31.22
CA GLU HA 90 -38.14 70.08 -30.46
C GLU HA 90 -36.99 70.80 -31.16
N VAL HA 91 -37.00 70.81 -32.50
CA VAL HA 91 -35.90 71.44 -33.28
C VAL HA 91 -36.06 72.97 -33.20
N THR HA 92 -37.29 73.47 -33.40
CA THR HA 92 -37.53 74.94 -33.42
C THR HA 92 -38.64 75.24 -32.41
N ALA HA 93 -38.35 76.05 -31.38
CA ALA HA 93 -39.37 76.25 -30.31
C ALA HA 93 -40.42 77.24 -30.80
N ASN HA 94 -41.22 76.86 -31.79
CA ASN HA 94 -42.32 77.73 -32.28
C ASN HA 94 -43.65 76.99 -32.08
N ILE HA 95 -44.65 77.68 -31.53
CA ILE HA 95 -45.95 77.02 -31.21
C ILE HA 95 -46.51 76.46 -32.52
N THR HA 96 -46.38 77.21 -33.61
CA THR HA 96 -46.86 76.73 -34.93
C THR HA 96 -46.22 75.36 -35.25
N HIS HA 97 -44.92 75.22 -34.98
CA HIS HA 97 -44.19 73.96 -35.29
C HIS HA 97 -44.74 72.82 -34.43
N ALA HA 98 -45.12 73.12 -33.19
CA ALA HA 98 -45.66 72.10 -32.26
C ALA HA 98 -47.06 71.62 -32.68
N PHE HA 99 -47.96 72.55 -33.02
CA PHE HA 99 -49.36 72.17 -33.34
C PHE HA 99 -50.10 73.37 -33.93
N SER HA 100 -51.42 73.24 -34.15
CA SER HA 100 -52.19 74.37 -34.63
C SER HA 100 -53.62 74.21 -34.18
N ILE HA 101 -54.26 75.32 -33.81
CA ILE HA 101 -55.65 75.28 -33.36
C ILE HA 101 -56.54 75.25 -34.60
N GLU HA 102 -57.24 74.14 -34.81
CA GLU HA 102 -58.23 74.09 -35.87
C GLU HA 102 -59.38 75.04 -35.58
N ASN HA 103 -59.90 74.97 -34.35
CA ASN HA 103 -60.91 75.92 -33.88
C ASN HA 103 -60.93 75.87 -32.36
N PHE HA 104 -61.28 76.99 -31.74
CA PHE HA 104 -61.43 77.06 -30.29
C PHE HA 104 -62.50 78.10 -30.01
N ASP HA 105 -63.74 77.60 -29.92
CA ASP HA 105 -64.89 78.49 -29.61
C ASP HA 105 -65.49 78.05 -28.28
N PHE HA 106 -66.01 78.99 -27.50
CA PHE HA 106 -66.61 78.72 -26.21
C PHE HA 106 -67.39 79.95 -25.77
N GLU HA 107 -67.97 79.83 -24.57
CA GLU HA 107 -68.83 80.93 -24.09
C GLU HA 107 -68.24 81.57 -22.84
N ILE HA 108 -68.09 82.90 -22.88
CA ILE HA 108 -67.57 83.65 -21.71
C ILE HA 108 -68.74 84.46 -21.13
N LEU HA 109 -69.17 84.07 -19.93
CA LEU HA 109 -70.30 84.77 -19.25
C LEU HA 109 -69.72 85.95 -18.46
N VAL HA 110 -70.30 87.13 -18.66
CA VAL HA 110 -69.85 88.32 -17.87
C VAL HA 110 -71.04 88.83 -17.07
N ASP HA 111 -70.96 88.75 -15.74
CA ASP HA 111 -72.07 89.23 -14.87
C ASP HA 111 -71.76 90.66 -14.44
N VAL HA 112 -71.99 91.62 -15.32
CA VAL HA 112 -71.69 93.01 -15.02
C VAL HA 112 -72.65 93.51 -13.95
N GLU HA 113 -72.11 94.10 -12.89
CA GLU HA 113 -72.91 94.56 -11.77
C GLU HA 113 -72.75 96.06 -11.62
N LEU HA 114 -73.90 96.75 -11.57
CA LEU HA 114 -73.90 98.19 -11.34
C LEU HA 114 -73.73 98.46 -9.84
N ASP HA 115 -73.89 99.73 -9.46
CA ASP HA 115 -73.83 100.08 -8.05
C ASP HA 115 -74.90 99.32 -7.27
N ASN HA 116 -76.09 99.23 -7.86
CA ASN HA 116 -77.18 98.45 -7.23
C ASN HA 116 -76.91 96.96 -7.49
N ARG HA 117 -77.43 96.09 -6.64
CA ARG HA 117 -77.19 94.62 -6.76
C ARG HA 117 -77.69 94.14 -8.12
N GLN HA 118 -78.52 94.93 -8.81
CA GLN HA 118 -78.97 94.56 -10.18
C GLN HA 118 -77.75 94.17 -11.02
N LYS HA 119 -77.70 92.92 -11.48
CA LYS HA 119 -76.53 92.45 -12.29
C LYS HA 119 -77.00 92.02 -13.68
N LEU HA 120 -76.26 92.43 -14.72
CA LEU HA 120 -76.63 92.07 -16.11
C LEU HA 120 -75.59 91.07 -16.65
N ASN HA 121 -76.04 89.96 -17.22
CA ASN HA 121 -75.09 88.92 -17.71
C ASN HA 121 -74.97 89.02 -19.23
N PHE HA 122 -73.74 89.00 -19.75
CA PHE HA 122 -73.52 89.07 -21.22
C PHE HA 122 -72.77 87.81 -21.67
N ASP HA 123 -73.30 87.11 -22.67
CA ASP HA 123 -72.65 85.87 -23.15
C ASP HA 123 -71.74 86.21 -24.33
N LEU HA 124 -70.53 85.64 -24.37
CA LEU HA 124 -69.57 85.97 -25.46
C LEU HA 124 -69.23 84.70 -26.23
N ASP HA 125 -69.72 84.57 -27.48
CA ASP HA 125 -69.28 83.40 -28.28
C ASP HA 125 -67.90 83.77 -28.80
N VAL HA 126 -66.85 83.25 -28.13
CA VAL HA 126 -65.46 83.61 -28.49
C VAL HA 126 -64.80 82.44 -29.23
N SER HA 127 -64.28 82.70 -30.42
CA SER HA 127 -63.66 81.68 -31.26
C SER HA 127 -62.22 82.07 -31.57
N TYR HA 128 -61.35 81.06 -31.59
CA TYR HA 128 -59.98 81.26 -32.04
C TYR HA 128 -59.98 81.76 -33.48
N LYS HA 129 -59.16 82.77 -33.76
CA LYS HA 129 -59.09 83.34 -35.09
C LYS HA 129 -57.74 83.12 -35.76
N GLU HA 130 -56.64 83.39 -35.05
CA GLU HA 130 -55.32 83.32 -35.67
C GLU HA 130 -54.27 83.19 -34.57
N THR HA 131 -53.21 82.42 -34.87
CA THR HA 131 -52.07 82.30 -33.92
C THR HA 131 -51.06 83.39 -34.29
N GLU HA 132 -51.34 84.62 -33.88
CA GLU HA 132 -50.49 85.76 -34.18
C GLU HA 132 -49.09 85.53 -33.64
N LYS HA 133 -48.09 85.76 -34.50
CA LYS HA 133 -46.67 85.54 -34.12
C LYS HA 133 -46.05 86.88 -33.74
N ILE HA 134 -46.00 87.17 -32.43
CA ILE HA 134 -45.44 88.42 -31.94
C ILE HA 134 -43.95 88.49 -32.24
N THR HA 135 -43.21 87.42 -31.96
CA THR HA 135 -41.78 87.36 -32.21
C THR HA 135 -41.47 86.04 -32.89
N ASN HA 136 -40.26 85.95 -33.44
CA ASN HA 136 -39.82 84.67 -33.98
C ASN HA 136 -39.74 83.62 -32.89
N SER HA 137 -39.63 84.08 -31.65
CA SER HA 137 -39.50 83.13 -30.51
C SER HA 137 -40.87 82.68 -30.02
N GLN HA 138 -41.77 83.63 -29.74
CA GLN HA 138 -43.09 83.27 -29.15
C GLN HA 138 -44.25 83.75 -30.03
N HIS HA 139 -45.46 83.25 -29.79
CA HIS HA 139 -46.65 83.70 -30.54
C HIS HA 139 -47.76 84.08 -29.55
N ARG HA 140 -48.73 84.88 -29.97
CA ARG HA 140 -49.91 85.16 -29.11
C ARG HA 140 -51.16 84.65 -29.81
N PHE HA 141 -51.93 83.77 -29.16
CA PHE HA 141 -53.21 83.31 -29.77
C PHE HA 141 -54.18 84.50 -29.78
N ILE HA 142 -54.92 84.67 -30.88
CA ILE HA 142 -55.90 85.79 -30.99
C ILE HA 142 -57.31 85.20 -31.07
N PHE HA 143 -58.21 85.66 -30.21
CA PHE HA 143 -59.61 85.19 -30.26
C PHE HA 143 -60.53 86.34 -30.65
N THR HA 144 -61.77 86.04 -31.04
CA THR HA 144 -62.70 87.06 -31.49
C THR HA 144 -64.09 86.70 -31.03
N ILE HA 145 -64.86 87.72 -30.66
CA ILE HA 145 -66.25 87.49 -30.14
C ILE HA 145 -67.23 87.52 -31.33
N LYS HA 146 -67.85 86.38 -31.64
CA LYS HA 146 -68.85 86.31 -32.74
C LYS HA 146 -70.07 87.16 -32.41
N ASN HA 147 -70.51 87.16 -31.14
CA ASN HA 147 -71.75 87.87 -30.75
C ASN HA 147 -71.41 89.24 -30.15
N GLU HA 148 -70.26 89.80 -30.52
CA GLU HA 148 -69.82 91.11 -29.95
C GLU HA 148 -70.89 92.16 -30.27
N ASP HA 149 -71.49 92.09 -31.46
CA ASP HA 149 -72.55 93.07 -31.85
C ASP HA 149 -73.70 92.96 -30.85
N GLU HA 150 -74.05 91.75 -30.44
CA GLU HA 150 -75.12 91.55 -29.42
C GLU HA 150 -74.66 92.20 -28.11
N ASN HA 151 -73.38 92.07 -27.77
CA ASN HA 151 -72.86 92.59 -26.48
C ASN HA 151 -72.43 94.05 -26.67
N ILE HA 152 -73.12 94.79 -27.54
CA ILE HA 152 -72.81 96.23 -27.77
C ILE HA 152 -73.05 96.98 -26.45
N GLY HA 153 -74.09 96.58 -25.70
CA GLY HA 153 -74.35 97.20 -24.38
C GLY HA 153 -73.19 96.96 -23.44
N LEU HA 154 -72.60 95.77 -23.49
CA LEU HA 154 -71.41 95.47 -22.65
C LEU HA 154 -70.33 96.50 -22.99
N LYS HA 155 -70.06 96.69 -24.29
CA LYS HA 155 -69.01 97.64 -24.71
C LYS HA 155 -69.35 99.03 -24.14
N LYS HA 156 -70.63 99.41 -24.22
CA LYS HA 156 -71.06 100.72 -23.66
C LYS HA 156 -70.65 100.79 -22.19
N TYR HA 157 -70.83 99.70 -21.45
CA TYR HA 157 -70.44 99.68 -20.01
C TYR HA 157 -68.92 99.71 -19.87
N VAL HA 158 -68.22 98.94 -20.70
CA VAL HA 158 -66.73 98.92 -20.65
C VAL HA 158 -66.20 100.33 -20.87
N ASP HA 159 -66.57 100.96 -21.99
CA ASP HA 159 -66.05 102.29 -22.30
C ASP HA 159 -66.55 103.34 -21.33
N SER HA 160 -67.55 103.00 -20.52
CA SER HA 160 -68.11 103.96 -19.52
C SER HA 160 -67.15 104.11 -18.34
N LEU HA 161 -66.09 103.29 -18.28
CA LEU HA 161 -65.14 103.35 -17.18
C LEU HA 161 -63.94 104.20 -17.56
N SER HA 162 -63.03 104.40 -16.60
CA SER HA 162 -61.82 105.14 -16.85
C SER HA 162 -60.86 104.33 -17.70
N ALA HA 163 -59.97 105.05 -18.39
CA ALA HA 163 -59.00 104.39 -19.27
C ALA HA 163 -58.11 103.44 -18.49
N GLY HA 164 -57.68 103.84 -17.30
CA GLY HA 164 -56.89 102.94 -16.47
C GLY HA 164 -57.66 101.70 -16.08
N LEU HA 165 -58.91 101.88 -15.65
CA LEU HA 165 -59.74 100.73 -15.30
C LEU HA 165 -60.05 99.88 -16.53
N LYS HA 166 -60.25 100.53 -17.69
CA LYS HA 166 -60.44 99.76 -18.92
C LYS HA 166 -59.22 98.89 -19.21
N ASN HA 167 -58.02 99.46 -19.06
CA ASN HA 167 -56.81 98.69 -19.29
C ASN HA 167 -56.69 97.55 -18.29
N LEU HA 168 -57.05 97.81 -17.03
CA LEU HA 168 -57.04 96.75 -16.03
C LEU HA 168 -57.99 95.63 -16.42
N LEU HA 169 -59.21 95.96 -16.85
CA LEU HA 169 -60.10 94.88 -17.33
C LEU HA 169 -59.42 94.14 -18.49
N PHE HA 170 -58.94 94.86 -19.49
CA PHE HA 170 -58.34 94.16 -20.63
C PHE HA 170 -57.28 93.18 -20.14
N LYS HA 171 -56.45 93.64 -19.21
CA LYS HA 171 -55.39 92.77 -18.64
C LYS HA 171 -56.05 91.54 -18.02
N LYS HA 172 -57.03 91.76 -17.16
CA LYS HA 172 -57.65 90.63 -16.47
C LYS HA 172 -58.25 89.64 -17.46
N ILE HA 173 -58.96 90.15 -18.47
CA ILE HA 173 -59.57 89.27 -19.47
C ILE HA 173 -58.49 88.49 -20.19
N ASN HA 174 -57.46 89.21 -20.66
CA ASN HA 174 -56.35 88.55 -21.39
C ASN HA 174 -55.74 87.46 -20.50
N GLN HA 175 -55.44 87.79 -19.25
CA GLN HA 175 -54.73 86.86 -18.38
C GLN HA 175 -55.58 85.61 -18.14
N LYS HA 176 -56.86 85.82 -17.83
CA LYS HA 176 -57.77 84.66 -17.61
C LYS HA 176 -57.82 83.82 -18.89
N LEU HA 177 -57.98 84.48 -20.04
CA LEU HA 177 -58.10 83.76 -21.30
C LEU HA 177 -56.83 82.99 -21.61
N SER HA 178 -55.69 83.64 -21.39
CA SER HA 178 -54.38 82.99 -21.64
C SER HA 178 -54.31 81.73 -20.76
N GLY HA 179 -54.52 81.89 -19.45
CA GLY HA 179 -54.44 80.76 -18.55
C GLY HA 179 -55.36 79.63 -18.96
N TYR HA 180 -56.60 79.99 -19.32
CA TYR HA 180 -57.59 78.97 -19.74
C TYR HA 180 -57.09 78.24 -20.97
N VAL HA 181 -56.69 78.98 -22.00
CA VAL HA 181 -56.26 78.37 -23.26
C VAL HA 181 -55.03 77.51 -23.04
N SER HA 182 -54.05 78.01 -22.29
CA SER HA 182 -52.85 77.24 -22.03
C SER HA 182 -53.18 75.96 -21.26
N GLU HA 183 -54.11 76.08 -20.31
CA GLU HA 183 -54.53 74.89 -19.52
C GLU HA 183 -55.13 73.84 -20.46
N ILE HA 184 -56.09 74.25 -21.28
CA ILE HA 184 -56.75 73.29 -22.21
C ILE HA 184 -55.67 72.67 -23.10
N ILE HA 185 -54.85 73.49 -23.75
CA ILE HA 185 -53.84 72.96 -24.72
C ILE HA 185 -52.87 72.02 -24.01
N VAL HA 186 -52.40 72.37 -22.80
CA VAL HA 186 -51.37 71.55 -22.17
C VAL HA 186 -51.93 70.19 -21.78
N LYS HA 187 -53.24 70.15 -21.52
CA LYS HA 187 -53.90 68.84 -21.24
C LYS HA 187 -54.08 68.10 -22.58
N ASN HA 188 -54.27 68.83 -23.69
CA ASN HA 188 -54.55 68.15 -24.98
C ASN HA 188 -53.26 67.79 -25.72
N ILE HA 189 -52.16 68.50 -25.46
CA ILE HA 189 -50.91 68.25 -26.24
C ILE HA 189 -49.86 67.60 -25.34
N ASP HA 190 -49.21 66.53 -25.82
CA ASP HA 190 -48.18 65.81 -25.02
C ASP HA 190 -46.94 66.69 -24.85
N ASP HA 191 -46.15 66.43 -23.81
CA ASP HA 191 -44.94 67.23 -23.51
C ASP HA 191 -43.93 67.13 -24.65
N ILE HA 192 -43.66 68.21 -25.38
CA ILE HA 192 -42.61 68.18 -26.44
C ILE HA 192 -41.42 69.01 -25.97
N GLU HA 193 -40.37 68.35 -25.47
CA GLU HA 193 -39.21 69.10 -24.92
C GLU HA 193 -38.29 69.54 -26.07
N GLU HA 194 -37.56 70.66 -25.92
CA GLU HA 194 -36.73 71.18 -27.02
C GLU HA 194 -35.39 70.41 -27.07
N LEU HA 195 -35.09 69.75 -28.19
CA LEU HA 195 -33.85 68.93 -28.28
C LEU HA 195 -32.64 69.82 -27.96
N PHE HA 196 -32.66 71.08 -28.41
CA PHE HA 196 -31.49 71.98 -28.23
C PHE HA 196 -31.88 73.21 -27.39
N PRO HA 197 -31.14 73.54 -26.31
CA PRO HA 197 -31.42 74.76 -25.55
C PRO HA 197 -31.24 75.90 -26.55
N ASN HA 198 -32.11 76.91 -26.51
CA ASN HA 198 -32.02 77.99 -27.54
C ASN HA 198 -31.03 79.05 -27.07
N LYS HA 199 -29.98 79.29 -27.86
CA LYS HA 199 -28.97 80.35 -27.53
C LYS HA 199 -28.65 80.33 -26.04
N GLY HA 200 -28.17 79.19 -25.51
CA GLY HA 200 -27.73 79.13 -24.11
C GLY HA 200 -28.85 79.29 -23.09
N GLU HA 201 -30.10 79.48 -23.55
CA GLU HA 201 -31.24 79.53 -22.60
C GLU HA 201 -31.59 78.10 -22.24
N LYS HA 202 -31.76 77.76 -20.95
CA LYS HA 202 -31.98 76.32 -20.65
C LYS HA 202 -33.15 75.78 -21.48
N SER HA 203 -33.02 74.55 -21.97
CA SER HA 203 -34.09 73.92 -22.80
C SER HA 203 -35.47 74.16 -22.18
N THR HA 204 -36.44 74.60 -22.99
CA THR HA 204 -37.82 74.85 -22.50
C THR HA 204 -38.80 73.95 -23.26
N THR HA 205 -39.72 73.29 -22.55
CA THR HA 205 -40.66 72.34 -23.20
C THR HA 205 -41.85 73.10 -23.81
N LEU HA 206 -42.54 72.47 -24.76
CA LEU HA 206 -43.75 73.08 -25.36
C LEU HA 206 -44.62 73.61 -24.21
N HIS HA 207 -44.77 72.82 -23.15
CA HIS HA 207 -45.64 73.24 -22.01
C HIS HA 207 -45.22 74.65 -21.56
N LYS HA 208 -43.93 74.86 -21.30
CA LYS HA 208 -43.48 76.17 -20.84
C LYS HA 208 -43.80 77.24 -21.86
N GLU HA 209 -43.73 76.87 -23.14
CA GLU HA 209 -43.97 77.85 -24.24
C GLU HA 209 -45.46 78.24 -24.26
N ILE HA 210 -46.35 77.25 -24.19
CA ILE HA 210 -47.81 77.55 -24.29
C ILE HA 210 -48.25 78.29 -23.02
N LEU HA 211 -47.78 77.87 -21.84
CA LEU HA 211 -48.09 78.63 -20.64
C LEU HA 211 -47.56 80.05 -20.75
N GLN HA 212 -46.34 80.18 -21.27
CA GLN HA 212 -45.75 81.53 -21.49
C GLN HA 212 -46.61 82.24 -22.55
N THR HA 213 -47.13 81.51 -23.52
CA THR HA 213 -47.95 82.12 -24.60
C THR HA 213 -49.12 82.87 -23.97
N ASP HA 214 -49.33 84.14 -24.37
CA ASP HA 214 -50.40 84.97 -23.76
C ASP HA 214 -51.44 85.28 -24.82
N SER HA 215 -52.63 84.68 -24.70
CA SER HA 215 -53.69 84.88 -25.72
C SER HA 215 -54.59 86.07 -25.35
N ARG HA 216 -54.52 87.16 -26.13
CA ARG HA 216 -55.30 88.35 -25.85
C ARG HA 216 -56.49 88.39 -26.81
N LEU HA 217 -57.69 88.49 -26.26
CA LEU HA 217 -58.88 88.57 -27.08
C LEU HA 217 -58.89 89.87 -27.88
N SER HA 218 -59.39 89.80 -29.10
CA SER HA 218 -59.47 90.95 -29.99
C SER HA 218 -60.91 91.14 -30.43
N SER HA 219 -61.49 92.30 -30.12
CA SER HA 219 -62.84 92.64 -30.52
C SER HA 219 -63.04 94.13 -30.34
N ASP HA 220 -64.05 94.67 -31.02
CA ASP HA 220 -64.40 96.07 -30.84
C ASP HA 220 -64.89 96.35 -29.42
N ILE HA 221 -65.34 95.32 -28.71
CA ILE HA 221 -65.71 95.49 -27.30
C ILE HA 221 -64.51 95.94 -26.49
N PHE HA 222 -63.33 95.40 -26.82
CA PHE HA 222 -62.11 95.72 -26.05
C PHE HA 222 -61.03 96.18 -27.03
N LYS HA 223 -60.98 97.48 -27.33
CA LYS HA 223 -60.04 97.99 -28.32
C LYS HA 223 -58.66 98.22 -27.72
N GLU HA 224 -58.58 99.05 -26.69
CA GLU HA 224 -57.29 99.38 -26.07
C GLU HA 224 -56.72 98.19 -25.32
N ILE IA 3 -95.63 64.72 -22.13
CA ILE IA 3 -95.21 65.90 -21.38
C ILE IA 3 -93.76 66.24 -21.68
N ARG IA 4 -93.42 67.52 -21.57
CA ARG IA 4 -91.99 67.87 -21.74
C ARG IA 4 -91.77 69.25 -21.15
N ASN IA 5 -90.58 69.50 -20.64
CA ASN IA 5 -90.28 70.89 -20.17
C ASN IA 5 -90.08 71.74 -21.43
N ARG IA 6 -90.35 73.04 -21.36
CA ARG IA 6 -90.25 73.88 -22.57
C ARG IA 6 -88.94 74.69 -22.52
N LEU IA 7 -87.94 74.18 -21.81
CA LEU IA 7 -86.72 74.97 -21.65
C LEU IA 7 -86.15 75.45 -22.97
N SER IA 8 -86.00 74.53 -23.94
CA SER IA 8 -85.44 74.95 -25.23
C SER IA 8 -86.25 76.09 -25.83
N GLU IA 9 -87.56 75.95 -25.83
CA GLU IA 9 -88.45 77.01 -26.37
C GLU IA 9 -88.35 78.26 -25.49
N LEU IA 10 -88.28 78.09 -24.16
CA LEU IA 10 -88.23 79.23 -23.26
C LEU IA 10 -86.98 80.08 -23.49
N LEU IA 11 -85.82 79.43 -23.48
CA LEU IA 11 -84.55 80.20 -23.65
C LEU IA 11 -84.39 80.67 -25.11
N SER IA 12 -84.99 79.97 -26.08
CA SER IA 12 -84.96 80.49 -27.48
C SER IA 12 -85.72 81.80 -27.50
N GLU IA 13 -86.89 81.85 -26.86
CA GLU IA 13 -87.66 83.08 -26.79
C GLU IA 13 -86.92 84.16 -26.02
N ARG IA 14 -86.29 83.78 -24.89
CA ARG IA 14 -85.54 84.75 -24.11
C ARG IA 14 -84.25 85.15 -24.81
N GLY IA 15 -83.69 84.28 -25.65
CA GLY IA 15 -82.41 84.51 -26.26
C GLY IA 15 -81.22 84.16 -25.40
N LEU IA 16 -81.49 83.72 -24.16
CA LEU IA 16 -80.39 83.41 -23.20
C LEU IA 16 -79.73 82.07 -23.58
N LYS IA 17 -78.52 81.83 -23.07
CA LYS IA 17 -77.81 80.56 -23.35
C LYS IA 17 -77.89 79.66 -22.11
N ILE IA 18 -77.73 78.36 -22.28
CA ILE IA 18 -77.83 77.41 -21.12
C ILE IA 18 -76.77 77.81 -20.10
N SER IA 19 -75.52 78.00 -20.54
CA SER IA 19 -74.44 78.38 -19.61
C SER IA 19 -74.86 79.62 -18.81
N ARG IA 20 -75.44 80.62 -19.48
CA ARG IA 20 -75.85 81.87 -18.79
C ARG IA 20 -76.88 81.51 -17.71
N VAL IA 21 -77.87 80.68 -18.06
CA VAL IA 21 -78.90 80.26 -17.06
C VAL IA 21 -78.20 79.51 -15.91
N ALA IA 22 -77.27 78.61 -16.24
CA ALA IA 22 -76.62 77.78 -15.19
C ALA IA 22 -75.90 78.70 -14.21
N LYS IA 23 -75.21 79.72 -14.73
CA LYS IA 23 -74.48 80.68 -13.86
C LYS IA 23 -75.49 81.39 -12.95
N ASP IA 24 -76.73 81.53 -13.42
CA ASP IA 24 -77.73 82.27 -12.65
C ASP IA 24 -78.39 81.40 -11.60
N VAL IA 25 -78.71 80.15 -11.94
CA VAL IA 25 -79.52 79.29 -11.00
C VAL IA 25 -78.65 78.27 -10.26
N LYS IA 26 -77.33 78.31 -10.41
CA LYS IA 26 -76.44 77.41 -9.66
C LYS IA 26 -76.79 75.95 -9.90
N ILE IA 27 -77.09 75.64 -11.17
CA ILE IA 27 -77.39 74.23 -11.56
C ILE IA 27 -76.29 73.77 -12.53
N ALA IA 28 -75.81 72.54 -12.38
CA ALA IA 28 -74.71 72.01 -13.18
C ALA IA 28 -75.01 72.16 -14.67
N ARG IA 29 -74.01 72.62 -15.42
CA ARG IA 29 -74.23 72.88 -16.86
C ARG IA 29 -74.69 71.59 -17.55
N SER IA 30 -73.99 70.49 -17.33
CA SER IA 30 -74.33 69.27 -18.06
C SER IA 30 -75.77 68.85 -17.79
N SER IA 31 -76.15 68.79 -16.51
CA SER IA 31 -77.50 68.38 -16.17
C SER IA 31 -78.53 69.36 -16.72
N LEU IA 32 -78.24 70.65 -16.59
CA LEU IA 32 -79.21 71.68 -17.06
C LEU IA 32 -79.35 71.60 -18.58
N THR IA 33 -78.24 71.44 -19.29
CA THR IA 33 -78.30 71.42 -20.79
C THR IA 33 -79.04 70.15 -21.22
N SER IA 34 -78.80 69.03 -20.54
CA SER IA 34 -79.54 67.82 -20.85
C SER IA 34 -81.03 68.03 -20.59
N MET IA 35 -81.34 68.68 -19.47
CA MET IA 35 -82.76 68.91 -19.10
C MET IA 35 -83.36 69.97 -20.03
N ALA IA 36 -82.53 70.86 -20.56
CA ALA IA 36 -83.02 71.84 -21.56
C ALA IA 36 -83.62 71.03 -22.72
N GLN IA 37 -82.92 69.97 -23.14
CA GLN IA 37 -83.49 69.07 -24.18
C GLN IA 37 -84.61 68.28 -23.53
N ASN IA 38 -85.63 67.91 -24.29
CA ASN IA 38 -86.78 67.15 -23.75
C ASN IA 38 -86.34 65.71 -23.46
N ASP IA 39 -85.13 65.34 -23.89
CA ASP IA 39 -84.67 63.93 -23.75
C ASP IA 39 -84.64 63.50 -22.27
N SER IA 40 -84.26 64.39 -21.35
CA SER IA 40 -84.14 63.95 -19.93
C SER IA 40 -85.50 63.43 -19.45
N GLU IA 41 -85.52 62.32 -18.72
CA GLU IA 41 -86.80 61.71 -18.28
C GLU IA 41 -87.06 62.05 -16.81
N MET IA 42 -86.04 62.56 -16.12
CA MET IA 42 -86.18 62.89 -14.67
C MET IA 42 -85.86 64.36 -14.44
N ILE IA 43 -86.57 64.97 -13.49
CA ILE IA 43 -86.35 66.41 -13.18
C ILE IA 43 -86.48 66.61 -11.66
N ARG IA 44 -85.73 67.57 -11.12
CA ARG IA 44 -85.69 67.88 -9.70
C ARG IA 44 -86.61 69.05 -9.37
N TYR IA 45 -87.20 68.98 -8.16
CA TYR IA 45 -88.04 70.08 -7.69
C TYR IA 45 -87.22 71.35 -7.49
N ASP IA 46 -85.99 71.22 -6.99
CA ASP IA 46 -85.11 72.37 -6.89
C ASP IA 46 -84.91 73.02 -8.26
N ALA IA 47 -84.73 72.18 -9.29
CA ALA IA 47 -84.53 72.69 -10.63
C ALA IA 47 -85.73 73.47 -11.11
N ILE IA 48 -86.93 72.91 -10.90
CA ILE IA 48 -88.15 73.59 -11.42
C ILE IA 48 -88.35 74.89 -10.64
N ASP IA 49 -88.04 74.90 -9.35
CA ASP IA 49 -88.18 76.13 -8.52
C ASP IA 49 -87.23 77.19 -9.08
N LYS IA 50 -85.95 76.84 -9.22
CA LYS IA 50 -84.96 77.83 -9.63
C LYS IA 50 -85.25 78.35 -11.03
N LEU IA 51 -85.60 77.46 -11.95
CA LEU IA 51 -85.85 77.89 -13.33
C LEU IA 51 -87.09 78.74 -13.43
N CYS IA 52 -88.18 78.30 -12.79
CA CYS IA 52 -89.45 79.06 -12.85
C CYS IA 52 -89.23 80.46 -12.27
N SER IA 53 -88.47 80.55 -11.18
CA SER IA 53 -88.19 81.86 -10.54
C SER IA 53 -87.31 82.70 -11.46
N TYR IA 54 -86.21 82.12 -11.95
CA TYR IA 54 -85.27 82.88 -12.83
C TYR IA 54 -86.03 83.44 -14.02
N LEU IA 55 -86.81 82.60 -14.69
CA LEU IA 55 -87.57 83.06 -15.85
C LEU IA 55 -88.83 83.81 -15.45
N HIS IA 56 -89.12 83.88 -14.15
CA HIS IA 56 -90.27 84.68 -13.66
C HIS IA 56 -91.56 84.13 -14.30
N ILE IA 57 -91.69 82.80 -14.35
CA ILE IA 57 -92.87 82.18 -15.03
C ILE IA 57 -93.41 81.02 -14.18
N SER IA 58 -94.72 80.77 -14.27
CA SER IA 58 -95.34 79.65 -13.60
C SER IA 58 -94.97 78.34 -14.31
N PRO IA 59 -95.09 77.16 -13.65
CA PRO IA 59 -94.78 75.89 -14.28
C PRO IA 59 -95.65 75.65 -15.53
N SER IA 60 -96.80 76.34 -15.61
CA SER IA 60 -97.66 76.21 -16.80
C SER IA 60 -96.80 76.39 -18.06
N GLU IA 61 -96.08 77.52 -18.12
CA GLU IA 61 -95.21 77.80 -19.30
C GLU IA 61 -94.02 76.84 -19.31
N PHE IA 62 -93.63 76.32 -18.15
CA PHE IA 62 -92.45 75.41 -18.11
C PHE IA 62 -92.82 74.00 -18.60
N PHE IA 63 -93.99 73.47 -18.22
CA PHE IA 63 -94.37 72.11 -18.56
C PHE IA 63 -95.44 72.14 -19.64
N GLU IA 64 -95.08 71.74 -20.85
CA GLU IA 64 -96.04 71.51 -21.91
C GLU IA 64 -96.56 70.09 -21.77
N HIS IA 65 -97.85 69.95 -21.44
CA HIS IA 65 -98.47 68.65 -21.27
C HIS IA 65 -99.69 68.53 -22.17
N ASN IA 66 -99.77 67.40 -22.92
CA ASN IA 66 -100.95 67.06 -23.69
C ASN IA 66 -101.44 65.71 -23.18
N PRO IA 67 -102.73 65.56 -22.79
CA PRO IA 67 -103.22 64.32 -22.17
C PRO IA 67 -103.18 63.11 -23.10
N ILE IA 68 -102.82 63.31 -24.38
CA ILE IA 68 -102.85 62.14 -25.30
C ILE IA 68 -101.54 61.38 -25.11
N ASN IA 69 -101.61 60.20 -24.50
CA ASN IA 69 -100.38 59.43 -24.19
C ASN IA 69 -100.14 58.38 -25.27
N PHE IA 70 -98.95 58.38 -25.87
CA PHE IA 70 -98.61 57.40 -26.94
C PHE IA 70 -97.63 56.36 -26.38
N ASP IA 71 -98.11 55.16 -26.06
CA ASP IA 71 -97.29 54.08 -25.56
C ASP IA 71 -96.98 53.12 -26.70
N PHE IA 72 -95.72 52.73 -26.81
CA PHE IA 72 -95.23 51.92 -27.93
C PHE IA 72 -94.71 50.60 -27.41
N THR IA 73 -95.06 49.54 -28.14
CA THR IA 73 -94.60 48.17 -27.80
C THR IA 73 -94.09 47.55 -29.11
N PHE IA 74 -93.04 46.72 -29.05
CA PHE IA 74 -92.42 46.11 -30.21
C PHE IA 74 -92.54 44.60 -30.15
N ASP IA 75 -92.37 43.98 -31.32
CA ASP IA 75 -92.50 42.50 -31.42
C ASP IA 75 -91.39 41.79 -30.64
N GLU IA 76 -91.75 40.85 -29.78
CA GLU IA 76 -90.71 40.06 -29.07
C GLU IA 76 -89.83 39.40 -30.13
N GLU IA 77 -90.43 38.74 -31.11
CA GLU IA 77 -89.63 38.12 -32.20
C GLU IA 77 -90.00 38.79 -33.52
N PRO IA 78 -89.07 39.49 -34.19
CA PRO IA 78 -89.35 40.16 -35.47
C PRO IA 78 -89.09 39.25 -36.66
N ASN IA 79 -89.53 39.69 -37.84
CA ASN IA 79 -89.21 38.95 -39.09
C ASN IA 79 -87.95 39.62 -39.64
N TYR IA 80 -86.77 39.16 -39.20
CA TYR IA 80 -85.52 39.86 -39.59
C TYR IA 80 -84.56 38.92 -40.33
N LYS IA 81 -84.05 39.37 -41.47
CA LYS IA 81 -82.99 38.57 -42.15
C LYS IA 81 -81.79 39.49 -42.38
N ILE IA 82 -80.61 39.12 -41.87
CA ILE IA 82 -79.43 40.02 -41.98
C ILE IA 82 -78.29 39.24 -42.63
N ASN IA 83 -78.12 39.39 -43.95
CA ASN IA 83 -76.99 38.71 -44.64
C ASN IA 83 -75.67 39.27 -44.11
N ASP IA 84 -74.66 38.41 -43.96
CA ASP IA 84 -73.34 38.89 -43.48
C ASP IA 84 -72.42 39.02 -44.71
N VAL IA 85 -71.97 40.24 -45.00
CA VAL IA 85 -70.99 40.45 -46.10
C VAL IA 85 -69.65 40.81 -45.46
N PHE IA 86 -68.63 39.96 -45.61
CA PHE IA 86 -67.34 40.22 -44.92
C PHE IA 86 -66.50 41.16 -45.77
N GLU IA 87 -66.95 42.42 -45.92
CA GLU IA 87 -66.21 43.39 -46.76
C GLU IA 87 -65.23 44.18 -45.88
N GLY IA 88 -64.31 43.48 -45.20
CA GLY IA 88 -63.29 44.19 -44.41
C GLY IA 88 -63.87 45.20 -43.43
N PHE IA 89 -64.88 44.83 -42.64
CA PHE IA 89 -65.35 45.85 -41.66
C PHE IA 89 -64.16 46.29 -40.81
N GLU IA 90 -63.37 45.31 -40.35
CA GLU IA 90 -62.19 45.65 -39.51
C GLU IA 90 -61.31 46.69 -40.22
N VAL IA 91 -61.25 46.64 -41.55
CA VAL IA 91 -60.33 47.57 -42.27
C VAL IA 91 -61.04 48.91 -42.52
N THR IA 92 -62.36 48.90 -42.70
CA THR IA 92 -63.11 50.17 -42.87
C THR IA 92 -64.33 50.13 -41.96
N ALA IA 93 -64.44 51.05 -40.99
CA ALA IA 93 -65.53 50.94 -40.01
C ALA IA 93 -66.83 51.46 -40.63
N ASN IA 94 -67.36 50.73 -41.63
CA ASN IA 94 -68.65 51.11 -42.25
C ASN IA 94 -69.65 49.96 -42.05
N ILE IA 95 -70.87 50.28 -41.62
CA ILE IA 95 -71.87 49.22 -41.31
C ILE IA 95 -72.09 48.40 -42.58
N THR IA 96 -72.15 49.07 -43.73
CA THR IA 96 -72.31 48.36 -45.03
C THR IA 96 -71.21 47.31 -45.18
N HIS IA 97 -69.96 47.66 -44.83
CA HIS IA 97 -68.81 46.72 -44.99
C HIS IA 97 -68.98 45.52 -44.04
N ALA IA 98 -69.55 45.76 -42.87
CA ALA IA 98 -69.76 44.67 -41.88
C ALA IA 98 -70.87 43.70 -42.31
N PHE IA 99 -72.00 44.22 -42.79
CA PHE IA 99 -73.15 43.33 -43.14
C PHE IA 99 -74.22 44.14 -43.88
N SER IA 100 -75.38 43.52 -44.14
CA SER IA 100 -76.46 44.27 -44.77
C SER IA 100 -77.77 43.62 -44.39
N ILE IA 101 -78.78 44.45 -44.14
CA ILE IA 101 -80.11 43.94 -43.77
C ILE IA 101 -80.82 43.50 -45.05
N GLU IA 102 -81.06 42.21 -45.18
CA GLU IA 102 -81.89 41.72 -46.28
C GLU IA 102 -83.31 42.21 -46.14
N ASN IA 103 -83.88 42.05 -44.94
CA ASN IA 103 -85.18 42.60 -44.61
C ASN IA 103 -85.31 42.65 -43.09
N PHE IA 104 -86.09 43.61 -42.61
CA PHE IA 104 -86.37 43.71 -41.18
C PHE IA 104 -87.77 44.31 -41.05
N ASP IA 105 -88.74 43.42 -40.98
CA ASP IA 105 -90.16 43.85 -40.81
C ASP IA 105 -90.66 43.30 -39.48
N PHE IA 106 -91.55 44.05 -38.82
CA PHE IA 106 -92.11 43.67 -37.54
C PHE IA 106 -93.30 44.57 -37.25
N GLU IA 107 -93.90 44.32 -36.09
CA GLU IA 107 -95.14 45.07 -35.75
C GLU IA 107 -94.92 45.97 -34.53
N ILE IA 108 -95.24 47.25 -34.69
CA ILE IA 108 -95.13 48.21 -33.57
C ILE IA 108 -96.55 48.58 -33.13
N LEU IA 109 -96.94 48.17 -31.93
CA LEU IA 109 -98.30 48.43 -31.41
C LEU IA 109 -98.28 49.74 -30.63
N VAL IA 110 -99.15 50.68 -31.00
CA VAL IA 110 -99.23 52.00 -30.31
C VAL IA 110 -100.58 52.09 -29.62
N ASP IA 111 -100.59 52.15 -28.29
CA ASP IA 111 -101.85 52.25 -27.52
C ASP IA 111 -102.11 53.72 -27.20
N VAL IA 112 -102.60 54.47 -28.19
CA VAL IA 112 -102.83 55.89 -28.01
C VAL IA 112 -103.99 56.09 -27.03
N GLU IA 113 -103.78 56.90 -26.02
CA GLU IA 113 -104.78 57.12 -24.98
C GLU IA 113 -105.20 58.58 -24.97
N LEU IA 114 -106.51 58.81 -25.05
CA LEU IA 114 -107.03 60.16 -24.94
C LEU IA 114 -107.09 60.58 -23.46
N ASP IA 115 -107.73 61.72 -23.22
CA ASP IA 115 -107.92 62.17 -21.84
C ASP IA 115 -108.70 61.14 -21.05
N ASN IA 116 -109.73 60.58 -21.70
CA ASN IA 116 -110.51 59.49 -21.05
C ASN IA 116 -109.71 58.20 -21.15
N ARG IA 117 -109.97 57.26 -20.25
CA ARG IA 117 -109.20 55.98 -20.23
C ARG IA 117 -109.38 55.24 -21.56
N GLN IA 118 -110.38 55.63 -22.35
CA GLN IA 118 -110.56 55.04 -23.71
C GLN IA 118 -109.22 55.06 -24.44
N LYS IA 119 -108.68 53.88 -24.79
CA LYS IA 119 -107.37 53.82 -25.48
C LYS IA 119 -107.54 53.15 -26.85
N LEU IA 120 -106.92 53.72 -27.89
CA LEU IA 120 -107.01 53.16 -29.26
C LEU IA 120 -105.65 52.58 -29.65
N ASN IA 121 -105.62 51.34 -30.13
CA ASN IA 121 -104.32 50.67 -30.47
C ASN IA 121 -104.13 50.70 -31.99
N PHE IA 122 -102.94 51.10 -32.44
CA PHE IA 122 -102.64 51.14 -33.89
C PHE IA 122 -101.46 50.21 -34.18
N ASP IA 123 -101.61 49.32 -35.16
CA ASP IA 123 -100.53 48.33 -35.48
C ASP IA 123 -99.70 48.86 -36.65
N LEU IA 124 -98.37 48.81 -36.55
CA LEU IA 124 -97.51 49.39 -37.61
C LEU IA 124 -96.67 48.28 -38.25
N ASP IA 125 -96.98 47.90 -39.50
CA ASP IA 125 -96.10 46.91 -40.17
C ASP IA 125 -94.90 47.72 -40.64
N VAL IA 126 -93.79 47.66 -39.88
CA VAL IA 126 -92.59 48.47 -40.20
C VAL IA 126 -91.51 47.57 -40.80
N SER IA 127 -91.01 47.91 -41.98
CA SER IA 127 -90.01 47.15 -42.68
C SER IA 127 -88.79 48.00 -42.96
N TYR IA 128 -87.61 47.37 -42.85
CA TYR IA 128 -86.38 48.03 -43.23
C TYR IA 128 -86.44 48.39 -44.72
N LYS IA 129 -86.01 49.60 -45.05
CA LYS IA 129 -86.04 50.07 -46.42
C LYS IA 129 -84.64 50.31 -47.00
N GLU IA 130 -83.79 51.01 -46.26
CA GLU IA 130 -82.48 51.37 -46.80
C GLU IA 130 -81.54 51.71 -45.65
N THR IA 131 -80.26 51.36 -45.82
CA THR IA 131 -79.23 51.72 -44.81
C THR IA 131 -78.64 53.08 -45.21
N GLU IA 132 -79.38 54.16 -44.94
CA GLU IA 132 -78.97 55.50 -45.31
C GLU IA 132 -77.62 55.83 -44.67
N LYS IA 133 -76.71 56.34 -45.51
CA LYS IA 133 -75.34 56.68 -45.04
C LYS IA 133 -75.27 58.17 -44.75
N ILE IA 134 -75.44 58.55 -43.47
CA ILE IA 134 -75.39 59.94 -43.08
C ILE IA 134 -74.01 60.54 -43.31
N THR IA 135 -72.97 59.84 -42.88
CA THR IA 135 -71.60 60.27 -43.06
C THR IA 135 -70.78 59.10 -43.59
N ASN IA 136 -69.58 59.42 -44.08
CA ASN IA 136 -68.66 58.36 -44.47
C ASN IA 136 -68.31 57.48 -43.28
N SER IA 137 -68.47 58.03 -42.08
CA SER IA 137 -68.09 57.29 -40.86
C SER IA 137 -69.26 56.40 -40.39
N GLN IA 138 -70.47 56.96 -40.29
CA GLN IA 138 -71.59 56.18 -39.71
C GLN IA 138 -72.81 56.22 -40.64
N HIS IA 139 -73.75 55.29 -40.44
CA HIS IA 139 -74.96 55.22 -41.30
C HIS IA 139 -76.20 55.24 -40.41
N ARG IA 140 -77.36 55.60 -40.96
CA ARG IA 140 -78.63 55.50 -40.18
C ARG IA 140 -79.56 54.53 -40.89
N PHE IA 141 -80.00 53.47 -40.21
CA PHE IA 141 -80.99 52.55 -40.83
C PHE IA 141 -82.32 53.29 -41.01
N ILE IA 142 -82.97 53.11 -42.16
CA ILE IA 142 -84.27 53.78 -42.41
C ILE IA 142 -85.37 52.72 -42.52
N PHE IA 143 -86.44 52.88 -41.74
CA PHE IA 143 -87.57 51.93 -41.81
C PHE IA 143 -88.82 52.66 -42.37
N THR IA 144 -89.82 51.89 -42.78
CA THR IA 144 -91.02 52.46 -43.37
C THR IA 144 -92.22 51.66 -42.95
N ILE IA 145 -93.34 52.36 -42.72
CA ILE IA 145 -94.59 51.68 -42.26
C ILE IA 145 -95.42 51.28 -43.48
N LYS IA 146 -95.56 49.97 -43.72
CA LYS IA 146 -96.36 49.46 -44.86
C LYS IA 146 -97.84 49.83 -44.66
N ASN IA 147 -98.35 49.77 -43.43
CA ASN IA 147 -99.79 50.00 -43.18
C ASN IA 147 -100.01 51.43 -42.69
N GLU IA 148 -99.11 52.35 -43.05
CA GLU IA 148 -99.21 53.76 -42.59
C GLU IA 148 -100.55 54.34 -43.06
N ASP IA 149 -100.99 53.97 -44.26
CA ASP IA 149 -102.29 54.47 -44.78
C ASP IA 149 -103.42 54.02 -43.84
N GLU IA 150 -103.34 52.79 -43.34
CA GLU IA 150 -104.34 52.30 -42.36
C GLU IA 150 -104.26 53.16 -41.10
N ASN IA 151 -103.05 53.51 -40.68
CA ASN IA 151 -102.85 54.28 -39.42
C ASN IA 151 -102.95 55.79 -39.72
N ILE IA 152 -103.79 56.16 -40.69
CA ILE IA 152 -104.00 57.60 -41.04
C ILE IA 152 -104.59 58.29 -39.81
N GLY IA 153 -105.48 57.60 -39.09
CA GLY IA 153 -106.05 58.18 -37.85
C GLY IA 153 -104.96 58.45 -36.82
N LEU IA 154 -103.98 57.54 -36.73
CA LEU IA 154 -102.84 57.76 -35.81
C LEU IA 154 -102.17 59.08 -36.19
N LYS IA 155 -101.88 59.26 -37.48
CA LYS IA 155 -101.21 60.51 -37.94
C LYS IA 155 -102.06 61.70 -37.52
N LYS IA 156 -103.39 61.59 -37.70
CA LYS IA 156 -104.31 62.68 -37.30
C LYS IA 156 -104.06 63.00 -35.81
N TYR IA 157 -103.90 61.98 -34.99
CA TYR IA 157 -103.65 62.20 -33.53
C TYR IA 157 -102.25 62.79 -33.32
N VAL IA 158 -101.26 62.27 -34.04
CA VAL IA 158 -99.86 62.79 -33.90
C VAL IA 158 -99.86 64.28 -34.23
N ASP IA 159 -100.34 64.65 -35.42
CA ASP IA 159 -100.30 66.05 -35.82
C ASP IA 159 -101.23 66.93 -34.99
N SER IA 160 -102.10 66.30 -34.21
CA SER IA 160 -103.04 67.05 -33.33
C SER IA 160 -102.29 67.62 -32.12
N LEU IA 161 -101.03 67.25 -31.92
CA LEU IA 161 -100.25 67.72 -30.79
C LEU IA 161 -99.41 68.93 -31.19
N SER IA 162 -98.71 69.49 -30.21
CA SER IA 162 -97.83 70.61 -30.47
C SER IA 162 -96.57 70.16 -31.19
N ALA IA 163 -95.94 71.09 -31.90
CA ALA IA 163 -94.75 70.76 -32.66
C ALA IA 163 -93.63 70.26 -31.76
N GLY IA 164 -93.47 70.87 -30.59
CA GLY IA 164 -92.48 70.38 -29.64
C GLY IA 164 -92.79 68.97 -29.17
N LEU IA 165 -94.05 68.72 -28.83
CA LEU IA 165 -94.45 67.37 -28.41
C LEU IA 165 -94.34 66.39 -29.56
N LYS IA 166 -94.65 66.83 -30.79
CA LYS IA 166 -94.45 65.98 -31.94
C LYS IA 166 -92.99 65.59 -32.08
N ASN IA 167 -92.09 66.56 -31.94
CA ASN IA 167 -90.66 66.26 -32.04
C ASN IA 167 -90.23 65.32 -30.93
N LEU IA 168 -90.75 65.52 -29.72
CA LEU IA 168 -90.45 64.60 -28.62
C LEU IA 168 -90.91 63.19 -28.96
N LEU IA 169 -92.13 63.03 -29.48
CA LEU IA 169 -92.52 61.66 -29.89
C LEU IA 169 -91.53 61.13 -30.94
N PHE IA 170 -91.26 61.92 -31.99
CA PHE IA 170 -90.36 61.40 -33.01
C PHE IA 170 -89.07 60.91 -32.39
N LYS IA 171 -88.54 61.71 -31.46
CA LYS IA 171 -87.28 61.31 -30.77
C LYS IA 171 -87.51 59.98 -30.06
N LYS IA 172 -88.57 59.88 -29.27
CA LYS IA 172 -88.81 58.66 -28.51
C LYS IA 172 -88.93 57.45 -29.43
N ILE IA 173 -89.70 57.60 -30.52
CA ILE IA 173 -89.86 56.50 -31.47
C ILE IA 173 -88.52 56.11 -32.05
N ASN IA 174 -87.78 57.11 -32.53
CA ASN IA 174 -86.46 56.85 -33.14
C ASN IA 174 -85.57 56.13 -32.14
N GLN IA 175 -85.50 56.63 -30.89
CA GLN IA 175 -84.59 56.07 -29.91
C GLN IA 175 -84.95 54.63 -29.60
N LYS IA 176 -86.24 54.37 -29.38
CA LYS IA 176 -86.69 52.99 -29.10
C LYS IA 176 -86.34 52.10 -30.29
N LEU IA 177 -86.63 52.57 -31.51
CA LEU IA 177 -86.39 51.77 -32.70
C LEU IA 177 -84.90 51.50 -32.87
N SER IA 178 -84.08 52.53 -32.66
CA SER IA 178 -82.62 52.37 -32.77
C SER IA 178 -82.18 51.30 -31.78
N GLY IA 179 -82.54 51.47 -30.50
CA GLY IA 179 -82.13 50.51 -29.49
C GLY IA 179 -82.55 49.09 -29.85
N TYR IA 180 -83.80 48.96 -30.29
CA TYR IA 180 -84.34 47.62 -30.66
C TYR IA 180 -83.50 47.03 -31.80
N VAL IA 181 -83.31 47.79 -32.88
CA VAL IA 181 -82.59 47.30 -34.04
C VAL IA 181 -81.16 46.95 -33.69
N SER IA 182 -80.49 47.83 -32.94
CA SER IA 182 -79.11 47.56 -32.55
C SER IA 182 -79.03 46.31 -31.68
N GLU IA 183 -80.01 46.14 -30.79
CA GLU IA 183 -80.04 44.94 -29.91
C GLU IA 183 -80.15 43.69 -30.78
N ILE IA 184 -81.13 43.67 -31.68
CA ILE IA 184 -81.33 42.47 -32.56
C ILE IA 184 -80.03 42.21 -33.33
N ILE IA 185 -79.51 43.24 -34.01
CA ILE IA 185 -78.30 43.03 -34.86
C ILE IA 185 -77.11 42.56 -34.02
N VAL IA 186 -76.90 43.15 -32.84
CA VAL IA 186 -75.71 42.80 -32.07
C VAL IA 186 -75.77 41.36 -31.59
N LYS IA 187 -77.00 40.86 -31.40
CA LYS IA 187 -77.16 39.43 -31.03
C LYS IA 187 -76.96 38.59 -32.30
N ASN IA 188 -77.31 39.11 -33.47
CA ASN IA 188 -77.21 38.29 -34.72
C ASN IA 188 -75.82 38.37 -35.34
N ILE IA 189 -75.07 39.45 -35.10
CA ILE IA 189 -73.77 39.62 -35.79
C ILE IA 189 -72.62 39.46 -34.78
N ASP IA 190 -71.61 38.67 -35.13
CA ASP IA 190 -70.47 38.42 -34.21
C ASP IA 190 -69.63 39.69 -34.06
N ASP IA 191 -68.89 39.82 -32.95
CA ASP IA 191 -68.07 41.02 -32.68
C ASP IA 191 -66.99 41.20 -33.76
N ILE IA 192 -67.08 42.26 -34.56
CA ILE IA 192 -66.01 42.54 -35.56
C ILE IA 192 -65.23 43.77 -35.11
N GLU IA 193 -64.05 43.57 -34.49
CA GLU IA 193 -63.28 44.73 -33.96
C GLU IA 193 -62.49 45.40 -35.11
N GLU IA 194 -62.22 46.70 -35.02
CA GLU IA 194 -61.54 47.42 -36.13
C GLU IA 194 -60.02 47.18 -36.04
N LEU IA 195 -59.41 46.61 -37.07
CA LEU IA 195 -57.97 46.29 -37.01
C LEU IA 195 -57.17 47.56 -36.73
N PHE IA 196 -57.61 48.70 -37.29
CA PHE IA 196 -56.86 49.98 -37.14
C PHE IA 196 -57.72 51.03 -36.44
N PRO IA 197 -57.25 51.68 -35.35
CA PRO IA 197 -58.00 52.77 -34.74
C PRO IA 197 -58.16 53.83 -35.82
N ASN IA 198 -59.33 54.46 -35.93
CA ASN IA 198 -59.55 55.42 -37.04
C ASN IA 198 -59.04 56.80 -36.63
N LYS IA 199 -58.08 57.34 -37.38
CA LYS IA 199 -57.55 58.71 -37.11
C LYS IA 199 -57.36 58.91 -35.59
N GLY IA 200 -56.56 58.07 -34.94
CA GLY IA 200 -56.24 58.27 -33.52
C GLY IA 200 -57.42 58.08 -32.59
N GLU IA 201 -58.61 57.77 -33.11
CA GLU IA 201 -59.77 57.47 -32.24
C GLU IA 201 -59.61 56.03 -31.76
N LYS IA 202 -59.75 55.76 -30.46
CA LYS IA 202 -59.46 54.36 -30.03
C LYS IA 202 -60.30 53.38 -30.86
N SER IA 203 -59.70 52.24 -31.23
CA SER IA 203 -60.41 51.22 -32.05
C SER IA 203 -61.83 50.98 -31.53
N THR IA 204 -62.82 50.98 -32.42
CA THR IA 204 -64.24 50.75 -32.02
C THR IA 204 -64.76 49.50 -32.75
N THR IA 205 -65.44 48.60 -32.03
CA THR IA 205 -65.93 47.34 -32.64
C THR IA 205 -67.25 47.56 -33.37
N LEU IA 206 -67.60 46.67 -34.29
CA LEU IA 206 -68.90 46.77 -35.01
C LEU IA 206 -69.98 47.02 -33.96
N HIS IA 207 -69.93 46.30 -32.84
CA HIS IA 207 -70.97 46.45 -31.79
C HIS IA 207 -71.13 47.94 -31.44
N LYS IA 208 -70.03 48.63 -31.15
CA LYS IA 208 -70.11 50.04 -30.78
C LYS IA 208 -70.70 50.85 -31.93
N GLU IA 209 -70.40 50.45 -33.15
CA GLU IA 209 -70.89 51.18 -34.35
C GLU IA 209 -72.40 51.01 -34.48
N ILE IA 210 -72.89 49.78 -34.37
CA ILE IA 210 -74.35 49.51 -34.57
C ILE IA 210 -75.13 50.13 -33.40
N LEU IA 211 -74.63 50.00 -32.16
CA LEU IA 211 -75.30 50.67 -31.06
C LEU IA 211 -75.31 52.18 -31.27
N GLN IA 212 -74.17 52.71 -31.75
CA GLN IA 212 -74.08 54.15 -32.06
C GLN IA 212 -75.04 54.44 -33.22
N THR IA 213 -75.19 53.49 -34.15
CA THR IA 213 -76.08 53.70 -35.32
C THR IA 213 -77.49 54.02 -34.81
N ASP IA 214 -78.10 55.08 -35.34
CA ASP IA 214 -79.44 55.52 -34.86
C ASP IA 214 -80.44 55.35 -36.01
N SER IA 215 -81.35 54.39 -35.89
CA SER IA 215 -82.32 54.11 -36.98
C SER IA 215 -83.61 54.90 -36.77
N ARG IA 216 -83.87 55.90 -37.63
CA ARG IA 216 -85.05 56.74 -37.52
C ARG IA 216 -86.08 56.29 -38.53
N LEU IA 217 -87.29 55.98 -38.05
CA LEU IA 217 -88.36 55.57 -38.94
C LEU IA 217 -88.76 56.71 -39.85
N SER IA 218 -89.10 56.38 -41.09
CA SER IA 218 -89.53 57.36 -42.08
C SER IA 218 -90.89 56.98 -42.61
N SER IA 219 -91.87 57.87 -42.44
CA SER IA 219 -93.21 57.67 -42.95
C SER IA 219 -93.95 59.00 -42.90
N ASP IA 220 -95.02 59.09 -43.69
CA ASP IA 220 -95.86 60.28 -43.64
C ASP IA 220 -96.53 60.45 -42.30
N ILE IA 221 -96.63 59.39 -41.51
CA ILE IA 221 -97.16 59.51 -40.15
C ILE IA 221 -96.27 60.42 -39.32
N PHE IA 222 -94.97 60.32 -39.54
CA PHE IA 222 -94.00 61.11 -38.75
C PHE IA 222 -93.07 61.87 -39.71
N LYS IA 223 -93.47 63.07 -40.12
CA LYS IA 223 -92.71 63.81 -41.12
C LYS IA 223 -91.54 64.57 -40.47
N GLU IA 224 -91.84 65.44 -39.51
CA GLU IA 224 -90.82 66.25 -38.87
C GLU IA 224 -89.92 65.41 -37.97
N ILE JA 3 -113.82 19.66 -32.83
CA ILE JA 3 -113.94 20.96 -32.18
C ILE JA 3 -112.74 21.83 -32.50
N ARG JA 4 -112.94 23.14 -32.51
CA ARG JA 4 -111.77 24.03 -32.70
C ARG JA 4 -112.15 25.42 -32.22
N ASN JA 5 -111.17 26.18 -31.75
CA ASN JA 5 -111.48 27.59 -31.40
C ASN JA 5 -111.59 28.35 -32.72
N ARG JA 6 -112.37 29.44 -32.75
CA ARG JA 6 -112.57 30.15 -34.05
C ARG JA 6 -111.70 31.41 -34.05
N LEU JA 7 -110.61 31.42 -33.30
CA LEU JA 7 -109.80 32.64 -33.21
C LEU JA 7 -109.43 33.19 -34.57
N SER JA 8 -108.90 32.35 -35.46
CA SER JA 8 -108.51 32.86 -36.77
C SER JA 8 -109.68 33.54 -37.46
N GLU JA 9 -110.84 32.86 -37.46
CA GLU JA 9 -112.05 33.44 -38.08
C GLU JA 9 -112.49 34.69 -37.31
N LEU JA 10 -112.40 34.65 -35.98
CA LEU JA 10 -112.85 35.78 -35.17
C LEU JA 10 -112.05 37.04 -35.48
N LEU JA 11 -110.72 36.94 -35.41
CA LEU JA 11 -109.86 38.13 -35.64
C LEU JA 11 -109.86 38.51 -37.13
N SER JA 12 -110.09 37.55 -38.04
CA SER JA 12 -110.21 37.93 -39.48
C SER JA 12 -111.45 38.82 -39.62
N GLU JA 13 -112.56 38.43 -38.98
CA GLU JA 13 -113.77 39.25 -39.02
C GLU JA 13 -113.54 40.59 -38.34
N ARG JA 14 -112.86 40.58 -37.19
CA ARG JA 14 -112.58 41.83 -36.49
C ARG JA 14 -111.54 42.67 -37.22
N GLY JA 15 -110.65 42.03 -37.99
CA GLY JA 15 -109.55 42.72 -38.61
C GLY JA 15 -108.35 42.94 -37.72
N LEU JA 16 -108.46 42.53 -36.45
CA LEU JA 16 -107.36 42.76 -35.47
C LEU JA 16 -106.22 41.79 -35.73
N LYS JA 17 -105.02 42.10 -35.20
CA LYS JA 17 -103.85 41.19 -35.37
C LYS JA 17 -103.61 40.45 -34.06
N ILE JA 18 -102.92 39.30 -34.12
CA ILE JA 18 -102.68 38.50 -32.89
C ILE JA 18 -101.90 39.37 -31.90
N SER JA 19 -100.83 40.01 -32.35
CA SER JA 19 -100.02 40.87 -31.47
C SER JA 19 -100.93 41.88 -30.77
N ARG JA 20 -101.84 42.51 -31.52
CA ARG JA 20 -102.74 43.53 -30.94
C ARG JA 20 -103.58 42.88 -29.84
N VAL JA 21 -104.13 41.70 -30.10
CA VAL JA 21 -104.95 40.98 -29.07
C VAL JA 21 -104.04 40.66 -27.88
N ALA JA 22 -102.82 40.19 -28.12
CA ALA JA 22 -101.93 39.78 -27.01
C ALA JA 22 -101.67 40.99 -26.10
N LYS JA 23 -101.44 42.15 -26.70
CA LYS JA 23 -101.18 43.39 -25.92
C LYS JA 23 -102.43 43.69 -25.08
N ASP JA 24 -103.60 43.29 -25.56
CA ASP JA 24 -104.84 43.62 -24.86
C ASP JA 24 -105.13 42.64 -23.73
N VAL JA 25 -104.91 41.34 -23.97
CA VAL JA 25 -105.33 40.31 -22.96
C VAL JA 25 -104.16 39.78 -22.13
N LYS JA 26 -102.96 40.35 -22.29
CA LYS JA 26 -101.82 39.95 -21.47
C LYS JA 26 -101.53 38.44 -21.58
N ILE JA 27 -101.63 37.95 -22.82
CA ILE JA 27 -101.32 36.52 -23.09
C ILE JA 27 -100.10 36.47 -24.01
N ALA JA 28 -99.18 35.54 -23.77
CA ALA JA 28 -97.94 35.44 -24.52
C ALA JA 28 -98.21 35.35 -26.00
N ARG JA 29 -97.45 36.12 -26.79
CA ARG JA 29 -97.71 36.15 -28.25
C ARG JA 29 -97.59 34.74 -28.84
N SER JA 30 -96.51 34.02 -28.52
CA SER JA 30 -96.31 32.72 -29.14
C SER JA 30 -97.46 31.78 -28.84
N SER JA 31 -97.83 31.67 -27.57
CA SER JA 31 -98.92 30.78 -27.18
C SER JA 31 -100.23 31.22 -27.82
N LEU JA 32 -100.49 32.52 -27.80
CA LEU JA 32 -101.78 33.03 -28.35
C LEU JA 32 -101.82 32.78 -29.86
N THR JA 33 -100.72 33.03 -30.56
CA THR JA 33 -100.71 32.87 -32.04
C THR JA 33 -100.87 31.38 -32.36
N SER JA 34 -100.22 30.52 -31.59
CA SER JA 34 -100.40 29.08 -31.79
C SER JA 34 -101.85 28.69 -31.55
N MET JA 35 -102.44 29.25 -30.49
CA MET JA 35 -103.84 28.91 -30.15
C MET JA 35 -104.78 29.56 -31.17
N ALA JA 36 -104.36 30.67 -31.78
CA ALA JA 36 -105.16 31.28 -32.86
C ALA JA 36 -105.35 30.22 -33.93
N GLN JA 37 -104.27 29.50 -34.27
CA GLN JA 37 -104.39 28.38 -35.23
C GLN JA 37 -105.13 27.24 -34.51
N ASN JA 38 -105.89 26.43 -35.25
CA ASN JA 38 -106.66 25.32 -34.64
C ASN JA 38 -105.68 24.21 -34.22
N ASP JA 39 -104.40 24.32 -34.62
CA ASP JA 39 -103.41 23.24 -34.35
C ASP JA 39 -103.28 22.97 -32.85
N SER JA 40 -103.31 24.00 -32.01
CA SER JA 40 -103.08 23.77 -30.56
C SER JA 40 -104.13 22.78 -30.04
N GLU JA 41 -103.72 21.81 -29.21
CA GLU JA 41 -104.67 20.78 -28.72
C GLU JA 41 -105.09 21.10 -27.28
N MET JA 42 -104.39 22.04 -26.65
CA MET JA 42 -104.70 22.38 -25.23
C MET JA 42 -105.01 23.88 -25.13
N ILE JA 43 -105.93 24.22 -24.22
CA ILE JA 43 -106.33 25.63 -24.04
C ILE JA 43 -106.57 25.90 -22.54
N ARG JA 44 -106.29 27.11 -22.09
CA ARG JA 44 -106.43 27.52 -20.70
C ARG JA 44 -107.76 28.24 -20.46
N TYR JA 45 -108.30 28.03 -19.27
CA TYR JA 45 -109.53 28.73 -18.88
C TYR JA 45 -109.30 30.24 -18.80
N ASP JA 46 -108.14 30.64 -18.29
CA ASP JA 46 -107.81 32.07 -18.29
C ASP JA 46 -107.83 32.61 -19.70
N ALA JA 47 -107.29 31.85 -20.66
CA ALA JA 47 -107.26 32.30 -22.04
C ALA JA 47 -108.68 32.48 -22.59
N ILE JA 48 -109.54 31.51 -22.32
CA ILE JA 48 -110.92 31.59 -22.89
C ILE JA 48 -111.65 32.76 -22.24
N ASP JA 49 -111.42 32.99 -20.94
CA ASP JA 49 -112.06 34.12 -20.23
C ASP JA 49 -111.60 35.42 -20.87
N LYS JA 50 -110.29 35.63 -20.98
CA LYS JA 50 -109.77 36.88 -21.47
C LYS JA 50 -110.20 37.13 -22.91
N LEU JA 51 -110.13 36.11 -23.77
CA LEU JA 51 -110.48 36.30 -25.17
C LEU JA 51 -111.96 36.56 -25.35
N CYS JA 52 -112.80 35.77 -24.66
CA CYS JA 52 -114.26 35.95 -24.79
C CYS JA 52 -114.65 37.35 -24.33
N SER JA 53 -114.02 37.83 -23.25
CA SER JA 53 -114.31 39.19 -22.73
C SER JA 53 -113.82 40.23 -23.72
N TYR JA 54 -112.56 40.12 -24.14
CA TYR JA 54 -111.97 41.11 -25.09
C TYR JA 54 -112.86 41.24 -26.32
N LEU JA 55 -113.21 40.10 -26.93
CA LEU JA 55 -114.05 40.12 -28.12
C LEU JA 55 -115.52 40.32 -27.78
N HIS JA 56 -115.85 40.37 -26.50
CA HIS JA 56 -117.25 40.66 -26.07
C HIS JA 56 -118.17 39.60 -26.67
N ILE JA 57 -117.76 38.34 -26.61
CA ILE JA 57 -118.57 37.24 -27.22
C ILE JA 57 -118.63 36.03 -26.29
N SER JA 58 -119.71 35.27 -26.35
CA SER JA 58 -119.85 34.04 -25.59
C SER JA 58 -118.97 32.95 -26.19
N PRO JA 59 -118.62 31.87 -25.42
CA PRO JA 59 -117.81 30.79 -25.96
C PRO JA 59 -118.47 30.13 -27.17
N SER JA 60 -119.79 30.28 -27.32
CA SER JA 60 -120.49 29.72 -28.49
C SER JA 60 -119.73 30.14 -29.76
N GLU JA 61 -119.52 31.45 -29.91
CA GLU JA 61 -118.80 31.97 -31.11
C GLU JA 61 -117.33 31.57 -31.04
N PHE JA 62 -116.80 31.35 -29.84
CA PHE JA 62 -115.36 30.99 -29.72
C PHE JA 62 -115.11 29.52 -30.09
N PHE JA 63 -115.98 28.60 -29.66
CA PHE JA 63 -115.77 27.18 -29.89
C PHE JA 63 -116.73 26.69 -30.97
N GLU JA 64 -116.18 26.38 -32.14
CA GLU JA 64 -116.94 25.70 -33.18
C GLU JA 64 -116.85 24.20 -32.92
N HIS JA 65 -117.97 23.58 -32.58
CA HIS JA 65 -118.03 22.17 -32.30
C HIS JA 65 -119.07 21.49 -33.19
N ASN JA 66 -118.66 20.38 -33.84
CA ASN JA 66 -119.58 19.52 -34.58
C ASN JA 66 -119.49 18.13 -33.95
N PRO JA 67 -120.63 17.50 -33.55
CA PRO JA 67 -120.60 16.22 -32.83
C PRO JA 67 -120.04 15.06 -33.66
N ILE JA 68 -119.75 15.29 -34.94
CA ILE JA 68 -119.28 14.13 -35.77
C ILE JA 68 -117.78 14.00 -35.51
N ASN JA 69 -117.39 12.93 -34.80
CA ASN JA 69 -115.96 12.76 -34.43
C ASN JA 69 -115.28 11.81 -35.41
N PHE JA 70 -114.17 12.25 -36.00
CA PHE JA 70 -113.43 11.40 -36.99
C PHE JA 70 -112.14 10.90 -36.35
N ASP JA 71 -112.11 9.64 -35.92
CA ASP JA 71 -110.93 9.02 -35.33
C ASP JA 71 -110.23 8.18 -36.39
N PHE JA 72 -108.91 8.33 -36.47
CA PHE JA 72 -108.11 7.71 -37.52
C PHE JA 72 -107.11 6.75 -36.87
N THR JA 73 -106.99 5.58 -37.51
CA THR JA 73 -106.01 4.55 -37.07
C THR JA 73 -105.25 4.08 -38.31
N PHE JA 74 -103.97 3.76 -38.18
CA PHE JA 74 -103.12 3.37 -39.29
C PHE JA 74 -102.63 1.94 -39.11
N ASP JA 75 -102.17 1.35 -40.21
CA ASP JA 75 -101.69 -0.05 -40.18
C ASP JA 75 -100.42 -0.18 -39.36
N GLU JA 76 -100.40 -1.13 -38.41
CA GLU JA 76 -99.16 -1.37 -37.64
C GLU JA 76 -98.05 -1.70 -38.63
N GLU JA 77 -98.32 -2.60 -39.58
CA GLU JA 77 -97.35 -2.90 -40.61
C GLU JA 77 -97.90 -2.51 -41.97
N PRO JA 78 -97.24 -1.63 -42.69
CA PRO JA 78 -97.73 -1.23 -44.02
C PRO JA 78 -97.08 -2.04 -45.13
N ASN JA 79 -97.62 -1.91 -46.35
CA ASN JA 79 -96.98 -2.55 -47.52
C ASN JA 79 -96.08 -1.48 -48.13
N TYR JA 80 -94.84 -1.39 -47.65
CA TYR JA 80 -93.96 -0.28 -48.10
C TYR JA 80 -92.68 -0.80 -48.76
N LYS JA 81 -92.35 -0.27 -49.93
CA LYS JA 81 -91.04 -0.63 -50.55
C LYS JA 81 -90.31 0.68 -50.85
N ILE JA 82 -89.10 0.86 -50.30
CA ILE JA 82 -88.37 2.15 -50.49
C ILE JA 82 -87.00 1.85 -51.07
N ASN JA 83 -86.84 1.95 -52.39
CA ASN JA 83 -85.53 1.73 -53.03
C ASN JA 83 -84.56 2.82 -52.55
N ASP JA 84 -83.29 2.46 -52.32
CA ASP JA 84 -82.29 3.46 -51.89
C ASP JA 84 -81.47 3.86 -53.12
N VAL JA 85 -81.54 5.13 -53.51
CA VAL JA 85 -80.68 5.62 -54.63
C VAL JA 85 -79.62 6.54 -54.02
N PHE JA 86 -78.34 6.17 -54.10
CA PHE JA 86 -77.29 6.98 -53.44
C PHE JA 86 -76.87 8.12 -54.36
N GLU JA 87 -77.78 9.07 -54.62
CA GLU JA 87 -77.47 10.19 -55.53
C GLU JA 87 -76.93 11.36 -54.72
N GLY JA 88 -75.83 11.15 -53.98
CA GLY JA 88 -75.20 12.27 -53.25
C GLY JA 88 -76.17 13.05 -52.37
N PHE JA 89 -76.98 12.36 -51.55
CA PHE JA 89 -77.84 13.17 -50.66
C PHE JA 89 -76.97 14.12 -49.85
N GLU JA 90 -75.87 13.59 -49.31
CA GLU JA 90 -74.96 14.43 -48.50
C GLU JA 90 -74.54 15.68 -49.30
N VAL JA 91 -74.37 15.54 -50.61
CA VAL JA 91 -73.95 16.69 -51.46
C VAL JA 91 -75.14 17.63 -51.64
N THR JA 92 -76.31 17.08 -51.96
CA THR JA 92 -77.50 17.92 -52.24
C THR JA 92 -78.64 17.46 -51.32
N ALA JA 93 -79.12 18.34 -50.45
CA ALA JA 93 -80.12 17.87 -49.46
C ALA JA 93 -81.50 17.77 -50.12
N ASN JA 94 -81.66 16.81 -51.05
CA ASN JA 94 -82.97 16.59 -51.70
C ASN JA 94 -83.42 15.16 -51.40
N ILE JA 95 -84.69 14.98 -51.00
CA ILE JA 95 -85.19 13.64 -50.60
C ILE JA 95 -85.01 12.70 -51.80
N THR JA 96 -85.29 13.21 -53.01
CA THR JA 96 -85.12 12.39 -54.24
C THR JA 96 -83.68 11.86 -54.29
N HIS JA 97 -82.69 12.71 -53.97
CA HIS JA 97 -81.25 12.31 -54.05
C HIS JA 97 -80.95 11.23 -53.02
N ALA JA 98 -81.61 11.29 -51.86
CA ALA JA 98 -81.40 10.31 -50.78
C ALA JA 98 -82.00 8.93 -51.13
N PHE JA 99 -83.24 8.91 -51.65
CA PHE JA 99 -83.92 7.61 -51.92
C PHE JA 99 -85.19 7.86 -52.73
N SER JA 100 -86.00 6.81 -52.94
CA SER JA 100 -87.27 7.01 -53.64
C SER JA 100 -88.23 5.91 -53.20
N ILE JA 101 -89.49 6.28 -53.02
CA ILE JA 101 -90.51 5.31 -52.61
C ILE JA 101 -90.94 4.52 -53.85
N GLU JA 102 -90.63 3.23 -53.87
CA GLU JA 102 -91.16 2.37 -54.93
C GLU JA 102 -92.67 2.26 -54.82
N ASN JA 103 -93.16 1.97 -53.62
CA ASN JA 103 -94.59 1.97 -53.34
C ASN JA 103 -94.77 2.08 -51.84
N PHE JA 104 -95.88 2.68 -51.43
CA PHE JA 104 -96.24 2.77 -50.01
C PHE JA 104 -97.76 2.77 -49.94
N ASP JA 105 -98.30 1.56 -49.79
CA ASP JA 105 -99.77 1.40 -49.66
C ASP JA 105 -100.06 0.80 -48.28
N PHE JA 106 -101.19 1.18 -47.69
CA PHE JA 106 -101.59 0.70 -46.38
C PHE JA 106 -103.06 1.05 -46.17
N GLU JA 107 -103.55 0.68 -44.99
CA GLU JA 107 -104.99 0.89 -44.72
C GLU JA 107 -105.19 1.88 -43.58
N ILE JA 108 -106.00 2.92 -43.85
CA ILE JA 108 -106.32 3.94 -42.82
C ILE JA 108 -107.79 3.72 -42.41
N LEU JA 109 -108.02 3.29 -41.18
CA LEU JA 109 -109.39 3.01 -40.68
C LEU JA 109 -109.92 4.28 -40.01
N VAL JA 110 -111.08 4.75 -40.47
CA VAL JA 110 -111.70 5.98 -39.89
C VAL JA 110 -113.02 5.58 -39.21
N ASP JA 111 -113.08 5.72 -37.88
CA ASP JA 111 -114.30 5.36 -37.13
C ASP JA 111 -115.14 6.62 -36.94
N VAL JA 112 -115.86 7.04 -37.99
CA VAL JA 112 -116.66 8.25 -37.93
C VAL JA 112 -117.83 8.03 -36.98
N GLU JA 113 -118.00 8.94 -36.03
CA GLU JA 113 -119.03 8.81 -35.02
C GLU JA 113 -120.01 9.98 -35.13
N LEU JA 114 -121.29 9.66 -35.23
CA LEU JA 114 -122.33 10.68 -35.24
C LEU JA 114 -122.59 11.16 -33.81
N ASP JA 115 -123.64 11.96 -33.66
CA ASP JA 115 -124.04 12.39 -32.32
C ASP JA 115 -124.38 11.20 -31.45
N ASN JA 116 -125.07 10.22 -32.04
CA ASN JA 116 -125.38 8.97 -31.30
C ASN JA 116 -124.11 8.10 -31.30
N ARG JA 117 -123.99 7.21 -30.31
CA ARG JA 117 -122.78 6.36 -30.19
C ARG JA 117 -122.60 5.51 -31.46
N GLN JA 118 -123.66 5.40 -32.28
CA GLN JA 118 -123.53 4.68 -33.57
C GLN JA 118 -122.29 5.19 -34.31
N LYS JA 119 -121.31 4.30 -34.56
CA LYS JA 119 -120.05 4.71 -35.24
C LYS JA 119 -119.89 3.93 -36.55
N LEU JA 120 -119.53 4.62 -37.62
CA LEU JA 120 -119.33 3.96 -38.94
C LEU JA 120 -117.83 3.95 -39.28
N ASN JA 121 -117.29 2.80 -39.66
CA ASN JA 121 -115.84 2.70 -39.93
C ASN JA 121 -115.61 2.69 -41.45
N PHE JA 122 -114.66 3.49 -41.94
CA PHE JA 122 -114.36 3.54 -43.39
C PHE JA 122 -112.90 3.14 -43.59
N ASP JA 123 -112.64 2.19 -44.50
CA ASP JA 123 -111.25 1.70 -44.73
C ASP JA 123 -110.66 2.43 -45.94
N LEU JA 124 -109.43 2.93 -45.83
CA LEU JA 124 -108.84 3.72 -46.94
C LEU JA 124 -107.60 3.00 -47.49
N ASP JA 125 -107.69 2.43 -48.70
CA ASP JA 125 -106.45 1.84 -49.28
C ASP JA 125 -105.66 3.03 -49.82
N VAL JA 126 -104.66 3.47 -49.05
CA VAL JA 126 -103.88 4.67 -49.45
C VAL JA 126 -102.51 4.24 -49.95
N SER JA 127 -102.15 4.67 -51.17
CA SER JA 127 -100.89 4.32 -51.80
C SER JA 127 -100.11 5.57 -52.16
N TYR JA 128 -98.79 5.47 -51.98
CA TYR JA 128 -97.91 6.54 -52.43
C TYR JA 128 -98.05 6.74 -53.93
N LYS JA 129 -98.14 7.99 -54.37
CA LYS JA 129 -98.31 8.30 -55.78
C LYS JA 129 -97.11 9.04 -56.37
N GLU JA 130 -96.63 10.07 -55.70
CA GLU JA 130 -95.57 10.89 -56.26
C GLU JA 130 -94.89 11.66 -55.15
N THR JA 131 -93.57 11.85 -55.29
CA THR JA 131 -92.80 12.68 -54.30
C THR JA 131 -92.80 14.12 -54.83
N GLU JA 132 -93.91 14.82 -54.65
CA GLU JA 132 -94.07 16.18 -55.12
C GLU JA 132 -92.99 17.08 -54.52
N LYS JA 133 -92.33 17.85 -55.40
CA LYS JA 133 -91.23 18.74 -54.95
C LYS JA 133 -91.78 20.16 -54.79
N ILE JA 134 -92.13 20.53 -53.56
CA ILE JA 134 -92.67 21.86 -53.27
C ILE JA 134 -91.63 22.94 -53.55
N THR JA 135 -90.40 22.74 -53.07
CA THR JA 135 -89.32 23.69 -53.28
C THR JA 135 -88.09 22.92 -53.72
N ASN JA 136 -87.10 23.64 -54.22
CA ASN JA 136 -85.81 23.02 -54.53
C ASN JA 136 -85.18 22.46 -53.26
N SER JA 137 -85.59 23.00 -52.11
CA SER JA 137 -84.99 22.55 -50.83
C SER JA 137 -85.72 21.31 -50.30
N GLN JA 138 -87.05 21.34 -50.24
CA GLN JA 138 -87.78 20.21 -49.61
C GLN JA 138 -88.89 19.69 -50.53
N HIS JA 139 -89.37 18.47 -50.26
CA HIS JA 139 -90.43 17.86 -51.10
C HIS JA 139 -91.60 17.45 -50.22
N ARG JA 140 -92.78 17.27 -50.80
CA ARG JA 140 -93.93 16.73 -50.02
C ARG JA 140 -94.36 15.41 -50.64
N PHE JA 141 -94.37 14.31 -49.87
CA PHE JA 141 -94.88 13.03 -50.42
C PHE JA 141 -96.39 13.15 -50.65
N ILE JA 142 -96.87 12.63 -51.78
CA ILE JA 142 -98.33 12.71 -52.10
C ILE JA 142 -98.90 11.29 -52.10
N PHE JA 143 -99.97 11.06 -51.35
CA PHE JA 143 -100.63 9.73 -51.33
C PHE JA 143 -102.03 9.85 -51.95
N THR JA 144 -102.63 8.71 -52.30
CA THR JA 144 -103.93 8.71 -52.94
C THR JA 144 -104.73 7.51 -52.45
N ILE JA 145 -106.04 7.72 -52.28
CA ILE JA 145 -106.92 6.63 -51.76
C ILE JA 145 -107.47 5.83 -52.95
N LYS JA 146 -107.07 4.57 -53.08
CA LYS JA 146 -107.57 3.69 -54.17
C LYS JA 146 -109.07 3.45 -54.01
N ASN JA 147 -109.55 3.28 -52.78
CA ASN JA 147 -110.98 2.92 -52.54
C ASN JA 147 -111.78 4.19 -52.18
N GLU JA 148 -111.30 5.35 -52.61
CA GLU JA 148 -111.98 6.64 -52.27
C GLU JA 148 -113.42 6.59 -52.79
N ASP JA 149 -113.64 5.98 -53.95
CA ASP JA 149 -115.01 5.87 -54.52
C ASP JA 149 -115.88 5.07 -53.55
N GLU JA 150 -115.33 4.02 -52.95
CA GLU JA 150 -116.09 3.25 -51.92
C GLU JA 150 -116.41 4.17 -50.75
N ASN JA 151 -115.45 5.01 -50.35
CA ASN JA 151 -115.63 5.89 -49.16
C ASN JA 151 -116.31 7.19 -49.59
N ILE JA 152 -117.20 7.12 -50.59
CA ILE JA 152 -117.95 8.32 -51.06
C ILE JA 152 -118.82 8.81 -49.90
N GLY JA 153 -119.38 7.88 -49.11
CA GLY JA 153 -120.18 8.27 -47.93
C GLY JA 153 -119.32 9.03 -46.93
N LEU JA 154 -118.06 8.61 -46.77
CA LEU JA 154 -117.14 9.33 -45.86
C LEU JA 154 -117.04 10.79 -46.35
N LYS JA 155 -116.80 10.96 -47.66
CA LYS JA 155 -116.68 12.33 -48.21
C LYS JA 155 -117.95 13.11 -47.91
N LYS JA 156 -119.11 12.47 -48.07
CA LYS JA 156 -120.41 13.12 -47.76
C LYS JA 156 -120.37 13.63 -46.32
N TYR JA 157 -119.84 12.82 -45.40
CA TYR JA 157 -119.75 13.23 -43.97
C TYR JA 157 -118.72 14.35 -43.81
N VAL JA 158 -117.57 14.22 -44.48
CA VAL JA 158 -116.51 15.27 -44.39
C VAL JA 158 -117.10 16.61 -44.85
N ASP JA 159 -117.64 16.66 -46.06
CA ASP JA 159 -118.15 17.92 -46.58
C ASP JA 159 -119.38 18.41 -45.83
N SER JA 160 -119.95 17.55 -44.99
CA SER JA 160 -121.15 17.92 -44.18
C SER JA 160 -120.74 18.84 -43.02
N LEU JA 161 -119.44 19.02 -42.80
CA LEU JA 161 -118.96 19.85 -41.71
C LEU JA 161 -118.65 21.27 -42.21
N SER JA 162 -118.29 22.14 -41.27
CA SER JA 162 -117.92 23.50 -41.63
C SER JA 162 -116.55 23.53 -42.31
N ALA JA 163 -116.33 24.58 -43.09
CA ALA JA 163 -115.08 24.71 -43.83
C ALA JA 163 -113.88 24.77 -42.88
N GLY JA 164 -114.03 25.49 -41.76
CA GLY JA 164 -112.95 25.50 -40.78
C GLY JA 164 -112.69 24.13 -40.19
N LEU JA 165 -113.76 23.41 -39.83
CA LEU JA 165 -113.59 22.06 -39.30
C LEU JA 165 -113.06 21.13 -40.38
N LYS JA 166 -113.48 21.31 -41.63
CA LYS JA 166 -112.91 20.51 -42.71
C LYS JA 166 -111.41 20.74 -42.82
N ASN JA 167 -110.98 22.01 -42.76
CA ASN JA 167 -109.55 22.30 -42.82
C ASN JA 167 -108.82 21.71 -41.63
N LEU JA 168 -109.42 21.76 -40.44
CA LEU JA 168 -108.81 21.14 -39.27
C LEU JA 168 -108.64 19.64 -39.49
N LEU JA 169 -109.68 18.96 -40.00
CA LEU JA 169 -109.48 17.52 -40.30
C LEU JA 169 -108.33 17.36 -41.29
N PHE JA 170 -108.36 18.11 -42.40
CA PHE JA 170 -107.29 17.91 -43.38
C PHE JA 170 -105.93 18.04 -42.71
N LYS JA 171 -105.80 19.06 -41.85
CA LYS JA 171 -104.52 19.26 -41.13
C LYS JA 171 -104.21 18.00 -40.33
N LYS JA 172 -105.17 17.54 -39.52
CA LYS JA 172 -104.92 16.39 -38.66
C LYS JA 172 -104.52 15.17 -39.48
N ILE JA 173 -105.23 14.91 -40.57
CA ILE JA 173 -104.92 13.77 -41.42
C ILE JA 173 -103.51 13.91 -41.97
N ASN JA 174 -103.22 15.08 -42.54
CA ASN JA 174 -101.88 15.34 -43.13
C ASN JA 174 -100.81 15.12 -42.05
N GLN JA 175 -101.00 15.70 -40.87
CA GLN JA 175 -99.97 15.64 -39.84
C GLN JA 175 -99.73 14.19 -39.40
N LYS JA 176 -100.82 13.46 -39.16
CA LYS JA 176 -100.68 12.03 -38.76
C LYS JA 176 -99.97 11.28 -39.87
N LEU JA 177 -100.38 11.49 -41.13
CA LEU JA 177 -99.79 10.77 -42.25
C LEU JA 177 -98.31 11.11 -42.40
N SER JA 178 -97.99 12.39 -42.27
CA SER JA 178 -96.58 12.83 -42.36
C SER JA 178 -95.78 12.11 -41.29
N GLY JA 179 -96.22 12.22 -40.03
CA GLY JA 179 -95.50 11.58 -38.94
C GLY JA 179 -95.30 10.10 -39.18
N TYR JA 180 -96.37 9.43 -39.60
CA TYR JA 180 -96.32 7.98 -39.87
C TYR JA 180 -95.27 7.68 -40.95
N VAL JA 181 -95.37 8.37 -42.09
CA VAL JA 181 -94.47 8.12 -43.21
C VAL JA 181 -93.03 8.41 -42.82
N SER JA 182 -92.80 9.54 -42.15
CA SER JA 182 -91.44 9.88 -41.73
C SER JA 182 -90.90 8.84 -40.77
N GLU JA 183 -91.76 8.36 -39.87
CA GLU JA 183 -91.33 7.32 -38.89
C GLU JA 183 -90.89 6.07 -39.64
N ILE JA 184 -91.75 5.58 -40.54
CA ILE JA 184 -91.43 4.34 -41.31
C ILE JA 184 -90.11 4.58 -42.05
N ILE JA 185 -90.02 5.66 -42.82
CA ILE JA 185 -88.80 5.91 -43.66
C ILE JA 185 -87.55 6.03 -42.78
N VAL JA 186 -87.63 6.72 -41.65
CA VAL JA 186 -86.43 6.96 -40.86
C VAL JA 186 -85.93 5.65 -40.25
N LYS JA 187 -86.86 4.72 -40.02
CA LYS JA 187 -86.44 3.38 -39.54
C LYS JA 187 -85.87 2.58 -40.72
N ASN JA 188 -86.36 2.84 -41.94
CA ASN JA 188 -85.91 2.02 -43.10
C ASN JA 188 -84.64 2.62 -43.74
N ILE JA 189 -84.40 3.92 -43.58
CA ILE JA 189 -83.24 4.55 -44.30
C ILE JA 189 -82.17 4.94 -43.27
N ASP JA 190 -80.91 4.62 -43.55
CA ASP JA 190 -79.80 4.92 -42.61
C ASP JA 190 -79.55 6.43 -42.57
N ASP JA 191 -78.97 6.93 -41.48
CA ASP JA 191 -78.70 8.38 -41.31
C ASP JA 191 -77.76 8.88 -42.39
N ILE JA 192 -78.24 9.75 -43.29
CA ILE JA 192 -77.33 10.36 -44.31
C ILE JA 192 -77.12 11.84 -43.96
N GLU JA 193 -76.00 12.18 -43.33
CA GLU JA 193 -75.77 13.59 -42.90
C GLU JA 193 -75.28 14.43 -44.09
N GLU JA 194 -75.56 15.73 -44.12
CA GLU JA 194 -75.19 16.58 -45.28
C GLU JA 194 -73.71 16.97 -45.17
N LEU JA 195 -72.90 16.61 -46.17
CA LEU JA 195 -71.44 16.91 -46.11
C LEU JA 195 -71.23 18.41 -45.93
N PHE JA 196 -72.07 19.24 -46.55
CA PHE JA 196 -71.90 20.71 -46.50
C PHE JA 196 -73.14 21.38 -45.90
N PRO JA 197 -73.00 22.25 -44.88
CA PRO JA 197 -74.15 22.98 -44.35
C PRO JA 197 -74.68 23.81 -45.52
N ASN JA 198 -76.01 23.90 -45.68
CA ASN JA 198 -76.55 24.59 -46.87
C ASN JA 198 -76.66 26.09 -46.58
N LYS JA 199 -75.97 26.92 -47.37
CA LYS JA 199 -76.05 28.40 -47.21
C LYS JA 199 -76.01 28.77 -45.73
N GLY JA 200 -74.95 28.38 -45.01
CA GLY JA 200 -74.79 28.81 -43.60
C GLY JA 200 -75.84 28.23 -42.66
N GLU JA 201 -76.78 27.43 -43.16
CA GLU JA 201 -77.75 26.75 -42.26
C GLU JA 201 -77.04 25.53 -41.66
N LYS JA 202 -77.10 25.34 -40.35
CA LYS JA 202 -76.30 24.21 -39.79
C LYS JA 202 -76.64 22.91 -40.54
N SER JA 203 -75.62 22.08 -40.81
CA SER JA 203 -75.83 20.81 -41.55
C SER JA 203 -77.04 20.05 -41.00
N THR JA 204 -77.92 19.59 -41.90
CA THR JA 204 -79.13 18.83 -41.48
C THR JA 204 -79.09 17.43 -42.09
N THR JA 205 -79.39 16.40 -41.30
CA THR JA 205 -79.29 15.00 -41.81
C THR JA 205 -80.56 14.62 -42.55
N LEU JA 206 -80.49 13.59 -43.40
CA LEU JA 206 -81.70 13.09 -44.11
C LEU JA 206 -82.82 12.96 -43.09
N HIS JA 207 -82.53 12.42 -41.91
CA HIS JA 207 -83.58 12.22 -40.88
C HIS JA 207 -84.34 13.54 -40.67
N LYS JA 208 -83.61 14.63 -40.43
CA LYS JA 208 -84.26 15.91 -40.19
C LYS JA 208 -85.09 16.33 -41.39
N GLU JA 209 -84.61 15.97 -42.59
CA GLU JA 209 -85.32 16.36 -43.84
C GLU JA 209 -86.63 15.58 -43.95
N ILE JA 210 -86.58 14.26 -43.74
CA ILE JA 210 -87.81 13.43 -43.91
C ILE JA 210 -88.80 13.77 -42.80
N LEU JA 211 -88.34 13.94 -41.55
CA LEU JA 211 -89.26 14.38 -40.52
C LEU JA 211 -89.87 15.73 -40.86
N GLN JA 212 -89.02 16.63 -41.37
CA GLN JA 212 -89.51 17.96 -41.80
C GLN JA 212 -90.47 17.74 -42.98
N THR JA 213 -90.20 16.74 -43.82
CA THR JA 213 -91.05 16.48 -45.02
C THR JA 213 -92.48 16.24 -44.55
N ASP JA 214 -93.45 16.93 -45.16
CA ASP JA 214 -94.87 16.82 -44.72
C ASP JA 214 -95.68 16.18 -45.85
N SER JA 215 -96.12 14.94 -45.65
CA SER JA 215 -96.86 14.20 -46.71
C SER JA 215 -98.37 14.44 -46.57
N ARG JA 216 -98.98 15.16 -47.51
CA ARG JA 216 -100.40 15.46 -47.46
C ARG JA 216 -101.13 14.56 -48.45
N LEU JA 217 -102.11 13.83 -47.93
CA LEU JA 217 -102.90 12.94 -48.78
C LEU JA 217 -103.70 13.76 -49.79
N SER JA 218 -103.84 13.22 -51.00
CA SER JA 218 -104.58 13.87 -52.07
C SER JA 218 -105.66 12.93 -52.56
N SER JA 219 -106.92 13.36 -52.47
CA SER JA 219 -108.05 12.60 -52.96
C SER JA 219 -109.26 13.52 -53.03
N ASP JA 220 -110.25 13.10 -53.82
CA ASP JA 220 -111.50 13.85 -53.89
C ASP JA 220 -112.24 13.85 -52.55
N ILE JA 221 -111.92 12.89 -51.68
CA ILE JA 221 -112.51 12.89 -50.33
C ILE JA 221 -112.09 14.14 -49.59
N PHE JA 222 -110.84 14.56 -49.80
CA PHE JA 222 -110.29 15.74 -49.07
C PHE JA 222 -109.73 16.73 -50.09
N LYS JA 223 -110.55 17.63 -50.60
CA LYS JA 223 -110.11 18.55 -51.66
C LYS JA 223 -109.38 19.75 -51.08
N GLU JA 224 -110.04 20.50 -50.20
CA GLU JA 224 -109.45 21.70 -49.63
C GLU JA 224 -108.31 21.37 -48.67
N ILE KA 3 -111.86 -29.82 -39.13
CA ILE KA 3 -112.51 -28.63 -38.59
C ILE KA 3 -111.80 -27.38 -39.04
N ARG KA 4 -112.52 -26.28 -39.14
CA ARG KA 4 -111.84 -25.00 -39.47
C ARG KA 4 -112.76 -23.86 -39.09
N ASN KA 5 -112.18 -22.73 -38.71
CA ASN KA 5 -113.06 -21.54 -38.47
C ASN KA 5 -113.49 -21.03 -39.84
N ARG KA 6 -114.65 -20.38 -39.93
CA ARG KA 6 -115.15 -19.94 -41.26
C ARG KA 6 -114.89 -18.43 -41.42
N LEU KA 7 -113.89 -17.90 -40.72
CA LEU KA 7 -113.68 -16.45 -40.77
C LEU KA 7 -113.59 -15.93 -42.18
N SER KA 8 -112.76 -16.55 -43.03
CA SER KA 8 -112.62 -16.05 -44.39
C SER KA 8 -113.97 -16.00 -45.08
N GLU KA 9 -114.74 -17.08 -44.97
CA GLU KA 9 -116.09 -17.12 -45.58
C GLU KA 9 -117.01 -16.11 -44.89
N LEU KA 10 -116.90 -15.98 -43.57
CA LEU KA 10 -117.78 -15.06 -42.84
C LEU KA 10 -117.58 -13.62 -43.28
N LEU KA 11 -116.32 -13.15 -43.27
CA LEU KA 11 -116.05 -11.74 -43.65
C LEU KA 11 -116.22 -11.55 -45.16
N SER KA 12 -116.04 -12.58 -45.97
CA SER KA 12 -116.32 -12.43 -47.43
C SER KA 12 -117.81 -12.16 -47.59
N GLU KA 13 -118.65 -12.91 -46.87
CA GLU KA 13 -120.10 -12.68 -46.91
C GLU KA 13 -120.45 -11.31 -46.35
N ARG KA 14 -119.83 -10.92 -45.24
CA ARG KA 14 -120.08 -9.60 -44.66
C ARG KA 14 -119.49 -8.49 -45.50
N GLY KA 15 -118.43 -8.77 -46.25
CA GLY KA 15 -117.72 -7.74 -46.99
C GLY KA 15 -116.72 -6.96 -46.18
N LEU KA 16 -116.64 -7.25 -44.87
CA LEU KA 16 -115.73 -6.49 -43.97
C LEU KA 16 -114.28 -6.93 -44.20
N LYS KA 17 -113.32 -6.10 -43.75
CA LYS KA 17 -111.88 -6.44 -43.91
C LYS KA 17 -111.33 -6.89 -42.55
N ILE KA 18 -110.24 -7.64 -42.55
CA ILE KA 18 -109.67 -8.15 -41.27
C ILE KA 18 -109.32 -6.94 -40.39
N SER KA 19 -108.61 -5.97 -40.95
CA SER KA 19 -108.23 -4.76 -40.17
C SER KA 19 -109.48 -4.16 -39.52
N ARG KA 20 -110.57 -4.05 -40.28
CA ARG KA 20 -111.82 -3.45 -39.75
C ARG KA 20 -112.29 -4.28 -38.55
N VAL KA 21 -112.30 -5.61 -38.69
CA VAL KA 21 -112.73 -6.50 -37.57
C VAL KA 21 -111.76 -6.29 -36.39
N ALA KA 22 -110.46 -6.23 -36.66
CA ALA KA 22 -109.47 -6.12 -35.56
C ALA KA 22 -109.73 -4.84 -34.77
N LYS KA 23 -110.01 -3.74 -35.48
CA LYS KA 23 -110.30 -2.45 -34.81
C LYS KA 23 -111.55 -2.61 -33.94
N ASP KA 24 -112.45 -3.51 -34.32
CA ASP KA 24 -113.70 -3.66 -33.60
C ASP KA 24 -113.55 -4.56 -32.38
N VAL KA 25 -112.81 -5.67 -32.51
CA VAL KA 25 -112.75 -6.69 -31.42
C VAL KA 25 -111.45 -6.59 -30.60
N LYS KA 26 -110.60 -5.60 -30.86
CA LYS KA 26 -109.39 -5.40 -30.07
C LYS KA 26 -108.50 -6.64 -30.07
N ILE KA 27 -108.39 -7.26 -31.26
CA ILE KA 27 -107.51 -8.45 -31.42
C ILE KA 27 -106.39 -8.06 -32.39
N ALA KA 28 -105.17 -8.50 -32.11
CA ALA KA 28 -104.00 -8.14 -32.91
C ALA KA 28 -104.23 -8.48 -34.38
N ARG KA 29 -103.86 -7.55 -35.26
CA ARG KA 29 -104.13 -7.76 -36.71
C ARG KA 29 -103.44 -9.04 -37.18
N SER KA 30 -102.15 -9.21 -36.85
CA SER KA 30 -101.42 -10.36 -37.38
C SER KA 30 -102.08 -11.67 -36.94
N SER KA 31 -102.35 -11.80 -35.64
CA SER KA 31 -102.96 -13.02 -35.13
C SER KA 31 -104.33 -13.24 -35.75
N LEU KA 32 -105.12 -12.16 -35.82
CA LEU KA 32 -106.51 -12.29 -36.35
C LEU KA 32 -106.46 -12.68 -37.83
N THR KA 33 -105.57 -12.06 -38.60
CA THR KA 33 -105.51 -12.34 -40.06
C THR KA 33 -105.02 -13.78 -40.26
N SER KA 34 -104.06 -14.21 -39.44
CA SER KA 34 -103.62 -15.61 -39.51
C SER KA 34 -104.78 -16.54 -39.18
N MET KA 35 -105.55 -16.18 -38.14
CA MET KA 35 -106.68 -17.05 -37.70
C MET KA 35 -107.80 -16.95 -38.73
N ALA KA 36 -107.88 -15.82 -39.44
CA ALA KA 36 -108.89 -15.70 -40.53
C ALA KA 36 -108.63 -16.85 -41.51
N GLN KA 37 -107.34 -17.08 -41.83
CA GLN KA 37 -106.99 -18.23 -42.69
C GLN KA 37 -107.16 -19.50 -41.84
N ASN KA 38 -107.53 -20.62 -42.48
CA ASN KA 38 -107.75 -21.89 -41.74
C ASN KA 38 -106.39 -22.44 -41.29
N ASP KA 39 -105.29 -21.84 -41.75
CA ASP KA 39 -103.94 -22.39 -41.45
C ASP KA 39 -103.69 -22.44 -39.93
N SER KA 40 -104.14 -21.43 -39.17
CA SER KA 40 -103.82 -21.42 -37.73
C SER KA 40 -104.36 -22.69 -37.07
N GLU KA 41 -103.57 -23.32 -36.19
CA GLU KA 41 -103.99 -24.61 -35.57
C GLU KA 41 -104.49 -24.36 -34.15
N MET KA 42 -104.24 -23.16 -33.62
CA MET KA 42 -104.65 -22.84 -32.23
C MET KA 42 -105.57 -21.61 -32.24
N ILE KA 43 -106.54 -21.60 -31.31
CA ILE KA 43 -107.49 -20.47 -31.22
C ILE KA 43 -107.81 -20.19 -29.76
N ARG KA 44 -108.07 -18.93 -29.42
CA ARG KA 44 -108.35 -18.48 -28.06
C ARG KA 44 -109.85 -18.37 -27.82
N TYR KA 45 -110.26 -18.67 -26.59
CA TYR KA 45 -111.65 -18.51 -26.20
C TYR KA 45 -112.07 -17.05 -26.25
N ASP KA 46 -111.20 -16.14 -25.83
CA ASP KA 46 -111.48 -14.73 -25.96
C ASP KA 46 -111.75 -14.37 -27.42
N ALA KA 47 -110.95 -14.93 -28.32
CA ALA KA 47 -111.13 -14.64 -29.74
C ALA KA 47 -112.49 -15.12 -30.23
N ILE KA 48 -112.87 -16.34 -29.85
CA ILE KA 48 -114.16 -16.89 -30.37
C ILE KA 48 -115.30 -16.08 -29.76
N ASP KA 49 -115.17 -15.65 -28.50
CA ASP KA 49 -116.23 -14.82 -27.86
C ASP KA 49 -116.37 -13.51 -28.62
N LYS KA 50 -115.26 -12.80 -28.81
CA LYS KA 50 -115.32 -11.49 -29.44
C LYS KA 50 -115.82 -11.58 -30.87
N LEU KA 51 -115.34 -12.56 -31.64
CA LEU KA 51 -115.75 -12.66 -33.03
C LEU KA 51 -117.21 -13.06 -33.16
N CYS KA 52 -117.62 -14.05 -32.37
CA CYS KA 52 -119.04 -14.52 -32.45
C CYS KA 52 -119.96 -13.37 -32.08
N SER KA 53 -119.59 -12.58 -31.08
CA SER KA 53 -120.42 -11.42 -30.65
C SER KA 53 -120.42 -10.36 -31.75
N TYR KA 54 -119.23 -9.98 -32.24
CA TYR KA 54 -119.13 -8.92 -33.27
C TYR KA 54 -119.99 -9.31 -34.48
N LEU KA 55 -119.84 -10.53 -34.96
CA LEU KA 55 -120.63 -10.98 -36.11
C LEU KA 55 -122.03 -11.39 -35.72
N HIS KA 56 -122.35 -11.34 -34.43
CA HIS KA 56 -123.73 -11.64 -33.97
C HIS KA 56 -124.13 -13.03 -34.43
N ILE KA 57 -123.23 -14.00 -34.29
CA ILE KA 57 -123.50 -15.38 -34.77
C ILE KA 57 -123.04 -16.41 -33.73
N SER KA 58 -123.71 -17.55 -33.69
CA SER KA 58 -123.32 -18.65 -32.82
C SER KA 58 -122.06 -19.33 -33.36
N PRO KA 59 -121.29 -20.08 -32.53
CA PRO KA 59 -120.09 -20.78 -33.01
C PRO KA 59 -120.43 -21.76 -34.14
N SER KA 60 -121.69 -22.19 -34.23
CA SER KA 60 -122.10 -23.10 -35.32
C SER KA 60 -121.60 -22.52 -36.65
N GLU KA 61 -121.95 -21.27 -36.93
CA GLU KA 61 -121.54 -20.62 -38.19
C GLU KA 61 -120.03 -20.35 -38.17
N PHE KA 62 -119.44 -20.22 -36.97
CA PHE KA 62 -117.98 -19.93 -36.90
C PHE KA 62 -117.15 -21.19 -37.16
N PHE KA 63 -117.54 -22.34 -36.61
CA PHE KA 63 -116.75 -23.56 -36.74
C PHE KA 63 -117.43 -24.51 -37.72
N GLU KA 64 -116.82 -24.66 -38.89
CA GLU KA 64 -117.23 -25.70 -39.83
C GLU KA 64 -116.52 -26.99 -39.45
N HIS KA 65 -117.28 -27.99 -39.01
CA HIS KA 65 -116.73 -29.26 -38.60
C HIS KA 65 -117.40 -30.39 -39.39
N ASN KA 66 -116.57 -31.29 -39.96
CA ASN KA 66 -117.04 -32.52 -40.59
C ASN KA 66 -116.38 -33.67 -39.85
N PRO KA 67 -117.15 -34.68 -39.35
CA PRO KA 67 -116.58 -35.76 -38.53
C PRO KA 67 -115.58 -36.65 -39.28
N ILE KA 68 -115.43 -36.44 -40.59
CA ILE KA 68 -114.53 -37.36 -41.34
C ILE KA 68 -113.11 -36.85 -41.15
N ASN KA 69 -112.29 -37.58 -40.38
CA ASN KA 69 -110.92 -37.10 -40.05
C ASN KA 69 -109.92 -37.77 -40.99
N PHE KA 70 -109.10 -36.97 -41.67
CA PHE KA 70 -108.08 -37.51 -42.61
C PHE KA 70 -106.69 -37.38 -41.99
N ASP KA 71 -106.12 -38.46 -41.47
CA ASP KA 71 -104.79 -38.47 -40.89
C ASP KA 71 -103.81 -39.03 -41.90
N PHE KA 72 -102.68 -38.36 -42.07
CA PHE KA 72 -101.70 -38.68 -43.09
C PHE KA 72 -100.40 -39.07 -42.42
N THR KA 73 -99.78 -40.13 -42.97
CA THR KA 73 -98.47 -40.62 -42.49
C THR KA 73 -97.60 -40.84 -43.72
N PHE KA 74 -96.29 -40.58 -43.62
CA PHE KA 74 -95.37 -40.69 -44.74
C PHE KA 74 -94.32 -41.75 -44.46
N ASP KA 75 -93.67 -42.21 -45.54
CA ASP KA 75 -92.64 -43.27 -45.41
C ASP KA 75 -91.42 -42.78 -44.64
N GLU KA 76 -91.01 -43.54 -43.62
CA GLU KA 76 -89.76 -43.16 -42.89
C GLU KA 76 -88.64 -43.09 -43.91
N GLU KA 77 -88.51 -44.11 -44.77
CA GLU KA 77 -87.51 -44.07 -45.81
C GLU KA 77 -88.19 -44.08 -47.18
N PRO KA 78 -87.97 -43.07 -47.99
CA PRO KA 78 -88.59 -43.05 -49.33
C PRO KA 78 -87.67 -43.61 -50.40
N ASN KA 79 -88.23 -43.84 -51.60
CA ASN KA 79 -87.39 -44.27 -52.74
C ASN KA 79 -87.02 -42.97 -53.48
N TYR KA 80 -85.94 -42.32 -53.07
CA TYR KA 80 -85.60 -41.00 -53.65
C TYR KA 80 -84.23 -41.00 -54.32
N LYS KA 81 -84.15 -40.50 -55.55
CA LYS KA 81 -82.83 -40.32 -56.20
C LYS KA 81 -82.71 -38.87 -56.64
N ILE KA 82 -81.69 -38.16 -56.17
CA ILE KA 82 -81.57 -36.70 -56.50
C ILE KA 82 -80.20 -36.46 -57.11
N ASN KA 83 -80.12 -36.42 -58.45
CA ASN KA 83 -78.83 -36.12 -59.12
C ASN KA 83 -78.42 -34.69 -58.79
N ASP KA 84 -77.11 -34.47 -58.59
CA ASP KA 84 -76.62 -33.11 -58.29
C ASP KA 84 -76.05 -32.51 -59.58
N VAL KA 85 -76.64 -31.44 -60.08
CA VAL KA 85 -76.09 -30.74 -61.28
C VAL KA 85 -75.51 -29.40 -60.79
N PHE KA 86 -74.20 -29.23 -60.90
CA PHE KA 86 -73.57 -27.99 -60.36
C PHE KA 86 -73.68 -26.88 -61.39
N GLU KA 87 -74.90 -26.42 -61.68
CA GLU KA 87 -75.11 -25.36 -62.70
C GLU KA 87 -75.09 -23.99 -62.01
N GLY KA 88 -74.01 -23.65 -61.31
CA GLY KA 88 -73.89 -22.31 -60.71
C GLY KA 88 -75.09 -21.94 -59.84
N PHE KA 89 -75.53 -22.81 -58.94
CA PHE KA 89 -76.66 -22.36 -58.08
C PHE KA 89 -76.24 -21.06 -57.39
N GLU KA 90 -75.03 -21.02 -56.85
CA GLU KA 90 -74.56 -19.77 -56.19
C GLU KA 90 -74.82 -18.58 -57.11
N VAL KA 91 -74.33 -18.63 -58.36
CA VAL KA 91 -74.50 -17.48 -59.29
C VAL KA 91 -75.98 -17.25 -59.64
N THR KA 92 -76.76 -18.33 -59.85
CA THR KA 92 -78.22 -18.18 -60.13
C THR KA 92 -79.04 -18.94 -59.09
N ALA KA 93 -79.88 -18.24 -58.33
CA ALA KA 93 -80.66 -18.89 -57.23
C ALA KA 93 -81.88 -19.63 -57.80
N ASN KA 94 -81.65 -20.69 -58.58
CA ASN KA 94 -82.74 -21.51 -59.15
C ASN KA 94 -82.56 -22.96 -58.71
N ILE KA 95 -83.62 -23.61 -58.23
CA ILE KA 95 -83.51 -24.99 -57.70
C ILE KA 95 -82.97 -25.88 -58.82
N THR KA 96 -83.45 -25.66 -60.05
CA THR KA 96 -82.95 -26.44 -61.22
C THR KA 96 -81.42 -26.31 -61.30
N HIS KA 97 -80.89 -25.11 -61.10
CA HIS KA 97 -79.41 -24.88 -61.22
C HIS KA 97 -78.68 -25.63 -60.11
N ALA KA 98 -79.30 -25.74 -58.93
CA ALA KA 98 -78.67 -26.45 -57.79
C ALA KA 98 -78.65 -27.97 -57.99
N PHE KA 99 -79.76 -28.56 -58.45
CA PHE KA 99 -79.84 -30.04 -58.58
C PHE KA 99 -81.11 -30.42 -59.35
N SER KA 100 -81.41 -31.72 -59.44
CA SER KA 100 -82.64 -32.15 -60.07
C SER KA 100 -83.04 -33.49 -59.51
N ILE KA 101 -84.35 -33.68 -59.31
CA ILE KA 101 -84.86 -34.93 -58.76
C ILE KA 101 -84.94 -35.94 -59.91
N GLU KA 102 -84.11 -36.99 -59.84
CA GLU KA 102 -84.23 -38.08 -60.80
C GLU KA 102 -85.56 -38.80 -60.61
N ASN KA 103 -85.87 -39.15 -59.36
CA ASN KA 103 -87.17 -39.72 -59.02
C ASN KA 103 -87.36 -39.55 -57.52
N PHE KA 104 -88.62 -39.44 -57.12
CA PHE KA 104 -88.96 -39.37 -55.69
C PHE KA 104 -90.35 -40.00 -55.55
N ASP KA 105 -90.32 -41.31 -55.27
CA ASP KA 105 -91.59 -42.05 -55.06
C ASP KA 105 -91.59 -42.59 -53.63
N PHE KA 106 -92.77 -42.66 -53.01
CA PHE KA 106 -92.93 -43.14 -51.66
C PHE KA 106 -94.41 -43.41 -51.40
N GLU KA 107 -94.68 -43.84 -50.18
CA GLU KA 107 -96.08 -44.22 -49.85
C GLU KA 107 -96.66 -43.30 -48.79
N ILE KA 108 -97.83 -42.73 -49.11
CA ILE KA 108 -98.55 -41.85 -48.14
C ILE KA 108 -99.78 -42.62 -47.65
N LEU KA 109 -99.80 -42.99 -46.38
CA LEU KA 109 -100.91 -43.77 -45.80
C LEU KA 109 -101.93 -42.78 -45.21
N VAL KA 110 -103.18 -42.87 -45.64
CA VAL KA 110 -104.26 -41.97 -45.14
C VAL KA 110 -105.27 -42.83 -44.37
N ASP KA 111 -105.39 -42.59 -43.06
CA ASP KA 111 -106.34 -43.36 -42.22
C ASP KA 111 -107.63 -42.55 -42.10
N VAL KA 112 -108.45 -42.57 -43.14
CA VAL KA 112 -109.69 -41.81 -43.13
C VAL KA 112 -110.65 -42.40 -42.12
N GLU KA 113 -111.18 -41.56 -41.24
CA GLU KA 113 -112.06 -42.02 -40.18
C GLU KA 113 -113.43 -41.37 -40.33
N LEU KA 114 -114.46 -42.21 -40.35
CA LEU KA 114 -115.83 -41.71 -40.38
C LEU KA 114 -116.27 -41.26 -38.99
N ASP KA 115 -117.55 -40.96 -38.86
CA ASP KA 115 -118.09 -40.61 -37.54
C ASP KA 115 -117.88 -41.75 -36.55
N ASN KA 116 -118.10 -42.98 -37.04
CA ASN KA 116 -117.85 -44.16 -36.19
C ASN KA 116 -116.34 -44.41 -36.16
N ARG KA 117 -115.84 -45.08 -35.12
CA ARG KA 117 -114.39 -45.33 -34.98
C ARG KA 117 -113.89 -46.14 -36.18
N GLN KA 118 -114.79 -46.76 -36.94
CA GLN KA 118 -114.38 -47.48 -38.18
C GLN KA 118 -113.48 -46.58 -39.01
N LYS KA 119 -112.22 -46.99 -39.23
CA LYS KA 119 -111.26 -46.16 -40.00
C LYS KA 119 -110.79 -46.92 -41.25
N LEU KA 120 -110.76 -46.25 -42.40
CA LEU KA 120 -110.33 -46.88 -43.67
C LEU KA 120 -108.97 -46.30 -44.07
N ASN KA 121 -107.99 -47.16 -44.39
CA ASN KA 121 -106.63 -46.67 -44.72
C ASN KA 121 -106.44 -46.73 -46.24
N PHE KA 122 -105.93 -45.65 -46.83
CA PHE KA 122 -105.67 -45.61 -48.30
C PHE KA 122 -104.18 -45.38 -48.54
N ASP KA 123 -103.55 -46.22 -49.37
CA ASP KA 123 -102.10 -46.10 -49.63
C ASP KA 123 -101.88 -45.31 -50.93
N LEU KA 124 -100.97 -44.34 -50.91
CA LEU KA 124 -100.77 -43.48 -52.12
C LEU KA 124 -99.35 -43.67 -52.66
N ASP KA 125 -99.20 -44.33 -53.81
CA ASP KA 125 -97.83 -44.41 -54.40
C ASP KA 125 -97.63 -43.06 -55.07
N VAL KA 126 -96.89 -42.17 -54.40
CA VAL KA 126 -96.70 -40.79 -54.93
C VAL KA 126 -95.27 -40.65 -55.46
N SER KA 127 -95.14 -40.23 -56.72
CA SER KA 127 -93.86 -40.09 -57.37
C SER KA 127 -93.67 -38.66 -57.87
N TYR KA 128 -92.44 -38.18 -57.75
CA TYR KA 128 -92.09 -36.89 -58.33
C TYR KA 128 -92.31 -36.92 -59.84
N LYS KA 129 -92.93 -35.86 -60.37
CA LYS KA 129 -93.22 -35.79 -61.79
C LYS KA 129 -92.44 -34.68 -62.49
N GLU KA 130 -92.45 -33.48 -61.93
CA GLU KA 130 -91.82 -32.35 -62.61
C GLU KA 130 -91.52 -31.26 -61.60
N THR KA 131 -90.41 -30.54 -61.81
CA THR KA 131 -90.04 -29.39 -60.94
C THR KA 131 -90.66 -28.13 -61.58
N GLU KA 132 -91.96 -27.96 -61.40
CA GLU KA 132 -92.68 -26.82 -61.98
C GLU KA 132 -92.07 -25.51 -61.51
N LYS KA 133 -91.81 -24.62 -62.48
CA LYS KA 133 -91.18 -23.32 -62.16
C LYS KA 133 -92.27 -22.25 -62.09
N ILE KA 134 -92.73 -21.94 -60.88
CA ILE KA 134 -93.77 -20.94 -60.68
C ILE KA 134 -93.28 -19.55 -61.10
N THR KA 135 -92.10 -19.17 -60.66
CA THR KA 135 -91.51 -17.89 -61.00
C THR KA 135 -90.07 -18.12 -61.43
N ASN KA 136 -89.48 -17.09 -62.04
CA ASN KA 136 -88.05 -17.15 -62.36
C ASN KA 136 -87.23 -17.27 -61.08
N SER KA 137 -87.82 -16.86 -59.96
CA SER KA 137 -87.07 -16.88 -58.67
C SER KA 137 -87.20 -18.25 -58.01
N GLN KA 138 -88.43 -18.78 -57.88
CA GLN KA 138 -88.62 -20.04 -57.13
C GLN KA 138 -89.41 -21.06 -57.95
N HIS KA 139 -89.34 -22.34 -57.57
CA HIS KA 139 -90.04 -23.41 -58.30
C HIS KA 139 -90.92 -24.19 -57.33
N ARG KA 140 -91.93 -24.90 -57.83
CA ARG KA 140 -92.74 -25.80 -56.96
C ARG KA 140 -92.57 -27.23 -57.45
N PHE KA 141 -92.12 -28.15 -56.59
CA PHE KA 141 -92.05 -29.58 -57.00
C PHE KA 141 -93.47 -30.11 -57.17
N ILE KA 142 -93.70 -30.89 -58.23
CA ILE KA 142 -95.05 -31.47 -58.48
C ILE KA 142 -94.98 -32.98 -58.34
N PHE KA 143 -95.86 -33.56 -57.53
CA PHE KA 143 -95.89 -35.04 -57.38
C PHE KA 143 -97.21 -35.58 -57.93
N THR KA 144 -97.28 -36.89 -58.15
CA THR KA 144 -98.47 -37.50 -58.73
C THR KA 144 -98.69 -38.86 -58.11
N ILE KA 145 -99.97 -39.21 -57.89
CA ILE KA 145 -100.30 -40.51 -57.24
C ILE KA 145 -100.47 -41.57 -58.33
N LYS KA 146 -99.58 -42.55 -58.38
CA LYS KA 146 -99.68 -43.66 -59.37
C LYS KA 146 -100.93 -44.50 -59.11
N ASN KA 147 -101.28 -44.72 -57.85
CA ASN KA 147 -102.44 -45.63 -57.52
C ASN KA 147 -103.68 -44.78 -57.22
N GLU KA 148 -103.75 -43.57 -57.77
CA GLU KA 148 -104.90 -42.67 -57.51
C GLU KA 148 -106.19 -43.36 -57.95
N ASP KA 149 -106.14 -44.10 -59.05
CA ASP KA 149 -107.34 -44.83 -59.54
C ASP KA 149 -107.79 -45.82 -58.46
N GLU KA 150 -106.86 -46.49 -57.80
CA GLU KA 150 -107.21 -47.41 -56.69
C GLU KA 150 -107.86 -46.60 -55.57
N ASN KA 151 -107.34 -45.40 -55.30
CA ASN KA 151 -107.87 -44.57 -54.18
C ASN KA 151 -109.04 -43.72 -54.68
N ILE KA 152 -109.82 -44.25 -55.62
CA ILE KA 152 -111.01 -43.52 -56.16
C ILE KA 152 -112.00 -43.33 -54.99
N GLY KA 153 -112.11 -44.33 -54.11
CA GLY KA 153 -112.99 -44.20 -52.93
C GLY KA 153 -112.52 -43.06 -52.04
N LEU KA 154 -111.20 -42.91 -51.89
CA LEU KA 154 -110.66 -41.76 -51.10
C LEU KA 154 -111.18 -40.46 -51.71
N LYS KA 155 -111.06 -40.33 -53.04
CA LYS KA 155 -111.52 -39.09 -53.71
C LYS KA 155 -113.00 -38.90 -53.40
N LYS KA 156 -113.79 -39.97 -53.46
CA LYS KA 156 -115.24 -39.89 -53.14
C LYS KA 156 -115.39 -39.29 -51.75
N TYR KA 157 -114.56 -39.70 -50.80
CA TYR KA 157 -114.65 -39.16 -49.41
C TYR KA 157 -114.18 -37.69 -49.39
N VAL KA 158 -113.09 -37.40 -50.11
CA VAL KA 158 -112.57 -36.01 -50.15
C VAL KA 158 -113.67 -35.08 -50.68
N ASP KA 159 -114.19 -35.38 -51.88
CA ASP KA 159 -115.19 -34.50 -52.47
C ASP KA 159 -116.51 -34.50 -51.71
N SER KA 160 -116.65 -35.45 -50.76
CA SER KA 160 -117.88 -35.52 -49.93
C SER KA 160 -117.89 -34.41 -48.88
N LEU KA 161 -116.78 -33.69 -48.73
CA LEU KA 161 -116.69 -32.63 -47.74
C LEU KA 161 -117.01 -31.27 -48.37
N SER KA 162 -117.03 -30.24 -47.53
CA SER KA 162 -117.27 -28.88 -48.01
C SER KA 162 -116.06 -28.36 -48.76
N ALA KA 163 -116.30 -27.39 -49.64
CA ALA KA 163 -115.23 -26.82 -50.43
C ALA KA 163 -114.16 -26.18 -49.56
N GLY KA 164 -114.57 -25.49 -48.49
CA GLY KA 164 -113.61 -24.93 -47.56
C GLY KA 164 -112.78 -26.01 -46.89
N LEU KA 165 -113.45 -27.06 -46.42
CA LEU KA 165 -112.73 -28.17 -45.79
C LEU KA 165 -111.85 -28.89 -46.80
N LYS KA 166 -112.32 -29.02 -48.04
CA LYS KA 166 -111.49 -29.60 -49.08
C LYS KA 166 -110.22 -28.78 -49.28
N ASN KA 167 -110.36 -27.46 -49.33
CA ASN KA 167 -109.18 -26.60 -49.50
C ASN KA 167 -108.25 -26.72 -48.30
N LEU KA 168 -108.82 -26.80 -47.10
CA LEU KA 168 -108.00 -27.00 -45.91
C LEU KA 168 -107.22 -28.31 -46.01
N LEU KA 169 -107.88 -29.40 -46.40
CA LEU KA 169 -107.10 -30.65 -46.60
C LEU KA 169 -106.00 -30.40 -47.63
N PHE KA 170 -106.34 -29.85 -48.80
CA PHE KA 170 -105.30 -29.67 -49.81
C PHE KA 170 -104.11 -28.93 -49.22
N LYS KA 171 -104.41 -27.88 -48.46
CA LYS KA 171 -103.33 -27.09 -47.81
C LYS KA 171 -102.51 -28.02 -46.92
N LYS KA 172 -103.18 -28.76 -46.03
CA LYS KA 172 -102.46 -29.61 -45.09
C LYS KA 172 -101.59 -30.62 -45.82
N ILE KA 173 -102.14 -31.26 -46.86
CA ILE KA 173 -101.38 -32.24 -47.62
C ILE KA 173 -100.17 -31.58 -48.26
N ASN KA 174 -100.41 -30.44 -48.93
CA ASN KA 174 -99.31 -29.71 -49.60
C ASN KA 174 -98.23 -29.37 -48.57
N GLN KA 175 -98.63 -28.82 -47.42
CA GLN KA 175 -97.66 -28.34 -46.44
C GLN KA 175 -96.84 -29.50 -45.90
N LYS KA 176 -97.52 -30.60 -45.55
CA LYS KA 176 -96.79 -31.79 -45.04
C LYS KA 176 -95.83 -32.28 -46.12
N LEU KA 177 -96.30 -32.38 -47.36
CA LEU KA 177 -95.47 -32.89 -48.45
C LEU KA 177 -94.28 -31.99 -48.70
N SER KA 178 -94.53 -30.67 -48.69
CA SER KA 178 -93.44 -29.70 -48.89
C SER KA 178 -92.39 -29.92 -47.80
N GLY KA 179 -92.83 -29.88 -46.54
CA GLY KA 179 -91.90 -30.05 -45.44
C GLY KA 179 -91.11 -31.33 -45.56
N TYR KA 180 -91.80 -32.42 -45.88
CA TYR KA 180 -91.12 -33.74 -46.02
C TYR KA 180 -90.07 -33.67 -47.13
N VAL KA 181 -90.45 -33.19 -48.31
CA VAL KA 181 -89.55 -33.16 -49.44
C VAL KA 181 -88.37 -32.26 -49.15
N SER KA 182 -88.61 -31.07 -48.58
CA SER KA 182 -87.52 -30.16 -48.27
C SER KA 182 -86.58 -30.78 -47.24
N GLU KA 183 -87.16 -31.49 -46.26
CA GLU KA 183 -86.32 -32.16 -45.23
C GLU KA 183 -85.41 -33.18 -45.90
N ILE KA 184 -85.99 -34.07 -46.71
CA ILE KA 184 -85.18 -35.11 -47.39
C ILE KA 184 -84.09 -34.43 -48.21
N ILE KA 185 -84.47 -33.48 -49.06
CA ILE KA 185 -83.48 -32.84 -49.98
C ILE KA 185 -82.38 -32.12 -49.18
N VAL KA 186 -82.74 -31.42 -48.10
CA VAL KA 186 -81.74 -30.64 -47.40
C VAL KA 186 -80.73 -31.54 -46.72
N LYS KA 187 -81.18 -32.75 -46.35
CA LYS KA 187 -80.24 -33.74 -45.78
C LYS KA 187 -79.41 -34.33 -46.93
N ASN KA 188 -79.96 -34.42 -48.13
CA ASN KA 188 -79.22 -35.07 -49.25
C ASN KA 188 -78.33 -34.08 -49.99
N ILE KA 189 -78.65 -32.78 -49.96
CA ILE KA 189 -77.88 -31.80 -50.77
C ILE KA 189 -77.06 -30.90 -49.83
N ASP KA 190 -75.77 -30.74 -50.12
CA ASP KA 190 -74.88 -29.91 -49.27
C ASP KA 190 -75.36 -28.45 -49.35
N ASP KA 191 -74.94 -27.61 -48.39
CA ASP KA 191 -75.31 -26.18 -48.47
C ASP KA 191 -74.72 -25.61 -49.76
N ILE KA 192 -75.53 -24.90 -50.55
CA ILE KA 192 -74.99 -24.22 -51.78
C ILE KA 192 -75.27 -22.74 -51.57
N GLU KA 193 -74.50 -22.08 -50.70
CA GLU KA 193 -74.81 -20.66 -50.38
C GLU KA 193 -74.81 -19.84 -51.67
N GLU KA 194 -75.67 -18.81 -51.73
CA GLU KA 194 -75.71 -17.91 -52.92
C GLU KA 194 -74.72 -16.77 -52.70
N LEU KA 195 -73.60 -16.75 -53.44
CA LEU KA 195 -72.56 -15.72 -53.20
C LEU KA 195 -73.11 -14.32 -53.45
N PHE KA 196 -73.84 -14.12 -54.55
CA PHE KA 196 -74.36 -12.77 -54.90
C PHE KA 196 -75.86 -12.69 -54.61
N PRO KA 197 -76.32 -11.82 -53.68
CA PRO KA 197 -77.73 -11.69 -53.37
C PRO KA 197 -78.51 -11.19 -54.60
N ASN KA 198 -79.69 -11.76 -54.84
CA ASN KA 198 -80.54 -11.26 -55.96
C ASN KA 198 -81.34 -10.07 -55.43
N LYS KA 199 -81.27 -8.92 -56.12
CA LYS KA 199 -81.99 -7.68 -55.67
C LYS KA 199 -81.23 -7.11 -54.46
N GLY KA 200 -80.05 -7.67 -54.17
CA GLY KA 200 -79.23 -7.18 -53.04
C GLY KA 200 -79.99 -7.20 -51.73
N GLU KA 201 -81.21 -7.77 -51.70
CA GLU KA 201 -82.03 -7.76 -50.48
C GLU KA 201 -81.43 -8.73 -49.45
N LYS KA 202 -81.06 -9.94 -49.87
CA LYS KA 202 -80.43 -10.91 -48.94
C LYS KA 202 -79.73 -12.02 -49.73
N SER KA 203 -78.74 -12.69 -49.13
CA SER KA 203 -78.09 -13.85 -49.79
C SER KA 203 -78.69 -15.11 -49.19
N THR KA 204 -79.22 -16.03 -50.01
CA THR KA 204 -79.94 -17.20 -49.44
C THR KA 204 -79.27 -18.51 -49.85
N THR KA 205 -79.00 -19.38 -48.87
CA THR KA 205 -78.41 -20.71 -49.17
C THR KA 205 -79.49 -21.57 -49.86
N LEU KA 206 -79.07 -22.49 -50.73
CA LEU KA 206 -80.05 -23.41 -51.35
C LEU KA 206 -81.01 -23.92 -50.28
N HIS KA 207 -80.50 -24.16 -49.08
CA HIS KA 207 -81.37 -24.68 -47.99
C HIS KA 207 -82.61 -23.79 -47.84
N LYS KA 208 -82.41 -22.48 -47.73
CA LYS KA 208 -83.53 -21.57 -47.57
C LYS KA 208 -84.47 -21.65 -48.76
N GLU KA 209 -83.90 -21.88 -49.94
CA GLU KA 209 -84.72 -21.94 -51.18
C GLU KA 209 -85.57 -23.21 -51.17
N ILE KA 210 -84.98 -24.36 -50.84
CA ILE KA 210 -85.74 -25.65 -50.89
C ILE KA 210 -86.78 -25.65 -49.77
N LEU KA 211 -86.42 -25.18 -48.57
CA LEU KA 211 -87.43 -25.07 -47.53
C LEU KA 211 -88.54 -24.13 -47.94
N GLN KA 212 -88.16 -23.02 -48.57
CA GLN KA 212 -89.17 -22.06 -49.09
C GLN KA 212 -89.96 -22.77 -50.20
N THR KA 213 -89.29 -23.64 -50.98
CA THR KA 213 -89.97 -24.35 -52.09
C THR KA 213 -91.17 -25.11 -51.54
N ASP KA 214 -92.35 -24.95 -52.16
CA ASP KA 214 -93.58 -25.61 -51.64
C ASP KA 214 -94.05 -26.63 -52.68
N SER KA 215 -93.94 -27.92 -52.35
CA SER KA 215 -94.31 -28.99 -53.31
C SER KA 215 -95.77 -29.40 -53.12
N ARG KA 216 -96.63 -29.08 -54.09
CA ARG KA 216 -98.05 -29.40 -54.00
C ARG KA 216 -98.34 -30.62 -54.86
N LEU KA 217 -98.93 -31.63 -54.25
CA LEU KA 217 -99.27 -32.85 -54.99
C LEU KA 217 -100.35 -32.53 -56.02
N SER KA 218 -100.26 -33.19 -57.17
CA SER KA 218 -101.23 -33.01 -58.25
C SER KA 218 -101.81 -34.37 -58.61
N SER KA 219 -103.13 -34.49 -58.50
CA SER KA 219 -103.84 -35.70 -58.86
C SER KA 219 -105.32 -35.38 -58.96
N ASP KA 220 -106.05 -36.25 -59.66
CA ASP KA 220 -107.50 -36.10 -59.73
C ASP KA 220 -108.16 -36.28 -58.37
N ILE KA 221 -107.46 -36.93 -57.43
CA ILE KA 221 -107.98 -37.04 -56.07
C ILE KA 221 -108.12 -35.67 -55.44
N PHE KA 222 -107.17 -34.78 -55.75
CA PHE KA 222 -107.17 -33.43 -55.14
C PHE KA 222 -107.06 -32.40 -56.27
N LYS KA 223 -108.20 -31.97 -56.82
CA LYS KA 223 -108.20 -31.07 -57.96
C LYS KA 223 -108.04 -29.62 -57.52
N GLU KA 224 -108.94 -29.13 -56.67
CA GLU KA 224 -108.91 -27.74 -56.23
C GLU KA 224 -107.73 -27.48 -55.29
N ILE LA 3 -88.98 -72.74 -38.28
CA ILE LA 3 -89.71 -72.67 -39.59
C ILE LA 3 -89.99 -71.21 -39.95
N ARG LA 4 -90.97 -70.96 -40.82
CA ARG LA 4 -91.19 -69.57 -41.29
C ARG LA 4 -92.62 -69.10 -41.01
N ASN LA 5 -92.79 -67.83 -40.63
CA ASN LA 5 -94.17 -67.29 -40.50
C ASN LA 5 -94.68 -67.10 -41.93
N ARG LA 6 -95.98 -67.33 -42.17
CA ARG LA 6 -96.49 -67.25 -43.57
C ARG LA 6 -96.91 -65.81 -43.88
N LEU LA 7 -96.30 -64.82 -43.21
CA LEU LA 7 -96.70 -63.44 -43.42
C LEU LA 7 -96.77 -63.08 -44.90
N SER LA 8 -95.72 -63.38 -45.65
CA SER LA 8 -95.74 -63.02 -47.06
C SER LA 8 -96.96 -63.61 -47.75
N GLU LA 9 -97.19 -64.90 -47.52
CA GLU LA 9 -98.38 -65.58 -48.12
C GLU LA 9 -99.67 -64.98 -47.55
N LEU LA 10 -99.69 -64.67 -46.26
CA LEU LA 10 -100.90 -64.14 -45.64
C LEU LA 10 -101.30 -62.80 -46.25
N LEU LA 11 -100.36 -61.86 -46.29
CA LEU LA 11 -100.68 -60.51 -46.84
C LEU LA 11 -100.85 -60.56 -48.36
N SER LA 12 -100.21 -61.51 -49.05
CA SER LA 12 -100.45 -61.65 -50.51
C SER LA 12 -101.92 -62.04 -50.69
N GLU LA 13 -102.40 -63.00 -49.89
CA GLU LA 13 -103.79 -63.40 -49.96
C GLU LA 13 -104.73 -62.25 -49.57
N ARG LA 14 -104.37 -61.52 -48.51
CA ARG LA 14 -105.19 -60.38 -48.09
C ARG LA 14 -105.08 -59.22 -49.06
N GLY LA 15 -103.96 -59.11 -49.77
CA GLY LA 15 -103.71 -57.97 -50.62
C GLY LA 15 -103.17 -56.75 -49.91
N LEU LA 16 -103.03 -56.83 -48.58
CA LEU LA 16 -102.57 -55.68 -47.78
C LEU LA 16 -101.06 -55.48 -47.95
N LYS LA 17 -100.57 -54.29 -47.61
CA LYS LA 17 -99.11 -54.00 -47.72
C LYS LA 17 -98.49 -54.02 -46.32
N ILE LA 18 -97.18 -54.24 -46.23
CA ILE LA 18 -96.52 -54.33 -44.90
C ILE LA 18 -96.75 -53.00 -44.17
N SER LA 19 -96.49 -51.88 -44.84
CA SER LA 19 -96.69 -50.55 -44.21
C SER LA 19 -98.11 -50.47 -43.63
N ARG LA 20 -99.11 -50.91 -44.40
CA ARG LA 20 -100.51 -50.84 -43.94
C ARG LA 20 -100.66 -51.65 -42.65
N VAL LA 21 -100.10 -52.87 -42.64
CA VAL LA 21 -100.17 -53.73 -41.42
C VAL LA 21 -99.44 -53.02 -40.27
N ALA LA 22 -98.26 -52.44 -40.54
CA ALA LA 22 -97.47 -51.81 -39.46
C ALA LA 22 -98.28 -50.67 -38.83
N LYS LA 23 -98.96 -49.88 -39.67
CA LYS LA 23 -99.79 -48.77 -39.16
C LYS LA 23 -100.90 -49.34 -38.27
N ASP LA 24 -101.32 -50.57 -38.55
CA ASP LA 24 -102.44 -51.16 -37.82
C ASP LA 24 -101.98 -51.78 -36.49
N VAL LA 25 -100.84 -52.48 -36.50
CA VAL LA 25 -100.41 -53.25 -35.28
C VAL LA 25 -99.32 -52.53 -34.49
N LYS LA 26 -98.95 -51.30 -34.86
CA LYS LA 26 -97.97 -50.53 -34.09
C LYS LA 26 -96.65 -51.29 -33.96
N ILE LA 27 -96.23 -51.91 -35.06
CA ILE LA 27 -94.93 -52.63 -35.09
C ILE LA 27 -94.02 -51.93 -36.09
N ALA LA 28 -92.74 -51.77 -35.76
CA ALA LA 28 -91.80 -51.04 -36.60
C ALA LA 28 -91.79 -51.60 -38.02
N ARG LA 29 -91.80 -50.70 -38.99
CA ARG LA 29 -91.89 -51.15 -40.42
C ARG LA 29 -90.69 -52.07 -40.73
N SER LA 30 -89.48 -51.64 -40.39
CA SER LA 30 -88.31 -52.43 -40.77
C SER LA 30 -88.37 -53.83 -40.18
N SER LA 31 -88.64 -53.93 -38.88
CA SER LA 31 -88.70 -55.23 -38.23
C SER LA 31 -89.83 -56.07 -38.81
N LEU LA 32 -91.00 -55.44 -39.02
CA LEU LA 32 -92.17 -56.21 -39.52
C LEU LA 32 -91.89 -56.69 -40.95
N THR LA 33 -91.29 -55.83 -41.79
CA THR LA 33 -91.06 -56.22 -43.20
C THR LA 33 -90.00 -57.32 -43.23
N SER LA 34 -88.98 -57.23 -42.36
CA SER LA 34 -88.01 -58.31 -42.29
C SER LA 34 -88.68 -59.60 -41.84
N MET LA 35 -89.57 -59.49 -40.85
CA MET LA 35 -90.26 -60.70 -40.30
C MET LA 35 -91.27 -61.19 -41.34
N ALA LA 36 -91.79 -60.29 -42.18
CA ALA LA 36 -92.68 -60.72 -43.27
C ALA LA 36 -91.92 -61.75 -44.11
N GLN LA 37 -90.64 -61.45 -44.40
CA GLN LA 37 -89.79 -62.44 -45.12
C GLN LA 37 -89.47 -63.56 -44.13
N ASN LA 38 -89.31 -64.78 -44.62
CA ASN LA 38 -89.01 -65.95 -43.75
C ASN LA 38 -87.57 -65.83 -43.24
N ASP LA 39 -86.80 -64.87 -43.76
CA ASP LA 39 -85.36 -64.75 -43.39
C ASP LA 39 -85.18 -64.53 -41.88
N SER LA 40 -86.05 -63.73 -41.26
CA SER LA 40 -85.88 -63.43 -39.81
C SER LA 40 -85.78 -64.75 -39.04
N GLU LA 41 -84.81 -64.86 -38.13
CA GLU LA 41 -84.64 -66.10 -37.32
C GLU LA 41 -85.29 -65.94 -35.94
N MET LA 42 -85.82 -64.75 -35.64
CA MET LA 42 -86.42 -64.50 -34.31
C MET LA 42 -87.75 -63.77 -34.47
N ILE LA 43 -88.70 -64.00 -33.55
CA ILE LA 43 -90.01 -63.29 -33.59
C ILE LA 43 -90.46 -63.03 -32.15
N ARG LA 44 -91.33 -62.04 -31.94
CA ARG LA 44 -91.77 -61.68 -30.57
C ARG LA 44 -93.20 -62.18 -30.34
N TYR LA 45 -93.51 -62.60 -29.12
CA TYR LA 45 -94.91 -63.02 -28.79
C TYR LA 45 -95.82 -61.81 -29.01
N ASP LA 46 -95.36 -60.62 -28.63
CA ASP LA 46 -96.17 -59.40 -28.90
C ASP LA 46 -96.50 -59.37 -30.39
N ALA LA 47 -95.49 -59.58 -31.24
CA ALA LA 47 -95.70 -59.55 -32.69
C ALA LA 47 -96.71 -60.61 -33.12
N ILE LA 48 -96.56 -61.83 -32.60
CA ILE LA 48 -97.47 -62.93 -33.04
C ILE LA 48 -98.89 -62.61 -32.54
N ASP LA 49 -99.01 -62.03 -31.34
CA ASP LA 49 -100.34 -61.67 -30.79
C ASP LA 49 -100.97 -60.63 -31.71
N LYS LA 50 -100.26 -59.54 -31.97
CA LYS LA 50 -100.83 -58.45 -32.75
C LYS LA 50 -101.18 -58.90 -34.17
N LEU LA 51 -100.29 -59.66 -34.81
CA LEU LA 51 -100.55 -60.07 -36.18
C LEU LA 51 -101.71 -61.06 -36.27
N CYS LA 52 -101.70 -62.05 -35.36
CA CYS LA 52 -102.78 -63.08 -35.39
C CYS LA 52 -104.13 -62.38 -35.16
N SER LA 53 -104.17 -61.41 -34.26
CA SER LA 53 -105.43 -60.68 -33.97
C SER LA 53 -105.82 -59.83 -35.18
N TYR LA 54 -104.88 -59.04 -35.71
CA TYR LA 54 -105.17 -58.16 -36.86
C TYR LA 54 -105.73 -58.99 -38.01
N LEU LA 55 -105.06 -60.09 -38.35
CA LEU LA 55 -105.53 -60.94 -39.44
C LEU LA 55 -106.66 -61.85 -39.01
N HIS LA 56 -107.02 -61.81 -37.72
CA HIS LA 56 -108.18 -62.60 -37.24
C HIS LA 56 -107.94 -64.09 -37.53
N ILE LA 57 -106.71 -64.56 -37.27
CA ILE LA 57 -106.36 -65.97 -37.59
C ILE LA 57 -105.56 -66.59 -36.44
N SER LA 58 -105.70 -67.91 -36.26
CA SER LA 58 -104.92 -68.64 -35.27
C SER LA 58 -103.48 -68.77 -35.73
N PRO LA 59 -102.50 -69.04 -34.82
CA PRO LA 59 -101.10 -69.20 -35.21
C PRO LA 59 -100.93 -70.35 -36.21
N SER LA 60 -101.88 -71.30 -36.23
CA SER LA 60 -101.81 -72.41 -37.20
C SER LA 60 -101.50 -71.84 -38.59
N GLU LA 61 -102.36 -70.96 -39.09
CA GLU LA 61 -102.13 -70.31 -40.41
C GLU LA 61 -100.88 -69.41 -40.33
N PHE LA 62 -100.69 -68.71 -39.21
CA PHE LA 62 -99.57 -67.74 -39.11
C PHE LA 62 -98.22 -68.45 -39.26
N PHE LA 63 -98.05 -69.63 -38.65
CA PHE LA 63 -96.76 -70.36 -38.72
C PHE LA 63 -96.91 -71.64 -39.55
N GLU LA 64 -96.04 -71.82 -40.55
CA GLU LA 64 -96.07 -73.07 -41.35
C GLU LA 64 -94.92 -73.96 -40.87
N HIS LA 65 -95.24 -75.15 -40.35
CA HIS LA 65 -94.18 -76.03 -39.80
C HIS LA 65 -94.22 -77.42 -40.43
N ASN LA 66 -93.06 -77.92 -40.88
CA ASN LA 66 -92.99 -79.31 -41.39
C ASN LA 66 -91.98 -80.03 -40.51
N PRO LA 67 -92.30 -81.17 -39.87
CA PRO LA 67 -91.37 -81.81 -38.93
C PRO LA 67 -90.06 -82.27 -39.57
N ILE LA 68 -89.94 -82.16 -40.89
CA ILE LA 68 -88.69 -82.70 -41.52
C ILE LA 68 -87.63 -81.60 -41.39
N ASN LA 69 -86.63 -81.84 -40.54
CA ASN LA 69 -85.60 -80.79 -40.28
C ASN LA 69 -84.36 -81.08 -41.13
N PHE LA 70 -83.92 -80.08 -41.90
CA PHE LA 70 -82.73 -80.25 -42.77
C PHE LA 70 -81.56 -79.46 -42.17
N ASP LA 71 -80.62 -80.16 -41.53
CA ASP LA 71 -79.44 -79.54 -40.95
C ASP LA 71 -78.26 -79.74 -41.89
N PHE LA 72 -77.50 -78.68 -42.12
CA PHE LA 72 -76.43 -78.67 -43.11
C PHE LA 72 -75.11 -78.39 -42.39
N THR LA 73 -74.09 -79.15 -42.81
CA THR LA 73 -72.72 -78.98 -42.28
C THR LA 73 -71.77 -78.95 -43.48
N PHE LA 74 -70.70 -78.16 -43.42
CA PHE LA 74 -69.77 -77.98 -44.51
C PHE LA 74 -68.39 -78.47 -44.11
N ASP LA 75 -67.55 -78.72 -45.13
CA ASP LA 75 -66.18 -79.23 -44.87
C ASP LA 75 -65.32 -78.19 -44.17
N GLU LA 76 -64.68 -78.58 -43.07
CA GLU LA 76 -63.74 -77.65 -42.38
C GLU LA 76 -62.69 -77.21 -43.40
N GLU LA 77 -62.12 -78.18 -44.14
CA GLU LA 77 -61.17 -77.82 -45.18
C GLU LA 77 -61.71 -78.28 -46.53
N PRO LA 78 -61.90 -77.36 -47.47
CA PRO LA 78 -62.41 -77.74 -48.79
C PRO LA 78 -61.28 -77.97 -49.79
N ASN LA 79 -61.63 -78.54 -50.94
CA ASN LA 79 -60.64 -78.69 -52.04
C ASN LA 79 -60.81 -77.45 -52.92
N TYR LA 80 -60.11 -76.37 -52.59
CA TYR LA 80 -60.33 -75.10 -53.32
C TYR LA 80 -59.06 -74.59 -53.99
N LYS LA 81 -59.14 -74.24 -55.27
CA LYS LA 81 -57.98 -73.60 -55.93
C LYS LA 81 -58.47 -72.28 -56.54
N ILE LA 82 -57.85 -71.15 -56.16
CA ILE LA 82 -58.34 -69.83 -56.65
C ILE LA 82 -57.17 -69.09 -57.30
N ASN LA 83 -57.04 -69.17 -58.63
CA ASN LA 83 -55.97 -68.44 -59.33
C ASN LA 83 -56.21 -66.93 -59.17
N ASP LA 84 -55.13 -66.16 -59.00
CA ASP LA 84 -55.27 -64.70 -58.86
C ASP LA 84 -54.93 -64.07 -60.22
N VAL LA 85 -55.92 -63.43 -60.85
CA VAL LA 85 -55.68 -62.71 -62.12
C VAL LA 85 -56.12 -61.26 -61.89
N PHE LA 86 -55.19 -60.37 -61.51
CA PHE LA 86 -55.58 -58.99 -61.15
C PHE LA 86 -55.68 -58.13 -62.42
N GLU LA 87 -56.78 -58.26 -63.16
CA GLU LA 87 -57.00 -57.43 -64.37
C GLU LA 87 -57.64 -56.11 -63.95
N GLY LA 88 -56.87 -55.20 -63.33
CA GLY LA 88 -57.42 -53.87 -63.00
C GLY LA 88 -58.73 -53.96 -62.21
N PHE LA 89 -58.77 -54.76 -61.15
CA PHE LA 89 -59.98 -54.81 -60.29
C PHE LA 89 -60.23 -53.43 -59.68
N GLU LA 90 -59.15 -52.74 -59.28
CA GLU LA 90 -59.30 -51.42 -58.61
C GLU LA 90 -59.98 -50.45 -59.57
N VAL LA 91 -59.65 -50.51 -60.87
CA VAL LA 91 -60.26 -49.58 -61.87
C VAL LA 91 -61.62 -50.13 -62.31
N THR LA 92 -61.77 -51.46 -62.44
CA THR LA 92 -63.11 -52.02 -62.77
C THR LA 92 -63.51 -52.99 -61.66
N ALA LA 93 -64.63 -52.73 -60.97
CA ALA LA 93 -65.01 -53.57 -59.81
C ALA LA 93 -65.75 -54.82 -60.26
N ASN LA 94 -65.04 -55.77 -60.89
CA ASN LA 94 -65.67 -57.05 -61.29
C ASN LA 94 -64.89 -58.19 -60.62
N ILE LA 95 -65.59 -59.10 -59.92
CA ILE LA 95 -64.93 -60.23 -59.23
C ILE LA 95 -64.02 -60.92 -60.24
N THR LA 96 -64.48 -61.06 -61.49
CA THR LA 96 -63.65 -61.67 -62.56
C THR LA 96 -62.31 -60.93 -62.65
N HIS LA 97 -62.34 -59.59 -62.60
CA HIS LA 97 -61.10 -58.77 -62.74
C HIS LA 97 -60.16 -59.04 -61.56
N ALA LA 98 -60.74 -59.26 -60.37
CA ALA LA 98 -59.94 -59.51 -59.15
C ALA LA 98 -59.28 -60.89 -59.18
N PHE LA 99 -60.01 -61.94 -59.55
CA PHE LA 99 -59.45 -63.32 -59.52
C PHE LA 99 -60.40 -64.29 -60.23
N SER LA 100 -60.12 -65.59 -60.16
CA SER LA 100 -61.03 -66.56 -60.75
C SER LA 100 -60.87 -67.88 -60.02
N ILE LA 101 -61.98 -68.58 -59.80
CA ILE LA 101 -61.94 -69.86 -59.12
C ILE LA 101 -61.53 -70.93 -60.14
N GLU LA 102 -60.35 -71.52 -59.94
CA GLU LA 102 -59.96 -72.64 -60.77
C GLU LA 102 -60.86 -73.84 -60.50
N ASN LA 103 -61.07 -74.15 -59.21
CA ASN LA 103 -62.02 -75.17 -58.81
C ASN LA 103 -62.34 -74.95 -57.34
N PHE LA 104 -63.55 -75.34 -56.94
CA PHE LA 104 -63.97 -75.26 -55.54
C PHE LA 104 -64.97 -76.40 -55.32
N ASP LA 105 -64.40 -77.54 -54.90
CA ASP LA 105 -65.26 -78.71 -54.60
C ASP LA 105 -65.11 -79.05 -53.12
N PHE LA 106 -66.17 -79.54 -52.50
CA PHE LA 106 -66.19 -79.90 -51.09
C PHE LA 106 -67.42 -80.74 -50.81
N GLU LA 107 -67.56 -81.11 -49.54
CA GLU LA 107 -68.67 -82.01 -49.18
C GLU LA 107 -69.64 -81.31 -48.23
N ILE LA 108 -70.92 -81.32 -48.60
CA ILE LA 108 -71.99 -80.73 -47.75
C ILE LA 108 -72.81 -81.88 -47.18
N LEU LA 109 -72.74 -82.09 -45.87
CA LEU LA 109 -73.46 -83.20 -45.19
C LEU LA 109 -74.82 -82.68 -44.73
N VAL LA 110 -75.89 -83.34 -45.15
CA VAL LA 110 -77.27 -82.92 -44.75
C VAL LA 110 -77.87 -84.03 -43.90
N ASP LA 111 -78.13 -83.73 -42.61
CA ASP LA 111 -78.72 -84.74 -41.69
C ASP LA 111 -80.24 -84.54 -41.66
N VAL LA 112 -80.93 -85.02 -42.70
CA VAL LA 112 -82.36 -84.84 -42.79
C VAL LA 112 -83.04 -85.68 -41.70
N GLU LA 113 -83.92 -85.05 -40.94
CA GLU LA 113 -84.58 -85.71 -39.82
C GLU LA 113 -86.08 -85.73 -40.06
N LEU LA 114 -86.66 -86.92 -39.96
CA LEU LA 114 -88.11 -87.05 -40.06
C LEU LA 114 -88.76 -86.68 -38.73
N ASP LA 115 -90.07 -86.92 -38.66
CA ASP LA 115 -90.76 -86.67 -37.36
C ASP LA 115 -90.04 -87.51 -36.30
N ASN LA 116 -89.81 -88.79 -36.59
CA ASN LA 116 -89.12 -89.66 -35.60
C ASN LA 116 -87.65 -89.25 -35.56
N ARG LA 117 -86.98 -89.53 -34.44
CA ARG LA 117 -85.55 -89.13 -34.27
C ARG LA 117 -84.70 -89.78 -35.37
N GLN LA 118 -85.23 -90.79 -36.06
CA GLN LA 118 -84.50 -91.41 -37.19
C GLN LA 118 -84.01 -90.29 -38.13
N LYS LA 119 -82.69 -90.16 -38.29
CA LYS LA 119 -82.13 -89.09 -39.16
C LYS LA 119 -81.33 -89.72 -40.32
N LEU LA 120 -81.51 -89.21 -41.54
CA LEU LA 120 -80.79 -89.75 -42.72
C LEU LA 120 -79.79 -88.69 -43.19
N ASN LA 121 -78.52 -89.09 -43.39
CA ASN LA 121 -77.47 -88.11 -43.78
C ASN LA 121 -77.21 -88.23 -45.28
N PHE LA 122 -77.16 -87.12 -46.01
CA PHE LA 122 -76.87 -87.13 -47.46
C PHE LA 122 -75.61 -86.31 -47.73
N ASP LA 123 -74.65 -86.90 -48.47
CA ASP LA 123 -73.36 -86.20 -48.73
C ASP LA 123 -73.43 -85.55 -50.11
N LEU LA 124 -73.01 -84.29 -50.21
CA LEU LA 124 -73.13 -83.55 -51.51
C LEU LA 124 -71.74 -83.19 -52.02
N ASP LA 125 -71.27 -83.85 -53.08
CA ASP LA 125 -69.97 -83.41 -53.67
C ASP LA 125 -70.31 -82.18 -54.50
N VAL LA 126 -70.05 -80.99 -53.93
CA VAL LA 126 -70.42 -79.71 -54.60
C VAL LA 126 -69.17 -79.06 -55.16
N SER LA 127 -69.15 -78.75 -56.46
CA SER LA 127 -68.02 -78.16 -57.13
C SER LA 127 -68.43 -76.84 -57.79
N TYR LA 128 -67.51 -75.87 -57.73
CA TYR LA 128 -67.70 -74.63 -58.46
C TYR LA 128 -67.83 -74.91 -59.94
N LYS LA 129 -68.80 -74.28 -60.60
CA LYS LA 129 -69.02 -74.48 -62.02
C LYS LA 129 -68.75 -73.24 -62.85
N GLU LA 130 -69.27 -72.09 -62.43
CA GLU LA 130 -69.16 -70.88 -63.25
C GLU LA 130 -69.39 -69.66 -62.36
N THR LA 131 -68.66 -68.58 -62.66
CA THR LA 131 -68.86 -67.29 -61.94
C THR LA 131 -69.91 -66.49 -62.72
N GLU LA 132 -71.18 -66.85 -62.57
CA GLU LA 132 -72.27 -66.20 -63.27
C GLU LA 132 -72.29 -64.71 -62.95
N LYS LA 133 -72.38 -63.91 -64.02
CA LYS LA 133 -72.37 -62.43 -63.86
C LYS LA 133 -73.81 -61.92 -63.91
N ILE LA 134 -74.42 -61.71 -62.75
CA ILE LA 134 -75.79 -61.22 -62.66
C ILE LA 134 -75.91 -59.82 -63.24
N THR LA 135 -75.00 -58.92 -62.86
CA THR LA 135 -74.99 -57.55 -63.35
C THR LA 135 -73.57 -57.19 -63.74
N ASN LA 136 -73.43 -56.09 -64.47
CA ASN LA 136 -72.11 -55.58 -64.78
C ASN LA 136 -71.37 -55.21 -63.50
N SER LA 137 -72.13 -54.96 -62.43
CA SER LA 137 -71.51 -54.53 -61.15
C SER LA 137 -71.10 -55.75 -60.33
N GLN LA 138 -71.99 -56.72 -60.15
CA GLN LA 138 -71.67 -57.86 -59.24
C GLN LA 138 -71.92 -59.21 -59.94
N HIS LA 139 -71.34 -60.28 -59.40
CA HIS LA 139 -71.49 -61.63 -60.02
C HIS LA 139 -72.01 -62.60 -58.95
N ARG LA 140 -72.60 -63.71 -59.37
CA ARG LA 140 -73.00 -64.76 -58.39
C ARG LA 140 -72.23 -66.05 -58.72
N PHE LA 141 -71.48 -66.58 -57.76
CA PHE LA 141 -70.80 -67.88 -58.00
C PHE LA 141 -71.85 -68.98 -58.11
N ILE LA 142 -71.69 -69.90 -59.07
CA ILE LA 142 -72.66 -71.01 -59.24
C ILE LA 142 -71.96 -72.33 -58.93
N PHE LA 143 -72.54 -73.13 -58.05
CA PHE LA 143 -71.98 -74.46 -57.72
C PHE LA 143 -72.92 -75.56 -58.21
N THR LA 144 -72.43 -76.80 -58.28
CA THR LA 144 -73.22 -77.90 -58.78
C THR LA 144 -72.88 -79.16 -58.00
N ILE LA 145 -73.91 -79.99 -57.74
CA ILE LA 145 -73.70 -81.22 -56.94
C ILE LA 145 -73.36 -82.38 -57.91
N LYS LA 146 -72.13 -82.89 -57.83
CA LYS LA 146 -71.70 -84.03 -58.69
C LYS LA 146 -72.50 -85.29 -58.33
N ASN LA 147 -72.78 -85.51 -57.05
CA ASN LA 147 -73.48 -86.77 -56.63
C ASN LA 147 -74.97 -86.50 -56.42
N GLU LA 148 -75.51 -85.49 -57.12
CA GLU LA 148 -76.95 -85.13 -56.95
C GLU LA 148 -77.81 -86.35 -57.32
N ASP LA 149 -77.40 -87.12 -58.32
CA ASP LA 149 -78.16 -88.33 -58.72
C ASP LA 149 -78.21 -89.31 -57.54
N GLU LA 150 -77.11 -89.44 -56.80
CA GLU LA 150 -77.10 -90.29 -55.58
C GLU LA 150 -78.09 -89.72 -54.57
N ASN LA 151 -78.14 -88.39 -54.44
CA ASN LA 151 -79.01 -87.75 -53.42
C ASN LA 151 -80.40 -87.53 -54.02
N ILE LA 152 -80.85 -88.43 -54.90
CA ILE LA 152 -82.21 -88.34 -55.51
C ILE LA 152 -83.23 -88.46 -54.38
N GLY LA 153 -82.96 -89.31 -53.39
CA GLY LA 153 -83.87 -89.44 -52.22
C GLY LA 153 -83.96 -88.12 -51.48
N LEU LA 154 -82.85 -87.40 -51.35
CA LEU LA 154 -82.86 -86.07 -50.70
C LEU LA 154 -83.85 -85.18 -51.46
N LYS LA 155 -83.73 -85.15 -52.79
CA LYS LA 155 -84.64 -84.30 -53.60
C LYS LA 155 -86.08 -84.71 -53.32
N LYS LA 156 -86.34 -86.03 -53.26
CA LYS LA 156 -87.70 -86.52 -52.95
C LYS LA 156 -88.17 -85.91 -51.63
N TYR LA 157 -87.29 -85.82 -50.63
CA TYR LA 157 -87.66 -85.22 -49.33
C TYR LA 157 -87.84 -83.71 -49.49
N VAL LA 158 -86.95 -83.05 -50.22
CA VAL LA 158 -87.05 -81.58 -50.44
C VAL LA 158 -88.41 -81.27 -51.08
N ASP LA 159 -88.71 -81.89 -52.23
CA ASP LA 159 -89.95 -81.58 -52.92
C ASP LA 159 -91.18 -82.06 -52.15
N SER LA 160 -90.96 -82.87 -51.12
CA SER LA 160 -92.10 -83.37 -50.28
C SER LA 160 -92.61 -82.26 -49.36
N LEU LA 161 -91.91 -81.12 -49.30
CA LEU LA 161 -92.33 -80.02 -48.44
C LEU LA 161 -93.15 -79.01 -49.22
N SER LA 162 -93.65 -77.99 -48.51
CA SER LA 162 -94.40 -76.93 -49.15
C SER LA 162 -93.48 -76.02 -49.95
N ALA LA 163 -94.07 -75.34 -50.94
CA ALA LA 163 -93.29 -74.46 -51.80
C ALA LA 163 -92.63 -73.34 -51.00
N GLY LA 164 -93.36 -72.78 -50.03
CA GLY LA 164 -92.75 -71.77 -49.18
C GLY LA 164 -91.59 -72.32 -48.37
N LEU LA 165 -91.79 -73.49 -47.78
CA LEU LA 165 -90.70 -74.12 -47.02
C LEU LA 165 -89.55 -74.51 -47.95
N LYS LA 166 -89.86 -74.97 -49.16
CA LYS LA 166 -88.81 -75.25 -50.12
C LYS LA 166 -88.00 -74.00 -50.42
N ASN LA 167 -88.66 -72.87 -50.64
CA ASN LA 167 -87.96 -71.61 -50.90
C ASN LA 167 -87.12 -71.20 -49.69
N LEU LA 168 -87.66 -71.39 -48.48
CA LEU LA 168 -86.89 -71.09 -47.28
C LEU LA 168 -85.63 -71.95 -47.23
N LEU LA 169 -85.76 -73.26 -47.49
CA LEU LA 169 -84.51 -74.07 -47.53
C LEU LA 169 -83.57 -73.50 -48.60
N PHE LA 170 -84.05 -73.28 -49.82
CA PHE LA 170 -83.12 -72.79 -50.84
C PHE LA 170 -82.40 -71.55 -50.34
N LYS LA 171 -83.14 -70.65 -49.71
CA LYS LA 171 -82.52 -69.41 -49.17
C LYS LA 171 -81.44 -69.81 -48.16
N LYS LA 172 -81.78 -70.66 -47.20
CA LYS LA 172 -80.81 -71.03 -46.17
C LYS LA 172 -79.57 -71.66 -46.77
N ILE LA 173 -79.75 -72.57 -47.73
CA ILE LA 173 -78.61 -73.22 -48.37
C ILE LA 173 -77.76 -72.18 -49.08
N ASN LA 174 -78.41 -71.32 -49.87
CA ASN LA 174 -77.68 -70.27 -50.63
C ASN LA 174 -76.91 -69.40 -49.65
N GLN LA 175 -77.56 -68.95 -48.57
CA GLN LA 175 -76.93 -68.01 -47.66
C GLN LA 175 -75.72 -68.65 -46.99
N LYS LA 176 -75.89 -69.88 -46.50
CA LYS LA 176 -74.76 -70.60 -45.85
C LYS LA 176 -73.63 -70.75 -46.87
N LEU LA 177 -73.96 -71.17 -48.10
CA LEU LA 177 -72.95 -71.40 -49.12
C LEU LA 177 -72.23 -70.10 -49.47
N SER LA 178 -73.00 -69.03 -49.62
CA SER LA 178 -72.40 -67.71 -49.93
C SER LA 178 -71.42 -67.35 -48.81
N GLY LA 179 -71.89 -67.37 -47.56
CA GLY LA 179 -71.04 -67.01 -46.46
C GLY LA 179 -69.76 -67.84 -46.42
N TYR LA 180 -69.93 -69.15 -46.62
CA TYR LA 180 -68.77 -70.07 -46.60
C TYR LA 180 -67.78 -69.68 -47.70
N VAL LA 181 -68.27 -69.55 -48.94
CA VAL LA 181 -67.40 -69.25 -50.07
C VAL LA 181 -66.72 -67.90 -49.89
N SER LA 182 -67.48 -66.88 -49.46
CA SER LA 182 -66.88 -65.57 -49.26
C SER LA 182 -65.82 -65.61 -48.17
N GLU LA 183 -66.10 -66.39 -47.11
CA GLU LA 183 -65.11 -66.54 -46.01
C GLU LA 183 -63.82 -67.15 -46.55
N ILE LA 184 -63.93 -68.27 -47.25
CA ILE LA 184 -62.72 -68.95 -47.80
C ILE LA 184 -61.99 -67.95 -48.70
N ILE LA 185 -62.69 -67.36 -49.66
CA ILE LA 185 -62.01 -66.46 -50.64
C ILE LA 185 -61.36 -65.27 -49.93
N VAL LA 186 -62.02 -64.67 -48.95
CA VAL LA 186 -61.48 -63.46 -48.33
C VAL LA 186 -60.22 -63.79 -47.55
N LYS LA 187 -60.14 -65.02 -47.05
CA LYS LA 187 -58.90 -65.46 -46.37
C LYS LA 187 -57.84 -65.76 -47.43
N ASN LA 188 -58.24 -66.21 -48.62
CA ASN LA 188 -57.24 -66.61 -49.65
C ASN LA 188 -56.81 -65.41 -50.50
N ILE LA 189 -57.65 -64.37 -50.62
CA ILE LA 189 -57.31 -63.24 -51.54
C ILE LA 189 -57.00 -61.99 -50.73
N ASP LA 190 -55.87 -61.35 -51.02
CA ASP LA 190 -55.46 -60.13 -50.27
C ASP LA 190 -56.46 -59.02 -50.55
N ASP LA 191 -56.46 -57.97 -49.72
CA ASP LA 191 -57.38 -56.84 -49.95
C ASP LA 191 -57.04 -56.21 -51.30
N ILE LA 192 -58.05 -55.99 -52.15
CA ILE LA 192 -57.80 -55.31 -53.45
C ILE LA 192 -58.71 -54.07 -53.41
N GLU LA 193 -58.35 -53.07 -52.61
CA GLU LA 193 -59.26 -51.90 -52.45
C GLU LA 193 -59.59 -51.32 -53.83
N GLU LA 194 -60.83 -50.84 -54.00
CA GLU LA 194 -61.23 -50.20 -55.27
C GLU LA 194 -60.84 -48.72 -55.16
N LEU LA 195 -59.82 -48.28 -55.90
CA LEU LA 195 -59.31 -46.89 -55.75
C LEU LA 195 -60.42 -45.89 -56.09
N PHE LA 196 -61.20 -46.18 -57.14
CA PHE LA 196 -62.25 -45.20 -57.58
C PHE LA 196 -63.60 -45.70 -57.05
N PRO LA 197 -64.33 -44.95 -56.19
CA PRO LA 197 -65.67 -45.37 -55.76
C PRO LA 197 -66.50 -45.83 -56.97
N ASN LA 198 -67.30 -46.88 -56.81
CA ASN LA 198 -68.05 -47.41 -57.98
C ASN LA 198 -69.20 -46.46 -58.29
N LYS LA 199 -69.17 -45.83 -59.48
CA LYS LA 199 -70.21 -44.84 -59.89
C LYS LA 199 -69.91 -43.55 -59.13
N GLY LA 200 -68.87 -43.57 -58.29
CA GLY LA 200 -68.50 -42.39 -57.48
C GLY LA 200 -69.36 -42.33 -56.22
N GLU LA 201 -70.38 -43.19 -56.14
CA GLU LA 201 -71.31 -43.18 -54.98
C GLU LA 201 -70.58 -43.63 -53.70
N LYS LA 202 -69.81 -44.72 -53.79
CA LYS LA 202 -69.10 -45.26 -52.60
C LYS LA 202 -67.89 -46.09 -53.05
N SER LA 203 -66.84 -46.13 -52.24
CA SER LA 203 -65.66 -46.98 -52.57
C SER LA 203 -65.76 -48.31 -51.82
N THR LA 204 -65.78 -49.43 -52.54
CA THR LA 204 -65.93 -50.76 -51.91
C THR LA 204 -64.73 -51.66 -52.24
N THR LA 205 -64.11 -52.25 -51.21
CA THR LA 205 -62.94 -53.15 -51.41
C THR LA 205 -63.40 -54.50 -51.96
N LEU LA 206 -62.49 -55.23 -52.62
CA LEU LA 206 -62.84 -56.59 -53.10
C LEU LA 206 -63.52 -57.37 -51.98
N HIS LA 207 -62.98 -57.29 -50.77
CA HIS LA 207 -63.60 -58.01 -49.62
C HIS LA 207 -65.11 -57.72 -49.58
N LYS LA 208 -65.48 -56.44 -49.63
CA LYS LA 208 -66.89 -56.08 -49.57
C LYS LA 208 -67.65 -56.68 -50.74
N GLU LA 209 -66.97 -56.76 -51.89
CA GLU LA 209 -67.62 -57.30 -53.11
C GLU LA 209 -67.88 -58.80 -52.96
N ILE LA 210 -66.87 -59.55 -52.50
CA ILE LA 210 -67.02 -61.03 -52.40
C ILE LA 210 -68.01 -61.35 -51.28
N LEU LA 211 -67.95 -60.65 -50.14
CA LEU LA 211 -68.95 -60.87 -49.12
C LEU LA 211 -70.34 -60.54 -49.65
N GLN LA 212 -70.43 -59.44 -50.40
CA GLN LA 212 -71.72 -59.05 -51.03
C GLN LA 212 -72.09 -60.15 -52.04
N THR LA 213 -71.08 -60.73 -52.70
CA THR LA 213 -71.34 -61.76 -53.74
C THR LA 213 -72.14 -62.90 -53.10
N ASP LA 214 -73.24 -63.32 -53.74
CA ASP LA 214 -74.11 -64.37 -53.14
C ASP LA 214 -74.06 -65.60 -54.05
N SER LA 215 -73.43 -66.68 -53.57
CA SER LA 215 -73.28 -67.91 -54.40
C SER LA 215 -74.44 -68.88 -54.16
N ARG LA 216 -75.31 -69.06 -55.17
CA ARG LA 216 -76.46 -69.94 -55.04
C ARG LA 216 -76.18 -71.24 -55.75
N LEU LA 217 -76.31 -72.34 -55.03
CA LEU LA 217 -76.08 -73.66 -55.61
C LEU LA 217 -77.14 -73.94 -56.67
N SER LA 218 -76.72 -74.62 -57.74
CA SER LA 218 -77.62 -74.98 -58.84
C SER LA 218 -77.56 -76.48 -59.04
N SER LA 219 -78.72 -77.13 -58.90
CA SER LA 219 -78.83 -78.56 -59.13
C SER LA 219 -80.31 -78.91 -59.26
N ASP LA 220 -80.58 -80.07 -59.85
CA ASP LA 220 -81.95 -80.55 -59.94
C ASP LA 220 -82.53 -80.85 -58.56
N ILE LA 221 -81.68 -81.05 -57.55
CA ILE LA 221 -82.16 -81.22 -56.19
C ILE LA 221 -82.90 -79.97 -55.72
N PHE LA 222 -82.39 -78.81 -56.14
CA PHE LA 222 -82.98 -77.52 -55.70
C PHE LA 222 -83.27 -76.67 -56.94
N LYS LA 223 -84.45 -76.83 -57.54
CA LYS LA 223 -84.77 -76.13 -58.78
C LYS LA 223 -85.26 -74.71 -58.51
N GLU LA 224 -86.33 -74.57 -57.72
CA GLU LA 224 -86.90 -73.25 -57.45
C GLU LA 224 -85.98 -72.42 -56.55
N ILE MA 3 -51.78 -106.10 -35.33
CA ILE MA 3 -52.68 -104.96 -34.96
C ILE MA 3 -52.99 -104.12 -36.21
N ARG MA 4 -54.23 -104.12 -36.66
CA ARG MA 4 -54.57 -103.37 -37.90
C ARG MA 4 -55.98 -102.79 -37.75
N ASN MA 5 -56.08 -101.48 -37.57
CA ASN MA 5 -57.42 -100.86 -37.52
C ASN MA 5 -58.07 -101.13 -38.87
N ARG MA 6 -59.30 -101.64 -38.87
CA ARG MA 6 -60.03 -101.86 -40.13
C ARG MA 6 -61.07 -100.75 -40.32
N LEU MA 7 -61.07 -99.71 -39.47
CA LEU MA 7 -62.04 -98.62 -39.72
C LEU MA 7 -62.00 -98.30 -41.22
N SER MA 8 -60.79 -98.05 -41.73
CA SER MA 8 -60.63 -97.72 -43.18
C SER MA 8 -61.35 -98.78 -44.02
N GLU MA 9 -61.01 -100.05 -43.83
CA GLU MA 9 -61.62 -101.14 -44.64
C GLU MA 9 -63.13 -101.14 -44.42
N LEU MA 10 -63.57 -101.12 -43.15
CA LEU MA 10 -64.99 -101.13 -42.84
C LEU MA 10 -65.73 -100.02 -43.57
N LEU MA 11 -65.14 -98.82 -43.59
CA LEU MA 11 -65.78 -97.68 -44.28
C LEU MA 11 -65.84 -97.96 -45.79
N SER MA 12 -64.78 -98.54 -46.37
CA SER MA 12 -64.82 -98.89 -47.77
C SER MA 12 -65.89 -99.93 -48.03
N GLU MA 13 -66.07 -100.88 -47.10
CA GLU MA 13 -67.16 -101.84 -47.21
C GLU MA 13 -68.52 -101.16 -47.23
N ARG MA 14 -68.76 -100.26 -46.28
CA ARG MA 14 -70.05 -99.61 -46.13
C ARG MA 14 -70.15 -98.30 -46.92
N GLY MA 15 -69.07 -97.89 -47.58
CA GLY MA 15 -69.11 -96.68 -48.38
C GLY MA 15 -69.27 -95.42 -47.55
N LEU MA 16 -69.16 -95.55 -46.24
CA LEU MA 16 -69.37 -94.42 -45.35
C LEU MA 16 -68.21 -93.43 -45.43
N LYS MA 17 -68.54 -92.17 -45.71
CA LYS MA 17 -67.48 -91.13 -45.77
C LYS MA 17 -66.93 -90.92 -44.36
N ILE MA 18 -65.64 -90.57 -44.25
CA ILE MA 18 -65.01 -90.35 -42.92
C ILE MA 18 -65.75 -89.21 -42.20
N SER MA 19 -66.10 -88.15 -42.94
CA SER MA 19 -66.78 -86.98 -42.32
C SER MA 19 -68.12 -87.44 -41.74
N ARG MA 20 -68.84 -88.30 -42.47
CA ARG MA 20 -70.16 -88.77 -42.00
C ARG MA 20 -69.99 -89.49 -40.66
N VAL MA 21 -69.00 -90.39 -40.59
CA VAL MA 21 -68.77 -91.15 -39.33
C VAL MA 21 -68.44 -90.15 -38.23
N ALA MA 22 -67.55 -89.19 -38.50
CA ALA MA 22 -67.09 -88.25 -37.45
C ALA MA 22 -68.29 -87.49 -36.88
N LYS MA 23 -69.19 -87.05 -37.76
CA LYS MA 23 -70.40 -86.31 -37.30
C LYS MA 23 -71.25 -87.20 -36.40
N ASP MA 24 -71.53 -88.43 -36.84
CA ASP MA 24 -72.41 -89.32 -36.10
C ASP MA 24 -71.81 -89.67 -34.74
N VAL MA 25 -70.49 -89.91 -34.69
CA VAL MA 25 -69.85 -90.36 -33.41
C VAL MA 25 -69.22 -89.17 -32.66
N LYS MA 26 -69.48 -87.95 -33.11
CA LYS MA 26 -69.00 -86.75 -32.41
C LYS MA 26 -67.50 -86.83 -32.13
N ILE MA 27 -66.74 -87.23 -33.15
CA ILE MA 27 -65.25 -87.31 -33.03
C ILE MA 27 -64.65 -86.40 -34.12
N ALA MA 28 -63.49 -85.79 -33.86
CA ALA MA 28 -62.87 -84.88 -34.81
C ALA MA 28 -62.59 -85.59 -36.12
N ARG MA 29 -62.85 -84.91 -37.24
CA ARG MA 29 -62.55 -85.52 -38.56
C ARG MA 29 -61.04 -85.78 -38.65
N SER MA 30 -60.22 -84.82 -38.23
CA SER MA 30 -58.78 -84.98 -38.36
C SER MA 30 -58.30 -86.23 -37.62
N SER MA 31 -58.71 -86.39 -36.36
CA SER MA 31 -58.31 -87.56 -35.60
C SER MA 31 -58.84 -88.84 -36.23
N LEU MA 32 -60.10 -88.79 -36.68
CA LEU MA 32 -60.72 -90.03 -37.24
C LEU MA 32 -59.96 -90.41 -38.52
N THR MA 33 -59.59 -89.43 -39.35
CA THR MA 33 -58.93 -89.76 -40.63
C THR MA 33 -57.49 -90.23 -40.34
N SER MA 34 -56.84 -89.62 -39.35
CA SER MA 34 -55.50 -90.06 -39.00
C SER MA 34 -55.51 -91.49 -38.49
N MET MA 35 -56.54 -91.81 -37.71
CA MET MA 35 -56.69 -93.15 -37.11
C MET MA 35 -57.26 -94.14 -38.12
N ALA MA 36 -57.82 -93.65 -39.23
CA ALA MA 36 -58.49 -94.55 -40.19
C ALA MA 36 -57.50 -95.58 -40.76
N GLN MA 37 -56.30 -95.15 -41.17
CA GLN MA 37 -55.31 -96.09 -41.76
C GLN MA 37 -54.40 -96.61 -40.63
N ASN MA 38 -54.85 -96.51 -39.38
CA ASN MA 38 -54.02 -96.95 -38.23
C ASN MA 38 -52.65 -96.25 -38.35
N ASP MA 39 -52.66 -94.95 -38.67
CA ASP MA 39 -51.39 -94.18 -38.75
C ASP MA 39 -51.00 -93.78 -37.32
N SER MA 40 -51.95 -93.19 -36.58
CA SER MA 40 -51.68 -92.78 -35.18
C SER MA 40 -51.38 -94.02 -34.34
N GLU MA 41 -50.42 -93.91 -33.41
CA GLU MA 41 -50.03 -95.07 -32.56
C GLU MA 41 -50.78 -94.99 -31.22
N MET MA 42 -51.70 -94.04 -31.08
CA MET MA 42 -52.51 -93.95 -29.83
C MET MA 42 -54.00 -93.94 -30.20
N ILE MA 43 -54.81 -94.72 -29.48
CA ILE MA 43 -56.28 -94.80 -29.74
C ILE MA 43 -57.03 -94.61 -28.42
N ARG MA 44 -58.07 -93.78 -28.41
CA ARG MA 44 -58.88 -93.53 -27.22
C ARG MA 44 -59.91 -94.64 -27.05
N TYR MA 45 -60.09 -95.08 -25.80
CA TYR MA 45 -61.15 -96.03 -25.50
C TYR MA 45 -62.51 -95.49 -25.92
N ASP MA 46 -62.72 -94.19 -25.73
CA ASP MA 46 -63.97 -93.58 -26.17
C ASP MA 46 -64.15 -93.73 -27.68
N ALA MA 47 -63.06 -93.51 -28.42
CA ALA MA 47 -63.14 -93.59 -29.89
C ALA MA 47 -63.58 -95.01 -30.30
N ILE MA 48 -62.89 -96.04 -29.82
CA ILE MA 48 -63.20 -97.39 -30.23
C ILE MA 48 -64.58 -97.79 -29.77
N ASP MA 49 -64.96 -97.37 -28.55
CA ASP MA 49 -66.31 -97.68 -28.04
C ASP MA 49 -67.35 -97.09 -28.99
N LYS MA 50 -67.22 -95.80 -29.33
CA LYS MA 50 -68.18 -95.14 -30.18
C LYS MA 50 -68.21 -95.78 -31.57
N LEU MA 51 -67.05 -96.12 -32.10
CA LEU MA 51 -67.01 -96.74 -33.43
C LEU MA 51 -67.66 -98.11 -33.42
N CYS MA 52 -67.41 -98.90 -32.38
CA CYS MA 52 -68.00 -100.23 -32.30
C CYS MA 52 -69.51 -100.16 -32.17
N SER MA 53 -70.01 -99.28 -31.29
CA SER MA 53 -71.44 -99.12 -31.18
C SER MA 53 -72.05 -98.60 -32.48
N TYR MA 54 -71.38 -97.63 -33.11
CA TYR MA 54 -71.91 -97.02 -34.32
C TYR MA 54 -71.91 -98.00 -35.49
N LEU MA 55 -70.86 -98.78 -35.62
CA LEU MA 55 -70.74 -99.73 -36.73
C LEU MA 55 -71.37 -101.08 -36.42
N HIS MA 56 -71.95 -101.25 -35.24
CA HIS MA 56 -72.57 -102.52 -34.84
C HIS MA 56 -71.59 -103.66 -34.94
N ILE MA 57 -70.38 -103.46 -34.41
CA ILE MA 57 -69.30 -104.44 -34.51
C ILE MA 57 -68.68 -104.65 -33.14
N SER MA 58 -68.12 -105.83 -32.94
CA SER MA 58 -67.24 -106.07 -31.81
C SER MA 58 -65.86 -105.51 -32.12
N PRO MA 59 -65.01 -105.20 -31.10
CA PRO MA 59 -63.71 -104.58 -31.37
C PRO MA 59 -62.87 -105.53 -32.22
N SER MA 60 -63.33 -106.77 -32.38
CA SER MA 60 -62.60 -107.78 -33.20
C SER MA 60 -62.50 -107.29 -34.65
N GLU MA 61 -63.60 -106.76 -35.19
CA GLU MA 61 -63.59 -106.33 -36.62
C GLU MA 61 -62.83 -105.00 -36.75
N PHE MA 62 -62.64 -104.28 -35.65
CA PHE MA 62 -61.87 -103.02 -35.68
C PHE MA 62 -60.37 -103.34 -35.57
N PHE MA 63 -60.00 -104.07 -34.53
CA PHE MA 63 -58.57 -104.42 -34.29
C PHE MA 63 -58.27 -105.82 -34.85
N GLU MA 64 -57.47 -105.88 -35.93
CA GLU MA 64 -57.05 -107.21 -36.46
C GLU MA 64 -55.63 -107.46 -35.98
N HIS MA 65 -55.40 -108.49 -35.15
CA HIS MA 65 -54.04 -108.73 -34.59
C HIS MA 65 -53.51 -110.12 -34.93
N ASN MA 66 -52.27 -110.21 -35.44
CA ASN MA 66 -51.63 -111.52 -35.72
C ASN MA 66 -50.58 -111.74 -34.63
N PRO MA 67 -50.69 -112.78 -33.78
CA PRO MA 67 -49.75 -112.96 -32.66
C PRO MA 67 -48.29 -112.78 -33.08
N ILE MA 68 -47.99 -112.94 -34.37
CA ILE MA 68 -46.59 -112.85 -34.86
C ILE MA 68 -46.09 -111.41 -34.71
N ASN MA 69 -44.83 -111.23 -34.32
CA ASN MA 69 -44.28 -109.90 -34.08
C ASN MA 69 -42.96 -109.78 -34.83
N PHE MA 70 -42.72 -108.62 -35.41
CA PHE MA 70 -41.50 -108.35 -36.16
C PHE MA 70 -40.76 -107.20 -35.52
N ASP MA 71 -39.46 -107.39 -35.26
CA ASP MA 71 -38.61 -106.36 -34.71
C ASP MA 71 -37.37 -106.21 -35.60
N PHE MA 72 -36.93 -104.97 -35.79
CA PHE MA 72 -35.89 -104.64 -36.74
C PHE MA 72 -34.80 -103.84 -36.03
N THR MA 73 -33.57 -104.35 -36.08
CA THR MA 73 -32.42 -103.67 -35.44
C THR MA 73 -31.35 -103.40 -36.50
N PHE MA 74 -30.94 -102.14 -36.63
CA PHE MA 74 -29.95 -101.75 -37.66
C PHE MA 74 -28.54 -101.70 -37.06
N ASP MA 75 -27.53 -102.01 -37.86
CA ASP MA 75 -26.14 -101.98 -37.43
C ASP MA 75 -25.82 -100.61 -36.83
N GLU MA 76 -25.11 -100.62 -35.70
CA GLU MA 76 -24.66 -99.37 -35.10
C GLU MA 76 -23.73 -98.62 -36.04
N GLU MA 77 -22.83 -99.34 -36.71
CA GLU MA 77 -21.95 -98.76 -37.71
C GLU MA 77 -22.20 -99.44 -39.05
N PRO MA 78 -22.70 -98.73 -40.05
CA PRO MA 78 -22.89 -99.33 -41.38
C PRO MA 78 -21.67 -99.14 -42.26
N ASN MA 79 -21.61 -99.93 -43.32
CA ASN MA 79 -20.54 -99.84 -44.30
C ASN MA 79 -20.96 -98.91 -45.41
N TYR MA 80 -20.63 -97.62 -45.30
CA TYR MA 80 -21.13 -96.66 -46.32
C TYR MA 80 -19.99 -95.82 -46.92
N LYS MA 81 -20.09 -95.48 -48.20
CA LYS MA 81 -19.10 -94.59 -48.87
C LYS MA 81 -19.88 -93.49 -49.57
N ILE MA 82 -19.41 -92.24 -49.55
CA ILE MA 82 -20.23 -91.13 -50.13
C ILE MA 82 -19.51 -90.51 -51.34
N ASN MA 83 -20.27 -90.11 -52.36
CA ASN MA 83 -19.68 -89.36 -53.51
C ASN MA 83 -20.49 -88.08 -53.68
N ASP MA 84 -19.85 -86.91 -53.50
CA ASP MA 84 -20.59 -85.63 -53.55
C ASP MA 84 -20.27 -84.89 -54.86
N VAL MA 85 -21.25 -84.77 -55.75
CA VAL MA 85 -21.04 -84.02 -57.03
C VAL MA 85 -21.12 -82.52 -56.74
N PHE MA 86 -22.01 -82.09 -55.85
CA PHE MA 86 -22.20 -80.65 -55.52
C PHE MA 86 -22.66 -79.87 -56.75
N GLU MA 87 -22.98 -80.57 -57.86
CA GLU MA 87 -23.35 -79.87 -59.11
C GLU MA 87 -24.73 -80.32 -59.60
N GLY MA 88 -25.59 -79.36 -59.97
CA GLY MA 88 -26.93 -79.68 -60.51
C GLY MA 88 -28.01 -79.68 -59.44
N PHE MA 89 -27.64 -79.61 -58.16
CA PHE MA 89 -28.68 -79.47 -57.10
C PHE MA 89 -29.36 -78.11 -57.28
N GLU MA 90 -28.59 -77.10 -57.68
CA GLU MA 90 -29.13 -75.72 -57.80
C GLU MA 90 -30.29 -75.63 -58.80
N VAL MA 91 -30.22 -76.34 -59.93
CA VAL MA 91 -31.28 -76.19 -60.98
C VAL MA 91 -32.67 -76.35 -60.35
N THR MA 92 -32.88 -77.40 -59.55
CA THR MA 92 -34.21 -77.71 -58.95
C THR MA 92 -33.93 -78.71 -57.84
N ALA MA 93 -34.78 -78.79 -56.81
CA ALA MA 93 -34.40 -79.70 -55.71
C ALA MA 93 -34.09 -81.06 -56.34
N ASN MA 94 -32.87 -81.56 -56.13
CA ASN MA 94 -32.48 -82.91 -56.64
C ASN MA 94 -31.29 -83.42 -55.83
N ILE MA 95 -31.52 -84.39 -54.95
CA ILE MA 95 -30.43 -84.94 -54.10
C ILE MA 95 -29.39 -85.63 -54.99
N THR MA 96 -29.81 -86.31 -56.07
CA THR MA 96 -28.88 -87.11 -56.90
C THR MA 96 -27.78 -86.23 -57.51
N HIS MA 97 -28.15 -85.04 -58.01
CA HIS MA 97 -27.13 -84.12 -58.59
C HIS MA 97 -26.20 -83.62 -57.48
N ALA MA 98 -26.76 -83.29 -56.32
CA ALA MA 98 -25.94 -82.76 -55.19
C ALA MA 98 -24.92 -83.80 -54.75
N PHE MA 99 -25.32 -85.08 -54.66
CA PHE MA 99 -24.43 -86.15 -54.23
C PHE MA 99 -25.14 -87.48 -54.42
N SER MA 100 -24.47 -88.55 -54.00
CA SER MA 100 -25.10 -89.89 -54.03
C SER MA 100 -24.27 -90.76 -53.07
N ILE MA 101 -24.80 -91.93 -52.69
CA ILE MA 101 -24.09 -92.78 -51.69
C ILE MA 101 -23.39 -93.91 -52.47
N GLU MA 102 -22.06 -93.86 -52.56
CA GLU MA 102 -21.36 -94.86 -53.40
C GLU MA 102 -21.65 -96.27 -52.86
N ASN MA 103 -21.55 -96.44 -51.54
CA ASN MA 103 -21.86 -97.75 -50.91
C ASN MA 103 -22.68 -97.48 -49.64
N PHE MA 104 -23.57 -98.40 -49.25
CA PHE MA 104 -24.28 -98.22 -47.96
C PHE MA 104 -24.77 -99.61 -47.57
N ASP MA 105 -23.86 -100.58 -47.57
CA ASP MA 105 -24.24 -101.97 -47.22
C ASP MA 105 -24.23 -102.14 -45.70
N PHE MA 106 -25.31 -102.69 -45.14
CA PHE MA 106 -25.38 -102.93 -43.68
C PHE MA 106 -26.37 -104.06 -43.40
N GLU MA 107 -26.13 -104.76 -42.29
CA GLU MA 107 -27.00 -105.89 -41.91
C GLU MA 107 -28.10 -105.40 -40.98
N ILE MA 108 -29.31 -105.88 -41.17
CA ILE MA 108 -30.43 -105.58 -40.29
C ILE MA 108 -30.86 -106.90 -39.66
N LEU MA 109 -30.78 -106.94 -38.33
CA LEU MA 109 -31.17 -108.16 -37.58
C LEU MA 109 -32.68 -108.12 -37.38
N VAL MA 110 -33.41 -109.05 -37.99
CA VAL MA 110 -34.90 -109.03 -37.90
C VAL MA 110 -35.37 -110.26 -37.11
N ASP MA 111 -36.13 -110.03 -36.05
CA ASP MA 111 -36.67 -111.18 -35.26
C ASP MA 111 -38.13 -111.38 -35.62
N VAL MA 112 -38.46 -112.51 -36.24
CA VAL MA 112 -39.91 -112.83 -36.48
C VAL MA 112 -40.36 -113.69 -35.30
N GLU MA 113 -41.10 -113.11 -34.36
CA GLU MA 113 -41.44 -113.88 -33.13
C GLU MA 113 -42.69 -114.72 -33.41
N LEU MA 114 -42.61 -116.02 -33.16
CA LEU MA 114 -43.78 -116.92 -33.36
C LEU MA 114 -44.74 -116.75 -32.17
N ASP MA 115 -45.91 -117.38 -32.24
CA ASP MA 115 -46.84 -117.34 -31.08
C ASP MA 115 -46.12 -118.02 -29.91
N ASN MA 116 -45.40 -119.11 -30.18
CA ASN MA 116 -44.61 -119.79 -29.13
C ASN MA 116 -43.53 -118.81 -28.67
N ARG MA 117 -43.18 -118.83 -27.38
CA ARG MA 117 -42.20 -117.84 -26.84
C ARG MA 117 -40.97 -117.82 -27.76
N GLN MA 118 -40.50 -119.00 -28.20
CA GLN MA 118 -39.35 -119.06 -29.13
C GLN MA 118 -39.56 -118.05 -30.26
N LYS MA 119 -38.48 -117.37 -30.66
CA LYS MA 119 -38.56 -116.40 -31.78
C LYS MA 119 -37.44 -116.73 -32.77
N LEU MA 120 -37.62 -116.39 -34.05
CA LEU MA 120 -36.61 -116.74 -35.08
C LEU MA 120 -35.83 -115.48 -35.47
N ASN MA 121 -34.51 -115.54 -35.37
CA ASN MA 121 -33.66 -114.38 -35.76
C ASN MA 121 -33.22 -114.56 -37.21
N PHE MA 122 -33.48 -113.57 -38.07
CA PHE MA 122 -32.99 -113.66 -39.47
C PHE MA 122 -32.19 -112.39 -39.79
N ASP MA 123 -30.98 -112.56 -40.32
CA ASP MA 123 -30.13 -111.39 -40.67
C ASP MA 123 -30.25 -111.09 -42.16
N LEU MA 124 -30.63 -109.87 -42.52
CA LEU MA 124 -30.65 -109.50 -43.96
C LEU MA 124 -29.61 -108.40 -44.20
N ASP MA 125 -28.75 -108.59 -45.20
CA ASP MA 125 -27.77 -107.53 -45.55
C ASP MA 125 -28.36 -106.73 -46.71
N VAL MA 126 -28.59 -105.43 -46.50
CA VAL MA 126 -29.11 -104.57 -47.60
C VAL MA 126 -28.02 -103.58 -48.03
N SER MA 127 -27.71 -103.56 -49.33
CA SER MA 127 -26.67 -102.63 -49.84
C SER MA 127 -27.35 -101.58 -50.71
N TYR MA 128 -26.73 -100.41 -50.87
CA TYR MA 128 -27.31 -99.39 -51.79
C TYR MA 128 -27.42 -99.99 -53.19
N LYS MA 129 -28.62 -100.01 -53.76
CA LYS MA 129 -28.82 -100.56 -55.13
C LYS MA 129 -28.85 -99.39 -56.13
N GLU MA 130 -29.73 -98.41 -55.89
CA GLU MA 130 -29.87 -97.24 -56.80
C GLU MA 130 -30.70 -96.18 -56.08
N THR MA 131 -31.04 -95.08 -56.77
CA THR MA 131 -31.94 -94.07 -56.15
C THR MA 131 -33.24 -94.02 -56.97
N GLU MA 132 -34.39 -94.14 -56.30
CA GLU MA 132 -35.70 -94.08 -56.99
C GLU MA 132 -36.05 -92.61 -57.27
N LYS MA 133 -36.27 -92.26 -58.54
CA LYS MA 133 -36.67 -90.87 -58.88
C LYS MA 133 -38.19 -90.73 -58.72
N ILE MA 134 -38.70 -90.95 -57.51
CA ILE MA 134 -40.17 -90.88 -57.29
C ILE MA 134 -40.63 -89.50 -57.80
N THR MA 135 -39.87 -88.45 -57.48
CA THR MA 135 -40.18 -87.08 -57.98
C THR MA 135 -38.85 -86.42 -58.34
N ASN MA 136 -38.87 -85.39 -59.19
CA ASN MA 136 -37.61 -84.66 -59.46
C ASN MA 136 -37.11 -84.06 -58.15
N SER MA 137 -38.03 -83.51 -57.34
CA SER MA 137 -37.66 -82.92 -56.04
C SER MA 137 -37.11 -83.96 -55.06
N GLN MA 138 -37.73 -85.16 -55.01
CA GLN MA 138 -37.31 -86.16 -53.99
C GLN MA 138 -36.87 -87.47 -54.62
N HIS MA 139 -35.71 -88.00 -54.20
CA HIS MA 139 -35.26 -89.34 -54.70
C HIS MA 139 -35.11 -90.27 -53.50
N ARG MA 140 -35.72 -91.47 -53.59
CA ARG MA 140 -35.67 -92.43 -52.45
C ARG MA 140 -34.60 -93.49 -52.70
N PHE MA 141 -33.61 -93.57 -51.81
CA PHE MA 141 -32.52 -94.58 -51.94
C PHE MA 141 -33.14 -95.99 -51.98
N ILE MA 142 -32.57 -96.87 -52.80
CA ILE MA 142 -33.08 -98.27 -52.89
C ILE MA 142 -32.00 -99.19 -52.34
N PHE MA 143 -32.37 -100.09 -51.41
CA PHE MA 143 -31.38 -101.07 -50.88
C PHE MA 143 -31.87 -102.49 -51.18
N THR MA 144 -30.98 -103.31 -51.74
CA THR MA 144 -31.37 -104.70 -52.11
C THR MA 144 -30.78 -105.69 -51.10
N ILE MA 145 -31.54 -106.72 -50.73
CA ILE MA 145 -31.04 -107.73 -49.81
C ILE MA 145 -30.10 -108.66 -50.57
N LYS MA 146 -28.86 -108.75 -50.09
CA LYS MA 146 -27.88 -109.65 -50.73
C LYS MA 146 -28.20 -111.09 -50.32
N ASN MA 147 -28.25 -111.36 -49.02
CA ASN MA 147 -28.52 -112.73 -48.52
C ASN MA 147 -30.02 -113.00 -48.44
N GLU MA 148 -30.71 -113.06 -49.58
CA GLU MA 148 -32.17 -113.39 -49.56
C GLU MA 148 -32.35 -114.89 -49.26
N ASP MA 149 -31.29 -115.68 -49.43
CA ASP MA 149 -31.38 -117.10 -49.10
C ASP MA 149 -31.65 -117.31 -47.62
N GLU MA 150 -30.97 -116.55 -46.76
CA GLU MA 150 -31.23 -116.65 -45.33
C GLU MA 150 -32.63 -116.15 -44.98
N ASN MA 151 -33.22 -115.37 -45.90
CA ASN MA 151 -34.54 -114.74 -45.60
C ASN MA 151 -35.67 -115.41 -46.39
N ILE MA 152 -35.47 -116.63 -46.87
CA ILE MA 152 -36.56 -117.33 -47.55
C ILE MA 152 -37.74 -117.52 -46.59
N GLY MA 153 -37.46 -117.93 -45.35
CA GLY MA 153 -38.51 -118.00 -44.35
C GLY MA 153 -39.05 -116.64 -43.98
N LEU MA 154 -38.23 -115.60 -44.13
CA LEU MA 154 -38.68 -114.25 -43.86
C LEU MA 154 -39.82 -113.86 -44.79
N LYS MA 155 -39.68 -114.21 -46.07
CA LYS MA 155 -40.75 -113.90 -47.05
C LYS MA 155 -42.02 -114.65 -46.64
N LYS MA 156 -41.88 -115.93 -46.27
CA LYS MA 156 -43.04 -116.73 -45.89
C LYS MA 156 -43.75 -116.11 -44.69
N TYR MA 157 -43.00 -115.71 -43.68
CA TYR MA 157 -43.64 -115.03 -42.53
C TYR MA 157 -44.28 -113.72 -42.98
N VAL MA 158 -43.60 -112.94 -43.82
CA VAL MA 158 -44.11 -111.63 -44.20
C VAL MA 158 -45.43 -111.75 -44.95
N ASP MA 159 -45.48 -112.61 -45.96
CA ASP MA 159 -46.73 -112.78 -46.69
C ASP MA 159 -47.72 -113.67 -45.97
N SER MA 160 -47.32 -114.28 -44.85
CA SER MA 160 -48.28 -114.96 -44.00
C SER MA 160 -49.23 -113.98 -43.30
N LEU MA 161 -48.84 -112.69 -43.26
CA LEU MA 161 -49.69 -111.67 -42.60
C LEU MA 161 -50.71 -111.08 -43.59
N SER MA 162 -51.72 -110.40 -43.08
CA SER MA 162 -52.76 -109.77 -43.93
C SER MA 162 -52.15 -108.64 -44.76
N ALA MA 163 -52.79 -108.32 -45.88
CA ALA MA 163 -52.27 -107.30 -46.78
C ALA MA 163 -52.06 -105.98 -46.06
N GLY MA 164 -53.03 -105.61 -45.21
CA GLY MA 164 -52.90 -104.38 -44.42
C GLY MA 164 -51.67 -104.46 -43.52
N LEU MA 165 -51.50 -105.58 -42.82
CA LEU MA 165 -50.35 -105.75 -41.95
C LEU MA 165 -49.05 -105.71 -42.74
N LYS MA 166 -49.05 -106.35 -43.91
CA LYS MA 166 -47.83 -106.29 -44.76
C LYS MA 166 -47.53 -104.82 -45.06
N ASN MA 167 -48.52 -104.08 -45.54
CA ASN MA 167 -48.30 -102.67 -45.87
C ASN MA 167 -47.79 -101.89 -44.67
N LEU MA 168 -48.36 -102.20 -43.50
CA LEU MA 168 -47.93 -101.55 -42.25
C LEU MA 168 -46.43 -101.81 -42.10
N LEU MA 169 -46.02 -103.08 -42.13
CA LEU MA 169 -44.60 -103.45 -41.99
C LEU MA 169 -43.78 -102.65 -43.00
N PHE MA 170 -44.21 -102.66 -44.28
CA PHE MA 170 -43.43 -101.98 -45.30
C PHE MA 170 -43.25 -100.51 -44.95
N LYS MA 171 -44.32 -99.89 -44.48
CA LYS MA 171 -44.25 -98.46 -44.08
C LYS MA 171 -43.24 -98.30 -42.95
N LYS MA 172 -43.36 -99.11 -41.89
CA LYS MA 172 -42.45 -98.97 -40.73
C LYS MA 172 -41.01 -99.13 -41.20
N ILE MA 173 -40.70 -100.23 -41.90
CA ILE MA 173 -39.29 -100.49 -42.31
C ILE MA 173 -38.83 -99.33 -43.21
N ASN MA 174 -39.72 -98.82 -44.08
CA ASN MA 174 -39.32 -97.74 -44.96
C ASN MA 174 -38.92 -96.51 -44.17
N GLN MA 175 -39.76 -96.14 -43.20
CA GLN MA 175 -39.46 -94.97 -42.34
C GLN MA 175 -38.13 -95.21 -41.63
N LYS MA 176 -37.99 -96.37 -40.98
CA LYS MA 176 -36.78 -96.65 -40.22
C LYS MA 176 -35.54 -96.57 -41.09
N LEU MA 177 -35.62 -97.17 -42.27
CA LEU MA 177 -34.48 -97.15 -43.22
C LEU MA 177 -34.20 -95.70 -43.61
N SER MA 178 -35.25 -94.92 -43.90
CA SER MA 178 -35.10 -93.54 -44.35
C SER MA 178 -34.43 -92.70 -43.27
N GLY MA 179 -34.90 -92.82 -42.03
CA GLY MA 179 -34.26 -92.10 -40.94
C GLY MA 179 -32.82 -92.52 -40.73
N TYR MA 180 -32.56 -93.83 -40.82
CA TYR MA 180 -31.20 -94.34 -40.65
C TYR MA 180 -30.26 -93.74 -41.70
N VAL MA 181 -30.64 -93.83 -42.98
CA VAL MA 181 -29.77 -93.35 -44.04
C VAL MA 181 -29.65 -91.83 -43.99
N SER MA 182 -30.73 -91.12 -43.66
CA SER MA 182 -30.65 -89.68 -43.56
C SER MA 182 -29.73 -89.25 -42.43
N GLU MA 183 -29.86 -89.89 -41.27
CA GLU MA 183 -28.95 -89.58 -40.15
C GLU MA 183 -27.51 -89.82 -40.61
N ILE MA 184 -27.24 -90.98 -41.20
CA ILE MA 184 -25.88 -91.30 -41.61
C ILE MA 184 -25.36 -90.26 -42.59
N ILE MA 185 -26.15 -89.92 -43.59
CA ILE MA 185 -25.63 -89.05 -44.70
C ILE MA 185 -25.56 -87.57 -44.33
N VAL MA 186 -26.60 -87.00 -43.73
CA VAL MA 186 -26.65 -85.52 -43.50
C VAL MA 186 -25.37 -85.07 -42.80
N LYS MA 187 -24.76 -85.93 -41.97
CA LYS MA 187 -23.57 -85.53 -41.17
C LYS MA 187 -22.38 -85.33 -42.11
N ASN MA 188 -22.30 -86.10 -43.19
CA ASN MA 188 -21.15 -86.03 -44.13
C ASN MA 188 -21.51 -85.11 -45.29
N ILE MA 189 -22.66 -84.45 -45.26
CA ILE MA 189 -23.08 -83.64 -46.43
C ILE MA 189 -23.25 -82.17 -46.03
N ASP MA 190 -22.46 -81.27 -46.63
CA ASP MA 190 -22.61 -79.81 -46.35
C ASP MA 190 -23.90 -79.32 -47.01
N ASP MA 191 -24.58 -78.35 -46.39
CA ASP MA 191 -25.89 -77.88 -46.93
C ASP MA 191 -25.65 -77.10 -48.23
N ILE MA 192 -26.51 -77.34 -49.24
CA ILE MA 192 -26.43 -76.53 -50.48
C ILE MA 192 -27.75 -75.78 -50.60
N GLU MA 193 -27.69 -74.45 -50.67
CA GLU MA 193 -28.92 -73.61 -50.74
C GLU MA 193 -29.56 -73.77 -52.13
N GLU MA 194 -30.89 -73.89 -52.17
CA GLU MA 194 -31.61 -74.06 -53.46
C GLU MA 194 -31.92 -72.67 -54.03
N LEU MA 195 -30.93 -72.05 -54.67
CA LEU MA 195 -31.11 -70.66 -55.20
C LEU MA 195 -32.21 -70.64 -56.27
N PHE MA 196 -32.24 -71.62 -57.17
CA PHE MA 196 -33.34 -71.67 -58.17
C PHE MA 196 -34.64 -72.08 -57.46
N LYS MA 202 -40.31 -72.59 -49.06
CA LYS MA 202 -39.84 -71.79 -50.22
C LYS MA 202 -38.30 -71.83 -50.26
N SER MA 203 -37.66 -71.87 -49.09
CA SER MA 203 -36.17 -71.93 -49.03
C SER MA 203 -35.75 -73.31 -48.54
N THR MA 204 -34.92 -74.02 -49.31
CA THR MA 204 -34.53 -75.41 -48.94
C THR MA 204 -33.00 -75.54 -48.88
N THR MA 205 -32.49 -76.23 -47.87
CA THR MA 205 -31.03 -76.49 -47.78
C THR MA 205 -30.79 -77.97 -48.11
N LEU MA 206 -29.68 -78.31 -48.75
CA LEU MA 206 -29.51 -79.74 -49.14
C LEU MA 206 -29.72 -80.60 -47.89
N HIS MA 207 -29.43 -80.07 -46.70
CA HIS MA 207 -29.71 -80.84 -45.46
C HIS MA 207 -31.20 -81.19 -45.43
N LYS MA 208 -32.05 -80.17 -45.60
CA LYS MA 208 -33.49 -80.42 -45.58
C LYS MA 208 -33.88 -81.42 -46.66
N GLU MA 209 -33.20 -81.34 -47.81
CA GLU MA 209 -33.43 -82.33 -48.89
C GLU MA 209 -33.13 -83.72 -48.33
N ILE MA 210 -31.98 -83.87 -47.67
CA ILE MA 210 -31.58 -85.19 -47.10
C ILE MA 210 -32.68 -85.66 -46.15
N LEU MA 211 -33.18 -84.74 -45.31
CA LEU MA 211 -34.23 -85.11 -44.33
C LEU MA 211 -35.47 -85.60 -45.09
N GLN MA 212 -35.88 -84.89 -46.15
CA GLN MA 212 -37.10 -85.25 -46.87
C GLN MA 212 -36.89 -86.51 -47.70
N THR MA 213 -35.71 -86.67 -48.28
CA THR MA 213 -35.43 -87.86 -49.12
C THR MA 213 -35.53 -89.12 -48.25
N ASP MA 214 -36.22 -90.15 -48.75
CA ASP MA 214 -36.42 -91.40 -47.96
C ASP MA 214 -35.63 -92.54 -48.61
N SER MA 215 -35.88 -93.78 -48.16
CA SER MA 215 -35.23 -94.96 -48.75
C SER MA 215 -36.16 -96.17 -48.62
N ARG MA 216 -36.14 -97.10 -49.57
CA ARG MA 216 -37.07 -98.26 -49.50
C ARG MA 216 -36.33 -99.54 -49.90
N LEU MA 217 -36.59 -100.63 -49.17
CA LEU MA 217 -35.92 -101.94 -49.44
C LEU MA 217 -36.62 -102.63 -50.62
N SER MA 218 -35.99 -102.62 -51.79
CA SER MA 218 -36.58 -103.35 -52.95
C SER MA 218 -36.00 -104.77 -52.98
N SER MA 219 -36.84 -105.76 -52.67
CA SER MA 219 -36.35 -107.17 -52.61
C SER MA 219 -37.52 -108.13 -52.87
N ASP MA 220 -37.21 -109.37 -53.24
CA ASP MA 220 -38.28 -110.38 -53.43
C ASP MA 220 -38.98 -110.60 -52.08
N ILE MA 221 -38.29 -110.31 -50.97
CA ILE MA 221 -38.90 -110.61 -49.64
C ILE MA 221 -39.95 -109.53 -49.34
N PHE MA 222 -39.73 -108.31 -49.83
CA PHE MA 222 -40.65 -107.19 -49.62
C PHE MA 222 -40.88 -106.53 -50.97
N LYS MA 223 -41.87 -107.01 -51.72
CA LYS MA 223 -42.14 -106.47 -53.07
C LYS MA 223 -43.01 -105.20 -52.96
N GLU MA 224 -43.74 -105.03 -51.87
CA GLU MA 224 -44.65 -103.90 -51.75
C GLU MA 224 -44.16 -102.93 -50.68
N ILE NA 3 -3.76 -119.47 -24.86
CA ILE NA 3 -5.06 -118.72 -24.72
C ILE NA 3 -5.56 -118.30 -26.10
N ARG NA 4 -6.69 -118.87 -26.55
CA ARG NA 4 -7.18 -118.55 -27.91
C ARG NA 4 -8.71 -118.54 -27.87
N ASN NA 5 -9.31 -117.36 -27.95
CA ASN NA 5 -10.79 -117.31 -28.03
C ASN NA 5 -11.19 -118.05 -29.31
N ARG NA 6 -12.12 -118.99 -29.20
CA ARG NA 6 -12.61 -119.70 -30.41
C ARG NA 6 -13.98 -119.12 -30.81
N LEU NA 7 -14.43 -118.04 -30.17
CA LEU NA 7 -15.73 -117.48 -30.63
C LEU NA 7 -15.70 -117.43 -32.16
N SER NA 8 -14.65 -116.82 -32.72
CA SER NA 8 -14.51 -116.71 -34.19
C SER NA 8 -14.71 -118.10 -34.82
N GLU NA 9 -13.91 -119.09 -34.38
CA GLU NA 9 -14.00 -120.46 -34.98
C GLU NA 9 -15.41 -121.00 -34.76
N LEU NA 10 -15.91 -120.93 -33.53
CA LEU NA 10 -17.25 -121.44 -33.22
C LEU NA 10 -18.30 -120.85 -34.15
N LEU NA 11 -18.20 -119.54 -34.40
CA LEU NA 11 -19.18 -118.88 -35.30
C LEU NA 11 -19.01 -119.42 -36.73
N SER NA 12 -17.76 -119.62 -37.17
CA SER NA 12 -17.56 -120.21 -38.49
C SER NA 12 -18.13 -121.62 -38.55
N GLU NA 13 -18.02 -122.38 -37.46
CA GLU NA 13 -18.63 -123.69 -37.38
C GLU NA 13 -20.14 -123.61 -37.54
N ARG NA 14 -20.77 -122.72 -36.78
CA ARG NA 14 -22.23 -122.61 -36.76
C ARG NA 14 -22.77 -121.60 -37.78
N GLY NA 15 -21.89 -120.92 -38.51
CA GLY NA 15 -22.31 -119.99 -39.52
C GLY NA 15 -23.00 -118.77 -38.95
N LEU NA 16 -22.94 -118.61 -37.64
CA LEU NA 16 -23.66 -117.52 -36.98
C LEU NA 16 -22.95 -116.20 -37.25
N LYS NA 17 -23.71 -115.23 -37.77
CA LYS NA 17 -23.13 -113.88 -38.02
C LYS NA 17 -22.81 -113.23 -36.67
N ILE NA 18 -21.77 -112.40 -36.63
CA ILE NA 18 -21.37 -111.71 -35.36
C ILE NA 18 -22.54 -110.85 -34.88
N SER NA 19 -23.21 -110.15 -35.80
CA SER NA 19 -24.33 -109.25 -35.43
C SER NA 19 -25.44 -110.08 -34.79
N ARG NA 20 -25.72 -111.27 -35.33
CA ARG NA 20 -26.79 -112.12 -34.78
C ARG NA 20 -26.45 -112.47 -33.33
N VAL NA 21 -25.21 -112.89 -33.07
CA VAL NA 21 -24.81 -113.27 -31.70
C VAL NA 21 -24.97 -112.04 -30.80
N ALA NA 22 -24.50 -110.88 -31.25
CA ALA NA 22 -24.52 -109.67 -30.40
C ALA NA 22 -25.96 -109.34 -30.00
N LYS NA 23 -26.89 -109.45 -30.94
CA LYS NA 23 -28.31 -109.17 -30.63
C LYS NA 23 -28.82 -110.15 -29.59
N ASP NA 24 -28.58 -111.45 -29.79
CA ASP NA 24 -29.10 -112.46 -28.88
C ASP NA 24 -28.52 -112.31 -27.49
N VAL NA 25 -27.23 -112.00 -27.39
CA VAL NA 25 -26.56 -111.93 -26.04
C VAL NA 25 -26.50 -110.50 -25.54
N LYS NA 26 -27.16 -109.56 -26.21
CA LYS NA 26 -27.22 -108.17 -25.75
C LYS NA 26 -25.84 -107.60 -25.45
N ILE NA 27 -24.91 -107.85 -26.38
CA ILE NA 27 -23.52 -107.32 -26.24
C ILE NA 27 -23.23 -106.47 -27.48
N ALA NA 28 -22.42 -105.41 -27.34
CA ALA NA 28 -22.12 -104.51 -28.44
C ALA NA 28 -21.48 -105.27 -29.59
N ARG NA 29 -21.90 -104.95 -30.82
CA ARG NA 29 -21.29 -105.61 -32.00
C ARG NA 29 -19.80 -105.29 -32.02
N SER NA 30 -19.43 -104.02 -31.80
CA SER NA 30 -18.03 -103.63 -31.89
C SER NA 30 -17.18 -104.44 -30.92
N SER NA 31 -17.59 -104.53 -29.66
CA SER NA 31 -16.84 -105.30 -28.69
C SER NA 31 -16.79 -106.77 -29.07
N LEU NA 32 -17.93 -107.30 -29.52
CA LEU NA 32 -17.97 -108.75 -29.84
C LEU NA 32 -17.04 -109.03 -31.01
N THR NA 33 -17.01 -108.15 -32.01
CA THR NA 33 -16.17 -108.41 -33.22
C THR NA 33 -14.70 -108.22 -32.84
N SER NA 34 -14.40 -107.25 -31.97
CA SER NA 34 -13.03 -107.05 -31.54
C SER NA 34 -12.53 -108.27 -30.77
N MET NA 35 -13.42 -108.82 -29.95
CA MET NA 35 -13.09 -109.99 -29.09
C MET NA 35 -13.16 -111.29 -29.91
N ALA NA 36 -13.78 -111.24 -31.09
CA ALA NA 36 -13.97 -112.50 -31.86
C ALA NA 36 -12.63 -113.14 -32.21
N GLN NA 37 -11.65 -112.36 -32.70
CA GLN NA 37 -10.34 -112.92 -33.08
C GLN NA 37 -9.39 -112.84 -31.88
N ASN NA 38 -9.94 -112.70 -30.68
CA ASN NA 38 -9.09 -112.58 -29.47
C ASN NA 38 -8.09 -111.43 -29.70
N ASP NA 39 -8.57 -110.32 -30.27
CA ASP NA 39 -7.68 -109.14 -30.49
C ASP NA 39 -7.60 -108.38 -29.17
N SER NA 40 -8.74 -108.08 -28.55
CA SER NA 40 -8.76 -107.37 -27.26
C SER NA 40 -8.08 -108.21 -26.19
N GLU NA 41 -7.31 -107.58 -25.30
CA GLU NA 41 -6.58 -108.34 -24.24
C GLU NA 41 -7.40 -108.31 -22.94
N MET NA 42 -8.63 -107.80 -22.99
CA MET NA 42 -9.51 -107.81 -21.79
C MET NA 42 -10.85 -108.44 -22.16
N ILE NA 43 -11.35 -109.33 -21.30
CA ILE NA 43 -12.65 -110.02 -21.54
C ILE NA 43 -13.51 -109.92 -20.28
N ARG NA 44 -14.80 -109.58 -20.44
CA ARG NA 44 -15.72 -109.45 -19.33
C ARG NA 44 -16.28 -110.82 -18.95
N TYR NA 45 -16.35 -111.07 -17.64
CA TYR NA 45 -17.00 -112.30 -17.16
C TYR NA 45 -18.42 -112.41 -17.69
N ASP NA 46 -19.14 -111.29 -17.75
CA ASP NA 46 -20.48 -111.31 -18.30
C ASP NA 46 -20.47 -111.77 -19.75
N ALA NA 47 -19.50 -111.27 -20.52
CA ALA NA 47 -19.42 -111.64 -21.95
C ALA NA 47 -19.26 -113.16 -22.08
N ILE NA 48 -18.26 -113.73 -21.41
CA ILE NA 48 -17.99 -115.15 -21.55
C ILE NA 48 -19.15 -115.97 -21.03
N ASP NA 49 -19.76 -115.52 -19.92
CA ASP NA 49 -20.93 -116.24 -19.36
C ASP NA 49 -22.03 -116.28 -20.41
N LYS NA 50 -22.38 -115.13 -20.98
CA LYS NA 50 -23.45 -115.05 -21.96
C LYS NA 50 -23.13 -115.88 -23.19
N LEU NA 51 -21.88 -115.83 -23.66
CA LEU NA 51 -21.50 -116.60 -24.83
C LEU NA 51 -21.59 -118.10 -24.56
N CYS NA 52 -21.13 -118.54 -23.39
CA CYS NA 52 -21.17 -119.96 -23.05
C CYS NA 52 -22.61 -120.45 -22.95
N SER NA 53 -23.46 -119.70 -22.27
CA SER NA 53 -24.86 -120.10 -22.18
C SER NA 53 -25.52 -120.08 -23.56
N TYR NA 54 -25.23 -119.06 -24.36
CA TYR NA 54 -25.86 -118.92 -25.67
C TYR NA 54 -25.39 -120.01 -26.62
N LEU NA 55 -24.11 -120.34 -26.60
CA LEU NA 55 -23.55 -121.34 -27.51
C LEU NA 55 -23.64 -122.75 -26.96
N HIS NA 56 -24.20 -122.92 -25.76
CA HIS NA 56 -24.32 -124.25 -25.13
C HIS NA 56 -22.96 -124.92 -25.01
N ILE NA 57 -21.97 -124.16 -24.52
CA ILE NA 57 -20.60 -124.65 -24.42
C ILE NA 57 -20.05 -124.36 -23.04
N SER NA 58 -19.10 -125.17 -22.61
CA SER NA 58 -18.29 -124.85 -21.46
C SER NA 58 -17.20 -123.86 -21.86
N PRO NA 59 -16.62 -123.07 -20.93
CA PRO NA 59 -15.64 -122.06 -21.30
C PRO NA 59 -14.43 -122.73 -21.95
N SER NA 60 -14.38 -124.07 -21.88
CA SER NA 60 -13.25 -124.83 -22.49
C SER NA 60 -13.24 -124.60 -23.99
N GLU NA 61 -14.41 -124.65 -24.63
CA GLU NA 61 -14.46 -124.50 -26.12
C GLU NA 61 -14.25 -123.03 -26.50
N PHE NA 62 -14.44 -122.12 -25.54
CA PHE NA 62 -14.20 -120.67 -25.84
C PHE NA 62 -12.71 -120.37 -25.66
N PHE NA 63 -12.16 -120.70 -24.48
CA PHE NA 63 -10.74 -120.42 -24.18
C PHE NA 63 -9.89 -121.65 -24.46
N GLU NA 64 -9.04 -121.60 -25.51
CA GLU NA 64 -8.10 -122.73 -25.76
C GLU NA 64 -6.73 -122.31 -25.24
N HIS NA 65 -6.20 -123.01 -24.23
CA HIS NA 65 -4.90 -122.59 -23.63
C HIS NA 65 -3.85 -123.72 -23.71
N ASN NA 66 -2.64 -123.39 -24.18
CA ASN NA 66 -1.53 -124.39 -24.20
C ASN NA 66 -0.56 -123.98 -23.09
N PRO NA 67 -0.33 -124.82 -22.05
CA PRO NA 67 0.51 -124.43 -20.92
C PRO NA 67 1.82 -123.76 -21.36
N ILE NA 68 2.26 -124.02 -22.59
CA ILE NA 68 3.56 -123.47 -23.09
C ILE NA 68 3.46 -121.95 -23.22
N ASN NA 69 4.53 -121.22 -22.86
CA ASN NA 69 4.51 -119.77 -22.87
C ASN NA 69 5.73 -119.29 -23.63
N PHE NA 70 5.55 -118.23 -24.42
CA PHE NA 70 6.63 -117.65 -25.21
C PHE NA 70 6.83 -116.21 -24.79
N ASP NA 71 8.07 -115.83 -24.51
CA ASP NA 71 8.42 -114.46 -24.16
C ASP NA 71 9.56 -114.00 -25.05
N PHE NA 72 9.52 -112.74 -25.48
CA PHE NA 72 10.43 -112.21 -26.47
C PHE NA 72 11.07 -110.94 -25.92
N THR NA 73 12.40 -110.93 -25.88
CA THR NA 73 13.15 -109.76 -25.36
C THR NA 73 14.11 -109.28 -26.46
N PHE NA 74 14.03 -107.99 -26.83
CA PHE NA 74 14.86 -107.44 -27.91
C PHE NA 74 16.09 -106.74 -27.33
N ASP NA 75 17.21 -106.77 -28.05
CA ASP NA 75 18.44 -106.12 -27.62
C ASP NA 75 18.17 -104.66 -27.30
N GLU NA 76 18.74 -104.20 -26.18
CA GLU NA 76 18.63 -102.78 -25.83
C GLU NA 76 19.27 -101.90 -26.90
N GLU NA 77 20.43 -102.32 -27.40
CA GLU NA 77 21.09 -101.63 -28.51
C GLU NA 77 21.22 -102.58 -29.69
N PRO NA 78 20.57 -102.31 -30.81
CA PRO NA 78 20.73 -103.16 -31.99
C PRO NA 78 21.85 -102.65 -32.89
N ASN NA 79 22.29 -103.54 -33.78
CA ASN NA 79 23.32 -103.21 -34.76
C ASN NA 79 22.65 -102.74 -36.03
N TYR NA 80 22.46 -101.42 -36.18
CA TYR NA 80 21.71 -100.91 -37.36
C TYR NA 80 22.48 -99.82 -38.10
N LYS NA 81 22.36 -99.78 -39.43
CA LYS NA 81 22.99 -98.71 -40.24
C LYS NA 81 21.90 -98.13 -41.15
N ILE NA 82 21.87 -96.81 -41.36
CA ILE NA 82 20.74 -96.24 -42.15
C ILE NA 82 21.25 -95.61 -43.45
N ASN NA 83 20.47 -95.72 -44.53
CA ASN NA 83 20.82 -95.01 -45.80
C ASN NA 83 19.60 -94.19 -46.22
N ASP NA 84 19.72 -92.86 -46.27
CA ASP NA 84 18.56 -92.00 -46.56
C ASP NA 84 18.67 -91.44 -47.98
N VAL NA 85 17.80 -91.87 -48.89
CA VAL NA 85 17.79 -91.33 -50.28
C VAL NA 85 17.14 -89.95 -50.29
N PHE NA 86 16.07 -89.76 -49.50
CA PHE NA 86 15.33 -88.47 -49.45
C PHE NA 86 14.71 -88.17 -50.82
N GLU NA 87 14.76 -89.11 -51.76
CA GLU NA 87 14.26 -88.84 -53.13
C GLU NA 87 13.19 -89.87 -53.52
N GLY NA 88 12.06 -89.40 -54.08
CA GLY NA 88 10.99 -90.32 -54.54
C GLY NA 88 9.91 -90.54 -53.50
N PHE NA 89 10.11 -90.11 -52.26
CA PHE NA 89 9.03 -90.20 -51.25
C PHE NA 89 7.90 -89.26 -51.69
N GLU NA 90 8.26 -88.13 -52.28
CA GLU NA 90 7.24 -87.11 -52.66
C GLU NA 90 6.22 -87.66 -53.66
N VAL NA 91 6.63 -88.51 -54.60
CA VAL NA 91 5.69 -88.93 -55.69
C VAL NA 91 4.42 -89.54 -55.08
N THR NA 92 4.56 -90.40 -54.06
CA THR NA 92 3.41 -91.09 -53.42
C THR NA 92 3.97 -91.69 -52.14
N ALA NA 93 3.13 -91.91 -51.12
CA ALA NA 93 3.74 -92.40 -49.86
C ALA NA 93 4.60 -93.62 -50.21
N ASN NA 94 5.90 -93.55 -49.91
CA ASN NA 94 6.80 -94.72 -50.15
C ASN NA 94 8.04 -94.57 -49.25
N ILE NA 95 8.12 -95.38 -48.21
CA ILE NA 95 9.28 -95.31 -47.26
C ILE NA 95 10.56 -95.68 -48.00
N THR NA 96 10.52 -96.66 -48.93
CA THR NA 96 11.75 -97.16 -49.59
C THR NA 96 12.46 -96.03 -50.36
N HIS NA 97 11.72 -95.18 -51.07
CA HIS NA 97 12.35 -94.06 -51.82
C HIS NA 97 12.93 -93.06 -50.82
N ALA NA 98 12.19 -92.78 -49.74
CA ALA NA 98 12.66 -91.78 -48.74
C ALA NA 98 13.98 -92.25 -48.10
N PHE NA 99 14.08 -93.54 -47.77
CA PHE NA 99 15.28 -94.08 -47.14
C PHE NA 99 15.13 -95.59 -47.07
N SER NA 100 16.13 -96.23 -46.46
CA SER NA 100 16.07 -97.70 -46.22
C SER NA 100 17.08 -97.99 -45.12
N ILE NA 101 17.02 -99.18 -44.52
CA ILE NA 101 17.92 -99.50 -43.38
C ILE NA 101 19.05 -100.39 -43.92
N GLU NA 102 20.27 -99.85 -44.02
CA GLU NA 102 21.36 -100.63 -44.65
C GLU NA 102 21.59 -101.91 -43.85
N ASN NA 103 21.65 -101.80 -42.52
CA ASN NA 103 21.80 -102.99 -41.65
C ASN NA 103 20.85 -102.84 -40.46
N PHE NA 104 20.36 -103.95 -39.90
CA PHE NA 104 19.53 -103.85 -38.67
C PHE NA 104 19.58 -105.22 -38.03
N ASP NA 105 20.80 -105.74 -37.84
CA ASP NA 105 20.95 -107.09 -37.24
C ASP NA 105 20.89 -106.97 -35.71
N PHE NA 106 20.07 -107.79 -35.06
CA PHE NA 106 19.99 -107.79 -33.58
C PHE NA 106 19.49 -109.14 -33.08
N GLU NA 107 19.89 -109.49 -31.86
CA GLU NA 107 19.49 -110.79 -31.29
C GLU NA 107 18.22 -110.60 -30.45
N ILE NA 108 17.30 -111.54 -30.56
CA ILE NA 108 16.09 -111.55 -29.76
C ILE NA 108 16.14 -112.80 -28.89
N LEU NA 109 16.13 -112.57 -27.57
CA LEU NA 109 16.18 -113.70 -26.61
C LEU NA 109 14.75 -114.22 -26.42
N VAL NA 110 14.48 -115.45 -26.85
CA VAL NA 110 13.09 -116.00 -26.76
C VAL NA 110 13.08 -117.15 -25.76
N ASP NA 111 12.20 -117.06 -24.76
CA ASP NA 111 12.09 -118.16 -23.77
C ASP NA 111 10.84 -118.98 -24.08
N VAL NA 112 11.02 -120.25 -24.45
CA VAL NA 112 9.84 -121.14 -24.65
C VAL NA 112 9.65 -121.89 -23.33
N GLU NA 113 8.68 -121.48 -22.53
CA GLU NA 113 8.56 -122.10 -21.19
C GLU NA 113 7.75 -123.39 -21.30
N LEU NA 114 8.30 -124.50 -20.80
CA LEU NA 114 7.58 -125.79 -20.83
C LEU NA 114 6.55 -125.81 -19.70
N ASP NA 115 5.70 -126.85 -19.65
CA ASP NA 115 4.75 -126.97 -18.52
C ASP NA 115 5.58 -127.09 -17.23
N ASN NA 116 6.68 -127.86 -17.29
CA ASN NA 116 7.58 -127.97 -16.13
C ASN NA 116 8.18 -126.58 -15.85
N ARG NA 117 8.40 -126.23 -14.59
CA ARG NA 117 8.89 -124.87 -14.26
C ARG NA 117 10.09 -124.53 -15.15
N GLN NA 118 11.00 -125.49 -15.34
CA GLN NA 118 12.15 -125.27 -16.26
C GLN NA 118 11.67 -124.63 -17.56
N LYS NA 119 12.42 -123.65 -18.07
CA LYS NA 119 12.07 -123.01 -19.36
C LYS NA 119 13.30 -123.05 -20.27
N LEU NA 120 13.11 -123.03 -21.58
CA LEU NA 120 14.26 -123.14 -22.53
C LEU NA 120 14.51 -121.76 -23.15
N ASN NA 121 15.75 -121.29 -23.05
CA ASN NA 121 16.12 -119.97 -23.64
C ASN NA 121 16.71 -120.22 -25.03
N PHE NA 122 16.16 -119.59 -26.06
CA PHE NA 122 16.76 -119.71 -27.41
C PHE NA 122 17.02 -118.31 -27.97
N ASP NA 123 18.25 -118.08 -28.46
CA ASP NA 123 18.61 -116.76 -29.02
C ASP NA 123 18.50 -116.79 -30.54
N LEU NA 124 17.71 -115.90 -31.12
CA LEU NA 124 17.66 -115.82 -32.61
C LEU NA 124 18.22 -114.47 -33.05
N ASP NA 125 19.16 -114.48 -34.01
CA ASP NA 125 19.69 -113.20 -34.53
C ASP NA 125 18.93 -112.91 -35.83
N VAL NA 126 18.20 -111.79 -35.87
CA VAL NA 126 17.48 -111.41 -37.12
C VAL NA 126 18.15 -110.17 -37.72
N SER NA 127 18.53 -110.25 -39.01
CA SER NA 127 19.17 -109.10 -39.69
C SER NA 127 18.21 -108.56 -40.75
N TYR NA 128 18.34 -107.30 -41.13
CA TYR NA 128 17.49 -106.75 -42.22
C TYR NA 128 17.73 -107.58 -43.49
N LYS NA 129 16.67 -108.17 -44.04
CA LYS NA 129 16.80 -108.99 -45.28
C LYS NA 129 16.40 -108.12 -46.48
N GLU NA 130 15.20 -107.53 -46.44
CA GLU NA 130 14.70 -106.68 -47.55
C GLU NA 130 13.47 -105.92 -47.06
N THR NA 131 12.79 -105.18 -47.94
CA THR NA 131 11.53 -104.52 -47.53
C THR NA 131 10.38 -105.12 -48.35
N GLU NA 132 9.31 -105.54 -47.67
CA GLU NA 132 8.13 -106.12 -48.37
C GLU NA 132 7.28 -104.99 -48.92
N LYS NA 133 7.03 -104.98 -50.23
CA LYS NA 133 6.16 -103.94 -50.84
C LYS NA 133 4.70 -104.37 -50.72
N ILE NA 134 4.22 -104.55 -49.48
CA ILE NA 134 2.81 -105.03 -49.29
C ILE NA 134 1.91 -104.05 -50.05
N THR NA 135 2.18 -102.75 -49.94
CA THR NA 135 1.42 -101.72 -50.69
C THR NA 135 2.42 -100.66 -51.17
N ASN NA 136 2.07 -99.88 -52.19
CA ASN NA 136 2.98 -98.78 -52.61
C ASN NA 136 3.11 -97.82 -51.43
N SER NA 137 1.99 -97.55 -50.74
CA SER NA 137 2.00 -96.64 -49.57
C SER NA 137 2.82 -97.20 -48.41
N GLN NA 138 2.71 -98.50 -48.13
CA GLN NA 138 3.39 -99.06 -46.93
C GLN NA 138 4.36 -100.19 -47.31
N HIS NA 139 5.59 -100.15 -46.80
CA HIS NA 139 6.55 -101.26 -47.02
C HIS NA 139 6.95 -101.86 -45.67
N ARG NA 140 6.86 -103.18 -45.53
CA ARG NA 140 7.18 -103.83 -44.23
C ARG NA 140 8.59 -104.42 -44.26
N PHE NA 141 9.47 -103.94 -43.36
CA PHE NA 141 10.86 -104.47 -43.31
C PHE NA 141 10.83 -105.98 -43.07
N ILE NA 142 11.75 -106.70 -43.71
CA ILE NA 142 11.82 -108.18 -43.54
C ILE NA 142 13.14 -108.51 -42.81
N PHE NA 143 13.07 -109.28 -41.73
CA PHE NA 143 14.30 -109.70 -41.02
C PHE NA 143 14.42 -111.22 -41.04
N THR NA 144 15.60 -111.73 -41.44
CA THR NA 144 15.80 -113.19 -41.53
C THR NA 144 16.64 -113.68 -40.34
N ILE NA 145 16.30 -114.85 -39.79
CA ILE NA 145 17.08 -115.40 -38.69
C ILE NA 145 18.36 -116.01 -39.25
N LYS NA 146 19.50 -115.52 -38.77
CA LYS NA 146 20.81 -116.06 -39.22
C LYS NA 146 21.02 -117.43 -38.55
N ASN NA 147 20.98 -117.46 -37.21
CA ASN NA 147 21.22 -118.72 -36.46
C ASN NA 147 19.92 -119.53 -36.33
N GLU NA 148 19.40 -120.06 -37.44
CA GLU NA 148 18.18 -120.92 -37.37
C GLU NA 148 18.57 -122.28 -36.79
N ASP NA 149 19.86 -122.62 -36.81
CA ASP NA 149 20.29 -123.88 -36.21
C ASP NA 149 20.01 -123.92 -34.71
N GLU NA 150 20.27 -122.81 -34.01
CA GLU NA 150 19.96 -122.76 -32.59
C GLU NA 150 18.46 -122.79 -32.35
N ASN NA 151 17.69 -122.47 -33.40
CA ASN NA 151 16.22 -122.37 -33.23
C ASN NA 151 15.49 -123.54 -33.89
N ILE NA 152 16.17 -124.67 -34.12
CA ILE NA 152 15.48 -125.84 -34.64
C ILE NA 152 14.40 -126.30 -33.68
N GLY NA 153 14.73 -126.35 -32.38
CA GLY NA 153 13.70 -126.65 -31.39
C GLY NA 153 12.66 -125.56 -31.29
N LEU NA 154 13.02 -124.32 -31.63
CA LEU NA 154 12.06 -123.23 -31.63
C LEU NA 154 10.94 -123.49 -32.63
N LYS NA 155 11.31 -123.97 -33.81
CA LYS NA 155 10.28 -124.27 -34.84
C LYS NA 155 9.37 -125.38 -34.30
N LYS NA 156 9.95 -126.43 -33.69
CA LYS NA 156 9.17 -127.53 -33.16
C LYS NA 156 8.18 -127.04 -32.11
N TYR NA 157 8.65 -126.20 -31.18
CA TYR NA 157 7.70 -125.64 -30.19
C TYR NA 157 6.64 -124.78 -30.89
N VAL NA 158 7.04 -123.96 -31.86
CA VAL NA 158 6.11 -123.03 -32.48
C VAL NA 158 5.00 -123.79 -33.19
N ASP NA 159 5.35 -124.77 -34.02
CA ASP NA 159 4.33 -125.53 -34.72
C ASP NA 159 3.69 -126.60 -33.83
N SER NA 160 4.21 -126.80 -32.62
CA SER NA 160 3.51 -127.64 -31.65
C SER NA 160 2.22 -126.99 -31.17
N LEU NA 161 2.08 -125.68 -31.37
CA LEU NA 161 0.84 -124.96 -30.92
C LEU NA 161 -0.23 -125.01 -32.01
N SER NA 162 -1.47 -124.68 -31.65
CA SER NA 162 -2.60 -124.68 -32.60
C SER NA 162 -2.40 -123.56 -33.62
N ALA NA 163 -3.03 -123.71 -34.79
CA ALA NA 163 -2.87 -122.75 -35.87
C ALA NA 163 -3.24 -121.35 -35.40
N GLY NA 164 -4.33 -121.25 -34.65
CA GLY NA 164 -4.74 -119.94 -34.11
C GLY NA 164 -3.65 -119.38 -33.21
N LEU NA 165 -3.12 -120.21 -32.30
CA LEU NA 165 -2.07 -119.75 -31.41
C LEU NA 165 -0.82 -119.36 -32.19
N LYS NA 166 -0.48 -120.13 -33.22
CA LYS NA 166 0.67 -119.76 -34.07
C LYS NA 166 0.42 -118.36 -34.63
N ASN NA 167 -0.75 -118.16 -35.26
CA ASN NA 167 -1.05 -116.87 -35.85
C ASN NA 167 -0.97 -115.75 -34.82
N LEU NA 168 -1.47 -116.05 -33.62
CA LEU NA 168 -1.42 -115.06 -32.50
C LEU NA 168 0.06 -114.69 -32.31
N LEU NA 169 0.91 -115.69 -32.09
CA LEU NA 169 2.36 -115.44 -31.88
C LEU NA 169 2.88 -114.58 -33.03
N PHE NA 170 2.59 -114.98 -34.27
CA PHE NA 170 3.13 -114.24 -35.41
C PHE NA 170 2.70 -112.78 -35.35
N LYS NA 171 1.44 -112.55 -35.00
CA LYS NA 171 0.93 -111.16 -34.89
C LYS NA 171 1.72 -110.42 -33.80
N LYS NA 172 1.82 -111.02 -32.61
CA LYS NA 172 2.53 -110.33 -31.49
C LYS NA 172 3.95 -110.00 -31.92
N ILE NA 173 4.71 -111.00 -32.40
CA ILE NA 173 6.14 -110.76 -32.75
C ILE NA 173 6.19 -109.68 -33.85
N ASN NA 174 5.25 -109.72 -34.80
CA ASN NA 174 5.27 -108.75 -35.87
C ASN NA 174 5.10 -107.33 -35.33
N GLN NA 175 4.12 -107.16 -34.45
CA GLN NA 175 3.88 -105.83 -33.82
C GLN NA 175 5.14 -105.41 -33.08
N LYS NA 176 5.66 -106.29 -32.22
CA LYS NA 176 6.82 -105.95 -31.41
C LYS NA 176 8.00 -105.53 -32.29
N LEU NA 177 8.25 -106.32 -33.33
CA LEU NA 177 9.37 -106.02 -34.25
C LEU NA 177 9.10 -104.67 -34.92
N SER NA 178 7.86 -104.43 -35.37
CA SER NA 178 7.51 -103.19 -36.06
C SER NA 178 7.72 -101.98 -35.16
N GLY NA 179 7.24 -102.06 -33.91
CA GLY NA 179 7.46 -100.97 -32.99
C GLY NA 179 8.94 -100.76 -32.70
N TYR NA 180 9.68 -101.86 -32.54
CA TYR NA 180 11.11 -101.75 -32.28
C TYR NA 180 11.82 -101.03 -33.41
N VAL NA 181 11.61 -101.48 -34.65
CA VAL NA 181 12.32 -100.90 -35.77
C VAL NA 181 11.85 -99.46 -36.02
N SER NA 182 10.56 -99.19 -35.83
CA SER NA 182 10.06 -97.83 -36.01
C SER NA 182 10.66 -96.88 -34.98
N GLU NA 183 10.69 -97.32 -33.73
CA GLU NA 183 11.33 -96.47 -32.68
C GLU NA 183 12.78 -96.22 -33.07
N ILE NA 184 13.51 -97.27 -33.44
CA ILE NA 184 14.93 -97.11 -33.77
C ILE NA 184 15.09 -96.13 -34.93
N ILE NA 185 14.30 -96.31 -35.98
CA ILE NA 185 14.54 -95.51 -37.23
C ILE NA 185 14.01 -94.07 -37.15
N VAL NA 186 12.79 -93.87 -36.68
CA VAL NA 186 12.16 -92.51 -36.73
C VAL NA 186 13.11 -91.47 -36.12
N LYS NA 187 13.94 -91.87 -35.15
CA LYS NA 187 14.81 -90.90 -34.44
C LYS NA 187 15.92 -90.42 -35.38
N ASN NA 188 16.36 -91.28 -36.30
CA ASN NA 188 17.47 -90.93 -37.23
C ASN NA 188 16.88 -90.45 -38.55
N ILE NA 189 15.55 -90.29 -38.65
CA ILE NA 189 14.95 -89.93 -39.96
C ILE NA 189 14.21 -88.59 -39.84
N ASP NA 190 14.64 -87.57 -40.60
CA ASP NA 190 13.93 -86.27 -40.62
C ASP NA 190 12.59 -86.45 -41.36
N ASP NA 191 11.55 -85.73 -40.93
CA ASP NA 191 10.21 -85.90 -41.57
C ASP NA 191 10.22 -85.33 -42.98
N ILE NA 192 9.61 -86.05 -43.93
CA ILE NA 192 9.47 -85.51 -45.32
C ILE NA 192 7.97 -85.37 -45.58
N GLU NA 193 7.53 -84.15 -45.89
CA GLU NA 193 6.09 -83.89 -46.14
C GLU NA 193 5.66 -84.52 -47.46
N GLU NA 194 4.48 -85.15 -47.48
CA GLU NA 194 3.98 -85.82 -48.71
C GLU NA 194 3.22 -84.78 -49.54
N LEU NA 195 3.94 -83.94 -50.30
CA LEU NA 195 3.28 -82.86 -51.07
C LEU NA 195 2.35 -83.44 -52.13
N PHE NA 196 2.77 -84.50 -52.83
CA PHE NA 196 1.85 -85.16 -53.80
C PHE NA 196 0.75 -85.91 -53.03
N LYS NA 202 -4.94 -87.10 -44.71
CA LYS NA 202 -4.70 -86.40 -46.00
C LYS NA 202 -3.27 -85.85 -46.03
N SER NA 203 -2.76 -85.43 -44.87
CA SER NA 203 -1.37 -84.89 -44.79
C SER NA 203 -0.50 -85.90 -44.05
N THR NA 204 0.60 -86.34 -44.66
CA THR NA 204 1.46 -87.38 -44.04
C THR NA 204 2.91 -86.90 -43.95
N THR NA 205 3.57 -87.15 -42.81
CA THR NA 205 5.01 -86.80 -42.68
C THR NA 205 5.81 -88.10 -42.72
N LEU NA 206 7.02 -88.08 -43.27
CA LEU NA 206 7.75 -89.37 -43.38
C LEU NA 206 7.79 -90.02 -41.99
N HIS NA 207 7.76 -89.21 -40.93
CA HIS NA 207 7.70 -89.81 -39.57
C HIS NA 207 6.46 -90.69 -39.46
N LYS NA 208 5.31 -90.14 -39.83
CA LYS NA 208 4.07 -90.92 -39.78
C LYS NA 208 4.18 -92.17 -40.64
N GLU NA 209 4.87 -92.03 -41.78
CA GLU NA 209 5.11 -93.21 -42.66
C GLU NA 209 5.87 -94.24 -41.83
N ILE NA 210 6.95 -93.82 -41.16
CA ILE NA 210 7.78 -94.76 -40.35
C ILE NA 210 6.85 -95.44 -39.33
N LEU NA 211 5.99 -94.66 -38.68
CA LEU NA 211 5.07 -95.24 -37.66
C LEU NA 211 4.19 -96.30 -38.32
N GLN NA 212 3.62 -95.98 -39.49
CA GLN NA 212 2.70 -96.91 -40.13
C GLN NA 212 3.43 -98.13 -40.70
N THR NA 213 4.62 -97.90 -41.23
CA THR NA 213 5.40 -99.03 -41.83
C THR NA 213 5.72 -100.04 -40.74
N ASP NA 214 5.52 -101.33 -41.03
CA ASP NA 214 5.75 -102.40 -40.02
C ASP NA 214 6.96 -103.25 -40.43
N SER NA 215 7.17 -104.38 -39.75
CA SER NA 215 8.27 -105.30 -40.11
C SER NA 215 7.86 -106.73 -39.75
N ARG NA 216 8.30 -107.73 -40.52
CA ARG NA 216 7.89 -109.13 -40.22
C ARG NA 216 9.09 -110.07 -40.36
N LEU NA 217 9.20 -111.03 -39.44
CA LEU NA 217 10.35 -112.00 -39.46
C LEU NA 217 10.06 -113.10 -40.47
N SER NA 218 10.72 -113.06 -41.63
CA SER NA 218 10.55 -114.15 -42.62
C SER NA 218 11.62 -115.21 -42.38
N SER NA 219 11.21 -116.38 -41.90
CA SER NA 219 12.20 -117.45 -41.56
C SER NA 219 11.50 -118.81 -41.64
N ASP NA 220 12.30 -119.88 -41.76
CA ASP NA 220 11.71 -121.25 -41.76
C ASP NA 220 11.03 -121.49 -40.40
N ILE NA 221 11.47 -120.76 -39.36
CA ILE NA 221 10.93 -121.03 -38.00
C ILE NA 221 9.53 -120.42 -37.92
N PHE NA 222 9.30 -119.31 -38.63
CA PHE NA 222 8.01 -118.62 -38.64
C PHE NA 222 7.65 -118.35 -40.10
N LYS NA 223 6.98 -119.31 -40.74
CA LYS NA 223 6.62 -119.15 -42.17
C LYS NA 223 5.34 -118.33 -42.31
N GLU NA 224 4.51 -118.27 -41.27
CA GLU NA 224 3.24 -117.58 -41.38
C GLU NA 224 3.23 -116.32 -40.51
N ILE OA 3 44.69 -110.98 -11.50
CA ILE OA 3 43.20 -110.77 -11.51
C ILE OA 3 42.70 -110.76 -12.95
N ARG OA 4 41.92 -111.77 -13.35
CA ARG OA 4 41.46 -111.84 -14.75
C ARG OA 4 40.05 -112.42 -14.77
N ASN OA 5 39.04 -111.58 -15.03
CA ASN OA 5 37.68 -112.12 -15.16
C ASN OA 5 37.70 -113.11 -16.34
N ARG OA 6 37.18 -114.31 -16.12
CA ARG OA 6 37.11 -115.31 -17.22
C ARG OA 6 35.67 -115.36 -17.74
N LEU OA 7 34.78 -114.48 -17.29
CA LEU OA 7 33.41 -114.52 -17.86
C LEU OA 7 33.55 -114.65 -19.38
N SER OA 8 34.33 -113.76 -19.99
CA SER OA 8 34.55 -113.80 -21.46
C SER OA 8 34.95 -115.22 -21.87
N GLU OA 9 36.02 -115.76 -21.28
CA GLU OA 9 36.51 -117.11 -21.66
C GLU OA 9 35.39 -118.13 -21.41
N LEU OA 10 34.80 -118.10 -20.22
CA LEU OA 10 33.73 -119.04 -19.87
C LEU OA 10 32.63 -119.04 -20.92
N LEU OA 11 32.23 -117.84 -21.36
CA LEU OA 11 31.16 -117.72 -22.38
C LEU OA 11 31.65 -118.33 -23.70
N SER OA 12 32.91 -118.09 -24.07
CA SER OA 12 33.44 -118.71 -25.28
C SER OA 12 33.45 -120.24 -25.15
N GLU OA 13 33.75 -120.74 -23.95
CA GLU OA 13 33.68 -122.17 -23.70
C GLU OA 13 32.27 -122.69 -23.91
N ARG OA 14 31.28 -122.04 -23.31
CA ARG OA 14 29.89 -122.50 -23.35
C ARG OA 14 29.11 -121.92 -24.53
N GLY OA 15 29.73 -121.05 -25.32
CA GLY OA 15 29.06 -120.47 -26.48
C GLY OA 15 27.91 -119.56 -26.12
N LEU OA 16 27.79 -119.23 -24.83
CA LEU OA 16 26.67 -118.43 -24.38
C LEU OA 16 26.83 -116.98 -24.81
N LYS OA 17 25.82 -116.45 -25.50
CA LYS OA 17 25.86 -115.03 -25.93
C LYS OA 17 25.79 -114.14 -24.68
N ILE OA 18 26.43 -112.97 -24.74
CA ILE OA 18 26.43 -112.04 -23.57
C ILE OA 18 24.98 -111.64 -23.27
N SER OA 19 24.18 -111.37 -24.31
CA SER OA 19 22.78 -110.95 -24.10
C SER OA 19 22.01 -112.05 -23.37
N ARG OA 20 22.22 -113.31 -23.77
CA ARG OA 20 21.53 -114.44 -23.10
C ARG OA 20 21.85 -114.37 -21.60
N VAL OA 21 23.13 -114.33 -21.26
CA VAL OA 21 23.52 -114.33 -19.81
C VAL OA 21 22.84 -113.15 -19.13
N ALA OA 22 22.88 -111.97 -19.74
CA ALA OA 22 22.33 -110.77 -19.07
C ALA OA 22 20.85 -110.97 -18.77
N LYS OA 23 20.11 -111.55 -19.71
CA LYS OA 23 18.66 -111.81 -19.50
C LYS OA 23 18.47 -112.78 -18.32
N ASP OA 24 19.21 -113.89 -18.33
CA ASP OA 24 19.04 -114.90 -17.29
C ASP OA 24 19.39 -114.37 -15.92
N VAL OA 25 20.46 -113.56 -15.83
CA VAL OA 25 20.94 -113.08 -14.49
C VAL OA 25 20.41 -111.67 -14.20
N LYS OA 26 19.49 -111.16 -15.03
CA LYS OA 26 18.86 -109.86 -14.79
C LYS OA 26 19.90 -108.77 -14.53
N ILE OA 27 20.93 -108.75 -15.38
CA ILE OA 27 22.01 -107.71 -15.29
C ILE OA 27 22.06 -106.98 -16.62
N ALA OA 28 22.38 -105.68 -16.62
CA ALA OA 28 22.41 -104.89 -17.84
C ALA OA 28 23.39 -105.47 -18.84
N ARG OA 29 23.00 -105.50 -20.11
CA ARG OA 29 23.90 -106.02 -21.17
C ARG OA 29 25.16 -105.14 -21.18
N SER OA 30 24.99 -103.82 -21.14
CA SER OA 30 26.14 -102.92 -21.24
C SER OA 30 27.16 -103.21 -20.15
N SER OA 31 26.69 -103.29 -18.89
CA SER OA 31 27.61 -103.57 -17.80
C SER OA 31 28.24 -104.95 -17.96
N LEU OA 32 27.43 -105.94 -18.34
CA LEU OA 32 27.96 -107.32 -18.46
C LEU OA 32 29.03 -107.36 -19.54
N THR OA 33 28.81 -106.67 -20.67
CA THR OA 33 29.79 -106.74 -21.78
C THR OA 33 31.04 -105.95 -21.39
N SER OA 34 30.87 -104.83 -20.68
CA SER OA 34 32.03 -104.07 -20.24
C SER OA 34 32.88 -104.89 -19.28
N MET OA 35 32.19 -105.63 -18.41
CA MET OA 35 32.86 -106.46 -17.38
C MET OA 35 33.36 -107.77 -17.99
N ALA OA 36 32.88 -108.13 -19.19
CA ALA OA 36 33.25 -109.45 -19.77
C ALA OA 36 34.76 -109.55 -19.98
N GLN OA 37 35.40 -108.52 -20.54
CA GLN OA 37 36.86 -108.58 -20.80
C GLN OA 37 37.60 -107.99 -19.60
N ASN OA 38 36.94 -107.92 -18.44
CA ASN OA 38 37.56 -107.32 -17.24
C ASN OA 38 38.06 -105.92 -17.62
N ASP OA 39 37.26 -105.16 -18.36
CA ASP OA 39 37.65 -103.77 -18.72
C ASP OA 39 37.32 -102.87 -17.53
N SER OA 40 36.10 -102.97 -17.01
CA SER OA 40 35.70 -102.16 -15.83
C SER OA 40 36.57 -102.54 -14.62
N GLU OA 41 36.95 -101.54 -13.81
CA GLU OA 41 37.82 -101.82 -12.62
C GLU OA 41 36.95 -101.95 -11.37
N MET OA 42 35.62 -101.95 -11.53
CA MET OA 42 34.72 -102.16 -10.38
C MET OA 42 33.75 -103.31 -10.69
N ILE OA 43 33.54 -104.21 -9.72
CA ILE OA 43 32.63 -105.38 -9.90
C ILE OA 43 31.69 -105.46 -8.69
N ARG OA 44 30.40 -105.66 -8.94
CA ARG OA 44 29.40 -105.76 -7.89
C ARG OA 44 29.38 -107.18 -7.33
N TYR OA 45 29.28 -107.27 -6.00
CA TYR OA 45 29.11 -108.58 -5.36
C TYR OA 45 27.90 -109.31 -5.91
N ASP OA 46 26.82 -108.56 -6.17
CA ASP OA 46 25.63 -109.16 -6.75
C ASP OA 46 25.94 -109.77 -8.11
N ALA OA 47 26.72 -109.04 -8.91
CA ALA OA 47 27.04 -109.53 -10.27
C ALA OA 47 27.78 -110.86 -10.17
N ILE OA 48 28.85 -110.91 -9.39
CA ILE OA 48 29.66 -112.13 -9.31
C ILE OA 48 28.86 -113.26 -8.70
N ASP OA 49 28.03 -112.95 -7.69
CA ASP OA 49 27.18 -113.98 -7.07
C ASP OA 49 26.27 -114.59 -8.13
N LYS OA 50 25.57 -113.74 -8.88
CA LYS OA 50 24.63 -114.21 -9.89
C LYS OA 50 25.35 -114.99 -10.98
N LEU OA 51 26.52 -114.52 -11.40
CA LEU OA 51 27.26 -115.23 -12.44
C LEU OA 51 27.72 -116.59 -11.95
N CYS OA 52 28.21 -116.67 -10.72
CA CYS OA 52 28.68 -117.94 -10.17
C CYS OA 52 27.54 -118.93 -10.04
N SER OA 53 26.41 -118.49 -9.50
CA SER OA 53 25.26 -119.39 -9.40
C SER OA 53 24.78 -119.80 -10.78
N TYR OA 54 24.72 -118.85 -11.72
CA TYR OA 54 24.20 -119.14 -13.06
C TYR OA 54 25.12 -120.08 -13.82
N LEU OA 55 26.44 -119.87 -13.71
CA LEU OA 55 27.40 -120.68 -14.44
C LEU OA 55 27.81 -121.94 -13.68
N HIS OA 56 27.25 -122.16 -12.50
CA HIS OA 56 27.59 -123.34 -11.68
C HIS OA 56 29.09 -123.41 -11.41
N ILE OA 57 29.67 -122.28 -11.02
CA ILE OA 57 31.11 -122.17 -10.81
C ILE OA 57 31.39 -121.52 -9.47
N SER OA 58 32.54 -121.84 -8.90
CA SER OA 58 33.07 -121.09 -7.77
C SER OA 58 33.72 -119.81 -8.29
N PRO OA 59 33.88 -118.75 -7.46
CA PRO OA 59 34.43 -117.49 -7.95
C PRO OA 59 35.85 -117.72 -8.46
N SER OA 60 36.40 -118.91 -8.19
CA SER OA 60 37.77 -119.25 -8.63
C SER OA 60 37.84 -119.23 -10.16
N GLU OA 61 36.82 -119.79 -10.83
CA GLU OA 61 36.86 -119.87 -12.31
C GLU OA 61 36.53 -118.49 -12.90
N PHE OA 62 35.92 -117.60 -12.11
CA PHE OA 62 35.61 -116.25 -12.60
C PHE OA 62 36.86 -115.36 -12.42
N PHE OA 63 37.38 -115.31 -11.20
CA PHE OA 63 38.57 -114.46 -10.90
C PHE OA 63 39.85 -115.28 -10.97
N GLU OA 64 40.69 -115.04 -11.97
CA GLU OA 64 42.00 -115.74 -12.03
C GLU OA 64 43.07 -114.77 -11.55
N HIS OA 65 43.74 -115.07 -10.42
CA HIS OA 65 44.72 -114.12 -9.85
C HIS OA 65 46.12 -114.74 -9.73
N ASN OA 66 47.15 -114.04 -10.20
CA ASN OA 66 48.55 -114.51 -10.04
C ASN OA 66 49.19 -113.62 -8.97
N PRO OA 67 49.64 -114.17 -7.81
CA PRO OA 67 50.18 -113.34 -6.73
C PRO OA 67 51.17 -112.28 -7.22
N ILE OA 68 51.77 -112.50 -8.39
CA ILE OA 68 52.80 -111.56 -8.92
C ILE OA 68 52.14 -110.23 -9.28
N ASN OA 69 52.82 -109.11 -8.99
CA ASN OA 69 52.25 -107.79 -9.24
C ASN OA 69 53.26 -106.97 -10.02
N PHE OA 70 52.77 -106.17 -10.96
CA PHE OA 70 53.60 -105.33 -11.79
C PHE OA 70 53.20 -103.87 -11.59
N ASP OA 71 54.18 -103.01 -11.33
CA ASP OA 71 53.95 -101.59 -11.18
C ASP OA 71 54.92 -100.83 -12.09
N PHE OA 72 54.43 -99.75 -12.70
CA PHE OA 72 55.15 -99.03 -13.74
C PHE OA 72 55.21 -97.57 -13.36
N THR OA 73 56.43 -97.03 -13.28
CA THR OA 73 56.63 -95.61 -12.93
C THR OA 73 57.43 -94.93 -14.04
N PHE OA 74 56.89 -93.84 -14.61
CA PHE OA 74 57.55 -93.15 -15.74
C PHE OA 74 58.37 -91.96 -15.23
N ASP OA 75 59.47 -91.65 -15.90
CA ASP OA 75 60.32 -90.52 -15.54
C ASP OA 75 59.49 -89.25 -15.44
N GLU OA 76 59.74 -88.47 -14.39
CA GLU OA 76 59.08 -87.18 -14.26
C GLU OA 76 59.43 -86.26 -15.43
N GLU OA 77 60.69 -86.25 -15.83
CA GLU OA 77 61.14 -85.50 -17.00
C GLU OA 77 61.72 -86.46 -18.01
N PRO OA 78 61.12 -86.62 -19.19
CA PRO OA 78 61.68 -87.47 -20.22
C PRO OA 78 62.60 -86.70 -21.16
N ASN OA 79 63.42 -87.45 -21.89
CA ASN OA 79 64.34 -86.87 -22.87
C ASN OA 79 63.64 -86.86 -24.23
N TYR OA 80 62.98 -85.75 -24.56
CA TYR OA 80 62.20 -85.73 -25.83
C TYR OA 80 62.55 -84.51 -26.70
N LYS OA 81 62.54 -84.70 -28.03
CA LYS OA 81 62.79 -83.57 -28.97
C LYS OA 81 61.64 -83.59 -29.99
N ILE OA 82 61.12 -82.43 -30.40
CA ILE OA 82 59.92 -82.42 -31.29
C ILE OA 82 60.25 -81.80 -32.65
N ASN OA 83 59.70 -82.37 -33.74
CA ASN OA 83 59.87 -81.74 -35.09
C ASN OA 83 58.46 -81.52 -35.66
N ASP OA 84 58.08 -80.26 -35.90
CA ASP OA 84 56.70 -79.96 -36.36
C ASP OA 84 56.71 -79.58 -37.84
N VAL OA 85 56.15 -80.43 -38.70
CA VAL OA 85 56.07 -80.12 -40.16
C VAL OA 85 54.93 -79.11 -40.39
N PHE OA 86 53.82 -79.26 -39.67
CA PHE OA 86 52.63 -78.36 -39.84
C PHE OA 86 52.07 -78.49 -41.26
N GLU OA 87 52.56 -79.45 -42.04
CA GLU OA 87 52.11 -79.58 -43.46
C GLU OA 87 51.54 -80.98 -43.72
N GLY OA 88 50.38 -81.06 -44.37
CA GLY OA 88 49.78 -82.37 -44.74
C GLY OA 88 48.78 -82.86 -43.71
N PHE OA 89 48.70 -82.24 -42.53
CA PHE OA 89 47.65 -82.61 -41.55
C PHE OA 89 46.29 -82.25 -42.16
N GLU OA 90 46.23 -81.16 -42.91
CA GLU OA 90 44.92 -80.67 -43.43
C GLU OA 90 44.29 -81.69 -44.39
N VAL OA 91 45.08 -82.42 -45.19
CA VAL OA 91 44.47 -83.30 -46.23
C VAL OA 91 43.48 -84.28 -45.58
N THR OA 92 43.84 -84.88 -44.44
CA THR OA 92 42.99 -85.87 -43.74
C THR OA 92 43.62 -86.05 -42.36
N ALA OA 93 42.86 -86.44 -41.34
CA ALA OA 93 43.48 -86.49 -40.02
C ALA OA 93 44.77 -87.31 -40.16
N ASN OA 94 45.92 -86.72 -39.83
CA ASN OA 94 47.22 -87.45 -39.87
C ASN OA 94 48.22 -86.73 -38.96
N ILE OA 95 48.52 -87.31 -37.80
CA ILE OA 95 49.48 -86.68 -36.84
C ILE OA 95 50.87 -86.61 -37.47
N THR OA 96 51.26 -87.62 -38.25
CA THR OA 96 52.64 -87.69 -38.80
C THR OA 96 52.95 -86.49 -39.70
N HIS OA 97 52.00 -86.09 -40.55
CA HIS OA 97 52.22 -84.92 -41.44
C HIS OA 97 52.28 -83.65 -40.58
N ALA OA 98 51.40 -83.54 -39.58
CA ALA OA 98 51.39 -82.33 -38.73
C ALA OA 98 52.71 -82.17 -37.99
N PHE OA 99 53.27 -83.27 -37.46
CA PHE OA 99 54.52 -83.21 -36.72
C PHE OA 99 54.95 -84.64 -36.43
N SER OA 100 56.07 -84.76 -35.69
CA SER OA 100 56.55 -86.09 -35.25
C SER OA 100 57.50 -85.82 -34.08
N ILE OA 101 57.84 -86.87 -33.32
CA ILE OA 101 58.69 -86.66 -32.11
C ILE OA 101 60.11 -87.10 -32.49
N GLU OA 102 61.04 -86.14 -32.62
CA GLU OA 102 62.40 -86.51 -33.10
C GLU OA 102 63.02 -87.49 -32.10
N ASN OA 103 62.92 -87.21 -30.80
CA ASN OA 103 63.44 -88.13 -29.77
C ASN OA 103 62.41 -88.20 -28.65
N PHE OA 104 62.32 -89.34 -27.94
CA PHE OA 104 61.41 -89.40 -26.77
C PHE OA 104 61.93 -90.57 -25.92
N ASP OA 105 63.22 -90.55 -25.61
CA ASP OA 105 63.83 -91.65 -24.81
C ASP OA 105 63.61 -91.36 -23.33
N PHE OA 106 63.10 -92.35 -22.58
CA PHE OA 106 62.89 -92.19 -21.13
C PHE OA 106 62.90 -93.56 -20.45
N GLU OA 107 63.30 -93.57 -19.18
CA GLU OA 107 63.37 -94.83 -18.42
C GLU OA 107 62.06 -95.06 -17.67
N ILE OA 108 61.57 -96.29 -17.66
CA ILE OA 108 60.40 -96.66 -16.90
C ILE OA 108 60.85 -97.67 -15.86
N LEU OA 109 60.71 -97.29 -14.59
CA LEU OA 109 61.06 -98.24 -13.50
C LEU OA 109 59.89 -99.19 -13.30
N VAL OA 110 60.14 -100.49 -13.49
CA VAL OA 110 59.04 -101.49 -13.37
C VAL OA 110 59.38 -102.43 -12.21
N ASP OA 111 58.51 -102.46 -11.20
CA ASP OA 111 58.74 -103.36 -10.05
C ASP OA 111 57.92 -104.64 -10.23
N VAL OA 112 58.58 -105.76 -10.50
CA VAL OA 112 57.84 -107.06 -10.58
C VAL OA 112 57.87 -107.65 -9.17
N GLU OA 113 56.71 -107.68 -8.51
CA GLU OA 113 56.72 -108.13 -7.09
C GLU OA 113 56.47 -109.64 -7.03
N LEU OA 114 57.36 -110.37 -6.36
CA LEU OA 114 57.20 -111.84 -6.22
C LEU OA 114 56.15 -112.12 -5.14
N ASP OA 115 55.77 -113.38 -4.95
CA ASP OA 115 54.83 -113.72 -3.84
C ASP OA 115 55.53 -113.35 -2.53
N ASN OA 116 56.85 -113.63 -2.44
CA ASN OA 116 57.62 -113.23 -1.25
C ASN OA 116 57.61 -111.70 -1.17
N ARG OA 117 57.58 -111.14 0.04
CA ARG OA 117 57.48 -109.67 0.19
C ARG OA 117 58.53 -109.00 -0.71
N GLN OA 118 59.75 -109.56 -0.74
CA GLN OA 118 60.82 -109.01 -1.64
C GLN OA 118 60.24 -108.78 -3.04
N LYS OA 119 60.61 -107.67 -3.66
CA LYS OA 119 60.14 -107.37 -5.05
C LYS OA 119 61.37 -107.05 -5.89
N LEU OA 120 61.30 -107.28 -7.21
CA LEU OA 120 62.48 -107.04 -8.08
C LEU OA 120 62.26 -105.76 -8.90
N ASN OA 121 63.20 -104.83 -8.83
CA ASN OA 121 63.09 -103.57 -9.60
C ASN OA 121 63.85 -103.74 -10.91
N PHE OA 122 63.20 -103.50 -12.05
CA PHE OA 122 63.91 -103.56 -13.35
C PHE OA 122 63.66 -102.25 -14.10
N ASP OA 123 64.75 -101.63 -14.59
CA ASP OA 123 64.62 -100.34 -15.32
C ASP OA 123 64.68 -100.59 -16.82
N LEU OA 124 63.66 -100.17 -17.56
CA LEU OA 124 63.71 -100.31 -19.04
C LEU OA 124 63.75 -98.91 -19.66
N ASP OA 125 64.71 -98.68 -20.57
CA ASP OA 125 64.75 -97.37 -21.27
C ASP OA 125 64.06 -97.56 -22.62
N VAL OA 126 62.98 -96.82 -22.85
CA VAL OA 126 62.27 -96.90 -24.16
C VAL OA 126 62.50 -95.59 -24.91
N SER OA 127 62.95 -95.69 -26.16
CA SER OA 127 63.16 -94.48 -26.99
C SER OA 127 62.15 -94.49 -28.15
N TYR OA 128 61.83 -93.33 -28.71
CA TYR OA 128 60.94 -93.31 -29.89
C TYR OA 128 61.59 -94.14 -31.02
N LYS OA 129 60.89 -95.15 -31.52
CA LYS OA 129 61.41 -96.00 -32.61
C LYS OA 129 60.82 -95.51 -33.94
N GLU OA 130 59.49 -95.43 -34.02
CA GLU OA 130 58.80 -95.00 -35.26
C GLU OA 130 57.34 -94.72 -34.93
N THR OA 131 56.51 -94.41 -35.92
CA THR OA 131 55.06 -94.24 -35.66
C THR OA 131 54.30 -95.33 -36.41
N GLU OA 132 53.42 -96.06 -35.72
CA GLU OA 132 52.61 -97.13 -36.35
C GLU OA 132 51.43 -96.50 -37.09
N LYS OA 133 51.33 -96.74 -38.41
CA LYS OA 133 50.18 -96.21 -39.19
C LYS OA 133 48.98 -97.17 -39.04
N ILE OA 134 48.50 -97.36 -37.81
CA ILE OA 134 47.37 -98.31 -37.59
C ILE OA 134 46.24 -97.87 -38.51
N THR OA 135 45.99 -96.56 -38.59
CA THR OA 135 44.96 -96.01 -39.52
C THR OA 135 45.51 -94.72 -40.11
N ASN OA 136 44.99 -94.27 -41.25
CA ASN OA 136 45.45 -92.97 -41.79
C ASN OA 136 45.09 -91.88 -40.77
N SER OA 137 43.90 -91.99 -40.17
CA SER OA 137 43.46 -91.00 -39.15
C SER OA 137 44.34 -91.05 -37.89
N GLN OA 138 44.70 -92.25 -37.43
CA GLN OA 138 45.45 -92.34 -36.14
C GLN OA 138 46.80 -93.04 -36.30
N HIS OA 139 47.87 -92.46 -35.77
CA HIS OA 139 49.19 -93.14 -35.80
C HIS OA 139 49.67 -93.35 -34.36
N ARG OA 140 50.08 -94.57 -34.02
CA ARG OA 140 50.51 -94.89 -32.64
C ARG OA 140 52.04 -94.88 -32.53
N PHE OA 141 52.58 -93.99 -31.70
CA PHE OA 141 54.06 -93.93 -31.52
C PHE OA 141 54.58 -95.29 -31.06
N ILE OA 142 55.76 -95.67 -31.56
CA ILE OA 142 56.38 -96.97 -31.16
C ILE OA 142 57.64 -96.67 -30.35
N PHE OA 143 57.79 -97.28 -29.17
CA PHE OA 143 59.02 -97.08 -28.37
C PHE OA 143 59.71 -98.43 -28.16
N THR OA 144 61.02 -98.48 -28.43
CA THR OA 144 61.77 -99.75 -28.31
C THR OA 144 62.62 -99.72 -27.04
N ILE OA 145 62.71 -100.84 -26.33
CA ILE OA 145 63.54 -100.92 -25.13
C ILE OA 145 65.00 -101.04 -25.55
N LYS OA 146 65.83 -100.10 -25.11
CA LYS OA 146 67.27 -100.15 -25.42
C LYS OA 146 67.91 -101.22 -24.53
N ASN OA 147 67.77 -101.09 -23.21
CA ASN OA 147 68.41 -102.04 -22.26
C ASN OA 147 67.51 -103.27 -22.05
N GLU OA 148 67.32 -104.09 -23.08
CA GLU OA 148 66.53 -105.34 -22.92
C GLU OA 148 67.35 -106.36 -22.14
N ASP OA 149 68.68 -106.19 -22.10
CA ASP OA 149 69.50 -107.10 -21.31
C ASP OA 149 69.13 -107.06 -19.84
N GLU OA 150 68.89 -105.86 -19.30
CA GLU OA 150 68.46 -105.74 -17.91
C GLU OA 150 67.07 -106.33 -17.71
N ASN OA 151 66.33 -106.47 -18.82
CA ASN OA 151 64.91 -106.92 -18.71
C ASN OA 151 64.75 -108.37 -19.21
N ILE OA 152 65.82 -109.16 -19.26
CA ILE OA 152 65.68 -110.55 -19.62
C ILE OA 152 64.78 -111.27 -18.62
N GLY OA 153 64.97 -111.03 -17.33
CA GLY OA 153 64.06 -111.58 -16.34
C GLY OA 153 62.68 -110.97 -16.43
N LEU OA 154 62.58 -109.74 -16.95
CA LEU OA 154 61.29 -109.12 -17.13
C LEU OA 154 60.43 -109.91 -18.11
N LYS OA 155 61.05 -110.37 -19.20
CA LYS OA 155 60.31 -111.17 -20.20
C LYS OA 155 59.84 -112.47 -19.53
N LYS OA 156 60.73 -113.11 -18.76
CA LYS OA 156 60.36 -114.36 -18.10
C LYS OA 156 59.19 -114.16 -17.17
N TYR OA 157 59.20 -113.09 -16.38
CA TYR OA 157 58.08 -112.81 -15.50
C TYR OA 157 56.82 -112.48 -16.30
N VAL OA 158 56.96 -111.76 -17.41
CA VAL OA 158 55.79 -111.35 -18.19
C VAL OA 158 55.11 -112.57 -18.82
N ASP OA 159 55.88 -113.43 -19.48
CA ASP OA 159 55.29 -114.62 -20.08
C ASP OA 159 55.03 -115.72 -19.07
N SER OA 160 55.48 -115.55 -17.82
CA SER OA 160 55.07 -116.47 -16.76
C SER OA 160 53.60 -116.32 -16.42
N LEU OA 161 52.99 -115.19 -16.81
CA LEU OA 161 51.54 -114.97 -16.52
C LEU OA 161 50.66 -115.55 -17.63
N SER OA 162 49.37 -115.70 -17.35
CA SER OA 162 48.41 -116.25 -18.32
C SER OA 162 48.26 -115.29 -19.51
N ALA OA 163 47.83 -115.82 -20.64
CA ALA OA 163 47.70 -115.01 -21.86
C ALA OA 163 46.80 -113.82 -21.63
N GLY OA 164 45.68 -114.05 -20.92
CA GLY OA 164 44.77 -112.94 -20.60
C GLY OA 164 45.48 -111.90 -19.76
N LEU OA 165 46.20 -112.33 -18.72
CA LEU OA 165 46.93 -111.40 -17.88
C LEU OA 165 47.99 -110.65 -18.67
N LYS OA 166 48.68 -111.36 -19.56
CA LYS OA 166 49.68 -110.67 -20.42
C LYS OA 166 48.96 -109.57 -21.19
N ASN OA 167 47.87 -109.91 -21.86
CA ASN OA 167 47.15 -108.92 -22.66
C ASN OA 167 46.71 -107.75 -21.81
N LEU OA 168 46.26 -108.05 -20.58
CA LEU OA 168 45.84 -107.00 -19.63
C LEU OA 168 47.03 -106.07 -19.45
N LEU OA 169 48.18 -106.62 -19.06
CA LEU OA 169 49.41 -105.79 -18.84
C LEU OA 169 49.66 -104.96 -20.10
N PHE OA 170 49.66 -105.59 -21.27
CA PHE OA 170 49.97 -104.85 -22.49
C PHE OA 170 49.01 -103.68 -22.66
N LYS OA 171 47.73 -103.92 -22.39
CA LYS OA 171 46.73 -102.82 -22.51
C LYS OA 171 47.08 -101.71 -21.52
N LYS OA 172 47.29 -102.06 -20.25
CA LYS OA 172 47.59 -101.02 -19.21
C LYS OA 172 48.82 -100.22 -19.65
N ILE OA 173 49.93 -100.90 -19.95
CA ILE OA 173 51.18 -100.16 -20.29
C ILE OA 173 50.92 -99.31 -21.53
N ASN OA 174 50.15 -99.83 -22.50
CA ASN OA 174 49.90 -99.06 -23.70
C ASN OA 174 49.15 -97.77 -23.38
N GLN OA 175 48.10 -97.89 -22.57
CA GLN OA 175 47.33 -96.68 -22.16
C GLN OA 175 48.27 -95.72 -21.45
N LYS OA 176 49.00 -96.21 -20.46
CA LYS OA 176 49.88 -95.34 -19.66
C LYS OA 176 50.88 -94.63 -20.55
N LEU OA 177 51.50 -95.37 -21.46
CA LEU OA 177 52.50 -94.78 -22.39
C LEU OA 177 51.79 -93.74 -23.25
N SER OA 178 50.59 -94.05 -23.76
CA SER OA 178 49.87 -93.15 -24.64
C SER OA 178 49.53 -91.85 -23.93
N GLY OA 179 49.01 -91.95 -22.71
CA GLY OA 179 48.72 -90.75 -21.95
C GLY OA 179 49.96 -89.95 -21.65
N TYR OA 180 51.06 -90.64 -21.29
CA TYR OA 180 52.31 -89.95 -21.01
C TYR OA 180 52.80 -89.16 -22.21
N VAL OA 181 52.87 -89.82 -23.38
CA VAL OA 181 53.40 -89.15 -24.56
C VAL OA 181 52.45 -88.05 -25.03
N SER OA 182 51.14 -88.28 -24.92
CA SER OA 182 50.18 -87.26 -25.33
C SER OA 182 50.29 -86.03 -24.44
N GLU OA 183 50.37 -86.25 -23.12
CA GLU OA 183 50.55 -85.10 -22.18
C GLU OA 183 51.82 -84.35 -22.58
N ILE OA 184 52.93 -85.09 -22.75
CA ILE OA 184 54.20 -84.42 -23.06
C ILE OA 184 54.08 -83.62 -24.35
N ILE OA 185 53.50 -84.22 -25.40
CA ILE OA 185 53.53 -83.56 -26.75
C ILE OA 185 52.49 -82.44 -26.89
N VAL OA 186 51.24 -82.67 -26.49
CA VAL OA 186 50.16 -81.68 -26.76
C VAL OA 186 50.59 -80.28 -26.29
N LYS OA 187 51.41 -80.20 -25.24
CA LYS OA 187 51.79 -78.89 -24.66
C LYS OA 187 52.71 -78.14 -25.64
N ASN OA 188 53.53 -78.87 -26.39
CA ASN OA 188 54.49 -78.24 -27.33
C ASN OA 188 53.88 -78.19 -28.73
N ILE OA 189 52.61 -78.58 -28.88
CA ILE OA 189 52.02 -78.64 -30.26
C ILE OA 189 50.83 -77.70 -30.37
N ASP OA 190 50.90 -76.70 -31.25
CA ASP OA 190 49.75 -75.78 -31.48
C ASP OA 190 48.65 -76.55 -32.23
N ASP OA 191 47.38 -76.25 -31.95
CA ASP OA 191 46.27 -77.00 -32.59
C ASP OA 191 46.18 -76.66 -34.08
N ILE OA 192 45.97 -77.67 -34.92
CA ILE OA 192 45.76 -77.41 -36.37
C ILE OA 192 44.35 -77.89 -36.70
N GLU OA 193 43.51 -77.01 -37.23
CA GLU OA 193 42.10 -77.40 -37.54
C GLU OA 193 41.97 -77.62 -39.05
N GLU OA 194 41.52 -78.82 -39.45
CA GLU OA 194 41.32 -79.10 -40.89
C GLU OA 194 40.03 -78.39 -41.33
N LEU OA 195 40.09 -77.64 -42.43
CA LEU OA 195 38.84 -77.03 -42.94
C LEU OA 195 37.81 -78.16 -42.98
N PHE OA 196 38.27 -79.40 -43.21
CA PHE OA 196 37.38 -80.58 -43.17
C PHE OA 196 36.73 -80.67 -41.77
N LYS OA 202 33.04 -84.37 -35.98
CA LYS OA 202 33.10 -83.81 -37.35
C LYS OA 202 34.21 -82.75 -37.42
N SER OA 203 34.42 -82.01 -36.33
CA SER OA 203 35.49 -80.97 -36.29
C SER OA 203 36.62 -81.46 -35.38
N THR OA 204 37.85 -81.52 -35.88
CA THR OA 204 38.98 -82.06 -35.08
C THR OA 204 40.13 -81.04 -35.02
N THR OA 205 40.74 -80.88 -33.84
CA THR OA 205 41.91 -79.98 -33.72
C THR OA 205 43.15 -80.86 -33.54
N LEU OA 206 44.31 -80.45 -34.05
CA LEU OA 206 45.47 -81.36 -33.94
C LEU OA 206 45.64 -81.76 -32.47
N HIS OA 207 45.22 -80.90 -31.54
CA HIS OA 207 45.27 -81.29 -30.11
C HIS OA 207 44.45 -82.57 -29.92
N LYS OA 208 43.21 -82.56 -30.39
CA LYS OA 208 42.36 -83.74 -30.26
C LYS OA 208 43.02 -84.95 -30.92
N GLU OA 209 43.69 -84.70 -32.06
CA GLU OA 209 44.44 -85.79 -32.73
C GLU OA 209 45.46 -86.34 -31.74
N ILE OA 210 46.23 -85.45 -31.11
CA ILE OA 210 47.28 -85.87 -30.14
C ILE OA 210 46.61 -86.74 -29.06
N LEU OA 211 45.46 -86.28 -28.55
CA LEU OA 211 44.74 -87.02 -27.49
C LEU OA 211 44.38 -88.42 -28.01
N GLN OA 212 43.84 -88.51 -29.23
CA GLN OA 212 43.41 -89.79 -29.75
C GLN OA 212 44.58 -90.70 -30.11
N THR OA 213 45.64 -90.08 -30.64
CA THR OA 213 46.84 -90.89 -31.04
C THR OA 213 47.43 -91.56 -29.80
N ASP OA 214 47.76 -92.84 -29.90
CA ASP OA 214 48.29 -93.61 -28.73
C ASP OA 214 49.76 -93.96 -28.98
N SER OA 215 50.32 -94.83 -28.14
CA SER OA 215 51.72 -95.30 -28.31
C SER OA 215 51.84 -96.71 -27.76
N ARG OA 216 52.70 -97.54 -28.34
CA ARG OA 216 52.83 -98.95 -27.87
C ARG OA 216 54.30 -99.37 -27.82
N LEU OA 217 54.70 -100.08 -26.76
CA LEU OA 217 56.11 -100.52 -26.60
C LEU OA 217 56.35 -101.76 -27.46
N SER OA 218 57.05 -101.60 -28.58
CA SER OA 218 57.39 -102.80 -29.41
C SER OA 218 58.76 -103.32 -28.97
N SER OA 219 58.79 -104.49 -28.33
CA SER OA 219 60.06 -105.05 -27.81
C SER OA 219 59.95 -106.57 -27.71
N ASP OA 220 61.10 -107.26 -27.64
CA ASP OA 220 61.07 -108.73 -27.46
C ASP OA 220 60.43 -109.03 -26.09
N ILE OA 221 60.47 -108.07 -25.17
CA ILE OA 221 59.95 -108.35 -23.79
C ILE OA 221 58.42 -108.33 -23.85
N PHE OA 222 57.85 -107.49 -24.72
CA PHE OA 222 56.40 -107.37 -24.88
C PHE OA 222 56.09 -107.44 -26.37
N LYS OA 223 55.89 -108.66 -26.88
CA LYS OA 223 55.63 -108.83 -28.33
C LYS OA 223 54.14 -108.60 -28.63
N GLU OA 224 53.27 -108.74 -27.63
CA GLU OA 224 51.84 -108.61 -27.89
C GLU OA 224 51.29 -107.36 -27.21
N ILE PA 3 85.18 -83.49 2.70
CA ILE PA 3 83.73 -83.85 2.59
C ILE PA 3 83.37 -84.11 1.13
N ARG PA 4 83.04 -85.36 0.80
CA ARG PA 4 82.74 -85.68 -0.62
C ARG PA 4 81.63 -86.74 -0.65
N ASN PA 5 80.42 -86.34 -1.04
CA ASN PA 5 79.35 -87.35 -1.19
C ASN PA 5 79.82 -88.33 -2.26
N ARG PA 6 79.75 -89.63 -1.96
CA ARG PA 6 80.12 -90.65 -2.98
C ARG PA 6 78.84 -91.26 -3.56
N LEU PA 7 77.66 -90.73 -3.23
CA LEU PA 7 76.45 -91.31 -3.87
C LEU PA 7 76.74 -91.47 -5.35
N SER PA 8 77.20 -90.40 -6.00
CA SER PA 8 77.53 -90.46 -7.45
C SER PA 8 78.44 -91.65 -7.72
N GLU PA 9 79.58 -91.73 -7.03
CA GLU PA 9 80.55 -92.84 -7.27
C GLU PA 9 79.86 -94.17 -6.98
N LEU PA 10 79.20 -94.29 -5.83
CA LEU PA 10 78.53 -95.52 -5.45
C LEU PA 10 77.58 -95.98 -6.55
N LEU PA 11 76.81 -95.04 -7.10
CA LEU PA 11 75.84 -95.39 -8.18
C LEU PA 11 76.62 -95.86 -9.42
N SER PA 12 77.74 -95.21 -9.76
CA SER PA 12 78.55 -95.68 -10.87
C SER PA 12 79.09 -97.07 -10.61
N GLU PA 13 79.46 -97.36 -9.36
CA GLU PA 13 79.88 -98.69 -8.99
C GLU PA 13 78.78 -99.71 -9.22
N ARG PA 14 77.57 -99.42 -8.73
CA ARG PA 14 76.45 -100.35 -8.79
C ARG PA 14 75.61 -100.18 -10.05
N GLY PA 15 75.92 -99.19 -10.88
CA GLY PA 15 75.20 -98.98 -12.12
C GLY PA 15 73.78 -98.53 -11.90
N LEU PA 16 73.44 -98.18 -10.65
CA LEU PA 16 72.08 -97.81 -10.32
C LEU PA 16 71.75 -96.43 -10.88
N LYS PA 17 70.66 -96.36 -11.66
CA LYS PA 17 70.22 -95.05 -12.21
C LYS PA 17 69.74 -94.17 -11.05
N ILE PA 18 69.93 -92.85 -11.18
CA ILE PA 18 69.50 -91.90 -10.10
C ILE PA 18 67.99 -92.04 -9.90
N SER PA 19 67.23 -92.16 -10.99
CA SER PA 19 65.75 -92.25 -10.90
C SER PA 19 65.38 -93.51 -10.10
N ARG PA 20 66.09 -94.61 -10.35
CA ARG PA 20 65.78 -95.89 -9.64
C ARG PA 20 65.96 -95.68 -8.14
N VAL PA 21 67.08 -95.07 -7.75
CA VAL PA 21 67.34 -94.85 -6.30
C VAL PA 21 66.23 -93.95 -5.75
N ALA PA 22 65.89 -92.88 -6.45
CA ALA PA 22 64.89 -91.91 -5.93
C ALA PA 22 63.56 -92.63 -5.67
N LYS PA 23 63.16 -93.50 -6.60
CA LYS PA 23 61.88 -94.25 -6.43
C LYS PA 23 61.96 -95.14 -5.19
N ASP PA 24 63.05 -95.91 -5.07
CA ASP PA 24 63.17 -96.85 -3.95
C ASP PA 24 63.21 -96.13 -2.61
N VAL PA 25 63.90 -94.99 -2.55
CA VAL PA 25 64.07 -94.28 -1.23
C VAL PA 25 63.05 -93.15 -1.09
N LYS PA 26 62.08 -93.06 -2.01
CA LYS PA 26 61.01 -92.05 -1.91
C LYS PA 26 61.57 -90.66 -1.70
N ILE PA 27 62.58 -90.31 -2.50
CA ILE PA 27 63.19 -88.95 -2.44
C ILE PA 27 63.09 -88.34 -3.84
N ALA PA 28 62.92 -87.01 -3.93
CA ALA PA 28 62.77 -86.34 -5.21
C ALA PA 28 63.97 -86.61 -6.11
N ARG PA 29 63.70 -86.86 -7.39
CA ARG PA 29 64.81 -87.07 -8.35
C ARG PA 29 65.67 -85.80 -8.40
N SER PA 30 65.03 -84.64 -8.47
CA SER PA 30 65.79 -83.39 -8.59
C SER PA 30 66.75 -83.21 -7.43
N SER PA 31 66.25 -83.37 -6.21
CA SER PA 31 67.12 -83.24 -5.04
C SER PA 31 68.22 -84.30 -5.05
N LEU PA 32 67.84 -85.53 -5.39
CA LEU PA 32 68.84 -86.64 -5.34
C LEU PA 32 69.94 -86.36 -6.38
N THR PA 33 69.56 -85.85 -7.57
CA THR PA 33 70.57 -85.63 -8.63
C THR PA 33 71.42 -84.42 -8.27
N SER PA 34 70.83 -83.40 -7.64
CA SER PA 34 71.60 -82.25 -7.21
C SER PA 34 72.61 -82.64 -6.15
N MET PA 35 72.17 -83.52 -5.25
CA MET PA 35 73.02 -83.98 -4.11
C MET PA 35 73.99 -85.06 -4.59
N ALA PA 36 73.76 -85.64 -5.77
CA ALA PA 36 74.62 -86.77 -6.22
C ALA PA 36 76.08 -86.34 -6.34
N GLN PA 37 76.35 -85.19 -6.97
CA GLN PA 37 77.76 -84.72 -7.15
C GLN PA 37 78.14 -83.82 -5.97
N ASN PA 38 77.41 -83.93 -4.86
CA ASN PA 38 77.69 -83.07 -3.68
C ASN PA 38 77.68 -81.61 -4.16
N ASP PA 39 76.71 -81.25 -5.00
CA ASP PA 39 76.61 -79.83 -5.47
C ASP PA 39 75.89 -79.04 -4.37
N SER PA 40 74.75 -79.54 -3.90
CA SER PA 40 73.99 -78.85 -2.82
C SER PA 40 74.85 -78.81 -1.54
N GLU PA 41 74.79 -77.70 -0.80
CA GLU PA 41 75.60 -77.56 0.43
C GLU PA 41 74.74 -77.92 1.66
N MET PA 42 73.53 -78.42 1.43
CA MET PA 42 72.67 -78.86 2.56
C MET PA 42 72.20 -80.30 2.30
N ILE PA 43 72.26 -81.14 3.33
CA ILE PA 43 71.84 -82.57 3.22
C ILE PA 43 70.89 -82.91 4.37
N ARG PA 44 69.79 -83.58 4.08
CA ARG PA 44 68.82 -83.97 5.10
C ARG PA 44 69.26 -85.26 5.78
N TYR PA 45 69.11 -85.31 7.10
CA TYR PA 45 69.37 -86.53 7.84
C TYR PA 45 68.53 -87.68 7.31
N ASP PA 46 67.29 -87.40 6.93
CA ASP PA 46 66.44 -88.44 6.36
C ASP PA 46 67.05 -88.97 5.07
N ALA PA 47 67.57 -88.07 4.23
CA ALA PA 47 68.15 -88.48 2.95
C ALA PA 47 69.31 -89.46 3.20
N ILE PA 48 70.27 -89.06 4.04
CA ILE PA 48 71.45 -89.89 4.25
C ILE PA 48 71.06 -91.20 4.93
N ASP PA 49 70.11 -91.13 5.86
CA ASP PA 49 69.63 -92.37 6.53
C ASP PA 49 69.08 -93.32 5.48
N LYS PA 50 68.18 -92.84 4.63
CA LYS PA 50 67.56 -93.69 3.62
C LYS PA 50 68.59 -94.22 2.64
N LEU PA 51 69.54 -93.40 2.23
CA LEU PA 51 70.56 -93.85 1.30
C LEU PA 51 71.44 -94.92 1.93
N CYS PA 52 71.83 -94.73 3.18
CA CYS PA 52 72.68 -95.70 3.86
C CYS PA 52 71.97 -97.03 4.03
N SER PA 53 70.71 -97.00 4.48
CA SER PA 53 69.97 -98.24 4.59
C SER PA 53 69.76 -98.89 3.23
N TYR PA 54 69.44 -98.09 2.21
CA TYR PA 54 69.17 -98.63 0.89
C TYR PA 54 70.42 -99.22 0.25
N LEU PA 55 71.56 -98.54 0.41
CA LEU PA 55 72.80 -99.00 -0.21
C LEU PA 55 73.58 -99.96 0.68
N HIS PA 56 73.06 -100.30 1.86
CA HIS PA 56 73.72 -101.21 2.79
C HIS PA 56 75.12 -100.72 3.14
N ILE PA 57 75.23 -99.43 3.46
CA ILE PA 57 76.51 -98.79 3.72
C ILE PA 57 76.43 -98.00 5.01
N SER PA 58 77.58 -97.85 5.66
CA SER PA 58 77.71 -96.88 6.74
C SER PA 58 77.90 -95.49 6.14
N PRO PA 59 77.60 -94.40 6.88
CA PRO PA 59 77.70 -93.05 6.30
C PRO PA 59 79.15 -92.78 5.89
N SER PA 60 80.06 -93.67 6.29
CA SER PA 60 81.50 -93.52 5.94
C SER PA 60 81.66 -93.57 4.42
N GLU PA 61 80.99 -94.51 3.77
CA GLU PA 61 81.15 -94.67 2.29
C GLU PA 61 80.39 -93.55 1.57
N PHE PA 62 79.46 -92.89 2.25
CA PHE PA 62 78.71 -91.76 1.64
C PHE PA 62 79.54 -90.49 1.79
N PHE PA 63 79.91 -90.16 3.03
CA PHE PA 63 80.69 -88.92 3.31
C PHE PA 63 82.19 -89.23 3.37
N GLU PA 64 82.96 -88.76 2.39
CA GLU PA 64 84.44 -88.94 2.46
C GLU PA 64 85.04 -87.62 2.91
N HIS PA 65 85.69 -87.58 4.08
CA HIS PA 65 86.22 -86.29 4.61
C HIS PA 65 87.74 -86.36 4.86
N ASN PA 66 88.48 -85.36 4.37
CA ASN PA 66 89.94 -85.28 4.64
C ASN PA 66 90.14 -84.16 5.65
N PRO PA 67 90.66 -84.44 6.88
CA PRO PA 67 90.78 -83.39 7.91
C PRO PA 67 91.36 -82.08 7.38
N ILE PA 68 92.09 -82.14 6.26
CA ILE PA 68 92.75 -80.93 5.70
C ILE PA 68 91.68 -79.96 5.19
N ASN PA 69 91.89 -78.65 5.40
CA ASN PA 69 90.91 -77.64 5.02
C ASN PA 69 91.61 -76.56 4.23
N PHE PA 70 90.94 -76.06 3.20
CA PHE PA 70 91.49 -75.02 2.34
C PHE PA 70 90.57 -73.81 2.38
N ASP PA 71 91.15 -72.64 2.62
CA ASP PA 71 90.42 -71.39 2.62
C ASP PA 71 91.11 -70.39 1.70
N PHE PA 72 90.32 -69.61 0.98
CA PHE PA 72 90.82 -68.74 -0.09
C PHE PA 72 90.31 -67.33 0.16
N THR PA 73 91.25 -66.39 0.26
CA THR PA 73 90.90 -64.96 0.50
C THR PA 73 91.48 -64.12 -0.64
N PHE PA 74 90.64 -63.35 -1.32
CA PHE PA 74 91.09 -62.53 -2.48
C PHE PA 74 91.38 -61.10 -2.03
N ASP PA 75 92.36 -60.45 -2.67
CA ASP PA 75 92.70 -59.08 -2.37
C ASP PA 75 91.48 -58.18 -2.43
N GLU PA 76 91.35 -57.30 -1.45
CA GLU PA 76 90.26 -56.34 -1.46
C GLU PA 76 90.34 -55.43 -2.69
N GLU PA 77 91.55 -54.98 -3.03
CA GLU PA 77 91.79 -54.21 -4.24
C GLU PA 77 92.75 -54.96 -5.14
N PRO PA 78 92.32 -55.40 -6.32
CA PRO PA 78 93.25 -56.05 -7.25
C PRO PA 78 93.90 -55.06 -8.20
N ASN PA 79 94.98 -55.50 -8.82
CA ASN PA 79 95.70 -54.70 -9.80
C ASN PA 79 95.15 -55.02 -11.19
N TYR PA 80 94.16 -54.27 -11.65
CA TYR PA 80 93.53 -54.62 -12.95
C TYR PA 80 93.51 -53.43 -13.92
N LYS PA 81 93.72 -53.70 -15.22
CA LYS PA 81 93.63 -52.63 -16.26
C LYS PA 81 92.62 -53.11 -17.31
N ILE PA 82 91.76 -52.23 -17.82
CA ILE PA 82 90.68 -52.68 -18.74
C ILE PA 82 90.88 -52.09 -20.15
N ASN PA 83 90.58 -52.87 -21.19
CA ASN PA 83 90.63 -52.33 -22.58
C ASN PA 83 89.29 -52.69 -23.25
N ASP PA 84 88.51 -51.67 -23.64
CA ASP PA 84 87.15 -51.93 -24.20
C ASP PA 84 87.14 -51.66 -25.70
N VAL PA 85 86.98 -52.72 -26.52
CA VAL PA 85 86.90 -52.55 -28.00
C VAL PA 85 85.51 -52.04 -28.37
N PHE PA 86 84.47 -52.54 -27.70
CA PHE PA 86 83.06 -52.12 -27.95
C PHE PA 86 82.59 -52.55 -29.34
N GLU PA 87 83.42 -53.27 -30.10
CA GLU PA 87 83.01 -53.59 -31.46
C GLU PA 87 83.13 -55.09 -31.69
N GLY PA 88 82.09 -55.67 -32.31
CA GLY PA 88 82.08 -57.13 -32.55
C GLY PA 88 81.04 -57.86 -31.71
N PHE PA 89 80.87 -57.46 -30.44
CA PHE PA 89 79.92 -58.17 -29.54
C PHE PA 89 78.50 -58.13 -30.13
N GLU PA 90 78.17 -57.02 -30.78
CA GLU PA 90 76.84 -56.85 -31.44
C GLU PA 90 76.65 -57.84 -32.57
N VAL PA 91 77.61 -57.89 -33.49
CA VAL PA 91 77.55 -58.83 -34.65
C VAL PA 91 77.40 -60.25 -34.11
N THR PA 92 78.40 -60.68 -33.33
CA THR PA 92 78.41 -62.07 -32.78
C THR PA 92 78.51 -61.93 -31.26
N ALA PA 93 77.84 -62.80 -30.49
CA ALA PA 93 77.81 -62.60 -29.02
C ALA PA 93 79.12 -63.10 -28.40
N ASN PA 94 80.20 -62.34 -28.58
CA ASN PA 94 81.51 -62.72 -27.98
C ASN PA 94 82.00 -61.57 -27.10
N ILE PA 95 82.19 -61.83 -25.80
CA ILE PA 95 82.68 -60.78 -24.86
C ILE PA 95 84.04 -60.29 -25.36
N THR PA 96 84.87 -61.20 -25.87
CA THR PA 96 86.21 -60.82 -26.38
C THR PA 96 86.09 -59.57 -27.26
N HIS PA 97 85.17 -59.60 -28.22
CA HIS PA 97 85.01 -58.46 -29.16
C HIS PA 97 84.60 -57.21 -28.37
N ALA PA 98 83.76 -57.39 -27.35
CA ALA PA 98 83.22 -56.23 -26.59
C ALA PA 98 84.35 -55.54 -25.82
N PHE PA 99 85.22 -56.32 -25.17
CA PHE PA 99 86.31 -55.76 -24.38
C PHE PA 99 87.20 -56.91 -23.94
N SER PA 100 88.22 -56.58 -23.14
CA SER PA 100 89.11 -57.60 -22.57
C SER PA 100 89.82 -56.94 -21.38
N ILE PA 101 90.46 -57.72 -20.51
CA ILE PA 101 91.09 -57.15 -19.29
C ILE PA 101 92.61 -57.05 -19.56
N GLU PA 102 93.13 -55.84 -19.72
CA GLU PA 102 94.56 -55.70 -20.10
C GLU PA 102 95.41 -56.33 -19.00
N ASN PA 103 95.13 -56.03 -17.73
CA ASN PA 103 95.86 -56.65 -16.59
C ASN PA 103 94.83 -57.01 -15.53
N PHE PA 104 95.10 -58.06 -14.73
CA PHE PA 104 94.19 -58.37 -13.60
C PHE PA 104 95.02 -59.22 -12.63
N ASP PA 105 96.19 -58.70 -12.26
CA ASP PA 105 97.09 -59.45 -11.34
C ASP PA 105 96.66 -59.17 -9.90
N PHE PA 106 96.49 -60.22 -9.10
CA PHE PA 106 96.13 -60.05 -7.67
C PHE PA 106 96.58 -61.28 -6.88
N GLU PA 107 96.85 -61.05 -5.59
CA GLU PA 107 97.31 -62.16 -4.73
C GLU PA 107 96.12 -62.80 -4.02
N ILE PA 108 96.10 -64.11 -3.93
CA ILE PA 108 95.08 -64.84 -3.19
C ILE PA 108 95.79 -65.54 -2.05
N LEU PA 109 95.42 -65.16 -0.82
CA LEU PA 109 96.00 -65.84 0.36
C LEU PA 109 95.25 -67.14 0.59
N VAL PA 110 95.95 -68.27 0.54
CA VAL PA 110 95.29 -69.60 0.71
C VAL PA 110 95.84 -70.25 1.98
N ASP PA 111 94.95 -70.51 2.95
CA ASP PA 111 95.40 -71.19 4.19
C ASP PA 111 95.11 -72.68 4.07
N VAL PA 112 96.15 -73.50 3.88
CA VAL PA 112 95.93 -74.97 3.89
C VAL PA 112 96.06 -75.42 5.35
N GLU PA 113 94.97 -75.88 5.96
CA GLU PA 113 95.03 -76.20 7.40
C GLU PA 113 95.34 -77.68 7.58
N LEU PA 114 96.37 -78.00 8.37
CA LEU PA 114 96.73 -79.42 8.62
C LEU PA 114 95.77 -79.98 9.67
N ASP PA 115 95.85 -81.29 9.95
CA ASP PA 115 95.02 -81.87 11.04
C ASP PA 115 95.45 -81.20 12.34
N ASN PA 116 96.75 -80.96 12.51
CA ASN PA 116 97.24 -80.23 13.72
C ASN PA 116 96.68 -78.81 13.66
N ARG PA 117 96.36 -78.21 14.81
CA ARG PA 117 95.72 -76.87 14.81
C ARG PA 117 96.54 -75.93 13.92
N GLN PA 118 97.88 -76.00 13.99
CA GLN PA 118 98.73 -75.18 13.11
C GLN PA 118 98.23 -75.26 11.67
N LYS PA 119 98.22 -74.13 10.95
CA LYS PA 119 97.78 -74.12 9.53
C LYS PA 119 98.88 -73.42 8.72
N LEU PA 120 98.99 -73.74 7.42
CA LEU PA 120 100.08 -73.16 6.59
C LEU PA 120 99.48 -72.11 5.65
N ASN PA 121 100.01 -70.89 5.69
CA ASN PA 121 99.51 -69.81 4.81
C ASN PA 121 100.38 -69.78 3.55
N PHE PA 122 99.77 -69.86 2.37
CA PHE PA 122 100.56 -69.75 1.11
C PHE PA 122 99.92 -68.66 0.24
N ASP PA 123 100.73 -67.73 -0.25
CA ASP PA 123 100.20 -66.62 -1.09
C ASP PA 123 100.48 -66.93 -2.56
N LEU PA 124 99.42 -66.96 -3.38
CA LEU PA 124 99.63 -67.17 -4.84
C LEU PA 124 99.22 -65.89 -5.58
N ASP PA 125 100.10 -65.39 -6.45
CA ASP PA 125 99.73 -64.21 -7.27
C ASP PA 125 99.25 -64.72 -8.62
N VAL PA 126 98.00 -64.43 -8.98
CA VAL PA 126 97.46 -64.86 -10.30
C VAL PA 126 97.28 -63.60 -11.16
N SER PA 127 97.82 -63.61 -12.37
CA SER PA 127 97.64 -62.46 -13.30
C SER PA 127 96.80 -62.91 -14.49
N TYR PA 128 96.13 -61.99 -15.16
CA TYR PA 128 95.38 -62.37 -16.39
C TYR PA 128 96.36 -62.97 -17.40
N LYS PA 129 96.11 -64.20 -17.84
CA LYS PA 129 97.00 -64.87 -18.84
C LYS PA 129 96.37 -64.72 -20.22
N GLU PA 130 95.11 -65.14 -20.38
CA GLU PA 130 94.41 -65.07 -21.68
C GLU PA 130 92.92 -65.31 -21.45
N THR PA 131 92.12 -65.40 -22.51
CA THR PA 131 90.68 -65.74 -22.33
C THR PA 131 90.42 -67.09 -23.01
N GLU PA 132 89.82 -68.04 -22.29
CA GLU PA 132 89.50 -69.37 -22.88
C GLU PA 132 88.23 -69.25 -23.73
N LYS PA 133 88.33 -69.61 -25.02
CA LYS PA 133 87.13 -69.59 -25.90
C LYS PA 133 86.34 -70.89 -25.72
N ILE PA 134 85.76 -71.11 -24.55
CA ILE PA 134 85.04 -72.40 -24.27
C ILE PA 134 83.92 -72.52 -25.30
N THR PA 135 83.22 -71.42 -25.60
CA THR PA 135 82.19 -71.43 -26.67
C THR PA 135 82.33 -70.13 -27.47
N ASN PA 136 81.90 -70.14 -28.73
CA ASN PA 136 81.99 -68.92 -29.57
C ASN PA 136 81.23 -67.78 -28.88
N SER PA 137 80.42 -68.09 -27.87
CA SER PA 137 79.61 -67.07 -27.22
C SER PA 137 80.08 -66.76 -25.80
N GLN PA 138 80.63 -67.74 -25.09
CA GLN PA 138 81.10 -67.55 -23.73
C GLN PA 138 82.60 -67.76 -23.67
N HIS PA 139 83.29 -66.84 -22.99
CA HIS PA 139 84.77 -66.93 -22.88
C HIS PA 139 85.18 -66.85 -21.40
N ARG PA 140 86.05 -67.75 -20.97
CA ARG PA 140 86.45 -67.77 -19.52
C ARG PA 140 87.86 -67.19 -19.36
N PHE PA 141 87.99 -66.16 -18.53
CA PHE PA 141 89.32 -65.54 -18.28
C PHE PA 141 90.27 -66.59 -17.68
N ILE PA 142 91.53 -66.55 -18.08
CA ILE PA 142 92.55 -67.52 -17.54
C ILE PA 142 93.55 -66.72 -16.71
N PHE PA 143 93.82 -67.15 -15.47
CA PHE PA 143 94.83 -66.47 -14.63
C PHE PA 143 95.94 -67.46 -14.27
N THR PA 144 97.20 -67.05 -14.48
CA THR PA 144 98.35 -67.96 -14.21
C THR PA 144 99.03 -67.53 -12.90
N ILE PA 145 99.46 -68.51 -12.09
CA ILE PA 145 100.17 -68.19 -10.86
C ILE PA 145 101.60 -67.81 -11.20
N LYS PA 146 102.00 -66.60 -10.78
CA LYS PA 146 103.38 -66.14 -11.03
C LYS PA 146 104.30 -66.84 -10.02
N ASN PA 147 104.01 -66.68 -8.73
CA ASN PA 147 104.87 -67.27 -7.66
C ASN PA 147 104.46 -68.73 -7.38
N GLU PA 148 104.66 -69.62 -8.36
CA GLU PA 148 104.36 -71.06 -8.13
C GLU PA 148 105.43 -71.66 -7.21
N ASP PA 149 106.61 -71.03 -7.13
CA ASP PA 149 107.63 -71.52 -6.22
C ASP PA 149 107.15 -71.53 -4.78
N GLU PA 150 106.47 -70.46 -4.36
CA GLU PA 150 105.92 -70.42 -3.01
C GLU PA 150 104.81 -71.45 -2.83
N ASN PA 151 104.27 -71.93 -3.96
CA ASN PA 151 103.11 -72.86 -3.88
C ASN PA 151 103.50 -74.29 -4.25
N ILE PA 152 104.79 -74.63 -4.17
CA ILE PA 152 105.18 -76.01 -4.42
C ILE PA 152 104.53 -76.94 -3.41
N GLY PA 153 104.53 -76.56 -2.14
CA GLY PA 153 103.81 -77.34 -1.15
C GLY PA 153 102.30 -77.28 -1.35
N LEU PA 154 101.81 -76.21 -1.97
CA LEU PA 154 100.39 -76.11 -2.29
C LEU PA 154 99.96 -77.23 -3.23
N LYS PA 155 100.79 -77.49 -4.24
CA LYS PA 155 100.46 -78.57 -5.20
C LYS PA 155 100.44 -79.90 -4.44
N LYS PA 156 101.43 -80.13 -3.57
CA LYS PA 156 101.50 -81.38 -2.82
C LYS PA 156 100.26 -81.56 -1.97
N TYR PA 157 99.82 -80.50 -1.28
CA TYR PA 157 98.60 -80.60 -0.49
C TYR PA 157 97.37 -80.80 -1.36
N VAL PA 158 97.33 -80.16 -2.53
CA VAL PA 158 96.16 -80.26 -3.40
C VAL PA 158 96.02 -81.67 -3.94
N ASP PA 159 97.10 -82.23 -4.49
CA ASP PA 159 97.01 -83.58 -5.02
C ASP PA 159 97.09 -84.65 -3.92
N SER PA 160 97.35 -84.24 -2.68
CA SER PA 160 97.22 -85.17 -1.57
C SER PA 160 95.76 -85.54 -1.31
N LEU PA 161 94.83 -84.75 -1.83
CA LEU PA 161 93.38 -85.04 -1.63
C LEU PA 161 92.85 -85.98 -2.71
N SER PA 162 91.68 -86.57 -2.48
CA SER PA 162 91.06 -87.49 -3.46
C SER PA 162 90.66 -86.73 -4.72
N ALA PA 163 90.55 -87.45 -5.83
CA ALA PA 163 90.23 -86.82 -7.11
C ALA PA 163 88.94 -86.03 -7.02
N GLY PA 164 87.94 -86.61 -6.36
CA GLY PA 164 86.66 -85.89 -6.18
C GLY PA 164 86.88 -84.61 -5.41
N LEU PA 165 87.64 -84.69 -4.30
CA LEU PA 165 87.91 -83.50 -3.51
C LEU PA 165 88.69 -82.47 -4.31
N LYS PA 166 89.66 -82.93 -5.10
CA LYS PA 166 90.40 -81.98 -5.96
C LYS PA 166 89.40 -81.27 -6.87
N ASN PA 167 88.56 -82.03 -7.57
CA ASN PA 167 87.60 -81.42 -8.48
C ASN PA 167 86.69 -80.44 -7.74
N LEU PA 168 86.30 -80.81 -6.53
CA LEU PA 168 85.46 -79.91 -5.69
C LEU PA 168 86.22 -78.60 -5.54
N LEU PA 169 87.46 -78.67 -5.05
CA LEU PA 169 88.28 -77.46 -4.85
C LEU PA 169 88.31 -76.66 -6.15
N PHE PA 170 88.62 -77.33 -7.27
CA PHE PA 170 88.74 -76.61 -8.52
C PHE PA 170 87.45 -75.87 -8.84
N LYS PA 171 86.32 -76.54 -8.62
CA LYS PA 171 85.00 -75.90 -8.87
C LYS PA 171 84.86 -74.67 -7.97
N LYS PA 172 85.09 -74.83 -6.67
CA LYS PA 172 84.92 -73.70 -5.72
C LYS PA 172 85.80 -72.53 -6.17
N ILE PA 173 87.10 -72.78 -6.36
CA ILE PA 173 88.03 -71.67 -6.69
C ILE PA 173 87.57 -71.04 -8.01
N ASN PA 174 87.12 -71.87 -8.97
CA ASN PA 174 86.69 -71.32 -10.25
C ASN PA 174 85.52 -70.38 -10.07
N GLN PA 175 84.52 -70.81 -9.31
CA GLN PA 175 83.34 -69.95 -9.04
C GLN PA 175 83.81 -68.67 -8.38
N LYS PA 176 84.60 -68.78 -7.31
CA LYS PA 176 85.03 -67.62 -6.56
C LYS PA 176 85.78 -66.64 -7.46
N LEU PA 177 86.70 -67.17 -8.26
CA LEU PA 177 87.48 -66.32 -9.19
C LEU PA 177 86.52 -65.66 -10.18
N SER PA 178 85.55 -66.42 -10.72
CA SER PA 178 84.63 -65.90 -11.71
C SER PA 178 83.78 -64.78 -11.14
N GLY PA 179 83.24 -64.98 -9.94
CA GLY PA 179 82.48 -63.92 -9.30
C GLY PA 179 83.33 -62.70 -9.00
N TYR PA 180 84.57 -62.92 -8.55
CA TYR PA 180 85.47 -61.81 -8.26
C TYR PA 180 85.73 -60.98 -9.50
N VAL PA 181 86.13 -61.63 -10.60
CA VAL PA 181 86.47 -60.90 -11.81
C VAL PA 181 85.23 -60.26 -12.42
N SER PA 182 84.08 -60.93 -12.35
CA SER PA 182 82.85 -60.36 -12.89
C SER PA 182 82.45 -59.12 -12.10
N GLU PA 183 82.50 -59.21 -10.77
CA GLU PA 183 82.18 -58.02 -9.94
C GLU PA 183 83.14 -56.89 -10.33
N ILE PA 184 84.44 -57.17 -10.39
CA ILE PA 184 85.40 -56.12 -10.70
C ILE PA 184 85.10 -55.50 -12.05
N ILE PA 185 84.86 -56.33 -13.07
CA ILE PA 185 84.76 -55.79 -14.46
C ILE PA 185 83.40 -55.14 -14.76
N VAL PA 186 82.29 -55.78 -14.40
CA VAL PA 186 80.94 -55.27 -14.81
C VAL PA 186 80.81 -53.79 -14.44
N LYS PA 187 81.46 -53.35 -13.37
CA LYS PA 187 81.30 -51.95 -12.88
C LYS PA 187 81.96 -50.98 -13.88
N ASN PA 188 83.05 -51.42 -14.53
CA ASN PA 188 83.78 -50.54 -15.47
C ASN PA 188 83.31 -50.82 -16.90
N ILE PA 189 82.26 -51.63 -17.08
CA ILE PA 189 81.82 -51.99 -18.46
C ILE PA 189 80.36 -51.62 -18.65
N ASP PA 190 79.98 -51.16 -19.86
CA ASP PA 190 78.57 -50.81 -20.15
C ASP PA 190 77.90 -52.01 -20.85
N ASP PA 191 76.57 -52.04 -20.88
CA ASP PA 191 75.83 -53.16 -21.51
C ASP PA 191 75.63 -52.87 -23.00
N ILE PA 192 76.11 -53.76 -23.87
CA ILE PA 192 75.94 -53.58 -25.33
C ILE PA 192 74.78 -54.46 -25.79
N GLU PA 193 73.74 -53.84 -26.36
CA GLU PA 193 72.59 -54.62 -26.90
C GLU PA 193 72.83 -54.87 -28.39
N GLU PA 194 72.73 -56.13 -28.83
CA GLU PA 194 73.06 -56.45 -30.26
C GLU PA 194 71.93 -55.95 -31.17
N LEU PA 195 72.27 -55.22 -32.23
CA LEU PA 195 71.22 -54.77 -33.19
C LEU PA 195 70.56 -56.05 -33.65
N PHE PA 196 71.35 -57.12 -33.78
CA PHE PA 196 70.83 -58.44 -34.22
C PHE PA 196 69.82 -58.97 -33.21
N LYS PA 202 67.27 -63.09 -29.13
CA LYS PA 202 68.46 -62.88 -30.00
C LYS PA 202 69.35 -61.79 -29.39
N SER PA 203 68.77 -60.63 -29.09
CA SER PA 203 69.54 -59.52 -28.53
C SER PA 203 70.13 -59.90 -27.17
N THR PA 204 71.37 -59.50 -26.94
CA THR PA 204 72.07 -59.88 -25.67
C THR PA 204 72.57 -58.61 -24.98
N THR PA 205 72.72 -58.65 -23.65
CA THR PA 205 73.26 -57.49 -22.91
C THR PA 205 74.67 -57.86 -22.45
N LEU PA 206 75.62 -56.92 -22.54
CA LEU PA 206 77.02 -57.23 -22.20
C LEU PA 206 77.17 -57.42 -20.68
N HIS PA 207 76.44 -56.66 -19.87
CA HIS PA 207 76.50 -56.91 -18.40
C HIS PA 207 76.20 -58.38 -18.14
N LYS PA 208 75.07 -58.85 -18.67
CA LYS PA 208 74.70 -60.25 -18.49
C LYS PA 208 75.79 -61.17 -19.00
N GLU PA 209 76.43 -60.81 -20.11
CA GLU PA 209 77.55 -61.60 -20.61
C GLU PA 209 78.69 -61.65 -19.62
N ILE PA 210 78.97 -60.49 -18.99
CA ILE PA 210 80.03 -60.44 -17.94
C ILE PA 210 79.63 -61.41 -16.82
N LEU PA 211 78.35 -61.38 -16.42
CA LEU PA 211 77.87 -62.26 -15.32
C LEU PA 211 78.08 -63.71 -15.73
N GLN PA 212 77.71 -64.07 -16.96
CA GLN PA 212 77.79 -65.47 -17.39
C GLN PA 212 79.24 -65.90 -17.62
N THR PA 213 80.06 -64.98 -18.14
CA THR PA 213 81.48 -65.32 -18.41
C THR PA 213 82.18 -65.64 -17.09
N ASP PA 214 82.95 -66.73 -17.06
CA ASP PA 214 83.63 -67.16 -15.81
C ASP PA 214 85.15 -66.98 -15.96
N SER PA 215 85.91 -67.52 -15.01
CA SER PA 215 87.39 -67.46 -15.09
C SER PA 215 87.98 -68.70 -14.40
N ARG PA 216 89.12 -69.21 -14.87
CA ARG PA 216 89.70 -70.43 -14.26
C ARG PA 216 91.22 -70.28 -14.11
N LEU PA 217 91.75 -70.73 -12.98
CA LEU PA 217 93.22 -70.61 -12.71
C LEU PA 217 93.96 -71.74 -13.44
N SER PA 218 94.64 -71.41 -14.53
CA SER PA 218 95.45 -72.45 -15.24
C SER PA 218 96.87 -72.41 -14.69
N SER PA 219 97.26 -73.45 -13.95
CA SER PA 219 98.61 -73.46 -13.33
C SER PA 219 99.05 -74.91 -13.09
N ASP PA 220 100.36 -75.13 -12.91
CA ASP PA 220 100.84 -76.50 -12.60
C ASP PA 220 100.25 -76.92 -11.25
N ILE PA 221 99.87 -75.95 -10.41
CA ILE PA 221 99.39 -76.32 -9.04
C ILE PA 221 97.96 -76.85 -9.17
N PHE PA 222 97.20 -76.34 -10.14
CA PHE PA 222 95.81 -76.76 -10.37
C PHE PA 222 95.66 -77.04 -11.87
N LYS PA 223 95.99 -78.26 -12.28
CA LYS PA 223 95.89 -78.64 -13.68
C LYS PA 223 94.49 -79.07 -14.09
N GLU PA 224 93.60 -79.34 -13.14
CA GLU PA 224 92.25 -79.77 -13.47
C GLU PA 224 91.24 -78.76 -12.94
N ILE QA 3 111.58 -42.58 16.10
CA ILE QA 3 110.38 -43.47 16.01
C ILE QA 3 110.21 -43.96 14.57
N ARG QA 4 110.39 -45.26 14.32
CA ARG QA 4 110.30 -45.77 12.94
C ARG QA 4 109.67 -47.16 12.98
N ASN QA 5 108.43 -47.28 12.54
CA ASN QA 5 107.81 -48.63 12.45
C ASN QA 5 108.66 -49.44 11.48
N ARG QA 6 109.08 -50.63 11.88
CA ARG QA 6 109.84 -51.51 10.97
C ARG QA 6 108.92 -52.60 10.42
N LEU QA 7 107.62 -52.53 10.68
CA LEU QA 7 106.74 -53.56 10.07
C LEU QA 7 107.14 -53.71 8.61
N SER QA 8 107.20 -52.60 7.89
CA SER QA 8 107.58 -52.63 6.45
C SER QA 8 108.89 -53.42 6.29
N GLU QA 9 109.95 -53.01 7.01
CA GLU QA 9 111.27 -53.68 6.88
C GLU QA 9 111.12 -55.15 7.27
N LEU QA 10 110.50 -55.42 8.42
CA LEU QA 10 110.32 -56.79 8.88
C LEU QA 10 109.66 -57.66 7.83
N LEU QA 11 108.63 -57.11 7.18
CA LEU QA 11 107.91 -57.87 6.11
C LEU QA 11 108.86 -58.11 4.93
N SER QA 12 109.67 -57.11 4.57
CA SER QA 12 110.65 -57.32 3.50
C SER QA 12 111.67 -58.38 3.90
N GLU QA 13 112.05 -58.41 5.16
CA GLU QA 13 112.93 -59.47 5.67
C GLU QA 13 112.30 -60.83 5.50
N ARG QA 14 111.06 -60.99 5.95
CA ARG QA 14 110.37 -62.27 5.93
C ARG QA 14 109.57 -62.52 4.66
N GLY QA 15 109.54 -61.56 3.75
CA GLY QA 15 108.84 -61.72 2.48
C GLY QA 15 107.34 -61.82 2.64
N LEU QA 16 106.85 -61.54 3.84
CA LEU QA 16 105.44 -61.69 4.12
C LEU QA 16 104.64 -60.58 3.44
N LYS QA 17 103.64 -60.98 2.65
CA LYS QA 17 102.78 -59.98 1.98
C LYS QA 17 101.94 -59.25 3.05
N ILE QA 18 101.63 -57.98 2.83
CA ILE QA 18 100.83 -57.21 3.82
C ILE QA 18 99.48 -57.90 4.00
N SER QA 19 98.86 -58.34 2.89
CA SER QA 19 97.53 -58.98 2.97
C SER QA 19 97.60 -60.22 3.86
N ARG QA 20 98.69 -61.00 3.72
CA ARG QA 20 98.84 -62.24 4.53
C ARG QA 20 98.87 -61.87 6.00
N VAL QA 21 99.66 -60.86 6.36
CA VAL QA 21 99.74 -60.45 7.79
C VAL QA 21 98.35 -60.01 8.25
N ALA QA 22 97.66 -59.20 7.45
CA ALA QA 22 96.36 -58.63 7.87
C ALA QA 22 95.39 -59.78 8.17
N LYS QA 23 95.38 -60.81 7.31
CA LYS QA 23 94.47 -61.96 7.52
C LYS QA 23 94.82 -62.67 8.83
N ASP QA 24 96.10 -62.96 9.04
CA ASP QA 24 96.53 -63.70 10.23
C ASP QA 24 96.22 -62.92 11.51
N VAL QA 25 96.43 -61.60 11.49
CA VAL QA 25 96.27 -60.79 12.74
C VAL QA 25 94.89 -60.13 12.77
N LYS QA 26 94.00 -60.47 11.83
CA LYS QA 26 92.63 -59.94 11.83
C LYS QA 26 92.61 -58.42 11.93
N ILE QA 27 93.47 -57.78 11.11
CA ILE QA 27 93.52 -56.30 11.07
C ILE QA 27 93.25 -55.87 9.62
N ALA QA 28 92.61 -54.72 9.41
CA ALA QA 28 92.27 -54.25 8.09
C ALA QA 28 93.52 -54.09 7.23
N ARG QA 29 93.43 -54.53 5.97
CA ARG QA 29 94.59 -54.37 5.05
C ARG QA 29 94.91 -52.89 4.91
N SER QA 30 93.88 -52.04 4.73
CA SER QA 30 94.13 -50.63 4.51
C SER QA 30 94.89 -50.01 5.67
N SER QA 31 94.44 -50.26 6.90
CA SER QA 31 95.14 -49.73 8.06
C SER QA 31 96.55 -50.29 8.17
N LEU QA 32 96.68 -51.59 7.92
CA LEU QA 32 98.01 -52.23 8.07
C LEU QA 32 98.97 -51.63 7.05
N THR QA 33 98.49 -51.40 5.81
CA THR QA 33 99.40 -50.89 4.74
C THR QA 33 99.71 -49.42 5.02
N SER QA 34 98.75 -48.67 5.55
CA SER QA 34 99.01 -47.28 5.89
C SER QA 34 100.04 -47.18 7.00
N MET QA 35 99.93 -48.09 7.96
CA MET QA 35 100.83 -48.12 9.15
C MET QA 35 102.16 -48.78 8.78
N ALA QA 36 102.23 -49.48 7.65
CA ALA QA 36 103.45 -50.24 7.31
C ALA QA 36 104.66 -49.30 7.18
N GLN QA 37 104.50 -48.17 6.47
CA GLN QA 37 105.63 -47.23 6.27
C GLN QA 37 105.60 -46.17 7.37
N ASN QA 38 104.91 -46.47 8.48
CA ASN QA 38 104.79 -45.48 9.58
C ASN QA 38 104.26 -44.17 8.99
N ASP QA 39 103.26 -44.26 8.10
CA ASP QA 39 102.66 -43.03 7.50
C ASP QA 39 101.65 -42.48 8.53
N SER QA 40 100.75 -43.35 9.02
CA SER QA 40 99.74 -42.91 10.02
C SER QA 40 100.45 -42.47 11.30
N GLU QA 41 99.95 -41.41 11.94
CA GLU QA 41 100.60 -40.88 13.18
C GLU QA 41 99.88 -41.45 14.41
N MET QA 42 98.94 -42.38 14.21
CA MET QA 42 98.26 -43.04 15.35
C MET QA 42 98.38 -44.55 15.20
N ILE QA 43 98.71 -45.25 16.31
CA ILE QA 43 98.86 -46.73 16.31
C ILE QA 43 98.06 -47.32 17.48
N ARG QA 44 97.29 -48.38 17.23
CA ARG QA 44 96.50 -49.03 18.25
C ARG QA 44 97.35 -50.00 19.05
N TYR QA 45 97.17 -50.00 20.37
CA TYR QA 45 97.84 -50.99 21.21
C TYR QA 45 97.52 -52.40 20.76
N ASP QA 46 96.28 -52.64 20.35
CA ASP QA 46 95.91 -53.95 19.84
C ASP QA 46 96.73 -54.31 18.62
N ALA QA 47 96.92 -53.34 17.72
CA ALA QA 47 97.67 -53.60 16.48
C ALA QA 47 99.10 -54.04 16.83
N ILE QA 48 99.79 -53.25 17.65
CA ILE QA 48 101.19 -53.56 17.96
C ILE QA 48 101.29 -54.86 18.73
N ASP QA 49 100.34 -55.10 19.64
CA ASP QA 49 100.32 -56.37 20.41
C ASP QA 49 100.23 -57.54 19.44
N LYS QA 50 99.25 -57.49 18.52
CA LYS QA 50 99.04 -58.58 17.58
C LYS QA 50 100.24 -58.76 16.67
N LEU QA 51 100.84 -57.66 16.21
CA LEU QA 51 102.00 -57.76 15.34
C LEU QA 51 103.19 -58.37 16.07
N CYS QA 52 103.41 -57.97 17.32
CA CYS QA 52 104.53 -58.48 18.08
C CYS QA 52 104.36 -59.97 18.35
N SER QA 53 103.16 -60.38 18.77
CA SER QA 53 102.93 -61.81 18.99
C SER QA 53 103.05 -62.59 17.68
N TYR QA 54 102.50 -62.04 16.59
CA TYR QA 54 102.52 -62.73 15.31
C TYR QA 54 103.92 -62.84 14.74
N LEU QA 55 104.72 -61.78 14.86
CA LEU QA 55 106.06 -61.78 14.32
C LEU QA 55 107.11 -62.31 15.30
N HIS QA 56 106.68 -62.74 16.48
CA HIS QA 56 107.61 -63.26 17.50
C HIS QA 56 108.70 -62.25 17.82
N ILE QA 57 108.30 -61.00 18.03
CA ILE QA 57 109.24 -59.91 18.28
C ILE QA 57 108.81 -59.11 19.49
N SER QA 58 109.77 -58.50 20.14
CA SER QA 58 109.49 -57.48 21.13
C SER QA 58 109.17 -56.16 20.43
N PRO QA 59 108.45 -55.20 21.07
CA PRO QA 59 108.06 -53.97 20.38
C PRO QA 59 109.32 -53.20 19.96
N SER QA 60 110.49 -53.65 20.46
CA SER QA 60 111.77 -52.99 20.12
C SER QA 60 112.02 -53.09 18.62
N GLU QA 61 111.76 -54.26 18.02
CA GLU QA 61 112.06 -54.45 16.58
C GLU QA 61 110.96 -53.76 15.75
N PHE QA 62 109.82 -53.45 16.36
CA PHE QA 62 108.74 -52.74 15.63
C PHE QA 62 109.02 -51.23 15.69
N PHE QA 63 109.19 -50.70 16.91
CA PHE QA 63 109.43 -49.25 17.09
C PHE QA 63 110.93 -48.96 17.21
N GLU QA 64 111.52 -48.31 16.20
CA GLU QA 64 112.95 -47.91 16.30
C GLU QA 64 112.99 -46.42 16.66
N HIS QA 65 113.51 -46.06 17.83
CA HIS QA 65 113.50 -44.64 18.27
C HIS QA 65 114.92 -44.11 18.54
N ASN QA 66 115.26 -42.94 17.98
CA ASN QA 66 116.57 -42.30 18.27
C ASN QA 66 116.28 -41.11 19.19
N PRO QA 67 116.81 -41.08 20.44
CA PRO QA 67 116.47 -40.01 21.38
C PRO QA 67 116.54 -38.61 20.74
N ILE QA 68 117.30 -38.47 19.65
CA ILE QA 68 117.49 -37.15 19.00
C ILE QA 68 116.15 -36.68 18.40
N ASN QA 69 115.85 -35.39 18.50
CA ASN QA 69 114.59 -34.85 18.02
C ASN QA 69 114.87 -33.66 17.14
N PHE QA 70 114.11 -33.52 16.07
CA PHE QA 70 114.27 -32.42 15.12
C PHE QA 70 112.96 -31.64 15.05
N ASP QA 71 113.08 -30.32 15.22
CA ASP QA 71 111.91 -29.41 15.14
C ASP QA 71 112.23 -28.38 14.06
N PHE QA 72 111.22 -27.96 13.30
CA PHE QA 72 111.41 -27.04 12.17
C PHE QA 72 110.40 -25.91 12.29
N THR QA 73 110.91 -24.68 12.32
CA THR QA 73 109.99 -23.52 12.42
C THR QA 73 110.30 -22.57 11.25
N PHE QA 74 109.28 -22.21 10.48
CA PHE QA 74 109.45 -21.38 9.26
C PHE QA 74 109.16 -19.90 9.59
N ASP QA 75 109.85 -18.99 8.91
CA ASP QA 75 109.64 -17.57 9.10
C ASP QA 75 108.17 -17.22 8.94
N GLU QA 76 107.68 -16.37 9.85
CA GLU QA 76 106.30 -15.90 9.74
C GLU QA 76 106.10 -15.12 8.44
N GLU QA 77 107.07 -14.27 8.08
CA GLU QA 77 107.05 -13.55 6.82
C GLU QA 77 108.28 -13.95 6.00
N PRO QA 78 108.10 -14.59 4.85
CA PRO QA 78 109.24 -14.92 4.00
C PRO QA 78 109.52 -13.83 2.98
N ASN QA 79 110.72 -13.88 2.41
CA ASN QA 79 111.13 -12.93 1.38
C ASN QA 79 110.81 -13.54 0.02
N TYR QA 80 109.62 -13.25 -0.53
CA TYR QA 80 109.24 -13.90 -1.80
C TYR QA 80 108.82 -12.88 -2.87
N LYS QA 81 109.17 -13.14 -4.13
CA LYS QA 81 108.74 -12.28 -5.26
C LYS QA 81 108.04 -13.17 -6.28
N ILE QA 82 106.94 -12.71 -6.88
CA ILE QA 82 106.15 -13.62 -7.79
C ILE QA 82 106.18 -13.09 -9.22
N ASN QA 83 106.25 -14.00 -10.21
CA ASN QA 83 106.15 -13.58 -11.64
C ASN QA 83 105.08 -14.46 -12.30
N ASP QA 84 104.00 -13.85 -12.79
CA ASP QA 84 102.86 -14.64 -13.34
C ASP QA 84 102.83 -14.52 -14.87
N VAL QA 85 103.12 -15.60 -15.59
CA VAL QA 85 103.05 -15.58 -17.08
C VAL QA 85 101.58 -15.66 -17.51
N PHE QA 86 100.77 -16.48 -16.82
CA PHE QA 86 99.33 -16.64 -17.13
C PHE QA 86 99.11 -17.31 -18.50
N GLU QA 87 100.17 -17.84 -19.11
CA GLU QA 87 100.03 -18.41 -20.48
C GLU QA 87 100.55 -19.85 -20.53
N GLY QA 88 99.78 -20.78 -21.11
CA GLY QA 88 100.29 -22.16 -21.28
C GLY QA 88 99.66 -23.14 -20.29
N PHE QA 89 99.14 -22.64 -19.17
CA PHE QA 89 98.44 -23.55 -18.24
C PHE QA 89 97.24 -24.12 -18.98
N GLU QA 90 96.60 -23.29 -19.81
CA GLU QA 90 95.42 -23.73 -20.60
C GLU QA 90 95.80 -24.84 -21.59
N VAL QA 91 96.93 -24.73 -22.28
CA VAL QA 91 97.26 -25.79 -23.29
C VAL QA 91 97.60 -27.07 -22.54
N THR QA 92 98.55 -27.01 -21.61
CA THR QA 92 98.91 -28.19 -20.77
C THR QA 92 98.91 -27.72 -19.31
N ALA QA 93 98.56 -28.60 -18.37
CA ALA QA 93 98.44 -28.13 -16.97
C ALA QA 93 99.84 -28.04 -16.35
N ASN QA 94 100.56 -26.96 -16.65
CA ASN QA 94 101.89 -26.75 -16.03
C ASN QA 94 101.83 -25.49 -15.18
N ILE QA 95 102.21 -25.59 -13.91
CA ILE QA 95 102.22 -24.40 -13.01
C ILE QA 95 103.25 -23.41 -13.55
N THR QA 96 104.37 -23.90 -14.07
CA THR QA 96 105.46 -23.00 -14.57
C THR QA 96 104.95 -22.12 -15.70
N HIS QA 97 104.17 -22.69 -16.63
CA HIS QA 97 103.57 -21.87 -17.73
C HIS QA 97 102.67 -20.80 -17.11
N ALA QA 98 101.91 -21.19 -16.08
CA ALA QA 98 100.95 -20.28 -15.43
C ALA QA 98 101.69 -19.15 -14.69
N PHE QA 99 102.76 -19.49 -13.97
CA PHE QA 99 103.53 -18.51 -13.21
C PHE QA 99 104.76 -19.20 -12.66
N SER QA 100 105.55 -18.45 -11.88
CA SER QA 100 106.73 -19.02 -11.20
C SER QA 100 107.07 -18.05 -10.06
N ILE QA 101 107.92 -18.48 -9.12
CA ILE QA 101 108.24 -17.62 -7.95
C ILE QA 101 109.61 -16.98 -8.20
N GLU QA 102 109.65 -15.67 -8.45
CA GLU QA 102 110.93 -15.03 -8.81
C GLU QA 102 111.92 -15.21 -7.65
N ASN QA 103 111.47 -14.95 -6.41
CA ASN QA 103 112.32 -15.16 -5.23
C ASN QA 103 111.46 -15.81 -4.13
N PHE QA 104 112.06 -16.62 -3.25
CA PHE QA 104 111.28 -17.17 -2.12
C PHE QA 104 112.32 -17.57 -1.06
N ASP QA 105 113.19 -16.62 -0.72
CA ASP QA 105 114.26 -16.91 0.27
C ASP QA 105 113.70 -16.70 1.69
N PHE QA 106 113.90 -17.68 2.56
CA PHE QA 106 113.43 -17.56 3.96
C PHE QA 106 114.26 -18.47 4.87
N GLU QA 107 114.35 -18.06 6.14
CA GLU QA 107 115.13 -18.83 7.13
C GLU QA 107 114.22 -19.86 7.78
N ILE QA 108 114.74 -21.08 7.97
CA ILE QA 108 113.94 -22.17 8.62
C ILE QA 108 114.68 -22.62 9.87
N LEU QA 109 114.11 -22.36 11.04
CA LEU QA 109 114.73 -22.80 12.31
C LEU QA 109 114.72 -24.33 12.34
N VAL QA 110 115.82 -24.93 12.81
CA VAL QA 110 115.82 -26.42 12.98
C VAL QA 110 116.55 -26.76 14.29
N ASP QA 111 115.79 -26.99 15.36
CA ASP QA 111 116.40 -27.37 16.65
C ASP QA 111 116.70 -28.86 16.64
N VAL QA 112 117.99 -29.22 16.63
CA VAL QA 112 118.36 -30.67 16.74
C VAL QA 112 118.58 -30.93 18.23
N GLU QA 113 117.64 -31.62 18.86
CA GLU QA 113 117.73 -31.79 20.34
C GLU QA 113 118.58 -33.04 20.65
N LEU QA 114 119.62 -32.88 21.46
CA LEU QA 114 120.47 -34.04 21.85
C LEU QA 114 119.75 -34.84 22.93
N ASP QA 115 120.29 -35.99 23.32
CA ASP QA 115 119.69 -36.76 24.44
C ASP QA 115 119.76 -35.89 25.69
N ASN QA 116 120.88 -35.17 25.87
CA ASN QA 116 121.00 -34.22 27.00
C ASN QA 116 119.95 -33.13 26.82
N ARG QA 117 119.38 -32.62 27.91
CA ARG QA 117 118.29 -31.62 27.79
C ARG QA 117 118.74 -30.51 26.83
N GLN QA 118 119.99 -30.07 26.93
CA GLN QA 118 120.52 -29.04 25.99
C GLN QA 118 120.15 -29.42 24.56
N LYS QA 119 119.75 -28.42 23.75
CA LYS QA 119 119.41 -28.68 22.33
C LYS QA 119 120.20 -27.68 21.48
N LEU QA 120 120.49 -28.04 20.22
CA LEU QA 120 121.31 -27.14 19.36
C LEU QA 120 120.40 -26.47 18.33
N ASN QA 121 120.43 -25.13 18.27
CA ASN QA 121 119.60 -24.41 17.28
C ASN QA 121 120.47 -24.12 16.05
N PHE QA 122 120.00 -24.52 14.87
CA PHE QA 122 120.74 -24.20 13.62
C PHE QA 122 119.78 -23.51 12.64
N ASP QA 123 120.21 -22.37 12.09
CA ASP QA 123 119.35 -21.61 11.15
C ASP QA 123 119.79 -21.90 9.72
N LEU QA 124 118.87 -22.39 8.88
CA LEU QA 124 119.23 -22.60 7.45
C LEU QA 124 118.39 -21.65 6.58
N ASP QA 125 119.05 -20.90 5.69
CA ASP QA 125 118.30 -20.01 4.78
C ASP QA 125 118.11 -20.76 3.46
N VAL QA 126 116.86 -20.99 3.07
CA VAL QA 126 116.60 -21.68 1.77
C VAL QA 126 115.99 -20.65 0.81
N SER QA 127 116.55 -20.55 -0.39
CA SER QA 127 116.00 -19.61 -1.41
C SER QA 127 115.45 -20.44 -2.57
N TYR QA 128 114.51 -19.89 -3.33
CA TYR QA 128 114.02 -20.61 -4.54
C TYR QA 128 115.20 -20.87 -5.48
N LYS QA 129 115.46 -22.14 -5.82
CA LYS QA 129 116.57 -22.49 -6.73
C LYS QA 129 116.00 -22.68 -8.14
N GLU QA 130 115.00 -23.55 -8.28
CA GLU QA 130 114.38 -23.85 -9.60
C GLU QA 130 113.09 -24.62 -9.36
N THR QA 131 112.43 -25.07 -10.43
CA THR QA 131 111.22 -25.93 -10.24
C THR QA 131 111.52 -27.32 -10.82
N GLU QA 132 111.27 -28.37 -10.04
CA GLU QA 132 111.51 -29.77 -10.51
C GLU QA 132 110.33 -30.20 -11.39
N LYS QA 133 110.62 -30.58 -12.63
CA LYS QA 133 109.53 -31.08 -13.54
C LYS QA 133 109.29 -32.57 -13.27
N ILE QA 134 108.77 -32.90 -12.08
CA ILE QA 134 108.58 -34.33 -11.71
C ILE QA 134 107.64 -34.95 -12.76
N THR QA 135 106.60 -34.22 -13.15
CA THR QA 135 105.69 -34.70 -14.23
C THR QA 135 105.37 -33.51 -15.13
N ASN QA 136 105.04 -33.76 -16.41
CA ASN QA 136 104.71 -32.66 -17.34
C ASN QA 136 103.55 -31.85 -16.77
N SER QA 137 102.86 -32.37 -15.74
CA SER QA 137 101.71 -31.68 -15.19
C SER QA 137 101.94 -31.11 -13.80
N GLN QA 138 102.78 -31.76 -13.00
CA GLN QA 138 103.09 -31.32 -11.65
C GLN QA 138 104.56 -30.94 -11.55
N HIS QA 139 104.81 -29.78 -10.94
CA HIS QA 139 106.22 -29.29 -10.80
C HIS QA 139 106.49 -28.95 -9.33
N ARG QA 140 107.62 -29.42 -8.79
CA ARG QA 140 107.93 -29.19 -7.35
C ARG QA 140 109.01 -28.11 -7.22
N PHE QA 141 108.71 -27.05 -6.47
CA PHE QA 141 109.69 -25.96 -6.25
C PHE QA 141 110.93 -26.54 -5.55
N ILE QA 142 112.11 -26.04 -5.92
CA ILE QA 142 113.38 -26.51 -5.29
C ILE QA 142 113.98 -25.34 -4.51
N PHE QA 143 114.32 -25.56 -3.24
CA PHE QA 143 114.96 -24.48 -2.44
C PHE QA 143 116.35 -24.95 -1.98
N THR QA 144 117.37 -24.11 -2.20
CA THR QA 144 118.75 -24.50 -1.83
C THR QA 144 119.17 -23.75 -0.56
N ILE QA 145 119.89 -24.43 0.33
CA ILE QA 145 120.37 -23.77 1.55
C ILE QA 145 121.57 -22.91 1.21
N LYS QA 146 121.46 -21.62 1.51
CA LYS QA 146 122.59 -20.69 1.24
C LYS QA 146 123.65 -20.91 2.32
N ASN QA 147 123.27 -20.79 3.59
CA ASN QA 147 124.25 -20.93 4.71
C ASN QA 147 124.40 -22.41 5.11
N GLU QA 148 124.97 -23.23 4.23
CA GLU QA 148 125.20 -24.66 4.58
C GLU QA 148 126.39 -24.75 5.56
N ASP QA 149 127.22 -23.71 5.62
CA ASP QA 149 128.31 -23.70 6.57
C ASP QA 149 127.80 -23.78 8.00
N GLU QA 150 126.74 -23.03 8.32
CA GLU QA 150 126.15 -23.10 9.65
C GLU QA 150 125.52 -24.46 9.91
N ASN QA 151 125.25 -25.19 8.81
CA ASN QA 151 124.51 -26.47 8.95
C ASN QA 151 125.43 -27.67 8.71
N ILE QA 152 126.75 -27.50 8.83
CA ILE QA 152 127.65 -28.64 8.72
C ILE QA 152 127.33 -29.67 9.78
N GLY QA 153 127.13 -29.23 11.03
CA GLY QA 153 126.70 -30.15 12.06
C GLY QA 153 125.30 -30.68 11.82
N LEU QA 154 124.45 -29.90 11.17
CA LEU QA 154 123.11 -30.46 10.82
C LEU QA 154 123.32 -31.74 10.01
N LYS QA 155 124.11 -31.65 8.94
CA LYS QA 155 124.26 -32.85 8.07
C LYS QA 155 124.70 -34.03 8.93
N LYS QA 156 125.66 -33.81 9.84
CA LYS QA 156 126.16 -34.87 10.69
C LYS QA 156 125.04 -35.45 11.54
N TYR QA 157 124.21 -34.59 12.13
CA TYR QA 157 123.08 -35.08 12.91
C TYR QA 157 122.06 -35.80 12.03
N VAL QA 158 121.83 -35.29 10.81
CA VAL QA 158 120.83 -35.89 9.93
C VAL QA 158 121.24 -37.29 9.51
N ASP QA 159 122.48 -37.45 9.04
CA ASP QA 159 122.94 -38.76 8.63
C ASP QA 159 123.35 -39.63 9.80
N SER QA 160 123.38 -39.07 11.01
CA SER QA 160 123.55 -39.89 12.20
C SER QA 160 122.34 -40.77 12.47
N LEU QA 161 121.20 -40.43 11.86
CA LEU QA 161 119.95 -41.24 12.06
C LEU QA 161 119.88 -42.38 11.05
N SER QA 162 119.00 -43.34 11.31
CA SER QA 162 118.82 -44.51 10.40
C SER QA 162 118.22 -44.04 9.08
N ALA QA 163 118.44 -44.82 8.03
CA ALA QA 163 117.98 -44.46 6.69
C ALA QA 163 116.48 -44.21 6.69
N GLY QA 164 115.73 -45.07 7.38
CA GLY QA 164 114.28 -44.89 7.48
C GLY QA 164 113.95 -43.56 8.15
N LEU QA 165 114.63 -43.26 9.27
CA LEU QA 165 114.40 -42.01 9.96
C LEU QA 165 114.78 -40.82 9.09
N LYS QA 166 115.88 -40.94 8.36
CA LYS QA 166 116.27 -39.85 7.43
C LYS QA 166 115.11 -39.63 6.45
N ASN QA 167 114.65 -40.70 5.81
CA ASN QA 167 113.57 -40.57 4.83
C ASN QA 167 112.34 -39.95 5.46
N LEU QA 168 112.05 -40.34 6.70
CA LEU QA 168 110.90 -39.78 7.44
C LEU QA 168 111.10 -38.27 7.50
N LEU QA 169 112.25 -37.83 8.01
CA LEU QA 169 112.56 -36.38 8.13
C LEU QA 169 112.34 -35.74 6.75
N PHE QA 170 112.93 -36.30 5.71
CA PHE QA 170 112.83 -35.69 4.39
C PHE QA 170 111.38 -35.53 3.99
N LYS QA 171 110.57 -36.55 4.26
CA LYS QA 171 109.12 -36.47 3.92
C LYS QA 171 108.49 -35.33 4.71
N LYS QA 172 108.70 -35.30 6.03
CA LYS QA 172 108.07 -34.25 6.87
C LYS QA 172 108.47 -32.88 6.35
N ILE QA 173 109.77 -32.62 6.20
CA ILE QA 173 110.24 -31.27 5.79
C ILE QA 173 109.64 -30.96 4.41
N ASN QA 174 109.57 -31.96 3.52
CA ASN QA 174 109.04 -31.71 2.20
C ASN QA 174 107.59 -31.27 2.27
N GLN QA 175 106.79 -31.99 3.06
CA GLN QA 175 105.36 -31.63 3.22
C GLN QA 175 105.28 -30.21 3.78
N LYS QA 176 106.01 -29.95 4.87
CA LYS QA 176 105.93 -28.65 5.53
C LYS QA 176 106.31 -27.53 4.56
N LEU QA 177 107.39 -27.74 3.82
CA LEU QA 177 107.84 -26.72 2.84
C LEU QA 177 106.75 -26.55 1.78
N SER QA 178 106.17 -27.65 1.29
CA SER QA 178 105.17 -27.59 0.25
C SER QA 178 103.94 -26.83 0.71
N GLY QA 179 103.45 -27.13 1.91
CA GLY QA 179 102.32 -26.40 2.44
C GLY QA 179 102.64 -24.92 2.65
N TYR QA 180 103.84 -24.64 3.14
CA TYR QA 180 104.25 -23.25 3.35
C TYR QA 180 104.24 -22.47 2.03
N VAL QA 181 104.90 -23.00 1.01
CA VAL QA 181 105.00 -22.28 -0.25
C VAL QA 181 103.64 -22.21 -0.93
N SER QA 182 102.83 -23.26 -0.84
CA SER QA 182 101.50 -23.23 -1.44
C SER QA 182 100.62 -22.18 -0.76
N GLU QA 183 100.65 -22.15 0.57
CA GLU QA 183 99.86 -21.11 1.29
C GLU QA 183 100.34 -19.73 0.82
N ILE QA 184 101.66 -19.51 0.81
CA ILE QA 184 102.17 -18.20 0.43
C ILE QA 184 101.72 -17.83 -0.97
N ILE QA 185 101.86 -18.77 -1.92
CA ILE QA 185 101.62 -18.41 -3.35
C ILE QA 185 100.14 -18.34 -3.72
N VAL QA 186 99.34 -19.32 -3.34
CA VAL QA 186 97.92 -19.39 -3.81
C VAL QA 186 97.22 -18.05 -3.57
N LYS QA 187 97.61 -17.31 -2.53
CA LYS QA 187 96.92 -16.04 -2.17
C LYS QA 187 97.21 -14.98 -3.23
N ASN QA 188 98.38 -15.06 -3.86
CA ASN QA 188 98.78 -14.03 -4.85
C ASN QA 188 98.50 -14.54 -6.26
N ILE QA 189 97.79 -15.66 -6.42
CA ILE QA 189 97.61 -16.25 -7.79
C ILE QA 189 96.14 -16.34 -8.19
N ASP QA 190 95.82 -16.02 -9.45
CA ASP QA 190 94.42 -16.10 -9.98
C ASP QA 190 94.11 -17.53 -10.44
N ASP QA 191 92.84 -17.80 -10.77
CA ASP QA 191 92.43 -19.15 -11.25
C ASP QA 191 92.56 -19.24 -12.77
N ILE QA 192 93.21 -20.29 -13.28
CA ILE QA 192 93.31 -20.52 -14.75
C ILE QA 192 92.70 -21.90 -15.03
N GLU QA 193 91.88 -22.03 -16.08
CA GLU QA 193 91.19 -23.31 -16.35
C GLU QA 193 92.01 -24.13 -17.37
N GLU QA 194 92.32 -25.39 -17.02
CA GLU QA 194 93.13 -26.26 -17.91
C GLU QA 194 92.37 -26.50 -19.22
N LEU QA 195 91.06 -26.77 -19.14
CA LEU QA 195 90.25 -26.93 -20.38
C LEU QA 195 90.87 -27.99 -21.29
N PHE QA 196 91.40 -29.08 -20.73
CA PHE QA 196 91.94 -30.16 -21.59
C PHE QA 196 90.88 -30.58 -22.62
N LYS QA 202 87.61 -31.57 -16.14
CA LYS QA 202 88.82 -30.84 -16.60
C LYS QA 202 88.75 -29.40 -16.11
N SER QA 203 89.22 -28.44 -16.93
CA SER QA 203 89.18 -26.99 -16.55
C SER QA 203 89.58 -26.83 -15.08
N THR QA 204 90.61 -27.55 -14.63
CA THR QA 204 91.02 -27.51 -13.20
C THR QA 204 91.54 -26.11 -12.86
N THR QA 205 91.15 -25.57 -11.71
CA THR QA 205 91.58 -24.21 -11.29
C THR QA 205 93.06 -24.25 -10.93
N LEU QA 206 93.84 -23.27 -11.42
CA LEU QA 206 95.28 -23.20 -11.09
C LEU QA 206 95.48 -23.24 -9.57
N HIS QA 207 94.50 -22.73 -8.81
CA HIS QA 207 94.59 -22.84 -7.33
C HIS QA 207 94.84 -24.30 -6.95
N LYS QA 208 94.00 -25.19 -7.46
CA LYS QA 208 94.18 -26.61 -7.15
C LYS QA 208 95.56 -27.09 -7.57
N GLU QA 209 96.07 -26.58 -8.70
CA GLU QA 209 97.42 -26.93 -9.12
C GLU QA 209 98.46 -26.47 -8.09
N ILE QA 210 98.25 -25.25 -7.56
CA ILE QA 210 99.16 -24.74 -6.50
C ILE QA 210 99.09 -25.70 -5.32
N LEU QA 211 97.88 -26.12 -4.94
CA LEU QA 211 97.73 -27.03 -3.79
C LEU QA 211 98.47 -28.34 -4.06
N GLN QA 212 98.32 -28.90 -5.26
CA GLN QA 212 98.95 -30.18 -5.57
C GLN QA 212 100.46 -30.04 -5.73
N THR QA 213 100.90 -28.93 -6.32
CA THR QA 213 102.35 -28.73 -6.54
C THR QA 213 103.05 -28.67 -5.18
N ASP QA 214 104.18 -29.37 -5.05
CA ASP QA 214 104.91 -29.43 -3.76
C ASP QA 214 106.25 -28.70 -3.89
N SER QA 215 107.12 -28.84 -2.88
CA SER QA 215 108.46 -28.23 -2.93
C SER QA 215 109.44 -29.10 -2.13
N ARG QA 216 110.71 -29.17 -2.55
CA ARG QA 216 111.68 -30.05 -1.83
C ARG QA 216 113.02 -29.31 -1.66
N LEU QA 217 113.64 -29.45 -0.49
CA LEU QA 217 114.93 -28.77 -0.20
C LEU QA 217 116.07 -29.59 -0.82
N SER QA 218 116.64 -29.11 -1.93
CA SER QA 218 117.80 -29.81 -2.53
C SER QA 218 119.08 -29.20 -1.97
N SER QA 219 119.80 -29.95 -1.13
CA SER QA 219 121.02 -29.42 -0.49
C SER QA 219 121.96 -30.57 -0.13
N ASP QA 220 123.24 -30.27 0.10
CA ASP QA 220 124.19 -31.32 0.54
C ASP QA 220 123.74 -31.84 1.90
N ILE QA 221 122.99 -31.02 2.65
CA ILE QA 221 122.61 -31.45 4.04
C ILE QA 221 121.49 -32.49 3.93
N PHE QA 222 120.65 -32.37 2.91
CA PHE QA 222 119.53 -33.30 2.69
C PHE QA 222 119.56 -33.72 1.22
N LYS QA 223 120.34 -34.75 0.91
CA LYS QA 223 120.46 -35.24 -0.46
C LYS QA 223 119.34 -36.20 -0.85
N GLU QA 224 118.59 -36.72 0.10
CA GLU QA 224 117.50 -37.64 -0.21
C GLU QA 224 116.16 -37.06 0.22
N ILE RA 3 119.77 5.95 25.06
CA ILE RA 3 119.01 4.66 25.09
C ILE RA 3 119.05 3.99 23.71
N ARG RA 4 119.73 2.85 23.61
CA ARG RA 4 119.85 2.19 22.29
C ARG RA 4 119.83 0.68 22.48
N ASN RA 5 118.72 0.04 22.10
CA ASN RA 5 118.69 -1.44 22.19
C ASN RA 5 119.80 -1.96 21.27
N ARG RA 6 120.64 -2.85 21.78
CA ARG RA 6 121.70 -3.44 20.94
C ARG RA 6 121.28 -4.86 20.53
N LEU RA 7 120.05 -5.29 20.83
CA LEU RA 7 119.64 -6.63 20.36
C LEU RA 7 120.10 -6.77 18.91
N SER RA 8 119.72 -5.81 18.07
CA SER RA 8 120.11 -5.84 16.63
C SER RA 8 121.62 -6.07 16.52
N GLU RA 9 122.42 -5.20 17.16
CA GLU RA 9 123.91 -5.31 17.06
C GLU RA 9 124.33 -6.68 17.60
N LEU RA 10 123.85 -7.04 18.79
CA LEU RA 10 124.22 -8.32 19.40
C LEU RA 10 123.95 -9.48 18.46
N LEU RA 11 122.80 -9.45 17.78
CA LEU RA 11 122.46 -10.55 16.84
C LEU RA 11 123.44 -10.52 15.65
N SER RA 12 123.80 -9.33 15.16
CA SER RA 12 124.78 -9.25 14.09
C SER RA 12 126.13 -9.79 14.55
N GLU RA 13 126.49 -9.53 15.82
CA GLU RA 13 127.70 -10.10 16.38
C GLU RA 13 127.65 -11.62 16.39
N ARG RA 14 126.56 -12.20 16.89
CA ARG RA 14 126.43 -13.63 17.03
C ARG RA 14 125.81 -14.30 15.81
N GLY RA 15 125.42 -13.54 14.81
CA GLY RA 15 124.85 -14.09 13.60
C GLY RA 15 123.50 -14.75 13.81
N LEU RA 16 122.96 -14.57 15.02
CA LEU RA 16 121.67 -15.22 15.38
C LEU RA 16 120.53 -14.59 14.57
N LYS RA 17 119.78 -15.41 13.83
CA LYS RA 17 118.60 -14.87 13.09
C LYS RA 17 117.53 -14.46 14.10
N ILE RA 18 116.74 -13.44 13.77
CA ILE RA 18 115.68 -12.92 14.70
C ILE RA 18 114.71 -14.06 14.99
N SER RA 19 114.33 -14.84 13.98
CA SER RA 19 113.36 -15.94 14.16
C SER RA 19 113.91 -16.95 15.17
N ARG RA 20 115.20 -17.27 15.06
CA ARG RA 20 115.85 -18.21 16.01
C ARG RA 20 115.61 -17.70 17.43
N VAL RA 21 116.02 -16.45 17.66
CA VAL RA 21 115.92 -15.89 19.04
C VAL RA 21 114.47 -15.98 19.49
N ALA RA 22 113.52 -15.58 18.63
CA ALA RA 22 112.10 -15.54 19.04
C ALA RA 22 111.64 -16.94 19.47
N LYS RA 23 112.04 -17.97 18.74
CA LYS RA 23 111.66 -19.36 19.09
C LYS RA 23 112.24 -19.72 20.45
N ASP RA 24 113.54 -19.47 20.66
CA ASP RA 24 114.20 -19.86 21.90
C ASP RA 24 113.61 -19.13 23.10
N VAL RA 25 113.28 -17.84 22.94
CA VAL RA 25 112.80 -17.02 24.10
C VAL RA 25 111.27 -16.95 24.10
N LYS RA 26 110.60 -17.71 23.23
CA LYS RA 26 109.13 -17.76 23.23
C LYS RA 26 108.52 -16.37 23.16
N ILE RA 27 109.06 -15.53 22.27
CA ILE RA 27 108.53 -14.15 22.06
C ILE RA 27 108.13 -14.03 20.58
N ALA RA 28 107.10 -13.24 20.28
CA ALA RA 28 106.61 -13.09 18.93
C ALA RA 28 107.72 -12.56 18.02
N ARG RA 29 107.81 -13.12 16.82
CA ARG RA 29 108.83 -12.63 15.85
C ARG RA 29 108.55 -11.16 15.53
N SER RA 30 107.28 -10.81 15.31
CA SER RA 30 106.95 -9.44 14.94
C SER RA 30 107.41 -8.46 16.00
N SER RA 31 107.07 -8.72 17.26
CA SER RA 31 107.49 -7.84 18.34
C SER RA 31 109.01 -7.80 18.45
N LEU RA 32 109.64 -8.97 18.35
CA LEU RA 32 111.12 -9.02 18.52
C LEU RA 32 111.77 -8.21 17.40
N THR RA 33 111.27 -8.32 16.17
CA THR RA 33 111.92 -7.61 15.03
C THR RA 33 111.63 -6.11 15.15
N SER RA 34 110.43 -5.75 15.61
CA SER RA 34 110.12 -4.33 15.80
C SER RA 34 111.03 -3.72 16.86
N MET RA 35 111.27 -4.50 17.92
CA MET RA 35 112.10 -4.04 19.06
C MET RA 35 113.59 -4.17 18.72
N ALA RA 36 113.93 -4.91 17.67
CA ALA RA 36 115.36 -5.16 17.38
C ALA RA 36 116.10 -3.84 17.11
N GLN RA 37 115.53 -2.96 16.29
CA GLN RA 37 116.21 -1.67 15.96
C GLN RA 37 115.74 -0.60 16.95
N ASN RA 38 115.22 -1.01 18.10
CA ASN RA 38 114.71 -0.04 19.10
C ASN RA 38 113.72 0.89 18.38
N ASP RA 39 112.84 0.32 17.54
CA ASP RA 39 111.82 1.14 16.85
C ASP RA 39 110.66 1.37 17.84
N SER RA 40 110.17 0.28 18.44
CA SER RA 40 109.06 0.39 19.43
C SER RA 40 109.53 1.21 20.64
N GLU RA 41 108.65 2.05 21.18
CA GLU RA 41 109.02 2.92 22.33
C GLU RA 41 108.56 2.26 23.64
N MET RA 42 108.07 1.02 23.57
CA MET RA 42 107.69 0.28 24.79
C MET RA 42 108.39 -1.08 24.80
N ILE RA 43 108.94 -1.46 25.96
CA ILE RA 43 109.67 -2.76 26.11
C ILE RA 43 109.14 -3.48 27.36
N ARG RA 44 108.86 -4.77 27.24
CA ARG RA 44 108.37 -5.57 28.35
C ARG RA 44 109.53 -6.05 29.22
N TYR RA 45 109.34 -5.98 30.53
CA TYR RA 45 110.33 -6.53 31.46
C TYR RA 45 110.60 -8.00 31.16
N ASP RA 46 109.55 -8.74 30.82
CA ASP RA 46 109.72 -10.14 30.46
C ASP RA 46 110.65 -10.28 29.25
N ALA RA 47 110.44 -9.41 28.26
CA ALA RA 47 111.25 -9.50 27.03
C ALA RA 47 112.73 -9.30 27.38
N ILE RA 48 113.06 -8.22 28.08
CA ILE RA 48 114.45 -7.92 28.38
C ILE RA 48 115.05 -9.00 29.28
N ASP RA 49 114.25 -9.48 30.24
CA ASP RA 49 114.73 -10.57 31.14
C ASP RA 49 115.11 -11.78 30.28
N LYS RA 50 114.20 -12.21 29.42
CA LYS RA 50 114.43 -13.40 28.59
C LYS RA 50 115.62 -13.20 27.68
N LEU RA 51 115.75 -12.01 27.08
CA LEU RA 51 116.86 -11.75 26.18
C LEU RA 51 118.19 -11.76 26.93
N CYS RA 52 118.22 -11.16 28.13
CA CYS RA 52 119.45 -11.12 28.91
C CYS RA 52 119.87 -12.52 29.33
N SER RA 53 118.92 -13.32 29.83
CA SER RA 53 119.25 -14.69 30.20
C SER RA 53 119.69 -15.49 28.98
N TYR RA 54 118.98 -15.32 27.86
CA TYR RA 54 119.28 -16.09 26.65
C TYR RA 54 120.63 -15.71 26.05
N LEU RA 55 120.94 -14.42 26.03
CA LEU RA 55 122.19 -13.95 25.45
C LEU RA 55 123.34 -13.93 26.44
N HIS RA 56 123.11 -14.35 27.68
CA HIS RA 56 124.15 -14.36 28.72
C HIS RA 56 124.76 -12.98 28.90
N ILE RA 57 123.90 -11.96 29.00
CA ILE RA 57 124.35 -10.58 29.09
C ILE RA 57 123.62 -9.89 30.23
N SER RA 58 124.26 -8.87 30.78
CA SER RA 58 123.59 -7.94 31.67
C SER RA 58 122.79 -6.94 30.84
N PRO RA 59 121.75 -6.28 31.39
CA PRO RA 59 120.91 -5.37 30.60
C PRO RA 59 121.79 -4.22 30.08
N SER RA 60 123.03 -4.13 30.57
CA SER RA 60 123.96 -3.06 30.13
C SER RA 60 124.24 -3.22 28.63
N GLU RA 61 124.47 -4.45 28.18
CA GLU RA 61 124.83 -4.67 26.75
C GLU RA 61 123.56 -4.55 25.89
N PHE RA 62 122.38 -4.64 26.50
CA PHE RA 62 121.11 -4.49 25.73
C PHE RA 62 120.79 -3.00 25.63
N PHE RA 63 120.71 -2.32 26.77
CA PHE RA 63 120.38 -0.88 26.81
C PHE RA 63 121.64 -0.02 26.84
N GLU RA 64 121.94 0.70 25.75
CA GLU RA 64 123.11 1.63 25.77
C GLU RA 64 122.56 3.05 25.97
N HIS RA 65 122.89 3.70 27.08
CA HIS RA 65 122.31 5.05 27.36
C HIS RA 65 123.41 6.11 27.53
N ASN RA 66 123.28 7.25 26.84
CA ASN RA 66 124.23 8.38 27.02
C ASN RA 66 123.49 9.46 27.82
N PRO RA 67 123.94 9.82 29.04
CA PRO RA 67 123.21 10.78 29.88
C PRO RA 67 122.74 12.01 29.10
N ILE RA 68 123.39 12.32 27.97
CA ILE RA 68 123.05 13.54 27.17
C ILE RA 68 121.66 13.38 26.58
N ASN RA 69 120.87 14.46 26.55
CA ASN RA 69 119.50 14.39 26.06
C ASN RA 69 119.30 15.52 25.06
N PHE RA 70 118.56 15.23 24.00
CA PHE RA 70 118.28 16.19 22.94
C PHE RA 70 116.77 16.39 22.83
N ASP RA 71 116.35 17.65 22.84
CA ASP RA 71 114.94 18.00 22.68
C ASP RA 71 114.81 19.03 21.56
N PHE RA 72 113.76 18.89 20.76
CA PHE RA 72 113.59 19.69 19.55
C PHE RA 72 112.22 20.34 19.59
N THR RA 73 112.21 21.67 19.47
CA THR RA 73 110.94 22.44 19.48
C THR RA 73 110.86 23.25 18.18
N PHE RA 74 109.77 23.08 17.42
CA PHE RA 74 109.60 23.79 16.12
C PHE RA 74 108.77 25.06 16.31
N ASP RA 75 109.05 26.08 15.52
CA ASP RA 75 108.30 27.33 15.57
C ASP RA 75 106.81 27.06 15.42
N GLU RA 76 106.02 27.75 16.25
CA GLU RA 76 104.57 27.63 16.13
C GLU RA 76 104.09 28.13 14.78
N GLU RA 77 104.66 29.23 14.30
CA GLU RA 77 104.38 29.75 12.97
C GLU RA 77 105.66 29.77 12.15
N PRO RA 78 105.77 28.98 11.09
CA PRO RA 78 106.96 29.05 10.23
C PRO RA 78 106.79 30.04 9.10
N ASN RA 79 107.92 30.41 8.50
CA ASN RA 79 107.94 31.31 7.36
C ASN RA 79 107.90 30.48 6.08
N TYR RA 80 106.70 30.24 5.55
CA TYR RA 80 106.62 29.35 4.36
C TYR RA 80 105.85 30.01 3.20
N LYS RA 81 106.29 29.76 1.97
CA LYS RA 81 105.56 30.27 0.78
C LYS RA 81 105.29 29.07 -0.13
N ILE RA 82 104.10 28.99 -0.74
CA ILE RA 82 103.73 27.76 -1.51
C ILE RA 82 103.57 28.10 -3.00
N ASN RA 83 103.99 27.19 -3.89
CA ASN RA 83 103.75 27.37 -5.34
C ASN RA 83 103.11 26.09 -5.88
N ASP RA 84 101.89 26.17 -6.40
CA ASP RA 84 101.15 24.95 -6.83
C ASP RA 84 101.09 24.89 -8.35
N VAL RA 85 101.77 23.92 -8.96
CA VAL RA 85 101.63 23.75 -10.45
C VAL RA 85 100.24 23.18 -10.73
N PHE RA 86 99.80 22.18 -9.94
CA PHE RA 86 98.47 21.54 -10.11
C PHE RA 86 98.47 20.68 -11.38
N GLU RA 87 99.64 20.39 -11.94
CA GLU RA 87 99.70 19.63 -13.23
C GLU RA 87 100.80 18.57 -13.19
N GLY RA 88 100.51 17.36 -13.66
CA GLY RA 88 101.54 16.30 -13.74
C GLY RA 88 101.62 15.44 -12.48
N PHE RA 89 100.81 15.72 -11.47
CA PHE RA 89 100.82 14.82 -10.28
C PHE RA 89 100.35 13.42 -10.67
N GLU RA 90 99.28 13.31 -11.46
CA GLU RA 90 98.71 11.97 -11.79
C GLU RA 90 99.68 11.10 -12.61
N VAL RA 91 100.37 11.68 -13.59
CA VAL RA 91 101.23 10.85 -14.50
C VAL RA 91 102.35 10.13 -13.75
N THR RA 92 103.07 10.84 -12.89
CA THR RA 92 104.25 10.21 -12.24
C THR RA 92 103.96 10.03 -10.74
N ALA RA 93 102.70 10.21 -10.34
CA ALA RA 93 102.42 10.17 -8.89
C ALA RA 93 103.53 11.00 -8.24
N ASN RA 94 103.76 12.21 -8.74
CA ASN RA 94 104.91 13.04 -8.25
C ASN RA 94 104.38 14.31 -7.60
N ILE RA 95 104.70 14.50 -6.32
CA ILE RA 95 104.30 15.73 -5.57
C ILE RA 95 104.96 16.93 -6.26
N THR RA 96 106.21 16.77 -6.71
CA THR RA 96 106.92 17.86 -7.42
C THR RA 96 106.01 18.46 -8.49
N HIS RA 97 105.49 17.64 -9.40
CA HIS RA 97 104.67 18.20 -10.48
C HIS RA 97 103.41 18.85 -9.91
N ALA RA 98 102.87 18.29 -8.84
CA ALA RA 98 101.61 18.82 -8.26
C ALA RA 98 101.85 20.22 -7.66
N PHE RA 99 102.96 20.41 -6.94
CA PHE RA 99 103.27 21.68 -6.31
C PHE RA 99 104.68 21.59 -5.74
N SER RA 100 105.09 22.67 -5.07
CA SER RA 100 106.40 22.67 -4.36
C SER RA 100 106.33 23.81 -3.35
N ILE RA 101 107.26 23.86 -2.40
CA ILE RA 101 107.21 24.89 -1.33
C ILE RA 101 108.22 25.98 -1.68
N GLU RA 102 107.75 27.17 -2.08
CA GLU RA 102 108.70 28.22 -2.54
C GLU RA 102 109.65 28.56 -1.40
N ASN RA 103 109.13 28.76 -0.19
CA ASN RA 103 109.99 29.02 0.99
C ASN RA 103 109.43 28.21 2.17
N PHE RA 104 110.28 27.81 3.11
CA PHE RA 104 109.78 27.13 4.32
C PHE RA 104 110.88 27.28 5.38
N ASP RA 105 111.31 28.52 5.59
CA ASP RA 105 112.39 28.78 6.57
C ASP RA 105 111.78 28.90 7.97
N PHE RA 106 112.32 28.15 8.94
CA PHE RA 106 111.82 28.24 10.33
C PHE RA 106 112.94 27.82 11.30
N GLU RA 107 112.70 27.94 12.60
CA GLU RA 107 113.76 27.65 13.59
C GLU RA 107 113.38 26.40 14.39
N ILE RA 108 114.31 25.44 14.48
CA ILE RA 108 114.05 24.25 15.34
C ILE RA 108 114.95 24.42 16.57
N LEU RA 109 114.37 24.35 17.77
CA LEU RA 109 115.18 24.60 18.98
C LEU RA 109 115.74 23.26 19.46
N VAL RA 110 117.07 23.13 19.50
CA VAL RA 110 117.68 21.87 20.01
C VAL RA 110 118.30 22.15 21.39
N ASP RA 111 117.79 21.51 22.44
CA ASP RA 111 118.41 21.67 23.78
C ASP RA 111 119.28 20.43 24.03
N VAL RA 112 120.60 20.60 23.94
CA VAL RA 112 121.52 19.46 24.23
C VAL RA 112 121.78 19.45 25.74
N GLU RA 113 121.04 18.63 26.47
CA GLU RA 113 121.18 18.67 27.94
C GLU RA 113 122.44 17.89 28.36
N LEU RA 114 123.33 18.53 29.12
CA LEU RA 114 124.55 17.85 29.60
C LEU RA 114 124.19 16.95 30.78
N ASP RA 115 125.14 16.15 31.27
CA ASP RA 115 124.88 15.32 32.48
C ASP RA 115 124.59 16.29 33.63
N ASN RA 116 125.34 17.40 33.69
CA ASN RA 116 125.07 18.44 34.72
C ASN RA 116 123.67 19.01 34.45
N ARG RA 117 122.94 19.37 35.51
CA ARG RA 117 121.54 19.85 35.32
C ARG RA 117 121.53 20.94 34.23
N GLN RA 118 122.51 21.84 34.26
CA GLN RA 118 122.61 22.89 33.19
C GLN RA 118 122.43 22.25 31.82
N LYS RA 119 121.69 22.90 30.93
CA LYS RA 119 121.49 22.40 29.55
C LYS RA 119 121.84 23.52 28.58
N LEU RA 120 122.26 23.17 27.36
CA LEU RA 120 122.66 24.19 26.36
C LEU RA 120 121.56 24.32 25.31
N ASN RA 121 121.11 25.56 25.07
CA ASN RA 121 120.04 25.80 24.07
C ASN RA 121 120.70 26.25 22.76
N PHE RA 122 120.46 25.54 21.66
CA PHE RA 122 121.00 25.97 20.35
C PHE RA 122 119.85 26.08 19.34
N ASP RA 123 119.83 27.18 18.59
CA ASP RA 123 118.74 27.39 17.59
C ASP RA 123 119.30 27.14 16.18
N LEU RA 124 118.66 26.27 15.42
CA LEU RA 124 119.10 26.05 14.02
C LEU RA 124 117.97 26.49 13.08
N ASP RA 125 118.29 27.30 12.06
CA ASP RA 125 117.26 27.76 11.11
C ASP RA 125 117.37 26.90 9.86
N VAL RA 126 116.32 26.13 9.55
CA VAL RA 126 116.36 25.22 8.38
C VAL RA 126 115.39 25.74 7.32
N SER RA 127 115.92 26.26 6.22
CA SER RA 127 115.07 26.79 5.14
C SER RA 127 114.90 25.70 4.08
N TYR RA 128 113.82 25.75 3.28
CA TYR RA 128 113.67 24.77 2.19
C TYR RA 128 114.87 24.90 1.24
N LYS RA 129 115.59 23.79 1.02
CA LYS RA 129 116.77 23.81 0.11
C LYS RA 129 116.34 23.25 -1.25
N GLU RA 130 115.75 22.05 -1.26
CA GLU RA 130 115.32 21.40 -2.53
C GLU RA 130 114.42 20.22 -2.17
N THR RA 131 114.00 19.43 -3.16
CA THR RA 131 113.22 18.20 -2.85
C THR RA 131 114.05 16.98 -3.28
N GLU RA 132 114.22 16.01 -2.38
CA GLU RA 132 114.99 14.78 -2.72
C GLU RA 132 114.08 13.83 -3.51
N LYS RA 133 114.50 13.45 -4.72
CA LYS RA 133 113.70 12.48 -5.53
C LYS RA 133 114.06 11.06 -5.10
N ILE RA 134 113.71 10.67 -3.87
CA ILE RA 134 114.08 9.32 -3.35
C ILE RA 134 113.47 8.29 -4.29
N THR RA 135 112.23 8.50 -4.73
CA THR RA 135 111.59 7.59 -5.72
C THR RA 135 110.85 8.47 -6.73
N ASN RA 136 110.64 7.97 -7.95
CA ASN RA 136 109.92 8.74 -9.00
C ASN RA 136 108.53 9.10 -8.47
N SER RA 137 108.09 8.47 -7.38
CA SER RA 137 106.75 8.71 -6.86
C SER RA 137 106.73 9.46 -5.54
N GLN RA 138 107.75 9.28 -4.70
CA GLN RA 138 107.85 9.95 -3.42
C GLN RA 138 109.04 10.89 -3.41
N HIS RA 139 108.83 12.12 -2.93
CA HIS RA 139 109.93 13.12 -2.88
C HIS RA 139 110.03 13.68 -1.47
N ARG RA 140 111.25 13.76 -0.93
CA ARG RA 140 111.43 14.24 0.46
C ARG RA 140 112.00 15.67 0.46
N PHE RA 141 111.31 16.60 1.10
CA PHE RA 141 111.79 18.01 1.18
C PHE RA 141 113.14 18.05 1.89
N ILE RA 142 114.04 18.91 1.43
CA ILE RA 142 115.39 19.04 2.07
C ILE RA 142 115.47 20.43 2.70
N PHE RA 143 115.85 20.51 3.97
CA PHE RA 143 116.02 21.83 4.64
C PHE RA 143 117.47 21.99 5.10
N THR RA 144 118.09 23.13 4.76
CA THR RA 144 119.51 23.36 5.12
C THR RA 144 119.59 24.33 6.29
N ILE RA 145 120.51 24.09 7.24
CA ILE RA 145 120.68 25.01 8.36
C ILE RA 145 121.45 26.22 7.88
N LYS RA 146 120.85 27.40 8.07
CA LYS RA 146 121.53 28.66 7.68
C LYS RA 146 122.57 28.99 8.74
N ASN RA 147 122.15 29.08 10.01
CA ASN RA 147 123.09 29.45 11.10
C ASN RA 147 123.80 28.20 11.64
N GLU RA 148 124.65 27.57 10.83
CA GLU RA 148 125.43 26.41 11.32
C GLU RA 148 126.54 26.89 12.25
N ASP RA 149 126.91 28.18 12.17
CA ASP RA 149 127.91 28.71 13.08
C ASP RA 149 127.46 28.58 14.53
N GLU RA 150 126.19 28.90 14.81
CA GLU RA 150 125.66 28.74 16.16
C GLU RA 150 125.59 27.28 16.56
N ASN RA 151 125.64 26.38 15.57
CA ASN RA 151 125.47 24.94 15.86
C ASN RA 151 126.78 24.17 15.71
N ILE RA 152 127.92 24.87 15.78
CA ILE RA 152 129.20 24.15 15.74
C ILE RA 152 129.30 23.19 16.93
N GLY RA 153 128.93 23.66 18.12
CA GLY RA 153 128.89 22.77 19.26
C GLY RA 153 127.81 21.71 19.13
N LEU RA 154 126.76 22.01 18.36
CA LEU RA 154 125.71 21.02 18.11
C LEU RA 154 126.27 19.81 17.39
N LYS RA 155 127.12 20.04 16.40
CA LYS RA 155 127.73 18.91 15.65
C LYS RA 155 128.59 18.10 16.63
N LYS RA 156 129.37 18.78 17.46
CA LYS RA 156 130.24 18.08 18.41
C LYS RA 156 129.43 17.21 19.35
N TYR RA 157 128.32 17.75 19.87
CA TYR RA 157 127.46 16.95 20.73
C TYR RA 157 126.81 15.80 19.97
N VAL RA 158 126.43 16.03 18.71
CA VAL RA 158 125.74 15.00 17.94
C VAL RA 158 126.67 13.84 17.64
N ASP RA 159 127.88 14.13 17.14
CA ASP RA 159 128.81 13.05 16.85
C ASP RA 159 129.52 12.55 18.11
N SER RA 160 129.32 13.20 19.25
CA SER RA 160 129.79 12.64 20.51
C SER RA 160 129.01 11.40 20.91
N LEU RA 161 127.83 11.20 20.30
CA LEU RA 161 127.00 10.00 20.63
C LEU RA 161 127.38 8.82 19.75
N SER RA 162 126.94 7.62 20.13
CA SER RA 162 127.24 6.39 19.36
C SER RA 162 126.53 6.44 18.01
N ALA RA 163 127.05 5.69 17.04
CA ALA RA 163 126.48 5.70 15.70
C ALA RA 163 125.00 5.35 15.71
N GLY RA 164 124.65 4.34 16.51
CA GLY RA 164 123.23 3.96 16.64
C GLY RA 164 122.42 5.13 17.18
N LEU RA 165 122.91 5.78 18.23
CA LEU RA 165 122.21 6.92 18.81
C LEU RA 165 122.10 8.05 17.80
N LYS RA 166 123.17 8.29 17.06
CA LYS RA 166 123.11 9.34 16.00
C LYS RA 166 121.97 8.98 15.05
N ASN RA 167 121.96 7.75 14.54
CA ASN RA 167 120.93 7.35 13.58
C ASN RA 167 119.54 7.51 14.18
N LEU RA 168 119.42 7.16 15.46
CA LEU RA 168 118.13 7.31 16.18
C LEU RA 168 117.73 8.78 16.07
N LEU RA 169 118.62 9.68 16.50
CA LEU RA 169 118.33 11.14 16.46
C LEU RA 169 117.90 11.51 15.04
N PHE RA 170 118.68 11.09 14.03
CA PHE RA 170 118.36 11.48 12.67
C PHE RA 170 116.96 11.02 12.30
N LYS RA 171 116.61 9.79 12.69
CA LYS RA 171 115.25 9.27 12.39
C LYS RA 171 114.21 10.15 13.09
N LYS RA 172 114.38 10.41 14.39
CA LYS RA 172 113.38 11.21 15.13
C LYS RA 172 113.22 12.57 14.46
N ILE RA 173 114.32 13.30 14.25
CA ILE RA 173 114.22 14.66 13.67
C ILE RA 173 113.57 14.56 12.29
N ASN RA 174 113.91 13.53 11.52
CA ASN RA 174 113.34 13.40 10.19
C ASN RA 174 111.83 13.26 10.26
N GLN RA 175 111.37 12.37 11.14
CA GLN RA 175 109.91 12.17 11.32
C GLN RA 175 109.28 13.49 11.73
N LYS RA 176 109.83 14.13 12.77
CA LYS RA 176 109.25 15.36 13.28
C LYS RA 176 109.17 16.42 12.19
N LEU RA 177 110.25 16.58 11.44
CA LEU RA 177 110.28 17.58 10.35
C LEU RA 177 109.22 17.20 9.31
N SER RA 178 109.12 15.91 8.96
CA SER RA 178 108.18 15.46 7.95
C SER RA 178 106.75 15.73 8.37
N GLY RA 179 106.40 15.40 9.62
CA GLY RA 179 105.07 15.69 10.11
C GLY RA 179 104.79 17.17 10.15
N TYR RA 180 105.79 17.97 10.57
CA TYR RA 180 105.62 19.42 10.61
C TYR RA 180 105.31 19.98 9.23
N VAL RA 181 106.14 19.64 8.25
CA VAL RA 181 105.97 20.20 6.91
C VAL RA 181 104.69 19.67 6.27
N SER RA 182 104.35 18.40 6.50
CA SER RA 182 103.12 17.85 5.94
C SER RA 182 101.90 18.54 6.53
N GLU RA 183 101.89 18.71 7.85
CA GLU RA 183 100.77 19.44 8.49
C GLU RA 183 100.67 20.84 7.87
N ILE RA 184 101.79 21.56 7.79
CA ILE RA 184 101.76 22.92 7.26
C ILE RA 184 101.22 22.92 5.83
N ILE RA 185 101.72 22.02 4.99
CA ILE RA 185 101.38 22.10 3.53
C ILE RA 185 99.99 21.55 3.21
N VAL RA 186 99.63 20.37 3.72
CA VAL RA 186 98.36 19.71 3.31
C VAL RA 186 97.19 20.69 3.43
N LYS RA 187 97.25 21.62 4.37
CA LYS RA 187 96.12 22.55 4.62
C LYS RA 187 95.98 23.53 3.45
N ASN RA 188 97.10 23.90 2.82
CA ASN RA 188 97.08 24.87 1.71
C ASN RA 188 97.06 24.13 0.37
N ILE RA 189 96.91 22.80 0.40
CA ILE RA 189 96.96 22.03 -0.89
C ILE RA 189 95.68 21.21 -1.06
N ASP RA 190 95.20 21.09 -2.29
CA ASP RA 190 93.98 20.28 -2.58
C ASP RA 190 94.40 18.95 -3.22
N ASP RA 191 93.70 17.86 -2.90
CA ASP RA 191 94.05 16.53 -3.44
C ASP RA 191 93.90 16.53 -4.96
N ILE RA 192 94.72 15.74 -5.66
CA ILE RA 192 94.68 15.68 -7.15
C ILE RA 192 94.59 14.20 -7.56
N GLU RA 193 94.00 13.92 -8.73
CA GLU RA 193 93.83 12.52 -9.20
C GLU RA 193 95.22 11.91 -9.45
N GLU RA 194 95.37 10.60 -9.22
CA GLU RA 194 96.66 9.90 -9.48
C GLU RA 194 96.35 8.59 -10.22
N LEU RA 195 97.26 8.14 -11.10
CA LEU RA 195 97.05 6.87 -11.85
C LEU RA 195 98.19 5.89 -11.50
N PHE RA 196 97.88 4.60 -11.38
CA PHE RA 196 98.90 3.60 -11.01
C PHE RA 196 99.03 2.59 -12.17
N LYS RA 202 93.22 2.77 -10.29
CA LYS RA 202 93.59 3.19 -8.91
C LYS RA 202 93.85 4.70 -8.89
N SER RA 203 93.16 5.42 -8.01
CA SER RA 203 93.37 6.90 -7.88
C SER RA 203 93.91 7.22 -6.49
N THR RA 204 94.99 8.01 -6.42
CA THR RA 204 95.61 8.33 -5.11
C THR RA 204 95.42 9.82 -4.81
N THR RA 205 94.85 10.14 -3.65
CA THR RA 205 94.65 11.56 -3.25
C THR RA 205 96.00 12.24 -3.01
N LEU RA 206 96.16 13.49 -3.48
CA LEU RA 206 97.42 14.23 -3.24
C LEU RA 206 97.58 14.51 -1.74
N HIS RA 207 96.47 14.65 -1.02
CA HIS RA 207 96.59 14.84 0.45
C HIS RA 207 97.37 13.66 1.03
N LYS RA 208 97.08 12.44 0.57
CA LYS RA 208 97.90 11.29 1.04
C LYS RA 208 99.33 11.43 0.50
N GLU RA 209 99.50 11.88 -0.75
CA GLU RA 209 100.89 12.04 -1.18
C GLU RA 209 101.65 12.97 -0.24
N ILE RA 210 100.99 14.06 0.17
CA ILE RA 210 101.61 15.01 1.14
C ILE RA 210 101.92 14.23 2.43
N LEU RA 211 100.96 13.42 2.88
CA LEU RA 211 101.15 12.64 4.13
C LEU RA 211 102.36 11.71 3.96
N GLN RA 212 102.45 11.01 2.84
CA GLN RA 212 103.53 10.04 2.64
C GLN RA 212 104.86 10.73 2.41
N THR RA 213 104.84 11.86 1.70
CA THR RA 213 106.11 12.60 1.41
C THR RA 213 106.72 13.07 2.74
N ASP RA 214 108.03 12.87 2.91
CA ASP RA 214 108.71 13.24 4.17
C ASP RA 214 109.66 14.42 3.92
N SER RA 215 110.51 14.73 4.90
CA SER RA 215 111.51 15.82 4.74
C SER RA 215 112.74 15.48 5.60
N ARG RA 216 113.93 15.86 5.15
CA ARG RA 216 115.16 15.52 5.93
C ARG RA 216 116.11 16.73 5.98
N LEU RA 217 116.71 16.98 7.14
CA LEU RA 217 117.64 18.13 7.30
C LEU RA 217 119.01 17.76 6.74
N SER RA 218 119.35 18.30 5.57
CA SER RA 218 120.71 18.04 5.01
C SER RA 218 121.64 19.16 5.46
N SER RA 219 122.59 18.84 6.35
CA SER RA 219 123.51 19.87 6.90
C SER RA 219 124.81 19.22 7.35
N ASP RA 220 125.86 20.02 7.49
CA ASP RA 220 127.15 19.47 8.00
C ASP RA 220 126.92 18.98 9.44
N ILE RA 221 125.90 19.51 10.12
CA ILE RA 221 125.71 19.12 11.55
C ILE RA 221 125.09 17.72 11.58
N PHE RA 222 124.27 17.38 10.59
CA PHE RA 222 123.61 16.09 10.51
C PHE RA 222 123.81 15.55 9.09
N LYS RA 223 124.95 14.88 8.87
CA LYS RA 223 125.25 14.33 7.56
C LYS RA 223 124.60 12.98 7.29
N GLU RA 224 124.10 12.30 8.32
CA GLU RA 224 123.46 11.00 8.14
C GLU RA 224 121.99 11.07 8.55
N ILE SA 3 108.45 54.83 27.83
CA ILE SA 3 108.27 53.36 28.04
C ILE SA 3 108.63 52.60 26.77
N ARG SA 4 109.71 51.82 26.80
CA ARG SA 4 110.14 51.11 25.56
C ARG SA 4 110.71 49.75 25.96
N ASN SA 5 109.97 48.68 25.68
CA ASN SA 5 110.53 47.34 25.95
C ASN SA 5 111.78 47.20 25.09
N ARG SA 6 112.89 46.79 25.71
CA ARG SA 6 114.14 46.57 24.93
C ARG SA 6 114.34 45.06 24.71
N LEU SA 7 113.36 44.22 25.08
CA LEU SA 7 113.55 42.78 24.80
C LEU SA 7 114.08 42.66 23.37
N SER SA 8 113.38 43.28 22.42
CA SER SA 8 113.79 43.22 20.99
C SER SA 8 115.28 43.61 20.88
N GLU SA 9 115.64 44.79 21.39
CA GLU SA 9 117.04 45.27 21.28
C GLU SA 9 117.97 44.27 21.99
N LEU SA 10 117.62 43.90 23.23
CA LEU SA 10 118.45 42.97 23.99
C LEU SA 10 118.71 41.69 23.20
N LEU SA 11 117.67 41.17 22.56
CA LEU SA 11 117.83 39.92 21.76
C LEU SA 11 118.75 40.19 20.57
N SER SA 12 118.62 41.36 19.92
CA SER SA 12 119.54 41.69 18.83
C SER SA 12 120.97 41.80 19.34
N GLU SA 13 121.15 42.33 20.55
CA GLU SA 13 122.46 42.38 21.17
C GLU SA 13 123.02 40.98 21.37
N ARG SA 14 122.23 40.08 21.96
CA ARG SA 14 122.69 38.74 22.29
C ARG SA 14 122.44 37.73 21.18
N GLY SA 15 121.81 38.15 20.08
CA GLY SA 15 121.57 37.26 18.96
C GLY SA 15 120.59 36.15 19.29
N LEU SA 16 119.96 36.26 20.47
CA LEU SA 16 118.99 35.21 20.91
C LEU SA 16 117.71 35.32 20.08
N LYS SA 17 117.28 34.21 19.48
CA LYS SA 17 116.02 34.20 18.71
C LYS SA 17 114.84 34.28 19.69
N ILE SA 18 113.69 34.75 19.21
CA ILE SA 18 112.49 34.84 20.10
C ILE SA 18 112.13 33.43 20.58
N SER SA 19 112.27 32.43 19.71
CA SER SA 19 111.89 31.05 20.06
C SER SA 19 112.77 30.58 21.24
N ARG SA 20 114.06 30.91 21.22
CA ARG SA 20 114.97 30.43 22.29
C ARG SA 20 114.50 30.95 23.64
N VAL SA 21 114.25 32.26 23.72
CA VAL SA 21 113.78 32.86 25.01
C VAL SA 21 112.45 32.20 25.38
N ALA SA 22 111.48 32.21 24.46
CA ALA SA 22 110.14 31.63 24.73
C ALA SA 22 110.30 30.27 25.40
N LYS SA 23 111.07 29.37 24.79
CA LYS SA 23 111.22 28.00 25.35
C LYS SA 23 111.85 28.09 26.74
N ASP SA 24 112.88 28.92 26.87
CA ASP SA 24 113.60 29.04 28.17
C ASP SA 24 112.68 29.64 29.23
N VAL SA 25 111.89 30.67 28.88
CA VAL SA 25 111.03 31.36 29.88
C VAL SA 25 109.63 30.74 29.86
N LYS SA 26 109.40 29.74 28.99
CA LYS SA 26 108.08 29.06 28.90
C LYS SA 26 106.99 30.09 28.64
N ILE SA 27 107.28 31.11 27.82
CA ILE SA 27 106.23 32.12 27.45
C ILE SA 27 105.83 31.83 25.99
N ALA SA 28 104.56 32.03 25.65
CA ALA SA 28 104.13 31.67 24.28
C ALA SA 28 104.95 32.50 23.29
N ARG SA 29 105.49 31.84 22.26
CA ARG SA 29 106.30 32.57 21.24
C ARG SA 29 105.44 33.69 20.67
N SER SA 30 104.15 33.41 20.42
CA SER SA 30 103.26 34.43 19.79
C SER SA 30 103.07 35.60 20.76
N SER SA 31 102.85 35.30 22.05
CA SER SA 31 102.73 36.39 23.06
C SER SA 31 104.06 37.12 23.19
N LEU SA 32 105.17 36.39 23.21
CA LEU SA 32 106.51 37.02 23.41
C LEU SA 32 106.85 37.90 22.21
N THR SA 33 106.70 37.36 21.00
CA THR SA 33 107.09 38.14 19.78
C THR SA 33 106.20 39.39 19.71
N SER SA 34 104.94 39.29 20.13
CA SER SA 34 104.08 40.47 20.14
C SER SA 34 104.63 41.52 21.10
N MET SA 35 105.11 41.04 22.24
CA MET SA 35 105.65 41.93 23.31
C MET SA 35 107.07 42.37 22.96
N ALA SA 36 107.73 41.71 22.01
CA ALA SA 36 109.15 42.02 21.72
C ALA SA 36 109.31 43.48 21.27
N GLN SA 37 108.47 43.95 20.35
CA GLN SA 37 108.58 45.34 19.85
C GLN SA 37 107.69 46.25 20.70
N ASN SA 38 107.34 45.81 21.90
CA ASN SA 38 106.43 46.61 22.78
C ASN SA 38 105.19 46.97 21.97
N ASP SA 39 104.65 46.00 21.22
CA ASP SA 39 103.39 46.25 20.45
C ASP SA 39 102.21 46.10 21.41
N SER SA 40 102.17 44.99 22.16
CA SER SA 40 101.08 44.78 23.14
C SER SA 40 101.14 45.86 24.23
N GLU SA 41 99.97 46.34 24.67
CA GLU SA 41 99.92 47.42 25.70
C GLU SA 41 99.72 46.79 27.08
N MET SA 42 99.77 45.46 27.18
CA MET SA 42 99.67 44.79 28.50
C MET SA 42 100.86 43.84 28.67
N ILE SA 43 101.48 43.87 29.86
CA ILE SA 43 102.65 42.99 30.16
C ILE SA 43 102.42 42.28 31.50
N ARG SA 44 102.68 40.97 31.55
CA ARG SA 44 102.51 40.20 32.77
C ARG SA 44 103.73 40.35 33.66
N TYR SA 45 103.48 40.50 34.97
CA TYR SA 45 104.58 40.52 35.94
C TYR SA 45 105.42 39.25 35.83
N ASP SA 46 104.77 38.11 35.60
CA ASP SA 46 105.51 36.87 35.43
C ASP SA 46 106.44 36.96 34.24
N ALA SA 47 105.95 37.54 33.14
CA ALA SA 47 106.77 37.64 31.92
C ALA SA 47 108.03 38.46 32.22
N ILE SA 48 107.87 39.65 32.77
CA ILE SA 48 109.02 40.52 33.00
C ILE SA 48 109.97 39.89 34.03
N ASP SA 49 109.39 39.26 35.05
CA ASP SA 49 110.23 38.58 36.07
C ASP SA 49 111.09 37.51 35.38
N LYS SA 50 110.46 36.66 34.58
CA LYS SA 50 111.19 35.57 33.92
C LYS SA 50 112.23 36.12 32.96
N LEU SA 51 111.89 37.17 32.21
CA LEU SA 51 112.84 37.75 31.27
C LEU SA 51 114.03 38.36 32.00
N CYS SA 52 113.78 39.06 33.10
CA CYS SA 52 114.86 39.69 33.85
C CYS SA 52 115.79 38.65 34.44
N SER SA 53 115.22 37.61 35.06
CA SER SA 53 116.06 36.54 35.59
C SER SA 53 116.82 35.83 34.48
N TYR SA 54 116.16 35.57 33.36
CA TYR SA 54 116.78 34.83 32.27
C TYR SA 54 117.88 35.65 31.60
N LEU SA 55 117.65 36.95 31.41
CA LEU SA 55 118.62 37.80 30.74
C LEU SA 55 119.64 38.41 31.71
N HIS SA 56 119.55 38.09 33.00
CA HIS SA 56 120.46 38.61 34.01
C HIS SA 56 120.46 40.14 34.00
N ILE SA 57 119.27 40.73 33.98
CA ILE SA 57 119.11 42.17 33.89
C ILE SA 57 118.12 42.65 34.93
N SER SA 58 118.29 43.91 35.34
CA SER SA 58 117.27 44.59 36.12
C SER SA 58 116.17 45.07 35.18
N PRO SA 59 114.93 45.32 35.66
CA PRO SA 59 113.83 45.71 34.77
C PRO SA 59 114.19 47.04 34.08
N SER SA 60 115.27 47.68 34.54
CA SER SA 60 115.71 48.96 33.95
C SER SA 60 116.08 48.75 32.48
N GLU SA 61 116.81 47.67 32.18
CA GLU SA 61 117.26 47.44 30.79
C GLU SA 61 116.09 46.93 29.94
N PHE SA 62 115.03 46.44 30.58
CA PHE SA 62 113.84 45.98 29.83
C PHE SA 62 112.94 47.19 29.53
N PHE SA 63 112.57 47.92 30.59
CA PHE SA 63 111.68 49.10 30.43
C PHE SA 63 112.49 50.39 30.33
N GLU SA 64 112.51 51.02 29.17
CA GLU SA 64 113.21 52.34 29.04
C GLU SA 64 112.13 53.42 29.06
N HIS SA 65 112.13 54.30 30.07
CA HIS SA 65 111.05 55.32 30.19
C HIS SA 65 111.62 56.74 30.20
N ASN SA 66 111.07 57.64 29.37
CA ASN SA 66 111.48 59.07 29.39
C ASN SA 66 110.34 59.85 30.06
N PRO SA 67 110.57 60.52 31.21
CA PRO SA 67 109.49 61.20 31.93
C PRO SA 67 108.59 62.03 31.01
N ILE SA 68 109.11 62.42 29.84
CA ILE SA 68 108.34 63.29 28.90
C ILE SA 68 107.15 62.51 28.35
N ASN SA 69 105.99 63.17 28.20
CA ASN SA 69 104.78 62.50 27.75
C ASN SA 69 104.19 63.31 26.60
N PHE SA 70 103.67 62.62 25.60
CA PHE SA 70 103.06 63.26 24.43
C PHE SA 70 101.61 62.82 24.33
N ASP SA 71 100.71 63.79 24.18
CA ASP SA 71 99.29 63.53 24.00
C ASP SA 71 98.80 64.26 22.77
N PHE SA 72 97.92 63.62 22.01
CA PHE SA 72 97.50 64.11 20.70
C PHE SA 72 95.98 64.15 20.67
N THR SA 73 95.44 65.35 20.39
CA THR SA 73 93.96 65.54 20.31
C THR SA 73 93.61 66.07 18.92
N PHE SA 74 92.71 65.40 18.22
CA PHE SA 74 92.33 65.81 16.85
C PHE SA 74 91.05 66.64 16.87
N ASP SA 75 90.92 67.59 15.95
CA ASP SA 75 89.73 68.43 15.85
C ASP SA 75 88.49 67.57 15.77
N GLU SA 76 87.45 67.97 16.51
CA GLU SA 76 86.16 67.24 16.42
C GLU SA 76 85.67 67.32 14.98
N GLU SA 77 85.69 68.53 14.41
CA GLU SA 77 85.27 68.72 13.03
C GLU SA 77 86.46 69.16 12.19
N PRO SA 78 86.92 68.35 11.24
CA PRO SA 78 88.02 68.77 10.37
C PRO SA 78 87.50 69.47 9.11
N ASN SA 79 88.42 70.18 8.46
CA ASN SA 79 88.11 70.87 7.21
C ASN SA 79 88.45 69.95 6.05
N TYR SA 80 87.48 69.17 5.57
CA TYR SA 80 87.79 68.18 4.50
C TYR SA 80 86.87 68.33 3.30
N LYS SA 81 87.42 68.12 2.09
CA LYS SA 81 86.60 68.15 0.85
C LYS SA 81 86.85 66.83 0.11
N ILE SA 82 85.82 66.21 -0.46
CA ILE SA 82 86.01 64.85 -1.06
C ILE SA 82 85.77 64.90 -2.58
N ASN SA 83 86.56 64.14 -3.35
CA ASN SA 83 86.32 64.04 -4.82
C ASN SA 83 86.28 62.54 -5.17
N ASP SA 84 85.14 62.06 -5.67
CA ASP SA 84 84.97 60.60 -5.93
C ASP SA 84 84.99 60.33 -7.43
N VAL SA 85 86.04 59.66 -7.93
CA VAL SA 85 86.12 59.30 -9.38
C VAL SA 85 85.21 58.10 -9.64
N PHE SA 86 85.16 57.13 -8.71
CA PHE SA 86 84.32 55.92 -8.84
C PHE SA 86 84.78 55.02 -10.00
N GLU SA 87 85.87 55.38 -10.68
CA GLU SA 87 86.26 54.59 -11.84
C GLU SA 87 87.71 54.17 -11.71
N GLY SA 88 87.96 52.88 -11.98
CA GLY SA 88 89.33 52.35 -11.87
C GLY SA 88 89.49 51.35 -10.73
N PHE SA 89 88.84 51.61 -9.59
CA PHE SA 89 88.98 50.72 -8.41
C PHE SA 89 88.54 49.29 -8.76
N GLU SA 90 87.55 49.17 -9.65
CA GLU SA 90 87.00 47.83 -10.01
C GLU SA 90 88.02 47.09 -10.90
N VAL SA 91 88.65 47.79 -11.85
CA VAL SA 91 89.60 47.09 -12.78
C VAL SA 91 90.86 46.72 -11.98
N THR SA 92 91.39 47.64 -11.18
CA THR SA 92 92.56 47.34 -10.32
C THR SA 92 92.21 47.82 -8.91
N ALA SA 93 92.63 47.10 -7.86
CA ALA SA 93 92.19 47.48 -6.50
C ALA SA 93 93.01 48.66 -5.98
N ASN SA 94 92.73 49.85 -6.50
CA ASN SA 94 93.45 51.07 -6.04
C ASN SA 94 92.42 52.10 -5.55
N ILE SA 95 92.51 52.48 -4.27
CA ILE SA 95 91.56 53.49 -3.71
C ILE SA 95 91.69 54.78 -4.51
N THR SA 96 92.92 55.14 -4.91
CA THR SA 96 93.15 56.37 -5.70
C THR SA 96 92.11 56.46 -6.82
N HIS SA 97 91.97 55.40 -7.61
CA HIS SA 97 91.03 55.45 -8.73
C HIS SA 97 89.60 55.60 -8.24
N ALA SA 98 89.28 54.99 -7.09
CA ALA SA 98 87.90 55.05 -6.56
C ALA SA 98 87.54 56.48 -6.16
N PHE SA 99 88.45 57.19 -5.49
CA PHE SA 99 88.20 58.55 -5.03
C PHE SA 99 89.51 59.10 -4.47
N SER SA 100 89.43 60.34 -3.95
CA SER SA 100 90.60 60.95 -3.28
C SER SA 100 90.04 62.09 -2.42
N ILE SA 101 90.84 62.61 -1.50
CA ILE SA 101 90.33 63.67 -0.56
C ILE SA 101 90.84 65.02 -1.08
N GLU SA 102 89.94 65.86 -1.62
CA GLU SA 102 90.40 67.13 -2.22
C GLU SA 102 91.11 67.97 -1.16
N ASN SA 103 90.51 68.09 0.04
CA ASN SA 103 91.14 68.83 1.15
C ASN SA 103 90.91 68.01 2.43
N PHE SA 104 91.82 68.11 3.40
CA PHE SA 104 91.58 67.43 4.71
C PHE SA 104 92.49 68.15 5.71
N ASP SA 105 92.38 69.47 5.76
CA ASP SA 105 93.23 70.26 6.67
C ASP SA 105 92.57 70.29 8.06
N PHE SA 106 93.32 69.94 9.10
CA PHE SA 106 92.79 69.99 10.49
C PHE SA 106 93.95 70.19 11.45
N GLU SA 107 93.65 70.45 12.72
CA GLU SA 107 94.71 70.77 13.71
C GLU SA 107 94.81 69.63 14.74
N ILE SA 108 96.02 69.12 14.98
CA ILE SA 108 96.19 68.09 16.04
C ILE SA 108 96.82 68.80 17.23
N LEU SA 109 96.18 68.72 18.40
CA LEU SA 109 96.69 69.45 19.59
C LEU SA 109 97.65 68.52 20.32
N VAL SA 110 98.93 68.89 20.39
CA VAL SA 110 99.94 67.99 21.00
C VAL SA 110 100.44 68.61 22.30
N ASP SA 111 100.36 67.86 23.41
CA ASP SA 111 100.91 68.38 24.68
C ASP SA 111 102.21 67.63 24.97
N VAL SA 112 103.35 68.33 24.86
CA VAL SA 112 104.65 67.69 25.23
C VAL SA 112 104.86 67.97 26.72
N GLU SA 113 104.48 67.01 27.57
CA GLU SA 113 104.54 67.30 29.03
C GLU SA 113 105.99 67.15 29.52
N LEU SA 114 106.51 68.18 30.18
CA LEU SA 114 107.89 68.10 30.72
C LEU SA 114 107.88 67.29 32.02
N ASP SA 115 109.06 67.01 32.59
CA ASP SA 115 109.09 66.30 33.90
C ASP SA 115 108.39 67.22 34.91
N ASN SA 116 108.63 68.53 34.82
CA ASN SA 116 107.94 69.49 35.72
C ASN SA 116 106.44 69.42 35.40
N ARG SA 117 105.58 69.58 36.41
CA ARG SA 117 104.12 69.43 36.19
C ARG SA 117 103.71 70.28 34.97
N GLN SA 118 104.25 71.49 34.85
CA GLN SA 118 103.96 72.35 33.68
C GLN SA 118 104.10 71.51 32.39
N LYS SA 119 103.19 71.71 31.43
CA LYS SA 119 103.27 70.99 30.14
C LYS SA 119 103.17 72.03 29.02
N LEU SA 120 103.73 71.73 27.85
CA LEU SA 120 103.75 72.72 26.74
C LEU SA 120 102.74 72.31 25.66
N ASN SA 121 101.80 73.19 25.33
CA ASN SA 121 100.78 72.88 24.30
C ASN SA 121 101.29 73.40 22.95
N PHE SA 122 101.35 72.53 21.94
CA PHE SA 122 101.75 73.00 20.58
C PHE SA 122 100.68 72.57 19.59
N ASP SA 123 100.21 73.49 18.75
CA ASP SA 123 99.12 73.17 17.78
C ASP SA 123 99.75 72.99 16.39
N LEU SA 124 99.58 71.83 15.77
CA LEU SA 124 100.09 71.62 14.40
C LEU SA 124 98.91 71.49 13.44
N ASP SA 125 98.92 72.25 12.34
CA ASP SA 125 97.83 72.10 11.34
C ASP SA 125 98.37 71.18 10.23
N VAL SA 126 97.71 70.05 10.02
CA VAL SA 126 98.14 69.12 8.93
C VAL SA 126 97.07 69.14 7.85
N SER SA 127 97.49 69.36 6.60
CA SER SA 127 96.53 69.36 5.46
C SER SA 127 96.85 68.16 4.56
N TYR SA 128 95.87 67.68 3.79
CA TYR SA 128 96.17 66.60 2.82
C TYR SA 128 97.25 67.07 1.86
N LYS SA 129 98.36 66.34 1.76
CA LYS SA 129 99.47 66.71 0.84
C LYS SA 129 99.35 65.87 -0.42
N GLU SA 130 99.30 64.54 -0.27
CA GLU SA 130 99.20 63.61 -1.44
C GLU SA 130 98.84 62.22 -0.92
N THR SA 131 98.81 61.22 -1.79
CA THR SA 131 98.58 59.83 -1.31
C THR SA 131 99.84 59.00 -1.60
N GLU SA 132 100.35 58.30 -0.59
CA GLU SA 132 101.56 57.45 -0.77
C GLU SA 132 101.14 56.12 -1.42
N LYS SA 133 101.73 55.80 -2.58
CA LYS SA 133 101.41 54.50 -3.24
C LYS SA 133 102.29 53.40 -2.63
N ILE SA 134 102.08 53.07 -1.36
CA ILE SA 134 102.94 52.06 -0.68
C ILE SA 134 102.83 50.75 -1.47
N THR SA 135 101.63 50.39 -1.91
CA THR SA 135 101.44 49.19 -2.76
C THR SA 135 100.44 49.55 -3.87
N ASN SA 136 100.51 48.87 -5.01
CA ASN SA 136 99.57 49.15 -6.13
C ASN SA 136 98.13 48.98 -5.63
N SER SA 137 97.95 48.37 -4.46
CA SER SA 137 96.61 48.11 -3.96
C SER SA 137 96.25 48.96 -2.75
N GLN SA 138 97.22 49.31 -1.91
CA GLN SA 138 96.98 50.12 -0.73
C GLN SA 138 97.70 51.44 -0.86
N HIS SA 139 97.01 52.53 -0.54
CA HIS SA 139 97.61 53.89 -0.64
C HIS SA 139 97.41 54.62 0.69
N ARG SA 140 98.48 55.25 1.19
CA ARG SA 140 98.40 55.93 2.52
C ARG SA 140 98.35 57.45 2.32
N PHE SA 141 97.31 58.10 2.84
CA PHE SA 141 97.19 59.58 2.73
C PHE SA 141 98.39 60.24 3.42
N ILE SA 142 98.89 61.33 2.83
CA ILE SA 142 100.04 62.08 3.42
C ILE SA 142 99.53 63.45 3.87
N PHE SA 143 99.81 63.83 5.12
CA PHE SA 143 99.41 65.18 5.59
C PHE SA 143 100.66 65.96 6.01
N THR SA 144 100.77 67.19 5.52
CA THR SA 144 101.98 68.02 5.82
C THR SA 144 101.61 69.09 6.86
N ILE SA 145 102.51 69.36 7.81
CA ILE SA 145 102.26 70.40 8.80
C ILE SA 145 102.50 71.75 8.16
N LYS SA 146 101.48 72.60 8.20
CA LYS SA 146 101.59 73.97 7.64
C LYS SA 146 102.39 74.82 8.63
N ASN SA 147 101.92 74.90 9.88
CA ASN SA 147 102.59 75.74 10.91
C ASN SA 147 103.72 74.96 11.60
N GLU SA 148 104.79 74.64 10.85
CA GLU SA 148 105.94 73.95 11.47
C GLU SA 148 106.73 74.95 12.32
N ASP SA 149 106.56 76.25 12.07
CA ASP SA 149 107.22 77.25 12.89
C ASP SA 149 106.81 77.14 14.35
N GLU SA 150 105.51 76.94 14.60
CA GLU SA 150 105.04 76.77 15.96
C GLU SA 150 105.55 75.46 16.56
N ASN SA 151 105.98 74.55 15.69
CA ASN SA 151 106.39 73.20 16.17
C ASN SA 151 107.91 73.01 16.10
N ILE SA 152 108.68 74.11 16.06
CA ILE SA 152 110.13 73.97 16.09
C ILE SA 152 110.57 73.29 17.39
N GLY SA 153 109.99 73.72 18.52
CA GLY SA 153 110.27 73.02 19.76
C GLY SA 153 109.72 71.61 19.79
N LEU SA 154 108.66 71.37 19.01
CA LEU SA 154 108.11 70.02 18.91
C LEU SA 154 109.12 69.06 18.34
N LYS SA 155 109.85 69.49 17.31
CA LYS SA 155 110.89 68.61 16.70
C LYS SA 155 111.96 68.35 17.75
N LYS SA 156 112.39 69.38 18.49
CA LYS SA 156 113.41 69.22 19.50
C LYS SA 156 112.99 68.21 20.56
N TYR SA 157 111.74 68.32 21.02
CA TYR SA 157 111.24 67.35 21.99
C TYR SA 157 111.14 65.96 21.39
N VAL SA 158 110.73 65.85 20.13
CA VAL SA 158 110.55 64.55 19.51
C VAL SA 158 111.88 63.83 19.35
N ASP SA 159 112.88 64.52 18.80
CA ASP SA 159 114.18 63.88 18.64
C ASP SA 159 114.99 63.86 19.92
N SER SA 160 114.51 64.52 20.98
CA SER SA 160 115.10 64.36 22.30
C SER SA 160 114.88 62.97 22.86
N LEU SA 161 113.90 62.24 22.31
CA LEU SA 161 113.60 60.86 22.80
C LEU SA 161 114.46 59.83 22.07
N SER SA 162 114.53 58.61 22.62
CA SER SA 162 115.32 57.52 22.00
C SER SA 162 114.70 57.11 20.66
N ALA SA 163 115.51 56.52 19.80
CA ALA SA 163 115.04 56.13 18.47
C ALA SA 163 113.83 55.22 18.56
N GLY SA 164 113.88 54.27 19.49
CA GLY SA 164 112.73 53.37 19.68
C GLY SA 164 111.50 54.16 20.08
N LEU SA 165 111.65 55.08 21.04
CA LEU SA 165 110.53 55.90 21.47
C LEU SA 165 110.01 56.76 20.33
N LYS SA 166 110.93 57.32 19.53
CA LYS SA 166 110.48 58.11 18.36
C LYS SA 166 109.62 57.21 17.48
N ASN SA 167 110.13 56.03 17.12
CA ASN SA 167 109.38 55.14 16.25
C ASN SA 167 108.02 54.80 16.85
N LEU SA 168 108.00 54.59 18.17
CA LEU SA 168 106.74 54.30 18.88
C LEU SA 168 105.78 55.45 18.59
N LEU SA 169 106.21 56.69 18.89
CA LEU SA 169 105.37 57.89 18.66
C LEU SA 169 104.88 57.86 17.20
N PHE SA 170 105.79 57.67 16.25
CA PHE SA 170 105.40 57.73 14.85
C PHE SA 170 104.31 56.71 14.57
N LYS SA 171 104.47 55.50 15.12
CA LYS SA 171 103.45 54.44 14.92
C LYS SA 171 102.11 54.91 15.51
N LYS SA 172 102.13 55.37 16.76
CA LYS SA 172 100.86 55.79 17.42
C LYS SA 172 100.19 56.88 16.58
N ILE SA 173 100.92 57.95 16.26
CA ILE SA 173 100.30 59.09 15.51
C ILE SA 173 99.80 58.56 14.16
N ASN SA 174 100.55 57.66 13.52
CA ASN SA 174 100.12 57.15 12.24
C ASN SA 174 98.80 56.42 12.35
N GLN SA 175 98.69 55.54 13.35
CA GLN SA 175 97.43 54.79 13.57
C GLN SA 175 96.30 55.79 13.82
N LYS SA 176 96.52 56.72 14.75
CA LYS SA 176 95.48 57.67 15.11
C LYS SA 176 95.02 58.46 13.90
N LEU SA 177 95.98 58.95 13.12
CA LEU SA 177 95.65 59.73 11.90
C LEU SA 177 94.86 58.83 10.94
N SER SA 178 95.30 57.57 10.77
CA SER SA 178 94.66 56.66 9.83
C SER SA 178 93.22 56.38 10.24
N GLY SA 179 93.01 56.09 11.52
CA GLY SA 179 91.65 55.89 11.99
C GLY SA 179 90.79 57.13 11.84
N TYR SA 180 91.36 58.30 12.14
CA TYR SA 180 90.63 59.55 12.01
C TYR SA 180 90.18 59.76 10.57
N VAL SA 181 91.11 59.66 9.62
CA VAL SA 181 90.78 59.94 8.23
C VAL SA 181 89.84 58.86 7.68
N SER SA 182 90.04 57.61 8.08
CA SER SA 182 89.15 56.54 7.62
C SER SA 182 87.73 56.75 8.14
N GLU SA 183 87.60 57.08 9.41
CA GLU SA 183 86.26 57.36 9.97
C GLU SA 183 85.63 58.51 9.18
N ILE SA 184 86.37 59.59 8.99
CA ILE SA 184 85.82 60.75 8.28
C ILE SA 184 85.38 60.37 6.88
N ILE SA 185 86.23 59.65 6.16
CA ILE SA 185 85.95 59.39 4.71
C ILE SA 185 84.90 58.29 4.47
N VAL SA 186 85.02 57.15 5.14
CA VAL SA 186 84.14 55.98 4.84
C VAL SA 186 82.67 56.41 4.85
N LYS SA 187 82.31 57.41 5.67
CA LYS SA 187 80.89 57.83 5.81
C LYS SA 187 80.43 58.51 4.52
N ASN SA 188 81.33 59.22 3.85
CA ASN SA 188 80.95 59.96 2.61
C ASN SA 188 81.28 59.11 1.38
N ILE SA 189 81.68 57.85 1.57
CA ILE SA 189 82.10 57.01 0.41
C ILE SA 189 81.25 55.73 0.37
N ASP SA 190 80.91 55.27 -0.84
CA ASP SA 190 80.13 54.01 -1.00
C ASP SA 190 81.09 52.85 -1.27
N ASP SA 191 80.64 51.62 -1.09
CA ASP SA 191 81.51 50.43 -1.30
C ASP SA 191 81.42 50.00 -2.77
N ILE SA 192 82.58 49.96 -3.45
CA ILE SA 192 82.61 49.52 -4.88
C ILE SA 192 83.06 48.06 -4.93
N GLU SA 193 82.22 47.17 -5.46
CA GLU SA 193 82.60 45.74 -5.60
C GLU SA 193 83.18 45.54 -7.01
N GLU SA 194 84.37 44.93 -7.11
CA GLU SA 194 85.04 44.78 -8.43
C GLU SA 194 84.30 43.71 -9.25
N LEU SA 195 83.96 44.02 -10.51
CA LEU SA 195 83.33 42.99 -11.38
C LEU SA 195 84.35 41.85 -11.41
N PHE SA 196 85.64 42.21 -11.39
CA PHE SA 196 86.73 41.22 -11.41
C PHE SA 196 86.67 40.34 -10.16
N LYS SA 202 88.81 37.61 -4.86
CA LYS SA 202 89.20 38.57 -5.92
C LYS SA 202 88.42 39.89 -5.74
N SER SA 203 87.09 39.79 -5.64
CA SER SA 203 86.26 40.99 -5.50
C SER SA 203 86.59 41.71 -4.20
N THR SA 204 86.63 43.04 -4.26
CA THR SA 204 87.02 43.84 -3.07
C THR SA 204 85.92 44.87 -2.79
N THR SA 205 85.78 45.31 -1.53
CA THR SA 205 84.78 46.35 -1.20
C THR SA 205 85.55 47.63 -0.88
N LEU SA 206 85.05 48.79 -1.33
CA LEU SA 206 85.81 50.04 -1.14
C LEU SA 206 85.76 50.48 0.33
N HIS SA 207 84.65 50.23 1.03
CA HIS SA 207 84.64 50.56 2.47
C HIS SA 207 85.83 49.86 3.14
N LYS SA 208 85.95 48.54 2.92
CA LYS SA 208 87.06 47.80 3.50
C LYS SA 208 88.39 48.38 3.06
N GLU SA 209 88.48 48.84 1.81
CA GLU SA 209 89.70 49.50 1.34
C GLU SA 209 89.98 50.76 2.14
N ILE SA 210 88.92 51.53 2.42
CA ILE SA 210 89.08 52.76 3.24
C ILE SA 210 89.62 52.33 4.61
N LEU SA 211 89.05 51.27 5.19
CA LEU SA 211 89.50 50.80 6.52
C LEU SA 211 90.98 50.42 6.46
N GLN SA 212 91.39 49.68 5.43
CA GLN SA 212 92.77 49.22 5.34
C GLN SA 212 93.73 50.35 5.01
N THR SA 213 93.28 51.28 4.15
CA THR SA 213 94.15 52.42 3.75
C THR SA 213 94.47 53.25 5.00
N ASP SA 214 95.74 53.63 5.16
CA ASP SA 214 96.17 54.39 6.35
C ASP SA 214 96.58 55.81 5.95
N SER SA 215 97.19 56.56 6.87
CA SER SA 215 97.68 57.92 6.55
C SER SA 215 98.91 58.21 7.42
N ARG SA 216 99.86 59.00 6.91
CA ARG SA 216 101.10 59.27 7.70
C ARG SA 216 101.48 60.75 7.58
N LEU SA 217 101.89 61.37 8.69
CA LEU SA 217 102.27 62.80 8.70
C LEU SA 217 103.69 62.96 8.16
N SER SA 218 103.85 63.43 6.92
CA SER SA 218 105.21 63.68 6.37
C SER SA 218 105.60 65.12 6.67
N SER SA 219 106.56 65.32 7.57
CA SER SA 219 106.96 66.69 7.96
C SER SA 219 108.40 66.69 8.47
N ASP SA 220 109.05 67.86 8.50
CA ASP SA 220 110.42 67.94 9.06
C ASP SA 220 110.36 67.57 10.55
N ILE SA 221 109.18 67.72 11.18
CA ILE SA 221 109.10 67.48 12.64
C ILE SA 221 109.10 65.97 12.87
N PHE SA 222 108.52 65.20 11.94
CA PHE SA 222 108.44 63.75 12.02
C PHE SA 222 108.90 63.17 10.69
N LYS SA 223 110.21 62.99 10.54
CA LYS SA 223 110.76 62.44 9.31
C LYS SA 223 110.72 60.93 9.23
N GLU SA 224 110.48 60.25 10.34
CA GLU SA 224 110.43 58.79 10.34
C GLU SA 224 109.05 58.31 10.76
N ILE TA 3 75.64 94.53 23.14
CA ILE TA 3 76.66 93.78 23.85
C ILE TA 3 77.14 92.62 23.02
N ARG TA 4 78.39 92.21 23.23
CA ARG TA 4 78.86 91.00 22.52
C ARG TA 4 80.11 90.48 23.24
N ASN TA 5 80.32 89.18 23.19
CA ASN TA 5 81.60 88.66 23.76
C ASN TA 5 82.70 89.01 22.77
N ARG TA 6 83.94 89.17 23.24
CA ARG TA 6 85.02 89.60 22.30
C ARG TA 6 85.88 88.39 21.94
N LEU TA 7 85.31 87.18 22.00
CA LEU TA 7 86.12 85.99 21.76
C LEU TA 7 86.89 86.07 20.45
N SER TA 8 86.22 86.41 19.36
CA SER TA 8 86.92 86.48 18.08
C SER TA 8 88.11 87.41 18.17
N GLU TA 9 87.89 88.61 18.72
CA GLU TA 9 88.99 89.60 18.87
C GLU TA 9 90.02 89.06 19.86
N LEU TA 10 89.58 88.41 20.95
CA LEU TA 10 90.51 87.91 21.95
C LEU TA 10 91.47 86.88 21.37
N LEU TA 11 90.91 85.86 20.72
CA LEU TA 11 91.79 84.78 20.17
C LEU TA 11 92.56 85.28 18.95
N SER TA 12 92.03 86.28 18.22
CA SER TA 12 92.82 86.85 17.09
C SER TA 12 94.07 87.51 17.69
N GLU TA 13 93.90 88.25 18.79
CA GLU TA 13 95.04 88.87 19.46
C GLU TA 13 95.97 87.82 20.03
N ARG TA 14 95.42 86.77 20.65
CA ARG TA 14 96.25 85.70 21.19
C ARG TA 14 96.87 84.85 20.10
N GLY TA 15 96.23 84.77 18.94
CA GLY TA 15 96.67 83.89 17.87
C GLY TA 15 96.23 82.45 18.02
N LEU TA 16 95.52 82.14 19.11
CA LEU TA 16 95.09 80.74 19.38
C LEU TA 16 93.91 80.38 18.49
N LYS TA 17 93.63 79.09 18.36
CA LYS TA 17 92.50 78.63 17.50
C LYS TA 17 91.38 78.12 18.40
N ILE TA 18 90.14 78.14 17.91
CA ILE TA 18 88.98 77.74 18.76
C ILE TA 18 89.21 76.32 19.26
N SER TA 19 89.64 75.42 18.37
CA SER TA 19 89.84 74.00 18.76
C SER TA 19 90.85 73.94 19.91
N ARG TA 20 91.92 74.75 19.81
CA ARG TA 20 92.96 74.77 20.86
C ARG TA 20 92.33 75.21 22.17
N VAL TA 21 91.52 76.27 22.14
CA VAL TA 21 90.84 76.76 23.38
C VAL TA 21 89.91 75.64 23.90
N ALA TA 22 89.16 75.00 23.01
CA ALA TA 22 88.18 73.98 23.45
C ALA TA 22 88.91 72.85 24.17
N LYS TA 23 90.04 72.38 23.63
CA LYS TA 23 90.73 71.31 24.40
C LYS TA 23 91.11 71.85 25.77
N ASP TA 24 91.46 73.14 25.84
CA ASP TA 24 91.97 73.66 27.11
C ASP TA 24 90.85 73.80 28.14
N VAL TA 25 89.68 74.29 27.72
CA VAL TA 25 88.60 74.61 28.70
C VAL TA 25 87.49 73.55 28.75
N LYS TA 26 87.65 72.44 28.03
CA LYS TA 26 86.69 71.34 28.09
C LYS TA 26 85.28 71.81 27.73
N ILE TA 27 85.23 72.66 26.69
CA ILE TA 27 83.91 73.15 26.18
C ILE TA 27 83.73 72.62 24.75
N ALA TA 28 82.53 72.18 24.41
CA ALA TA 28 82.25 71.59 23.10
C ALA TA 28 82.69 72.51 21.97
N ARG TA 29 83.37 71.93 20.98
CA ARG TA 29 83.91 72.76 19.87
C ARG TA 29 82.77 73.54 19.20
N SER TA 30 81.66 72.86 18.84
CA SER TA 30 80.61 73.54 18.10
C SER TA 30 80.06 74.72 18.89
N SER TA 31 79.71 74.48 20.17
CA SER TA 31 79.15 75.55 20.98
C SER TA 31 80.16 76.68 21.16
N LEU TA 32 81.42 76.32 21.43
CA LEU TA 32 82.45 77.36 21.68
C LEU TA 32 82.67 78.17 20.40
N THR TA 33 82.74 77.51 19.24
CA THR TA 33 83.02 78.23 17.99
C THR TA 33 81.83 79.13 17.67
N SER TA 34 80.61 78.65 17.92
CA SER TA 34 79.44 79.50 17.72
C SER TA 34 79.49 80.70 18.65
N MET TA 35 79.88 80.45 19.90
CA MET TA 35 79.93 81.54 20.90
C MET TA 35 81.12 82.45 20.59
N ALA TA 36 82.15 81.91 19.94
CA ALA TA 36 83.28 82.77 19.51
C ALA TA 36 82.70 83.86 18.60
N GLN TA 37 81.79 83.47 17.70
CA GLN TA 37 81.10 84.47 16.85
C GLN TA 37 80.11 85.21 17.75
N ASN TA 38 79.85 86.48 17.47
CA ASN TA 38 78.91 87.30 18.30
C ASN TA 38 77.48 86.82 18.03
N ASP TA 39 77.28 85.95 17.04
CA ASP TA 39 75.91 85.51 16.66
C ASP TA 39 75.18 84.85 17.83
N SER TA 40 75.88 84.06 18.66
CA SER TA 40 75.17 83.33 19.74
C SER TA 40 74.48 84.35 20.66
N GLU TA 41 73.24 84.07 21.06
CA GLU TA 41 72.47 85.04 21.88
C GLU TA 41 72.48 84.59 23.35
N MET TA 42 72.90 83.35 23.60
CA MET TA 42 72.92 82.81 24.98
C MET TA 42 74.32 82.37 25.35
N ILE TA 43 74.67 82.54 26.64
CA ILE TA 43 76.03 82.16 27.12
C ILE TA 43 75.91 81.58 28.54
N ARG TA 44 76.78 80.64 28.88
CA ARG TA 44 76.79 79.94 30.16
C ARG TA 44 77.80 80.57 31.10
N TYR TA 45 77.45 80.56 32.40
CA TYR TA 45 78.36 81.05 33.41
C TYR TA 45 79.62 80.19 33.49
N ASP TA 46 79.47 78.87 33.35
CA ASP TA 46 80.63 78.01 33.30
C ASP TA 46 81.54 78.42 32.15
N ALA TA 47 80.95 78.75 31.00
CA ALA TA 47 81.75 79.15 29.86
C ALA TA 47 82.54 80.43 30.15
N ILE TA 48 81.86 81.41 30.74
CA ILE TA 48 82.55 82.71 30.99
C ILE TA 48 83.66 82.49 32.03
N ASP TA 49 83.41 81.63 33.02
CA ASP TA 49 84.43 81.34 34.06
C ASP TA 49 85.64 80.70 33.38
N LYS TA 50 85.42 79.63 32.61
CA LYS TA 50 86.53 78.90 32.01
C LYS TA 50 87.31 79.78 31.04
N LEU TA 51 86.61 80.55 30.20
CA LEU TA 51 87.31 81.36 29.22
C LEU TA 51 88.08 82.49 29.87
N CYS TA 52 87.44 83.18 30.83
CA CYS TA 52 88.11 84.32 31.50
C CYS TA 52 89.36 83.81 32.21
N SER TA 53 89.28 82.63 32.83
CA SER TA 53 90.44 82.05 33.54
C SER TA 53 91.51 81.65 32.52
N TYR TA 54 91.13 80.90 31.50
CA TYR TA 54 92.09 80.43 30.47
C TYR TA 54 92.85 81.63 29.90
N LEU TA 55 92.12 82.66 29.47
CA LEU TA 55 92.76 83.84 28.91
C LEU TA 55 93.32 84.76 29.99
N HIS TA 56 93.11 84.43 31.26
CA HIS TA 56 93.70 85.22 32.37
C HIS TA 56 93.22 86.67 32.27
N ILE TA 57 91.92 86.85 32.01
CA ILE TA 57 91.38 88.23 31.82
C ILE TA 57 90.04 88.38 32.54
N SER TA 58 89.73 89.58 32.99
CA SER TA 58 88.45 89.88 33.61
C SER TA 58 87.35 89.92 32.55
N PRO TA 59 86.06 89.76 32.92
CA PRO TA 59 84.96 89.83 31.96
C PRO TA 59 84.93 91.18 31.22
N SER TA 60 85.55 92.21 31.80
CA SER TA 60 85.62 93.53 31.14
C SER TA 60 86.11 93.32 29.71
N GLU TA 61 87.26 92.66 29.56
CA GLU TA 61 87.84 92.41 28.22
C GLU TA 61 86.98 91.39 27.46
N PHE TA 62 86.26 90.53 28.18
CA PHE TA 62 85.43 89.50 27.50
C PHE TA 62 84.13 90.10 26.94
N PHE TA 63 83.47 90.99 27.68
CA PHE TA 63 82.19 91.54 27.26
C PHE TA 63 82.37 92.97 26.81
N GLU TA 64 82.25 93.21 25.51
CA GLU TA 64 82.20 94.55 24.96
C GLU TA 64 80.74 95.01 25.03
N HIS TA 65 80.46 96.01 25.85
CA HIS TA 65 79.11 96.54 26.01
C HIS TA 65 79.10 98.03 25.74
N ASN TA 66 78.16 98.48 24.88
CA ASN TA 66 77.89 99.90 24.67
C ASN TA 66 76.44 100.16 25.04
N PRO TA 67 76.13 101.13 25.92
CA PRO TA 67 74.76 101.33 26.41
C PRO TA 67 73.77 101.76 25.32
N ILE TA 68 74.24 102.01 24.10
CA ILE TA 68 73.30 102.50 23.07
C ILE TA 68 72.61 101.28 22.49
N ASN TA 69 71.31 101.10 22.79
CA ASN TA 69 70.58 99.88 22.34
C ASN TA 69 69.80 100.21 21.07
N PHE TA 70 70.01 99.41 20.02
CA PHE TA 70 69.29 99.63 18.74
C PHE TA 70 68.23 98.54 18.55
N ASP TA 71 66.96 98.87 18.80
CA ASP TA 71 65.84 97.94 18.63
C ASP TA 71 65.17 98.22 17.29
N PHE TA 72 64.89 97.16 16.54
CA PHE TA 72 64.37 97.27 15.18
C PHE TA 72 63.01 96.61 15.12
N THR TA 73 62.09 97.29 14.42
CA THR TA 73 60.72 96.78 14.20
C THR TA 73 60.41 96.93 12.71
N PHE TA 74 59.66 96.00 12.12
CA PHE TA 74 59.36 96.00 10.70
C PHE TA 74 57.86 96.14 10.48
N ASP TA 75 57.50 96.54 9.25
CA ASP TA 75 56.07 96.74 8.92
C ASP TA 75 55.30 95.43 8.93
N GLU TA 76 54.17 95.39 9.65
CA GLU TA 76 53.32 94.17 9.63
C GLU TA 76 52.94 93.88 8.18
N GLU TA 77 52.51 94.92 7.44
CA GLU TA 77 52.22 94.74 6.04
C GLU TA 77 53.14 95.62 5.21
N PRO TA 78 53.94 95.04 4.32
CA PRO TA 78 54.83 95.85 3.49
C PRO TA 78 54.21 96.18 2.14
N ASN TA 79 54.85 97.10 1.41
CA ASN TA 79 54.42 97.40 0.02
C ASN TA 79 55.26 96.49 -0.87
N TYR TA 80 54.80 95.28 -1.12
CA TYR TA 80 55.64 94.31 -1.88
C TYR TA 80 54.94 93.82 -3.14
N LYS TA 81 55.64 93.86 -4.27
CA LYS TA 81 55.09 93.26 -5.51
C LYS TA 81 56.12 92.25 -6.04
N ILE TA 82 55.72 90.98 -6.20
CA ILE TA 82 56.70 89.95 -6.63
C ILE TA 82 56.14 89.24 -7.88
N ASN TA 83 56.57 89.68 -9.07
CA ASN TA 83 56.13 89.02 -10.32
C ASN TA 83 56.66 87.58 -10.33
N ASP TA 84 55.85 86.64 -10.83
CA ASP TA 84 56.30 85.23 -10.92
C ASP TA 84 56.74 84.95 -12.36
N VAL TA 85 58.02 84.64 -12.55
CA VAL TA 85 58.51 84.26 -13.91
C VAL TA 85 58.82 82.76 -13.87
N PHE TA 86 58.08 81.96 -14.64
CA PHE TA 86 58.28 80.49 -14.57
C PHE TA 86 59.44 80.08 -15.48
N GLU TA 87 60.66 80.50 -15.14
CA GLU TA 87 61.84 80.19 -15.99
C GLU TA 87 62.48 78.90 -15.48
N GLY TA 88 61.72 77.79 -15.46
CA GLY TA 88 62.31 76.49 -15.08
C GLY TA 88 63.06 76.54 -13.76
N PHE TA 89 62.47 77.09 -12.70
CA PHE TA 89 63.23 77.03 -11.42
C PHE TA 89 63.56 75.57 -11.12
N GLU TA 90 62.57 74.69 -11.29
CA GLU TA 90 62.80 73.25 -11.00
C GLU TA 90 64.01 72.76 -11.80
N VAL TA 91 64.20 73.28 -13.01
CA VAL TA 91 65.33 72.83 -13.89
C VAL TA 91 66.65 73.45 -13.40
N THR TA 92 66.62 74.73 -13.01
CA THR TA 92 67.86 75.43 -12.55
C THR TA 92 67.54 76.11 -11.22
N ALA TA 93 68.23 75.73 -10.14
CA ALA TA 93 67.85 76.26 -8.81
C ALA TA 93 68.40 77.68 -8.67
N ASN TA 94 67.87 78.63 -9.44
CA ASN TA 94 68.28 80.05 -9.32
C ASN TA 94 67.05 80.89 -8.95
N ILE TA 95 67.19 81.77 -7.95
CA ILE TA 95 66.03 82.57 -7.47
C ILE TA 95 65.48 83.37 -8.65
N THR TA 96 66.37 83.92 -9.48
CA THR TA 96 65.93 84.67 -10.68
C THR TA 96 65.01 83.79 -11.53
N HIS TA 97 65.35 82.52 -11.71
CA HIS TA 97 64.55 81.59 -12.57
C HIS TA 97 63.18 81.36 -11.93
N ALA TA 98 63.12 81.32 -10.61
CA ALA TA 98 61.84 81.10 -9.88
C ALA TA 98 60.91 82.32 -9.97
N PHE TA 99 61.44 83.54 -9.77
CA PHE TA 99 60.57 84.74 -9.74
C PHE TA 99 61.44 86.00 -9.74
N SER TA 100 60.84 87.17 -9.58
CA SER TA 100 61.61 88.39 -9.49
C SER TA 100 60.82 89.42 -8.70
N ILE TA 101 61.50 90.18 -7.85
CA ILE TA 101 60.85 91.21 -7.05
C ILE TA 101 60.64 92.44 -7.92
N GLU TA 102 59.38 92.77 -8.21
CA GLU TA 102 59.09 94.02 -8.91
C GLU TA 102 59.44 95.20 -8.03
N ASN TA 103 59.00 95.18 -6.78
CA ASN TA 103 59.39 96.17 -5.79
C ASN TA 103 59.11 95.60 -4.42
N PHE TA 104 59.89 96.04 -3.43
CA PHE TA 104 59.69 95.63 -2.04
C PHE TA 104 60.16 96.80 -1.18
N ASP TA 105 59.19 97.68 -0.87
CA ASP TA 105 59.49 98.84 0.00
C ASP TA 105 58.65 98.72 1.28
N PHE TA 106 59.19 99.18 2.40
CA PHE TA 106 58.51 99.11 3.68
C PHE TA 106 59.25 100.01 4.65
N GLU TA 107 58.73 100.03 5.88
CA GLU TA 107 59.31 100.96 6.89
C GLU TA 107 59.94 100.18 8.03
N ILE TA 108 61.22 100.50 8.32
CA ILE TA 108 61.94 99.84 9.45
C ILE TA 108 62.11 100.88 10.55
N LEU TA 109 61.41 100.71 11.66
CA LEU TA 109 61.49 101.64 12.81
C LEU TA 109 62.67 101.23 13.68
N VAL TA 110 63.54 102.19 14.01
CA VAL TA 110 64.68 101.89 14.93
C VAL TA 110 64.55 102.79 16.15
N ASP TA 111 64.32 102.19 17.32
CA ASP TA 111 64.17 102.97 18.57
C ASP TA 111 65.53 103.00 19.28
N VAL TA 112 66.43 103.86 18.81
CA VAL TA 112 67.77 103.93 19.38
C VAL TA 112 67.68 104.52 20.78
N GLU TA 113 68.28 103.84 21.74
CA GLU TA 113 68.21 104.26 23.13
C GLU TA 113 69.60 104.57 23.65
N LEU TA 114 69.77 105.76 24.21
CA LEU TA 114 71.03 106.13 24.83
C LEU TA 114 71.13 105.51 26.23
N ASP TA 115 72.15 105.92 26.97
CA ASP TA 115 72.29 105.45 28.34
C ASP TA 115 71.06 105.84 29.16
N ASN TA 116 70.58 107.06 28.95
CA ASN TA 116 69.35 107.51 29.62
C ASN TA 116 68.15 106.89 28.90
N ARG TA 117 67.03 106.74 29.60
CA ARG TA 117 65.83 106.10 28.99
C ARG TA 117 65.38 106.89 27.76
N GLN TA 118 65.85 108.13 27.60
CA GLN TA 118 65.54 108.92 26.39
C GLN TA 118 65.80 108.04 25.15
N LYS TA 119 64.76 107.77 24.35
CA LYS TA 119 64.92 106.91 23.15
C LYS TA 119 64.54 107.70 21.90
N LEU TA 120 65.36 107.60 20.84
CA LEU TA 120 65.09 108.32 19.57
C LEU TA 120 64.68 107.30 18.50
N ASN TA 121 63.58 107.54 17.80
CA ASN TA 121 63.08 106.56 16.78
C ASN TA 121 63.45 107.07 15.38
N PHE TA 122 64.00 106.20 14.55
CA PHE TA 122 64.36 106.58 13.16
C PHE TA 122 63.58 105.70 12.18
N ASP TA 123 62.89 106.30 11.23
CA ASP TA 123 62.09 105.52 10.24
C ASP TA 123 62.93 105.28 8.98
N LEU TA 124 62.92 104.07 8.44
CA LEU TA 124 63.75 103.75 7.26
C LEU TA 124 62.86 103.34 6.09
N ASP TA 125 62.73 104.19 5.07
CA ASP TA 125 61.96 103.74 3.87
C ASP TA 125 62.93 102.85 3.10
N VAL TA 126 62.78 101.54 3.25
CA VAL TA 126 63.72 100.58 2.61
C VAL TA 126 63.03 99.90 1.42
N SER TA 127 63.65 99.99 0.24
CA SER TA 127 63.11 99.44 -0.98
C SER TA 127 64.08 98.44 -1.59
N TYR TA 128 63.52 97.37 -2.14
CA TYR TA 128 64.32 96.42 -2.90
C TYR TA 128 64.97 97.12 -4.09
N LYS TA 129 66.26 96.84 -4.30
CA LYS TA 129 67.00 97.48 -5.38
C LYS TA 129 67.44 96.49 -6.45
N GLU TA 130 68.02 95.35 -6.05
CA GLU TA 130 68.58 94.43 -7.03
C GLU TA 130 68.73 93.07 -6.37
N THR TA 131 68.51 92.00 -7.17
CA THR TA 131 68.71 90.61 -6.68
C THR TA 131 70.16 90.23 -7.00
N GLU TA 132 71.11 90.72 -6.21
CA GLU TA 132 72.53 90.47 -6.41
C GLU TA 132 72.80 88.98 -6.40
N LYS TA 133 73.53 88.52 -7.43
CA LYS TA 133 73.85 87.07 -7.55
C LYS TA 133 75.25 86.82 -7.01
N ILE TA 134 75.35 86.39 -5.76
CA ILE TA 134 76.63 86.12 -5.13
C ILE TA 134 77.35 84.96 -5.82
N THR TA 135 76.64 83.87 -6.07
CA THR TA 135 77.19 82.71 -6.74
C THR TA 135 76.22 82.26 -7.82
N ASN TA 136 76.70 81.40 -8.72
CA ASN TA 136 75.81 80.80 -9.70
C ASN TA 136 74.74 79.97 -9.00
N SER TA 137 75.02 79.56 -7.77
CA SER TA 137 74.05 78.70 -7.04
C SER TA 137 73.02 79.57 -6.31
N GLN TA 138 73.47 80.55 -5.53
CA GLN TA 138 72.53 81.35 -4.70
C GLN TA 138 72.63 82.83 -5.03
N HIS TA 139 71.65 83.63 -4.58
CA HIS TA 139 71.68 85.10 -4.80
C HIS TA 139 71.43 85.80 -3.46
N ARG TA 140 71.83 87.07 -3.34
CA ARG TA 140 71.49 87.85 -2.12
C ARG TA 140 70.61 89.03 -2.54
N PHE TA 141 69.42 89.16 -1.96
CA PHE TA 141 68.58 90.36 -2.26
C PHE TA 141 69.26 91.60 -1.66
N ILE TA 142 69.27 92.71 -2.40
CA ILE TA 142 69.90 93.95 -1.90
C ILE TA 142 68.81 95.02 -1.72
N PHE TA 143 68.75 95.62 -0.53
CA PHE TA 143 67.76 96.70 -0.29
C PHE TA 143 68.49 98.03 -0.06
N THR TA 144 67.78 99.14 -0.13
CA THR TA 144 68.38 100.45 0.01
C THR TA 144 67.42 101.38 0.75
N ILE TA 145 67.99 102.24 1.60
CA ILE TA 145 67.14 103.16 2.41
C ILE TA 145 66.96 104.46 1.63
N LYS TA 146 65.72 104.74 1.21
CA LYS TA 146 65.41 106.00 0.48
C LYS TA 146 65.63 107.21 1.38
N ASN TA 147 65.28 107.11 2.67
CA ASN TA 147 65.36 108.28 3.58
C ASN TA 147 66.65 108.20 4.42
N GLU TA 148 67.67 107.53 3.89
CA GLU TA 148 68.94 107.35 4.64
C GLU TA 148 69.52 108.74 4.96
N ASP TA 149 69.38 109.70 4.04
CA ASP TA 149 69.90 111.07 4.26
C ASP TA 149 69.19 111.66 5.49
N GLU TA 150 67.88 111.41 5.62
CA GLU TA 150 67.15 111.89 6.82
C GLU TA 150 67.73 111.21 8.07
N ASN TA 151 68.06 109.92 7.96
CA ASN TA 151 68.56 109.16 9.13
C ASN TA 151 70.08 109.33 9.24
N ILE TA 152 70.60 110.50 8.85
CA ILE TA 152 72.06 110.78 8.94
C ILE TA 152 72.44 110.74 10.43
N GLY TA 153 71.57 111.23 11.31
CA GLY TA 153 71.83 111.16 12.77
C GLY TA 153 71.95 109.71 13.22
N LEU TA 154 71.11 108.83 12.67
CA LEU TA 154 71.21 107.39 13.00
C LEU TA 154 72.62 106.91 12.66
N LYS TA 155 73.08 107.23 11.45
CA LYS TA 155 74.43 106.80 11.02
C LYS TA 155 75.46 107.33 12.01
N LYS TA 156 75.30 108.59 12.43
CA LYS TA 156 76.24 109.19 13.43
C LYS TA 156 76.24 108.30 14.67
N TYR TA 157 75.09 107.81 15.10
CA TYR TA 157 75.01 106.93 16.30
C TYR TA 157 75.64 105.56 15.98
N VAL TA 158 75.35 105.01 14.80
CA VAL TA 158 75.92 103.69 14.40
C VAL TA 158 77.45 103.79 14.44
N ASP TA 159 78.02 104.74 13.69
CA ASP TA 159 79.47 104.83 13.63
C ASP TA 159 80.09 105.25 14.95
N SER TA 160 79.26 105.69 15.89
CA SER TA 160 79.76 106.11 17.23
C SER TA 160 80.11 104.88 18.08
N LEU TA 161 79.79 103.67 17.60
CA LEU TA 161 80.06 102.46 18.34
C LEU TA 161 81.38 101.83 17.87
N SER TA 162 81.77 100.75 18.53
CA SER TA 162 82.98 100.04 18.15
C SER TA 162 82.75 99.26 16.86
N ALA TA 163 83.86 98.98 16.17
CA ALA TA 163 83.77 98.28 14.90
C ALA TA 163 83.16 96.89 15.08
N GLY TA 164 83.54 96.20 16.15
CA GLY TA 164 82.92 94.90 16.43
C GLY TA 164 81.42 95.02 16.67
N LEU TA 165 81.03 96.00 17.48
CA LEU TA 165 79.61 96.22 17.73
C LEU TA 165 78.89 96.68 16.47
N LYS TA 166 79.55 97.49 15.64
CA LYS TA 166 78.97 97.87 14.36
C LYS TA 166 78.72 96.65 13.50
N ASN TA 167 79.70 95.73 13.43
CA ASN TA 167 79.51 94.51 12.65
C ASN TA 167 78.39 93.66 13.22
N LEU TA 168 78.30 93.58 14.55
CA LEU TA 168 77.20 92.85 15.16
C LEU TA 168 75.86 93.45 14.77
N LEU TA 169 75.74 94.78 14.83
CA LEU TA 169 74.46 95.38 14.35
C LEU TA 169 74.24 94.99 12.89
N PHE TA 170 75.23 95.19 12.03
CA PHE TA 170 74.99 94.87 10.62
C PHE TA 170 74.47 93.44 10.48
N LYS TA 171 75.09 92.53 11.22
CA LYS TA 171 74.65 91.11 11.18
C LYS TA 171 73.18 91.04 11.59
N LYS TA 172 72.85 91.63 12.75
CA LYS TA 172 71.49 91.55 13.25
C LYS TA 172 70.49 92.12 12.25
N ILE TA 173 70.81 93.28 11.68
CA ILE TA 173 69.92 93.90 10.70
C ILE TA 173 69.75 92.99 9.50
N ASN TA 174 70.88 92.51 8.96
CA ASN TA 174 70.84 91.61 7.78
C ASN TA 174 69.98 90.38 8.11
N GLN TA 175 70.22 89.76 9.26
CA GLN TA 175 69.52 88.52 9.58
C GLN TA 175 68.03 88.75 9.71
N LYS TA 176 67.65 89.81 10.43
CA LYS TA 176 66.21 90.14 10.58
C LYS TA 176 65.62 90.40 9.19
N LEU TA 177 66.30 91.19 8.37
CA LEU TA 177 65.79 91.54 7.05
C LEU TA 177 65.65 90.30 6.17
N SER TA 178 66.67 89.44 6.22
CA SER TA 178 66.63 88.18 5.43
C SER TA 178 65.40 87.38 5.87
N GLY TA 179 65.29 87.12 7.16
CA GLY TA 179 64.16 86.34 7.66
C GLY TA 179 62.84 86.92 7.23
N TYR TA 180 62.71 88.25 7.38
CA TYR TA 180 61.44 88.93 7.01
C TYR TA 180 61.16 88.73 5.52
N VAL TA 181 62.15 89.01 4.66
CA VAL TA 181 61.95 88.92 3.23
C VAL TA 181 61.63 87.49 2.82
N SER TA 182 62.37 86.52 3.35
CA SER TA 182 62.12 85.13 3.02
C SER TA 182 60.72 84.71 3.47
N GLU TA 183 60.31 85.19 4.65
CA GLU TA 183 58.96 84.87 5.17
C GLU TA 183 57.91 85.40 4.18
N ILE TA 184 58.01 86.69 3.84
CA ILE TA 184 57.00 87.29 2.91
C ILE TA 184 57.00 86.49 1.61
N ILE TA 185 58.17 86.30 1.01
CA ILE TA 185 58.23 85.62 -0.32
C ILE TA 185 57.68 84.20 -0.22
N VAL TA 186 58.01 83.45 0.83
CA VAL TA 186 57.60 82.05 0.88
C VAL TA 186 56.08 81.94 1.03
N LYS TA 187 55.49 82.97 1.64
CA LYS TA 187 54.00 83.00 1.72
C LYS TA 187 53.45 83.42 0.36
N ASN TA 188 54.18 84.25 -0.40
CA ASN TA 188 53.64 84.76 -1.69
C ASN TA 188 53.95 83.80 -2.85
N ILE TA 189 54.99 82.98 -2.73
CA ILE TA 189 55.38 82.12 -3.89
C ILE TA 189 55.10 80.65 -3.56
N ASP TA 190 54.46 79.93 -4.49
CA ASP TA 190 54.10 78.50 -4.25
C ASP TA 190 55.37 77.64 -4.23
N ASP TA 191 55.31 76.49 -3.57
CA ASP TA 191 56.49 75.58 -3.44
C ASP TA 191 56.96 75.10 -4.81
N ILE TA 192 58.13 75.55 -5.26
CA ILE TA 192 58.70 75.07 -6.56
C ILE TA 192 59.93 74.21 -6.26
N GLU TA 193 59.74 72.90 -6.13
CA GLU TA 193 60.86 71.98 -5.81
C GLU TA 193 61.81 71.88 -7.01
N GLU TA 194 63.11 71.67 -6.76
CA GLU TA 194 64.09 71.50 -7.86
C GLU TA 194 64.22 70.01 -8.17
N LEU TA 195 63.65 69.57 -9.30
CA LEU TA 195 63.70 68.12 -9.63
C LEU TA 195 65.14 67.66 -9.88
N PHE TA 196 65.92 68.44 -10.64
CA PHE TA 196 67.29 67.95 -10.96
C PHE TA 196 68.16 68.11 -9.72
N PRO TA 197 68.76 67.03 -9.18
CA PRO TA 197 69.65 67.15 -8.04
C PRO TA 197 70.85 68.01 -8.49
N ASN TA 198 71.23 68.98 -7.67
CA ASN TA 198 72.38 69.84 -8.01
C ASN TA 198 73.66 69.08 -7.62
N LYS TA 199 74.15 68.22 -8.51
CA LYS TA 199 75.42 67.50 -8.23
C LYS TA 199 75.29 66.65 -6.96
N GLY TA 200 74.34 65.72 -6.92
CA GLY TA 200 74.26 64.77 -5.77
C GLY TA 200 73.81 65.43 -4.47
N GLU TA 201 73.54 66.73 -4.47
CA GLU TA 201 72.99 67.38 -3.25
C GLU TA 201 71.49 67.09 -3.22
N LYS TA 202 70.95 66.63 -2.08
CA LYS TA 202 69.51 66.23 -2.14
C LYS TA 202 68.68 67.39 -2.70
N SER TA 203 67.68 67.06 -3.53
CA SER TA 203 66.81 68.10 -4.14
C SER TA 203 66.36 69.13 -3.11
N THR TA 204 66.49 70.42 -3.44
CA THR TA 204 66.09 71.51 -2.51
C THR TA 204 64.99 72.36 -3.16
N THR TA 205 63.92 72.67 -2.43
CA THR TA 205 62.77 73.42 -3.01
C THR TA 205 63.07 74.92 -3.01
N LEU TA 206 62.36 75.69 -3.84
CA LEU TA 206 62.52 77.16 -3.85
C LEU TA 206 62.47 77.65 -2.41
N HIS TA 207 61.54 77.11 -1.61
CA HIS TA 207 61.41 77.57 -0.19
C HIS TA 207 62.78 77.51 0.49
N LYS TA 208 63.47 76.36 0.40
CA LYS TA 208 64.75 76.22 1.06
C LYS TA 208 65.75 77.23 0.50
N GLU TA 209 65.62 77.54 -0.79
CA GLU TA 209 66.56 78.48 -1.44
C GLU TA 209 66.32 79.89 -0.92
N ILE TA 210 65.06 80.33 -0.87
CA ILE TA 210 64.75 81.73 -0.44
C ILE TA 210 65.06 81.87 1.05
N LEU TA 211 64.71 80.88 1.87
CA LEU TA 211 65.10 80.94 3.27
C LEU TA 211 66.61 80.98 3.41
N GLN TA 212 67.30 80.17 2.61
CA GLN TA 212 68.78 80.18 2.61
C GLN TA 212 69.23 81.55 2.10
N THR TA 213 68.49 82.15 1.16
CA THR TA 213 68.88 83.45 0.58
C THR TA 213 68.99 84.48 1.71
N ASP TA 214 70.11 85.22 1.76
CA ASP TA 214 70.34 86.18 2.87
C ASP TA 214 70.35 87.59 2.28
N SER TA 215 69.32 88.38 2.59
CA SER TA 215 69.22 89.75 2.02
C SER TA 215 69.87 90.78 2.95
N ARG TA 216 71.00 91.36 2.53
CA ARG TA 216 71.72 92.34 3.34
C ARG TA 216 71.42 93.73 2.82
N LEU TA 217 70.95 94.60 3.70
CA LEU TA 217 70.65 95.97 3.34
C LEU TA 217 71.94 96.70 2.96
N SER TA 218 71.84 97.58 1.97
CA SER TA 218 72.99 98.36 1.51
C SER TA 218 72.63 99.84 1.59
N SER TA 219 73.40 100.58 2.36
CA SER TA 219 73.23 102.02 2.48
C SER TA 219 74.47 102.61 3.12
N ASP TA 220 74.65 103.91 2.95
CA ASP TA 220 75.74 104.61 3.61
C ASP TA 220 75.60 104.59 5.12
N ILE TA 221 74.38 104.37 5.63
CA ILE TA 221 74.19 104.22 7.06
C ILE TA 221 74.96 103.02 7.59
N PHE TA 222 75.00 101.96 6.78
CA PHE TA 222 75.66 100.70 7.21
C PHE TA 222 76.65 100.29 6.13
N LYS TA 223 77.89 100.78 6.20
CA LYS TA 223 78.88 100.52 5.16
C LYS TA 223 79.56 99.17 5.36
N GLU TA 224 80.20 98.97 6.51
CA GLU TA 224 80.92 97.74 6.78
C GLU TA 224 79.96 96.56 6.97
N ILE UA 3 31.06 115.25 14.14
CA ILE UA 3 32.26 115.07 14.94
C ILE UA 3 33.21 114.09 14.26
N ARG UA 4 34.51 114.25 14.51
CA ARG UA 4 35.45 113.25 13.97
C ARG UA 4 36.76 113.37 14.73
N ASN UA 5 37.48 112.27 14.86
CA ASN UA 5 38.84 112.38 15.48
C ASN UA 5 39.74 113.01 14.43
N ARG UA 6 40.80 113.71 14.86
CA ARG UA 6 41.66 114.42 13.86
C ARG UA 6 42.94 113.61 13.67
N LEU UA 7 42.90 112.30 13.89
CA LEU UA 7 44.13 111.51 13.81
C LEU UA 7 44.86 111.72 12.50
N SER UA 8 44.16 111.61 11.37
CA SER UA 8 44.83 111.79 10.09
C SER UA 8 45.54 113.13 10.03
N GLU UA 9 44.84 114.19 10.42
CA GLU UA 9 45.44 115.55 10.42
C GLU UA 9 46.56 115.61 11.46
N LEU UA 10 46.37 114.98 12.62
CA LEU UA 10 47.38 115.04 13.68
C LEU UA 10 48.69 114.41 13.23
N LEU UA 11 48.62 113.17 12.74
CA LEU UA 11 49.87 112.47 12.32
C LEU UA 11 50.43 113.07 11.03
N SER UA 12 49.59 113.67 10.18
CA SER UA 12 50.13 114.36 8.99
C SER UA 12 50.99 115.54 9.48
N GLU UA 13 50.49 116.29 10.45
CA GLU UA 13 51.25 117.39 11.02
C GLU UA 13 52.52 116.88 11.72
N ARG UA 14 52.39 115.79 12.48
CA ARG UA 14 53.55 115.22 13.15
C ARG UA 14 54.50 114.56 12.17
N GLY UA 15 54.00 114.08 11.05
CA GLY UA 15 54.80 113.31 10.11
C GLY UA 15 54.96 111.85 10.46
N LEU UA 16 54.39 111.43 11.59
CA LEU UA 16 54.53 110.03 12.05
C LEU UA 16 53.64 109.10 11.23
N LYS UA 17 53.92 107.80 11.27
CA LYS UA 17 53.10 106.81 10.51
C LYS UA 17 52.22 106.04 11.50
N ILE UA 18 51.10 105.49 11.02
CA ILE UA 18 50.16 104.78 11.92
C ILE UA 18 50.92 103.65 12.62
N SER UA 19 51.70 102.88 11.85
CA SER UA 19 52.43 101.73 12.42
C SER UA 19 53.35 102.24 13.55
N ARG UA 20 53.99 103.38 13.33
CA ARG UA 20 54.90 103.95 14.36
C ARG UA 20 54.09 104.26 15.61
N VAL UA 21 52.93 104.90 15.45
CA VAL UA 21 52.06 105.23 16.61
C VAL UA 21 51.63 103.92 17.29
N ALA UA 22 51.23 102.92 16.50
CA ALA UA 22 50.72 101.66 17.09
C ALA UA 22 51.82 101.02 17.96
N LYS UA 23 53.05 101.04 17.46
CA LYS UA 23 54.19 100.46 18.23
C LYS UA 23 54.35 101.25 19.54
N ASP UA 24 53.97 102.52 19.53
CA ASP UA 24 54.17 103.36 20.71
C ASP UA 24 53.05 103.18 21.73
N VAL UA 25 51.79 103.10 21.26
CA VAL UA 25 50.62 103.09 22.21
C VAL UA 25 50.04 101.69 22.41
N LYS UA 26 50.66 100.65 21.85
CA LYS UA 26 50.20 99.28 22.07
C LYS UA 26 48.75 99.09 21.66
N ILE UA 27 48.41 99.70 20.52
CA ILE UA 27 47.03 99.55 19.96
C ILE UA 27 47.14 98.82 18.63
N ALA UA 28 46.22 97.89 18.36
CA ALA UA 28 46.26 97.07 17.15
C ALA UA 28 46.34 97.93 15.90
N ARG UA 29 47.22 97.55 14.98
CA ARG UA 29 47.43 98.39 13.78
C ARG UA 29 46.10 98.55 13.03
N SER UA 30 45.40 97.44 12.78
CA SER UA 30 44.19 97.54 11.95
C SER UA 30 43.18 98.49 12.58
N SER UA 31 42.91 98.30 13.88
CA SER UA 31 41.93 99.14 14.56
C SER UA 31 42.39 100.60 14.57
N LEU UA 32 43.68 100.80 14.86
CA LEU UA 32 44.20 102.19 14.96
C LEU UA 32 44.13 102.85 13.58
N THR UA 33 44.52 102.13 12.52
CA THR UA 33 44.54 102.74 11.16
C THR UA 33 43.10 103.04 10.75
N SER UA 34 42.16 102.14 11.07
CA SER UA 34 40.77 102.42 10.77
C SER UA 34 40.30 103.65 11.53
N MET UA 35 40.70 103.74 12.80
CA MET UA 35 40.26 104.89 13.64
C MET UA 35 41.00 106.14 13.20
N ALA UA 36 42.20 105.99 12.61
CA ALA UA 36 42.91 107.16 12.05
C ALA UA 36 41.97 107.79 11.01
N GLN UA 37 41.34 106.96 10.18
CA GLN UA 37 40.34 107.49 9.22
C GLN UA 37 39.11 107.87 10.02
N ASN UA 38 38.37 108.89 9.57
CA ASN UA 38 37.15 109.36 10.29
C ASN UA 38 36.05 108.31 10.11
N ASP UA 39 36.25 107.31 9.26
CA ASP UA 39 35.18 106.33 8.95
C ASP UA 39 34.73 105.58 10.21
N SER UA 40 35.65 105.26 11.12
CA SER UA 40 35.24 104.44 12.31
C SER UA 40 34.17 105.21 13.08
N GLU UA 41 33.12 104.53 13.54
CA GLU UA 41 31.99 105.19 14.24
C GLU UA 41 32.12 104.99 15.74
N MET UA 42 32.99 104.06 16.16
CA MET UA 42 33.16 103.76 17.61
C MET UA 42 34.60 103.98 18.01
N ILE UA 43 34.80 104.44 19.26
CA ILE UA 43 36.16 104.70 19.77
C ILE UA 43 36.23 104.30 21.25
N ARG UA 44 37.39 103.84 21.70
CA ARG UA 44 37.62 103.39 23.06
C ARG UA 44 38.25 104.48 23.92
N TYR UA 45 37.88 104.50 25.19
CA TYR UA 45 38.49 105.45 26.13
C TYR UA 45 39.97 105.17 26.31
N ASP UA 46 40.36 103.90 26.34
CA ASP UA 46 41.78 103.58 26.40
C ASP UA 46 42.51 104.16 25.19
N ALA UA 47 41.88 104.08 24.02
CA ALA UA 47 42.49 104.61 22.81
C ALA UA 47 42.70 106.12 22.92
N ILE UA 48 41.67 106.82 23.38
CA ILE UA 48 41.77 108.31 23.44
C ILE UA 48 42.82 108.68 24.49
N ASP UA 49 42.89 107.93 25.59
CA ASP UA 49 43.90 108.21 26.65
C ASP UA 49 45.29 108.03 26.05
N LYS UA 50 45.55 106.88 25.43
CA LYS UA 50 46.88 106.58 24.93
C LYS UA 50 47.29 107.56 23.83
N LEU UA 51 46.38 107.87 22.91
CA LEU UA 51 46.73 108.75 21.81
C LEU UA 51 46.97 110.18 22.29
N CYS UA 52 46.07 110.66 23.15
CA CYS UA 52 46.20 112.06 23.66
C CYS UA 52 47.52 112.19 24.41
N SER UA 53 47.88 111.17 25.19
CA SER UA 53 49.15 111.20 25.96
C SER UA 53 50.34 111.13 25.00
N TYR UA 54 50.32 110.17 24.07
CA TYR UA 54 51.44 110.00 23.12
C TYR UA 54 51.68 111.31 22.38
N LEU UA 55 50.62 111.90 21.83
CA LEU UA 55 50.76 113.15 21.10
C LEU UA 55 50.86 114.35 22.04
N HIS UA 56 50.74 114.12 23.34
CA HIS UA 56 50.92 115.22 24.32
C HIS UA 56 49.91 116.33 24.03
N ILE UA 57 48.67 115.94 23.76
CA ILE UA 57 47.62 116.95 23.39
C ILE UA 57 46.31 116.64 24.11
N SER UA 58 45.52 117.68 24.40
CA SER UA 58 44.21 117.52 24.98
C SER UA 58 43.23 116.97 23.94
N PRO UA 59 42.08 116.37 24.35
CA PRO UA 59 41.10 115.85 23.40
C PRO UA 59 40.57 116.97 22.48
N SER UA 60 40.70 118.23 22.92
CA SER UA 60 40.26 119.36 22.07
C SER UA 60 40.86 119.18 20.67
N GLU UA 61 42.19 119.03 20.61
CA GLU UA 61 42.87 118.86 19.30
C GLU UA 61 42.52 117.49 18.70
N PHE UA 62 42.17 116.52 19.55
CA PHE UA 62 41.85 115.16 19.01
C PHE UA 62 40.45 115.12 18.40
N PHE UA 63 39.46 115.75 19.02
CA PHE UA 63 38.08 115.68 18.54
C PHE UA 63 37.70 117.00 17.90
N GLU UA 64 37.56 117.00 16.58
CA GLU UA 64 36.98 118.12 15.86
C GLU UA 64 35.46 117.96 15.87
N HIS UA 65 34.78 118.86 16.56
CA HIS UA 65 33.32 118.82 16.66
C HIS UA 65 32.73 120.14 16.19
N ASN UA 66 31.71 120.06 15.30
CA ASN UA 66 30.93 121.22 14.89
C ASN UA 66 29.48 120.91 15.24
N PRO UA 67 28.77 121.80 15.99
CA PRO UA 67 27.41 121.49 16.47
C PRO UA 67 26.38 121.35 15.34
N ILE UA 68 26.78 121.59 14.10
CA ILE UA 68 25.75 121.53 13.01
C ILE UA 68 25.64 120.06 12.61
N ASN UA 69 24.50 119.43 12.95
CA ASN UA 69 24.34 117.97 12.68
C ASN UA 69 23.55 117.79 11.39
N PHE UA 70 24.09 117.01 10.45
CA PHE UA 70 23.41 116.75 9.17
C PHE UA 70 22.87 115.32 9.15
N ASP UA 71 21.57 115.14 9.36
CA ASP UA 71 20.92 113.83 9.32
C ASP UA 71 20.25 113.64 7.98
N PHE UA 72 20.45 112.46 7.38
CA PHE UA 72 20.00 112.17 6.03
C PHE UA 72 19.01 111.03 6.08
N THR UA 73 17.93 111.19 5.29
CA THR UA 73 16.88 110.14 5.17
C THR UA 73 16.61 109.96 3.68
N PHE UA 74 16.31 108.75 3.23
CA PHE UA 74 16.10 108.44 1.83
C PHE UA 74 14.68 107.93 1.61
N ASP UA 75 14.25 107.99 0.34
CA ASP UA 75 12.86 107.57 0.00
C ASP UA 75 12.68 106.06 0.20
N GLU UA 76 11.63 105.67 0.93
CA GLU UA 76 11.34 104.22 1.09
C GLU UA 76 11.17 103.63 -0.31
N GLU UA 77 10.40 104.29 -1.16
CA GLU UA 77 10.26 103.83 -2.53
C GLU UA 77 10.78 104.89 -3.48
N PRO UA 78 11.78 104.57 -4.29
CA PRO UA 78 12.31 105.55 -5.24
C PRO UA 78 11.68 105.43 -6.61
N ASN UA 79 11.94 106.43 -7.47
CA ASN UA 79 11.47 106.34 -8.88
C ASN UA 79 12.64 105.74 -9.66
N TYR UA 80 12.73 104.41 -9.73
CA TYR UA 80 13.90 103.78 -10.35
C TYR UA 80 13.52 102.89 -11.53
N LYS UA 81 14.20 103.05 -12.67
CA LYS UA 81 13.98 102.13 -13.80
C LYS UA 81 15.34 101.56 -14.21
N ILE UA 82 15.49 100.24 -14.18
CA ILE UA 82 16.82 99.62 -14.48
C ILE UA 82 16.64 98.61 -15.62
N ASN UA 83 16.92 99.02 -16.86
CA ASN UA 83 16.82 98.07 -18.01
C ASN UA 83 17.88 96.98 -17.82
N ASP UA 84 17.53 95.74 -18.18
CA ASP UA 84 18.52 94.62 -18.07
C ASP UA 84 19.09 94.37 -19.47
N VAL UA 85 20.40 94.57 -19.64
CA VAL UA 85 21.06 94.25 -20.93
C VAL UA 85 21.94 93.02 -20.70
N PHE UA 86 21.62 91.89 -21.34
CA PHE UA 86 22.37 90.64 -21.07
C PHE UA 86 23.63 90.62 -21.94
N GLU UA 87 24.56 91.54 -21.66
CA GLU UA 87 25.81 91.61 -22.49
C GLU UA 87 26.90 90.76 -21.81
N GLY UA 88 26.64 89.45 -21.63
CA GLY UA 88 27.68 88.56 -21.08
C GLY UA 88 28.29 89.08 -19.79
N PHE UA 89 27.49 89.49 -18.80
CA PHE UA 89 28.15 89.90 -17.54
C PHE UA 89 29.02 88.74 -17.05
N GLU UA 90 28.46 87.53 -17.08
CA GLU UA 90 29.24 86.35 -16.61
C GLU UA 90 30.59 86.29 -17.35
N VAL UA 91 30.61 86.68 -18.62
CA VAL UA 91 31.85 86.60 -19.44
C VAL UA 91 32.79 87.75 -19.05
N THR UA 92 32.24 88.96 -18.85
CA THR UA 92 33.07 90.14 -18.50
C THR UA 92 32.46 90.82 -17.27
N ALA UA 93 33.20 90.88 -16.15
CA ALA UA 93 32.58 91.40 -14.92
C ALA UA 93 32.51 92.91 -14.97
N ASN UA 94 31.67 93.46 -15.87
CA ASN UA 94 31.48 94.93 -15.95
C ASN UA 94 30.01 95.25 -15.67
N ILE UA 95 29.74 96.24 -14.81
CA ILE UA 95 28.34 96.55 -14.42
C ILE UA 95 27.57 96.90 -15.70
N THR UA 96 28.20 97.65 -16.60
CA THR UA 96 27.55 98.01 -17.89
C THR UA 96 27.09 96.72 -18.61
N HIS UA 97 27.92 95.68 -18.61
CA HIS UA 97 27.60 94.42 -19.32
C HIS UA 97 26.40 93.73 -18.65
N ALA UA 98 26.31 93.86 -17.32
CA ALA UA 98 25.19 93.24 -16.56
C ALA UA 98 23.86 93.96 -16.80
N PHE UA 99 23.85 95.29 -16.78
CA PHE UA 99 22.57 96.05 -16.91
C PHE UA 99 22.88 97.54 -17.08
N SER UA 100 21.83 98.38 -17.08
CA SER UA 100 22.06 99.82 -17.16
C SER UA 100 20.89 100.53 -16.50
N ILE UA 101 21.18 101.61 -15.79
CA ILE UA 101 20.14 102.38 -15.13
C ILE UA 101 19.50 103.30 -16.16
N GLU UA 102 18.22 103.05 -16.47
CA GLU UA 102 17.49 103.97 -17.33
C GLU UA 102 17.30 105.31 -16.62
N ASN UA 103 16.85 105.27 -15.37
CA ASN UA 103 16.77 106.46 -14.54
C ASN UA 103 16.68 106.00 -13.09
N PHE UA 104 17.19 106.84 -12.18
CA PHE UA 104 17.09 106.57 -10.75
C PHE UA 104 17.03 107.94 -10.06
N ASP UA 105 15.78 108.39 -9.86
CA ASP UA 105 15.56 109.68 -9.17
C ASP UA 105 14.78 109.39 -7.89
N PHE UA 106 15.04 110.17 -6.83
CA PHE UA 106 14.39 110.01 -5.54
C PHE UA 106 14.66 111.25 -4.71
N GLU UA 107 14.12 111.22 -3.49
CA GLU UA 107 14.25 112.41 -2.63
C GLU UA 107 15.09 112.11 -1.40
N ILE UA 108 16.11 112.95 -1.17
CA ILE UA 108 16.98 112.80 0.03
C ILE UA 108 16.67 113.97 0.96
N LEU UA 109 16.06 113.65 2.11
CA LEU UA 109 15.71 114.68 3.11
C LEU UA 109 16.91 114.90 4.02
N VAL UA 110 17.33 116.16 4.20
CA VAL UA 110 18.45 116.46 5.14
C VAL UA 110 17.91 117.39 6.23
N ASP UA 111 17.89 116.90 7.48
CA ASP UA 111 17.40 117.71 8.62
C ASP UA 111 18.59 118.38 9.29
N VAL UA 112 19.10 119.45 8.69
CA VAL UA 112 20.27 120.13 9.22
C VAL UA 112 19.89 120.81 10.54
N GLU UA 113 20.68 120.56 11.58
CA GLU UA 113 20.38 121.10 12.90
C GLU UA 113 21.52 122.00 13.35
N LEU UA 114 21.17 123.23 13.75
CA LEU UA 114 22.15 124.14 14.29
C LEU UA 114 22.43 123.80 15.75
N ASP UA 115 23.17 124.69 16.42
CA ASP UA 115 23.42 124.49 17.85
C ASP UA 115 22.11 124.46 18.62
N ASN UA 116 21.20 125.34 18.25
CA ASN UA 116 19.85 125.34 18.88
C ASN UA 116 19.05 124.21 18.25
N ARG UA 117 18.04 123.71 18.98
CA ARG UA 117 17.21 122.57 18.49
C ARG UA 117 16.54 122.95 17.16
N GLN UA 118 16.49 124.24 16.83
CA GLN UA 118 15.94 124.67 15.52
C GLN UA 118 16.58 123.82 14.41
N LYS UA 119 15.77 123.06 13.68
CA LYS UA 119 16.31 122.18 12.59
C LYS UA 119 15.71 122.59 11.24
N LEU UA 120 16.53 122.68 10.21
CA LEU UA 120 16.05 123.06 8.85
C LEU UA 120 16.14 121.84 7.94
N ASN UA 121 15.06 121.51 7.23
CA ASN UA 121 15.04 120.30 6.36
C ASN UA 121 15.23 120.73 4.91
N PHE UA 122 16.13 120.04 4.18
CA PHE UA 122 16.37 120.36 2.75
C PHE UA 122 16.06 119.12 1.91
N ASP UA 123 15.21 119.27 0.89
CA ASP UA 123 14.83 118.11 0.04
C ASP UA 123 15.75 118.07 -1.19
N LEU UA 124 16.25 116.89 -1.55
CA LEU UA 124 17.18 116.79 -2.70
C LEU UA 124 16.59 115.90 -3.79
N ASP UA 125 16.16 116.48 -4.92
CA ASP UA 125 15.69 115.61 -6.02
C ASP UA 125 16.96 115.09 -6.69
N VAL UA 126 17.36 113.86 -6.35
CA VAL UA 126 18.63 113.27 -6.87
C VAL UA 126 18.31 112.24 -7.95
N SER UA 127 18.89 112.42 -9.13
CA SER UA 127 18.67 111.53 -10.27
C SER UA 127 19.98 110.93 -10.75
N TYR UA 128 19.92 109.67 -11.14
CA TYR UA 128 21.06 109.03 -11.77
C TYR UA 128 21.44 109.78 -13.04
N LYS UA 129 22.73 110.00 -13.24
CA LYS UA 129 23.21 110.74 -14.41
C LYS UA 129 24.05 109.88 -15.33
N GLU UA 130 25.01 109.14 -14.79
CA GLU UA 130 25.94 108.39 -15.63
C GLU UA 130 26.60 107.30 -14.80
N THR UA 131 26.85 106.15 -15.45
CA THR UA 131 27.57 105.04 -14.77
C THR UA 131 29.05 105.22 -15.06
N GLU UA 132 29.70 106.15 -14.35
CA GLU UA 132 31.10 106.46 -14.54
C GLU UA 132 31.96 105.22 -14.32
N LYS UA 133 32.85 104.96 -15.28
CA LYS UA 133 33.72 103.76 -15.23
C LYS UA 133 35.08 104.17 -14.66
N ILE UA 134 35.29 103.97 -13.37
CA ILE UA 134 36.55 104.32 -12.72
C ILE UA 134 37.69 103.47 -13.26
N THR UA 135 37.48 102.17 -13.35
CA THR UA 135 38.49 101.25 -13.87
C THR UA 135 37.81 100.32 -14.86
N ASN UA 136 38.64 99.61 -15.63
CA ASN UA 136 38.11 98.57 -16.51
C ASN UA 136 37.41 97.48 -15.70
N SER UA 137 37.79 97.38 -14.42
CA SER UA 137 37.21 96.31 -13.57
C SER UA 137 35.89 96.77 -12.95
N GLN UA 138 35.88 97.96 -12.32
CA GLN UA 138 34.67 98.41 -11.59
C GLN UA 138 34.17 99.76 -12.13
N HIS UA 139 32.94 100.14 -11.78
CA HIS UA 139 32.40 101.46 -12.20
C HIS UA 139 31.84 102.17 -10.96
N ARG UA 140 31.68 103.50 -11.02
CA ARG UA 140 31.01 104.23 -9.92
C ARG UA 140 29.76 104.89 -10.48
N PHE UA 141 28.58 104.62 -9.91
CA PHE UA 141 27.35 105.33 -10.36
C PHE UA 141 27.45 106.79 -9.94
N ILE UA 142 27.06 107.71 -10.83
CA ILE UA 142 27.12 109.17 -10.51
C ILE UA 142 25.69 109.72 -10.46
N PHE UA 143 25.34 110.39 -9.37
CA PHE UA 143 24.00 111.01 -9.27
C PHE UA 143 24.13 112.53 -9.23
N THR UA 144 23.03 113.24 -9.44
CA THR UA 144 23.06 114.69 -9.49
C THR UA 144 21.79 115.24 -8.87
N ILE UA 145 21.92 116.36 -8.15
CA ILE UA 145 20.75 116.97 -7.46
C ILE UA 145 20.08 117.98 -8.41
N LYS UA 146 18.86 117.68 -8.85
CA LYS UA 146 18.11 118.60 -9.75
C LYS UA 146 17.79 119.91 -9.02
N ASN UA 147 17.44 119.84 -7.73
CA ASN UA 147 17.02 121.05 -6.98
C ASN UA 147 18.19 121.61 -6.16
N GLU UA 148 19.43 121.34 -6.60
CA GLU UA 148 20.62 121.79 -5.85
C GLU UA 148 20.59 123.32 -5.73
N ASP UA 149 20.12 124.00 -6.78
CA ASP UA 149 20.04 125.49 -6.75
C ASP UA 149 19.10 125.90 -5.61
N GLU UA 150 17.99 125.17 -5.42
CA GLU UA 150 17.07 125.45 -4.28
C GLU UA 150 17.82 125.24 -2.98
N ASN UA 151 18.65 124.19 -2.90
CA ASN UA 151 19.36 123.86 -1.64
C ASN UA 151 20.69 124.62 -1.59
N ILE UA 152 20.71 125.85 -2.13
CA ILE UA 152 21.93 126.71 -2.09
C ILE UA 152 22.24 127.02 -0.62
N GLY UA 153 21.19 127.22 0.19
CA GLY UA 153 21.40 127.45 1.64
C GLY UA 153 22.06 126.25 2.29
N LEU UA 154 21.67 125.04 1.87
CA LEU UA 154 22.33 123.81 2.40
C LEU UA 154 23.82 123.90 2.10
N LYS UA 155 24.16 124.22 0.85
CA LYS UA 155 25.60 124.30 0.47
C LYS UA 155 26.28 125.32 1.38
N LYS UA 156 25.63 126.47 1.61
CA LYS UA 156 26.19 127.51 2.51
C LYS UA 156 26.50 126.87 3.86
N TYR UA 157 25.61 126.02 4.37
CA TYR UA 157 25.85 125.34 5.67
C TYR UA 157 26.99 124.32 5.53
N VAL UA 158 26.98 123.55 4.44
CA VAL UA 158 28.05 122.52 4.23
C VAL UA 158 29.41 123.23 4.23
N ASP UA 159 29.59 124.22 3.36
CA ASP UA 159 30.89 124.88 3.26
C ASP UA 159 31.23 125.67 4.50
N SER UA 160 30.25 125.87 5.39
CA SER UA 160 30.48 126.62 6.65
C SER UA 160 31.26 125.76 7.65
N LEU UA 161 31.46 124.48 7.35
CA LEU UA 161 32.16 123.57 8.25
C LEU UA 161 33.64 123.48 7.85
N SER UA 162 34.40 122.74 8.65
CA SER UA 162 35.81 122.52 8.36
C SER UA 162 35.97 121.56 7.19
N ALA UA 163 37.13 121.66 6.52
CA ALA UA 163 37.39 120.82 5.36
C ALA UA 163 37.36 119.34 5.74
N GLY UA 164 37.93 119.00 6.89
CA GLY UA 164 37.87 117.62 7.34
C GLY UA 164 36.45 117.17 7.59
N LEU UA 165 35.67 117.99 8.26
CA LEU UA 165 34.26 117.66 8.49
C LEU UA 165 33.49 117.62 7.19
N LYS UA 166 33.80 118.52 6.26
CA LYS UA 166 33.17 118.46 4.95
C LYS UA 166 33.46 117.13 4.27
N ASN UA 167 34.72 116.69 4.31
CA ASN UA 167 35.07 115.41 3.70
C ASN UA 167 34.37 114.26 4.40
N LEU UA 168 34.26 114.32 5.72
CA LEU UA 168 33.51 113.30 6.44
C LEU UA 168 32.06 113.26 6.00
N LEU UA 169 31.42 114.43 5.87
CA LEU UA 169 30.03 114.39 5.34
C LEU UA 169 30.04 113.76 3.94
N PHE UA 170 30.91 114.23 3.05
CA PHE UA 170 30.88 113.66 1.70
C PHE UA 170 30.97 112.14 1.76
N LYS UA 171 31.87 111.66 2.62
CA LYS UA 171 32.04 110.19 2.76
C LYS UA 171 30.70 109.59 3.21
N LYS UA 172 30.10 110.15 4.27
CA LYS UA 172 28.87 109.59 4.80
C LYS UA 172 27.78 109.58 3.74
N ILE UA 173 27.62 110.69 3.01
CA ILE UA 173 26.61 110.76 1.97
C ILE UA 173 26.87 109.71 0.91
N ASN UA 174 28.12 109.65 0.43
CA ASN UA 174 28.49 108.67 -0.61
C ASN UA 174 28.18 107.26 -0.11
N GLN UA 175 28.60 106.93 1.11
CA GLN UA 175 28.44 105.58 1.61
C GLN UA 175 26.97 105.20 1.72
N LYS UA 176 26.17 106.11 2.29
CA LYS UA 176 24.71 105.84 2.42
C LYS UA 176 24.12 105.66 1.02
N LEU UA 177 24.48 106.55 0.09
CA LEU UA 177 23.93 106.48 -1.26
C LEU UA 177 24.33 105.19 -1.96
N SER UA 178 25.61 104.83 -1.82
CA SER UA 178 26.10 103.57 -2.41
C SER UA 178 25.27 102.41 -1.87
N GLY UA 179 25.22 102.30 -0.54
CA GLY UA 179 24.48 101.19 0.06
C GLY UA 179 23.04 101.15 -0.42
N TYR UA 180 22.40 102.31 -0.44
CA TYR UA 180 20.99 102.39 -0.90
C TYR UA 180 20.87 101.88 -2.33
N VAL UA 181 21.70 102.43 -3.24
CA VAL UA 181 21.61 102.07 -4.65
C VAL UA 181 21.91 100.60 -4.85
N SER UA 182 22.95 100.09 -4.19
CA SER UA 182 23.28 98.68 -4.33
C SER UA 182 22.16 97.80 -3.81
N GLU UA 183 21.54 98.23 -2.70
CA GLU UA 183 20.40 97.45 -2.13
C GLU UA 183 19.27 97.39 -3.16
N ILE UA 184 18.86 98.55 -3.68
CA ILE UA 184 17.74 98.58 -4.66
C ILE UA 184 18.11 97.68 -5.85
N ILE UA 185 19.29 97.90 -6.44
CA ILE UA 185 19.67 97.13 -7.66
C ILE UA 185 19.73 95.63 -7.36
N VAL UA 186 20.28 95.22 -6.22
CA VAL UA 186 20.46 93.80 -5.97
C VAL UA 186 19.11 93.12 -5.80
N LYS UA 187 18.12 93.88 -5.32
CA LYS UA 187 16.75 93.34 -5.23
C LYS UA 187 16.13 93.32 -6.62
N ASN UA 188 16.51 94.26 -7.50
CA ASN UA 188 15.87 94.34 -8.84
C ASN UA 188 16.59 93.43 -9.86
N ILE UA 189 17.86 93.13 -9.65
CA ILE UA 189 18.62 92.35 -10.68
C ILE UA 189 18.92 90.95 -10.15
N ASP UA 190 18.67 89.92 -10.95
CA ASP UA 190 18.90 88.52 -10.53
C ASP UA 190 20.40 88.25 -10.40
N ASP UA 191 20.77 87.25 -9.60
CA ASP UA 191 22.20 86.92 -9.36
C ASP UA 191 22.88 86.49 -10.65
N ILE UA 192 23.83 87.29 -11.16
CA ILE UA 192 24.60 86.87 -12.38
C ILE UA 192 26.03 86.51 -11.95
N GLU UA 193 26.33 85.22 -11.81
CA GLU UA 193 27.68 84.80 -11.33
C GLU UA 193 28.67 84.83 -12.50
N GLU UA 194 29.95 85.08 -12.24
CA GLU UA 194 30.95 85.20 -13.34
C GLU UA 194 31.40 83.80 -13.79
N LEU UA 195 31.19 83.46 -15.07
CA LEU UA 195 31.53 82.10 -15.54
C LEU UA 195 33.01 81.81 -15.27
N PHE UA 196 33.87 82.83 -15.42
CA PHE UA 196 35.33 82.63 -15.25
C PHE UA 196 35.87 83.50 -14.12
N PRO UA 197 36.61 82.94 -13.14
CA PRO UA 197 37.22 83.76 -12.09
C PRO UA 197 38.18 84.71 -12.83
N ASN UA 198 38.23 85.98 -12.42
CA ASN UA 198 39.06 86.96 -13.18
C ASN UA 198 40.50 86.91 -12.69
N LYS UA 199 41.44 86.58 -13.58
CA LYS UA 199 42.89 86.57 -13.22
C LYS UA 199 43.08 85.92 -11.83
N GLY UA 200 42.64 84.67 -11.68
CA GLY UA 200 42.89 83.94 -10.42
C GLY UA 200 42.17 84.51 -9.21
N GLU UA 201 41.39 85.59 -9.38
CA GLU UA 201 40.58 86.11 -8.25
C GLU UA 201 39.32 85.24 -8.16
N LYS UA 202 38.96 84.76 -6.96
CA LYS UA 202 37.80 83.83 -6.95
C LYS UA 202 36.60 84.46 -7.65
N SER UA 203 35.85 83.66 -8.41
CA SER UA 203 34.67 84.18 -9.16
C SER UA 203 33.80 85.07 -8.26
N THR UA 204 33.42 86.25 -8.77
CA THR UA 204 32.58 87.20 -8.00
C THR UA 204 31.26 87.44 -8.75
N THR UA 205 30.13 87.39 -8.05
CA THR UA 205 28.81 87.54 -8.72
C THR UA 205 28.48 89.02 -8.92
N LEU UA 206 27.56 89.31 -9.84
CA LEU UA 206 27.12 90.72 -10.06
C LEU UA 206 26.82 91.32 -8.70
N HIS UA 207 26.15 90.58 -7.82
CA HIS UA 207 25.79 91.12 -6.48
C HIS UA 207 27.04 91.70 -5.80
N LYS UA 208 28.11 90.93 -5.75
CA LYS UA 208 29.33 91.39 -5.10
C LYS UA 208 29.86 92.64 -5.80
N GLU UA 209 29.68 92.70 -7.11
CA GLU UA 209 30.20 93.84 -7.90
C GLU UA 209 29.39 95.10 -7.58
N ILE UA 210 28.06 94.99 -7.57
CA ILE UA 210 27.20 96.20 -7.34
C ILE UA 210 27.37 96.64 -5.87
N LEU UA 211 27.40 95.71 -4.93
CA LEU UA 211 27.67 96.11 -3.54
C LEU UA 211 29.03 96.77 -3.43
N GLN UA 212 30.02 96.21 -4.13
CA GLN UA 212 31.37 96.81 -4.15
C GLN UA 212 31.27 98.17 -4.84
N THR UA 213 30.39 98.28 -5.86
CA THR UA 213 30.25 99.55 -6.61
C THR UA 213 29.91 100.68 -5.63
N ASP UA 214 30.63 101.78 -5.69
CA ASP UA 214 30.41 102.90 -4.74
C ASP UA 214 29.89 104.12 -5.51
N SER UA 215 28.61 104.46 -5.30
CA SER UA 215 27.99 105.59 -6.05
C SER UA 215 28.15 106.90 -5.27
N ARG UA 216 28.96 107.83 -5.79
CA ARG UA 216 29.21 109.10 -5.13
C ARG UA 216 28.40 110.18 -5.82
N LEU UA 217 27.58 110.89 -5.06
CA LEU UA 217 26.78 111.97 -5.61
C LEU UA 217 27.69 113.10 -6.09
N SER UA 218 27.29 113.73 -7.20
CA SER UA 218 28.05 114.84 -7.77
C SER UA 218 27.13 116.04 -7.90
N SER UA 219 27.51 117.14 -7.24
CA SER UA 219 26.76 118.38 -7.32
C SER UA 219 27.64 119.49 -6.77
N ASP UA 220 27.29 120.73 -7.14
CA ASP UA 220 28.00 121.88 -6.58
C ASP UA 220 27.80 122.01 -5.08
N ILE UA 221 26.75 121.39 -4.54
CA ILE UA 221 26.57 121.35 -3.09
C ILE UA 221 27.74 120.64 -2.42
N PHE UA 222 28.23 119.59 -3.07
CA PHE UA 222 29.32 118.77 -2.48
C PHE UA 222 30.44 118.65 -3.52
N LYS UA 223 31.38 119.61 -3.52
CA LYS UA 223 32.42 119.62 -4.54
C LYS UA 223 33.58 118.70 -4.16
N GLU UA 224 34.19 118.93 -3.00
CA GLU UA 224 35.33 118.13 -2.57
C GLU UA 224 34.92 116.71 -2.21
N GLN VA 3 -2.36 58.90 -49.39
CA GLN VA 3 -1.23 58.74 -48.43
C GLN VA 3 -0.59 57.37 -48.62
N THR VA 4 -0.63 56.52 -47.59
CA THR VA 4 -0.03 55.16 -47.64
C THR VA 4 -0.78 54.24 -46.70
N LEU VA 5 -0.63 52.92 -46.86
CA LEU VA 5 -1.39 51.96 -46.02
C LEU VA 5 -0.98 52.11 -44.54
N PHE VA 6 0.31 52.16 -44.23
CA PHE VA 6 0.65 52.18 -42.79
C PHE VA 6 0.06 53.45 -42.15
N GLU VA 7 0.29 54.63 -42.73
CA GLU VA 7 -0.22 55.85 -42.06
C GLU VA 7 -1.75 55.79 -41.92
N GLN VA 8 -2.48 55.50 -42.99
CA GLN VA 8 -3.96 55.39 -42.92
C GLN VA 8 -4.34 54.45 -41.78
N LEU VA 9 -3.83 53.21 -41.82
CA LEU VA 9 -4.19 52.18 -40.80
C LEU VA 9 -3.69 52.64 -39.42
N ASN VA 10 -2.51 53.22 -39.32
CA ASN VA 10 -1.97 53.59 -37.98
C ASN VA 10 -2.96 54.53 -37.29
N SER VA 11 -3.59 55.44 -38.03
CA SER VA 11 -4.51 56.45 -37.44
C SER VA 11 -5.77 55.80 -36.84
N LYS VA 12 -6.14 54.61 -37.29
CA LYS VA 12 -7.42 53.98 -36.83
C LYS VA 12 -7.37 53.64 -35.33
N ASN VA 13 -8.39 54.06 -34.57
CA ASN VA 13 -8.49 53.73 -33.11
C ASN VA 13 -9.16 52.37 -32.94
N VAL VA 14 -8.44 51.40 -32.38
CA VAL VA 14 -9.02 50.05 -32.10
C VAL VA 14 -9.35 50.00 -30.61
N ASN VA 15 -9.20 51.12 -29.91
CA ASN VA 15 -9.59 51.18 -28.48
C ASN VA 15 -11.10 50.95 -28.42
N ASP VA 16 -11.79 51.12 -29.54
CA ASP VA 16 -13.27 50.98 -29.57
C ASP VA 16 -13.64 49.55 -29.18
N HIS VA 17 -12.93 48.55 -29.73
CA HIS VA 17 -13.18 47.15 -29.28
C HIS VA 17 -11.88 46.60 -28.71
N THR VA 18 -11.85 46.35 -27.39
CA THR VA 18 -10.65 45.81 -26.72
C THR VA 18 -11.07 45.02 -25.48
N GLU VA 19 -10.10 44.52 -24.72
CA GLU VA 19 -10.45 43.82 -23.45
C GLU VA 19 -9.30 44.03 -22.45
N GLN VA 20 -9.61 44.46 -21.22
CA GLN VA 20 -8.53 44.56 -20.21
C GLN VA 20 -8.47 43.26 -19.40
N LYS VA 21 -7.62 42.32 -19.80
CA LYS VA 21 -7.48 41.03 -19.06
C LYS VA 21 -6.03 40.92 -18.56
N ASN VA 22 -5.85 40.74 -17.24
CA ASN VA 22 -4.48 40.61 -16.65
C ASN VA 22 -3.77 41.97 -16.69
N GLY VA 23 -4.51 43.05 -16.92
CA GLY VA 23 -3.90 44.38 -17.03
C GLY VA 23 -3.27 44.64 -18.38
N LEU VA 24 -3.58 43.81 -19.39
CA LEU VA 24 -3.07 44.08 -20.76
C LEU VA 24 -4.24 44.47 -21.67
N THR VA 25 -3.94 45.14 -22.79
CA THR VA 25 -5.00 45.61 -23.71
C THR VA 25 -4.96 44.75 -24.97
N TYR VA 26 -6.11 44.19 -25.38
CA TYR VA 26 -6.17 43.30 -26.57
C TYR VA 26 -7.28 43.78 -27.50
N LEU VA 27 -7.02 43.88 -28.81
CA LEU VA 27 -8.12 44.23 -29.74
C LEU VA 27 -8.70 42.92 -30.30
N ALA VA 28 -10.03 42.79 -30.32
CA ALA VA 28 -10.67 41.52 -30.74
C ALA VA 28 -10.37 41.24 -32.22
N TRP VA 29 -10.22 39.96 -32.57
CA TRP VA 29 -9.92 39.58 -33.98
C TRP VA 29 -11.08 40.00 -34.89
N SER VA 30 -12.32 39.83 -34.43
CA SER VA 30 -13.49 40.16 -35.28
C SER VA 30 -13.27 41.55 -35.88
N TYR VA 31 -12.93 42.53 -35.04
CA TYR VA 31 -12.75 43.93 -35.50
C TYR VA 31 -11.61 43.99 -36.54
N ALA VA 32 -10.51 43.29 -36.27
CA ALA VA 32 -9.37 43.28 -37.20
C ALA VA 32 -9.79 42.66 -38.53
N HIS VA 33 -10.60 41.60 -38.48
CA HIS VA 33 -10.93 40.91 -39.75
C HIS VA 33 -11.73 41.90 -40.61
N GLN VA 34 -12.67 42.63 -40.01
CA GLN VA 34 -13.54 43.53 -40.83
C GLN VA 34 -12.71 44.70 -41.38
N GLU VA 35 -11.89 45.34 -40.55
CA GLU VA 35 -11.15 46.54 -41.02
C GLU VA 35 -10.35 46.16 -42.27
N LEU VA 36 -9.49 45.15 -42.15
CA LEU VA 36 -8.64 44.73 -43.31
C LEU VA 36 -9.58 44.41 -44.48
N LYS VA 37 -10.64 43.64 -44.22
CA LYS VA 37 -11.60 43.25 -45.29
C LYS VA 37 -12.10 44.50 -46.03
N LYS VA 38 -12.36 45.57 -45.28
CA LYS VA 38 -12.79 46.84 -45.92
C LYS VA 38 -11.63 47.39 -46.77
N ILE VA 39 -10.44 47.53 -46.17
CA ILE VA 39 -9.27 48.07 -46.89
C ILE VA 39 -9.01 47.22 -48.14
N ASP VA 40 -9.08 45.89 -48.00
CA ASP VA 40 -8.78 44.99 -49.14
C ASP VA 40 -9.83 43.87 -49.16
N PRO VA 41 -10.72 43.78 -50.17
CA PRO VA 41 -11.75 42.74 -50.16
C PRO VA 41 -11.14 41.33 -50.14
N ASN VA 42 -10.03 41.13 -50.85
CA ASN VA 42 -9.41 39.79 -50.93
C ASN VA 42 -8.04 39.80 -50.24
N TYR VA 43 -7.98 39.33 -48.99
CA TYR VA 43 -6.72 39.21 -48.28
C TYR VA 43 -6.64 37.83 -47.64
N THR VA 44 -5.41 37.38 -47.42
CA THR VA 44 -5.14 36.00 -47.04
C THR VA 44 -4.56 35.93 -45.63
N VAL VA 45 -5.06 34.98 -44.84
CA VAL VA 45 -4.48 34.64 -43.54
C VAL VA 45 -4.08 33.17 -43.58
N LYS VA 46 -2.81 32.89 -43.29
CA LYS VA 46 -2.28 31.54 -43.36
C LYS VA 46 -1.62 31.20 -42.03
N VAL VA 47 -2.03 30.08 -41.44
CA VAL VA 47 -1.43 29.59 -40.21
C VAL VA 47 -0.44 28.48 -40.59
N HIS VA 48 0.84 28.71 -40.31
CA HIS VA 48 1.87 27.75 -40.75
C HIS VA 48 1.74 26.42 -40.01
N GLU VA 49 2.07 25.33 -40.68
CA GLU VA 49 1.96 23.97 -40.11
C GLU VA 49 3.35 23.35 -40.07
N PHE VA 50 3.76 22.74 -38.96
CA PHE VA 50 5.15 22.25 -38.87
C PHE VA 50 5.15 20.77 -38.46
N PRO VA 51 5.95 19.84 -39.03
CA PRO VA 51 5.87 18.44 -38.60
C PRO VA 51 6.05 18.31 -37.09
N HIS VA 52 5.06 17.75 -36.39
CA HIS VA 52 5.12 17.64 -34.91
C HIS VA 52 6.27 16.67 -34.56
N PRO VA 53 7.14 17.00 -33.58
CA PRO VA 53 8.31 16.16 -33.27
C PRO VA 53 8.02 14.74 -32.78
N ASP VA 54 7.36 14.60 -31.63
CA ASP VA 54 7.15 13.27 -30.99
C ASP VA 54 6.48 12.28 -31.94
N ILE VA 55 5.37 12.69 -32.56
CA ILE VA 55 4.63 11.79 -33.49
C ILE VA 55 5.58 11.34 -34.60
N ASN VA 56 6.15 12.29 -35.34
CA ASN VA 56 7.11 11.96 -36.42
C ASN VA 56 6.42 10.99 -37.40
N THR VA 57 5.14 11.24 -37.71
CA THR VA 57 4.44 10.41 -38.73
C THR VA 57 4.56 11.11 -40.08
N GLU VA 58 4.81 10.33 -41.15
CA GLU VA 58 4.99 10.94 -42.50
C GLU VA 58 3.70 11.64 -42.91
N ASN VA 59 3.81 12.87 -43.46
CA ASN VA 59 2.62 13.62 -43.95
C ASN VA 59 1.78 14.09 -42.75
N TYR VA 60 2.34 13.99 -41.54
CA TYR VA 60 1.61 14.51 -40.35
C TYR VA 60 2.11 15.93 -40.02
N PHE VA 61 1.28 16.94 -40.25
CA PHE VA 61 1.67 18.35 -39.97
C PHE VA 61 0.67 19.01 -39.03
N VAL VA 62 1.05 19.21 -37.77
CA VAL VA 62 0.17 19.94 -36.80
C VAL VA 62 0.25 21.44 -37.09
N PRO VA 63 -0.66 22.31 -36.61
CA PRO VA 63 -0.61 23.73 -36.97
C PRO VA 63 0.28 24.58 -36.06
N TYR VA 64 1.00 23.94 -35.12
CA TYR VA 64 1.84 24.71 -34.16
C TYR VA 64 3.15 23.99 -33.86
N LEU VA 65 4.19 24.72 -33.47
CA LEU VA 65 5.48 24.09 -33.10
C LEU VA 65 5.35 23.41 -31.74
N ALA VA 66 5.93 22.22 -31.59
CA ALA VA 66 5.95 21.57 -30.26
C ALA VA 66 7.42 21.35 -29.89
N THR VA 67 7.86 21.86 -28.73
CA THR VA 67 9.29 21.75 -28.35
C THR VA 67 9.38 21.39 -26.87
N PRO VA 68 10.49 20.77 -26.41
CA PRO VA 68 10.65 20.49 -24.97
C PRO VA 68 10.63 21.85 -24.25
N GLU VA 69 11.26 22.85 -24.85
CA GLU VA 69 11.27 24.21 -24.24
C GLU VA 69 9.83 24.74 -24.15
N GLY VA 70 8.99 24.53 -25.18
CA GLY VA 70 7.59 24.95 -25.05
C GLY VA 70 6.80 24.86 -26.34
N TYR VA 71 6.05 25.90 -26.68
CA TYR VA 71 5.18 25.87 -27.89
C TYR VA 71 5.19 27.20 -28.66
N PHE VA 72 5.24 27.11 -29.98
CA PHE VA 72 5.28 28.34 -30.82
C PHE VA 72 4.23 28.27 -31.92
N VAL VA 73 3.66 29.42 -32.28
CA VAL VA 73 2.68 29.53 -33.35
C VAL VA 73 3.17 30.59 -34.34
N GLN VA 74 2.69 30.51 -35.57
CA GLN VA 74 3.06 31.44 -36.62
C GLN VA 74 1.85 31.76 -37.48
N VAL VA 75 1.69 33.05 -37.81
CA VAL VA 75 0.58 33.52 -38.63
C VAL VA 75 1.13 34.50 -39.66
N SER VA 76 0.76 34.30 -40.92
CA SER VA 76 1.21 35.20 -42.02
C SER VA 76 0.02 35.91 -42.66
N VAL VA 77 -0.08 37.22 -42.50
CA VAL VA 77 -1.19 38.03 -43.00
C VAL VA 77 -0.73 38.78 -44.23
N THR VA 78 -1.40 38.55 -45.36
CA THR VA 78 -1.07 39.30 -46.60
C THR VA 78 -2.16 40.33 -46.85
N VAL VA 79 -1.95 41.58 -46.43
CA VAL VA 79 -2.94 42.66 -46.69
C VAL VA 79 -2.53 43.38 -47.98
N LYS VA 80 -3.40 43.37 -49.00
CA LYS VA 80 -3.01 43.95 -50.31
C LYS VA 80 -1.74 43.25 -50.77
N ASP VA 81 -0.85 43.99 -51.43
CA ASP VA 81 0.46 43.43 -51.85
C ASP VA 81 1.31 43.09 -50.62
N SER VA 82 1.27 43.92 -49.58
CA SER VA 82 2.15 43.71 -48.41
C SER VA 82 1.89 42.36 -47.71
N THR VA 83 2.94 41.70 -47.27
CA THR VA 83 2.80 40.40 -46.54
C THR VA 83 3.73 40.44 -45.31
N GLU VA 84 3.42 39.68 -44.26
CA GLU VA 84 4.26 39.73 -43.05
C GLU VA 84 3.91 38.55 -42.13
N THR VA 85 4.72 38.27 -41.11
CA THR VA 85 4.50 37.07 -40.27
C THR VA 85 4.80 37.41 -38.81
N GLU VA 86 4.19 36.69 -37.87
CA GLU VA 86 4.49 36.94 -36.43
C GLU VA 86 4.62 35.62 -35.67
N TRP VA 87 5.62 35.52 -34.79
CA TRP VA 87 5.78 34.33 -33.92
C TRP VA 87 5.18 34.66 -32.55
N LEU VA 88 4.67 33.66 -31.82
CA LEU VA 88 4.23 34.00 -30.45
C LEU VA 88 4.36 32.76 -29.58
N PRO VA 89 4.60 32.87 -28.24
CA PRO VA 89 4.63 31.68 -27.39
C PRO VA 89 3.22 31.36 -26.89
N VAL VA 90 2.84 30.08 -26.91
CA VAL VA 90 1.51 29.72 -26.32
C VAL VA 90 1.61 29.95 -24.82
N LEU VA 91 0.62 30.62 -24.21
CA LEU VA 91 0.73 30.98 -22.76
C LEU VA 91 -0.54 30.60 -21.99
N ASP VA 92 -0.44 30.52 -20.65
CA ASP VA 92 -1.61 30.19 -19.79
C ASP VA 92 -2.59 31.35 -19.73
N PHE VA 93 -3.66 31.21 -18.94
CA PHE VA 93 -4.62 32.34 -18.75
C PHE VA 93 -3.99 33.38 -17.82
N ARG VA 94 -2.90 33.01 -17.14
CA ARG VA 94 -2.17 33.97 -16.25
C ARG VA 94 -0.96 34.53 -16.99
N ASN VA 95 -0.88 34.33 -18.31
CA ASN VA 95 0.31 34.77 -19.08
C ASN VA 95 1.59 34.12 -18.53
N LYS VA 96 1.57 32.80 -18.33
CA LYS VA 96 2.77 32.06 -17.90
C LYS VA 96 3.07 31.02 -19.00
N SER VA 97 4.30 30.53 -19.09
CA SER VA 97 4.68 29.61 -20.19
C SER VA 97 4.08 28.22 -19.97
N LEU VA 98 3.86 27.46 -21.04
CA LEU VA 98 3.36 26.06 -20.92
C LEU VA 98 4.44 25.10 -21.39
N ALA VA 99 4.85 24.15 -20.53
CA ALA VA 99 5.95 23.22 -20.86
C ALA VA 99 5.44 22.11 -21.76
N LYS VA 100 6.35 21.36 -22.39
CA LYS VA 100 5.94 20.32 -23.36
C LYS VA 100 5.03 19.29 -22.66
N GLY VA 101 3.82 19.05 -23.19
CA GLY VA 101 2.87 18.11 -22.57
C GLY VA 101 1.94 18.75 -21.56
N SER VA 102 1.96 20.08 -21.42
CA SER VA 102 0.99 20.71 -20.49
C SER VA 102 0.00 21.63 -21.23
N ALA VA 103 0.03 21.65 -22.56
CA ALA VA 103 -0.84 22.59 -23.31
C ALA VA 103 -2.13 21.89 -23.72
N THR VA 104 -3.19 22.66 -23.96
CA THR VA 104 -4.47 22.08 -24.42
C THR VA 104 -4.85 22.74 -25.74
N THR VA 105 -5.46 21.99 -26.65
CA THR VA 105 -5.80 22.55 -27.99
C THR VA 105 -6.38 23.96 -27.83
N PHE VA 106 -7.20 24.17 -26.79
CA PHE VA 106 -7.84 25.50 -26.60
C PHE VA 106 -6.75 26.55 -26.45
N ASP VA 107 -5.70 26.24 -25.69
CA ASP VA 107 -4.57 27.19 -25.51
C ASP VA 107 -3.99 27.53 -26.88
N ILE VA 108 -3.90 26.53 -27.78
CA ILE VA 108 -3.23 26.79 -29.09
C ILE VA 108 -4.14 27.72 -29.91
N ASN VA 109 -5.45 27.46 -29.91
CA ASN VA 109 -6.32 28.28 -30.79
C ASN VA 109 -6.33 29.73 -30.28
N LYS VA 110 -6.37 29.93 -28.96
CA LYS VA 110 -6.32 31.30 -28.45
C LYS VA 110 -5.03 31.99 -28.88
N ALA VA 111 -3.91 31.27 -28.81
CA ALA VA 111 -2.63 31.84 -29.24
C ALA VA 111 -2.64 32.13 -30.73
N GLN VA 112 -3.28 31.27 -31.53
CA GLN VA 112 -3.37 31.51 -32.96
C GLN VA 112 -4.15 32.77 -33.26
N LYS VA 113 -5.29 32.97 -32.59
CA LYS VA 113 -6.08 34.18 -32.79
C LYS VA 113 -5.29 35.42 -32.36
N ARG VA 114 -4.62 35.34 -31.22
CA ARG VA 114 -3.84 36.48 -30.75
C ARG VA 114 -2.71 36.82 -31.70
N CYS VA 115 -2.03 35.81 -32.25
CA CYS VA 115 -0.93 36.06 -33.21
C CYS VA 115 -1.47 36.76 -34.48
N PHE VA 116 -2.73 36.47 -34.84
CA PHE VA 116 -3.36 37.12 -36.00
C PHE VA 116 -3.42 38.64 -35.79
N VAL VA 117 -3.98 39.07 -34.66
CA VAL VA 117 -4.13 40.54 -34.41
C VAL VA 117 -2.73 41.16 -34.35
N LYS VA 118 -1.76 40.41 -33.83
CA LYS VA 118 -0.39 40.95 -33.68
C LYS VA 118 0.22 41.05 -35.08
N ALA VA 119 -0.11 40.11 -35.97
CA ALA VA 119 0.33 40.19 -37.39
C ALA VA 119 -0.36 41.41 -38.03
N SER VA 120 -1.64 41.61 -37.73
CA SER VA 120 -2.35 42.81 -38.25
C SER VA 120 -1.68 44.06 -37.68
N ALA VA 121 -1.24 43.98 -36.41
CA ALA VA 121 -0.59 45.12 -35.73
C ALA VA 121 0.73 45.43 -36.44
N LEU VA 122 1.28 44.45 -37.16
CA LEU VA 122 2.50 44.75 -37.97
C LEU VA 122 2.05 45.78 -39.00
N HIS VA 123 0.84 45.62 -39.54
CA HIS VA 123 0.30 46.67 -40.45
C HIS VA 123 -0.02 47.85 -39.55
N GLY VA 124 -0.27 49.04 -40.10
CA GLY VA 124 -0.43 50.22 -39.23
C GLY VA 124 -1.51 50.03 -38.18
N LEU VA 125 -2.56 49.28 -38.50
CA LEU VA 125 -3.71 49.10 -37.57
C LEU VA 125 -3.35 48.28 -36.33
N GLY VA 126 -3.53 48.82 -35.13
CA GLY VA 126 -3.35 48.03 -33.89
C GLY VA 126 -1.94 47.97 -33.32
N LEU VA 127 -0.96 48.62 -33.96
CA LEU VA 127 0.44 48.50 -33.50
C LEU VA 127 0.61 49.04 -32.08
N TYR VA 128 -0.03 50.17 -31.77
CA TYR VA 128 0.12 50.84 -30.44
C TYR VA 128 -0.42 49.96 -29.31
N ILE VA 129 -1.49 49.21 -29.53
CA ILE VA 129 -2.08 48.42 -28.41
C ILE VA 129 -0.99 47.53 -27.82
N TYR VA 130 -0.17 46.89 -28.66
CA TYR VA 130 0.83 45.91 -28.14
C TYR VA 130 1.98 46.67 -27.48
N ASN VA 131 2.09 47.97 -27.74
CA ASN VA 131 3.13 48.78 -27.04
C ASN VA 131 2.79 48.70 -25.55
N GLY VA 132 1.52 48.43 -25.22
CA GLY VA 132 1.10 48.48 -23.81
C GLY VA 132 0.72 49.92 -23.53
N GLU VA 133 0.73 50.75 -24.57
CA GLU VA 133 0.31 52.16 -24.45
C GLU VA 133 -1.11 52.26 -25.01
N GLU VA 134 -2.03 52.91 -24.31
CA GLU VA 134 -3.45 52.93 -24.77
C GLU VA 134 -3.83 54.18 -25.58
N LEU VA 135 -2.92 55.13 -25.82
CA LEU VA 135 -3.36 56.35 -26.56
C LEU VA 135 -3.82 55.93 -27.96
N PRO VA 136 -4.87 56.57 -28.52
CA PRO VA 136 -5.46 56.12 -29.80
C PRO VA 136 -4.63 56.15 -31.09
N SER VA 137 -3.84 57.20 -31.35
CA SER VA 137 -3.12 57.26 -32.66
C SER VA 137 -1.89 58.16 -32.58
N ALA VA 138 -1.04 58.10 -33.62
CA ALA VA 138 0.15 58.98 -33.69
C ALA VA 138 0.28 59.47 -35.13
N SER VA 139 -0.48 60.50 -35.50
CA SER VA 139 -0.36 61.07 -36.88
C SER VA 139 0.83 62.03 -36.87
N ASP VA 140 2.03 61.53 -37.13
CA ASP VA 140 3.24 62.38 -36.99
C ASP VA 140 3.22 63.56 -37.98
N ASN VA 141 2.70 63.37 -39.20
CA ASN VA 141 2.81 64.49 -40.18
C ASN VA 141 1.99 65.72 -39.78
N ASP VA 142 0.71 65.56 -39.42
CA ASP VA 142 -0.12 66.76 -39.10
C ASP VA 142 0.42 67.35 -37.80
N ILE VA 143 0.83 66.50 -36.86
CA ILE VA 143 1.39 66.96 -35.55
C ILE VA 143 2.71 67.70 -35.79
N THR VA 144 3.50 67.28 -36.78
CA THR VA 144 4.73 68.04 -37.10
C THR VA 144 4.31 69.45 -37.51
N GLU VA 145 3.23 69.58 -38.29
CA GLU VA 145 2.72 70.93 -38.65
C GLU VA 145 2.27 71.64 -37.37
N LEU VA 146 1.61 70.92 -36.46
CA LEU VA 146 1.17 71.52 -35.18
C LEU VA 146 2.38 72.06 -34.43
N GLU VA 147 3.42 71.24 -34.27
CA GLU VA 147 4.65 71.69 -33.58
C GLU VA 147 5.13 72.99 -34.23
N GLU VA 148 5.24 73.00 -35.56
CA GLU VA 148 5.68 74.23 -36.27
C GLU VA 148 4.74 75.38 -35.89
N ARG VA 149 3.44 75.11 -35.77
CA ARG VA 149 2.49 76.23 -35.52
C ARG VA 149 2.55 76.68 -34.04
N ILE VA 150 2.81 75.75 -33.12
CA ILE VA 150 2.95 76.16 -31.68
C ILE VA 150 4.27 76.92 -31.53
N ASN VA 151 5.34 76.48 -32.20
CA ASN VA 151 6.62 77.22 -32.17
C ASN VA 151 6.45 78.59 -32.83
N GLN VA 152 5.68 78.67 -33.92
CA GLN VA 152 5.40 80.00 -34.54
C GLN VA 152 4.68 80.87 -33.51
N PHE VA 153 3.76 80.27 -32.77
CA PHE VA 153 3.01 81.04 -31.75
C PHE VA 153 4.00 81.48 -30.67
N VAL VA 154 4.83 80.55 -30.17
CA VAL VA 154 5.82 80.89 -29.10
C VAL VA 154 6.74 82.00 -29.62
N ASN VA 155 7.31 81.83 -30.81
CA ASN VA 155 8.31 82.80 -31.32
C ASN VA 155 7.64 84.16 -31.51
N LEU VA 156 6.45 84.18 -32.11
CA LEU VA 156 5.74 85.46 -32.38
C LEU VA 156 5.38 86.12 -31.04
N SER VA 157 4.93 85.32 -30.07
CA SER VA 157 4.65 85.88 -28.73
C SER VA 157 5.93 86.53 -28.18
N GLN VA 158 6.97 85.73 -27.97
CA GLN VA 158 8.23 86.26 -27.39
C GLN VA 158 8.72 87.45 -28.24
N GLU VA 159 8.48 87.39 -29.55
CA GLU VA 159 8.85 88.53 -30.45
C GLU VA 159 8.06 89.77 -30.02
N LYS VA 160 6.79 89.58 -29.64
CA LYS VA 160 5.95 90.71 -29.16
C LYS VA 160 6.55 91.25 -27.86
N GLY VA 161 7.31 90.43 -27.15
CA GLY VA 161 7.88 90.84 -25.85
C GLY VA 161 7.12 90.24 -24.67
N ARG VA 162 6.17 89.35 -24.95
CA ARG VA 162 5.44 88.64 -23.86
C ARG VA 162 5.96 87.20 -23.82
N ASP VA 163 6.36 86.71 -22.64
CA ASP VA 163 6.99 85.36 -22.56
C ASP VA 163 6.07 84.25 -23.06
N ALA VA 164 6.60 83.34 -23.88
CA ALA VA 164 5.82 82.16 -24.34
C ALA VA 164 6.70 80.92 -24.18
N THR VA 165 6.16 79.83 -23.62
CA THR VA 165 6.94 78.57 -23.52
C THR VA 165 6.17 77.48 -24.25
N ILE VA 166 6.86 76.50 -24.84
CA ILE VA 166 6.14 75.48 -25.66
C ILE VA 166 5.22 74.68 -24.74
N ASP VA 167 5.69 74.34 -23.54
CA ASP VA 167 4.87 73.53 -22.61
C ASP VA 167 3.60 74.31 -22.20
N LYS VA 168 3.72 75.62 -21.97
CA LYS VA 168 2.50 76.43 -21.67
C LYS VA 168 1.67 76.62 -22.94
N THR VA 169 2.32 76.78 -24.10
CA THR VA 169 1.54 76.85 -25.36
C THR VA 169 0.80 75.52 -25.49
N MET VA 170 1.48 74.41 -25.21
CA MET VA 170 0.84 73.07 -25.25
C MET VA 170 -0.32 73.06 -24.26
N ARG VA 171 -0.14 73.73 -23.12
CA ARG VA 171 -1.19 73.79 -22.08
C ARG VA 171 -2.44 74.48 -22.65
N TRP VA 172 -2.26 75.41 -23.59
CA TRP VA 172 -3.45 76.04 -24.23
C TRP VA 172 -4.24 74.93 -24.92
N LEU VA 173 -3.54 74.07 -25.66
CA LEU VA 173 -4.21 72.93 -26.32
C LEU VA 173 -4.60 71.90 -25.25
N LYS VA 174 -3.94 71.96 -24.09
CA LYS VA 174 -4.21 70.99 -22.99
C LYS VA 174 -3.96 69.58 -23.53
N ILE VA 175 -2.89 69.42 -24.30
CA ILE VA 175 -2.56 68.08 -24.90
C ILE VA 175 -1.49 67.40 -24.02
N SER VA 176 -1.82 66.24 -23.47
CA SER VA 176 -0.86 65.50 -22.60
C SER VA 176 0.35 65.04 -23.41
N ASN VA 177 0.13 64.60 -24.66
CA ASN VA 177 1.28 64.25 -25.53
C ASN VA 177 0.99 64.81 -26.93
N ILE VA 178 1.86 65.67 -27.44
CA ILE VA 178 1.68 66.22 -28.81
C ILE VA 178 1.73 65.05 -29.80
N ASN VA 179 2.61 64.08 -29.56
CA ASN VA 179 2.78 62.96 -30.52
C ASN VA 179 1.46 62.18 -30.63
N LYS VA 180 0.76 61.98 -29.52
CA LYS VA 180 -0.49 61.17 -29.56
C LYS VA 180 -1.68 62.11 -29.44
N LEU VA 181 -2.49 62.23 -30.49
CA LEU VA 181 -3.63 63.20 -30.47
C LEU VA 181 -4.56 62.83 -31.62
N SER VA 182 -5.88 62.95 -31.42
CA SER VA 182 -6.80 62.48 -32.49
C SER VA 182 -6.77 63.49 -33.63
N GLN VA 183 -6.89 63.03 -34.88
CA GLN VA 183 -6.84 63.93 -36.05
C GLN VA 183 -7.74 65.13 -35.80
N LYS VA 184 -8.99 64.88 -35.39
CA LYS VA 184 -9.95 65.99 -35.16
C LYS VA 184 -9.33 66.98 -34.17
N GLN VA 185 -8.69 66.47 -33.12
CA GLN VA 185 -8.02 67.35 -32.11
C GLN VA 185 -6.87 68.13 -32.76
N ILE VA 186 -6.12 67.55 -33.68
CA ILE VA 186 -5.10 68.39 -34.37
C ILE VA 186 -5.84 69.57 -34.99
N ALA VA 187 -6.89 69.28 -35.75
CA ALA VA 187 -7.65 70.36 -36.44
C ALA VA 187 -8.17 71.34 -35.39
N GLU VA 188 -8.71 70.83 -34.28
CA GLU VA 188 -9.27 71.70 -33.23
C GLU VA 188 -8.17 72.57 -32.64
N ALA VA 189 -7.00 71.97 -32.38
CA ALA VA 189 -5.88 72.73 -31.80
C ALA VA 189 -5.47 73.81 -32.80
N HIS VA 190 -5.26 73.44 -34.07
CA HIS VA 190 -4.94 74.45 -35.10
C HIS VA 190 -5.89 75.64 -34.97
N GLN VA 191 -7.19 75.38 -34.84
CA GLN VA 191 -8.18 76.49 -34.78
C GLN VA 191 -7.75 77.43 -33.65
N LYS VA 192 -7.43 76.87 -32.49
CA LYS VA 192 -6.99 77.70 -31.33
C LYS VA 192 -5.78 78.52 -31.77
N LEU VA 193 -4.72 77.86 -32.22
CA LEU VA 193 -3.48 78.60 -32.61
C LEU VA 193 -3.81 79.71 -33.62
N ASP VA 194 -4.44 79.39 -34.75
CA ASP VA 194 -4.64 80.45 -35.77
C ASP VA 194 -5.30 81.65 -35.09
N ALA VA 195 -6.34 81.38 -34.27
CA ALA VA 195 -7.06 82.48 -33.60
C ALA VA 195 -6.05 83.32 -32.84
N GLY VA 196 -5.33 82.71 -31.90
CA GLY VA 196 -4.34 83.45 -31.10
C GLY VA 196 -3.27 84.07 -31.98
N LEU VA 197 -2.70 83.29 -32.89
CA LEU VA 197 -1.59 83.81 -33.74
C LEU VA 197 -2.04 85.11 -34.40
N LYS VA 198 -3.22 85.10 -35.03
CA LYS VA 198 -3.70 86.30 -35.76
C LYS VA 198 -3.93 87.47 -34.79
N GLN VA 199 -4.47 87.21 -33.60
CA GLN VA 199 -4.80 88.32 -32.67
C GLN VA 199 -3.52 89.04 -32.22
N LEU VA 200 -2.42 88.30 -32.03
CA LEU VA 200 -1.14 89.00 -31.71
C LEU VA 200 -0.79 89.91 -32.90
N ASP VA 201 -1.00 89.41 -34.12
CA ASP VA 201 -0.72 90.23 -35.33
C ASP VA 201 -1.47 91.56 -35.19
N SER VA 202 -2.78 91.50 -34.90
CA SER VA 202 -3.57 92.75 -34.73
C SER VA 202 -3.00 93.56 -33.56
N GLU VA 203 -2.62 92.89 -32.47
CA GLU VA 203 -2.00 93.57 -31.30
C GLU VA 203 -0.81 94.41 -31.77
N GLN WA 3 -22.40 47.52 -53.86
CA GLN WA 3 -21.43 47.70 -52.75
C GLN WA 3 -20.36 46.62 -52.83
N THR WA 4 -20.26 45.77 -51.79
CA THR WA 4 -19.24 44.69 -51.74
C THR WA 4 -19.78 43.54 -50.89
N LEU WA 5 -19.18 42.35 -51.01
CA LEU WA 5 -19.70 41.17 -50.27
C LEU WA 5 -19.57 41.40 -48.76
N PHE WA 6 -18.42 41.84 -48.27
CA PHE WA 6 -18.31 41.94 -46.79
C PHE WA 6 -19.37 42.92 -46.26
N GLU WA 7 -19.46 44.13 -46.82
CA GLU WA 7 -20.42 45.10 -46.25
C GLU WA 7 -21.86 44.55 -46.33
N GLN WA 8 -22.29 44.07 -47.49
CA GLN WA 8 -23.65 43.49 -47.62
C GLN WA 8 -23.86 42.43 -46.53
N LEU WA 9 -22.98 41.43 -46.48
CA LEU WA 9 -23.10 40.31 -45.50
C LEU WA 9 -22.99 40.86 -44.08
N ASN WA 10 -22.09 41.82 -43.85
CA ASN WA 10 -21.85 42.32 -42.48
C ASN WA 10 -23.14 42.99 -41.98
N SER WA 11 -23.83 43.72 -42.85
CA SER WA 11 -25.05 44.46 -42.43
C SER WA 11 -26.27 43.52 -42.47
N LYS WA 12 -26.33 42.55 -41.55
CA LYS WA 12 -27.51 41.65 -41.45
C LYS WA 12 -27.75 41.39 -39.96
N ASN WA 13 -28.98 41.04 -39.56
CA ASN WA 13 -29.21 40.72 -38.12
C ASN WA 13 -29.39 39.20 -37.99
N VAL WA 14 -28.39 38.49 -37.46
CA VAL WA 14 -28.54 37.02 -37.25
C VAL WA 14 -28.88 36.78 -35.78
N ASN WA 15 -29.23 37.86 -35.05
CA ASN WA 15 -29.52 37.73 -33.60
C ASN WA 15 -30.72 36.80 -33.39
N ASP WA 16 -31.75 36.88 -34.25
CA ASP WA 16 -32.97 36.07 -33.99
C ASP WA 16 -32.61 34.58 -34.01
N HIS WA 17 -31.79 34.15 -34.98
CA HIS WA 17 -31.38 32.72 -35.08
C HIS WA 17 -30.10 32.49 -34.26
N THR WA 18 -30.20 32.55 -32.93
CA THR WA 18 -29.01 32.29 -32.07
C THR WA 18 -29.44 31.46 -30.85
N GLU WA 19 -28.49 30.70 -30.28
CA GLU WA 19 -28.78 29.90 -29.06
C GLU WA 19 -27.84 30.37 -27.94
N GLN WA 20 -28.38 30.66 -26.76
CA GLN WA 20 -27.55 31.08 -25.60
C GLN WA 20 -27.19 29.84 -24.77
N LYS WA 21 -26.03 29.24 -25.04
CA LYS WA 21 -25.58 28.05 -24.26
C LYS WA 21 -24.26 28.40 -23.56
N ASN WA 22 -24.21 28.25 -22.23
CA ASN WA 22 -22.97 28.54 -21.45
C ASN WA 22 -22.74 30.06 -21.40
N GLY WA 23 -23.77 30.85 -21.76
CA GLY WA 23 -23.60 32.32 -21.79
C GLY WA 23 -22.91 32.79 -23.06
N LEU WA 24 -22.79 31.95 -24.08
CA LEU WA 24 -22.21 32.41 -25.37
C LEU WA 24 -23.30 32.43 -26.44
N THR WA 25 -23.09 33.19 -27.52
CA THR WA 25 -24.11 33.31 -28.59
C THR WA 25 -23.61 32.55 -29.83
N TYR WA 26 -24.45 31.66 -30.37
CA TYR WA 26 -24.05 30.84 -31.54
C TYR WA 26 -25.12 30.96 -32.63
N LEU WA 27 -24.72 31.18 -33.89
CA LEU WA 27 -25.74 31.18 -34.98
C LEU WA 27 -25.78 29.77 -35.58
N ALA WA 28 -26.98 29.22 -35.80
CA ALA WA 28 -27.10 27.83 -36.27
C ALA WA 28 -26.53 27.69 -37.70
N TRP WA 29 -25.92 26.54 -38.00
CA TRP WA 29 -25.32 26.33 -39.35
C TRP WA 29 -26.42 26.37 -40.42
N SER WA 30 -27.58 25.79 -40.14
CA SER WA 30 -28.66 25.77 -41.15
C SER WA 30 -28.83 27.17 -41.73
N TYR WA 31 -28.97 28.17 -40.87
CA TYR WA 31 -29.17 29.58 -41.34
C TYR WA 31 -27.98 30.02 -42.21
N ALA WA 32 -26.76 29.72 -41.76
CA ALA WA 32 -25.56 30.11 -42.52
C ALA WA 32 -25.57 29.42 -43.90
N HIS WA 33 -25.99 28.16 -43.93
CA HIS WA 33 -25.91 27.43 -45.22
C HIS WA 33 -26.85 28.13 -46.21
N GLN WA 34 -28.05 28.51 -45.75
CA GLN WA 34 -29.05 29.11 -46.68
C GLN WA 34 -28.58 30.49 -47.15
N GLU WA 35 -28.15 31.35 -46.23
CA GLU WA 35 -27.77 32.73 -46.65
C GLU WA 35 -26.72 32.65 -47.75
N LEU WA 36 -25.60 31.99 -47.48
CA LEU WA 36 -24.52 31.90 -48.49
C LEU WA 36 -25.12 31.33 -49.77
N LYS WA 37 -25.90 30.25 -49.65
CA LYS WA 37 -26.52 29.61 -50.85
C LYS WA 37 -27.29 30.64 -51.67
N LYS WA 38 -27.99 31.55 -50.99
CA LYS WA 38 -28.71 32.63 -51.69
C LYS WA 38 -27.69 33.54 -52.37
N ILE WA 39 -26.71 34.04 -51.62
CA ILE WA 39 -25.68 34.97 -52.18
C ILE WA 39 -24.99 34.28 -53.37
N ASP WA 40 -24.65 33.00 -53.21
CA ASP WA 40 -23.91 32.27 -54.28
C ASP WA 40 -24.53 30.88 -54.43
N PRO WA 41 -25.19 30.53 -55.56
CA PRO WA 41 -25.82 29.21 -55.68
C PRO WA 41 -24.79 28.08 -55.55
N ASN WA 42 -23.59 28.28 -56.09
CA ASN WA 42 -22.56 27.20 -56.06
C ASN WA 42 -21.38 27.63 -55.19
N TYR WA 43 -21.34 27.17 -53.93
CA TYR WA 43 -20.23 27.46 -53.05
C TYR WA 43 -19.79 26.16 -52.38
N THR WA 44 -18.53 26.12 -51.98
CA THR WA 44 -17.88 24.89 -51.54
C THR WA 44 -17.50 24.97 -50.07
N VAL WA 45 -17.77 23.89 -49.34
CA VAL WA 45 -17.31 23.71 -47.96
C VAL WA 45 -16.45 22.46 -47.93
N LYS WA 46 -15.21 22.59 -47.45
CA LYS WA 46 -14.25 21.49 -47.43
C LYS WA 46 -13.72 21.33 -46.02
N VAL WA 47 -13.82 20.13 -45.47
CA VAL WA 47 -13.26 19.81 -44.16
C VAL WA 47 -11.93 19.12 -44.37
N HIS WA 48 -10.85 19.74 -43.92
CA HIS WA 48 -9.50 19.17 -44.19
C HIS WA 48 -9.30 17.85 -43.45
N GLU WA 49 -8.54 16.95 -44.06
CA GLU WA 49 -8.29 15.62 -43.48
C GLU WA 49 -6.79 15.48 -43.24
N PHE WA 50 -6.37 15.00 -42.07
CA PHE WA 50 -4.90 14.98 -41.79
C PHE WA 50 -4.49 13.56 -41.35
N PRO WA 51 -3.35 12.97 -41.78
CA PRO WA 51 -3.03 11.61 -41.35
C PRO WA 51 -3.03 11.49 -39.82
N HIS WA 52 -3.88 10.63 -39.26
CA HIS WA 52 -3.97 10.49 -37.79
C HIS WA 52 -2.64 9.94 -37.27
N PRO WA 53 -2.07 10.50 -36.18
CA PRO WA 53 -0.75 10.07 -35.70
C PRO WA 53 -0.62 8.63 -35.21
N ASP WA 54 -1.35 8.25 -34.17
CA ASP WA 54 -1.20 6.91 -33.54
C ASP WA 54 -1.38 5.79 -34.57
N ILE WA 55 -2.46 5.83 -35.34
CA ILE WA 55 -2.75 4.77 -36.35
C ILE WA 55 -1.55 4.68 -37.30
N ASN WA 56 -1.22 5.78 -37.98
CA ASN WA 56 -0.06 5.81 -38.91
C ASN WA 56 -0.26 4.71 -39.96
N THR WA 57 -1.49 4.54 -40.45
CA THR WA 57 -1.74 3.55 -41.54
C THR WA 57 -1.67 4.30 -42.88
N GLU WA 58 -1.04 3.67 -43.89
CA GLU WA 58 -0.88 4.35 -45.20
C GLU WA 58 -2.26 4.61 -45.81
N ASN WA 59 -2.48 5.81 -46.35
CA ASN WA 59 -3.76 6.15 -47.02
C ASN WA 59 -4.86 6.29 -45.96
N TYR WA 60 -4.49 6.35 -44.68
CA TYR WA 60 -5.49 6.57 -43.61
C TYR WA 60 -5.53 8.05 -43.24
N PHE WA 61 -6.62 8.75 -43.60
CA PHE WA 61 -6.74 10.20 -43.29
C PHE WA 61 -8.03 10.47 -42.51
N VAL WA 62 -7.91 10.75 -41.21
CA VAL WA 62 -9.11 11.11 -40.38
C VAL WA 62 -9.47 12.57 -40.69
N PRO WA 63 -10.68 13.09 -40.37
CA PRO WA 63 -11.05 14.46 -40.74
C PRO WA 63 -10.61 15.52 -39.72
N TYR WA 64 -9.87 15.13 -38.68
CA TYR WA 64 -9.47 16.10 -37.62
C TYR WA 64 -8.04 15.81 -37.13
N LEU WA 65 -7.36 16.84 -36.61
CA LEU WA 65 -5.99 16.66 -36.04
C LEU WA 65 -6.08 15.93 -34.71
N ALA WA 66 -5.18 14.99 -34.45
CA ALA WA 66 -5.13 14.34 -33.13
C ALA WA 66 -3.75 14.59 -32.55
N THR WA 67 -3.66 15.18 -31.35
CA THR WA 67 -2.34 15.54 -30.78
C THR WA 67 -2.33 15.18 -29.29
N PRO WA 68 -1.16 14.93 -28.66
CA PRO WA 68 -1.11 14.68 -27.22
C PRO WA 68 -1.68 15.93 -26.53
N GLU WA 69 -1.33 17.11 -27.04
CA GLU WA 69 -1.86 18.38 -26.48
C GLU WA 69 -3.39 18.40 -26.58
N GLY WA 70 -3.95 17.97 -27.72
CA GLY WA 70 -5.42 17.91 -27.79
C GLY WA 70 -5.94 17.61 -29.19
N TYR WA 71 -6.96 18.35 -29.65
CA TYR WA 71 -7.58 18.08 -30.97
C TYR WA 71 -7.91 19.36 -31.75
N PHE WA 72 -7.64 19.34 -33.06
CA PHE WA 72 -7.88 20.54 -33.89
C PHE WA 72 -8.69 20.16 -35.13
N VAL WA 73 -9.55 21.08 -35.58
CA VAL WA 73 -10.35 20.90 -36.79
C VAL WA 73 -10.10 22.09 -37.71
N GLN WA 74 -10.36 21.89 -39.00
CA GLN WA 74 -10.16 22.92 -40.00
C GLN WA 74 -11.29 22.87 -41.03
N VAL WA 75 -11.81 24.03 -41.39
CA VAL WA 75 -12.88 24.15 -42.38
C VAL WA 75 -12.55 25.28 -43.33
N SER WA 76 -12.65 25.02 -44.63
CA SER WA 76 -12.37 26.04 -45.67
C SER WA 76 -13.63 26.34 -46.48
N VAL WA 77 -14.17 27.55 -46.37
CA VAL WA 77 -15.40 27.96 -47.02
C VAL WA 77 -15.05 28.87 -48.19
N THR WA 78 -15.44 28.47 -49.40
CA THR WA 78 -15.20 29.31 -50.59
C THR WA 78 -16.53 29.94 -51.01
N VAL WA 79 -16.79 31.18 -50.59
CA VAL WA 79 -18.03 31.89 -51.00
C VAL WA 79 -17.71 32.74 -52.23
N LYS WA 80 -18.38 32.49 -53.36
CA LYS WA 80 -18.02 33.20 -54.61
C LYS WA 80 -16.54 32.97 -54.88
N ASP WA 81 -15.85 33.98 -55.41
CA ASP WA 81 -14.39 33.88 -55.65
C ASP WA 81 -13.65 33.79 -54.30
N SER WA 82 -14.11 34.53 -53.28
CA SER WA 82 -13.36 34.58 -52.00
C SER WA 82 -13.28 33.21 -51.33
N THR WA 83 -12.14 32.90 -50.73
CA THR WA 83 -11.95 31.61 -50.00
C THR WA 83 -11.28 31.91 -48.66
N GLU WA 84 -11.45 31.05 -47.66
CA GLU WA 84 -10.85 31.34 -46.33
C GLU WA 84 -10.92 30.09 -45.46
N THR WA 85 -10.21 30.06 -44.32
CA THR WA 85 -10.14 28.82 -43.50
C THR WA 85 -10.17 29.19 -42.02
N GLU WA 86 -10.68 28.30 -41.16
CA GLU WA 86 -10.67 28.58 -39.71
C GLU WA 86 -10.20 27.35 -38.91
N TRP WA 87 -9.35 27.55 -37.90
CA TRP WA 87 -8.93 26.45 -37.00
C TRP WA 87 -9.79 26.53 -35.74
N LEU WA 88 -10.05 25.40 -35.07
CA LEU WA 88 -10.75 25.54 -33.77
C LEU WA 88 -10.35 24.39 -32.85
N PRO WA 89 -10.34 24.52 -31.51
CA PRO WA 89 -10.05 23.39 -30.64
C PRO WA 89 -11.35 22.61 -30.35
N VAL WA 90 -11.28 21.27 -30.39
CA VAL WA 90 -12.48 20.48 -30.00
C VAL WA 90 -12.67 20.69 -28.50
N LEU WA 91 -13.90 20.98 -28.04
CA LEU WA 91 -14.12 21.31 -26.60
C LEU WA 91 -15.29 20.52 -26.00
N ASP WA 92 -15.35 20.44 -24.67
CA ASP WA 92 -16.45 19.72 -23.98
C ASP WA 92 -17.76 20.50 -24.07
N PHE WA 93 -18.83 19.99 -23.44
CA PHE WA 93 -20.11 20.74 -23.41
C PHE WA 93 -19.99 21.90 -22.41
N ARG WA 94 -18.94 21.89 -21.58
CA ARG WA 94 -18.70 23.01 -20.62
C ARG WA 94 -17.64 23.95 -21.19
N ASN WA 95 -17.32 23.83 -22.48
CA ASN WA 95 -16.25 24.65 -23.08
C ASN WA 95 -14.92 24.43 -22.35
N LYS WA 96 -14.54 23.17 -22.12
CA LYS WA 96 -13.23 22.85 -21.52
C LYS WA 96 -12.46 22.00 -22.55
N SER WA 97 -11.14 21.93 -22.45
CA SER WA 97 -10.34 21.22 -23.47
C SER WA 97 -10.47 19.70 -23.31
N LEU WA 98 -10.27 18.96 -24.40
CA LEU WA 98 -10.31 17.47 -24.33
C LEU WA 98 -8.92 16.91 -24.61
N ALA WA 99 -8.35 16.13 -23.69
CA ALA WA 99 -6.98 15.61 -23.85
C ALA WA 99 -6.96 14.43 -24.81
N LYS WA 100 -5.78 14.03 -25.28
CA LYS WA 100 -5.70 12.94 -26.29
C LYS WA 100 -6.30 11.66 -25.69
N GLY WA 101 -7.28 11.05 -26.39
CA GLY WA 101 -7.95 9.84 -25.91
C GLY WA 101 -9.17 10.12 -25.04
N SER WA 102 -9.60 11.37 -24.91
CA SER WA 102 -10.85 11.63 -24.15
C SER WA 102 -11.97 12.20 -25.03
N ALA WA 103 -11.77 12.27 -26.35
CA ALA WA 103 -12.77 12.89 -27.23
C ALA WA 103 -13.70 11.83 -27.80
N THR WA 104 -14.90 12.23 -28.21
CA THR WA 104 -15.84 11.27 -28.83
C THR WA 104 -16.19 11.82 -30.21
N THR WA 105 -16.42 10.93 -31.18
CA THR WA 105 -16.69 11.36 -32.57
C THR WA 105 -17.74 12.48 -32.55
N PHE WA 106 -18.70 12.41 -31.64
CA PHE WA 106 -19.77 13.44 -31.55
C PHE WA 106 -19.15 14.82 -31.31
N ASP WA 107 -18.24 14.92 -30.33
CA ASP WA 107 -17.65 16.23 -29.99
C ASP WA 107 -16.88 16.77 -31.20
N ILE WA 108 -16.17 15.90 -31.91
CA ILE WA 108 -15.35 16.34 -33.08
C ILE WA 108 -16.32 16.95 -34.10
N ASN WA 109 -17.44 16.26 -34.37
CA ASN WA 109 -18.42 16.74 -35.38
C ASN WA 109 -18.98 18.09 -34.92
N LYS WA 110 -19.23 18.24 -33.63
CA LYS WA 110 -19.78 19.51 -33.09
C LYS WA 110 -18.77 20.63 -33.37
N ALA WA 111 -17.48 20.35 -33.16
CA ALA WA 111 -16.43 21.36 -33.45
C ALA WA 111 -16.44 21.67 -34.95
N GLN WA 112 -16.62 20.64 -35.78
CA GLN WA 112 -16.68 20.85 -37.25
C GLN WA 112 -17.79 21.85 -37.58
N LYS WA 113 -19.03 21.53 -37.21
CA LYS WA 113 -20.14 22.43 -37.55
C LYS WA 113 -19.87 23.85 -37.03
N ARG WA 114 -19.36 23.96 -35.80
CA ARG WA 114 -19.08 25.28 -35.24
C ARG WA 114 -17.99 26.00 -36.04
N CYS WA 115 -16.96 25.26 -36.46
CA CYS WA 115 -15.88 25.90 -37.27
C CYS WA 115 -16.43 26.42 -38.60
N PHE WA 116 -17.46 25.75 -39.13
CA PHE WA 116 -18.11 26.20 -40.39
C PHE WA 116 -18.68 27.60 -40.21
N VAL WA 117 -19.50 27.80 -39.18
CA VAL WA 117 -20.16 29.13 -38.99
C VAL WA 117 -19.06 30.17 -38.73
N LYS WA 118 -18.01 29.79 -37.99
CA LYS WA 118 -16.88 30.72 -37.73
C LYS WA 118 -16.20 31.07 -39.08
N ALA WA 119 -16.04 30.07 -39.95
CA ALA WA 119 -15.46 30.34 -41.29
C ALA WA 119 -16.41 31.28 -42.05
N SER WA 120 -17.71 31.06 -41.93
CA SER WA 120 -18.71 31.97 -42.57
C SER WA 120 -18.56 33.36 -41.93
N ALA WA 121 -18.29 33.40 -40.62
CA ALA WA 121 -18.18 34.68 -39.89
C ALA WA 121 -17.03 35.50 -40.48
N LEU WA 122 -16.02 34.84 -41.06
CA LEU WA 122 -14.91 35.60 -41.70
C LEU WA 122 -15.52 36.51 -42.77
N HIS WA 123 -16.44 35.98 -43.59
CA HIS WA 123 -17.16 36.80 -44.59
C HIS WA 123 -18.06 37.68 -43.72
N GLY WA 124 -18.70 38.70 -44.28
CA GLY WA 124 -19.43 39.64 -43.40
C GLY WA 124 -20.47 39.01 -42.50
N LEU WA 125 -21.13 37.92 -42.91
CA LEU WA 125 -22.28 37.40 -42.14
C LEU WA 125 -21.96 37.12 -40.66
N GLY WA 126 -22.71 37.71 -39.73
CA GLY WA 126 -22.56 37.41 -38.30
C GLY WA 126 -21.14 37.53 -37.76
N LEU WA 127 -20.35 38.48 -38.25
CA LEU WA 127 -19.00 38.68 -37.63
C LEU WA 127 -19.15 39.25 -36.21
N TYR WA 128 -20.12 40.15 -36.02
CA TYR WA 128 -20.35 40.84 -34.71
C TYR WA 128 -20.61 39.86 -33.56
N ILE WA 129 -21.39 38.80 -33.79
CA ILE WA 129 -21.73 37.84 -32.71
C ILE WA 129 -20.45 37.26 -32.12
N TYR WA 130 -19.46 37.00 -32.96
CA TYR WA 130 -18.19 36.36 -32.51
C TYR WA 130 -17.23 37.42 -31.98
N ASN WA 131 -17.70 38.67 -31.85
CA ASN WA 131 -16.86 39.73 -31.21
C ASN WA 131 -16.88 39.43 -29.71
N GLY WA 132 -17.74 38.51 -29.28
CA GLY WA 132 -17.89 38.24 -27.84
C GLY WA 132 -19.06 39.03 -27.28
N GLU WA 133 -19.80 39.70 -28.16
CA GLU WA 133 -20.96 40.53 -27.75
C GLU WA 133 -22.20 40.11 -28.54
N GLU WA 134 -23.38 40.61 -28.16
CA GLU WA 134 -24.64 40.25 -28.87
C GLU WA 134 -25.04 41.42 -29.78
N LEU WA 135 -24.14 42.37 -30.01
CA LEU WA 135 -24.50 43.58 -30.80
C LEU WA 135 -24.95 43.14 -32.19
N PRO WA 136 -26.10 43.63 -32.70
CA PRO WA 136 -26.65 43.12 -33.97
C PRO WA 136 -25.92 43.35 -35.31
N SER WA 137 -25.45 44.57 -35.61
CA SER WA 137 -24.86 44.82 -36.95
C SER WA 137 -24.02 46.10 -36.98
N ALA WA 138 -23.16 46.26 -38.00
CA ALA WA 138 -22.42 47.54 -38.17
C ALA WA 138 -22.51 47.97 -39.64
N SER WA 139 -22.98 49.20 -39.89
CA SER WA 139 -23.01 49.73 -41.28
C SER WA 139 -22.08 50.94 -41.33
N ASP WA 140 -20.78 50.71 -41.54
CA ASP WA 140 -19.80 51.83 -41.45
C ASP WA 140 -20.07 52.91 -42.51
N ASN WA 141 -20.38 52.54 -43.75
CA ASN WA 141 -20.58 53.61 -44.77
C ASN WA 141 -21.77 54.46 -44.32
N ASP WA 142 -22.84 53.81 -43.86
CA ASP WA 142 -24.07 54.53 -43.43
C ASP WA 142 -23.77 55.40 -42.21
N ILE WA 143 -23.03 54.86 -41.22
CA ILE WA 143 -22.79 55.63 -39.97
C ILE WA 143 -21.98 56.89 -40.30
N THR WA 144 -21.03 56.78 -41.23
CA THR WA 144 -20.22 57.96 -41.62
C THR WA 144 -21.14 59.01 -42.25
N GLU WA 145 -22.08 58.59 -43.09
CA GLU WA 145 -23.05 59.53 -43.70
C GLU WA 145 -23.90 60.17 -42.59
N LEU WA 146 -24.34 59.37 -41.63
CA LEU WA 146 -25.16 59.88 -40.50
C LEU WA 146 -24.31 60.87 -39.69
N GLU WA 147 -23.04 60.54 -39.47
CA GLU WA 147 -22.14 61.41 -38.68
C GLU WA 147 -22.04 62.76 -39.39
N GLU WA 148 -21.74 62.75 -40.69
CA GLU WA 148 -21.63 64.01 -41.46
C GLU WA 148 -22.94 64.78 -41.31
N ARG WA 149 -24.09 64.09 -41.32
CA ARG WA 149 -25.37 64.83 -41.30
C ARG WA 149 -25.70 65.34 -39.89
N ILE WA 150 -25.30 64.61 -38.85
CA ILE WA 150 -25.51 65.12 -37.47
C ILE WA 150 -24.55 66.29 -37.22
N ASN WA 151 -23.31 66.20 -37.70
CA ASN WA 151 -22.36 67.35 -37.58
C ASN WA 151 -22.89 68.54 -38.39
N GLN WA 152 -23.47 68.29 -39.57
CA GLN WA 152 -24.06 69.42 -40.35
C GLN WA 152 -25.18 70.04 -39.51
N PHE WA 153 -25.95 69.20 -38.84
CA PHE WA 153 -27.06 69.71 -38.00
C PHE WA 153 -26.45 70.52 -36.84
N VAL WA 154 -25.45 69.96 -36.16
CA VAL WA 154 -24.80 70.66 -35.01
C VAL WA 154 -24.22 71.99 -35.52
N ASN WA 155 -23.46 71.97 -36.61
CA ASN WA 155 -22.77 73.20 -37.08
C ASN WA 155 -23.82 74.24 -37.48
N LEU WA 156 -24.85 73.82 -38.23
CA LEU WA 156 -25.89 74.76 -38.71
C LEU WA 156 -26.65 75.33 -37.51
N SER WA 157 -26.94 74.47 -36.52
CA SER WA 157 -27.59 74.96 -35.28
C SER WA 157 -26.72 76.04 -34.65
N GLN WA 158 -25.50 75.67 -34.23
CA GLN WA 158 -24.59 76.62 -33.55
C GLN WA 158 -24.39 77.85 -34.45
N GLU WA 159 -24.39 77.64 -35.77
CA GLU WA 159 -24.23 78.77 -36.73
C GLU WA 159 -25.43 79.71 -36.57
N LYS WA 160 -26.63 79.15 -36.37
CA LYS WA 160 -27.87 79.98 -36.27
C LYS WA 160 -28.05 80.46 -34.84
N GLY WA 161 -27.22 79.98 -33.91
CA GLY WA 161 -27.38 80.35 -32.48
C GLY WA 161 -28.01 79.27 -31.62
N ARG WA 162 -28.47 78.17 -32.23
CA ARG WA 162 -29.00 77.04 -31.43
C ARG WA 162 -27.85 76.28 -30.77
N ASP WA 163 -27.68 76.39 -29.45
CA ASP WA 163 -26.65 75.54 -28.80
C ASP WA 163 -26.83 74.12 -29.34
N ALA WA 164 -25.74 73.44 -29.70
CA ALA WA 164 -25.89 72.10 -30.31
C ALA WA 164 -24.68 71.24 -29.96
N THR WA 165 -24.92 70.05 -29.41
CA THR WA 165 -23.81 69.11 -29.07
C THR WA 165 -24.07 67.79 -29.79
N ILE WA 166 -23.01 67.11 -30.25
CA ILE WA 166 -23.22 65.88 -31.05
C ILE WA 166 -23.96 64.86 -30.18
N ASP WA 167 -23.59 64.76 -28.90
CA ASP WA 167 -24.23 63.75 -28.00
C ASP WA 167 -25.72 64.07 -27.84
N LYS WA 168 -26.08 65.36 -27.72
CA LYS WA 168 -27.52 65.72 -27.66
C LYS WA 168 -28.18 65.55 -29.03
N THR WA 169 -27.44 65.86 -30.11
CA THR WA 169 -28.00 65.60 -31.46
C THR WA 169 -28.24 64.09 -31.55
N MET WA 170 -27.27 63.30 -31.08
CA MET WA 170 -27.42 61.81 -31.07
C MET WA 170 -28.65 61.46 -30.23
N ARG WA 171 -28.87 62.21 -29.16
CA ARG WA 171 -30.04 61.95 -28.26
C ARG WA 171 -31.33 62.15 -29.05
N TRP WA 172 -31.34 63.03 -30.06
CA TRP WA 172 -32.55 63.18 -30.89
C TRP WA 172 -32.81 61.84 -31.56
N LEU WA 173 -31.76 61.23 -32.12
CA LEU WA 173 -31.91 59.89 -32.75
C LEU WA 173 -32.10 58.85 -31.63
N LYS WA 174 -31.68 59.20 -30.41
CA LYS WA 174 -31.78 58.25 -29.27
C LYS WA 174 -31.00 56.98 -29.64
N ILE WA 175 -29.82 57.16 -30.24
CA ILE WA 175 -28.98 55.99 -30.65
C ILE WA 175 -27.89 55.76 -29.59
N SER WA 176 -27.90 54.58 -28.97
CA SER WA 176 -26.89 54.27 -27.92
C SER WA 176 -25.49 54.21 -28.53
N ASN WA 177 -25.36 53.61 -29.71
CA ASN WA 177 -24.03 53.46 -30.36
C ASN WA 177 -24.17 53.82 -31.84
N ILE WA 178 -23.73 55.02 -32.23
CA ILE WA 178 -23.87 55.47 -33.65
C ILE WA 178 -23.29 54.38 -34.55
N ASN WA 179 -22.25 53.69 -34.08
CA ASN WA 179 -21.58 52.64 -34.91
C ASN WA 179 -22.57 51.52 -35.24
N LYS WA 180 -23.24 50.98 -34.22
CA LYS WA 180 -24.18 49.85 -34.45
C LYS WA 180 -25.61 50.39 -34.57
N LEU WA 181 -26.14 50.52 -35.78
CA LEU WA 181 -27.55 50.97 -35.92
C LEU WA 181 -28.15 50.21 -37.11
N SER WA 182 -29.38 49.71 -37.01
CA SER WA 182 -29.92 48.90 -38.13
C SER WA 182 -30.06 49.81 -39.35
N GLN WA 183 -29.82 49.27 -40.55
CA GLN WA 183 -29.90 50.07 -41.80
C GLN WA 183 -31.18 50.91 -41.78
N LYS WA 184 -32.32 50.26 -41.50
CA LYS WA 184 -33.62 50.99 -41.51
C LYS WA 184 -33.52 52.17 -40.55
N GLN WA 185 -32.91 51.97 -39.39
CA GLN WA 185 -32.74 53.07 -38.39
C GLN WA 185 -31.83 54.16 -38.97
N ILE WA 186 -30.78 53.83 -39.71
CA ILE WA 186 -30.02 54.94 -40.36
C ILE WA 186 -31.01 55.76 -41.17
N ALA WA 187 -31.77 55.08 -42.04
CA ALA WA 187 -32.73 55.81 -42.91
C ALA WA 187 -33.70 56.61 -42.04
N GLU WA 188 -34.20 55.99 -40.97
CA GLU WA 188 -35.18 56.67 -40.08
C GLU WA 188 -34.52 57.89 -39.44
N ALA WA 189 -33.28 57.73 -38.99
CA ALA WA 189 -32.57 58.86 -38.35
C ALA WA 189 -32.40 59.97 -39.39
N HIS WA 190 -31.88 59.63 -40.57
CA HIS WA 190 -31.77 60.64 -41.66
C HIS WA 190 -33.06 61.44 -41.75
N GLN WA 191 -34.21 60.75 -41.77
CA GLN WA 191 -35.50 61.46 -41.94
C GLN WA 191 -35.60 62.55 -40.87
N LYS WA 192 -35.28 62.19 -39.62
CA LYS WA 192 -35.32 63.17 -38.51
C LYS WA 192 -34.41 64.35 -38.87
N LEU WA 193 -33.12 64.06 -39.12
CA LEU WA 193 -32.16 65.15 -39.42
C LEU WA 193 -32.68 66.03 -40.57
N ASP WA 194 -32.99 65.46 -41.74
CA ASP WA 194 -33.37 66.35 -42.87
C ASP WA 194 -34.50 67.27 -42.40
N ALA WA 195 -35.49 66.71 -41.70
CA ALA WA 195 -36.64 67.52 -41.23
C ALA WA 195 -36.09 68.70 -40.44
N GLY WA 196 -35.36 68.41 -39.37
CA GLY WA 196 -34.80 69.49 -38.52
C GLY WA 196 -33.88 70.40 -39.31
N LEU WA 197 -32.95 69.82 -40.07
CA LEU WA 197 -31.96 70.63 -40.81
C LEU WA 197 -32.72 71.67 -41.64
N LYS WA 198 -33.71 71.23 -42.41
CA LYS WA 198 -34.45 72.14 -43.32
C LYS WA 198 -35.19 73.22 -42.51
N GLN WA 199 -35.81 72.86 -41.38
CA GLN WA 199 -36.63 73.87 -40.66
C GLN WA 199 -35.71 74.98 -40.12
N LEU WA 200 -34.48 74.65 -39.68
CA LEU WA 200 -33.58 75.75 -39.27
C LEU WA 200 -33.37 76.67 -40.48
N ASP WA 201 -33.21 76.08 -41.66
CA ASP WA 201 -33.05 76.87 -42.91
C ASP WA 201 -34.21 77.87 -42.99
N SER WA 202 -35.45 77.38 -42.87
CA SER WA 202 -36.63 78.29 -42.92
C SER WA 202 -36.53 79.31 -41.77
N GLU WA 203 -36.12 78.87 -40.58
CA GLU WA 203 -35.96 79.77 -39.42
C GLU WA 203 -35.05 80.94 -39.80
N GLN XA 3 -36.99 30.39 -60.58
CA GLN XA 3 -36.28 30.84 -59.35
C GLN XA 3 -34.92 30.17 -59.27
N THR XA 4 -34.68 29.37 -58.23
CA THR XA 4 -33.37 28.69 -58.03
C THR XA 4 -33.60 27.40 -57.24
N LEU XA 5 -32.64 26.48 -57.26
CA LEU XA 5 -32.82 25.17 -56.59
C LEU XA 5 -32.97 25.38 -55.08
N PHE XA 6 -32.12 26.17 -54.44
CA PHE XA 6 -32.23 26.23 -52.97
C PHE XA 6 -33.61 26.81 -52.59
N GLU XA 7 -34.02 27.91 -53.21
CA GLU XA 7 -35.31 28.53 -52.81
C GLU XA 7 -36.44 27.51 -53.00
N GLN XA 8 -36.56 26.95 -54.22
CA GLN XA 8 -37.63 25.97 -54.51
C GLN XA 8 -37.61 24.86 -53.45
N LEU XA 9 -36.47 24.21 -53.27
CA LEU XA 9 -36.34 23.08 -52.31
C LEU XA 9 -36.60 23.59 -50.90
N ASN XA 10 -36.09 24.77 -50.55
CA ASN XA 10 -36.22 25.30 -49.16
C ASN XA 10 -37.71 25.48 -48.84
N SER XA 11 -38.49 25.97 -49.81
CA SER XA 11 -39.92 26.24 -49.57
C SER XA 11 -40.75 24.96 -49.76
N LYS XA 12 -40.61 23.99 -48.85
CA LYS XA 12 -41.42 22.75 -48.89
C LYS XA 12 -41.75 22.38 -47.44
N ASN XA 13 -42.84 21.62 -47.21
CA ASN XA 13 -43.12 21.19 -45.81
C ASN XA 13 -42.81 19.70 -45.68
N VAL XA 14 -41.71 19.35 -45.02
CA VAL XA 14 -41.37 17.91 -44.81
C VAL XA 14 -41.81 17.53 -43.40
N ASN XA 15 -42.59 18.40 -42.75
CA ASN XA 15 -43.03 18.16 -41.35
C ASN XA 15 -43.85 16.86 -41.27
N ASP XA 16 -44.72 16.61 -42.25
CA ASP XA 16 -45.63 15.44 -42.16
C ASP XA 16 -44.80 14.15 -42.12
N HIS XA 17 -43.77 14.05 -42.95
CA HIS XA 17 -42.90 12.84 -42.98
C HIS XA 17 -41.73 13.01 -42.01
N THR XA 18 -42.01 13.00 -40.71
CA THR XA 18 -40.93 13.11 -39.68
C THR XA 18 -41.20 12.15 -38.53
N GLU XA 19 -40.15 11.72 -37.83
CA GLU XA 19 -40.30 10.84 -36.65
C GLU XA 19 -39.73 11.55 -35.42
N GLN XA 20 -40.49 11.61 -34.32
CA GLN XA 20 -39.98 12.23 -33.07
C GLN XA 20 -39.35 11.16 -32.19
N LYS XA 21 -38.03 10.98 -32.28
CA LYS XA 21 -37.32 9.99 -31.44
C LYS XA 21 -36.29 10.73 -30.58
N ASN XA 22 -36.36 10.56 -29.25
CA ASN XA 22 -35.41 11.22 -28.32
C ASN XA 22 -35.71 12.72 -28.26
N GLY XA 23 -36.87 13.15 -28.76
CA GLY XA 23 -37.20 14.58 -28.79
C GLY XA 23 -36.56 15.31 -29.96
N LEU XA 24 -36.03 14.58 -30.94
CA LEU XA 24 -35.48 15.24 -32.15
C LEU XA 24 -36.36 14.94 -33.36
N THR XA 25 -36.28 15.77 -34.40
CA THR XA 25 -37.13 15.59 -35.60
C THR XA 25 -36.26 15.06 -36.75
N TYR XA 26 -36.67 13.97 -37.39
CA TYR XA 26 -35.87 13.37 -38.49
C TYR XA 26 -36.77 13.17 -39.71
N LEU XA 27 -36.32 13.55 -40.91
CA LEU XA 27 -37.13 13.25 -42.13
C LEU XA 27 -36.62 11.93 -42.71
N ALA XA 28 -37.52 11.01 -43.07
CA ALA XA 28 -37.11 9.68 -43.55
C ALA XA 28 -36.35 9.79 -44.88
N TRP XA 29 -35.36 8.92 -45.09
CA TRP XA 29 -34.57 8.95 -46.34
C TRP XA 29 -35.46 8.67 -47.55
N SER XA 30 -36.40 7.73 -47.42
CA SER XA 30 -37.28 7.36 -48.55
C SER XA 30 -37.87 8.62 -49.18
N TYR XA 31 -38.37 9.55 -48.35
CA TYR XA 31 -38.98 10.80 -48.86
C TYR XA 31 -37.91 11.65 -49.56
N ALA XA 32 -36.72 11.75 -48.96
CA ALA XA 32 -35.63 12.54 -49.56
C ALA XA 32 -35.24 11.93 -50.91
N HIS XA 33 -35.20 10.61 -50.99
CA HIS XA 33 -34.71 10.00 -52.26
C HIS XA 33 -35.70 10.38 -53.36
N GLN XA 34 -37.00 10.32 -53.08
CA GLN XA 34 -38.00 10.59 -54.15
C GLN XA 34 -37.97 12.06 -54.56
N GLU XA 35 -37.95 12.98 -53.59
CA GLU XA 35 -38.03 14.42 -53.94
C GLU XA 35 -36.89 14.74 -54.91
N LEU XA 36 -35.65 14.47 -54.50
CA LEU XA 36 -34.48 14.77 -55.36
C LEU XA 36 -34.69 14.08 -56.71
N LYS XA 37 -35.00 12.78 -56.71
CA LYS XA 37 -35.25 12.05 -57.97
C LYS XA 37 -36.22 12.82 -58.87
N LYS XA 38 -37.29 13.38 -58.29
CA LYS XA 38 -38.24 14.19 -59.10
C LYS XA 38 -37.49 15.40 -59.65
N ILE XA 39 -36.83 16.17 -58.78
CA ILE XA 39 -36.11 17.40 -59.21
C ILE XA 39 -35.08 17.03 -60.28
N ASP XA 40 -34.36 15.93 -60.07
CA ASP XA 40 -33.29 15.51 -61.03
C ASP XA 40 -33.39 14.00 -61.24
N PRO XA 41 -33.74 13.49 -62.44
CA PRO XA 41 -33.88 12.06 -62.62
C PRO XA 41 -32.56 11.32 -62.35
N ASN XA 42 -31.44 11.92 -62.72
CA ASN XA 42 -30.12 11.24 -62.55
C ASN XA 42 -29.27 12.01 -61.53
N TYR XA 43 -29.31 11.56 -60.27
CA TYR XA 43 -28.41 12.19 -59.27
C TYR XA 43 -27.52 11.06 -58.73
N THR XA 44 -26.51 11.42 -57.96
CA THR XA 44 -25.56 10.45 -57.42
C THR XA 44 -25.42 10.61 -55.91
N VAL XA 45 -25.41 9.48 -55.22
CA VAL XA 45 -25.09 9.42 -53.79
C VAL XA 45 -23.88 8.52 -53.62
N LYS XA 46 -22.83 9.03 -52.99
CA LYS XA 46 -21.58 8.31 -52.83
C LYS XA 46 -21.20 8.30 -51.35
N VAL XA 47 -20.96 7.11 -50.81
CA VAL XA 47 -20.52 6.95 -49.43
C VAL XA 47 -19.01 6.73 -49.45
N HIS XA 48 -18.27 7.67 -48.88
CA HIS XA 48 -16.79 7.58 -48.96
C HIS XA 48 -16.26 6.39 -48.19
N GLU XA 49 -15.16 5.80 -48.68
CA GLU XA 49 -14.55 4.60 -48.06
C GLU XA 49 -13.14 4.98 -47.61
N PHE XA 50 -12.73 4.61 -46.39
CA PHE XA 50 -11.40 5.06 -45.92
C PHE XA 50 -10.60 3.85 -45.41
N PRO XA 51 -9.29 3.69 -45.69
CA PRO XA 51 -8.59 2.49 -45.20
C PRO XA 51 -8.75 2.33 -43.68
N HIS XA 52 -9.33 1.21 -43.23
CA HIS XA 52 -9.57 1.01 -41.78
C HIS XA 52 -8.21 0.91 -41.08
N PRO XA 53 -8.00 1.60 -39.94
CA PRO XA 53 -6.69 1.61 -39.27
C PRO XA 53 -6.15 0.27 -38.77
N ASP XA 54 -6.84 -0.36 -37.83
CA ASP XA 54 -6.33 -1.60 -37.17
C ASP XA 54 -5.99 -2.68 -38.20
N ILE XA 55 -6.92 -2.96 -39.10
CA ILE XA 55 -6.69 -4.03 -40.12
C ILE XA 55 -5.43 -3.69 -40.93
N ASN XA 56 -5.40 -2.51 -41.55
CA ASN XA 56 -4.21 -2.08 -42.32
C ASN XA 56 -3.89 -3.15 -43.38
N THR XA 57 -4.93 -3.70 -44.02
CA THR XA 57 -4.69 -4.67 -45.13
C THR XA 57 -4.69 -3.91 -46.45
N GLU XA 58 -3.78 -4.25 -47.35
CA GLU XA 58 -3.67 -3.52 -48.65
C GLU XA 58 -4.98 -3.71 -49.43
N ASN XA 59 -5.50 -2.63 -50.02
CA ASN XA 59 -6.73 -2.70 -50.86
C ASN XA 59 -7.94 -2.98 -49.96
N TYR XA 60 -7.78 -2.84 -48.64
CA TYR XA 60 -8.93 -3.01 -47.72
C TYR XA 60 -9.50 -1.63 -47.37
N PHE XA 61 -10.70 -1.32 -47.88
CA PHE XA 61 -11.33 0.00 -47.60
C PHE XA 61 -12.73 -0.19 -47.01
N VAL XA 62 -12.87 0.07 -45.70
CA VAL XA 62 -14.23 -0.01 -45.04
C VAL XA 62 -15.01 1.25 -45.41
N PRO XA 63 -16.36 1.33 -45.26
CA PRO XA 63 -17.10 2.51 -45.69
C PRO XA 63 -17.18 3.63 -44.63
N TYR XA 64 -16.49 3.47 -43.51
CA TYR XA 64 -16.57 4.47 -42.41
C TYR XA 64 -15.22 4.66 -41.73
N LEU XA 65 -14.98 5.84 -41.14
CA LEU XA 65 -13.72 6.11 -40.39
C LEU XA 65 -13.73 5.34 -39.07
N ALA XA 66 -12.60 4.75 -38.69
CA ALA XA 66 -12.52 4.10 -37.37
C ALA XA 66 -11.37 4.78 -36.60
N THR XA 67 -11.65 5.32 -35.42
CA THR XA 67 -10.61 6.07 -34.67
C THR XA 67 -10.67 5.69 -33.20
N PRO XA 68 -9.58 5.83 -32.42
CA PRO XA 68 -9.64 5.56 -30.98
C PRO XA 68 -10.66 6.53 -30.39
N GLU XA 69 -10.67 7.76 -30.87
CA GLU XA 69 -11.65 8.77 -30.37
C GLU XA 69 -13.07 8.30 -30.70
N GLY XA 70 -13.31 7.74 -31.88
CA GLY XA 70 -14.66 7.20 -32.16
C GLY XA 70 -14.87 6.78 -33.60
N TYR XA 71 -16.00 7.18 -34.21
CA TYR XA 71 -16.33 6.71 -35.59
C TYR XA 71 -16.97 7.82 -36.43
N PHE XA 72 -16.52 7.99 -37.68
CA PHE XA 72 -17.05 9.07 -38.55
C PHE XA 72 -17.52 8.48 -39.88
N VAL XA 73 -18.57 9.08 -40.46
CA VAL XA 73 -19.10 8.70 -41.76
C VAL XA 73 -19.14 9.93 -42.66
N GLN XA 74 -19.15 9.69 -43.96
CA GLN XA 74 -19.19 10.76 -44.94
C GLN XA 74 -20.09 10.37 -46.11
N VAL XA 75 -20.90 11.32 -46.55
CA VAL XA 75 -21.82 11.10 -47.66
C VAL XA 75 -21.77 12.32 -48.58
N SER XA 76 -21.61 12.07 -49.88
CA SER XA 76 -21.55 13.16 -50.89
C SER XA 76 -22.72 13.07 -51.86
N VAL XA 77 -23.64 14.02 -51.83
CA VAL XA 77 -24.84 14.02 -52.65
C VAL XA 77 -24.66 15.04 -53.78
N THR XA 78 -24.74 14.56 -55.02
CA THR XA 78 -24.64 15.49 -56.17
C THR XA 78 -26.04 15.65 -56.78
N VAL XA 79 -26.75 16.72 -56.41
CA VAL XA 79 -28.09 16.99 -56.99
C VAL XA 79 -27.91 17.94 -58.18
N LYS XA 80 -28.31 17.52 -59.37
CA LYS XA 80 -28.06 18.35 -60.58
C LYS XA 80 -26.56 18.63 -60.65
N ASP XA 81 -26.18 19.82 -61.10
CA ASP XA 81 -24.75 20.22 -61.13
C ASP XA 81 -24.21 20.34 -59.70
N SER XA 82 -25.01 20.85 -58.77
CA SER XA 82 -24.50 21.11 -57.39
C SER XA 82 -24.05 19.81 -56.70
N THR XA 83 -22.96 19.89 -55.95
CA THR XA 83 -22.46 18.71 -55.19
C THR XA 83 -22.09 19.17 -53.78
N GLU XA 84 -22.10 18.27 -52.79
CA GLU XA 84 -21.80 18.70 -51.41
C GLU XA 84 -21.56 17.45 -50.53
N THR XA 85 -21.04 17.63 -49.31
CA THR XA 85 -20.67 16.45 -48.48
C THR XA 85 -21.02 16.74 -47.01
N GLU XA 86 -21.30 15.71 -46.22
CA GLU XA 86 -21.57 15.92 -44.77
C GLU XA 86 -20.82 14.89 -43.92
N TRP XA 87 -20.23 15.34 -42.80
CA TRP XA 87 -19.59 14.40 -41.84
C TRP XA 87 -20.58 14.15 -40.70
N LEU XA 88 -20.56 12.95 -40.12
CA LEU XA 88 -21.54 12.62 -39.04
C LEU XA 88 -20.92 11.58 -38.10
N PRO XA 89 -21.01 11.79 -36.76
CA PRO XA 89 -20.50 10.82 -35.80
C PRO XA 89 -21.41 9.59 -35.70
N VAL XA 90 -20.83 8.41 -35.47
CA VAL XA 90 -21.69 7.21 -35.25
C VAL XA 90 -22.09 7.22 -33.78
N LEU XA 91 -23.40 7.22 -33.50
CA LEU XA 91 -23.84 7.36 -32.09
C LEU XA 91 -24.72 6.18 -31.66
N ASP XA 92 -25.18 6.20 -30.41
CA ASP XA 92 -26.06 5.13 -29.86
C ASP XA 92 -27.54 5.44 -30.13
N PHE XA 93 -28.44 4.60 -29.64
CA PHE XA 93 -29.90 4.88 -29.80
C PHE XA 93 -30.31 5.97 -28.80
N ARG XA 94 -29.43 6.28 -27.84
CA ARG XA 94 -29.69 7.38 -26.86
C ARG XA 94 -28.94 8.64 -27.29
N ASN XA 95 -28.44 8.67 -28.52
CA ASN XA 95 -27.63 9.82 -29.00
C ASN XA 95 -26.41 10.03 -28.09
N LYS XA 96 -25.66 8.96 -27.81
CA LYS XA 96 -24.40 9.07 -27.04
C LYS XA 96 -23.27 8.56 -27.94
N SER XA 97 -22.03 8.93 -27.65
CA SER XA 97 -20.91 8.54 -28.56
C SER XA 97 -20.58 7.06 -28.42
N LEU XA 98 -19.98 6.46 -29.44
CA LEU XA 98 -19.53 5.05 -29.37
C LEU XA 98 -18.01 4.99 -29.46
N ALA XA 99 -17.34 4.41 -28.46
CA ALA XA 99 -15.87 4.39 -28.42
C ALA XA 99 -15.33 3.30 -29.35
N LYS XA 100 -14.03 3.34 -29.66
CA LYS XA 100 -13.46 2.37 -30.64
C LYS XA 100 -13.68 0.94 -30.12
N GLY XA 101 -14.30 0.07 -30.93
CA GLY XA 101 -14.59 -1.31 -30.52
C GLY XA 101 -15.94 -1.49 -29.84
N SER XA 102 -16.77 -0.45 -29.78
CA SER XA 102 -18.11 -0.64 -29.19
C SER XA 102 -19.24 -0.45 -30.22
N ALA XA 103 -18.90 -0.27 -31.50
CA ALA XA 103 -19.95 0.02 -32.51
C ALA XA 103 -20.38 -1.28 -33.19
N THR XA 104 -21.58 -1.29 -33.75
CA THR XA 104 -22.07 -2.49 -34.49
C THR XA 104 -22.43 -2.05 -35.91
N THR XA 105 -22.21 -2.92 -36.89
CA THR XA 105 -22.48 -2.54 -38.30
C THR XA 105 -23.82 -1.81 -38.40
N PHE XA 106 -24.82 -2.25 -37.63
CA PHE XA 106 -26.17 -1.62 -37.70
C PHE XA 106 -26.04 -0.14 -37.35
N ASP XA 107 -25.24 0.17 -36.32
CA ASP XA 107 -25.03 1.58 -35.92
C ASP XA 107 -24.46 2.34 -37.12
N ILE XA 108 -23.55 1.73 -37.88
CA ILE XA 108 -22.90 2.47 -38.99
C ILE XA 108 -23.94 2.73 -40.08
N ASN XA 109 -24.76 1.72 -40.41
CA ASN XA 109 -25.71 1.94 -41.54
C ASN XA 109 -26.72 3.01 -41.15
N LYS XA 110 -27.21 3.00 -39.91
CA LYS XA 110 -28.14 4.05 -39.50
C LYS XA 110 -27.49 5.43 -39.63
N ALA XA 111 -26.23 5.55 -39.21
CA ALA XA 111 -25.52 6.81 -39.34
C ALA XA 111 -25.33 7.20 -40.81
N GLN XA 112 -25.08 6.22 -41.67
CA GLN XA 112 -24.94 6.50 -43.09
C GLN XA 112 -26.24 7.05 -43.67
N LYS XA 113 -27.37 6.43 -43.34
CA LYS XA 113 -28.65 6.93 -43.82
C LYS XA 113 -28.93 8.33 -43.29
N ARG XA 114 -28.67 8.57 -42.00
CA ARG XA 114 -28.91 9.89 -41.43
C ARG XA 114 -28.03 10.95 -42.09
N CYS XA 115 -26.77 10.61 -42.36
CA CYS XA 115 -25.86 11.59 -43.03
C CYS XA 115 -26.37 11.95 -44.42
N PHE XA 116 -27.06 10.99 -45.08
CA PHE XA 116 -27.65 11.25 -46.42
C PHE XA 116 -28.67 12.38 -46.33
N VAL XA 117 -29.64 12.25 -45.42
CA VAL XA 117 -30.71 13.28 -45.33
C VAL XA 117 -30.06 14.62 -44.95
N LYS XA 118 -29.05 14.59 -44.07
CA LYS XA 118 -28.34 15.83 -43.68
C LYS XA 118 -27.65 16.41 -44.91
N ALA XA 119 -27.05 15.56 -45.76
CA ALA XA 119 -26.43 16.05 -47.00
C ALA XA 119 -27.52 16.65 -47.90
N SER XA 120 -28.69 16.01 -47.95
CA SER XA 120 -29.83 16.56 -48.72
C SER XA 120 -30.24 17.89 -48.08
N ALA XA 121 -30.17 17.98 -46.75
CA ALA XA 121 -30.58 19.21 -46.03
C ALA XA 121 -29.71 20.38 -46.47
N LEU XA 122 -28.48 20.11 -46.91
CA LEU XA 122 -27.61 21.21 -47.40
C LEU XA 122 -28.34 21.90 -48.55
N HIS XA 123 -28.92 21.13 -49.47
CA HIS XA 123 -29.74 21.70 -50.57
C HIS XA 123 -30.98 22.21 -49.84
N GLY XA 124 -31.84 22.97 -50.49
CA GLY XA 124 -32.95 23.59 -49.74
C GLY XA 124 -33.83 22.62 -48.96
N LEU XA 125 -34.02 21.39 -49.45
CA LEU XA 125 -35.04 20.49 -48.83
C LEU XA 125 -34.83 20.28 -47.32
N GLY XA 126 -35.85 20.58 -46.50
CA GLY XA 126 -35.81 20.30 -45.05
C GLY XA 126 -34.64 20.90 -44.29
N LEU XA 127 -34.09 22.03 -44.74
CA LEU XA 127 -32.98 22.68 -44.01
C LEU XA 127 -33.42 23.04 -42.59
N TYR XA 128 -34.69 23.44 -42.40
CA TYR XA 128 -35.15 23.93 -41.07
C TYR XA 128 -35.21 22.83 -40.00
N ILE XA 129 -35.47 21.59 -40.40
CA ILE XA 129 -35.49 20.45 -39.44
C ILE XA 129 -34.22 20.50 -38.61
N TYR XA 130 -33.08 20.63 -39.30
CA TYR XA 130 -31.75 20.64 -38.60
C TYR XA 130 -31.55 22.01 -37.95
N ASN XA 131 -32.28 23.04 -38.40
CA ASN XA 131 -32.24 24.37 -37.73
C ASN XA 131 -32.78 24.19 -36.32
N GLY XA 132 -33.76 23.29 -36.16
CA GLY XA 132 -34.43 23.12 -34.86
C GLY XA 132 -35.77 23.83 -34.88
N GLU XA 133 -36.13 24.42 -36.03
CA GLU XA 133 -37.46 25.05 -36.18
C GLU XA 133 -38.32 24.15 -37.06
N GLU XA 134 -39.49 23.73 -36.57
CA GLU XA 134 -40.34 22.77 -37.33
C GLU XA 134 -41.34 23.54 -38.18
N LEU XA 135 -41.13 24.85 -38.36
CA LEU XA 135 -42.10 25.68 -39.13
C LEU XA 135 -42.02 25.32 -40.62
N PRO XA 136 -43.07 25.59 -41.43
CA PRO XA 136 -43.12 25.11 -42.83
C PRO XA 136 -42.03 25.53 -43.83
N SER XA 137 -41.74 26.83 -43.98
CA SER XA 137 -40.78 27.26 -45.03
C SER XA 137 -40.34 28.71 -44.80
N ALA XA 138 -39.32 29.14 -45.52
CA ALA XA 138 -38.86 30.55 -45.44
C ALA XA 138 -38.72 31.08 -46.87
N SER XA 139 -39.83 31.45 -47.50
CA SER XA 139 -39.78 31.92 -48.91
C SER XA 139 -39.38 33.39 -48.91
N ASP XA 140 -38.08 33.67 -48.76
CA ASP XA 140 -37.62 35.09 -48.62
C ASP XA 140 -38.13 35.95 -49.78
N ASN XA 141 -38.27 35.41 -50.99
CA ASN XA 141 -38.85 36.26 -52.06
C ASN XA 141 -40.30 36.57 -51.70
N ASP XA 142 -41.06 35.57 -51.22
CA ASP XA 142 -42.47 35.79 -50.80
C ASP XA 142 -42.51 36.74 -49.60
N ILE XA 143 -41.57 36.55 -48.66
CA ILE XA 143 -41.55 37.40 -47.42
C ILE XA 143 -41.39 38.86 -47.86
N THR XA 144 -40.49 39.11 -48.82
CA THR XA 144 -40.23 40.50 -49.29
C THR XA 144 -41.52 41.05 -49.92
N GLU XA 145 -42.18 40.25 -50.75
CA GLU XA 145 -43.43 40.71 -51.42
C GLU XA 145 -44.49 41.00 -50.35
N LEU XA 146 -44.64 40.08 -49.39
CA LEU XA 146 -45.65 40.28 -48.31
C LEU XA 146 -45.25 41.51 -47.48
N GLU XA 147 -43.96 41.63 -47.15
CA GLU XA 147 -43.49 42.76 -46.33
C GLU XA 147 -43.75 44.05 -47.10
N GLU XA 148 -43.44 44.06 -48.40
CA GLU XA 148 -43.60 45.30 -49.18
C GLU XA 148 -45.07 45.70 -49.16
N ARG XA 149 -45.96 44.74 -49.40
CA ARG XA 149 -47.42 45.04 -49.44
C ARG XA 149 -47.91 45.47 -48.05
N ILE XA 150 -47.48 44.76 -46.99
CA ILE XA 150 -48.01 45.10 -45.63
C ILE XA 150 -47.50 46.50 -45.26
N ASN XA 151 -46.23 46.80 -45.54
CA ASN XA 151 -45.69 48.16 -45.28
C ASN XA 151 -46.41 49.17 -46.16
N GLN XA 152 -46.69 48.80 -47.42
CA GLN XA 152 -47.43 49.70 -48.32
C GLN XA 152 -48.82 49.96 -47.72
N PHE XA 153 -49.45 48.90 -47.21
CA PHE XA 153 -50.78 49.05 -46.57
C PHE XA 153 -50.64 50.01 -45.37
N VAL XA 154 -49.65 49.76 -44.52
CA VAL XA 154 -49.42 50.65 -43.34
C VAL XA 154 -49.26 52.09 -43.83
N ASN XA 155 -48.40 52.30 -44.84
CA ASN XA 155 -48.13 53.68 -45.32
C ASN XA 155 -49.42 54.29 -45.86
N LEU XA 156 -50.19 53.51 -46.62
CA LEU XA 156 -51.44 54.05 -47.21
C LEU XA 156 -52.40 54.40 -46.06
N SER XA 157 -52.48 53.55 -45.05
CA SER XA 157 -53.41 53.80 -43.92
C SER XA 157 -52.99 55.08 -43.19
N GLN XA 158 -51.69 55.24 -42.95
CA GLN XA 158 -51.18 56.46 -42.26
C GLN XA 158 -51.48 57.67 -43.14
N GLU XA 159 -51.28 57.54 -44.45
CA GLU XA 159 -51.59 58.65 -45.40
C GLU XA 159 -53.08 58.94 -45.34
N LYS XA 160 -53.91 57.90 -45.28
CA LYS XA 160 -55.39 58.08 -45.28
C LYS XA 160 -55.83 58.62 -43.92
N GLY XA 161 -54.94 58.57 -42.92
CA GLY XA 161 -55.28 59.02 -41.56
C GLY XA 161 -55.58 57.85 -40.63
N ARG XA 162 -55.75 56.65 -41.17
CA ARG XA 162 -55.92 55.46 -40.30
C ARG XA 162 -54.64 55.30 -39.47
N ASP XA 163 -54.76 54.91 -38.20
CA ASP XA 163 -53.52 54.64 -37.43
C ASP XA 163 -53.05 53.24 -37.81
N ALA XA 164 -51.89 53.14 -38.48
CA ALA XA 164 -51.43 51.82 -38.96
C ALA XA 164 -50.02 51.53 -38.48
N THR XA 165 -49.79 50.32 -37.97
CA THR XA 165 -48.42 49.91 -37.56
C THR XA 165 -48.16 48.52 -38.15
N ILE XA 166 -46.88 48.17 -38.35
CA ILE XA 166 -46.57 46.87 -39.01
C ILE XA 166 -47.11 45.74 -38.13
N ASP XA 167 -46.96 45.85 -36.81
CA ASP XA 167 -47.39 44.76 -35.91
C ASP XA 167 -48.91 44.55 -36.02
N LYS XA 168 -49.67 45.64 -36.05
CA LYS XA 168 -51.15 45.53 -36.20
C LYS XA 168 -51.50 44.89 -37.54
N THR XA 169 -50.81 45.32 -38.60
CA THR XA 169 -51.06 44.72 -39.95
C THR XA 169 -50.71 43.23 -39.89
N MET XA 170 -49.59 42.90 -39.24
CA MET XA 170 -49.18 41.47 -39.10
C MET XA 170 -50.26 40.75 -38.29
N ARG XA 171 -50.81 41.43 -37.28
CA ARG XA 171 -51.89 40.84 -36.45
C ARG XA 171 -53.11 40.54 -37.35
N TRP XA 172 -53.36 41.40 -38.33
CA TRP XA 172 -54.45 41.13 -39.29
C TRP XA 172 -54.21 39.75 -39.87
N LEU XA 173 -53.00 39.53 -40.41
CA LEU XA 173 -52.67 38.20 -40.99
C LEU XA 173 -52.65 37.17 -39.86
N LYS XA 174 -52.47 37.63 -38.61
CA LYS XA 174 -52.39 36.71 -37.45
C LYS XA 174 -51.22 35.74 -37.69
N ILE XA 175 -50.09 36.29 -38.18
CA ILE XA 175 -48.88 35.44 -38.43
C ILE XA 175 -47.85 35.72 -37.33
N SER XA 176 -47.51 34.69 -36.55
CA SER XA 176 -46.54 34.89 -35.43
C SER XA 176 -45.18 35.31 -36.00
N ASN XA 177 -44.72 34.66 -37.07
CA ASN XA 177 -43.45 35.06 -37.72
C ASN XA 177 -43.70 35.27 -39.22
N ILE XA 178 -43.34 36.44 -39.75
CA ILE XA 178 -43.49 36.68 -41.21
C ILE XA 178 -42.54 35.76 -41.98
N ASN XA 179 -41.32 35.56 -41.48
CA ASN XA 179 -40.30 34.76 -42.22
C ASN XA 179 -40.78 33.32 -42.43
N LYS XA 180 -41.39 32.72 -41.41
CA LYS XA 180 -41.93 31.34 -41.57
C LYS XA 180 -43.42 31.42 -41.87
N LEU XA 181 -43.84 30.99 -43.06
CA LEU XA 181 -45.26 31.07 -43.46
C LEU XA 181 -45.44 30.20 -44.70
N SER XA 182 -46.52 29.42 -44.77
CA SER XA 182 -46.69 28.46 -45.89
C SER XA 182 -47.05 29.26 -47.16
N GLN XA 183 -46.56 28.83 -48.31
CA GLN XA 183 -46.83 29.55 -49.59
C GLN XA 183 -48.32 29.90 -49.66
N LYS XA 184 -49.18 28.92 -49.44
CA LYS XA 184 -50.65 29.16 -49.54
C LYS XA 184 -51.01 30.31 -48.61
N GLN XA 185 -50.45 30.35 -47.40
CA GLN XA 185 -50.71 31.45 -46.44
C GLN XA 185 -50.19 32.78 -46.99
N ILE XA 186 -49.05 32.80 -47.67
CA ILE XA 186 -48.66 34.10 -48.29
C ILE XA 186 -49.82 34.54 -49.19
N ALA XA 187 -50.25 33.63 -50.08
CA ALA XA 187 -51.33 33.99 -51.03
C ALA XA 187 -52.58 34.42 -50.23
N GLU XA 188 -52.90 33.68 -49.17
CA GLU XA 188 -54.11 34.00 -48.36
C GLU XA 188 -53.94 35.38 -47.73
N ALA XA 189 -52.75 35.66 -47.20
CA ALA XA 189 -52.51 36.97 -46.55
C ALA XA 189 -52.63 38.05 -47.61
N HIS XA 190 -51.97 37.89 -48.76
CA HIS XA 190 -52.12 38.87 -49.86
C HIS XA 190 -53.62 39.19 -50.06
N GLN XA 191 -54.45 38.15 -50.12
CA GLN XA 191 -55.90 38.40 -50.38
C GLN XA 191 -56.42 39.40 -49.34
N LYS XA 192 -56.04 39.20 -48.09
CA LYS XA 192 -56.47 40.12 -47.00
C LYS XA 192 -55.93 41.52 -47.30
N LEU XA 193 -54.61 41.67 -47.45
CA LEU XA 193 -54.05 43.04 -47.63
C LEU XA 193 -54.60 43.70 -48.89
N ASP XA 194 -54.70 42.98 -50.00
CA ASP XA 194 -55.13 43.66 -51.26
C ASP XA 194 -56.56 44.20 -51.08
N ALA XA 195 -57.45 43.38 -50.51
CA ALA XA 195 -58.84 43.82 -50.27
C ALA XA 195 -58.80 45.07 -49.39
N GLY XA 196 -58.11 44.99 -48.25
CA GLY XA 196 -58.05 46.12 -47.32
C GLY XA 196 -57.42 47.34 -47.99
N LEU XA 197 -56.36 47.13 -48.75
CA LEU XA 197 -55.65 48.28 -49.38
C LEU XA 197 -56.64 48.98 -50.32
N LYS XA 198 -57.41 48.18 -51.07
CA LYS XA 198 -58.37 48.77 -52.05
C LYS XA 198 -59.46 49.57 -51.31
N GLN XA 199 -59.95 49.03 -50.19
CA GLN XA 199 -61.08 49.67 -49.46
C GLN XA 199 -60.67 51.07 -48.97
N LEU XA 200 -59.47 51.22 -48.42
CA LEU XA 200 -59.04 52.58 -48.00
C LEU XA 200 -59.00 53.48 -49.24
N ASP XA 201 -58.65 52.93 -50.40
CA ASP XA 201 -58.69 53.73 -51.65
C ASP XA 201 -60.11 54.28 -51.83
N SER XA 202 -61.11 53.41 -51.76
CA SER XA 202 -62.52 53.86 -51.90
C SER XA 202 -62.85 54.86 -50.79
N GLU XA 203 -62.39 54.59 -49.56
CA GLU XA 203 -62.62 55.50 -48.42
C GLU XA 203 -62.12 56.91 -48.80
N GLN YA 3 -44.19 9.83 -68.61
CA GLN YA 3 -43.86 10.41 -67.29
C GLN YA 3 -42.37 10.24 -67.03
N THR YA 4 -42.01 9.51 -65.97
CA THR YA 4 -40.59 9.29 -65.59
C THR YA 4 -40.47 7.96 -64.86
N LEU YA 5 -39.25 7.42 -64.75
CA LEU YA 5 -39.06 6.09 -64.12
C LEU YA 5 -39.47 6.14 -62.65
N PHE YA 6 -39.03 7.15 -61.91
CA PHE YA 6 -39.33 7.10 -60.45
C PHE YA 6 -40.87 7.12 -60.27
N GLU YA 7 -41.57 8.08 -60.89
CA GLU YA 7 -43.03 8.16 -60.64
C GLU YA 7 -43.71 6.87 -61.07
N GLN YA 8 -43.46 6.37 -62.28
CA GLN YA 8 -44.07 5.10 -62.74
C GLN YA 8 -43.82 4.01 -61.70
N LEU YA 9 -42.55 3.76 -61.36
CA LEU YA 9 -42.17 2.69 -60.41
C LEU YA 9 -42.77 3.00 -59.03
N ASN YA 10 -42.73 4.26 -58.60
CA ASN YA 10 -43.23 4.61 -57.25
C ASN YA 10 -44.72 4.28 -57.14
N SER YA 11 -45.48 4.55 -58.21
CA SER YA 11 -46.94 4.30 -58.17
C SER YA 11 -47.25 2.83 -58.49
N LYS YA 12 -46.91 1.91 -57.57
CA LYS YA 12 -47.23 0.47 -57.74
C LYS YA 12 -47.61 -0.07 -56.36
N ASN YA 13 -48.39 -1.16 -56.29
CA ASN YA 13 -48.69 -1.73 -54.95
C ASN YA 13 -47.91 -3.05 -54.80
N VAL YA 14 -46.85 -3.04 -54.00
CA VAL YA 14 -46.07 -4.29 -53.74
C VAL YA 14 -46.54 -4.90 -52.42
N ASN YA 15 -47.63 -4.36 -51.87
CA ASN YA 15 -48.15 -4.83 -50.56
C ASN YA 15 -48.49 -6.32 -50.61
N ASP YA 16 -49.08 -6.78 -51.71
CA ASP YA 16 -49.53 -8.21 -51.76
C ASP YA 16 -48.32 -9.14 -51.61
N HIS YA 17 -47.21 -8.84 -52.30
CA HIS YA 17 -45.99 -9.68 -52.22
C HIS YA 17 -45.10 -9.18 -51.08
N THR YA 18 -45.52 -9.36 -49.82
CA THR YA 18 -44.69 -8.95 -48.66
C THR YA 18 -44.75 -10.02 -47.56
N GLU YA 19 -43.72 -10.10 -46.73
CA GLU YA 19 -43.73 -11.05 -45.59
C GLU YA 19 -43.58 -10.26 -44.29
N GLN YA 20 -44.45 -10.53 -43.31
CA GLN YA 20 -44.36 -9.84 -41.99
C GLN YA 20 -43.52 -10.69 -41.04
N LYS YA 21 -42.21 -10.41 -40.95
CA LYS YA 21 -41.32 -11.15 -40.01
C LYS YA 21 -40.73 -10.16 -39.02
N ASN YA 22 -40.91 -10.42 -37.71
CA ASN YA 22 -40.37 -9.53 -36.65
C ASN YA 22 -41.16 -8.22 -36.62
N GLY YA 23 -42.33 -8.19 -37.27
CA GLY YA 23 -43.12 -6.95 -37.34
C GLY YA 23 -42.62 -5.98 -38.39
N LEU YA 24 -41.76 -6.43 -39.30
CA LEU YA 24 -41.31 -5.54 -40.41
C LEU YA 24 -41.87 -6.06 -41.73
N THR YA 25 -41.94 -5.20 -42.75
CA THR YA 25 -42.52 -5.59 -44.05
C THR YA 25 -41.38 -5.72 -45.08
N TYR YA 26 -41.30 -6.85 -45.78
CA TYR YA 26 -40.22 -7.08 -46.76
C TYR YA 26 -40.82 -7.49 -48.10
N LEU YA 27 -40.36 -6.92 -49.21
CA LEU YA 27 -40.85 -7.40 -50.53
C LEU YA 27 -39.86 -8.46 -51.03
N ALA YA 28 -40.35 -9.58 -51.56
CA ALA YA 28 -39.45 -10.67 -51.98
C ALA YA 28 -38.62 -10.24 -53.19
N TRP YA 29 -37.37 -10.71 -53.27
CA TRP YA 29 -36.48 -10.34 -54.40
C TRP YA 29 -37.06 -10.83 -55.72
N SER YA 30 -37.61 -12.05 -55.74
CA SER YA 30 -38.16 -12.60 -56.99
C SER YA 30 -39.04 -11.55 -57.67
N TYR YA 31 -39.96 -10.94 -56.92
CA TYR YA 31 -40.89 -9.93 -57.49
C TYR YA 31 -40.10 -8.74 -58.02
N ALA YA 32 -39.10 -8.28 -57.27
CA ALA YA 32 -38.28 -7.14 -57.70
C ALA YA 32 -37.53 -7.50 -58.99
N HIS YA 33 -37.03 -8.73 -59.08
CA HIS YA 33 -36.20 -9.07 -60.26
C HIS YA 33 -37.11 -8.97 -61.49
N GLN YA 34 -38.32 -9.51 -61.40
CA GLN YA 34 -39.28 -9.51 -62.54
C GLN YA 34 -39.64 -8.09 -62.96
N GLU YA 35 -40.07 -7.27 -62.00
CA GLU YA 35 -40.58 -5.92 -62.34
C GLU YA 35 -39.51 -5.18 -63.15
N LEU YA 36 -38.31 -5.05 -62.57
CA LEU YA 36 -37.21 -4.31 -63.25
C LEU YA 36 -37.00 -4.96 -64.62
N LYS YA 37 -36.85 -6.28 -64.67
CA LYS YA 37 -36.66 -6.98 -65.97
C LYS YA 37 -37.72 -6.53 -66.99
N LYS YA 38 -38.97 -6.40 -66.56
CA LYS YA 38 -40.03 -5.91 -67.49
C LYS YA 38 -39.67 -4.48 -67.91
N ILE YA 39 -39.44 -3.60 -66.95
CA ILE YA 39 -39.13 -2.17 -67.26
C ILE YA 39 -37.90 -2.12 -68.18
N ASP YA 40 -36.88 -2.91 -67.89
CA ASP YA 40 -35.63 -2.89 -68.69
C ASP YA 40 -35.17 -4.33 -68.92
N PRO YA 41 -35.17 -4.86 -70.17
CA PRO YA 41 -34.78 -6.25 -70.38
C PRO YA 41 -33.35 -6.52 -69.93
N ASN YA 42 -32.46 -5.54 -70.14
CA ASN YA 42 -31.02 -5.74 -69.79
C ASN YA 42 -30.62 -4.80 -68.65
N TYR YA 43 -30.60 -5.30 -67.42
CA TYR YA 43 -30.16 -4.51 -66.27
C TYR YA 43 -29.18 -5.33 -65.46
N THR YA 44 -28.31 -4.64 -64.73
CA THR YA 44 -27.17 -5.25 -64.07
C THR YA 44 -27.29 -5.15 -62.56
N VAL YA 45 -26.98 -6.25 -61.88
CA VAL YA 45 -26.85 -6.28 -60.42
C VAL YA 45 -25.43 -6.73 -60.10
N LYS YA 46 -24.72 -5.92 -59.31
CA LYS YA 46 -23.33 -6.20 -58.98
C LYS YA 46 -23.16 -6.16 -57.47
N VAL YA 47 -22.60 -7.24 -56.91
CA VAL YA 47 -22.31 -7.31 -55.49
C VAL YA 47 -20.83 -7.01 -55.30
N HIS YA 48 -20.53 -5.92 -54.61
CA HIS YA 48 -19.11 -5.50 -54.49
C HIS YA 48 -18.30 -6.48 -53.66
N GLU YA 49 -17.04 -6.63 -54.00
CA GLU YA 49 -16.14 -7.59 -53.30
C GLU YA 49 -15.01 -6.80 -52.66
N PHE YA 50 -14.66 -7.07 -51.40
CA PHE YA 50 -13.63 -6.22 -50.74
C PHE YA 50 -12.55 -7.12 -50.13
N PRO YA 51 -11.23 -6.83 -50.22
CA PRO YA 51 -10.24 -7.74 -49.66
C PRO YA 51 -10.53 -8.03 -48.18
N HIS YA 52 -10.74 -9.30 -47.83
CA HIS YA 52 -11.08 -9.66 -46.42
C HIS YA 52 -9.87 -9.33 -45.55
N PRO YA 53 -10.06 -8.68 -44.38
CA PRO YA 53 -8.93 -8.26 -43.53
C PRO YA 53 -8.03 -9.38 -42.97
N ASP YA 54 -8.58 -10.25 -42.14
CA ASP YA 54 -7.77 -11.29 -41.43
C ASP YA 54 -6.96 -12.13 -42.42
N ILE YA 55 -7.60 -12.66 -43.45
CA ILE YA 55 -6.90 -13.53 -44.43
C ILE YA 55 -5.74 -12.74 -45.05
N ASN YA 56 -6.03 -11.59 -45.65
CA ASN YA 56 -4.97 -10.72 -46.24
C ASN YA 56 -4.18 -11.56 -47.24
N THR YA 57 -4.86 -12.39 -48.04
CA THR YA 57 -4.17 -13.17 -49.11
C THR YA 57 -4.26 -12.37 -50.41
N GLU YA 58 -3.17 -12.33 -51.18
CA GLU YA 58 -3.16 -11.54 -52.44
C GLU YA 58 -4.20 -12.10 -53.40
N ASN YA 59 -5.00 -11.23 -54.05
CA ASN YA 59 -6.00 -11.67 -55.05
C ASN YA 59 -7.15 -12.39 -54.33
N TYR YA 60 -7.21 -12.27 -53.00
CA TYR YA 60 -8.35 -12.87 -52.25
C TYR YA 60 -9.40 -11.80 -51.98
N PHE YA 61 -10.56 -11.88 -52.64
CA PHE YA 61 -11.63 -10.86 -52.45
C PHE YA 61 -12.95 -11.54 -52.06
N VAL YA 62 -13.34 -11.43 -50.79
CA VAL YA 62 -14.65 -11.99 -50.33
C VAL YA 62 -15.76 -11.05 -50.79
N PRO YA 63 -17.06 -11.46 -50.82
CA PRO YA 63 -18.12 -10.58 -51.34
C PRO YA 63 -18.74 -9.65 -50.28
N TYR YA 64 -18.14 -9.58 -49.08
CA TYR YA 64 -18.70 -8.72 -48.01
C TYR YA 64 -17.60 -8.13 -47.13
N LEU YA 65 -17.85 -6.98 -46.51
CA LEU YA 65 -16.86 -6.35 -45.59
C LEU YA 65 -16.78 -7.15 -44.29
N ALA YA 66 -15.58 -7.35 -43.76
CA ALA YA 66 -15.45 -8.00 -42.44
C ALA YA 66 -14.72 -7.02 -41.52
N THR YA 67 -15.32 -6.68 -40.38
CA THR YA 67 -14.70 -5.66 -39.49
C THR YA 67 -14.82 -6.12 -38.04
N PRO YA 68 -13.95 -5.68 -37.11
CA PRO YA 68 -14.10 -6.04 -35.70
C PRO YA 68 -15.47 -5.50 -35.25
N GLU YA 69 -15.83 -4.31 -35.70
CA GLU YA 69 -17.15 -3.72 -35.35
C GLU YA 69 -18.27 -4.63 -35.88
N GLY YA 70 -18.14 -5.17 -37.09
CA GLY YA 70 -19.19 -6.11 -37.56
C GLY YA 70 -19.05 -6.49 -39.02
N TYR YA 71 -20.15 -6.47 -39.77
CA TYR YA 71 -20.14 -6.89 -41.20
C TYR YA 71 -20.99 -5.99 -42.09
N PHE YA 72 -20.47 -5.68 -43.28
CA PHE YA 72 -21.21 -4.80 -44.21
C PHE YA 72 -21.30 -5.45 -45.59
N VAL YA 73 -22.39 -5.18 -46.31
CA VAL YA 73 -22.58 -5.65 -47.67
C VAL YA 73 -22.93 -4.45 -48.56
N GLN YA 74 -22.68 -4.60 -49.85
CA GLN YA 74 -22.96 -3.54 -50.81
C GLN YA 74 -23.51 -4.14 -52.10
N VAL YA 75 -24.54 -3.50 -52.65
CA VAL YA 75 -25.18 -3.95 -53.88
C VAL YA 75 -25.42 -2.74 -54.77
N SER YA 76 -25.01 -2.84 -56.04
CA SER YA 76 -25.21 -1.73 -57.01
C SER YA 76 -26.14 -2.16 -58.14
N VAL YA 77 -27.32 -1.58 -58.23
CA VAL YA 77 -28.34 -1.94 -59.21
C VAL YA 77 -28.36 -0.86 -60.29
N THR YA 78 -28.13 -1.26 -61.53
CA THR YA 78 -28.19 -0.29 -62.66
C THR YA 78 -29.47 -0.57 -63.45
N VAL YA 79 -30.55 0.18 -63.17
CA VAL YA 79 -31.81 0.01 -63.94
C VAL YA 79 -31.82 1.04 -65.08
N LYS YA 80 -31.89 0.57 -66.33
CA LYS YA 80 -31.77 1.51 -67.47
C LYS YA 80 -30.46 2.29 -67.32
N ASP YA 81 -30.47 3.55 -67.71
CA ASP YA 81 -29.26 4.42 -67.54
C ASP YA 81 -28.98 4.62 -66.03
N SER YA 82 -30.03 4.78 -65.21
CA SER YA 82 -29.82 5.11 -63.78
C SER YA 82 -29.05 4.02 -63.05
N THR YA 83 -28.15 4.40 -62.15
CA THR YA 83 -27.38 3.42 -61.34
C THR YA 83 -27.38 3.90 -59.88
N GLU YA 84 -27.21 2.98 -58.92
CA GLU YA 84 -27.26 3.41 -57.50
C GLU YA 84 -26.73 2.27 -56.61
N THR YA 85 -26.45 2.54 -55.33
CA THR YA 85 -25.82 1.51 -54.46
C THR YA 85 -26.43 1.59 -53.06
N GLU YA 86 -26.43 0.47 -52.33
CA GLU YA 86 -27.06 0.46 -50.98
C GLU YA 86 -26.15 -0.24 -49.98
N TRP YA 87 -26.20 0.17 -48.71
CA TRP YA 87 -25.38 -0.47 -47.64
C TRP YA 87 -26.34 -1.21 -46.69
N LEU YA 88 -26.09 -2.49 -46.41
CA LEU YA 88 -26.94 -3.21 -45.43
C LEU YA 88 -26.05 -3.81 -44.34
N PRO YA 89 -26.38 -3.63 -43.04
CA PRO YA 89 -25.62 -4.24 -41.95
C PRO YA 89 -26.14 -5.65 -41.64
N VAL YA 90 -25.24 -6.64 -41.57
CA VAL YA 90 -25.68 -8.05 -41.35
C VAL YA 90 -26.35 -8.13 -39.97
N LEU YA 91 -27.50 -8.80 -39.89
CA LEU YA 91 -28.27 -8.86 -38.60
C LEU YA 91 -28.70 -10.29 -38.31
N ASP YA 92 -28.97 -10.61 -37.04
CA ASP YA 92 -29.47 -11.95 -36.66
C ASP YA 92 -30.91 -12.12 -37.16
N PHE YA 93 -31.45 -13.34 -37.04
CA PHE YA 93 -32.88 -13.55 -37.40
C PHE YA 93 -33.76 -12.72 -36.45
N ARG YA 94 -33.18 -12.19 -35.38
CA ARG YA 94 -33.93 -11.30 -34.44
C ARG YA 94 -33.59 -9.84 -34.75
N ASN YA 95 -32.98 -9.57 -35.90
CA ASN YA 95 -32.55 -8.19 -36.24
C ASN YA 95 -31.61 -7.64 -35.16
N LYS YA 96 -30.59 -8.41 -34.79
CA LYS YA 96 -29.55 -7.92 -33.84
C LYS YA 96 -28.22 -7.98 -34.58
N SER YA 97 -27.22 -7.22 -34.13
CA SER YA 97 -25.93 -7.15 -34.88
C SER YA 97 -25.11 -8.43 -34.68
N LEU YA 98 -24.24 -8.75 -35.63
CA LEU YA 98 -23.34 -9.94 -35.50
C LEU YA 98 -21.89 -9.46 -35.38
N ALA YA 99 -21.20 -9.85 -34.31
CA ALA YA 99 -19.83 -9.37 -34.07
C ALA YA 99 -18.84 -10.16 -34.92
N LYS YA 100 -17.60 -9.67 -35.04
CA LYS YA 100 -16.61 -10.34 -35.94
C LYS YA 100 -16.40 -11.78 -35.47
N GLY YA 101 -16.58 -12.77 -36.37
CA GLY YA 101 -16.43 -14.18 -36.01
C GLY YA 101 -17.70 -14.83 -35.53
N SER YA 102 -18.84 -14.15 -35.58
CA SER YA 102 -20.11 -14.81 -35.19
C SER YA 102 -21.09 -14.95 -36.36
N ALA YA 103 -20.67 -14.59 -37.58
CA ALA YA 103 -21.61 -14.62 -38.73
C ALA YA 103 -21.48 -15.95 -39.48
N THR YA 104 -22.53 -16.34 -40.19
CA THR YA 104 -22.45 -17.57 -41.02
C THR YA 104 -22.51 -17.14 -42.49
N THR YA 105 -22.18 -18.05 -43.40
CA THR YA 105 -22.29 -17.72 -44.85
C THR YA 105 -23.76 -17.43 -45.18
N PHE YA 106 -24.69 -18.16 -44.57
CA PHE YA 106 -26.14 -17.93 -44.81
C PHE YA 106 -26.47 -16.48 -44.45
N ASP YA 107 -26.09 -16.04 -43.25
CA ASP YA 107 -26.43 -14.66 -42.82
C ASP YA 107 -26.01 -13.68 -43.91
N ILE YA 108 -24.85 -13.92 -44.55
CA ILE YA 108 -24.35 -12.92 -45.54
C ILE YA 108 -25.28 -12.98 -46.76
N ASN YA 109 -25.64 -14.18 -47.22
CA ASN YA 109 -26.45 -14.23 -48.47
C ASN YA 109 -27.81 -13.58 -48.21
N LYS YA 110 -28.43 -13.82 -47.04
CA LYS YA 110 -29.70 -13.17 -46.76
C LYS YA 110 -29.55 -11.66 -46.79
N ALA YA 111 -28.47 -11.17 -46.19
CA ALA YA 111 -28.20 -9.72 -46.19
C ALA YA 111 -28.06 -9.24 -47.64
N GLN YA 112 -27.31 -9.99 -48.46
CA GLN YA 112 -27.10 -9.59 -49.84
C GLN YA 112 -28.42 -9.47 -50.60
N LYS YA 113 -29.31 -10.47 -50.43
CA LYS YA 113 -30.61 -10.39 -51.09
C LYS YA 113 -31.42 -9.20 -50.59
N ARG YA 114 -31.41 -8.97 -49.27
CA ARG YA 114 -32.17 -7.84 -48.73
C ARG YA 114 -31.62 -6.51 -49.24
N CYS YA 115 -30.30 -6.38 -49.34
CA CYS YA 115 -29.70 -5.12 -49.86
C CYS YA 115 -30.12 -4.88 -51.31
N PHE YA 116 -30.34 -5.96 -52.06
CA PHE YA 116 -30.80 -5.85 -53.47
C PHE YA 116 -32.15 -5.13 -53.52
N VAL YA 117 -33.13 -5.63 -52.76
CA VAL YA 117 -34.49 -5.03 -52.81
C VAL YA 117 -34.40 -3.58 -52.31
N LYS YA 118 -33.57 -3.32 -51.31
CA LYS YA 118 -33.38 -1.93 -50.81
C LYS YA 118 -32.76 -1.08 -51.92
N ALA YA 119 -31.81 -1.63 -52.68
CA ALA YA 119 -31.24 -0.89 -53.82
C ALA YA 119 -32.34 -0.63 -54.85
N SER YA 120 -33.20 -1.64 -55.08
CA SER YA 120 -34.36 -1.45 -56.00
C SER YA 120 -35.28 -0.37 -55.41
N ALA YA 121 -35.41 -0.35 -54.09
CA ALA YA 121 -36.31 0.62 -53.42
C ALA YA 121 -35.83 2.04 -53.72
N LEU YA 122 -34.54 2.23 -53.98
CA LEU YA 122 -34.04 3.58 -54.33
C LEU YA 122 -34.81 4.05 -55.57
N HIS YA 123 -34.97 3.19 -56.56
CA HIS YA 123 -35.78 3.51 -57.78
C HIS YA 123 -37.20 3.53 -57.22
N GLY YA 124 -38.14 4.12 -57.96
CA GLY YA 124 -39.53 4.27 -57.46
C GLY YA 124 -40.07 3.00 -56.81
N LEU YA 125 -39.79 1.83 -57.38
CA LEU YA 125 -40.37 0.56 -56.87
C LEU YA 125 -39.90 0.28 -55.44
N GLY YA 126 -40.82 -0.01 -54.51
CA GLY YA 126 -40.43 -0.39 -53.13
C GLY YA 126 -40.04 0.79 -52.26
N LEU YA 127 -40.20 2.02 -52.76
CA LEU YA 127 -39.74 3.21 -51.99
C LEU YA 127 -40.54 3.32 -50.68
N TYR YA 128 -41.86 3.15 -50.74
CA TYR YA 128 -42.71 3.36 -49.52
C TYR YA 128 -42.49 2.25 -48.49
N ILE YA 129 -41.97 1.09 -48.92
CA ILE YA 129 -41.82 -0.06 -47.98
C ILE YA 129 -40.89 0.37 -46.83
N TYR YA 130 -39.82 1.09 -47.15
CA TYR YA 130 -38.85 1.48 -46.09
C TYR YA 130 -39.29 2.81 -45.48
N ASN YA 131 -40.20 3.53 -46.14
CA ASN YA 131 -40.77 4.76 -45.55
C ASN YA 131 -41.41 4.35 -44.22
N GLY YA 132 -41.90 3.12 -44.13
CA GLY YA 132 -42.58 2.65 -42.91
C GLY YA 132 -44.09 2.77 -43.06
N GLU YA 133 -44.55 3.15 -44.25
CA GLU YA 133 -46.00 3.18 -44.54
C GLU YA 133 -46.35 1.96 -45.39
N GLU YA 134 -47.41 1.24 -45.05
CA GLU YA 134 -47.84 0.06 -45.85
C GLU YA 134 -48.88 0.55 -46.87
N LEU YA 135 -49.05 1.87 -46.97
CA LEU YA 135 -50.07 2.46 -47.88
C LEU YA 135 -49.70 2.14 -49.33
N PRO YA 136 -50.69 2.00 -50.25
CA PRO YA 136 -50.41 1.55 -51.63
C PRO YA 136 -49.52 2.38 -52.56
N SER YA 137 -49.68 3.70 -52.64
CA SER YA 137 -48.90 4.50 -53.63
C SER YA 137 -48.95 6.00 -53.35
N ALA YA 138 -48.06 6.77 -53.97
CA ALA YA 138 -48.10 8.24 -53.84
C ALA YA 138 -47.99 8.85 -55.23
N SER YA 139 -49.11 8.89 -55.97
CA SER YA 139 -49.10 9.43 -57.35
C SER YA 139 -49.21 10.96 -57.27
N ASP YA 140 -48.09 11.64 -57.04
CA ASP YA 140 -48.10 13.11 -56.83
C ASP YA 140 -48.83 13.83 -57.97
N ASN YA 141 -48.79 13.31 -59.19
CA ASN YA 141 -49.55 13.94 -60.29
C ASN YA 141 -51.06 13.73 -60.03
N ASP YA 142 -51.45 12.53 -59.62
CA ASP YA 142 -52.88 12.27 -59.30
C ASP YA 142 -53.29 13.12 -58.10
N ILE YA 143 -52.42 13.23 -57.07
CA ILE YA 143 -52.86 13.96 -55.84
C ILE YA 143 -53.04 15.45 -56.20
N THR YA 144 -52.26 15.97 -57.15
CA THR YA 144 -52.46 17.38 -57.58
C THR YA 144 -53.80 17.49 -58.30
N GLU YA 145 -54.12 16.53 -59.17
CA GLU YA 145 -55.41 16.57 -59.92
C GLU YA 145 -56.56 16.44 -58.93
N LEU YA 146 -56.46 15.50 -58.00
CA LEU YA 146 -57.51 15.29 -56.97
C LEU YA 146 -57.61 16.57 -56.14
N GLU YA 147 -56.47 17.11 -55.70
CA GLU YA 147 -56.47 18.32 -54.83
C GLU YA 147 -57.10 19.48 -55.61
N GLU YA 148 -56.74 19.62 -56.89
CA GLU YA 148 -57.25 20.76 -57.67
C GLU YA 148 -58.77 20.64 -57.74
N ARG YA 149 -59.27 19.44 -58.04
CA ARG YA 149 -60.74 19.24 -58.18
C ARG YA 149 -61.42 19.43 -56.82
N ILE YA 150 -60.85 18.87 -55.74
CA ILE YA 150 -61.54 18.97 -54.42
C ILE YA 150 -61.56 20.45 -54.00
N ASN YA 151 -60.45 21.16 -54.20
CA ASN YA 151 -60.42 22.63 -53.89
C ASN YA 151 -61.40 23.35 -54.81
N GLN YA 152 -61.45 22.96 -56.08
CA GLN YA 152 -62.40 23.58 -57.04
C GLN YA 152 -63.82 23.34 -56.53
N PHE YA 153 -64.08 22.12 -56.06
CA PHE YA 153 -65.43 21.79 -55.51
C PHE YA 153 -65.70 22.68 -54.30
N VAL YA 154 -64.72 22.79 -53.39
CA VAL YA 154 -64.86 23.67 -52.20
C VAL YA 154 -65.17 25.09 -52.69
N ASN YA 155 -64.37 25.60 -53.64
CA ASN YA 155 -64.55 27.00 -54.11
C ASN YA 155 -65.93 27.17 -54.75
N LEU YA 156 -66.36 26.20 -55.56
CA LEU YA 156 -67.68 26.29 -56.23
C LEU YA 156 -68.77 26.30 -55.14
N SER YA 157 -68.61 25.45 -54.13
CA SER YA 157 -69.63 25.38 -53.05
C SER YA 157 -69.69 26.72 -52.32
N GLN YA 158 -68.52 27.30 -52.02
CA GLN YA 158 -68.47 28.62 -51.33
C GLN YA 158 -69.12 29.66 -52.25
N GLU YA 159 -68.86 29.58 -53.55
CA GLU YA 159 -69.45 30.54 -54.52
C GLU YA 159 -70.97 30.37 -54.52
N LYS YA 160 -71.46 29.14 -54.47
CA LYS YA 160 -72.93 28.88 -54.54
C LYS YA 160 -73.60 29.27 -53.21
N GLY YA 161 -72.80 29.41 -52.15
CA GLY YA 161 -73.37 29.72 -50.82
C GLY YA 161 -73.20 28.58 -49.83
N ARG YA 162 -72.90 27.37 -50.31
CA ARG YA 162 -72.59 26.27 -49.37
C ARG YA 162 -71.31 26.64 -48.64
N ASP YA 163 -71.23 26.40 -47.33
CA ASP YA 163 -69.93 26.65 -46.66
C ASP YA 163 -69.12 25.36 -46.77
N ALA YA 164 -68.01 25.38 -47.50
CA ALA YA 164 -67.25 24.13 -47.74
C ALA YA 164 -65.83 24.24 -47.20
N THR YA 165 -65.38 23.21 -46.47
CA THR YA 165 -63.98 23.19 -45.97
C THR YA 165 -63.30 21.94 -46.54
N ILE YA 166 -62.08 22.09 -47.07
CA ILE YA 166 -61.37 20.94 -47.70
C ILE YA 166 -61.57 19.68 -46.86
N ASP YA 167 -61.34 19.76 -45.54
CA ASP YA 167 -61.43 18.55 -44.68
C ASP YA 167 -62.78 17.85 -44.89
N LYS YA 168 -63.88 18.62 -44.95
CA LYS YA 168 -65.21 18.01 -45.22
C LYS YA 168 -65.17 17.32 -46.58
N THR YA 169 -64.67 18.01 -47.60
CA THR YA 169 -64.63 17.40 -48.96
C THR YA 169 -63.79 16.12 -48.90
N MET YA 170 -62.67 16.17 -48.18
CA MET YA 170 -61.81 14.96 -48.02
C MET YA 170 -62.63 13.90 -47.29
N ARG YA 171 -63.44 14.31 -46.31
CA ARG YA 171 -64.31 13.36 -45.56
C ARG YA 171 -65.29 12.70 -46.54
N TRP YA 172 -65.76 13.46 -47.53
CA TRP YA 172 -66.64 12.87 -48.57
C TRP YA 172 -65.90 11.66 -49.15
N LEU YA 173 -64.66 11.88 -49.61
CA LEU YA 173 -63.86 10.76 -50.17
C LEU YA 173 -63.55 9.77 -49.05
N LYS YA 174 -63.63 10.22 -47.79
CA LYS YA 174 -63.31 9.35 -46.63
C LYS YA 174 -61.87 8.84 -46.79
N ILE YA 175 -60.97 9.74 -47.21
CA ILE YA 175 -59.53 9.37 -47.38
C ILE YA 175 -58.72 9.94 -46.22
N SER YA 176 -58.09 9.08 -45.42
CA SER YA 176 -57.33 9.54 -44.25
C SER YA 176 -56.16 10.42 -44.70
N ASN YA 177 -55.45 10.00 -45.76
CA ASN YA 177 -54.33 10.82 -46.29
C ASN YA 177 -54.49 10.99 -47.81
N ILE YA 178 -54.76 12.21 -48.26
CA ILE YA 178 -54.89 12.48 -49.72
C ILE YA 178 -53.56 12.20 -50.42
N ASN YA 179 -52.44 12.54 -49.77
CA ASN YA 179 -51.11 12.40 -50.42
C ASN YA 179 -50.84 10.94 -50.77
N LYS YA 180 -51.20 10.00 -49.89
CA LYS YA 180 -50.88 8.58 -50.15
C LYS YA 180 -52.19 7.86 -50.44
N LEU YA 181 -52.42 7.43 -51.69
CA LEU YA 181 -53.72 6.82 -52.02
C LEU YA 181 -53.58 6.03 -53.33
N SER YA 182 -54.21 4.85 -53.41
CA SER YA 182 -54.09 4.01 -54.63
C SER YA 182 -54.71 4.75 -55.81
N GLN YA 183 -54.14 4.60 -57.01
CA GLN YA 183 -54.63 5.38 -58.18
C GLN YA 183 -56.11 5.11 -58.43
N LYS YA 184 -56.54 3.86 -58.24
CA LYS YA 184 -57.96 3.51 -58.49
C LYS YA 184 -58.83 4.34 -57.55
N GLN YA 185 -58.41 4.50 -56.30
CA GLN YA 185 -59.16 5.35 -55.32
C GLN YA 185 -59.16 6.82 -55.78
N ILE YA 186 -58.05 7.33 -56.34
CA ILE YA 186 -58.10 8.72 -56.88
C ILE YA 186 -59.17 8.77 -57.98
N ALA YA 187 -59.18 7.78 -58.87
CA ALA YA 187 -60.18 7.76 -59.97
C ALA YA 187 -61.57 7.62 -59.36
N GLU YA 188 -61.72 6.77 -58.35
CA GLU YA 188 -63.04 6.55 -57.70
C GLU YA 188 -63.47 7.88 -57.05
N ALA YA 189 -62.52 8.56 -56.40
CA ALA YA 189 -62.86 9.83 -55.73
C ALA YA 189 -63.32 10.84 -56.78
N HIS YA 190 -62.62 10.92 -57.90
CA HIS YA 190 -63.03 11.84 -58.99
C HIS YA 190 -64.52 11.65 -59.25
N GLN YA 191 -64.97 10.40 -59.39
CA GLN YA 191 -66.39 10.15 -59.76
C GLN YA 191 -67.29 10.88 -58.75
N LYS YA 192 -66.93 10.79 -57.47
CA LYS YA 192 -67.72 11.47 -56.41
C LYS YA 192 -67.68 12.98 -56.66
N LEU YA 193 -66.47 13.58 -56.72
CA LEU YA 193 -66.39 15.06 -56.85
C LEU YA 193 -67.06 15.53 -58.13
N ASP YA 194 -66.84 14.85 -59.26
CA ASP YA 194 -67.40 15.39 -60.53
C ASP YA 194 -68.93 15.41 -60.43
N ALA YA 195 -69.52 14.32 -59.95
CA ALA YA 195 -71.00 14.26 -59.80
C ALA YA 195 -71.43 15.42 -58.91
N GLY YA 196 -70.83 15.54 -57.72
CA GLY YA 196 -71.21 16.60 -56.78
C GLY YA 196 -71.00 17.98 -57.40
N LEU YA 197 -69.88 18.16 -58.09
CA LEU YA 197 -69.57 19.49 -58.66
C LEU YA 197 -70.67 19.84 -59.65
N LYS YA 198 -71.08 18.87 -60.47
CA LYS YA 198 -72.12 19.13 -61.50
C LYS YA 198 -73.46 19.48 -60.83
N GLN YA 199 -73.80 18.78 -59.75
CA GLN YA 199 -75.13 18.98 -59.10
C GLN YA 199 -75.25 20.41 -58.56
N LEU YA 200 -74.21 20.94 -57.94
CA LEU YA 200 -74.28 22.36 -57.47
C LEU YA 200 -74.48 23.27 -58.70
N ASP YA 201 -73.89 22.89 -59.83
CA ASP YA 201 -74.12 23.68 -61.07
C ASP YA 201 -75.64 23.72 -61.35
N SER YA 202 -76.28 22.55 -61.36
CA SER YA 202 -77.75 22.51 -61.59
C SER YA 202 -78.47 23.30 -60.49
N GLU YA 203 -78.02 23.16 -59.24
CA GLU YA 203 -78.61 23.92 -58.10
C GLU YA 203 -78.60 25.41 -58.43
N GLN ZA 3 -42.61 -11.61 -77.74
CA GLN ZA 3 -42.67 -11.01 -76.37
C GLN ZA 3 -41.26 -10.69 -75.89
N THR ZA 4 -40.82 -11.32 -74.80
CA THR ZA 4 -39.48 -11.07 -74.22
C THR ZA 4 -39.01 -12.32 -73.49
N LEU ZA 5 -37.71 -12.43 -73.21
CA LEU ZA 5 -37.16 -13.66 -72.57
C LEU ZA 5 -37.76 -13.83 -71.18
N PHE ZA 6 -37.79 -12.78 -70.36
CA PHE ZA 6 -38.26 -13.02 -68.97
C PHE ZA 6 -39.71 -13.51 -69.02
N GLU ZA 7 -40.61 -12.82 -69.73
CA GLU ZA 7 -42.04 -13.25 -69.70
C GLU ZA 7 -42.17 -14.68 -70.24
N GLN ZA 8 -41.60 -14.98 -71.41
CA GLN ZA 8 -41.68 -16.36 -71.96
C GLN ZA 8 -41.21 -17.36 -70.90
N LEU ZA 9 -39.99 -17.18 -70.39
CA LEU ZA 9 -39.41 -18.13 -69.40
C LEU ZA 9 -40.25 -18.11 -68.12
N ASN ZA 10 -40.68 -16.93 -67.68
CA ASN ZA 10 -41.48 -16.83 -66.43
C ASN ZA 10 -42.65 -17.81 -66.54
N SER ZA 11 -43.34 -17.82 -67.67
CA SER ZA 11 -44.49 -18.73 -67.87
C SER ZA 11 -44.00 -20.10 -68.34
N LYS ZA 12 -43.25 -20.80 -67.48
CA LYS ZA 12 -42.78 -22.18 -67.80
C LYS ZA 12 -42.88 -23.00 -66.51
N ASN ZA 13 -43.86 -23.90 -66.42
CA ASN ZA 13 -44.10 -24.64 -65.15
C ASN ZA 13 -42.95 -25.63 -64.93
N VAL ZA 14 -42.15 -25.41 -63.89
CA VAL ZA 14 -41.03 -26.34 -63.56
C VAL ZA 14 -41.45 -27.20 -62.36
N ASN ZA 15 -42.69 -27.02 -61.91
CA ASN ZA 15 -43.18 -27.78 -60.72
C ASN ZA 15 -43.19 -29.27 -61.05
N ASP ZA 16 -43.30 -29.61 -62.34
CA ASP ZA 16 -43.37 -31.03 -62.77
C ASP ZA 16 -42.09 -31.74 -62.30
N HIS ZA 17 -40.94 -31.07 -62.40
CA HIS ZA 17 -39.66 -31.67 -61.95
C HIS ZA 17 -39.19 -30.96 -60.68
N THR ZA 18 -39.85 -31.21 -59.55
CA THR ZA 18 -39.38 -30.62 -58.27
C THR ZA 18 -39.23 -31.71 -57.21
N GLU ZA 19 -38.35 -31.48 -56.23
CA GLU ZA 19 -38.18 -32.45 -55.11
C GLU ZA 19 -38.50 -31.74 -53.80
N GLN ZA 20 -39.35 -32.34 -52.95
CA GLN ZA 20 -39.68 -31.74 -51.64
C GLN ZA 20 -38.73 -32.31 -50.58
N LYS ZA 21 -37.62 -31.62 -50.30
CA LYS ZA 21 -36.67 -32.07 -49.25
C LYS ZA 21 -36.59 -31.01 -48.16
N ASN ZA 22 -36.85 -31.39 -46.90
CA ASN ZA 22 -36.79 -30.43 -45.75
C ASN ZA 22 -37.98 -29.47 -45.84
N GLY ZA 23 -38.99 -29.79 -46.65
CA GLY ZA 23 -40.15 -28.89 -46.82
C GLY ZA 23 -39.86 -27.74 -47.78
N LEU ZA 24 -38.77 -27.82 -48.55
CA LEU ZA 24 -38.51 -26.78 -49.57
C LEU ZA 24 -38.69 -27.37 -50.98
N THR ZA 25 -38.90 -26.52 -51.98
CA THR ZA 25 -39.13 -27.00 -53.37
C THR ZA 25 -37.89 -26.68 -54.20
N TYR ZA 26 -37.34 -27.68 -54.90
CA TYR ZA 26 -36.11 -27.47 -55.71
C TYR ZA 26 -36.35 -28.00 -57.13
N LEU ZA 27 -35.98 -27.22 -58.15
CA LEU ZA 27 -36.09 -27.77 -59.54
C LEU ZA 27 -34.73 -28.39 -59.90
N ALA ZA 28 -34.73 -29.58 -60.50
CA ALA ZA 28 -33.47 -30.28 -60.80
C ALA ZA 28 -32.68 -29.52 -61.86
N TRP ZA 29 -31.35 -29.54 -61.77
CA TRP ZA 29 -30.49 -28.82 -62.75
C TRP ZA 29 -30.68 -29.40 -64.15
N SER ZA 30 -30.79 -30.72 -64.25
CA SER ZA 30 -30.94 -31.37 -65.58
C SER ZA 30 -32.03 -30.67 -66.38
N TYR ZA 31 -33.18 -30.41 -65.76
CA TYR ZA 31 -34.31 -29.74 -66.45
C TYR ZA 31 -33.90 -28.32 -66.84
N ALA ZA 32 -33.24 -27.59 -65.94
CA ALA ZA 32 -32.80 -26.22 -66.24
C ALA ZA 32 -31.81 -26.23 -67.41
N HIS ZA 33 -30.91 -27.20 -67.43
CA HIS ZA 33 -29.87 -27.18 -68.49
C HIS ZA 33 -30.58 -27.32 -69.84
N GLN ZA 34 -31.53 -28.25 -69.92
CA GLN ZA 34 -32.27 -28.50 -71.19
C GLN ZA 34 -33.02 -27.26 -71.65
N GLU ZA 35 -33.84 -26.68 -70.77
CA GLU ZA 35 -34.73 -25.56 -71.17
C GLU ZA 35 -33.88 -24.45 -71.79
N LEU ZA 36 -32.89 -23.97 -71.03
CA LEU ZA 36 -32.02 -22.87 -71.54
C LEU ZA 36 -31.42 -23.32 -72.87
N LYS ZA 37 -30.89 -24.55 -72.91
CA LYS ZA 37 -30.26 -25.08 -74.15
C LYS ZA 37 -31.22 -24.95 -75.34
N LYS ZA 38 -32.50 -25.22 -75.11
CA LYS ZA 38 -33.52 -25.06 -76.17
C LYS ZA 38 -33.62 -23.58 -76.53
N ILE ZA 39 -33.83 -22.72 -75.53
CA ILE ZA 39 -33.99 -21.26 -75.77
C ILE ZA 39 -32.75 -20.74 -76.50
N ASP ZA 40 -31.56 -21.17 -76.06
CA ASP ZA 40 -30.29 -20.68 -76.67
C ASP ZA 40 -29.34 -21.87 -76.85
N PRO ZA 41 -29.00 -22.28 -78.08
CA PRO ZA 41 -28.14 -23.45 -78.26
C PRO ZA 41 -26.77 -23.24 -77.60
N ASN ZA 42 -26.24 -22.02 -77.67
CA ASN ZA 42 -24.88 -21.76 -77.11
C ASN ZA 42 -24.98 -20.80 -75.91
N TYR ZA 43 -24.97 -21.34 -74.69
CA TYR ZA 43 -24.99 -20.51 -73.50
C TYR ZA 43 -23.90 -21.00 -72.54
N THR ZA 44 -23.43 -20.10 -71.69
CA THR ZA 44 -22.24 -20.33 -70.88
C THR ZA 44 -22.60 -20.38 -69.40
N VAL ZA 45 -22.03 -21.35 -68.69
CA VAL ZA 45 -22.09 -21.42 -67.24
C VAL ZA 45 -20.67 -21.38 -66.71
N LYS ZA 46 -20.38 -20.43 -65.81
CA LYS ZA 46 -19.04 -20.24 -65.29
C LYS ZA 46 -19.10 -20.24 -63.77
N VAL ZA 47 -18.30 -21.10 -63.15
CA VAL ZA 47 -18.19 -21.15 -61.69
C VAL ZA 47 -16.94 -20.39 -61.28
N HIS ZA 48 -17.13 -19.31 -60.55
CA HIS ZA 48 -15.97 -18.43 -60.21
C HIS ZA 48 -14.99 -19.15 -59.29
N GLU ZA 49 -13.71 -18.84 -59.43
CA GLU ZA 49 -12.65 -19.48 -58.62
C GLU ZA 49 -11.95 -18.40 -57.81
N PHE ZA 50 -11.71 -18.62 -56.52
CA PHE ZA 50 -11.13 -17.51 -55.71
C PHE ZA 50 -9.90 -18.02 -54.94
N PRO ZA 51 -8.76 -17.30 -54.84
CA PRO ZA 51 -7.60 -17.86 -54.15
C PRO ZA 51 -7.98 -18.33 -52.72
N HIS ZA 52 -7.82 -19.62 -52.43
CA HIS ZA 52 -8.16 -20.16 -51.09
C HIS ZA 52 -7.28 -19.48 -50.03
N PRO ZA 53 -7.83 -19.00 -48.89
CA PRO ZA 53 -7.03 -18.28 -47.90
C PRO ZA 53 -5.90 -19.06 -47.22
N ASP ZA 54 -6.23 -20.12 -46.49
CA ASP ZA 54 -5.22 -20.87 -45.68
C ASP ZA 54 -4.04 -21.32 -46.53
N ILE ZA 55 -4.32 -21.98 -47.66
CA ILE ZA 55 -3.25 -22.50 -48.55
C ILE ZA 55 -2.34 -21.34 -48.96
N ASN ZA 56 -2.93 -20.31 -49.60
CA ASN ZA 56 -2.15 -19.11 -50.00
C ASN ZA 56 -0.99 -19.57 -50.90
N THR ZA 57 -1.24 -20.54 -51.80
CA THR ZA 57 -0.19 -20.96 -52.76
C THR ZA 57 -0.37 -20.16 -54.05
N GLU ZA 58 0.75 -19.71 -54.65
CA GLU ZA 58 0.65 -18.89 -55.89
C GLU ZA 58 0.00 -19.72 -57.01
N ASN ZA 59 -0.94 -19.13 -57.75
CA ASN ZA 59 -1.59 -19.81 -58.89
C ASN ZA 59 -2.51 -20.92 -58.35
N TYR ZA 60 -2.77 -20.93 -57.05
CA TYR ZA 60 -3.73 -21.92 -56.48
C TYR ZA 60 -5.11 -21.28 -56.36
N PHE ZA 61 -6.10 -21.84 -57.05
CA PHE ZA 61 -7.49 -21.28 -57.01
C PHE ZA 61 -8.49 -22.37 -56.63
N VAL ZA 62 -9.49 -22.02 -55.82
CA VAL ZA 62 -10.55 -23.00 -55.43
C VAL ZA 62 -11.91 -22.43 -55.87
N PRO ZA 63 -12.86 -23.27 -56.34
CA PRO ZA 63 -14.16 -22.80 -56.79
C PRO ZA 63 -14.97 -22.16 -55.65
N TYR ZA 64 -14.85 -22.70 -54.43
CA TYR ZA 64 -15.68 -22.19 -53.30
C TYR ZA 64 -14.90 -21.21 -52.43
N LEU ZA 65 -15.54 -20.11 -52.02
CA LEU ZA 65 -14.88 -19.17 -51.07
C LEU ZA 65 -14.67 -19.92 -49.74
N ALA ZA 66 -13.54 -19.70 -49.08
CA ALA ZA 66 -13.32 -20.31 -47.76
C ALA ZA 66 -13.10 -19.20 -46.73
N THR ZA 67 -13.95 -19.12 -45.71
CA THR ZA 67 -13.84 -18.01 -44.72
C THR ZA 67 -13.99 -18.59 -43.32
N PRO ZA 68 -13.46 -17.92 -42.27
CA PRO ZA 68 -13.67 -18.39 -40.89
C PRO ZA 68 -15.19 -18.38 -40.64
N GLU ZA 69 -15.87 -17.34 -41.14
CA GLU ZA 69 -17.35 -17.25 -40.98
C GLU ZA 69 -18.01 -18.46 -41.66
N GLY ZA 70 -17.54 -18.85 -42.86
CA GLY ZA 70 -18.13 -20.06 -43.48
C GLY ZA 70 -17.67 -20.28 -44.92
N TYR ZA 71 -18.60 -20.59 -45.82
CA TYR ZA 71 -18.26 -20.89 -47.23
C TYR ZA 71 -19.23 -20.28 -48.23
N PHE ZA 72 -18.70 -19.74 -49.33
CA PHE ZA 72 -19.56 -19.10 -50.35
C PHE ZA 72 -19.23 -19.64 -51.74
N VAL ZA 73 -20.24 -19.72 -52.61
CA VAL ZA 73 -20.07 -20.15 -54.00
C VAL ZA 73 -20.68 -19.09 -54.89
N GLN ZA 74 -20.22 -19.07 -56.14
CA GLN ZA 74 -20.71 -18.11 -57.12
C GLN ZA 74 -20.84 -18.79 -58.48
N VAL ZA 75 -21.94 -18.50 -59.17
CA VAL ZA 75 -22.22 -19.06 -60.49
C VAL ZA 75 -22.74 -17.95 -61.39
N SER ZA 76 -22.15 -17.82 -62.59
CA SER ZA 76 -22.58 -16.80 -63.57
C SER ZA 76 -23.15 -17.45 -64.83
N VAL ZA 77 -24.43 -17.28 -65.09
CA VAL ZA 77 -25.12 -17.90 -66.22
C VAL ZA 77 -25.37 -16.83 -67.28
N THR ZA 78 -24.84 -17.05 -68.47
CA THR ZA 78 -25.08 -16.10 -69.58
C THR ZA 78 -26.06 -16.74 -70.56
N VAL ZA 79 -27.36 -16.42 -70.43
CA VAL ZA 79 -28.38 -16.95 -71.38
C VAL ZA 79 -28.57 -15.93 -72.50
N LYS ZA 80 -28.31 -16.31 -73.75
CA LYS ZA 80 -28.37 -15.32 -74.86
C LYS ZA 80 -27.43 -14.16 -74.50
N ASP ZA 81 -27.82 -12.94 -74.87
CA ASP ZA 81 -27.02 -11.74 -74.51
C ASP ZA 81 -27.02 -11.54 -72.99
N SER ZA 82 -28.17 -11.80 -72.33
CA SER ZA 82 -28.28 -11.50 -70.88
C SER ZA 82 -27.29 -12.32 -70.06
N THR ZA 83 -26.71 -11.71 -69.03
CA THR ZA 83 -25.76 -12.42 -68.12
C THR ZA 83 -26.13 -12.06 -66.68
N GLU ZA 84 -25.79 -12.92 -65.70
CA GLU ZA 84 -26.18 -12.62 -64.30
C GLU ZA 84 -25.41 -13.56 -63.36
N THR ZA 85 -25.43 -13.30 -62.05
CA THR ZA 85 -24.60 -14.10 -61.10
C THR ZA 85 -25.39 -14.32 -59.81
N GLU ZA 86 -25.10 -15.41 -59.09
CA GLU ZA 86 -25.86 -15.72 -57.86
C GLU ZA 86 -24.90 -16.14 -56.74
N TRP ZA 87 -25.24 -15.81 -55.49
CA TRP ZA 87 -24.41 -16.22 -54.33
C TRP ZA 87 -25.18 -17.28 -53.54
N LEU ZA 88 -24.56 -18.42 -53.25
CA LEU ZA 88 -25.24 -19.44 -52.42
C LEU ZA 88 -24.37 -19.79 -51.20
N PRO ZA 89 -24.92 -19.80 -49.98
CA PRO ZA 89 -24.16 -20.20 -48.79
C PRO ZA 89 -24.21 -21.72 -48.59
N VAL ZA 90 -23.07 -22.36 -48.40
CA VAL ZA 90 -23.03 -23.84 -48.25
C VAL ZA 90 -23.81 -24.22 -46.99
N LEU ZA 91 -24.67 -25.25 -47.07
CA LEU ZA 91 -25.52 -25.63 -45.91
C LEU ZA 91 -25.48 -27.14 -45.70
N ASP ZA 92 -25.78 -27.60 -44.47
CA ASP ZA 92 -25.83 -29.06 -44.19
C ASP ZA 92 -27.03 -29.67 -44.90
N PHE ZA 93 -27.14 -31.00 -44.87
CA PHE ZA 93 -28.35 -31.66 -45.43
C PHE ZA 93 -29.59 -31.23 -44.62
N ARG ZA 94 -29.37 -30.60 -43.46
CA ARG ZA 94 -30.49 -30.07 -42.64
C ARG ZA 94 -30.65 -28.57 -42.88
N ASN ZA 95 -30.00 -28.04 -43.93
CA ASN ZA 95 -30.04 -26.57 -44.18
C ASN ZA 95 -29.49 -25.80 -42.97
N LYS ZA 96 -28.33 -26.21 -42.46
CA LYS ZA 96 -27.66 -25.46 -41.37
C LYS ZA 96 -26.30 -25.02 -41.91
N SER ZA 97 -25.69 -24.00 -41.29
CA SER ZA 97 -24.41 -23.46 -41.84
C SER ZA 97 -23.24 -24.40 -41.54
N LEU ZA 98 -22.19 -24.34 -42.36
CA LEU ZA 98 -20.97 -25.17 -42.11
C LEU ZA 98 -19.80 -24.25 -41.77
N ALA ZA 99 -19.17 -24.45 -40.61
CA ALA ZA 99 -18.09 -23.55 -40.16
C ALA ZA 99 -16.79 -23.91 -40.87
N LYS ZA 100 -15.78 -23.03 -40.80
CA LYS ZA 100 -14.51 -23.27 -41.55
C LYS ZA 100 -13.88 -24.58 -41.06
N GLY ZA 101 -13.60 -25.51 -41.99
CA GLY ZA 101 -13.02 -26.82 -41.64
C GLY ZA 101 -14.05 -27.89 -41.36
N SER ZA 102 -15.33 -27.62 -41.56
CA SER ZA 102 -16.35 -28.69 -41.37
C SER ZA 102 -17.05 -29.08 -42.67
N ALA ZA 103 -16.62 -28.53 -43.81
CA ALA ZA 103 -17.33 -28.80 -45.08
C ALA ZA 103 -16.64 -29.96 -45.82
N THR ZA 104 -17.39 -30.62 -46.70
CA THR ZA 104 -16.81 -31.73 -47.51
C THR ZA 104 -17.03 -31.39 -48.98
N THR ZA 105 -16.07 -31.77 -49.83
CA THR ZA 105 -16.16 -31.47 -51.28
C THR ZA 105 -17.58 -31.70 -51.79
N PHE ZA 106 -18.23 -32.76 -51.30
CA PHE ZA 106 -19.61 -33.10 -51.77
C PHE ZA 106 -20.54 -31.93 -51.44
N ASP ZA 107 -20.40 -31.37 -50.24
CA ASP ZA 107 -21.23 -30.21 -49.83
C ASP ZA 107 -21.03 -29.08 -50.85
N ILE ZA 108 -19.79 -28.88 -51.29
CA ILE ZA 108 -19.52 -27.72 -52.20
C ILE ZA 108 -20.19 -28.00 -53.55
N ASN ZA 109 -20.08 -29.23 -54.08
CA ASN ZA 109 -20.64 -29.47 -55.43
C ASN ZA 109 -22.17 -29.34 -55.37
N LYS ZA 110 -22.81 -29.84 -54.32
CA LYS ZA 110 -24.25 -29.67 -54.22
C LYS ZA 110 -24.63 -28.19 -54.20
N ALA ZA 111 -23.87 -27.41 -53.45
CA ALA ZA 111 -24.12 -25.94 -53.39
C ALA ZA 111 -23.95 -25.36 -54.80
N GLN ZA 112 -22.88 -25.76 -55.49
CA GLN ZA 112 -22.62 -25.24 -56.86
C GLN ZA 112 -23.85 -25.52 -57.74
N LYS ZA 113 -24.32 -26.77 -57.76
CA LYS ZA 113 -25.46 -27.11 -58.60
C LYS ZA 113 -26.69 -26.29 -58.22
N ARG ZA 114 -26.94 -26.14 -56.91
CA ARG ZA 114 -28.10 -25.37 -56.47
C ARG ZA 114 -27.97 -23.90 -56.89
N CYS ZA 115 -26.78 -23.33 -56.78
CA CYS ZA 115 -26.57 -21.91 -57.19
C CYS ZA 115 -26.85 -21.75 -58.69
N PHE ZA 116 -26.59 -22.79 -59.48
CA PHE ZA 116 -26.86 -22.76 -60.94
C PHE ZA 116 -28.35 -22.53 -61.18
N VAL ZA 117 -29.20 -23.37 -60.57
CA VAL ZA 117 -30.67 -23.26 -60.82
C VAL ZA 117 -31.14 -21.89 -60.31
N LYS ZA 118 -30.59 -21.43 -59.19
CA LYS ZA 118 -30.96 -20.09 -58.65
C LYS ZA 118 -30.53 -19.01 -59.65
N ALA ZA 119 -29.35 -19.17 -60.27
CA ALA ZA 119 -28.91 -18.22 -61.31
C ALA ZA 119 -29.88 -18.29 -62.48
N SER ZA 120 -30.31 -19.50 -62.84
CA SER ZA 120 -31.33 -19.66 -63.92
C SER ZA 120 -32.62 -19.00 -63.47
N ALA ZA 121 -32.94 -19.09 -62.17
CA ALA ZA 121 -34.19 -18.52 -61.63
C ALA ZA 121 -34.20 -17.01 -61.84
N LEU ZA 122 -33.01 -16.39 -61.92
CA LEU ZA 122 -32.93 -14.93 -62.19
C LEU ZA 122 -33.64 -14.71 -63.53
N HIS ZA 123 -33.46 -15.64 -64.48
CA HIS ZA 123 -34.22 -15.56 -65.76
C HIS ZA 123 -35.64 -15.98 -65.42
N GLY ZA 124 -36.62 -15.73 -66.30
CA GLY ZA 124 -38.01 -16.02 -65.90
C GLY ZA 124 -38.18 -17.46 -65.45
N LEU ZA 125 -37.50 -18.40 -66.10
CA LEU ZA 125 -37.60 -19.84 -65.76
C LEU ZA 125 -37.15 -20.10 -64.31
N GLY ZA 126 -38.06 -20.54 -63.43
CA GLY ZA 126 -37.68 -20.93 -62.06
C GLY ZA 126 -37.78 -19.83 -61.04
N LEU ZA 127 -38.23 -18.63 -61.43
CA LEU ZA 127 -38.25 -17.49 -60.47
C LEU ZA 127 -39.17 -17.82 -59.29
N TYR ZA 128 -40.35 -18.37 -59.56
CA TYR ZA 128 -41.34 -18.70 -58.50
C TYR ZA 128 -40.80 -19.80 -57.58
N ILE ZA 129 -40.04 -20.76 -58.13
CA ILE ZA 129 -39.53 -21.90 -57.32
C ILE ZA 129 -38.85 -21.35 -56.06
N TYR ZA 130 -37.87 -20.45 -56.25
CA TYR ZA 130 -37.12 -19.92 -55.09
C TYR ZA 130 -37.84 -18.68 -54.55
N ASN ZA 131 -38.92 -18.25 -55.24
CA ASN ZA 131 -39.75 -17.16 -54.68
C ASN ZA 131 -40.10 -17.59 -53.26
N GLY ZA 132 -40.18 -18.90 -53.02
CA GLY ZA 132 -40.58 -19.41 -51.70
C GLY ZA 132 -42.00 -19.92 -51.81
N GLU ZA 133 -42.56 -19.86 -53.02
CA GLU ZA 133 -43.95 -20.33 -53.26
C GLU ZA 133 -43.92 -21.51 -54.22
N GLU ZA 134 -44.67 -22.58 -53.90
CA GLU ZA 134 -44.74 -23.75 -54.81
C GLU ZA 134 -45.79 -23.42 -55.88
N LEU ZA 135 -46.40 -22.24 -55.79
CA LEU ZA 135 -47.48 -21.87 -56.74
C LEU ZA 135 -46.93 -21.92 -58.17
N PRO ZA 136 -47.67 -22.50 -59.14
CA PRO ZA 136 -47.15 -22.72 -60.50
C PRO ZA 136 -46.76 -21.54 -61.40
N SER ZA 137 -47.56 -20.47 -61.46
CA SER ZA 137 -47.23 -19.38 -62.43
C SER ZA 137 -47.85 -18.04 -62.06
N ALA ZA 138 -47.31 -16.95 -62.62
CA ALA ZA 138 -47.90 -15.61 -62.41
C ALA ZA 138 -48.10 -14.97 -63.79
N SER ZA 139 -49.06 -15.47 -64.56
CA SER ZA 139 -49.29 -14.96 -65.94
C SER ZA 139 -49.99 -13.60 -65.84
N ASP ZA 140 -49.21 -12.53 -65.63
CA ASP ZA 140 -49.78 -11.18 -65.42
C ASP ZA 140 -50.77 -10.80 -66.52
N ASN ZA 141 -50.55 -11.27 -67.75
CA ASN ZA 141 -51.54 -10.98 -68.84
C ASN ZA 141 -52.83 -11.75 -68.53
N ASP ZA 142 -52.72 -13.02 -68.13
CA ASP ZA 142 -53.93 -13.81 -67.77
C ASP ZA 142 -54.60 -13.17 -66.55
N ILE ZA 143 -53.82 -12.74 -65.55
CA ILE ZA 143 -54.47 -12.23 -64.30
C ILE ZA 143 -55.22 -10.94 -64.63
N THR ZA 144 -54.73 -10.15 -65.60
CA THR ZA 144 -55.47 -8.93 -66.02
C THR ZA 144 -56.78 -9.35 -66.69
N GLU ZA 145 -56.72 -10.36 -67.58
CA GLU ZA 145 -57.93 -10.82 -68.29
C GLU ZA 145 -58.93 -11.38 -67.27
N LEU ZA 146 -58.44 -12.22 -66.35
CA LEU ZA 146 -59.30 -12.81 -65.30
C LEU ZA 146 -59.87 -11.67 -64.46
N GLU ZA 147 -59.02 -10.73 -64.04
CA GLU ZA 147 -59.46 -9.62 -63.16
C GLU ZA 147 -60.50 -8.80 -63.91
N GLU ZA 148 -60.26 -8.53 -65.20
CA GLU ZA 148 -61.20 -7.67 -65.94
C GLU ZA 148 -62.56 -8.37 -65.98
N ARG ZA 149 -62.56 -9.67 -66.29
CA ARG ZA 149 -63.83 -10.42 -66.39
C ARG ZA 149 -64.51 -10.51 -65.01
N ILE ZA 150 -63.75 -10.80 -63.94
CA ILE ZA 150 -64.43 -10.97 -62.62
C ILE ZA 150 -64.98 -9.61 -62.19
N ASN ZA 151 -64.22 -8.53 -62.40
CA ASN ZA 151 -64.74 -7.17 -62.08
C ASN ZA 151 -65.94 -6.87 -62.96
N GLN ZA 152 -65.88 -7.27 -64.24
CA GLN ZA 152 -67.02 -7.06 -65.17
C GLN ZA 152 -68.22 -7.83 -64.62
N PHE ZA 153 -67.99 -9.06 -64.16
CA PHE ZA 153 -69.08 -9.88 -63.58
C PHE ZA 153 -69.64 -9.15 -62.35
N VAL ZA 154 -68.76 -8.69 -61.47
CA VAL ZA 154 -69.20 -7.92 -60.27
C VAL ZA 154 -70.04 -6.74 -60.74
N ASN ZA 155 -69.53 -5.96 -61.70
CA ASN ZA 155 -70.24 -4.74 -62.16
C ASN ZA 155 -71.60 -5.12 -62.76
N LEU ZA 156 -71.64 -6.18 -63.57
CA LEU ZA 156 -72.91 -6.60 -64.19
C LEU ZA 156 -73.89 -7.01 -63.09
N SER ZA 157 -73.42 -7.76 -62.09
CA SER ZA 157 -74.29 -8.14 -60.96
C SER ZA 157 -74.84 -6.86 -60.33
N GLN ZA 158 -73.97 -5.89 -60.06
CA GLN ZA 158 -74.41 -4.59 -59.47
C GLN ZA 158 -75.35 -3.89 -60.45
N GLU ZA 159 -75.05 -3.96 -61.75
CA GLU ZA 159 -75.93 -3.35 -62.78
C GLU ZA 159 -77.28 -4.05 -62.74
N LYS ZA 160 -77.28 -5.37 -62.54
CA LYS ZA 160 -78.54 -6.16 -62.43
C LYS ZA 160 -79.26 -5.75 -61.13
N GLY ZA 161 -78.54 -5.10 -60.21
CA GLY ZA 161 -79.12 -4.73 -58.91
C GLY ZA 161 -78.82 -5.80 -57.87
N ARG ZA 162 -77.99 -6.78 -58.23
CA ARG ZA 162 -77.58 -7.83 -57.27
C ARG ZA 162 -76.25 -7.42 -56.65
N ASP ZA 163 -76.22 -7.20 -55.33
CA ASP ZA 163 -74.95 -6.80 -54.65
C ASP ZA 163 -73.85 -7.77 -55.06
N ALA ZA 164 -72.69 -7.26 -55.48
CA ALA ZA 164 -71.58 -8.19 -55.80
C ALA ZA 164 -70.26 -7.60 -55.30
N THR ZA 165 -69.34 -8.44 -54.83
CA THR ZA 165 -68.04 -7.95 -54.32
C THR ZA 165 -66.94 -8.84 -54.93
N ILE ZA 166 -65.74 -8.32 -55.12
CA ILE ZA 166 -64.71 -9.14 -55.83
C ILE ZA 166 -64.37 -10.37 -54.97
N ASP ZA 167 -64.25 -10.19 -53.65
CA ASP ZA 167 -63.87 -11.31 -52.76
C ASP ZA 167 -64.83 -12.48 -52.97
N LYS ZA 168 -66.14 -12.20 -53.10
CA LYS ZA 168 -67.14 -13.26 -53.33
C LYS ZA 168 -66.88 -13.89 -54.70
N THR ZA 169 -66.67 -13.09 -55.75
CA THR ZA 169 -66.48 -13.73 -57.08
C THR ZA 169 -65.18 -14.54 -57.02
N MET ZA 170 -64.18 -14.07 -56.25
CA MET ZA 170 -62.95 -14.90 -56.07
C MET ZA 170 -63.34 -16.18 -55.33
N ARG ZA 171 -64.27 -16.09 -54.37
CA ARG ZA 171 -64.74 -17.28 -53.63
C ARG ZA 171 -65.40 -18.26 -54.62
N TRP ZA 172 -66.10 -17.74 -55.63
CA TRP ZA 172 -66.70 -18.61 -56.66
C TRP ZA 172 -65.58 -19.41 -57.34
N LEU ZA 173 -64.47 -18.74 -57.67
CA LEU ZA 173 -63.31 -19.43 -58.27
C LEU ZA 173 -62.60 -20.24 -57.19
N LYS ZA 174 -62.90 -19.96 -55.91
CA LYS ZA 174 -62.28 -20.70 -54.77
C LYS ZA 174 -60.76 -20.60 -54.92
N ILE ZA 175 -60.28 -19.44 -55.39
CA ILE ZA 175 -58.81 -19.23 -55.53
C ILE ZA 175 -58.32 -18.43 -54.30
N SER ZA 176 -57.13 -18.76 -53.79
CA SER ZA 176 -56.57 -18.03 -52.63
C SER ZA 176 -55.84 -16.76 -53.12
N ASN ZA 177 -55.08 -16.87 -54.21
CA ASN ZA 177 -54.41 -15.66 -54.77
C ASN ZA 177 -54.64 -15.58 -56.29
N ILE ZA 178 -55.39 -14.58 -56.74
CA ILE ZA 178 -55.64 -14.40 -58.20
C ILE ZA 178 -54.32 -14.10 -58.92
N ASN ZA 179 -53.45 -13.30 -58.31
CA ASN ZA 179 -52.19 -12.89 -58.99
C ASN ZA 179 -51.35 -14.13 -59.34
N LYS ZA 180 -51.26 -15.09 -58.42
CA LYS ZA 180 -50.39 -16.27 -58.67
C LYS ZA 180 -51.29 -17.50 -58.85
N LEU ZA 181 -51.42 -17.99 -60.09
CA LEU ZA 181 -52.32 -19.14 -60.36
C LEU ZA 181 -51.84 -19.85 -61.64
N SER ZA 182 -52.13 -21.15 -61.79
CA SER ZA 182 -51.75 -21.88 -63.03
C SER ZA 182 -52.66 -21.46 -64.19
N GLN ZA 183 -52.08 -21.28 -65.38
CA GLN ZA 183 -52.86 -20.82 -66.57
C GLN ZA 183 -54.14 -21.65 -66.73
N LYS ZA 184 -54.02 -22.98 -66.70
CA LYS ZA 184 -55.21 -23.86 -66.91
C LYS ZA 184 -56.30 -23.42 -65.95
N GLN ZA 185 -55.94 -23.10 -64.70
CA GLN ZA 185 -56.93 -22.61 -63.70
C GLN ZA 185 -57.51 -21.26 -64.15
N ILE ZA 186 -56.71 -20.37 -64.73
CA ILE ZA 186 -57.31 -19.10 -65.25
C ILE ZA 186 -58.34 -19.46 -66.33
N ALA ZA 187 -57.99 -20.38 -67.23
CA ALA ZA 187 -58.93 -20.79 -68.30
C ALA ZA 187 -60.15 -21.46 -67.67
N GLU ZA 188 -59.93 -22.31 -66.66
CA GLU ZA 188 -61.04 -23.01 -65.97
C GLU ZA 188 -61.93 -21.95 -65.30
N ALA ZA 189 -61.31 -20.98 -64.63
CA ALA ZA 189 -62.07 -19.90 -63.97
C ALA ZA 189 -62.95 -19.22 -65.02
N HIS ZA 190 -62.35 -18.81 -66.14
CA HIS ZA 190 -63.12 -18.13 -67.21
C HIS ZA 190 -64.43 -18.88 -67.44
N GLN ZA 191 -64.35 -20.20 -67.58
CA GLN ZA 191 -65.57 -20.99 -67.90
C GLN ZA 191 -66.65 -20.66 -66.88
N LYS ZA 192 -66.26 -20.61 -65.60
CA LYS ZA 192 -67.23 -20.27 -64.52
C LYS ZA 192 -67.77 -18.87 -64.75
N LEU ZA 193 -66.90 -17.86 -64.80
CA LEU ZA 193 -67.38 -16.46 -64.96
C LEU ZA 193 -68.24 -16.31 -66.21
N ASP ZA 194 -67.79 -16.83 -67.37
CA ASP ZA 194 -68.56 -16.55 -68.61
C ASP ZA 194 -69.97 -17.13 -68.47
N ALA ZA 195 -70.08 -18.36 -67.98
CA ALA ZA 195 -71.41 -18.98 -67.79
C ALA ZA 195 -72.24 -18.08 -66.88
N GLY ZA 196 -71.69 -17.73 -65.72
CA GLY ZA 196 -72.44 -16.90 -64.75
C GLY ZA 196 -72.79 -15.56 -65.35
N LEU ZA 197 -71.85 -14.95 -66.08
CA LEU ZA 197 -72.09 -13.60 -66.64
C LEU ZA 197 -73.27 -13.71 -67.60
N LYS ZA 198 -73.29 -14.77 -68.43
CA LYS ZA 198 -74.38 -14.93 -69.42
C LYS ZA 198 -75.72 -15.12 -68.72
N GLN ZA 199 -75.75 -15.90 -67.63
CA GLN ZA 199 -77.03 -16.22 -66.95
C GLN ZA 199 -77.68 -14.95 -66.40
N LEU ZA 200 -76.90 -14.06 -65.79
CA LEU ZA 200 -77.51 -12.78 -65.32
C LEU ZA 200 -78.08 -12.02 -66.52
N ASP ZA 201 -77.42 -12.14 -67.68
CA ASP ZA 201 -77.97 -11.51 -68.92
C ASP ZA 201 -79.39 -12.06 -69.14
N SER ZA 202 -79.54 -13.38 -69.15
CA SER ZA 202 -80.88 -13.99 -69.35
C SER ZA 202 -81.81 -13.54 -68.22
N GLU ZA 203 -81.32 -13.53 -66.97
CA GLU ZA 203 -82.15 -13.16 -65.80
C GLU ZA 203 -82.80 -11.79 -66.07
N GLN AB 3 -34.69 -32.02 -85.24
CA GLN AB 3 -34.43 -31.77 -83.80
C GLN AB 3 -33.15 -30.94 -83.66
N THR AB 4 -33.01 -30.23 -82.54
CA THR AB 4 -31.76 -29.46 -82.28
C THR AB 4 -30.65 -30.46 -81.94
N LEU AB 5 -29.39 -30.07 -82.15
CA LEU AB 5 -28.24 -30.96 -81.86
C LEU AB 5 -28.43 -31.57 -80.47
N PHE AB 6 -28.70 -30.74 -79.46
CA PHE AB 6 -28.88 -31.23 -78.07
C PHE AB 6 -30.07 -32.21 -78.04
N GLU AB 7 -31.17 -31.87 -78.72
CA GLU AB 7 -32.37 -32.74 -78.70
C GLU AB 7 -32.03 -34.09 -79.34
N GLN AB 8 -31.23 -34.06 -80.42
CA GLN AB 8 -30.82 -35.32 -81.10
C GLN AB 8 -30.03 -36.15 -80.10
N LEU AB 9 -29.16 -35.50 -79.32
CA LEU AB 9 -28.39 -36.23 -78.27
C LEU AB 9 -29.32 -36.59 -77.11
N ASN AB 10 -30.28 -35.71 -76.81
CA ASN AB 10 -31.20 -35.96 -75.66
C ASN AB 10 -32.08 -37.17 -75.99
N SER AB 11 -32.57 -37.25 -77.22
CA SER AB 11 -33.50 -38.36 -77.59
C SER AB 11 -32.71 -39.64 -77.92
N LYS AB 12 -32.10 -40.26 -76.91
CA LYS AB 12 -31.38 -41.54 -77.10
C LYS AB 12 -31.66 -42.40 -75.86
N ASN AB 13 -31.56 -43.73 -75.95
CA ASN AB 13 -31.74 -44.56 -74.74
C ASN AB 13 -30.37 -45.11 -74.30
N VAL AB 14 -29.82 -44.57 -73.22
CA VAL AB 14 -28.50 -45.06 -72.71
C VAL AB 14 -28.79 -45.99 -71.52
N ASN AB 15 -30.05 -46.39 -71.37
CA ASN AB 15 -30.45 -47.26 -70.22
C ASN AB 15 -29.75 -48.61 -70.31
N ASP AB 16 -29.61 -49.17 -71.51
CA ASP AB 16 -29.03 -50.54 -71.63
C ASP AB 16 -27.59 -50.53 -71.10
N HIS AB 17 -26.80 -49.52 -71.45
CA HIS AB 17 -25.39 -49.42 -70.99
C HIS AB 17 -25.33 -48.65 -69.67
N THR AB 18 -25.84 -49.23 -68.58
CA THR AB 18 -25.77 -48.58 -67.25
C THR AB 18 -25.42 -49.60 -66.18
N GLU AB 19 -24.81 -49.15 -65.07
CA GLU AB 19 -24.49 -50.05 -63.94
C GLU AB 19 -25.21 -49.55 -62.68
N GLN AB 20 -25.92 -50.43 -61.98
CA GLN AB 20 -26.61 -50.04 -60.72
C GLN AB 20 -25.69 -50.32 -59.53
N LYS AB 21 -24.93 -49.30 -59.10
CA LYS AB 21 -24.05 -49.45 -57.93
C LYS AB 21 -24.49 -48.47 -56.83
N ASN AB 22 -24.78 -48.98 -55.62
CA ASN AB 22 -25.21 -48.12 -54.49
C ASN AB 22 -26.63 -47.60 -54.75
N GLY AB 23 -27.35 -48.20 -55.70
CA GLY AB 23 -28.70 -47.73 -56.05
C GLY AB 23 -28.67 -46.51 -56.96
N LEU AB 24 -27.53 -46.19 -57.57
CA LEU AB 24 -27.50 -45.07 -58.54
C LEU AB 24 -27.26 -45.63 -59.95
N THR AB 25 -27.60 -44.85 -60.97
CA THR AB 25 -27.45 -45.31 -62.38
C THR AB 25 -26.30 -44.56 -63.03
N TYR AB 26 -25.35 -45.28 -63.63
CA TYR AB 26 -24.16 -44.64 -64.24
C TYR AB 26 -24.01 -45.15 -65.68
N LEU AB 27 -23.77 -44.25 -66.65
CA LEU AB 27 -23.50 -44.73 -68.03
C LEU AB 27 -21.98 -44.85 -68.21
N ALA AB 28 -21.49 -45.95 -68.77
CA ALA AB 28 -20.02 -46.17 -68.87
C ALA AB 28 -19.40 -45.13 -69.81
N TRP AB 29 -18.16 -44.72 -69.52
CA TRP AB 29 -17.47 -43.70 -70.35
C TRP AB 29 -17.26 -44.26 -71.77
N SER AB 30 -16.90 -45.54 -71.88
CA SER AB 30 -16.63 -46.13 -73.21
C SER AB 30 -17.77 -45.77 -74.17
N TYR AB 31 -19.02 -45.94 -73.72
CA TYR AB 31 -20.20 -45.62 -74.56
C TYR AB 31 -20.28 -44.10 -74.77
N ALA AB 32 -20.10 -43.31 -73.72
CA ALA AB 32 -20.25 -41.85 -73.87
C ALA AB 32 -19.20 -41.36 -74.88
N HIS AB 33 -17.97 -41.88 -74.78
CA HIS AB 33 -16.88 -41.41 -75.66
C HIS AB 33 -17.22 -41.71 -77.13
N GLN AB 34 -17.73 -42.92 -77.41
CA GLN AB 34 -17.99 -43.30 -78.82
C GLN AB 34 -19.07 -42.37 -79.39
N GLU AB 35 -20.10 -42.08 -78.59
CA GLU AB 35 -21.22 -41.26 -79.12
C GLU AB 35 -20.67 -39.89 -79.50
N LEU AB 36 -19.79 -39.32 -78.67
CA LEU AB 36 -19.22 -37.99 -78.95
C LEU AB 36 -18.43 -38.05 -80.25
N LYS AB 37 -17.68 -39.12 -80.47
CA LYS AB 37 -16.95 -39.30 -81.76
C LYS AB 37 -17.93 -39.43 -82.92
N LYS AB 38 -18.99 -40.23 -82.75
CA LYS AB 38 -20.00 -40.41 -83.82
C LYS AB 38 -20.59 -39.04 -84.16
N ILE AB 39 -20.91 -38.24 -83.14
CA ILE AB 39 -21.45 -36.86 -83.37
C ILE AB 39 -20.37 -36.00 -84.04
N ASP AB 40 -19.12 -36.14 -83.60
CA ASP AB 40 -18.03 -35.28 -84.13
C ASP AB 40 -16.72 -36.09 -84.16
N PRO AB 41 -16.11 -36.35 -85.34
CA PRO AB 41 -14.88 -37.16 -85.37
C PRO AB 41 -13.78 -36.53 -84.51
N ASN AB 42 -13.69 -35.20 -84.50
CA ASN AB 42 -12.60 -34.52 -83.75
C ASN AB 42 -13.19 -33.72 -82.59
N TYR AB 43 -13.16 -34.27 -81.38
CA TYR AB 43 -13.62 -33.56 -80.20
C TYR AB 43 -12.59 -33.70 -79.10
N THR AB 44 -12.57 -32.73 -78.18
CA THR AB 44 -11.50 -32.59 -77.20
C THR AB 44 -12.03 -32.81 -75.80
N VAL AB 45 -11.28 -33.57 -75.01
CA VAL AB 45 -11.52 -33.73 -73.57
C VAL AB 45 -10.28 -33.24 -72.84
N LYS AB 46 -10.46 -32.31 -71.93
CA LYS AB 46 -9.35 -31.69 -71.20
C LYS AB 46 -9.62 -31.79 -69.71
N VAL AB 47 -8.67 -32.35 -68.96
CA VAL AB 47 -8.75 -32.43 -67.51
C VAL AB 47 -7.91 -31.31 -66.93
N HIS AB 48 -8.55 -30.39 -66.23
CA HIS AB 48 -7.81 -29.21 -65.73
C HIS AB 48 -6.80 -29.59 -64.66
N GLU AB 49 -5.69 -28.86 -64.62
CA GLU AB 49 -4.60 -29.15 -63.66
C GLU AB 49 -4.43 -27.94 -62.76
N PHE AB 50 -4.31 -28.12 -61.44
CA PHE AB 50 -4.27 -26.92 -60.55
C PHE AB 50 -3.06 -27.03 -59.62
N PRO AB 51 -2.25 -25.98 -59.35
CA PRO AB 51 -1.08 -26.15 -58.48
C PRO AB 51 -1.48 -26.77 -57.13
N HIS AB 52 -0.91 -27.93 -56.81
CA HIS AB 52 -1.27 -28.63 -55.54
C HIS AB 52 -0.82 -27.76 -54.37
N PRO AB 53 -1.66 -27.53 -53.33
CA PRO AB 53 -1.29 -26.63 -52.22
C PRO AB 53 -0.07 -27.03 -51.38
N ASP AB 54 -0.13 -28.18 -50.70
CA ASP AB 54 0.94 -28.57 -49.74
C ASP AB 54 2.33 -28.57 -50.41
N ILE AB 55 2.44 -29.23 -51.57
CA ILE AB 55 3.74 -29.31 -52.27
C ILE AB 55 4.25 -27.90 -52.57
N ASN AB 56 3.45 -27.10 -53.28
CA ASN AB 56 3.83 -25.70 -53.58
C ASN AB 56 5.19 -25.70 -54.28
N THR AB 57 5.40 -26.66 -55.20
CA THR AB 57 6.67 -26.66 -55.99
C THR AB 57 6.42 -25.91 -57.31
N GLU AB 58 7.38 -25.08 -57.74
CA GLU AB 58 7.19 -24.28 -58.97
C GLU AB 58 7.03 -25.22 -60.16
N ASN AB 59 6.06 -24.95 -61.04
CA ASN AB 59 5.85 -25.76 -62.28
C ASN AB 59 5.28 -27.13 -61.88
N TYR AB 60 4.84 -27.29 -60.62
CA TYR AB 60 4.20 -28.56 -60.20
C TYR AB 60 2.68 -28.41 -60.29
N PHE AB 61 2.04 -29.09 -61.25
CA PHE AB 61 0.57 -29.00 -61.41
C PHE AB 61 -0.05 -30.41 -61.37
N VAL AB 62 -0.73 -30.75 -60.28
CA VAL AB 62 -1.44 -32.06 -60.19
C VAL AB 62 -2.75 -31.96 -60.99
N PRO AB 63 -3.44 -33.06 -61.37
CA PRO AB 63 -4.63 -32.95 -62.21
C PRO AB 63 -5.94 -32.72 -61.42
N TYR AB 64 -5.85 -32.54 -60.09
CA TYR AB 64 -7.07 -32.39 -59.26
C TYR AB 64 -6.84 -31.38 -58.14
N LEU AB 65 -7.92 -30.74 -57.66
CA LEU AB 65 -7.82 -29.79 -56.53
C LEU AB 65 -7.58 -30.54 -55.22
N ALA AB 66 -6.70 -30.03 -54.37
CA ALA AB 66 -6.51 -30.65 -53.03
C ALA AB 66 -6.83 -29.57 -52.00
N THR AB 67 -7.77 -29.85 -51.08
CA THR AB 67 -8.18 -28.81 -50.11
C THR AB 67 -8.33 -29.46 -48.72
N PRO AB 68 -8.21 -28.71 -47.61
CA PRO AB 68 -8.43 -29.29 -46.28
C PRO AB 68 -9.89 -29.79 -46.26
N GLU AB 69 -10.80 -29.03 -46.86
CA GLU AB 69 -12.23 -29.43 -46.92
C GLU AB 69 -12.34 -30.76 -47.70
N GLY AB 70 -11.60 -30.92 -48.80
CA GLY AB 70 -11.65 -32.22 -49.50
C GLY AB 70 -10.95 -32.21 -50.85
N TYR AB 71 -11.58 -32.77 -51.88
CA TYR AB 71 -10.96 -32.88 -53.23
C TYR AB 71 -11.93 -32.58 -54.37
N PHE AB 72 -11.46 -31.84 -55.37
CA PHE AB 72 -12.33 -31.48 -56.51
C PHE AB 72 -11.64 -31.81 -57.84
N VAL AB 73 -12.43 -32.19 -58.84
CA VAL AB 73 -11.94 -32.47 -60.18
C VAL AB 73 -12.73 -31.64 -61.18
N GLN AB 74 -12.14 -31.41 -62.34
CA GLN AB 74 -12.77 -30.62 -63.39
C GLN AB 74 -12.48 -31.24 -64.74
N VAL AB 75 -13.50 -31.31 -65.59
CA VAL AB 75 -13.38 -31.87 -66.94
C VAL AB 75 -14.11 -30.95 -67.90
N SER AB 76 -13.44 -30.58 -69.01
CA SER AB 76 -14.05 -29.71 -70.04
C SER AB 76 -14.17 -30.46 -71.37
N VAL AB 77 -15.39 -30.72 -71.82
CA VAL AB 77 -15.66 -31.47 -73.04
C VAL AB 77 -16.10 -30.51 -74.12
N THR AB 78 -15.36 -30.48 -75.23
CA THR AB 78 -15.75 -29.61 -76.36
C THR AB 78 -16.32 -30.51 -77.47
N VAL AB 79 -17.64 -30.63 -77.54
CA VAL AB 79 -18.27 -31.43 -78.63
C VAL AB 79 -18.65 -30.47 -79.77
N LYS AB 80 -18.04 -30.67 -80.94
CA LYS AB 80 -18.27 -29.73 -82.08
C LYS AB 80 -17.87 -28.33 -81.61
N ASP AB 81 -18.61 -27.31 -82.01
CA ASP AB 81 -18.32 -25.93 -81.54
C ASP AB 81 -18.62 -25.82 -80.04
N SER AB 82 -19.69 -26.46 -79.57
CA SER AB 82 -20.10 -26.29 -78.14
C SER AB 82 -19.02 -26.77 -77.17
N THR AB 83 -18.82 -26.05 -76.07
CA THR AB 83 -17.83 -26.44 -75.04
C THR AB 83 -18.50 -26.29 -73.67
N GLU AB 84 -18.03 -27.03 -72.65
CA GLU AB 84 -18.69 -26.94 -71.32
C GLU AB 84 -17.80 -27.62 -70.28
N THR AB 85 -18.08 -27.45 -68.98
CA THR AB 85 -17.18 -27.96 -67.92
C THR AB 85 -18.02 -28.50 -66.75
N GLU AB 86 -17.50 -29.47 -66.00
CA GLU AB 86 -18.28 -30.08 -64.91
C GLU AB 86 -17.40 -30.23 -63.66
N TRP AB 87 -18.00 -30.13 -62.48
CA TRP AB 87 -17.27 -30.31 -61.20
C TRP AB 87 -17.76 -31.58 -60.52
N LEU AB 88 -16.86 -32.46 -60.10
CA LEU AB 88 -17.28 -33.70 -59.40
C LEU AB 88 -16.48 -33.85 -58.10
N PRO AB 89 -17.14 -33.98 -56.92
CA PRO AB 89 -16.40 -34.22 -55.68
C PRO AB 89 -15.85 -35.66 -55.64
N VAL AB 90 -14.65 -35.84 -55.09
CA VAL AB 90 -14.12 -37.22 -54.93
C VAL AB 90 -14.90 -37.90 -53.79
N LEU AB 91 -15.37 -39.13 -54.00
CA LEU AB 91 -16.22 -39.81 -52.98
C LEU AB 91 -15.73 -41.24 -52.77
N ASP AB 92 -16.04 -41.82 -51.60
CA ASP AB 92 -15.68 -43.24 -51.31
C ASP AB 92 -16.50 -44.18 -52.19
N PHE AB 93 -16.16 -45.47 -52.17
CA PHE AB 93 -16.99 -46.47 -52.90
C PHE AB 93 -18.39 -46.51 -52.29
N ARG AB 94 -18.57 -45.89 -51.11
CA ARG AB 94 -19.90 -45.81 -50.47
C ARG AB 94 -20.53 -44.44 -50.74
N ASN AB 95 -19.96 -43.68 -51.68
CA ASN AB 95 -20.44 -42.30 -51.94
C ASN AB 95 -20.37 -41.45 -50.67
N LYS AB 96 -19.22 -41.46 -49.99
CA LYS AB 96 -19.01 -40.59 -48.81
C LYS AB 96 -17.82 -39.69 -49.13
N SER AB 97 -17.67 -38.55 -48.46
CA SER AB 97 -16.59 -37.59 -48.79
C SER AB 97 -15.23 -38.10 -48.32
N LEU AB 98 -14.15 -37.67 -48.98
CA LEU AB 98 -12.78 -38.05 -48.55
C LEU AB 98 -12.05 -36.81 -48.04
N ALA AB 99 -11.55 -36.83 -46.80
CA ALA AB 99 -10.91 -35.65 -46.19
C ALA AB 99 -9.48 -35.52 -46.70
N LYS AB 100 -8.85 -34.36 -46.48
CA LYS AB 100 -7.49 -34.13 -47.03
C LYS AB 100 -6.52 -35.18 -46.46
N GLY AB 101 -5.81 -35.91 -47.32
CA GLY AB 101 -4.88 -36.96 -46.88
C GLY AB 101 -5.52 -38.33 -46.76
N SER AB 102 -6.78 -38.50 -47.15
CA SER AB 102 -7.39 -39.85 -47.11
C SER AB 102 -7.73 -40.39 -48.50
N ALA AB 103 -7.34 -39.68 -49.56
CA ALA AB 103 -7.73 -40.11 -50.94
C ALA AB 103 -6.61 -40.94 -51.55
N THR AB 104 -6.95 -41.78 -52.53
CA THR AB 104 -5.93 -42.59 -53.23
C THR AB 104 -6.03 -42.27 -54.72
N THR AB 105 -4.89 -42.27 -55.43
CA THR AB 105 -4.91 -41.92 -56.87
C THR AB 105 -6.08 -42.61 -57.57
N PHE AB 106 -6.37 -43.86 -57.19
CA PHE AB 106 -7.46 -44.61 -57.86
C PHE AB 106 -8.77 -43.84 -57.68
N ASP AB 107 -9.00 -43.32 -56.47
CA ASP AB 107 -10.22 -42.53 -56.21
C ASP AB 107 -10.27 -41.35 -57.18
N ILE AB 108 -9.12 -40.72 -57.46
CA ILE AB 108 -9.14 -39.51 -58.31
C ILE AB 108 -9.47 -39.94 -59.74
N ASN AB 109 -8.88 -41.02 -60.23
CA ASN AB 109 -9.13 -41.37 -61.65
C ASN AB 109 -10.60 -41.76 -61.82
N LYS AB 110 -11.18 -42.50 -60.87
CA LYS AB 110 -12.59 -42.83 -60.99
C LYS AB 110 -13.44 -41.56 -61.04
N ALA AB 111 -13.10 -40.60 -60.19
CA ALA AB 111 -13.82 -39.31 -60.17
C ALA AB 111 -13.67 -38.63 -61.53
N GLN AB 112 -12.45 -38.64 -62.07
CA GLN AB 112 -12.21 -38.00 -63.36
C GLN AB 112 -13.06 -38.61 -64.46
N LYS AB 113 -13.12 -39.95 -64.51
CA LYS AB 113 -13.96 -40.61 -65.51
C LYS AB 113 -15.44 -40.26 -65.32
N ARG AB 114 -15.90 -40.28 -64.06
CA ARG AB 114 -17.30 -39.95 -63.80
C ARG AB 114 -17.62 -38.51 -64.21
N CYS AB 115 -16.71 -37.58 -63.93
CA CYS AB 115 -16.95 -36.16 -64.31
C CYS AB 115 -17.04 -36.02 -65.83
N PHE AB 116 -16.33 -36.88 -66.57
CA PHE AB 116 -16.40 -36.87 -68.05
C PHE AB 116 -17.83 -37.15 -68.52
N VAL AB 117 -18.42 -38.25 -68.04
CA VAL AB 117 -19.79 -38.62 -68.50
C VAL AB 117 -20.76 -37.52 -68.07
N LYS AB 118 -20.55 -36.93 -66.89
CA LYS AB 118 -21.43 -35.82 -66.41
C LYS AB 118 -21.25 -34.62 -67.34
N ALA AB 119 -20.01 -34.36 -67.77
CA ALA AB 119 -19.78 -33.26 -68.75
C ALA AB 119 -20.50 -33.61 -70.05
N SER AB 120 -20.44 -34.87 -70.46
CA SER AB 120 -21.17 -35.31 -71.68
C SER AB 120 -22.67 -35.13 -71.43
N ALA AB 121 -23.12 -35.39 -70.20
CA ALA AB 121 -24.55 -35.30 -69.85
C ALA AB 121 -25.03 -33.87 -70.07
N LEU AB 122 -24.14 -32.89 -69.97
CA LEU AB 122 -24.55 -31.48 -70.22
C LEU AB 122 -25.11 -31.41 -71.65
N HIS AB 123 -24.42 -32.03 -72.61
CA HIS AB 123 -24.92 -32.10 -74.00
C HIS AB 123 -26.11 -33.05 -73.89
N GLY AB 124 -26.94 -33.19 -74.91
CA GLY AB 124 -28.18 -33.98 -74.72
C GLY AB 124 -27.97 -35.40 -74.23
N LEU AB 125 -26.87 -36.06 -74.58
CA LEU AB 125 -26.72 -37.51 -74.29
C LEU AB 125 -26.91 -37.86 -72.80
N GLY AB 126 -27.86 -38.76 -72.49
CA GLY AB 126 -28.04 -39.26 -71.12
C GLY AB 126 -28.27 -38.22 -70.04
N LEU AB 127 -28.81 -37.05 -70.44
CA LEU AB 127 -29.11 -35.96 -69.47
C LEU AB 127 -30.14 -36.46 -68.46
N TYR AB 128 -31.04 -37.33 -68.90
CA TYR AB 128 -32.09 -37.87 -68.00
C TYR AB 128 -31.39 -38.67 -66.88
N ILE AB 129 -30.33 -39.41 -67.20
CA ILE AB 129 -29.55 -40.08 -66.11
C ILE AB 129 -28.78 -38.97 -65.39
N TYR AB 130 -28.58 -39.10 -64.07
CA TYR AB 130 -27.88 -38.07 -63.25
C TYR AB 130 -28.87 -36.94 -62.96
N ASN AB 131 -30.13 -37.12 -63.38
CA ASN AB 131 -31.19 -36.13 -63.06
C ASN AB 131 -31.39 -36.12 -61.54
N GLY AB 132 -31.16 -37.27 -60.90
CA GLY AB 132 -31.45 -37.39 -59.46
C GLY AB 132 -32.79 -38.08 -59.28
N GLU AB 133 -33.43 -38.44 -60.40
CA GLU AB 133 -34.70 -39.20 -60.33
C GLU AB 133 -34.38 -40.70 -60.32
N GLU AB 134 -35.21 -41.49 -59.63
CA GLU AB 134 -34.96 -42.95 -59.52
C GLU AB 134 -35.03 -43.62 -60.90
N LEU AB 135 -36.01 -43.22 -61.73
CA LEU AB 135 -36.17 -43.84 -63.07
C LEU AB 135 -35.37 -43.01 -64.08
N PRO AB 136 -34.40 -43.61 -64.80
CA PRO AB 136 -33.52 -42.82 -65.68
C PRO AB 136 -34.19 -42.10 -66.86
N SER AB 137 -35.08 -42.75 -67.61
CA SER AB 137 -35.63 -42.13 -68.84
C SER AB 137 -37.04 -41.57 -68.65
N ALA AB 138 -37.30 -40.36 -69.15
CA ALA AB 138 -38.67 -39.79 -69.09
C ALA AB 138 -38.96 -39.04 -70.40
N SER AB 139 -40.22 -39.03 -70.84
CA SER AB 139 -40.62 -38.30 -72.06
C SER AB 139 -41.80 -37.38 -71.70
N ASP AB 140 -41.58 -36.07 -71.68
CA ASP AB 140 -42.65 -35.12 -71.23
C ASP AB 140 -43.87 -35.23 -72.15
N ASN AB 141 -43.65 -35.34 -73.47
CA ASN AB 141 -44.81 -35.38 -74.39
C ASN AB 141 -45.66 -36.62 -74.08
N ASP AB 142 -45.00 -37.76 -73.87
CA ASP AB 142 -45.73 -39.03 -73.60
C ASP AB 142 -46.49 -38.92 -72.28
N ILE AB 143 -45.85 -38.38 -71.23
CA ILE AB 143 -46.51 -38.30 -69.90
C ILE AB 143 -47.73 -37.39 -70.00
N THR AB 144 -47.61 -36.29 -70.77
CA THR AB 144 -48.75 -35.34 -70.94
C THR AB 144 -49.91 -36.08 -71.61
N GLU AB 145 -49.62 -36.89 -72.63
CA GLU AB 145 -50.69 -37.70 -73.28
C GLU AB 145 -51.19 -38.74 -72.28
N LEU AB 146 -50.27 -39.46 -71.64
CA LEU AB 146 -50.64 -40.51 -70.67
C LEU AB 146 -51.58 -39.88 -69.64
N GLU AB 147 -51.23 -38.71 -69.12
CA GLU AB 147 -52.04 -38.05 -68.06
C GLU AB 147 -53.42 -37.74 -68.64
N GLU AB 148 -53.46 -37.24 -69.87
CA GLU AB 148 -54.77 -36.85 -70.46
C GLU AB 148 -55.64 -38.10 -70.55
N ARG AB 149 -55.07 -39.20 -71.06
CA ARG AB 149 -55.85 -40.44 -71.23
C ARG AB 149 -56.25 -41.00 -69.86
N ILE AB 150 -55.35 -41.02 -68.87
CA ILE AB 150 -55.72 -41.65 -67.57
C ILE AB 150 -56.80 -40.78 -66.91
N ASN AB 151 -56.66 -39.46 -66.98
CA ASN AB 151 -57.72 -38.56 -66.44
C ASN AB 151 -59.01 -38.77 -67.23
N GLN AB 152 -58.89 -38.92 -68.56
CA GLN AB 152 -60.09 -39.17 -69.39
C GLN AB 152 -60.72 -40.48 -68.93
N PHE AB 153 -59.90 -41.49 -68.68
CA PHE AB 153 -60.42 -42.80 -68.19
C PHE AB 153 -61.13 -42.58 -66.85
N VAL AB 154 -60.48 -41.85 -65.94
CA VAL AB 154 -61.10 -41.54 -64.62
C VAL AB 154 -62.44 -40.85 -64.86
N ASN AB 155 -62.46 -39.84 -65.74
CA ASN AB 155 -63.71 -39.10 -66.06
C ASN AB 155 -64.75 -40.05 -66.63
N LEU AB 156 -64.38 -40.89 -67.61
CA LEU AB 156 -65.38 -41.79 -68.26
C LEU AB 156 -65.92 -42.76 -67.22
N SER AB 157 -65.05 -43.27 -66.34
CA SER AB 157 -65.50 -44.22 -65.29
C SER AB 157 -66.52 -43.53 -64.39
N GLN AB 158 -66.28 -42.26 -64.05
CA GLN AB 158 -67.26 -41.48 -63.24
C GLN AB 158 -68.53 -41.33 -64.06
N GLU AB 159 -68.40 -41.06 -65.36
CA GLU AB 159 -69.58 -40.90 -66.25
C GLU AB 159 -70.35 -42.22 -66.31
N ILE AB 166 -56.33 -39.79 -61.35
CA ILE AB 166 -54.90 -39.87 -61.77
C ILE AB 166 -54.24 -41.02 -61.01
N ASP AB 167 -54.10 -40.88 -59.68
CA ASP AB 167 -53.44 -41.92 -58.86
C ASP AB 167 -54.22 -43.23 -58.95
N LYS AB 168 -55.56 -43.14 -58.97
CA LYS AB 168 -56.39 -44.36 -58.99
C LYS AB 168 -56.05 -45.15 -60.26
N THR AB 169 -55.99 -44.45 -61.40
CA THR AB 169 -55.58 -45.08 -62.67
C THR AB 169 -54.09 -45.45 -62.62
N MET AB 170 -53.28 -44.62 -61.96
CA MET AB 170 -51.80 -44.83 -61.97
C MET AB 170 -51.44 -46.20 -61.37
N ARG AB 171 -52.10 -46.60 -60.28
CA ARG AB 171 -51.73 -47.89 -59.64
C ARG AB 171 -52.10 -49.04 -60.58
N TRP AB 172 -53.05 -48.83 -61.49
CA TRP AB 172 -53.33 -49.87 -62.52
C TRP AB 172 -52.06 -50.02 -63.34
N LEU AB 173 -51.44 -48.91 -63.72
CA LEU AB 173 -50.17 -48.93 -64.49
C LEU AB 173 -49.08 -49.50 -63.57
N LYS AB 174 -49.25 -49.36 -62.26
CA LYS AB 174 -48.22 -49.83 -61.28
C LYS AB 174 -46.92 -49.08 -61.58
N ILE AB 175 -47.03 -47.78 -61.87
CA ILE AB 175 -45.81 -46.95 -62.13
C ILE AB 175 -45.56 -46.08 -60.89
N SER AB 176 -44.33 -46.10 -60.36
CA SER AB 176 -44.02 -45.33 -59.13
C SER AB 176 -44.20 -43.83 -59.38
N ASN AB 177 -43.77 -43.34 -60.55
CA ASN AB 177 -43.90 -41.90 -60.88
C ASN AB 177 -44.31 -41.76 -62.34
N ILE AB 178 -45.49 -41.20 -62.60
CA ILE AB 178 -45.96 -40.97 -64.00
C ILE AB 178 -45.00 -40.00 -64.72
N ASN AB 179 -44.54 -38.96 -64.02
CA ASN AB 179 -43.71 -37.92 -64.69
C ASN AB 179 -42.42 -38.54 -65.23
N LYS AB 180 -41.77 -39.42 -64.46
CA LYS AB 180 -40.49 -40.04 -64.90
C LYS AB 180 -40.74 -41.50 -65.28
N LEU AB 181 -40.83 -41.79 -66.58
CA LEU AB 181 -41.15 -43.18 -67.01
C LEU AB 181 -40.59 -43.43 -68.40
N SER AB 182 -40.19 -44.67 -68.70
CA SER AB 182 -39.60 -44.98 -70.03
C SER AB 182 -40.69 -44.98 -71.11
N GLN AB 183 -40.44 -44.29 -72.24
CA GLN AB 183 -41.49 -44.15 -73.29
C GLN AB 183 -42.15 -45.51 -73.56
N LYS AB 184 -41.39 -46.59 -73.51
CA LYS AB 184 -41.95 -47.93 -73.82
C LYS AB 184 -43.04 -48.24 -72.79
N GLN AB 185 -42.79 -47.94 -71.51
CA GLN AB 185 -43.81 -48.17 -70.45
C GLN AB 185 -45.02 -47.24 -70.69
N ILE AB 186 -44.81 -46.00 -71.16
CA ILE AB 186 -45.99 -45.15 -71.49
C ILE AB 186 -46.80 -45.85 -72.58
N ALA AB 187 -46.12 -46.41 -73.59
CA ALA AB 187 -46.82 -47.13 -74.68
C ALA AB 187 -47.54 -48.36 -74.11
N GLU AB 188 -46.88 -49.09 -73.20
CA GLU AB 188 -47.51 -50.26 -72.56
C GLU AB 188 -48.72 -49.79 -71.76
N ALA AB 189 -48.57 -48.66 -71.04
CA ALA AB 189 -49.70 -48.10 -70.27
C ALA AB 189 -50.86 -47.84 -71.23
N HIS AB 190 -50.61 -47.09 -72.31
CA HIS AB 190 -51.72 -46.73 -73.23
C HIS AB 190 -52.54 -47.99 -73.53
N GLN AB 191 -51.87 -49.09 -73.88
CA GLN AB 191 -52.62 -50.30 -74.28
C GLN AB 191 -53.62 -50.66 -73.17
N LYS AB 192 -53.18 -50.58 -71.92
CA LYS AB 192 -54.06 -50.87 -70.77
C LYS AB 192 -55.22 -49.87 -70.77
N LEU AB 193 -54.93 -48.57 -70.70
CA LEU AB 193 -56.02 -47.57 -70.61
C LEU AB 193 -56.96 -47.70 -71.80
N ASP AB 194 -56.46 -47.80 -73.03
CA ASP AB 194 -57.38 -47.77 -74.19
C ASP AB 194 -58.34 -48.96 -74.10
N ALA AB 195 -57.81 -50.15 -73.80
CA ALA AB 195 -58.67 -51.35 -73.67
C ALA AB 195 -59.73 -51.05 -72.60
N GLY AB 196 -59.29 -50.63 -71.41
CA GLY AB 196 -60.24 -50.38 -70.31
C GLY AB 196 -61.23 -49.30 -70.69
N LEU AB 197 -60.76 -48.24 -71.34
CA LEU AB 197 -61.65 -47.11 -71.68
C LEU AB 197 -62.75 -47.65 -72.61
N LYS AB 198 -62.36 -48.48 -73.57
CA LYS AB 198 -63.34 -49.03 -74.55
C LYS AB 198 -64.36 -49.91 -73.84
N GLN AB 199 -63.90 -50.75 -72.91
CA GLN AB 199 -64.80 -51.69 -72.21
C GLN AB 199 -65.92 -50.92 -71.52
N LEU AB 200 -65.57 -49.87 -70.77
CA LEU AB 200 -66.60 -49.06 -70.07
C LEU AB 200 -67.24 -48.07 -71.06
N ASP AB 201 -66.58 -47.83 -72.20
CA ASP AB 201 -67.22 -46.97 -73.23
C ASP AB 201 -68.49 -47.69 -73.69
N SER AB 202 -68.39 -49.00 -73.93
CA SER AB 202 -69.59 -49.79 -74.30
C SER AB 202 -70.56 -49.78 -73.11
N GLU AB 203 -70.03 -49.92 -71.89
CA GLU AB 203 -70.87 -49.89 -70.66
C GLU AB 203 -71.79 -48.66 -70.71
N GLN BB 3 -14.95 -43.20 -95.08
CA GLN BB 3 -15.62 -43.21 -93.76
C GLN BB 3 -15.04 -42.09 -92.89
N THR BB 4 -14.93 -42.34 -91.59
CA THR BB 4 -14.30 -41.34 -90.66
C THR BB 4 -13.21 -42.08 -89.88
N LEU BB 5 -12.21 -41.37 -89.36
CA LEU BB 5 -11.08 -42.07 -88.71
C LEU BB 5 -11.61 -42.91 -87.55
N PHE BB 6 -12.55 -42.38 -86.77
CA PHE BB 6 -13.06 -43.14 -85.60
C PHE BB 6 -13.73 -44.42 -86.09
N GLU BB 7 -14.58 -44.31 -87.12
CA GLU BB 7 -15.32 -45.50 -87.65
C GLU BB 7 -14.32 -46.51 -88.25
N GLN BB 8 -13.33 -46.01 -88.99
CA GLN BB 8 -12.35 -46.91 -89.65
C GLN BB 8 -11.63 -47.72 -88.57
N LEU BB 9 -11.30 -47.07 -87.46
CA LEU BB 9 -10.59 -47.76 -86.35
C LEU BB 9 -11.61 -48.47 -85.45
N ASN BB 10 -12.84 -47.98 -85.38
CA ASN BB 10 -13.81 -48.59 -84.42
C ASN BB 10 -14.22 -49.97 -84.94
N SER BB 11 -14.41 -50.10 -86.26
CA SER BB 11 -14.86 -51.38 -86.84
C SER BB 11 -13.67 -52.32 -87.07
N LYS BB 12 -13.06 -52.83 -85.99
CA LYS BB 12 -11.95 -53.81 -86.09
C LYS BB 12 -12.13 -54.83 -84.96
N ASN BB 13 -11.59 -56.04 -85.11
CA ASN BB 13 -11.69 -57.01 -83.98
C ASN BB 13 -10.31 -57.15 -83.33
N VAL BB 14 -10.13 -56.58 -82.14
CA VAL BB 14 -8.82 -56.70 -81.42
C VAL BB 14 -8.98 -57.82 -80.39
N ASN BB 15 -10.08 -58.55 -80.44
CA ASN BB 15 -10.36 -59.62 -79.44
C ASN BB 15 -9.26 -60.68 -79.45
N ASP BB 16 -8.75 -61.05 -80.62
CA ASP BB 16 -7.76 -62.14 -80.69
C ASP BB 16 -6.50 -61.75 -79.90
N HIS BB 17 -6.03 -60.51 -80.07
CA HIS BB 17 -4.82 -60.04 -79.35
C HIS BB 17 -5.23 -59.41 -78.00
N THR BB 18 -5.69 -60.24 -77.06
CA THR BB 18 -6.05 -59.73 -75.70
C THR BB 18 -5.56 -60.70 -74.63
N GLU BB 19 -5.32 -60.19 -73.41
CA GLU BB 19 -4.92 -61.07 -72.28
C GLU BB 19 -5.95 -60.94 -71.17
N GLN BB 20 -6.45 -62.06 -70.64
CA GLN BB 20 -7.42 -62.03 -69.52
C GLN BB 20 -6.66 -62.13 -68.20
N LYS BB 21 -6.36 -60.99 -67.58
CA LYS BB 21 -5.66 -60.97 -66.27
C LYS BB 21 -6.56 -60.29 -65.24
N ASN BB 22 -6.87 -60.98 -64.13
CA ASN BB 22 -7.73 -60.40 -63.06
C ASN BB 22 -9.17 -60.33 -63.55
N GLY BB 23 -9.50 -61.02 -64.64
CA GLY BB 23 -10.85 -60.95 -65.21
C GLY BB 23 -11.08 -59.70 -66.05
N LEU BB 24 -10.02 -58.99 -66.42
CA LEU BB 24 -10.18 -57.82 -67.32
C LEU BB 24 -9.56 -58.13 -68.68
N THR BB 25 -9.96 -57.39 -69.71
CA THR BB 25 -9.45 -57.65 -71.09
C THR BB 25 -8.50 -56.51 -71.48
N TYR BB 26 -7.29 -56.85 -71.92
CA TYR BB 26 -6.28 -55.82 -72.29
C TYR BB 26 -5.75 -56.09 -73.69
N LEU BB 27 -5.66 -55.09 -74.56
CA LEU BB 27 -5.02 -55.33 -75.89
C LEU BB 27 -3.55 -54.94 -75.77
N ALA BB 28 -2.65 -55.78 -76.29
CA ALA BB 28 -1.19 -55.53 -76.12
C ALA BB 28 -0.78 -54.26 -76.88
N TRP BB 29 0.19 -53.52 -76.35
CA TRP BB 29 0.65 -52.27 -77.00
C TRP BB 29 1.25 -52.58 -78.38
N SER BB 30 1.96 -53.70 -78.50
CA SER BB 30 2.50 -54.10 -79.82
C SER BB 30 1.42 -53.94 -80.88
N TYR BB 31 0.26 -54.58 -80.68
CA TYR BB 31 -0.86 -54.49 -81.65
C TYR BB 31 -1.28 -53.01 -81.80
N ALA BB 32 -1.51 -52.32 -80.69
CA ALA BB 32 -2.02 -50.93 -80.81
C ALA BB 32 -1.00 -50.07 -81.56
N HIS BB 33 0.29 -50.21 -81.23
CA HIS BB 33 1.32 -49.34 -81.85
C HIS BB 33 1.37 -49.60 -83.36
N GLN BB 34 1.33 -50.88 -83.75
CA GLN BB 34 1.47 -51.21 -85.20
C GLN BB 34 0.27 -50.62 -85.96
N GLU BB 35 -0.93 -50.73 -85.40
CA GLU BB 35 -2.14 -50.26 -86.13
C GLU BB 35 -2.02 -48.76 -86.37
N LEU BB 36 -1.53 -48.02 -85.38
CA LEU BB 36 -1.39 -46.54 -85.54
C LEU BB 36 -0.40 -46.26 -86.67
N LYS BB 37 0.70 -47.01 -86.73
CA LYS BB 37 1.67 -46.86 -87.85
C LYS BB 37 0.99 -47.24 -89.17
N LYS BB 38 0.15 -48.28 -89.16
CA LYS BB 38 -0.51 -48.75 -90.42
C LYS BB 38 -1.40 -47.64 -90.96
N ILE BB 39 -2.11 -46.93 -90.08
CA ILE BB 39 -3.05 -45.86 -90.53
C ILE BB 39 -2.25 -44.60 -90.83
N ASP BB 40 -1.16 -44.38 -90.11
CA ASP BB 40 -0.36 -43.14 -90.27
C ASP BB 40 1.13 -43.48 -90.09
N PRO BB 41 1.98 -43.38 -91.13
CA PRO BB 41 3.39 -43.77 -90.98
C PRO BB 41 4.08 -42.93 -89.91
N ASN BB 42 3.74 -41.63 -89.82
CA ASN BB 42 4.43 -40.73 -88.85
C ASN BB 42 3.43 -40.26 -87.78
N TYR BB 43 3.43 -40.90 -86.61
CA TYR BB 43 2.59 -40.49 -85.51
C TYR BB 43 3.42 -40.42 -84.24
N THR BB 44 2.98 -39.59 -83.30
CA THR BB 44 3.78 -39.23 -82.13
C THR BB 44 3.12 -39.74 -80.86
N VAL BB 45 3.95 -40.30 -79.97
CA VAL BB 45 3.54 -40.68 -78.62
C VAL BB 45 4.43 -39.90 -77.65
N LYS BB 46 3.80 -39.16 -76.74
CA LYS BB 46 4.53 -38.31 -75.80
C LYS BB 46 4.08 -38.65 -74.39
N VAL BB 47 5.02 -38.96 -73.51
CA VAL BB 47 4.73 -39.21 -72.11
C VAL BB 47 5.07 -37.95 -71.32
N HIS BB 48 4.05 -37.34 -70.71
CA HIS BB 48 4.28 -36.05 -70.04
C HIS BB 48 5.18 -36.21 -68.82
N GLU BB 49 5.98 -35.18 -68.54
CA GLU BB 49 6.93 -35.22 -67.41
C GLU BB 49 6.56 -34.10 -66.44
N PHE BB 50 6.51 -34.37 -65.13
CA PHE BB 50 6.03 -33.32 -64.20
C PHE BB 50 7.05 -33.15 -63.07
N PRO BB 51 7.42 -31.93 -62.60
CA PRO BB 51 8.43 -31.82 -61.54
C PRO BB 51 8.04 -32.66 -60.33
N HIS BB 52 8.89 -33.62 -59.94
CA HIS BB 52 8.56 -34.52 -58.80
C HIS BB 52 8.52 -33.68 -57.53
N PRO BB 53 7.51 -33.84 -56.64
CA PRO BB 53 7.37 -32.97 -55.45
C PRO BB 53 8.50 -33.05 -54.42
N ASP BB 54 8.70 -34.22 -53.81
CA ASP BB 54 9.68 -34.37 -52.70
C ASP BB 54 11.07 -33.88 -53.10
N ILE BB 55 11.58 -34.35 -54.24
CA ILE BB 55 12.95 -33.96 -54.69
C ILE BB 55 13.00 -32.43 -54.82
N ASN BB 56 12.13 -31.85 -55.64
CA ASN BB 56 12.07 -30.37 -55.80
C ASN BB 56 13.47 -29.89 -56.24
N THR BB 57 14.11 -30.63 -57.14
CA THR BB 57 15.42 -30.17 -57.69
C THR BB 57 15.16 -29.41 -58.99
N GLU BB 58 15.86 -28.29 -59.20
CA GLU BB 58 15.64 -27.47 -60.41
C GLU BB 58 15.97 -28.29 -61.65
N ASN BB 59 15.12 -28.23 -62.68
CA ASN BB 59 15.38 -28.95 -63.96
C ASN BB 59 15.23 -30.45 -63.74
N TYR BB 60 14.66 -30.86 -62.60
CA TYR BB 60 14.41 -32.30 -62.37
C TYR BB 60 12.94 -32.63 -62.71
N PHE BB 61 12.73 -33.37 -63.81
CA PHE BB 61 11.35 -33.72 -64.24
C PHE BB 61 11.21 -35.24 -64.38
N VAL BB 62 10.52 -35.89 -63.44
CA VAL BB 62 10.25 -37.35 -63.54
C VAL BB 62 9.13 -37.58 -64.57
N PRO BB 63 8.89 -38.79 -65.12
CA PRO BB 63 7.88 -38.96 -66.16
C PRO BB 63 6.47 -39.23 -65.60
N TYR BB 64 6.28 -39.17 -64.29
CA TYR BB 64 4.96 -39.48 -63.69
C TYR BB 64 4.66 -38.57 -62.50
N LEU BB 65 3.37 -38.35 -62.20
CA LEU BB 65 2.98 -37.52 -61.03
C LEU BB 65 3.24 -38.30 -59.74
N ALA BB 66 3.76 -37.62 -58.71
CA ALA BB 66 3.91 -38.29 -57.40
C ALA BB 66 3.11 -37.47 -56.38
N THR BB 67 2.17 -38.11 -55.68
CA THR BB 67 1.30 -37.35 -54.75
C THR BB 67 1.14 -38.15 -53.45
N PRO BB 68 0.84 -37.52 -52.30
CA PRO BB 68 0.60 -38.26 -51.06
C PRO BB 68 -0.60 -39.19 -51.33
N GLU BB 69 -1.60 -38.68 -52.06
CA GLU BB 69 -2.79 -39.51 -52.40
C GLU BB 69 -2.35 -40.72 -53.25
N GLY BB 70 -1.43 -40.52 -54.20
CA GLY BB 70 -0.95 -41.71 -54.95
C GLY BB 70 -0.08 -41.35 -56.14
N TYR BB 71 -0.34 -41.96 -57.30
CA TYR BB 71 0.51 -41.74 -58.50
C TYR BB 71 -0.31 -41.65 -59.79
N PHE BB 72 0.05 -40.70 -60.66
CA PHE BB 72 -0.70 -40.51 -61.93
C PHE BB 72 0.26 -40.47 -63.11
N VAL BB 73 -0.18 -40.97 -64.25
CA VAL BB 73 0.58 -40.96 -65.49
C VAL BB 73 -0.26 -40.31 -66.58
N GLN BB 74 0.40 -39.79 -67.61
CA GLN BB 74 -0.28 -39.14 -68.72
C GLN BB 74 0.41 -39.50 -70.02
N VAL BB 75 -0.38 -39.79 -71.05
CA VAL BB 75 0.13 -40.15 -72.37
C VAL BB 75 -0.68 -39.40 -73.41
N SER BB 76 0.00 -38.74 -74.35
CA SER BB 76 -0.67 -38.00 -75.44
C SER BB 76 -0.34 -38.61 -76.81
N VAL BB 77 -1.32 -39.19 -77.48
CA VAL BB 77 -1.14 -39.87 -78.76
C VAL BB 77 -1.69 -38.98 -79.86
N THR BB 78 -0.83 -38.61 -80.81
CA THR BB 78 -1.28 -37.80 -81.96
C THR BB 78 -1.34 -38.70 -83.20
N VAL BB 79 -2.53 -39.22 -83.52
CA VAL BB 79 -2.69 -40.06 -84.73
C VAL BB 79 -3.17 -39.16 -85.88
N LYS BB 80 -2.39 -39.08 -86.96
CA LYS BB 80 -2.73 -38.13 -88.05
C LYS BB 80 -2.85 -36.73 -87.44
N ASP BB 81 -3.78 -35.92 -87.93
CA ASP BB 81 -4.02 -34.58 -87.36
C ASP BB 81 -4.58 -34.71 -85.93
N SER BB 82 -5.45 -35.70 -85.69
CA SER BB 82 -6.12 -35.80 -84.37
C SER BB 82 -5.10 -36.02 -83.23
N THR BB 83 -5.34 -35.38 -82.09
CA THR BB 83 -4.46 -35.57 -80.90
C THR BB 83 -5.35 -35.77 -79.67
N GLU BB 84 -4.84 -36.42 -78.62
CA GLU BB 84 -5.69 -36.67 -77.43
C GLU BB 84 -4.81 -37.15 -76.27
N THR BB 85 -5.35 -37.20 -75.05
CA THR BB 85 -4.51 -37.52 -73.86
C THR BB 85 -5.31 -38.40 -72.90
N GLU BB 86 -4.63 -39.24 -72.11
CA GLU BB 86 -5.35 -40.07 -71.11
C GLU BB 86 -4.63 -40.02 -69.75
N TRP BB 87 -5.37 -39.90 -68.65
CA TRP BB 87 -4.77 -40.00 -67.29
C TRP BB 87 -5.00 -41.42 -66.77
N LEU BB 88 -4.13 -41.94 -65.91
CA LEU BB 88 -4.46 -43.25 -65.32
C LEU BB 88 -3.83 -43.35 -63.95
N PRO BB 89 -4.38 -44.10 -62.96
CA PRO BB 89 -3.71 -44.28 -61.68
C PRO BB 89 -2.74 -45.46 -61.75
N VAL BB 90 -1.54 -45.32 -61.19
CA VAL BB 90 -0.61 -46.48 -61.14
C VAL BB 90 -1.23 -47.49 -60.18
N LEU BB 91 -1.29 -48.78 -60.53
CA LEU BB 91 -2.00 -49.78 -59.69
C LEU BB 91 -1.14 -51.02 -59.46
N ASP BB 92 -1.47 -51.82 -58.43
CA ASP BB 92 -0.74 -53.08 -58.13
C ASP BB 92 -1.06 -54.16 -59.16
N PHE BB 93 -0.51 -55.36 -58.99
CA PHE BB 93 -0.83 -56.49 -59.90
C PHE BB 93 -2.23 -57.01 -59.56
N ARG BB 94 -2.78 -56.61 -58.41
CA ARG BB 94 -4.16 -57.01 -58.03
C ARG BB 94 -5.13 -55.87 -58.34
N ASN BB 95 -4.69 -54.89 -59.13
CA ASN BB 95 -5.54 -53.70 -59.41
C ASN BB 95 -5.95 -53.00 -58.12
N LYS BB 96 -4.99 -52.73 -57.24
CA LYS BB 96 -5.25 -51.96 -55.99
C LYS BB 96 -4.38 -50.70 -56.06
N SER BB 97 -4.72 -49.65 -55.31
CA SER BB 97 -3.96 -48.37 -55.41
C SER BB 97 -2.60 -48.49 -54.71
N LEU BB 98 -1.63 -47.68 -55.13
CA LEU BB 98 -0.29 -47.66 -54.47
C LEU BB 98 -0.09 -46.31 -53.78
N ALA BB 99 0.18 -46.32 -52.48
CA ALA BB 99 0.30 -45.06 -51.71
C ALA BB 99 1.67 -44.44 -51.94
N LYS BB 100 1.86 -43.18 -51.56
CA LYS BB 100 3.15 -42.49 -51.84
C LYS BB 100 4.29 -43.24 -51.15
N GLY BB 101 5.33 -43.63 -51.90
CA GLY BB 101 6.46 -44.38 -51.33
C GLY BB 101 6.28 -45.89 -51.39
N SER BB 102 5.22 -46.39 -52.02
CA SER BB 102 5.09 -47.86 -52.15
C SER BB 102 5.16 -48.34 -53.61
N ALA BB 103 5.46 -47.44 -54.55
CA ALA BB 103 5.46 -47.83 -55.97
C ALA BB 103 6.88 -48.21 -56.41
N THR BB 104 6.98 -49.01 -57.47
CA THR BB 104 8.31 -49.39 -58.01
C THR BB 104 8.36 -48.98 -59.48
N THR BB 105 9.53 -48.55 -59.96
CA THR BB 105 9.63 -48.08 -61.36
C THR BB 105 8.87 -49.02 -62.30
N PHE BB 106 8.93 -50.33 -62.04
CA PHE BB 106 8.27 -51.31 -62.92
C PHE BB 106 6.77 -51.01 -62.96
N ASP BB 107 6.20 -50.69 -61.79
CA ASP BB 107 4.76 -50.35 -61.73
C ASP BB 107 4.49 -49.15 -62.64
N ILE BB 108 5.41 -48.18 -62.66
CA ILE BB 108 5.14 -46.95 -63.45
C ILE BB 108 5.20 -47.30 -64.94
N ASN BB 109 6.18 -48.11 -65.36
CA ASN BB 109 6.29 -48.37 -66.82
C ASN BB 109 5.07 -49.17 -67.28
N LYS BB 110 4.61 -50.15 -66.47
CA LYS BB 110 3.41 -50.88 -66.87
C LYS BB 110 2.22 -49.93 -67.02
N ALA BB 111 2.07 -49.00 -66.08
CA ALA BB 111 0.98 -48.03 -66.17
C ALA BB 111 1.15 -47.14 -67.39
N GLN BB 112 2.37 -46.76 -67.73
CA GLN BB 112 2.61 -45.95 -68.91
C GLN BB 112 2.19 -46.69 -70.18
N LYS BB 113 2.56 -47.96 -70.30
CA LYS BB 113 2.16 -48.74 -71.47
C LYS BB 113 0.64 -48.88 -71.53
N ARG BB 114 0.00 -49.17 -70.39
CA ARG BB 114 -1.45 -49.31 -70.38
C ARG BB 114 -2.14 -48.01 -70.77
N CYS BB 115 -1.64 -46.88 -70.29
CA CYS BB 115 -2.25 -45.57 -70.64
C CYS BB 115 -2.14 -45.32 -72.15
N PHE BB 116 -1.08 -45.84 -72.78
CA PHE BB 116 -0.91 -45.70 -74.25
C PHE BB 116 -2.08 -46.35 -74.98
N VAL BB 117 -2.35 -47.62 -74.66
CA VAL BB 117 -3.44 -48.35 -75.39
C VAL BB 117 -4.76 -47.64 -75.09
N LYS BB 118 -4.96 -47.17 -73.86
CA LYS BB 118 -6.20 -46.42 -73.52
C LYS BB 118 -6.26 -45.14 -74.35
N ALA BB 119 -5.13 -44.45 -74.52
CA ALA BB 119 -5.10 -43.25 -75.38
C ALA BB 119 -5.46 -43.66 -76.82
N SER BB 120 -4.92 -44.80 -77.27
CA SER BB 120 -5.28 -45.32 -78.62
C SER BB 120 -6.77 -45.64 -78.64
N ALA BB 121 -7.30 -46.14 -77.53
CA ALA BB 121 -8.73 -46.53 -77.45
C ALA BB 121 -9.60 -45.30 -77.69
N LEU BB 122 -9.10 -44.10 -77.38
CA LEU BB 122 -9.89 -42.87 -77.63
C LEU BB 122 -10.21 -42.83 -79.14
N HIS BB 123 -9.22 -43.12 -79.99
CA HIS BB 123 -9.43 -43.20 -81.45
C HIS BB 123 -10.27 -44.47 -81.59
N GLY BB 124 -10.82 -44.76 -82.76
CA GLY BB 124 -11.76 -45.90 -82.83
C GLY BB 124 -11.19 -47.24 -82.38
N LEU BB 125 -9.89 -47.48 -82.56
CA LEU BB 125 -9.34 -48.84 -82.30
C LEU BB 125 -9.65 -49.38 -80.90
N GLY BB 126 -10.29 -50.55 -80.80
CA GLY BB 126 -10.53 -51.23 -79.50
C GLY BB 126 -11.24 -50.40 -78.45
N LEU BB 127 -12.10 -49.46 -78.84
CA LEU BB 127 -12.83 -48.72 -77.78
C LEU BB 127 -13.75 -49.67 -77.01
N TYR BB 128 -14.34 -50.66 -77.67
CA TYR BB 128 -15.31 -51.55 -76.98
C TYR BB 128 -14.65 -52.18 -75.76
N ILE BB 129 -13.37 -52.56 -75.85
CA ILE BB 129 -12.65 -53.13 -74.68
C ILE BB 129 -12.54 -52.07 -73.57
N TYR BB 130 -12.17 -50.84 -73.92
CA TYR BB 130 -11.96 -49.79 -72.89
C TYR BB 130 -13.14 -48.82 -72.89
N GLN CB 3 7.07 -49.91 -100.66
CA GLN CB 3 6.07 -50.04 -99.58
C GLN CB 3 6.28 -48.92 -98.55
N THR CB 4 6.61 -49.29 -97.31
CA THR CB 4 6.81 -48.29 -96.22
C THR CB 4 7.78 -48.88 -95.19
N LEU CB 5 8.37 -48.03 -94.34
CA LEU CB 5 9.38 -48.50 -93.37
C LEU CB 5 8.74 -49.49 -92.39
N PHE CB 6 7.57 -49.16 -91.85
CA PHE CB 6 6.97 -50.03 -90.82
C PHE CB 6 6.77 -51.42 -91.40
N GLU CB 7 6.08 -51.52 -92.54
CA GLU CB 7 5.77 -52.86 -93.10
C GLU CB 7 7.05 -53.62 -93.44
N GLN CB 8 7.98 -53.01 -94.17
CA GLN CB 8 9.26 -53.67 -94.51
C GLN CB 8 9.91 -54.21 -93.23
N LEU CB 9 10.14 -53.34 -92.25
CA LEU CB 9 10.81 -53.73 -90.99
C LEU CB 9 9.95 -54.77 -90.24
N ASN CB 10 8.63 -54.58 -90.24
CA ASN CB 10 7.74 -55.49 -89.46
C ASN CB 10 7.87 -56.91 -90.05
N SER CB 11 7.94 -57.02 -91.37
CA SER CB 11 8.00 -58.36 -92.01
C SER CB 11 9.45 -58.88 -92.03
N LYS CB 12 9.98 -59.24 -90.86
CA LYS CB 12 11.35 -59.84 -90.77
C LYS CB 12 11.29 -60.92 -89.69
N ASN CB 13 12.19 -61.91 -89.72
CA ASN CB 13 12.20 -62.91 -88.62
C ASN CB 13 13.43 -62.67 -87.74
N VAL CB 14 13.22 -62.13 -86.54
CA VAL CB 14 14.34 -61.89 -85.60
C VAL CB 14 14.34 -63.02 -84.58
N ASN CB 15 13.58 -64.08 -84.85
CA ASN CB 15 13.47 -65.23 -83.91
C ASN CB 15 14.83 -65.91 -83.71
N ASP CB 16 15.61 -66.05 -84.78
CA ASP CB 16 16.89 -66.80 -84.66
C ASP CB 16 17.82 -66.10 -83.68
N HIS CB 17 17.91 -64.76 -83.77
CA HIS CB 17 18.78 -63.98 -82.85
C HIS CB 17 17.99 -63.57 -81.60
N THR CB 18 17.60 -64.54 -80.77
CA THR CB 18 16.87 -64.21 -79.51
C THR CB 18 17.43 -65.02 -78.34
N GLU CB 19 17.35 -64.46 -77.13
CA GLU CB 19 17.81 -65.19 -75.93
C GLU CB 19 16.63 -65.32 -74.96
N GLN CB 20 16.39 -66.54 -74.46
CA GLN CB 20 15.28 -66.75 -73.49
C GLN CB 20 15.86 -66.60 -72.08
N LYS CB 21 15.59 -65.46 -71.44
CA LYS CB 21 16.06 -65.25 -70.04
C LYS CB 21 14.82 -64.98 -69.17
N ASN CB 22 14.65 -65.75 -68.10
CA ASN CB 22 13.48 -65.58 -67.19
C ASN CB 22 12.21 -65.97 -67.96
N GLY CB 23 12.36 -66.69 -69.07
CA GLY CB 23 11.20 -67.10 -69.89
C GLY CB 23 10.74 -66.01 -70.84
N LEU CB 24 11.49 -64.91 -70.93
CA LEU CB 24 11.12 -63.82 -71.89
C LEU CB 24 12.05 -63.87 -73.11
N THR CB 25 11.55 -63.45 -74.28
CA THR CB 25 12.33 -63.47 -75.54
C THR CB 25 12.95 -62.09 -75.76
N TYR CB 26 14.26 -62.02 -75.99
CA TYR CB 26 14.95 -60.73 -76.17
C TYR CB 26 15.78 -60.77 -77.46
N LEU CB 27 15.71 -59.74 -78.30
CA LEU CB 27 16.59 -59.71 -79.50
C LEU CB 27 17.84 -58.92 -79.14
N ALA CB 28 19.03 -59.42 -79.48
CA ALA CB 28 20.30 -58.76 -79.07
C ALA CB 28 20.42 -57.39 -79.76
N TRP CB 29 20.93 -56.39 -79.02
CA TRP CB 29 21.03 -55.02 -79.58
C TRP CB 29 21.84 -55.06 -80.87
N SER CB 30 22.77 -56.02 -80.99
CA SER CB 30 23.65 -56.06 -82.16
C SER CB 30 22.81 -56.25 -83.44
N TYR CB 31 21.84 -57.17 -83.39
CA TYR CB 31 20.97 -57.41 -84.56
C TYR CB 31 20.16 -56.15 -84.85
N ALA CB 32 19.62 -55.53 -83.81
CA ALA CB 32 18.80 -54.32 -84.02
C ALA CB 32 19.68 -53.22 -84.61
N HIS CB 33 20.89 -53.05 -84.06
CA HIS CB 33 21.76 -51.93 -84.51
C HIS CB 33 22.13 -52.15 -85.98
N GLN CB 34 22.49 -53.38 -86.35
CA GLN CB 34 22.95 -53.64 -87.74
C GLN CB 34 21.82 -53.34 -88.71
N GLU CB 35 20.59 -53.76 -88.39
CA GLU CB 35 19.47 -53.57 -89.34
C GLU CB 35 19.26 -52.05 -89.53
N LEU CB 36 19.30 -51.29 -88.43
CA LEU CB 36 19.06 -49.83 -88.51
C LEU CB 36 20.14 -49.21 -89.41
N LYS CB 37 21.39 -49.66 -89.29
CA LYS CB 37 22.48 -49.15 -90.17
C LYS CB 37 22.18 -49.52 -91.63
N LYS CB 38 21.82 -50.77 -91.92
CA LYS CB 38 21.60 -51.13 -93.35
C LYS CB 38 20.48 -50.25 -93.91
N ILE CB 39 19.32 -50.23 -93.23
CA ILE CB 39 18.15 -49.44 -93.72
C ILE CB 39 18.57 -47.98 -93.87
N ASP CB 40 19.31 -47.45 -92.88
CA ASP CB 40 19.72 -46.02 -92.91
C ASP CB 40 21.17 -45.91 -92.48
N PRO CB 41 22.12 -45.51 -93.36
CA PRO CB 41 23.53 -45.46 -92.96
C PRO CB 41 23.75 -44.51 -91.79
N ASN CB 42 23.03 -43.38 -91.77
CA ASN CB 42 23.23 -42.37 -90.70
C ASN CB 42 21.98 -42.27 -89.82
N TYR CB 43 21.99 -42.94 -88.66
CA TYR CB 43 20.87 -42.84 -87.73
C TYR CB 43 21.43 -42.59 -86.33
N THR CB 44 20.61 -41.97 -85.49
CA THR CB 44 21.05 -41.45 -84.20
C THR CB 44 20.38 -42.19 -83.06
N VAL CB 45 21.18 -42.52 -82.04
CA VAL CB 45 20.67 -43.06 -80.78
C VAL CB 45 21.12 -42.12 -79.67
N LYS CB 46 20.15 -41.63 -78.90
CA LYS CB 46 20.42 -40.65 -77.84
C LYS CB 46 19.85 -41.17 -76.53
N VAL CB 47 20.70 -41.23 -75.50
CA VAL CB 47 20.26 -41.63 -74.17
C VAL CB 47 20.07 -40.36 -73.34
N HIS CB 48 18.83 -40.11 -72.92
CA HIS CB 48 18.54 -38.83 -72.22
C HIS CB 48 19.23 -38.79 -70.86
N GLU CB 49 19.63 -37.58 -70.45
CA GLU CB 49 20.35 -37.38 -69.17
C GLU CB 49 19.50 -36.48 -68.29
N PHE CB 50 19.31 -36.82 -67.01
CA PHE CB 50 18.39 -36.00 -66.18
C PHE CB 50 19.10 -35.58 -64.89
N PRO CB 51 19.00 -34.33 -64.38
CA PRO CB 51 19.74 -33.98 -63.16
C PRO CB 51 19.42 -34.96 -62.01
N HIS CB 52 20.45 -35.64 -61.49
CA HIS CB 52 20.22 -36.65 -60.42
C HIS CB 52 19.72 -35.91 -59.17
N PRO CB 53 18.66 -36.41 -58.48
CA PRO CB 53 18.08 -35.69 -57.34
C PRO CB 53 18.99 -35.48 -56.12
N ASP CB 54 19.43 -36.56 -55.49
CA ASP CB 54 20.21 -36.46 -54.22
C ASP CB 54 21.43 -35.55 -54.37
N ILE CB 55 22.24 -35.80 -55.39
CA ILE CB 55 23.48 -35.00 -55.62
C ILE CB 55 23.10 -33.52 -55.74
N ASN CB 56 22.23 -33.20 -56.69
CA ASN CB 56 21.76 -31.79 -56.88
C ASN CB 56 23.00 -30.90 -57.07
N THR CB 57 23.98 -31.37 -57.84
CA THR CB 57 25.16 -30.51 -58.15
C THR CB 57 24.91 -29.80 -59.48
N GLU CB 58 25.27 -28.52 -59.57
CA GLU CB 58 25.01 -27.74 -60.81
C GLU CB 58 25.79 -28.36 -61.97
N ASN CB 59 25.13 -28.51 -63.13
CA ASN CB 59 25.80 -29.05 -64.34
C ASN CB 59 26.08 -30.55 -64.14
N TYR CB 60 25.46 -31.16 -63.14
CA TYR CB 60 25.62 -32.61 -62.91
C TYR CB 60 24.42 -33.36 -63.51
N PHE CB 61 24.63 -34.07 -64.63
CA PHE CB 61 23.52 -34.80 -65.29
C PHE CB 61 23.86 -36.28 -65.45
N VAL CB 62 23.24 -37.15 -64.65
CA VAL CB 62 23.45 -38.62 -64.78
C VAL CB 62 22.65 -39.11 -65.98
N PRO CB 63 22.89 -40.31 -66.56
CA PRO CB 63 22.17 -40.76 -67.74
C PRO CB 63 20.84 -41.49 -67.46
N TYR CB 64 20.40 -41.49 -66.19
CA TYR CB 64 19.15 -42.23 -65.84
C TYR CB 64 18.39 -41.49 -64.72
N LEU CB 65 17.07 -41.67 -64.66
CA LEU CB 65 16.25 -41.07 -63.57
C LEU CB 65 16.52 -41.78 -62.25
N ALA CB 66 16.63 -41.04 -61.15
CA ALA CB 66 16.76 -41.68 -59.83
C ALA CB 66 15.58 -41.20 -58.97
N THR CB 67 14.78 -42.12 -58.44
CA THR CB 67 13.58 -41.70 -57.67
C THR CB 67 13.45 -42.57 -56.42
N PRO CB 68 12.79 -42.11 -55.34
CA PRO CB 68 12.58 -42.95 -54.17
C PRO CB 68 11.78 -44.18 -54.63
N GLU CB 69 10.81 -43.96 -55.52
CA GLU CB 69 10.00 -45.09 -56.06
C GLU CB 69 10.91 -46.07 -56.80
N GLY CB 70 11.88 -45.57 -57.59
CA GLY CB 70 12.81 -46.51 -58.24
C GLY CB 70 13.72 -45.85 -59.27
N TYR CB 71 13.86 -46.46 -60.45
CA TYR CB 71 14.79 -45.94 -61.49
C TYR CB 71 14.21 -46.03 -62.91
N PHE CB 72 14.41 -44.99 -63.69
CA PHE CB 72 13.87 -44.95 -65.06
C PHE CB 72 14.97 -44.61 -66.07
N VAL CB 73 14.87 -45.14 -67.28
CA VAL CB 73 15.79 -44.84 -68.36
C VAL CB 73 14.98 -44.42 -69.59
N GLN CB 74 15.62 -43.68 -70.48
CA GLN CB 74 14.97 -43.21 -71.69
C GLN CB 74 15.96 -43.29 -72.86
N VAL CB 75 15.46 -43.74 -74.01
CA VAL CB 75 16.27 -43.87 -75.22
C VAL CB 75 15.45 -43.36 -76.39
N SER CB 76 16.06 -42.48 -77.20
CA SER CB 76 15.38 -41.91 -78.40
C SER CB 76 16.11 -42.33 -79.67
N VAL CB 77 15.47 -43.14 -80.51
CA VAL CB 77 16.07 -43.68 -81.73
C VAL CB 77 15.47 -42.94 -82.92
N THR CB 78 16.33 -42.29 -83.71
CA THR CB 78 15.84 -41.59 -84.92
C THR CB 78 16.26 -42.42 -86.14
N VAL CB 79 15.36 -43.25 -86.66
CA VAL CB 79 15.67 -44.05 -87.89
C VAL CB 79 15.14 -43.27 -89.10
N LYS CB 80 16.02 -42.91 -90.03
CA LYS CB 80 15.59 -42.05 -91.17
C LYS CB 80 14.96 -40.79 -90.58
N ASP CB 81 13.94 -40.27 -91.25
CA ASP CB 81 13.20 -39.08 -90.73
C ASP CB 81 12.48 -39.44 -89.43
N SER CB 82 11.92 -40.65 -89.32
CA SER CB 82 11.11 -41.02 -88.14
C SER CB 82 11.93 -40.98 -86.85
N THR CB 83 11.33 -40.50 -85.76
CA THR CB 83 12.01 -40.47 -84.44
C THR CB 83 11.04 -40.97 -83.39
N GLU CB 84 11.53 -41.50 -82.27
CA GLU CB 84 10.61 -42.05 -81.23
C GLU CB 84 11.38 -42.30 -79.93
N THR CB 85 10.69 -42.56 -78.82
CA THR CB 85 11.38 -42.67 -77.51
C THR CB 85 10.73 -43.80 -76.69
N GLU CB 86 11.47 -44.43 -75.80
CA GLU CB 86 10.89 -45.48 -74.93
C GLU CB 86 11.33 -45.30 -73.47
N TRP CB 87 10.42 -45.50 -72.52
CA TRP CB 87 10.76 -45.46 -71.07
C TRP CB 87 10.93 -46.89 -70.55
N LEU CB 88 11.95 -47.15 -69.72
CA LEU CB 88 12.09 -48.50 -69.09
C LEU CB 88 12.39 -48.39 -67.59
N PRO CB 89 11.87 -49.32 -66.76
CA PRO CB 89 12.24 -49.36 -65.36
C PRO CB 89 13.60 -50.06 -65.23
N VAL CB 90 14.35 -49.76 -64.17
CA VAL CB 90 15.62 -50.51 -63.95
C VAL CB 90 15.29 -51.70 -63.05
N LEU CB 91 15.53 -52.93 -63.52
CA LEU CB 91 15.08 -54.11 -62.75
C LEU CB 91 16.26 -55.02 -62.36
N ASP CB 92 15.98 -56.18 -61.74
CA ASP CB 92 17.08 -57.15 -61.48
C ASP CB 92 17.27 -57.98 -62.74
N PHE CB 93 18.08 -59.04 -62.69
CA PHE CB 93 18.15 -59.95 -63.85
C PHE CB 93 16.72 -60.48 -64.00
N ARG CB 94 16.09 -60.83 -62.89
CA ARG CB 94 14.66 -61.27 -62.90
C ARG CB 94 13.81 -60.01 -62.96
N ASN CB 95 12.51 -60.13 -63.25
CA ASN CB 95 11.69 -58.90 -63.42
C ASN CB 95 11.32 -58.38 -62.03
N LYS CB 96 12.31 -57.85 -61.30
CA LYS CB 96 12.07 -57.32 -59.93
C LYS CB 96 12.59 -55.88 -59.88
N SER CB 97 11.88 -54.99 -59.17
CA SER CB 97 12.27 -53.56 -59.13
C SER CB 97 13.52 -53.33 -58.27
N LEU CB 98 14.24 -52.24 -58.52
CA LEU CB 98 15.41 -51.86 -57.68
C LEU CB 98 15.08 -50.59 -56.90
N ALA CB 99 14.84 -50.69 -55.59
CA ALA CB 99 14.45 -49.48 -54.82
C ALA CB 99 15.60 -48.49 -54.80
N LYS CB 100 15.33 -47.24 -54.41
CA LYS CB 100 16.38 -46.18 -54.47
C LYS CB 100 17.55 -46.60 -53.58
N GLY CB 101 18.77 -46.63 -54.13
CA GLY CB 101 19.97 -47.03 -53.38
C GLY CB 101 20.27 -48.52 -53.46
N SER CB 102 19.53 -49.28 -54.26
CA SER CB 102 19.87 -50.72 -54.41
C SER CB 102 20.33 -51.08 -55.82
N ALA CB 103 20.49 -50.09 -56.70
CA ALA CB 103 20.84 -50.40 -58.10
C ALA CB 103 22.36 -50.31 -58.29
N THR CB 104 22.87 -50.97 -59.34
CA THR CB 104 24.32 -50.87 -59.65
C THR CB 104 24.44 -50.13 -60.98
N THR CB 105 25.63 -49.65 -61.31
CA THR CB 105 25.84 -48.99 -62.63
C THR CB 105 25.55 -50.03 -63.72
N PHE CB 106 25.92 -51.29 -63.49
CA PHE CB 106 25.72 -52.35 -64.51
C PHE CB 106 24.23 -52.52 -64.82
N ASP CB 107 23.38 -52.48 -63.78
CA ASP CB 107 21.92 -52.70 -64.01
C ASP CB 107 21.42 -51.57 -64.92
N ILE CB 108 21.89 -50.34 -64.68
CA ILE CB 108 21.44 -49.18 -65.51
C ILE CB 108 21.87 -49.43 -66.95
N ASN CB 109 23.09 -49.93 -67.15
CA ASN CB 109 23.61 -50.17 -68.52
C ASN CB 109 22.72 -51.20 -69.23
N LYS CB 110 22.51 -52.36 -68.59
CA LYS CB 110 21.67 -53.39 -69.18
C LYS CB 110 20.29 -52.85 -69.54
N ALA CB 111 19.71 -52.03 -68.65
CA ALA CB 111 18.41 -51.43 -68.93
C ALA CB 111 18.49 -50.47 -70.10
N GLN CB 112 19.59 -49.73 -70.22
CA GLN CB 112 19.77 -48.83 -71.36
C GLN CB 112 19.81 -49.60 -72.67
N LYS CB 113 20.57 -50.70 -72.71
CA LYS CB 113 20.62 -51.51 -73.93
C LYS CB 113 19.24 -52.09 -74.26
N ARG CB 114 18.54 -52.60 -73.25
CA ARG CB 114 17.22 -53.18 -73.49
C ARG CB 114 16.24 -52.13 -73.99
N CYS CB 115 16.29 -50.91 -73.44
CA CYS CB 115 15.38 -49.82 -73.90
C CYS CB 115 15.66 -49.48 -75.37
N PHE CB 116 16.91 -49.65 -75.80
CA PHE CB 116 17.29 -49.39 -77.21
C PHE CB 116 16.50 -50.33 -78.14
N VAL CB 117 16.57 -51.63 -77.87
CA VAL CB 117 15.90 -52.62 -78.77
C VAL CB 117 14.39 -52.35 -78.72
N LYS CB 118 13.88 -51.99 -77.53
CA LYS CB 118 12.43 -51.66 -77.38
C LYS CB 118 12.12 -50.45 -78.26
N ALA CB 119 13.00 -49.44 -78.23
CA ALA CB 119 12.80 -48.25 -79.08
C ALA CB 119 12.83 -48.67 -80.55
N SER CB 120 13.75 -49.58 -80.90
CA SER CB 120 13.81 -50.11 -82.29
C SER CB 120 12.50 -50.86 -82.57
N ALA CB 121 11.96 -51.56 -81.56
CA ALA CB 121 10.72 -52.35 -81.72
C ALA CB 121 9.58 -51.42 -82.13
N LEU CB 122 9.64 -50.15 -81.74
CA LEU CB 122 8.57 -49.20 -82.13
C LEU CB 122 8.52 -49.19 -83.66
N HIS CB 123 9.67 -49.11 -84.33
CA HIS CB 123 9.73 -49.20 -85.80
C HIS CB 123 9.36 -50.65 -86.08
N GLY CB 124 9.12 -51.03 -87.33
CA GLY CB 124 8.59 -52.40 -87.56
C GLY CB 124 9.46 -53.51 -87.01
N LEU CB 125 10.78 -53.36 -86.95
CA LEU CB 125 11.66 -54.51 -86.60
C LEU CB 125 11.30 -55.18 -85.27
N GLY CB 126 11.03 -56.49 -85.27
CA GLY CB 126 10.81 -57.26 -84.04
C GLY CB 126 9.70 -56.75 -83.13
N LEU CB 127 8.68 -56.08 -83.67
CA LEU CB 127 7.58 -55.64 -82.78
C LEU CB 127 6.86 -56.85 -82.16
N TYR CB 128 6.74 -57.95 -82.91
CA TYR CB 128 5.98 -59.11 -82.39
C TYR CB 128 6.59 -59.59 -81.06
N ILE CB 129 7.92 -59.55 -80.94
CA ILE CB 129 8.58 -59.95 -79.65
C ILE CB 129 8.17 -58.96 -78.54
N TYR CB 130 8.13 -57.66 -78.86
CA TYR CB 130 7.85 -56.65 -77.80
C TYR CB 130 6.44 -56.07 -78.01
N GLN DB 3 30.37 -50.18 -101.43
CA GLN DB 3 29.31 -50.65 -100.51
C GLN DB 3 28.98 -49.56 -99.50
N THR DB 4 29.21 -49.83 -98.21
CA THR DB 4 28.91 -48.86 -97.13
C THR DB 4 29.84 -49.12 -95.95
N LEU DB 5 29.97 -48.15 -95.03
CA LEU DB 5 30.92 -48.31 -93.90
C LEU DB 5 30.49 -49.47 -93.01
N PHE DB 6 29.22 -49.55 -92.63
CA PHE DB 6 28.87 -50.62 -91.66
C PHE DB 6 29.16 -51.99 -92.31
N GLU DB 7 28.69 -52.25 -93.53
CA GLU DB 7 28.90 -53.60 -94.10
C GLU DB 7 30.42 -53.90 -94.22
N GLN DB 8 31.19 -52.99 -94.81
CA GLN DB 8 32.66 -53.20 -94.92
C GLN DB 8 33.23 -53.54 -93.54
N LEU DB 9 33.02 -52.67 -92.56
CA LEU DB 9 33.57 -52.85 -91.19
C LEU DB 9 32.99 -54.13 -90.57
N ASN DB 10 31.69 -54.39 -90.79
CA ASN DB 10 31.03 -55.55 -90.13
C ASN DB 10 31.70 -56.83 -90.65
N SER DB 11 32.02 -56.89 -91.94
CA SER DB 11 32.60 -58.11 -92.53
C SER DB 11 34.11 -58.14 -92.31
N LYS DB 12 34.55 -58.34 -91.06
CA LYS DB 12 36.00 -58.47 -90.74
C LYS DB 12 36.12 -59.54 -89.64
N ASN DB 13 37.30 -60.19 -89.52
CA ASN DB 13 37.45 -61.17 -88.41
C ASN DB 13 38.38 -60.57 -87.36
N VAL DB 14 37.82 -60.15 -86.22
CA VAL DB 14 38.64 -59.58 -85.12
C VAL DB 14 38.85 -60.69 -84.07
N ASN DB 15 38.53 -61.93 -84.44
CA ASN DB 15 38.64 -63.08 -83.50
C ASN DB 15 40.10 -63.29 -83.08
N ASP DB 16 41.04 -63.14 -84.01
CA ASP DB 16 42.46 -63.44 -83.67
C ASP DB 16 42.94 -62.50 -82.56
N HIS DB 17 42.62 -61.21 -82.67
CA HIS DB 17 43.03 -60.22 -81.64
C HIS DB 17 41.97 -60.12 -80.54
N THR DB 18 41.82 -61.17 -79.73
CA THR DB 18 40.85 -61.13 -78.60
C THR DB 18 41.46 -61.77 -77.36
N GLU DB 19 40.99 -61.38 -76.18
CA GLU DB 19 41.47 -61.98 -74.91
C GLU DB 19 40.29 -62.62 -74.19
N GLN DB 20 40.42 -63.88 -73.76
CA GLN DB 20 39.33 -64.56 -73.01
C GLN DB 20 39.57 -64.37 -71.51
N LYS DB 21 38.95 -63.34 -70.91
CA LYS DB 21 39.07 -63.10 -69.45
C LYS DB 21 37.70 -63.21 -68.81
N ASN DB 22 37.54 -64.08 -67.80
CA ASN DB 22 36.24 -64.25 -67.10
C ASN DB 22 35.25 -64.96 -68.03
N GLY DB 23 35.74 -65.57 -69.11
CA GLY DB 23 34.83 -66.23 -70.08
C GLY DB 23 34.19 -65.25 -71.04
N LEU DB 24 34.68 -64.01 -71.11
CA LEU DB 24 34.12 -63.05 -72.10
C LEU DB 24 35.19 -62.77 -73.17
N THR DB 25 34.75 -62.26 -74.33
CA THR DB 25 35.70 -61.94 -75.44
C THR DB 25 35.87 -60.42 -75.51
N TYR DB 26 37.12 -59.95 -75.48
CA TYR DB 26 37.39 -58.49 -75.56
C TYR DB 26 38.36 -58.22 -76.71
N LEU DB 27 38.08 -57.24 -77.56
CA LEU DB 27 39.04 -56.90 -78.65
C LEU DB 27 39.92 -55.73 -78.18
N ALA DB 28 41.23 -55.78 -78.45
CA ALA DB 28 42.16 -54.74 -77.95
C ALA DB 28 41.86 -53.37 -78.56
N TRP DB 29 42.02 -52.31 -77.77
CA TRP DB 29 41.81 -50.92 -78.28
C TRP DB 29 42.82 -50.62 -79.38
N SER DB 30 44.05 -51.09 -79.24
CA SER DB 30 45.12 -50.74 -80.22
C SER DB 30 44.72 -51.25 -81.61
N TYR DB 31 44.20 -52.49 -81.69
CA TYR DB 31 43.71 -53.01 -82.99
C TYR DB 31 42.63 -52.05 -83.50
N ALA DB 32 41.66 -51.72 -82.65
CA ALA DB 32 40.56 -50.83 -83.06
C ALA DB 32 41.12 -49.48 -83.51
N HIS DB 33 42.13 -48.98 -82.82
CA HIS DB 33 42.63 -47.62 -83.16
C HIS DB 33 43.18 -47.69 -84.59
N GLN DB 34 43.96 -48.73 -84.88
CA GLN DB 34 44.60 -48.89 -86.22
C GLN DB 34 43.54 -48.99 -87.32
N GLU DB 35 42.59 -49.91 -87.16
CA GLU DB 35 41.61 -50.18 -88.24
C GLU DB 35 40.92 -48.87 -88.63
N LEU DB 36 40.30 -48.20 -87.65
CA LEU DB 36 39.58 -46.94 -87.94
C LEU DB 36 40.56 -45.97 -88.59
N LYS DB 37 41.75 -45.79 -88.00
CA LYS DB 37 42.76 -44.87 -88.60
C LYS DB 37 42.97 -45.20 -90.09
N LYS DB 38 43.03 -46.48 -90.44
CA LYS DB 38 43.18 -46.85 -91.88
C LYS DB 38 41.93 -46.37 -92.63
N ILE DB 39 40.74 -46.75 -92.15
CA ILE DB 39 39.47 -46.35 -92.84
C ILE DB 39 39.41 -44.82 -92.95
N ASP DB 40 39.78 -44.12 -91.88
CA ASP DB 40 39.70 -42.63 -91.87
C ASP DB 40 40.96 -42.08 -91.22
N PRO DB 41 41.86 -41.36 -91.95
CA PRO DB 41 43.09 -40.88 -91.33
C PRO DB 41 42.81 -39.94 -90.16
N ASN DB 42 41.76 -39.11 -90.29
CA ASN DB 42 41.46 -38.11 -89.23
C ASN DB 42 40.11 -38.45 -88.56
N TYR DB 43 40.15 -39.11 -87.40
CA TYR DB 43 38.94 -39.41 -86.66
C TYR DB 43 39.16 -39.02 -85.20
N THR DB 44 38.06 -38.72 -84.52
CA THR DB 44 38.10 -38.12 -83.18
C THR DB 44 37.54 -39.07 -82.14
N VAL DB 45 38.22 -39.16 -81.00
CA VAL DB 45 37.72 -39.86 -79.82
C VAL DB 45 37.67 -38.86 -78.68
N LYS DB 46 36.49 -38.73 -78.08
CA LYS DB 46 36.26 -37.75 -77.02
C LYS DB 46 35.68 -38.46 -75.80
N VAL DB 47 36.33 -38.28 -74.66
CA VAL DB 47 35.84 -38.83 -73.39
C VAL DB 47 35.11 -37.71 -72.65
N HIS DB 48 33.82 -37.89 -72.43
CA HIS DB 48 33.03 -36.79 -71.81
C HIS DB 48 33.44 -36.56 -70.37
N GLU DB 49 33.36 -35.30 -69.93
CA GLU DB 49 33.76 -34.92 -68.57
C GLU DB 49 32.53 -34.37 -67.84
N PHE DB 50 32.26 -34.77 -66.60
CA PHE DB 50 31.01 -34.32 -65.94
C PHE DB 50 31.34 -33.73 -64.57
N PRO DB 51 30.77 -32.60 -64.10
CA PRO DB 51 31.15 -32.06 -62.80
C PRO DB 51 30.99 -33.12 -61.70
N HIS DB 52 32.08 -33.45 -61.01
CA HIS DB 52 32.02 -34.50 -59.96
C HIS DB 52 31.12 -34.01 -58.83
N PRO DB 53 30.19 -34.83 -58.30
CA PRO DB 53 29.24 -34.38 -57.28
C PRO DB 53 29.82 -33.92 -55.94
N ASP DB 54 30.48 -34.81 -55.21
CA ASP DB 54 30.97 -34.51 -53.84
C ASP DB 54 31.85 -33.24 -53.82
N ILE DB 55 32.85 -33.20 -54.71
CA ILE DB 55 33.78 -32.03 -54.75
C ILE DB 55 32.97 -30.75 -54.96
N ASN DB 56 32.20 -30.69 -56.05
CA ASN DB 56 31.34 -29.52 -56.33
C ASN DB 56 32.24 -28.26 -56.35
N THR DB 57 33.43 -28.36 -56.95
CA THR DB 57 34.30 -27.16 -57.09
C THR DB 57 34.05 -26.54 -58.46
N GLU DB 58 33.98 -25.20 -58.52
CA GLU DB 58 33.68 -24.52 -59.81
C GLU DB 58 34.79 -24.84 -60.82
N ASN DB 59 34.41 -25.03 -62.09
CA ASN DB 59 35.39 -25.27 -63.19
C ASN DB 59 36.01 -26.66 -63.06
N TYR DB 60 35.44 -27.50 -62.19
CA TYR DB 60 36.03 -28.85 -61.95
C TYR DB 60 35.20 -29.90 -62.70
N PHE DB 61 35.84 -30.62 -63.63
CA PHE DB 61 35.12 -31.64 -64.43
C PHE DB 61 35.94 -32.93 -64.53
N VAL DB 62 35.68 -33.89 -63.64
CA VAL DB 62 36.37 -35.21 -63.71
C VAL DB 62 35.95 -35.90 -65.00
N PRO DB 63 36.66 -36.95 -65.50
CA PRO DB 63 36.30 -37.55 -66.80
C PRO DB 63 35.24 -38.65 -66.70
N TYR DB 64 34.65 -38.85 -65.51
CA TYR DB 64 33.68 -39.97 -65.32
C TYR DB 64 32.55 -39.53 -64.37
N LEU DB 65 31.37 -40.16 -64.52
CA LEU DB 65 30.24 -39.87 -63.58
C LEU DB 65 30.51 -40.51 -62.22
N ALA DB 66 30.21 -39.80 -61.14
CA ALA DB 66 30.32 -40.41 -59.80
C ALA DB 66 28.93 -40.34 -59.15
N THR DB 67 28.38 -41.50 -58.76
CA THR DB 67 27.00 -41.53 -58.20
C THR DB 67 26.97 -42.42 -56.95
N PRO DB 68 26.05 -42.21 -55.98
CA PRO DB 68 25.94 -43.12 -54.83
C PRO DB 68 25.66 -44.52 -55.39
N GLU DB 69 24.82 -44.60 -56.44
CA GLU DB 69 24.51 -45.91 -57.06
C GLU DB 69 25.80 -46.51 -57.63
N GLY DB 70 26.67 -45.72 -58.26
CA GLY DB 70 27.95 -46.28 -58.73
C GLY DB 70 28.75 -45.35 -59.62
N TYR DB 71 29.26 -45.84 -60.74
CA TYR DB 71 30.12 -45.02 -61.64
C TYR DB 71 29.83 -45.26 -63.13
N PHE DB 72 29.80 -44.17 -63.91
CA PHE DB 72 29.49 -44.30 -65.35
C PHE DB 72 30.56 -43.56 -66.18
N VAL DB 73 30.86 -44.08 -67.36
CA VAL DB 73 31.79 -43.46 -68.30
C VAL DB 73 31.09 -43.30 -69.64
N GLN DB 74 31.59 -42.36 -70.44
CA GLN DB 74 31.02 -42.09 -71.75
C GLN DB 74 32.14 -41.81 -72.75
N VAL DB 75 32.02 -42.38 -73.94
CA VAL DB 75 33.00 -42.21 -75.00
C VAL DB 75 32.26 -41.95 -76.31
N SER DB 76 32.67 -40.90 -77.04
CA SER DB 76 32.05 -40.55 -78.33
C SER DB 76 33.06 -40.68 -79.47
N VAL DB 77 32.86 -41.63 -80.37
CA VAL DB 77 33.78 -41.91 -81.47
C VAL DB 77 33.16 -41.36 -82.76
N THR DB 78 33.88 -40.46 -83.42
CA THR DB 78 33.40 -39.92 -84.71
C THR DB 78 34.24 -40.53 -85.83
N VAL DB 79 33.75 -41.60 -86.47
CA VAL DB 79 34.49 -42.21 -87.61
C VAL DB 79 33.94 -41.61 -88.90
N LYS DB 80 34.80 -40.96 -89.69
CA LYS DB 80 34.29 -40.25 -90.90
C LYS DB 80 33.22 -39.28 -90.46
N ASP DB 81 32.18 -39.10 -91.29
CA ASP DB 81 31.03 -38.24 -90.93
C ASP DB 81 30.27 -38.84 -89.74
N SER DB 82 30.13 -40.17 -89.70
CA SER DB 82 29.29 -40.81 -88.65
C SER DB 82 29.86 -40.54 -87.25
N THR DB 83 28.96 -40.32 -86.28
CA THR DB 83 29.38 -40.10 -84.87
C THR DB 83 28.47 -40.93 -83.96
N GLU DB 84 28.92 -41.29 -82.77
CA GLU DB 84 28.07 -42.14 -81.89
C GLU DB 84 28.67 -42.16 -80.48
N THR DB 85 27.93 -42.67 -79.48
CA THR DB 85 28.41 -42.59 -78.07
C THR DB 85 28.03 -43.88 -77.35
N GLU DB 86 28.78 -44.24 -76.30
CA GLU DB 86 28.45 -45.46 -75.52
C GLU DB 86 28.59 -45.20 -74.01
N TRP DB 87 27.64 -45.69 -73.21
CA TRP DB 87 27.72 -45.61 -71.73
C TRP DB 87 28.25 -46.94 -71.20
N LEU DB 88 29.10 -46.95 -70.17
CA LEU DB 88 29.53 -48.25 -69.57
C LEU DB 88 29.53 -48.22 -68.05
N PRO DB 89 29.28 -49.37 -67.39
CA PRO DB 89 29.31 -49.48 -65.94
C PRO DB 89 30.73 -49.84 -65.48
N VAL DB 90 31.28 -49.11 -64.51
CA VAL DB 90 32.63 -49.45 -63.98
C VAL DB 90 32.48 -50.75 -63.17
N LEU DB 91 33.26 -51.79 -63.48
CA LEU DB 91 33.09 -53.10 -62.81
C LEU DB 91 34.44 -53.60 -62.27
N ASP DB 92 34.40 -54.50 -61.28
CA ASP DB 92 35.65 -55.08 -60.71
C ASP DB 92 36.33 -55.99 -61.73
N PHE DB 93 37.51 -56.52 -61.37
CA PHE DB 93 38.19 -57.50 -62.26
C PHE DB 93 37.35 -58.77 -62.33
N ARG DB 94 36.36 -58.91 -61.45
CA ARG DB 94 35.43 -60.08 -61.49
C ARG DB 94 34.12 -59.68 -62.17
N ASN DB 95 34.11 -58.54 -62.85
CA ASN DB 95 32.85 -58.04 -63.48
C ASN DB 95 31.75 -57.88 -62.44
N LYS DB 96 32.06 -57.21 -61.32
CA LYS DB 96 31.04 -56.90 -60.28
C LYS DB 96 30.99 -55.38 -60.17
N SER DB 97 29.89 -54.82 -59.65
CA SER DB 97 29.74 -53.34 -59.60
C SER DB 97 30.63 -52.74 -58.51
N LEU DB 98 31.00 -51.46 -58.67
CA LEU DB 98 31.80 -50.77 -57.62
C LEU DB 98 30.96 -49.64 -57.01
N ALA DB 99 30.77 -49.66 -55.69
CA ALA DB 99 29.90 -48.67 -55.02
C ALA DB 99 30.64 -47.35 -54.86
N LYS DB 100 29.93 -46.27 -54.54
CA LYS DB 100 30.57 -44.94 -54.44
C LYS DB 100 31.67 -44.97 -53.37
N GLY DB 101 32.90 -44.59 -53.74
CA GLY DB 101 34.04 -44.61 -52.79
C GLY DB 101 34.80 -45.91 -52.78
N SER DB 102 34.48 -46.85 -53.68
CA SER DB 102 35.29 -48.10 -53.73
C SER DB 102 36.05 -48.25 -55.04
N ALA DB 103 36.03 -47.24 -55.91
CA ALA DB 103 36.67 -47.37 -57.24
C ALA DB 103 38.10 -46.81 -57.18
N THR DB 104 38.96 -47.28 -58.09
CA THR DB 104 40.33 -46.74 -58.17
C THR DB 104 40.47 -46.10 -59.55
N THR DB 105 41.34 -45.09 -59.68
CA THR DB 105 41.56 -44.47 -61.01
C THR DB 105 41.82 -45.57 -62.06
N PHE DB 106 42.56 -46.61 -61.70
CA PHE DB 106 42.89 -47.67 -62.67
C PHE DB 106 41.60 -48.29 -63.20
N ASP DB 107 40.63 -48.51 -62.29
CA ASP DB 107 39.33 -49.08 -62.71
C ASP DB 107 38.70 -48.16 -63.74
N ILE DB 108 38.83 -46.84 -63.56
CA ILE DB 108 38.14 -45.91 -64.48
C ILE DB 108 38.83 -45.98 -65.85
N ASN DB 109 40.16 -45.99 -65.87
CA ASN DB 109 40.84 -45.96 -67.19
C ASN DB 109 40.52 -47.26 -67.96
N LYS DB 110 40.51 -48.41 -67.27
CA LYS DB 110 40.16 -49.64 -67.96
C LYS DB 110 38.74 -49.56 -68.54
N ALA DB 111 37.81 -49.00 -67.78
CA ALA DB 111 36.44 -48.84 -68.27
C ALA DB 111 36.40 -47.88 -69.45
N GLN DB 112 37.21 -46.82 -69.41
CA GLN DB 112 37.26 -45.88 -70.52
C GLN DB 112 37.75 -46.56 -71.79
N LYS DB 113 38.82 -47.35 -71.69
CA LYS DB 113 39.31 -48.06 -72.86
C LYS DB 113 38.27 -49.06 -73.38
N ARG DB 114 37.62 -49.80 -72.48
CA ARG DB 114 36.61 -50.76 -72.92
C ARG DB 114 35.44 -50.06 -73.60
N CYS DB 115 35.00 -48.91 -73.07
CA CYS DB 115 33.89 -48.17 -73.70
C CYS DB 115 34.26 -47.71 -75.11
N PHE DB 116 35.56 -47.44 -75.34
CA PHE DB 116 36.04 -47.05 -76.69
C PHE DB 116 35.76 -48.16 -77.70
N VAL DB 117 36.20 -49.38 -77.39
CA VAL DB 117 36.03 -50.50 -78.36
C VAL DB 117 34.53 -50.74 -78.55
N LYS DB 118 33.75 -50.55 -77.48
CA LYS DB 118 32.29 -50.74 -77.52
C LYS DB 118 31.70 -49.68 -78.46
N ALA DB 119 32.21 -48.45 -78.36
CA ALA DB 119 31.77 -47.36 -79.26
C ALA DB 119 32.18 -47.71 -80.70
N SER DB 120 33.38 -48.26 -80.87
CA SER DB 120 33.83 -48.71 -82.22
C SER DB 120 32.89 -49.83 -82.69
N ALA DB 121 32.46 -50.68 -81.76
CA ALA DB 121 31.59 -51.83 -82.10
C ALA DB 121 30.27 -51.32 -82.69
N LEU DB 122 29.86 -50.11 -82.33
CA LEU DB 122 28.62 -49.54 -82.93
C LEU DB 122 28.81 -49.50 -84.44
N HIS DB 123 29.97 -49.05 -84.92
CA HIS DB 123 30.29 -49.05 -86.36
C HIS DB 123 30.45 -50.54 -86.66
N GLY DB 124 30.54 -50.95 -87.92
CA GLY DB 124 30.53 -52.40 -88.19
C GLY DB 124 31.61 -53.21 -87.48
N LEU DB 125 32.79 -52.63 -87.23
CA LEU DB 125 33.92 -53.44 -86.71
C LEU DB 125 33.60 -54.22 -85.44
N GLY DB 126 33.77 -55.55 -85.46
CA GLY DB 126 33.61 -56.40 -84.25
C GLY DB 126 32.26 -56.29 -83.53
N LEU DB 127 31.18 -55.97 -84.25
CA LEU DB 127 29.87 -55.94 -83.54
C LEU DB 127 29.50 -57.33 -83.03
N TYR DB 128 29.89 -58.38 -83.76
CA TYR DB 128 29.55 -59.77 -83.38
C TYR DB 128 30.24 -60.14 -82.07
N ILE DB 129 31.24 -59.38 -81.64
CA ILE DB 129 31.90 -59.65 -80.32
C ILE DB 129 30.87 -59.47 -79.21
N TYR DB 130 29.91 -58.55 -79.40
CA TYR DB 130 28.90 -58.27 -78.35
C TYR DB 130 27.55 -58.86 -78.75
N ASN DB 131 27.54 -59.79 -79.70
CA ASN DB 131 26.25 -60.34 -80.21
C ASN DB 131 25.72 -61.44 -79.28
N GLY DB 132 24.63 -61.16 -78.55
CA GLY DB 132 23.98 -62.19 -77.72
C GLY DB 132 24.62 -62.36 -76.34
N GLU DB 133 25.65 -61.59 -76.03
CA GLU DB 133 26.22 -61.65 -74.66
C GLU DB 133 25.95 -60.35 -73.90
N GLU DB 134 26.15 -59.19 -74.53
CA GLU DB 134 26.03 -57.90 -73.81
C GLU DB 134 24.59 -57.61 -73.34
N LEU DB 135 23.59 -57.88 -74.17
CA LEU DB 135 22.20 -57.47 -73.81
C LEU DB 135 21.61 -58.31 -72.66
N PRO DB 136 21.42 -59.64 -72.79
CA PRO DB 136 20.73 -60.45 -71.78
C PRO DB 136 21.61 -61.04 -70.66
N SER DB 137 20.99 -61.71 -69.68
CA SER DB 137 21.75 -62.37 -68.59
C SER DB 137 22.18 -63.76 -69.04
N ALA DB 138 23.24 -63.85 -69.85
CA ALA DB 138 23.69 -65.15 -70.40
C ALA DB 138 24.12 -66.12 -69.29
N SER DB 139 24.77 -65.62 -68.23
CA SER DB 139 25.32 -66.54 -67.21
C SER DB 139 24.25 -67.39 -66.52
N ASP DB 140 23.11 -66.81 -66.13
CA ASP DB 140 22.12 -67.62 -65.37
C ASP DB 140 20.72 -67.48 -65.99
N ASN DB 141 20.11 -68.61 -66.39
CA ASN DB 141 18.70 -68.58 -66.90
C ASN DB 141 17.88 -69.66 -66.20
N ASP DB 142 18.43 -70.34 -65.20
CA ASP DB 142 17.72 -71.48 -64.55
C ASP DB 142 16.89 -70.99 -63.36
N ILE DB 143 17.13 -69.77 -62.88
CA ILE DB 143 16.40 -69.21 -61.71
C ILE DB 143 14.90 -69.35 -61.98
N THR DB 144 14.44 -68.82 -63.12
CA THR DB 144 13.01 -68.92 -63.51
C THR DB 144 12.65 -70.38 -63.84
N GLU DB 145 13.53 -71.08 -64.55
CA GLU DB 145 13.31 -72.51 -64.87
C GLU DB 145 12.99 -73.24 -63.56
N LEU DB 146 13.73 -72.92 -62.50
CA LEU DB 146 13.51 -73.56 -61.18
C LEU DB 146 12.09 -73.27 -60.71
N GLU DB 147 11.62 -72.03 -60.91
CA GLU DB 147 10.25 -71.64 -60.48
C GLU DB 147 9.23 -72.47 -61.28
N GLU DB 148 9.44 -72.58 -62.58
CA GLU DB 148 8.53 -73.41 -63.41
C GLU DB 148 8.56 -74.85 -62.89
N ARG DB 149 9.73 -75.38 -62.53
CA ARG DB 149 9.81 -76.81 -62.16
C ARG DB 149 9.24 -77.03 -60.74
N ILE DB 150 9.38 -76.08 -59.83
CA ILE DB 150 8.76 -76.22 -58.48
C ILE DB 150 7.23 -76.10 -58.64
N ASN DB 151 6.77 -75.17 -59.47
CA ASN DB 151 5.30 -75.04 -59.73
C ASN DB 151 4.79 -76.33 -60.40
N GLN DB 152 5.56 -76.88 -61.34
CA GLN DB 152 5.16 -78.18 -61.95
C GLN DB 152 5.01 -79.20 -60.81
N PHE DB 153 6.01 -79.27 -59.93
CA PHE DB 153 5.94 -80.20 -58.78
C PHE DB 153 4.65 -79.90 -58.01
N VAL DB 154 4.48 -78.65 -57.57
CA VAL DB 154 3.28 -78.27 -56.77
C VAL DB 154 2.01 -78.64 -57.54
N ASN DB 155 1.89 -78.19 -58.79
CA ASN DB 155 0.63 -78.43 -59.56
C ASN DB 155 0.42 -79.93 -59.76
N LEU DB 156 1.47 -80.67 -60.10
CA LEU DB 156 1.34 -82.14 -60.28
C LEU DB 156 0.92 -82.72 -58.93
N SER DB 157 1.55 -82.27 -57.84
CA SER DB 157 1.23 -82.81 -56.50
C SER DB 157 -0.26 -82.58 -56.21
N GLN DB 158 -0.75 -81.37 -56.50
CA GLN DB 158 -2.19 -81.06 -56.32
C GLN DB 158 -3.00 -81.93 -57.29
N GLU DB 159 -2.50 -82.11 -58.50
CA GLU DB 159 -3.22 -82.90 -59.54
C GLU DB 159 -3.38 -84.33 -59.03
N LYS DB 160 -2.34 -84.87 -58.40
CA LYS DB 160 -2.40 -86.25 -57.83
C LYS DB 160 -3.46 -86.28 -56.73
N GLY DB 161 -3.27 -85.49 -55.67
CA GLY DB 161 -4.24 -85.46 -54.56
C GLY DB 161 -3.74 -84.65 -53.37
N ARG DB 162 -4.43 -84.72 -52.24
CA ARG DB 162 -3.98 -84.02 -51.00
C ARG DB 162 -3.85 -82.52 -51.26
N ASP DB 163 -2.75 -81.91 -50.81
CA ASP DB 163 -2.50 -80.47 -51.02
C ASP DB 163 -1.01 -80.25 -51.26
N ALA DB 164 -0.65 -79.22 -52.04
CA ALA DB 164 0.78 -78.90 -52.28
C ALA DB 164 0.95 -77.38 -52.34
N THR DB 165 2.01 -76.87 -51.70
CA THR DB 165 2.27 -75.40 -51.70
C THR DB 165 3.71 -75.12 -52.14
N ILE DB 166 3.92 -74.02 -52.85
CA ILE DB 166 5.29 -73.66 -53.37
C ILE DB 166 6.25 -73.44 -52.20
N ASP DB 167 5.79 -72.79 -51.13
CA ASP DB 167 6.72 -72.46 -50.00
C ASP DB 167 7.25 -73.74 -49.37
N LYS DB 168 6.40 -74.75 -49.20
CA LYS DB 168 6.86 -76.05 -48.64
C LYS DB 168 7.77 -76.72 -49.67
N THR DB 169 7.48 -76.55 -50.97
CA THR DB 169 8.32 -77.13 -52.04
C THR DB 169 9.70 -76.45 -51.95
N MET DB 170 9.72 -75.13 -51.77
CA MET DB 170 11.01 -74.40 -51.63
C MET DB 170 11.76 -74.97 -50.43
N ARG DB 171 11.02 -75.34 -49.38
CA ARG DB 171 11.64 -75.91 -48.15
C ARG DB 171 12.35 -77.23 -48.50
N TRP DB 172 11.84 -77.96 -49.49
CA TRP DB 172 12.57 -79.18 -49.91
C TRP DB 172 13.97 -78.72 -50.33
N LEU DB 173 14.03 -77.73 -51.22
CA LEU DB 173 15.34 -77.21 -51.69
C LEU DB 173 16.04 -76.51 -50.51
N LYS DB 174 15.26 -76.10 -49.50
CA LYS DB 174 15.82 -75.38 -48.33
C LYS DB 174 16.52 -74.12 -48.85
N ILE DB 175 15.89 -73.43 -49.81
CA ILE DB 175 16.50 -72.19 -50.38
C ILE DB 175 15.87 -70.96 -49.71
N SER DB 176 16.69 -70.16 -49.04
CA SER DB 176 16.18 -68.94 -48.34
C SER DB 176 15.62 -67.94 -49.36
N ASN DB 177 16.38 -67.67 -50.42
CA ASN DB 177 15.96 -66.72 -51.49
C ASN DB 177 16.24 -67.36 -52.86
N ILE DB 178 15.29 -67.23 -53.79
CA ILE DB 178 15.49 -67.79 -55.16
C ILE DB 178 16.62 -67.03 -55.86
N ASN DB 179 16.71 -65.71 -55.64
CA ASN DB 179 17.78 -64.90 -56.24
C ASN DB 179 19.14 -65.37 -55.70
N LYS DB 180 19.21 -65.58 -54.38
CA LYS DB 180 20.50 -65.99 -53.76
C LYS DB 180 20.63 -67.52 -53.91
N LEU DB 181 20.88 -67.98 -55.13
CA LEU DB 181 21.08 -69.44 -55.33
C LEU DB 181 22.18 -69.64 -56.38
N SER DB 182 23.26 -70.36 -56.01
CA SER DB 182 24.43 -70.60 -56.88
C SER DB 182 24.01 -71.56 -58.01
N GLN DB 183 24.58 -71.38 -59.21
CA GLN DB 183 24.28 -72.30 -60.34
C GLN DB 183 24.48 -73.74 -59.85
N LYS DB 184 25.53 -73.99 -59.06
CA LYS DB 184 25.81 -75.38 -58.61
C LYS DB 184 24.66 -75.89 -57.74
N GLN DB 185 24.19 -75.08 -56.78
CA GLN DB 185 23.08 -75.48 -55.88
C GLN DB 185 21.78 -75.63 -56.69
N ILE DB 186 21.52 -74.72 -57.61
CA ILE DB 186 20.23 -74.77 -58.38
C ILE DB 186 20.24 -76.03 -59.24
N ALA DB 187 21.40 -76.40 -59.80
CA ALA DB 187 21.49 -77.66 -60.57
C ALA DB 187 21.18 -78.82 -59.63
N GLU DB 188 21.70 -78.77 -58.39
CA GLU DB 188 21.40 -79.83 -57.39
C GLU DB 188 19.89 -79.79 -57.09
N ALA DB 189 19.31 -78.59 -57.00
CA ALA DB 189 17.86 -78.46 -56.76
C ALA DB 189 17.11 -79.18 -57.88
N HIS DB 190 17.39 -78.85 -59.14
CA HIS DB 190 16.73 -79.53 -60.28
C HIS DB 190 16.78 -81.04 -60.03
N GLN DB 191 17.93 -81.53 -59.57
CA GLN DB 191 18.07 -82.99 -59.36
C GLN DB 191 16.99 -83.46 -58.38
N LYS DB 192 16.82 -82.72 -57.28
CA LYS DB 192 15.79 -83.08 -56.27
C LYS DB 192 14.43 -83.09 -56.98
N LEU DB 193 14.02 -81.98 -57.57
CA LEU DB 193 12.70 -81.89 -58.26
C LEU DB 193 12.54 -82.94 -59.35
N ASP DB 194 13.46 -83.01 -60.32
CA ASP DB 194 13.23 -83.97 -61.43
C ASP DB 194 12.88 -85.33 -60.84
N ALA DB 195 13.55 -85.74 -59.77
CA ALA DB 195 13.29 -87.08 -59.20
C ALA DB 195 11.84 -87.15 -58.73
N GLY DB 196 11.37 -86.10 -58.05
CA GLY DB 196 9.96 -86.06 -57.59
C GLY DB 196 8.96 -86.00 -58.74
N LEU DB 197 9.26 -85.24 -59.79
CA LEU DB 197 8.25 -85.05 -60.88
C LEU DB 197 8.48 -86.01 -62.06
N LYS DB 198 9.71 -86.12 -62.57
CA LYS DB 198 9.95 -86.94 -63.79
C LYS DB 198 9.64 -88.42 -63.55
N GLN DB 199 9.99 -88.96 -62.38
CA GLN DB 199 9.79 -90.41 -62.17
C GLN DB 199 8.29 -90.73 -62.24
N LEU DB 200 7.45 -89.84 -61.69
CA LEU DB 200 5.98 -90.08 -61.69
C LEU DB 200 5.43 -89.79 -63.09
N ASP DB 201 6.24 -89.18 -63.96
CA ASP DB 201 5.81 -88.89 -65.35
C ASP DB 201 6.24 -90.04 -66.27
N SER DB 202 7.45 -90.56 -66.05
CA SER DB 202 7.99 -91.67 -66.88
C SER DB 202 7.71 -93.01 -66.20
N GLN EB 3 52.26 -42.66 -98.83
CA GLN EB 3 51.27 -43.48 -98.07
C GLN EB 3 50.47 -42.58 -97.15
N THR EB 4 50.55 -42.82 -95.83
CA THR EB 4 49.79 -42.03 -94.83
C THR EB 4 50.56 -42.03 -93.51
N LEU EB 5 50.23 -41.11 -92.61
CA LEU EB 5 50.98 -40.99 -91.34
C LEU EB 5 50.81 -42.27 -90.50
N PHE EB 6 49.59 -42.76 -90.35
CA PHE EB 6 49.44 -43.93 -89.43
C PHE EB 6 50.26 -45.11 -89.99
N GLU EB 7 50.09 -45.45 -91.27
CA GLU EB 7 50.82 -46.65 -91.78
C GLU EB 7 52.33 -46.44 -91.64
N GLN EB 8 52.87 -45.31 -92.11
CA GLN EB 8 54.33 -45.05 -91.98
C GLN EB 8 54.75 -45.25 -90.52
N LEU EB 9 54.12 -44.52 -89.60
CA LEU EB 9 54.47 -44.57 -88.15
C LEU EB 9 54.24 -45.99 -87.62
N ASN EB 10 53.13 -46.63 -88.01
CA ASN EB 10 52.82 -47.97 -87.46
C ASN EB 10 53.94 -48.93 -87.85
N SER EB 11 54.42 -48.85 -89.08
CA SER EB 11 55.45 -49.81 -89.56
C SER EB 11 56.84 -49.37 -89.09
N LYS EB 12 57.12 -49.46 -87.78
CA LYS EB 12 58.47 -49.14 -87.23
C LYS EB 12 58.75 -50.15 -86.11
N ASN EB 13 60.01 -50.41 -85.79
CA ASN EB 13 60.29 -51.32 -84.66
C ASN EB 13 60.81 -50.50 -83.47
N VAL EB 14 59.98 -50.33 -82.45
CA VAL EB 14 60.38 -49.57 -81.23
C VAL EB 14 60.76 -50.59 -80.16
N ASN EB 15 60.92 -51.86 -80.55
CA ASN EB 15 61.24 -52.95 -79.58
C ASN EB 15 62.59 -52.70 -78.93
N ASP EB 16 63.58 -52.23 -79.69
CA ASP EB 16 64.95 -52.08 -79.13
C ASP EB 16 64.92 -51.08 -77.97
N HIS EB 17 64.23 -49.95 -78.15
CA HIS EB 17 64.13 -48.91 -77.08
C HIS EB 17 62.93 -49.20 -76.17
N THR EB 18 63.00 -50.27 -75.38
CA THR EB 18 61.90 -50.59 -74.43
C THR EB 18 62.48 -51.05 -73.09
N GLU EB 19 61.73 -50.87 -72.00
CA GLU EB 19 62.17 -51.34 -70.67
C GLU EB 19 61.14 -52.34 -70.14
N GLN EB 20 61.60 -53.52 -69.67
CA GLN EB 20 60.69 -54.53 -69.10
C GLN EB 20 60.60 -54.33 -67.58
N LYS EB 21 59.61 -53.58 -67.11
CA LYS EB 21 59.41 -53.36 -65.65
C LYS EB 21 58.05 -53.93 -65.25
N ASN EB 22 58.02 -54.83 -64.27
CA ASN EB 22 56.75 -55.43 -63.78
C ASN EB 22 56.19 -56.39 -64.85
N GLY EB 23 57.03 -56.77 -65.83
CA GLY EB 23 56.55 -57.64 -66.92
C GLY EB 23 55.77 -56.89 -67.99
N LEU EB 24 55.85 -55.55 -68.00
CA LEU EB 24 55.19 -54.78 -69.08
C LEU EB 24 56.26 -54.14 -69.96
N THR EB 25 55.90 -53.76 -71.20
CA THR EB 25 56.86 -53.17 -72.15
C THR EB 25 56.55 -51.67 -72.30
N TYR EB 26 57.57 -50.82 -72.13
CA TYR EB 26 57.36 -49.36 -72.21
C TYR EB 26 58.38 -48.75 -73.18
N LEU EB 27 57.96 -47.88 -74.10
CA LEU EB 27 58.95 -47.19 -74.97
C LEU EB 27 59.31 -45.85 -74.31
N ALA EB 28 60.59 -45.52 -74.23
CA ALA EB 28 61.01 -44.29 -73.51
C ALA EB 28 60.50 -43.04 -74.25
N TRP EB 29 60.15 -41.99 -73.50
CA TRP EB 29 59.63 -40.74 -74.12
C TRP EB 29 60.69 -40.12 -75.02
N SER EB 30 61.95 -40.13 -74.59
CA SER EB 30 63.04 -39.51 -75.39
C SER EB 30 62.94 -39.97 -76.84
N TYR EB 31 62.78 -41.28 -77.06
CA TYR EB 31 62.69 -41.83 -78.43
C TYR EB 31 61.45 -41.30 -79.14
N ALA EB 32 60.31 -41.26 -78.43
CA ALA EB 32 59.05 -40.74 -79.02
C ALA EB 32 59.23 -39.28 -79.41
N HIS EB 33 59.89 -38.50 -78.55
CA HIS EB 33 59.99 -37.04 -78.83
C HIS EB 33 60.77 -36.86 -80.14
N GLN EB 34 61.85 -37.64 -80.34
CA GLN EB 34 62.69 -37.43 -81.55
C GLN EB 34 61.94 -37.90 -82.79
N GLU EB 35 61.32 -39.08 -82.76
CA GLU EB 35 60.65 -39.61 -83.97
C GLU EB 35 59.65 -38.59 -84.50
N LEU EB 36 58.71 -38.16 -83.64
CA LEU EB 36 57.69 -37.18 -84.05
C LEU EB 36 58.41 -35.93 -84.56
N LYS EB 37 59.39 -35.46 -83.81
CA LYS EB 37 60.15 -34.24 -84.20
C LYS EB 37 60.68 -34.37 -85.62
N LYS EB 38 61.16 -35.57 -85.98
CA LYS EB 38 61.64 -35.81 -87.36
C LYS EB 38 60.45 -35.73 -88.31
N ILE EB 39 59.38 -36.47 -88.03
CA ILE EB 39 58.18 -36.48 -88.91
C ILE EB 39 57.66 -35.04 -89.06
N ASP EB 40 57.59 -34.30 -87.96
CA ASP EB 40 57.04 -32.92 -87.99
C ASP EB 40 57.96 -32.02 -87.14
N PRO EB 41 58.68 -31.03 -87.73
CA PRO EB 41 59.58 -30.21 -86.92
C PRO EB 41 58.81 -29.44 -85.83
N ASN EB 42 57.61 -28.98 -86.14
CA ASN EB 42 56.84 -28.17 -85.16
C ASN EB 42 55.58 -28.94 -84.71
N TYR EB 43 55.65 -29.60 -83.56
CA TYR EB 43 54.48 -30.29 -83.02
C TYR EB 43 54.33 -29.92 -81.55
N THR EB 44 53.11 -30.01 -81.05
CA THR EB 44 52.74 -29.47 -79.75
C THR EB 44 52.35 -30.59 -78.80
N VAL EB 45 52.83 -30.50 -77.56
CA VAL EB 45 52.41 -31.37 -76.47
C VAL EB 45 51.84 -30.49 -75.36
N LYS EB 46 50.60 -30.76 -74.96
CA LYS EB 46 49.91 -29.94 -73.98
C LYS EB 46 49.41 -30.84 -72.85
N VAL EB 47 49.76 -30.50 -71.62
CA VAL EB 47 49.29 -31.23 -70.45
C VAL EB 47 48.14 -30.42 -69.84
N HIS EB 48 46.95 -31.00 -69.84
CA HIS EB 48 45.76 -30.25 -69.38
C HIS EB 48 45.84 -29.94 -67.89
N GLU EB 49 45.30 -28.80 -67.49
CA GLU EB 49 45.33 -28.36 -66.07
C GLU EB 49 43.89 -28.25 -65.57
N PHE EB 50 43.58 -28.76 -64.39
CA PHE EB 50 42.16 -28.76 -63.95
C PHE EB 50 42.06 -28.15 -62.56
N PRO EB 51 41.09 -27.28 -62.21
CA PRO EB 51 41.07 -26.69 -60.86
C PRO EB 51 41.08 -27.79 -59.79
N HIS EB 52 42.10 -27.79 -58.92
CA HIS EB 52 42.20 -28.84 -57.88
C HIS EB 52 41.02 -28.70 -56.91
N PRO EB 53 40.33 -29.80 -56.53
CA PRO EB 53 39.13 -29.71 -55.70
C PRO EB 53 39.32 -29.13 -54.27
N ASP EB 54 40.11 -29.80 -53.45
CA ASP EB 54 40.25 -29.41 -52.02
C ASP EB 54 40.67 -27.94 -51.87
N ILE EB 55 41.72 -27.54 -52.58
CA ILE EB 55 42.23 -26.14 -52.48
C ILE EB 55 41.10 -25.17 -52.85
N ASN EB 56 40.54 -25.32 -54.05
CA ASN EB 56 39.40 -24.46 -54.49
C ASN EB 56 39.85 -22.99 -54.38
N THR EB 57 41.08 -22.69 -54.77
CA THR EB 57 41.54 -21.28 -54.79
C THR EB 57 41.31 -20.71 -56.19
N GLU EB 58 40.85 -19.46 -56.28
CA GLU EB 58 40.56 -18.86 -57.61
C GLU EB 58 41.85 -18.76 -58.43
N ASN EB 59 41.80 -19.14 -59.70
CA ASN EB 59 42.98 -19.04 -60.60
C ASN EB 59 44.02 -20.08 -60.19
N TYR EB 60 43.64 -21.04 -59.34
CA TYR EB 60 44.57 -22.14 -58.98
C TYR EB 60 44.28 -23.37 -59.84
N PHE EB 61 45.20 -23.69 -60.76
CA PHE EB 61 45.00 -24.86 -61.67
C PHE EB 61 46.19 -25.82 -61.58
N VAL EB 62 46.01 -26.97 -60.92
CA VAL EB 62 47.08 -27.99 -60.85
C VAL EB 62 47.13 -28.74 -62.19
N PRO EB 63 48.20 -29.49 -62.56
CA PRO EB 63 48.26 -30.12 -63.88
C PRO EB 63 47.60 -31.50 -63.94
N TYR EB 64 46.95 -31.94 -62.85
CA TYR EB 64 46.35 -33.30 -62.83
C TYR EB 64 45.02 -33.29 -62.06
N LEU EB 65 44.13 -34.24 -62.39
CA LEU EB 65 42.84 -34.36 -61.67
C LEU EB 65 43.07 -34.93 -60.26
N ALA EB 66 42.38 -34.40 -59.26
CA ALA EB 66 42.47 -34.98 -57.91
C ALA EB 66 41.05 -35.39 -57.49
N THR EB 67 40.85 -36.66 -57.15
CA THR EB 67 39.48 -37.13 -56.82
C THR EB 67 39.54 -38.04 -55.59
N PRO EB 68 38.44 -38.19 -54.81
CA PRO EB 68 38.44 -39.12 -53.69
C PRO EB 68 38.71 -40.52 -54.26
N GLU EB 69 38.13 -40.82 -55.41
CA GLU EB 69 38.36 -42.14 -56.07
C GLU EB 69 39.85 -42.28 -56.42
N GLY EB 70 40.50 -41.23 -56.91
CA GLY EB 70 41.95 -41.35 -57.15
C GLY EB 70 42.54 -40.17 -57.91
N TYR EB 71 43.36 -40.43 -58.93
CA TYR EB 71 44.04 -39.35 -59.69
C TYR EB 71 44.08 -39.61 -61.20
N PHE EB 72 43.84 -38.56 -61.98
CA PHE EB 72 43.82 -38.72 -63.46
C PHE EB 72 44.71 -37.66 -64.12
N VAL EB 73 45.34 -38.01 -65.23
CA VAL EB 73 46.17 -37.10 -66.01
C VAL EB 73 45.67 -37.11 -67.44
N GLN EB 74 45.98 -36.04 -68.17
CA GLN EB 74 45.57 -35.91 -69.56
C GLN EB 74 46.69 -35.25 -70.36
N VAL EB 75 46.94 -35.78 -71.55
CA VAL EB 75 47.97 -35.27 -72.45
C VAL EB 75 47.40 -35.20 -73.86
N SER EB 76 47.57 -34.06 -74.52
CA SER EB 76 47.08 -33.88 -75.91
C SER EB 76 48.24 -33.63 -76.87
N VAL EB 77 48.51 -34.56 -77.77
CA VAL EB 77 49.63 -34.50 -78.71
C VAL EB 77 49.09 -34.12 -80.08
N THR EB 78 49.58 -33.01 -80.62
CA THR EB 78 49.16 -32.61 -81.99
C THR EB 78 50.32 -32.87 -82.95
N VAL EB 79 50.30 -34.02 -83.64
CA VAL EB 79 51.38 -34.33 -84.64
C VAL EB 79 50.88 -33.88 -86.01
N LYS EB 80 51.59 -32.96 -86.66
CA LYS EB 80 51.10 -32.40 -87.95
C LYS EB 80 49.70 -31.84 -87.71
N ASP EB 81 48.81 -31.97 -88.69
CA ASP EB 81 47.40 -31.52 -88.53
C ASP EB 81 46.70 -32.38 -87.48
N SER EB 82 46.98 -33.69 -87.45
CA SER EB 82 46.23 -34.60 -86.54
C SER EB 82 46.45 -34.22 -85.07
N THR EB 83 45.39 -34.33 -84.25
CA THR EB 83 45.49 -34.04 -82.80
C THR EB 83 44.75 -35.15 -82.05
N GLU EB 84 45.10 -35.40 -80.79
CA GLU EB 84 44.44 -36.51 -80.04
C GLU EB 84 44.79 -36.39 -78.55
N THR EB 85 44.10 -37.13 -77.68
CA THR EB 85 44.29 -36.97 -76.21
C THR EB 85 44.23 -38.33 -75.54
N GLU EB 86 44.89 -38.48 -74.38
CA GLU EB 86 44.95 -39.81 -73.71
C GLU EB 86 44.68 -39.65 -72.22
N TRP EB 87 44.02 -40.62 -71.59
CA TRP EB 87 43.77 -40.60 -70.13
C TRP EB 87 44.64 -41.67 -69.47
N LEU EB 88 45.41 -41.32 -68.44
CA LEU EB 88 46.21 -42.36 -67.74
C LEU EB 88 46.00 -42.28 -66.23
N PRO EB 89 45.76 -43.41 -65.55
CA PRO EB 89 45.57 -43.42 -64.10
C PRO EB 89 46.92 -43.46 -63.37
N VAL EB 90 47.13 -42.57 -62.40
CA VAL EB 90 48.39 -42.60 -61.61
C VAL EB 90 48.43 -43.93 -60.86
N LEU EB 91 49.58 -44.64 -60.89
CA LEU EB 91 49.68 -45.98 -60.27
C LEU EB 91 50.97 -46.08 -59.44
N ASP EB 92 51.01 -47.01 -58.47
CA ASP EB 92 52.25 -47.24 -57.68
C ASP EB 92 53.34 -47.84 -58.56
N PHE EB 93 54.56 -47.92 -58.04
CA PHE EB 93 55.66 -48.60 -58.79
C PHE EB 93 55.28 -50.07 -58.98
N ARG EB 94 54.26 -50.55 -58.28
CA ARG EB 94 53.77 -51.95 -58.44
C ARG EB 94 52.54 -51.96 -59.34
N ASN EB 95 52.27 -50.85 -60.03
CA ASN EB 95 51.04 -50.75 -60.86
C ASN EB 95 49.79 -50.99 -60.01
N LYS EB 96 49.69 -50.30 -58.87
CA LYS EB 96 48.46 -50.37 -58.02
C LYS EB 96 47.91 -48.95 -57.93
N SER EB 97 46.63 -48.79 -57.60
CA SER EB 97 46.02 -47.43 -57.61
C SER EB 97 46.50 -46.62 -56.40
N LEU EB 98 46.45 -45.29 -56.51
CA LEU EB 98 46.80 -44.42 -55.36
C LEU EB 98 45.56 -43.65 -54.92
N ALA EB 99 45.18 -43.76 -53.65
CA ALA EB 99 43.94 -43.13 -53.15
C ALA EB 99 44.20 -41.65 -52.87
N LYS EB 100 43.13 -40.86 -52.70
CA LYS EB 100 43.29 -39.39 -52.52
C LYS EB 100 44.16 -39.12 -51.29
N GLY EB 101 45.24 -38.36 -51.44
CA GLY EB 101 46.16 -38.06 -50.33
C GLY EB 101 47.28 -39.06 -50.17
N SER EB 102 47.43 -40.01 -51.09
CA SER EB 102 48.59 -40.94 -50.99
C SER EB 102 49.56 -40.79 -52.16
N ALA EB 103 49.36 -39.80 -53.04
CA ALA EB 103 50.21 -39.68 -54.24
C ALA EB 103 51.35 -38.69 -53.96
N THR EB 104 52.45 -38.81 -54.70
CA THR EB 104 53.59 -37.86 -54.55
C THR EB 104 53.84 -37.22 -55.91
N THR EB 105 54.24 -35.95 -55.92
CA THR EB 105 54.46 -35.24 -57.21
C THR EB 105 55.21 -36.15 -58.19
N PHE EB 106 56.19 -36.92 -57.68
CA PHE EB 106 56.99 -37.78 -58.59
C PHE EB 106 56.06 -38.76 -59.30
N ASP EB 107 55.09 -39.31 -58.56
CA ASP EB 107 54.12 -40.25 -59.17
C ASP EB 107 53.39 -39.53 -60.32
N ILE EB 108 53.07 -38.25 -60.13
CA ILE EB 108 52.27 -37.55 -61.17
C ILE EB 108 53.15 -37.34 -62.41
N ASN EB 109 54.41 -36.94 -62.21
CA ASN EB 109 55.24 -36.65 -63.41
C ASN EB 109 55.47 -37.94 -64.18
N LYS EB 110 55.73 -39.07 -63.49
CA LYS EB 110 55.90 -40.32 -64.22
C LYS EB 110 54.65 -40.66 -65.02
N ALA EB 111 53.48 -40.46 -64.41
CA ALA EB 111 52.20 -40.71 -65.11
C ALA EB 111 52.12 -39.79 -66.33
N GLN EB 112 52.48 -38.52 -66.17
CA GLN EB 112 52.40 -37.58 -67.28
C GLN EB 112 53.28 -38.01 -68.44
N LYS EB 113 54.51 -38.43 -68.15
CA LYS EB 113 55.40 -38.91 -69.21
C LYS EB 113 54.82 -40.16 -69.89
N ARG EB 114 54.31 -41.09 -69.10
CA ARG EB 114 53.73 -42.30 -69.67
C ARG EB 114 52.52 -41.99 -70.54
N CYS EB 115 51.67 -41.06 -70.11
CA CYS EB 115 50.48 -40.69 -70.92
C CYS EB 115 50.92 -40.08 -72.27
N PHE EB 116 52.08 -39.40 -72.28
CA PHE EB 116 52.62 -38.82 -73.53
C PHE EB 116 52.86 -39.93 -74.56
N VAL EB 117 53.63 -40.96 -74.16
CA VAL EB 117 53.98 -42.04 -75.13
C VAL EB 117 52.68 -42.73 -75.56
N LYS EB 118 51.72 -42.89 -74.64
CA LYS EB 118 50.42 -43.52 -74.98
C LYS EB 118 49.68 -42.63 -75.98
N ALA EB 119 49.76 -41.31 -75.79
CA ALA EB 119 49.14 -40.37 -76.77
C ALA EB 119 49.86 -40.52 -78.11
N SER EB 120 51.19 -40.66 -78.08
CA SER EB 120 51.96 -40.90 -79.33
C SER EB 120 51.52 -42.24 -79.92
N ALA EB 121 51.24 -43.22 -79.07
CA ALA EB 121 50.84 -44.57 -79.53
C ALA EB 121 49.55 -44.47 -80.34
N LEU EB 122 48.72 -43.48 -80.07
CA LEU EB 122 47.47 -43.31 -80.86
C LEU EB 122 47.88 -43.15 -82.33
N HIS EB 123 48.89 -42.34 -82.61
CA HIS EB 123 49.42 -42.19 -83.99
C HIS EB 123 50.10 -43.54 -84.23
N GLY EB 124 50.51 -43.84 -85.45
CA GLY EB 124 51.01 -45.22 -85.70
C GLY EB 124 52.16 -45.66 -84.82
N LEU EB 125 53.03 -44.74 -84.41
CA LEU EB 125 54.23 -45.09 -83.60
C LEU EB 125 53.82 -45.64 -82.23
N GLY EB 126 54.27 -46.85 -81.88
CA GLY EB 126 54.00 -47.40 -80.54
C GLY EB 126 52.61 -47.99 -80.41
N LEU EB 127 51.90 -48.14 -81.53
CA LEU EB 127 50.51 -48.68 -81.49
C LEU EB 127 50.52 -50.14 -81.02
N TYR EB 128 51.48 -50.95 -81.49
CA TYR EB 128 51.46 -52.41 -81.17
C TYR EB 128 52.16 -52.72 -79.85
N ILE EB 129 53.06 -51.85 -79.37
CA ILE EB 129 53.85 -52.19 -78.15
C ILE EB 129 52.90 -52.62 -77.03
N TYR EB 130 51.89 -51.81 -76.74
CA TYR EB 130 50.87 -52.19 -75.72
C TYR EB 130 50.07 -53.38 -76.24
N ASN EB 131 49.64 -53.34 -77.51
CA ASN EB 131 48.79 -54.44 -78.05
C ASN EB 131 47.64 -54.65 -77.07
N GLY EB 132 46.93 -53.58 -76.71
CA GLY EB 132 45.88 -53.71 -75.68
C GLY EB 132 46.47 -54.21 -74.37
N GLU EB 133 47.60 -53.65 -73.94
CA GLU EB 133 48.25 -54.06 -72.68
C GLU EB 133 47.28 -53.81 -71.52
N GLU EB 134 46.38 -52.82 -71.67
CA GLU EB 134 45.43 -52.47 -70.59
C GLU EB 134 44.45 -53.61 -70.30
N LEU EB 135 43.95 -54.30 -71.34
CA LEU EB 135 42.89 -55.34 -71.12
C LEU EB 135 43.38 -56.50 -70.24
N PRO EB 136 44.61 -57.08 -70.42
CA PRO EB 136 45.13 -58.09 -69.50
C PRO EB 136 46.02 -57.48 -68.42
N SER EB 137 45.55 -57.44 -67.17
CA SER EB 137 46.40 -56.94 -66.06
C SER EB 137 47.63 -57.84 -65.93
N ALA EB 138 47.43 -59.17 -66.04
CA ALA EB 138 48.54 -60.15 -65.98
C ALA EB 138 48.95 -60.41 -64.53
N SER EB 139 48.30 -59.73 -63.56
CA SER EB 139 48.58 -60.00 -62.14
C SER EB 139 47.29 -60.48 -61.46
N ASP EB 140 46.14 -60.01 -61.94
CA ASP EB 140 44.83 -60.40 -61.35
C ASP EB 140 44.63 -61.90 -61.55
N ASN EB 141 45.00 -62.44 -62.70
CA ASN EB 141 44.76 -63.88 -63.00
C ASN EB 141 45.50 -64.75 -61.98
N ASP EB 142 46.73 -64.37 -61.62
CA ASP EB 142 47.50 -65.13 -60.59
C ASP EB 142 46.70 -65.08 -59.29
N ILE EB 143 46.27 -63.88 -58.88
CA ILE EB 143 45.47 -63.72 -57.63
C ILE EB 143 44.14 -64.45 -57.82
N THR EB 144 43.62 -64.47 -59.05
CA THR EB 144 42.35 -65.18 -59.35
C THR EB 144 42.58 -66.69 -59.24
N GLU EB 145 43.77 -67.18 -59.59
CA GLU EB 145 44.05 -68.64 -59.43
C GLU EB 145 43.85 -69.01 -57.97
N LEU EB 146 44.32 -68.18 -57.04
CA LEU EB 146 44.12 -68.44 -55.60
C LEU EB 146 42.63 -68.72 -55.36
N GLU EB 147 41.75 -67.93 -56.00
CA GLU EB 147 40.30 -68.11 -55.82
C GLU EB 147 39.89 -69.49 -56.35
N GLU EB 148 40.40 -69.86 -57.52
CA GLU EB 148 40.10 -71.21 -58.06
C GLU EB 148 40.60 -72.26 -57.08
N ARG EB 149 41.78 -72.07 -56.48
CA ARG EB 149 42.36 -73.15 -55.63
C ARG EB 149 41.64 -73.21 -54.27
N ILE EB 150 41.18 -72.07 -53.73
CA ILE EB 150 40.39 -72.11 -52.47
C ILE EB 150 39.02 -72.73 -52.75
N ASN EB 151 38.41 -72.38 -53.89
CA ASN EB 151 37.11 -73.02 -54.26
C ASN EB 151 37.33 -74.52 -54.48
N GLN EB 152 38.43 -74.92 -55.12
CA GLN EB 152 38.73 -76.36 -55.27
C GLN EB 152 38.77 -76.97 -53.87
N PHE EB 153 39.42 -76.29 -52.91
CA PHE EB 153 39.57 -76.89 -51.57
C PHE EB 153 38.17 -76.92 -50.92
N VAL EB 154 37.39 -75.84 -51.06
CA VAL EB 154 36.01 -75.84 -50.47
C VAL EB 154 35.21 -76.98 -51.09
N ASN EB 155 35.21 -77.09 -52.43
CA ASN EB 155 34.36 -78.09 -53.10
C ASN EB 155 34.83 -79.50 -52.71
N LEU EB 156 36.12 -79.80 -52.88
CA LEU EB 156 36.61 -81.17 -52.62
C LEU EB 156 36.36 -81.48 -51.14
N SER EB 157 36.41 -80.47 -50.26
CA SER EB 157 36.06 -80.71 -48.84
C SER EB 157 34.59 -81.08 -48.76
N GLN EB 158 33.73 -80.31 -49.42
CA GLN EB 158 32.27 -80.59 -49.47
C GLN EB 158 32.05 -81.93 -50.17
N GLU EB 159 32.91 -82.30 -51.12
CA GLU EB 159 32.83 -83.64 -51.77
C GLU EB 159 33.25 -84.68 -50.73
N LYS EB 160 34.25 -84.38 -49.89
CA LYS EB 160 34.61 -85.35 -48.82
C LYS EB 160 33.43 -85.52 -47.88
N GLY EB 161 32.59 -84.50 -47.74
CA GLY EB 161 31.48 -84.58 -46.77
C GLY EB 161 31.81 -83.76 -45.53
N ARG EB 162 32.92 -83.01 -45.56
CA ARG EB 162 33.25 -82.11 -44.42
C ARG EB 162 32.92 -80.68 -44.88
N ASP EB 163 32.08 -79.97 -44.14
CA ASP EB 163 31.63 -78.63 -44.59
C ASP EB 163 32.80 -77.65 -44.68
N ALA EB 164 32.86 -76.87 -45.76
CA ALA EB 164 33.90 -75.83 -45.90
C ALA EB 164 33.24 -74.56 -46.44
N THR EB 165 33.66 -73.38 -45.96
CA THR EB 165 33.12 -72.10 -46.51
C THR EB 165 34.29 -71.29 -47.04
N ILE EB 166 34.06 -70.45 -48.07
CA ILE EB 166 35.21 -69.72 -48.68
C ILE EB 166 35.80 -68.77 -47.64
N ASP EB 167 34.94 -68.11 -46.86
CA ASP EB 167 35.44 -67.15 -45.85
C ASP EB 167 36.28 -67.87 -44.79
N LYS EB 168 35.87 -69.07 -44.37
CA LYS EB 168 36.72 -69.85 -43.41
C LYS EB 168 37.95 -70.41 -44.14
N THR EB 169 37.81 -70.80 -45.41
CA THR EB 169 39.01 -71.25 -46.18
C THR EB 169 39.95 -70.05 -46.26
N MET EB 170 39.40 -68.86 -46.50
CA MET EB 170 40.20 -67.61 -46.54
C MET EB 170 40.84 -67.42 -45.17
N ARG EB 171 40.12 -67.78 -44.10
CA ARG EB 171 40.64 -67.62 -42.72
C ARG EB 171 41.88 -68.51 -42.55
N TRP EB 172 41.93 -69.64 -43.26
CA TRP EB 172 43.14 -70.50 -43.23
C TRP EB 172 44.30 -69.61 -43.65
N LEU EB 173 44.15 -68.94 -44.80
CA LEU EB 173 45.21 -68.04 -45.33
C LEU EB 173 45.29 -66.81 -44.43
N LYS EB 174 44.22 -66.53 -43.67
CA LYS EB 174 44.18 -65.34 -42.79
C LYS EB 174 44.40 -64.09 -43.67
N ILE EB 175 43.76 -64.06 -44.84
CA ILE EB 175 43.93 -62.90 -45.77
C ILE EB 175 42.72 -61.97 -45.61
N SER EB 176 42.98 -60.72 -45.21
CA SER EB 176 41.89 -59.73 -45.01
C SER EB 176 41.20 -59.42 -46.34
N ASN EB 177 41.98 -59.21 -47.40
CA ASN EB 177 41.42 -58.90 -48.75
C ASN EB 177 42.09 -59.82 -49.78
N ILE EB 178 41.36 -60.83 -50.27
CA ILE EB 178 41.95 -61.79 -51.25
C ILE EB 178 42.43 -60.97 -52.45
N ASN EB 179 41.83 -59.81 -52.69
CA ASN EB 179 42.22 -58.95 -53.84
C ASN EB 179 43.67 -58.51 -53.63
N LYS EB 180 43.94 -57.81 -52.51
CA LYS EB 180 45.31 -57.27 -52.29
C LYS EB 180 46.10 -58.24 -51.42
N LEU EB 181 47.02 -58.99 -52.04
CA LEU EB 181 47.91 -59.90 -51.26
C LEU EB 181 49.26 -59.91 -51.97
N SER EB 182 50.37 -59.88 -51.23
CA SER EB 182 51.71 -59.79 -51.88
C SER EB 182 51.96 -61.10 -52.64
N GLN EB 183 52.70 -61.04 -53.76
CA GLN EB 183 52.89 -62.26 -54.60
C GLN EB 183 53.55 -63.37 -53.79
N LYS EB 184 54.48 -63.02 -52.91
CA LYS EB 184 55.12 -64.05 -52.03
C LYS EB 184 54.02 -64.69 -51.17
N GLN EB 185 53.09 -63.88 -50.64
CA GLN EB 185 51.96 -64.41 -49.84
C GLN EB 185 51.04 -65.28 -50.73
N ILE EB 186 50.83 -64.92 -52.00
CA ILE EB 186 50.03 -65.84 -52.88
C ILE EB 186 50.75 -67.19 -52.95
N ALA EB 187 52.07 -67.17 -53.14
CA ALA EB 187 52.84 -68.44 -53.21
C ALA EB 187 52.75 -69.15 -51.86
N GLU EB 188 52.86 -68.40 -50.76
CA GLU EB 188 52.77 -69.00 -49.40
C GLU EB 188 51.37 -69.58 -49.22
N ALA EB 189 50.34 -68.86 -49.64
CA ALA EB 189 48.95 -69.36 -49.51
C ALA EB 189 48.79 -70.62 -50.36
N HIS EB 190 49.28 -70.58 -51.60
CA HIS EB 190 49.21 -71.78 -52.49
C HIS EB 190 49.81 -72.97 -51.72
N GLN EB 191 50.94 -72.73 -51.04
CA GLN EB 191 51.61 -73.86 -50.33
C GLN EB 191 50.62 -74.47 -49.33
N LYS EB 192 49.95 -73.60 -48.56
CA LYS EB 192 48.96 -74.09 -47.56
C LYS EB 192 47.91 -74.92 -48.30
N LEU EB 193 47.22 -74.33 -49.29
CA LEU EB 193 46.15 -75.03 -50.03
C LEU EB 193 46.67 -76.30 -50.70
N ASP EB 194 47.74 -76.21 -51.50
CA ASP EB 194 48.17 -77.40 -52.28
C ASP EB 194 48.54 -78.55 -51.35
N ALA EB 195 49.08 -78.25 -50.17
CA ALA EB 195 49.33 -79.33 -49.18
C ALA EB 195 47.99 -80.05 -48.92
N GLY EB 196 47.02 -79.34 -48.35
CA GLY EB 196 45.73 -79.97 -47.96
C GLY EB 196 44.88 -80.44 -49.13
N LEU EB 197 45.19 -80.01 -50.35
CA LEU EB 197 44.39 -80.37 -51.55
C LEU EB 197 45.07 -81.43 -52.43
N LYS EB 198 46.38 -81.31 -52.69
CA LYS EB 198 47.05 -82.23 -53.64
C LYS EB 198 46.99 -83.69 -53.17
N GLN EB 199 47.28 -83.95 -51.89
CA GLN EB 199 47.36 -85.37 -51.43
C GLN EB 199 46.07 -86.11 -51.77
N LEU EB 200 44.92 -85.41 -51.74
CA LEU EB 200 43.65 -86.06 -52.16
C LEU EB 200 43.67 -86.17 -53.70
N ASP EB 201 43.99 -85.09 -54.38
CA ASP EB 201 44.07 -85.10 -55.87
C ASP EB 201 44.93 -86.29 -56.30
N SER EB 202 46.02 -86.55 -55.58
CA SER EB 202 46.91 -87.71 -55.90
C SER EB 202 46.27 -89.01 -55.40
N GLN FB 3 69.75 -28.64 -92.74
CA GLN FB 3 69.00 -29.77 -92.13
C GLN FB 3 67.79 -29.23 -91.35
N THR FB 4 67.76 -29.48 -90.04
CA THR FB 4 66.65 -29.02 -89.18
C THR FB 4 67.16 -28.82 -87.75
N LEU FB 5 66.42 -28.09 -86.92
CA LEU FB 5 66.88 -27.77 -85.55
C LEU FB 5 67.03 -29.07 -84.74
N PHE FB 6 66.03 -29.95 -84.76
CA PHE FB 6 66.16 -31.13 -83.85
C PHE FB 6 67.39 -31.95 -84.27
N GLU FB 7 67.55 -32.27 -85.56
CA GLU FB 7 68.70 -33.14 -85.93
C GLU FB 7 70.02 -32.44 -85.57
N GLN FB 8 70.21 -31.18 -85.97
CA GLN FB 8 71.46 -30.45 -85.62
C GLN FB 8 71.69 -30.54 -84.11
N LEU FB 9 70.72 -30.11 -83.30
CA LEU FB 9 70.86 -30.09 -81.82
C LEU FB 9 71.03 -31.53 -81.31
N ASN FB 10 70.30 -32.48 -81.89
CA ASN FB 10 70.35 -33.88 -81.37
C ASN FB 10 71.77 -34.42 -81.56
N SER FB 11 72.39 -34.11 -82.69
CA SER FB 11 73.75 -34.64 -82.98
C SER FB 11 74.82 -33.78 -82.32
N LYS FB 12 74.92 -33.82 -80.98
CA LYS FB 12 75.98 -33.09 -80.24
C LYS FB 12 76.42 -33.99 -79.08
N ASN FB 13 77.63 -33.81 -78.56
CA ASN FB 13 78.04 -34.62 -77.38
C ASN FB 13 78.06 -33.72 -76.14
N VAL FB 14 77.08 -33.88 -75.26
CA VAL FB 14 77.02 -33.08 -74.01
C VAL FB 14 77.55 -33.95 -72.87
N ASN FB 15 78.18 -35.07 -73.22
CA ASN FB 15 78.70 -36.03 -72.20
C ASN FB 15 79.79 -35.36 -71.35
N ASP FB 16 80.66 -34.57 -71.96
CA ASP FB 16 81.79 -33.99 -71.19
C ASP FB 16 81.26 -33.09 -70.07
N HIS FB 17 80.25 -32.26 -70.37
CA HIS FB 17 79.66 -31.35 -69.35
C HIS FB 17 78.50 -32.06 -68.64
N THR FB 18 78.81 -33.07 -67.82
CA THR FB 18 77.76 -33.79 -67.04
C THR FB 18 78.25 -34.06 -65.62
N GLU FB 19 77.33 -34.19 -64.67
CA GLU FB 19 77.70 -34.54 -63.27
C GLU FB 19 77.01 -35.85 -62.89
N GLN FB 20 77.76 -36.81 -62.34
CA GLN FB 20 77.17 -38.09 -61.90
C GLN FB 20 76.81 -37.99 -60.42
N LYS FB 21 75.54 -37.65 -60.13
CA LYS FB 21 75.05 -37.56 -58.74
C LYS FB 21 73.96 -38.62 -58.55
N ASN FB 22 74.08 -39.46 -57.53
CA ASN FB 22 73.02 -40.46 -57.23
C ASN FB 22 73.00 -41.51 -58.36
N GLY FB 23 74.03 -41.55 -59.19
CA GLY FB 23 74.05 -42.49 -60.33
C GLY FB 23 73.24 -42.00 -61.51
N LEU FB 24 72.86 -40.72 -61.53
CA LEU FB 24 72.15 -40.17 -62.71
C LEU FB 24 73.05 -39.18 -63.44
N THR FB 25 72.77 -38.91 -64.71
CA THR FB 25 73.61 -37.99 -65.51
C THR FB 25 72.85 -36.67 -65.74
N TYR FB 26 73.47 -35.53 -65.43
CA TYR FB 26 72.78 -34.22 -65.56
C TYR FB 26 73.68 -33.25 -66.34
N LEU FB 27 73.14 -32.57 -67.35
CA LEU FB 27 73.96 -31.55 -68.07
C LEU FB 27 73.73 -30.20 -67.39
N ALA FB 28 74.80 -29.45 -67.12
CA ALA FB 28 74.67 -28.18 -66.37
C ALA FB 28 73.88 -27.15 -67.20
N TRP FB 29 73.10 -26.31 -66.52
CA TRP FB 29 72.28 -25.28 -67.23
C TRP FB 29 73.19 -24.31 -67.97
N SER FB 30 74.30 -23.91 -67.35
CA SER FB 30 75.22 -22.92 -67.98
C SER FB 30 75.51 -23.34 -69.43
N TYR FB 31 75.83 -24.62 -69.65
CA TYR FB 31 76.14 -25.13 -71.01
C TYR FB 31 74.90 -25.01 -71.90
N ALA FB 32 73.72 -25.38 -71.38
CA ALA FB 32 72.48 -25.30 -72.16
C ALA FB 32 72.19 -23.84 -72.53
N HIS FB 33 72.44 -22.92 -71.61
CA HIS FB 33 72.07 -21.51 -71.89
C HIS FB 33 72.92 -21.05 -73.07
N GLN FB 34 74.22 -21.36 -73.06
CA GLN FB 34 75.15 -20.90 -74.12
C GLN FB 34 74.76 -21.51 -75.47
N GLU FB 35 74.57 -22.83 -75.53
CA GLU FB 35 74.32 -23.50 -76.83
C GLU FB 35 73.11 -22.84 -77.50
N LEU FB 36 71.98 -22.81 -76.82
CA LEU FB 36 70.74 -22.21 -77.39
C LEU FB 36 71.07 -20.78 -77.80
N LYS FB 37 71.65 -19.98 -76.91
CA LYS FB 37 72.02 -18.58 -77.24
C LYS FB 37 72.79 -18.51 -78.57
N LYS FB 38 73.72 -19.46 -78.79
CA LYS FB 38 74.45 -19.47 -80.07
C LYS FB 38 73.46 -19.75 -81.20
N ILE FB 39 72.67 -20.82 -81.07
CA ILE FB 39 71.69 -21.21 -82.13
C ILE FB 39 70.75 -20.02 -82.38
N ASP FB 40 70.27 -19.38 -81.31
CA ASP FB 40 69.31 -18.27 -81.45
C ASP FB 40 69.71 -17.14 -80.49
N PRO FB 41 70.14 -15.96 -80.97
CA PRO FB 41 70.58 -14.91 -80.05
C PRO FB 41 69.45 -14.48 -79.10
N ASN FB 42 68.21 -14.45 -79.59
CA ASN FB 42 67.08 -13.98 -78.75
C ASN FB 42 66.11 -15.13 -78.49
N TYR FB 43 66.28 -15.82 -77.36
CA TYR FB 43 65.27 -16.85 -77.01
C TYR FB 43 64.69 -16.46 -75.64
N THR FB 44 63.62 -17.11 -75.23
CA THR FB 44 62.91 -16.78 -74.00
C THR FB 44 62.77 -18.01 -73.11
N VAL FB 45 63.02 -17.80 -71.81
CA VAL FB 45 62.75 -18.79 -70.78
C VAL FB 45 61.77 -18.19 -69.79
N LYS FB 46 60.65 -18.88 -69.58
CA LYS FB 46 59.58 -18.38 -68.72
C LYS FB 46 59.25 -19.44 -67.68
N VAL FB 47 59.29 -19.05 -66.41
CA VAL FB 47 58.91 -19.94 -65.32
C VAL FB 47 57.49 -19.59 -64.90
N HIS FB 48 56.57 -20.55 -65.08
CA HIS FB 48 55.14 -20.24 -64.81
C HIS FB 48 54.90 -19.98 -63.33
N GLU FB 49 53.94 -19.11 -63.04
CA GLU FB 49 53.62 -18.73 -61.64
C GLU FB 49 52.17 -19.13 -61.37
N PHE FB 50 51.88 -19.77 -60.23
CA PHE FB 50 50.49 -20.25 -60.02
C PHE FB 50 49.98 -19.76 -58.66
N PRO FB 51 48.74 -19.28 -58.48
CA PRO FB 51 48.31 -18.80 -57.17
C PRO FB 51 48.54 -19.86 -56.08
N HIS FB 52 49.35 -19.55 -55.07
CA HIS FB 52 49.65 -20.54 -54.01
C HIS FB 52 48.36 -20.84 -53.25
N PRO FB 53 48.04 -22.13 -52.96
CA PRO FB 53 46.77 -22.47 -52.31
C PRO FB 53 46.54 -21.92 -50.89
N ASP FB 54 47.38 -22.31 -49.93
CA ASP FB 54 47.16 -21.95 -48.51
C ASP FB 54 47.03 -20.43 -48.32
N ILE FB 55 47.99 -19.68 -48.87
CA ILE FB 55 47.96 -18.20 -48.72
C ILE FB 55 46.64 -17.67 -49.26
N ASN FB 56 46.35 -17.93 -50.53
CA ASN FB 56 45.08 -17.49 -51.16
C ASN FB 56 44.97 -15.96 -51.00
N THR FB 57 46.08 -15.24 -51.20
CA THR FB 57 46.04 -13.76 -51.17
C THR FB 57 45.84 -13.25 -52.60
N GLU FB 58 45.00 -12.23 -52.78
CA GLU FB 58 44.72 -11.71 -54.15
C GLU FB 58 46.00 -11.16 -54.76
N ASN FB 59 46.28 -11.48 -56.02
CA ASN FB 59 47.47 -10.95 -56.73
C ASN FB 59 48.73 -11.60 -56.14
N TYR FB 60 48.58 -12.67 -55.36
CA TYR FB 60 49.75 -13.40 -54.84
C TYR FB 60 50.02 -14.62 -55.73
N PHE FB 61 51.13 -14.59 -56.49
CA PHE FB 61 51.47 -15.72 -57.39
C PHE FB 61 52.89 -16.22 -57.11
N VAL FB 62 53.01 -17.39 -56.47
CA VAL FB 62 54.35 -18.00 -56.21
C VAL FB 62 54.85 -18.63 -57.52
N PRO FB 63 56.14 -18.96 -57.71
CA PRO FB 63 56.61 -19.48 -59.00
C PRO FB 63 56.47 -21.01 -59.14
N TYR FB 64 55.85 -21.68 -58.16
CA TYR FB 64 55.75 -23.16 -58.20
C TYR FB 64 54.40 -23.63 -57.65
N LEU FB 65 53.94 -24.80 -58.09
CA LEU FB 65 52.67 -25.38 -57.58
C LEU FB 65 52.87 -25.89 -56.15
N ALA FB 66 51.90 -25.65 -55.26
CA ALA FB 66 51.98 -26.23 -53.91
C ALA FB 66 50.74 -27.10 -53.70
N THR FB 67 50.91 -28.38 -53.38
CA THR FB 67 49.76 -29.30 -53.26
C THR FB 67 49.93 -30.18 -52.02
N PRO FB 68 48.86 -30.72 -51.42
CA PRO FB 68 49.01 -31.64 -50.28
C PRO FB 68 49.82 -32.84 -50.79
N GLU FB 69 49.55 -33.28 -52.02
CA GLU FB 69 50.30 -34.42 -52.61
C GLU FB 69 51.79 -34.04 -52.72
N GLY FB 70 52.11 -32.81 -53.12
CA GLY FB 70 53.54 -32.43 -53.15
C GLY FB 70 53.79 -31.09 -53.82
N TYR FB 71 54.79 -31.03 -54.70
CA TYR FB 71 55.18 -29.74 -55.36
C TYR FB 71 55.53 -29.93 -56.85
N PHE FB 72 55.06 -29.00 -57.67
CA PHE FB 72 55.33 -29.09 -59.13
C PHE FB 72 55.89 -27.77 -59.66
N VAL FB 73 56.76 -27.84 -60.66
CA VAL FB 73 57.33 -26.68 -61.31
C VAL FB 73 57.09 -26.80 -62.81
N GLN FB 74 57.11 -25.66 -63.50
CA GLN FB 74 56.90 -25.62 -64.94
C GLN FB 74 57.83 -24.60 -65.57
N VAL FB 75 58.43 -24.97 -66.70
CA VAL FB 75 59.34 -24.10 -67.43
C VAL FB 75 59.01 -24.19 -68.91
N SER FB 76 58.88 -23.03 -69.56
CA SER FB 76 58.56 -22.97 -71.02
C SER FB 76 59.71 -22.31 -71.78
N VAL FB 77 60.41 -23.06 -72.63
CA VAL FB 77 61.56 -22.59 -73.37
C VAL FB 77 61.14 -22.38 -74.83
N THR FB 78 61.30 -21.14 -75.30
CA THR FB 78 60.97 -20.85 -76.73
C THR FB 78 62.29 -20.67 -77.49
N VAL FB 79 62.75 -21.73 -78.16
CA VAL FB 79 64.00 -21.62 -78.97
C VAL FB 79 63.59 -21.32 -80.42
N LYS FB 80 64.05 -20.19 -80.96
CA LYS FB 80 63.59 -19.78 -82.32
C LYS FB 80 62.06 -19.74 -82.30
N ASP FB 81 61.43 -20.11 -83.41
CA ASP FB 81 59.94 -20.17 -83.47
C ASP FB 81 59.43 -21.26 -82.52
N SER FB 82 60.12 -22.39 -82.43
CA SER FB 82 59.60 -23.54 -81.63
C SER FB 82 59.46 -23.17 -80.14
N THR FB 83 58.39 -23.64 -79.51
CA THR FB 83 58.16 -23.39 -78.06
C THR FB 83 57.74 -24.71 -77.41
N GLU FB 84 57.97 -24.88 -76.10
CA GLU FB 84 57.62 -26.17 -75.46
C GLU FB 84 57.67 -26.00 -73.93
N THR FB 85 57.15 -26.97 -73.16
CA THR FB 85 57.05 -26.79 -71.69
C THR FB 85 57.36 -28.13 -71.01
N GLU FB 86 57.87 -28.10 -69.77
CA GLU FB 86 58.27 -29.35 -69.08
C GLU FB 86 57.74 -29.35 -67.65
N TRP FB 87 57.33 -30.52 -67.14
CA TRP FB 87 56.86 -30.63 -65.74
C TRP FB 87 57.93 -31.39 -64.93
N LEU FB 88 58.37 -30.82 -63.81
CA LEU FB 88 59.36 -31.53 -62.95
C LEU FB 88 58.83 -31.63 -61.52
N PRO FB 89 58.88 -32.83 -60.89
CA PRO FB 89 58.46 -32.97 -59.50
C PRO FB 89 59.62 -32.66 -58.54
N VAL FB 90 59.39 -31.80 -57.54
CA VAL FB 90 60.47 -31.41 -56.60
C VAL FB 90 60.91 -32.67 -55.84
N LEU FB 91 62.23 -32.89 -55.70
CA LEU FB 91 62.74 -34.12 -55.05
C LEU FB 91 63.84 -33.79 -54.04
N ASP FB 92 64.08 -34.66 -53.05
CA ASP FB 92 65.17 -34.46 -52.07
C ASP FB 92 66.53 -34.61 -52.74
N PHE FB 93 67.60 -34.34 -52.01
CA PHE FB 93 68.97 -34.59 -52.57
C PHE FB 93 69.15 -36.10 -52.79
N ARG FB 94 68.25 -36.91 -52.24
CA ARG FB 94 68.29 -38.38 -52.46
C ARG FB 94 67.28 -38.78 -53.53
N ASN FB 95 66.75 -37.80 -54.27
CA ASN FB 95 65.71 -38.09 -55.28
C ASN FB 95 64.50 -38.76 -54.63
N LYS FB 96 64.01 -38.19 -53.53
CA LYS FB 96 62.76 -38.70 -52.88
C LYS FB 96 61.75 -37.55 -52.89
N SER FB 97 60.46 -37.84 -52.77
CA SER FB 97 59.43 -36.77 -52.89
C SER FB 97 59.40 -35.90 -51.63
N LEU FB 98 58.94 -34.66 -51.77
CA LEU FB 98 58.81 -33.75 -50.59
C LEU FB 98 57.33 -33.45 -50.35
N ALA FB 99 56.83 -33.75 -49.15
CA ALA FB 99 55.39 -33.58 -48.85
C ALA FB 99 55.08 -32.12 -48.57
N LYS FB 100 53.80 -31.74 -48.57
CA LYS FB 100 53.43 -30.31 -48.39
C LYS FB 100 53.96 -29.81 -47.04
N GLY FB 101 54.74 -28.72 -47.04
CA GLY FB 101 55.32 -28.17 -45.81
C GLY FB 101 56.68 -28.74 -45.47
N SER FB 102 57.27 -29.55 -46.34
CA SER FB 102 58.65 -30.04 -46.05
C SER FB 102 59.68 -29.53 -47.06
N ALA FB 103 59.29 -28.64 -47.97
CA ALA FB 103 60.22 -28.19 -49.03
C ALA FB 103 60.91 -26.88 -48.60
N THR FB 104 62.07 -26.61 -49.17
CA THR FB 104 62.78 -25.34 -48.86
C THR FB 104 62.95 -24.59 -50.18
N THR FB 105 63.00 -23.26 -50.13
CA THR FB 105 63.10 -22.47 -51.38
C THR FB 105 64.28 -22.98 -52.22
N PHE FB 106 65.34 -23.45 -51.57
CA PHE FB 106 66.52 -23.98 -52.32
C PHE FB 106 66.09 -25.18 -53.16
N ASP FB 107 65.26 -26.05 -52.57
CA ASP FB 107 64.77 -27.23 -53.31
C ASP FB 107 64.03 -26.76 -54.55
N ILE FB 108 63.26 -25.68 -54.43
CA ILE FB 108 62.43 -25.23 -55.59
C ILE FB 108 63.36 -24.70 -56.68
N ASN FB 109 64.37 -23.91 -56.31
CA ASN FB 109 65.23 -23.31 -57.37
C ASN FB 109 66.00 -24.42 -58.08
N LYS FB 110 66.51 -25.42 -57.34
CA LYS FB 110 67.20 -26.51 -58.01
C LYS FB 110 66.27 -27.22 -58.99
N ALA FB 111 65.02 -27.44 -58.57
CA ALA FB 111 64.03 -28.08 -59.46
C ALA FB 111 63.82 -27.20 -60.69
N GLN FB 112 63.70 -25.89 -60.49
CA GLN FB 112 63.48 -24.99 -61.62
C GLN FB 112 64.61 -25.06 -62.62
N LYS FB 113 65.86 -25.05 -62.13
CA LYS FB 113 66.99 -25.16 -63.06
C LYS FB 113 66.98 -26.50 -63.79
N ARG FB 114 66.70 -27.59 -63.06
CA ARG FB 114 66.66 -28.90 -63.70
C ARG FB 114 65.56 -28.98 -64.75
N CYS FB 115 64.39 -28.41 -64.48
CA CYS FB 115 63.29 -28.42 -65.47
C CYS FB 115 63.69 -27.65 -66.73
N PHE FB 116 64.53 -26.63 -66.58
CA PHE FB 116 65.03 -25.85 -67.74
C PHE FB 116 65.79 -26.77 -68.70
N VAL FB 117 66.78 -27.50 -68.19
CA VAL FB 117 67.61 -28.37 -69.07
C VAL FB 117 66.70 -29.44 -69.68
N LYS FB 118 65.75 -29.95 -68.91
CA LYS FB 118 64.80 -30.96 -69.44
C LYS FB 118 63.95 -30.32 -70.56
N ALA FB 119 63.54 -29.07 -70.38
CA ALA FB 119 62.80 -28.36 -71.45
C ALA FB 119 63.72 -28.21 -72.67
N SER FB 120 65.00 -27.90 -72.43
CA SER FB 120 65.98 -27.81 -73.54
C SER FB 120 66.11 -29.20 -74.17
N ALA FB 121 66.05 -30.25 -73.36
CA ALA FB 121 66.21 -31.64 -73.85
C ALA FB 121 65.09 -31.95 -74.86
N LEU FB 122 63.94 -31.30 -74.73
CA LEU FB 122 62.84 -31.53 -75.70
C LEU FB 122 63.39 -31.19 -77.10
N HIS FB 123 64.09 -30.08 -77.23
CA HIS FB 123 64.74 -29.70 -78.51
C HIS FB 123 65.86 -30.73 -78.63
N GLY FB 124 66.53 -30.84 -79.77
CA GLY FB 124 67.50 -31.96 -79.92
C GLY FB 124 68.58 -32.02 -78.86
N LEU FB 125 69.02 -30.89 -78.31
CA LEU FB 125 70.22 -30.90 -77.41
C LEU FB 125 70.10 -31.88 -76.24
N GLY FB 126 71.05 -32.81 -76.10
CA GLY FB 126 71.10 -33.72 -74.94
C GLY FB 126 69.85 -34.54 -74.67
N LEU FB 127 69.06 -34.86 -75.70
CA LEU FB 127 67.87 -35.71 -75.43
C LEU FB 127 68.30 -37.10 -74.94
N TYR FB 128 69.42 -37.63 -75.44
CA TYR FB 128 69.83 -39.00 -75.05
C TYR FB 128 69.98 -39.09 -73.52
N ILE FB 129 70.50 -38.04 -72.89
CA ILE FB 129 70.62 -38.04 -71.39
C ILE FB 129 69.23 -38.10 -70.77
N TYR FB 130 68.27 -37.33 -71.30
CA TYR FB 130 66.93 -37.25 -70.68
C TYR FB 130 65.91 -38.01 -71.54
N GLN GB 3 80.31 -9.48 -84.42
CA GLN GB 3 79.89 -10.83 -83.94
C GLN GB 3 78.48 -10.74 -83.36
N THR GB 4 78.33 -11.05 -82.07
CA THR GB 4 77.01 -11.04 -81.40
C THR GB 4 77.22 -10.75 -79.91
N LEU GB 5 76.16 -10.35 -79.20
CA LEU GB 5 76.29 -9.97 -77.77
C LEU GB 5 76.73 -11.19 -76.95
N PHE GB 6 76.10 -12.35 -77.12
CA PHE GB 6 76.47 -13.46 -76.21
C PHE GB 6 77.95 -13.83 -76.44
N GLU GB 7 78.39 -14.02 -77.68
CA GLU GB 7 79.80 -14.43 -77.87
C GLU GB 7 80.76 -13.37 -77.30
N GLN GB 8 80.58 -12.09 -77.66
CA GLN GB 8 81.45 -11.02 -77.13
C GLN GB 8 81.48 -11.10 -75.59
N LEU GB 9 80.32 -11.06 -74.96
CA LEU GB 9 80.22 -11.08 -73.47
C LEU GB 9 80.79 -12.40 -72.94
N ASN GB 10 80.48 -13.51 -73.61
CA ASN GB 10 80.91 -14.85 -73.11
C ASN GB 10 82.44 -14.88 -73.07
N SER GB 11 83.10 -14.32 -74.10
CA SER GB 11 84.57 -14.37 -74.17
C SER GB 11 85.20 -13.24 -73.34
N LYS GB 12 85.10 -13.33 -72.00
CA LYS GB 12 85.74 -12.34 -71.10
C LYS GB 12 86.27 -13.11 -69.89
N ASN GB 13 87.28 -12.57 -69.19
CA ASN GB 13 87.75 -13.27 -67.96
C ASN GB 13 87.29 -12.47 -66.74
N VAL GB 14 86.29 -12.98 -66.01
CA VAL GB 14 85.79 -12.31 -64.79
C VAL GB 14 86.41 -13.02 -63.58
N ASN GB 15 87.42 -13.86 -63.84
CA ASN GB 15 88.07 -14.65 -62.74
C ASN GB 15 88.73 -13.71 -61.73
N ASP GB 16 89.38 -12.64 -62.21
CA ASP GB 16 90.12 -11.76 -61.27
C ASP GB 16 89.17 -11.16 -60.24
N HIS GB 17 88.01 -10.68 -60.69
CA HIS GB 17 87.01 -10.08 -59.77
C HIS GB 17 86.06 -11.15 -59.24
N THR GB 18 86.56 -12.05 -58.40
CA THR GB 18 85.69 -13.11 -57.80
C THR GB 18 86.03 -13.28 -56.31
N GLU GB 19 85.07 -13.76 -55.51
CA GLU GB 19 85.33 -14.04 -54.08
C GLU GB 19 85.05 -15.52 -53.81
N GLN GB 20 85.99 -16.21 -53.16
CA GLN GB 20 85.80 -17.65 -52.82
C GLN GB 20 85.20 -17.74 -51.41
N LYS GB 21 83.87 -17.83 -51.31
CA LYS GB 21 83.20 -17.97 -49.98
C LYS GB 21 82.44 -19.30 -49.96
N ASN GB 22 82.72 -20.16 -48.98
CA ASN GB 22 82.02 -21.47 -48.86
C ASN GB 22 82.50 -22.41 -49.97
N GLY GB 23 83.60 -22.07 -50.64
CA GLY GB 23 84.10 -22.89 -51.76
C GLY GB 23 83.35 -22.63 -53.06
N LEU GB 24 82.58 -21.54 -53.13
CA LEU GB 24 81.91 -21.19 -54.41
C LEU GB 24 82.54 -19.92 -54.98
N THR GB 25 82.37 -19.69 -56.28
CA THR GB 25 82.97 -18.50 -56.94
C THR GB 25 81.85 -17.50 -57.28
N TYR GB 26 82.02 -16.24 -56.86
CA TYR GB 26 80.98 -15.21 -57.10
C TYR GB 26 81.62 -13.99 -57.77
N LEU GB 27 81.01 -13.44 -58.82
CA LEU GB 27 81.56 -12.18 -59.40
C LEU GB 27 80.81 -11.01 -58.77
N ALA GB 28 81.52 -9.97 -58.33
CA ALA GB 28 80.87 -8.85 -57.60
C ALA GB 28 79.92 -8.09 -58.54
N TRP GB 29 78.81 -7.59 -58.00
CA TRP GB 29 77.81 -6.85 -58.83
C TRP GB 29 78.45 -5.58 -59.41
N SER GB 30 79.28 -4.88 -58.63
CA SER GB 30 79.88 -3.62 -59.13
C SER GB 30 80.48 -3.87 -60.52
N TYR GB 31 81.26 -4.95 -60.65
CA TYR GB 31 81.92 -5.24 -61.95
C TYR GB 31 80.86 -5.49 -63.03
N ALA GB 32 79.81 -6.24 -62.69
CA ALA GB 32 78.73 -6.53 -63.66
C ALA GB 32 78.04 -5.22 -64.07
N HIS GB 33 77.83 -4.33 -63.12
CA HIS GB 33 77.07 -3.10 -63.45
C HIS GB 33 77.89 -2.31 -64.48
N GLN GB 34 79.21 -2.21 -64.29
CA GLN GB 34 80.03 -1.38 -65.20
C GLN GB 34 80.10 -2.03 -66.59
N GLU GB 35 80.37 -3.34 -66.66
CA GLU GB 35 80.55 -3.99 -67.98
C GLU GB 35 79.31 -3.73 -68.84
N LEU GB 36 78.13 -4.10 -68.33
CA LEU GB 36 76.87 -3.90 -69.10
C LEU GB 36 76.77 -2.42 -69.45
N LYS GB 37 77.00 -1.55 -68.47
CA LYS GB 37 76.89 -0.07 -68.69
C LYS GB 37 77.76 0.33 -69.89
N LYS GB 38 78.95 -0.26 -70.00
CA LYS GB 38 79.83 0.03 -71.16
C LYS GB 38 79.16 -0.50 -72.43
N ILE GB 39 78.76 -1.77 -72.43
CA ILE GB 39 78.12 -2.39 -73.63
C ILE GB 39 76.89 -1.57 -74.02
N ASP GB 40 76.08 -1.17 -73.03
CA ASP GB 40 74.83 -0.43 -73.32
C ASP GB 40 74.70 0.72 -72.31
N PRO GB 41 74.78 2.01 -72.71
CA PRO GB 41 74.71 3.09 -71.73
C PRO GB 41 73.39 3.08 -70.97
N ASN GB 42 72.29 2.74 -71.65
CA ASN GB 42 70.95 2.76 -71.00
C ASN GB 42 70.38 1.34 -70.89
N TYR GB 43 70.53 0.71 -69.73
CA TYR GB 43 69.96 -0.61 -69.51
C TYR GB 43 69.21 -0.61 -68.19
N THR GB 44 68.23 -1.51 -68.07
CA THR GB 44 67.28 -1.48 -66.97
C THR GB 44 67.42 -2.73 -66.11
N VAL GB 45 67.39 -2.53 -64.79
CA VAL GB 45 67.32 -3.61 -63.81
C VAL GB 45 66.06 -3.41 -62.99
N LYS GB 46 65.21 -4.43 -62.95
CA LYS GB 46 63.92 -4.35 -62.27
C LYS GB 46 63.81 -5.51 -61.30
N VAL GB 47 63.52 -5.21 -60.04
CA VAL GB 47 63.30 -6.22 -59.01
C VAL GB 47 61.80 -6.38 -58.84
N HIS GB 48 61.28 -7.56 -59.14
CA HIS GB 48 59.81 -7.76 -59.11
C HIS GB 48 59.28 -7.67 -57.69
N GLU GB 49 58.06 -7.16 -57.54
CA GLU GB 49 57.42 -6.99 -56.21
C GLU GB 49 56.17 -7.85 -56.17
N PHE GB 50 55.94 -8.61 -55.10
CA PHE GB 50 54.77 -9.52 -55.11
C PHE GB 50 53.94 -9.30 -53.85
N PRO GB 51 52.58 -9.26 -53.87
CA PRO GB 51 51.84 -9.01 -52.63
C PRO GB 51 52.24 -9.99 -51.52
N HIS GB 52 52.74 -9.49 -50.39
CA HIS GB 52 53.20 -10.38 -49.30
C HIS GB 52 51.98 -11.13 -48.75
N PRO GB 53 52.05 -12.46 -48.53
CA PRO GB 53 50.89 -13.23 -48.08
C PRO GB 53 50.28 -12.85 -46.71
N ASP GB 54 51.05 -13.01 -45.63
CA ASP GB 54 50.53 -12.81 -44.25
C ASP GB 54 49.88 -11.43 -44.09
N ILE GB 55 50.60 -10.39 -44.47
CA ILE GB 55 50.07 -9.00 -44.34
C ILE GB 55 48.74 -8.89 -45.08
N ASN GB 56 48.74 -9.17 -46.38
CA ASN GB 56 47.50 -9.14 -47.19
C ASN GB 56 46.89 -7.74 -47.06
N THR GB 57 47.71 -6.69 -47.07
CA THR GB 57 47.17 -5.30 -47.05
C THR GB 57 47.03 -4.81 -48.50
N GLU GB 58 45.94 -4.11 -48.80
CA GLU GB 58 45.71 -3.64 -50.19
C GLU GB 58 46.83 -2.67 -50.59
N ASN GB 59 47.37 -2.81 -51.80
CA ASN GB 59 48.42 -1.89 -52.31
C ASN GB 59 49.73 -2.12 -51.54
N TYR GB 60 49.81 -3.23 -50.79
CA TYR GB 60 51.07 -3.57 -50.09
C TYR GB 60 51.86 -4.58 -50.93
N PHE GB 61 52.99 -4.15 -51.51
CA PHE GB 61 53.81 -5.06 -52.35
C PHE GB 61 55.26 -5.09 -51.85
N VAL GB 62 55.66 -6.18 -51.19
CA VAL GB 62 57.07 -6.35 -50.74
C VAL GB 62 57.93 -6.72 -51.96
N PRO GB 63 59.28 -6.59 -51.94
CA PRO GB 63 60.08 -6.87 -53.14
C PRO GB 63 60.46 -8.35 -53.30
N TYR GB 64 59.97 -9.24 -52.43
CA TYR GB 64 60.36 -10.67 -52.50
C TYR GB 64 59.18 -11.58 -52.17
N LEU GB 65 59.19 -12.81 -52.67
CA LEU GB 65 58.12 -13.80 -52.36
C LEU GB 65 58.27 -14.29 -50.92
N ALA GB 66 57.15 -14.43 -50.20
CA ALA GB 66 57.22 -15.01 -48.85
C ALA GB 66 56.32 -16.24 -48.85
N THR GB 67 56.86 -17.43 -48.53
CA THR GB 67 56.07 -18.69 -48.58
C THR GB 67 56.34 -19.53 -47.34
N PRO GB 68 55.41 -20.40 -46.88
CA PRO GB 68 55.69 -21.27 -45.75
C PRO GB 68 56.91 -22.12 -46.12
N GLU GB 69 56.98 -22.56 -47.37
CA GLU GB 69 58.15 -23.36 -47.85
C GLU GB 69 59.42 -22.52 -47.71
N GLY GB 70 59.38 -21.23 -48.06
CA GLY GB 70 60.59 -20.40 -47.87
C GLY GB 70 60.50 -19.03 -48.49
N TYR GB 71 61.54 -18.58 -49.20
CA TYR GB 71 61.58 -17.22 -49.79
C TYR GB 71 62.18 -17.20 -51.20
N PHE GB 72 61.56 -16.43 -52.08
CA PHE GB 72 62.04 -16.35 -53.49
C PHE GB 72 62.22 -14.89 -53.91
N VAL GB 73 63.19 -14.63 -54.77
CA VAL GB 73 63.45 -13.31 -55.32
C VAL GB 73 63.49 -13.42 -56.84
N GLN GB 74 63.24 -12.30 -57.51
CA GLN GB 74 63.24 -12.27 -58.97
C GLN GB 74 63.87 -10.97 -59.44
N VAL GB 75 64.71 -11.06 -60.47
CA VAL GB 75 65.39 -9.90 -61.05
C VAL GB 75 65.32 -10.02 -62.56
N SER GB 76 64.90 -8.93 -63.22
CA SER GB 76 64.82 -8.89 -64.71
C SER GB 76 65.78 -7.86 -65.28
N VAL GB 77 66.79 -8.30 -66.01
CA VAL GB 77 67.83 -7.45 -66.57
C VAL GB 77 67.58 -7.29 -68.06
N THR GB 78 67.39 -6.05 -68.51
CA THR GB 78 67.21 -5.81 -69.97
C THR GB 78 68.49 -5.18 -70.51
N VAL GB 79 69.37 -5.99 -71.10
CA VAL GB 79 70.62 -5.45 -71.71
C VAL GB 79 70.35 -5.21 -73.20
N LYS GB 80 70.49 -3.97 -73.67
CA LYS GB 80 70.12 -3.67 -75.08
C LYS GB 80 68.68 -4.11 -75.30
N ASP GB 81 68.38 -4.61 -76.49
CA ASP GB 81 67.03 -5.14 -76.79
C ASP GB 81 66.75 -6.40 -75.94
N SER GB 82 67.76 -7.25 -75.73
CA SER GB 82 67.53 -8.53 -75.03
C SER GB 82 67.05 -8.31 -73.59
N THR GB 83 66.12 -9.14 -73.13
CA THR GB 83 65.62 -9.06 -71.73
C THR GB 83 65.56 -10.47 -71.15
N GLU GB 84 65.64 -10.63 -69.83
CA GLU GB 84 65.63 -11.99 -69.24
C GLU GB 84 65.41 -11.90 -67.73
N THR GB 85 65.13 -13.02 -67.06
CA THR GB 85 64.77 -12.97 -65.62
C THR GB 85 65.39 -14.16 -64.90
N GLU GB 86 65.61 -14.05 -63.58
CA GLU GB 86 66.27 -15.16 -62.83
C GLU GB 86 65.60 -15.34 -61.46
N TRP GB 87 65.55 -16.58 -60.96
CA TRP GB 87 64.98 -16.88 -59.61
C TRP GB 87 66.11 -17.30 -58.66
N LEU GB 88 66.18 -16.70 -57.47
CA LEU GB 88 67.21 -17.14 -56.50
C LEU GB 88 66.56 -17.37 -55.12
N PRO GB 89 66.75 -18.54 -54.49
CA PRO GB 89 66.22 -18.78 -53.14
C PRO GB 89 67.03 -18.00 -52.10
N VAL GB 90 66.38 -17.52 -51.03
CA VAL GB 90 67.14 -16.84 -49.94
C VAL GB 90 67.84 -17.93 -49.13
N LEU GB 91 69.16 -17.80 -48.90
CA LEU GB 91 69.92 -18.86 -48.18
C LEU GB 91 70.71 -18.25 -47.02
N ASP GB 92 71.09 -19.09 -46.04
CA ASP GB 92 71.94 -18.62 -44.91
C ASP GB 92 73.36 -18.32 -45.40
N PHE GB 93 74.19 -17.71 -44.54
CA PHE GB 93 75.61 -17.48 -44.88
C PHE GB 93 76.31 -18.83 -45.07
N ARG GB 94 75.65 -19.92 -44.67
CA ARG GB 94 76.21 -21.29 -44.88
C ARG GB 94 75.56 -21.94 -46.10
N ASN GB 95 74.87 -21.14 -46.91
CA ASN GB 95 74.12 -21.70 -48.08
C ASN GB 95 73.11 -22.76 -47.62
N LYS GB 96 72.30 -22.44 -46.60
CA LYS GB 96 71.22 -23.36 -46.16
C LYS GB 96 69.90 -22.59 -46.34
N SER GB 97 68.77 -23.30 -46.42
CA SER GB 97 67.48 -22.62 -46.70
C SER GB 97 66.99 -21.86 -45.45
N LEU GB 98 66.16 -20.83 -45.65
CA LEU GB 98 65.57 -20.08 -44.51
C LEU GB 98 64.05 -20.29 -44.50
N ALA GB 99 63.51 -20.79 -43.40
CA ALA GB 99 62.07 -21.12 -43.33
C ALA GB 99 61.26 -19.85 -43.10
N LYS GB 100 59.94 -19.91 -43.30
CA LYS GB 100 59.09 -18.69 -43.17
C LYS GB 100 59.23 -18.12 -41.76
N GLY GB 101 59.60 -16.83 -41.64
CA GLY GB 101 59.78 -16.19 -40.33
C GLY GB 101 61.19 -16.31 -39.78
N SER GB 102 62.14 -16.84 -40.54
CA SER GB 102 63.54 -16.87 -40.05
C SER GB 102 64.48 -16.00 -40.89
N ALA GB 103 63.96 -15.24 -41.84
CA ALA GB 103 64.83 -14.45 -42.74
C ALA GB 103 64.98 -13.02 -42.21
N THR GB 104 66.06 -12.35 -42.58
CA THR GB 104 66.26 -10.94 -42.16
C THR GB 104 66.43 -10.09 -43.43
N THR GB 105 65.93 -8.86 -43.40
CA THR GB 105 65.99 -7.99 -44.61
C THR GB 105 67.38 -8.11 -45.26
N PHE GB 106 68.44 -8.19 -44.44
CA PHE GB 106 69.81 -8.26 -45.00
C PHE GB 106 69.93 -9.49 -45.89
N ASP GB 107 69.36 -10.61 -45.44
CA ASP GB 107 69.39 -11.85 -46.26
C ASP GB 107 68.73 -11.58 -47.60
N ILE GB 108 67.64 -10.79 -47.60
CA ILE GB 108 66.89 -10.60 -48.88
C ILE GB 108 67.76 -9.73 -49.80
N ASN GB 109 68.38 -8.68 -49.27
CA ASN GB 109 69.14 -7.77 -50.18
C ASN GB 109 70.32 -8.54 -50.77
N LYS GB 110 71.02 -9.36 -49.96
CA LYS GB 110 72.12 -10.14 -50.52
C LYS GB 110 71.63 -11.06 -51.63
N ALA GB 111 70.48 -11.70 -51.44
CA ALA GB 111 69.92 -12.56 -52.46
C ALA GB 111 69.53 -11.77 -53.70
N GLN GB 112 69.02 -10.54 -53.51
CA GLN GB 112 68.67 -9.71 -54.66
C GLN GB 112 69.90 -9.35 -55.47
N LYS GB 113 70.99 -8.97 -54.80
CA LYS GB 113 72.23 -8.66 -55.53
C LYS GB 113 72.76 -9.89 -56.26
N ARG GB 114 72.75 -11.04 -55.57
CA ARG GB 114 73.24 -12.29 -56.20
C ARG GB 114 72.41 -12.60 -57.45
N CYS GB 115 71.08 -12.49 -57.33
CA CYS GB 115 70.19 -12.81 -58.49
C CYS GB 115 70.50 -11.89 -59.69
N PHE GB 116 70.94 -10.66 -59.40
CA PHE GB 116 71.31 -9.71 -60.47
C PHE GB 116 72.46 -10.28 -61.30
N VAL GB 117 73.55 -10.67 -60.63
CA VAL GB 117 74.75 -11.17 -61.39
C VAL GB 117 74.37 -12.47 -62.11
N LYS GB 118 73.44 -13.24 -61.55
CA LYS GB 118 72.93 -14.45 -62.24
C LYS GB 118 72.20 -13.99 -63.50
N ALA GB 119 71.50 -12.85 -63.43
CA ALA GB 119 70.85 -12.29 -64.64
C ALA GB 119 71.95 -11.93 -65.63
N SER GB 120 73.05 -11.34 -65.15
CA SER GB 120 74.20 -11.03 -66.03
C SER GB 120 74.77 -12.36 -66.55
N ALA GB 121 74.78 -13.40 -65.71
CA ALA GB 121 75.31 -14.73 -66.10
C ALA GB 121 74.46 -15.27 -67.26
N LEU GB 122 73.15 -15.02 -67.23
CA LEU GB 122 72.29 -15.44 -68.37
C LEU GB 122 72.86 -14.73 -69.60
N HIS GB 123 73.27 -13.47 -69.45
CA HIS GB 123 73.96 -12.78 -70.58
C HIS GB 123 75.34 -13.43 -70.69
N GLY GB 124 76.06 -13.19 -71.78
CA GLY GB 124 77.36 -13.86 -71.99
C GLY GB 124 78.29 -13.66 -70.81
N LEU GB 125 78.21 -12.50 -70.15
CA LEU GB 125 79.16 -12.20 -69.04
C LEU GB 125 78.95 -13.19 -67.90
N GLY GB 126 80.04 -13.76 -67.36
CA GLY GB 126 79.94 -14.67 -66.20
C GLY GB 126 79.03 -15.87 -66.47
N LEU GB 127 79.00 -16.35 -67.72
CA LEU GB 127 78.21 -17.57 -68.02
C LEU GB 127 78.86 -18.78 -67.35
N TYR GB 128 80.19 -18.89 -67.41
CA TYR GB 128 80.89 -20.10 -66.91
C TYR GB 128 81.29 -19.98 -65.44
N ILE GB 129 81.04 -18.84 -64.80
CA ILE GB 129 81.55 -18.69 -63.40
C ILE GB 129 80.90 -19.75 -62.52
N TYR GB 130 79.58 -19.97 -62.67
CA TYR GB 130 78.89 -21.03 -61.89
C TYR GB 130 79.42 -22.41 -62.32
N ASN GB 131 79.59 -22.62 -63.63
CA ASN GB 131 80.19 -23.90 -64.12
C ASN GB 131 79.40 -25.07 -63.53
N GLY GB 132 78.08 -24.95 -63.43
CA GLY GB 132 77.24 -26.06 -62.95
C GLY GB 132 77.63 -26.55 -61.56
N GLU GB 133 78.05 -25.65 -60.68
CA GLU GB 133 78.39 -26.03 -59.28
C GLU GB 133 77.09 -26.23 -58.51
N GLU GB 134 75.95 -25.86 -59.10
CA GLU GB 134 74.64 -25.99 -58.42
C GLU GB 134 74.10 -27.41 -58.54
N LEU GB 135 74.59 -28.19 -59.51
CA LEU GB 135 74.08 -29.58 -59.75
C LEU GB 135 74.67 -30.57 -58.73
N PRO GB 136 75.94 -30.49 -58.29
CA PRO GB 136 76.46 -31.38 -57.25
C PRO GB 136 75.69 -31.23 -55.94
N SER GB 137 75.63 -32.30 -55.14
CA SER GB 137 74.82 -32.30 -53.89
C SER GB 137 75.63 -31.70 -52.73
N ALA GB 138 76.82 -31.18 -53.00
CA ALA GB 138 77.67 -30.60 -51.93
C ALA GB 138 78.00 -31.66 -50.90
N SER GB 139 78.31 -32.90 -51.34
CA SER GB 139 78.75 -34.00 -50.43
C SER GB 139 77.66 -34.49 -49.48
N ASP GB 140 76.42 -34.02 -49.60
CA ASP GB 140 75.37 -34.64 -48.72
C ASP GB 140 75.04 -36.00 -49.32
N ASN GB 141 75.50 -36.26 -50.55
CA ASN GB 141 75.34 -37.61 -51.14
C ASN GB 141 76.13 -38.57 -50.25
N ASP GB 142 77.25 -38.09 -49.68
CA ASP GB 142 78.02 -38.93 -48.73
C ASP GB 142 77.12 -39.16 -47.52
N ILE GB 143 76.34 -38.14 -47.13
CA ILE GB 143 75.34 -38.37 -46.05
C ILE GB 143 74.36 -39.44 -46.55
N THR GB 144 74.02 -39.41 -47.85
CA THR GB 144 73.17 -40.49 -48.41
C THR GB 144 73.96 -41.81 -48.37
N GLU GB 145 75.28 -41.75 -48.53
CA GLU GB 145 76.07 -43.01 -48.41
C GLU GB 145 75.84 -43.62 -47.03
N LEU GB 146 75.81 -42.78 -45.99
CA LEU GB 146 75.51 -43.30 -44.63
C LEU GB 146 74.23 -44.12 -44.68
N GLU GB 147 73.22 -43.65 -45.41
CA GLU GB 147 71.93 -44.39 -45.52
C GLU GB 147 72.18 -45.74 -46.19
N GLU GB 148 72.97 -45.75 -47.26
CA GLU GB 148 73.29 -47.03 -47.94
C GLU GB 148 74.03 -47.94 -46.96
N ARG GB 149 74.91 -47.39 -46.13
CA ARG GB 149 75.74 -48.28 -45.26
C ARG GB 149 74.90 -48.76 -44.06
N ILE GB 150 73.97 -47.95 -43.55
CA ILE GB 150 73.09 -48.44 -42.45
C ILE GB 150 72.12 -49.48 -43.02
N ASN GB 151 71.59 -49.25 -44.23
CA ASN GB 151 70.72 -50.27 -44.87
C ASN GB 151 71.52 -51.55 -45.14
N GLN GB 152 72.79 -51.42 -45.56
CA GLN GB 152 73.63 -52.63 -45.75
C GLN GB 152 73.75 -53.36 -44.41
N PHE GB 153 73.99 -52.60 -43.33
CA PHE GB 153 74.04 -53.28 -42.02
C PHE GB 153 72.69 -53.94 -41.75
N VAL GB 154 71.60 -53.17 -41.85
CA VAL GB 154 70.26 -53.75 -41.53
C VAL GB 154 70.07 -55.02 -42.36
N ASN GB 155 70.29 -54.95 -43.66
CA ASN GB 155 70.01 -56.11 -44.55
C ASN GB 155 70.91 -57.28 -44.16
N LEU GB 156 72.23 -57.05 -44.11
CA LEU GB 156 73.18 -58.16 -43.85
C LEU GB 156 72.87 -58.73 -42.46
N SER GB 157 72.40 -57.91 -41.52
CA SER GB 157 71.97 -58.45 -40.20
C SER GB 157 70.74 -59.34 -40.42
N GLN GB 158 69.77 -58.85 -41.19
CA GLN GB 158 68.55 -59.64 -41.51
C GLN GB 158 68.97 -60.87 -42.32
N GLU GB 159 69.98 -60.74 -43.18
CA GLU GB 159 70.49 -61.87 -44.00
C GLU GB 159 71.01 -62.95 -43.04
N LYS GB 160 71.64 -62.54 -41.94
CA LYS GB 160 72.09 -63.53 -40.92
C LYS GB 160 70.86 -64.16 -40.26
N GLY GB 161 69.68 -63.56 -40.46
CA GLY GB 161 68.45 -64.06 -39.82
C GLY GB 161 68.18 -63.35 -38.52
N ARG GB 162 68.91 -62.26 -38.26
CA ARG GB 162 68.77 -61.52 -36.97
C ARG GB 162 68.00 -60.22 -37.19
N ASP GB 163 66.97 -59.97 -36.36
CA ASP GB 163 66.12 -58.75 -36.53
C ASP GB 163 66.97 -57.48 -36.49
N ALA GB 164 66.66 -56.50 -37.34
CA ALA GB 164 67.41 -55.22 -37.40
C ALA GB 164 66.50 -54.14 -37.99
N THR GB 165 66.49 -52.93 -37.42
CA THR GB 165 65.57 -51.87 -37.89
C THR GB 165 66.41 -50.62 -38.15
N ILE GB 166 66.05 -49.84 -39.18
CA ILE GB 166 66.90 -48.66 -39.53
C ILE GB 166 66.92 -47.71 -38.34
N ASP GB 167 65.77 -47.51 -37.69
CA ASP GB 167 65.71 -46.56 -36.55
C ASP GB 167 66.60 -47.05 -35.40
N LYS GB 168 66.64 -48.36 -35.13
CA LYS GB 168 67.57 -48.89 -34.09
C LYS GB 168 69.01 -48.85 -34.61
N THR GB 169 69.22 -49.10 -35.91
CA THR GB 169 70.59 -48.97 -36.47
C THR GB 169 71.00 -47.50 -36.31
N MET GB 170 70.06 -46.58 -36.57
CA MET GB 170 70.32 -45.14 -36.39
C MET GB 170 70.63 -44.90 -34.91
N ARG GB 171 69.95 -45.62 -34.02
CA ARG GB 171 70.18 -45.47 -32.56
C ARG GB 171 71.62 -45.86 -32.22
N TRP GB 172 72.21 -46.79 -32.97
CA TRP GB 172 73.65 -47.11 -32.76
C TRP GB 172 74.42 -45.81 -32.93
N LEU GB 173 74.19 -45.11 -34.05
CA LEU GB 173 74.87 -43.82 -34.33
C LEU GB 173 74.34 -42.76 -33.34
N LYS GB 174 73.15 -43.01 -32.78
CA LYS GB 174 72.52 -42.04 -31.84
C LYS GB 174 72.37 -40.71 -32.59
N ILE GB 175 71.94 -40.77 -33.86
CA ILE GB 175 71.77 -39.52 -34.66
C ILE GB 175 70.30 -39.12 -34.66
N SER GB 176 69.99 -37.93 -34.15
CA SER GB 176 68.58 -37.45 -34.09
C SER GB 176 68.03 -37.25 -35.50
N ASN GB 177 68.83 -36.69 -36.40
CA ASN GB 177 68.37 -36.41 -37.79
C ASN GB 177 69.47 -36.85 -38.77
N ILE GB 178 69.28 -37.99 -39.42
CA ILE GB 178 70.33 -38.53 -40.32
C ILE GB 178 70.63 -37.45 -41.38
N ASN GB 179 69.70 -36.52 -41.59
CA ASN GB 179 69.88 -35.52 -42.66
C ASN GB 179 70.88 -34.44 -42.21
N LYS GB 180 70.79 -33.97 -40.96
CA LYS GB 180 71.78 -33.00 -40.46
C LYS GB 180 72.77 -33.71 -39.53
N LEU GB 181 73.98 -33.97 -40.01
CA LEU GB 181 75.02 -34.58 -39.14
C LEU GB 181 76.37 -33.99 -39.59
N SER GB 182 77.26 -33.64 -38.66
CA SER GB 182 78.54 -32.99 -39.06
C SER GB 182 79.39 -34.00 -39.84
N GLN GB 183 80.19 -33.54 -40.80
CA GLN GB 183 80.96 -34.48 -41.67
C GLN GB 183 81.87 -35.36 -40.82
N LYS GB 184 82.47 -34.79 -39.76
CA LYS GB 184 83.30 -35.62 -38.86
C LYS GB 184 82.43 -36.72 -38.24
N GLN GB 185 81.21 -36.38 -37.85
CA GLN GB 185 80.25 -37.41 -37.30
C GLN GB 185 79.89 -38.43 -38.39
N ILE GB 186 79.74 -38.02 -39.65
CA ILE GB 186 79.49 -39.05 -40.72
C ILE GB 186 80.69 -40.01 -40.74
N ALA GB 187 81.91 -39.49 -40.69
CA ALA GB 187 83.11 -40.35 -40.69
C ALA GB 187 83.10 -41.21 -39.43
N GLU GB 188 82.76 -40.62 -38.29
CA GLU GB 188 82.71 -41.38 -37.01
C GLU GB 188 81.64 -42.46 -37.11
N ALA GB 189 80.48 -42.12 -37.67
CA ALA GB 189 79.39 -43.12 -37.82
C ALA GB 189 79.87 -44.22 -38.77
N HIS GB 190 80.47 -43.85 -39.90
CA HIS GB 190 81.00 -44.87 -40.85
C HIS GB 190 81.90 -45.83 -40.07
N GLN GB 191 82.73 -45.29 -39.17
CA GLN GB 191 83.67 -46.16 -38.43
C GLN GB 191 82.87 -47.21 -37.67
N LYS GB 192 81.82 -46.77 -36.98
CA LYS GB 192 80.96 -47.70 -36.21
C LYS GB 192 80.43 -48.77 -37.18
N LEU GB 193 79.74 -48.35 -38.24
CA LEU GB 193 79.15 -49.33 -39.19
C LEU GB 193 80.22 -50.30 -39.69
N ASP GB 194 81.32 -49.81 -40.26
CA ASP GB 194 82.28 -50.78 -40.86
C ASP GB 194 82.65 -51.82 -39.78
N ALA GB 195 82.92 -51.35 -38.55
CA ALA GB 195 83.31 -52.28 -37.47
C ALA GB 195 82.23 -53.35 -37.35
N GLY GB 196 80.98 -52.96 -37.17
CA GLY GB 196 79.94 -54.01 -37.16
C GLY GB 196 79.95 -54.81 -38.46
N LEU GB 197 79.91 -54.14 -39.62
CA LEU GB 197 79.76 -54.83 -40.93
C LEU GB 197 80.93 -55.78 -41.24
N LYS GB 198 82.17 -55.38 -40.95
CA LYS GB 198 83.33 -56.20 -41.36
C LYS GB 198 83.32 -57.60 -40.73
N GLN GB 199 82.93 -57.71 -39.46
CA GLN GB 199 83.04 -59.05 -38.80
C GLN GB 199 82.06 -60.06 -39.40
N LEU GB 200 80.87 -59.63 -39.84
CA LEU GB 200 79.97 -60.61 -40.51
C LEU GB 200 80.72 -61.18 -41.73
N ASP GB 201 81.47 -60.33 -42.44
CA ASP GB 201 82.22 -60.78 -43.64
C ASP GB 201 83.24 -61.85 -43.20
N SER GB 202 83.88 -61.66 -42.05
CA SER GB 202 84.84 -62.68 -41.52
C SER GB 202 84.08 -63.89 -40.98
N GLN HB 3 82.66 11.56 -74.85
CA GLN HB 3 82.64 10.12 -74.44
C GLN HB 3 81.22 9.71 -74.07
N THR HB 4 80.99 9.32 -72.82
CA THR HB 4 79.65 8.87 -72.36
C THR HB 4 79.52 9.15 -70.86
N LEU HB 5 78.30 9.15 -70.33
CA LEU HB 5 78.08 9.49 -68.91
C LEU HB 5 78.78 8.45 -68.01
N PHE HB 6 78.59 7.16 -68.27
CA PHE HB 6 79.17 6.20 -67.30
C PHE HB 6 80.70 6.36 -67.29
N GLU HB 7 81.36 6.37 -68.45
CA GLU HB 7 82.84 6.45 -68.40
C GLU HB 7 83.29 7.74 -67.71
N GLN HB 8 82.76 8.90 -68.11
CA GLN HB 8 83.13 10.18 -67.45
C GLN HB 8 82.96 10.04 -65.94
N LEU HB 9 81.76 9.68 -65.49
CA LEU HB 9 81.46 9.57 -64.04
C LEU HB 9 82.34 8.48 -63.41
N ASN HB 10 82.53 7.36 -64.11
CA ASN HB 10 83.31 6.23 -63.53
C ASN HB 10 84.73 6.70 -63.25
N SER HB 11 85.30 7.48 -64.16
CA SER HB 11 86.71 7.93 -64.01
C SER HB 11 86.80 9.16 -63.11
N LYS HB 12 86.53 8.99 -61.81
CA LYS HB 12 86.65 10.11 -60.82
C LYS HB 12 87.23 9.51 -59.53
N ASN HB 13 87.87 10.31 -58.69
CA ASN HB 13 88.36 9.76 -57.39
C ASN HB 13 87.48 10.30 -56.26
N VAL HB 14 86.62 9.46 -55.70
CA VAL HB 14 85.75 9.89 -54.57
C VAL HB 14 86.37 9.37 -53.29
N ASN HB 15 87.63 8.92 -53.36
CA ASN HB 15 88.33 8.35 -52.18
C ASN HB 15 88.49 9.41 -51.09
N ASP HB 16 88.80 10.65 -51.46
CA ASP HB 16 89.07 11.69 -50.43
C ASP HB 16 87.82 11.90 -49.57
N HIS HB 17 86.64 11.99 -50.20
CA HIS HB 17 85.38 12.19 -49.45
C HIS HB 17 84.77 10.83 -49.08
N THR HB 18 85.41 10.12 -48.15
CA THR HB 18 84.86 8.81 -47.67
C THR HB 18 85.01 8.70 -46.16
N GLU HB 19 84.16 7.90 -45.52
CA GLU HB 19 84.26 7.67 -44.05
C GLU HB 19 84.46 6.17 -43.81
N GLN HB 20 85.47 5.80 -43.02
CA GLN HB 20 85.71 4.37 -42.68
C GLN HB 20 84.98 4.02 -41.39
N LYS HB 21 83.75 3.50 -41.50
CA LYS HB 21 82.98 3.08 -40.30
C LYS HB 21 82.70 1.57 -40.38
N ASN HB 22 83.09 0.82 -39.35
CA ASN HB 22 82.87 -0.65 -39.32
C ASN HB 22 83.79 -1.33 -40.34
N GLY HB 23 84.81 -0.63 -40.83
CA GLY HB 23 85.71 -1.19 -41.85
C GLY HB 23 85.13 -1.14 -43.25
N LEU HB 24 84.03 -0.37 -43.44
CA LEU HB 24 83.45 -0.20 -44.79
C LEU HB 24 83.66 1.23 -45.27
N THR HB 25 83.55 1.47 -46.58
CA THR HB 25 83.83 2.82 -47.14
C THR HB 25 82.56 3.37 -47.81
N TYR HB 26 82.19 4.61 -47.48
CA TYR HB 26 80.98 5.26 -48.08
C TYR HB 26 81.31 6.69 -48.46
N LEU HB 27 80.70 7.25 -49.52
CA LEU HB 27 80.94 8.69 -49.82
C LEU HB 27 79.70 9.48 -49.41
N ALA HB 28 79.89 10.68 -48.85
CA ALA HB 28 78.75 11.47 -48.32
C ALA HB 28 77.77 11.83 -49.43
N TRP HB 29 76.47 11.86 -49.11
CA TRP HB 29 75.44 12.24 -50.11
C TRP HB 29 75.74 13.66 -50.59
N SER HB 30 76.13 14.55 -49.67
CA SER HB 30 76.48 15.94 -50.05
C SER HB 30 77.34 15.91 -51.32
N TYR HB 31 78.45 15.17 -51.29
CA TYR HB 31 79.36 15.16 -52.46
C TYR HB 31 78.62 14.62 -53.68
N ALA HB 32 77.85 13.55 -53.51
CA ALA HB 32 77.08 12.96 -54.64
C ALA HB 32 76.07 13.98 -55.16
N HIS HB 33 75.42 14.73 -54.26
CA HIS HB 33 74.35 15.65 -54.73
C HIS HB 33 75.00 16.70 -55.63
N GLN HB 34 76.18 17.21 -55.23
CA GLN HB 34 76.81 18.30 -56.01
C GLN HB 34 77.30 17.78 -57.36
N GLU HB 35 78.00 16.63 -57.37
CA GLU HB 35 78.58 16.14 -58.64
C GLU HB 35 77.47 16.01 -59.69
N LEU HB 36 76.42 15.25 -59.37
CA LEU HB 36 75.31 15.05 -60.32
C LEU HB 36 74.75 16.42 -60.71
N LYS HB 37 74.45 17.28 -59.72
CA LYS HB 37 73.94 18.65 -60.03
C LYS HB 37 74.83 19.35 -61.06
N LYS HB 38 76.15 19.21 -60.94
CA LYS HB 38 77.06 19.82 -61.94
C LYS HB 38 76.80 19.15 -63.30
N ILE HB 39 76.85 17.81 -63.35
CA ILE HB 39 76.65 17.07 -64.62
C ILE HB 39 75.28 17.46 -65.21
N ASP HB 40 74.24 17.53 -64.37
CA ASP HB 40 72.87 17.82 -64.85
C ASP HB 40 72.23 18.82 -63.89
N PRO HB 41 71.93 20.08 -64.28
CA PRO HB 41 71.36 21.04 -63.35
C PRO HB 41 70.01 20.56 -62.80
N ASN HB 42 69.21 19.90 -63.64
CA ASN HB 42 67.85 19.46 -63.20
C ASN HB 42 67.78 17.93 -63.17
N TYR HB 43 67.94 17.33 -61.99
CA TYR HB 43 67.82 15.89 -61.84
C TYR HB 43 66.93 15.59 -60.65
N THR HB 44 66.30 14.43 -60.69
CA THR HB 44 65.24 14.08 -59.75
C THR HB 44 65.66 12.92 -58.85
N VAL HB 45 65.37 13.04 -57.56
CA VAL HB 45 65.51 11.96 -56.59
C VAL HB 45 64.14 11.70 -55.98
N LYS HB 46 63.69 10.45 -56.06
CA LYS HB 46 62.36 10.07 -55.60
C LYS HB 46 62.49 8.90 -54.64
N VAL HB 47 61.94 9.05 -53.44
CA VAL HB 47 61.91 7.98 -52.46
C VAL HB 47 60.53 7.32 -52.50
N HIS HB 48 60.49 6.05 -52.89
CA HIS HB 48 59.18 5.38 -53.07
C HIS HB 48 58.45 5.23 -51.75
N GLU HB 49 57.12 5.29 -51.81
CA GLU HB 49 56.27 5.19 -50.60
C GLU HB 49 55.38 3.96 -50.74
N PHE HB 50 55.27 3.17 -49.68
CA PHE HB 50 54.42 1.96 -49.70
C PHE HB 50 53.64 1.90 -48.38
N PRO HB 51 52.36 1.47 -48.38
CA PRO HB 51 51.55 1.51 -47.15
C PRO HB 51 52.13 0.66 -46.02
N HIS HB 52 52.12 1.18 -44.79
CA HIS HB 52 52.59 0.36 -43.63
C HIS HB 52 51.60 -0.79 -43.46
N PRO HB 53 52.08 -2.05 -43.30
CA PRO HB 53 51.18 -3.20 -43.24
C PRO HB 53 50.21 -3.22 -42.04
N ASP HB 54 50.72 -2.94 -40.83
CA ASP HB 54 49.88 -3.01 -39.61
C ASP HB 54 48.81 -1.92 -39.64
N ILE HB 55 49.20 -0.69 -40.01
CA ILE HB 55 48.24 0.43 -39.99
C ILE HB 55 47.08 0.10 -40.93
N ASN HB 56 47.38 -0.15 -42.21
CA ASN HB 56 46.33 -0.52 -43.19
C ASN HB 56 45.28 0.59 -43.20
N THR HB 57 45.72 1.85 -43.10
CA THR HB 57 44.77 3.00 -43.17
C THR HB 57 44.70 3.47 -44.62
N GLU HB 58 43.51 3.82 -45.10
CA GLU HB 58 43.35 4.25 -46.52
C GLU HB 58 44.11 5.55 -46.74
N ASN HB 59 44.85 5.64 -47.85
CA ASN HB 59 45.60 6.88 -48.20
C ASN HB 59 46.78 7.05 -47.24
N TYR HB 60 47.11 6.01 -46.47
CA TYR HB 60 48.30 6.08 -45.57
C TYR HB 60 49.49 5.42 -46.26
N PHE HB 61 50.48 6.21 -46.67
CA PHE HB 61 51.68 5.66 -47.37
C PHE HB 61 52.96 6.09 -46.64
N VAL HB 62 53.60 5.16 -45.92
CA VAL HB 62 54.90 5.47 -45.26
C VAL HB 62 56.01 5.45 -46.32
N PRO HB 63 57.22 6.01 -46.09
CA PRO HB 63 58.23 6.06 -47.15
C PRO HB 63 59.12 4.80 -47.23
N TYR HB 64 58.81 3.77 -46.44
CA TYR HB 64 59.66 2.54 -46.41
C TYR HB 64 58.81 1.28 -46.27
N LEU HB 65 59.31 0.15 -46.75
CA LEU HB 65 58.59 -1.15 -46.60
C LEU HB 65 58.68 -1.63 -45.15
N ALA HB 66 57.58 -2.15 -44.61
CA ALA HB 66 57.63 -2.74 -43.25
C ALA HB 66 57.20 -4.21 -43.38
N THR HB 67 58.04 -5.14 -42.93
CA THR HB 67 57.72 -6.58 -43.11
C THR HB 67 58.06 -7.33 -41.82
N PRO HB 68 57.44 -8.49 -41.54
CA PRO HB 68 57.81 -9.28 -40.36
C PRO HB 68 59.29 -9.66 -40.53
N GLU HB 69 59.69 -10.00 -41.75
CA GLU HB 69 61.12 -10.35 -42.03
C GLU HB 69 62.00 -9.14 -41.71
N GLY HB 70 61.59 -7.92 -42.08
CA GLY HB 70 62.41 -6.75 -41.70
C GLY HB 70 61.96 -5.46 -42.35
N TYR HB 71 62.90 -4.68 -42.89
CA TYR HB 71 62.55 -3.35 -43.48
C TYR HB 71 63.33 -3.07 -44.77
N PHE HB 72 62.63 -2.51 -45.77
CA PHE HB 72 63.27 -2.22 -47.07
C PHE HB 72 63.01 -0.78 -47.49
N VAL HB 73 63.96 -0.17 -48.18
CA VAL HB 73 63.85 1.18 -48.70
C VAL HB 73 64.15 1.15 -50.20
N GLN HB 74 63.64 2.15 -50.91
CA GLN HB 74 63.85 2.25 -52.34
C GLN HB 74 64.08 3.71 -52.74
N VAL HB 75 65.04 3.93 -53.62
CA VAL HB 75 65.38 5.27 -54.10
C VAL HB 75 65.59 5.21 -55.59
N SER HB 76 64.93 6.13 -56.33
CA SER HB 76 65.07 6.18 -57.81
C SER HB 76 65.71 7.50 -58.24
N VAL HB 77 66.91 7.45 -58.79
CA VAL HB 77 67.67 8.63 -59.20
C VAL HB 77 67.62 8.74 -60.71
N THR HB 78 67.10 9.87 -61.19
CA THR HB 78 67.06 10.10 -62.66
C THR HB 78 68.12 11.14 -63.02
N VAL HB 79 69.31 10.68 -63.45
CA VAL HB 79 70.39 11.64 -63.86
C VAL HB 79 70.27 11.83 -65.37
N LYS HB 80 70.06 13.07 -65.83
CA LYS HB 80 69.83 13.29 -67.28
C LYS HB 80 68.68 12.41 -67.72
N ASP HB 81 68.74 11.88 -68.94
CA ASP HB 81 67.70 10.95 -69.44
C ASP HB 81 67.73 9.65 -68.62
N SER HB 82 68.93 9.17 -68.26
CA SER HB 82 69.03 7.85 -67.58
C SER HB 82 68.30 7.84 -66.24
N THR HB 83 67.63 6.73 -65.92
CA THR HB 83 66.92 6.58 -64.62
C THR HB 83 67.26 5.21 -64.05
N GLU HB 84 67.17 5.03 -62.72
CA GLU HB 84 67.55 3.72 -62.13
C GLU HB 84 67.07 3.67 -60.67
N THR HB 85 67.08 2.49 -60.03
CA THR HB 85 66.50 2.36 -58.67
C THR HB 85 67.38 1.41 -57.85
N GLU HB 86 67.41 1.58 -56.52
CA GLU HB 86 68.17 0.65 -55.66
C GLU HB 86 67.36 0.23 -54.44
N TRP HB 87 67.40 -1.06 -54.07
CA TRP HB 87 66.74 -1.54 -52.83
C TRP HB 87 67.83 -1.65 -51.75
N LEU HB 88 67.46 -1.49 -50.47
CA LEU HB 88 68.51 -1.73 -49.45
C LEU HB 88 67.83 -2.20 -48.16
N PRO HB 89 68.46 -3.03 -47.30
CA PRO HB 89 67.84 -3.39 -46.02
C PRO HB 89 68.20 -2.34 -44.95
N VAL HB 90 67.23 -1.94 -44.14
CA VAL HB 90 67.56 -1.00 -43.02
C VAL HB 90 68.42 -1.79 -42.04
N LEU HB 91 69.54 -1.23 -41.56
CA LEU HB 91 70.48 -2.00 -40.71
C LEU HB 91 70.87 -1.22 -39.45
N ASP HB 92 71.39 -1.91 -38.42
CA ASP HB 92 71.83 -1.25 -37.17
C ASP HB 92 73.13 -0.47 -37.38
N PHE HB 93 73.67 0.13 -36.32
CA PHE HB 93 74.98 0.84 -36.44
C PHE HB 93 76.11 -0.20 -36.51
N ARG HB 94 75.78 -1.47 -36.21
CA ARG HB 94 76.78 -2.57 -36.29
C ARG HB 94 76.57 -3.33 -37.59
N ASN HB 95 75.80 -2.78 -38.52
CA ASN HB 95 75.47 -3.51 -39.79
C ASN HB 95 74.82 -4.86 -39.47
N LYS HB 96 73.81 -4.86 -38.61
CA LYS HB 96 73.04 -6.10 -38.32
C LYS HB 96 71.58 -5.81 -38.71
N SER HB 97 70.77 -6.84 -38.95
CA SER HB 97 69.39 -6.62 -39.44
C SER HB 97 68.49 -6.12 -38.30
N LEU HB 98 67.41 -5.40 -38.64
CA LEU HB 98 66.44 -4.94 -37.62
C LEU HB 98 65.10 -5.64 -37.84
N ALA HB 99 64.59 -6.34 -36.83
CA ALA HB 99 63.34 -7.13 -36.98
C ALA HB 99 62.13 -6.21 -36.89
N LYS HB 100 60.95 -6.69 -37.29
CA LYS HB 100 59.75 -5.82 -37.33
C LYS HB 100 59.47 -5.29 -35.91
N GLY HB 101 59.36 -3.97 -35.75
CA GLY HB 101 59.12 -3.36 -34.43
C GLY HB 101 60.39 -3.02 -33.67
N SER HB 102 61.56 -3.18 -34.27
CA SER HB 102 62.80 -2.77 -33.56
C SER HB 102 63.52 -1.61 -34.25
N ALA HB 103 62.91 -1.02 -35.29
CA ALA HB 103 63.61 0.05 -36.04
C ALA HB 103 63.19 1.42 -35.51
N THR HB 104 64.03 2.43 -35.73
CA THR HB 104 63.69 3.81 -35.29
C THR HB 104 63.75 4.71 -36.53
N THR HB 105 62.88 5.71 -36.59
CA THR HB 105 62.83 6.60 -37.78
C THR HB 105 64.26 6.97 -38.21
N PHE HB 106 65.14 7.21 -37.24
CA PHE HB 106 66.54 7.63 -37.57
C PHE HB 106 67.19 6.54 -38.42
N ASP HB 107 66.96 5.28 -38.05
CA ASP HB 107 67.53 4.15 -38.83
C ASP HB 107 67.02 4.25 -40.28
N ILE HB 108 65.75 4.62 -40.45
CA ILE HB 108 65.18 4.62 -41.84
C ILE HB 108 65.83 5.75 -42.62
N ASN HB 109 65.99 6.93 -42.01
CA ASN HB 109 66.53 8.07 -42.81
C ASN HB 109 67.98 7.76 -43.19
N LYS HB 110 68.77 7.19 -42.28
CA LYS HB 110 70.13 6.84 -42.64
C LYS HB 110 70.15 5.86 -43.81
N ALA HB 111 69.27 4.87 -43.78
CA ALA HB 111 69.19 3.91 -44.88
C ALA HB 111 68.75 4.59 -46.17
N GLN HB 112 67.83 5.56 -46.07
CA GLN HB 112 67.41 6.28 -47.27
C GLN HB 112 68.57 7.05 -47.89
N LYS HB 113 69.35 7.75 -47.06
CA LYS HB 113 70.50 8.48 -47.58
C LYS HB 113 71.52 7.52 -48.21
N ARG HB 114 71.79 6.40 -47.54
CA ARG HB 114 72.75 5.44 -48.08
C ARG HB 114 72.28 4.85 -49.40
N CYS HB 115 70.98 4.55 -49.51
CA CYS HB 115 70.43 4.01 -50.79
C CYS HB 115 70.60 5.03 -51.93
N PHE HB 116 70.55 6.32 -51.59
CA PHE HB 116 70.74 7.39 -52.60
C PHE HB 116 72.13 7.27 -53.23
N VAL HB 117 73.18 7.23 -52.40
CA VAL HB 117 74.57 7.18 -52.94
C VAL HB 117 74.72 5.88 -53.74
N LYS HB 118 74.13 4.78 -53.26
CA LYS HB 118 74.19 3.49 -53.98
C LYS HB 118 73.48 3.64 -55.33
N ALA HB 119 72.34 4.34 -55.35
CA ALA HB 119 71.64 4.60 -56.64
C ALA HB 119 72.56 5.44 -57.53
N SER HB 120 73.24 6.42 -56.95
CA SER HB 120 74.21 7.24 -57.73
C SER HB 120 75.34 6.33 -58.21
N ALA HB 121 75.73 5.36 -57.39
CA ALA HB 121 76.84 4.43 -57.72
C ALA HB 121 76.48 3.64 -58.99
N LEU HB 122 75.18 3.44 -59.24
CA LEU HB 122 74.78 2.73 -60.48
C LEU HB 122 75.35 3.52 -61.68
N HIS HB 123 75.22 4.84 -61.66
CA HIS HB 123 75.81 5.70 -62.71
C HIS HB 123 77.31 5.59 -62.44
N GLY HB 124 78.17 6.07 -63.31
CA GLY HB 124 79.61 5.81 -63.11
C GLY HB 124 80.17 6.28 -61.76
N LEU HB 125 79.66 7.38 -61.22
CA LEU HB 125 80.22 7.99 -59.99
C LEU HB 125 80.17 7.03 -58.79
N GLY HB 126 81.33 6.64 -58.26
CA GLY HB 126 81.37 5.83 -57.02
C GLY HB 126 81.10 4.35 -57.22
N LEU HB 127 81.00 3.86 -58.46
CA LEU HB 127 80.81 2.39 -58.60
C LEU HB 127 82.05 1.66 -58.03
N TYR HB 128 83.25 2.14 -58.35
CA TYR HB 128 84.49 1.52 -57.79
C TYR HB 128 84.56 1.72 -56.27
N ILE HB 129 84.25 2.89 -55.74
CA ILE HB 129 84.43 3.05 -54.26
C ILE HB 129 83.60 1.92 -53.64
N TYR HB 130 82.36 1.73 -54.11
CA TYR HB 130 81.55 0.58 -53.64
C TYR HB 130 81.83 -0.59 -54.59
N ASN HB 131 83.05 -1.13 -54.58
CA ASN HB 131 83.41 -2.18 -55.56
C ASN HB 131 82.89 -3.52 -55.03
N GLY HB 132 81.57 -3.73 -55.13
CA GLY HB 132 80.98 -4.96 -54.59
C GLY HB 132 81.36 -5.09 -53.13
N GLU HB 133 81.42 -3.98 -52.40
CA GLU HB 133 81.89 -4.02 -50.98
C GLU HB 133 80.94 -4.89 -50.15
N GLU HB 134 79.72 -5.11 -50.63
CA GLU HB 134 78.76 -5.98 -49.90
C GLU HB 134 79.28 -7.43 -49.85
N LEU HB 135 79.78 -7.93 -50.98
CA LEU HB 135 80.25 -9.35 -51.05
C LEU HB 135 81.30 -9.66 -49.97
N PRO HB 136 82.41 -8.89 -49.81
CA PRO HB 136 83.43 -9.23 -48.81
C PRO HB 136 82.87 -9.49 -47.40
N SER HB 137 83.72 -10.00 -46.52
CA SER HB 137 83.26 -10.36 -45.15
C SER HB 137 82.71 -9.13 -44.43
N ALA HB 138 83.35 -7.97 -44.59
CA ALA HB 138 82.92 -6.78 -43.84
C ALA HB 138 82.93 -7.12 -42.35
N SER HB 139 83.95 -7.85 -41.88
CA SER HB 139 84.14 -8.22 -40.45
C SER HB 139 83.27 -9.43 -40.05
N ASP HB 140 82.55 -10.06 -40.98
CA ASP HB 140 81.84 -11.30 -40.58
C ASP HB 140 82.91 -12.35 -40.23
N ASN HB 141 84.02 -12.35 -40.97
CA ASN HB 141 85.13 -13.29 -40.70
C ASN HB 141 85.68 -12.97 -39.31
N ASP HB 142 85.81 -11.69 -38.97
CA ASP HB 142 86.27 -11.30 -37.61
C ASP HB 142 85.47 -12.13 -36.60
N ILE HB 143 84.30 -12.62 -37.01
CA ILE HB 143 83.42 -13.40 -36.10
C ILE HB 143 83.58 -14.88 -36.43
N THR HB 144 83.59 -15.22 -37.72
CA THR HB 144 83.73 -16.64 -38.16
C THR HB 144 85.11 -17.18 -37.73
N GLU HB 145 86.16 -16.37 -37.87
CA GLU HB 145 87.53 -16.78 -37.49
C GLU HB 145 87.50 -17.26 -36.03
N LEU HB 146 86.91 -16.44 -35.16
CA LEU HB 146 86.84 -16.81 -33.71
C LEU HB 146 86.06 -18.13 -33.60
N GLU HB 147 84.99 -18.27 -34.39
CA GLU HB 147 84.17 -19.51 -34.35
C GLU HB 147 85.02 -20.68 -34.86
N GLU HB 148 85.78 -20.47 -35.93
CA GLU HB 148 86.65 -21.55 -36.47
C GLU HB 148 87.69 -21.89 -35.40
N ARG HB 149 88.22 -20.91 -34.68
CA ARG HB 149 89.31 -21.21 -33.71
C ARG HB 149 88.75 -21.89 -32.45
N ILE HB 150 87.55 -21.49 -32.00
CA ILE HB 150 86.94 -22.19 -30.82
C ILE HB 150 86.54 -23.61 -31.22
N ASN HB 151 85.93 -23.77 -32.40
CA ASN HB 151 85.52 -25.13 -32.89
C ASN HB 151 86.78 -25.96 -33.14
N GLN HB 152 87.86 -25.31 -33.60
CA GLN HB 152 89.11 -26.06 -33.84
C GLN HB 152 89.58 -26.65 -32.51
N PHE HB 153 89.56 -25.84 -31.45
CA PHE HB 153 89.99 -26.32 -30.11
C PHE HB 153 89.06 -27.43 -29.65
N VAL HB 154 87.75 -27.19 -29.70
CA VAL HB 154 86.76 -28.25 -29.33
C VAL HB 154 87.16 -29.55 -30.05
N ASN HB 155 87.55 -29.46 -31.32
CA ASN HB 155 87.85 -30.68 -32.11
C ASN HB 155 89.15 -31.32 -31.60
N LEU HB 156 90.18 -30.51 -31.38
CA LEU HB 156 91.50 -31.05 -30.92
C LEU HB 156 91.37 -31.64 -29.51
N SER HB 157 90.65 -30.94 -28.62
CA SER HB 157 90.46 -31.46 -27.24
C SER HB 157 89.71 -32.80 -27.33
N GLN HB 158 88.62 -32.83 -28.09
CA GLN HB 158 87.83 -34.09 -28.25
C GLN HB 158 88.75 -35.12 -28.88
N GLU HB 159 89.60 -34.69 -29.81
CA GLU HB 159 90.58 -35.61 -30.45
C GLU HB 159 91.56 -36.12 -29.38
N LYS HB 160 91.93 -35.29 -28.40
CA LYS HB 160 92.80 -35.79 -27.30
C LYS HB 160 92.01 -36.86 -26.51
N GLY HB 161 90.75 -37.09 -26.90
CA GLY HB 161 89.93 -38.12 -26.23
C GLY HB 161 89.11 -37.56 -25.08
N ARG HB 162 89.29 -36.26 -24.75
CA ARG HB 162 88.47 -35.59 -23.70
C ARG HB 162 87.56 -34.59 -24.38
N ASP HB 163 86.23 -34.76 -24.30
CA ASP HB 163 85.32 -33.88 -25.08
C ASP HB 163 85.17 -32.50 -24.46
N ALA HB 164 85.00 -31.47 -25.29
CA ALA HB 164 84.76 -30.08 -24.81
C ALA HB 164 83.55 -29.55 -25.57
N THR HB 165 82.84 -28.55 -25.04
CA THR HB 165 81.62 -28.09 -25.75
C THR HB 165 81.80 -26.63 -26.21
N ILE HB 166 81.09 -26.24 -27.26
CA ILE HB 166 81.24 -24.85 -27.81
C ILE HB 166 80.81 -23.84 -26.74
N ASP HB 167 79.75 -24.15 -25.99
CA ASP HB 167 79.26 -23.21 -24.95
C ASP HB 167 80.36 -23.02 -23.90
N LYS HB 168 81.05 -24.09 -23.49
CA LYS HB 168 82.17 -23.96 -22.52
C LYS HB 168 83.31 -23.13 -23.14
N THR HB 169 83.62 -23.35 -24.41
CA THR HB 169 84.66 -22.52 -25.08
C THR HB 169 84.18 -21.06 -25.10
N MET HB 170 82.90 -20.83 -25.40
CA MET HB 170 82.37 -19.44 -25.34
C MET HB 170 82.45 -18.95 -23.90
N ARG HB 171 82.19 -19.84 -22.93
CA ARG HB 171 82.13 -19.43 -21.50
C ARG HB 171 83.47 -18.87 -20.99
N TRP HB 172 84.62 -19.49 -21.31
CA TRP HB 172 85.87 -18.94 -20.71
C TRP HB 172 86.17 -17.55 -21.30
N LEU HB 173 85.90 -17.32 -22.59
CA LEU HB 173 86.03 -15.94 -23.13
C LEU HB 173 85.01 -15.04 -22.42
N LYS HB 174 84.02 -15.64 -21.75
CA LYS HB 174 83.00 -14.87 -20.98
C LYS HB 174 82.34 -13.89 -21.94
N ILE HB 175 82.05 -14.34 -23.16
CA ILE HB 175 81.38 -13.47 -24.17
C ILE HB 175 79.88 -13.80 -24.17
N SER HB 176 79.05 -12.81 -23.88
CA SER HB 176 77.58 -13.03 -23.84
C SER HB 176 77.07 -13.42 -25.22
N ASN HB 177 77.60 -12.78 -26.26
CA ASN HB 177 77.13 -13.06 -27.66
C ASN HB 177 78.36 -13.08 -28.58
N ILE HB 178 78.76 -14.27 -29.04
CA ILE HB 178 79.96 -14.38 -29.91
C ILE HB 178 79.78 -13.43 -31.09
N ASN HB 179 78.53 -13.05 -31.39
CA ASN HB 179 78.28 -12.21 -32.59
C ASN HB 179 78.68 -10.76 -32.32
N LYS HB 180 78.37 -10.26 -31.12
CA LYS HB 180 78.76 -8.89 -30.70
C LYS HB 180 79.97 -8.97 -29.78
N LEU HB 181 81.17 -8.67 -30.29
CA LEU HB 181 82.35 -8.63 -29.38
C LEU HB 181 83.30 -7.57 -29.95
N SER HB 182 83.91 -6.74 -29.10
CA SER HB 182 84.78 -5.65 -29.61
C SER HB 182 86.01 -6.25 -30.27
N GLN HB 183 86.55 -5.61 -31.31
CA GLN HB 183 87.67 -6.21 -32.09
C GLN HB 183 88.87 -6.47 -31.15
N LYS HB 184 89.12 -5.57 -30.20
CA LYS HB 184 90.21 -5.81 -29.22
C LYS HB 184 89.90 -7.10 -28.45
N GLN HB 185 88.64 -7.30 -28.06
CA GLN HB 185 88.24 -8.55 -27.36
C GLN HB 185 88.40 -9.76 -28.29
N ILE HB 186 88.12 -9.63 -29.59
CA ILE HB 186 88.39 -10.79 -30.50
C ILE HB 186 89.89 -11.11 -30.44
N ALA HB 187 90.74 -10.08 -30.50
CA ALA HB 187 92.20 -10.31 -30.43
C ALA HB 187 92.55 -10.93 -29.07
N GLU HB 188 91.94 -10.41 -28.00
CA GLU HB 188 92.20 -10.93 -26.64
C GLU HB 188 91.73 -12.39 -26.56
N ALA HB 189 90.58 -12.69 -27.18
CA ALA HB 189 90.05 -14.06 -27.21
C ALA HB 189 90.96 -14.93 -28.09
N HIS HB 190 91.33 -14.41 -29.27
CA HIS HB 190 92.13 -15.21 -30.24
C HIS HB 190 93.48 -15.70 -29.69
N GLN HB 191 94.23 -14.87 -28.96
CA GLN HB 191 95.61 -15.29 -28.59
C GLN HB 191 95.60 -16.60 -27.80
N LYS HB 192 94.76 -16.71 -26.77
CA LYS HB 192 94.83 -17.93 -25.92
C LYS HB 192 94.48 -19.14 -26.79
N LEU HB 193 93.42 -19.02 -27.59
CA LEU HB 193 93.00 -20.19 -28.41
C LEU HB 193 94.13 -20.56 -29.35
N ASP HB 194 94.59 -19.62 -30.19
CA ASP HB 194 95.61 -19.95 -31.23
C ASP HB 194 96.94 -20.34 -30.59
N ALA HB 195 97.28 -19.78 -29.44
CA ALA HB 195 98.51 -20.23 -28.75
C ALA HB 195 98.31 -21.70 -28.33
N GLY HB 196 97.18 -21.99 -27.69
CA GLY HB 196 96.88 -23.36 -27.23
C GLY HB 196 96.74 -24.37 -28.35
N LEU HB 197 96.12 -24.00 -29.48
CA LEU HB 197 95.85 -25.01 -30.54
C LEU HB 197 97.14 -25.63 -31.05
N LYS HB 198 98.16 -24.81 -31.35
CA LYS HB 198 99.39 -25.38 -31.95
C LYS HB 198 100.05 -26.35 -30.96
N GLN HB 199 100.16 -25.93 -29.70
CA GLN HB 199 100.83 -26.78 -28.68
C GLN HB 199 99.99 -28.03 -28.40
N LEU HB 200 98.67 -27.89 -28.32
CA LEU HB 200 97.78 -29.05 -28.01
C LEU HB 200 97.95 -30.06 -29.15
N ASP HB 201 97.93 -29.58 -30.40
CA ASP HB 201 98.05 -30.49 -31.58
C ASP HB 201 99.46 -31.11 -31.54
N SER HB 202 100.46 -30.32 -31.12
CA SER HB 202 101.86 -30.80 -31.10
C SER HB 202 102.10 -31.78 -32.24
N GLN IB 3 76.59 31.79 -65.11
CA GLN IB 3 76.98 30.42 -64.69
C GLN IB 3 75.73 29.54 -64.56
N THR IB 4 75.47 29.05 -63.35
CA THR IB 4 74.30 28.16 -63.10
C THR IB 4 73.87 28.32 -61.64
N LEU IB 5 72.64 27.89 -61.31
CA LEU IB 5 72.13 28.08 -59.93
C LEU IB 5 72.98 27.28 -58.94
N PHE IB 6 73.26 26.01 -59.21
CA PHE IB 6 73.99 25.25 -58.15
C PHE IB 6 75.35 25.90 -57.91
N GLU IB 7 76.14 26.18 -58.95
CA GLU IB 7 77.49 26.73 -58.68
C GLU IB 7 77.38 28.07 -57.93
N GLN IB 8 76.57 29.00 -58.42
CA GLN IB 8 76.39 30.31 -57.73
C GLN IB 8 76.06 30.06 -56.25
N LEU IB 9 74.99 29.31 -55.99
CA LEU IB 9 74.53 29.04 -54.60
C LEU IB 9 75.62 28.27 -53.84
N ASN IB 10 76.28 27.30 -54.49
CA ASN IB 10 77.27 26.45 -53.80
C ASN IB 10 78.42 27.34 -53.31
N SER IB 11 78.83 28.32 -54.13
CA SER IB 11 79.97 29.18 -53.76
C SER IB 11 79.51 30.33 -52.86
N LYS IB 12 79.13 30.03 -51.62
CA LYS IB 12 78.74 31.08 -50.63
C LYS IB 12 79.27 30.64 -49.27
N ASN IB 13 79.50 31.57 -48.34
CA ASN IB 13 79.94 31.15 -46.98
C ASN IB 13 78.78 31.33 -46.00
N VAL IB 14 78.16 30.22 -45.58
CA VAL IB 14 77.04 30.30 -44.60
C VAL IB 14 77.61 29.95 -43.22
N ASN IB 15 78.95 29.93 -43.10
CA ASN IB 15 79.61 29.57 -41.82
C ASN IB 15 79.25 30.57 -40.72
N ASP IB 16 79.18 31.87 -41.05
CA ASP IB 16 78.95 32.88 -40.00
C ASP IB 16 77.59 32.65 -39.34
N HIS IB 17 76.56 32.37 -40.15
CA HIS IB 17 75.20 32.12 -39.60
C HIS IB 17 75.01 30.62 -39.31
N THR IB 18 75.71 30.11 -38.30
CA THR IB 18 75.56 28.68 -37.90
C THR IB 18 75.52 28.55 -36.38
N GLU IB 19 74.88 27.49 -35.88
CA GLU IB 19 74.85 27.23 -34.41
C GLU IB 19 75.50 25.88 -34.13
N GLN IB 20 76.43 25.82 -33.19
CA GLN IB 20 77.08 24.52 -32.82
C GLN IB 20 76.32 23.90 -31.65
N LYS IB 21 75.36 23.01 -31.95
CA LYS IB 21 74.59 22.31 -30.87
C LYS IB 21 74.85 20.82 -30.99
N ASN IB 22 75.32 20.17 -29.91
CA ASN IB 22 75.58 18.71 -29.91
C ASN IB 22 76.82 18.42 -30.77
N GLY IB 23 77.60 19.44 -31.10
CA GLY IB 23 78.78 19.24 -31.97
C GLY IB 23 78.42 19.17 -33.45
N LEU IB 24 77.20 19.56 -33.81
CA LEU IB 24 76.84 19.60 -35.25
C LEU IB 24 76.67 21.06 -35.70
N THR IB 25 76.76 21.30 -37.01
CA THR IB 25 76.64 22.69 -37.54
C THR IB 25 75.30 22.85 -38.26
N TYR IB 26 74.53 23.88 -37.90
CA TYR IB 26 73.20 24.08 -38.50
C TYR IB 26 73.09 25.51 -39.03
N LEU IB 27 72.59 25.72 -40.24
CA LEU IB 27 72.38 27.11 -40.72
C LEU IB 27 70.92 27.49 -40.42
N ALA IB 28 70.68 28.68 -39.85
CA ALA IB 28 69.32 29.07 -39.44
C ALA IB 28 68.40 29.20 -40.67
N TRP IB 29 67.12 28.86 -40.51
CA TRP IB 29 66.16 28.94 -41.63
C TRP IB 29 66.01 30.39 -42.09
N SER IB 30 65.97 31.34 -41.14
CA SER IB 30 65.78 32.76 -41.50
C SER IB 30 66.75 33.15 -42.62
N TYR IB 31 68.02 32.77 -42.49
CA TYR IB 31 69.05 33.11 -43.51
C TYR IB 31 68.71 32.41 -44.83
N ALA IB 32 68.31 31.14 -44.77
CA ALA IB 32 67.96 30.39 -46.00
C ALA IB 32 66.76 31.05 -46.68
N HIS IB 33 65.78 31.50 -45.89
CA HIS IB 33 64.56 32.04 -46.51
C HIS IB 33 64.96 33.29 -47.31
N GLN IB 34 65.81 34.14 -46.75
CA GLN IB 34 66.16 35.41 -47.43
C GLN IB 34 66.99 35.13 -48.69
N GLU IB 35 68.01 34.28 -48.58
CA GLU IB 35 68.90 34.06 -49.74
C GLU IB 35 68.06 33.63 -50.95
N LEU IB 36 67.28 32.55 -50.79
CA LEU IB 36 66.45 32.04 -51.90
C LEU IB 36 65.54 33.18 -52.37
N LYS IB 37 64.90 33.88 -51.43
CA LYS IB 37 63.99 35.00 -51.78
C LYS IB 37 64.70 36.00 -52.68
N LYS IB 38 65.97 36.28 -52.39
CA LYS IB 38 66.76 37.19 -53.26
C LYS IB 38 66.94 36.54 -54.64
N ILE IB 39 67.42 35.29 -54.66
CA ILE IB 39 67.67 34.59 -55.96
C ILE IB 39 66.35 34.54 -56.75
N ASP IB 40 65.24 34.22 -56.07
CA ASP IB 40 63.94 34.09 -56.76
C ASP IB 40 62.87 34.77 -55.91
N PRO IB 41 62.23 35.88 -56.36
CA PRO IB 41 61.25 36.56 -55.52
C PRO IB 41 60.07 35.64 -55.18
N ASN IB 42 59.65 34.80 -56.14
CA ASN IB 42 58.47 33.92 -55.91
C ASN IB 42 58.91 32.46 -55.88
N TYR IB 43 59.08 31.89 -54.68
CA TYR IB 43 59.42 30.48 -54.56
C TYR IB 43 58.51 29.85 -53.52
N THR IB 44 58.31 28.54 -53.63
CA THR IB 44 57.29 27.83 -52.87
C THR IB 44 57.93 26.83 -51.92
N VAL IB 45 57.43 26.79 -50.69
CA VAL IB 45 57.78 25.77 -49.71
C VAL IB 45 56.49 25.05 -49.31
N LYS IB 46 56.49 23.73 -49.46
CA LYS IB 46 55.31 22.92 -49.19
C LYS IB 46 55.68 21.81 -48.22
N VAL IB 47 54.93 21.72 -47.12
CA VAL IB 47 55.11 20.65 -46.14
C VAL IB 47 54.05 19.59 -46.40
N HIS IB 48 54.49 18.40 -46.77
CA HIS IB 48 53.52 17.35 -47.16
C HIS IB 48 52.68 16.90 -45.97
N GLU IB 49 51.43 16.53 -46.22
CA GLU IB 49 50.49 16.11 -45.16
C GLU IB 49 50.08 14.67 -45.43
N PHE IB 50 50.09 13.79 -44.43
CA PHE IB 50 49.80 12.36 -44.72
C PHE IB 50 48.70 11.87 -43.77
N PRO IB 51 47.68 11.08 -44.19
CA PRO IB 51 46.64 10.67 -43.25
C PRO IB 51 47.24 9.99 -42.02
N HIS IB 52 46.99 10.54 -40.83
CA HIS IB 52 47.59 9.97 -39.58
C HIS IB 52 47.00 8.57 -39.37
N PRO IB 53 47.81 7.54 -39.03
CA PRO IB 53 47.30 6.17 -38.91
C PRO IB 53 46.25 5.91 -37.81
N ASP IB 54 46.63 6.12 -36.55
CA ASP IB 54 45.74 5.77 -35.41
C ASP IB 54 44.37 6.44 -35.53
N ILE IB 55 44.35 7.75 -35.76
CA ILE IB 55 43.07 8.49 -35.86
C ILE IB 55 42.22 7.87 -36.98
N ASN IB 56 42.76 7.83 -38.20
CA ASN IB 56 42.04 7.21 -39.34
C ASN IB 56 40.68 7.92 -39.49
N THR IB 57 40.65 9.24 -39.34
CA THR IB 57 39.39 10.00 -39.56
C THR IB 57 39.38 10.49 -41.01
N GLU IB 58 38.22 10.42 -41.68
CA GLU IB 58 38.14 10.84 -43.10
C GLU IB 58 38.47 12.33 -43.21
N ASN IB 59 39.29 12.70 -44.19
CA ASN IB 59 39.63 14.13 -44.44
C ASN IB 59 40.54 14.63 -43.30
N TYR IB 60 41.07 13.72 -42.49
CA TYR IB 60 42.02 14.11 -41.42
C TYR IB 60 43.46 13.93 -41.90
N PHE IB 61 44.17 15.02 -42.17
CA PHE IB 61 45.58 14.92 -42.67
C PHE IB 61 46.53 15.70 -41.76
N VAL IB 62 47.33 15.00 -40.95
CA VAL IB 62 48.34 15.67 -40.09
C VAL IB 62 49.53 16.07 -40.97
N PRO IB 63 50.45 16.99 -40.56
CA PRO IB 63 51.54 17.40 -41.45
C PRO IB 63 52.79 16.50 -41.39
N TYR IB 64 52.71 15.38 -40.67
CA TYR IB 64 53.90 14.51 -40.49
C TYR IB 64 53.49 13.03 -40.51
N LEU IB 65 54.42 12.15 -40.87
CA LEU IB 65 54.16 10.69 -40.82
C LEU IB 65 54.18 10.20 -39.37
N ALA IB 66 53.24 9.33 -39.00
CA ALA IB 66 53.29 8.72 -37.65
C ALA IB 66 53.39 7.20 -37.84
N THR IB 67 54.41 6.57 -37.26
CA THR IB 67 54.61 5.12 -37.48
C THR IB 67 54.98 4.46 -36.15
N PRO IB 68 54.75 3.15 -35.95
CA PRO IB 68 55.17 2.47 -34.73
C PRO IB 68 56.70 2.60 -34.67
N GLU IB 69 57.37 2.47 -35.82
CA GLU IB 69 58.85 2.61 -35.86
C GLU IB 69 59.24 4.02 -35.42
N GLY IB 70 58.51 5.06 -35.86
CA GLY IB 70 58.83 6.41 -35.36
C GLY IB 70 58.08 7.52 -36.08
N TYR IB 71 58.78 8.59 -36.48
CA TYR IB 71 58.12 9.75 -37.12
C TYR IB 71 58.94 10.33 -38.28
N PHE IB 72 58.24 10.68 -39.37
CA PHE IB 72 58.94 11.21 -40.56
C PHE IB 72 58.28 12.52 -41.03
N VAL IB 73 59.08 13.43 -41.56
CA VAL IB 73 58.60 14.70 -42.10
C VAL IB 73 59.11 14.83 -43.53
N GLN IB 74 58.42 15.65 -44.32
CA GLN IB 74 58.79 15.88 -45.71
C GLN IB 74 58.58 17.34 -46.06
N VAL IB 75 59.54 17.91 -46.79
CA VAL IB 75 59.49 19.30 -47.22
C VAL IB 75 59.91 19.38 -48.67
N SER IB 76 59.11 20.06 -49.49
CA SER IB 76 59.43 20.22 -50.94
C SER IB 76 59.66 21.70 -51.27
N VAL IB 77 60.88 22.07 -51.64
CA VAL IB 77 61.27 23.45 -51.92
C VAL IB 77 61.40 23.61 -53.43
N THR IB 78 60.61 24.53 -54.00
CA THR IB 78 60.72 24.79 -55.46
C THR IB 78 61.42 26.14 -55.63
N VAL IB 79 62.74 26.13 -55.88
CA VAL IB 79 63.50 27.38 -56.13
C VAL IB 79 63.55 27.61 -57.65
N LYS IB 80 63.01 28.71 -58.14
CA LYS IB 80 62.94 28.93 -59.60
C LYS IB 80 62.21 27.73 -60.21
N ASP IB 81 62.62 27.31 -61.41
CA ASP IB 81 62.03 26.11 -62.05
C ASP IB 81 62.37 24.86 -61.24
N SER IB 82 63.58 24.78 -60.69
CA SER IB 82 64.02 23.54 -59.99
C SER IB 82 63.14 23.23 -58.79
N THR IB 83 62.84 21.95 -58.56
CA THR IB 83 62.03 21.52 -57.38
C THR IB 83 62.72 20.30 -56.76
N GLU IB 84 62.50 20.05 -55.47
CA GLU IB 84 63.18 18.90 -54.82
C GLU IB 84 62.54 18.64 -53.45
N THR IB 85 62.85 17.49 -52.81
CA THR IB 85 62.16 17.13 -51.55
C THR IB 85 63.16 16.48 -50.60
N GLU IB 86 62.94 16.58 -49.29
CA GLU IB 86 63.84 15.91 -48.31
C GLU IB 86 63.03 15.20 -47.23
N TRP IB 87 63.44 13.98 -46.85
CA TRP IB 87 62.80 13.25 -45.72
C TRP IB 87 63.68 13.45 -44.49
N LEU IB 88 63.12 13.43 -43.28
CA LEU IB 88 64.02 13.48 -42.11
C LEU IB 88 63.35 12.76 -40.94
N PRO IB 89 64.08 12.15 -39.98
CA PRO IB 89 63.44 11.55 -38.82
C PRO IB 89 63.26 12.61 -37.72
N VAL IB 90 62.10 12.64 -37.06
CA VAL IB 90 61.95 13.58 -35.90
C VAL IB 90 62.88 13.07 -34.81
N LEU IB 91 63.66 13.93 -34.17
CA LEU IB 91 64.67 13.47 -33.17
C LEU IB 91 64.59 14.29 -31.87
N ASP IB 92 65.15 13.75 -30.78
CA ASP IB 92 65.17 14.46 -29.46
C ASP IB 92 66.15 15.64 -29.49
N PHE IB 93 66.30 16.33 -28.36
CA PHE IB 93 67.30 17.42 -28.27
C PHE IB 93 68.71 16.81 -28.16
N ARG IB 94 68.79 15.51 -27.90
CA ARG IB 94 70.10 14.80 -27.85
C ARG IB 94 70.35 14.07 -29.16
N ASN IB 95 69.57 14.37 -30.19
CA ASN IB 95 69.69 13.64 -31.48
C ASN IB 95 69.47 12.13 -31.26
N LYS IB 96 68.40 11.76 -30.57
CA LYS IB 96 68.04 10.32 -30.40
C LYS IB 96 66.64 10.14 -31.01
N SER IB 97 66.27 8.91 -31.37
CA SER IB 97 64.97 8.70 -32.06
C SER IB 97 63.80 8.82 -31.08
N LEU IB 98 62.62 9.17 -31.58
CA LEU IB 98 61.40 9.25 -30.73
C LEU IB 98 60.41 8.16 -31.15
N ALA IB 99 60.02 7.28 -30.22
CA ALA IB 99 59.14 6.14 -30.55
C ALA IB 99 57.69 6.62 -30.66
N LYS IB 100 56.81 5.80 -31.23
CA LYS IB 100 55.40 6.23 -31.45
C LYS IB 100 54.76 6.57 -30.10
N GLY IB 101 54.21 7.78 -29.97
CA GLY IB 101 53.59 8.22 -28.70
C GLY IB 101 54.55 8.91 -27.76
N SER IB 102 55.79 9.18 -28.17
CA SER IB 102 56.70 9.93 -27.28
C SER IB 102 57.09 11.30 -27.86
N ALA IB 103 56.49 11.70 -28.98
CA ALA IB 103 56.90 12.97 -29.63
C ALA IB 103 55.98 14.11 -29.17
N THR IB 104 56.47 15.35 -29.26
CA THR IB 104 55.63 16.52 -28.89
C THR IB 104 55.58 17.45 -30.10
N THR IB 105 54.44 18.13 -30.29
CA THR IB 105 54.26 18.99 -31.49
C THR IB 105 55.48 19.91 -31.69
N PHE IB 106 56.15 20.29 -30.61
CA PHE IB 106 57.37 21.15 -30.72
C PHE IB 106 58.45 20.37 -31.45
N ASP IB 107 58.61 19.08 -31.12
CA ASP IB 107 59.62 18.24 -31.80
C ASP IB 107 59.33 18.23 -33.30
N ILE IB 108 58.04 18.19 -33.68
CA ILE IB 108 57.71 18.06 -35.13
C ILE IB 108 58.07 19.39 -35.82
N ASN IB 109 57.73 20.52 -35.20
CA ASN IB 109 57.98 21.80 -35.90
C ASN IB 109 59.49 22.00 -36.06
N LYS IB 110 60.28 21.67 -35.03
CA LYS IB 110 61.73 21.81 -35.18
C LYS IB 110 62.24 20.93 -36.33
N ALA IB 111 61.73 19.71 -36.42
CA ALA IB 111 62.14 18.83 -37.52
C ALA IB 111 61.69 19.38 -38.86
N GLN IB 112 60.51 20.00 -38.92
CA GLN IB 112 60.04 20.60 -40.17
C GLN IB 112 60.96 21.73 -40.60
N LYS IB 113 61.34 22.60 -39.67
CA LYS IB 113 62.26 23.70 -40.01
C LYS IB 113 63.61 23.15 -40.47
N ARG IB 114 64.14 22.15 -39.76
CA ARG IB 114 65.42 21.58 -40.15
C ARG IB 114 65.36 20.93 -41.52
N CYS IB 115 64.27 20.24 -41.82
CA CYS IB 115 64.13 19.60 -43.17
C CYS IB 115 64.11 20.67 -44.27
N PHE IB 116 63.59 21.86 -43.95
CA PHE IB 116 63.57 22.98 -44.92
C PHE IB 116 65.00 23.34 -45.34
N VAL IB 117 65.86 23.60 -44.36
CA VAL IB 117 67.25 24.02 -44.68
C VAL IB 117 67.95 22.89 -45.44
N LYS IB 118 67.69 21.64 -45.04
CA LYS IB 118 68.27 20.47 -45.75
C LYS IB 118 67.76 20.44 -47.18
N ALA IB 119 66.47 20.74 -47.39
CA ALA IB 119 65.92 20.81 -48.76
C ALA IB 119 66.63 21.94 -49.52
N SER IB 120 66.87 23.07 -48.84
CA SER IB 120 67.62 24.19 -49.46
C SER IB 120 69.03 23.71 -49.77
N ALA IB 121 69.58 22.88 -48.87
CA ALA IB 121 70.95 22.34 -49.04
C ALA IB 121 71.01 21.49 -50.31
N LEU IB 122 69.87 20.95 -50.73
CA LEU IB 122 69.86 20.19 -52.02
C LEU IB 122 70.26 21.18 -53.10
N HIS IB 123 69.79 22.43 -53.01
CA HIS IB 123 70.24 23.47 -53.97
C HIS IB 123 71.73 23.71 -53.71
N GLY IB 124 72.38 24.51 -54.56
CA GLY IB 124 73.83 24.68 -54.39
C GLY IB 124 74.21 25.17 -53.01
N LEU IB 125 73.36 25.97 -52.36
CA LEU IB 125 73.77 26.61 -51.08
C LEU IB 125 74.08 25.60 -49.98
N GLY IB 126 75.31 25.66 -49.42
CA GLY IB 126 75.68 24.84 -48.26
C GLY IB 126 75.47 23.34 -48.42
N LEU IB 127 75.57 22.79 -49.64
CA LEU IB 127 75.29 21.34 -49.75
C LEU IB 127 76.34 20.51 -48.99
N TYR IB 128 77.63 20.86 -49.15
CA TYR IB 128 78.70 20.05 -48.51
C TYR IB 128 79.01 20.60 -47.11
N ILE IB 129 78.49 21.79 -46.80
CA ILE IB 129 78.79 22.43 -45.48
C ILE IB 129 78.20 21.56 -44.37
N TYR IB 130 77.02 20.98 -44.60
CA TYR IB 130 76.44 20.03 -43.61
C TYR IB 130 77.43 18.90 -43.34
N ASN IB 131 78.29 18.60 -44.33
CA ASN IB 131 79.28 17.49 -44.20
C ASN IB 131 78.59 16.18 -43.80
N GLY IB 132 77.36 15.94 -44.28
CA GLY IB 132 76.71 14.64 -44.01
C GLY IB 132 76.70 14.28 -42.54
N GLU IB 133 76.28 15.20 -41.67
CA GLU IB 133 76.27 14.94 -40.20
C GLU IB 133 75.30 13.80 -39.87
N GLU IB 134 74.30 13.58 -40.73
CA GLU IB 134 73.27 12.53 -40.47
C GLU IB 134 73.90 11.14 -40.39
N LEU IB 135 74.84 10.82 -41.29
CA LEU IB 135 75.40 9.44 -41.36
C LEU IB 135 76.14 9.01 -40.09
N PRO IB 136 77.02 9.82 -39.45
CA PRO IB 136 77.80 9.35 -38.30
C PRO IB 136 77.11 9.39 -36.94
N SER IB 137 76.09 8.55 -36.74
CA SER IB 137 75.30 8.56 -35.48
C SER IB 137 74.89 10.00 -35.15
N ALA IB 138 74.34 10.72 -36.12
CA ALA IB 138 73.93 12.12 -35.90
C ALA IB 138 75.13 12.92 -35.40
N SER IB 139 76.32 12.62 -35.92
CA SER IB 139 77.56 13.37 -35.53
C SER IB 139 77.73 13.42 -34.01
N ASP IB 140 77.51 12.29 -33.32
CA ASP IB 140 77.80 12.27 -31.85
C ASP IB 140 79.22 11.73 -31.71
N ASN IB 141 79.95 11.63 -32.83
CA ASN IB 141 81.34 11.08 -32.81
C ASN IB 141 82.21 11.94 -31.89
N ASP IB 142 81.97 13.26 -31.85
CA ASP IB 142 82.73 14.13 -30.91
C ASP IB 142 82.45 13.66 -29.48
N ILE IB 143 81.20 13.30 -29.17
CA ILE IB 143 80.87 12.75 -27.82
C ILE IB 143 81.44 11.34 -27.72
N THR IB 144 81.35 10.56 -28.81
CA THR IB 144 81.95 9.19 -28.81
C THR IB 144 83.46 9.30 -28.61
N GLU IB 145 84.09 10.37 -29.11
CA GLU IB 145 85.54 10.55 -28.87
C GLU IB 145 85.79 10.57 -27.35
N LEU IB 146 84.93 11.26 -26.60
CA LEU IB 146 85.05 11.28 -25.12
C LEU IB 146 85.15 9.83 -24.62
N GLU IB 147 84.34 8.94 -25.18
CA GLU IB 147 84.35 7.51 -24.76
C GLU IB 147 85.72 6.91 -25.07
N GLU IB 148 86.26 7.20 -26.27
CA GLU IB 148 87.59 6.68 -26.65
C GLU IB 148 88.62 7.24 -25.67
N ARG IB 149 88.49 8.51 -25.27
CA ARG IB 149 89.54 9.12 -24.41
C ARG IB 149 89.41 8.64 -22.96
N ILE IB 150 88.20 8.38 -22.47
CA ILE IB 150 88.05 7.82 -21.10
C ILE IB 150 88.54 6.38 -21.10
N ASN IB 151 88.24 5.61 -22.16
CA ASN IB 151 88.76 4.22 -22.26
C ASN IB 151 90.29 4.25 -22.36
N GLN IB 152 90.84 5.20 -23.12
CA GLN IB 152 92.32 5.34 -23.19
C GLN IB 152 92.85 5.61 -21.77
N PHE IB 153 92.20 6.49 -21.01
CA PHE IB 153 92.65 6.71 -19.61
C PHE IB 153 92.51 5.40 -18.85
N VAL IB 154 91.41 4.67 -19.03
CA VAL IB 154 91.28 3.32 -18.39
C VAL IB 154 92.32 2.36 -18.99
N ASN IB 155 92.59 2.46 -20.29
CA ASN IB 155 93.55 1.53 -20.98
C ASN IB 155 94.97 1.70 -20.41
N LEU IB 156 95.38 2.93 -20.10
CA LEU IB 156 96.72 3.11 -19.46
C LEU IB 156 96.71 2.35 -18.14
N SER IB 157 95.61 2.42 -17.40
CA SER IB 157 95.52 1.75 -16.09
C SER IB 157 95.68 0.24 -16.27
N GLN IB 158 94.95 -0.34 -17.23
CA GLN IB 158 95.06 -1.79 -17.51
C GLN IB 158 96.49 -2.09 -17.97
N GLU IB 159 97.08 -1.21 -18.78
CA GLU IB 159 98.48 -1.39 -19.26
C GLU IB 159 99.42 -1.36 -18.05
N LYS IB 160 99.18 -0.45 -17.10
CA LYS IB 160 100.09 -0.29 -15.93
C LYS IB 160 99.64 -1.24 -14.81
N GLY IB 161 100.22 -1.13 -13.62
CA GLY IB 161 99.94 -2.10 -12.54
C GLY IB 161 98.48 -2.14 -12.10
N ARG IB 162 97.82 -0.99 -11.95
CA ARG IB 162 96.42 -1.00 -11.42
C ARG IB 162 95.45 -0.45 -12.45
N ASP IB 163 94.36 -1.20 -12.73
CA ASP IB 163 93.34 -0.73 -13.70
C ASP IB 163 92.21 -0.03 -12.94
N ALA IB 164 91.54 0.92 -13.59
CA ALA IB 164 90.41 1.65 -12.95
C ALA IB 164 89.13 1.49 -13.78
N THR IB 165 87.99 1.28 -13.10
CA THR IB 165 86.69 1.08 -13.81
C THR IB 165 86.26 2.37 -14.52
N ILE IB 166 85.60 2.22 -15.68
CA ILE IB 166 85.17 3.41 -16.48
C ILE IB 166 84.16 4.27 -15.70
N ASP IB 167 83.22 3.64 -15.00
CA ASP IB 167 82.17 4.43 -14.29
C ASP IB 167 82.85 5.44 -13.37
N LYS IB 168 83.93 5.02 -12.71
CA LYS IB 168 84.72 5.95 -11.83
C LYS IB 168 85.46 6.98 -12.68
N THR IB 169 85.93 6.59 -13.87
CA THR IB 169 86.56 7.60 -14.77
C THR IB 169 85.47 8.61 -15.13
N MET IB 170 84.26 8.14 -15.38
CA MET IB 170 83.11 9.04 -15.67
C MET IB 170 82.89 9.92 -14.44
N ARG IB 171 83.07 9.36 -13.25
CA ARG IB 171 82.86 10.11 -11.98
C ARG IB 171 83.86 11.27 -11.92
N TRP IB 172 85.04 11.10 -12.52
CA TRP IB 172 86.01 12.23 -12.60
C TRP IB 172 85.28 13.38 -13.30
N LEU IB 173 84.70 13.09 -14.47
CA LEU IB 173 83.96 14.12 -15.25
C LEU IB 173 82.68 14.46 -14.49
N LYS IB 174 82.24 13.56 -13.60
CA LYS IB 174 80.97 13.77 -12.84
C LYS IB 174 79.83 13.96 -13.85
N ILE IB 175 79.83 13.14 -14.91
CA ILE IB 175 78.77 13.25 -15.96
C ILE IB 175 77.70 12.17 -15.69
N SER IB 176 76.46 12.60 -15.46
CA SER IB 176 75.35 11.66 -15.18
C SER IB 176 75.08 10.79 -16.41
N ASN IB 177 75.09 11.39 -17.60
CA ASN IB 177 74.79 10.63 -18.85
C ASN IB 177 75.82 11.02 -19.92
N ILE IB 178 76.80 10.14 -20.16
CA ILE IB 178 77.88 10.48 -21.13
C ILE IB 178 77.22 10.82 -22.47
N ASN IB 179 75.99 10.36 -22.69
CA ASN IB 179 75.34 10.58 -24.00
C ASN IB 179 74.85 12.02 -24.13
N LYS IB 180 74.28 12.58 -23.05
CA LYS IB 180 73.83 14.00 -23.06
C LYS IB 180 74.83 14.85 -22.29
N LEU IB 181 75.70 15.58 -22.99
CA LEU IB 181 76.64 16.50 -22.28
C LEU IB 181 76.85 17.70 -23.19
N SER IB 182 76.87 18.92 -22.64
CA SER IB 182 76.97 20.13 -23.51
C SER IB 182 78.36 20.14 -24.17
N GLN IB 183 78.48 20.68 -25.39
CA GLN IB 183 79.76 20.61 -26.14
C GLN IB 183 80.87 21.29 -25.33
N LYS IB 184 80.55 22.40 -24.66
CA LYS IB 184 81.57 23.07 -23.80
C LYS IB 184 82.02 22.08 -22.71
N GLN IB 185 81.07 21.33 -22.13
CA GLN IB 185 81.43 20.30 -21.11
C GLN IB 185 82.26 19.18 -21.74
N ILE IB 186 81.98 18.80 -22.99
CA ILE IB 186 82.87 17.78 -23.64
C ILE IB 186 84.30 18.35 -23.69
N ALA IB 187 84.43 19.62 -24.10
CA ALA IB 187 85.77 20.25 -24.17
C ALA IB 187 86.36 20.31 -22.76
N GLU IB 188 85.54 20.68 -21.77
CA GLU IB 188 86.02 20.77 -20.37
C GLU IB 188 86.44 19.37 -19.90
N ALA IB 189 85.64 18.35 -20.22
CA ALA IB 189 85.98 16.97 -19.82
C ALA IB 189 87.29 16.56 -20.51
N HIS IB 190 87.40 16.83 -21.82
CA HIS IB 190 88.65 16.51 -22.56
C HIS IB 190 89.83 17.12 -21.79
N GLN IB 191 89.67 18.35 -21.32
CA GLN IB 191 90.79 19.04 -20.63
C GLN IB 191 91.21 18.19 -19.43
N LYS IB 192 90.23 17.73 -18.65
CA LYS IB 192 90.52 16.88 -17.47
C LYS IB 192 91.29 15.65 -17.94
N LEU IB 193 90.67 14.84 -18.80
CA LEU IB 193 91.30 13.57 -19.30
C LEU IB 193 92.64 13.85 -19.95
N ASP IB 194 92.71 14.81 -20.89
CA ASP IB 194 94.00 14.98 -21.62
C ASP IB 194 95.08 15.31 -20.58
N ALA IB 195 94.78 16.16 -19.60
CA ALA IB 195 95.85 16.55 -18.66
C ALA IB 195 96.36 15.30 -17.93
N GLY IB 196 95.47 14.37 -17.58
CA GLY IB 196 95.95 13.10 -16.99
C GLY IB 196 96.49 12.16 -18.06
N LEU IB 197 95.65 11.73 -18.99
CA LEU IB 197 96.05 10.73 -20.02
C LEU IB 197 97.16 11.20 -20.97
N LYS IB 198 97.04 12.42 -21.52
CA LYS IB 198 98.03 12.85 -22.56
C LYS IB 198 99.43 12.97 -21.97
N GLN IB 199 99.57 13.53 -20.78
CA GLN IB 199 100.93 13.76 -20.22
C GLN IB 199 101.62 12.42 -20.01
N LEU IB 200 100.89 11.42 -19.51
CA LEU IB 200 101.47 10.08 -19.26
C LEU IB 200 101.97 9.53 -20.61
N ASP IB 201 101.13 9.62 -21.63
CA ASP IB 201 101.52 9.12 -22.98
C ASP IB 201 102.76 9.88 -23.44
N SER IB 202 102.82 11.18 -23.17
CA SER IB 202 103.99 12.01 -23.58
C SER IB 202 105.07 11.95 -22.50
N GLN JB 3 63.04 48.71 -55.96
CA GLN JB 3 63.78 47.52 -55.47
C GLN JB 3 62.89 46.28 -55.56
N THR JB 4 62.61 45.66 -54.41
CA THR JB 4 61.77 44.43 -54.38
C THR JB 4 61.06 44.35 -53.03
N LEU JB 5 60.01 43.53 -52.92
CA LEU JB 5 59.23 43.46 -51.66
C LEU JB 5 60.11 42.94 -50.52
N PHE JB 6 60.85 41.85 -50.74
CA PHE JB 6 61.58 41.31 -49.56
C PHE JB 6 62.59 42.35 -49.07
N GLU JB 7 63.41 42.94 -49.95
CA GLU JB 7 64.44 43.88 -49.45
C GLU JB 7 63.76 45.07 -48.74
N GLN JB 8 62.77 45.71 -49.37
CA GLN JB 8 62.06 46.84 -48.73
C GLN JB 8 61.57 46.42 -47.34
N LEU JB 9 60.79 45.34 -47.27
CA LEU JB 9 60.21 44.85 -45.99
C LEU JB 9 61.34 44.45 -45.04
N ASN JB 10 62.38 43.79 -45.56
CA ASN JB 10 63.47 43.29 -44.68
C ASN JB 10 64.14 44.47 -44.00
N SER JB 11 64.35 45.57 -44.73
CA SER JB 11 65.06 46.74 -44.16
C SER JB 11 64.08 47.62 -43.38
N LYS JB 12 63.61 47.14 -42.21
CA LYS JB 12 62.73 47.95 -41.33
C LYS JB 12 63.13 47.64 -39.89
N ASN JB 13 62.87 48.54 -38.94
CA ASN JB 13 63.18 48.21 -37.52
C ASN JB 13 61.88 47.94 -36.77
N VAL JB 14 61.58 46.68 -36.47
CA VAL JB 14 60.35 46.35 -35.69
C VAL JB 14 60.75 46.15 -34.23
N ASN JB 15 61.98 46.51 -33.88
CA ASN JB 15 62.50 46.32 -32.50
C ASN JB 15 61.64 47.09 -31.49
N ASP JB 16 61.21 48.30 -31.83
CA ASP JB 16 60.47 49.13 -30.84
C ASP JB 16 59.17 48.42 -30.46
N HIS JB 17 58.45 47.87 -31.44
CA HIS JB 17 57.17 47.15 -31.15
C HIS JB 17 57.46 45.67 -30.88
N THR JB 18 58.09 45.36 -29.75
CA THR JB 18 58.36 43.94 -29.39
C THR JB 18 58.11 43.71 -27.90
N GLU JB 19 57.77 42.48 -27.50
CA GLU JB 19 57.58 42.15 -26.07
C GLU JB 19 58.58 41.06 -25.68
N GLN JB 20 59.30 41.26 -24.57
CA GLN JB 20 60.27 40.25 -24.08
C GLN JB 20 59.56 39.33 -23.07
N LYS JB 21 59.03 38.20 -23.53
CA LYS JB 21 58.36 37.24 -22.61
C LYS JB 21 59.11 35.90 -22.67
N ASN JB 22 59.57 35.40 -21.52
CA ASN JB 22 60.31 34.10 -21.46
C ASN JB 22 61.70 34.28 -22.08
N GLY JB 23 62.15 35.52 -22.27
CA GLY JB 23 63.44 35.77 -22.90
C GLY JB 23 63.40 35.66 -24.42
N LEU JB 24 62.20 35.65 -25.00
CA LEU JB 24 62.10 35.65 -26.49
C LEU JB 24 61.54 36.99 -26.97
N THR JB 25 61.76 37.33 -28.24
CA THR JB 25 61.30 38.62 -28.78
C THR JB 25 60.13 38.37 -29.73
N TYR JB 26 59.01 39.07 -29.54
CA TYR JB 26 57.80 38.85 -30.37
C TYR JB 26 57.33 40.20 -30.92
N LEU JB 27 57.00 40.30 -32.21
CA LEU JB 27 56.42 41.58 -32.72
C LEU JB 27 54.90 41.43 -32.69
N ALA JB 28 54.19 42.44 -32.20
CA ALA JB 28 52.72 42.34 -32.04
C ALA JB 28 52.04 42.24 -33.42
N TRP JB 29 50.93 41.48 -33.49
CA TRP JB 29 50.21 41.31 -34.78
C TRP JB 29 49.67 42.65 -35.26
N SER JB 30 49.15 43.48 -34.35
CA SER JB 30 48.57 44.78 -34.74
C SER JB 30 49.53 45.53 -35.67
N TYR JB 31 50.82 45.57 -35.30
CA TYR JB 31 51.84 46.29 -36.12
C TYR JB 31 51.98 45.59 -37.47
N ALA JB 32 52.03 44.26 -37.48
CA ALA JB 32 52.16 43.50 -38.75
C ALA JB 32 50.95 43.76 -39.64
N HIS JB 33 49.76 43.82 -39.05
CA HIS JB 33 48.55 43.97 -39.90
C HIS JB 33 48.64 45.32 -40.61
N GLN JB 34 49.06 46.38 -39.89
CA GLN JB 34 49.07 47.73 -40.52
C GLN JB 34 50.15 47.81 -41.59
N GLU JB 35 51.36 47.33 -41.30
CA GLU JB 35 52.47 47.48 -42.29
C GLU JB 35 52.04 46.86 -43.62
N LEU JB 36 51.65 45.58 -43.59
CA LEU JB 36 51.24 44.89 -44.83
C LEU JB 36 50.11 45.70 -45.47
N LYS JB 37 49.12 46.09 -44.66
CA LYS JB 37 47.95 46.87 -45.18
C LYS JB 37 48.44 48.09 -45.95
N LYS JB 38 49.47 48.76 -45.44
CA LYS JB 38 50.06 49.92 -46.15
C LYS JB 38 50.68 49.44 -47.46
N ILE JB 39 51.55 48.44 -47.39
CA ILE JB 39 52.23 47.91 -48.62
C ILE JB 39 51.18 47.48 -49.63
N ASP JB 40 50.13 46.77 -49.17
CA ASP JB 40 49.09 46.26 -50.08
C ASP JB 40 47.72 46.51 -49.46
N PRO JB 41 46.84 47.37 -50.02
CA PRO JB 41 45.56 47.64 -49.37
C PRO JB 41 44.71 46.36 -49.26
N ASN JB 42 44.77 45.49 -50.26
CA ASN JB 42 43.93 44.26 -50.24
C ASN JB 42 44.82 43.03 -50.14
N TYR JB 43 44.96 42.48 -48.93
CA TYR JB 43 45.72 41.25 -48.73
C TYR JB 43 44.89 40.31 -47.86
N THR JB 44 45.17 39.01 -48.01
CA THR JB 44 44.33 37.96 -47.44
C THR JB 44 45.09 37.18 -46.38
N VAL JB 45 44.42 36.91 -45.26
CA VAL JB 45 44.91 36.00 -44.23
C VAL JB 45 43.90 34.88 -44.07
N LYS JB 46 44.35 33.65 -44.20
CA LYS JB 46 43.48 32.49 -44.16
C LYS JB 46 44.03 31.51 -43.13
N VAL JB 47 43.18 31.15 -42.16
CA VAL JB 47 43.57 30.13 -41.14
C VAL JB 47 42.97 28.80 -41.60
N HIS JB 48 43.82 27.82 -41.91
CA HIS JB 48 43.33 26.53 -42.46
C HIS JB 48 42.49 25.77 -41.43
N GLU JB 49 41.50 25.02 -41.91
CA GLU JB 49 40.58 24.26 -41.02
C GLU JB 49 40.73 22.78 -41.37
N PHE JB 50 40.85 21.90 -40.37
CA PHE JB 50 41.11 20.47 -40.70
C PHE JB 50 40.09 19.59 -39.96
N PRO JB 51 39.48 18.54 -40.56
CA PRO JB 51 38.49 17.75 -39.83
C PRO JB 51 39.06 17.25 -38.50
N HIS JB 52 38.44 17.62 -37.37
CA HIS JB 52 38.96 17.21 -36.04
C HIS JB 52 38.84 15.68 -35.93
N PRO JB 53 39.88 14.96 -35.46
CA PRO JB 53 39.84 13.49 -35.41
C PRO JB 53 38.77 12.85 -34.52
N ASP JB 54 38.82 13.09 -33.22
CA ASP JB 54 37.92 12.41 -32.25
C ASP JB 54 36.44 12.60 -32.62
N ILE JB 55 36.04 13.84 -32.87
CA ILE JB 55 34.61 14.13 -33.20
C ILE JB 55 34.23 13.32 -34.45
N ASN JB 56 34.96 13.52 -35.56
CA ASN JB 56 34.70 12.76 -36.81
C ASN JB 56 33.22 13.00 -37.21
N THR JB 57 32.73 14.23 -37.07
CA THR JB 57 31.36 14.54 -37.53
C THR JB 57 31.43 15.09 -38.96
N GLU JB 58 30.50 14.67 -39.82
CA GLU JB 58 30.54 15.11 -41.24
C GLU JB 58 30.36 16.63 -41.31
N ASN JB 59 31.18 17.31 -42.11
CA ASN JB 59 31.06 18.78 -42.30
C ASN JB 59 31.52 19.49 -41.03
N TYR JB 60 32.17 18.76 -40.12
CA TYR JB 60 32.74 19.40 -38.90
C TYR JB 60 34.22 19.70 -39.12
N PHE JB 61 34.58 20.99 -39.24
CA PHE JB 61 36.00 21.38 -39.48
C PHE JB 61 36.46 22.38 -38.42
N VAL JB 62 37.28 21.93 -37.47
CA VAL JB 62 37.85 22.86 -36.44
C VAL JB 62 38.98 23.67 -37.09
N PRO JB 63 39.45 24.81 -36.53
CA PRO JB 63 40.48 25.61 -37.21
C PRO JB 63 41.92 25.17 -36.91
N TYR JB 64 42.10 24.07 -36.19
CA TYR JB 64 43.47 23.62 -35.80
C TYR JB 64 43.58 22.09 -35.85
N LEU JB 65 44.79 21.58 -36.07
CA LEU JB 65 45.03 20.11 -36.06
C LEU JB 65 44.96 19.58 -34.63
N ALA JB 66 44.31 18.42 -34.43
CA ALA JB 66 44.32 17.79 -33.10
C ALA JB 66 44.95 16.41 -33.25
N THR JB 67 46.03 16.12 -32.51
CA THR JB 67 46.74 14.82 -32.67
C THR JB 67 47.09 14.25 -31.29
N PRO JB 68 47.23 12.92 -31.12
CA PRO JB 68 47.64 12.36 -29.83
C PRO JB 68 49.00 12.98 -29.49
N GLU JB 69 49.86 13.14 -30.50
CA GLU JB 69 51.20 13.76 -30.28
C GLU JB 69 51.01 15.20 -29.78
N GLY JB 70 50.07 15.96 -30.35
CA GLY JB 70 49.83 17.31 -29.81
C GLY JB 70 48.89 18.14 -30.66
N TYR JB 71 49.25 19.40 -30.93
CA TYR JB 71 48.36 20.32 -31.69
C TYR JB 71 49.13 21.20 -32.69
N PHE JB 72 48.57 21.36 -33.88
CA PHE JB 72 49.24 22.16 -34.94
C PHE JB 72 48.27 23.20 -35.52
N VAL JB 73 48.80 24.35 -35.90
CA VAL JB 73 48.03 25.42 -36.54
C VAL JB 73 48.72 25.79 -37.85
N GLN JB 74 47.93 26.37 -38.75
CA GLN JB 74 48.44 26.79 -40.05
C GLN JB 74 47.83 28.12 -40.45
N VAL JB 75 48.65 29.01 -40.99
CA VAL JB 75 48.22 30.33 -41.43
C VAL JB 75 48.84 30.62 -42.78
N SER JB 76 48.02 31.06 -43.74
CA SER JB 76 48.51 31.39 -45.10
C SER JB 76 48.29 32.88 -45.40
N VAL JB 77 49.36 33.64 -45.53
CA VAL JB 77 49.32 35.09 -45.75
C VAL JB 77 49.64 35.37 -47.21
N THR JB 78 48.71 36.01 -47.91
CA THR JB 78 48.97 36.37 -49.33
C THR JB 78 49.21 37.88 -49.40
N VAL JB 79 50.48 38.31 -49.39
CA VAL JB 79 50.79 39.76 -49.52
C VAL JB 79 51.04 40.07 -50.99
N LYS JB 80 50.26 40.97 -51.58
CA LYS JB 80 50.38 41.22 -53.03
C LYS JB 80 50.21 39.90 -53.76
N ASP JB 81 50.94 39.70 -54.85
CA ASP JB 81 50.90 38.40 -55.58
C ASP JB 81 51.49 37.29 -54.71
N SER JB 82 52.55 37.58 -53.96
CA SER JB 82 53.24 36.51 -53.18
C SER JB 82 52.32 35.86 -52.16
N THR JB 83 52.43 34.55 -51.99
CA THR JB 83 51.61 33.82 -50.97
C THR JB 83 52.54 32.86 -50.23
N GLU JB 84 52.20 32.49 -48.99
CA GLU JB 84 53.11 31.59 -48.22
C GLU JB 84 52.36 31.05 -46.99
N THR JB 85 52.91 30.04 -46.30
CA THR JB 85 52.17 29.40 -45.18
C THR JB 85 53.16 29.06 -44.06
N GLU JB 86 52.68 29.02 -42.82
CA GLU JB 86 53.56 28.62 -41.69
C GLU JB 86 52.87 27.62 -40.76
N TRP JB 87 53.59 26.58 -40.32
CA TRP JB 87 53.04 25.64 -39.31
C TRP JB 87 53.58 26.04 -37.94
N LEU JB 88 52.84 25.77 -36.86
CA LEU JB 88 53.45 26.05 -35.54
C LEU JB 88 52.88 25.09 -34.51
N PRO JB 89 53.59 24.69 -33.43
CA PRO JB 89 52.98 23.86 -32.40
C PRO JB 89 52.29 24.74 -31.36
N VAL JB 90 51.08 24.35 -30.92
CA VAL JB 90 50.43 25.12 -29.82
C VAL JB 90 51.26 24.87 -28.56
N LEU JB 91 51.58 25.92 -27.80
CA LEU JB 91 52.50 25.76 -26.63
C LEU JB 91 51.93 26.43 -25.37
N ASP JB 92 52.44 26.05 -24.19
CA ASP JB 92 51.99 26.66 -22.91
C ASP JB 92 52.51 28.08 -22.76
N PHE JB 93 52.23 28.72 -21.63
CA PHE JB 93 52.78 30.08 -21.36
C PHE JB 93 54.26 29.96 -20.99
N ARG JB 94 54.72 28.75 -20.71
CA ARG JB 94 56.17 28.51 -20.41
C ARG JB 94 56.87 27.96 -21.65
N ASN JB 95 56.22 28.05 -22.82
CA ASN JB 95 56.80 27.47 -24.05
C ASN JB 95 57.07 25.97 -23.87
N LYS JB 96 56.08 25.22 -23.38
CA LYS JB 96 56.19 23.75 -23.28
C LYS JB 96 55.06 23.16 -24.13
N SER JB 97 55.19 21.89 -24.54
CA SER JB 97 54.18 21.30 -25.46
C SER JB 97 52.88 20.97 -24.70
N LEU JB 98 51.76 20.94 -25.42
CA LEU JB 98 50.45 20.56 -24.80
C LEU JB 98 49.97 19.24 -25.39
N ALA JB 99 49.74 18.24 -24.54
CA ALA JB 99 49.36 16.89 -25.03
C ALA JB 99 47.88 16.86 -25.40
N LYS JB 100 47.43 15.84 -26.12
CA LYS JB 100 46.03 15.80 -26.59
C LYS JB 100 45.08 15.83 -25.39
N GLY JB 101 44.14 16.78 -25.36
CA GLY JB 101 43.20 16.93 -24.24
C GLY JB 101 43.70 17.84 -23.13
N SER JB 102 44.83 18.52 -23.32
CA SER JB 102 45.28 19.48 -22.28
C SER JB 102 45.28 20.93 -22.78
N ALA JB 103 44.78 21.18 -23.99
CA ALA JB 103 44.85 22.54 -24.57
C ALA JB 103 43.54 23.29 -24.30
N THR JB 104 43.60 24.62 -24.30
CA THR JB 104 42.37 25.43 -24.09
C THR JB 104 42.21 26.35 -25.30
N THR JB 105 40.97 26.62 -25.72
CA THR JB 105 40.74 27.46 -26.93
C THR JB 105 41.68 28.68 -26.90
N PHE JB 106 41.89 29.26 -25.71
CA PHE JB 106 42.75 30.47 -25.61
C PHE JB 106 44.15 30.13 -26.13
N ASP JB 107 44.66 28.95 -25.77
CA ASP JB 107 46.00 28.52 -26.24
C ASP JB 107 45.99 28.51 -27.77
N ILE JB 108 44.88 28.05 -28.38
CA ILE JB 108 44.88 27.91 -29.86
C ILE JB 108 44.88 29.31 -30.48
N ASN JB 109 44.08 30.23 -29.93
CA ASN JB 109 44.01 31.57 -30.60
C ASN JB 109 45.37 32.26 -30.48
N LYS JB 110 46.04 32.16 -29.32
CA LYS JB 110 47.35 32.76 -29.20
C LYS JB 110 48.31 32.18 -30.23
N ALA JB 111 48.27 30.85 -30.41
CA ALA JB 111 49.13 30.22 -31.41
C ALA JB 111 48.77 30.68 -32.81
N GLN JB 112 47.48 30.87 -33.09
CA GLN JB 112 47.07 31.35 -34.41
C GLN JB 112 47.62 32.75 -34.68
N LYS JB 113 47.52 33.65 -33.69
CA LYS JB 113 48.06 34.99 -33.88
C LYS JB 113 49.57 34.94 -34.06
N ARG JB 114 50.28 34.13 -33.26
CA ARG JB 114 51.73 34.04 -33.39
C ARG JB 114 52.12 33.48 -34.76
N CYS JB 115 51.40 32.48 -35.26
CA CYS JB 115 51.71 31.92 -36.60
C CYS JB 115 51.53 32.98 -37.69
N PHE JB 116 50.60 33.91 -37.48
CA PHE JB 116 50.38 35.01 -38.45
C PHE JB 116 51.66 35.84 -38.60
N VAL JB 117 52.20 36.32 -37.47
CA VAL JB 117 53.40 37.21 -37.55
C VAL JB 117 54.55 36.39 -38.15
N LYS JB 118 54.65 35.10 -37.79
CA LYS JB 118 55.71 34.23 -38.38
C LYS JB 118 55.49 34.12 -39.89
N ALA JB 119 54.24 33.99 -40.33
CA ALA JB 119 53.95 33.96 -41.78
C ALA JB 119 54.36 35.29 -42.39
N SER JB 120 54.08 36.40 -41.70
CA SER JB 120 54.51 37.74 -42.18
C SER JB 120 56.04 37.77 -42.21
N ALA JB 121 56.67 37.12 -41.23
CA ALA JB 121 58.16 37.12 -41.14
C ALA JB 121 58.75 36.47 -42.39
N LEU JB 122 58.01 35.57 -43.03
CA LEU JB 122 58.52 34.95 -44.28
C LEU JB 122 58.79 36.09 -45.28
N HIS JB 123 57.88 37.04 -45.40
CA HIS JB 123 58.09 38.23 -46.27
C HIS JB 123 59.17 39.00 -45.52
N GLY JB 124 59.76 40.03 -46.10
CA GLY JB 124 60.91 40.66 -45.43
C GLY JB 124 60.65 41.16 -44.02
N LEU JB 125 59.42 41.61 -43.71
CA LEU JB 125 59.18 42.28 -42.40
C LEU JB 125 59.61 41.45 -41.19
N GLY JB 126 60.49 42.00 -40.34
CA GLY JB 126 60.87 41.34 -39.06
C GLY JB 126 61.42 39.93 -39.19
N LEU JB 127 62.06 39.57 -40.30
CA LEU JB 127 62.63 38.21 -40.38
C LEU JB 127 63.75 38.04 -39.34
N TYR JB 128 64.52 39.11 -39.06
CA TYR JB 128 65.66 38.97 -38.13
C TYR JB 128 65.16 38.45 -36.77
N ILE JB 129 63.98 38.90 -36.32
CA ILE JB 129 63.42 38.40 -35.03
C ILE JB 129 63.11 36.90 -35.16
N TYR JB 130 62.54 36.47 -36.29
CA TYR JB 130 62.13 35.06 -36.43
C TYR JB 130 63.08 34.33 -37.39
N GLN KB 3 43.48 59.55 -50.19
CA GLN KB 3 44.49 58.66 -49.56
C GLN KB 3 44.07 57.19 -49.77
N THR KB 4 43.82 56.47 -48.69
CA THR KB 4 43.43 55.04 -48.76
C THR KB 4 42.58 54.69 -47.54
N LEU KB 5 41.85 53.56 -47.60
CA LEU KB 5 40.94 53.20 -46.48
C LEU KB 5 41.75 52.95 -45.21
N PHE KB 6 42.82 52.16 -45.28
CA PHE KB 6 43.50 51.84 -43.99
C PHE KB 6 44.02 53.14 -43.36
N GLU KB 7 44.74 53.98 -44.10
CA GLU KB 7 45.30 55.19 -43.45
C GLU KB 7 44.17 56.07 -42.89
N GLN KB 8 43.09 56.28 -43.65
CA GLN KB 8 41.94 57.07 -43.16
C GLN KB 8 41.39 56.42 -41.87
N LEU KB 9 41.02 55.14 -41.95
CA LEU KB 9 40.42 54.45 -40.77
C LEU KB 9 41.43 54.40 -39.61
N ASN KB 10 42.70 54.14 -39.92
CA ASN KB 10 43.76 54.09 -38.87
C ASN KB 10 43.87 55.47 -38.23
N SER KB 11 43.78 56.53 -39.04
CA SER KB 11 43.92 57.91 -38.51
C SER KB 11 42.58 58.36 -37.93
N LYS KB 12 42.12 57.70 -36.87
CA LYS KB 12 40.85 58.08 -36.18
C LYS KB 12 41.08 57.91 -34.68
N ASN KB 13 40.29 58.60 -33.85
CA ASN KB 13 40.41 58.43 -32.38
C ASN KB 13 39.20 57.65 -31.86
N VAL KB 14 39.44 56.57 -31.13
CA VAL KB 14 38.32 55.79 -30.53
C VAL KB 14 38.54 55.75 -29.02
N ASN KB 15 39.67 56.31 -28.55
CA ASN KB 15 39.98 56.24 -27.10
C ASN KB 15 38.77 56.65 -26.26
N ASP KB 16 38.03 57.68 -26.69
CA ASP KB 16 36.91 58.18 -25.85
C ASP KB 16 35.87 57.08 -25.66
N HIS KB 17 35.53 56.36 -26.73
CA HIS KB 17 34.53 55.26 -26.65
C HIS KB 17 35.23 53.94 -26.32
N THR KB 18 35.74 53.80 -25.10
CA THR KB 18 36.39 52.54 -24.66
C THR KB 18 35.98 52.18 -23.24
N GLU KB 19 36.01 50.90 -22.88
CA GLU KB 19 35.70 50.46 -21.49
C GLU KB 19 36.93 49.75 -20.93
N GLN KB 20 37.36 50.13 -19.72
CA GLN KB 20 38.51 49.46 -19.06
C GLN KB 20 37.99 48.32 -18.16
N LYS KB 21 37.93 47.10 -18.68
CA LYS KB 21 37.47 45.95 -17.87
C LYS KB 21 38.61 44.93 -17.78
N ASN KB 22 39.01 44.55 -16.56
CA ASN KB 22 40.11 43.56 -16.36
C ASN KB 22 41.45 44.19 -16.75
N GLY KB 23 41.50 45.52 -16.88
CA GLY KB 23 42.74 46.21 -17.29
C GLY KB 23 42.96 46.14 -18.79
N LEU KB 24 41.94 45.78 -19.57
CA LEU KB 24 42.09 45.79 -21.06
C LEU KB 24 41.21 46.89 -21.64
N THR KB 25 41.53 47.33 -22.86
CA THR KB 25 40.75 48.44 -23.50
C THR KB 25 39.89 47.85 -24.62
N TYR KB 26 38.60 48.15 -24.62
CA TYR KB 26 37.68 47.59 -25.65
C TYR KB 26 36.88 48.73 -26.28
N LEU KB 27 36.76 48.76 -27.61
CA LEU KB 27 35.88 49.80 -28.24
C LEU KB 27 34.50 49.18 -28.46
N ALA KB 28 33.43 49.88 -28.10
CA ALA KB 28 32.08 49.31 -28.18
C ALA KB 28 31.69 49.04 -29.64
N TRP KB 29 30.93 47.97 -29.89
CA TRP KB 29 30.51 47.63 -31.27
C TRP KB 29 29.65 48.74 -31.87
N SER KB 30 28.76 49.33 -31.06
CA SER KB 30 27.85 50.38 -31.59
C SER KB 30 28.69 51.39 -32.37
N TYR KB 31 29.77 51.89 -31.76
CA TYR KB 31 30.65 52.91 -32.41
C TYR KB 31 31.21 52.34 -33.73
N ALA KB 32 31.69 51.10 -33.69
CA ALA KB 32 32.26 50.49 -34.91
C ALA KB 32 31.19 50.37 -35.99
N HIS KB 33 29.96 50.02 -35.60
CA HIS KB 33 28.93 49.80 -36.64
C HIS KB 33 28.69 51.14 -37.36
N GLN KB 34 28.62 52.25 -36.60
CA GLN KB 34 28.29 53.56 -37.22
C GLN KB 34 29.46 54.01 -38.11
N GLU KB 35 30.69 53.95 -37.62
CA GLU KB 35 31.83 54.47 -38.42
C GLU KB 35 31.84 53.80 -39.79
N LEU KB 36 31.88 52.47 -39.80
CA LEU KB 36 31.93 51.73 -41.09
C LEU KB 36 30.72 52.15 -41.91
N LYS KB 37 29.54 52.17 -41.28
CA LYS KB 37 28.29 52.54 -42.00
C LYS KB 37 28.46 53.90 -42.70
N LYS KB 38 29.14 54.83 -42.04
CA LYS KB 38 29.41 56.15 -42.66
C LYS KB 38 30.36 55.95 -43.85
N ILE KB 39 31.49 55.27 -43.62
CA ILE KB 39 32.49 55.05 -44.70
C ILE KB 39 31.80 54.33 -45.87
N ASP KB 40 30.98 53.32 -45.57
CA ASP KB 40 30.33 52.52 -46.65
C ASP KB 40 28.86 52.29 -46.25
N PRO KB 41 27.86 52.85 -46.96
CA PRO KB 41 26.47 52.67 -46.55
C PRO KB 41 26.07 51.19 -46.54
N ASN KB 42 26.57 50.42 -47.51
CA ASN KB 42 26.18 48.98 -47.61
C ASN KB 42 27.39 48.09 -47.34
N TYR KB 43 27.51 47.58 -46.11
CA TYR KB 43 28.58 46.65 -45.77
C TYR KB 43 27.99 45.46 -45.03
N THR KB 44 28.68 44.33 -45.12
CA THR KB 44 28.14 43.04 -44.67
C THR KB 44 28.94 42.51 -43.49
N VAL KB 45 28.22 42.00 -42.50
CA VAL KB 45 28.80 41.27 -41.38
C VAL KB 45 28.20 39.88 -41.37
N LYS KB 46 29.05 38.85 -41.41
CA LYS KB 46 28.60 37.47 -41.49
C LYS KB 46 29.26 36.68 -40.36
N VAL KB 47 28.44 35.99 -39.57
CA VAL KB 47 28.94 35.12 -38.50
C VAL KB 47 28.89 33.70 -39.01
N HIS KB 48 30.06 33.07 -39.13
CA HIS KB 48 30.11 31.71 -39.73
C HIS KB 48 29.41 30.68 -38.84
N GLU KB 49 28.80 29.69 -39.47
CA GLU KB 49 28.05 28.63 -38.73
C GLU KB 49 28.72 27.29 -39.02
N PHE KB 50 28.96 26.46 -38.01
CA PHE KB 50 29.72 25.21 -38.26
C PHE KB 50 28.94 24.02 -37.69
N PRO KB 51 28.81 22.85 -38.36
CA PRO KB 51 28.01 21.76 -37.79
C PRO KB 51 28.50 21.41 -36.37
N HIS KB 52 27.62 21.53 -35.37
CA HIS KB 52 28.02 21.25 -33.97
C HIS KB 52 28.38 19.77 -33.86
N PRO KB 53 29.50 19.40 -33.19
CA PRO KB 53 29.95 18.00 -33.13
C PRO KB 53 29.02 17.02 -32.43
N ASP KB 54 28.77 17.21 -31.14
CA ASP KB 54 27.99 16.23 -30.32
C ASP KB 54 26.62 15.96 -30.94
N ILE KB 55 25.87 17.00 -31.25
CA ILE KB 55 24.51 16.84 -31.84
C ILE KB 55 24.62 15.99 -33.11
N ASN KB 56 25.40 16.46 -34.08
CA ASN KB 56 25.61 15.71 -35.35
C ASN KB 56 24.23 15.47 -35.98
N THR KB 57 23.35 16.47 -35.95
CA THR KB 57 22.03 16.34 -36.64
C THR KB 57 22.15 16.93 -38.04
N GLU KB 58 21.57 16.27 -39.05
CA GLU KB 58 21.68 16.75 -40.44
C GLU KB 58 21.04 18.14 -40.55
N ASN KB 59 21.70 19.07 -41.24
CA ASN KB 59 21.15 20.44 -41.47
C ASN KB 59 21.15 21.21 -40.14
N TYR KB 60 21.86 20.69 -39.13
CA TYR KB 60 21.97 21.44 -37.84
C TYR KB 60 23.29 22.21 -37.82
N PHE KB 61 23.23 23.54 -37.91
CA PHE KB 61 24.46 24.37 -37.91
C PHE KB 61 24.39 25.43 -36.81
N VAL KB 62 25.16 25.25 -35.73
CA VAL KB 62 25.23 26.26 -34.64
C VAL KB 62 26.12 27.42 -35.10
N PRO KB 63 26.09 28.63 -34.49
CA PRO KB 63 26.90 29.74 -35.00
C PRO KB 63 28.35 29.77 -34.47
N TYR KB 64 28.75 28.76 -33.71
CA TYR KB 64 30.12 28.76 -33.11
C TYR KB 64 30.72 27.36 -33.10
N LEU KB 65 32.06 27.26 -33.11
CA LEU KB 65 32.74 25.94 -33.04
C LEU KB 65 32.62 25.37 -31.63
N ALA KB 66 32.36 24.07 -31.52
CA ALA KB 66 32.36 23.42 -30.19
C ALA KB 66 33.41 22.31 -30.21
N THR KB 67 34.41 22.37 -29.31
CA THR KB 67 35.52 21.38 -29.32
C THR KB 67 35.79 20.90 -27.90
N PRO KB 68 36.33 19.68 -27.68
CA PRO KB 68 36.69 19.23 -26.33
C PRO KB 68 37.70 20.24 -25.79
N GLU KB 69 38.61 20.70 -26.64
CA GLU KB 69 39.62 21.71 -26.22
C GLU KB 69 38.91 22.99 -25.78
N GLY KB 70 37.86 23.42 -26.51
CA GLY KB 70 37.12 24.61 -26.03
C GLY KB 70 36.11 25.13 -27.04
N TYR KB 71 36.09 26.45 -27.27
CA TYR KB 71 35.08 27.07 -28.19
C TYR KB 71 35.68 28.18 -29.06
N PHE KB 72 35.29 28.19 -30.34
CA PHE KB 72 35.83 29.21 -31.27
C PHE KB 72 34.69 29.90 -32.02
N VAL KB 73 34.87 31.17 -32.34
CA VAL KB 73 33.91 31.95 -33.10
C VAL KB 73 34.63 32.57 -34.29
N GLN KB 74 33.86 32.92 -35.32
CA GLN KB 74 34.41 33.52 -36.53
C GLN KB 74 33.47 34.59 -37.04
N VAL KB 75 34.04 35.72 -37.45
CA VAL KB 75 33.27 36.85 -37.98
C VAL KB 75 33.98 37.38 -39.21
N SER KB 76 33.23 37.56 -40.30
CA SER KB 76 33.79 38.08 -41.57
C SER KB 76 33.15 39.43 -41.92
N VAL KB 77 33.93 40.51 -41.90
CA VAL KB 77 33.45 41.87 -42.15
C VAL KB 77 33.90 42.29 -43.53
N THR KB 78 32.95 42.62 -44.39
CA THR KB 78 33.30 43.10 -45.75
C THR KB 78 33.04 44.61 -45.80
N VAL KB 79 34.08 45.42 -45.60
CA VAL KB 79 33.93 46.90 -45.69
C VAL KB 79 34.30 47.34 -47.10
N LYS KB 80 33.37 47.95 -47.83
CA LYS KB 80 33.64 48.29 -49.25
C LYS KB 80 34.02 47.00 -49.98
N ASP KB 81 34.95 47.09 -50.93
CA ASP KB 81 35.44 45.88 -51.64
C ASP KB 81 36.21 44.99 -50.66
N SER KB 82 36.98 45.58 -49.75
CA SER KB 82 37.85 44.76 -48.85
C SER KB 82 37.03 43.81 -47.97
N THR KB 83 37.53 42.59 -47.77
CA THR KB 83 36.85 41.61 -46.89
C THR KB 83 37.91 40.97 -45.99
N GLU KB 84 37.51 40.45 -44.81
CA GLU KB 84 38.52 39.87 -43.90
C GLU KB 84 37.80 39.07 -42.79
N THR KB 85 38.52 38.28 -42.01
CA THR KB 85 37.87 37.38 -41.02
C THR KB 85 38.71 37.34 -39.75
N GLU KB 86 38.08 37.09 -38.59
CA GLU KB 86 38.86 36.97 -37.33
C GLU KB 86 38.39 35.76 -36.52
N TRP KB 87 39.32 34.99 -35.94
CA TRP KB 87 38.96 33.88 -35.02
C TRP KB 87 39.10 34.39 -33.58
N LEU KB 88 38.33 33.85 -32.64
CA LEU KB 88 38.60 34.26 -31.24
C LEU KB 88 38.20 33.13 -30.30
N PRO KB 89 38.82 32.95 -29.12
CA PRO KB 89 38.36 31.92 -28.18
C PRO KB 89 37.25 32.49 -27.27
N VAL KB 90 36.20 31.71 -27.04
CA VAL KB 90 35.16 32.19 -26.09
C VAL KB 90 35.81 32.19 -24.70
N LEU KB 91 35.65 33.25 -23.91
CA LEU KB 91 36.36 33.35 -22.60
C LEU KB 91 35.41 33.75 -21.46
N ASP KB 92 35.82 33.52 -20.21
CA ASP KB 92 35.00 33.89 -19.03
C ASP KB 92 35.00 35.40 -18.82
N PHE KB 93 34.35 35.87 -17.76
CA PHE KB 93 34.38 37.33 -17.44
C PHE KB 93 35.74 37.68 -16.82
N ARG KB 94 36.53 36.66 -16.44
CA ARG KB 94 37.90 36.89 -15.92
C ARG KB 94 38.93 36.65 -17.01
N ASN KB 95 38.48 36.56 -18.26
CA ASN KB 95 39.40 36.25 -19.38
C ASN KB 95 40.11 34.91 -19.14
N LYS KB 96 39.35 33.87 -18.80
CA LYS KB 96 39.92 32.50 -18.66
C LYS KB 96 39.20 31.61 -19.66
N SER KB 97 39.78 30.48 -20.03
CA SER KB 97 39.18 29.62 -21.09
C SER KB 97 37.96 28.87 -20.56
N LEU KB 98 37.04 28.51 -21.45
CA LEU KB 98 35.84 27.71 -21.04
C LEU KB 98 35.92 26.33 -21.68
N ALA KB 99 35.89 25.27 -20.87
CA ALA KB 99 36.05 23.89 -21.40
C ALA KB 99 34.74 23.41 -22.00
N LYS KB 100 34.78 22.31 -22.77
CA LYS KB 100 33.55 21.84 -23.47
C LYS KB 100 32.47 21.53 -22.43
N GLY KB 101 31.28 22.12 -22.58
CA GLY KB 101 30.17 21.91 -21.63
C GLY KB 101 30.16 22.89 -20.47
N SER KB 102 31.03 23.90 -20.48
CA SER KB 102 30.96 24.92 -19.39
C SER KB 102 30.58 26.31 -19.92
N ALA KB 103 30.23 26.43 -21.20
CA ALA KB 103 29.94 27.76 -21.78
C ALA KB 103 28.44 28.04 -21.73
N THR KB 104 28.06 29.32 -21.75
CA THR KB 104 26.62 29.68 -21.77
C THR KB 104 26.37 30.55 -23.00
N THR KB 105 25.19 30.42 -23.61
CA THR KB 105 24.89 31.18 -24.85
C THR KB 105 25.33 32.64 -24.71
N PHE KB 106 25.20 33.21 -23.50
CA PHE KB 106 25.59 34.63 -23.28
C PHE KB 106 27.09 34.78 -23.55
N ASP KB 107 27.88 33.81 -23.10
CA ASP KB 107 29.34 33.86 -23.34
C ASP KB 107 29.59 33.89 -24.85
N ILE KB 108 28.80 33.13 -25.62
CA ILE KB 108 29.08 33.05 -27.08
C ILE KB 108 28.73 34.41 -27.71
N ASN KB 109 27.60 35.00 -27.32
CA ASN KB 109 27.20 36.26 -28.01
C ASN KB 109 28.23 37.35 -27.68
N LYS KB 110 28.70 37.42 -26.42
CA LYS KB 110 29.72 38.41 -26.11
C LYS KB 110 30.96 38.21 -26.95
N ALA KB 111 31.39 36.95 -27.12
CA ALA KB 111 32.55 36.66 -27.94
C ALA KB 111 32.29 37.02 -29.40
N GLN KB 112 31.07 36.81 -29.88
CA GLN KB 112 30.74 37.19 -31.25
C GLN KB 112 30.84 38.69 -31.46
N LYS KB 113 30.30 39.47 -30.52
CA LYS KB 113 30.41 40.92 -30.63
C LYS KB 113 31.86 41.37 -30.57
N ARG KB 114 32.65 40.80 -29.65
CA ARG KB 114 34.05 41.19 -29.55
C ARG KB 114 34.82 40.84 -30.82
N CYS KB 115 34.55 39.68 -31.41
CA CYS KB 115 35.24 39.29 -32.67
C CYS KB 115 34.91 40.27 -33.79
N PHE KB 116 33.70 40.86 -33.76
CA PHE KB 116 33.30 41.86 -34.77
C PHE KB 116 34.24 43.06 -34.72
N VAL KB 117 34.41 43.64 -33.53
CA VAL KB 117 35.25 44.87 -33.41
C VAL KB 117 36.69 44.49 -33.81
N LYS KB 118 37.15 43.31 -33.42
CA LYS KB 118 38.51 42.84 -33.81
C LYS KB 118 38.59 42.72 -35.33
N ALA KB 119 37.52 42.21 -35.97
CA ALA KB 119 37.50 42.14 -37.44
C ALA KB 119 37.55 43.57 -38.01
N SER KB 120 36.81 44.49 -37.38
CA SER KB 120 36.87 45.91 -37.81
C SER KB 120 38.29 46.43 -37.59
N ALA KB 121 38.93 45.99 -36.51
CA ALA KB 121 40.30 46.46 -36.17
C ALA KB 121 41.27 46.09 -37.30
N LEU KB 122 40.97 45.02 -38.04
CA LEU KB 122 41.84 44.65 -39.18
C LEU KB 122 41.90 45.84 -40.13
N HIS KB 123 40.75 46.45 -40.43
CA HIS KB 123 40.70 47.68 -41.26
C HIS KB 123 41.33 48.73 -40.36
N GLY KB 124 41.65 49.91 -40.86
CA GLY KB 124 42.41 50.86 -40.01
C GLY KB 124 41.77 51.20 -38.67
N LEU KB 125 40.44 51.19 -38.60
CA LEU KB 125 39.72 51.61 -37.37
C LEU KB 125 39.94 50.64 -36.21
N GLY KB 126 40.64 51.06 -35.15
CA GLY KB 126 40.76 50.21 -33.95
C GLY KB 126 42.01 49.32 -33.89
N LEU KB 127 42.77 49.22 -34.97
CA LEU KB 127 43.93 48.28 -34.98
C LEU KB 127 44.94 48.73 -33.92
N TYR KB 128 45.13 50.04 -33.76
CA TYR KB 128 46.11 50.59 -32.80
C TYR KB 128 45.76 50.16 -31.37
N ILE KB 129 44.47 50.00 -31.05
CA ILE KB 129 44.05 49.58 -29.69
C ILE KB 129 44.68 48.22 -29.37
N TYR KB 130 45.00 47.44 -30.41
CA TYR KB 130 45.56 46.08 -30.19
C TYR KB 130 47.10 46.13 -30.17
N ASN KB 131 47.67 47.33 -30.26
CA ASN KB 131 49.15 47.47 -30.11
C ASN KB 131 49.49 47.18 -28.65
N GLY KB 132 50.74 46.86 -28.34
CA GLY KB 132 51.07 46.69 -26.91
C GLY KB 132 50.75 47.98 -26.19
N GLU KB 133 51.10 49.12 -26.81
CA GLU KB 133 50.66 50.42 -26.24
C GLU KB 133 49.80 51.08 -27.33
N GLU KB 134 48.52 51.33 -27.05
CA GLU KB 134 47.63 51.86 -28.12
C GLU KB 134 48.06 53.32 -28.38
N LEU KB 135 47.91 53.81 -29.60
CA LEU KB 135 48.39 55.18 -29.93
C LEU KB 135 47.19 56.05 -30.31
N PRO KB 136 47.26 57.39 -30.17
CA PRO KB 136 46.18 58.26 -30.64
C PRO KB 136 46.33 58.57 -32.14
N SER KB 137 46.46 57.53 -32.97
CA SER KB 137 46.51 57.70 -34.45
C SER KB 137 47.57 58.74 -34.85
N ALA KB 138 48.73 58.73 -34.18
CA ALA KB 138 49.83 59.64 -34.56
C ALA KB 138 51.02 58.77 -34.94
N SER KB 139 51.88 59.23 -35.86
CA SER KB 139 52.98 58.34 -36.29
C SER KB 139 53.78 57.96 -35.03
N ASP KB 140 54.05 56.67 -34.83
CA ASP KB 140 54.73 56.26 -33.57
C ASP KB 140 55.97 57.14 -33.41
N ASN KB 141 56.54 57.62 -34.53
CA ASN KB 141 57.81 58.38 -34.43
C ASN KB 141 57.61 59.75 -33.75
N ASP KB 142 56.52 60.47 -34.01
CA ASP KB 142 56.41 61.83 -33.39
C ASP KB 142 56.36 61.66 -31.86
N ILE KB 143 55.61 60.66 -31.37
CA ILE KB 143 55.57 60.39 -29.90
C ILE KB 143 56.97 59.98 -29.45
N THR KB 144 57.63 59.14 -30.25
CA THR KB 144 59.01 58.69 -29.91
C THR KB 144 59.95 59.91 -29.95
N GLU KB 145 59.69 60.85 -30.86
CA GLU KB 145 60.56 62.05 -30.99
C GLU KB 145 60.63 62.74 -29.62
N LEU KB 146 59.50 62.82 -28.90
CA LEU KB 146 59.48 63.44 -27.56
C LEU KB 146 60.47 62.69 -26.64
N GLU KB 147 60.36 61.36 -26.59
CA GLU KB 147 61.28 60.55 -25.76
C GLU KB 147 62.72 60.93 -26.12
N GLU KB 148 63.04 60.94 -27.41
CA GLU KB 148 64.41 61.31 -27.83
C GLU KB 148 64.73 62.70 -27.30
N ARG KB 149 63.76 63.61 -27.30
CA ARG KB 149 64.09 65.01 -26.90
C ARG KB 149 64.19 65.11 -25.36
N ILE KB 150 63.42 64.34 -24.61
CA ILE KB 150 63.56 64.34 -23.12
C ILE KB 150 64.89 63.68 -22.76
N ASN KB 151 65.25 62.58 -23.44
CA ASN KB 151 66.56 61.93 -23.19
C ASN KB 151 67.69 62.90 -23.57
N GLN KB 152 67.53 63.65 -24.68
CA GLN KB 152 68.57 64.65 -25.03
C GLN KB 152 68.67 65.67 -23.90
N PHE KB 153 67.52 66.05 -23.34
CA PHE KB 153 67.52 67.03 -22.23
C PHE KB 153 68.23 66.39 -21.03
N VAL KB 154 67.85 65.16 -20.68
CA VAL KB 154 68.47 64.46 -19.52
C VAL KB 154 69.98 64.35 -19.76
N ASN KB 155 70.40 63.86 -20.92
CA ASN KB 155 71.84 63.62 -21.17
C ASN KB 155 72.59 64.95 -21.13
N LEU KB 156 72.05 65.98 -21.79
CA LEU KB 156 72.74 67.29 -21.83
C LEU KB 156 72.81 67.88 -20.42
N SER KB 157 71.73 67.73 -19.65
CA SER KB 157 71.76 68.20 -18.24
C SER KB 157 72.89 67.48 -17.50
N GLN KB 158 72.80 66.15 -17.39
CA GLN KB 158 73.83 65.36 -16.65
C GLN KB 158 75.21 65.68 -17.23
N GLU KB 159 75.29 65.95 -18.53
CA GLU KB 159 76.57 66.33 -19.18
C GLU KB 159 77.08 67.62 -18.53
N LYS KB 160 76.16 68.53 -18.18
CA LYS KB 160 76.55 69.81 -17.51
C LYS KB 160 77.02 69.48 -16.09
N GLY KB 161 77.07 68.20 -15.73
CA GLY KB 161 77.56 67.80 -14.40
C GLY KB 161 76.50 67.86 -13.31
N ARG KB 162 75.24 68.09 -13.68
CA ARG KB 162 74.14 68.08 -12.68
C ARG KB 162 73.23 66.89 -12.95
N ASP KB 163 72.92 66.09 -11.92
CA ASP KB 163 72.13 64.84 -12.14
C ASP KB 163 70.75 65.16 -12.70
N ALA KB 164 70.29 64.37 -13.68
CA ALA KB 164 68.92 64.54 -14.25
C ALA KB 164 68.28 63.16 -14.38
N THR KB 165 66.96 63.07 -14.17
CA THR KB 165 66.25 61.77 -14.33
C THR KB 165 65.08 61.93 -15.31
N ILE KB 166 64.88 60.94 -16.19
CA ILE KB 166 63.80 61.02 -17.22
C ILE KB 166 62.46 61.28 -16.53
N ASP KB 167 62.14 60.52 -15.47
CA ASP KB 167 60.83 60.69 -14.79
C ASP KB 167 60.65 62.15 -14.33
N LYS KB 168 61.70 62.74 -13.75
CA LYS KB 168 61.63 64.19 -13.37
C LYS KB 168 61.53 65.05 -14.63
N THR KB 169 62.25 64.69 -15.69
CA THR KB 169 62.13 65.45 -16.97
C THR KB 169 60.68 65.35 -17.42
N MET KB 170 60.08 64.17 -17.29
CA MET KB 170 58.65 63.98 -17.65
C MET KB 170 57.80 64.87 -16.72
N ARG KB 171 58.18 64.96 -15.45
CA ARG KB 171 57.43 65.80 -14.47
C ARG KB 171 57.41 67.26 -14.96
N TRP KB 172 58.46 67.71 -15.65
CA TRP KB 172 58.43 69.08 -16.21
C TRP KB 172 57.23 69.16 -17.14
N LEU KB 173 57.07 68.15 -18.01
CA LEU KB 173 55.89 68.10 -18.91
C LEU KB 173 54.65 67.78 -18.08
N LYS KB 174 54.84 67.21 -16.90
CA LYS KB 174 53.69 66.81 -16.03
C LYS KB 174 52.81 65.85 -16.83
N ILE KB 175 53.43 64.91 -17.54
CA ILE KB 175 52.65 63.93 -18.36
C ILE KB 175 52.53 62.61 -17.59
N SER KB 176 51.30 62.19 -17.29
CA SER KB 176 51.08 60.93 -16.52
C SER KB 176 51.55 59.73 -17.35
N ASN KB 177 51.29 59.75 -18.66
CA ASN KB 177 51.72 58.65 -19.56
C ASN KB 177 52.31 59.24 -20.84
N ILE KB 178 53.63 59.13 -21.03
CA ILE KB 178 54.31 59.64 -22.25
C ILE KB 178 53.82 58.89 -23.50
N ASN KB 179 53.58 57.58 -23.40
CA ASN KB 179 53.25 56.78 -24.60
C ASN KB 179 51.98 57.30 -25.28
N LYS KB 180 50.95 57.65 -24.49
CA LYS KB 180 49.73 58.23 -25.10
C LYS KB 180 49.57 59.68 -24.63
N LEU KB 181 49.61 60.64 -25.57
CA LEU KB 181 49.43 62.07 -25.20
C LEU KB 181 48.76 62.77 -26.39
N SER KB 182 47.96 63.82 -26.14
CA SER KB 182 47.25 64.52 -27.24
C SER KB 182 48.26 65.27 -28.10
N GLN KB 183 48.11 65.21 -29.43
CA GLN KB 183 49.10 65.85 -30.35
C GLN KB 183 49.48 67.25 -29.86
N LYS KB 184 48.49 68.12 -29.63
CA LYS KB 184 48.80 69.52 -29.25
C LYS KB 184 49.74 69.50 -28.05
N GLN KB 185 49.50 68.61 -27.08
CA GLN KB 185 50.39 68.49 -25.88
C GLN KB 185 51.79 68.03 -26.30
N ILE KB 186 51.91 67.13 -27.27
CA ILE KB 186 53.29 66.80 -27.73
C ILE KB 186 53.95 68.13 -28.14
N ALA KB 187 53.28 68.88 -29.01
CA ALA KB 187 53.86 70.15 -29.51
C ALA KB 187 54.15 71.07 -28.32
N GLU KB 188 53.22 71.15 -27.37
CA GLU KB 188 53.40 72.04 -26.20
C GLU KB 188 54.61 71.57 -25.40
N ALA KB 189 54.72 70.26 -25.19
CA ALA KB 189 55.86 69.72 -24.41
C ALA KB 189 57.15 70.05 -25.15
N HIS KB 190 57.21 69.74 -26.45
CA HIS KB 190 58.40 70.12 -27.26
C HIS KB 190 58.81 71.56 -26.94
N GLN KB 191 57.84 72.48 -26.95
CA GLN KB 191 58.18 73.91 -26.72
C GLN KB 191 58.95 74.02 -25.41
N LYS KB 192 58.47 73.36 -24.36
CA LYS KB 192 59.14 73.39 -23.05
C LYS KB 192 60.58 72.89 -23.25
N LEU KB 193 60.72 71.66 -23.76
CA LEU KB 193 62.09 71.08 -23.92
C LEU KB 193 62.99 72.04 -24.71
N ASP KB 194 62.58 72.45 -25.92
CA ASP KB 194 63.53 73.28 -26.72
C ASP KB 194 64.00 74.45 -25.85
N ALA KB 195 63.04 75.11 -25.17
CA ALA KB 195 63.39 76.28 -24.34
C ALA KB 195 64.49 75.87 -23.37
N GLY KB 196 64.22 74.87 -22.54
CA GLY KB 196 65.22 74.41 -21.54
C GLY KB 196 66.49 73.93 -22.23
N LEU KB 197 66.35 73.06 -23.23
CA LEU KB 197 67.52 72.44 -23.90
C LEU KB 197 68.45 73.53 -24.44
N LYS KB 198 67.87 74.55 -25.09
CA LYS KB 198 68.70 75.61 -25.71
C LYS KB 198 69.52 76.31 -24.61
N GLN KB 199 68.91 76.57 -23.46
CA GLN KB 199 69.62 77.30 -22.38
C GLN KB 199 70.80 76.45 -21.88
N LEU KB 200 70.61 75.13 -21.74
CA LEU KB 200 71.74 74.25 -21.35
C LEU KB 200 72.80 74.28 -22.45
N ASP KB 201 72.37 74.27 -23.71
CA ASP KB 201 73.33 74.28 -24.85
C ASP KB 201 74.12 75.60 -24.80
N SER KB 202 73.43 76.71 -24.54
CA SER KB 202 74.12 78.02 -24.43
C SER KB 202 75.06 78.00 -23.22
N GLU KB 203 74.61 77.40 -22.11
CA GLU KB 203 75.45 77.30 -20.90
C GLU KB 203 76.36 76.08 -20.99
N GLN LB 3 20.57 63.17 -47.52
CA GLN LB 3 21.71 62.63 -46.73
C GLN LB 3 21.84 61.12 -46.99
N THR LB 4 21.68 60.31 -45.94
CA THR LB 4 21.79 58.84 -46.07
C THR LB 4 20.93 58.18 -45.00
N LEU LB 5 20.61 56.88 -45.16
CA LEU LB 5 19.72 56.20 -44.21
C LEU LB 5 20.35 56.16 -42.82
N PHE LB 6 21.62 55.78 -42.69
CA PHE LB 6 22.15 55.64 -41.30
C PHE LB 6 22.11 57.02 -40.61
N GLU LB 7 22.61 58.07 -41.25
CA GLU LB 7 22.64 59.38 -40.53
C GLU LB 7 21.21 59.81 -40.16
N GLN LB 8 20.28 59.80 -41.12
CA GLN LB 8 18.87 60.18 -40.82
C GLN LB 8 18.37 59.37 -39.63
N LEU LB 9 18.43 58.05 -39.72
CA LEU LB 9 17.92 57.15 -38.65
C LEU LB 9 18.72 57.38 -37.36
N ASN LB 10 20.04 57.56 -37.47
CA ASN LB 10 20.90 57.69 -36.26
C ASN LB 10 20.47 58.96 -35.50
N SER LB 11 20.16 60.04 -36.23
CA SER LB 11 19.80 61.32 -35.57
C SER LB 11 18.31 61.32 -35.19
N LYS LB 12 17.92 60.51 -34.20
CA LYS LB 12 16.52 60.50 -33.70
C LYS LB 12 16.58 60.32 -32.19
N ASN LB 13 15.55 60.74 -31.44
CA ASN LB 13 15.57 60.49 -29.97
C ASN LB 13 14.55 59.40 -29.65
N VAL LB 14 15.01 58.18 -29.35
CA VAL LB 14 14.07 57.08 -28.96
C VAL LB 14 14.05 56.98 -27.44
N ASN LB 15 14.66 57.96 -26.76
CA ASN LB 15 14.74 57.95 -25.28
C ASN LB 15 13.35 57.90 -24.65
N ASP LB 16 12.39 58.64 -25.21
CA ASP LB 16 11.05 58.71 -24.57
C ASP LB 16 10.41 57.32 -24.55
N HIS LB 17 10.51 56.58 -25.64
CA HIS LB 17 9.92 55.21 -25.72
C HIS LB 17 10.96 54.18 -25.26
N THR LB 18 11.29 54.17 -23.96
CA THR LB 18 12.24 53.16 -23.42
C THR LB 18 11.75 52.64 -22.06
N GLU LB 19 12.14 51.42 -21.70
CA GLU LB 19 11.78 50.85 -20.38
C GLU LB 19 13.06 50.56 -19.60
N GLN LB 20 13.15 51.01 -18.35
CA GLN LB 20 14.33 50.72 -17.50
C GLN LB 20 14.08 49.44 -16.69
N LYS LB 21 14.51 48.29 -17.19
CA LYS LB 21 14.34 47.02 -16.45
C LYS LB 21 15.73 46.43 -16.17
N ASN LB 22 16.03 46.15 -14.89
CA ASN LB 22 17.34 45.57 -14.50
C ASN LB 22 18.44 46.63 -14.67
N GLY LB 23 18.06 47.90 -14.81
CA GLY LB 23 19.06 48.96 -15.03
C GLY LB 23 19.53 49.04 -16.47
N LEU LB 24 18.83 48.39 -17.40
CA LEU LB 24 19.21 48.52 -18.84
C LEU LB 24 18.11 49.30 -19.57
N THR LB 25 18.44 49.87 -20.73
CA THR LB 25 17.47 50.67 -21.51
C THR LB 25 17.04 49.89 -22.74
N TYR LB 26 15.73 49.73 -22.96
CA TYR LB 26 15.22 48.95 -24.11
C TYR LB 26 14.21 49.80 -24.88
N LEU LB 27 14.29 49.85 -26.21
CA LEU LB 27 13.24 50.57 -26.98
C LEU LB 27 12.20 49.53 -27.42
N ALA LB 28 10.92 49.84 -27.25
CA ALA LB 28 9.85 48.85 -27.55
C ALA LB 28 9.81 48.54 -29.05
N TRP LB 29 9.48 47.29 -29.41
CA TRP LB 29 9.44 46.88 -30.84
C TRP LB 29 8.37 47.67 -31.58
N SER LB 30 7.21 47.90 -30.94
CA SER LB 30 6.09 48.63 -31.60
C SER LB 30 6.63 49.91 -32.23
N TYR LB 31 7.44 50.67 -31.49
CA TYR LB 31 7.99 51.96 -32.01
C TYR LB 31 8.92 51.67 -33.19
N ALA LB 32 9.76 50.64 -33.07
CA ALA LB 32 10.69 50.30 -34.17
C ALA LB 32 9.91 49.89 -35.42
N HIS LB 33 8.82 49.15 -35.22
CA HIS LB 33 8.09 48.64 -36.41
C HIS LB 33 7.55 49.86 -37.18
N GLN LB 34 6.98 50.82 -36.45
CA GLN LB 34 6.37 52.02 -37.10
C GLN LB 34 7.44 52.83 -37.83
N GLU LB 35 8.53 53.17 -37.16
CA GLU LB 35 9.55 54.07 -37.75
C GLU LB 35 9.99 53.50 -39.09
N LEU LB 36 10.48 52.26 -39.08
CA LEU LB 36 10.97 51.63 -40.34
C LEU LB 36 9.83 51.66 -41.35
N LYS LB 37 8.63 51.20 -40.97
CA LYS LB 37 7.47 51.23 -41.91
C LYS LB 37 7.32 52.62 -42.55
N LYS LB 38 7.49 53.68 -41.77
CA LYS LB 38 7.40 55.05 -42.36
C LYS LB 38 8.54 55.20 -43.37
N ILE LB 39 9.79 54.93 -42.95
CA ILE LB 39 10.96 55.09 -43.85
C ILE LB 39 10.75 54.24 -45.11
N ASP LB 40 10.27 53.01 -44.94
CA ASP LB 40 10.09 52.09 -46.10
C ASP LB 40 8.74 51.37 -45.94
N PRO LB 41 7.73 51.60 -46.81
CA PRO LB 41 6.44 50.96 -46.63
C PRO LB 41 6.55 49.43 -46.67
N ASN LB 42 7.43 48.90 -47.53
CA ASN LB 42 7.56 47.43 -47.68
C ASN LB 42 8.94 46.96 -47.20
N TYR LB 43 9.02 46.47 -45.96
CA TYR LB 43 10.27 45.93 -45.43
C TYR LB 43 9.99 44.59 -44.79
N THR LB 44 11.02 43.74 -44.75
CA THR LB 44 10.87 42.35 -44.38
C THR LB 44 11.60 42.05 -43.08
N VAL LB 45 10.95 41.29 -42.20
CA VAL LB 45 11.56 40.74 -41.00
C VAL LB 45 11.45 39.22 -41.07
N LYS LB 46 12.58 38.54 -40.95
CA LYS LB 46 12.64 37.09 -41.08
C LYS LB 46 13.32 36.52 -39.86
N VAL LB 47 12.66 35.57 -39.20
CA VAL LB 47 13.24 34.86 -38.06
C VAL LB 47 13.76 33.52 -38.55
N HIS LB 48 15.06 33.32 -38.46
CA HIS LB 48 15.65 32.08 -39.03
C HIS LB 48 15.20 30.85 -38.26
N GLU LB 49 15.07 29.73 -38.96
CA GLU LB 49 14.60 28.46 -38.34
C GLU LB 49 15.72 27.42 -38.50
N PHE LB 50 16.05 26.68 -37.45
CA PHE LB 50 17.21 25.75 -37.56
C PHE LB 50 16.78 24.35 -37.12
N PRO LB 51 17.15 23.23 -37.78
CA PRO LB 51 16.68 21.92 -37.33
C PRO LB 51 17.02 21.69 -35.85
N HIS LB 52 16.01 21.47 -35.01
CA HIS LB 52 16.25 21.28 -33.55
C HIS LB 52 17.05 20.00 -33.36
N PRO LB 53 18.13 19.99 -32.53
CA PRO LB 53 18.99 18.80 -32.38
C PRO LB 53 18.33 17.53 -31.82
N ASP LB 54 17.83 17.59 -30.57
CA ASP LB 54 17.30 16.38 -29.89
C ASP LB 54 16.21 15.70 -30.72
N ILE LB 55 15.23 16.46 -31.18
CA ILE LB 55 14.10 15.88 -31.97
C ILE LB 55 14.67 15.18 -33.20
N ASN LB 56 15.41 15.91 -34.03
CA ASN LB 56 16.04 15.32 -35.23
C ASN LB 56 14.95 14.67 -36.09
N THR LB 57 13.79 15.32 -36.21
CA THR LB 57 12.72 14.80 -37.10
C THR LB 57 12.87 15.45 -38.47
N GLU LB 58 12.68 14.68 -39.55
CA GLU LB 58 12.86 15.23 -40.91
C GLU LB 58 11.82 16.33 -41.15
N ASN LB 59 12.25 17.46 -41.73
CA ASN LB 59 11.31 18.58 -42.06
C ASN LB 59 10.86 19.25 -40.77
N TYR LB 60 11.50 18.95 -39.64
CA TYR LB 60 11.18 19.64 -38.36
C TYR LB 60 12.14 20.80 -38.14
N PHE LB 61 11.66 22.04 -38.25
CA PHE LB 61 12.53 23.23 -38.07
C PHE LB 61 11.95 24.15 -37.00
N VAL LB 62 12.55 24.19 -35.81
CA VAL LB 62 12.10 25.12 -34.74
C VAL LB 62 12.62 26.52 -35.06
N PRO LB 63 12.11 27.63 -34.47
CA PRO LB 63 12.57 28.97 -34.87
C PRO LB 63 13.82 29.45 -34.10
N TYR LB 64 14.41 28.61 -33.27
CA TYR LB 64 15.58 29.03 -32.45
C TYR LB 64 16.61 27.89 -32.34
N LEU LB 65 17.88 28.25 -32.13
CA LEU LB 65 18.95 27.23 -31.92
C LEU LB 65 18.80 26.58 -30.55
N ALA LB 66 18.97 25.26 -30.47
CA ALA LB 66 18.97 24.59 -29.14
C ALA LB 66 20.32 23.90 -28.98
N THR LB 67 21.06 24.21 -27.91
CA THR LB 67 22.42 23.64 -27.75
C THR LB 67 22.61 23.20 -26.29
N PRO LB 68 23.51 22.25 -25.97
CA PRO LB 68 23.77 21.89 -24.58
C PRO LB 68 24.29 23.16 -23.89
N GLU LB 69 25.12 23.93 -24.58
CA GLU LB 69 25.66 25.19 -24.01
C GLU LB 69 24.50 26.16 -23.71
N GLY LB 70 23.50 26.24 -24.61
CA GLY LB 70 22.35 27.11 -24.28
C GLY LB 70 21.39 27.31 -25.45
N TYR LB 71 20.98 28.55 -25.69
CA TYR LB 71 19.98 28.84 -26.77
C TYR LB 71 20.32 30.12 -27.54
N PHE LB 72 20.14 30.06 -28.87
CA PHE LB 72 20.46 31.24 -29.72
C PHE LB 72 19.29 31.54 -30.65
N VAL LB 73 19.08 32.83 -30.95
CA VAL LB 73 18.06 33.28 -31.88
C VAL LB 73 18.72 34.16 -32.94
N GLN LB 74 18.05 34.26 -34.08
CA GLN LB 74 18.55 35.06 -35.19
C GLN LB 74 17.41 35.79 -35.86
N VAL LB 75 17.63 37.06 -36.19
CA VAL LB 75 16.63 37.89 -36.86
C VAL LB 75 17.31 38.67 -37.96
N SER LB 76 16.72 38.65 -39.17
CA SER LB 76 17.28 39.38 -40.33
C SER LB 76 16.30 40.46 -40.80
N VAL LB 77 16.65 41.72 -40.66
CA VAL LB 77 15.81 42.86 -41.00
C VAL LB 77 16.31 43.47 -42.30
N THR LB 78 15.43 43.49 -43.31
CA THR LB 78 15.82 44.13 -44.60
C THR LB 78 15.09 45.47 -44.71
N VAL LB 79 15.76 46.57 -44.35
CA VAL LB 79 15.15 47.92 -44.48
C VAL LB 79 15.57 48.51 -45.83
N LYS LB 80 14.61 48.82 -46.70
CA LYS LB 80 14.98 49.28 -48.07
C LYS LB 80 15.87 48.22 -48.70
N ASP LB 81 16.85 48.65 -49.49
CA ASP LB 81 17.84 47.70 -50.09
C ASP LB 81 18.69 47.06 -49.00
N SER LB 82 19.07 47.83 -47.97
CA SER LB 82 20.01 47.32 -46.94
C SER LB 82 19.42 46.11 -46.19
N THR LB 83 20.25 45.12 -45.89
CA THR LB 83 19.80 43.93 -45.12
C THR LB 83 20.85 43.63 -44.05
N GLU LB 84 20.47 42.97 -42.96
CA GLU LB 84 21.46 42.71 -41.87
C GLU LB 84 20.87 41.68 -40.89
N THR LB 85 21.68 41.12 -39.99
CA THR LB 85 21.21 40.02 -39.10
C THR LB 85 21.81 40.21 -37.71
N GLU LB 86 21.12 39.72 -36.68
CA GLU LB 86 21.68 39.81 -35.30
C GLU LB 86 21.51 38.48 -34.55
N TRP LB 87 22.54 38.04 -33.83
CA TRP LB 87 22.42 36.83 -32.96
C TRP LB 87 22.17 37.29 -31.53
N LEU LB 88 21.47 36.50 -30.72
CA LEU LB 88 21.37 36.91 -29.30
C LEU LB 88 21.22 35.67 -28.43
N PRO LB 89 21.68 35.66 -27.15
CA PRO LB 89 21.44 34.53 -26.27
C PRO LB 89 20.06 34.64 -25.58
N VAL LB 90 19.30 33.55 -25.51
CA VAL LB 90 18.02 33.62 -24.75
C VAL LB 90 18.41 33.78 -23.28
N LEU LB 91 17.79 34.69 -22.53
CA LEU LB 91 18.22 34.96 -21.13
C LEU LB 91 17.02 34.99 -20.17
N ASP LB 92 17.28 34.83 -18.86
CA ASP LB 92 16.20 34.87 -17.85
C ASP LB 92 15.67 36.29 -17.65
N PHE LB 93 14.74 36.48 -16.72
CA PHE LB 93 14.23 37.85 -16.41
C PHE LB 93 15.29 38.61 -15.59
N ARG LB 94 16.30 37.89 -15.08
CA ARG LB 94 17.41 38.53 -14.33
C ARG LB 94 18.63 38.69 -15.25
N ASN LB 95 18.44 38.51 -16.55
CA ASN LB 95 19.58 38.56 -17.50
C ASN LB 95 20.64 37.52 -17.12
N LYS LB 96 20.22 36.27 -16.90
CA LYS LB 96 21.18 35.17 -16.65
C LYS LB 96 20.96 34.14 -17.75
N SER LB 97 21.94 33.26 -18.01
CA SER LB 97 21.83 32.31 -19.13
C SER LB 97 20.85 31.18 -18.80
N LEU LB 98 20.25 30.56 -19.83
CA LEU LB 98 19.34 29.40 -19.61
C LEU LB 98 19.97 28.15 -20.20
N ALA LB 99 20.17 27.10 -19.40
CA ALA LB 99 20.85 25.88 -19.87
C ALA LB 99 19.89 25.02 -20.67
N LYS LB 100 20.40 24.03 -21.41
CA LYS LB 100 19.53 23.21 -22.29
C LYS LB 100 18.46 22.51 -21.44
N GLY LB 101 17.18 22.69 -21.79
CA GLY LB 101 16.07 22.09 -21.03
C GLY LB 101 15.55 22.97 -19.91
N SER LB 102 16.02 24.21 -19.78
CA SER LB 102 15.46 25.11 -18.74
C SER LB 102 14.73 26.31 -19.34
N ALA LB 103 14.56 26.36 -20.67
CA ALA LB 103 13.95 27.55 -21.30
C ALA LB 103 12.46 27.32 -21.50
N THR LB 104 11.68 28.40 -21.60
CA THR LB 104 10.22 28.27 -21.86
C THR LB 104 9.91 29.06 -23.13
N THR LB 105 8.95 28.59 -23.91
CA THR LB 105 8.63 29.26 -25.21
C THR LB 105 8.56 30.78 -24.98
N PHE LB 106 8.01 31.21 -23.85
CA PHE LB 106 7.88 32.66 -23.58
C PHE LB 106 9.26 33.31 -23.62
N ASP LB 107 10.25 32.64 -23.02
CA ASP LB 107 11.63 33.17 -23.02
C ASP LB 107 12.09 33.34 -24.46
N ILE LB 108 11.72 32.41 -25.35
CA ILE LB 108 12.24 32.48 -26.74
C ILE LB 108 11.57 33.67 -27.43
N ASN LB 109 10.26 33.84 -27.25
CA ASN LB 109 9.60 34.93 -28.00
C ASN LB 109 10.13 36.28 -27.53
N LYS LB 110 10.35 36.45 -26.21
CA LYS LB 110 10.91 37.71 -25.74
C LYS LB 110 12.28 37.97 -26.37
N ALA LB 111 13.11 36.92 -26.45
CA ALA LB 111 14.42 37.06 -27.07
C ALA LB 111 14.30 37.38 -28.55
N GLN LB 112 13.31 36.79 -29.22
CA GLN LB 112 13.09 37.10 -30.64
C GLN LB 112 12.73 38.56 -30.84
N LYS LB 113 11.81 39.09 -30.01
CA LYS LB 113 11.45 40.49 -30.12
C LYS LB 113 12.64 41.40 -29.84
N ARG LB 114 13.41 41.07 -28.79
CA ARG LB 114 14.58 41.89 -28.47
C ARG LB 114 15.62 41.87 -29.59
N CYS LB 115 15.84 40.71 -30.20
CA CYS LB 115 16.81 40.62 -31.32
C CYS LB 115 16.35 41.49 -32.50
N PHE LB 116 15.04 41.64 -32.67
CA PHE LB 116 14.48 42.50 -33.75
C PHE LB 116 14.96 43.94 -33.56
N VAL LB 117 14.74 44.50 -32.36
CA VAL LB 117 15.10 45.93 -32.14
C VAL LB 117 16.63 46.08 -32.23
N LYS LB 118 17.38 45.06 -31.81
CA LYS LB 118 18.86 45.08 -31.96
C LYS LB 118 19.21 45.07 -33.45
N ALA LB 119 18.50 44.26 -34.25
CA ALA LB 119 18.73 44.25 -35.70
C ALA LB 119 18.40 45.63 -36.27
N SER LB 120 17.32 46.24 -35.78
CA SER LB 120 16.95 47.62 -36.22
C SER LB 120 18.07 48.56 -35.78
N ALA LB 121 18.65 48.32 -34.61
CA ALA LB 121 19.71 49.19 -34.05
C ALA LB 121 20.91 49.20 -35.00
N LEU LB 122 21.10 48.13 -35.76
CA LEU LB 122 22.22 48.11 -36.74
C LEU LB 122 22.03 49.29 -37.69
N HIS LB 123 20.80 49.51 -38.17
CA HIS LB 123 20.48 50.68 -39.03
C HIS LB 123 20.59 51.85 -38.04
N GLY LB 124 20.57 53.09 -38.49
CA GLY LB 124 20.84 54.19 -37.55
C GLY LB 124 19.91 54.25 -36.34
N LEU LB 125 18.65 53.82 -36.46
CA LEU LB 125 17.68 54.04 -35.36
C LEU LB 125 18.14 53.49 -34.01
N GLY LB 126 18.21 54.33 -32.97
CA GLY LB 126 18.52 53.89 -31.59
C GLY LB 126 19.82 53.12 -31.42
N LEU LB 127 20.83 53.39 -32.24
CA LEU LB 127 22.14 52.72 -32.07
C LEU LB 127 22.74 53.06 -30.69
N TYR LB 128 22.49 54.27 -30.20
CA TYR LB 128 23.10 54.72 -28.91
C TYR LB 128 22.46 53.96 -27.72
N ILE LB 129 21.31 53.34 -27.94
CA ILE LB 129 20.67 52.53 -26.85
C ILE LB 129 21.60 51.38 -26.48
N TYR LB 130 22.20 50.74 -27.47
CA TYR LB 130 23.12 49.59 -27.21
C TYR LB 130 24.53 50.13 -27.02
N ASN LB 131 24.73 51.44 -27.23
CA ASN LB 131 26.05 52.05 -26.93
C ASN LB 131 26.25 51.93 -25.42
N GLY LB 132 25.13 51.88 -24.66
CA GLY LB 132 25.22 51.85 -23.19
C GLY LB 132 25.14 53.26 -22.64
N GLU LB 133 24.89 54.24 -23.52
CA GLU LB 133 24.72 55.65 -23.08
C GLU LB 133 23.29 56.07 -23.41
N GLU LB 134 22.58 56.69 -22.48
CA GLU LB 134 21.14 57.00 -22.71
C GLU LB 134 20.95 58.37 -23.37
N LEU LB 135 22.06 59.06 -23.69
CA LEU LB 135 21.91 60.44 -24.24
C LEU LB 135 21.17 60.41 -25.58
N PRO LB 136 20.44 61.47 -25.96
CA PRO LB 136 19.59 61.46 -27.17
C PRO LB 136 20.18 61.38 -28.59
N SER LB 137 21.35 61.99 -28.86
CA SER LB 137 21.83 61.99 -30.26
C SER LB 137 23.35 61.89 -30.35
N ALA LB 138 23.89 61.98 -31.57
CA ALA LB 138 25.36 61.91 -31.78
C ALA LB 138 25.71 62.57 -33.12
N SER LB 139 25.41 63.87 -33.27
CA SER LB 139 25.66 64.58 -34.54
C SER LB 139 27.10 65.07 -34.51
N ASP LB 140 28.04 64.25 -34.95
CA ASP LB 140 29.48 64.62 -34.83
C ASP LB 140 29.82 65.88 -35.63
N ASN LB 141 29.21 66.08 -36.81
CA ASN LB 141 29.67 67.24 -37.62
C ASN LB 141 29.35 68.60 -36.98
N ASP LB 142 28.11 68.81 -36.52
CA ASP LB 142 27.76 70.15 -35.96
C ASP LB 142 28.52 70.31 -34.64
N ILE LB 143 28.64 69.23 -33.87
CA ILE LB 143 29.39 69.24 -32.58
C ILE LB 143 30.87 69.53 -32.84
N THR LB 144 31.42 69.04 -33.95
CA THR LB 144 32.82 69.38 -34.28
C THR LB 144 32.91 70.91 -34.44
N GLU LB 145 31.91 71.51 -35.08
CA GLU LB 145 31.86 72.99 -35.20
C GLU LB 145 31.76 73.60 -33.80
N LEU LB 146 30.93 73.00 -32.94
CA LEU LB 146 30.77 73.49 -31.54
C LEU LB 146 32.13 73.45 -30.84
N GLU LB 147 32.83 72.32 -30.91
CA GLU LB 147 34.18 72.21 -30.29
C GLU LB 147 35.03 73.37 -30.79
N GLU LB 148 35.09 73.56 -32.11
CA GLU LB 148 35.89 74.67 -32.68
C GLU LB 148 35.42 75.98 -32.05
N ARG LB 149 34.11 76.15 -31.83
CA ARG LB 149 33.62 77.47 -31.34
C ARG LB 149 33.90 77.61 -29.84
N ILE LB 150 33.85 76.52 -29.06
CA ILE LB 150 34.20 76.62 -27.62
C ILE LB 150 35.72 76.86 -27.49
N ASN LB 151 36.52 76.19 -28.32
CA ASN LB 151 37.98 76.45 -28.31
C ASN LB 151 38.27 77.90 -28.74
N GLN LB 152 37.53 78.40 -29.73
CA GLN LB 152 37.70 79.83 -30.14
C GLN LB 152 37.37 80.71 -28.93
N PHE LB 153 36.33 80.33 -28.18
CA PHE LB 153 35.93 81.12 -27.00
C PHE LB 153 37.07 81.03 -25.97
N VAL LB 154 37.55 79.81 -25.70
CA VAL LB 154 38.64 79.61 -24.70
C VAL LB 154 39.86 80.42 -25.14
N ASN LB 155 40.28 80.27 -26.39
CA ASN LB 155 41.53 80.92 -26.85
C ASN LB 155 41.36 82.45 -26.78
N LEU LB 156 40.23 82.95 -27.25
CA LEU LB 156 40.00 84.43 -27.27
C LEU LB 156 39.95 84.94 -25.82
N SER LB 157 39.30 84.18 -24.94
CA SER LB 157 39.28 84.57 -23.50
C SER LB 157 40.72 84.66 -23.00
N GLN LB 158 41.44 83.54 -23.00
CA GLN LB 158 42.83 83.51 -22.48
C GLN LB 158 43.66 84.58 -23.21
N GLU LB 159 43.34 84.84 -24.47
CA GLU LB 159 44.04 85.91 -25.24
C GLU LB 159 43.80 87.26 -24.55
N LYS LB 160 42.61 87.45 -23.98
CA LYS LB 160 42.28 88.70 -23.25
C LYS LB 160 43.17 88.78 -22.00
N GLY LB 161 43.68 87.64 -21.54
CA GLY LB 161 44.50 87.61 -20.31
C GLY LB 161 43.73 87.06 -19.12
N ARG LB 162 42.51 86.57 -19.35
CA ARG LB 162 41.75 85.92 -18.25
C ARG LB 162 41.69 84.42 -18.55
N ASP LB 163 42.00 83.57 -17.56
CA ASP LB 163 42.09 82.11 -17.81
C ASP LB 163 40.76 81.53 -18.28
N ALA LB 164 40.81 80.64 -19.29
CA ALA LB 164 39.59 79.95 -19.77
C ALA LB 164 39.90 78.45 -19.87
N THR LB 165 38.97 77.59 -19.47
CA THR LB 165 39.18 76.12 -19.63
C THR LB 165 38.02 75.53 -20.43
N ILE LB 166 38.27 74.48 -21.22
CA ILE LB 166 37.22 73.92 -22.10
C ILE LB 166 36.11 73.33 -21.21
N ASP LB 167 36.48 72.65 -20.12
CA ASP LB 167 35.47 72.03 -19.24
C ASP LB 167 34.58 73.11 -18.61
N LYS LB 168 35.15 74.24 -18.20
CA LYS LB 168 34.31 75.35 -17.67
C LYS LB 168 33.54 76.02 -18.82
N THR LB 169 34.15 76.14 -20.00
CA THR LB 169 33.39 76.67 -21.16
C THR LB 169 32.23 75.72 -21.40
N MET LB 170 32.49 74.41 -21.34
CA MET LB 170 31.43 73.39 -21.52
C MET LB 170 30.38 73.61 -20.43
N ARG LB 171 30.83 73.98 -19.22
CA ARG LB 171 29.90 74.21 -18.09
C ARG LB 171 28.96 75.37 -18.42
N TRP LB 172 29.40 76.32 -19.24
CA TRP LB 172 28.48 77.40 -19.67
C TRP LB 172 27.33 76.76 -20.42
N LEU LB 173 27.65 75.85 -21.35
CA LEU LB 173 26.60 75.11 -22.10
C LEU LB 173 25.92 74.12 -21.15
N LYS LB 174 26.61 73.77 -20.06
CA LYS LB 174 26.07 72.78 -19.09
C LYS LB 174 25.80 71.47 -19.85
N ILE LB 175 26.72 71.09 -20.73
CA ILE LB 175 26.54 69.83 -21.54
C ILE LB 175 27.34 68.71 -20.88
N SER LB 176 26.65 67.65 -20.45
CA SER LB 176 27.33 66.49 -19.80
C SER LB 176 28.27 65.80 -20.79
N ASN LB 177 27.86 65.67 -22.05
CA ASN LB 177 28.77 65.11 -23.07
C ASN LB 177 28.63 65.95 -24.35
N ILE LB 178 29.74 66.54 -24.81
CA ILE LB 178 29.69 67.35 -26.07
C ILE LB 178 29.30 66.41 -27.21
N ASN LB 179 29.80 65.17 -27.20
CA ASN LB 179 29.53 64.22 -28.32
C ASN LB 179 28.02 63.97 -28.41
N LYS LB 180 27.33 63.82 -27.28
CA LYS LB 180 25.89 63.50 -27.31
C LYS LB 180 25.10 64.76 -26.93
N LEU LB 181 24.33 65.31 -27.88
CA LEU LB 181 23.61 66.59 -27.61
C LEU LB 181 22.55 66.75 -28.70
N SER LB 182 21.37 67.27 -28.37
CA SER LB 182 20.29 67.32 -29.40
C SER LB 182 20.62 68.45 -30.38
N GLN LB 183 20.30 68.25 -31.66
CA GLN LB 183 20.61 69.27 -32.70
C GLN LB 183 20.18 70.65 -32.18
N LYS LB 184 18.94 70.76 -31.70
CA LYS LB 184 18.44 72.07 -31.22
C LYS LB 184 19.40 72.62 -30.16
N GLN LB 185 19.88 71.75 -29.27
CA GLN LB 185 20.85 72.18 -28.21
C GLN LB 185 22.17 72.64 -28.85
N ILE LB 186 22.63 71.99 -29.92
CA ILE LB 186 23.84 72.54 -30.58
C ILE LB 186 23.54 73.99 -30.94
N ALA LB 187 22.41 74.20 -31.64
CA ALA LB 187 22.06 75.57 -32.09
C ALA LB 187 21.95 76.48 -30.86
N GLU LB 188 21.31 76.00 -29.80
CA GLU LB 188 21.13 76.82 -28.59
C GLU LB 188 22.50 77.16 -27.99
N ALA LB 189 23.39 76.17 -27.94
CA ALA LB 189 24.73 76.41 -27.36
C ALA LB 189 25.45 77.44 -28.23
N HIS LB 190 25.46 77.23 -29.55
CA HIS LB 190 26.07 78.24 -30.47
C HIS LB 190 25.59 79.64 -30.06
N GLN LB 191 24.28 79.80 -29.86
CA GLN LB 191 23.76 81.15 -29.54
C GLN LB 191 24.52 81.70 -28.33
N LYS LB 192 24.69 80.88 -27.30
CA LYS LB 192 25.42 81.31 -26.09
C LYS LB 192 26.83 81.75 -26.52
N LEU LB 193 27.58 80.85 -27.16
CA LEU LB 193 28.97 81.18 -27.57
C LEU LB 193 29.01 82.48 -28.37
N ASP LB 194 28.25 82.59 -29.47
CA ASP LB 194 28.40 83.81 -30.30
C ASP LB 194 28.21 85.03 -29.39
N ALA LB 195 27.19 85.00 -28.54
CA ALA LB 195 26.91 86.15 -27.65
C ALA LB 195 28.19 86.47 -26.88
N GLY LB 196 28.69 85.50 -26.10
CA GLY LB 196 29.91 85.72 -25.31
C GLY LB 196 31.09 86.08 -26.18
N LEU LB 197 31.33 85.30 -27.24
CA LEU LB 197 32.51 85.48 -28.12
C LEU LB 197 32.51 86.91 -28.68
N LYS LB 198 31.36 87.40 -29.13
CA LYS LB 198 31.31 88.75 -29.76
C LYS LB 198 31.74 89.79 -28.72
N GLN LB 199 31.28 89.64 -27.47
CA GLN LB 199 31.60 90.65 -26.42
C GLN LB 199 33.11 90.66 -26.17
N LEU LB 200 33.75 89.49 -26.13
CA LEU LB 200 35.22 89.44 -25.99
C LEU LB 200 35.88 90.10 -27.20
N ASP LB 201 35.34 89.83 -28.40
CA ASP LB 201 35.91 90.41 -29.64
C ASP LB 201 35.78 91.94 -29.57
N SER LB 202 34.62 92.42 -29.13
CA SER LB 202 34.42 93.90 -28.97
C SER LB 202 35.38 94.43 -27.91
N GLU LB 203 35.56 93.68 -26.81
CA GLU LB 203 36.48 94.10 -25.73
C GLU LB 203 37.90 93.65 -26.05
#